data_6OLZ
#
_entry.id   6OLZ
#
_cell.length_a   1
_cell.length_b   1
_cell.length_c   1
_cell.angle_alpha   90
_cell.angle_beta   90
_cell.angle_gamma   90
#
_symmetry.space_group_name_H-M   'P 1'
#
loop_
_entity.id
_entity.type
_entity.pdbx_description
1 polymer '60S ribosomal protein L8'
2 polymer '40S ribosomal protein SA'
3 polymer '60S ribosomal protein L3'
4 polymer '40S ribosomal protein S3a'
5 polymer '60S ribosomal protein L4'
6 polymer '40S ribosomal protein S2'
7 polymer '5.8S ribosomal RNA'
8 polymer '5S ribosomal RNA'
9 polymer '60S ribosomal protein L5'
10 polymer '60S ribosomal protein L6'
11 polymer '60S ribosomal protein L7'
12 polymer '60S ribosomal protein L7a'
13 polymer '60S ribosomal protein L9'
14 polymer '60S ribosomal protein L10'
15 polymer '60S ribosomal protein L11'
16 polymer '60S ribosomal protein L13'
17 polymer '60S ribosomal protein L14'
18 polymer '60S ribosomal protein L15'
19 polymer '60S ribosomal protein L13a'
20 polymer '60S ribosomal protein L17'
21 polymer '60S ribosomal protein L18'
22 polymer '60S ribosomal protein L19'
23 polymer '60S ribosomal protein L18a'
24 polymer '60S ribosomal protein L21'
25 polymer '60S ribosomal protein L22'
26 polymer '60S ribosomal protein L23'
27 polymer '60S ribosomal protein L24'
28 polymer '60S ribosomal protein L23a'
29 polymer '60S ribosomal protein L26'
30 polymer '60S ribosomal protein L27'
31 polymer '60S ribosomal protein L27a'
32 polymer '60S ribosomal protein L29'
33 polymer '60S ribosomal protein L30'
34 polymer '60S ribosomal protein L31'
35 polymer '60S ribosomal protein L32'
36 polymer '60S ribosomal protein L35a'
37 polymer '60S ribosomal protein L34'
38 polymer '60S ribosomal protein L35'
39 polymer '60S ribosomal protein L36'
40 polymer '60S ribosomal protein L37'
41 polymer '60S ribosomal protein L38'
42 polymer '60S ribosomal protein L39'
43 polymer '60S ribosomal protein L40'
44 polymer '60S ribosomal protein L41'
45 polymer '60S ribosomal protein L36a'
46 polymer '60S ribosomal protein L37a'
47 polymer '60S ribosomal protein L28'
48 polymer '28S ribosomal RNA'
49 polymer '18S ribosomal RNA'
50 polymer '40S ribosomal protein S3'
51 polymer '40S ribosomal protein S4, Y isoform 1'
52 polymer '40S ribosomal protein S5'
53 polymer '40S ribosomal protein S6'
54 polymer '40S ribosomal protein S7'
55 polymer '40S ribosomal protein S8'
56 polymer '40S ribosomal protein S9'
57 polymer '40S ribosomal protein S10'
58 polymer '40S ribosomal protein S11'
59 polymer '40S ribosomal protein S12'
60 polymer '40S ribosomal protein S13'
61 polymer '40S ribosomal protein S14'
62 polymer '40S ribosomal protein S15'
63 polymer '40S ribosomal protein S16'
64 polymer '40S ribosomal protein S17'
65 polymer '40S ribosomal protein S18'
66 polymer '40S ribosomal protein S19'
67 polymer '40S ribosomal protein S20'
68 polymer '40S ribosomal protein S21'
69 polymer '40S ribosomal protein S15a'
70 polymer '40S ribosomal protein S23'
71 polymer '40S ribosomal protein S24'
72 polymer '40S ribosomal protein S25'
73 polymer '40S ribosomal protein S26'
74 polymer '40S ribosomal protein S27'
75 polymer '40S ribosomal protein S28'
76 polymer '40S ribosomal protein S29'
77 polymer '40S ribosomal protein S30'
78 polymer 'Ubiquitin-40S ribosomal protein S27a'
79 polymer 'Receptor of activated protein C kinase 1'
80 polymer tRNA
81 polymer mRNA
82 polymer 'Proprotein convertase subtilisin/kexin type 9'
83 non-polymer 'MAGNESIUM ION'
84 non-polymer 'ZINC ION'
85 non-polymer N-(3-chloropyridin-2-yl)-N-[(3R)-piperidin-3-yl]-4-(3H-[1,2,3]triazolo[4,5-b]pyridin-3-yl)benzamide
#
loop_
_entity_poly.entity_id
_entity_poly.type
_entity_poly.pdbx_seq_one_letter_code
_entity_poly.pdbx_strand_id
1 'polypeptide(L)'
;GRVIRGQRKGAGSVFRAHVKHRKGAARLRAVDFAERHGYIKGIVKDIIHDPGRGAPLAKVVFRDPYRFKKRTELFIAAEG
IHTGQFVYCGKKAQLNIGNVLPVGTMPEGTIVCCLEEKPGDRGKLARASGNYATVISHNPETKKTRVKLPSGSKKVISSA
NRAVVGVVAGGGRIDKPILKAGRAYHKYKAKRNCWPRVRGVAMNPVEHPFGGGNHQHIGKPSTIRRDAPAGRKVGLIAAR
RTGRLRGT
;
AA
2 'polypeptide(L)'
;LDVLQMKEEDVLKFLAAGTHLGGTNLDFQMEQYIYKRKSDGIYIINLKRTWEKLLLAARAIVAIENPADVSVISSRNTGQ
RAVLKFAAATGATPIAGRFTPGTFTNQIQAAFREPRLLVVTDPRADHQPLTEASYVNLPTIALCNTDSPLRYVDIAIPCN
NKGAHSVGLMWWMLAREVLRMRGTISREHPWEVMPDLYFYRDPEEIEKEEQAAAE
;
BA
3 'polypeptide(L)'
;SHRKFSAPRHGSLGFLPRKRSSRHRGKVKSFPKDDPSKPVHLTAFLGYKAGMTHIVREVDRPGSKVNKKEVVEAVTIVET
PPMVVVGIVGYVETPRGLRTFKTVFAEHISDECKRRFYKNWHKSKKKAFTKYCKKWQDEDGKKQLEKDFSSMKKYCQVIR
VIAHTQMRLLPLRQKKAHLMEIQVNGGTVAEKLDWARERLEQQVPVNQVFGQDEMIDVIGVTKGKGYKGVTSRWHTKKLP
RKTHRGLRKVACIGAWHPARVAFSVARAGQKGYHHRTEINKKIYKIGQGYLIKDGKLIKNNASTDYDLSDKSINPLGGFV
HYGEVTNDFVMLKGCVVGTKKRVLTLRKSLLVQTKRRALEKIDLKFIDTTSKFGHGRFQTMEEKKAFMGPLKKD
;
AB
4 'polypeptide(L)'
;VDPFSKKDWYDVKAPAMFNIRNIGKTLVTRTQGTKIASDGLKGRVFEVSLADLQNDEVAFRKFKLITEDVQGKNCLTNFH
GMDLTRDKMCSMVKKWQTMIEAHVDVKTTDGYLLRLFCVGFTKKRNNQIRKTSYAQHQQVRQIRKKMMEIMTREVQTNDL
KEVVNKLIPDSIGKDIEKACQSIYPLHDVFVRKVKMLKKPKFELGKLMELHG
;
BB
5 'polypeptide(L)'
;CARPLISVYSEKGESSGKNVTLPAVFKAPIRPDIVNFVHTNLRKNNRQPYAVSELAGHQTSAESWGTGRAVARIPRVRGG
GTHRSGQGAFGNMCRGGRMFAPTKTWRRWHRRVNTTQKRYAICSALAASALPALVMSKGHRIEEVPELPLVVEDKVEGYK
KTKEAVLLLKKLKAWNDIKKVYASQRMRAGKGKMRNRRRIQRRGPCIIYNEDNGIIKAFRNIPGITLLNVSKLNILKLAP
GGHVGRFCIWTESAFRKLDELYGTWRKAASLKSNYNLPMHKMINTDLSRILKSPEIQRALRAPRKKIHRRVLKKNPLKNL
RIMLKLNPYAKTMRRNTILRQARNHKLRVDKAAAAAAALQAKS
;
AC
6 'polypeptide(L)'
;DKEWMPVTKLGRLVKDMKIKSLEEIYLFSLPIKESEIIDFFLGASLKDEVLKIMPVQKQTRAGQRTRFKAFVAIGDYNGH
VGLGVKCSKEVATAIRGAIILAKLSIVPVRRGYWGNKIGKPHTVPCKVTGRCGSVLVRLIPAPRGTGIVSAPVPKKLLMM
AGIDDCYTSARGCTATLGNFAKATFDAISKTYSYLTPDLWKETVFTKSPYQEFTDHLVKTHT
;
BC
7 'polyribonucleotide'
;CGACUCUUAGCGGUGGAUCACUCGGCUCGUGCGUCGAUGAAGAACGCAGCUAGCUGCGAGAAUUAAUGUGAAUUGCAGGA
CACAUUGAUCAUCGACACUUCGAACGCACUUGCGGCCCCGGGUUCCUCCCGGGGCUACGCCUGUCUGAGCGUCGCUU
;
A3
8 'polyribonucleotide'
;GUCUACGGCCAUACCACCCUGAACGCGCCCGAUCUCGUCUGAUCUCGGAAGCUAAGCAGGGUCGGGCCUGGUUAGUACUU
GGAUGGGAGACCGCCUGGGAAUACCGGGUGCUGUAGGCU
;
A4
9 'polypeptide(L)'
;VKVVKNKAYFKRYQVKFRRRREGKTDYYARKRLVIQDKNKYNTPKYRMIVRVTNRDIICQIAYARIEGDMIVCAAYAHEL
PKYGVKVGLTNYAAAYCTGLLLARRLLNRFGMDKIYEGQVEVTGDEYNVESIDGQPGAFTCYLDAGLARTTTGNKVFGAL
KGAVDGGLSIPHSTKRFPGYDSESKEFNAEVHRKHIMGQNVADYMRYLMEEDEDAYKKQFSQYIKNSVTPDMMEEMYKKA
HAAIRENPVYEKKPKKEVKKKRWNRPKMSLAQKKDRVAQKKASFLRAQERAAES
;
AD
10 'polypeptide(L)'
;PHCSRNPVLVRGIGRYSRSAMYSRKAMYKRKYSAAKSKVEKKKKEKVLATVTKPVGGDKNGGTRVVKLRKMPRYYPTEDV
PRKLLSHGKKPFSQHVRKLRASITPGTILIILTGRHRGKRVVFLKQLASGLLLVTGPLVLNRVPLRRTHQKFVIATSTKI
DISNVKIPKHLTDAYFKKKKLRKPRHQEGEIFDTEKEKYEITEQRKIDQKAVDSQILPKIKAIPQLQGYLRSVFALTNGI
YPHKLVF
;
AE
11 'polypeptide(L)'
;PETLKKKRRNFAELKIKRLRKKFAQKMLRKARRKLIYEKAKHYHKEYRQMYRTEIRMARMARKAGNFYVPAEPKLAFVIR
IRGINGVSPKVRKVLQLLRLRQIFNGTFVKLNKASINMLRIVEPYIAWGYPNLKSVNELIYKRGYGKINKKRIALTDNAL
IARSLGKYGIICMEDLIHEIYTVGKRFKEANNFLWPFKLSSPRGGMKKKTTHFVEGGDAGNREDQINRLIRRMN
;
AF
12 'polypeptide(L)'
;NPLFEKRPKNFGIGQDIQPKRDLTRFVKWPRYIRLQRQRAILYKRLKVPPAINQFTQALDRQTATQLLKLAHKYRPETKQ
EKKQRLLARAEKKAAGKGDVPTKRPPVLRAGVNTVTTLVENKKAQLVVIAHDVDPIELVVFLPALCRKMGVPYCIIKGKA
RLGRLVHRKTCTTVAFTQVNSEDKGALAKLVEAIRTNYNDRYDEIRRHWGGNVLGPKSVARIAKLEKAKAKELA
;
AG
13 'polypeptide(L)'
;MKTILSNQTVDIPENVDITLKGRTVIVKGPRGTLRRDFNHINVELSLLGKKKKRLRVDKWWGNRKELATVRTICSHVQNM
IKGVTLGFRYKMRSVYAHFPINVVIQENGSLVEIRNFLGEKYIRRVRMRPGVACSVSQAQKDELILEGNDIELVSNSAAL
IQQATTVKNKDIRKFLDGIYVSEKGTVQQAD
;
AH
14 'polypeptide(L)'
;RRPARCYRYCKNKPYPKSRFCRGVPDAKIRIFDLGRKKAKVDEFPLCGHMVSDEYEQLSSEALEAARICANKYMVKSCGK
DGFHIRVRLHPFHVIRINKMLSCAGADRLQTGMRGAFGKPQGTVARVHIGQVIMSIRTKLQNKEHVIEALRRAKFKFPGR
QKIHISKKWGFTKFNADEFEDMVAEKRLIPDGCGVKYIPNRGPLDKWRALH
;
AI
15 'polypeptide(L)'
;ENPMRELRIRKLCLNICVGESGDRLTRAAKVLEQLTGQTPVFSKARYTVRSFGIRRNEKIAVHCTVRGAKAEEILEKGLK
VREYELRKNNFSDTGNFGFGIQEHIDLGIKYDPSIGIYGLDFYVVLGRPGFSIADKKRRTGCIGAKHRISKEEAMRWFQQ
KYDGIILPG
;
AJ
16 'polypeptide(L)'
;APSRNGMVLKPHFHKDWQRRVATWFNQPARKIRRRKARQAKARRIAPRPASGPIRPIVRCPTVRYHTKVRAGRGFSLEEL
RVAGIHKKVARTIGISVDPRRRNKSTESLQANVQRLKEYRSKLILFPRKPSAPKKGDSSAEELKLATQLTGPVMPVRNVY
KKEKARVITEEEKNFKAFASLRMARANARLFGIRAKRAKEAAEQD
;
AL
17 'polypeptide(L)'
;VFRRFVEVGRVAYVSFGPHAGKLVAIVDVIDQNRALVDGPCTQVRRQAMPFKCMQLTDFILKFPHSAHQKYVRQAWQKAD
INTKWAATRWAKKIEARERKAKMTDFDRFKVMKAKKMRNRIIKNEVKKLQKAALLKASP
;
AM
18 'polypeptide(L)'
;GAYKYIQELWRKKQSDVMRFLLRVRCWQYRQLSALHRAPRPTRPDKARRLGYKAKQGYVIYRIRVRRGGRKRPVPKGATY
GKPVHHGVNQLKFARSLQSVAEERAGRHCGALRVLNSYWVGEDSTYKFFEVILIDPFHKAIRRNPDTQWITKPVHKHREM
RGLTSAGRKSRGLGKGHKFHHTIGGSRRAAWRRRNTLQLHRYR
;
AN
19 'polypeptide(L)'
;QVLVLDGRGHLLGRLAAIVAKQVLLGRKVVVVRCEGINISGNFYRNKLKYLAFLRKRMNTNPSRGPYHFRAPSRIFWRTV
RGMLPHKTKRGQAALDRLKVFDGIPPPYDKKKRMVVPAALKVVRLKPTRKFAYLGRLAHEVGWKYQAVTATLEEKRKEKA
KIHYRKKKQLMRLRKQAEKNVEKKIDKYTEVLKTH
;
AO
20 'polypeptide(L)'
;VRYSLDPENPTKSCKSRGSNLRVHFKNTRETAQAIKGMHIRKATKYLKDVTLQKQCVPFRRYNGGVGRCAQAKQWGWTQG
RWPKKSAEFLLHMLKNAESNAELKGLDVDSLVIEHIQVNKAPKMRRRTYRAHGRINPYMSSPCHIEMILTEKE
;
AP
21 'polypeptide(L)'
;GVDIRHNKDRKVRRKEPKSQDIYLRLLVKLYRFLARRTNSTFNQVVLKRLFMSRTNRPPLSLSRMIRKMKLPGRENKTAV
VVGTITDDVRVQEVPKLKVCALRVTSRARSRILRAGGKILTFDQLALDSPKGCGTVLLSGPRKGREVYRHFGKAPGTPHS
HTKPYVRSKGRKFERARGRRASRGYKN
;
AQ
22 'polypeptide(L)'
;SMLRLQKRLASSVLRCGKKKVWLDPNETNEIANANSRQQIRKLIKDGLIIRKPVTVHSRARCRKNTLARRKGRHMGIGKR
KGTANARMPEKVTWMRRMRILRRLLRRYRESKKIDRHMYHSLYLKVKGNVFKNKRILMEHIHKLKADKARKKLLADQAEA
RRSKTKEARKRREERLQAKKE
;
AR
23 'polypeptide(L)'
;MKASGTLREYKVVGRCLPTPKCHTPPLYRMRIFAPNHVVAKSRFWYFVSQLKKMKKSSGEIVYCGQVFEKSPLRVKNFGI
WLRYDSRSGTHNMYREYRDLTTAGAVTQCYRDMGARHRARAHSIQIMKVEEIAASKCRRPAVKQFHDSKIKFPLPHRVLR
RQHKPRFTTKRPNTF
;
AS
24 'polypeptide(L)'
;TNTKGKRRGTRYMFSRPFRKHGVVPLATYMRIYKKGDIVDIKGMGTVQKGMPHKCYHGKTGRVYNVTQHAVGIVVNKQVK
GKILAKRINVRIEHIKHSKSRDSFLKRVKENDQKKKEAKEKGTWVQLKRQPAPPREAHFVRTNGKEPELLEPIPYEF
;
AT
25 'polypeptide(L)'
;VLKFTLDCTHPVEDGIMDAANFEQFLQERIKVNGKAGNLGGGVVTIERSKSKITVTSEVPFSKRYLKYLTKKYLKKNNLR
DWLRVVANSKESYELRYFQ
;
AU
26 'polypeptide(L)'
;AKFRISLGLPVGAVINCADNTGAKNLYIISVKGIKGRLNRLPAAGVGDMVMATVKKGKPELRKKVHPAVVIRQRKSYRRK
DGVFLYFEDNAGVIVNNKGEMKGSAITGPVAKECADLWPRIASNAGSIA
;
AV
27 'polypeptide(L)'
;KVELCSFSGYKIYPGHGRRYARTDGKVFQFLNAKCESAFLSKRNPRQINWTVLYRRKHKKGQSEEIQKKRTRRAVKFQRA
ITGASLADIMAKRNQKPEVRKAQREQAIRAAKEAKKAKQAS
;
AW
28 'polypeptide(L)'
;KIRTSPTFRRPKTLRLRRQPKYPRKSAPRRNKLDHYAIIKFPLTTESAMKKIEDNNTLVFIVDVKANKHQIKQAVKKLYD
IDVAKVNTLIRPDGEKKAYVRLAPDYDALDVANKIGI
;
AX
29 'polypeptide(L)'
;MKFNPFVTSDRSKNRKRHFNAPSHIRRKIMSSPLSKELRQKYNVRSMPIRKDDEVQVVRGHYKGQQIGKVVQVYRKKYVI
YIERVQREKANGTTVHVGIHPSKVVITRLKLDKDRKKILERKAKSRQ
;
AY
30 'polypeptide(L)'
;KFMKPGKVVLVLAGRYSGRKAVIVKNIDDGTSDRPYSHALVAGIDRYPRKVTAAMGKKKIAKRSKIKSFVKVYNYNHLMP
TRYSVDIPLDKTVVNKDVFRDPALKRKARREAKVKFEERYKTGKNKWFFQKLRF
;
AZ
31 'polypeptide(L)'
;PSRLRKTRKLRGHVSHGHGRIGKHRKHPGGRGNAGGLHHHRINFDKYHPGYFGKVGMKHYHLKRNQSFCPTVNLDKLWTL
VSEQTRVNAAKNKTGAAPIIDVVRSGYYKVLGKGKLPKQPVIVKAKFFSRRAEEKIKSVGGACVLVA
;
Aa
32 'polypeptide(L)'
;AKSKNHTTHNQSRKWHRNGIKKPRSQRYESLKGVDPKFLRNMRFAKKHNKKGLKKMQANNAKAMSARAEAIKALVKPKEV
KPKIPKGVSRKLDRLAYIAHPKLGKRARARIAKGLRLC
;
Ab
33 'polypeptide(L)'
;TKKSLESINSRLQLVMKSGKYVLGYKQTLKMIRQGKAKLVILANNCPALRKSEIEYYAMLAKTGVHHYSGNNIELGTACG
KYYRVCTLAIIDPGDSDIIRSMP
;
Ac
34 'polypeptide(L)'
;NEVVTREYTINIHKRIHGVGFKKRAPRALKEIRKFAMKEMGTPDVRIDTRLNKAVWAKGIRNVPYRIRVRLSRKRNEDED
SPNKLYTLVTYVPVTTFKNLQTVNVD
;
Ad
35 'polypeptide(L)'
;AALRPLVKPKIVKKRTKKFIRHQSDRYVKIKRNWRKPRGIDNRVRRRFKGQILMPNIGYGSNKKTKHMLPSGFRKFLVHN
VKELEVLLMCNKSYCAEIAHNVSSKNRKAIVERAAQLAIRVTNPNARLR
;
Ae
36 'polypeptide(L)'
;SGRLWSKAIFAGYKRGLRNQREHTALLKIEGVYARDETEFYLGKRCAYVYKAKNNTVTPGGKPNKTRVIWGKVTRAHGNS
GMVRAKFRSNLPAKAIGHRIRVMLYPSRI
;
Af
37 'polypeptide(L)'
;VQRLTYRRRLSYNTASNKTRLSRTPGNRIVYLYTKKVGKAPKSACGVCPGRLRGVRAVRPKVLMRLSKTKKHVSRAYGGS
MCAKCVRDRIKRAFLIEEQKIVVKVLKAQAQSQK
;
Ag
38 'polypeptide(L)'
;AKIKARDLRGKKKEELLKQLDDLKVELSQLRVAKVTGGAASKLSKIRVVRKSIARVLTVINQTQKENLRKFYKGKKYKPL
DLRPKKTRAMRRRLNKHEENLKTKKQQRKERLYPLRKYAVKA
;
Ah
39 'polypeptide(L)'
;YPMAVGLNKGHKVTKNVSKPRHSRRRGRLTKHTKFVRDMIREVCGFAPYERRAMELLKVSKDKRALKFIKKRVGTHIRAK
RKREELSNVLAAMRKAA
;
Ai
40 'polypeptide(L)'
;TKGTSSFGKRRNKTHTLCRRCGSKAYHLQKSTCGKCGYPAKRKRKYNWSAKAKRRNTTGTGRMRHLKIVYRRFRHGFREG
TTPK
;
Aj
41 'polypeptide(L)' PRKIEEIKDFLLTARRKDAKSVKIKKNKDNVKFKVRCSRYLYTLVITDKEKAEKLKQSLPPGLAVKELK Ak
42 'polypeptide(L)' SSHKTFRIKRFLAKKQKQNRPIPQWIRMKTGNKIRYNSKRRHWRRTKLGL Al
43 'polypeptide(L)' IEPSLRQLAQKYNCDKMICRKCYARLHPRAVNCRKKKCGHTNNLRPKKKV Am
44 'polypeptide(L)' MRAKWRKKRMRRLKRKRRKMRQRSK An
45 'polypeptide(L)'
;VNVPKTRRTFCKKCGKHQPHKVTQYKKGKDSLYAQGKRRYDRKQSGYGGQTKPIFRKKAKTTKKIVLRLECVEPNCRSKR
MLAIKRCKHFELGGDKKRKGQVIQF
;
Ao
46 'polypeptide(L)'
;AKRTKKVGIVGKYGTRYGASLRKMVKKIEISQHAKYTCSFCGKTKMKRRAVGIWHCGSCMKTVAGGAWTYNTTSAVTVKS
AIRRLKELKDQ
;
Ap
47 'polypeptide(L)'
;SAHLQWMVVRNCSSFLIKRNKQTYSTEPNNLKARNSFRYNGLIHRKTVGVEPAADGKGVVVVIKRRSGQRKPATSYVRTT
INKNARATLSSIRHMIRKNKYRPDLRMAAIRRASAILRSQKP
;
At
48 'polyribonucleotide'
;CGCGACCUCAGAUCAGACGUGGCGACCCGCUGAAUUUAAGCAUAUUAGUCAGCGGAGGAAAAGAAACUAACCAGGAUUCC
CUCAGUAACGGCGAGUGAACAGGGAAGAGCCCAGCGCCGAAUCCCCGCCCCGCGGGGCGCGGGACAUGUGGCGUACGGAA
GACCCGCUCCCCGGCGCCGCUCGUGGGGGGCCCAAGUCCUUCUGAUCGAGGCCCAGCCCGUGGACGGUGUGAGGCCGGUA
GCGGCCCCCGGCGCGCGCCCGGGUCUUCCCGGAGUCGGGUUGCUUGGGAAUGCAGCCCAAAGCGGGUGGUAAACUCCAUC
UAAGGCUAAAUACCGGCACGAGACCGAUAGUCAACAAGUACCGUAAGGGAAAGUUGAAAAGAACUUUGAAGAGAGAGUUC
AAGAGGGCGUGAAACCGUUAAGAGGUAAACGGGUGGGGUCCGCGCAGUCCGCCCGGAGGAUUCAACCCGGCGGCGGGUCC
GGCCGUGUCGGCGGCCCGGCGGAUCUUUCCCGCCCCCGGGGUCGGCGGGGGACCGUCCCCCGGACCGGCGACCGGCCGCC
GCCGGGCGCAUUUCCAGGCGGUGCGCCGCGACCGGCUCCGGGACGGCUGGGAAGGCCCGGCGGGGAAGGUGGCUCGGGGC
CCCCGAGUGUUACAGCCCCCCCGGCAGCAGCACUCGCCGAAUCCCGGGGCCGAGGGAAGCGAGACGUCGCCGCGCUCUCC
CCCCUGGGGGGGCCGGGCCACCCCUCCCACGGCGCGACCGCUCUCCCAGGGGGCGGGGCGGACUGUCCCCAGUGCGCCCC
GGGCGGGUCGCGCCGUCGGGCCCGGGGGGCCACGCGCGCGUCCCGGGACGGCGGAGCGAGCGCACGGGGUCGGCGGCGAC
GUCGGCUACCCACCCGACCCGUCUUGAAACACGGACCAAGGAGUCUAACACGUGCGCGAGUCGGGGGCUCGCACGAAAGC
CGCCGUGGCGCAAUGAAGGUGAAGGCCGGCGCGCUCGCCGGCCGAGGUGGGAUCCCGAGGCCUCUCCAGUCCGCCGAGGG
GCACCACCGGCCCGUCUCGCCCGCCGCGCCGGGGAGGUGGAGCACGAGCGCACGUGUUAGGACCCGAAAGAUGGUGAACU
AUGCCUGGGCAGGGCGAAGCCAGAGGAAACUCUGGUGGAGGUCCGUAGCGGUCCUGACGUGCAAAUCGGUCGUCCGACCU
GGGUAUAGGGGCGAAAGACUAAUCGAACCAUCUAGUAGCUGGUUCCCUCCGAAGUUUCCCUCAGGAUAGCUGGCGCUCUC
GCCCACGCAGUUUUAUCCGGUAAAGCGAAUGAUUAGAGGUCUUGGGGCCGAAACGAUCUCAACCUAUUCUCAAACUUUAA
AUGGGUAAGAAGCCCGGCUCGCUGGCGUGGAGCCGGGGUGGAAUGCGAGUGCCUAGUGGGCCACUUUUGGUAAGCAGAAC
UGGCGCUGCGGGAUGAACCGAACGCCGGGUUAAGGCGCCCGAUGCCGACGCUCAUCAGACCCCAGAAAAGGUGUUGGUUG
AUAUAGACAGCAGGACGGUGGCCAUGGAAGUCGGAAUCCGCUAAGGAGUGUGUAACAACUCACCUGCCGAAUCAACUAGC
CCUGAAAAUGGAUGGCGCUGGAGCGUCGGGCCCAUACCCGGCCGUCGCCGGCGUCGAGAGUGGACGGGAGCGGCGGCCCG
CCCGCGGACGCUACGCCGCGACGAGUAGGAGGGCCGCUGCGGUGAGCCUUGAAGCCUAGGGCGCGGGCCCGGGUGGAGCC
GCCGCAGGUGCAGAUCUUGGUGGUAGUAGCAAAUAUUCAAACGAGAACUUUGAAGGCCGAAGUGGAGAAGGGUUCCAUGU
GAACAGCAGUUGAACAUGGGUCAGUCGGUCCUGAGAGAUGGGCGAGCGCCGUUCCGAAGGGACGGGCGAUGGCCUCCGUU
GCCCUCGGCCGAUCGAAAGGGAGUCGGGUUCAGAUCCCCGAAUCCGGAGUGGCGGAGAUGGGCGCCGCGAGGCGUCCAGU
GCGGUAACGCGACCGAUCCCGGAGAAGCCGGCGGGAGCCCCGGGGAGAGUUCUCUUUUCUUUGUGAAGGGCAGGGCGCCC
UGGAAUGGGUUCGCCCCGAGAGAGGGGCCCGUGCCUUGGAAAGCGUCGCGGUUCCGGCGGCGUCCGGUGAGCUCUCGCUG
GCCCUUGAAAAUCCGGGGGAGAGGGUGUAAAUCUCGCGCCGGGCCGUACCCAUAUCCGCAGCAGGUCUCCAAGGUGAACA
GCCUCUGGCAUGUUGGAACAAUGUAGGUAAGGGAAGUCGGCAAGCCGGAUCCGUAACUUCGGGAUAAGGAUUGGCUCUAA
GGGCUGGCAGCCGACUUAGAACUGGUGCGGACCAGGGGAAUCCGACUGUUUAAUUAAAACAAAGCAUCGCGAAGGCCCGC
GGCGGGUGUUGACGCGAUGUGAUUUCUGCCCAGUGCUCUGAAUGUCAAAGUGAAGAAAUUCAAUGAAGCGCGGGUAAACG
GCGGGAGUAACUAUGACUCUCUUAAGGUAGCCAAAUGCCUCGUCAUCUAAUUAGUGACGCGCAUGAAUGGAUGAACGAGA
UUCCCACUGUCCCUACCUACUAUCCAGCGAAACCACAGCCAAGGGAACGGGCUUGGCGGAAUCAGCGGGGAAAGAAGACC
CUGUUGAGCUUGACUCUAGUCUGGCACGGUGAAGAGACAUGAUAGAAUAAGUGGGAGGCCCGGGCCGCCGGUGAAAUACC
ACUACUCUGAUCGUUUUUUCACUGACCCGGUGAGGCGGGGGGGCGAGCCCGAGGGGCUCUCGCUUCUGGCGCCAAGCGCC
CGCCCGGCCGGGCGCGACCCGCUCCGGGGACAGUGCCAGGUGGGGAGUUUGACUGGGGCGGUACACCUGUCAAACGGUAA
CGCAGGUGUCCUAAGGCGAGCUCAGGGAGGACAGAAACCUCCCGUGGAGCAGAAGGGCAAAAGCUCGCUUGAUCUUGAUU
UUCAGUACGAAUACAGACCGUGAAAGCGGGGCCUCACGAUCCUUCUGACCUUUUGGGUUUUAAGCAGGAGGUGUCAGAAA
AGUUACCACAGGGAUAACUGGCUUGUGGCGGCCAAGCGUUCAUAGCGACGUCGCUUUUUGAUCCUUCGAUGUCGGCUCUU
CCUAUCAUUGUGAAGCAGAAUUCGCCAAGCGUUGGAUUGUUCACCCACUAAUAGGGAACGUGAGCUGGGUUUAGACCGUC
GUGAGACAGGUUAGUUUUACCCUACUGAUGAUGUGUUGUUGCCAUGGUAAUCCUGCUCAGUACGAGAGGAACCGCAGGUU
CAGACAUUUGGUGUAUGUGCUUGGCUGAGGAGCCAAUGGGGCGAAGCUACCAUCUGUGGGAUUAUGACUGAACGCCUCUA
AGUCAGAAUCCCGCCCAGGCGGAACGAUACGGCAGCGCCGCGGAGCCUCGGUUGGCCUCGGAUAGCCGGUCCGGGGUCCG
GUGCGGAGUGCCCUUCGUCCUGGGAAACGGGGCGCGGCCGGAAAGGCGGCCGCCCCCUCGCCCGUCACGCACCGCACGUU
CGUGGGGAACCUGGCGCUAAACCAUUCGUAGACGACCUGCUUCUGGGUCGGGGUUUCGUACGUAGCAGAGCAGCUCCCUC
GCUGCGAUCUAUUGAAAGUCAGCCCUCGACACAAGGGUUUGUC
;
A2
49 'polyribonucleotide'
;UACCUGGUUGAUCCUGCCAGUAGCAUAUGCUUGUCUCAAAGAUUAAGCCAUGCAUGUCUAAGUACGCACGGCCGGUACAG
UGAAACUGCGAAUGGCUCAUUAAAUCAGUUAUGGUUCCUUUGGUCGACUUGGAUAACUGUGGUAAUUCUAGAGCUAAUAC
AUGCCGACGGGCGCUGACCCCCUUCGCGGGGGGGAUGCGUGCAUUUAUCAGAUCAAAACCAACCCGGGCUUUGGUGACUC
UAGAUAACCUCGGGCCGAUCGCACGCCCCCCGUGGCGGCGACGACCCAUUCGAACGUCUGCCCUAUCAACUUUCGAUGGU
AGUCGCCGUGCCUACCAUGGUGACCACGGGUGACGGGGAAUCAGGGUUCGAUUCCGGAGAGGGAGCCUGAGAAACGGCUA
CCACAUCCAAGGAAGGCAGCAGGCGCGCAAAUUACCCACUCCCGACCCGGGGAGGUAGUGACGAAAAAUAACAAUACAGG
ACUCUUUCGAGGCCCUGUAAUUGGAAUGAGUCCACUUUAAAUCCUUUAACGAGGAUCCAUUGGAGGGCAAGUCUGGUGCC
AGCAGCCGCGGUAAUUCCAGCUCCAAUAGCGUAUAUUAAAGUUGCUGCAGUUAAAAAGCUCGUAGUUGGAUCUUGGGAGC
GGCCCCUUGCCUCUCGCCCGAAGCGUUUACUUUGAAAAAAUUAGAGUGUUCAAAGCAGGCCCGAGCCGCCUGGAUACCGC
AGCUAGGAAUAAUGGAAUAGGACCGCGGUUCUAUUUUGUUGGUUUUCGGAACUGAGGCCAUGAUUAAGAGGGACGGCCGG
GGGCAUUCGUAUUGCGCCGCUAGAGGUGAAAUUCUUGGACCGGCGCAAGACGGACCAGAGCGAAAGCAUUUGCCAAGAAU
GUUUUCAUUAAUCAAGAACGAAAGUCGGAGGUUCGAAGACGAUCAGAUACCGUCGUAGUUCCGACCAUAAACGAUGCCGA
CCGGCGAUGCGGCGGCGUUAUUCCCAUGACCCGCCGGGCAGCUUCCGGGAAACCAAAGUCUUUGGGUUCCGGGGGGAGUA
UGGUUGCAAAGCUGAAACUUAAAGGAAUUGACGGAAGGGCACCACCAGGAGUGGAGCCUGCGGCUUAAUUUGACUCAACA
CGGGAAACCUCACCCGGCCCGGACACGGACAGGAUUGACAGAUUGAUAGCUCUUUCUCGAUUCCGUGGGUGGUGGUGCAU
GGCCGUUCUUAGUUGGUGGAGCGAUUUGUCUGGUUAAUUCCGAUAACGAACGAGACUCUGGCAUGCUAACUAGUUACGCG
ACCCCCGAGCGGUAACUUCUUAGAGGGACAAGUGGCGUUCAGCCACCCGAGAUUGAGCAAUAACAGGUCUGUGAUGCCCU
UAGAUGUCCGGGGCUGCACGCGCGCUACACUGACUGGCUCAGCGUGUGCCUACCCUACGCCGGCAGGCGCGGGUAACCCG
UUGAACCCCAUUCGUGAUGGGGAUCGGGGAUUGCAAUUAUUCCCCAUGAACGAGGAAUUCCCAGUAAGUGCGGGUCAUAA
GCUUGCGUUGAUUAAGUCCCUGCCCUUUGUACACACCGCCCGUCGCUACUACCGAUUGGAUGGUUUAGUGAGGCCCUCGG
AUCGGCCCCGCCGUGGCGGAGCGCUGAGAAGACGGUCGAACUUGACUAUCUAGAGGAAGUAAAAGUCGUAACAAGGUUUC
CGUAGGUGAACCUGCGGAAGGAUCAUUA
;
B1
50 'polypeptide(L)'
;AVQISKKRKFVADGIFKAELNEFLTRELAEDGYSGVEVRVTPTRTEIIILATRTQNVLGEKGRRIRELTAVVQKRFGFPE
GSVELYAEKVATRGLCAIAQAESLRYKLLGGLAVRRACYGVLRFIMESGAKGCEVVVSGKLRGQRAKSMKFVDGLMIHSG
DPVNYYVDTAVRHVLLRQGVLGIKVKIMLPWDPTGKIGPKKPLPDHVSIVEPKDEILPTT
;
BD
51 'polypeptide(L)'
;ARGPKKHLKRVAAPKHWMLDKLTGVFAPRPSTGPHKLRECLPLIVFLRNRLKYALTGDEVKKICMQRFIKIDGKVRVDVT
YPAGFMDVISIEKTGEHFRLVYDTKGRFAVHRITVEEAKYKLCKVRKITVGVKGIPHLVTHDARTIRYPDPVIKVNDTVQ
IDLGTGKIINFIKFDTGNLCMVIGGANLGRVGVITNRERHPGSFDVVHVKDANGNSFATRLSNIFVIGNGNKPWISLPRG
KGIRLTVAEERDKRLAT
;
BE
52 'polypeptide(L)'
;PDIKLFGKWSTDDVQINDISLQDYIAVKEKYAKYLPHSAGRYAAKRFRKAQCPIVERLTNSMMMHGRNNGKKLMTVRIVK
HAFEIIHLLTGENPLQVLVNAIINSGPREDSTRIGRAGTVRRQAVDVSPLRRVNQAIWLLCTGAREAAFRNIKTIAECLA
DELINAAKGSSNSYAIKKKDELERVAKSNR
;
BF
53 'polypeptide(L)'
;MKLNISFPATGCQKLIEVDDERKLRTFYEKRMATEVAADALGEEWKGYVVRISGGNDKQGFPMKQGVLTHGRVRLLLSKG
HSCYRPRRTGERKRKSVRGCIVDANLSVLNLVIVKKGEKDIPGLTDTTVPRRLGPKRASRIRKLFNLSKEDDVRQYVVRK
PLNKEGKKPRTKAPKIQRLVTPRVLQHKRRRIALKKQRTKKNKEEAAEYAKLLAKRMKEAKEKRQEQIAKRR
;
BG
54 'polypeptide(L)'
;NGEKPDEFESGISQALLELEMNSDLKAQLRELNITAAKEIEVGGGRKAIIIFVPVPQLKSFQKIQVRLVRELEKKFSGKH
VVFIAQRRILPKPTRKSRTKNKQKRPRSRTLTAVHDAILEDLVFPSEIVGKRIRVKLDGSRLIKVHLDKAQQNNVEHKVE
TFSGVYKKLTGKDVNFEFPEFQL
;
BH
55 'polypeptide(L)'
;GISRDNWHKRRKTGGKRKPYHKKRKYELGRPAANTKIGPRRIHTVRVRGGNKKYRALRLDVGNFSWGSECCTRKTRIIDV
VYNASNNELVRTKTLVKNCIVLIDSTPYRQWYESHYALPLGRKKGAKLTPEEEEILNKKRSKKIQKKYDERKKNAKISSL
LEEQFQQGKLLACIASRPGQCGRADGYVLEGKELEFYLRKIKARKGK
;
BI
56 'polypeptide(L)'
;PVARSWVCRKTYVTPRRPFEKSRLDQELKLIGEYGLRNKREVWRVKFTLAKIRKAARELLTLDEKDPRRLFEGNALLRRL
VRIGVLDEGKMKLDYILGLKIEDFLERRLQTQVFKLGLAKSIHHARVLIRQRHIRVRKQVVNIPSFIVRLDSQKHIDFSL
RSPYGGGRPGRVKRKNAKK
;
BJ
57 'polypeptide(L)'
;MLMPKKNRIAIYELLFKEGVMVAKKDVHMPKHPELADKNVPNLHVMKAMQSLKSRGYVKEQFAWRHFYWYLTNEGIQYLR
DYLHLPPEIVPATLRRSR
;
BK
58 'polypeptide(L)'
;TERAYQKQPTIFQNKKRVLLGETGKEKLPRYYKNIGLGFKTPKEAIEGTYIDKKCPFTGNVSIRGRILSGVVTKMKMQRT
IVIRRDYLHYIRKYNRFEKRHKNMSVHLSPCFRDVQIGDIVTVGECRPLSKTVRFNVLKVTKAAGTKKQFQKF
;
BL
59 'polypeptide(L)'
;VMDVNTALQEVLKTALIHDGLARGIREAAKALDKRQAHLCVLASNCDEPMYVKLVEALCAEHQINLIKVDDNKKLGEWVG
LCKIDREGKPRKVVGCSCVVVKDYGKESQAKDVIEEYFKC
;
BM
60 'polypeptide(L)'
;GRMHAPGKGLSQSALPYRRSVPTWLKLTSDDVKEQIYKLAKKGLTPSQIGVILRDSHGVAQVRFVTGNKILRILKSKGLA
PDLPEDLYHLIKKAVAVRKHLERNRKDKDAKFRLILIESRIHRLARYYKTKRVLPPNWKYESSTASALV
;
BN
61 'polypeptide(L)'
;SLGPQVAEGENVFGVCHIFASFNDTFVHVTDLSGKETICRVTGGMKVKADRDESSPYAAMLAAQDVAQRCKELGITALHI
KLRATGGNRTKTPGPGAQSALRALARSGMKIGRIEDVTPIPSDSTRRKGGRRGRRL
;
BO
62 'polypeptide(L)'
;FRKFTYRGVDLDQLLDMSYEQLMQLYSARQRRRLNRGLRRKQHSLLKRLRKAKKEAPPMEKPEVVKTHLRDMIILPEMVG
SMVGVYNGKTFNQVEIKPEMIGHYLGEFSITYKPVKHGRP
;
BP
63 'polypeptide(L)'
;QSVQVFGRKKTATAVAHCKRGNGLIKVNGRPLEMIEPRTLQYKLLEPVLLLGKERFAGVDIRVRVKGGGHVAQIYAIRQS
ISKALVAYYQKYVDEASKKEIKDILIQYDRTLLVADPRRCESKKFGGPGARARYQKSYR
;
BQ
64 'polypeptide(L)'
;GRVRTKTVKKAARVIIEKYYTRLGNDFHTNKRVCEEIAIIPSKKLRNKIAGYVTHLMKRIQRGPVRGISIKLQEEERERR
DNYVPEVSALDQEIIEVDPDTKEMLKLLDFGSLSNLQVTQPTVGM
;
BR
65 'polypeptide(L)'
;VIPEKFQHILRVLNTNIDGRRKIAFAITAIKGVGRRYAHVVLRKADIDLTKRAGELTEDEVERVITIMQNPRQYKIPDWF
LNRQKDVKDGKYSQVLANGLDNKLREDLERLKKIRAHRGLRHFWGLRVRGQHTKTTGRR
;
BS
66 'polypeptide(L)'
;PGVTVKDVNQQEFVRALAAFLKKSGKLKVPEWVDTVKLAKHKELAPYDENWFYTRAASTARHLYLRGGAGVGSMTKIYGG
RQRNGVMPSHFSRGSKSVARRVLQALEGLKMVEKDQDGGRKLTPQGQRDLDRIAGQVAAANKK
;
BT
67 'polypeptide(L)'
;IRITLTSRNVKSLEKVCADLIRGAKEKNLKVKGPVRMPTKTLRITTRKTPCGEGSKTWDRFQMRIHKRLIDLHSPSEIVK
QITSISIEPGVEVEVTI
;
BU
68 'polypeptide(L)'
;MQNDAGEFVDLYVPRKCSASNRIIGAKDHASIQMNVAEVDKVTGRFNGQFKTYAICGAIRRMGESDDSILRLAKADGIVS
K
;
BV
69 'polypeptide(L)'
;VRMNVLADALKSINNAEKRGKRQVLIRPCSKVIVRFLTVMMKHGYIGEFEIIDDHRAGKIVVNLTGRLNKCGVISPRFDV
QLKDLEKWQNNLLPSRQFGFIVLTTSAGIMDHEEARRKHTGGKILGFFF
;
BW
70 'polypeptide(L)'
;GKCRGLRTARKLRSHRRDQKWHDKQYKKAHLGTALKANPFGGASHAKGIVLEKVGVEAKQPNSAIRKCVRVQLIKNGKKI
TAFVPNDGCLNFIEENDEVLVAGFGRKGHAVGDIPGVRFKVVKVANVSLLALYKGKKER
;
BX
71 'polypeptide(L)'
;TVTIRTRKFMTNRLLQRKQMVIDVLHPGKATVPKTEIREKLAKMYKTTPDVIFVFGFRTHFGGGKTTGFGMIYDSLDYAK
KNEPKHRLARHGLYEKKKTSRKQRKERKNRMKKVRGTAKANVGAG
;
BY
72 'polypeptide(L)'
;GKAKKKKWSKGKVRDKLNNLVLFDKATYDKLCKEVPNYKLITPAVVSERLKIRGSLARAALQELLSKGLIKLVSKHRAQV
IYTRNT
;
BZ
73 'polypeptide(L)'
;TKKRRNNGRAKKGRGHVQPIRCTNCARCVPKDKAIKKFVIRNIVEAAAVRDISEASVFDAYVLPKLYVKLHYCVSCAIHS
KVVRNRSREARKDRTPP
;
Ba
74 'polypeptide(L)' AKDLLHPSPEEEKRKHKKKRLVQSPNSYFMDVKCPGCYKITTVFSHAQTVVLCVGCSTVLCQPTGGKARLTEGCSFRRKQ Bb
75 'polypeptide(L)' QPIKLARVTKVLGRTGSQGQCTQVRVEFMDDTSRSIIRNVKGPVREGDVLTLLESEREARRL Bc
76 'polypeptide(L)' QLYWSHPRKFGQGSRSCRVCSNRHGLIRKYGLNMCRQCFRQYAKDIGFIKL Bd
77 'polypeptide(L)' HGSLARAGKVRGQTPKVAKQEKKKKKTGRAKRRMQYNRRFVNVVPTFGKKKGPNA Be
78 'polypeptide(L)' KRKKKSYTTPKKNKHKRKKVKLAVLKYYKVDENGKISRLRRECPSDECGAGVFMASHFDRHYCGKCCLTYCFN Bf
79 'polypeptide(L)'
;TEQMTLRGTLKGHNGWVTQIATTPQFPDMILSASRDKTIIMWKLTRDETNYGIPQRALRGHSHFVSDVVISSDGQFALSG
SWDGTLRLWDLTTGTTTRRFVGHTKDVLSVAFSSDNRQIVSGSRDKTIKLWNTLGVCKYTVQDESHSEWVSCVRFSPNSS
NPIIVSCGWDKLVKVWNLANCKLKTNHIGHTGYLNTVTVSPDGSLCASGGKDGQAMLWDLNEGKHLYTLDGGDIINALCF
SPNRYWLCAATGPSIKIWDLEGKIIVDELKQEVISTSSKAEPPQCTSLAWSADGQTLFAGYTDNLVRVWQVTIG
;
Bg
80 'polyribonucleotide' GCCCGGAUAGCUCAGUCGGUAGAGCAGGGGAUUGAAAAUCCCCGUGUCCUUGGUUCGAUUCCGAGUCCGGGCACCA Bv
81 'polyribonucleotide' UUUUUUUUUUUUUUUU Bx
82 'polypeptide(L)' SWWPLPLLLLLLLLLGPAGARAQEDE A
#
loop_
_chem_comp.id
_chem_comp.type
_chem_comp.name
_chem_comp.formula
A RNA linking ADENOSINE-5'-MONOPHOSPHATE 'C10 H14 N5 O7 P'
C RNA linking CYTIDINE-5'-MONOPHOSPHATE 'C9 H14 N3 O8 P'
G RNA linking GUANOSINE-5'-MONOPHOSPHATE 'C10 H14 N5 O8 P'
MG non-polymer 'MAGNESIUM ION' 'Mg 2'
MVM non-polymer N-(3-chloropyridin-2-yl)-N-[(3R)-piperidin-3-yl]-4-(3H-[1,2,3]triazolo[4,5-b]pyridin-3-yl)benzamide 'C22 H20 Cl N7 O'
U RNA linking URIDINE-5'-MONOPHOSPHATE 'C9 H13 N2 O9 P'
ZN non-polymer 'ZINC ION' 'Zn 2'
#
# COMPACT_ATOMS: atom_id res chain seq x y z
N GLY A 1 16.02 -19.04 -26.28
CA GLY A 1 16.07 -17.59 -26.35
C GLY A 1 17.35 -17.07 -26.94
N ARG A 2 17.49 -15.76 -26.93
CA ARG A 2 18.65 -15.13 -27.50
C ARG A 2 19.86 -15.38 -26.58
N VAL A 3 21.04 -15.17 -27.13
CA VAL A 3 22.28 -15.34 -26.39
C VAL A 3 22.51 -14.14 -25.49
N ILE A 4 22.73 -14.40 -24.20
CA ILE A 4 22.81 -13.33 -23.20
C ILE A 4 24.13 -12.59 -23.33
N ARG A 5 24.31 -11.50 -22.56
CA ARG A 5 25.54 -10.71 -22.65
C ARG A 5 26.77 -11.50 -22.25
N GLY A 6 26.73 -12.17 -21.09
CA GLY A 6 27.92 -12.83 -20.58
C GLY A 6 28.37 -14.00 -21.42
N GLN A 7 27.47 -14.59 -22.19
CA GLN A 7 27.88 -15.56 -23.19
C GLN A 7 28.53 -14.90 -24.38
N ARG A 8 28.18 -13.65 -24.69
CA ARG A 8 28.72 -13.06 -25.90
C ARG A 8 30.17 -12.62 -25.72
N LYS A 9 30.67 -12.60 -24.49
CA LYS A 9 32.07 -12.27 -24.26
C LYS A 9 33.03 -13.30 -24.86
N GLY A 10 32.61 -14.55 -24.98
CA GLY A 10 33.60 -15.56 -25.26
C GLY A 10 34.05 -15.69 -26.69
N ALA A 11 33.62 -14.82 -27.59
CA ALA A 11 34.13 -14.88 -28.94
C ALA A 11 35.27 -13.91 -29.17
N GLY A 12 35.33 -12.83 -28.40
CA GLY A 12 36.36 -11.84 -28.61
C GLY A 12 36.07 -11.06 -29.87
N SER A 13 34.83 -10.65 -30.04
CA SER A 13 34.43 -9.92 -31.24
C SER A 13 34.53 -8.41 -31.03
N VAL A 14 33.76 -7.89 -30.08
CA VAL A 14 33.91 -6.52 -29.64
C VAL A 14 34.39 -6.47 -28.21
N PHE A 15 34.80 -7.61 -27.66
CA PHE A 15 35.17 -7.68 -26.25
C PHE A 15 36.64 -8.03 -26.07
N ARG A 16 37.45 -7.88 -27.11
CA ARG A 16 38.89 -8.03 -26.96
C ARG A 16 39.48 -6.81 -26.30
N ALA A 17 40.62 -7.01 -25.66
CA ALA A 17 41.24 -5.95 -24.88
C ALA A 17 41.83 -4.88 -25.80
N HIS A 18 41.57 -3.62 -25.47
CA HIS A 18 42.14 -2.52 -26.23
C HIS A 18 43.62 -2.48 -25.89
N VAL A 19 44.46 -2.94 -26.82
CA VAL A 19 45.79 -3.39 -26.44
C VAL A 19 46.85 -2.76 -27.34
N LYS A 20 46.50 -1.73 -28.09
CA LYS A 20 47.49 -1.12 -28.98
C LYS A 20 48.49 -0.29 -28.20
N HIS A 21 48.01 0.69 -27.44
CA HIS A 21 48.92 1.62 -26.79
C HIS A 21 49.55 1.06 -25.53
N ARG A 22 49.30 -0.19 -25.17
CA ARG A 22 49.96 -0.76 -24.01
C ARG A 22 51.44 -0.97 -24.30
N LYS A 23 52.26 -0.67 -23.30
CA LYS A 23 53.69 -0.46 -23.50
C LYS A 23 54.54 -1.72 -23.35
N GLY A 24 53.93 -2.88 -23.21
CA GLY A 24 54.68 -4.10 -23.04
C GLY A 24 54.13 -4.80 -21.82
N ALA A 25 54.41 -6.09 -21.68
CA ALA A 25 53.97 -6.79 -20.50
C ALA A 25 54.88 -6.47 -19.34
N ALA A 26 54.53 -6.99 -18.17
CA ALA A 26 55.24 -6.68 -16.95
C ALA A 26 55.71 -7.98 -16.30
N ARG A 27 56.91 -8.41 -16.67
CA ARG A 27 57.51 -9.62 -16.15
C ARG A 27 58.88 -9.30 -15.58
N LEU A 28 59.46 -10.30 -14.93
CA LEU A 28 60.78 -10.19 -14.32
C LEU A 28 61.86 -10.70 -15.28
N ARG A 29 63.05 -10.95 -14.76
CA ARG A 29 64.08 -11.61 -15.55
C ARG A 29 63.90 -13.13 -15.53
N ALA A 30 63.98 -13.75 -16.70
CA ALA A 30 63.98 -15.20 -16.81
C ALA A 30 65.23 -15.76 -16.13
N VAL A 31 65.05 -16.86 -15.39
CA VAL A 31 66.07 -17.30 -14.45
C VAL A 31 67.26 -17.90 -15.19
N ASP A 32 68.39 -17.22 -15.10
CA ASP A 32 69.60 -17.53 -15.83
C ASP A 32 70.68 -17.92 -14.83
N PHE A 33 71.93 -17.97 -15.27
CA PHE A 33 72.98 -18.43 -14.36
C PHE A 33 73.30 -17.39 -13.30
N ALA A 34 73.33 -16.12 -13.68
CA ALA A 34 73.82 -15.09 -12.77
C ALA A 34 72.90 -14.92 -11.57
N GLU A 35 71.60 -15.00 -11.79
CA GLU A 35 70.69 -14.80 -10.69
C GLU A 35 70.60 -15.99 -9.76
N ARG A 36 71.02 -17.16 -10.20
CA ARG A 36 70.92 -18.30 -9.31
C ARG A 36 72.19 -18.56 -8.52
N HIS A 37 73.32 -17.94 -8.89
CA HIS A 37 74.53 -18.05 -8.11
C HIS A 37 75.15 -16.71 -7.72
N GLY A 38 74.48 -15.59 -7.99
CA GLY A 38 75.00 -14.31 -7.56
C GLY A 38 73.99 -13.19 -7.70
N TYR A 39 74.43 -12.00 -8.07
CA TYR A 39 73.52 -10.93 -8.44
C TYR A 39 74.09 -10.18 -9.62
N ILE A 40 73.23 -9.44 -10.29
CA ILE A 40 73.62 -8.73 -11.50
C ILE A 40 73.14 -7.28 -11.38
N LYS A 41 73.94 -6.36 -11.91
CA LYS A 41 73.76 -4.93 -11.77
C LYS A 41 72.85 -4.37 -12.85
N GLY A 42 71.85 -3.60 -12.44
CA GLY A 42 70.90 -3.02 -13.37
C GLY A 42 70.42 -1.68 -12.90
N ILE A 43 70.12 -0.81 -13.86
CA ILE A 43 69.79 0.59 -13.61
C ILE A 43 68.39 0.82 -14.15
N VAL A 44 67.56 1.52 -13.38
CA VAL A 44 66.24 1.88 -13.88
C VAL A 44 66.38 3.15 -14.73
N LYS A 45 66.04 3.03 -16.01
CA LYS A 45 66.17 4.19 -16.89
C LYS A 45 65.07 5.20 -16.60
N ASP A 46 63.83 4.83 -16.90
CA ASP A 46 62.71 5.70 -16.63
C ASP A 46 61.48 4.84 -16.38
N ILE A 47 60.49 5.42 -15.71
CA ILE A 47 59.30 4.68 -15.34
C ILE A 47 58.09 5.27 -16.06
N ILE A 48 57.31 4.39 -16.67
CA ILE A 48 56.32 4.81 -17.64
C ILE A 48 54.95 4.42 -17.14
N HIS A 49 53.94 5.12 -17.65
CA HIS A 49 52.55 4.80 -17.41
C HIS A 49 52.08 3.81 -18.45
N ASP A 50 51.65 2.63 -18.01
CA ASP A 50 51.13 1.66 -18.94
C ASP A 50 49.61 1.76 -18.93
N PRO A 51 48.99 2.29 -19.99
CA PRO A 51 47.55 2.54 -19.95
C PRO A 51 46.74 1.26 -19.97
N GLY A 52 45.66 1.24 -19.22
CA GLY A 52 45.01 0.00 -18.87
C GLY A 52 45.55 -0.62 -17.61
N ARG A 53 46.50 0.05 -16.97
CA ARG A 53 46.99 -0.31 -15.66
C ARG A 53 47.11 0.98 -14.85
N GLY A 54 46.76 0.92 -13.58
CA GLY A 54 46.91 2.11 -12.77
C GLY A 54 48.25 2.15 -12.09
N ALA A 55 48.93 1.01 -12.07
CA ALA A 55 50.27 0.99 -11.52
C ALA A 55 51.25 1.63 -12.50
N PRO A 56 52.29 2.29 -12.00
CA PRO A 56 53.38 2.69 -12.87
C PRO A 56 54.26 1.51 -13.21
N LEU A 57 55.08 1.67 -14.22
CA LEU A 57 55.68 0.53 -14.88
C LEU A 57 57.15 0.87 -15.12
N ALA A 58 58.03 0.17 -14.42
CA ALA A 58 59.45 0.45 -14.53
C ALA A 58 60.03 -0.15 -15.80
N LYS A 59 61.23 0.34 -16.15
CA LYS A 59 61.93 -0.09 -17.35
C LYS A 59 63.42 -0.10 -17.04
N VAL A 60 63.97 -1.28 -16.76
CA VAL A 60 65.28 -1.43 -16.14
C VAL A 60 66.28 -1.86 -17.22
N VAL A 61 67.47 -1.26 -17.22
CA VAL A 61 68.49 -1.59 -18.21
C VAL A 61 69.49 -2.56 -17.59
N PHE A 62 70.21 -3.30 -18.43
CA PHE A 62 71.14 -4.32 -17.94
C PHE A 62 72.34 -4.41 -18.88
N ARG A 63 73.08 -5.52 -18.73
CA ARG A 63 74.13 -5.93 -19.66
C ARG A 63 74.06 -7.44 -19.81
N ASP A 64 74.08 -7.93 -21.04
CA ASP A 64 73.98 -9.37 -21.28
C ASP A 64 75.34 -10.00 -21.03
N PRO A 65 75.45 -10.97 -20.13
CA PRO A 65 76.77 -11.51 -19.80
C PRO A 65 77.35 -12.45 -20.85
N TYR A 66 76.67 -12.68 -21.96
CA TYR A 66 77.11 -13.64 -22.96
C TYR A 66 77.36 -13.00 -24.32
N ARG A 67 76.63 -11.94 -24.63
CA ARG A 67 76.79 -11.16 -25.86
C ARG A 67 76.98 -9.71 -25.45
N PHE A 68 77.82 -9.00 -26.19
CA PHE A 68 78.03 -7.59 -25.91
C PHE A 68 76.80 -6.79 -26.31
N LYS A 69 75.83 -6.67 -25.41
CA LYS A 69 74.57 -6.03 -25.75
C LYS A 69 73.87 -5.66 -24.46
N LYS A 70 73.21 -4.50 -24.46
CA LYS A 70 72.44 -4.05 -23.31
C LYS A 70 70.96 -4.40 -23.50
N ARG A 71 70.35 -4.97 -22.46
CA ARG A 71 68.97 -5.43 -22.55
C ARG A 71 68.06 -4.58 -21.69
N THR A 72 66.90 -4.23 -22.25
CA THR A 72 65.94 -3.31 -21.66
C THR A 72 64.71 -4.11 -21.27
N GLU A 73 64.47 -4.26 -19.98
CA GLU A 73 63.41 -5.11 -19.48
C GLU A 73 62.50 -4.29 -18.58
N LEU A 74 61.28 -4.79 -18.35
CA LEU A 74 60.20 -4.00 -17.78
C LEU A 74 59.71 -4.60 -16.48
N PHE A 75 60.20 -4.10 -15.36
CA PHE A 75 59.70 -4.54 -14.07
C PHE A 75 58.43 -3.77 -13.73
N ILE A 76 57.81 -4.13 -12.61
CA ILE A 76 56.68 -3.38 -12.07
C ILE A 76 57.21 -2.42 -11.02
N ALA A 77 56.84 -1.15 -11.14
CA ALA A 77 57.42 -0.11 -10.31
C ALA A 77 56.95 -0.22 -8.88
N ALA A 78 57.71 -0.93 -8.05
CA ALA A 78 57.39 -0.98 -6.64
C ALA A 78 57.67 0.38 -5.99
N GLU A 79 57.01 0.62 -4.88
CA GLU A 79 56.98 1.93 -4.23
C GLU A 79 58.37 2.42 -3.84
N GLY A 80 58.64 3.69 -4.11
CA GLY A 80 59.81 4.35 -3.59
C GLY A 80 61.02 4.36 -4.50
N ILE A 81 61.00 3.59 -5.58
CA ILE A 81 62.12 3.59 -6.51
C ILE A 81 62.10 4.89 -7.31
N HIS A 82 63.27 5.41 -7.63
CA HIS A 82 63.38 6.55 -8.50
C HIS A 82 64.30 6.22 -9.66
N THR A 83 64.21 6.98 -10.73
CA THR A 83 65.12 6.81 -11.85
C THR A 83 66.56 7.06 -11.42
N GLY A 84 67.43 6.12 -11.75
CA GLY A 84 68.80 6.18 -11.31
C GLY A 84 69.13 5.30 -10.14
N GLN A 85 68.32 4.31 -9.84
CA GLN A 85 68.62 3.42 -8.74
C GLN A 85 69.39 2.22 -9.27
N PHE A 86 70.23 1.64 -8.40
CA PHE A 86 70.93 0.40 -8.73
C PHE A 86 70.16 -0.76 -8.13
N VAL A 87 69.11 -1.15 -8.81
CA VAL A 87 68.41 -2.41 -8.53
C VAL A 87 69.37 -3.56 -8.76
N TYR A 88 69.67 -4.31 -7.72
CA TYR A 88 70.60 -5.43 -7.80
C TYR A 88 69.82 -6.70 -7.56
N CYS A 89 69.79 -7.56 -8.57
CA CYS A 89 68.87 -8.68 -8.61
C CYS A 89 69.61 -9.99 -8.78
N GLY A 90 69.17 -11.00 -8.06
CA GLY A 90 69.82 -12.29 -8.08
C GLY A 90 69.54 -13.03 -6.80
N LYS A 91 70.32 -14.09 -6.57
CA LYS A 91 70.13 -14.88 -5.36
C LYS A 91 70.68 -14.16 -4.14
N LYS A 92 71.93 -13.74 -4.20
CA LYS A 92 72.55 -13.09 -3.05
C LYS A 92 72.45 -11.58 -3.12
N ALA A 93 71.33 -11.12 -3.65
CA ALA A 93 71.00 -9.71 -3.62
C ALA A 93 70.76 -9.25 -2.19
N GLN A 94 71.28 -8.08 -1.87
CA GLN A 94 71.18 -7.52 -0.53
C GLN A 94 69.84 -6.83 -0.36
N LEU A 95 69.16 -7.13 0.74
CA LEU A 95 67.73 -6.87 0.89
C LEU A 95 67.44 -5.38 1.02
N ASN A 96 67.04 -4.75 -0.10
CA ASN A 96 66.49 -3.41 -0.13
C ASN A 96 65.20 -3.41 -0.93
N ILE A 97 64.63 -2.22 -1.11
CA ILE A 97 63.48 -2.06 -2.00
C ILE A 97 63.94 -2.20 -3.44
N GLY A 98 63.24 -3.03 -4.20
CA GLY A 98 63.47 -3.19 -5.61
C GLY A 98 64.36 -4.35 -5.98
N ASN A 99 65.10 -4.89 -5.03
CA ASN A 99 66.04 -5.96 -5.31
C ASN A 99 65.31 -7.29 -5.28
N VAL A 100 65.06 -7.87 -6.44
CA VAL A 100 64.30 -9.12 -6.50
C VAL A 100 65.22 -10.30 -6.19
N LEU A 101 64.77 -11.17 -5.29
CA LEU A 101 65.60 -12.21 -4.71
C LEU A 101 64.68 -13.31 -4.21
N PRO A 102 65.16 -14.55 -4.10
CA PRO A 102 64.28 -15.66 -3.75
C PRO A 102 63.74 -15.56 -2.34
N VAL A 103 62.63 -16.27 -2.11
CA VAL A 103 61.98 -16.19 -0.81
C VAL A 103 62.71 -17.00 0.26
N GLY A 104 63.57 -17.93 -0.13
CA GLY A 104 64.34 -18.67 0.85
C GLY A 104 65.52 -17.93 1.42
N THR A 105 65.77 -16.72 0.95
CA THR A 105 66.91 -15.94 1.37
C THR A 105 66.43 -14.63 2.00
N MET A 106 65.20 -14.42 2.04
CA MET A 106 64.65 -13.35 2.86
C MET A 106 64.10 -13.92 4.16
N PRO A 107 64.12 -13.16 5.25
CA PRO A 107 63.54 -13.67 6.50
C PRO A 107 62.03 -13.53 6.46
N GLU A 108 61.36 -14.29 7.31
CA GLU A 108 59.92 -14.22 7.38
C GLU A 108 59.45 -12.90 7.97
N GLY A 109 58.39 -12.36 7.40
CA GLY A 109 57.97 -11.00 7.67
C GLY A 109 58.29 -10.02 6.55
N THR A 110 58.89 -10.49 5.46
CA THR A 110 59.35 -9.62 4.38
C THR A 110 58.21 -9.29 3.43
N ILE A 111 57.83 -8.02 3.37
CA ILE A 111 56.71 -7.58 2.56
C ILE A 111 57.18 -7.43 1.12
N VAL A 112 56.71 -8.31 0.24
CA VAL A 112 57.19 -8.36 -1.13
C VAL A 112 56.04 -8.12 -2.08
N CYS A 113 56.33 -8.09 -3.38
CA CYS A 113 55.31 -8.04 -4.40
C CYS A 113 55.85 -8.75 -5.62
N CYS A 114 54.94 -9.05 -6.55
CA CYS A 114 55.24 -9.66 -7.84
C CYS A 114 55.94 -11.02 -7.68
N LEU A 115 55.67 -11.72 -6.58
CA LEU A 115 56.27 -13.03 -6.38
C LEU A 115 55.63 -14.04 -7.31
N GLU A 116 56.25 -15.20 -7.40
CA GLU A 116 55.92 -16.13 -8.46
C GLU A 116 55.20 -17.36 -7.92
N GLU A 117 54.35 -17.94 -8.78
CA GLU A 117 53.50 -19.05 -8.38
C GLU A 117 54.32 -20.32 -8.24
N LYS A 118 54.95 -20.74 -9.32
CA LYS A 118 55.91 -21.82 -9.36
C LYS A 118 57.13 -21.29 -10.09
N PRO A 119 58.34 -21.69 -9.71
CA PRO A 119 59.54 -20.93 -10.12
C PRO A 119 59.81 -20.98 -11.61
N GLY A 120 60.17 -19.81 -12.15
CA GLY A 120 60.44 -19.68 -13.56
C GLY A 120 59.25 -19.33 -14.42
N ASP A 121 58.30 -18.56 -13.89
CA ASP A 121 57.20 -18.07 -14.70
C ASP A 121 57.14 -16.56 -14.80
N ARG A 122 58.12 -15.86 -14.22
CA ARG A 122 58.41 -14.45 -14.45
C ARG A 122 57.34 -13.51 -13.89
N GLY A 123 56.83 -13.82 -12.71
CA GLY A 123 56.08 -12.85 -11.92
C GLY A 123 54.58 -12.88 -12.10
N LYS A 124 53.84 -13.46 -11.16
CA LYS A 124 52.40 -13.59 -11.32
C LYS A 124 51.58 -13.00 -10.17
N LEU A 125 51.89 -13.35 -8.93
CA LEU A 125 51.00 -12.97 -7.83
C LEU A 125 51.37 -11.62 -7.27
N ALA A 126 50.34 -10.85 -6.90
CA ALA A 126 50.46 -9.53 -6.26
C ALA A 126 51.25 -8.57 -7.14
N ARG A 127 50.62 -8.21 -8.26
CA ARG A 127 51.17 -7.27 -9.21
C ARG A 127 50.44 -5.94 -9.26
N ALA A 128 49.20 -5.88 -8.80
CA ALA A 128 48.38 -4.69 -9.00
C ALA A 128 48.76 -3.60 -8.01
N SER A 129 48.21 -2.42 -8.24
CA SER A 129 48.75 -1.19 -7.67
C SER A 129 48.40 -1.11 -6.19
N GLY A 130 49.37 -1.45 -5.34
CA GLY A 130 49.16 -1.38 -3.92
C GLY A 130 48.81 -2.73 -3.32
N ASN A 131 49.52 -3.76 -3.73
CA ASN A 131 49.31 -5.08 -3.16
C ASN A 131 50.63 -5.69 -2.76
N TYR A 132 50.57 -6.62 -1.82
CA TYR A 132 51.79 -7.15 -1.24
C TYR A 132 51.53 -8.49 -0.59
N ALA A 133 52.37 -9.46 -0.91
CA ALA A 133 52.44 -10.70 -0.18
C ALA A 133 53.51 -10.60 0.88
N THR A 134 53.40 -11.41 1.90
CA THR A 134 54.32 -11.35 3.02
C THR A 134 54.75 -12.76 3.39
N VAL A 135 56.02 -13.06 3.13
CA VAL A 135 56.57 -14.38 3.38
C VAL A 135 56.57 -14.67 4.87
N ILE A 136 55.92 -15.77 5.26
CA ILE A 136 55.84 -16.24 6.64
C ILE A 136 56.04 -17.75 6.66
N SER A 137 56.61 -18.25 7.77
CA SER A 137 56.68 -19.68 8.09
C SER A 137 57.44 -20.49 7.05
N HIS A 138 58.76 -20.29 7.02
CA HIS A 138 59.63 -21.10 6.16
C HIS A 138 59.59 -22.58 6.53
N ASN A 139 59.87 -23.42 5.52
CA ASN A 139 60.17 -24.84 5.72
C ASN A 139 61.59 -25.09 5.29
N PRO A 140 62.49 -25.49 6.20
CA PRO A 140 63.91 -25.63 5.85
C PRO A 140 64.20 -26.76 4.87
N GLU A 141 63.88 -27.98 5.25
CA GLU A 141 63.78 -29.03 4.26
C GLU A 141 62.44 -28.87 3.56
N THR A 142 62.28 -29.58 2.44
CA THR A 142 61.08 -29.57 1.60
C THR A 142 60.79 -28.12 1.18
N LYS A 143 61.64 -27.62 0.29
CA LYS A 143 61.82 -26.18 0.13
C LYS A 143 60.55 -25.51 -0.38
N LYS A 144 59.79 -25.00 0.58
CA LYS A 144 58.47 -24.44 0.39
C LYS A 144 58.37 -23.20 1.27
N THR A 145 57.24 -22.52 1.17
CA THR A 145 57.08 -21.20 1.77
C THR A 145 55.60 -20.87 1.85
N ARG A 146 55.10 -20.54 3.02
CA ARG A 146 53.74 -20.00 3.13
C ARG A 146 53.77 -18.53 2.75
N VAL A 147 52.81 -18.08 1.95
CA VAL A 147 52.69 -16.67 1.62
C VAL A 147 51.25 -16.24 1.77
N LYS A 148 51.03 -15.08 2.40
CA LYS A 148 49.72 -14.47 2.44
C LYS A 148 49.55 -13.59 1.21
N LEU A 149 48.76 -14.04 0.26
CA LEU A 149 48.45 -13.25 -0.92
C LEU A 149 47.53 -12.09 -0.53
N PRO A 150 47.28 -11.11 -1.41
CA PRO A 150 46.39 -10.00 -1.02
C PRO A 150 44.91 -10.35 -0.90
N SER A 151 44.55 -11.62 -0.86
CA SER A 151 43.23 -12.02 -0.38
C SER A 151 43.29 -12.35 1.11
N GLY A 152 44.13 -13.31 1.47
CA GLY A 152 44.19 -13.77 2.84
C GLY A 152 44.35 -15.27 2.92
N SER A 153 44.41 -15.92 1.77
CA SER A 153 44.49 -17.37 1.73
C SER A 153 45.96 -17.77 1.58
N LYS A 154 46.50 -18.36 2.63
CA LYS A 154 47.91 -18.73 2.69
C LYS A 154 48.20 -19.84 1.69
N LYS A 155 48.75 -19.48 0.54
CA LYS A 155 49.24 -20.46 -0.42
C LYS A 155 50.67 -20.82 -0.06
N VAL A 156 51.03 -22.09 -0.26
CA VAL A 156 52.40 -22.55 -0.11
C VAL A 156 53.00 -22.81 -1.50
N ILE A 157 54.13 -22.16 -1.78
CA ILE A 157 54.74 -22.17 -3.09
C ILE A 157 56.15 -22.72 -2.97
N SER A 158 56.69 -23.10 -4.11
CA SER A 158 58.07 -23.59 -4.14
C SER A 158 59.01 -22.42 -3.97
N SER A 159 60.10 -22.62 -3.22
CA SER A 159 60.91 -21.53 -2.71
C SER A 159 62.16 -21.26 -3.52
N ALA A 160 62.09 -21.43 -4.84
CA ALA A 160 63.18 -21.04 -5.72
C ALA A 160 62.82 -19.78 -6.49
N ASN A 161 61.68 -19.19 -6.19
CA ASN A 161 61.13 -18.11 -6.98
C ASN A 161 61.31 -16.77 -6.30
N ARG A 162 61.32 -15.73 -7.10
CA ARG A 162 61.91 -14.47 -6.71
C ARG A 162 60.80 -13.44 -6.57
N ALA A 163 61.03 -12.45 -5.71
CA ALA A 163 60.00 -11.49 -5.36
C ALA A 163 60.63 -10.13 -5.17
N VAL A 164 60.20 -9.14 -5.96
CA VAL A 164 60.73 -7.79 -5.82
C VAL A 164 60.20 -7.17 -4.54
N VAL A 165 61.11 -6.71 -3.69
CA VAL A 165 60.81 -6.41 -2.30
C VAL A 165 60.17 -5.03 -2.19
N GLY A 166 59.04 -4.95 -1.51
CA GLY A 166 58.30 -3.72 -1.36
C GLY A 166 56.91 -3.83 -1.95
N VAL A 167 56.10 -2.81 -1.68
CA VAL A 167 54.75 -2.77 -2.19
C VAL A 167 54.75 -2.11 -3.57
N VAL A 168 53.74 -2.43 -4.37
CA VAL A 168 53.59 -1.86 -5.70
C VAL A 168 53.13 -0.42 -5.55
N ALA A 169 53.78 0.49 -6.29
CA ALA A 169 53.39 1.89 -6.24
C ALA A 169 52.03 2.07 -6.89
N GLY A 170 51.34 3.11 -6.47
CA GLY A 170 49.93 3.24 -6.72
C GLY A 170 49.08 2.71 -5.59
N GLY A 171 49.57 2.77 -4.35
CA GLY A 171 48.83 2.25 -3.23
C GLY A 171 47.73 3.18 -2.81
N GLY A 172 46.52 2.67 -2.71
CA GLY A 172 45.40 3.51 -2.39
C GLY A 172 45.01 4.35 -3.58
N ARG A 173 44.89 3.70 -4.73
CA ARG A 173 44.38 4.37 -5.91
C ARG A 173 42.90 4.65 -5.80
N ILE A 174 42.12 3.64 -5.43
CA ILE A 174 40.66 3.64 -5.54
C ILE A 174 39.98 4.60 -4.58
N ASP A 175 40.75 5.30 -3.77
CA ASP A 175 40.18 6.21 -2.78
C ASP A 175 39.59 7.47 -3.40
N LYS A 176 39.70 7.66 -4.71
CA LYS A 176 39.02 8.79 -5.31
C LYS A 176 37.67 8.33 -5.80
N PRO A 177 36.59 8.97 -5.36
CA PRO A 177 35.30 8.74 -6.01
C PRO A 177 35.37 9.25 -7.44
N ILE A 178 35.04 8.37 -8.37
CA ILE A 178 35.19 8.67 -9.79
C ILE A 178 34.27 9.80 -10.17
N LEU A 179 33.04 9.73 -9.68
CA LEU A 179 32.16 10.85 -9.37
C LEU A 179 31.55 11.51 -10.60
N LYS A 180 31.96 11.13 -11.81
CA LYS A 180 31.17 11.52 -12.96
C LYS A 180 31.30 10.44 -13.99
N ALA A 181 30.31 10.37 -14.89
CA ALA A 181 30.20 9.24 -15.80
C ALA A 181 31.33 9.21 -16.79
N GLY A 182 31.80 10.37 -17.23
CA GLY A 182 32.88 10.40 -18.19
C GLY A 182 34.17 9.84 -17.62
N ARG A 183 34.48 10.16 -16.37
CA ARG A 183 35.66 9.57 -15.79
C ARG A 183 35.47 8.10 -15.48
N ALA A 184 34.22 7.66 -15.32
CA ALA A 184 33.99 6.22 -15.35
C ALA A 184 34.20 5.69 -16.75
N TYR A 185 33.79 6.47 -17.75
CA TYR A 185 33.83 6.03 -19.14
C TYR A 185 35.25 5.96 -19.66
N HIS A 186 36.12 6.89 -19.26
CA HIS A 186 37.45 6.89 -19.84
C HIS A 186 38.35 5.82 -19.25
N LYS A 187 38.13 5.48 -17.97
CA LYS A 187 38.85 4.38 -17.33
C LYS A 187 38.67 3.09 -18.10
N TYR A 188 37.45 2.77 -18.46
CA TYR A 188 37.20 1.52 -19.17
C TYR A 188 37.32 1.66 -20.66
N LYS A 189 37.49 2.87 -21.20
CA LYS A 189 37.69 2.95 -22.64
C LYS A 189 39.10 2.53 -23.02
N ALA A 190 40.08 2.80 -22.16
CA ALA A 190 41.43 2.31 -22.41
C ALA A 190 41.57 0.83 -22.16
N LYS A 191 40.69 0.23 -21.37
CA LYS A 191 40.86 -1.19 -21.07
C LYS A 191 40.28 -2.08 -22.16
N ARG A 192 38.95 -2.10 -22.28
CA ARG A 192 38.19 -3.06 -23.08
C ARG A 192 36.73 -2.68 -22.94
N ASN A 193 35.89 -3.18 -23.85
CA ASN A 193 34.47 -2.88 -23.66
C ASN A 193 33.89 -3.81 -22.61
N CYS A 194 34.07 -3.49 -21.33
CA CYS A 194 33.38 -4.23 -20.29
C CYS A 194 32.39 -3.35 -19.57
N TRP A 195 32.18 -2.16 -20.04
CA TRP A 195 31.32 -1.22 -19.36
C TRP A 195 29.80 -1.45 -19.34
N PRO A 196 29.10 -2.06 -20.36
CA PRO A 196 27.62 -1.90 -20.30
C PRO A 196 26.90 -2.69 -19.21
N ARG A 197 26.78 -2.10 -18.03
CA ARG A 197 26.02 -2.77 -16.98
C ARG A 197 24.54 -2.50 -17.17
N VAL A 198 23.97 -3.11 -18.18
CA VAL A 198 22.53 -3.08 -18.37
C VAL A 198 21.95 -4.27 -17.65
N ARG A 199 21.10 -3.99 -16.68
CA ARG A 199 20.71 -4.96 -15.67
C ARG A 199 19.84 -6.02 -16.29
N GLY A 200 19.95 -7.23 -15.74
CA GLY A 200 19.21 -8.35 -16.29
C GLY A 200 17.71 -8.27 -16.05
N VAL A 201 17.27 -7.39 -15.17
CA VAL A 201 15.85 -7.23 -14.95
C VAL A 201 15.24 -6.35 -16.02
N ALA A 202 15.95 -5.30 -16.44
CA ALA A 202 15.37 -4.31 -17.35
C ALA A 202 15.18 -4.88 -18.73
N MET A 203 16.04 -5.80 -19.13
CA MET A 203 15.96 -6.42 -20.44
C MET A 203 14.88 -7.49 -20.45
N ASN A 204 14.65 -8.04 -21.61
CA ASN A 204 13.41 -8.74 -21.94
C ASN A 204 13.38 -10.15 -21.37
N PRO A 205 12.33 -10.94 -21.68
CA PRO A 205 12.45 -12.40 -21.55
C PRO A 205 13.64 -13.03 -22.24
N VAL A 206 13.82 -12.75 -23.54
CA VAL A 206 14.78 -13.47 -24.38
C VAL A 206 16.20 -13.34 -23.89
N GLU A 207 16.61 -12.16 -23.49
CA GLU A 207 18.03 -11.84 -23.46
C GLU A 207 18.66 -12.01 -22.10
N HIS A 208 17.89 -12.34 -21.07
CA HIS A 208 18.44 -12.59 -19.75
C HIS A 208 17.40 -13.38 -18.98
N PRO A 209 17.81 -14.30 -18.11
CA PRO A 209 16.83 -15.11 -17.39
C PRO A 209 16.09 -14.36 -16.30
N PHE A 210 16.37 -13.09 -16.07
CA PHE A 210 15.70 -12.36 -15.01
C PHE A 210 14.52 -11.56 -15.49
N GLY A 211 14.53 -11.18 -16.76
CA GLY A 211 13.71 -10.08 -17.24
C GLY A 211 12.25 -10.41 -17.41
N GLY A 212 11.56 -9.54 -18.11
CA GLY A 212 10.14 -9.68 -18.25
C GLY A 212 9.43 -9.37 -16.95
N GLY A 213 8.15 -9.71 -16.93
CA GLY A 213 7.27 -9.35 -15.84
C GLY A 213 6.77 -7.93 -16.00
N ASN A 214 5.58 -7.64 -15.48
CA ASN A 214 5.15 -6.26 -15.56
C ASN A 214 5.79 -5.37 -14.52
N HIS A 215 6.46 -5.93 -13.51
CA HIS A 215 7.21 -5.12 -12.57
C HIS A 215 8.67 -5.54 -12.58
N GLN A 216 9.56 -4.59 -12.38
CA GLN A 216 10.99 -4.90 -12.45
C GLN A 216 11.41 -5.69 -11.23
N HIS A 217 11.18 -7.00 -11.29
CA HIS A 217 11.59 -7.89 -10.22
C HIS A 217 12.12 -9.17 -10.80
N ILE A 218 12.85 -9.92 -9.96
CA ILE A 218 13.56 -11.10 -10.44
C ILE A 218 12.64 -12.30 -10.48
N GLY A 219 12.08 -12.68 -9.33
CA GLY A 219 11.14 -13.78 -9.26
C GLY A 219 11.77 -15.15 -9.13
N LYS A 220 12.82 -15.33 -9.81
CA LYS A 220 13.64 -16.52 -9.80
C LYS A 220 14.72 -16.36 -8.74
N PRO A 221 15.01 -17.38 -7.94
CA PRO A 221 15.96 -17.20 -6.84
C PRO A 221 17.38 -17.02 -7.37
N SER A 222 18.00 -15.92 -6.96
CA SER A 222 19.20 -15.43 -7.59
C SER A 222 20.45 -16.23 -7.26
N THR A 223 20.37 -17.22 -6.38
CA THR A 223 21.53 -18.05 -6.08
C THR A 223 21.54 -19.22 -7.06
N ILE A 224 22.33 -19.13 -8.12
CA ILE A 224 22.46 -20.20 -9.10
C ILE A 224 23.82 -20.86 -8.95
N ARG A 225 23.79 -22.18 -8.77
CA ARG A 225 24.92 -23.03 -8.43
C ARG A 225 25.89 -23.17 -9.60
N ARG A 226 27.04 -23.77 -9.31
CA ARG A 226 28.00 -24.05 -10.35
C ARG A 226 27.74 -25.37 -11.09
N ASP A 227 26.61 -26.02 -10.82
CA ASP A 227 26.15 -27.11 -11.67
C ASP A 227 25.24 -26.62 -12.79
N ALA A 228 25.39 -25.38 -13.19
CA ALA A 228 24.49 -24.75 -14.14
C ALA A 228 25.06 -24.81 -15.55
N PRO A 229 24.22 -24.76 -16.57
CA PRO A 229 24.72 -24.65 -17.93
C PRO A 229 25.13 -23.22 -18.24
N ALA A 230 25.84 -23.06 -19.35
CA ALA A 230 26.36 -21.75 -19.70
C ALA A 230 25.24 -20.85 -20.19
N GLY A 231 25.20 -19.63 -19.68
CA GLY A 231 24.02 -18.81 -19.89
C GLY A 231 22.93 -19.08 -18.90
N ARG A 232 23.27 -19.70 -17.79
CA ARG A 232 22.39 -19.79 -16.63
C ARG A 232 23.09 -19.34 -15.37
N LYS A 233 24.42 -19.41 -15.29
CA LYS A 233 25.15 -18.98 -14.11
C LYS A 233 25.08 -17.47 -13.98
N VAL A 234 23.91 -16.97 -13.63
CA VAL A 234 23.68 -15.54 -13.51
C VAL A 234 23.37 -15.25 -12.06
N GLY A 235 23.48 -13.98 -11.70
CA GLY A 235 23.31 -13.68 -10.30
C GLY A 235 24.51 -14.15 -9.49
N LEU A 236 24.22 -14.57 -8.29
CA LEU A 236 25.25 -14.83 -7.29
C LEU A 236 25.69 -16.28 -7.46
N ILE A 237 26.86 -16.48 -8.04
CA ILE A 237 27.26 -17.81 -8.49
C ILE A 237 27.68 -18.66 -7.31
N ALA A 238 26.82 -19.61 -6.92
CA ALA A 238 27.11 -20.65 -5.94
C ALA A 238 27.49 -20.06 -4.58
N ALA A 239 26.76 -19.04 -4.16
CA ALA A 239 27.11 -18.31 -2.96
C ALA A 239 26.87 -19.16 -1.73
N ARG A 240 27.93 -19.38 -0.95
CA ARG A 240 27.77 -20.17 0.26
C ARG A 240 27.07 -19.38 1.37
N ARG A 241 27.03 -18.06 1.26
CA ARG A 241 26.23 -17.24 2.14
C ARG A 241 25.85 -16.00 1.35
N THR A 242 24.91 -15.25 1.87
CA THR A 242 24.50 -14.03 1.20
C THR A 242 24.10 -13.02 2.28
N GLY A 243 23.57 -11.90 1.84
CA GLY A 243 23.24 -10.84 2.78
C GLY A 243 24.46 -10.04 3.16
N ARG A 244 24.21 -8.98 3.93
CA ARG A 244 25.29 -8.05 4.28
C ARG A 244 26.20 -8.71 5.30
N LEU A 245 27.50 -8.46 5.15
CA LEU A 245 28.52 -9.06 5.99
C LEU A 245 28.39 -8.60 7.43
N ARG A 246 29.17 -9.27 8.28
CA ARG A 246 28.99 -9.18 9.71
C ARG A 246 30.28 -9.64 10.37
N GLY A 247 30.95 -8.74 11.08
CA GLY A 247 32.24 -9.07 11.68
C GLY A 247 33.28 -9.36 10.63
N THR A 248 33.80 -10.58 10.63
CA THR A 248 34.69 -11.05 9.57
C THR A 248 33.94 -11.22 8.27
N LEU B 1 68.37 35.86 95.41
CA LEU B 1 68.56 34.46 95.10
C LEU B 1 69.80 33.93 95.79
N ASP B 2 70.44 32.96 95.12
CA ASP B 2 71.85 32.60 95.25
C ASP B 2 72.17 31.88 96.57
N VAL B 3 71.21 31.81 97.49
CA VAL B 3 71.44 31.22 98.80
C VAL B 3 70.55 30.02 99.03
N LEU B 4 69.62 29.74 98.12
CA LEU B 4 68.84 28.51 98.11
C LEU B 4 69.33 27.57 97.03
N GLN B 5 70.46 27.89 96.42
CA GLN B 5 70.93 27.32 95.18
C GLN B 5 71.39 25.87 95.43
N MET B 6 71.62 25.14 94.34
CA MET B 6 71.84 23.70 94.47
C MET B 6 73.25 23.40 94.94
N LYS B 7 73.42 22.18 95.44
CA LYS B 7 74.69 21.71 95.98
C LYS B 7 74.94 20.31 95.44
N GLU B 8 76.11 19.76 95.81
CA GLU B 8 76.48 18.45 95.31
C GLU B 8 75.66 17.34 95.96
N GLU B 9 75.02 17.63 97.09
CA GLU B 9 74.20 16.61 97.72
C GLU B 9 72.84 16.50 97.05
N ASP B 10 72.27 17.63 96.62
CA ASP B 10 71.00 17.67 95.91
C ASP B 10 71.07 16.90 94.61
N VAL B 11 72.02 17.26 93.74
CA VAL B 11 72.21 16.56 92.48
C VAL B 11 72.75 15.16 92.66
N LEU B 12 73.18 14.78 93.86
CA LEU B 12 73.50 13.38 94.09
C LEU B 12 72.21 12.56 94.19
N LYS B 13 71.17 13.13 94.78
CA LYS B 13 69.89 12.44 94.89
C LYS B 13 69.13 12.43 93.56
N PHE B 14 69.13 13.55 92.84
CA PHE B 14 68.43 13.65 91.56
C PHE B 14 68.96 12.66 90.55
N LEU B 15 70.28 12.53 90.49
CA LEU B 15 70.89 11.59 89.57
C LEU B 15 70.73 10.15 90.02
N ALA B 16 70.28 9.93 91.25
CA ALA B 16 70.08 8.59 91.79
C ALA B 16 68.71 8.01 91.43
N ALA B 17 67.69 8.85 91.37
CA ALA B 17 66.36 8.37 91.00
C ALA B 17 66.16 8.29 89.49
N GLY B 18 67.07 8.89 88.72
CA GLY B 18 66.98 8.81 87.26
C GLY B 18 65.93 9.75 86.72
N THR B 19 65.93 10.99 87.19
CA THR B 19 64.99 12.00 86.75
C THR B 19 65.65 13.12 85.97
N HIS B 20 66.93 12.98 85.62
CA HIS B 20 67.63 13.95 84.80
C HIS B 20 67.37 13.75 83.31
N LEU B 21 66.95 12.56 82.92
CA LEU B 21 66.69 12.26 81.53
C LEU B 21 65.21 11.92 81.35
N GLY B 22 64.62 12.42 80.27
CA GLY B 22 63.18 12.34 80.11
C GLY B 22 62.68 11.42 79.02
N GLY B 23 61.66 11.86 78.28
CA GLY B 23 61.08 11.05 77.24
C GLY B 23 61.76 11.23 75.92
N THR B 24 61.48 10.30 75.01
CA THR B 24 62.04 10.41 73.67
C THR B 24 61.44 11.58 72.90
N ASN B 25 60.20 11.95 73.20
CA ASN B 25 59.47 12.93 72.41
C ASN B 25 58.75 13.92 73.32
N LEU B 26 58.68 15.18 72.88
CA LEU B 26 58.43 16.34 73.71
C LEU B 26 57.21 17.13 73.25
N ASP B 27 56.64 17.87 74.21
CA ASP B 27 55.88 19.07 73.86
C ASP B 27 56.83 20.07 73.23
N PHE B 28 56.30 20.83 72.26
CA PHE B 28 57.08 21.91 71.66
C PHE B 28 57.25 23.06 72.63
N GLN B 29 56.32 23.20 73.58
CA GLN B 29 56.43 24.23 74.61
C GLN B 29 57.51 23.89 75.64
N MET B 30 58.02 22.65 75.61
CA MET B 30 59.17 22.21 76.40
C MET B 30 60.52 22.60 75.82
N GLU B 31 60.56 23.65 74.97
CA GLU B 31 61.82 24.02 74.35
C GLU B 31 62.85 24.48 75.35
N GLN B 32 62.47 25.33 76.31
CA GLN B 32 63.43 25.91 77.21
C GLN B 32 63.91 24.95 78.30
N TYR B 33 63.25 23.81 78.48
CA TYR B 33 63.60 22.86 79.52
C TYR B 33 64.40 21.68 78.98
N ILE B 34 65.25 21.89 77.99
CA ILE B 34 66.05 20.80 77.45
C ILE B 34 67.47 21.30 77.23
N TYR B 35 68.43 20.39 77.38
CA TYR B 35 69.83 20.74 77.20
C TYR B 35 70.42 20.15 75.93
N LYS B 36 70.20 18.86 75.67
CA LYS B 36 70.72 18.26 74.44
C LYS B 36 69.94 17.00 74.12
N ARG B 37 69.85 16.69 72.83
CA ARG B 37 69.43 15.36 72.40
C ARG B 37 70.47 14.32 72.84
N LYS B 38 70.07 13.06 72.81
CA LYS B 38 70.99 11.98 73.11
C LYS B 38 70.61 10.75 72.29
N SER B 39 71.60 9.90 72.02
CA SER B 39 71.31 8.55 71.56
C SER B 39 70.45 7.83 72.59
N ASP B 40 69.68 6.85 72.10
CA ASP B 40 68.47 6.19 72.59
C ASP B 40 67.25 7.07 72.36
N GLY B 41 67.40 8.30 71.89
CA GLY B 41 66.31 9.23 71.79
C GLY B 41 66.04 10.01 73.06
N ILE B 42 66.62 9.62 74.18
CA ILE B 42 66.30 10.19 75.48
C ILE B 42 66.84 11.62 75.56
N TYR B 43 66.13 12.48 76.28
CA TYR B 43 66.45 13.89 76.30
C TYR B 43 66.97 14.31 77.65
N ILE B 44 68.12 14.97 77.62
CA ILE B 44 68.82 15.42 78.80
C ILE B 44 68.08 16.66 79.30
N ILE B 45 67.29 16.48 80.37
CA ILE B 45 66.65 17.61 81.00
C ILE B 45 67.69 18.36 81.80
N ASN B 46 67.77 19.67 81.61
CA ASN B 46 68.71 20.42 82.43
C ASN B 46 68.15 20.61 83.83
N LEU B 47 69.04 20.61 84.82
CA LEU B 47 68.62 20.50 86.20
C LEU B 47 68.53 21.83 86.91
N LYS B 48 69.20 22.87 86.42
CA LYS B 48 69.05 24.15 87.09
C LYS B 48 67.67 24.72 86.85
N ARG B 49 67.05 24.38 85.71
CA ARG B 49 65.74 24.92 85.38
C ARG B 49 64.60 24.12 85.99
N THR B 50 64.82 22.84 86.29
CA THR B 50 63.95 22.16 87.24
C THR B 50 63.95 22.89 88.56
N TRP B 51 65.14 23.24 89.03
CA TRP B 51 65.29 23.91 90.30
C TRP B 51 64.77 25.34 90.25
N GLU B 52 64.79 25.95 89.07
CA GLU B 52 64.07 27.20 88.88
C GLU B 52 62.58 27.01 89.14
N LYS B 53 62.02 25.93 88.63
CA LYS B 53 60.58 25.75 88.80
C LYS B 53 60.24 25.19 90.16
N LEU B 54 61.18 24.51 90.79
CA LEU B 54 60.96 24.10 92.17
C LEU B 54 61.10 25.30 93.11
N LEU B 55 61.85 26.32 92.68
CA LEU B 55 61.94 27.57 93.44
C LEU B 55 60.61 28.32 93.45
N LEU B 56 59.88 28.29 92.33
CA LEU B 56 58.58 28.97 92.28
C LEU B 56 57.50 28.19 93.01
N ALA B 57 57.50 26.86 92.86
CA ALA B 57 56.41 26.04 93.37
C ALA B 57 56.38 26.04 94.89
N ALA B 58 57.54 26.13 95.51
CA ALA B 58 57.57 26.33 96.95
C ALA B 58 57.07 27.72 97.32
N ARG B 59 57.36 28.72 96.49
CA ARG B 59 56.85 30.06 96.76
C ARG B 59 55.35 30.11 96.56
N ALA B 60 54.80 29.20 95.76
CA ALA B 60 53.36 29.20 95.49
C ALA B 60 52.56 28.69 96.67
N ILE B 61 52.97 27.56 97.24
CA ILE B 61 52.18 26.89 98.28
C ILE B 61 52.20 27.71 99.57
N VAL B 62 53.36 28.27 99.91
CA VAL B 62 53.51 29.00 101.16
C VAL B 62 52.80 30.35 101.10
N ALA B 63 52.51 30.86 99.90
CA ALA B 63 51.98 32.20 99.72
C ALA B 63 50.62 32.42 100.39
N ILE B 64 49.82 31.35 100.54
CA ILE B 64 48.55 31.42 101.24
C ILE B 64 48.78 31.10 102.72
N GLU B 65 48.07 31.80 103.61
CA GLU B 65 48.14 31.56 105.05
C GLU B 65 47.71 30.13 105.35
N ASN B 66 46.41 29.90 105.20
CA ASN B 66 45.70 28.67 105.47
C ASN B 66 46.21 27.55 104.58
N PRO B 67 46.90 26.55 105.12
CA PRO B 67 47.47 25.51 104.25
C PRO B 67 46.47 24.46 103.87
N ALA B 68 45.32 24.41 104.56
CA ALA B 68 44.29 23.40 104.38
C ALA B 68 43.42 23.63 103.16
N ASP B 69 43.72 24.60 102.31
CA ASP B 69 43.01 24.81 101.07
C ASP B 69 43.81 24.38 99.86
N VAL B 70 44.69 23.38 100.01
CA VAL B 70 45.51 22.88 98.93
C VAL B 70 45.07 21.46 98.64
N SER B 71 44.58 21.21 97.42
CA SER B 71 44.14 19.89 97.02
C SER B 71 45.16 19.30 96.05
N VAL B 72 45.58 18.08 96.33
CA VAL B 72 46.67 17.44 95.61
C VAL B 72 46.14 16.15 95.01
N ILE B 73 46.41 15.93 93.73
CA ILE B 73 45.76 14.91 92.93
C ILE B 73 46.79 13.93 92.42
N SER B 74 46.44 12.66 92.38
CA SER B 74 47.10 11.72 91.49
C SER B 74 46.09 10.66 91.07
N SER B 75 45.94 10.46 89.77
CA SER B 75 45.10 9.39 89.24
C SER B 75 45.89 8.12 89.00
N ARG B 76 47.01 8.21 88.28
CA ARG B 76 47.88 7.06 88.11
C ARG B 76 48.57 6.73 89.44
N ASN B 77 48.97 5.47 89.59
CA ASN B 77 49.21 4.91 90.91
C ASN B 77 50.68 4.81 91.29
N THR B 78 51.56 5.56 90.62
CA THR B 78 52.91 5.61 91.14
C THR B 78 53.05 6.66 92.24
N GLY B 79 52.31 7.75 92.13
CA GLY B 79 52.35 8.79 93.14
C GLY B 79 51.19 8.78 94.11
N GLN B 80 50.33 7.76 94.08
CA GLN B 80 49.28 7.69 95.08
C GLN B 80 49.84 7.31 96.44
N ARG B 81 51.00 6.67 96.47
CA ARG B 81 51.82 6.65 97.67
C ARG B 81 52.33 8.04 98.02
N ALA B 82 52.70 8.82 97.01
CA ALA B 82 53.39 10.08 97.26
C ALA B 82 52.43 11.14 97.79
N VAL B 83 51.29 11.27 97.13
CA VAL B 83 50.31 12.31 97.46
C VAL B 83 49.78 12.14 98.87
N LEU B 84 49.53 10.89 99.26
CA LEU B 84 48.97 10.62 100.59
C LEU B 84 49.98 10.90 101.68
N LYS B 85 51.28 10.79 101.36
CA LYS B 85 52.34 11.06 102.33
C LYS B 85 52.91 12.47 102.20
N PHE B 86 52.90 13.05 101.00
CA PHE B 86 53.18 14.48 100.87
C PHE B 86 52.19 15.31 101.67
N ALA B 87 50.90 14.99 101.54
CA ALA B 87 49.87 15.70 102.28
C ALA B 87 50.02 15.45 103.77
N ALA B 88 50.51 14.28 104.14
CA ALA B 88 50.78 13.95 105.53
C ALA B 88 51.83 14.86 106.15
N ALA B 89 52.69 15.45 105.34
CA ALA B 89 53.68 16.39 105.86
C ALA B 89 53.10 17.79 106.07
N THR B 90 52.63 18.43 105.00
CA THR B 90 52.47 19.88 105.13
C THR B 90 51.06 20.43 105.46
N GLY B 91 50.14 20.48 104.51
CA GLY B 91 48.82 21.00 104.81
C GLY B 91 47.73 20.53 103.89
N ALA B 92 48.08 19.64 102.98
CA ALA B 92 47.23 19.38 101.83
C ALA B 92 46.08 18.47 102.20
N THR B 93 44.99 18.59 101.43
CA THR B 93 43.85 17.71 101.59
C THR B 93 43.87 16.73 100.45
N PRO B 94 44.31 15.48 100.66
CA PRO B 94 44.63 14.60 99.54
C PRO B 94 43.38 14.00 98.91
N ILE B 95 43.33 14.04 97.60
CA ILE B 95 42.34 13.30 96.81
C ILE B 95 43.12 12.28 96.01
N ALA B 96 43.25 11.09 96.57
CA ALA B 96 43.80 9.95 95.87
C ALA B 96 42.64 9.05 95.45
N GLY B 97 42.98 7.98 94.75
CA GLY B 97 41.92 7.19 94.19
C GLY B 97 41.31 7.89 93.00
N ARG B 98 40.07 7.51 92.69
CA ARG B 98 39.41 8.04 91.51
C ARG B 98 39.03 9.50 91.74
N PHE B 99 38.90 10.25 90.65
CA PHE B 99 38.73 11.69 90.76
C PHE B 99 37.28 12.14 90.92
N THR B 100 36.31 11.35 90.41
CA THR B 100 34.87 11.62 90.42
C THR B 100 34.58 12.98 89.77
N PRO B 101 34.51 13.02 88.44
CA PRO B 101 34.28 14.27 87.70
C PRO B 101 33.06 15.02 88.17
N GLY B 102 33.26 16.28 88.52
CA GLY B 102 32.31 17.02 89.30
C GLY B 102 32.64 17.07 90.78
N THR B 103 33.92 17.06 91.14
CA THR B 103 34.27 17.26 92.54
C THR B 103 34.19 18.72 92.92
N PHE B 104 34.29 19.63 91.94
CA PHE B 104 34.34 21.05 92.19
C PHE B 104 33.11 21.81 91.74
N THR B 105 32.29 21.26 90.85
CA THR B 105 31.32 22.11 90.16
C THR B 105 29.94 22.10 90.82
N ASN B 106 29.30 20.93 90.92
CA ASN B 106 27.94 20.88 91.45
C ASN B 106 27.92 21.08 92.96
N GLN B 107 27.10 22.01 93.41
CA GLN B 107 26.97 22.30 94.82
C GLN B 107 25.97 21.39 95.50
N ILE B 108 25.40 20.45 94.76
CA ILE B 108 24.51 19.43 95.29
C ILE B 108 25.31 18.18 95.71
N GLN B 109 26.58 18.12 95.36
CA GLN B 109 27.44 17.00 95.72
C GLN B 109 27.92 17.13 97.15
N ALA B 110 28.11 15.99 97.82
CA ALA B 110 28.55 16.02 99.21
C ALA B 110 30.05 16.23 99.33
N ALA B 111 30.85 15.29 98.83
CA ALA B 111 32.31 15.33 98.98
C ALA B 111 32.85 16.40 98.04
N PHE B 112 32.72 17.64 98.47
CA PHE B 112 32.71 18.78 97.58
C PHE B 112 33.60 19.89 98.16
N ARG B 113 34.60 20.30 97.39
CA ARG B 113 35.68 21.13 97.89
C ARG B 113 35.85 22.36 97.02
N GLU B 114 36.47 23.39 97.60
CA GLU B 114 36.78 24.64 96.89
C GLU B 114 38.14 25.12 97.35
N PRO B 115 39.21 24.63 96.75
CA PRO B 115 40.55 24.97 97.24
C PRO B 115 41.00 26.33 96.75
N ARG B 116 42.25 26.69 97.04
CA ARG B 116 42.84 27.85 96.37
C ARG B 116 43.99 27.49 95.47
N LEU B 117 44.45 26.24 95.48
CA LEU B 117 45.45 25.81 94.52
C LEU B 117 45.31 24.31 94.35
N LEU B 118 45.81 23.81 93.23
CA LEU B 118 45.75 22.40 92.88
C LEU B 118 47.14 21.92 92.53
N VAL B 119 47.52 20.74 93.00
CA VAL B 119 48.78 20.11 92.63
C VAL B 119 48.47 18.77 92.01
N VAL B 120 48.74 18.62 90.72
CA VAL B 120 48.54 17.35 90.04
C VAL B 120 49.90 16.74 89.77
N THR B 121 49.91 15.51 89.26
CA THR B 121 51.15 14.78 89.06
C THR B 121 51.49 14.60 87.59
N ASP B 122 50.65 13.91 86.84
CA ASP B 122 50.92 13.57 85.45
C ASP B 122 49.84 14.23 84.60
N PRO B 123 50.17 15.28 83.86
CA PRO B 123 49.11 16.05 83.16
C PRO B 123 48.39 15.30 82.06
N ARG B 124 49.00 14.28 81.47
CA ARG B 124 48.24 13.46 80.53
C ARG B 124 47.37 12.44 81.24
N ALA B 125 47.79 11.95 82.40
CA ALA B 125 47.00 10.99 83.15
C ALA B 125 45.96 11.64 84.04
N ASP B 126 45.88 12.97 84.03
CA ASP B 126 45.00 13.78 84.86
C ASP B 126 44.31 14.85 84.02
N HIS B 127 43.69 14.47 82.90
CA HIS B 127 43.10 15.50 82.04
C HIS B 127 41.84 16.10 82.66
N GLN B 128 41.10 15.31 83.43
CA GLN B 128 39.89 15.82 84.06
C GLN B 128 40.11 16.91 85.13
N PRO B 129 41.10 16.86 86.02
CA PRO B 129 41.28 18.01 86.93
C PRO B 129 41.72 19.28 86.25
N LEU B 130 42.59 19.17 85.25
CA LEU B 130 43.07 20.33 84.53
C LEU B 130 41.94 21.00 83.76
N THR B 131 41.02 20.21 83.24
CA THR B 131 39.78 20.75 82.67
C THR B 131 38.93 21.39 83.75
N GLU B 132 38.78 20.73 84.90
CA GLU B 132 37.96 21.28 85.96
C GLU B 132 38.62 22.48 86.65
N ALA B 133 39.93 22.65 86.47
CA ALA B 133 40.60 23.81 87.06
C ALA B 133 40.14 25.12 86.45
N SER B 134 39.71 25.09 85.19
CA SER B 134 39.28 26.31 84.52
C SER B 134 37.86 26.70 84.86
N TYR B 135 37.20 26.03 85.81
CA TYR B 135 35.84 26.39 86.16
C TYR B 135 35.72 27.11 87.49
N VAL B 136 36.66 26.94 88.42
CA VAL B 136 36.51 27.54 89.75
C VAL B 136 37.74 28.43 89.97
N ASN B 137 38.34 28.91 88.88
CA ASN B 137 39.36 29.98 88.89
C ASN B 137 40.58 29.61 89.73
N LEU B 138 41.01 28.36 89.69
CA LEU B 138 42.09 27.94 90.57
C LEU B 138 43.33 27.54 89.77
N PRO B 139 44.51 27.94 90.23
CA PRO B 139 45.73 27.68 89.47
C PRO B 139 46.23 26.25 89.71
N THR B 140 47.14 25.80 88.86
CA THR B 140 47.52 24.40 88.94
C THR B 140 49.01 24.20 88.69
N ILE B 141 49.68 23.59 89.66
CA ILE B 141 51.06 23.13 89.53
C ILE B 141 51.04 21.73 88.95
N ALA B 142 51.97 21.44 88.04
CA ALA B 142 52.03 20.10 87.48
C ALA B 142 53.47 19.64 87.31
N LEU B 143 53.67 18.35 87.46
CA LEU B 143 55.00 17.74 87.40
C LEU B 143 55.22 17.18 85.99
N CYS B 144 55.45 18.10 85.07
CA CYS B 144 55.29 17.79 83.66
C CYS B 144 56.46 16.99 83.11
N ASN B 145 56.16 16.03 82.23
CA ASN B 145 57.21 15.37 81.48
C ASN B 145 57.35 16.06 80.13
N THR B 146 58.13 15.47 79.23
CA THR B 146 58.35 16.12 77.95
C THR B 146 57.13 15.97 77.04
N ASP B 147 56.57 14.76 76.95
CA ASP B 147 55.43 14.53 76.08
C ASP B 147 54.12 15.03 76.66
N SER B 148 54.14 15.56 77.86
CA SER B 148 52.93 16.07 78.49
C SER B 148 52.73 17.52 78.09
N PRO B 149 51.66 17.87 77.41
CA PRO B 149 51.46 19.26 77.01
C PRO B 149 50.99 20.09 78.19
N LEU B 150 50.72 21.36 77.93
CA LEU B 150 50.56 22.30 79.02
C LEU B 150 49.23 23.02 79.00
N ARG B 151 48.12 22.32 78.80
CA ARG B 151 46.84 23.01 78.86
C ARG B 151 46.40 23.09 80.31
N TYR B 152 46.16 24.33 80.77
CA TYR B 152 45.77 24.68 82.16
C TYR B 152 46.77 24.16 83.18
N VAL B 153 48.05 24.26 82.85
CA VAL B 153 49.15 24.03 83.77
C VAL B 153 49.79 25.39 84.02
N ASP B 154 50.26 25.64 85.25
CA ASP B 154 50.97 26.88 85.55
C ASP B 154 52.44 26.69 85.88
N ILE B 155 52.78 25.81 86.80
CA ILE B 155 54.15 25.68 87.27
C ILE B 155 54.61 24.27 86.87
N ALA B 156 55.26 24.19 85.72
CA ALA B 156 55.68 22.93 85.17
C ALA B 156 57.07 22.59 85.70
N ILE B 157 57.20 21.44 86.34
CA ILE B 157 58.50 20.94 86.78
C ILE B 157 58.95 19.86 85.80
N PRO B 158 59.98 20.10 84.99
CA PRO B 158 60.43 19.08 84.03
C PRO B 158 61.16 17.96 84.73
N CYS B 159 60.78 16.74 84.41
CA CYS B 159 61.20 15.53 85.11
C CYS B 159 60.83 14.35 84.24
N ASN B 160 60.92 13.15 84.80
CA ASN B 160 60.18 12.01 84.32
C ASN B 160 59.04 11.74 85.28
N ASN B 161 57.91 11.30 84.72
CA ASN B 161 56.78 10.93 85.54
C ASN B 161 56.33 9.50 85.31
N LYS B 162 57.05 8.73 84.51
CA LYS B 162 56.75 7.32 84.31
C LYS B 162 57.45 6.43 85.33
N GLY B 163 58.59 6.86 85.85
CA GLY B 163 59.33 6.06 86.80
C GLY B 163 58.68 6.04 88.17
N ALA B 164 59.27 5.23 89.05
CA ALA B 164 58.81 5.12 90.43
C ALA B 164 59.55 6.06 91.35
N HIS B 165 60.88 5.92 91.43
CA HIS B 165 61.67 6.83 92.25
C HIS B 165 61.74 8.23 91.64
N SER B 166 61.52 8.33 90.32
CA SER B 166 61.60 9.62 89.62
C SER B 166 60.54 10.58 90.11
N VAL B 167 59.30 10.10 90.25
CA VAL B 167 58.20 10.97 90.69
C VAL B 167 58.41 11.38 92.13
N GLY B 168 58.56 10.41 93.04
CA GLY B 168 58.48 10.67 94.46
C GLY B 168 59.59 11.53 95.00
N LEU B 169 60.70 11.61 94.28
CA LEU B 169 61.77 12.54 94.63
C LEU B 169 61.31 13.98 94.60
N MET B 170 60.52 14.34 93.59
CA MET B 170 60.06 15.71 93.46
C MET B 170 59.16 16.09 94.61
N TRP B 171 58.34 15.15 95.07
CA TRP B 171 57.48 15.41 96.21
C TRP B 171 58.29 15.61 97.47
N TRP B 172 59.42 14.92 97.58
CA TRP B 172 60.23 15.03 98.78
C TRP B 172 60.92 16.36 98.87
N MET B 173 61.56 16.78 97.80
CA MET B 173 62.31 18.00 97.90
C MET B 173 61.39 19.22 97.78
N LEU B 174 60.16 19.02 97.32
CA LEU B 174 59.21 20.13 97.32
C LEU B 174 58.78 20.45 98.75
N ALA B 175 58.29 19.45 99.48
CA ALA B 175 57.80 19.65 100.84
C ALA B 175 58.92 20.10 101.78
N ARG B 176 60.13 19.59 101.56
CA ARG B 176 61.29 20.08 102.28
C ARG B 176 61.55 21.53 101.98
N GLU B 177 61.39 21.92 100.70
CA GLU B 177 61.57 23.32 100.33
C GLU B 177 60.39 24.17 100.79
N VAL B 178 59.20 23.57 100.84
CA VAL B 178 58.03 24.28 101.35
C VAL B 178 58.20 24.57 102.84
N LEU B 179 58.65 23.57 103.61
CA LEU B 179 58.87 23.76 105.03
C LEU B 179 60.03 24.71 105.31
N ARG B 180 61.00 24.77 104.40
CA ARG B 180 62.11 25.71 104.54
C ARG B 180 61.67 27.14 104.37
N MET B 181 60.58 27.37 103.64
CA MET B 181 60.02 28.71 103.59
C MET B 181 59.02 28.97 104.69
N ARG B 182 58.50 27.92 105.33
CA ARG B 182 57.71 28.14 106.54
C ARG B 182 58.59 28.43 107.75
N GLY B 183 59.89 28.14 107.67
CA GLY B 183 60.84 28.59 108.67
C GLY B 183 61.31 27.50 109.61
N THR B 184 61.20 26.24 109.17
CA THR B 184 61.42 25.11 110.06
C THR B 184 62.89 24.74 110.21
N ILE B 185 63.52 24.28 109.12
CA ILE B 185 64.88 23.73 109.16
C ILE B 185 65.71 24.45 108.11
N SER B 186 66.97 24.75 108.46
CA SER B 186 67.87 25.54 107.62
C SER B 186 68.21 24.82 106.32
N ARG B 187 68.78 25.59 105.40
CA ARG B 187 69.63 25.00 104.38
C ARG B 187 70.85 24.37 105.01
N GLU B 188 71.52 25.10 105.89
CA GLU B 188 72.80 24.67 106.46
C GLU B 188 72.51 23.89 107.75
N HIS B 189 71.84 22.76 107.55
CA HIS B 189 71.41 21.77 108.54
C HIS B 189 70.82 20.60 107.75
N PRO B 190 70.97 19.36 108.21
CA PRO B 190 70.36 18.24 107.50
C PRO B 190 68.87 18.11 107.82
N TRP B 191 68.27 17.06 107.26
CA TRP B 191 66.84 16.82 107.36
C TRP B 191 66.60 15.51 108.11
N GLU B 192 65.34 15.29 108.52
CA GLU B 192 65.00 14.21 109.43
C GLU B 192 64.21 13.07 108.82
N VAL B 193 63.41 13.29 107.79
CA VAL B 193 62.73 12.16 107.16
C VAL B 193 63.52 11.82 105.92
N MET B 194 63.44 10.56 105.52
CA MET B 194 64.26 10.08 104.43
C MET B 194 63.38 9.61 103.29
N PRO B 195 63.61 10.09 102.09
CA PRO B 195 62.72 9.76 100.97
C PRO B 195 62.89 8.35 100.47
N ASP B 196 62.25 7.41 101.16
CA ASP B 196 61.87 6.14 100.57
C ASP B 196 60.40 5.93 100.90
N LEU B 197 59.88 6.71 101.86
CA LEU B 197 58.43 6.80 102.02
C LEU B 197 57.77 7.37 100.78
N TYR B 198 58.23 8.54 100.36
CA TYR B 198 57.51 9.31 99.35
C TYR B 198 57.56 8.67 97.98
N PHE B 199 58.59 7.84 97.71
CA PHE B 199 58.85 7.43 96.34
C PHE B 199 57.77 6.54 95.72
N TYR B 200 57.74 5.27 96.13
CA TYR B 200 56.80 4.26 95.65
C TYR B 200 57.05 2.96 96.38
N ARG B 201 56.03 2.14 96.55
CA ARG B 201 56.25 0.71 96.79
C ARG B 201 55.54 -0.08 95.70
N ASP B 202 56.20 -1.16 95.28
CA ASP B 202 55.79 -2.09 94.23
C ASP B 202 54.87 -3.08 94.94
N PRO B 203 54.33 -4.12 94.30
CA PRO B 203 53.94 -5.28 95.10
C PRO B 203 55.17 -5.83 95.80
N GLU B 204 55.00 -6.26 97.06
CA GLU B 204 56.14 -6.63 97.91
C GLU B 204 56.74 -7.99 97.51
N GLU B 205 57.15 -8.06 96.25
CA GLU B 205 58.04 -9.13 95.84
C GLU B 205 59.39 -8.95 96.51
N ILE B 206 59.82 -7.69 96.72
CA ILE B 206 61.08 -7.43 97.39
C ILE B 206 60.88 -7.07 98.86
N GLU B 207 59.81 -6.32 99.17
CA GLU B 207 59.72 -5.62 100.46
C GLU B 207 59.54 -6.59 101.62
N LYS B 208 58.61 -7.55 101.49
CA LYS B 208 58.53 -8.58 102.50
C LYS B 208 59.65 -9.60 102.37
N GLU B 209 60.17 -9.80 101.16
CA GLU B 209 61.33 -10.69 101.01
C GLU B 209 62.63 -10.03 101.46
N GLU B 210 62.75 -8.69 101.39
CA GLU B 210 63.90 -8.03 102.01
C GLU B 210 63.76 -8.02 103.52
N GLN B 211 62.53 -7.95 104.04
CA GLN B 211 62.34 -8.15 105.47
C GLN B 211 62.51 -9.62 105.84
N ALA B 212 62.15 -10.54 104.94
CA ALA B 212 62.43 -11.95 105.20
C ALA B 212 63.92 -12.27 105.07
N ALA B 213 64.64 -11.52 104.23
CA ALA B 213 66.09 -11.74 104.15
C ALA B 213 66.81 -11.07 105.31
N ALA B 214 66.26 -9.99 105.86
CA ALA B 214 66.85 -9.32 107.01
C ALA B 214 66.42 -9.95 108.34
N GLU B 215 65.78 -11.11 108.32
CA GLU B 215 65.52 -11.89 109.52
C GLU B 215 66.83 -12.32 110.16
N SER C 1 -29.16 13.29 -29.60
CA SER C 1 -30.13 14.22 -30.15
C SER C 1 -30.54 15.22 -29.11
N HIS C 2 -31.49 16.06 -29.49
CA HIS C 2 -32.14 17.06 -28.63
C HIS C 2 -31.08 18.03 -28.08
N ARG C 3 -30.65 18.92 -28.97
CA ARG C 3 -29.35 19.61 -28.99
C ARG C 3 -28.66 19.99 -27.68
N LYS C 4 -29.42 20.07 -26.58
CA LYS C 4 -29.05 20.27 -25.17
C LYS C 4 -28.75 21.74 -24.93
N PHE C 5 -28.72 22.56 -25.96
CA PHE C 5 -28.74 24.01 -25.83
C PHE C 5 -29.57 24.48 -27.02
N SER C 6 -30.88 24.63 -26.82
CA SER C 6 -31.75 24.92 -27.94
C SER C 6 -31.64 26.38 -28.32
N ALA C 7 -31.67 26.66 -29.62
CA ALA C 7 -31.41 27.99 -30.14
C ALA C 7 -32.49 28.39 -31.13
N PRO C 8 -32.71 29.68 -31.30
CA PRO C 8 -33.48 30.15 -32.45
C PRO C 8 -32.72 29.98 -33.74
N ARG C 9 -33.46 29.78 -34.83
CA ARG C 9 -32.85 29.34 -36.08
C ARG C 9 -32.28 30.52 -36.85
N HIS C 10 -31.09 30.30 -37.41
CA HIS C 10 -30.38 31.32 -38.18
C HIS C 10 -31.05 31.60 -39.51
N GLY C 11 -31.05 32.86 -39.90
CA GLY C 11 -31.53 33.26 -41.20
C GLY C 11 -33.04 33.19 -41.32
N SER C 12 -33.51 33.56 -42.50
CA SER C 12 -34.92 33.62 -42.80
C SER C 12 -35.30 32.47 -43.71
N LEU C 13 -36.18 31.61 -43.25
CA LEU C 13 -36.84 30.67 -44.14
C LEU C 13 -37.94 31.32 -44.95
N GLY C 14 -38.32 32.55 -44.65
CA GLY C 14 -39.26 33.27 -45.48
C GLY C 14 -38.57 33.98 -46.62
N PHE C 15 -37.34 34.46 -46.39
CA PHE C 15 -36.57 35.11 -47.42
C PHE C 15 -35.65 34.16 -48.16
N LEU C 16 -36.09 32.92 -48.28
CA LEU C 16 -35.18 31.83 -48.62
C LEU C 16 -34.57 31.88 -50.02
N PRO C 17 -35.32 31.93 -51.15
CA PRO C 17 -34.64 31.70 -52.43
C PRO C 17 -33.76 32.86 -52.84
N ARG C 18 -32.60 32.98 -52.19
CA ARG C 18 -31.80 34.21 -52.18
C ARG C 18 -31.12 34.38 -53.53
N LYS C 19 -31.88 34.87 -54.48
CA LYS C 19 -31.50 34.91 -55.87
C LYS C 19 -31.20 36.36 -56.24
N ARG C 20 -30.22 36.57 -57.11
CA ARG C 20 -30.09 37.89 -57.71
C ARG C 20 -31.28 38.09 -58.64
N SER C 21 -31.97 39.21 -58.49
CA SER C 21 -33.29 39.32 -59.09
C SER C 21 -33.19 39.59 -60.58
N SER C 22 -34.28 39.29 -61.28
CA SER C 22 -34.36 39.50 -62.71
C SER C 22 -34.80 40.92 -63.08
N ARG C 23 -34.78 41.82 -62.11
CA ARG C 23 -34.93 43.26 -62.30
C ARG C 23 -34.40 43.91 -61.05
N HIS C 24 -33.93 45.15 -61.18
CA HIS C 24 -33.50 45.83 -59.98
C HIS C 24 -34.18 47.17 -59.77
N ARG C 25 -34.89 47.67 -60.77
CA ARG C 25 -36.02 48.54 -60.51
C ARG C 25 -37.06 47.70 -59.82
N GLY C 26 -37.25 47.92 -58.53
CA GLY C 26 -38.07 47.00 -57.76
C GLY C 26 -39.56 47.10 -58.02
N LYS C 27 -40.18 46.07 -58.60
CA LYS C 27 -41.59 46.19 -58.93
C LYS C 27 -42.44 46.15 -57.66
N VAL C 28 -43.70 46.56 -57.81
CA VAL C 28 -44.67 46.58 -56.72
C VAL C 28 -45.48 45.30 -56.78
N LYS C 29 -45.30 44.44 -55.78
CA LYS C 29 -45.98 43.16 -55.81
C LYS C 29 -47.47 43.30 -55.51
N SER C 30 -47.84 44.34 -54.77
CA SER C 30 -49.25 44.55 -54.42
C SER C 30 -49.46 46.01 -54.08
N PHE C 31 -50.21 46.72 -54.91
CA PHE C 31 -50.57 48.09 -54.62
C PHE C 31 -51.64 48.15 -53.53
N PRO C 32 -51.87 49.32 -52.92
CA PRO C 32 -53.01 49.43 -52.01
C PRO C 32 -54.34 49.32 -52.73
N LYS C 33 -55.35 48.86 -51.99
CA LYS C 33 -56.68 48.63 -52.54
C LYS C 33 -57.34 49.94 -52.96
N ASP C 34 -58.00 49.92 -54.11
CA ASP C 34 -58.68 51.13 -54.53
C ASP C 34 -59.96 51.32 -53.73
N ASP C 35 -60.49 52.55 -53.78
CA ASP C 35 -61.53 52.94 -52.89
C ASP C 35 -62.42 53.99 -53.49
N PRO C 36 -63.74 53.79 -53.45
CA PRO C 36 -64.64 54.69 -54.20
C PRO C 36 -64.79 56.07 -53.59
N SER C 37 -64.39 56.26 -52.33
CA SER C 37 -64.64 57.54 -51.69
C SER C 37 -63.64 58.59 -52.12
N LYS C 38 -62.39 58.29 -51.96
CA LYS C 38 -61.31 59.25 -52.00
C LYS C 38 -61.01 59.69 -53.42
N PRO C 39 -60.54 60.92 -53.62
CA PRO C 39 -60.37 61.43 -54.98
C PRO C 39 -59.24 60.75 -55.72
N VAL C 40 -59.14 61.07 -57.01
CA VAL C 40 -58.20 60.42 -57.91
C VAL C 40 -56.78 60.83 -57.52
N HIS C 41 -55.91 59.84 -57.32
CA HIS C 41 -54.52 60.11 -56.96
C HIS C 41 -53.69 58.89 -57.31
N LEU C 42 -52.40 59.13 -57.59
CA LEU C 42 -51.48 58.06 -57.89
C LEU C 42 -51.04 57.35 -56.61
N THR C 43 -50.21 56.31 -56.76
CA THR C 43 -49.70 55.56 -55.62
C THR C 43 -48.22 55.20 -55.64
N ALA C 44 -47.45 55.61 -56.64
CA ALA C 44 -46.08 55.13 -56.71
C ALA C 44 -45.21 56.14 -57.43
N PHE C 45 -43.90 56.03 -57.20
CA PHE C 45 -42.90 56.89 -57.82
C PHE C 45 -41.61 56.14 -58.06
N LEU C 46 -40.61 56.87 -58.51
CA LEU C 46 -39.26 56.39 -58.64
C LEU C 46 -38.35 57.42 -58.02
N GLY C 47 -37.14 57.01 -57.67
CA GLY C 47 -36.18 57.91 -57.09
C GLY C 47 -34.81 57.43 -57.48
N TYR C 48 -33.79 58.09 -56.95
CA TYR C 48 -32.42 57.63 -57.10
C TYR C 48 -31.72 57.96 -55.80
N LYS C 49 -31.22 56.93 -55.12
CA LYS C 49 -30.67 57.09 -53.78
C LYS C 49 -29.39 57.90 -53.86
N ALA C 50 -29.49 59.16 -53.46
CA ALA C 50 -28.38 60.09 -53.58
C ALA C 50 -27.33 59.88 -52.50
N GLY C 51 -27.71 60.09 -51.25
CA GLY C 51 -26.79 59.97 -50.15
C GLY C 51 -27.51 60.09 -48.83
N MET C 52 -26.78 60.49 -47.79
CA MET C 52 -27.39 60.59 -46.47
C MET C 52 -26.83 61.82 -45.75
N THR C 53 -27.65 62.45 -44.89
CA THR C 53 -27.24 63.57 -44.05
C THR C 53 -27.88 63.45 -42.67
N HIS C 54 -27.46 64.28 -41.73
CA HIS C 54 -28.14 64.32 -40.43
C HIS C 54 -29.35 65.23 -40.51
N ILE C 55 -30.20 65.17 -39.48
CA ILE C 55 -31.19 66.21 -39.20
C ILE C 55 -31.25 66.43 -37.69
N VAL C 56 -31.00 67.65 -37.25
CA VAL C 56 -31.29 68.02 -35.87
C VAL C 56 -32.78 68.35 -35.76
N ARG C 57 -33.48 67.68 -34.85
CA ARG C 57 -34.94 67.72 -34.83
C ARG C 57 -35.46 68.05 -33.44
N GLU C 58 -36.28 69.09 -33.38
CA GLU C 58 -37.17 69.32 -32.24
C GLU C 58 -38.16 68.17 -32.12
N VAL C 59 -38.26 67.57 -30.93
CA VAL C 59 -39.13 66.41 -30.76
C VAL C 59 -40.27 66.77 -29.81
N ASP C 60 -41.51 66.62 -30.31
CA ASP C 60 -42.73 66.71 -29.51
C ASP C 60 -43.35 65.33 -29.44
N ARG C 61 -43.02 64.59 -28.39
CA ARG C 61 -43.62 63.29 -28.11
C ARG C 61 -43.94 63.22 -26.63
N PRO C 62 -45.18 63.51 -26.23
CA PRO C 62 -45.49 63.53 -24.80
C PRO C 62 -45.50 62.12 -24.23
N GLY C 63 -44.95 62.00 -23.04
CA GLY C 63 -44.81 60.72 -22.39
C GLY C 63 -43.51 60.00 -22.66
N SER C 64 -42.54 60.64 -23.31
CA SER C 64 -41.22 60.06 -23.48
C SER C 64 -40.20 60.97 -22.81
N LYS C 65 -38.98 60.44 -22.67
CA LYS C 65 -37.87 61.26 -22.18
C LYS C 65 -37.40 62.23 -23.26
N VAL C 66 -37.74 61.98 -24.52
CA VAL C 66 -37.20 62.73 -25.64
C VAL C 66 -37.86 64.09 -25.79
N ASN C 67 -38.99 64.32 -25.11
CA ASN C 67 -39.88 65.42 -25.44
C ASN C 67 -39.25 66.78 -25.17
N LYS C 68 -39.55 67.72 -26.06
CA LYS C 68 -39.06 69.10 -26.08
C LYS C 68 -37.57 69.19 -26.34
N LYS C 69 -36.90 68.11 -26.72
CA LYS C 69 -35.45 68.13 -26.85
C LYS C 69 -35.07 67.98 -28.31
N GLU C 70 -33.76 67.90 -28.54
CA GLU C 70 -33.18 67.95 -29.88
C GLU C 70 -32.41 66.67 -30.14
N VAL C 71 -32.69 66.05 -31.29
CA VAL C 71 -32.23 64.72 -31.63
C VAL C 71 -31.49 64.78 -32.96
N VAL C 72 -30.36 64.11 -33.05
CA VAL C 72 -29.67 63.89 -34.31
C VAL C 72 -30.11 62.54 -34.85
N GLU C 73 -30.47 62.47 -36.12
CA GLU C 73 -30.83 61.21 -36.74
C GLU C 73 -30.09 60.98 -38.05
N ALA C 74 -30.04 59.71 -38.42
CA ALA C 74 -29.56 59.29 -39.73
C ALA C 74 -30.71 59.41 -40.71
N VAL C 75 -30.47 60.09 -41.83
CA VAL C 75 -31.52 60.51 -42.76
C VAL C 75 -30.97 60.44 -44.18
N THR C 76 -31.67 59.74 -45.07
CA THR C 76 -31.28 59.65 -46.47
C THR C 76 -31.92 60.74 -47.30
N ILE C 77 -31.46 60.84 -48.53
CA ILE C 77 -31.99 61.78 -49.51
C ILE C 77 -32.21 61.03 -50.80
N VAL C 78 -33.44 61.06 -51.30
CA VAL C 78 -33.83 60.38 -52.52
C VAL C 78 -34.26 61.42 -53.53
N GLU C 79 -33.46 61.63 -54.57
CA GLU C 79 -33.82 62.58 -55.61
C GLU C 79 -34.93 62.01 -56.45
N THR C 80 -36.06 62.72 -56.51
CA THR C 80 -37.21 62.30 -57.31
C THR C 80 -37.57 63.42 -58.27
N PRO C 81 -37.02 63.41 -59.47
CA PRO C 81 -37.45 64.34 -60.52
C PRO C 81 -38.86 64.01 -60.98
N PRO C 82 -39.56 64.92 -61.66
CA PRO C 82 -40.95 64.64 -62.03
C PRO C 82 -41.10 63.56 -63.09
N MET C 83 -42.12 62.74 -62.90
CA MET C 83 -42.49 61.68 -63.83
C MET C 83 -43.24 62.25 -65.02
N VAL C 84 -43.11 61.58 -66.17
CA VAL C 84 -43.92 61.91 -67.34
C VAL C 84 -44.86 60.76 -67.63
N VAL C 85 -46.15 61.03 -67.57
CA VAL C 85 -47.16 60.00 -67.80
C VAL C 85 -47.29 59.74 -69.29
N VAL C 86 -47.24 58.47 -69.69
CA VAL C 86 -47.24 58.05 -71.08
C VAL C 86 -48.45 57.18 -71.40
N GLY C 87 -48.69 56.14 -70.61
CA GLY C 87 -49.62 55.10 -70.99
C GLY C 87 -50.71 54.87 -69.96
N ILE C 88 -51.71 54.09 -70.39
CA ILE C 88 -52.87 53.71 -69.57
C ILE C 88 -53.17 52.25 -69.85
N VAL C 89 -53.26 51.42 -68.81
CA VAL C 89 -53.45 49.98 -68.94
C VAL C 89 -54.70 49.58 -68.15
N GLY C 90 -55.53 48.71 -68.73
CA GLY C 90 -56.73 48.22 -68.06
C GLY C 90 -56.63 46.79 -67.60
N TYR C 91 -57.32 46.46 -66.51
CA TYR C 91 -57.20 45.17 -65.86
C TYR C 91 -58.57 44.62 -65.50
N VAL C 92 -58.81 43.36 -65.86
CA VAL C 92 -60.10 42.70 -65.68
C VAL C 92 -59.98 41.70 -64.55
N GLU C 93 -60.92 41.74 -63.62
CA GLU C 93 -60.96 40.75 -62.55
C GLU C 93 -61.59 39.47 -63.07
N THR C 94 -60.79 38.43 -63.22
CA THR C 94 -61.17 37.15 -63.80
C THR C 94 -60.94 36.07 -62.76
N PRO C 95 -61.32 34.81 -62.98
CA PRO C 95 -60.85 33.76 -62.06
C PRO C 95 -59.41 33.29 -62.24
N ARG C 96 -58.57 34.07 -62.92
CA ARG C 96 -57.14 33.86 -62.86
C ARG C 96 -56.39 35.11 -62.41
N GLY C 97 -57.11 36.18 -62.07
CA GLY C 97 -56.45 37.40 -61.68
C GLY C 97 -56.64 38.50 -62.70
N LEU C 98 -55.75 39.48 -62.67
CA LEU C 98 -55.99 40.72 -63.38
C LEU C 98 -55.43 40.62 -64.79
N ARG C 99 -56.31 40.44 -65.77
CA ARG C 99 -55.89 40.24 -67.13
C ARG C 99 -55.75 41.57 -67.84
N THR C 100 -54.59 41.79 -68.47
CA THR C 100 -54.24 43.08 -69.03
C THR C 100 -55.08 43.29 -70.28
N PHE C 101 -56.09 44.16 -70.19
CA PHE C 101 -57.10 44.18 -71.23
C PHE C 101 -56.58 44.81 -72.51
N LYS C 102 -56.15 46.06 -72.44
CA LYS C 102 -55.28 46.64 -73.47
C LYS C 102 -54.58 47.85 -72.89
N THR C 103 -53.64 48.38 -73.65
CA THR C 103 -52.90 49.56 -73.25
C THR C 103 -53.17 50.67 -74.24
N VAL C 104 -53.24 51.90 -73.74
CA VAL C 104 -53.36 53.09 -74.55
C VAL C 104 -52.22 54.02 -74.18
N PHE C 105 -51.38 54.35 -75.14
CA PHE C 105 -50.28 55.24 -74.89
C PHE C 105 -50.66 56.65 -75.31
N ALA C 106 -49.83 57.61 -74.96
CA ALA C 106 -49.96 58.95 -75.51
C ALA C 106 -49.21 58.99 -76.84
N GLU C 107 -49.07 60.18 -77.42
CA GLU C 107 -48.58 60.28 -78.79
C GLU C 107 -47.10 60.66 -78.88
N HIS C 108 -46.75 61.83 -78.37
CA HIS C 108 -45.39 62.32 -78.56
C HIS C 108 -44.52 61.80 -77.43
N ILE C 109 -44.21 60.52 -77.51
CA ILE C 109 -43.48 59.84 -76.45
C ILE C 109 -42.03 60.27 -76.51
N SER C 110 -41.49 60.67 -75.36
CA SER C 110 -40.14 61.19 -75.29
C SER C 110 -39.12 60.10 -75.55
N ASP C 111 -37.95 60.51 -76.07
CA ASP C 111 -36.98 59.54 -76.57
C ASP C 111 -36.29 58.74 -75.47
N GLU C 112 -36.43 59.15 -74.22
CA GLU C 112 -35.93 58.30 -73.15
C GLU C 112 -36.77 57.04 -73.02
N CYS C 113 -38.06 57.12 -73.34
CA CYS C 113 -38.85 55.89 -73.38
C CYS C 113 -38.49 55.05 -74.59
N LYS C 114 -38.24 55.68 -75.74
CA LYS C 114 -37.86 54.89 -76.92
C LYS C 114 -36.51 54.26 -76.73
N ARG C 115 -35.67 54.85 -75.90
CA ARG C 115 -34.43 54.20 -75.53
C ARG C 115 -34.67 53.06 -74.54
N ARG C 116 -35.83 52.98 -73.91
CA ARG C 116 -36.07 51.84 -73.04
C ARG C 116 -36.35 50.58 -73.84
N PHE C 117 -36.98 50.71 -75.01
CA PHE C 117 -37.48 49.53 -75.71
C PHE C 117 -36.35 48.76 -76.38
N TYR C 118 -35.41 49.47 -77.00
CA TYR C 118 -34.37 48.76 -77.70
C TYR C 118 -33.32 48.23 -76.72
N LYS C 119 -32.31 47.56 -77.28
CA LYS C 119 -31.12 47.22 -76.52
C LYS C 119 -29.93 48.06 -76.94
N ASN C 120 -29.70 48.22 -78.24
CA ASN C 120 -28.67 49.12 -78.77
C ASN C 120 -29.33 50.32 -79.44
N TRP C 121 -29.25 51.47 -78.80
CA TRP C 121 -29.80 52.69 -79.39
C TRP C 121 -28.96 53.16 -80.56
N HIS C 122 -27.64 53.01 -80.47
CA HIS C 122 -26.75 53.42 -81.56
C HIS C 122 -26.93 52.56 -82.79
N LYS C 123 -27.14 51.26 -82.61
CA LYS C 123 -27.31 50.40 -83.76
C LYS C 123 -28.67 50.62 -84.41
N SER C 124 -29.70 50.86 -83.60
CA SER C 124 -31.05 50.83 -84.14
C SER C 124 -31.39 52.12 -84.86
N LYS C 125 -32.42 52.05 -85.69
CA LYS C 125 -32.82 53.18 -86.51
C LYS C 125 -33.99 53.95 -85.91
N LYS C 126 -34.21 53.85 -84.59
CA LYS C 126 -35.18 54.62 -83.82
C LYS C 126 -36.63 54.32 -84.25
N LYS C 127 -36.87 53.25 -85.00
CA LYS C 127 -38.13 53.07 -85.68
C LYS C 127 -39.25 52.54 -84.82
N ALA C 128 -39.10 52.46 -83.50
CA ALA C 128 -40.22 52.09 -82.66
C ALA C 128 -41.17 53.27 -82.52
N PHE C 129 -42.47 52.98 -82.54
CA PHE C 129 -43.55 53.96 -82.40
C PHE C 129 -43.47 55.02 -83.49
N THR C 130 -43.67 54.57 -84.71
CA THR C 130 -43.97 55.48 -85.81
C THR C 130 -45.41 55.34 -86.25
N LYS C 131 -45.85 54.12 -86.51
CA LYS C 131 -47.18 53.88 -87.03
C LYS C 131 -48.23 53.84 -85.95
N TYR C 132 -47.80 53.92 -84.68
CA TYR C 132 -48.73 54.10 -83.57
C TYR C 132 -49.07 55.57 -83.38
N CYS C 133 -48.12 56.46 -83.68
CA CYS C 133 -48.42 57.88 -83.73
C CYS C 133 -49.41 58.20 -84.82
N LYS C 134 -49.42 57.40 -85.87
CA LYS C 134 -50.34 57.61 -86.97
C LYS C 134 -51.77 57.29 -86.58
N LYS C 135 -51.97 56.45 -85.55
CA LYS C 135 -53.31 56.10 -85.10
C LYS C 135 -54.04 57.28 -84.47
N TRP C 136 -53.30 58.17 -83.80
CA TRP C 136 -53.89 59.41 -83.34
C TRP C 136 -54.28 60.29 -84.51
N GLN C 137 -53.43 60.32 -85.53
CA GLN C 137 -53.56 61.29 -86.59
C GLN C 137 -54.72 60.96 -87.52
N ASP C 138 -54.82 59.69 -87.89
CA ASP C 138 -55.80 59.27 -88.89
C ASP C 138 -57.21 59.37 -88.30
N GLU C 139 -58.04 60.17 -88.95
CA GLU C 139 -59.27 60.62 -88.32
C GLU C 139 -60.34 59.54 -88.37
N ASP C 140 -60.25 58.62 -89.31
CA ASP C 140 -61.08 57.42 -89.24
C ASP C 140 -60.39 56.31 -88.46
N GLY C 141 -59.14 56.49 -88.07
CA GLY C 141 -58.50 55.62 -87.10
C GLY C 141 -58.73 56.04 -85.67
N LYS C 142 -59.28 57.24 -85.50
CA LYS C 142 -59.63 57.69 -84.16
C LYS C 142 -60.78 56.89 -83.58
N LYS C 143 -61.72 56.42 -84.41
CA LYS C 143 -62.96 55.86 -83.91
C LYS C 143 -62.73 54.56 -83.16
N GLN C 144 -61.72 53.80 -83.57
CA GLN C 144 -61.34 52.59 -82.86
C GLN C 144 -60.16 52.85 -81.95
N LEU C 145 -59.74 54.11 -81.84
CA LEU C 145 -58.79 54.51 -80.81
C LEU C 145 -59.52 54.92 -79.54
N GLU C 146 -60.67 55.55 -79.68
CA GLU C 146 -61.46 55.94 -78.52
C GLU C 146 -62.60 54.99 -78.26
N LYS C 147 -62.77 53.97 -79.10
CA LYS C 147 -63.56 52.81 -78.71
C LYS C 147 -62.84 51.97 -77.68
N ASP C 148 -61.51 52.08 -77.63
CA ASP C 148 -60.74 51.53 -76.52
C ASP C 148 -61.21 52.11 -75.20
N PHE C 149 -61.30 53.44 -75.13
CA PHE C 149 -61.71 54.12 -73.90
C PHE C 149 -63.14 53.78 -73.52
N SER C 150 -63.99 53.48 -74.52
CA SER C 150 -65.32 52.98 -74.21
C SER C 150 -65.25 51.61 -73.56
N SER C 151 -64.41 50.72 -74.10
CA SER C 151 -64.20 49.43 -73.45
C SER C 151 -63.43 49.60 -72.15
N MET C 152 -62.51 50.56 -72.12
CA MET C 152 -61.67 50.73 -70.95
C MET C 152 -62.48 51.26 -69.77
N LYS C 153 -63.50 52.07 -70.05
CA LYS C 153 -64.46 52.38 -69.01
C LYS C 153 -65.26 51.15 -68.62
N LYS C 154 -65.62 50.35 -69.60
CA LYS C 154 -66.67 49.35 -69.41
C LYS C 154 -66.15 48.11 -68.69
N TYR C 155 -65.20 47.41 -69.29
CA TYR C 155 -64.78 46.14 -68.74
C TYR C 155 -63.57 46.23 -67.82
N CYS C 156 -62.69 47.20 -68.02
CA CYS C 156 -61.50 47.31 -67.20
C CYS C 156 -61.89 47.79 -65.82
N GLN C 157 -61.47 47.08 -64.79
CA GLN C 157 -61.81 47.47 -63.44
C GLN C 157 -60.69 48.22 -62.73
N VAL C 158 -59.43 47.89 -62.99
CA VAL C 158 -58.31 48.62 -62.43
C VAL C 158 -57.51 49.24 -63.56
N ILE C 159 -57.23 50.54 -63.45
CA ILE C 159 -56.45 51.28 -64.44
C ILE C 159 -55.13 51.69 -63.83
N ARG C 160 -54.04 51.27 -64.45
CA ARG C 160 -52.69 51.58 -64.01
C ARG C 160 -51.99 52.41 -65.08
N VAL C 161 -51.17 53.35 -64.64
CA VAL C 161 -50.65 54.41 -65.49
C VAL C 161 -49.16 54.22 -65.71
N ILE C 162 -48.72 54.26 -66.97
CA ILE C 162 -47.32 54.08 -67.31
C ILE C 162 -46.61 55.42 -67.31
N ALA C 163 -45.46 55.50 -66.63
CA ALA C 163 -44.73 56.75 -66.54
C ALA C 163 -43.26 56.47 -66.28
N HIS C 164 -42.40 57.41 -66.64
CA HIS C 164 -40.96 57.22 -66.53
C HIS C 164 -40.33 58.45 -65.90
N THR C 165 -39.16 58.26 -65.32
CA THR C 165 -38.36 59.37 -64.86
C THR C 165 -37.66 60.04 -66.03
N GLN C 166 -37.60 61.36 -65.97
CA GLN C 166 -36.76 62.09 -66.90
C GLN C 166 -35.30 61.88 -66.54
N MET C 167 -34.46 61.75 -67.57
CA MET C 167 -33.03 61.53 -67.38
C MET C 167 -32.18 62.72 -67.76
N ARG C 168 -32.74 63.71 -68.42
CA ARG C 168 -31.94 64.85 -68.77
C ARG C 168 -31.80 65.85 -67.65
N LEU C 169 -32.41 65.61 -66.49
CA LEU C 169 -32.28 66.48 -65.34
C LEU C 169 -31.58 65.76 -64.18
N LEU C 170 -30.63 64.89 -64.49
CA LEU C 170 -29.94 64.07 -63.53
C LEU C 170 -28.44 64.04 -63.81
N PRO C 171 -27.61 63.80 -62.80
CA PRO C 171 -26.17 63.64 -63.01
C PRO C 171 -25.74 62.25 -63.43
N LEU C 172 -26.70 61.38 -63.74
CA LEU C 172 -26.40 60.01 -64.15
C LEU C 172 -25.96 59.81 -65.60
N ARG C 173 -24.96 58.93 -65.75
CA ARG C 173 -24.36 58.57 -67.03
C ARG C 173 -25.26 57.85 -68.03
N GLN C 174 -26.16 57.00 -67.52
CA GLN C 174 -27.00 56.14 -68.36
C GLN C 174 -27.93 56.78 -69.39
N LYS C 175 -28.61 57.87 -69.02
CA LYS C 175 -29.52 58.55 -69.95
C LYS C 175 -30.57 57.65 -70.61
N LYS C 176 -31.15 56.76 -69.82
CA LYS C 176 -32.18 55.83 -70.28
C LYS C 176 -33.32 55.94 -69.26
N ALA C 177 -34.57 55.81 -69.68
CA ALA C 177 -35.63 55.99 -68.70
C ALA C 177 -35.92 54.67 -67.98
N HIS C 178 -36.77 54.75 -66.97
CA HIS C 178 -37.30 53.59 -66.29
C HIS C 178 -38.82 53.61 -66.38
N LEU C 179 -39.40 52.70 -67.15
CA LEU C 179 -40.84 52.71 -67.21
C LEU C 179 -41.44 52.02 -66.00
N MET C 180 -42.68 52.37 -65.70
CA MET C 180 -43.38 51.85 -64.54
C MET C 180 -44.84 51.58 -64.90
N GLU C 181 -45.57 51.17 -63.88
CA GLU C 181 -47.02 51.22 -63.87
C GLU C 181 -47.42 51.73 -62.50
N ILE C 182 -48.38 52.66 -62.47
CA ILE C 182 -48.84 53.24 -61.22
C ILE C 182 -50.35 53.10 -61.17
N GLN C 183 -50.85 52.32 -60.23
CA GLN C 183 -52.28 52.19 -60.09
C GLN C 183 -52.87 53.47 -59.54
N VAL C 184 -53.95 53.93 -60.15
CA VAL C 184 -54.70 55.07 -59.66
C VAL C 184 -55.85 54.55 -58.80
N ASN C 185 -55.94 55.04 -57.56
CA ASN C 185 -56.96 54.62 -56.60
C ASN C 185 -58.13 55.57 -56.53
N GLY C 186 -58.61 56.09 -57.65
CA GLY C 186 -59.74 57.01 -57.60
C GLY C 186 -61.08 56.38 -57.35
N GLY C 187 -62.16 57.03 -57.79
CA GLY C 187 -63.51 56.56 -57.52
C GLY C 187 -64.01 55.61 -58.58
N THR C 188 -65.03 56.01 -59.33
CA THR C 188 -65.54 55.21 -60.44
C THR C 188 -64.49 55.16 -61.54
N VAL C 189 -64.61 54.15 -62.42
CA VAL C 189 -63.61 53.88 -63.45
C VAL C 189 -63.56 55.03 -64.46
N ALA C 190 -64.66 55.75 -64.62
CA ALA C 190 -64.71 56.84 -65.60
C ALA C 190 -63.78 57.99 -65.19
N GLU C 191 -63.85 58.43 -63.94
CA GLU C 191 -63.02 59.56 -63.57
C GLU C 191 -61.58 59.17 -63.31
N LYS C 192 -61.31 57.90 -63.01
CA LYS C 192 -59.93 57.41 -63.08
C LYS C 192 -59.43 57.49 -64.50
N LEU C 193 -60.28 57.15 -65.46
CA LEU C 193 -59.85 57.15 -66.84
C LEU C 193 -59.79 58.56 -67.40
N ASP C 194 -60.68 59.44 -66.95
CA ASP C 194 -60.69 60.76 -67.54
C ASP C 194 -59.63 61.66 -66.95
N TRP C 195 -59.30 61.49 -65.67
CA TRP C 195 -58.17 62.22 -65.09
C TRP C 195 -56.86 61.79 -65.74
N ALA C 196 -56.77 60.52 -66.10
CA ALA C 196 -55.58 60.02 -66.79
C ALA C 196 -55.48 60.59 -68.19
N ARG C 197 -56.60 60.60 -68.93
CA ARG C 197 -56.60 61.23 -70.26
C ARG C 197 -56.37 62.73 -70.17
N GLU C 198 -56.76 63.33 -69.05
CA GLU C 198 -56.55 64.76 -68.85
C GLU C 198 -55.08 65.08 -68.73
N ARG C 199 -54.27 64.16 -68.20
CA ARG C 199 -52.89 64.43 -67.87
C ARG C 199 -51.96 63.37 -68.43
N LEU C 200 -52.07 63.08 -69.73
CA LEU C 200 -51.00 62.40 -70.44
C LEU C 200 -49.98 63.42 -70.94
N GLU C 201 -48.74 62.94 -71.13
CA GLU C 201 -47.56 63.74 -71.51
C GLU C 201 -47.36 64.97 -70.64
N GLN C 202 -47.66 64.87 -69.36
CA GLN C 202 -47.46 65.99 -68.47
C GLN C 202 -46.48 65.61 -67.38
N GLN C 203 -45.77 66.61 -66.89
CA GLN C 203 -44.72 66.37 -65.90
C GLN C 203 -45.43 66.34 -64.55
N VAL C 204 -45.82 65.14 -64.15
CA VAL C 204 -46.52 64.93 -62.88
C VAL C 204 -45.53 65.22 -61.75
N PRO C 205 -45.81 66.14 -60.86
CA PRO C 205 -44.85 66.48 -59.81
C PRO C 205 -44.77 65.36 -58.79
N VAL C 206 -43.76 65.47 -57.93
CA VAL C 206 -43.65 64.52 -56.82
C VAL C 206 -44.54 64.96 -55.68
N ASN C 207 -44.52 66.26 -55.38
CA ASN C 207 -45.17 66.82 -54.22
C ASN C 207 -46.67 66.74 -54.32
N GLN C 208 -47.21 66.58 -55.53
CA GLN C 208 -48.66 66.50 -55.66
C GLN C 208 -49.20 65.19 -55.11
N VAL C 209 -48.40 64.12 -55.17
CA VAL C 209 -48.84 62.82 -54.70
C VAL C 209 -48.51 62.60 -53.25
N PHE C 210 -47.24 62.75 -52.88
CA PHE C 210 -46.83 62.49 -51.52
C PHE C 210 -47.15 63.69 -50.62
N GLY C 211 -46.84 63.54 -49.34
CA GLY C 211 -47.00 64.62 -48.38
C GLY C 211 -46.08 64.41 -47.20
N GLN C 212 -45.73 65.51 -46.53
CA GLN C 212 -44.79 65.42 -45.44
C GLN C 212 -45.41 64.70 -44.25
N ASP C 213 -44.60 63.81 -43.65
CA ASP C 213 -44.96 62.92 -42.56
C ASP C 213 -46.12 62.01 -42.92
N GLU C 214 -46.23 61.65 -44.19
CA GLU C 214 -46.99 60.48 -44.58
C GLU C 214 -46.01 59.32 -44.51
N MET C 215 -46.25 58.40 -43.60
CA MET C 215 -45.35 57.29 -43.39
C MET C 215 -45.47 56.31 -44.54
N ILE C 216 -44.37 56.08 -45.25
CA ILE C 216 -44.39 55.59 -46.62
C ILE C 216 -43.32 54.51 -46.80
N ASP C 217 -43.66 53.46 -47.54
CA ASP C 217 -42.83 52.28 -47.68
C ASP C 217 -41.98 52.33 -48.95
N VAL C 218 -40.78 51.76 -48.83
CA VAL C 218 -39.75 51.81 -49.85
C VAL C 218 -39.57 50.41 -50.40
N ILE C 219 -39.66 50.27 -51.71
CA ILE C 219 -39.27 49.05 -52.38
C ILE C 219 -38.04 49.34 -53.19
N GLY C 220 -36.96 48.61 -52.92
CA GLY C 220 -35.72 48.78 -53.66
C GLY C 220 -34.93 47.50 -53.60
N VAL C 221 -33.87 47.45 -54.39
CA VAL C 221 -33.03 46.27 -54.52
C VAL C 221 -31.70 46.54 -53.83
N THR C 222 -31.24 45.60 -53.01
CA THR C 222 -30.14 45.80 -52.08
C THR C 222 -28.80 45.99 -52.80
N LYS C 223 -27.77 46.17 -51.99
CA LYS C 223 -26.41 46.21 -52.49
C LYS C 223 -26.04 44.88 -53.12
N GLY C 224 -25.04 44.91 -54.00
CA GLY C 224 -24.53 43.70 -54.62
C GLY C 224 -23.15 43.38 -54.07
N LYS C 225 -22.98 42.14 -53.62
CA LYS C 225 -21.71 41.69 -53.11
C LYS C 225 -21.14 40.45 -53.80
N GLY C 226 -21.98 39.57 -54.30
CA GLY C 226 -21.47 38.38 -54.95
C GLY C 226 -21.40 37.19 -54.04
N TYR C 227 -20.87 36.10 -54.60
CA TYR C 227 -21.00 34.76 -54.06
C TYR C 227 -20.12 34.62 -52.82
N LYS C 228 -20.67 35.01 -51.68
CA LYS C 228 -19.93 34.99 -50.43
C LYS C 228 -20.33 33.79 -49.58
N GLY C 229 -19.49 33.44 -48.62
CA GLY C 229 -19.60 32.20 -47.90
C GLY C 229 -20.66 32.23 -46.82
N VAL C 230 -20.62 31.22 -45.96
CA VAL C 230 -21.77 30.94 -45.10
C VAL C 230 -21.82 31.92 -43.94
N THR C 231 -20.72 32.03 -43.20
CA THR C 231 -20.74 32.79 -41.95
C THR C 231 -20.90 34.27 -42.17
N SER C 232 -20.59 34.75 -43.36
CA SER C 232 -20.90 36.12 -43.70
C SER C 232 -22.28 36.24 -44.33
N ARG C 233 -22.79 35.19 -44.95
CA ARG C 233 -24.16 35.31 -45.46
C ARG C 233 -25.16 35.16 -44.34
N TRP C 234 -25.19 33.98 -43.73
CA TRP C 234 -26.27 33.59 -42.84
C TRP C 234 -26.00 33.96 -41.40
N HIS C 235 -24.79 34.44 -41.10
CA HIS C 235 -24.35 34.81 -39.76
C HIS C 235 -24.44 33.65 -38.79
N THR C 236 -24.09 32.47 -39.27
CA THR C 236 -23.86 31.33 -38.40
C THR C 236 -22.49 31.47 -37.75
N LYS C 237 -22.14 30.53 -36.88
CA LYS C 237 -20.98 30.73 -36.01
C LYS C 237 -19.73 30.08 -36.55
N LYS C 238 -18.61 30.81 -36.43
CA LYS C 238 -17.30 30.34 -36.82
C LYS C 238 -16.87 29.12 -36.01
N LEU C 239 -16.33 28.13 -36.70
CA LEU C 239 -15.69 27.01 -36.02
C LEU C 239 -14.37 27.49 -35.41
N PRO C 240 -13.89 26.86 -34.33
CA PRO C 240 -12.71 27.40 -33.63
C PRO C 240 -11.39 27.24 -34.34
N ARG C 241 -10.31 27.58 -33.64
CA ARG C 241 -8.97 27.59 -34.23
C ARG C 241 -8.51 26.19 -34.61
N LYS C 242 -8.81 25.19 -33.77
CA LYS C 242 -8.18 23.88 -33.91
C LYS C 242 -8.68 23.07 -35.10
N THR C 243 -9.70 23.51 -35.82
CA THR C 243 -10.36 22.63 -36.78
C THR C 243 -9.57 22.55 -38.08
N HIS C 244 -9.18 21.34 -38.44
CA HIS C 244 -8.71 21.01 -39.78
C HIS C 244 -9.81 21.30 -40.79
N ARG C 245 -9.39 21.60 -42.03
CA ARG C 245 -10.26 21.98 -43.16
C ARG C 245 -11.03 23.27 -42.93
N GLY C 246 -10.65 24.08 -41.95
CA GLY C 246 -11.04 25.46 -41.93
C GLY C 246 -11.97 25.83 -40.79
N LEU C 247 -12.42 27.08 -40.85
CA LEU C 247 -13.21 27.70 -39.80
C LEU C 247 -14.60 28.12 -40.21
N ARG C 248 -14.78 28.60 -41.43
CA ARG C 248 -16.06 29.13 -41.84
C ARG C 248 -16.83 28.08 -42.63
N LYS C 249 -17.35 27.12 -41.89
CA LYS C 249 -18.20 26.10 -42.48
C LYS C 249 -19.36 25.85 -41.53
N VAL C 250 -20.18 24.88 -41.89
CA VAL C 250 -21.21 24.34 -41.02
C VAL C 250 -20.78 22.92 -40.68
N ALA C 251 -20.89 22.56 -39.42
CA ALA C 251 -20.31 21.28 -39.01
C ALA C 251 -21.21 20.10 -39.36
N CYS C 252 -22.53 20.25 -39.21
CA CYS C 252 -23.45 19.16 -39.46
C CYS C 252 -24.54 19.61 -40.41
N ILE C 253 -24.55 19.06 -41.62
CA ILE C 253 -25.51 19.52 -42.62
C ILE C 253 -26.82 18.78 -42.48
N GLY C 254 -26.78 17.47 -42.23
CA GLY C 254 -28.03 16.75 -42.01
C GLY C 254 -27.81 15.63 -41.01
N ALA C 255 -28.89 14.94 -40.68
CA ALA C 255 -28.77 13.69 -39.96
C ALA C 255 -28.46 12.58 -40.95
N TRP C 256 -28.40 11.35 -40.49
CA TRP C 256 -28.16 10.25 -41.42
C TRP C 256 -29.38 10.03 -42.30
N HIS C 257 -30.46 9.58 -41.69
CA HIS C 257 -31.49 8.87 -42.43
C HIS C 257 -32.42 9.75 -43.27
N PRO C 258 -32.73 11.01 -42.91
CA PRO C 258 -33.25 11.87 -43.99
C PRO C 258 -32.09 12.09 -44.92
N ALA C 259 -32.04 11.33 -46.00
CA ALA C 259 -30.79 11.15 -46.72
C ALA C 259 -30.63 12.21 -47.79
N ARG C 260 -30.90 13.45 -47.39
CA ARG C 260 -31.16 14.54 -48.30
C ARG C 260 -30.86 15.79 -47.52
N VAL C 261 -30.16 16.72 -48.15
CA VAL C 261 -29.88 17.97 -47.51
C VAL C 261 -31.16 18.79 -47.51
N ALA C 262 -31.59 19.25 -46.34
CA ALA C 262 -32.81 20.05 -46.28
C ALA C 262 -32.56 21.45 -46.82
N PHE C 263 -33.65 22.11 -47.18
CA PHE C 263 -33.56 23.45 -47.73
C PHE C 263 -33.39 24.50 -46.64
N SER C 264 -33.37 24.10 -45.38
CA SER C 264 -33.10 24.99 -44.27
C SER C 264 -31.64 25.04 -43.88
N VAL C 265 -30.81 24.16 -44.43
CA VAL C 265 -29.44 24.03 -43.94
C VAL C 265 -28.59 25.16 -44.48
N ALA C 266 -27.95 25.89 -43.58
CA ALA C 266 -27.28 27.16 -43.89
C ALA C 266 -26.14 26.92 -44.85
N ARG C 267 -26.21 27.56 -46.01
CA ARG C 267 -25.31 27.23 -47.10
C ARG C 267 -25.08 28.47 -47.93
N ALA C 268 -23.99 28.49 -48.70
CA ALA C 268 -23.46 29.70 -49.31
C ALA C 268 -24.35 30.19 -50.43
N GLY C 269 -25.42 30.89 -50.04
CA GLY C 269 -26.21 31.64 -50.99
C GLY C 269 -25.63 33.03 -51.22
N GLN C 270 -25.79 33.52 -52.45
CA GLN C 270 -25.17 34.78 -52.88
C GLN C 270 -25.72 35.96 -52.09
N LYS C 271 -24.82 36.65 -51.40
CA LYS C 271 -25.21 37.76 -50.53
C LYS C 271 -25.59 38.96 -51.36
N GLY C 272 -26.72 39.57 -51.03
CA GLY C 272 -27.08 40.83 -51.59
C GLY C 272 -27.61 40.75 -53.01
N TYR C 273 -27.96 41.92 -53.52
CA TYR C 273 -28.61 42.14 -54.82
C TYR C 273 -29.91 41.36 -54.91
N HIS C 274 -30.65 41.32 -53.82
CA HIS C 274 -31.98 40.77 -53.80
C HIS C 274 -32.96 41.93 -53.79
N HIS C 275 -34.24 41.58 -53.69
CA HIS C 275 -35.34 42.52 -53.76
C HIS C 275 -35.96 42.62 -52.37
N ARG C 276 -36.19 43.84 -51.89
CA ARG C 276 -36.73 44.05 -50.56
C ARG C 276 -37.75 45.17 -50.58
N THR C 277 -38.69 45.12 -49.63
CA THR C 277 -39.71 46.14 -49.46
C THR C 277 -39.66 46.56 -47.99
N GLU C 278 -38.95 47.63 -47.67
CA GLU C 278 -38.94 48.04 -46.28
C GLU C 278 -40.12 48.97 -46.02
N ILE C 279 -40.78 48.75 -44.90
CA ILE C 279 -42.06 49.36 -44.58
C ILE C 279 -41.84 50.46 -43.55
N ASN C 280 -42.69 51.49 -43.59
CA ASN C 280 -42.86 52.47 -42.51
C ASN C 280 -41.63 53.35 -42.31
N LYS C 281 -41.29 54.12 -43.34
CA LYS C 281 -40.22 55.09 -43.27
C LYS C 281 -40.79 56.47 -43.52
N LYS C 282 -40.74 57.32 -42.49
CA LYS C 282 -41.42 58.61 -42.55
C LYS C 282 -40.69 59.57 -43.48
N ILE C 283 -41.43 60.17 -44.40
CA ILE C 283 -40.88 61.30 -45.13
C ILE C 283 -40.75 62.48 -44.20
N TYR C 284 -39.58 63.09 -44.15
CA TYR C 284 -39.53 64.41 -43.56
C TYR C 284 -39.89 65.49 -44.57
N LYS C 285 -39.08 65.67 -45.60
CA LYS C 285 -39.12 66.90 -46.37
C LYS C 285 -39.27 66.58 -47.85
N ILE C 286 -39.92 67.50 -48.57
CA ILE C 286 -39.87 67.54 -50.03
C ILE C 286 -39.49 68.96 -50.41
N GLY C 287 -38.38 69.12 -51.10
CA GLY C 287 -37.91 70.45 -51.42
C GLY C 287 -37.66 70.63 -52.90
N GLN C 288 -38.16 71.73 -53.47
CA GLN C 288 -38.08 71.93 -54.91
C GLN C 288 -36.66 72.30 -55.32
N GLY C 289 -36.48 72.56 -56.61
CA GLY C 289 -35.14 72.89 -57.07
C GLY C 289 -35.02 73.93 -58.17
N TYR C 290 -34.28 75.00 -57.86
CA TYR C 290 -33.63 75.87 -58.84
C TYR C 290 -34.62 76.60 -59.75
N LEU C 291 -35.36 77.52 -59.13
CA LEU C 291 -36.30 78.38 -59.85
C LEU C 291 -35.57 79.34 -60.79
N ILE C 292 -36.33 79.87 -61.75
CA ILE C 292 -35.87 80.77 -62.80
C ILE C 292 -35.50 82.16 -62.27
N LYS C 293 -34.99 83.01 -63.16
CA LYS C 293 -34.09 84.11 -62.85
C LYS C 293 -34.77 85.38 -62.32
N ASP C 294 -35.98 85.32 -61.76
CA ASP C 294 -36.49 86.45 -60.99
C ASP C 294 -35.58 86.75 -59.80
N GLY C 295 -35.54 85.84 -58.85
CA GLY C 295 -34.33 85.71 -58.06
C GLY C 295 -33.40 84.94 -58.98
N LYS C 296 -32.19 85.47 -59.19
CA LYS C 296 -31.41 85.14 -60.38
C LYS C 296 -31.00 83.67 -60.44
N LEU C 297 -30.56 83.09 -59.33
CA LEU C 297 -30.65 81.64 -59.15
C LEU C 297 -30.75 81.37 -57.66
N ILE C 298 -31.93 80.96 -57.22
CA ILE C 298 -32.10 80.60 -55.82
C ILE C 298 -31.65 79.16 -55.63
N LYS C 299 -30.84 78.93 -54.61
CA LYS C 299 -30.61 77.57 -54.13
C LYS C 299 -31.56 77.36 -52.97
N ASN C 300 -31.31 78.07 -51.87
CA ASN C 300 -32.11 78.24 -50.66
C ASN C 300 -32.72 76.95 -50.13
N ASN C 301 -32.03 75.84 -50.32
CA ASN C 301 -32.46 74.54 -49.86
C ASN C 301 -31.73 74.15 -48.60
N ALA C 302 -32.35 73.24 -47.85
CA ALA C 302 -32.06 73.02 -46.43
C ALA C 302 -32.07 74.34 -45.66
N SER C 303 -33.04 75.19 -45.98
CA SER C 303 -33.22 76.48 -45.32
C SER C 303 -34.51 76.36 -44.53
N THR C 304 -34.39 75.83 -43.32
CA THR C 304 -35.57 75.54 -42.51
C THR C 304 -35.93 76.74 -41.66
N ASP C 305 -36.86 76.54 -40.73
CA ASP C 305 -37.53 77.61 -40.03
C ASP C 305 -36.70 78.24 -38.92
N TYR C 306 -35.50 77.73 -38.65
CA TYR C 306 -34.63 78.26 -37.61
C TYR C 306 -33.27 78.73 -38.10
N ASP C 307 -32.93 78.48 -39.38
CA ASP C 307 -31.63 78.85 -39.93
C ASP C 307 -31.68 80.11 -40.78
N LEU C 308 -32.46 80.07 -41.87
CA LEU C 308 -32.51 81.12 -42.90
C LEU C 308 -31.12 81.42 -43.49
N SER C 309 -30.48 80.39 -44.03
CA SER C 309 -29.18 80.52 -44.66
C SER C 309 -29.19 79.98 -46.07
N ASP C 310 -28.33 80.58 -46.91
CA ASP C 310 -28.08 80.06 -48.26
C ASP C 310 -27.29 78.78 -48.12
N LYS C 311 -27.99 77.66 -48.15
CA LYS C 311 -27.37 76.36 -48.00
C LYS C 311 -27.77 75.54 -49.23
N SER C 312 -27.00 74.52 -49.53
CA SER C 312 -27.31 73.73 -50.71
C SER C 312 -28.11 72.49 -50.35
N ILE C 313 -28.57 71.78 -51.39
CA ILE C 313 -29.09 70.45 -51.17
C ILE C 313 -27.94 69.51 -50.83
N ASN C 314 -26.96 69.44 -51.71
CA ASN C 314 -25.84 68.54 -51.61
C ASN C 314 -24.86 69.01 -50.56
N PRO C 315 -24.06 68.11 -50.00
CA PRO C 315 -23.01 68.55 -49.08
C PRO C 315 -21.91 69.26 -49.84
N LEU C 316 -21.12 70.01 -49.08
CA LEU C 316 -20.03 70.81 -49.60
C LEU C 316 -18.99 69.88 -50.17
N GLY C 317 -18.91 69.84 -51.48
CA GLY C 317 -18.14 68.83 -52.16
C GLY C 317 -18.96 67.69 -52.72
N GLY C 318 -20.29 67.80 -52.72
CA GLY C 318 -21.15 66.84 -53.38
C GLY C 318 -21.30 65.51 -52.68
N PHE C 319 -22.40 64.82 -52.96
CA PHE C 319 -22.61 63.48 -52.41
C PHE C 319 -21.57 62.52 -52.97
N VAL C 320 -21.06 61.65 -52.10
CA VAL C 320 -20.06 60.68 -52.53
C VAL C 320 -20.73 59.64 -53.41
N HIS C 321 -20.17 59.44 -54.60
CA HIS C 321 -20.63 58.50 -55.63
C HIS C 321 -22.05 58.76 -56.10
N TYR C 322 -22.56 59.98 -55.99
CA TYR C 322 -23.78 60.31 -56.73
C TYR C 322 -23.58 61.44 -57.72
N GLY C 323 -23.07 62.57 -57.28
CA GLY C 323 -23.15 63.74 -58.12
C GLY C 323 -23.70 64.91 -57.36
N GLU C 324 -24.89 65.36 -57.74
CA GLU C 324 -25.32 66.69 -57.39
C GLU C 324 -26.84 66.75 -57.56
N VAL C 325 -27.56 67.06 -56.50
CA VAL C 325 -29.01 67.10 -56.58
C VAL C 325 -29.44 68.42 -57.19
N THR C 326 -30.20 68.36 -58.29
CA THR C 326 -30.87 69.55 -58.83
C THR C 326 -32.35 69.29 -59.07
N ASN C 327 -32.95 68.38 -58.31
CA ASN C 327 -34.38 68.15 -58.48
C ASN C 327 -35.11 68.05 -57.16
N ASP C 328 -36.39 67.70 -57.21
CA ASP C 328 -37.21 67.56 -56.01
C ASP C 328 -36.75 66.33 -55.25
N PHE C 329 -36.27 66.51 -54.04
CA PHE C 329 -35.75 65.37 -53.29
C PHE C 329 -36.68 65.02 -52.15
N VAL C 330 -36.89 63.73 -51.95
CA VAL C 330 -37.73 63.23 -50.87
C VAL C 330 -36.81 62.74 -49.77
N MET C 331 -36.78 63.46 -48.66
CA MET C 331 -35.81 63.26 -47.61
C MET C 331 -36.39 62.31 -46.58
N LEU C 332 -35.95 61.06 -46.61
CA LEU C 332 -36.51 59.94 -45.86
C LEU C 332 -35.70 59.61 -44.62
N LYS C 333 -36.35 58.88 -43.71
CA LYS C 333 -35.75 58.51 -42.44
C LYS C 333 -35.08 57.14 -42.55
N GLY C 334 -33.91 57.02 -41.94
CA GLY C 334 -33.28 55.74 -41.75
C GLY C 334 -32.61 55.21 -43.00
N CYS C 335 -31.85 54.15 -42.82
CA CYS C 335 -31.10 53.56 -43.90
C CYS C 335 -31.99 52.84 -44.88
N VAL C 336 -31.88 53.19 -46.16
CA VAL C 336 -32.82 52.81 -47.19
C VAL C 336 -32.17 51.75 -48.07
N VAL C 337 -32.98 50.80 -48.54
CA VAL C 337 -32.49 49.67 -49.33
C VAL C 337 -31.84 50.14 -50.62
N GLY C 338 -30.58 49.81 -50.80
CA GLY C 338 -29.94 50.01 -52.08
C GLY C 338 -28.63 50.76 -52.02
N THR C 339 -27.84 50.66 -53.08
CA THR C 339 -26.61 51.41 -53.19
C THR C 339 -26.92 52.87 -53.52
N LYS C 340 -25.87 53.68 -53.59
CA LYS C 340 -26.00 54.97 -54.23
C LYS C 340 -26.28 54.77 -55.70
N LYS C 341 -26.99 55.72 -56.30
CA LYS C 341 -27.40 55.71 -57.70
C LYS C 341 -28.30 54.53 -58.03
N ARG C 342 -29.00 53.98 -57.04
CA ARG C 342 -29.92 52.89 -57.28
C ARG C 342 -31.32 53.44 -57.49
N VAL C 343 -32.03 52.88 -58.46
CA VAL C 343 -33.41 53.28 -58.71
C VAL C 343 -34.29 52.69 -57.63
N LEU C 344 -35.06 53.53 -56.96
CA LEU C 344 -35.99 53.08 -55.94
C LEU C 344 -37.40 53.18 -56.48
N THR C 345 -38.35 52.65 -55.71
CA THR C 345 -39.75 52.92 -55.93
C THR C 345 -40.36 53.29 -54.59
N LEU C 346 -41.14 54.35 -54.58
CA LEU C 346 -41.69 54.88 -53.34
C LEU C 346 -43.20 54.64 -53.39
N ARG C 347 -43.67 53.73 -52.56
CA ARG C 347 -45.06 53.31 -52.56
C ARG C 347 -45.73 53.75 -51.28
N LYS C 348 -46.92 54.34 -51.42
CA LYS C 348 -47.75 54.67 -50.27
C LYS C 348 -48.04 53.41 -49.47
N SER C 349 -47.99 53.54 -48.14
CA SER C 349 -48.16 52.37 -47.30
C SER C 349 -49.60 51.92 -47.35
N LEU C 350 -49.79 50.64 -47.58
CA LEU C 350 -51.12 50.07 -47.68
C LEU C 350 -51.71 49.68 -46.33
N LEU C 351 -51.31 50.33 -45.25
CA LEU C 351 -51.82 50.02 -43.92
C LEU C 351 -52.67 51.17 -43.39
N VAL C 352 -53.19 50.98 -42.18
CA VAL C 352 -54.01 51.97 -41.49
C VAL C 352 -53.45 52.11 -40.09
N GLN C 353 -52.96 53.29 -39.74
CA GLN C 353 -52.22 53.44 -38.50
C GLN C 353 -52.54 54.72 -37.77
N THR C 354 -52.52 54.66 -36.44
CA THR C 354 -52.35 55.85 -35.62
C THR C 354 -51.03 55.80 -34.85
N LYS C 355 -50.90 54.93 -33.87
CA LYS C 355 -49.66 54.36 -33.34
C LYS C 355 -48.65 55.33 -32.74
N ARG C 356 -48.83 56.66 -32.89
CA ARG C 356 -48.17 57.72 -32.12
C ARG C 356 -46.64 57.78 -32.29
N ARG C 357 -46.02 56.77 -32.93
CA ARG C 357 -44.66 56.88 -33.46
C ARG C 357 -44.69 57.62 -34.79
N ALA C 358 -45.64 57.25 -35.64
CA ALA C 358 -46.09 58.06 -36.76
C ALA C 358 -47.17 59.01 -36.26
N LEU C 359 -47.72 59.81 -37.19
CA LEU C 359 -48.67 60.90 -36.93
C LEU C 359 -48.12 61.92 -35.93
N GLU C 360 -46.94 62.44 -36.25
CA GLU C 360 -46.49 63.71 -35.67
C GLU C 360 -45.91 64.60 -36.76
N LYS C 361 -46.38 65.84 -36.78
CA LYS C 361 -45.80 66.89 -37.60
C LYS C 361 -44.34 67.13 -37.24
N ILE C 362 -43.55 67.56 -38.21
CA ILE C 362 -42.13 67.79 -38.00
C ILE C 362 -41.81 69.28 -38.06
N ASP C 363 -40.78 69.64 -37.30
CA ASP C 363 -40.18 70.98 -37.28
C ASP C 363 -38.68 70.73 -37.30
N LEU C 364 -38.09 70.64 -38.49
CA LEU C 364 -36.67 70.37 -38.54
C LEU C 364 -35.91 71.65 -38.23
N LYS C 365 -34.69 71.49 -37.75
CA LYS C 365 -33.88 72.65 -37.39
C LYS C 365 -32.69 72.85 -38.30
N PHE C 366 -31.90 71.81 -38.51
CA PHE C 366 -30.53 72.04 -38.99
C PHE C 366 -30.06 70.85 -39.79
N ILE C 367 -30.11 70.97 -41.11
CA ILE C 367 -29.63 69.94 -42.01
C ILE C 367 -28.16 70.24 -42.26
N ASP C 368 -27.27 69.37 -41.81
CA ASP C 368 -25.86 69.62 -42.02
C ASP C 368 -25.44 69.18 -43.41
N THR C 369 -24.52 69.92 -44.00
CA THR C 369 -23.96 69.62 -45.30
C THR C 369 -22.44 69.71 -45.24
N THR C 370 -21.86 69.09 -44.23
CA THR C 370 -20.41 68.97 -44.17
C THR C 370 -19.94 67.98 -45.23
N SER C 371 -18.63 67.94 -45.47
CA SER C 371 -18.08 67.08 -46.51
C SER C 371 -18.22 65.62 -46.12
N LYS C 372 -18.79 64.83 -47.02
CA LYS C 372 -19.01 63.41 -46.75
C LYS C 372 -17.80 62.61 -47.12
N PHE C 373 -17.06 63.11 -48.11
CA PHE C 373 -15.79 62.58 -48.56
C PHE C 373 -14.77 63.06 -47.55
N GLY C 374 -14.45 62.21 -46.59
CA GLY C 374 -13.63 62.63 -45.49
C GLY C 374 -14.47 63.22 -44.38
N HIS C 375 -13.81 63.56 -43.28
CA HIS C 375 -14.51 64.17 -42.16
C HIS C 375 -14.71 65.63 -42.46
N GLY C 376 -15.96 66.07 -42.56
CA GLY C 376 -16.21 67.43 -42.99
C GLY C 376 -16.26 68.47 -41.88
N ARG C 377 -15.31 69.39 -41.88
CA ARG C 377 -15.33 70.44 -40.87
C ARG C 377 -16.35 71.52 -41.21
N PHE C 378 -16.10 72.24 -42.31
CA PHE C 378 -16.77 73.49 -42.61
C PHE C 378 -17.97 73.22 -43.49
N GLN C 379 -19.13 73.74 -43.10
CA GLN C 379 -20.37 73.39 -43.78
C GLN C 379 -20.64 74.28 -44.98
N THR C 380 -20.41 75.57 -44.86
CA THR C 380 -20.73 76.50 -45.92
C THR C 380 -19.46 77.14 -46.45
N MET C 381 -19.44 77.41 -47.76
CA MET C 381 -18.30 78.02 -48.41
C MET C 381 -18.05 79.43 -47.89
N GLU C 382 -19.09 80.12 -47.46
CA GLU C 382 -18.89 81.39 -46.76
C GLU C 382 -18.17 81.19 -45.44
N GLU C 383 -18.49 80.11 -44.72
CA GLU C 383 -17.78 79.83 -43.47
C GLU C 383 -16.32 79.49 -43.72
N LYS C 384 -16.05 78.72 -44.78
CA LYS C 384 -14.70 78.24 -45.02
C LYS C 384 -13.78 79.39 -45.41
N LYS C 385 -14.29 80.33 -46.20
CA LYS C 385 -13.54 81.54 -46.51
C LYS C 385 -13.39 82.43 -45.29
N ALA C 386 -14.40 82.47 -44.43
CA ALA C 386 -14.34 83.39 -43.29
C ALA C 386 -13.37 82.91 -42.23
N PHE C 387 -13.20 81.60 -42.09
CA PHE C 387 -12.46 81.06 -40.94
C PHE C 387 -10.97 80.90 -41.24
N MET C 388 -10.64 80.43 -42.44
CA MET C 388 -9.26 80.13 -42.77
C MET C 388 -8.57 81.26 -43.50
N GLY C 389 -9.33 82.21 -44.06
CA GLY C 389 -8.75 83.34 -44.74
C GLY C 389 -8.39 83.00 -46.16
N PRO C 390 -7.51 83.79 -46.77
CA PRO C 390 -7.09 83.53 -48.15
C PRO C 390 -5.88 82.59 -48.23
N LEU C 391 -5.60 82.16 -49.45
CA LEU C 391 -4.51 81.23 -49.73
C LEU C 391 -3.55 81.81 -50.76
N LYS C 392 -2.59 80.97 -51.17
CA LYS C 392 -1.68 81.27 -52.26
C LYS C 392 -2.27 80.98 -53.62
N LYS C 393 -3.57 81.13 -53.79
CA LYS C 393 -4.15 81.05 -55.12
C LYS C 393 -4.49 82.41 -55.71
N ASP C 394 -4.78 83.41 -54.89
CA ASP C 394 -5.14 84.72 -55.39
C ASP C 394 -3.91 85.54 -55.80
N VAL D 1 36.15 -53.62 28.65
CA VAL D 1 36.92 -53.57 27.43
C VAL D 1 38.39 -53.79 27.75
N ASP D 2 38.89 -53.01 28.71
CA ASP D 2 40.28 -53.00 29.18
C ASP D 2 41.27 -52.82 28.04
N PRO D 3 41.43 -51.62 27.49
CA PRO D 3 42.58 -51.38 26.60
C PRO D 3 43.89 -51.26 27.37
N PHE D 4 43.83 -51.16 28.70
CA PHE D 4 45.01 -51.06 29.56
C PHE D 4 45.64 -52.41 29.86
N SER D 5 45.18 -53.47 29.23
CA SER D 5 46.00 -54.66 29.08
C SER D 5 46.67 -54.73 27.71
N LYS D 6 46.16 -54.00 26.72
CA LYS D 6 46.89 -53.88 25.46
C LYS D 6 48.11 -52.98 25.58
N LYS D 7 48.10 -52.04 26.51
CA LYS D 7 49.14 -51.03 26.52
C LYS D 7 50.44 -51.57 27.11
N ASP D 8 51.53 -51.36 26.39
CA ASP D 8 52.87 -51.70 26.89
C ASP D 8 53.36 -50.56 27.76
N TRP D 9 54.46 -50.79 28.47
CA TRP D 9 54.85 -49.92 29.58
C TRP D 9 56.35 -49.65 29.52
N TYR D 10 56.75 -48.51 28.95
CA TYR D 10 58.16 -48.17 29.01
C TYR D 10 58.46 -47.45 30.33
N ASP D 11 59.74 -47.41 30.69
CA ASP D 11 60.23 -46.58 31.76
C ASP D 11 61.27 -45.63 31.21
N VAL D 12 61.43 -44.48 31.84
CA VAL D 12 62.09 -43.34 31.24
C VAL D 12 63.42 -43.11 31.94
N LYS D 13 64.51 -43.35 31.21
CA LYS D 13 65.82 -42.97 31.71
C LYS D 13 66.00 -41.46 31.63
N ALA D 14 66.41 -40.87 32.73
CA ALA D 14 66.70 -39.46 32.83
C ALA D 14 68.07 -39.18 32.21
N PRO D 15 68.44 -37.92 31.99
CA PRO D 15 69.81 -37.69 31.54
C PRO D 15 70.84 -37.79 32.65
N ALA D 16 72.08 -37.46 32.34
CA ALA D 16 73.14 -37.54 33.32
C ALA D 16 73.07 -36.37 34.30
N MET D 17 74.07 -36.32 35.18
CA MET D 17 74.54 -35.15 35.92
C MET D 17 73.53 -34.61 36.92
N PHE D 18 72.41 -35.28 37.18
CA PHE D 18 71.54 -34.76 38.21
C PHE D 18 71.87 -35.45 39.51
N ASN D 19 71.30 -36.62 39.81
CA ASN D 19 71.95 -37.60 40.67
C ASN D 19 71.50 -39.00 40.28
N ILE D 20 70.28 -39.11 39.77
CA ILE D 20 69.63 -40.38 39.47
C ILE D 20 69.21 -40.35 38.00
N ARG D 21 69.17 -41.52 37.38
CA ARG D 21 68.75 -41.62 35.99
C ARG D 21 67.48 -42.43 35.76
N ASN D 22 66.58 -42.54 36.73
CA ASN D 22 65.29 -43.13 36.48
C ASN D 22 64.21 -42.20 37.01
N ILE D 23 63.15 -41.98 36.23
CA ILE D 23 62.08 -41.06 36.61
C ILE D 23 60.80 -41.79 36.97
N GLY D 24 60.29 -42.61 36.05
CA GLY D 24 59.02 -43.28 36.28
C GLY D 24 58.67 -44.26 35.19
N LYS D 25 57.39 -44.39 34.86
CA LYS D 25 56.97 -45.24 33.76
C LYS D 25 55.87 -44.53 32.96
N THR D 26 55.63 -45.03 31.75
CA THR D 26 54.62 -44.50 30.84
C THR D 26 53.76 -45.63 30.30
N LEU D 27 52.83 -45.28 29.42
CA LEU D 27 51.95 -46.23 28.76
C LEU D 27 51.96 -45.92 27.28
N VAL D 28 52.06 -46.93 26.45
CA VAL D 28 51.98 -46.75 25.01
C VAL D 28 51.57 -48.07 24.37
N THR D 29 50.78 -48.02 23.31
CA THR D 29 50.46 -49.27 22.63
C THR D 29 51.78 -49.59 21.95
N ARG D 30 52.26 -50.82 22.06
CA ARG D 30 53.57 -51.10 21.48
C ARG D 30 53.57 -50.89 19.97
N THR D 31 52.56 -51.46 19.29
CA THR D 31 52.40 -51.33 17.85
C THR D 31 51.06 -51.87 17.39
N GLN D 32 50.63 -51.46 16.20
CA GLN D 32 49.47 -52.06 15.59
C GLN D 32 49.16 -51.36 14.28
N GLY D 33 49.06 -52.15 13.21
CA GLY D 33 48.61 -51.61 11.94
C GLY D 33 49.67 -50.74 11.28
N THR D 34 49.21 -49.60 10.74
CA THR D 34 50.10 -48.62 10.15
C THR D 34 51.03 -48.01 11.20
N LYS D 35 50.55 -47.91 12.44
CA LYS D 35 51.23 -47.20 13.52
C LYS D 35 52.56 -47.84 13.88
N ILE D 36 53.47 -47.01 14.34
CA ILE D 36 54.71 -47.45 14.93
C ILE D 36 54.60 -47.17 16.42
N ALA D 37 55.38 -47.91 17.21
CA ALA D 37 55.36 -47.72 18.65
C ALA D 37 55.92 -46.36 19.04
N SER D 38 57.02 -45.95 18.41
CA SER D 38 57.74 -44.73 18.76
C SER D 38 57.11 -43.47 18.20
N ASP D 39 55.93 -43.57 17.58
CA ASP D 39 55.13 -42.43 17.17
C ASP D 39 54.94 -41.44 18.32
N GLY D 40 54.36 -41.90 19.43
CA GLY D 40 54.11 -41.01 20.54
C GLY D 40 55.32 -40.76 21.43
N LEU D 41 56.32 -41.64 21.37
CA LEU D 41 57.45 -41.57 22.31
C LEU D 41 58.27 -40.30 22.16
N LYS D 42 58.26 -39.68 20.99
CA LYS D 42 59.23 -38.63 20.73
C LYS D 42 58.79 -37.28 21.30
N GLY D 43 57.55 -37.15 21.76
CA GLY D 43 57.05 -35.85 22.14
C GLY D 43 56.42 -35.76 23.51
N ARG D 44 56.34 -36.88 24.23
CA ARG D 44 55.79 -36.85 25.58
C ARG D 44 56.73 -36.12 26.52
N VAL D 45 56.17 -35.20 27.31
CA VAL D 45 56.96 -34.36 28.19
C VAL D 45 56.84 -34.86 29.62
N PHE D 46 57.68 -34.30 30.47
CA PHE D 46 57.65 -34.59 31.89
C PHE D 46 57.93 -33.30 32.62
N GLU D 47 57.13 -33.00 33.62
CA GLU D 47 57.43 -31.90 34.50
C GLU D 47 57.61 -32.50 35.89
N VAL D 48 58.85 -32.85 36.21
CA VAL D 48 59.21 -33.46 37.49
C VAL D 48 60.27 -32.58 38.16
N SER D 49 60.11 -32.38 39.47
CA SER D 49 60.88 -31.40 40.21
C SER D 49 62.16 -32.01 40.76
N LEU D 50 62.90 -31.22 41.53
CA LEU D 50 64.12 -31.68 42.17
C LEU D 50 63.76 -32.31 43.52
N ALA D 51 64.76 -32.47 44.39
CA ALA D 51 64.68 -33.11 45.71
C ALA D 51 64.23 -34.56 45.63
N ASP D 52 64.36 -35.17 44.46
CA ASP D 52 64.55 -36.58 44.25
C ASP D 52 65.66 -36.83 43.25
N LEU D 53 66.02 -35.84 42.44
CA LEU D 53 67.06 -35.91 41.43
C LEU D 53 68.36 -35.22 41.84
N GLN D 54 68.49 -34.75 43.08
CA GLN D 54 69.68 -33.98 43.41
C GLN D 54 70.41 -34.31 44.68
N ASN D 55 69.87 -35.17 45.54
CA ASN D 55 70.24 -35.29 46.94
C ASN D 55 70.16 -33.89 47.59
N ASP D 56 68.91 -33.42 47.63
CA ASP D 56 68.47 -32.26 48.41
C ASP D 56 69.04 -30.91 47.98
N GLU D 57 68.68 -30.46 46.77
CA GLU D 57 68.62 -29.03 46.46
C GLU D 57 67.24 -28.51 46.87
N VAL D 58 66.84 -27.35 46.37
CA VAL D 58 65.49 -26.84 46.61
C VAL D 58 64.44 -27.74 45.96
N ALA D 59 63.35 -28.01 46.69
CA ALA D 59 62.34 -28.96 46.24
C ALA D 59 61.45 -28.40 45.15
N PHE D 60 61.36 -27.09 45.04
CA PHE D 60 60.73 -26.42 43.91
C PHE D 60 61.78 -26.27 42.81
N ARG D 61 61.54 -25.38 41.83
CA ARG D 61 62.38 -25.20 40.64
C ARG D 61 62.42 -26.49 39.80
N LYS D 62 61.28 -26.78 39.20
CA LYS D 62 61.06 -27.97 38.39
C LYS D 62 61.86 -27.94 37.09
N PHE D 63 61.69 -28.98 36.29
CA PHE D 63 62.25 -29.04 34.95
C PHE D 63 61.24 -29.61 33.96
N LYS D 64 61.43 -29.27 32.69
CA LYS D 64 60.64 -29.79 31.59
C LYS D 64 61.53 -30.72 30.79
N LEU D 65 61.30 -32.03 30.90
CA LEU D 65 62.08 -33.06 30.23
C LEU D 65 61.18 -33.81 29.27
N ILE D 66 61.49 -33.74 27.98
CA ILE D 66 60.69 -34.40 26.95
C ILE D 66 61.39 -35.68 26.52
N THR D 67 60.60 -36.74 26.32
CA THR D 67 61.15 -38.04 25.94
C THR D 67 61.69 -37.96 24.52
N GLU D 68 62.95 -38.34 24.33
CA GLU D 68 63.60 -38.02 23.06
C GLU D 68 63.49 -39.14 22.04
N ASP D 69 63.96 -40.35 22.36
CA ASP D 69 64.09 -41.41 21.37
C ASP D 69 63.60 -42.72 21.96
N VAL D 70 63.91 -43.81 21.26
CA VAL D 70 63.53 -45.14 21.68
C VAL D 70 64.79 -45.99 21.82
N GLN D 71 64.88 -46.75 22.92
CA GLN D 71 65.99 -47.68 23.09
C GLN D 71 65.51 -48.80 24.02
N GLY D 72 64.96 -49.86 23.43
CA GLY D 72 64.70 -51.15 24.06
C GLY D 72 64.15 -51.20 25.47
N LYS D 73 62.90 -50.73 25.64
CA LYS D 73 62.12 -50.55 26.86
C LYS D 73 62.60 -49.39 27.72
N ASN D 74 63.77 -48.83 27.44
CA ASN D 74 64.28 -47.67 28.16
C ASN D 74 64.25 -46.50 27.18
N CYS D 75 63.08 -45.91 27.01
CA CYS D 75 62.99 -44.69 26.23
C CYS D 75 63.62 -43.55 27.02
N LEU D 76 64.22 -42.62 26.29
CA LEU D 76 65.23 -41.76 26.85
C LEU D 76 64.91 -40.32 26.49
N THR D 77 65.44 -39.39 27.28
CA THR D 77 65.04 -38.00 27.17
C THR D 77 66.21 -37.04 26.99
N ASN D 78 65.92 -35.74 27.12
CA ASN D 78 66.84 -34.64 26.89
C ASN D 78 66.20 -33.41 27.49
N PHE D 79 67.02 -32.39 27.76
CA PHE D 79 66.54 -31.16 28.39
C PHE D 79 65.65 -30.37 27.45
N HIS D 80 64.56 -29.83 28.01
CA HIS D 80 63.67 -28.98 27.23
C HIS D 80 63.30 -27.71 27.99
N GLY D 81 63.35 -27.72 29.31
CA GLY D 81 62.96 -26.53 30.02
C GLY D 81 63.12 -26.66 31.52
N MET D 82 63.14 -25.49 32.18
CA MET D 82 63.07 -25.35 33.62
C MET D 82 61.90 -24.43 33.96
N ASP D 83 61.09 -24.81 34.95
CA ASP D 83 60.01 -24.00 35.44
C ASP D 83 60.07 -23.95 36.97
N LEU D 84 59.21 -23.12 37.56
CA LEU D 84 58.94 -23.14 38.99
C LEU D 84 57.45 -23.28 39.23
N THR D 85 57.08 -23.35 40.51
CA THR D 85 55.69 -23.55 40.89
C THR D 85 54.99 -22.22 41.13
N ARG D 86 53.67 -22.23 40.97
CA ARG D 86 52.89 -21.01 41.14
C ARG D 86 52.90 -20.53 42.59
N ASP D 87 53.04 -21.43 43.56
CA ASP D 87 53.01 -21.00 44.96
C ASP D 87 54.29 -20.27 45.35
N LYS D 88 55.44 -20.82 44.98
CA LYS D 88 56.70 -20.25 45.42
C LYS D 88 57.04 -19.01 44.63
N MET D 89 56.55 -18.92 43.40
CA MET D 89 56.70 -17.67 42.67
C MET D 89 55.81 -16.60 43.26
N CYS D 90 54.63 -16.98 43.77
CA CYS D 90 53.78 -16.01 44.44
C CYS D 90 54.14 -15.87 45.90
N SER D 91 54.81 -16.86 46.49
CA SER D 91 55.50 -16.65 47.76
C SER D 91 56.65 -15.66 47.57
N MET D 92 57.11 -15.12 48.69
CA MET D 92 58.16 -14.09 48.78
C MET D 92 57.80 -12.81 48.02
N VAL D 93 56.52 -12.56 47.76
CA VAL D 93 56.08 -11.34 47.08
C VAL D 93 55.28 -10.51 48.08
N LYS D 94 55.94 -9.59 48.75
CA LYS D 94 55.26 -8.72 49.70
C LYS D 94 54.86 -7.44 48.98
N LYS D 95 53.84 -6.77 49.53
CA LYS D 95 53.34 -5.53 48.96
C LYS D 95 54.38 -4.42 48.95
N TRP D 96 55.33 -4.44 49.88
CA TRP D 96 56.28 -3.34 50.05
C TRP D 96 57.69 -3.70 49.59
N GLN D 97 57.77 -4.46 48.49
CA GLN D 97 59.02 -4.69 47.79
C GLN D 97 58.81 -4.37 46.33
N THR D 98 59.77 -4.69 45.46
CA THR D 98 59.67 -4.30 44.05
C THR D 98 60.27 -5.39 43.18
N MET D 99 59.55 -5.79 42.14
CA MET D 99 59.86 -6.99 41.37
C MET D 99 60.46 -6.63 40.03
N ILE D 100 61.69 -7.08 39.79
CA ILE D 100 62.51 -6.62 38.68
C ILE D 100 62.83 -7.81 37.77
N GLU D 101 62.24 -7.82 36.58
CA GLU D 101 62.36 -8.90 35.61
C GLU D 101 63.50 -8.65 34.63
N ALA D 102 64.15 -9.73 34.21
CA ALA D 102 65.10 -9.62 33.10
C ALA D 102 65.08 -10.91 32.31
N HIS D 103 65.01 -10.77 30.99
CA HIS D 103 64.87 -11.91 30.12
C HIS D 103 65.59 -11.64 28.82
N VAL D 104 66.28 -12.65 28.29
CA VAL D 104 67.12 -12.43 27.13
C VAL D 104 67.10 -13.67 26.21
N ASP D 105 66.82 -13.42 24.93
CA ASP D 105 66.99 -14.43 23.89
C ASP D 105 68.46 -14.57 23.55
N VAL D 106 68.96 -15.81 23.63
CA VAL D 106 70.40 -16.02 23.64
C VAL D 106 70.68 -17.39 23.07
N LYS D 107 71.78 -17.50 22.35
CA LYS D 107 72.18 -18.72 21.69
C LYS D 107 73.19 -19.43 22.59
N THR D 108 73.10 -20.75 22.70
CA THR D 108 74.20 -21.48 23.30
C THR D 108 75.31 -21.65 22.28
N THR D 109 76.40 -22.33 22.69
CA THR D 109 77.53 -22.51 21.79
C THR D 109 77.16 -23.38 20.61
N ASP D 110 76.52 -24.50 20.87
CA ASP D 110 75.90 -25.29 19.83
C ASP D 110 74.53 -24.72 19.51
N GLY D 111 73.74 -25.44 18.72
CA GLY D 111 72.59 -24.85 18.07
C GLY D 111 71.37 -24.53 18.90
N TYR D 112 71.41 -24.69 20.23
CA TYR D 112 70.22 -24.51 21.03
C TYR D 112 70.08 -23.06 21.48
N LEU D 113 68.95 -22.47 21.16
CA LEU D 113 68.63 -21.10 21.55
C LEU D 113 67.59 -21.19 22.66
N LEU D 114 67.90 -20.63 23.81
CA LEU D 114 67.04 -20.68 24.98
C LEU D 114 66.67 -19.27 25.42
N ARG D 115 65.48 -19.11 25.96
CA ARG D 115 65.07 -17.87 26.62
C ARG D 115 64.88 -18.16 28.09
N LEU D 116 65.64 -17.48 28.93
CA LEU D 116 65.58 -17.66 30.37
C LEU D 116 65.26 -16.32 31.00
N PHE D 117 64.34 -16.35 31.94
CA PHE D 117 63.88 -15.12 32.54
C PHE D 117 64.76 -14.87 33.76
N CYS D 118 64.37 -13.93 34.61
CA CYS D 118 64.96 -13.77 35.93
C CYS D 118 64.06 -12.89 36.77
N VAL D 119 64.04 -13.14 38.07
CA VAL D 119 63.23 -12.36 38.99
C VAL D 119 64.06 -12.02 40.22
N GLY D 120 64.02 -10.75 40.62
CA GLY D 120 64.62 -10.34 41.86
C GLY D 120 63.73 -9.38 42.61
N PHE D 121 63.88 -9.37 43.92
CA PHE D 121 63.19 -8.41 44.77
C PHE D 121 64.25 -7.57 45.44
N THR D 122 63.92 -6.33 45.76
CA THR D 122 64.80 -5.56 46.62
C THR D 122 64.65 -6.06 48.04
N LYS D 123 65.67 -5.80 48.85
CA LYS D 123 65.71 -6.35 50.20
C LYS D 123 65.51 -5.24 51.21
N LYS D 124 64.66 -5.48 52.19
CA LYS D 124 64.68 -4.64 53.38
C LYS D 124 66.01 -4.84 54.10
N ARG D 125 66.85 -3.80 54.04
CA ARG D 125 68.09 -3.77 54.80
C ARG D 125 67.78 -3.86 56.28
N ASN D 126 68.62 -4.59 57.01
CA ASN D 126 68.52 -4.64 58.46
C ASN D 126 68.75 -3.24 59.06
N ASN D 127 68.33 -3.06 60.31
CA ASN D 127 68.26 -1.77 60.99
C ASN D 127 67.40 -0.80 60.21
N GLN D 128 66.10 -1.09 60.12
CA GLN D 128 65.23 -0.30 59.27
C GLN D 128 63.89 -0.04 59.93
N ILE D 129 63.42 1.20 59.83
CA ILE D 129 62.10 1.59 60.24
C ILE D 129 61.25 2.07 59.06
N ARG D 130 61.89 2.74 58.09
CA ARG D 130 61.21 3.23 56.89
C ARG D 130 60.74 2.06 56.03
N LYS D 131 59.44 1.79 56.04
CA LYS D 131 58.91 0.52 55.57
C LYS D 131 58.74 0.45 54.06
N THR D 132 59.00 1.52 53.31
CA THR D 132 58.71 1.47 51.89
C THR D 132 59.76 0.64 51.18
N SER D 133 61.01 1.12 51.18
CA SER D 133 62.20 0.44 50.65
C SER D 133 62.05 0.05 49.18
N TYR D 134 61.91 1.05 48.32
CA TYR D 134 61.83 0.77 46.90
C TYR D 134 63.10 1.25 46.21
N ALA D 135 63.13 1.06 44.90
CA ALA D 135 64.25 1.44 44.06
C ALA D 135 63.86 2.61 43.19
N GLN D 136 64.83 3.49 42.92
CA GLN D 136 64.61 4.79 42.28
C GLN D 136 64.20 4.73 40.82
N HIS D 137 63.99 3.55 40.23
CA HIS D 137 63.59 3.27 38.85
C HIS D 137 64.68 3.59 37.83
N GLN D 138 65.75 4.25 38.24
CA GLN D 138 66.94 4.25 37.41
C GLN D 138 67.83 3.08 37.77
N GLN D 139 67.93 2.75 39.06
CA GLN D 139 68.67 1.54 39.42
C GLN D 139 67.95 0.28 39.01
N VAL D 140 66.64 0.35 38.74
CA VAL D 140 65.97 -0.77 38.10
C VAL D 140 66.42 -0.90 36.66
N ARG D 141 66.60 0.24 35.97
CA ARG D 141 67.13 0.18 34.62
C ARG D 141 68.58 -0.29 34.61
N GLN D 142 69.33 0.06 35.66
CA GLN D 142 70.71 -0.40 35.79
C GLN D 142 70.79 -1.88 36.12
N ILE D 143 69.85 -2.40 36.92
CA ILE D 143 69.96 -3.79 37.37
C ILE D 143 69.33 -4.75 36.36
N ARG D 144 68.46 -4.26 35.48
CA ARG D 144 68.13 -5.05 34.30
C ARG D 144 69.33 -5.18 33.38
N LYS D 145 70.15 -4.13 33.29
CA LYS D 145 71.42 -4.25 32.57
C LYS D 145 72.35 -5.23 33.25
N LYS D 146 72.28 -5.29 34.59
CA LYS D 146 73.18 -6.17 35.34
C LYS D 146 72.88 -7.63 35.07
N MET D 147 71.60 -7.99 35.00
CA MET D 147 71.24 -9.38 34.77
C MET D 147 71.37 -9.74 33.30
N MET D 148 71.00 -8.82 32.40
CA MET D 148 71.09 -9.09 30.98
C MET D 148 72.54 -9.03 30.49
N GLU D 149 73.45 -8.48 31.30
CA GLU D 149 74.89 -8.70 31.10
C GLU D 149 75.27 -10.15 31.36
N ILE D 150 75.08 -10.61 32.60
CA ILE D 150 75.61 -11.89 33.03
C ILE D 150 74.90 -13.04 32.34
N MET D 151 73.59 -12.94 32.15
CA MET D 151 72.86 -14.03 31.50
C MET D 151 73.17 -14.13 30.02
N THR D 152 73.75 -13.10 29.42
CA THR D 152 74.37 -13.30 28.12
C THR D 152 75.73 -13.99 28.27
N ARG D 153 76.63 -13.45 29.09
CA ARG D 153 78.02 -13.91 29.09
C ARG D 153 78.26 -15.09 30.02
N GLU D 154 77.21 -15.67 30.61
CA GLU D 154 77.31 -17.00 31.19
C GLU D 154 76.39 -17.99 30.51
N VAL D 155 75.81 -17.62 29.36
CA VAL D 155 75.06 -18.54 28.51
C VAL D 155 75.58 -18.56 27.08
N GLN D 156 75.90 -17.38 26.51
CA GLN D 156 76.19 -17.27 25.08
C GLN D 156 77.39 -18.09 24.67
N THR D 157 78.51 -17.94 25.37
CA THR D 157 79.67 -18.76 25.09
C THR D 157 79.79 -19.86 26.13
N ASN D 158 78.85 -20.81 26.07
CA ASN D 158 78.79 -21.99 26.94
C ASN D 158 77.88 -23.03 26.29
N ASP D 159 78.00 -24.26 26.76
CA ASP D 159 77.19 -25.39 26.33
C ASP D 159 76.12 -25.72 27.36
N LEU D 160 75.35 -26.76 27.03
CA LEU D 160 74.27 -27.21 27.90
C LEU D 160 74.80 -27.83 29.19
N LYS D 161 75.87 -28.60 29.08
CA LYS D 161 76.46 -29.17 30.29
C LYS D 161 77.11 -28.07 31.13
N GLU D 162 77.49 -26.95 30.50
CA GLU D 162 77.77 -25.76 31.31
C GLU D 162 76.50 -25.20 31.94
N VAL D 163 75.47 -24.94 31.14
CA VAL D 163 74.41 -24.06 31.65
C VAL D 163 73.33 -24.81 32.45
N VAL D 164 73.06 -26.08 32.18
CA VAL D 164 72.08 -26.81 32.99
C VAL D 164 72.67 -27.08 34.36
N ASN D 165 73.99 -27.26 34.44
CA ASN D 165 74.68 -27.29 35.72
C ASN D 165 74.69 -25.93 36.39
N LYS D 166 74.49 -24.85 35.65
CA LYS D 166 74.36 -23.57 36.31
C LYS D 166 72.97 -23.40 36.87
N LEU D 167 72.02 -24.18 36.38
CA LEU D 167 70.66 -24.09 36.90
C LEU D 167 70.54 -24.71 38.27
N ILE D 168 71.27 -25.79 38.55
CA ILE D 168 70.96 -26.61 39.73
C ILE D 168 71.32 -25.90 41.05
N PRO D 169 72.51 -25.34 41.28
CA PRO D 169 72.65 -24.54 42.49
C PRO D 169 72.25 -23.08 42.30
N ASP D 170 71.76 -22.74 41.11
CA ASP D 170 71.57 -21.38 40.62
C ASP D 170 72.86 -20.57 40.79
N SER D 171 73.91 -21.02 40.09
CA SER D 171 75.20 -20.36 40.18
C SER D 171 75.17 -18.99 39.52
N ILE D 172 74.25 -18.77 38.59
CA ILE D 172 74.10 -17.43 38.05
C ILE D 172 73.40 -16.53 39.06
N GLY D 173 72.29 -17.01 39.64
CA GLY D 173 71.49 -16.17 40.51
C GLY D 173 72.16 -15.84 41.83
N LYS D 174 73.04 -16.72 42.30
CA LYS D 174 73.87 -16.38 43.44
C LYS D 174 74.90 -15.31 43.09
N ASP D 175 75.45 -15.36 41.87
CA ASP D 175 76.51 -14.43 41.50
C ASP D 175 75.97 -13.04 41.22
N ILE D 176 74.74 -12.95 40.72
CA ILE D 176 74.11 -11.66 40.51
C ILE D 176 73.82 -11.01 41.85
N GLU D 177 73.54 -11.82 42.88
CA GLU D 177 73.37 -11.28 44.21
C GLU D 177 74.66 -10.73 44.78
N LYS D 178 75.78 -11.41 44.52
CA LYS D 178 77.05 -10.98 45.09
C LYS D 178 77.61 -9.78 44.36
N ALA D 179 77.44 -9.72 43.04
CA ALA D 179 78.00 -8.61 42.28
C ALA D 179 77.27 -7.31 42.55
N CYS D 180 75.96 -7.38 42.73
CA CYS D 180 75.12 -6.19 42.61
C CYS D 180 74.63 -5.71 43.98
N GLN D 181 75.41 -5.88 45.04
CA GLN D 181 75.04 -5.27 46.31
C GLN D 181 75.36 -3.78 46.32
N SER D 182 76.27 -3.32 45.46
CA SER D 182 76.65 -1.92 45.43
C SER D 182 75.59 -1.04 44.77
N ILE D 183 74.61 -1.63 44.11
CA ILE D 183 73.50 -0.91 43.52
C ILE D 183 72.35 -0.84 44.52
N TYR D 184 71.82 -2.00 44.89
CA TYR D 184 70.82 -2.12 45.94
C TYR D 184 70.90 -3.54 46.45
N PRO D 185 70.62 -3.78 47.72
CA PRO D 185 70.58 -5.17 48.19
C PRO D 185 69.35 -5.89 47.69
N LEU D 186 69.53 -7.16 47.33
CA LEU D 186 68.41 -7.93 46.79
C LEU D 186 68.04 -9.09 47.72
N HIS D 187 67.02 -9.83 47.31
CA HIS D 187 66.25 -10.69 48.22
C HIS D 187 65.66 -11.83 47.39
N ASP D 188 66.26 -13.01 47.50
CA ASP D 188 65.76 -14.28 46.94
C ASP D 188 65.58 -14.21 45.42
N VAL D 189 66.70 -14.04 44.74
CA VAL D 189 66.72 -13.91 43.29
C VAL D 189 66.74 -15.30 42.67
N PHE D 190 65.82 -15.54 41.73
CA PHE D 190 65.74 -16.78 40.98
C PHE D 190 65.57 -16.47 39.50
N VAL D 191 65.88 -17.48 38.69
CA VAL D 191 65.77 -17.44 37.23
C VAL D 191 64.32 -17.38 36.76
N ARG D 192 63.47 -18.08 37.52
CA ARG D 192 62.01 -18.23 37.35
C ARG D 192 61.58 -19.11 36.17
N LYS D 193 61.96 -18.76 34.96
CA LYS D 193 61.58 -19.59 33.82
C LYS D 193 62.61 -19.62 32.68
N VAL D 194 62.78 -20.80 32.08
CA VAL D 194 63.67 -20.97 30.93
C VAL D 194 62.90 -21.69 29.85
N LYS D 195 62.86 -21.13 28.64
CA LYS D 195 62.13 -21.79 27.56
C LYS D 195 62.93 -21.99 26.28
N MET D 196 62.95 -23.24 25.80
CA MET D 196 63.65 -23.59 24.57
C MET D 196 62.83 -23.09 23.38
N LEU D 197 63.50 -22.84 22.25
CA LEU D 197 62.80 -22.38 21.07
C LEU D 197 63.39 -22.83 19.74
N LYS D 198 64.68 -23.17 19.67
CA LYS D 198 65.25 -23.70 18.44
C LYS D 198 66.12 -24.90 18.74
N LYS D 199 65.84 -26.00 18.03
CA LYS D 199 66.53 -27.27 18.19
C LYS D 199 66.88 -27.72 16.78
N PRO D 200 68.11 -27.50 16.32
CA PRO D 200 68.39 -27.65 14.88
C PRO D 200 68.53 -29.08 14.39
N LYS D 201 69.12 -29.95 15.21
CA LYS D 201 69.54 -31.26 14.76
C LYS D 201 69.22 -32.29 15.83
N PHE D 202 68.93 -33.52 15.40
CA PHE D 202 68.58 -34.60 16.31
C PHE D 202 69.78 -35.05 17.13
N GLU D 203 70.82 -35.58 16.45
CA GLU D 203 72.13 -35.90 17.03
C GLU D 203 72.05 -36.88 18.20
N LEU D 204 71.65 -38.11 17.89
CA LEU D 204 71.63 -39.14 18.94
C LEU D 204 73.04 -39.57 19.34
N GLY D 205 74.04 -39.29 18.51
CA GLY D 205 75.41 -39.46 18.96
C GLY D 205 75.77 -38.45 20.04
N LYS D 206 75.23 -37.24 19.95
CA LYS D 206 75.35 -36.28 21.04
C LYS D 206 74.47 -36.67 22.23
N LEU D 207 73.40 -37.40 21.98
CA LEU D 207 72.48 -37.77 23.05
C LEU D 207 73.04 -38.90 23.92
N MET D 208 73.65 -39.91 23.30
CA MET D 208 74.19 -41.01 24.09
C MET D 208 75.45 -40.59 24.84
N GLU D 209 76.26 -39.72 24.24
CA GLU D 209 77.44 -39.19 24.91
C GLU D 209 77.06 -38.36 26.11
N LEU D 210 75.87 -37.77 26.08
CA LEU D 210 75.28 -37.07 27.22
C LEU D 210 74.89 -38.03 28.34
N HIS D 211 74.93 -39.34 28.10
CA HIS D 211 74.62 -40.36 29.09
C HIS D 211 75.78 -41.30 29.38
N GLY D 212 76.61 -41.63 28.40
CA GLY D 212 77.77 -42.47 28.67
C GLY D 212 78.63 -42.71 27.44
N CYS E 1 -19.53 -76.44 -95.32
CA CYS E 1 -18.80 -77.69 -95.45
C CYS E 1 -18.77 -78.19 -96.90
N ALA E 2 -19.44 -77.47 -97.81
CA ALA E 2 -19.43 -77.77 -99.24
C ALA E 2 -18.62 -76.68 -99.93
N ARG E 3 -17.54 -77.08 -100.59
CA ARG E 3 -16.46 -76.17 -100.98
C ARG E 3 -16.29 -76.20 -102.49
N PRO E 4 -16.56 -75.13 -103.20
CA PRO E 4 -16.46 -75.13 -104.66
C PRO E 4 -15.02 -75.04 -105.12
N LEU E 5 -14.84 -74.96 -106.43
CA LEU E 5 -13.51 -74.87 -107.03
C LEU E 5 -13.33 -73.50 -107.67
N ILE E 6 -12.10 -73.00 -107.62
CA ILE E 6 -11.75 -71.69 -108.18
C ILE E 6 -10.61 -71.89 -109.17
N SER E 7 -10.76 -71.30 -110.36
CA SER E 7 -9.79 -71.45 -111.43
C SER E 7 -8.47 -70.79 -111.09
N VAL E 8 -7.48 -71.04 -111.92
CA VAL E 8 -6.16 -70.43 -111.80
C VAL E 8 -5.87 -69.69 -113.08
N TYR E 9 -5.84 -68.38 -113.01
CA TYR E 9 -5.76 -67.54 -114.19
C TYR E 9 -4.31 -67.38 -114.67
N SER E 10 -4.18 -67.09 -115.96
CA SER E 10 -2.87 -66.98 -116.58
C SER E 10 -2.34 -65.56 -116.37
N GLU E 11 -1.30 -65.24 -117.12
CA GLU E 11 -0.72 -63.90 -117.14
C GLU E 11 -1.49 -62.94 -118.02
N LYS E 12 -2.59 -63.38 -118.63
CA LYS E 12 -3.32 -62.57 -119.59
C LYS E 12 -4.77 -62.40 -119.22
N GLY E 13 -5.16 -62.75 -118.00
CA GLY E 13 -6.56 -62.68 -117.63
C GLY E 13 -7.38 -63.79 -118.23
N GLU E 14 -6.82 -65.00 -118.28
CA GLU E 14 -7.42 -66.10 -119.01
C GLU E 14 -7.21 -67.38 -118.21
N SER E 15 -8.19 -68.27 -118.27
CA SER E 15 -8.20 -69.46 -117.45
C SER E 15 -7.10 -70.43 -117.86
N SER E 16 -6.74 -71.28 -116.92
CA SER E 16 -5.94 -72.46 -117.20
C SER E 16 -6.70 -73.69 -116.73
N GLY E 17 -6.29 -74.84 -117.24
CA GLY E 17 -7.02 -76.07 -116.94
C GLY E 17 -6.89 -76.53 -115.50
N LYS E 18 -5.96 -75.96 -114.74
CA LYS E 18 -5.82 -76.26 -113.33
C LYS E 18 -6.94 -75.57 -112.56
N ASN E 19 -7.41 -76.23 -111.50
CA ASN E 19 -8.49 -75.72 -110.67
C ASN E 19 -8.18 -76.07 -109.22
N VAL E 20 -8.17 -75.08 -108.34
CA VAL E 20 -7.87 -75.29 -106.93
C VAL E 20 -9.19 -75.35 -106.17
N THR E 21 -9.27 -76.25 -105.19
CA THR E 21 -10.40 -76.27 -104.29
C THR E 21 -10.31 -75.09 -103.32
N LEU E 22 -11.41 -74.39 -103.17
CA LEU E 22 -11.52 -73.25 -102.29
C LEU E 22 -11.26 -73.62 -100.84
N PRO E 23 -10.17 -73.15 -100.23
CA PRO E 23 -9.83 -73.59 -98.88
C PRO E 23 -10.78 -73.06 -97.83
N ALA E 24 -10.76 -73.72 -96.67
CA ALA E 24 -11.87 -73.61 -95.74
C ALA E 24 -11.92 -72.29 -94.99
N VAL E 25 -10.93 -71.41 -95.14
CA VAL E 25 -11.00 -70.10 -94.49
C VAL E 25 -12.06 -69.25 -95.15
N PHE E 26 -12.35 -69.49 -96.41
CA PHE E 26 -13.33 -68.66 -97.10
C PHE E 26 -14.75 -69.12 -96.89
N LYS E 27 -14.97 -70.03 -95.95
CA LYS E 27 -16.31 -70.38 -95.52
C LYS E 27 -16.57 -69.95 -94.09
N ALA E 28 -15.51 -69.58 -93.36
CA ALA E 28 -15.46 -69.16 -91.97
C ALA E 28 -16.35 -67.95 -91.70
N PRO E 29 -16.70 -67.64 -90.45
CA PRO E 29 -17.59 -66.51 -90.18
C PRO E 29 -17.01 -65.17 -90.57
N ILE E 30 -17.91 -64.28 -90.97
CA ILE E 30 -17.57 -62.90 -91.25
C ILE E 30 -17.99 -62.09 -90.04
N ARG E 31 -17.03 -61.60 -89.27
CA ARG E 31 -17.31 -60.85 -88.05
C ARG E 31 -16.58 -59.53 -88.11
N PRO E 32 -17.20 -58.50 -88.69
CA PRO E 32 -16.64 -57.15 -88.59
C PRO E 32 -16.67 -56.59 -87.19
N ASP E 33 -17.37 -57.23 -86.27
CA ASP E 33 -17.33 -56.85 -84.87
C ASP E 33 -15.94 -57.09 -84.30
N ILE E 34 -15.47 -58.33 -84.40
CA ILE E 34 -14.18 -58.75 -83.85
C ILE E 34 -13.03 -58.12 -84.61
N VAL E 35 -13.23 -57.82 -85.89
CA VAL E 35 -12.22 -57.03 -86.60
C VAL E 35 -12.14 -55.64 -86.01
N ASN E 36 -13.29 -55.03 -85.72
CA ASN E 36 -13.32 -53.65 -85.23
C ASN E 36 -12.80 -53.55 -83.80
N PHE E 37 -12.84 -54.65 -83.06
CA PHE E 37 -12.17 -54.65 -81.76
C PHE E 37 -10.68 -54.87 -81.91
N VAL E 38 -10.28 -55.86 -82.70
CA VAL E 38 -8.88 -56.20 -82.81
C VAL E 38 -8.12 -55.13 -83.59
N HIS E 39 -8.74 -54.56 -84.62
CA HIS E 39 -8.10 -53.45 -85.33
C HIS E 39 -7.94 -52.25 -84.43
N THR E 40 -8.89 -52.03 -83.54
CA THR E 40 -8.78 -50.88 -82.65
C THR E 40 -7.62 -51.03 -81.69
N ASN E 41 -7.35 -52.24 -81.21
CA ASN E 41 -6.22 -52.35 -80.31
C ASN E 41 -4.89 -52.51 -81.04
N LEU E 42 -4.86 -53.20 -82.18
CA LEU E 42 -3.57 -53.42 -82.83
C LEU E 42 -3.05 -52.21 -83.54
N ARG E 43 -3.91 -51.25 -83.87
CA ARG E 43 -3.41 -49.98 -84.37
C ARG E 43 -2.66 -49.21 -83.29
N LYS E 44 -3.00 -49.43 -82.02
CA LYS E 44 -2.41 -48.65 -80.93
C LYS E 44 -0.99 -49.06 -80.60
N ASN E 45 -0.56 -50.28 -80.97
CA ASN E 45 0.80 -50.73 -80.67
C ASN E 45 1.82 -49.91 -81.43
N ASN E 46 1.40 -49.34 -82.53
CA ASN E 46 2.27 -48.66 -83.46
C ASN E 46 2.95 -47.45 -82.84
N ARG E 47 2.23 -46.72 -82.00
CA ARG E 47 2.59 -45.34 -81.70
C ARG E 47 3.76 -45.22 -80.75
N GLN E 48 4.54 -44.17 -80.96
CA GLN E 48 5.59 -43.74 -80.08
C GLN E 48 4.98 -42.97 -78.92
N PRO E 49 5.71 -42.77 -77.81
CA PRO E 49 5.07 -42.12 -76.65
C PRO E 49 4.70 -40.68 -76.82
N TYR E 50 5.32 -39.90 -77.72
CA TYR E 50 4.84 -38.57 -78.11
C TYR E 50 4.84 -37.52 -76.98
N ALA E 51 5.85 -36.66 -77.04
CA ALA E 51 6.29 -35.58 -76.14
C ALA E 51 5.66 -35.42 -74.77
N VAL E 52 6.55 -35.12 -73.86
CA VAL E 52 6.23 -34.96 -72.46
C VAL E 52 6.80 -33.61 -72.02
N SER E 53 6.10 -32.97 -71.11
CA SER E 53 6.68 -31.84 -70.39
C SER E 53 7.88 -32.25 -69.53
N GLU E 54 7.66 -33.13 -68.54
CA GLU E 54 8.60 -33.88 -67.70
C GLU E 54 9.32 -33.09 -66.61
N LEU E 55 9.37 -31.76 -66.73
CA LEU E 55 10.20 -30.80 -65.99
C LEU E 55 10.09 -29.54 -66.82
N ALA E 56 10.38 -28.39 -66.20
CA ALA E 56 10.42 -27.09 -66.88
C ALA E 56 9.09 -26.76 -67.56
N GLY E 57 7.99 -27.27 -67.02
CA GLY E 57 6.75 -26.57 -67.17
C GLY E 57 6.81 -25.31 -66.34
N HIS E 58 7.47 -25.40 -65.19
CA HIS E 58 7.81 -24.27 -64.35
C HIS E 58 9.27 -24.41 -63.92
N GLN E 59 10.19 -23.85 -64.70
CA GLN E 59 11.55 -23.71 -64.19
C GLN E 59 11.57 -22.65 -63.09
N THR E 60 10.68 -21.66 -63.18
CA THR E 60 10.61 -20.45 -62.35
C THR E 60 10.43 -20.68 -60.85
N SER E 61 10.65 -19.61 -60.08
CA SER E 61 10.59 -19.62 -58.63
C SER E 61 9.72 -18.46 -58.18
N ALA E 62 8.67 -18.75 -57.40
CA ALA E 62 7.75 -17.71 -56.98
C ALA E 62 7.04 -18.11 -55.70
N GLU E 63 6.68 -17.11 -54.89
CA GLU E 63 5.74 -17.24 -53.79
C GLU E 63 4.69 -16.15 -53.95
N SER E 64 3.60 -16.28 -53.22
CA SER E 64 2.46 -15.40 -53.40
C SER E 64 2.45 -14.29 -52.37
N TRP E 65 1.93 -13.13 -52.79
CA TRP E 65 1.82 -11.99 -51.89
C TRP E 65 0.81 -12.26 -50.79
N GLY E 66 -0.41 -12.61 -51.18
CA GLY E 66 -1.43 -12.93 -50.20
C GLY E 66 -2.52 -11.90 -50.04
N THR E 67 -2.51 -11.24 -48.90
CA THR E 67 -3.66 -10.45 -48.48
C THR E 67 -3.51 -8.98 -48.85
N GLY E 68 -2.60 -8.28 -48.18
CA GLY E 68 -2.59 -6.83 -48.30
C GLY E 68 -1.96 -6.38 -49.59
N ARG E 69 -2.74 -6.52 -50.67
CA ARG E 69 -2.65 -5.98 -52.02
C ARG E 69 -3.86 -6.53 -52.75
N ALA E 70 -4.38 -5.88 -53.78
CA ALA E 70 -5.71 -6.26 -54.25
C ALA E 70 -5.68 -7.31 -55.34
N VAL E 71 -4.56 -7.98 -55.56
CA VAL E 71 -4.41 -8.75 -56.80
C VAL E 71 -5.21 -10.05 -56.76
N ALA E 72 -4.64 -11.12 -56.19
CA ALA E 72 -5.12 -12.49 -56.34
C ALA E 72 -4.15 -13.37 -55.57
N ARG E 73 -4.40 -14.68 -55.51
CA ARG E 73 -3.46 -15.52 -54.78
C ARG E 73 -2.70 -16.50 -55.66
N ILE E 74 -2.57 -16.24 -56.95
CA ILE E 74 -1.65 -17.01 -57.78
C ILE E 74 -0.25 -16.63 -57.32
N PRO E 75 0.73 -17.54 -57.33
CA PRO E 75 2.12 -17.12 -57.08
C PRO E 75 2.61 -16.09 -58.09
N ARG E 76 3.39 -15.14 -57.60
CA ARG E 76 3.91 -14.07 -58.43
C ARG E 76 5.41 -14.12 -58.33
N VAL E 77 6.10 -13.97 -59.46
CA VAL E 77 7.55 -14.14 -59.49
C VAL E 77 8.24 -13.02 -58.74
N ARG E 78 9.43 -13.31 -58.23
CA ARG E 78 10.10 -12.45 -57.27
C ARG E 78 11.20 -11.65 -57.94
N GLY E 79 11.21 -10.35 -57.70
CA GLY E 79 12.17 -9.44 -58.30
C GLY E 79 11.56 -8.14 -58.78
N GLY E 80 12.22 -7.50 -59.74
CA GLY E 80 11.72 -6.26 -60.31
C GLY E 80 12.47 -5.97 -61.58
N GLY E 81 12.10 -4.87 -62.23
CA GLY E 81 12.87 -4.37 -63.34
C GLY E 81 12.56 -5.04 -64.66
N THR E 82 12.88 -6.31 -64.77
CA THR E 82 12.40 -7.07 -65.91
C THR E 82 10.90 -7.24 -65.78
N HIS E 83 10.18 -6.91 -66.84
CA HIS E 83 8.74 -6.73 -66.66
C HIS E 83 7.96 -8.02 -66.66
N ARG E 84 8.62 -9.18 -66.58
CA ARG E 84 7.88 -10.35 -66.15
C ARG E 84 7.78 -10.40 -64.64
N SER E 85 8.61 -9.64 -63.92
CA SER E 85 8.56 -9.65 -62.46
C SER E 85 7.27 -9.01 -61.98
N GLY E 86 6.52 -9.76 -61.19
CA GLY E 86 5.21 -9.34 -60.77
C GLY E 86 4.09 -10.07 -61.46
N GLN E 87 4.37 -10.77 -62.56
CA GLN E 87 3.31 -11.42 -63.32
C GLN E 87 2.89 -12.72 -62.65
N GLY E 88 2.02 -13.45 -63.35
CA GLY E 88 1.52 -14.70 -62.83
C GLY E 88 2.48 -15.82 -63.11
N ALA E 89 2.78 -16.59 -62.09
CA ALA E 89 3.69 -17.72 -62.19
C ALA E 89 2.88 -18.97 -62.51
N PHE E 90 3.46 -20.12 -62.18
CA PHE E 90 2.97 -21.44 -62.56
C PHE E 90 1.53 -21.71 -62.13
N GLY E 91 0.98 -22.75 -62.72
CA GLY E 91 -0.42 -23.09 -62.63
C GLY E 91 -0.98 -23.28 -64.02
N ASN E 92 -2.27 -23.58 -64.06
CA ASN E 92 -2.92 -23.72 -65.36
C ASN E 92 -3.07 -22.38 -66.02
N MET E 93 -3.74 -21.46 -65.34
CA MET E 93 -4.43 -20.37 -66.00
C MET E 93 -3.56 -19.17 -66.26
N CYS E 94 -2.24 -19.34 -66.29
CA CYS E 94 -1.35 -18.23 -66.50
C CYS E 94 -0.56 -18.39 -67.80
N ARG E 95 -0.07 -17.26 -68.30
CA ARG E 95 0.94 -17.29 -69.34
C ARG E 95 2.16 -17.99 -68.79
N GLY E 96 2.69 -18.95 -69.54
CA GLY E 96 3.89 -19.64 -69.11
C GLY E 96 3.71 -20.53 -67.89
N GLY E 97 2.50 -20.88 -67.56
CA GLY E 97 2.30 -21.88 -66.55
C GLY E 97 2.40 -23.26 -67.13
N ARG E 98 2.44 -24.25 -66.24
CA ARG E 98 2.43 -25.62 -66.70
C ARG E 98 1.03 -25.99 -67.16
N MET E 99 0.93 -27.16 -67.78
CA MET E 99 -0.39 -27.60 -68.15
C MET E 99 -1.03 -28.37 -67.01
N PHE E 100 -2.28 -28.77 -67.23
CA PHE E 100 -3.04 -29.52 -66.26
C PHE E 100 -2.75 -31.00 -66.40
N ALA E 101 -2.14 -31.58 -65.35
CA ALA E 101 -1.63 -32.94 -65.29
C ALA E 101 -0.72 -33.15 -66.47
N PRO E 102 0.51 -32.63 -66.43
CA PRO E 102 1.42 -32.70 -67.57
C PRO E 102 1.65 -34.13 -68.00
N THR E 103 1.39 -34.38 -69.30
CA THR E 103 1.24 -35.72 -69.86
C THR E 103 2.49 -36.53 -69.60
N LYS E 104 2.32 -37.81 -69.35
CA LYS E 104 3.43 -38.61 -68.89
C LYS E 104 3.76 -39.70 -69.89
N THR E 105 5.05 -39.94 -70.06
CA THR E 105 5.55 -40.93 -70.98
C THR E 105 5.10 -42.33 -70.63
N TRP E 106 4.75 -42.59 -69.38
CA TRP E 106 4.36 -43.92 -68.95
C TRP E 106 2.86 -44.14 -69.03
N ARG E 107 2.20 -43.49 -69.97
CA ARG E 107 0.82 -43.83 -70.31
C ARG E 107 0.78 -45.24 -70.89
N ARG E 108 -0.39 -45.85 -70.84
CA ARG E 108 -0.54 -47.21 -71.35
C ARG E 108 -0.76 -47.16 -72.86
N TRP E 109 0.33 -47.15 -73.61
CA TRP E 109 0.22 -46.99 -75.05
C TRP E 109 -0.13 -48.30 -75.71
N HIS E 110 0.62 -49.33 -75.39
CA HIS E 110 0.54 -50.55 -76.13
C HIS E 110 -0.57 -51.40 -75.57
N ARG E 111 -1.27 -52.09 -76.44
CA ARG E 111 -2.36 -52.94 -76.04
C ARG E 111 -2.06 -54.37 -76.43
N ARG E 112 -2.35 -55.26 -75.51
CA ARG E 112 -2.17 -56.69 -75.68
C ARG E 112 -3.49 -57.29 -76.13
N VAL E 113 -3.44 -58.23 -77.07
CA VAL E 113 -4.64 -58.90 -77.57
C VAL E 113 -4.37 -60.40 -77.58
N ASN E 114 -5.38 -61.18 -77.20
CA ASN E 114 -5.33 -62.64 -77.19
C ASN E 114 -4.93 -63.19 -78.56
N THR E 115 -4.20 -64.29 -78.54
CA THR E 115 -3.72 -64.89 -79.78
C THR E 115 -4.80 -65.65 -80.52
N THR E 116 -5.86 -66.07 -79.85
CA THR E 116 -6.92 -66.68 -80.63
C THR E 116 -7.78 -65.62 -81.30
N GLN E 117 -7.93 -64.44 -80.70
CA GLN E 117 -8.79 -63.42 -81.29
C GLN E 117 -8.14 -62.79 -82.52
N LYS E 118 -6.82 -62.58 -82.47
CA LYS E 118 -6.09 -62.09 -83.64
C LYS E 118 -6.28 -63.04 -84.81
N ARG E 119 -6.05 -64.33 -84.57
CA ARG E 119 -6.29 -65.33 -85.60
C ARG E 119 -7.76 -65.43 -85.96
N TYR E 120 -8.65 -65.08 -85.03
CA TYR E 120 -10.06 -65.01 -85.42
C TYR E 120 -10.27 -63.87 -86.39
N ALA E 121 -9.53 -62.78 -86.21
CA ALA E 121 -9.73 -61.61 -87.04
C ALA E 121 -9.17 -61.82 -88.43
N ILE E 122 -8.04 -62.52 -88.54
CA ILE E 122 -7.50 -62.87 -89.85
C ILE E 122 -8.45 -63.82 -90.56
N CYS E 123 -9.00 -64.79 -89.82
CA CYS E 123 -9.97 -65.71 -90.41
C CYS E 123 -11.21 -64.99 -90.89
N SER E 124 -11.62 -63.94 -90.20
CA SER E 124 -12.82 -63.24 -90.65
C SER E 124 -12.52 -62.32 -91.83
N ALA E 125 -11.38 -61.65 -91.80
CA ALA E 125 -11.07 -60.65 -92.83
C ALA E 125 -10.74 -61.30 -94.16
N LEU E 126 -10.16 -62.50 -94.11
CA LEU E 126 -10.00 -63.26 -95.33
C LEU E 126 -11.34 -63.72 -95.88
N ALA E 127 -12.31 -63.99 -95.00
CA ALA E 127 -13.60 -64.48 -95.44
C ALA E 127 -14.42 -63.39 -96.13
N ALA E 128 -14.21 -62.13 -95.75
CA ALA E 128 -14.91 -61.05 -96.42
C ALA E 128 -14.37 -60.83 -97.82
N SER E 129 -13.12 -61.14 -98.05
CA SER E 129 -12.48 -60.91 -99.35
C SER E 129 -12.78 -61.98 -100.37
N ALA E 130 -13.84 -62.78 -100.18
CA ALA E 130 -14.29 -63.72 -101.19
C ALA E 130 -15.70 -63.42 -101.67
N LEU E 131 -16.30 -62.33 -101.24
CA LEU E 131 -17.62 -61.94 -101.70
C LEU E 131 -17.54 -60.63 -102.47
N PRO E 132 -18.04 -60.58 -103.72
CA PRO E 132 -17.93 -59.33 -104.48
C PRO E 132 -18.80 -58.21 -103.94
N ALA E 133 -19.88 -58.50 -103.24
CA ALA E 133 -20.70 -57.44 -102.69
C ALA E 133 -19.96 -56.68 -101.61
N LEU E 134 -19.32 -57.40 -100.70
CA LEU E 134 -18.58 -56.78 -99.61
C LEU E 134 -17.39 -55.99 -100.12
N VAL E 135 -16.70 -56.51 -101.12
CA VAL E 135 -15.44 -55.88 -101.49
C VAL E 135 -15.69 -54.66 -102.37
N MET E 136 -16.77 -54.66 -103.15
CA MET E 136 -17.20 -53.42 -103.78
C MET E 136 -17.75 -52.45 -102.74
N SER E 137 -18.28 -52.97 -101.62
CA SER E 137 -18.80 -52.08 -100.59
C SER E 137 -17.70 -51.38 -99.83
N LYS E 138 -16.48 -51.94 -99.83
CA LYS E 138 -15.37 -51.16 -99.31
C LYS E 138 -15.03 -50.02 -100.26
N GLY E 139 -15.17 -50.23 -101.56
CA GLY E 139 -14.99 -49.15 -102.50
C GLY E 139 -14.19 -49.51 -103.72
N HIS E 140 -13.74 -50.76 -103.79
CA HIS E 140 -12.89 -51.22 -104.88
C HIS E 140 -13.68 -51.40 -106.18
N ARG E 141 -12.94 -51.36 -107.28
CA ARG E 141 -13.51 -51.45 -108.63
C ARG E 141 -13.32 -52.86 -109.14
N ILE E 142 -14.35 -53.69 -109.01
CA ILE E 142 -14.29 -55.07 -109.44
C ILE E 142 -15.29 -55.34 -110.57
N GLU E 143 -15.82 -54.28 -111.20
CA GLU E 143 -16.96 -54.46 -112.11
C GLU E 143 -16.64 -55.28 -113.37
N GLU E 144 -15.38 -55.28 -113.79
CA GLU E 144 -14.96 -56.03 -114.98
C GLU E 144 -13.91 -57.07 -114.65
N VAL E 145 -13.72 -57.29 -113.35
CA VAL E 145 -12.72 -58.22 -112.85
C VAL E 145 -13.10 -59.67 -113.09
N PRO E 146 -12.09 -60.57 -113.04
CA PRO E 146 -12.14 -62.03 -113.14
C PRO E 146 -12.74 -62.57 -111.85
N GLU E 147 -13.21 -63.81 -111.84
CA GLU E 147 -13.94 -64.30 -110.67
C GLU E 147 -13.18 -64.16 -109.36
N LEU E 148 -13.93 -63.96 -108.27
CA LEU E 148 -13.33 -63.74 -106.97
C LEU E 148 -12.47 -64.86 -106.46
N PRO E 149 -11.49 -64.48 -105.64
CA PRO E 149 -10.23 -64.66 -104.95
C PRO E 149 -9.11 -64.53 -105.94
N LEU E 150 -9.32 -65.06 -107.15
CA LEU E 150 -8.43 -64.97 -108.31
C LEU E 150 -6.99 -65.43 -108.14
N VAL E 151 -6.73 -66.63 -108.60
CA VAL E 151 -5.41 -67.18 -108.35
C VAL E 151 -4.59 -66.94 -109.59
N VAL E 152 -3.56 -66.13 -109.45
CA VAL E 152 -2.56 -66.03 -110.49
C VAL E 152 -1.46 -67.04 -110.20
N GLU E 153 -0.75 -67.43 -111.27
CA GLU E 153 0.25 -68.48 -111.26
C GLU E 153 1.39 -68.21 -110.30
N ASP E 154 2.10 -69.27 -109.89
CA ASP E 154 3.35 -69.12 -109.16
C ASP E 154 4.49 -68.63 -110.03
N LYS E 155 4.28 -68.55 -111.35
CA LYS E 155 5.25 -67.92 -112.24
C LYS E 155 5.36 -66.42 -112.02
N VAL E 156 4.42 -65.82 -111.29
CA VAL E 156 4.39 -64.38 -111.07
C VAL E 156 5.53 -63.95 -110.18
N GLU E 157 5.85 -64.76 -109.18
CA GLU E 157 6.74 -64.33 -108.11
C GLU E 157 8.22 -64.31 -108.52
N GLY E 158 8.53 -64.39 -109.81
CA GLY E 158 9.86 -64.14 -110.31
C GLY E 158 9.90 -63.06 -111.37
N TYR E 159 9.13 -61.99 -111.21
CA TYR E 159 9.20 -60.86 -112.12
C TYR E 159 10.30 -59.90 -111.73
N LYS E 160 10.85 -59.22 -112.74
CA LYS E 160 12.00 -58.35 -112.54
C LYS E 160 11.64 -56.88 -112.80
N LYS E 161 11.25 -56.54 -114.02
CA LYS E 161 10.94 -55.16 -114.35
C LYS E 161 9.52 -54.83 -113.92
N THR E 162 9.12 -53.57 -114.07
CA THR E 162 7.81 -53.15 -113.61
C THR E 162 6.87 -52.81 -114.74
N LYS E 163 7.33 -52.81 -115.99
CA LYS E 163 6.38 -52.89 -117.09
C LYS E 163 5.62 -54.19 -117.05
N GLU E 164 6.27 -55.24 -116.52
CA GLU E 164 5.65 -56.53 -116.31
C GLU E 164 4.58 -56.47 -115.23
N ALA E 165 4.65 -55.50 -114.32
CA ALA E 165 3.53 -55.22 -113.42
C ALA E 165 2.36 -54.62 -114.17
N VAL E 166 2.63 -53.57 -114.95
CA VAL E 166 1.59 -52.80 -115.59
C VAL E 166 0.90 -53.61 -116.68
N LEU E 167 1.68 -54.44 -117.37
CA LEU E 167 1.07 -55.33 -118.36
C LEU E 167 0.28 -56.44 -117.68
N LEU E 168 0.65 -56.78 -116.45
CA LEU E 168 -0.15 -57.76 -115.71
C LEU E 168 -1.50 -57.18 -115.30
N LEU E 169 -1.48 -56.02 -114.62
CA LEU E 169 -2.69 -55.52 -114.00
C LEU E 169 -3.67 -54.99 -115.03
N LYS E 170 -3.20 -54.58 -116.20
CA LYS E 170 -4.12 -54.23 -117.27
C LYS E 170 -4.71 -55.46 -117.93
N LYS E 171 -4.06 -56.62 -117.83
CA LYS E 171 -4.63 -57.84 -118.37
C LYS E 171 -5.51 -58.57 -117.39
N LEU E 172 -5.34 -58.34 -116.09
CA LEU E 172 -6.21 -58.93 -115.09
C LEU E 172 -7.40 -58.06 -114.74
N LYS E 173 -7.51 -56.89 -115.38
CA LYS E 173 -8.55 -55.90 -115.13
C LYS E 173 -8.53 -55.39 -113.70
N ALA E 174 -7.36 -55.40 -113.07
CA ALA E 174 -7.17 -54.72 -111.81
C ALA E 174 -6.61 -53.33 -111.98
N TRP E 175 -6.30 -52.92 -113.21
CA TRP E 175 -5.68 -51.62 -113.41
C TRP E 175 -6.66 -50.48 -113.20
N ASN E 176 -7.95 -50.76 -113.26
CA ASN E 176 -8.96 -49.75 -112.96
C ASN E 176 -8.88 -49.28 -111.52
N ASP E 177 -8.43 -50.15 -110.61
CA ASP E 177 -8.32 -49.78 -109.21
C ASP E 177 -7.12 -48.87 -108.98
N ILE E 178 -6.02 -49.11 -109.68
CA ILE E 178 -4.84 -48.28 -109.52
C ILE E 178 -5.08 -46.90 -110.09
N LYS E 179 -5.87 -46.81 -111.15
CA LYS E 179 -6.12 -45.54 -111.82
C LYS E 179 -7.03 -44.66 -110.97
N LYS E 180 -7.75 -45.26 -110.01
CA LYS E 180 -8.39 -44.50 -108.94
C LYS E 180 -7.36 -43.91 -107.98
N VAL E 181 -6.32 -44.68 -107.64
CA VAL E 181 -5.32 -44.22 -106.68
C VAL E 181 -4.49 -43.10 -107.27
N TYR E 182 -4.27 -43.11 -108.58
CA TYR E 182 -3.70 -41.94 -109.24
C TYR E 182 -4.60 -40.72 -109.09
N ALA E 183 -5.91 -40.91 -109.22
CA ALA E 183 -6.82 -39.80 -109.02
C ALA E 183 -6.95 -39.40 -107.55
N SER E 184 -6.57 -40.30 -106.64
CA SER E 184 -6.64 -40.01 -105.21
C SER E 184 -5.24 -40.04 -104.62
N GLN E 185 -4.50 -38.98 -104.84
CA GLN E 185 -3.23 -38.77 -104.16
C GLN E 185 -3.13 -37.30 -103.79
N ARG E 186 -4.26 -36.77 -103.32
CA ARG E 186 -4.41 -35.39 -102.93
C ARG E 186 -3.65 -35.11 -101.64
N MET E 187 -3.72 -33.87 -101.20
CA MET E 187 -2.94 -33.42 -100.07
C MET E 187 -3.75 -33.57 -98.78
N ARG E 188 -3.03 -33.66 -97.67
CA ARG E 188 -3.62 -33.82 -96.34
C ARG E 188 -4.56 -32.66 -96.00
N ALA E 189 -5.57 -32.95 -95.18
CA ALA E 189 -6.31 -31.94 -94.47
C ALA E 189 -5.81 -31.86 -93.03
N GLY E 190 -5.57 -30.65 -92.56
CA GLY E 190 -5.28 -30.44 -91.16
C GLY E 190 -3.93 -29.80 -90.95
N LYS E 191 -3.32 -30.15 -89.82
CA LYS E 191 -1.98 -29.68 -89.48
C LYS E 191 -0.95 -30.78 -89.64
N GLY E 192 -1.37 -31.96 -90.09
CA GLY E 192 -0.42 -33.05 -90.26
C GLY E 192 0.63 -32.79 -91.32
N LYS E 193 0.41 -31.82 -92.20
CA LYS E 193 1.39 -31.47 -93.22
C LYS E 193 2.68 -30.96 -92.59
N MET E 194 2.60 -30.40 -91.40
CA MET E 194 3.81 -29.99 -90.72
C MET E 194 4.57 -31.19 -90.18
N ARG E 195 3.86 -32.15 -89.60
CA ARG E 195 4.51 -33.28 -88.93
C ARG E 195 4.60 -34.51 -89.83
N ASN E 196 5.17 -34.27 -91.02
CA ASN E 196 5.66 -35.26 -91.98
C ASN E 196 4.60 -36.12 -92.65
N ARG E 197 3.32 -35.94 -92.30
CA ARG E 197 2.23 -36.69 -92.92
C ARG E 197 1.53 -35.76 -93.90
N ARG E 198 1.90 -35.83 -95.17
CA ARG E 198 1.40 -34.86 -96.12
C ARG E 198 0.52 -35.46 -97.23
N ARG E 199 0.74 -36.70 -97.64
CA ARG E 199 -0.05 -37.27 -98.73
C ARG E 199 -1.13 -38.20 -98.20
N ILE E 200 -2.38 -37.87 -98.53
CA ILE E 200 -3.49 -38.79 -98.37
C ILE E 200 -3.67 -39.57 -99.67
N GLN E 201 -3.80 -40.88 -99.56
CA GLN E 201 -3.87 -41.76 -100.72
C GLN E 201 -4.64 -43.00 -100.33
N ARG E 202 -5.67 -43.36 -101.10
CA ARG E 202 -6.51 -44.48 -100.72
C ARG E 202 -5.92 -45.76 -101.29
N ARG E 203 -6.14 -46.87 -100.59
CA ARG E 203 -5.44 -48.11 -100.89
C ARG E 203 -5.98 -48.76 -102.17
N GLY E 204 -5.20 -49.69 -102.70
CA GLY E 204 -5.61 -50.50 -103.82
C GLY E 204 -5.57 -51.97 -103.47
N PRO E 205 -5.32 -52.81 -104.47
CA PRO E 205 -5.20 -54.24 -104.23
C PRO E 205 -3.89 -54.58 -103.54
N CYS E 206 -3.79 -55.83 -103.13
CA CYS E 206 -2.64 -56.36 -102.43
C CYS E 206 -2.38 -57.77 -102.93
N ILE E 207 -1.15 -58.08 -103.24
CA ILE E 207 -0.82 -59.39 -103.77
C ILE E 207 -0.31 -60.25 -102.63
N ILE E 208 -1.01 -61.31 -102.34
CA ILE E 208 -0.65 -62.18 -101.23
C ILE E 208 0.09 -63.37 -101.82
N TYR E 209 1.26 -63.66 -101.26
CA TYR E 209 2.19 -64.55 -101.94
C TYR E 209 3.06 -65.24 -100.89
N ASN E 210 3.72 -66.30 -101.30
CA ASN E 210 4.84 -66.82 -100.55
C ASN E 210 6.04 -66.98 -101.48
N GLU E 211 7.18 -67.29 -100.88
CA GLU E 211 8.46 -67.53 -101.58
C GLU E 211 8.83 -66.30 -102.43
N ASP E 212 9.20 -65.24 -101.73
CA ASP E 212 9.56 -64.00 -102.39
C ASP E 212 10.78 -64.21 -103.28
N ASN E 213 10.60 -64.04 -104.58
CA ASN E 213 11.71 -64.28 -105.49
C ASN E 213 11.75 -63.22 -106.57
N GLY E 214 11.58 -61.95 -106.20
CA GLY E 214 11.64 -60.85 -107.14
C GLY E 214 10.38 -60.04 -107.27
N ILE E 215 9.24 -60.51 -106.73
CA ILE E 215 7.99 -59.77 -106.86
C ILE E 215 8.00 -58.49 -106.05
N ILE E 216 8.75 -58.45 -104.96
CA ILE E 216 8.77 -57.25 -104.13
C ILE E 216 9.60 -56.17 -104.80
N LYS E 217 10.50 -56.55 -105.69
CA LYS E 217 11.19 -55.52 -106.44
C LYS E 217 10.35 -55.01 -107.61
N ALA E 218 9.53 -55.86 -108.20
CA ALA E 218 8.82 -55.43 -109.41
C ALA E 218 7.53 -54.69 -109.09
N PHE E 219 6.85 -55.09 -108.01
CA PHE E 219 5.59 -54.46 -107.64
C PHE E 219 5.75 -53.34 -106.63
N ARG E 220 6.96 -52.85 -106.40
CA ARG E 220 7.22 -52.07 -105.20
C ARG E 220 6.55 -50.71 -105.27
N ASN E 221 7.00 -49.85 -106.19
CA ASN E 221 6.49 -48.49 -106.25
C ASN E 221 5.32 -48.34 -107.21
N ILE E 222 4.40 -49.29 -107.17
CA ILE E 222 3.06 -49.05 -107.68
C ILE E 222 2.30 -48.19 -106.67
N PRO E 223 1.57 -47.17 -107.09
CA PRO E 223 0.90 -46.30 -106.11
C PRO E 223 -0.26 -46.98 -105.41
N GLY E 224 -0.17 -47.04 -104.08
CA GLY E 224 -1.29 -47.49 -103.27
C GLY E 224 -1.43 -48.98 -103.16
N ILE E 225 -0.32 -49.71 -103.05
CA ILE E 225 -0.34 -51.17 -103.10
C ILE E 225 0.43 -51.70 -101.90
N THR E 226 0.02 -52.86 -101.40
CA THR E 226 0.68 -53.47 -100.24
C THR E 226 1.05 -54.90 -100.56
N LEU E 227 2.34 -55.18 -100.57
CA LEU E 227 2.85 -56.42 -101.10
C LEU E 227 3.18 -57.30 -99.90
N LEU E 228 2.51 -58.44 -99.77
CA LEU E 228 2.27 -59.00 -98.44
C LEU E 228 2.50 -60.50 -98.42
N ASN E 229 3.38 -60.97 -97.52
CA ASN E 229 3.72 -62.39 -97.43
C ASN E 229 2.60 -63.18 -96.77
N VAL E 230 2.43 -64.44 -97.18
CA VAL E 230 1.30 -65.24 -96.68
C VAL E 230 1.45 -65.54 -95.20
N SER E 231 2.55 -66.19 -94.82
CA SER E 231 2.64 -66.68 -93.46
C SER E 231 2.94 -65.60 -92.44
N LYS E 232 3.06 -64.35 -92.86
CA LYS E 232 3.11 -63.19 -91.98
C LYS E 232 1.99 -62.26 -92.42
N LEU E 233 0.78 -62.50 -91.93
CA LEU E 233 -0.36 -61.66 -92.26
C LEU E 233 -0.62 -60.62 -91.18
N ASN E 234 -1.12 -59.47 -91.61
CA ASN E 234 -1.58 -58.39 -90.75
C ASN E 234 -3.08 -58.22 -90.85
N ILE E 235 -3.68 -57.84 -89.73
CA ILE E 235 -5.03 -57.31 -89.80
C ILE E 235 -5.01 -55.85 -90.23
N LEU E 236 -3.91 -55.14 -89.94
CA LEU E 236 -3.78 -53.75 -90.35
C LEU E 236 -3.56 -53.60 -91.85
N LYS E 237 -3.25 -54.66 -92.56
CA LYS E 237 -3.14 -54.58 -94.01
C LYS E 237 -4.33 -55.18 -94.72
N LEU E 238 -4.88 -56.28 -94.21
CA LEU E 238 -5.98 -56.96 -94.89
C LEU E 238 -7.29 -56.22 -94.78
N ALA E 239 -7.47 -55.45 -93.72
CA ALA E 239 -8.71 -54.70 -93.52
C ALA E 239 -8.32 -53.37 -92.91
N PRO E 240 -7.92 -52.41 -93.74
CA PRO E 240 -7.37 -51.16 -93.20
C PRO E 240 -8.47 -50.29 -92.62
N GLY E 241 -8.18 -49.67 -91.49
CA GLY E 241 -9.14 -48.82 -90.83
C GLY E 241 -10.22 -49.54 -90.06
N GLY E 242 -10.40 -50.84 -90.26
CA GLY E 242 -11.47 -51.58 -89.63
C GLY E 242 -12.64 -51.91 -90.52
N HIS E 243 -12.54 -51.65 -91.82
CA HIS E 243 -13.61 -51.94 -92.76
C HIS E 243 -13.15 -53.04 -93.70
N VAL E 244 -13.75 -54.22 -93.57
CA VAL E 244 -13.23 -55.47 -94.10
C VAL E 244 -13.46 -55.59 -95.60
N GLY E 245 -12.79 -56.56 -96.20
CA GLY E 245 -12.90 -56.83 -97.62
C GLY E 245 -12.01 -55.99 -98.50
N ARG E 246 -10.70 -56.10 -98.33
CA ARG E 246 -9.77 -55.53 -99.29
C ARG E 246 -9.59 -56.49 -100.46
N PHE E 247 -9.62 -55.94 -101.66
CA PHE E 247 -9.44 -56.72 -102.88
C PHE E 247 -8.02 -57.27 -102.92
N CYS E 248 -7.89 -58.59 -103.03
CA CYS E 248 -6.62 -59.27 -102.83
C CYS E 248 -6.35 -60.29 -103.93
N ILE E 249 -5.13 -60.28 -104.44
CA ILE E 249 -4.68 -61.24 -105.44
C ILE E 249 -3.94 -62.36 -104.72
N TRP E 250 -4.43 -63.59 -104.85
CA TRP E 250 -3.72 -64.73 -104.31
C TRP E 250 -2.88 -65.38 -105.40
N THR E 251 -1.75 -65.95 -105.00
CA THR E 251 -0.87 -66.70 -105.88
C THR E 251 -1.19 -68.20 -105.71
N GLU E 252 -0.68 -69.05 -106.61
CA GLU E 252 -0.97 -70.49 -106.57
C GLU E 252 -0.48 -71.15 -105.29
N SER E 253 0.79 -70.97 -104.97
CA SER E 253 1.28 -71.49 -103.70
C SER E 253 0.75 -70.70 -102.52
N ALA E 254 0.31 -69.46 -102.74
CA ALA E 254 -0.38 -68.73 -101.68
C ALA E 254 -1.72 -69.38 -101.37
N PHE E 255 -2.56 -69.53 -102.39
CA PHE E 255 -3.92 -70.03 -102.23
C PHE E 255 -3.96 -71.52 -101.94
N ARG E 256 -2.84 -72.22 -102.06
CA ARG E 256 -2.70 -73.60 -101.64
C ARG E 256 -1.99 -73.73 -100.32
N LYS E 257 -1.46 -72.65 -99.78
CA LYS E 257 -0.92 -72.71 -98.44
C LYS E 257 -2.00 -72.46 -97.41
N LEU E 258 -3.13 -71.89 -97.81
CA LEU E 258 -4.16 -71.54 -96.85
C LEU E 258 -4.87 -72.79 -96.32
N ASP E 259 -4.99 -73.82 -97.16
CA ASP E 259 -5.55 -75.09 -96.71
C ASP E 259 -4.68 -75.71 -95.63
N GLU E 260 -3.36 -75.56 -95.75
CA GLU E 260 -2.44 -76.13 -94.80
C GLU E 260 -2.37 -75.33 -93.52
N LEU E 261 -2.38 -74.00 -93.64
CA LEU E 261 -1.99 -73.12 -92.56
C LEU E 261 -3.13 -72.75 -91.63
N TYR E 262 -4.38 -72.97 -92.03
CA TYR E 262 -5.54 -72.81 -91.15
C TYR E 262 -6.37 -74.06 -91.01
N GLY E 263 -6.38 -74.94 -92.00
CA GLY E 263 -7.06 -76.21 -91.90
C GLY E 263 -8.56 -76.10 -92.06
N THR E 264 -9.19 -77.24 -92.30
CA THR E 264 -10.63 -77.32 -92.41
C THR E 264 -11.18 -77.44 -91.00
N TRP E 265 -12.50 -77.48 -90.84
CA TRP E 265 -13.06 -77.91 -89.58
C TRP E 265 -12.75 -79.38 -89.32
N ARG E 266 -12.62 -80.17 -90.39
CA ARG E 266 -12.43 -81.60 -90.24
C ARG E 266 -11.01 -81.97 -89.88
N LYS E 267 -10.02 -81.35 -90.50
CA LYS E 267 -8.65 -81.62 -90.07
C LYS E 267 -8.14 -80.47 -89.21
N ALA E 268 -6.90 -80.57 -88.77
CA ALA E 268 -6.30 -79.49 -88.01
C ALA E 268 -5.60 -78.52 -88.96
N ALA E 269 -4.94 -77.52 -88.40
CA ALA E 269 -4.09 -76.62 -89.15
C ALA E 269 -2.67 -77.14 -89.03
N SER E 270 -2.15 -77.75 -90.09
CA SER E 270 -0.88 -78.45 -90.00
C SER E 270 0.32 -77.53 -90.17
N LEU E 271 0.21 -76.27 -89.78
CA LEU E 271 1.35 -75.39 -89.75
C LEU E 271 1.34 -74.49 -88.51
N LYS E 272 0.34 -74.64 -87.64
CA LYS E 272 0.27 -73.86 -86.41
C LYS E 272 0.11 -74.78 -85.21
N SER E 273 -0.24 -74.23 -84.04
CA SER E 273 -0.16 -75.04 -82.82
C SER E 273 -1.40 -75.90 -82.59
N ASN E 274 -2.50 -75.26 -82.22
CA ASN E 274 -3.69 -75.98 -81.82
C ASN E 274 -4.93 -75.20 -82.25
N TYR E 275 -4.92 -74.72 -83.50
CA TYR E 275 -5.92 -73.79 -83.99
C TYR E 275 -6.76 -74.43 -85.07
N ASN E 276 -7.87 -75.07 -84.69
CA ASN E 276 -8.89 -75.37 -85.68
C ASN E 276 -9.66 -74.11 -86.02
N LEU E 277 -10.34 -74.12 -87.16
CA LEU E 277 -11.15 -72.97 -87.50
C LEU E 277 -12.33 -72.88 -86.54
N PRO E 278 -12.65 -71.69 -86.06
CA PRO E 278 -13.53 -71.58 -84.90
C PRO E 278 -14.98 -71.79 -85.26
N MET E 279 -15.66 -72.50 -84.38
CA MET E 279 -16.94 -73.08 -84.67
C MET E 279 -18.00 -71.99 -84.75
N HIS E 280 -19.11 -72.32 -85.38
CA HIS E 280 -19.98 -71.33 -85.97
C HIS E 280 -21.17 -71.08 -85.04
N LYS E 281 -21.81 -69.92 -85.22
CA LYS E 281 -22.98 -69.59 -84.42
C LYS E 281 -24.26 -70.06 -85.08
N MET E 282 -24.40 -69.77 -86.36
CA MET E 282 -25.43 -70.35 -87.21
C MET E 282 -24.74 -71.23 -88.24
N ILE E 283 -25.45 -72.23 -88.74
CA ILE E 283 -24.91 -73.01 -89.85
C ILE E 283 -25.51 -72.50 -91.14
N ASN E 284 -26.80 -72.73 -91.34
CA ASN E 284 -27.45 -72.35 -92.58
C ASN E 284 -28.22 -71.09 -92.28
N THR E 285 -27.88 -70.00 -92.98
CA THR E 285 -28.21 -68.67 -92.49
C THR E 285 -29.09 -67.85 -93.42
N ASP E 286 -29.67 -68.44 -94.47
CA ASP E 286 -30.61 -67.71 -95.30
C ASP E 286 -31.88 -67.46 -94.49
N LEU E 287 -32.07 -66.22 -94.08
CA LEU E 287 -33.22 -65.88 -93.25
C LEU E 287 -34.53 -66.01 -94.02
N SER E 288 -34.54 -65.60 -95.29
CA SER E 288 -35.78 -65.65 -96.05
C SER E 288 -36.15 -67.08 -96.42
N ARG E 289 -35.16 -67.88 -96.78
CA ARG E 289 -35.43 -69.25 -97.20
C ARG E 289 -35.84 -70.11 -96.02
N ILE E 290 -35.40 -69.75 -94.81
CA ILE E 290 -35.93 -70.42 -93.63
C ILE E 290 -37.39 -70.04 -93.41
N LEU E 291 -37.71 -68.76 -93.51
CA LEU E 291 -39.04 -68.30 -93.11
C LEU E 291 -40.12 -68.58 -94.13
N LYS E 292 -39.77 -68.98 -95.35
CA LYS E 292 -40.76 -69.34 -96.35
C LYS E 292 -40.90 -70.85 -96.49
N SER E 293 -40.12 -71.61 -95.72
CA SER E 293 -40.08 -73.06 -95.81
C SER E 293 -41.42 -73.66 -95.36
N PRO E 294 -41.74 -74.89 -95.77
CA PRO E 294 -43.04 -75.46 -95.39
C PRO E 294 -43.19 -75.73 -93.92
N GLU E 295 -42.08 -75.94 -93.20
CA GLU E 295 -42.17 -76.27 -91.78
C GLU E 295 -42.65 -75.09 -90.97
N ILE E 296 -42.14 -73.90 -91.29
CA ILE E 296 -42.51 -72.72 -90.49
C ILE E 296 -43.92 -72.30 -90.82
N GLN E 297 -44.23 -72.12 -92.09
CA GLN E 297 -45.50 -71.53 -92.45
C GLN E 297 -46.64 -72.52 -92.48
N ARG E 298 -46.40 -73.78 -92.14
CA ARG E 298 -47.50 -74.58 -91.60
C ARG E 298 -47.76 -74.19 -90.16
N ALA E 299 -46.70 -74.00 -89.39
CA ALA E 299 -46.79 -73.86 -87.95
C ALA E 299 -47.25 -72.49 -87.49
N LEU E 300 -47.38 -71.52 -88.37
CA LEU E 300 -47.63 -70.17 -87.90
C LEU E 300 -49.11 -69.93 -87.61
N ARG E 301 -49.36 -68.86 -86.87
CA ARG E 301 -50.71 -68.46 -86.46
C ARG E 301 -51.60 -68.06 -87.64
N ALA E 302 -51.36 -66.85 -88.14
CA ALA E 302 -52.06 -66.12 -89.19
C ALA E 302 -51.37 -64.77 -89.27
N PRO E 303 -51.42 -64.08 -90.38
CA PRO E 303 -51.03 -62.68 -90.40
C PRO E 303 -52.21 -61.82 -89.97
N ARG E 304 -51.94 -60.52 -89.81
CA ARG E 304 -52.92 -59.63 -89.20
C ARG E 304 -52.61 -58.21 -89.68
N LYS E 305 -53.39 -57.72 -90.64
CA LYS E 305 -53.01 -56.53 -91.39
C LYS E 305 -53.96 -55.36 -91.31
N LYS E 306 -55.12 -55.50 -90.67
CA LYS E 306 -56.00 -54.35 -90.54
C LYS E 306 -55.38 -53.36 -89.57
N ILE E 307 -55.77 -52.09 -89.69
CA ILE E 307 -55.12 -51.02 -88.95
C ILE E 307 -55.91 -50.58 -87.73
N HIS E 308 -57.19 -50.25 -87.92
CA HIS E 308 -58.15 -49.91 -86.86
C HIS E 308 -57.68 -48.70 -86.04
N ARG E 309 -57.75 -47.54 -86.68
CA ARG E 309 -57.24 -46.30 -86.11
C ARG E 309 -58.20 -45.76 -85.04
N ARG E 310 -57.94 -44.55 -84.56
CA ARG E 310 -58.68 -43.97 -83.44
C ARG E 310 -60.12 -43.67 -83.82
N VAL E 311 -61.04 -44.36 -83.17
CA VAL E 311 -62.46 -44.21 -83.49
C VAL E 311 -63.01 -43.01 -82.72
N LEU E 312 -63.54 -42.04 -83.47
CA LEU E 312 -64.11 -40.84 -82.85
C LEU E 312 -65.39 -41.19 -82.13
N LYS E 313 -65.42 -40.94 -80.82
CA LYS E 313 -66.64 -41.20 -80.06
C LYS E 313 -67.65 -40.10 -80.36
N LYS E 314 -68.58 -40.38 -81.27
CA LYS E 314 -69.69 -39.49 -81.45
C LYS E 314 -70.68 -39.70 -80.31
N ASN E 315 -71.33 -38.64 -79.94
CA ASN E 315 -72.06 -38.58 -78.69
C ASN E 315 -73.43 -39.21 -78.82
N PRO E 316 -73.77 -40.20 -78.01
CA PRO E 316 -75.18 -40.61 -77.90
C PRO E 316 -75.98 -39.54 -77.18
N LEU E 317 -77.30 -39.76 -77.14
CA LEU E 317 -78.29 -38.86 -76.54
C LEU E 317 -78.33 -37.48 -77.18
N LYS E 318 -77.65 -37.27 -78.28
CA LYS E 318 -77.75 -36.04 -79.03
C LYS E 318 -77.96 -36.29 -80.51
N ASN E 319 -77.27 -37.28 -81.08
CA ASN E 319 -77.71 -37.81 -82.37
C ASN E 319 -78.39 -39.15 -82.18
N LEU E 320 -79.23 -39.48 -83.14
CA LEU E 320 -79.71 -40.84 -83.23
C LEU E 320 -78.76 -41.55 -84.18
N ARG E 321 -78.93 -42.88 -84.32
CA ARG E 321 -78.20 -43.80 -85.19
C ARG E 321 -76.79 -44.06 -84.63
N ILE E 322 -76.42 -43.37 -83.56
CA ILE E 322 -75.38 -43.85 -82.67
C ILE E 322 -76.00 -44.41 -81.39
N MET E 323 -77.18 -43.93 -81.03
CA MET E 323 -77.99 -44.63 -80.04
C MET E 323 -78.30 -46.04 -80.48
N LEU E 324 -78.63 -46.22 -81.76
CA LEU E 324 -79.13 -47.51 -82.22
C LEU E 324 -78.04 -48.57 -82.23
N LYS E 325 -76.83 -48.18 -82.60
CA LYS E 325 -75.71 -49.10 -82.61
C LYS E 325 -75.36 -49.58 -81.20
N LEU E 326 -75.71 -48.78 -80.19
CA LEU E 326 -75.61 -49.21 -78.81
C LEU E 326 -76.89 -49.83 -78.30
N ASN E 327 -78.04 -49.42 -78.82
CA ASN E 327 -79.36 -49.62 -78.22
C ASN E 327 -80.41 -49.56 -79.33
N PRO E 328 -80.75 -50.68 -79.94
CA PRO E 328 -81.76 -50.66 -80.99
C PRO E 328 -83.14 -50.36 -80.49
N TYR E 329 -83.39 -50.56 -79.20
CA TYR E 329 -84.69 -50.29 -78.64
C TYR E 329 -84.94 -48.80 -78.46
N ALA E 330 -83.88 -47.99 -78.59
CA ALA E 330 -84.03 -46.55 -78.43
C ALA E 330 -84.83 -45.94 -79.57
N LYS E 331 -84.92 -46.62 -80.71
CA LYS E 331 -85.93 -46.30 -81.70
C LYS E 331 -87.33 -46.40 -81.10
N THR E 332 -87.64 -47.56 -80.52
CA THR E 332 -88.99 -47.77 -80.03
C THR E 332 -89.23 -47.00 -78.74
N MET E 333 -88.17 -46.76 -77.97
CA MET E 333 -88.28 -45.95 -76.76
C MET E 333 -88.65 -44.52 -77.11
N ARG E 334 -88.07 -43.98 -78.17
CA ARG E 334 -88.32 -42.59 -78.55
C ARG E 334 -89.54 -42.44 -79.45
N ARG E 335 -89.84 -43.43 -80.28
CA ARG E 335 -91.01 -43.31 -81.16
C ARG E 335 -92.30 -43.43 -80.36
N ASN E 336 -92.28 -44.13 -79.23
CA ASN E 336 -93.40 -44.07 -78.30
C ASN E 336 -93.57 -42.67 -77.73
N THR E 337 -92.46 -42.01 -77.39
CA THR E 337 -92.52 -40.73 -76.70
C THR E 337 -93.14 -39.65 -77.58
N ILE E 338 -92.89 -39.71 -78.89
CA ILE E 338 -93.49 -38.73 -79.78
C ILE E 338 -94.99 -38.97 -79.90
N LEU E 339 -95.38 -40.23 -80.04
CA LEU E 339 -96.81 -40.53 -80.18
C LEU E 339 -97.53 -40.43 -78.85
N ARG E 340 -96.83 -40.61 -77.73
CA ARG E 340 -97.37 -40.15 -76.46
C ARG E 340 -97.66 -38.66 -76.51
N GLN E 341 -96.64 -37.86 -76.84
CA GLN E 341 -96.75 -36.43 -76.69
C GLN E 341 -97.70 -35.81 -77.71
N ALA E 342 -97.69 -36.29 -78.95
CA ALA E 342 -98.56 -35.69 -79.96
C ALA E 342 -100.02 -36.04 -79.73
N ARG E 343 -100.30 -37.28 -79.32
CA ARG E 343 -101.68 -37.65 -79.01
C ARG E 343 -102.18 -36.96 -77.75
N ASN E 344 -101.36 -36.90 -76.70
CA ASN E 344 -101.78 -36.24 -75.48
C ASN E 344 -101.95 -34.74 -75.68
N HIS E 345 -101.15 -34.14 -76.55
CA HIS E 345 -101.32 -32.72 -76.82
C HIS E 345 -102.57 -32.42 -77.61
N LYS E 346 -102.85 -33.20 -78.65
CA LYS E 346 -104.01 -32.97 -79.50
C LYS E 346 -105.30 -33.11 -78.71
N LEU E 347 -105.31 -34.02 -77.74
CA LEU E 347 -106.46 -34.18 -76.86
C LEU E 347 -106.62 -33.01 -75.90
N ARG E 348 -105.58 -32.20 -75.71
CA ARG E 348 -105.78 -31.01 -74.90
C ARG E 348 -106.38 -29.87 -75.72
N VAL E 349 -105.87 -29.65 -76.94
CA VAL E 349 -106.40 -28.60 -77.81
C VAL E 349 -107.82 -28.95 -78.27
N ASP E 350 -108.13 -30.24 -78.35
CA ASP E 350 -109.48 -30.70 -78.62
C ASP E 350 -110.43 -30.25 -77.50
N LYS E 351 -110.02 -30.45 -76.25
CA LYS E 351 -110.84 -29.97 -75.15
C LYS E 351 -110.74 -28.46 -74.98
N ALA E 352 -109.59 -27.86 -75.31
CA ALA E 352 -109.43 -26.42 -75.11
C ALA E 352 -110.26 -25.63 -76.10
N ALA E 353 -110.38 -26.12 -77.33
CA ALA E 353 -111.31 -25.52 -78.28
C ALA E 353 -112.75 -25.79 -77.88
N ALA E 354 -112.99 -26.87 -77.14
CA ALA E 354 -114.33 -27.12 -76.60
C ALA E 354 -114.61 -26.23 -75.39
N ALA E 355 -113.64 -26.08 -74.49
CA ALA E 355 -113.92 -25.40 -73.23
C ALA E 355 -113.87 -23.88 -73.36
N ALA E 356 -113.06 -23.35 -74.26
CA ALA E 356 -113.02 -21.90 -74.46
C ALA E 356 -114.15 -21.41 -75.35
N ALA E 357 -114.63 -22.25 -76.27
CA ALA E 357 -115.81 -21.88 -77.05
C ALA E 357 -117.10 -22.00 -76.24
N ALA E 358 -117.18 -23.00 -75.35
CA ALA E 358 -118.36 -23.12 -74.50
C ALA E 358 -118.43 -21.98 -73.48
N LEU E 359 -117.29 -21.56 -72.95
CA LEU E 359 -117.24 -20.33 -72.17
C LEU E 359 -117.24 -19.08 -73.04
N GLN E 360 -117.11 -19.22 -74.36
CA GLN E 360 -117.52 -18.14 -75.25
C GLN E 360 -119.00 -18.27 -75.56
N ALA E 361 -119.54 -19.48 -75.44
CA ALA E 361 -120.99 -19.67 -75.52
C ALA E 361 -121.69 -19.39 -74.20
N LYS E 362 -120.98 -19.42 -73.07
CA LYS E 362 -121.54 -19.08 -71.77
C LYS E 362 -121.34 -17.60 -71.41
N SER E 363 -120.21 -17.02 -71.81
CA SER E 363 -119.96 -15.61 -71.62
C SER E 363 -119.71 -14.91 -72.96
N ASP F 1 11.99 34.14 104.77
CA ASP F 1 12.32 34.23 106.18
C ASP F 1 13.22 33.08 106.57
N LYS F 2 13.44 32.19 105.60
CA LYS F 2 14.19 30.97 105.85
C LYS F 2 15.65 31.28 106.12
N GLU F 3 16.30 30.31 106.76
CA GLU F 3 17.74 30.36 106.87
C GLU F 3 18.31 30.18 105.46
N TRP F 4 19.49 30.72 105.24
CA TRP F 4 19.89 31.04 103.88
C TRP F 4 20.37 29.83 103.10
N MET F 5 20.54 28.69 103.76
CA MET F 5 21.25 27.49 103.33
C MET F 5 22.64 27.89 102.86
N PRO F 6 23.55 28.22 103.77
CA PRO F 6 24.88 28.65 103.35
C PRO F 6 25.69 27.49 102.81
N VAL F 7 26.40 27.74 101.72
CA VAL F 7 27.21 26.69 101.12
C VAL F 7 28.39 27.39 100.44
N THR F 8 29.32 26.62 99.86
CA THR F 8 30.27 26.95 98.79
C THR F 8 31.22 28.10 99.09
N LYS F 9 31.25 28.60 100.34
CA LYS F 9 32.31 29.41 100.93
C LYS F 9 32.36 30.83 100.36
N LEU F 10 31.64 31.08 99.28
CA LEU F 10 31.50 32.40 98.72
C LEU F 10 30.16 33.01 99.11
N GLY F 11 29.15 32.16 99.26
CA GLY F 11 27.95 32.58 99.97
C GLY F 11 28.21 32.81 101.45
N ARG F 12 29.17 32.08 102.03
CA ARG F 12 29.41 32.22 103.46
C ARG F 12 30.20 33.45 103.81
N LEU F 13 30.92 34.04 102.86
CA LEU F 13 31.52 35.34 103.12
C LEU F 13 30.47 36.42 103.25
N VAL F 14 29.35 36.25 102.53
CA VAL F 14 28.32 37.28 102.48
C VAL F 14 27.54 37.35 103.79
N LYS F 15 27.25 36.20 104.40
CA LYS F 15 26.58 36.20 105.70
C LYS F 15 27.52 36.53 106.85
N ASP F 16 28.83 36.53 106.61
CA ASP F 16 29.77 37.20 107.52
C ASP F 16 29.82 38.69 107.28
N MET F 17 29.22 39.15 106.18
CA MET F 17 29.20 40.55 105.74
C MET F 17 30.63 41.06 105.51
N LYS F 18 31.50 40.17 105.05
CA LYS F 18 32.86 40.52 104.73
C LYS F 18 33.09 40.60 103.23
N ILE F 19 32.02 40.80 102.48
CA ILE F 19 32.05 41.30 101.12
C ILE F 19 31.12 42.49 101.06
N LYS F 20 31.66 43.65 100.67
CA LYS F 20 30.89 44.89 100.70
C LYS F 20 29.76 44.86 99.67
N SER F 21 30.10 44.88 98.40
CA SER F 21 29.08 44.90 97.37
C SER F 21 29.40 43.79 96.38
N LEU F 22 28.47 43.59 95.45
CA LEU F 22 28.61 42.53 94.46
C LEU F 22 29.70 42.83 93.45
N GLU F 23 30.06 44.12 93.33
CA GLU F 23 31.25 44.57 92.61
C GLU F 23 32.52 43.87 93.09
N GLU F 24 32.60 43.56 94.39
CA GLU F 24 33.74 42.86 94.98
C GLU F 24 33.82 41.40 94.53
N ILE F 25 32.83 40.91 93.80
CA ILE F 25 32.91 39.64 93.13
C ILE F 25 33.16 39.80 91.63
N TYR F 26 32.67 40.87 91.02
CA TYR F 26 32.84 41.04 89.58
C TYR F 26 34.28 41.34 89.19
N LEU F 27 35.07 41.87 90.11
CA LEU F 27 36.51 42.01 89.88
C LEU F 27 37.14 40.67 89.60
N PHE F 28 36.85 39.68 90.43
CA PHE F 28 37.67 38.50 90.56
C PHE F 28 37.05 37.31 89.86
N SER F 29 35.89 37.49 89.24
CA SER F 29 35.28 36.56 88.30
C SER F 29 34.96 35.22 88.96
N LEU F 30 34.71 35.23 90.26
CA LEU F 30 34.35 34.00 90.94
C LEU F 30 32.94 33.59 90.52
N PRO F 31 32.69 32.30 90.31
CA PRO F 31 31.38 31.87 89.81
C PRO F 31 30.26 32.01 90.82
N ILE F 32 29.40 32.98 90.55
CA ILE F 32 28.15 33.14 91.29
C ILE F 32 27.31 31.92 91.04
N LYS F 33 26.78 31.32 92.10
CA LYS F 33 26.09 30.07 91.78
C LYS F 33 24.70 29.95 92.37
N GLU F 34 24.49 30.36 93.60
CA GLU F 34 23.11 30.35 94.09
C GLU F 34 22.43 31.65 93.73
N SER F 35 21.10 31.66 93.82
CA SER F 35 20.33 32.82 93.42
C SER F 35 20.12 33.78 94.57
N GLU F 36 20.09 33.26 95.79
CA GLU F 36 19.90 34.09 96.96
C GLU F 36 21.11 34.96 97.24
N ILE F 37 22.26 34.63 96.61
CA ILE F 37 23.45 35.46 96.68
C ILE F 37 23.14 36.87 96.21
N ILE F 38 22.76 37.01 94.94
CA ILE F 38 22.57 38.35 94.40
C ILE F 38 21.25 38.95 94.84
N ASP F 39 20.36 38.15 95.41
CA ASP F 39 19.15 38.71 95.98
C ASP F 39 19.46 39.46 97.27
N PHE F 40 20.52 39.05 97.97
CA PHE F 40 21.03 39.86 99.07
C PHE F 40 21.55 41.19 98.54
N PHE F 41 22.39 41.14 97.51
CA PHE F 41 23.06 42.34 97.05
C PHE F 41 22.16 43.25 96.26
N LEU F 42 21.01 42.77 95.80
CA LEU F 42 20.14 43.59 94.97
C LEU F 42 18.71 43.44 95.46
N GLY F 43 18.18 44.52 96.04
CA GLY F 43 16.76 44.76 96.12
C GLY F 43 16.39 45.75 95.03
N ALA F 44 17.23 45.80 94.00
CA ALA F 44 17.01 46.66 92.83
C ALA F 44 17.02 45.90 91.52
N SER F 45 17.33 44.59 91.54
CA SER F 45 17.09 43.71 90.39
C SER F 45 15.76 43.00 90.52
N LEU F 46 14.78 43.65 91.15
CA LEU F 46 13.50 43.03 91.41
C LEU F 46 12.64 42.94 90.16
N LYS F 47 13.02 43.63 89.10
CA LYS F 47 12.25 43.70 87.87
C LYS F 47 12.72 42.58 86.94
N ASP F 48 11.80 41.70 86.56
CA ASP F 48 12.09 40.67 85.59
C ASP F 48 10.89 40.47 84.68
N GLU F 49 11.14 39.89 83.52
CA GLU F 49 10.08 39.61 82.58
C GLU F 49 10.15 38.15 82.19
N VAL F 50 9.02 37.46 82.21
CA VAL F 50 8.91 36.23 81.46
C VAL F 50 8.79 36.59 79.97
N LEU F 51 9.86 36.36 79.23
CA LEU F 51 9.91 36.82 77.84
C LEU F 51 8.98 35.99 76.98
N LYS F 52 9.31 34.72 76.78
CA LYS F 52 8.48 33.87 75.96
C LYS F 52 8.56 32.45 76.47
N ILE F 53 7.41 31.81 76.51
CA ILE F 53 7.30 30.37 76.69
C ILE F 53 6.98 29.79 75.33
N MET F 54 7.70 28.75 74.92
CA MET F 54 7.23 28.05 73.74
C MET F 54 7.40 26.57 73.97
N PRO F 55 6.47 25.76 73.45
CA PRO F 55 6.51 24.33 73.75
C PRO F 55 7.50 23.63 72.84
N VAL F 56 8.18 22.65 73.40
CA VAL F 56 9.00 21.77 72.58
C VAL F 56 8.48 20.36 72.74
N GLN F 57 8.57 19.62 71.66
CA GLN F 57 7.78 18.42 71.43
C GLN F 57 8.72 17.26 71.14
N LYS F 58 8.87 16.35 72.09
CA LYS F 58 9.67 15.15 71.89
C LYS F 58 8.78 14.02 71.40
N GLN F 59 9.04 13.53 70.18
CA GLN F 59 8.22 12.47 69.61
C GLN F 59 8.53 11.17 70.33
N THR F 60 7.77 10.87 71.37
CA THR F 60 7.87 9.60 72.05
C THR F 60 6.90 8.65 71.37
N ARG F 61 7.01 7.36 71.66
CA ARG F 61 6.24 6.35 70.94
C ARG F 61 4.75 6.47 71.22
N ALA F 62 4.38 6.75 72.47
CA ALA F 62 2.96 6.79 72.81
C ALA F 62 2.31 8.10 72.36
N GLY F 63 2.70 9.21 72.99
CA GLY F 63 2.36 10.53 72.53
C GLY F 63 3.59 11.41 72.56
N GLN F 64 3.46 12.59 71.99
CA GLN F 64 4.58 13.50 71.90
C GLN F 64 4.62 14.36 73.15
N ARG F 65 5.81 14.48 73.73
CA ARG F 65 5.94 15.08 75.05
C ARG F 65 6.11 16.58 74.91
N THR F 66 5.06 17.31 75.25
CA THR F 66 5.20 18.74 75.45
C THR F 66 5.95 19.00 76.75
N ARG F 67 6.87 19.97 76.70
CA ARG F 67 7.55 20.45 77.88
C ARG F 67 7.90 21.91 77.60
N PHE F 68 7.62 22.77 78.54
CA PHE F 68 7.63 24.19 78.25
C PHE F 68 9.00 24.80 78.47
N LYS F 69 9.30 25.83 77.69
CA LYS F 69 10.63 26.44 77.63
C LYS F 69 10.47 27.92 77.94
N ALA F 70 10.66 28.29 79.19
CA ALA F 70 10.47 29.67 79.59
C ALA F 70 11.77 30.46 79.47
N PHE F 71 11.62 31.77 79.29
CA PHE F 71 12.72 32.72 79.28
C PHE F 71 12.49 33.77 80.35
N VAL F 72 13.52 34.09 81.12
CA VAL F 72 13.43 35.14 82.12
C VAL F 72 14.65 36.04 81.99
N ALA F 73 14.42 37.35 81.89
CA ALA F 73 15.48 38.34 81.77
C ALA F 73 15.34 39.37 82.89
N ILE F 74 16.25 39.35 83.85
CA ILE F 74 16.19 40.21 85.03
C ILE F 74 16.98 41.48 84.76
N GLY F 75 16.70 42.53 85.53
CA GLY F 75 17.50 43.73 85.35
C GLY F 75 17.44 44.81 86.41
N ASP F 76 18.59 45.19 86.93
CA ASP F 76 18.71 46.47 87.61
C ASP F 76 18.68 47.59 86.58
N TYR F 77 17.88 48.62 86.85
CA TYR F 77 17.92 49.83 86.03
C TYR F 77 19.24 50.58 86.10
N ASN F 78 20.13 50.23 87.03
CA ASN F 78 21.46 50.79 87.04
C ASN F 78 22.41 50.08 86.09
N GLY F 79 22.11 48.85 85.66
CA GLY F 79 23.08 48.14 84.86
C GLY F 79 23.43 46.69 85.19
N HIS F 80 22.57 45.95 85.90
CA HIS F 80 22.84 44.56 86.22
C HIS F 80 21.74 43.69 85.59
N VAL F 81 22.02 43.08 84.44
CA VAL F 81 21.04 42.23 83.78
C VAL F 81 21.56 40.80 83.64
N GLY F 82 20.61 39.90 83.41
CA GLY F 82 20.91 38.52 83.11
C GLY F 82 19.68 37.87 82.53
N LEU F 83 19.91 36.95 81.60
CA LEU F 83 18.82 36.38 80.81
C LEU F 83 18.93 34.87 80.87
N GLY F 84 17.94 34.24 81.49
CA GLY F 84 17.98 32.83 81.77
C GLY F 84 17.00 32.06 80.91
N VAL F 85 17.40 30.86 80.54
CA VAL F 85 16.58 29.91 79.81
C VAL F 85 16.42 28.65 80.65
N LYS F 86 15.19 28.21 80.85
CA LYS F 86 14.91 26.99 81.60
C LYS F 86 13.80 26.26 80.90
N CYS F 87 13.99 24.98 80.66
CA CYS F 87 12.95 24.13 80.12
C CYS F 87 12.69 22.98 81.09
N SER F 88 11.48 22.90 81.59
CA SER F 88 11.03 21.75 82.35
C SER F 88 9.62 21.43 81.87
N LYS F 89 9.02 20.39 82.44
CA LYS F 89 7.86 19.81 81.77
C LYS F 89 6.58 20.62 81.93
N GLU F 90 6.58 21.69 82.71
CA GLU F 90 5.34 22.40 83.04
C GLU F 90 5.57 23.91 82.96
N VAL F 91 4.47 24.65 82.94
CA VAL F 91 4.54 26.11 82.77
C VAL F 91 5.14 26.76 84.01
N ALA F 92 4.57 26.47 85.16
CA ALA F 92 4.97 27.13 86.41
C ALA F 92 6.38 26.73 86.83
N THR F 93 6.78 25.50 86.51
CA THR F 93 8.10 25.03 86.90
C THR F 93 9.17 25.64 86.00
N ALA F 94 8.83 25.89 84.73
CA ALA F 94 9.79 26.45 83.80
C ALA F 94 10.15 27.89 84.15
N ILE F 95 9.17 28.68 84.58
CA ILE F 95 9.44 30.06 84.96
C ILE F 95 10.24 30.14 86.25
N ARG F 96 9.86 29.36 87.26
CA ARG F 96 10.53 29.43 88.56
C ARG F 96 11.94 28.87 88.48
N GLY F 97 12.17 27.91 87.59
CA GLY F 97 13.52 27.50 87.31
C GLY F 97 14.30 28.53 86.51
N ALA F 98 13.59 29.35 85.72
CA ALA F 98 14.27 30.36 84.92
C ALA F 98 14.61 31.59 85.72
N ILE F 99 13.88 31.83 86.82
CA ILE F 99 14.26 32.91 87.73
C ILE F 99 15.67 32.70 88.22
N ILE F 100 15.98 31.47 88.65
CA ILE F 100 17.27 31.15 89.24
C ILE F 100 18.37 31.27 88.21
N LEU F 101 18.15 30.74 87.01
CA LEU F 101 19.19 30.77 85.99
C LEU F 101 19.40 32.15 85.44
N ALA F 102 18.40 33.02 85.54
CA ALA F 102 18.67 34.41 85.25
C ALA F 102 19.52 35.03 86.35
N LYS F 103 19.30 34.62 87.61
CA LYS F 103 20.12 35.15 88.69
C LYS F 103 21.54 34.62 88.64
N LEU F 104 21.73 33.45 88.02
CA LEU F 104 23.08 32.95 87.75
C LEU F 104 23.85 33.90 86.85
N SER F 105 23.36 34.12 85.63
CA SER F 105 24.15 34.81 84.62
C SER F 105 24.00 36.32 84.65
N ILE F 106 23.76 36.90 85.84
CA ILE F 106 23.68 38.34 85.92
C ILE F 106 25.05 38.93 85.66
N VAL F 107 25.08 40.00 84.88
CA VAL F 107 26.33 40.64 84.49
C VAL F 107 26.20 42.13 84.69
N PRO F 108 27.29 42.83 84.96
CA PRO F 108 27.23 44.28 85.03
C PRO F 108 27.34 44.89 83.64
N VAL F 109 26.68 46.02 83.47
CA VAL F 109 26.61 46.70 82.18
C VAL F 109 27.27 48.05 82.29
N ARG F 110 28.27 48.28 81.45
CA ARG F 110 28.98 49.56 81.42
C ARG F 110 28.22 50.55 80.54
N ARG F 111 28.10 51.78 81.02
CA ARG F 111 27.38 52.83 80.31
C ARG F 111 28.29 54.05 80.16
N GLY F 112 28.45 54.52 78.93
CA GLY F 112 29.38 55.61 78.67
C GLY F 112 28.70 56.82 78.06
N TYR F 113 29.47 57.79 77.59
CA TYR F 113 28.91 59.01 77.04
C TYR F 113 28.77 58.90 75.53
N TRP F 114 27.91 59.75 74.96
CA TRP F 114 27.86 59.80 73.51
C TRP F 114 29.08 60.48 72.92
N GLY F 115 29.73 61.37 73.65
CA GLY F 115 30.78 62.16 73.04
C GLY F 115 30.92 63.56 73.57
N ASN F 116 30.08 63.93 74.52
CA ASN F 116 30.36 65.09 75.35
C ASN F 116 30.57 64.65 76.79
N LYS F 117 31.34 65.45 77.50
CA LYS F 117 31.95 65.09 78.76
C LYS F 117 31.29 65.84 79.93
N ILE F 118 29.97 66.02 79.89
CA ILE F 118 29.32 66.81 80.93
C ILE F 118 29.12 65.99 82.20
N GLY F 119 28.44 64.86 82.09
CA GLY F 119 28.06 64.10 83.26
C GLY F 119 26.94 63.15 82.93
N LYS F 120 26.63 62.29 83.91
CA LYS F 120 25.51 61.33 83.88
C LYS F 120 25.57 60.44 82.64
N PRO F 121 26.47 59.45 82.60
CA PRO F 121 26.62 58.60 81.40
C PRO F 121 25.35 57.82 81.09
N HIS F 122 25.07 57.68 79.80
CA HIS F 122 23.75 57.27 79.36
C HIS F 122 23.72 56.20 78.29
N THR F 123 24.77 56.02 77.50
CA THR F 123 24.74 55.11 76.36
C THR F 123 25.86 54.11 76.45
N VAL F 124 25.88 53.20 75.48
CA VAL F 124 26.92 52.17 75.38
C VAL F 124 28.24 52.84 75.04
N PRO F 125 29.37 52.31 75.49
CA PRO F 125 30.62 53.06 75.36
C PRO F 125 31.18 53.03 73.95
N CYS F 126 30.85 52.00 73.18
CA CYS F 126 31.38 51.87 71.83
C CYS F 126 30.43 51.01 71.01
N LYS F 127 30.81 50.74 69.77
CA LYS F 127 30.03 49.86 68.91
C LYS F 127 30.38 48.42 69.26
N VAL F 128 29.48 47.74 69.96
CA VAL F 128 29.62 46.33 70.25
C VAL F 128 28.65 45.55 69.38
N THR F 129 28.86 44.25 69.33
CA THR F 129 27.90 43.32 68.75
C THR F 129 28.14 41.94 69.35
N GLY F 130 27.05 41.18 69.46
CA GLY F 130 27.12 39.84 69.98
C GLY F 130 26.54 38.89 68.97
N ARG F 131 27.00 37.64 68.99
CA ARG F 131 26.52 36.64 68.06
C ARG F 131 26.18 35.37 68.83
N CYS F 132 24.92 34.93 68.71
CA CYS F 132 24.49 33.66 69.30
C CYS F 132 23.57 32.99 68.31
N GLY F 133 24.05 31.96 67.66
CA GLY F 133 23.35 31.39 66.52
C GLY F 133 23.79 32.06 65.23
N SER F 134 22.85 32.69 64.53
CA SER F 134 23.16 33.44 63.32
C SER F 134 23.01 34.94 63.49
N VAL F 135 22.39 35.39 64.58
CA VAL F 135 22.01 36.79 64.75
C VAL F 135 23.23 37.61 65.14
N LEU F 136 23.39 38.77 64.51
CA LEU F 136 24.33 39.79 64.96
C LEU F 136 23.55 41.00 65.43
N VAL F 137 23.65 41.31 66.72
CA VAL F 137 22.93 42.42 67.34
C VAL F 137 23.94 43.51 67.60
N ARG F 138 24.00 44.50 66.72
CA ARG F 138 25.01 45.55 66.82
C ARG F 138 24.42 46.72 67.57
N LEU F 139 25.07 47.11 68.66
CA LEU F 139 24.67 48.30 69.41
C LEU F 139 25.60 49.43 69.03
N ILE F 140 25.00 50.55 68.63
CA ILE F 140 25.76 51.70 68.17
C ILE F 140 25.39 52.85 69.10
N PRO F 141 26.34 53.62 69.62
CA PRO F 141 26.01 54.63 70.62
C PRO F 141 25.20 55.79 70.05
N ALA F 142 24.38 56.39 70.91
CA ALA F 142 23.36 57.30 70.46
C ALA F 142 23.50 58.65 71.15
N PRO F 143 23.07 59.74 70.51
CA PRO F 143 23.10 61.05 71.17
C PRO F 143 22.13 61.12 72.33
N ARG F 144 22.27 62.20 73.08
CA ARG F 144 21.53 62.37 74.32
C ARG F 144 20.10 62.74 74.01
N GLY F 145 19.18 61.79 74.15
CA GLY F 145 17.79 62.05 73.84
C GLY F 145 17.36 61.38 72.56
N THR F 146 17.80 60.14 72.39
CA THR F 146 17.49 59.31 71.24
C THR F 146 16.43 58.26 71.54
N GLY F 147 16.53 57.60 72.68
CA GLY F 147 15.74 56.43 72.94
C GLY F 147 16.50 55.20 72.48
N ILE F 148 15.91 54.05 72.72
CA ILE F 148 16.56 52.80 72.35
C ILE F 148 15.90 52.35 71.06
N VAL F 149 16.43 52.77 69.92
CA VAL F 149 15.79 52.44 68.66
C VAL F 149 16.10 51.00 68.30
N SER F 150 15.08 50.16 68.37
CA SER F 150 15.33 48.73 68.40
C SER F 150 14.09 47.95 68.01
N ALA F 151 14.31 46.65 67.79
CA ALA F 151 13.23 45.68 67.76
C ALA F 151 12.60 45.61 69.15
N PRO F 152 11.34 45.18 69.26
CA PRO F 152 10.64 45.23 70.56
C PRO F 152 11.26 44.41 71.67
N VAL F 153 11.78 43.22 71.37
CA VAL F 153 12.36 42.37 72.40
C VAL F 153 13.69 42.89 72.96
N PRO F 154 14.72 43.22 72.18
CA PRO F 154 15.97 43.64 72.82
C PRO F 154 15.93 45.06 73.31
N LYS F 155 14.98 45.88 72.85
CA LYS F 155 14.73 47.15 73.51
C LYS F 155 14.31 46.93 74.95
N LYS F 156 13.46 45.93 75.16
CA LYS F 156 12.95 45.63 76.49
C LYS F 156 14.06 45.10 77.38
N LEU F 157 15.02 44.41 76.79
CA LEU F 157 16.15 43.93 77.57
C LEU F 157 17.06 45.08 77.98
N LEU F 158 17.24 46.07 77.10
CA LEU F 158 18.05 47.23 77.45
C LEU F 158 17.27 48.21 78.32
N MET F 159 15.93 48.17 78.23
CA MET F 159 15.10 49.03 79.06
C MET F 159 15.20 48.64 80.53
N MET F 160 15.49 47.36 80.80
CA MET F 160 15.75 46.86 82.13
C MET F 160 17.18 47.03 82.58
N ALA F 161 18.08 47.45 81.69
CA ALA F 161 19.47 47.70 82.08
C ALA F 161 19.68 49.13 82.56
N GLY F 162 19.11 50.09 81.86
CA GLY F 162 19.35 51.49 82.13
C GLY F 162 20.02 52.25 81.03
N ILE F 163 20.15 51.66 79.85
CA ILE F 163 20.54 52.42 78.68
C ILE F 163 19.40 53.39 78.35
N ASP F 164 19.67 54.69 78.42
CA ASP F 164 18.73 55.65 77.85
C ASP F 164 18.64 55.49 76.35
N ASP F 165 19.78 55.56 75.67
CA ASP F 165 19.80 55.81 74.25
C ASP F 165 20.75 54.83 73.60
N CYS F 166 20.29 54.14 72.55
CA CYS F 166 21.15 53.19 71.85
C CYS F 166 20.60 52.91 70.46
N TYR F 167 21.47 53.02 69.45
CA TYR F 167 21.14 52.55 68.11
C TYR F 167 21.40 51.06 68.00
N THR F 168 20.57 50.38 67.21
CA THR F 168 20.68 48.93 67.07
C THR F 168 20.76 48.54 65.60
N SER F 169 21.05 47.25 65.39
CA SER F 169 20.96 46.60 64.09
C SER F 169 20.86 45.10 64.33
N ALA F 170 20.22 44.40 63.40
CA ALA F 170 20.02 42.96 63.58
C ALA F 170 19.83 42.29 62.24
N ARG F 171 20.74 41.38 61.90
CA ARG F 171 20.67 40.60 60.67
C ARG F 171 20.64 39.12 61.02
N GLY F 172 19.74 38.38 60.40
CA GLY F 172 19.68 36.96 60.59
C GLY F 172 18.27 36.53 60.85
N CYS F 173 18.11 35.34 61.42
CA CYS F 173 16.79 34.89 61.85
C CYS F 173 16.38 35.72 63.06
N THR F 174 15.60 36.75 62.82
CA THR F 174 15.08 37.54 63.90
C THR F 174 13.78 36.93 64.43
N ALA F 175 13.28 35.87 63.82
CA ALA F 175 12.02 35.28 64.25
C ALA F 175 12.15 34.37 65.46
N THR F 176 13.36 34.15 65.97
CA THR F 176 13.55 33.20 67.06
C THR F 176 14.04 33.93 68.31
N LEU F 177 13.25 33.85 69.39
CA LEU F 177 13.57 34.62 70.57
C LEU F 177 14.61 33.94 71.45
N GLY F 178 14.91 32.67 71.19
CA GLY F 178 16.03 32.05 71.87
C GLY F 178 17.36 32.66 71.49
N ASN F 179 17.56 32.91 70.20
CA ASN F 179 18.84 33.45 69.76
C ASN F 179 18.90 34.96 69.96
N PHE F 180 17.85 35.65 69.50
CA PHE F 180 17.86 37.10 69.38
C PHE F 180 17.91 37.77 70.75
N ALA F 181 17.43 37.08 71.78
CA ALA F 181 17.61 37.56 73.14
C ALA F 181 18.96 37.16 73.72
N LYS F 182 19.52 36.01 73.32
CA LYS F 182 20.84 35.65 73.84
C LYS F 182 21.94 36.40 73.12
N ALA F 183 21.74 36.78 71.86
CA ALA F 183 22.77 37.51 71.15
C ALA F 183 22.82 38.96 71.57
N THR F 184 21.67 39.53 71.95
CA THR F 184 21.65 40.83 72.64
C THR F 184 22.41 40.75 73.95
N PHE F 185 22.18 39.69 74.71
CA PHE F 185 22.80 39.52 76.01
C PHE F 185 24.30 39.29 75.89
N ASP F 186 24.75 38.66 74.81
CA ASP F 186 26.17 38.41 74.62
C ASP F 186 26.94 39.72 74.43
N ALA F 187 26.35 40.67 73.73
CA ALA F 187 27.03 41.93 73.46
C ALA F 187 27.14 42.79 74.71
N ILE F 188 26.07 42.84 75.52
CA ILE F 188 26.13 43.69 76.71
C ILE F 188 26.88 43.05 77.85
N SER F 189 27.43 41.87 77.66
CA SER F 189 28.54 41.42 78.49
C SER F 189 29.89 41.86 77.93
N LYS F 190 29.96 42.15 76.61
CA LYS F 190 31.22 42.56 76.00
C LYS F 190 31.62 43.98 76.31
N THR F 191 30.74 44.78 76.93
CA THR F 191 31.05 46.19 77.16
C THR F 191 32.22 46.36 78.12
N TYR F 192 32.45 45.40 78.99
CA TYR F 192 33.68 45.39 79.78
C TYR F 192 34.80 44.63 79.12
N SER F 193 34.51 43.55 78.39
CA SER F 193 35.56 42.76 77.78
C SER F 193 36.28 43.48 76.66
N TYR F 194 35.63 44.45 76.03
CA TYR F 194 36.26 45.25 74.99
C TYR F 194 37.10 46.35 75.62
N LEU F 195 38.25 46.65 75.02
CA LEU F 195 39.18 47.62 75.60
C LEU F 195 38.69 49.03 75.37
N THR F 196 39.56 49.97 75.71
CA THR F 196 39.28 51.39 75.69
C THR F 196 40.58 52.16 75.85
N PRO F 197 40.69 53.33 75.25
CA PRO F 197 41.93 54.10 75.36
C PRO F 197 42.06 54.90 76.63
N ASP F 198 41.30 54.59 77.69
CA ASP F 198 41.53 55.25 78.96
C ASP F 198 41.90 54.26 80.05
N LEU F 199 42.27 53.05 79.65
CA LEU F 199 42.68 51.99 80.57
C LEU F 199 44.08 51.49 80.23
N TRP F 200 45.00 52.42 80.00
CA TRP F 200 46.38 52.07 79.69
C TRP F 200 47.15 51.58 80.91
N LYS F 201 46.67 51.90 82.09
CA LYS F 201 47.48 51.81 83.30
C LYS F 201 47.75 50.37 83.70
N GLU F 202 49.00 50.10 84.07
CA GLU F 202 49.30 48.92 84.87
C GLU F 202 48.57 49.02 86.20
N THR F 203 47.71 48.05 86.49
CA THR F 203 46.74 48.17 87.57
C THR F 203 47.40 47.98 88.93
N VAL F 204 46.58 47.91 89.98
CA VAL F 204 47.05 48.04 91.35
C VAL F 204 47.03 46.68 92.06
N PHE F 205 46.08 45.83 91.66
CA PHE F 205 45.88 44.48 92.19
C PHE F 205 45.61 44.48 93.71
N THR F 206 44.40 44.91 94.05
CA THR F 206 43.87 44.71 95.40
C THR F 206 43.79 43.22 95.75
N LYS F 207 43.63 42.94 97.04
CA LYS F 207 43.65 41.57 97.54
C LYS F 207 42.28 40.91 97.46
N SER F 208 42.31 39.59 97.29
CA SER F 208 41.10 38.78 97.16
C SER F 208 40.34 38.71 98.50
N PRO F 209 39.02 38.52 98.47
CA PRO F 209 38.30 38.23 99.71
C PRO F 209 38.65 36.89 100.32
N TYR F 210 39.05 35.93 99.50
CA TYR F 210 39.74 34.76 100.01
C TYR F 210 41.05 35.13 100.68
N GLN F 211 41.83 36.03 100.07
CA GLN F 211 43.10 36.44 100.68
C GLN F 211 42.92 37.22 101.96
N GLU F 212 42.05 38.22 101.97
CA GLU F 212 42.05 39.15 103.08
C GLU F 212 41.30 38.63 104.28
N PHE F 213 40.24 37.87 104.06
CA PHE F 213 39.44 37.35 105.16
C PHE F 213 39.74 35.88 105.38
N THR F 214 40.98 35.48 105.10
CA THR F 214 41.38 34.09 105.31
C THR F 214 41.36 33.73 106.78
N ASP F 215 41.83 34.63 107.65
CA ASP F 215 41.68 34.42 109.09
C ASP F 215 40.22 34.46 109.49
N HIS F 216 39.43 35.32 108.85
CA HIS F 216 37.98 35.23 109.02
C HIS F 216 37.44 33.97 108.37
N LEU F 217 38.13 33.42 107.36
CA LEU F 217 37.76 32.11 106.84
C LEU F 217 38.22 30.97 107.75
N VAL F 218 39.20 31.19 108.63
CA VAL F 218 39.64 30.14 109.54
C VAL F 218 38.55 29.81 110.55
N LYS F 219 38.01 30.83 111.23
CA LYS F 219 36.95 30.60 112.21
C LYS F 219 35.64 30.18 111.57
N THR F 220 35.43 30.47 110.27
CA THR F 220 34.20 30.14 109.59
C THR F 220 34.30 28.91 108.70
N HIS F 221 35.48 28.30 108.59
CA HIS F 221 35.57 26.96 108.03
C HIS F 221 35.44 25.91 109.13
N THR F 222 35.90 26.24 110.33
CA THR F 222 35.68 25.42 111.52
C THR F 222 34.27 25.61 112.06
N VAL I 1 -63.30 -44.41 22.33
CA VAL I 1 -63.42 -43.14 21.64
C VAL I 1 -62.05 -42.77 21.04
N LYS I 2 -61.07 -43.66 21.15
CA LYS I 2 -59.70 -43.23 20.83
C LYS I 2 -59.38 -43.32 19.34
N VAL I 3 -59.35 -44.51 18.75
CA VAL I 3 -59.04 -44.68 17.32
C VAL I 3 -60.07 -45.67 16.78
N VAL I 4 -60.51 -45.46 15.55
CA VAL I 4 -61.47 -46.38 14.91
C VAL I 4 -60.83 -47.01 13.68
N LYS I 5 -60.88 -48.34 13.60
CA LYS I 5 -59.96 -49.10 12.74
C LYS I 5 -60.39 -49.05 11.28
N ASN I 6 -61.67 -49.34 11.02
CA ASN I 6 -62.07 -49.86 9.72
C ASN I 6 -63.23 -49.06 9.17
N LYS I 7 -63.00 -48.41 8.03
CA LYS I 7 -64.10 -47.76 7.33
C LYS I 7 -64.07 -48.01 5.83
N ALA I 8 -62.87 -47.89 5.26
CA ALA I 8 -62.58 -48.21 3.87
C ALA I 8 -61.63 -49.36 3.78
N TYR I 9 -61.36 -50.00 4.93
CA TYR I 9 -60.77 -51.33 4.98
C TYR I 9 -61.42 -52.25 3.97
N PHE I 10 -62.76 -52.29 3.96
CA PHE I 10 -63.51 -53.22 3.15
C PHE I 10 -63.47 -52.88 1.67
N LYS I 11 -63.45 -51.59 1.35
CA LYS I 11 -63.44 -51.19 -0.06
C LYS I 11 -62.10 -51.51 -0.69
N ARG I 12 -61.07 -51.63 0.13
CA ARG I 12 -59.72 -51.89 -0.29
C ARG I 12 -59.27 -53.31 0.05
N TYR I 13 -60.07 -54.05 0.81
CA TYR I 13 -59.72 -55.39 1.26
C TYR I 13 -59.72 -56.38 0.11
N GLN I 14 -58.84 -57.38 0.22
CA GLN I 14 -58.77 -58.46 -0.75
C GLN I 14 -58.91 -59.78 -0.03
N VAL I 15 -59.51 -60.76 -0.69
CA VAL I 15 -59.62 -62.07 -0.07
C VAL I 15 -58.26 -62.75 -0.07
N LYS I 16 -58.08 -63.68 0.87
CA LYS I 16 -56.94 -64.56 0.80
C LYS I 16 -57.06 -65.44 -0.44
N PHE I 17 -58.04 -66.35 -0.46
CA PHE I 17 -58.37 -67.24 -1.58
C PHE I 17 -59.57 -68.04 -1.10
N ARG I 18 -60.11 -68.90 -1.96
CA ARG I 18 -61.26 -69.70 -1.51
C ARG I 18 -60.82 -70.76 -0.51
N ARG I 19 -59.95 -71.66 -0.93
CA ARG I 19 -59.55 -72.77 -0.08
C ARG I 19 -58.75 -72.29 1.12
N ARG I 20 -58.04 -71.17 0.98
CA ARG I 20 -57.20 -70.65 2.04
C ARG I 20 -58.01 -70.05 3.18
N ARG I 21 -59.15 -69.42 2.87
CA ARG I 21 -59.98 -68.88 3.94
C ARG I 21 -60.62 -69.96 4.79
N GLU I 22 -60.90 -71.13 4.21
CA GLU I 22 -61.25 -72.25 5.05
C GLU I 22 -60.01 -72.87 5.68
N GLY I 23 -58.85 -72.65 5.09
CA GLY I 23 -57.63 -73.22 5.64
C GLY I 23 -57.45 -74.68 5.28
N LYS I 24 -57.40 -74.98 3.99
CA LYS I 24 -57.27 -76.37 3.56
C LYS I 24 -56.11 -76.62 2.62
N THR I 25 -55.66 -75.63 1.85
CA THR I 25 -54.43 -75.77 1.07
C THR I 25 -53.49 -74.63 1.45
N ASP I 26 -52.29 -74.64 0.88
CA ASP I 26 -51.39 -73.49 1.01
C ASP I 26 -50.84 -73.00 -0.30
N TYR I 27 -50.95 -73.79 -1.35
CA TYR I 27 -50.65 -73.49 -2.76
C TYR I 27 -49.17 -73.38 -3.08
N TYR I 28 -48.28 -73.22 -2.11
CA TYR I 28 -46.89 -73.11 -2.52
C TYR I 28 -46.25 -74.49 -2.60
N ALA I 29 -46.92 -75.49 -2.09
CA ALA I 29 -46.63 -76.86 -2.47
C ALA I 29 -47.57 -77.35 -3.55
N ARG I 30 -48.70 -76.66 -3.73
CA ARG I 30 -49.62 -77.10 -4.76
C ARG I 30 -49.26 -76.53 -6.13
N LYS I 31 -48.57 -75.38 -6.18
CA LYS I 31 -48.10 -74.77 -7.42
C LYS I 31 -46.98 -75.57 -8.07
N ARG I 32 -46.51 -76.63 -7.45
CA ARG I 32 -45.50 -77.48 -8.03
C ARG I 32 -45.92 -78.93 -8.17
N LEU I 33 -46.86 -79.39 -7.34
CA LEU I 33 -47.32 -80.78 -7.46
C LEU I 33 -48.19 -80.97 -8.68
N VAL I 34 -49.16 -80.09 -8.88
CA VAL I 34 -50.14 -80.27 -9.92
C VAL I 34 -49.54 -80.08 -11.31
N ILE I 35 -48.64 -79.13 -11.46
CA ILE I 35 -48.41 -78.47 -12.74
C ILE I 35 -47.56 -79.32 -13.67
N GLN I 36 -48.04 -79.46 -14.90
CA GLN I 36 -47.39 -80.24 -15.94
C GLN I 36 -46.27 -79.44 -16.60
N ASP I 37 -45.17 -80.11 -16.90
CA ASP I 37 -44.13 -79.50 -17.70
C ASP I 37 -44.52 -79.60 -19.16
N LYS I 38 -44.34 -78.50 -19.90
CA LYS I 38 -44.96 -78.43 -21.22
C LYS I 38 -44.23 -79.22 -22.30
N ASN I 39 -43.14 -79.91 -21.97
CA ASN I 39 -42.62 -80.92 -22.89
C ASN I 39 -43.30 -82.26 -22.74
N LYS I 40 -44.37 -82.34 -21.96
CA LYS I 40 -45.19 -83.53 -21.91
C LYS I 40 -46.60 -83.28 -22.45
N TYR I 41 -47.07 -82.03 -22.39
CA TYR I 41 -48.18 -81.43 -23.12
C TYR I 41 -49.58 -81.91 -22.76
N ASN I 42 -49.74 -83.15 -22.29
CA ASN I 42 -51.02 -83.59 -21.76
C ASN I 42 -50.82 -84.57 -20.62
N THR I 43 -49.68 -85.27 -20.64
CA THR I 43 -49.46 -86.54 -19.97
C THR I 43 -49.51 -86.31 -18.47
N PRO I 44 -50.62 -86.65 -17.84
CA PRO I 44 -50.98 -86.01 -16.57
C PRO I 44 -50.15 -86.54 -15.41
N LYS I 45 -49.94 -85.67 -14.43
CA LYS I 45 -49.11 -85.99 -13.29
C LYS I 45 -50.02 -86.42 -12.17
N TYR I 46 -49.85 -87.63 -11.70
CA TYR I 46 -50.77 -88.21 -10.74
C TYR I 46 -50.31 -87.85 -9.34
N ARG I 47 -51.27 -87.64 -8.46
CA ARG I 47 -51.01 -87.17 -7.11
C ARG I 47 -51.62 -88.15 -6.14
N MET I 48 -50.80 -88.82 -5.33
CA MET I 48 -51.34 -89.69 -4.31
C MET I 48 -51.58 -88.89 -3.05
N ILE I 49 -52.84 -88.71 -2.69
CA ILE I 49 -53.26 -87.76 -1.70
C ILE I 49 -53.54 -88.51 -0.42
N VAL I 50 -52.98 -88.04 0.68
CA VAL I 50 -53.32 -88.55 2.00
C VAL I 50 -53.82 -87.37 2.82
N ARG I 51 -55.09 -87.40 3.19
CA ARG I 51 -55.63 -86.49 4.18
C ARG I 51 -56.14 -87.36 5.33
N VAL I 52 -55.46 -87.30 6.46
CA VAL I 52 -55.88 -88.01 7.65
C VAL I 52 -56.78 -87.08 8.45
N THR I 53 -58.02 -87.49 8.67
CA THR I 53 -58.90 -86.79 9.59
C THR I 53 -58.86 -87.51 10.93
N ASN I 54 -59.61 -86.96 11.88
CA ASN I 54 -59.98 -87.76 13.02
C ASN I 54 -60.97 -88.82 12.57
N ARG I 55 -60.95 -89.96 13.27
CA ARG I 55 -61.88 -91.09 13.14
C ARG I 55 -61.77 -91.84 11.81
N ASP I 56 -60.99 -91.35 10.85
CA ASP I 56 -60.93 -91.86 9.49
C ASP I 56 -59.75 -91.22 8.78
N ILE I 57 -59.09 -91.99 7.92
CA ILE I 57 -58.06 -91.43 7.05
C ILE I 57 -58.54 -91.61 5.61
N ILE I 58 -57.97 -90.82 4.71
CA ILE I 58 -58.46 -90.75 3.34
C ILE I 58 -57.27 -90.82 2.39
N CYS I 59 -57.26 -91.82 1.51
CA CYS I 59 -56.26 -91.96 0.46
C CYS I 59 -56.95 -91.96 -0.89
N GLN I 60 -56.49 -91.10 -1.79
CA GLN I 60 -57.01 -91.04 -3.15
C GLN I 60 -55.85 -90.86 -4.10
N ILE I 61 -56.11 -91.06 -5.38
CA ILE I 61 -55.19 -90.68 -6.42
C ILE I 61 -55.90 -89.74 -7.37
N ALA I 62 -55.39 -88.52 -7.49
CA ALA I 62 -55.93 -87.58 -8.44
C ALA I 62 -54.86 -87.12 -9.41
N TYR I 63 -55.32 -86.72 -10.60
CA TYR I 63 -54.54 -85.91 -11.50
C TYR I 63 -55.38 -84.68 -11.79
N ALA I 64 -54.75 -83.64 -12.29
CA ALA I 64 -55.31 -82.30 -12.18
C ALA I 64 -55.56 -81.67 -13.54
N ARG I 65 -56.77 -81.14 -13.73
CA ARG I 65 -57.17 -80.56 -14.99
C ARG I 65 -57.73 -79.16 -14.73
N ILE I 66 -57.90 -78.42 -15.82
CA ILE I 66 -58.17 -76.99 -15.76
C ILE I 66 -59.60 -76.70 -15.32
N GLU I 67 -60.51 -77.65 -15.46
CA GLU I 67 -61.86 -77.48 -14.93
C GLU I 67 -62.02 -78.12 -13.56
N GLY I 68 -60.93 -78.59 -12.97
CA GLY I 68 -60.99 -79.19 -11.66
C GLY I 68 -60.13 -80.44 -11.66
N ASP I 69 -59.84 -81.00 -10.49
CA ASP I 69 -59.03 -82.21 -10.44
C ASP I 69 -59.85 -83.41 -10.88
N MET I 70 -59.14 -84.49 -11.21
CA MET I 70 -59.77 -85.73 -11.62
C MET I 70 -59.20 -86.86 -10.77
N ILE I 71 -60.07 -87.55 -10.04
CA ILE I 71 -59.68 -88.58 -9.07
C ILE I 71 -59.79 -89.93 -9.73
N VAL I 72 -58.73 -90.74 -9.60
CA VAL I 72 -58.67 -92.04 -10.25
C VAL I 72 -59.19 -93.15 -9.35
N CYS I 73 -58.89 -93.08 -8.06
CA CYS I 73 -59.13 -94.21 -7.18
C CYS I 73 -59.34 -93.69 -5.76
N ALA I 74 -60.07 -94.47 -4.95
CA ALA I 74 -60.45 -93.99 -3.63
C ALA I 74 -60.39 -95.12 -2.62
N ALA I 75 -59.73 -94.88 -1.48
CA ALA I 75 -59.63 -95.87 -0.42
C ALA I 75 -59.69 -95.17 0.93
N TYR I 76 -60.71 -95.49 1.71
CA TYR I 76 -60.90 -94.90 3.01
C TYR I 76 -60.64 -95.93 4.07
N ALA I 77 -60.41 -95.46 5.29
CA ALA I 77 -60.20 -96.39 6.39
C ALA I 77 -61.49 -96.92 6.97
N HIS I 78 -62.63 -96.30 6.66
CA HIS I 78 -63.87 -96.72 7.28
C HIS I 78 -64.49 -97.96 6.64
N GLU I 79 -63.72 -98.79 5.96
CA GLU I 79 -64.22 -99.97 5.27
C GLU I 79 -63.71 -101.26 5.88
N LEU I 80 -62.51 -101.21 6.46
CA LEU I 80 -61.73 -102.31 7.01
C LEU I 80 -62.39 -103.21 8.08
N PRO I 81 -63.45 -102.79 8.79
CA PRO I 81 -64.28 -103.79 9.48
C PRO I 81 -64.81 -104.88 8.57
N LYS I 82 -65.05 -104.60 7.30
CA LYS I 82 -65.35 -105.66 6.36
C LYS I 82 -64.10 -106.45 5.98
N TYR I 83 -62.92 -105.87 6.13
CA TYR I 83 -61.68 -106.55 5.77
C TYR I 83 -61.00 -107.18 6.97
N GLY I 84 -61.56 -107.07 8.16
CA GLY I 84 -61.03 -107.80 9.28
C GLY I 84 -60.66 -106.92 10.46
N VAL I 85 -60.18 -105.72 10.19
CA VAL I 85 -59.74 -104.81 11.23
C VAL I 85 -60.94 -104.02 11.72
N LYS I 86 -61.39 -104.31 12.94
CA LYS I 86 -62.59 -103.67 13.48
C LYS I 86 -62.32 -102.22 13.85
N VAL I 87 -61.43 -102.00 14.80
CA VAL I 87 -61.23 -100.67 15.36
C VAL I 87 -59.78 -100.25 15.28
N GLY I 88 -59.46 -99.05 15.75
CA GLY I 88 -58.16 -98.48 15.54
C GLY I 88 -57.95 -98.02 14.11
N LEU I 89 -58.76 -97.07 13.67
CA LEU I 89 -58.84 -96.69 12.27
C LEU I 89 -58.11 -95.39 11.95
N THR I 90 -57.34 -94.83 12.88
CA THR I 90 -56.47 -93.72 12.55
C THR I 90 -55.02 -93.97 12.94
N ASN I 91 -54.67 -95.20 13.27
CA ASN I 91 -53.31 -95.43 13.76
C ASN I 91 -52.36 -95.57 12.59
N TYR I 92 -51.10 -95.88 12.91
CA TYR I 92 -50.16 -96.19 11.85
C TYR I 92 -50.50 -97.51 11.18
N ALA I 93 -51.11 -98.42 11.92
CA ALA I 93 -51.36 -99.74 11.38
C ALA I 93 -52.46 -99.72 10.34
N ALA I 94 -53.53 -98.97 10.59
CA ALA I 94 -54.54 -98.81 9.56
C ALA I 94 -54.06 -97.88 8.45
N ALA I 95 -53.07 -97.03 8.74
CA ALA I 95 -52.52 -96.17 7.71
C ALA I 95 -51.75 -96.95 6.66
N TYR I 96 -50.92 -97.90 7.09
CA TYR I 96 -50.29 -98.80 6.13
C TYR I 96 -51.33 -99.65 5.42
N CYS I 97 -52.32 -100.14 6.17
CA CYS I 97 -53.30 -101.06 5.62
C CYS I 97 -54.21 -100.38 4.62
N THR I 98 -54.29 -99.05 4.67
CA THR I 98 -55.13 -98.32 3.72
C THR I 98 -54.44 -98.13 2.38
N GLY I 99 -53.14 -97.81 2.38
CA GLY I 99 -52.45 -97.60 1.12
C GLY I 99 -52.31 -98.88 0.32
N LEU I 100 -52.12 -99.99 1.00
CA LEU I 100 -52.11 -101.30 0.38
C LEU I 100 -53.45 -101.61 -0.27
N LEU I 101 -54.54 -101.17 0.36
CA LEU I 101 -55.83 -101.24 -0.32
C LEU I 101 -55.87 -100.35 -1.54
N LEU I 102 -55.28 -99.16 -1.43
CA LEU I 102 -55.40 -98.15 -2.49
C LEU I 102 -54.66 -98.58 -3.74
N ALA I 103 -53.44 -99.09 -3.58
CA ALA I 103 -52.66 -99.47 -4.75
C ALA I 103 -53.21 -100.72 -5.41
N ARG I 104 -53.70 -101.68 -4.62
CA ARG I 104 -54.31 -102.86 -5.23
C ARG I 104 -55.60 -102.52 -5.93
N ARG I 105 -56.35 -101.55 -5.42
CA ARG I 105 -57.61 -101.16 -6.06
C ARG I 105 -57.34 -100.43 -7.36
N LEU I 106 -56.25 -99.66 -7.40
CA LEU I 106 -55.86 -98.94 -8.61
C LEU I 106 -55.45 -99.91 -9.70
N LEU I 107 -54.57 -100.86 -9.36
CA LEU I 107 -54.06 -101.80 -10.34
C LEU I 107 -55.15 -102.76 -10.81
N ASN I 108 -56.18 -102.95 -9.99
CA ASN I 108 -57.31 -103.79 -10.37
C ASN I 108 -58.07 -103.21 -11.54
N ARG I 109 -58.26 -101.88 -11.54
CA ARG I 109 -58.97 -101.21 -12.63
C ARG I 109 -58.18 -101.30 -13.93
N PHE I 110 -56.88 -101.07 -13.86
CA PHE I 110 -56.08 -100.89 -15.07
C PHE I 110 -55.72 -102.19 -15.73
N GLY I 111 -55.94 -103.32 -15.07
CA GLY I 111 -55.42 -104.56 -15.58
C GLY I 111 -53.95 -104.75 -15.33
N MET I 112 -53.40 -104.01 -14.38
CA MET I 112 -52.00 -104.15 -13.98
C MET I 112 -51.87 -105.13 -12.81
N ASP I 113 -52.50 -106.29 -12.86
CA ASP I 113 -52.54 -107.06 -11.62
C ASP I 113 -51.51 -108.18 -11.57
N LYS I 114 -51.39 -108.97 -12.62
CA LYS I 114 -50.53 -110.15 -12.50
C LYS I 114 -49.05 -109.81 -12.62
N ILE I 115 -48.72 -108.56 -12.89
CA ILE I 115 -47.38 -108.05 -12.71
C ILE I 115 -47.39 -107.12 -11.50
N TYR I 116 -46.18 -106.71 -11.10
CA TYR I 116 -45.94 -105.64 -10.13
C TYR I 116 -46.50 -106.00 -8.75
N GLU I 117 -46.19 -107.21 -8.31
CA GLU I 117 -46.68 -107.66 -7.01
C GLU I 117 -45.99 -106.92 -5.88
N GLY I 118 -44.72 -106.57 -6.06
CA GLY I 118 -44.06 -105.71 -5.10
C GLY I 118 -43.71 -106.44 -3.82
N GLN I 119 -44.09 -105.86 -2.70
CA GLN I 119 -43.78 -106.43 -1.40
C GLN I 119 -44.85 -107.46 -1.04
N VAL I 120 -44.40 -108.56 -0.45
CA VAL I 120 -45.28 -109.62 0.02
C VAL I 120 -45.37 -109.64 1.54
N GLU I 121 -44.23 -109.70 2.21
CA GLU I 121 -44.21 -109.72 3.67
C GLU I 121 -43.71 -108.39 4.23
N VAL I 122 -44.33 -107.95 5.33
CA VAL I 122 -43.83 -106.80 6.08
C VAL I 122 -42.49 -107.19 6.68
N THR I 123 -41.41 -106.61 6.14
CA THR I 123 -40.08 -106.80 6.67
C THR I 123 -39.46 -105.50 7.18
N GLY I 124 -40.09 -104.36 6.92
CA GLY I 124 -39.54 -103.09 7.31
C GLY I 124 -38.43 -102.58 6.42
N ASP I 125 -38.06 -103.32 5.37
CA ASP I 125 -36.98 -102.94 4.47
C ASP I 125 -37.48 -101.94 3.42
N GLU I 126 -36.56 -101.59 2.53
CA GLU I 126 -36.75 -100.48 1.61
C GLU I 126 -36.96 -101.00 0.19
N TYR I 127 -38.12 -101.59 -0.03
CA TYR I 127 -38.46 -101.96 -1.40
C TYR I 127 -39.01 -100.76 -2.14
N ASN I 128 -38.59 -100.60 -3.39
CA ASN I 128 -39.08 -99.56 -4.26
C ASN I 128 -39.35 -100.17 -5.63
N VAL I 129 -40.54 -99.92 -6.17
CA VAL I 129 -41.05 -100.67 -7.31
C VAL I 129 -40.35 -100.24 -8.58
N GLU I 130 -39.66 -101.15 -9.22
CA GLU I 130 -39.13 -100.89 -10.55
C GLU I 130 -39.79 -101.82 -11.56
N SER I 131 -39.87 -101.33 -12.79
CA SER I 131 -40.82 -101.81 -13.78
C SER I 131 -40.25 -102.95 -14.59
N ILE I 132 -41.04 -104.01 -14.74
CA ILE I 132 -40.68 -105.11 -15.64
C ILE I 132 -40.87 -104.56 -17.03
N ASP I 133 -39.79 -104.16 -17.66
CA ASP I 133 -39.89 -103.40 -18.89
C ASP I 133 -40.15 -104.33 -20.07
N GLY I 134 -40.52 -103.74 -21.21
CA GLY I 134 -41.09 -104.52 -22.28
C GLY I 134 -42.53 -104.91 -22.03
N GLN I 135 -43.18 -104.26 -21.08
CA GLN I 135 -44.54 -104.52 -20.62
C GLN I 135 -45.18 -103.19 -20.26
N PRO I 136 -46.46 -103.14 -19.87
CA PRO I 136 -46.99 -101.92 -19.24
C PRO I 136 -46.19 -101.50 -18.01
N GLY I 137 -45.88 -100.21 -17.95
CA GLY I 137 -44.90 -99.73 -17.02
C GLY I 137 -45.42 -99.51 -15.61
N ALA I 138 -44.46 -99.25 -14.71
CA ALA I 138 -44.75 -98.87 -13.34
C ALA I 138 -45.60 -97.61 -13.30
N PHE I 139 -46.45 -97.51 -12.29
CA PHE I 139 -47.29 -96.33 -12.18
C PHE I 139 -46.48 -95.27 -11.46
N THR I 140 -46.38 -94.09 -12.06
CA THR I 140 -45.62 -92.99 -11.49
C THR I 140 -46.59 -92.04 -10.80
N CYS I 141 -46.47 -91.93 -9.48
CA CYS I 141 -47.32 -91.06 -8.68
C CYS I 141 -46.49 -90.47 -7.55
N TYR I 142 -47.06 -89.46 -6.87
CA TYR I 142 -46.31 -88.68 -5.88
C TYR I 142 -47.22 -88.28 -4.72
N LEU I 143 -46.64 -88.12 -3.53
CA LEU I 143 -47.42 -87.69 -2.38
C LEU I 143 -47.91 -86.25 -2.48
N ASP I 144 -48.90 -85.95 -1.64
CA ASP I 144 -49.37 -84.58 -1.40
C ASP I 144 -49.84 -84.53 0.06
N ALA I 145 -48.91 -84.25 0.96
CA ALA I 145 -49.28 -84.17 2.37
C ALA I 145 -49.88 -82.81 2.70
N GLY I 146 -49.36 -81.75 2.09
CA GLY I 146 -49.96 -80.44 2.22
C GLY I 146 -49.65 -79.73 3.52
N LEU I 147 -50.68 -79.53 4.35
CA LEU I 147 -50.49 -78.74 5.56
C LEU I 147 -49.82 -79.52 6.69
N ALA I 148 -50.05 -80.82 6.78
CA ALA I 148 -49.56 -81.60 7.91
C ALA I 148 -48.04 -81.70 7.84
N ARG I 149 -47.36 -81.25 8.89
CA ARG I 149 -45.90 -81.32 8.90
C ARG I 149 -45.48 -82.76 9.17
N THR I 150 -44.50 -83.25 8.42
CA THR I 150 -44.18 -84.68 8.33
C THR I 150 -42.79 -84.97 8.91
N THR I 151 -42.73 -85.23 10.21
CA THR I 151 -41.49 -85.68 10.83
C THR I 151 -41.43 -87.21 10.77
N THR I 152 -40.25 -87.78 11.04
CA THR I 152 -39.96 -89.20 10.86
C THR I 152 -40.88 -90.04 11.73
N GLY I 153 -41.91 -90.61 11.13
CA GLY I 153 -42.88 -91.38 11.88
C GLY I 153 -44.29 -90.89 11.74
N ASN I 154 -44.56 -89.90 10.88
CA ASN I 154 -45.93 -89.47 10.65
C ASN I 154 -46.67 -90.56 9.89
N LYS I 155 -47.98 -90.65 10.15
CA LYS I 155 -48.75 -91.77 9.62
C LYS I 155 -49.08 -91.60 8.14
N VAL I 156 -48.87 -90.40 7.59
CA VAL I 156 -49.02 -90.19 6.14
C VAL I 156 -48.00 -91.02 5.37
N PHE I 157 -46.79 -91.17 5.91
CA PHE I 157 -45.79 -91.98 5.23
C PHE I 157 -46.14 -93.45 5.28
N GLY I 158 -46.99 -93.86 6.23
CA GLY I 158 -47.47 -95.22 6.24
C GLY I 158 -48.30 -95.53 5.01
N ALA I 159 -49.19 -94.61 4.64
CA ALA I 159 -49.99 -94.81 3.44
C ALA I 159 -49.15 -94.69 2.18
N LEU I 160 -48.08 -93.90 2.22
CA LEU I 160 -47.03 -94.03 1.23
C LEU I 160 -46.49 -95.44 1.20
N LYS I 161 -46.09 -95.95 2.38
CA LYS I 161 -45.51 -97.27 2.48
C LYS I 161 -46.53 -98.35 2.17
N GLY I 162 -47.81 -98.07 2.42
CA GLY I 162 -48.86 -98.94 1.92
C GLY I 162 -48.85 -99.05 0.41
N ALA I 163 -48.81 -97.92 -0.27
CA ALA I 163 -48.86 -97.97 -1.71
C ALA I 163 -47.52 -98.32 -2.32
N VAL I 164 -46.43 -98.06 -1.60
CA VAL I 164 -45.13 -98.53 -2.06
C VAL I 164 -45.09 -100.05 -2.00
N ASP I 165 -45.61 -100.63 -0.93
CA ASP I 165 -45.70 -102.08 -0.84
C ASP I 165 -46.86 -102.63 -1.65
N GLY I 166 -47.80 -101.78 -2.05
CA GLY I 166 -48.92 -102.23 -2.82
C GLY I 166 -48.69 -102.15 -4.31
N GLY I 167 -47.68 -101.40 -4.71
CA GLY I 167 -47.34 -101.43 -6.11
C GLY I 167 -47.35 -100.09 -6.83
N LEU I 168 -47.12 -98.99 -6.12
CA LEU I 168 -46.95 -97.70 -6.75
C LEU I 168 -45.50 -97.27 -6.61
N SER I 169 -44.89 -96.88 -7.73
CA SER I 169 -43.48 -96.52 -7.75
C SER I 169 -43.33 -95.04 -7.44
N ILE I 170 -43.51 -94.72 -6.17
CA ILE I 170 -43.44 -93.34 -5.69
C ILE I 170 -42.07 -93.11 -5.08
N PRO I 171 -41.31 -92.14 -5.57
CA PRO I 171 -39.96 -91.93 -5.02
C PRO I 171 -40.04 -91.35 -3.63
N HIS I 172 -39.31 -91.99 -2.72
CA HIS I 172 -39.26 -91.57 -1.33
C HIS I 172 -37.90 -91.99 -0.80
N SER I 173 -37.24 -91.08 -0.08
CA SER I 173 -36.12 -91.51 0.71
C SER I 173 -36.66 -92.19 1.96
N THR I 174 -35.93 -93.19 2.44
CA THR I 174 -36.41 -93.97 3.58
C THR I 174 -36.27 -93.26 4.91
N LYS I 175 -35.80 -92.02 4.92
CA LYS I 175 -35.38 -91.35 6.13
C LYS I 175 -36.49 -90.68 6.90
N ARG I 176 -37.76 -91.01 6.64
CA ARG I 176 -38.84 -90.42 7.44
C ARG I 176 -39.86 -91.46 7.88
N PHE I 177 -39.51 -92.72 7.85
CA PHE I 177 -40.27 -93.79 8.48
C PHE I 177 -39.82 -93.94 9.92
N PRO I 178 -40.63 -94.52 10.80
CA PRO I 178 -40.14 -94.78 12.16
C PRO I 178 -39.06 -95.85 12.15
N GLY I 179 -38.22 -95.79 13.18
CA GLY I 179 -37.01 -96.57 13.24
C GLY I 179 -35.79 -95.84 12.74
N TYR I 180 -35.97 -94.86 11.86
CA TYR I 180 -34.89 -94.00 11.41
C TYR I 180 -34.41 -93.16 12.58
N ASP I 181 -33.25 -93.53 13.11
CA ASP I 181 -32.70 -92.83 14.27
C ASP I 181 -32.22 -91.46 13.85
N SER I 182 -32.54 -90.46 14.69
CA SER I 182 -32.26 -89.08 14.34
C SER I 182 -30.76 -88.78 14.41
N GLU I 183 -30.11 -89.18 15.50
CA GLU I 183 -28.69 -88.85 15.68
C GLU I 183 -27.82 -89.75 14.81
N SER I 184 -27.82 -91.04 15.08
CA SER I 184 -27.11 -91.99 14.23
C SER I 184 -27.90 -92.16 12.95
N LYS I 185 -27.30 -91.76 11.82
CA LYS I 185 -28.01 -91.50 10.57
C LYS I 185 -28.67 -92.72 9.94
N GLU I 186 -28.40 -93.93 10.43
CA GLU I 186 -28.78 -95.14 9.73
C GLU I 186 -30.25 -95.46 10.00
N PHE I 187 -30.67 -96.67 9.62
CA PHE I 187 -32.06 -97.08 9.73
C PHE I 187 -32.13 -98.45 10.37
N ASN I 188 -33.26 -98.74 11.02
CA ASN I 188 -33.57 -100.05 11.55
C ASN I 188 -34.85 -100.52 10.89
N ALA I 189 -34.76 -101.65 10.18
CA ALA I 189 -35.93 -102.23 9.53
C ALA I 189 -36.82 -103.01 10.49
N GLU I 190 -36.26 -103.49 11.60
CA GLU I 190 -37.05 -104.23 12.57
C GLU I 190 -38.12 -103.36 13.19
N VAL I 191 -37.70 -102.21 13.72
CA VAL I 191 -38.58 -101.38 14.54
C VAL I 191 -39.65 -100.74 13.67
N HIS I 192 -39.37 -100.57 12.38
CA HIS I 192 -40.45 -100.21 11.48
C HIS I 192 -41.37 -101.40 11.21
N ARG I 193 -40.81 -102.60 11.06
CA ARG I 193 -41.63 -103.79 10.78
C ARG I 193 -42.57 -104.09 11.93
N LYS I 194 -42.06 -103.96 13.15
CA LYS I 194 -42.90 -103.95 14.35
C LYS I 194 -44.00 -102.91 14.25
N HIS I 195 -43.67 -101.72 13.75
CA HIS I 195 -44.55 -100.58 13.92
C HIS I 195 -45.72 -100.59 12.94
N ILE I 196 -45.53 -101.19 11.75
CA ILE I 196 -46.65 -101.39 10.83
C ILE I 196 -47.67 -102.32 11.45
N MET I 197 -47.21 -103.40 12.06
CA MET I 197 -48.08 -104.47 12.49
C MET I 197 -48.85 -104.12 13.75
N GLY I 198 -48.55 -102.98 14.36
CA GLY I 198 -49.36 -102.47 15.44
C GLY I 198 -48.94 -102.96 16.80
N GLN I 199 -47.69 -103.38 16.95
CA GLN I 199 -47.24 -103.81 18.25
C GLN I 199 -46.97 -102.63 19.18
N ASN I 200 -47.04 -101.41 18.66
CA ASN I 200 -47.07 -100.24 19.54
C ASN I 200 -48.31 -100.23 20.41
N VAL I 201 -49.49 -100.44 19.80
CA VAL I 201 -50.72 -100.39 20.59
C VAL I 201 -50.87 -101.66 21.40
N ALA I 202 -50.19 -102.74 21.00
CA ALA I 202 -50.08 -103.89 21.89
C ALA I 202 -49.30 -103.52 23.14
N ASP I 203 -48.17 -102.85 22.98
CA ASP I 203 -47.34 -102.59 24.15
C ASP I 203 -47.94 -101.55 25.07
N TYR I 204 -48.75 -100.64 24.55
CA TYR I 204 -49.40 -99.75 25.49
C TYR I 204 -50.61 -100.40 26.15
N MET I 205 -51.22 -101.40 25.50
CA MET I 205 -52.24 -102.22 26.16
C MET I 205 -51.67 -102.97 27.37
N ARG I 206 -50.48 -103.53 27.23
CA ARG I 206 -49.89 -104.30 28.32
C ARG I 206 -49.53 -103.39 29.48
N TYR I 207 -49.02 -102.19 29.18
CA TYR I 207 -48.60 -101.27 30.23
C TYR I 207 -49.80 -100.76 31.02
N LEU I 208 -50.95 -100.63 30.38
CA LEU I 208 -52.15 -100.23 31.10
C LEU I 208 -52.67 -101.37 31.98
N MET I 209 -52.55 -102.61 31.51
CA MET I 209 -53.00 -103.76 32.28
C MET I 209 -52.15 -104.01 33.52
N GLU I 210 -50.95 -103.45 33.57
CA GLU I 210 -50.08 -103.57 34.72
C GLU I 210 -50.17 -102.39 35.68
N GLU I 211 -50.56 -101.20 35.19
CA GLU I 211 -50.72 -100.03 36.05
C GLU I 211 -52.10 -99.97 36.69
N ASP I 212 -53.16 -99.85 35.89
CA ASP I 212 -54.51 -99.71 36.43
C ASP I 212 -55.54 -100.16 35.41
N GLU I 213 -56.58 -100.81 35.94
CA GLU I 213 -57.73 -101.20 35.15
C GLU I 213 -58.53 -99.99 34.70
N ASP I 214 -58.54 -98.94 35.53
CA ASP I 214 -59.43 -97.81 35.30
C ASP I 214 -59.02 -97.00 34.08
N ALA I 215 -57.72 -96.84 33.88
CA ALA I 215 -57.22 -96.14 32.69
C ALA I 215 -57.49 -96.96 31.43
N TYR I 216 -57.26 -98.26 31.52
CA TYR I 216 -57.42 -99.15 30.38
C TYR I 216 -58.88 -99.37 30.02
N LYS I 217 -59.81 -99.03 30.90
CA LYS I 217 -61.22 -99.09 30.57
C LYS I 217 -61.79 -97.73 30.18
N LYS I 218 -61.12 -96.64 30.58
CA LYS I 218 -61.58 -95.30 30.25
C LYS I 218 -61.30 -94.99 28.79
N GLN I 219 -60.03 -94.92 28.42
CA GLN I 219 -59.63 -95.09 27.03
C GLN I 219 -59.51 -96.57 26.75
N PHE I 220 -59.33 -96.89 25.47
CA PHE I 220 -59.30 -98.26 24.93
C PHE I 220 -60.58 -99.01 25.25
N SER I 221 -61.68 -98.26 25.39
CA SER I 221 -62.92 -98.81 25.91
C SER I 221 -63.61 -99.69 24.90
N GLN I 222 -63.46 -99.37 23.61
CA GLN I 222 -64.06 -100.21 22.61
C GLN I 222 -63.17 -101.41 22.27
N TYR I 223 -61.90 -101.39 22.69
CA TYR I 223 -61.06 -102.57 22.58
C TYR I 223 -61.61 -103.73 23.40
N ILE I 224 -61.94 -103.50 24.67
CA ILE I 224 -62.37 -104.56 25.56
C ILE I 224 -63.71 -105.15 25.12
N LYS I 225 -64.56 -104.33 24.50
CA LYS I 225 -65.91 -104.76 24.17
C LYS I 225 -65.94 -105.75 23.00
N ASN I 226 -64.99 -105.65 22.07
CA ASN I 226 -64.87 -106.68 21.07
C ASN I 226 -63.62 -107.53 21.28
N SER I 227 -63.43 -108.54 20.42
CA SER I 227 -62.25 -109.41 20.50
C SER I 227 -60.97 -108.65 20.22
N VAL I 228 -60.21 -108.36 21.28
CA VAL I 228 -58.95 -107.62 21.21
C VAL I 228 -58.05 -108.20 22.29
N THR I 229 -56.79 -108.43 21.94
CA THR I 229 -55.75 -109.02 22.77
C THR I 229 -54.48 -108.80 21.96
N PRO I 230 -53.29 -108.69 22.58
CA PRO I 230 -52.11 -108.28 21.79
C PRO I 230 -51.64 -109.22 20.67
N ASP I 231 -51.55 -110.52 20.90
CA ASP I 231 -51.02 -111.39 19.86
C ASP I 231 -52.01 -111.60 18.71
N MET I 232 -53.31 -111.40 18.94
CA MET I 232 -54.22 -111.44 17.80
C MET I 232 -54.04 -110.27 16.87
N MET I 233 -53.64 -109.10 17.38
CA MET I 233 -53.50 -107.93 16.52
C MET I 233 -52.35 -108.11 15.53
N GLU I 234 -51.31 -108.83 15.94
CA GLU I 234 -50.25 -109.23 15.04
C GLU I 234 -50.72 -110.29 14.05
N GLU I 235 -51.87 -110.90 14.27
CA GLU I 235 -52.52 -111.74 13.29
C GLU I 235 -53.73 -111.05 12.65
N MET I 236 -54.26 -110.01 13.29
CA MET I 236 -55.45 -109.33 12.79
C MET I 236 -55.15 -108.55 11.51
N TYR I 237 -54.09 -107.73 11.55
CA TYR I 237 -53.66 -107.01 10.36
C TYR I 237 -53.06 -107.94 9.32
N LYS I 238 -52.45 -109.05 9.79
CA LYS I 238 -51.83 -110.03 8.92
C LYS I 238 -52.84 -110.69 8.00
N LYS I 239 -53.96 -111.12 8.57
CA LYS I 239 -55.07 -111.61 7.76
C LYS I 239 -55.66 -110.51 6.92
N ALA I 240 -55.68 -109.28 7.43
CA ALA I 240 -56.16 -108.15 6.66
C ALA I 240 -55.26 -107.86 5.48
N HIS I 241 -53.96 -108.17 5.59
CA HIS I 241 -53.11 -108.11 4.41
C HIS I 241 -53.53 -109.16 3.39
N ALA I 242 -54.01 -110.31 3.86
CA ALA I 242 -54.35 -111.39 2.92
C ALA I 242 -55.61 -111.06 2.13
N ALA I 243 -56.67 -110.65 2.82
CA ALA I 243 -57.96 -110.48 2.15
C ALA I 243 -58.03 -109.22 1.31
N ILE I 244 -57.13 -108.27 1.51
CA ILE I 244 -57.10 -107.09 0.66
C ILE I 244 -56.43 -107.40 -0.67
N ARG I 245 -55.36 -108.18 -0.64
CA ARG I 245 -54.65 -108.54 -1.86
C ARG I 245 -55.45 -109.48 -2.76
N GLU I 246 -56.45 -110.17 -2.22
CA GLU I 246 -57.33 -110.98 -3.04
C GLU I 246 -58.57 -110.24 -3.51
N ASN I 247 -58.91 -109.12 -2.88
CA ASN I 247 -60.20 -108.51 -3.18
C ASN I 247 -60.19 -107.00 -2.95
N PRO I 248 -59.69 -106.20 -3.87
CA PRO I 248 -59.88 -104.75 -3.76
C PRO I 248 -61.03 -104.16 -4.59
N VAL I 249 -61.95 -104.99 -5.11
CA VAL I 249 -62.81 -104.59 -6.22
C VAL I 249 -63.81 -103.48 -5.89
N TYR I 250 -64.14 -103.28 -4.60
CA TYR I 250 -64.98 -102.18 -4.11
C TYR I 250 -66.38 -102.08 -4.72
N GLU I 251 -67.30 -102.93 -4.29
CA GLU I 251 -68.70 -102.76 -4.66
C GLU I 251 -69.33 -101.60 -3.86
N LYS I 252 -70.59 -101.29 -4.14
CA LYS I 252 -71.25 -100.08 -3.66
C LYS I 252 -72.46 -100.37 -2.76
N LYS I 253 -73.30 -99.33 -2.59
CA LYS I 253 -74.48 -99.29 -1.73
C LYS I 253 -75.69 -98.87 -2.55
N PRO I 254 -76.90 -99.37 -2.21
CA PRO I 254 -78.07 -99.08 -3.08
C PRO I 254 -78.60 -97.66 -3.01
N LYS I 255 -79.07 -97.23 -1.81
CA LYS I 255 -79.45 -95.85 -1.46
C LYS I 255 -80.62 -95.33 -2.28
N LYS I 256 -81.67 -96.12 -2.41
CA LYS I 256 -82.81 -95.72 -3.22
C LYS I 256 -83.70 -94.70 -2.48
N GLU I 257 -83.10 -93.63 -1.94
CA GLU I 257 -83.75 -92.72 -1.00
C GLU I 257 -85.01 -92.01 -1.50
N VAL I 258 -85.66 -91.30 -0.61
CA VAL I 258 -86.92 -90.63 -0.90
C VAL I 258 -86.69 -89.17 -0.57
N LYS I 259 -87.24 -88.28 -1.41
CA LYS I 259 -86.65 -86.95 -1.59
C LYS I 259 -87.44 -85.90 -0.83
N LYS I 260 -87.05 -85.71 0.42
CA LYS I 260 -87.64 -84.72 1.29
C LYS I 260 -86.66 -83.58 1.48
N LYS I 261 -87.19 -82.37 1.53
CA LYS I 261 -86.40 -81.15 1.67
C LYS I 261 -87.04 -80.34 2.81
N ARG I 262 -86.61 -80.62 4.02
CA ARG I 262 -87.18 -79.91 5.15
C ARG I 262 -86.11 -79.57 6.17
N TRP I 263 -84.87 -79.56 5.76
CA TRP I 263 -83.79 -79.40 6.71
C TRP I 263 -83.00 -78.13 6.45
N ASN I 264 -83.57 -77.22 5.67
CA ASN I 264 -82.89 -75.96 5.39
C ASN I 264 -83.94 -74.92 5.04
N ARG I 265 -83.96 -73.82 5.78
CA ARG I 265 -84.88 -72.74 5.46
C ARG I 265 -84.41 -72.03 4.20
N PRO I 266 -85.28 -71.78 3.22
CA PRO I 266 -84.87 -71.11 2.00
C PRO I 266 -84.84 -69.60 2.16
N LYS I 267 -84.32 -68.94 1.13
CA LYS I 267 -84.30 -67.49 1.09
C LYS I 267 -85.72 -66.95 0.97
N MET I 268 -85.99 -65.86 1.65
CA MET I 268 -87.26 -65.20 1.44
C MET I 268 -87.15 -64.18 0.31
N SER I 269 -88.29 -63.87 -0.30
CA SER I 269 -88.30 -63.16 -1.56
C SER I 269 -88.24 -61.65 -1.33
N LEU I 270 -88.30 -60.91 -2.43
CA LEU I 270 -88.16 -59.46 -2.38
C LEU I 270 -89.39 -58.81 -1.76
N ALA I 271 -90.57 -59.38 -2.02
CA ALA I 271 -91.80 -58.80 -1.49
C ALA I 271 -91.86 -58.94 0.03
N GLN I 272 -91.52 -60.11 0.55
CA GLN I 272 -91.55 -60.33 1.98
C GLN I 272 -90.44 -59.57 2.68
N LYS I 273 -89.29 -59.41 2.01
CA LYS I 273 -88.19 -58.64 2.59
C LYS I 273 -88.57 -57.18 2.75
N LYS I 274 -89.37 -56.66 1.82
CA LYS I 274 -89.95 -55.34 2.04
C LYS I 274 -91.07 -55.40 3.07
N ASP I 275 -91.74 -56.54 3.20
CA ASP I 275 -92.85 -56.60 4.13
C ASP I 275 -92.45 -56.96 5.56
N ARG I 276 -91.27 -57.55 5.77
CA ARG I 276 -90.75 -57.58 7.13
C ARG I 276 -90.38 -56.19 7.60
N VAL I 277 -90.05 -55.30 6.66
CA VAL I 277 -89.76 -53.93 7.04
C VAL I 277 -91.02 -53.21 7.53
N ALA I 278 -92.11 -53.32 6.78
CA ALA I 278 -93.31 -52.55 7.12
C ALA I 278 -93.97 -53.04 8.39
N GLN I 279 -93.80 -54.32 8.72
CA GLN I 279 -94.21 -54.78 10.04
C GLN I 279 -93.37 -54.11 11.11
N LYS I 280 -92.07 -53.99 10.89
CA LYS I 280 -91.20 -53.30 11.83
C LYS I 280 -91.35 -51.79 11.76
N LYS I 281 -91.78 -51.24 10.62
CA LYS I 281 -91.99 -49.80 10.53
C LYS I 281 -93.19 -49.37 11.37
N ALA I 282 -94.35 -49.97 11.12
CA ALA I 282 -95.58 -49.49 11.73
C ALA I 282 -95.67 -49.86 13.20
N SER I 283 -94.94 -50.90 13.62
CA SER I 283 -95.03 -51.30 15.02
C SER I 283 -94.29 -50.33 15.91
N PHE I 284 -93.26 -49.67 15.41
CA PHE I 284 -92.68 -48.58 16.18
C PHE I 284 -93.59 -47.35 16.17
N LEU I 285 -94.37 -47.19 15.09
CA LEU I 285 -95.30 -46.07 15.01
C LEU I 285 -96.42 -46.22 16.01
N ARG I 286 -96.92 -47.44 16.18
CA ARG I 286 -98.00 -47.70 17.14
C ARG I 286 -97.52 -47.48 18.56
N ALA I 287 -96.31 -47.96 18.87
CA ALA I 287 -95.77 -47.81 20.22
C ALA I 287 -95.34 -46.37 20.50
N GLN I 288 -95.18 -45.55 19.47
CA GLN I 288 -94.96 -44.14 19.74
C GLN I 288 -96.25 -43.45 20.14
N GLU I 289 -97.35 -43.71 19.43
CA GLU I 289 -98.58 -43.03 19.77
C GLU I 289 -99.19 -43.60 21.05
N ARG I 290 -99.27 -44.93 21.13
CA ARG I 290 -99.98 -45.57 22.24
C ARG I 290 -99.20 -45.46 23.55
N ALA I 291 -97.87 -45.53 23.50
CA ALA I 291 -97.09 -45.60 24.73
C ALA I 291 -96.37 -44.32 25.08
N ALA I 292 -95.86 -43.56 24.11
CA ALA I 292 -95.09 -42.37 24.48
C ALA I 292 -95.97 -41.19 24.85
N GLU I 293 -97.29 -41.33 24.79
CA GLU I 293 -98.22 -40.35 25.33
C GLU I 293 -98.59 -40.70 26.78
N SER I 294 -99.05 -41.92 27.02
CA SER I 294 -99.29 -42.41 28.37
C SER I 294 -99.23 -43.93 28.36
N PRO J 1 -95.43 -47.39 -110.52
CA PRO J 1 -94.56 -47.46 -109.34
C PRO J 1 -95.28 -47.01 -108.10
N HIS J 2 -94.62 -47.04 -106.95
CA HIS J 2 -95.23 -46.57 -105.73
C HIS J 2 -94.26 -45.63 -105.01
N CYS J 3 -94.85 -44.71 -104.24
CA CYS J 3 -94.11 -43.83 -103.36
C CYS J 3 -93.76 -44.59 -102.09
N SER J 4 -93.26 -43.88 -101.08
CA SER J 4 -92.48 -44.51 -100.03
C SER J 4 -93.30 -45.19 -98.93
N ARG J 5 -94.63 -45.08 -98.93
CA ARG J 5 -95.60 -45.76 -98.05
C ARG J 5 -95.50 -45.32 -96.58
N ASN J 6 -94.50 -44.52 -96.21
CA ASN J 6 -94.17 -44.30 -94.81
C ASN J 6 -93.95 -42.81 -94.59
N PRO J 7 -94.89 -42.13 -93.93
CA PRO J 7 -94.71 -40.70 -93.70
C PRO J 7 -93.64 -40.43 -92.67
N VAL J 8 -93.08 -39.23 -92.71
CA VAL J 8 -92.05 -38.82 -91.77
C VAL J 8 -92.66 -37.88 -90.74
N LEU J 9 -92.28 -38.07 -89.48
CA LEU J 9 -92.71 -37.20 -88.39
C LEU J 9 -91.54 -36.50 -87.71
N VAL J 10 -90.50 -37.24 -87.37
CA VAL J 10 -89.28 -36.71 -86.78
C VAL J 10 -88.16 -37.32 -87.60
N ARG J 11 -87.09 -36.53 -87.80
CA ARG J 11 -86.04 -36.73 -88.77
C ARG J 11 -85.44 -38.12 -88.68
N GLY J 12 -85.75 -38.95 -89.69
CA GLY J 12 -85.37 -40.34 -89.68
C GLY J 12 -86.15 -41.25 -88.75
N ILE J 13 -87.43 -40.98 -88.53
CA ILE J 13 -88.31 -41.90 -87.81
C ILE J 13 -89.59 -42.06 -88.62
N GLY J 14 -89.85 -43.29 -89.09
CA GLY J 14 -91.10 -43.58 -89.74
C GLY J 14 -92.24 -43.66 -88.75
N ARG J 15 -93.44 -43.37 -89.24
CA ARG J 15 -94.59 -43.22 -88.35
C ARG J 15 -95.09 -44.56 -87.83
N TYR J 16 -94.71 -45.67 -88.46
CA TYR J 16 -95.23 -46.98 -88.06
C TYR J 16 -94.10 -47.85 -87.55
N SER J 17 -94.46 -48.84 -86.74
CA SER J 17 -93.48 -49.72 -86.13
C SER J 17 -92.94 -50.72 -87.14
N ARG J 18 -91.96 -51.51 -86.70
CA ARG J 18 -91.25 -52.38 -87.61
C ARG J 18 -92.09 -53.58 -88.01
N SER J 19 -92.85 -54.16 -87.08
CA SER J 19 -93.66 -55.31 -87.45
C SER J 19 -94.90 -54.90 -88.25
N ALA J 20 -95.36 -53.66 -88.11
CA ALA J 20 -96.50 -53.23 -88.89
C ALA J 20 -96.10 -52.76 -90.28
N MET J 21 -94.88 -52.25 -90.44
CA MET J 21 -94.39 -51.92 -91.77
C MET J 21 -94.07 -53.18 -92.56
N TYR J 22 -93.80 -54.29 -91.87
CA TYR J 22 -93.77 -55.58 -92.53
C TYR J 22 -95.13 -55.90 -93.16
N SER J 23 -96.21 -55.64 -92.43
CA SER J 23 -97.54 -56.03 -92.89
C SER J 23 -98.26 -54.90 -93.61
N ARG J 24 -97.63 -53.76 -93.78
CA ARG J 24 -98.14 -52.79 -94.76
C ARG J 24 -97.63 -53.10 -96.15
N LYS J 25 -96.51 -53.80 -96.26
CA LYS J 25 -95.97 -54.15 -97.56
C LYS J 25 -96.50 -55.49 -98.07
N ALA J 26 -97.45 -56.08 -97.34
CA ALA J 26 -98.00 -57.42 -97.61
C ALA J 26 -96.90 -58.47 -97.68
N MET J 27 -95.98 -58.42 -96.73
CA MET J 27 -94.83 -59.31 -96.72
C MET J 27 -95.12 -60.65 -96.10
N TYR J 28 -96.38 -61.03 -95.94
CA TYR J 28 -96.71 -62.39 -95.58
C TYR J 28 -97.04 -63.24 -96.80
N LYS J 29 -96.95 -62.68 -98.00
CA LYS J 29 -97.26 -63.43 -99.22
C LYS J 29 -96.27 -63.20 -100.35
N ARG J 30 -95.16 -62.52 -100.11
CA ARG J 30 -94.22 -62.26 -101.19
C ARG J 30 -92.81 -62.63 -100.79
N LYS J 31 -92.66 -63.82 -100.23
CA LYS J 31 -91.36 -64.31 -99.80
C LYS J 31 -90.66 -64.95 -100.99
N TYR J 32 -90.05 -64.14 -101.83
CA TYR J 32 -89.51 -64.64 -103.08
C TYR J 32 -88.27 -65.50 -102.89
N PRO J 54 -59.14 -55.35 -137.26
CA PRO J 54 -59.17 -56.37 -138.32
C PRO J 54 -58.14 -56.14 -139.41
N VAL J 55 -58.30 -56.83 -140.54
CA VAL J 55 -57.23 -56.98 -141.52
C VAL J 55 -57.00 -55.68 -142.30
N GLY J 56 -57.97 -55.31 -143.14
CA GLY J 56 -57.86 -54.11 -143.98
C GLY J 56 -56.64 -54.04 -144.86
N GLY J 57 -56.25 -55.15 -145.50
CA GLY J 57 -55.10 -55.11 -146.38
C GLY J 57 -54.64 -56.50 -146.79
N ASP J 58 -53.46 -56.54 -147.40
CA ASP J 58 -52.82 -57.78 -147.80
C ASP J 58 -51.91 -58.30 -146.69
N LYS J 59 -51.47 -59.57 -146.85
CA LYS J 59 -50.32 -60.15 -146.15
C LYS J 59 -50.48 -60.12 -144.62
N ASN J 60 -51.72 -60.16 -144.16
CA ASN J 60 -52.06 -59.79 -142.79
C ASN J 60 -52.85 -60.91 -142.14
N GLY J 61 -52.56 -61.16 -140.87
CA GLY J 61 -52.84 -62.44 -140.25
C GLY J 61 -54.21 -62.67 -139.64
N GLY J 62 -54.96 -61.60 -139.39
CA GLY J 62 -56.30 -61.79 -138.87
C GLY J 62 -56.85 -60.51 -138.27
N THR J 63 -57.72 -60.68 -137.29
CA THR J 63 -58.39 -59.55 -136.67
C THR J 63 -57.47 -58.92 -135.64
N ARG J 64 -57.01 -57.68 -135.91
CA ARG J 64 -56.25 -56.94 -134.91
C ARG J 64 -57.18 -56.51 -133.81
N VAL J 65 -57.02 -57.12 -132.63
CA VAL J 65 -57.83 -56.73 -131.48
C VAL J 65 -57.43 -55.33 -131.04
N VAL J 66 -58.42 -54.45 -130.95
CA VAL J 66 -58.15 -53.11 -130.47
C VAL J 66 -57.89 -53.16 -128.98
N LYS J 67 -57.30 -52.10 -128.46
CA LYS J 67 -57.22 -51.95 -127.02
C LYS J 67 -58.09 -50.76 -126.63
N LEU J 68 -59.25 -51.05 -126.07
CA LEU J 68 -60.04 -50.05 -125.39
C LEU J 68 -59.29 -49.62 -124.13
N ARG J 69 -59.17 -48.30 -123.96
CA ARG J 69 -58.63 -47.65 -122.75
C ARG J 69 -57.16 -48.05 -122.52
N LYS J 70 -56.31 -47.53 -123.41
CA LYS J 70 -54.92 -47.98 -123.55
C LYS J 70 -54.07 -47.66 -122.32
N MET J 71 -52.75 -48.09 -122.37
CA MET J 71 -51.90 -47.99 -121.18
C MET J 71 -51.15 -46.66 -121.15
N PRO J 72 -50.88 -46.12 -119.97
CA PRO J 72 -50.28 -44.78 -119.90
C PRO J 72 -48.77 -44.79 -119.96
N ARG J 73 -48.24 -43.75 -120.58
CA ARG J 73 -46.84 -43.76 -121.01
C ARG J 73 -45.91 -43.38 -119.87
N TYR J 74 -46.01 -42.15 -119.42
CA TYR J 74 -45.11 -41.62 -118.43
C TYR J 74 -45.71 -41.79 -117.06
N TYR J 75 -44.97 -42.44 -116.16
CA TYR J 75 -45.36 -42.54 -114.77
C TYR J 75 -44.68 -41.43 -113.99
N PRO J 76 -45.44 -40.56 -113.32
CA PRO J 76 -44.80 -39.53 -112.50
C PRO J 76 -44.09 -40.18 -111.34
N THR J 77 -42.89 -39.69 -111.06
CA THR J 77 -41.92 -40.46 -110.32
C THR J 77 -42.20 -40.55 -108.83
N GLU J 78 -43.26 -39.94 -108.31
CA GLU J 78 -43.72 -40.25 -106.96
C GLU J 78 -45.21 -40.01 -106.87
N ASP J 79 -45.95 -41.08 -106.56
CA ASP J 79 -47.39 -41.02 -106.50
C ASP J 79 -47.82 -40.77 -105.07
N VAL J 80 -49.02 -40.21 -104.91
CA VAL J 80 -49.64 -40.01 -103.60
C VAL J 80 -50.59 -41.17 -103.36
N PRO J 81 -50.92 -41.49 -102.11
CA PRO J 81 -51.95 -42.49 -101.85
C PRO J 81 -53.35 -41.89 -102.02
N ARG J 82 -54.34 -42.74 -101.77
CA ARG J 82 -55.73 -42.42 -102.07
C ARG J 82 -56.45 -41.98 -100.80
N LYS J 83 -57.45 -41.12 -100.96
CA LYS J 83 -58.25 -40.63 -99.86
C LYS J 83 -59.12 -41.77 -99.28
N LEU J 84 -59.81 -41.45 -98.19
CA LEU J 84 -60.35 -42.48 -97.32
C LEU J 84 -61.88 -42.43 -97.26
N LEU J 85 -62.53 -41.62 -98.10
CA LEU J 85 -63.95 -41.59 -98.47
C LEU J 85 -64.91 -41.09 -97.40
N SER J 86 -64.52 -41.23 -96.15
CA SER J 86 -64.99 -40.53 -94.96
C SER J 86 -66.49 -40.59 -94.64
N HIS J 87 -67.36 -40.40 -95.66
CA HIS J 87 -68.81 -40.30 -95.51
C HIS J 87 -69.47 -39.88 -96.82
N GLY J 88 -70.65 -39.27 -96.68
CA GLY J 88 -71.55 -38.70 -97.67
C GLY J 88 -71.63 -37.17 -97.63
N LYS J 89 -70.48 -36.50 -97.79
CA LYS J 89 -70.36 -35.06 -97.60
C LYS J 89 -71.17 -34.23 -98.61
N LYS J 90 -71.53 -34.79 -99.80
CA LYS J 90 -72.51 -34.20 -100.74
C LYS J 90 -72.16 -32.82 -101.29
N PRO J 91 -71.40 -32.74 -102.38
CA PRO J 91 -71.05 -31.44 -103.00
C PRO J 91 -72.20 -30.46 -103.33
N PHE J 92 -71.83 -29.19 -103.56
CA PHE J 92 -72.70 -28.02 -103.39
C PHE J 92 -73.97 -28.02 -104.24
N SER J 93 -73.91 -28.70 -105.38
CA SER J 93 -75.05 -28.83 -106.28
C SER J 93 -76.19 -29.59 -105.62
N GLN J 94 -75.82 -30.61 -104.84
CA GLN J 94 -76.77 -31.50 -104.19
C GLN J 94 -76.95 -31.35 -102.67
N HIS J 95 -76.95 -30.12 -102.17
CA HIS J 95 -77.11 -29.92 -100.73
C HIS J 95 -78.57 -29.73 -100.35
N VAL J 96 -78.92 -28.53 -99.89
CA VAL J 96 -80.29 -28.24 -99.49
C VAL J 96 -80.54 -26.74 -99.56
N ARG J 97 -81.80 -26.31 -99.58
CA ARG J 97 -82.05 -24.89 -99.63
C ARG J 97 -82.96 -24.52 -98.48
N LYS J 98 -82.48 -23.59 -97.65
CA LYS J 98 -83.22 -23.11 -96.50
C LYS J 98 -83.23 -21.59 -96.54
N LEU J 99 -84.37 -20.99 -96.24
CA LEU J 99 -84.51 -19.55 -96.25
C LEU J 99 -85.14 -19.10 -94.94
N ARG J 100 -84.83 -17.87 -94.52
CA ARG J 100 -85.41 -17.36 -93.28
C ARG J 100 -86.92 -17.27 -93.41
N ALA J 101 -87.61 -17.54 -92.32
CA ALA J 101 -89.06 -17.53 -92.32
C ALA J 101 -89.69 -16.19 -92.67
N SER J 102 -89.10 -15.10 -92.19
CA SER J 102 -89.68 -13.80 -92.45
C SER J 102 -89.53 -13.33 -93.89
N ILE J 103 -88.61 -13.92 -94.67
CA ILE J 103 -88.42 -13.49 -96.06
C ILE J 103 -89.37 -14.32 -96.92
N THR J 104 -90.63 -13.95 -96.86
CA THR J 104 -91.64 -14.54 -97.72
C THR J 104 -91.57 -13.86 -99.09
N PRO J 105 -92.13 -14.47 -100.13
CA PRO J 105 -92.23 -13.74 -101.42
C PRO J 105 -93.16 -12.56 -101.28
N GLY J 106 -92.73 -11.43 -101.85
CA GLY J 106 -93.44 -10.18 -101.70
C GLY J 106 -92.99 -9.34 -100.55
N THR J 107 -91.71 -9.36 -100.24
CA THR J 107 -91.14 -8.62 -99.12
C THR J 107 -90.28 -7.53 -99.70
N ILE J 108 -90.18 -6.40 -98.99
CA ILE J 108 -89.28 -5.34 -99.39
C ILE J 108 -87.96 -5.56 -98.64
N LEU J 109 -86.99 -6.16 -99.31
CA LEU J 109 -85.73 -6.41 -98.63
C LEU J 109 -84.85 -5.18 -98.67
N ILE J 110 -83.74 -5.27 -97.94
CA ILE J 110 -82.72 -4.23 -97.89
C ILE J 110 -81.39 -4.88 -98.23
N ILE J 111 -80.70 -4.39 -99.25
CA ILE J 111 -79.33 -4.84 -99.48
C ILE J 111 -78.44 -4.28 -98.38
N LEU J 112 -77.34 -4.95 -98.10
CA LEU J 112 -76.37 -4.32 -97.21
C LEU J 112 -75.02 -4.11 -97.89
N THR J 113 -74.58 -5.08 -98.66
CA THR J 113 -73.18 -5.21 -98.99
C THR J 113 -72.89 -4.86 -100.44
N GLY J 114 -73.90 -4.44 -101.18
CA GLY J 114 -73.77 -4.27 -102.61
C GLY J 114 -73.04 -3.01 -102.97
N ARG J 115 -72.94 -2.78 -104.28
CA ARG J 115 -72.73 -1.43 -104.74
C ARG J 115 -74.01 -0.62 -104.52
N HIS J 116 -75.14 -1.30 -104.42
CA HIS J 116 -76.42 -0.63 -104.19
C HIS J 116 -76.63 -0.36 -102.71
N ARG J 117 -76.23 -1.29 -101.84
CA ARG J 117 -75.99 -1.16 -100.40
C ARG J 117 -77.03 -0.37 -99.61
N GLY J 118 -78.23 -0.88 -99.50
CA GLY J 118 -79.12 -0.24 -98.56
C GLY J 118 -80.43 0.18 -99.15
N LYS J 119 -80.49 0.14 -100.48
CA LYS J 119 -81.71 0.46 -101.19
C LYS J 119 -82.79 -0.57 -100.86
N ARG J 120 -84.03 -0.13 -100.86
CA ARG J 120 -85.12 -0.99 -100.44
C ARG J 120 -85.64 -1.72 -101.65
N VAL J 121 -85.33 -3.02 -101.73
CA VAL J 121 -85.30 -3.78 -102.96
C VAL J 121 -86.27 -4.94 -102.82
N VAL J 122 -87.14 -5.09 -103.82
CA VAL J 122 -88.28 -6.00 -103.74
C VAL J 122 -87.81 -7.44 -103.89
N PHE J 123 -88.08 -8.26 -102.87
CA PHE J 123 -87.84 -9.69 -103.00
C PHE J 123 -88.88 -10.28 -103.93
N LEU J 124 -88.45 -11.19 -104.81
CA LEU J 124 -89.41 -11.98 -105.57
C LEU J 124 -89.49 -13.41 -105.07
N LYS J 125 -88.38 -14.15 -105.15
CA LYS J 125 -88.41 -15.60 -105.07
C LYS J 125 -87.03 -16.17 -104.75
N GLN J 126 -87.05 -17.42 -104.30
CA GLN J 126 -85.85 -18.18 -103.98
C GLN J 126 -85.39 -18.93 -105.22
N LEU J 127 -84.21 -18.59 -105.73
CA LEU J 127 -83.68 -19.37 -106.83
C LEU J 127 -83.20 -20.73 -106.36
N ALA J 128 -82.72 -21.54 -107.30
CA ALA J 128 -82.33 -22.91 -107.01
C ALA J 128 -81.02 -23.02 -106.26
N SER J 129 -80.22 -21.95 -106.24
CA SER J 129 -78.89 -22.01 -105.64
C SER J 129 -78.89 -21.62 -104.18
N GLY J 130 -80.02 -21.23 -103.62
CA GLY J 130 -80.05 -20.66 -102.30
C GLY J 130 -79.88 -19.16 -102.26
N LEU J 131 -79.46 -18.56 -103.36
CA LEU J 131 -79.44 -17.12 -103.46
C LEU J 131 -80.85 -16.62 -103.73
N LEU J 132 -81.02 -15.30 -103.64
CA LEU J 132 -82.33 -14.70 -103.77
C LEU J 132 -82.34 -13.74 -104.94
N LEU J 133 -83.43 -13.76 -105.71
CA LEU J 133 -83.55 -12.91 -106.90
C LEU J 133 -84.42 -11.73 -106.49
N VAL J 134 -83.75 -10.67 -106.07
CA VAL J 134 -84.37 -9.59 -105.33
C VAL J 134 -84.39 -8.42 -106.29
N THR J 135 -85.51 -8.21 -106.93
CA THR J 135 -85.65 -7.24 -108.00
C THR J 135 -85.71 -5.83 -107.42
N GLY J 136 -84.82 -4.97 -107.84
CA GLY J 136 -85.01 -3.58 -107.57
C GLY J 136 -86.02 -3.09 -108.56
N PRO J 137 -86.98 -2.31 -108.12
CA PRO J 137 -87.88 -1.68 -109.07
C PRO J 137 -87.07 -0.66 -109.84
N LEU J 138 -86.75 -1.04 -111.09
CA LEU J 138 -85.66 -0.42 -111.84
C LEU J 138 -85.94 1.05 -112.14
N VAL J 139 -87.20 1.40 -112.32
CA VAL J 139 -87.59 2.80 -112.44
C VAL J 139 -87.29 3.54 -111.14
N LEU J 140 -87.48 2.87 -110.01
CA LEU J 140 -87.34 3.52 -108.72
C LEU J 140 -85.91 3.54 -108.20
N ASN J 141 -85.10 2.53 -108.50
CA ASN J 141 -83.74 2.43 -107.98
C ASN J 141 -82.76 2.43 -109.13
N ARG J 142 -81.50 2.17 -108.82
CA ARG J 142 -80.60 1.73 -109.88
C ARG J 142 -80.77 0.26 -110.20
N VAL J 143 -81.46 -0.49 -109.35
CA VAL J 143 -81.25 -1.93 -109.23
C VAL J 143 -82.11 -2.65 -110.27
N PRO J 144 -81.53 -3.41 -111.19
CA PRO J 144 -82.29 -4.34 -112.03
C PRO J 144 -82.65 -5.61 -111.30
N LEU J 145 -82.86 -6.69 -112.04
CA LEU J 145 -83.13 -8.01 -111.46
C LEU J 145 -81.88 -8.74 -110.96
N ARG J 146 -80.88 -7.95 -110.56
CA ARG J 146 -79.74 -8.33 -109.72
C ARG J 146 -80.11 -9.35 -108.64
N ARG J 147 -79.26 -10.35 -108.49
CA ARG J 147 -79.41 -11.41 -107.51
C ARG J 147 -78.60 -11.06 -106.27
N THR J 148 -79.12 -11.35 -105.07
CA THR J 148 -78.36 -11.14 -103.84
C THR J 148 -78.50 -12.33 -102.90
N HIS J 149 -77.62 -12.36 -101.91
CA HIS J 149 -77.50 -13.48 -100.99
C HIS J 149 -78.40 -13.25 -99.79
N GLN J 150 -78.83 -14.36 -99.18
CA GLN J 150 -79.84 -14.34 -98.14
C GLN J 150 -79.34 -13.75 -96.83
N LYS J 151 -78.12 -14.07 -96.42
CA LYS J 151 -77.70 -13.65 -95.09
C LYS J 151 -77.16 -12.23 -95.10
N PHE J 152 -76.83 -11.69 -96.25
CA PHE J 152 -76.42 -10.30 -96.30
C PHE J 152 -77.58 -9.33 -96.42
N VAL J 153 -78.82 -9.81 -96.39
CA VAL J 153 -79.95 -8.89 -96.47
C VAL J 153 -80.81 -9.03 -95.23
N ILE J 154 -81.57 -7.98 -94.97
CA ILE J 154 -82.40 -7.84 -93.79
C ILE J 154 -83.85 -7.94 -94.21
N ALA J 155 -84.63 -8.76 -93.52
CA ALA J 155 -86.06 -8.75 -93.77
C ALA J 155 -86.69 -7.47 -93.22
N THR J 156 -87.76 -7.04 -93.86
CA THR J 156 -88.56 -5.91 -93.41
C THR J 156 -90.03 -6.31 -93.47
N SER J 157 -90.79 -5.91 -92.44
CA SER J 157 -92.16 -6.38 -92.28
C SER J 157 -93.11 -5.92 -93.38
N THR J 158 -92.76 -4.89 -94.13
CA THR J 158 -93.69 -4.27 -95.06
C THR J 158 -93.73 -5.05 -96.37
N LYS J 159 -94.94 -5.30 -96.87
CA LYS J 159 -95.20 -6.34 -97.84
C LYS J 159 -95.77 -5.76 -99.13
N ILE J 160 -95.55 -6.47 -100.24
CA ILE J 160 -96.30 -6.29 -101.49
C ILE J 160 -96.88 -7.65 -101.88
N ASP J 161 -98.10 -7.65 -102.40
CA ASP J 161 -98.68 -8.89 -102.92
C ASP J 161 -97.92 -9.31 -104.17
N ILE J 162 -97.48 -10.57 -104.21
CA ILE J 162 -96.74 -11.02 -105.38
C ILE J 162 -97.22 -12.41 -105.81
N SER J 163 -98.13 -13.00 -105.02
CA SER J 163 -98.47 -14.41 -105.19
C SER J 163 -99.17 -14.69 -106.52
N ASN J 164 -99.95 -13.74 -107.03
CA ASN J 164 -100.64 -13.90 -108.30
C ASN J 164 -99.96 -13.10 -109.40
N VAL J 165 -98.64 -13.11 -109.40
CA VAL J 165 -97.83 -12.45 -110.41
C VAL J 165 -97.09 -13.53 -111.20
N LYS J 166 -97.16 -13.43 -112.51
CA LYS J 166 -96.38 -14.30 -113.38
C LYS J 166 -94.89 -14.03 -113.20
N ILE J 167 -94.10 -15.09 -113.23
CA ILE J 167 -92.65 -15.01 -113.23
C ILE J 167 -92.21 -15.49 -114.61
N PRO J 168 -91.08 -15.03 -115.15
CA PRO J 168 -90.52 -15.68 -116.33
C PRO J 168 -90.08 -17.10 -116.02
N LYS J 169 -90.30 -18.01 -116.98
CA LYS J 169 -89.90 -19.39 -116.79
C LYS J 169 -88.39 -19.54 -116.83
N HIS J 170 -87.72 -18.72 -117.64
CA HIS J 170 -86.38 -19.04 -118.11
C HIS J 170 -85.31 -18.79 -117.06
N LEU J 171 -85.51 -17.85 -116.16
CA LEU J 171 -84.39 -17.25 -115.45
C LEU J 171 -83.99 -18.11 -114.27
N THR J 172 -82.72 -18.50 -114.27
CA THR J 172 -82.15 -19.41 -113.31
C THR J 172 -80.66 -19.09 -113.22
N ASP J 173 -79.92 -19.94 -112.51
CA ASP J 173 -78.55 -19.61 -112.14
C ASP J 173 -77.61 -19.53 -113.35
N ALA J 174 -77.93 -20.27 -114.41
CA ALA J 174 -77.10 -20.24 -115.61
C ALA J 174 -77.21 -18.93 -116.36
N TYR J 175 -78.27 -18.19 -116.13
CA TYR J 175 -78.54 -16.92 -116.78
C TYR J 175 -77.82 -15.77 -116.08
N PHE J 176 -77.71 -15.85 -114.77
CA PHE J 176 -77.14 -14.78 -113.95
C PHE J 176 -75.68 -15.02 -113.60
N LYS J 177 -74.82 -15.41 -114.53
CA LYS J 177 -73.42 -15.56 -114.12
C LYS J 177 -72.52 -14.83 -115.10
N LYS J 178 -71.37 -14.42 -114.57
CA LYS J 178 -70.40 -13.64 -115.31
C LYS J 178 -69.47 -14.59 -116.03
N LYS J 179 -69.13 -14.26 -117.28
CA LYS J 179 -68.31 -15.20 -118.05
C LYS J 179 -67.04 -14.53 -118.53
N LYS J 180 -66.06 -15.36 -118.86
CA LYS J 180 -64.70 -14.93 -119.10
C LYS J 180 -64.23 -15.43 -120.45
N LEU J 181 -63.36 -14.64 -121.09
CA LEU J 181 -62.68 -15.04 -122.33
C LEU J 181 -61.44 -14.18 -122.50
N ARG J 182 -60.29 -14.80 -122.74
CA ARG J 182 -59.09 -14.05 -123.08
C ARG J 182 -58.36 -14.81 -124.17
N LYS J 183 -57.83 -14.06 -125.13
CA LYS J 183 -57.25 -14.68 -126.32
C LYS J 183 -55.79 -15.12 -126.13
N PRO J 184 -54.87 -14.33 -125.56
CA PRO J 184 -53.55 -14.91 -125.25
C PRO J 184 -53.44 -15.37 -123.80
N ARG J 185 -52.46 -16.23 -123.57
CA ARG J 185 -52.30 -16.85 -122.26
C ARG J 185 -51.46 -16.00 -121.31
N HIS J 186 -50.33 -15.47 -121.79
CA HIS J 186 -49.46 -14.60 -121.02
C HIS J 186 -49.97 -13.15 -121.07
N GLN J 187 -49.13 -12.20 -120.68
CA GLN J 187 -49.60 -10.82 -120.58
C GLN J 187 -49.62 -10.13 -121.95
N GLU J 188 -50.25 -8.95 -121.99
CA GLU J 188 -50.25 -8.10 -123.17
C GLU J 188 -50.42 -6.65 -122.68
N GLY J 189 -50.88 -5.75 -123.54
CA GLY J 189 -50.96 -4.33 -123.21
C GLY J 189 -52.28 -3.80 -122.67
N GLU J 190 -53.41 -4.36 -123.10
CA GLU J 190 -54.72 -3.95 -122.57
C GLU J 190 -55.21 -4.94 -121.53
N ILE J 191 -56.22 -4.52 -120.76
CA ILE J 191 -56.62 -5.23 -119.53
C ILE J 191 -57.58 -6.32 -119.96
N PHE J 192 -57.00 -7.47 -120.36
CA PHE J 192 -57.64 -8.79 -120.52
C PHE J 192 -58.63 -8.86 -121.68
N ASP J 193 -58.96 -7.70 -122.28
CA ASP J 193 -60.07 -7.44 -123.22
C ASP J 193 -61.45 -7.90 -122.67
N THR J 194 -61.55 -8.23 -121.38
CA THR J 194 -62.72 -8.78 -120.71
C THR J 194 -63.06 -8.02 -119.44
N GLU J 195 -62.06 -7.63 -118.67
CA GLU J 195 -62.24 -6.77 -117.51
C GLU J 195 -62.11 -5.30 -117.85
N LYS J 196 -61.78 -4.96 -119.10
CA LYS J 196 -61.81 -3.58 -119.55
C LYS J 196 -63.16 -3.23 -120.19
N GLU J 197 -63.64 -4.04 -121.12
CA GLU J 197 -64.95 -3.84 -121.71
C GLU J 197 -66.03 -4.51 -120.87
N LYS J 198 -67.10 -3.77 -120.63
CA LYS J 198 -68.09 -4.15 -119.64
C LYS J 198 -69.04 -5.20 -120.18
N TYR J 199 -70.17 -5.37 -119.51
CA TYR J 199 -71.11 -6.39 -119.91
C TYR J 199 -72.19 -5.77 -120.79
N GLU J 200 -72.43 -6.40 -121.93
CA GLU J 200 -73.46 -6.01 -122.87
C GLU J 200 -74.33 -7.21 -123.23
N ILE J 201 -74.75 -7.94 -122.19
CA ILE J 201 -75.95 -8.77 -122.30
C ILE J 201 -77.20 -7.90 -122.23
N THR J 202 -77.03 -6.65 -121.79
CA THR J 202 -78.11 -5.68 -121.58
C THR J 202 -79.00 -5.46 -122.80
N GLU J 203 -78.51 -5.78 -124.00
CA GLU J 203 -79.38 -5.93 -125.17
C GLU J 203 -80.47 -6.97 -124.92
N GLN J 204 -80.10 -8.14 -124.41
CA GLN J 204 -81.09 -9.17 -124.13
C GLN J 204 -81.92 -8.83 -122.92
N ARG J 205 -81.28 -8.49 -121.80
CA ARG J 205 -81.94 -8.36 -120.52
C ARG J 205 -82.87 -7.15 -120.44
N LYS J 206 -82.80 -6.24 -121.42
CA LYS J 206 -83.67 -5.08 -121.48
C LYS J 206 -85.14 -5.49 -121.60
N ILE J 207 -85.41 -6.65 -122.17
CA ILE J 207 -86.77 -7.13 -122.40
C ILE J 207 -87.31 -7.85 -121.17
N ASP J 208 -86.47 -8.68 -120.54
CA ASP J 208 -86.89 -9.44 -119.37
C ASP J 208 -87.21 -8.54 -118.19
N GLN J 209 -86.56 -7.38 -118.11
CA GLN J 209 -86.86 -6.47 -116.99
C GLN J 209 -88.14 -5.70 -117.23
N LYS J 210 -88.35 -5.21 -118.46
CA LYS J 210 -89.57 -4.47 -118.77
C LYS J 210 -90.78 -5.39 -118.79
N ALA J 211 -90.55 -6.68 -119.03
CA ALA J 211 -91.61 -7.65 -118.80
C ALA J 211 -91.87 -7.85 -117.32
N VAL J 212 -90.95 -7.46 -116.45
CA VAL J 212 -91.19 -7.61 -115.02
C VAL J 212 -91.83 -6.36 -114.44
N ASP J 213 -91.22 -5.18 -114.62
CA ASP J 213 -91.70 -3.97 -113.93
C ASP J 213 -93.09 -3.54 -114.39
N SER J 214 -93.51 -3.92 -115.61
CA SER J 214 -94.90 -3.70 -115.99
C SER J 214 -95.82 -4.60 -115.19
N GLN J 215 -95.36 -5.79 -114.86
CA GLN J 215 -96.15 -6.74 -114.11
C GLN J 215 -96.13 -6.43 -112.61
N ILE J 216 -95.20 -5.61 -112.16
CA ILE J 216 -94.98 -5.38 -110.74
C ILE J 216 -95.52 -4.02 -110.28
N LEU J 217 -95.15 -2.94 -110.97
CA LEU J 217 -95.53 -1.58 -110.55
C LEU J 217 -97.02 -1.31 -110.30
N PRO J 218 -98.00 -1.93 -110.98
CA PRO J 218 -99.39 -1.77 -110.51
C PRO J 218 -99.66 -2.35 -109.13
N LYS J 219 -98.87 -3.32 -108.68
CA LYS J 219 -99.00 -3.72 -107.28
C LYS J 219 -98.45 -2.66 -106.35
N ILE J 220 -97.33 -2.03 -106.74
CA ILE J 220 -96.62 -1.05 -105.91
C ILE J 220 -97.45 0.21 -105.72
N LYS J 221 -98.25 0.57 -106.72
CA LYS J 221 -99.09 1.76 -106.69
C LYS J 221 -100.15 1.71 -105.60
N ALA J 222 -100.51 0.51 -105.14
CA ALA J 222 -101.65 0.33 -104.25
C ALA J 222 -101.40 0.93 -102.88
N ILE J 223 -100.23 0.68 -102.30
CA ILE J 223 -99.94 1.23 -100.99
C ILE J 223 -99.63 2.71 -101.19
N PRO J 224 -100.38 3.62 -100.56
CA PRO J 224 -100.38 5.02 -100.97
C PRO J 224 -99.16 5.82 -100.59
N GLN J 225 -98.11 5.23 -100.03
CA GLN J 225 -96.86 5.95 -99.83
C GLN J 225 -95.67 5.15 -100.30
N LEU J 226 -95.91 4.11 -101.08
CA LEU J 226 -94.91 3.07 -101.23
C LEU J 226 -93.80 3.47 -102.18
N GLN J 227 -94.13 4.07 -103.31
CA GLN J 227 -93.12 4.26 -104.33
C GLN J 227 -92.19 5.41 -104.00
N GLY J 228 -92.54 6.22 -103.01
CA GLY J 228 -91.56 7.11 -102.41
C GLY J 228 -90.65 6.39 -101.42
N TYR J 229 -91.22 5.44 -100.67
CA TYR J 229 -90.43 4.64 -99.75
C TYR J 229 -89.41 3.79 -100.47
N LEU J 230 -89.74 3.30 -101.65
CA LEU J 230 -88.80 2.46 -102.37
C LEU J 230 -87.71 3.29 -103.03
N ARG J 231 -88.02 4.54 -103.37
CA ARG J 231 -87.01 5.42 -103.94
C ARG J 231 -85.93 5.76 -102.92
N SER J 232 -86.26 5.68 -101.64
CA SER J 232 -85.38 6.09 -100.55
C SER J 232 -84.18 5.15 -100.40
N VAL J 233 -83.24 5.58 -99.57
CA VAL J 233 -82.12 4.74 -99.16
C VAL J 233 -82.18 4.64 -97.64
N PHE J 234 -81.25 3.90 -97.06
CA PHE J 234 -81.30 3.53 -95.66
C PHE J 234 -79.99 3.91 -95.01
N ALA J 235 -80.06 4.63 -93.89
CA ALA J 235 -78.87 5.12 -93.23
C ALA J 235 -79.10 5.17 -91.74
N LEU J 236 -78.12 4.69 -90.98
CA LEU J 236 -78.17 4.72 -89.53
C LEU J 236 -77.82 6.12 -89.06
N THR J 237 -78.82 6.94 -88.76
CA THR J 237 -78.60 8.38 -88.83
C THR J 237 -77.90 8.95 -87.59
N ASN J 238 -78.58 9.03 -86.43
CA ASN J 238 -77.86 9.58 -85.28
C ASN J 238 -77.88 8.69 -84.06
N GLY J 239 -79.06 8.39 -83.57
CA GLY J 239 -79.22 7.71 -82.31
C GLY J 239 -80.13 6.54 -82.54
N ILE J 240 -80.40 6.28 -83.81
CA ILE J 240 -81.18 5.11 -84.18
C ILE J 240 -80.21 3.95 -84.18
N TYR J 241 -80.07 3.31 -83.04
CA TYR J 241 -79.31 2.09 -82.95
C TYR J 241 -80.12 0.95 -83.54
N PRO J 242 -79.48 -0.02 -84.17
CA PRO J 242 -80.19 -1.25 -84.50
C PRO J 242 -80.42 -2.07 -83.24
N HIS J 243 -81.23 -3.13 -83.41
CA HIS J 243 -81.79 -4.10 -82.46
C HIS J 243 -82.93 -3.49 -81.65
N LYS J 244 -83.07 -2.17 -81.68
CA LYS J 244 -84.25 -1.52 -81.15
C LYS J 244 -85.07 -0.90 -82.26
N LEU J 245 -84.48 -0.75 -83.43
CA LEU J 245 -85.27 -0.67 -84.65
C LEU J 245 -85.98 -2.00 -84.86
N VAL J 246 -87.27 -1.92 -85.20
CA VAL J 246 -88.07 -3.08 -85.54
C VAL J 246 -88.39 -2.97 -87.01
N PHE J 247 -87.90 -3.91 -87.80
CA PHE J 247 -88.15 -3.85 -89.23
C PHE J 247 -89.57 -4.25 -89.60
N PRO K 1 -55.25 -75.57 -117.27
CA PRO K 1 -55.29 -76.95 -117.76
C PRO K 1 -56.56 -77.69 -117.31
N GLU K 2 -56.57 -79.01 -117.51
CA GLU K 2 -57.73 -79.82 -117.18
C GLU K 2 -57.93 -79.97 -115.67
N THR K 3 -56.86 -79.81 -114.88
CA THR K 3 -56.98 -79.96 -113.43
C THR K 3 -57.51 -78.68 -112.78
N LEU K 4 -57.09 -77.50 -113.28
CA LEU K 4 -57.56 -76.23 -112.73
C LEU K 4 -58.96 -75.88 -113.22
N LYS K 5 -59.32 -76.32 -114.43
CA LYS K 5 -60.70 -76.19 -114.89
C LYS K 5 -61.61 -77.14 -114.13
N LYS K 6 -61.08 -78.26 -113.66
CA LYS K 6 -61.83 -79.15 -112.78
C LYS K 6 -62.09 -78.49 -111.42
N LYS K 7 -61.19 -77.60 -110.97
CA LYS K 7 -61.45 -76.85 -109.74
C LYS K 7 -62.37 -75.65 -109.97
N ARG K 8 -62.43 -75.13 -111.18
CA ARG K 8 -63.38 -74.04 -111.43
C ARG K 8 -64.80 -74.56 -111.60
N ARG K 9 -64.98 -75.85 -111.90
CA ARG K 9 -66.29 -76.44 -111.66
C ARG K 9 -66.55 -76.57 -110.16
N ASN K 10 -65.49 -76.87 -109.40
CA ASN K 10 -65.56 -77.00 -107.94
C ASN K 10 -65.54 -75.64 -107.23
N PHE K 11 -65.23 -74.55 -107.94
CA PHE K 11 -65.27 -73.22 -107.34
C PHE K 11 -66.67 -72.76 -107.01
N ALA K 12 -67.67 -73.22 -107.76
CA ALA K 12 -69.06 -72.94 -107.38
C ALA K 12 -69.39 -73.60 -106.04
N GLU K 13 -68.75 -74.74 -105.75
CA GLU K 13 -68.82 -75.29 -104.40
C GLU K 13 -67.98 -74.45 -103.44
N LEU K 14 -66.87 -73.87 -103.92
CA LEU K 14 -66.02 -73.08 -103.03
C LEU K 14 -66.71 -71.81 -102.59
N LYS K 15 -67.38 -71.10 -103.50
CA LYS K 15 -68.00 -69.86 -103.12
C LYS K 15 -69.29 -70.08 -102.35
N ILE K 16 -69.87 -71.28 -102.45
CA ILE K 16 -70.88 -71.70 -101.49
C ILE K 16 -70.31 -71.72 -100.08
N LYS K 17 -69.07 -72.20 -99.93
CA LYS K 17 -68.45 -72.11 -98.62
C LYS K 17 -68.15 -70.66 -98.26
N ARG K 18 -67.82 -69.83 -99.25
CA ARG K 18 -67.64 -68.41 -98.96
C ARG K 18 -68.97 -67.76 -98.62
N LEU K 19 -70.06 -68.19 -99.29
CA LEU K 19 -71.38 -67.71 -98.93
C LEU K 19 -71.75 -68.12 -97.52
N ARG K 20 -71.56 -69.41 -97.21
CA ARG K 20 -72.01 -69.98 -95.93
C ARG K 20 -71.28 -69.38 -94.75
N LYS K 21 -70.02 -68.99 -94.95
CA LYS K 21 -69.21 -68.46 -93.86
C LYS K 21 -69.62 -67.04 -93.49
N LYS K 22 -69.83 -66.19 -94.50
CA LYS K 22 -70.39 -64.86 -94.26
C LYS K 22 -71.82 -64.93 -93.72
N PHE K 23 -72.50 -66.04 -94.00
CA PHE K 23 -73.94 -66.16 -93.74
C PHE K 23 -74.25 -66.37 -92.27
N ALA K 24 -73.57 -67.32 -91.62
CA ALA K 24 -73.82 -67.55 -90.20
C ALA K 24 -73.31 -66.40 -89.37
N GLN K 25 -72.28 -65.71 -89.84
CA GLN K 25 -71.85 -64.49 -89.17
C GLN K 25 -72.94 -63.44 -89.22
N LYS K 26 -73.69 -63.39 -90.33
CA LYS K 26 -74.79 -62.45 -90.44
C LYS K 26 -75.91 -62.78 -89.47
N MET K 27 -76.20 -64.07 -89.31
CA MET K 27 -77.40 -64.47 -88.59
C MET K 27 -77.15 -64.85 -87.14
N LEU K 28 -75.88 -65.02 -86.74
CA LEU K 28 -75.51 -64.78 -85.35
C LEU K 28 -75.87 -63.37 -84.94
N ARG K 29 -75.17 -62.39 -85.52
CA ARG K 29 -75.19 -61.00 -85.06
C ARG K 29 -76.55 -60.36 -85.30
N LYS K 30 -77.37 -60.91 -86.19
CA LYS K 30 -78.75 -60.47 -86.30
C LYS K 30 -79.58 -60.94 -85.11
N ALA K 31 -79.57 -62.23 -84.83
CA ALA K 31 -80.32 -62.73 -83.70
C ALA K 31 -79.67 -62.42 -82.36
N ARG K 32 -78.39 -62.05 -82.39
CA ARG K 32 -77.74 -61.43 -81.24
C ARG K 32 -78.14 -59.97 -81.11
N ARG K 33 -78.64 -59.37 -82.19
CA ARG K 33 -79.16 -58.02 -82.08
C ARG K 33 -80.62 -58.03 -81.68
N LYS K 34 -81.37 -59.04 -82.08
CA LYS K 34 -82.74 -59.18 -81.61
C LYS K 34 -82.78 -59.43 -80.10
N LEU K 35 -81.76 -60.08 -79.56
CA LEU K 35 -81.67 -60.28 -78.12
C LEU K 35 -81.57 -58.96 -77.37
N ILE K 36 -80.74 -58.05 -77.86
CA ILE K 36 -80.52 -56.79 -77.18
C ILE K 36 -81.78 -55.92 -77.24
N TYR K 37 -82.57 -56.09 -78.29
CA TYR K 37 -83.83 -55.37 -78.39
C TYR K 37 -84.82 -55.81 -77.33
N GLU K 38 -84.85 -57.10 -76.99
CA GLU K 38 -85.86 -57.55 -76.05
C GLU K 38 -85.38 -57.51 -74.60
N LYS K 39 -84.08 -57.47 -74.34
CA LYS K 39 -83.67 -57.31 -72.95
C LYS K 39 -83.91 -55.88 -72.48
N ALA K 40 -83.90 -54.93 -73.39
CA ALA K 40 -84.22 -53.56 -73.01
C ALA K 40 -85.72 -53.37 -72.81
N LYS K 41 -86.54 -54.07 -73.59
CA LYS K 41 -87.98 -54.16 -73.29
C LYS K 41 -88.22 -54.72 -71.90
N HIS K 42 -87.44 -55.71 -71.50
CA HIS K 42 -87.68 -56.26 -70.18
C HIS K 42 -87.24 -55.30 -69.09
N TYR K 43 -86.20 -54.49 -69.35
CA TYR K 43 -85.79 -53.51 -68.36
C TYR K 43 -86.73 -52.32 -68.32
N HIS K 44 -87.25 -51.88 -69.47
CA HIS K 44 -88.15 -50.74 -69.51
C HIS K 44 -89.48 -51.06 -68.84
N LYS K 45 -89.88 -52.33 -68.89
CA LYS K 45 -90.92 -52.83 -68.00
C LYS K 45 -90.44 -52.87 -66.56
N GLU K 46 -89.15 -53.15 -66.34
CA GLU K 46 -88.67 -53.35 -64.97
C GLU K 46 -88.45 -52.04 -64.23
N TYR K 47 -87.79 -51.05 -64.86
CA TYR K 47 -87.53 -49.81 -64.13
C TYR K 47 -88.82 -49.04 -63.90
N ARG K 48 -89.80 -49.19 -64.78
CA ARG K 48 -91.14 -48.71 -64.47
C ARG K 48 -91.70 -49.41 -63.25
N GLN K 49 -91.43 -50.71 -63.11
CA GLN K 49 -91.99 -51.47 -62.01
C GLN K 49 -91.35 -51.09 -60.67
N MET K 50 -90.03 -50.99 -60.63
CA MET K 50 -89.34 -50.65 -59.39
C MET K 50 -89.58 -49.22 -58.99
N TYR K 51 -89.72 -48.31 -59.95
CA TYR K 51 -90.03 -46.92 -59.63
C TYR K 51 -91.44 -46.77 -59.11
N ARG K 52 -92.39 -47.39 -59.79
CA ARG K 52 -93.76 -47.19 -59.35
C ARG K 52 -94.10 -47.99 -58.11
N THR K 53 -93.27 -48.97 -57.75
CA THR K 53 -93.48 -49.68 -56.49
C THR K 53 -93.32 -48.75 -55.30
N GLU K 54 -92.31 -47.88 -55.33
CA GLU K 54 -92.07 -47.03 -54.19
C GLU K 54 -93.12 -45.95 -54.03
N ILE K 55 -93.80 -45.59 -55.12
CA ILE K 55 -95.00 -44.76 -55.02
C ILE K 55 -96.16 -45.58 -54.48
N ARG K 56 -96.34 -46.78 -55.03
CA ARG K 56 -97.51 -47.59 -54.71
C ARG K 56 -97.44 -48.12 -53.28
N MET K 57 -96.24 -48.42 -52.79
CA MET K 57 -96.09 -48.83 -51.40
C MET K 57 -96.42 -47.69 -50.45
N ALA K 58 -95.92 -46.49 -50.74
CA ALA K 58 -96.12 -45.37 -49.83
C ALA K 58 -97.57 -44.93 -49.81
N ARG K 59 -98.25 -45.03 -50.94
CA ARG K 59 -99.60 -44.51 -51.07
C ARG K 59 -100.61 -45.34 -50.31
N MET K 60 -100.39 -46.63 -50.18
CA MET K 60 -101.27 -47.40 -49.31
C MET K 60 -100.77 -47.45 -47.88
N ALA K 61 -99.69 -46.76 -47.59
CA ALA K 61 -99.29 -46.59 -46.20
C ALA K 61 -99.89 -45.34 -45.61
N ARG K 62 -99.83 -44.27 -46.39
CA ARG K 62 -100.41 -42.99 -46.02
C ARG K 62 -101.92 -43.05 -45.92
N LYS K 63 -102.55 -43.91 -46.72
CA LYS K 63 -103.99 -44.11 -46.63
C LYS K 63 -104.38 -44.66 -45.26
N ALA K 64 -103.72 -45.73 -44.83
CA ALA K 64 -103.98 -46.30 -43.52
C ALA K 64 -103.31 -45.54 -42.39
N GLY K 65 -102.78 -44.35 -42.67
CA GLY K 65 -102.29 -43.49 -41.63
C GLY K 65 -100.97 -43.93 -41.06
N ASN K 66 -100.09 -44.44 -41.89
CA ASN K 66 -98.88 -45.05 -41.37
C ASN K 66 -97.71 -44.68 -42.26
N PHE K 67 -96.55 -44.45 -41.67
CA PHE K 67 -95.43 -43.94 -42.44
C PHE K 67 -94.77 -45.05 -43.22
N TYR K 68 -94.48 -44.80 -44.48
CA TYR K 68 -93.61 -45.67 -45.24
C TYR K 68 -92.22 -45.06 -45.19
N VAL K 69 -91.22 -45.90 -44.96
CA VAL K 69 -89.83 -45.47 -45.10
C VAL K 69 -89.19 -46.37 -46.14
N PRO K 70 -88.43 -45.82 -47.09
CA PRO K 70 -87.82 -46.65 -48.11
C PRO K 70 -86.49 -47.21 -47.63
N ALA K 71 -86.04 -48.25 -48.32
CA ALA K 71 -84.74 -48.85 -48.06
C ALA K 71 -83.65 -47.82 -48.34
N GLU K 72 -82.67 -47.78 -47.44
CA GLU K 72 -81.57 -46.84 -47.56
C GLU K 72 -80.80 -47.18 -48.83
N PRO K 73 -80.69 -46.25 -49.78
CA PRO K 73 -80.29 -46.62 -51.15
C PRO K 73 -78.85 -47.07 -51.23
N LYS K 74 -78.63 -48.09 -52.03
CA LYS K 74 -77.46 -48.94 -51.92
C LYS K 74 -76.41 -48.61 -52.96
N LEU K 75 -76.49 -47.44 -53.58
CA LEU K 75 -75.55 -47.06 -54.61
C LEU K 75 -75.40 -45.56 -54.56
N ALA K 76 -74.18 -45.09 -54.31
CA ALA K 76 -73.88 -43.68 -54.31
C ALA K 76 -72.89 -43.33 -55.40
N PHE K 77 -73.15 -42.22 -56.06
CA PHE K 77 -72.21 -41.65 -56.99
C PHE K 77 -71.33 -40.68 -56.22
N VAL K 78 -70.03 -40.78 -56.41
CA VAL K 78 -69.07 -39.98 -55.67
C VAL K 78 -68.27 -39.21 -56.69
N ILE K 79 -68.14 -37.91 -56.47
CA ILE K 79 -67.25 -37.08 -57.25
C ILE K 79 -66.31 -36.35 -56.30
N ARG K 80 -65.04 -36.19 -56.71
CA ARG K 80 -64.04 -35.55 -55.86
C ARG K 80 -64.12 -34.04 -55.99
N ILE K 81 -63.92 -33.35 -54.87
CA ILE K 81 -64.02 -31.90 -54.85
C ILE K 81 -62.64 -31.28 -54.86
N ARG K 82 -61.82 -31.60 -53.87
CA ARG K 82 -60.61 -30.82 -53.64
C ARG K 82 -59.47 -31.40 -54.45
N GLY K 83 -58.26 -30.97 -54.14
CA GLY K 83 -57.12 -31.18 -55.01
C GLY K 83 -56.20 -32.29 -54.55
N ILE K 84 -54.91 -32.03 -54.69
CA ILE K 84 -53.87 -33.04 -54.53
C ILE K 84 -52.82 -32.62 -53.51
N ASN K 85 -52.35 -31.39 -53.61
CA ASN K 85 -51.33 -30.93 -52.69
C ASN K 85 -51.93 -30.62 -51.32
N GLY K 86 -51.29 -31.14 -50.28
CA GLY K 86 -51.79 -30.96 -48.94
C GLY K 86 -52.81 -32.03 -48.59
N VAL K 87 -52.38 -33.27 -48.55
CA VAL K 87 -53.29 -34.40 -48.37
C VAL K 87 -52.81 -35.26 -47.21
N SER K 88 -53.72 -35.53 -46.27
CA SER K 88 -53.46 -36.31 -45.08
C SER K 88 -53.03 -37.73 -45.45
N PRO K 89 -52.29 -38.43 -44.58
CA PRO K 89 -51.84 -39.77 -44.97
C PRO K 89 -52.96 -40.79 -45.02
N LYS K 90 -53.96 -40.63 -44.15
CA LYS K 90 -55.05 -41.57 -44.12
C LYS K 90 -55.94 -41.42 -45.33
N VAL K 91 -56.08 -40.21 -45.88
CA VAL K 91 -57.00 -39.96 -46.98
C VAL K 91 -56.26 -40.05 -48.29
N ARG K 92 -54.93 -40.06 -48.22
CA ARG K 92 -54.08 -40.37 -49.36
C ARG K 92 -54.44 -41.75 -49.91
N LYS K 93 -54.49 -42.75 -49.02
CA LYS K 93 -54.71 -44.12 -49.43
C LYS K 93 -56.15 -44.37 -49.86
N VAL K 94 -57.11 -43.71 -49.21
CA VAL K 94 -58.52 -44.05 -49.43
C VAL K 94 -58.98 -43.59 -50.80
N LEU K 95 -58.59 -42.38 -51.21
CA LEU K 95 -59.02 -41.87 -52.51
C LEU K 95 -58.33 -42.61 -53.64
N GLN K 96 -57.21 -43.26 -53.37
CA GLN K 96 -56.69 -44.21 -54.34
C GLN K 96 -57.65 -45.37 -54.53
N LEU K 97 -58.23 -45.87 -53.45
CA LEU K 97 -59.07 -47.05 -53.53
C LEU K 97 -60.41 -46.78 -54.19
N LEU K 98 -60.81 -45.52 -54.25
CA LEU K 98 -62.06 -45.17 -54.88
C LEU K 98 -61.85 -44.62 -56.27
N ARG K 99 -60.63 -44.72 -56.80
CA ARG K 99 -60.24 -44.33 -58.15
C ARG K 99 -60.44 -42.84 -58.40
N LEU K 100 -60.11 -42.01 -57.41
CA LEU K 100 -60.36 -40.59 -57.48
C LEU K 100 -59.05 -39.83 -57.45
N ARG K 101 -58.08 -40.24 -58.25
CA ARG K 101 -56.73 -39.77 -58.04
C ARG K 101 -56.53 -38.32 -58.44
N GLN K 102 -57.17 -37.84 -59.49
CA GLN K 102 -57.07 -36.42 -59.77
C GLN K 102 -58.35 -35.72 -59.31
N ILE K 103 -58.50 -34.48 -59.71
CA ILE K 103 -59.67 -33.72 -59.32
C ILE K 103 -60.78 -33.92 -60.35
N PHE K 104 -62.02 -33.88 -59.86
CA PHE K 104 -63.25 -33.85 -60.65
C PHE K 104 -63.44 -35.05 -61.53
N ASN K 105 -62.84 -36.18 -61.19
CA ASN K 105 -63.29 -37.43 -61.78
C ASN K 105 -63.79 -38.35 -60.69
N GLY K 106 -64.76 -39.18 -61.06
CA GLY K 106 -65.59 -39.85 -60.07
C GLY K 106 -66.03 -41.21 -60.57
N THR K 107 -66.48 -42.03 -59.64
CA THR K 107 -66.95 -43.36 -59.98
C THR K 107 -68.29 -43.57 -59.34
N PHE K 108 -68.81 -44.78 -59.49
CA PHE K 108 -69.87 -45.25 -58.65
C PHE K 108 -69.26 -45.94 -57.45
N VAL K 109 -69.99 -45.94 -56.34
CA VAL K 109 -69.55 -46.58 -55.11
C VAL K 109 -70.68 -47.44 -54.59
N LYS K 110 -70.42 -48.72 -54.43
CA LYS K 110 -71.30 -49.65 -53.74
C LYS K 110 -71.42 -49.25 -52.29
N LEU K 111 -72.59 -48.79 -51.83
CA LEU K 111 -72.73 -48.45 -50.43
C LEU K 111 -73.01 -49.68 -49.60
N ASN K 112 -72.46 -49.67 -48.39
CA ASN K 112 -72.29 -50.83 -47.53
C ASN K 112 -71.66 -50.27 -46.28
N LYS K 113 -71.77 -51.00 -45.17
CA LYS K 113 -71.28 -50.43 -43.90
C LYS K 113 -69.76 -50.41 -43.87
N ALA K 114 -69.12 -51.33 -44.59
CA ALA K 114 -67.68 -51.22 -44.78
C ALA K 114 -67.33 -50.00 -45.62
N SER K 115 -68.17 -49.67 -46.60
CA SER K 115 -67.87 -48.54 -47.48
C SER K 115 -68.31 -47.22 -46.88
N ILE K 116 -69.22 -47.23 -45.91
CA ILE K 116 -69.66 -45.97 -45.29
C ILE K 116 -68.53 -45.34 -44.49
N ASN K 117 -67.80 -46.14 -43.71
CA ASN K 117 -66.74 -45.57 -42.88
C ASN K 117 -65.53 -45.11 -43.68
N MET K 118 -65.38 -45.54 -44.93
CA MET K 118 -64.44 -44.87 -45.83
C MET K 118 -64.88 -43.44 -46.06
N LEU K 119 -66.17 -43.24 -46.31
CA LEU K 119 -66.65 -41.95 -46.76
C LEU K 119 -66.80 -40.97 -45.60
N ARG K 120 -66.57 -41.40 -44.37
CA ARG K 120 -66.34 -40.42 -43.33
C ARG K 120 -64.90 -39.95 -43.32
N ILE K 121 -63.95 -40.85 -43.64
CA ILE K 121 -62.53 -40.51 -43.60
C ILE K 121 -62.19 -39.46 -44.65
N VAL K 122 -62.84 -39.54 -45.81
CA VAL K 122 -62.61 -38.56 -46.86
C VAL K 122 -63.79 -37.62 -47.03
N GLU K 123 -64.47 -37.30 -45.93
CA GLU K 123 -65.54 -36.30 -45.97
C GLU K 123 -65.18 -34.96 -46.61
N PRO K 124 -64.06 -34.28 -46.33
CA PRO K 124 -63.86 -32.97 -46.96
C PRO K 124 -63.52 -33.06 -48.43
N TYR K 125 -63.08 -34.21 -48.91
CA TYR K 125 -62.55 -34.30 -50.25
C TYR K 125 -63.56 -34.75 -51.30
N ILE K 126 -64.76 -35.18 -50.93
CA ILE K 126 -65.71 -35.63 -51.94
C ILE K 126 -67.07 -35.03 -51.70
N ALA K 127 -67.88 -35.02 -52.76
CA ALA K 127 -69.29 -34.71 -52.72
C ALA K 127 -70.02 -35.90 -53.29
N TRP K 128 -71.07 -36.34 -52.62
CA TRP K 128 -71.65 -37.62 -52.99
C TRP K 128 -73.11 -37.65 -52.61
N GLY K 129 -73.85 -38.48 -53.33
CA GLY K 129 -75.24 -38.70 -53.01
C GLY K 129 -75.79 -39.76 -53.92
N TYR K 130 -77.00 -40.20 -53.58
CA TYR K 130 -77.63 -41.23 -54.37
C TYR K 130 -78.02 -40.62 -55.71
N PRO K 131 -77.74 -41.27 -56.80
CA PRO K 131 -78.09 -40.70 -58.08
C PRO K 131 -79.55 -40.89 -58.44
N ASN K 132 -79.87 -40.69 -59.71
CA ASN K 132 -81.15 -41.08 -60.28
C ASN K 132 -80.84 -42.05 -61.42
N LEU K 133 -81.87 -42.66 -62.00
CA LEU K 133 -81.64 -43.48 -63.18
C LEU K 133 -81.20 -42.62 -64.35
N LYS K 134 -81.75 -41.42 -64.45
CA LYS K 134 -81.42 -40.53 -65.55
C LYS K 134 -79.96 -40.10 -65.53
N SER K 135 -79.39 -39.95 -64.34
CA SER K 135 -77.98 -39.59 -64.25
C SER K 135 -77.09 -40.72 -64.71
N VAL K 136 -77.40 -41.94 -64.30
CA VAL K 136 -76.62 -43.10 -64.74
C VAL K 136 -76.87 -43.36 -66.21
N ASN K 137 -78.08 -43.04 -66.69
CA ASN K 137 -78.41 -43.21 -68.10
C ASN K 137 -77.55 -42.31 -68.98
N GLU K 138 -77.16 -41.15 -68.45
CA GLU K 138 -76.31 -40.25 -69.23
C GLU K 138 -74.84 -40.60 -69.13
N LEU K 139 -74.35 -41.01 -67.95
CA LEU K 139 -72.91 -41.13 -67.74
C LEU K 139 -72.31 -42.27 -68.53
N ILE K 140 -72.97 -43.44 -68.55
CA ILE K 140 -72.44 -44.55 -69.32
C ILE K 140 -72.50 -44.23 -70.81
N TYR K 141 -73.51 -43.48 -71.25
CA TYR K 141 -73.60 -43.15 -72.67
C TYR K 141 -72.65 -42.03 -73.05
N LYS K 142 -72.66 -40.93 -72.30
CA LYS K 142 -71.85 -39.79 -72.75
C LYS K 142 -70.39 -39.96 -72.37
N ARG K 143 -70.13 -40.43 -71.16
CA ARG K 143 -68.77 -40.52 -70.65
C ARG K 143 -68.38 -41.97 -70.36
N GLY K 144 -68.79 -42.87 -71.24
CA GLY K 144 -68.43 -44.25 -71.11
C GLY K 144 -67.04 -44.50 -71.66
N TYR K 145 -66.10 -44.65 -70.74
CA TYR K 145 -64.74 -45.02 -71.09
C TYR K 145 -64.39 -46.28 -70.32
N GLY K 146 -63.94 -47.30 -71.02
CA GLY K 146 -63.66 -48.58 -70.40
C GLY K 146 -62.28 -49.08 -70.72
N LYS K 147 -61.65 -49.71 -69.72
CA LYS K 147 -60.32 -50.24 -69.89
C LYS K 147 -60.37 -51.72 -70.21
N ILE K 148 -59.37 -52.19 -70.96
CA ILE K 148 -59.38 -53.59 -71.38
C ILE K 148 -58.10 -54.29 -70.94
N ASN K 149 -56.94 -53.87 -71.44
CA ASN K 149 -55.71 -54.26 -70.76
C ASN K 149 -55.39 -53.21 -69.71
N LYS K 150 -55.06 -52.05 -70.20
CA LYS K 150 -54.90 -50.77 -69.55
C LYS K 150 -55.62 -50.04 -70.66
N LYS K 151 -55.30 -48.77 -70.93
CA LYS K 151 -55.74 -48.08 -72.13
C LYS K 151 -57.27 -47.98 -72.22
N ARG K 152 -57.83 -47.07 -71.42
CA ARG K 152 -59.23 -46.71 -71.52
C ARG K 152 -59.65 -46.45 -72.96
N ILE K 153 -60.65 -47.21 -73.40
CA ILE K 153 -61.18 -47.09 -74.75
C ILE K 153 -62.59 -46.57 -74.61
N ALA K 154 -62.95 -45.59 -75.45
CA ALA K 154 -64.32 -45.13 -75.50
C ALA K 154 -65.19 -46.27 -76.00
N LEU K 155 -66.39 -46.39 -75.42
CA LEU K 155 -67.17 -47.61 -75.56
C LEU K 155 -67.66 -47.81 -76.97
N THR K 156 -68.51 -46.92 -77.46
CA THR K 156 -68.81 -46.69 -78.89
C THR K 156 -69.57 -47.85 -79.54
N ASP K 157 -69.65 -49.01 -78.89
CA ASP K 157 -70.17 -50.23 -79.50
C ASP K 157 -70.40 -51.27 -78.41
N ASN K 158 -71.25 -52.24 -78.72
CA ASN K 158 -71.55 -53.34 -77.81
C ASN K 158 -70.61 -54.52 -77.98
N ALA K 159 -69.75 -54.51 -79.00
CA ALA K 159 -68.77 -55.58 -79.10
C ALA K 159 -67.70 -55.44 -78.03
N LEU K 160 -67.44 -54.21 -77.59
CA LEU K 160 -66.47 -53.98 -76.54
C LEU K 160 -66.93 -54.58 -75.21
N ILE K 161 -68.23 -54.52 -74.95
CA ILE K 161 -68.73 -55.03 -73.69
C ILE K 161 -68.98 -56.53 -73.79
N ALA K 162 -69.15 -57.04 -75.01
CA ALA K 162 -69.36 -58.47 -75.19
C ALA K 162 -68.12 -59.27 -74.81
N ARG K 163 -66.97 -58.87 -75.32
CA ARG K 163 -65.74 -59.60 -75.02
C ARG K 163 -65.24 -59.27 -73.62
N SER K 164 -65.06 -58.00 -73.32
CA SER K 164 -64.37 -57.59 -72.11
C SER K 164 -65.18 -57.82 -70.85
N LEU K 165 -66.50 -57.97 -70.96
CA LEU K 165 -67.29 -57.99 -69.74
C LEU K 165 -68.42 -58.99 -69.74
N GLY K 166 -68.85 -59.51 -70.89
CA GLY K 166 -69.96 -60.44 -70.92
C GLY K 166 -69.68 -61.86 -70.46
N LYS K 167 -68.66 -62.05 -69.60
CA LYS K 167 -68.37 -63.36 -69.00
C LYS K 167 -69.50 -63.83 -68.12
N TYR K 168 -70.32 -62.90 -67.63
CA TYR K 168 -71.37 -63.17 -66.66
C TYR K 168 -72.76 -63.09 -67.28
N GLY K 169 -72.91 -62.40 -68.41
CA GLY K 169 -74.18 -62.31 -69.09
C GLY K 169 -74.61 -60.88 -69.38
N ILE K 170 -73.65 -59.97 -69.54
CA ILE K 170 -73.95 -58.55 -69.70
C ILE K 170 -73.38 -57.98 -70.98
N ILE K 171 -73.50 -58.74 -72.07
CA ILE K 171 -72.88 -58.49 -73.37
C ILE K 171 -73.13 -57.13 -74.03
N CYS K 172 -74.17 -56.39 -73.62
CA CYS K 172 -74.53 -55.16 -74.32
C CYS K 172 -74.52 -53.99 -73.35
N MET K 173 -74.93 -52.82 -73.83
CA MET K 173 -74.76 -51.65 -72.99
C MET K 173 -75.90 -51.46 -71.99
N GLU K 174 -77.12 -51.90 -72.29
CA GLU K 174 -78.18 -51.72 -71.31
C GLU K 174 -78.14 -52.75 -70.21
N ASP K 175 -77.50 -53.88 -70.45
CA ASP K 175 -77.19 -54.78 -69.34
C ASP K 175 -76.17 -54.14 -68.40
N LEU K 176 -75.26 -53.33 -68.95
CA LEU K 176 -74.32 -52.63 -68.10
C LEU K 176 -75.03 -51.61 -67.25
N ILE K 177 -76.11 -51.01 -67.75
CA ILE K 177 -76.84 -50.03 -66.96
C ILE K 177 -77.60 -50.70 -65.83
N HIS K 178 -78.23 -51.85 -66.08
CA HIS K 178 -78.99 -52.54 -65.04
C HIS K 178 -78.11 -53.03 -63.93
N GLU K 179 -76.94 -53.57 -64.25
CA GLU K 179 -76.04 -54.08 -63.22
C GLU K 179 -75.45 -52.94 -62.41
N ILE K 180 -75.17 -51.80 -63.07
CA ILE K 180 -74.73 -50.62 -62.33
C ILE K 180 -75.87 -50.04 -61.49
N TYR K 181 -77.06 -49.91 -62.07
CA TYR K 181 -78.14 -49.24 -61.36
C TYR K 181 -78.69 -50.12 -60.25
N THR K 182 -79.30 -51.25 -60.60
CA THR K 182 -79.63 -52.21 -59.57
C THR K 182 -78.37 -52.99 -59.28
N VAL K 183 -77.75 -52.69 -58.14
CA VAL K 183 -76.63 -53.46 -57.64
C VAL K 183 -77.04 -54.92 -57.50
N GLY K 184 -76.41 -55.79 -58.27
CA GLY K 184 -76.80 -57.18 -58.29
C GLY K 184 -75.73 -58.04 -57.66
N LYS K 185 -75.31 -59.09 -58.36
CA LYS K 185 -74.25 -59.94 -57.85
C LYS K 185 -72.96 -59.73 -58.61
N ARG K 186 -72.97 -58.94 -59.68
CA ARG K 186 -71.77 -58.71 -60.47
C ARG K 186 -71.47 -57.23 -60.63
N PHE K 187 -71.88 -56.42 -59.65
CA PHE K 187 -71.58 -54.99 -59.67
C PHE K 187 -70.09 -54.73 -59.57
N LYS K 188 -69.34 -55.62 -58.92
CA LYS K 188 -67.93 -55.40 -58.69
C LYS K 188 -67.14 -55.39 -59.99
N GLU K 189 -67.36 -56.38 -60.84
CA GLU K 189 -66.60 -56.42 -62.07
C GLU K 189 -67.17 -55.52 -63.16
N ALA K 190 -68.40 -55.07 -63.02
CA ALA K 190 -68.86 -54.03 -63.94
C ALA K 190 -68.29 -52.67 -63.54
N ASN K 191 -68.19 -52.41 -62.24
CA ASN K 191 -67.64 -51.14 -61.79
C ASN K 191 -66.14 -51.09 -62.01
N ASN K 192 -65.46 -52.24 -61.94
CA ASN K 192 -64.05 -52.25 -62.27
C ASN K 192 -63.82 -52.09 -63.76
N PHE K 193 -64.84 -52.42 -64.57
CA PHE K 193 -64.69 -52.27 -66.02
C PHE K 193 -64.64 -50.81 -66.43
N LEU K 194 -65.40 -49.97 -65.77
CA LEU K 194 -65.43 -48.56 -66.15
C LEU K 194 -64.18 -47.86 -65.66
N TRP K 195 -63.62 -47.01 -66.50
CA TRP K 195 -62.61 -46.06 -66.09
C TRP K 195 -63.30 -44.98 -65.28
N PRO K 196 -62.59 -44.23 -64.45
CA PRO K 196 -63.26 -43.16 -63.70
C PRO K 196 -63.77 -42.06 -64.60
N PHE K 197 -64.93 -41.54 -64.23
CA PHE K 197 -65.70 -40.64 -65.07
C PHE K 197 -65.06 -39.27 -65.04
N LYS K 198 -64.30 -38.93 -66.08
CA LYS K 198 -63.53 -37.70 -66.07
C LYS K 198 -64.44 -36.57 -66.50
N LEU K 199 -65.11 -35.98 -65.50
CA LEU K 199 -66.16 -35.00 -65.74
C LEU K 199 -65.54 -33.63 -66.03
N SER K 200 -66.37 -32.62 -66.13
CA SER K 200 -65.91 -31.26 -66.32
C SER K 200 -65.94 -30.48 -65.03
N SER K 201 -65.51 -29.26 -65.09
CA SER K 201 -65.82 -28.37 -63.98
C SER K 201 -67.29 -27.97 -64.09
N PRO K 202 -67.96 -27.66 -62.97
CA PRO K 202 -69.40 -27.43 -63.05
C PRO K 202 -69.74 -26.13 -63.75
N ARG K 203 -70.95 -26.07 -64.30
CA ARG K 203 -71.38 -24.88 -65.03
C ARG K 203 -71.58 -23.70 -64.08
N GLY K 204 -72.53 -23.82 -63.15
CA GLY K 204 -72.92 -22.69 -62.34
C GLY K 204 -71.87 -22.21 -61.38
N GLY K 205 -70.94 -23.07 -61.02
CA GLY K 205 -70.05 -22.69 -59.95
C GLY K 205 -70.45 -23.39 -58.68
N MET K 206 -69.45 -23.69 -57.86
CA MET K 206 -69.72 -24.38 -56.62
C MET K 206 -70.05 -23.37 -55.53
N LYS K 207 -70.10 -23.82 -54.29
CA LYS K 207 -70.37 -22.96 -53.15
C LYS K 207 -69.39 -23.38 -52.05
N LYS K 208 -68.25 -22.71 -52.04
CA LYS K 208 -67.25 -22.63 -50.98
C LYS K 208 -66.37 -23.90 -50.87
N LYS K 209 -66.71 -25.02 -51.51
CA LYS K 209 -65.82 -26.19 -51.68
C LYS K 209 -65.21 -26.84 -50.45
N THR K 210 -65.46 -26.33 -49.30
CA THR K 210 -64.71 -26.76 -48.14
C THR K 210 -65.62 -27.23 -47.02
N THR K 211 -66.67 -26.49 -46.73
CA THR K 211 -67.60 -26.83 -45.67
C THR K 211 -68.56 -27.92 -46.15
N HIS K 212 -69.24 -28.54 -45.21
CA HIS K 212 -70.16 -29.60 -45.54
C HIS K 212 -71.38 -29.02 -46.23
N PHE K 213 -72.13 -29.88 -46.91
CA PHE K 213 -73.33 -29.37 -47.57
C PHE K 213 -74.45 -29.08 -46.57
N VAL K 214 -74.33 -29.57 -45.35
CA VAL K 214 -75.17 -29.10 -44.27
C VAL K 214 -74.89 -27.63 -43.96
N GLU K 215 -73.62 -27.23 -44.00
CA GLU K 215 -73.27 -25.85 -43.67
C GLU K 215 -73.57 -24.86 -44.78
N GLY K 216 -74.36 -25.24 -45.78
CA GLY K 216 -74.63 -24.39 -46.91
C GLY K 216 -73.61 -24.46 -48.01
N GLY K 217 -72.42 -24.98 -47.72
CA GLY K 217 -71.35 -25.09 -48.69
C GLY K 217 -71.57 -26.26 -49.62
N ASP K 218 -70.52 -27.02 -49.93
CA ASP K 218 -70.67 -27.96 -51.03
C ASP K 218 -70.16 -29.37 -50.77
N ALA K 219 -69.23 -29.58 -49.85
CA ALA K 219 -68.68 -30.91 -49.64
C ALA K 219 -69.68 -31.81 -48.93
N GLY K 220 -69.45 -33.11 -49.03
CA GLY K 220 -70.16 -34.06 -48.20
C GLY K 220 -71.32 -34.75 -48.89
N ASN K 221 -72.18 -35.35 -48.06
CA ASN K 221 -73.33 -36.08 -48.55
C ASN K 221 -74.43 -35.11 -48.96
N ARG K 222 -75.23 -35.48 -49.94
CA ARG K 222 -76.38 -34.65 -50.28
C ARG K 222 -77.66 -35.37 -50.67
N GLU K 223 -77.63 -36.67 -50.92
CA GLU K 223 -78.75 -37.61 -50.93
C GLU K 223 -79.79 -37.52 -52.03
N ASP K 224 -79.97 -36.40 -52.70
CA ASP K 224 -80.54 -36.49 -54.03
C ASP K 224 -79.99 -35.37 -54.89
N GLN K 225 -79.43 -34.36 -54.22
CA GLN K 225 -79.04 -33.13 -54.86
C GLN K 225 -77.80 -33.29 -55.71
N ILE K 226 -77.17 -34.47 -55.71
CA ILE K 226 -76.09 -34.72 -56.65
C ILE K 226 -76.61 -34.97 -58.05
N ASN K 227 -77.91 -35.24 -58.20
CA ASN K 227 -78.51 -35.19 -59.52
C ASN K 227 -78.50 -33.76 -60.06
N ARG K 228 -78.66 -32.80 -59.16
CA ARG K 228 -78.54 -31.39 -59.54
C ARG K 228 -77.12 -31.04 -59.95
N LEU K 229 -76.13 -31.66 -59.34
CA LEU K 229 -74.74 -31.31 -59.66
C LEU K 229 -74.25 -32.05 -60.90
N ILE K 230 -74.71 -33.26 -61.13
CA ILE K 230 -74.18 -34.06 -62.23
C ILE K 230 -74.78 -33.65 -63.56
N ARG K 231 -75.80 -32.79 -63.56
CA ARG K 231 -76.17 -32.15 -64.79
C ARG K 231 -75.21 -31.03 -65.13
N ARG K 232 -74.56 -30.45 -64.12
CA ARG K 232 -73.59 -29.40 -64.38
C ARG K 232 -72.26 -29.96 -64.90
N MET K 233 -71.76 -30.99 -64.24
CA MET K 233 -70.42 -31.45 -64.56
C MET K 233 -70.37 -32.44 -65.72
N ASN K 234 -71.47 -32.66 -66.40
CA ASN K 234 -71.47 -33.67 -67.45
C ASN K 234 -71.14 -33.02 -68.79
N ASN L 1 109.38 -8.05 -25.10
CA ASN L 1 110.31 -7.63 -24.06
C ASN L 1 109.86 -6.32 -23.35
N PRO L 2 109.72 -5.13 -24.06
CA PRO L 2 109.62 -3.88 -23.28
C PRO L 2 108.33 -3.68 -22.52
N LEU L 3 107.20 -3.69 -23.24
CA LEU L 3 106.01 -2.99 -22.77
C LEU L 3 104.71 -3.78 -22.93
N PHE L 4 104.77 -5.10 -22.96
CA PHE L 4 103.59 -5.93 -23.17
C PHE L 4 102.99 -6.29 -21.82
N GLU L 5 101.72 -5.95 -21.64
CA GLU L 5 101.06 -6.22 -20.38
C GLU L 5 100.53 -7.65 -20.36
N LYS L 6 99.95 -8.05 -19.24
CA LYS L 6 98.97 -9.11 -19.22
C LYS L 6 97.70 -8.53 -18.63
N ARG L 7 96.57 -8.65 -19.34
CA ARG L 7 95.30 -8.19 -18.82
C ARG L 7 94.45 -9.38 -18.42
N PRO L 8 94.36 -9.70 -17.13
CA PRO L 8 93.54 -10.84 -16.70
C PRO L 8 92.09 -10.42 -16.51
N LYS L 9 91.20 -11.01 -17.30
CA LYS L 9 89.79 -10.82 -17.05
C LYS L 9 89.34 -11.76 -15.95
N ASN L 10 88.37 -11.33 -15.15
CA ASN L 10 87.75 -12.18 -14.16
C ASN L 10 86.36 -12.55 -14.66
N PHE L 11 86.14 -13.84 -14.90
CA PHE L 11 84.93 -14.31 -15.56
C PHE L 11 83.84 -14.69 -14.59
N GLY L 12 83.77 -14.04 -13.44
CA GLY L 12 82.75 -14.32 -12.46
C GLY L 12 81.38 -13.80 -12.86
N ILE L 13 80.63 -13.38 -11.88
CA ILE L 13 79.26 -12.98 -12.13
C ILE L 13 79.20 -11.47 -12.16
N GLY L 14 78.45 -10.92 -13.11
CA GLY L 14 78.19 -9.49 -13.13
C GLY L 14 79.38 -8.64 -13.49
N GLN L 15 80.31 -9.21 -14.24
CA GLN L 15 81.54 -8.55 -14.63
C GLN L 15 81.89 -9.07 -16.01
N ASP L 16 83.18 -9.04 -16.36
CA ASP L 16 83.72 -9.42 -17.67
C ASP L 16 83.05 -10.65 -18.27
N ILE L 17 82.77 -10.56 -19.57
CA ILE L 17 81.80 -11.43 -20.23
C ILE L 17 82.28 -12.87 -20.32
N GLN L 18 81.38 -13.74 -20.67
CA GLN L 18 81.68 -15.15 -20.74
C GLN L 18 82.37 -15.50 -22.05
N PRO L 19 83.19 -16.52 -22.06
CA PRO L 19 83.82 -16.97 -23.31
C PRO L 19 82.88 -17.78 -24.18
N LYS L 20 83.43 -18.34 -25.25
CA LYS L 20 82.73 -19.31 -26.09
C LYS L 20 83.01 -20.70 -25.53
N ARG L 21 82.25 -21.08 -24.51
CA ARG L 21 82.46 -22.36 -23.85
C ARG L 21 81.85 -23.52 -24.62
N ASP L 22 81.70 -24.68 -23.97
CA ASP L 22 81.48 -25.94 -24.67
C ASP L 22 80.14 -25.98 -25.41
N LEU L 23 79.03 -25.88 -24.68
CA LEU L 23 77.66 -25.83 -25.22
C LEU L 23 77.34 -27.04 -26.11
N THR L 24 77.58 -28.23 -25.59
CA THR L 24 77.09 -29.41 -26.27
C THR L 24 75.82 -29.94 -25.63
N ARG L 25 75.74 -29.94 -24.31
CA ARG L 25 74.58 -30.46 -23.64
C ARG L 25 73.38 -29.52 -23.70
N PHE L 26 73.57 -28.28 -24.11
CA PHE L 26 72.58 -27.26 -23.85
C PHE L 26 71.98 -26.73 -25.14
N VAL L 27 72.02 -27.52 -26.20
CA VAL L 27 71.61 -27.03 -27.51
C VAL L 27 70.32 -27.72 -27.93
N LYS L 28 69.42 -26.93 -28.50
CA LYS L 28 68.13 -27.42 -28.94
C LYS L 28 68.34 -28.22 -30.21
N TRP L 29 68.50 -29.53 -30.06
CA TRP L 29 68.66 -30.41 -31.21
C TRP L 29 67.36 -30.45 -32.01
N PRO L 30 67.42 -30.85 -33.28
CA PRO L 30 66.19 -31.08 -34.04
C PRO L 30 65.43 -32.26 -33.47
N ARG L 31 64.22 -32.47 -33.99
CA ARG L 31 63.37 -33.49 -33.43
C ARG L 31 63.90 -34.90 -33.67
N TYR L 32 64.69 -35.10 -34.73
CA TYR L 32 65.13 -36.45 -35.04
C TYR L 32 66.31 -36.87 -34.18
N ILE L 33 67.08 -35.93 -33.65
CA ILE L 33 68.12 -36.29 -32.68
C ILE L 33 67.49 -36.71 -31.36
N ARG L 34 66.61 -35.87 -30.81
CA ARG L 34 66.10 -36.07 -29.46
C ARG L 34 65.21 -37.30 -29.37
N LEU L 35 64.62 -37.71 -30.48
CA LEU L 35 64.05 -39.04 -30.54
C LEU L 35 65.12 -40.09 -30.41
N GLN L 36 66.14 -40.03 -31.26
CA GLN L 36 67.10 -41.12 -31.28
C GLN L 36 68.03 -41.06 -30.09
N ARG L 37 68.09 -39.93 -29.40
CA ARG L 37 68.82 -39.90 -28.13
C ARG L 37 67.97 -40.40 -26.97
N GLN L 38 66.69 -39.99 -26.88
CA GLN L 38 65.90 -40.60 -25.81
C GLN L 38 65.61 -42.06 -26.04
N ARG L 39 65.68 -42.54 -27.28
CA ARG L 39 65.29 -43.92 -27.55
C ARG L 39 66.29 -44.90 -26.97
N ALA L 40 67.58 -44.58 -27.06
CA ALA L 40 68.60 -45.41 -26.45
C ALA L 40 68.48 -45.39 -24.93
N ILE L 41 68.04 -44.27 -24.36
CA ILE L 41 67.74 -44.19 -22.94
C ILE L 41 66.56 -45.08 -22.59
N LEU L 42 65.58 -45.16 -23.48
CA LEU L 42 64.29 -45.75 -23.14
C LEU L 42 64.40 -47.25 -23.01
N TYR L 43 65.34 -47.88 -23.70
CA TYR L 43 65.65 -49.27 -23.42
C TYR L 43 66.19 -49.44 -22.01
N LYS L 44 66.96 -48.47 -21.53
CA LYS L 44 67.63 -48.58 -20.24
C LYS L 44 66.76 -48.12 -19.09
N ARG L 45 65.59 -47.53 -19.35
CA ARG L 45 64.65 -47.35 -18.25
C ARG L 45 63.75 -48.57 -18.09
N LEU L 46 63.03 -48.95 -19.14
CA LEU L 46 62.06 -50.03 -19.05
C LEU L 46 62.75 -51.36 -18.83
N LYS L 47 62.05 -52.27 -18.16
CA LYS L 47 62.58 -53.62 -18.01
C LYS L 47 62.34 -54.38 -19.30
N VAL L 48 63.43 -54.63 -20.04
CA VAL L 48 63.34 -55.40 -21.29
C VAL L 48 63.03 -56.85 -20.93
N PRO L 49 62.35 -57.59 -21.79
CA PRO L 49 62.17 -59.01 -21.56
C PRO L 49 63.45 -59.75 -21.85
N PRO L 50 63.66 -60.94 -21.31
CA PRO L 50 64.91 -61.66 -21.56
C PRO L 50 65.07 -62.10 -22.99
N ALA L 51 64.00 -62.14 -23.76
CA ALA L 51 64.11 -62.59 -25.13
C ALA L 51 64.76 -61.56 -26.05
N ILE L 52 64.84 -60.30 -25.64
CA ILE L 52 65.41 -59.27 -26.51
C ILE L 52 66.69 -58.65 -25.98
N ASN L 53 67.05 -58.85 -24.71
CA ASN L 53 68.38 -58.42 -24.29
C ASN L 53 69.41 -59.52 -24.45
N GLN L 54 69.15 -60.46 -25.34
CA GLN L 54 70.19 -61.35 -25.81
C GLN L 54 71.25 -60.56 -26.58
N PHE L 55 70.83 -59.53 -27.30
CA PHE L 55 71.75 -58.51 -27.74
C PHE L 55 72.20 -57.74 -26.52
N THR L 56 73.42 -57.19 -26.58
CA THR L 56 74.30 -56.57 -25.58
C THR L 56 74.98 -57.63 -24.70
N GLN L 57 74.59 -58.90 -24.80
CA GLN L 57 75.45 -60.00 -24.41
C GLN L 57 76.02 -60.49 -25.73
N ALA L 58 77.11 -59.86 -26.15
CA ALA L 58 77.67 -60.05 -27.47
C ALA L 58 79.01 -60.76 -27.39
N LEU L 59 79.39 -61.33 -28.53
CA LEU L 59 80.69 -61.96 -28.69
C LEU L 59 81.77 -60.88 -28.60
N ASP L 60 82.82 -61.16 -27.83
CA ASP L 60 83.79 -60.13 -27.52
C ASP L 60 84.68 -59.81 -28.71
N ARG L 61 85.58 -58.85 -28.52
CA ARG L 61 86.30 -58.24 -29.63
C ARG L 61 87.39 -59.17 -30.17
N GLN L 62 87.99 -59.97 -29.30
CA GLN L 62 89.03 -60.88 -29.74
C GLN L 62 88.46 -62.01 -30.58
N THR L 63 87.33 -62.58 -30.15
CA THR L 63 86.82 -63.78 -30.80
C THR L 63 86.23 -63.45 -32.16
N ALA L 64 85.54 -62.32 -32.28
CA ALA L 64 84.81 -62.05 -33.51
C ALA L 64 85.73 -61.75 -34.67
N THR L 65 86.89 -61.18 -34.40
CA THR L 65 87.86 -60.95 -35.47
C THR L 65 88.45 -62.26 -35.95
N GLN L 66 88.67 -63.21 -35.03
CA GLN L 66 89.03 -64.57 -35.40
C GLN L 66 87.92 -65.21 -36.23
N LEU L 67 86.67 -64.83 -35.96
CA LEU L 67 85.53 -65.33 -36.71
C LEU L 67 85.36 -64.63 -38.04
N LEU L 68 85.76 -63.35 -38.13
CA LEU L 68 85.57 -62.65 -39.39
C LEU L 68 86.61 -63.08 -40.43
N LYS L 69 87.84 -63.35 -39.99
CA LYS L 69 88.84 -63.89 -40.91
C LYS L 69 88.48 -65.29 -41.35
N LEU L 70 87.77 -66.02 -40.50
CA LEU L 70 87.18 -67.30 -40.89
C LEU L 70 86.07 -67.09 -41.91
N ALA L 71 85.27 -66.05 -41.71
CA ALA L 71 84.15 -65.77 -42.62
C ALA L 71 84.58 -65.01 -43.85
N HIS L 72 85.80 -64.48 -43.87
CA HIS L 72 86.23 -63.72 -45.04
C HIS L 72 86.52 -64.63 -46.23
N LYS L 73 86.91 -65.87 -45.99
CA LYS L 73 87.35 -66.73 -47.06
C LYS L 73 86.26 -67.61 -47.66
N TYR L 74 85.07 -67.67 -47.05
CA TYR L 74 83.88 -68.16 -47.73
C TYR L 74 83.04 -67.03 -48.25
N ARG L 75 83.67 -65.95 -48.70
CA ARG L 75 82.94 -64.84 -49.29
C ARG L 75 82.32 -65.31 -50.61
N PRO L 76 81.03 -65.08 -50.81
CA PRO L 76 80.36 -65.58 -52.02
C PRO L 76 80.86 -64.89 -53.28
N GLU L 77 80.49 -65.48 -54.41
CA GLU L 77 80.96 -65.00 -55.70
C GLU L 77 80.32 -63.66 -56.02
N THR L 78 81.15 -62.64 -56.23
CA THR L 78 80.59 -61.36 -56.63
C THR L 78 80.19 -61.41 -58.09
N LYS L 79 79.36 -60.43 -58.49
CA LYS L 79 78.69 -60.51 -59.79
C LYS L 79 79.66 -60.23 -60.92
N GLN L 80 80.80 -59.61 -60.62
CA GLN L 80 81.85 -59.55 -61.64
C GLN L 80 82.48 -60.93 -61.86
N GLU L 81 82.75 -61.67 -60.80
CA GLU L 81 83.27 -63.00 -61.05
C GLU L 81 82.18 -64.06 -61.20
N LYS L 82 80.95 -63.78 -60.78
CA LYS L 82 79.81 -64.59 -61.21
C LYS L 82 79.68 -64.50 -62.72
N LYS L 83 79.88 -63.31 -63.27
CA LYS L 83 79.99 -63.14 -64.72
C LYS L 83 81.18 -63.90 -65.27
N GLN L 84 82.31 -63.82 -64.58
CA GLN L 84 83.55 -64.38 -65.12
C GLN L 84 83.54 -65.90 -65.05
N ARG L 85 82.94 -66.48 -64.00
CA ARG L 85 82.89 -67.94 -63.88
C ARG L 85 82.06 -68.56 -64.99
N LEU L 86 80.87 -68.03 -65.22
CA LEU L 86 79.97 -68.63 -66.20
C LEU L 86 80.51 -68.46 -67.61
N LEU L 87 81.12 -67.31 -67.89
CA LEU L 87 81.75 -67.10 -69.19
C LEU L 87 83.02 -67.92 -69.35
N ALA L 88 83.73 -68.22 -68.25
CA ALA L 88 84.94 -69.00 -68.37
C ALA L 88 84.63 -70.48 -68.62
N ARG L 89 83.95 -71.14 -67.66
CA ARG L 89 83.86 -72.59 -67.68
C ARG L 89 83.01 -73.10 -68.83
N ALA L 90 82.09 -72.28 -69.36
CA ALA L 90 81.31 -72.67 -70.54
C ALA L 90 82.21 -72.85 -71.76
N GLU L 91 83.26 -72.03 -71.88
CA GLU L 91 84.22 -72.20 -72.97
C GLU L 91 85.22 -73.31 -72.67
N LYS L 92 85.58 -73.48 -71.39
CA LYS L 92 86.49 -74.54 -70.96
C LYS L 92 85.85 -75.92 -71.10
N LYS L 93 84.56 -76.04 -70.76
CA LYS L 93 83.87 -77.33 -70.86
C LYS L 93 83.50 -77.64 -72.30
N ALA L 94 83.57 -76.66 -73.20
CA ALA L 94 83.33 -76.94 -74.60
C ALA L 94 84.61 -77.25 -75.37
N ALA L 95 85.77 -76.81 -74.87
CA ALA L 95 87.04 -77.07 -75.54
C ALA L 95 87.70 -78.36 -75.08
N GLY L 96 87.61 -78.69 -73.79
CA GLY L 96 88.14 -79.93 -73.27
C GLY L 96 87.10 -80.95 -72.88
N LYS L 97 85.83 -80.72 -73.23
CA LYS L 97 84.68 -81.56 -72.90
C LYS L 97 84.59 -81.85 -71.40
N GLY L 98 84.73 -80.79 -70.62
CA GLY L 98 84.77 -80.87 -69.18
C GLY L 98 83.45 -81.24 -68.56
N ASP L 99 83.36 -82.48 -68.06
CA ASP L 99 82.12 -82.96 -67.48
C ASP L 99 81.93 -82.36 -66.10
N VAL L 100 82.89 -82.58 -65.21
CA VAL L 100 82.98 -81.85 -63.95
C VAL L 100 84.44 -81.41 -63.70
N PRO L 101 84.79 -80.16 -64.00
CA PRO L 101 85.98 -79.57 -63.39
C PRO L 101 85.70 -78.91 -62.05
N THR L 102 84.45 -78.93 -61.59
CA THR L 102 84.05 -78.42 -60.28
C THR L 102 83.43 -79.55 -59.48
N LYS L 103 83.96 -79.80 -58.27
CA LYS L 103 83.36 -80.82 -57.41
C LYS L 103 82.16 -80.28 -56.64
N ARG L 104 82.40 -79.33 -55.74
CA ARG L 104 81.41 -78.74 -54.84
C ARG L 104 81.95 -77.37 -54.45
N PRO L 105 81.15 -76.32 -54.55
CA PRO L 105 81.54 -75.03 -53.95
C PRO L 105 81.06 -74.93 -52.52
N PRO L 106 81.96 -74.73 -51.57
CA PRO L 106 81.54 -74.44 -50.20
C PRO L 106 81.44 -72.95 -49.92
N VAL L 107 80.32 -72.52 -49.36
CA VAL L 107 80.07 -71.10 -49.10
C VAL L 107 79.17 -71.00 -47.88
N LEU L 108 79.22 -69.85 -47.21
CA LEU L 108 78.24 -69.54 -46.18
C LEU L 108 76.95 -69.01 -46.81
N ARG L 109 75.83 -69.27 -46.15
CA ARG L 109 74.55 -68.80 -46.65
C ARG L 109 74.15 -67.49 -45.99
N ALA L 110 73.42 -66.67 -46.73
CA ALA L 110 73.07 -65.33 -46.28
C ALA L 110 71.57 -65.15 -46.29
N GLY L 111 71.06 -64.45 -45.29
CA GLY L 111 69.64 -64.25 -45.15
C GLY L 111 69.06 -65.10 -44.03
N VAL L 112 67.86 -64.75 -43.60
CA VAL L 112 67.31 -65.47 -42.46
C VAL L 112 66.68 -66.79 -42.89
N ASN L 113 65.87 -66.77 -43.95
CA ASN L 113 65.20 -68.00 -44.39
C ASN L 113 66.19 -69.00 -44.97
N THR L 114 67.21 -68.51 -45.66
CA THR L 114 68.26 -69.41 -46.10
C THR L 114 69.04 -69.95 -44.92
N VAL L 115 69.01 -69.27 -43.77
CA VAL L 115 69.56 -69.87 -42.57
C VAL L 115 68.54 -70.80 -41.91
N THR L 116 67.31 -70.33 -41.75
CA THR L 116 66.34 -71.01 -40.87
C THR L 116 65.93 -72.37 -41.42
N THR L 117 66.00 -72.55 -42.73
CA THR L 117 65.82 -73.89 -43.27
C THR L 117 66.98 -74.79 -42.86
N LEU L 118 68.21 -74.29 -42.94
CA LEU L 118 69.36 -75.13 -42.66
C LEU L 118 69.50 -75.42 -41.17
N VAL L 119 68.96 -74.56 -40.31
CA VAL L 119 69.02 -74.87 -38.89
C VAL L 119 67.95 -75.89 -38.53
N GLU L 120 66.78 -75.82 -39.17
CA GLU L 120 65.71 -76.76 -38.88
C GLU L 120 66.04 -78.16 -39.35
N ASN L 121 66.94 -78.30 -40.31
CA ASN L 121 67.30 -79.61 -40.83
C ASN L 121 68.73 -80.01 -40.49
N LYS L 122 69.32 -79.37 -39.47
CA LYS L 122 70.69 -79.59 -39.00
C LYS L 122 71.74 -79.36 -40.08
N LYS L 123 71.47 -78.56 -41.10
CA LYS L 123 72.31 -78.49 -42.29
C LYS L 123 73.44 -77.48 -42.18
N ALA L 124 73.52 -76.72 -41.10
CA ALA L 124 74.60 -75.77 -40.90
C ALA L 124 75.18 -75.97 -39.51
N GLN L 125 76.40 -75.45 -39.32
CA GLN L 125 77.16 -75.77 -38.13
C GLN L 125 77.58 -74.58 -37.27
N LEU L 126 77.53 -73.36 -37.79
CA LEU L 126 77.75 -72.20 -36.92
C LEU L 126 76.95 -71.04 -37.47
N VAL L 127 76.27 -70.33 -36.57
CA VAL L 127 75.26 -69.32 -36.92
C VAL L 127 75.66 -68.00 -36.31
N VAL L 128 75.65 -66.95 -37.13
CA VAL L 128 76.19 -65.65 -36.77
C VAL L 128 75.07 -64.63 -36.90
N ILE L 129 74.66 -64.02 -35.78
CA ILE L 129 73.47 -63.18 -35.74
C ILE L 129 73.88 -61.73 -35.51
N ALA L 130 73.35 -60.83 -36.35
CA ALA L 130 73.65 -59.41 -36.27
C ALA L 130 73.04 -58.77 -35.02
N HIS L 131 73.50 -57.56 -34.73
CA HIS L 131 73.16 -56.87 -33.49
C HIS L 131 71.97 -55.95 -33.63
N ASP L 132 71.67 -55.48 -34.83
CA ASP L 132 70.97 -54.20 -34.95
C ASP L 132 69.82 -54.26 -35.94
N VAL L 133 69.22 -55.41 -36.15
CA VAL L 133 68.07 -55.49 -37.04
C VAL L 133 66.88 -54.98 -36.23
N ASP L 134 66.41 -53.78 -36.57
CA ASP L 134 65.54 -53.05 -35.66
C ASP L 134 64.13 -53.62 -35.53
N PRO L 135 63.54 -54.28 -36.54
CA PRO L 135 62.44 -55.18 -36.20
C PRO L 135 63.01 -56.39 -35.50
N ILE L 136 62.88 -56.42 -34.17
CA ILE L 136 63.55 -57.43 -33.35
C ILE L 136 62.82 -58.75 -33.45
N GLU L 137 61.67 -58.77 -34.09
CA GLU L 137 60.90 -59.97 -34.35
C GLU L 137 61.70 -60.96 -35.17
N LEU L 138 62.55 -60.47 -36.06
CA LEU L 138 63.44 -61.23 -36.93
C LEU L 138 64.56 -61.95 -36.19
N VAL L 139 64.57 -61.95 -34.86
CA VAL L 139 65.67 -62.49 -34.06
C VAL L 139 65.16 -63.47 -33.02
N VAL L 140 64.21 -63.07 -32.19
CA VAL L 140 63.93 -63.70 -30.90
C VAL L 140 63.40 -65.13 -31.00
N PHE L 141 63.18 -65.61 -32.21
CA PHE L 141 62.93 -67.02 -32.44
C PHE L 141 64.20 -67.79 -32.77
N LEU L 142 65.30 -67.10 -33.10
CA LEU L 142 66.54 -67.84 -33.41
C LEU L 142 67.19 -68.49 -32.19
N PRO L 143 67.47 -67.81 -31.07
CA PRO L 143 68.27 -68.48 -30.04
C PRO L 143 67.54 -69.57 -29.28
N ALA L 144 66.21 -69.65 -29.36
CA ALA L 144 65.54 -70.83 -28.86
C ALA L 144 65.55 -71.96 -29.89
N LEU L 145 65.59 -71.62 -31.18
CA LEU L 145 65.54 -72.66 -32.21
C LEU L 145 66.88 -73.37 -32.31
N CYS L 146 67.97 -72.62 -32.29
CA CYS L 146 69.28 -73.23 -32.24
C CYS L 146 69.52 -73.92 -30.90
N ARG L 147 68.77 -73.56 -29.85
CA ARG L 147 68.80 -74.32 -28.61
C ARG L 147 68.13 -75.68 -28.78
N LYS L 148 66.96 -75.71 -29.40
CA LYS L 148 66.24 -76.97 -29.55
C LYS L 148 66.86 -77.87 -30.61
N MET L 149 67.55 -77.29 -31.59
CA MET L 149 68.21 -78.12 -32.59
C MET L 149 69.61 -78.53 -32.19
N GLY L 150 70.31 -77.67 -31.45
CA GLY L 150 71.66 -77.96 -31.05
C GLY L 150 72.72 -77.44 -31.98
N VAL L 151 72.40 -76.49 -32.84
CA VAL L 151 73.38 -75.85 -33.70
C VAL L 151 73.90 -74.63 -32.94
N PRO L 152 75.21 -74.48 -32.77
CA PRO L 152 75.73 -73.38 -31.95
C PRO L 152 75.62 -72.06 -32.68
N TYR L 153 75.29 -71.01 -31.93
CA TYR L 153 75.01 -69.71 -32.50
C TYR L 153 75.81 -68.67 -31.77
N CYS L 154 76.04 -67.54 -32.43
CA CYS L 154 76.73 -66.43 -31.79
C CYS L 154 76.02 -65.14 -32.14
N ILE L 155 75.94 -64.27 -31.15
CA ILE L 155 75.36 -62.94 -31.30
C ILE L 155 76.51 -61.97 -31.49
N ILE L 156 76.54 -61.29 -32.62
CA ILE L 156 77.70 -60.52 -33.00
C ILE L 156 77.22 -59.12 -33.33
N LYS L 157 78.17 -58.18 -33.40
CA LYS L 157 77.87 -56.77 -33.49
C LYS L 157 78.17 -56.23 -34.88
N GLY L 158 77.19 -55.54 -35.46
CA GLY L 158 77.35 -54.85 -36.72
C GLY L 158 76.60 -55.56 -37.82
N LYS L 159 75.38 -55.10 -38.11
CA LYS L 159 74.63 -55.65 -39.21
C LYS L 159 75.25 -55.28 -40.55
N ALA L 160 75.97 -54.15 -40.59
CA ALA L 160 76.77 -53.85 -41.77
C ALA L 160 78.03 -54.68 -41.80
N ARG L 161 78.51 -55.09 -40.62
CA ARG L 161 79.74 -55.88 -40.59
C ARG L 161 79.49 -57.29 -41.07
N LEU L 162 78.25 -57.79 -40.93
CA LEU L 162 77.90 -58.98 -41.68
C LEU L 162 77.73 -58.70 -43.15
N GLY L 163 77.42 -57.46 -43.50
CA GLY L 163 77.22 -57.16 -44.91
C GLY L 163 78.50 -57.09 -45.69
N ARG L 164 79.63 -56.86 -45.02
CA ARG L 164 80.88 -56.66 -45.73
C ARG L 164 81.47 -57.94 -46.23
N LEU L 165 81.07 -59.06 -45.67
CA LEU L 165 81.48 -60.35 -46.18
C LEU L 165 80.43 -60.96 -47.11
N VAL L 166 79.46 -60.16 -47.55
CA VAL L 166 78.44 -60.62 -48.49
C VAL L 166 78.21 -59.64 -49.63
N HIS L 167 78.87 -58.47 -49.60
CA HIS L 167 78.72 -57.38 -50.57
C HIS L 167 77.27 -56.89 -50.63
N ARG L 168 76.79 -56.46 -49.47
CA ARG L 168 75.42 -55.99 -49.32
C ARG L 168 75.41 -55.15 -48.05
N LYS L 169 74.32 -54.42 -47.84
CA LYS L 169 74.30 -53.41 -46.80
C LYS L 169 74.13 -54.03 -45.42
N THR L 170 73.04 -54.77 -45.22
CA THR L 170 72.85 -55.59 -44.03
C THR L 170 72.67 -57.02 -44.48
N CYS L 171 73.01 -57.95 -43.59
CA CYS L 171 72.95 -59.37 -43.95
C CYS L 171 72.32 -60.25 -42.89
N THR L 172 72.36 -59.85 -41.61
CA THR L 172 71.58 -60.32 -40.47
C THR L 172 71.94 -61.72 -39.97
N THR L 173 72.49 -62.56 -40.83
CA THR L 173 72.66 -63.97 -40.52
C THR L 173 73.60 -64.60 -41.53
N VAL L 174 74.54 -65.38 -41.03
CA VAL L 174 75.44 -66.17 -41.83
C VAL L 174 75.62 -67.53 -41.16
N ALA L 175 75.37 -68.59 -41.91
CA ALA L 175 75.48 -69.96 -41.43
C ALA L 175 76.65 -70.63 -42.13
N PHE L 176 77.63 -71.06 -41.36
CA PHE L 176 78.77 -71.80 -41.90
C PHE L 176 78.32 -73.24 -42.12
N THR L 177 78.26 -73.65 -43.39
CA THR L 177 77.60 -74.90 -43.75
C THR L 177 78.59 -75.98 -44.18
N GLN L 178 79.35 -75.72 -45.21
CA GLN L 178 80.30 -76.67 -45.76
C GLN L 178 81.68 -76.14 -45.46
N VAL L 179 82.36 -76.74 -44.51
CA VAL L 179 83.66 -76.25 -44.11
C VAL L 179 84.69 -76.76 -45.11
N ASN L 180 85.82 -76.09 -45.19
CA ASN L 180 86.89 -76.55 -46.07
C ASN L 180 87.68 -77.69 -45.45
N SER L 181 88.69 -78.12 -46.20
CA SER L 181 89.64 -79.10 -45.69
C SER L 181 90.43 -78.52 -44.53
N GLU L 182 91.09 -77.39 -44.77
CA GLU L 182 91.96 -76.80 -43.75
C GLU L 182 91.20 -75.99 -42.71
N ASP L 183 89.88 -76.05 -42.68
CA ASP L 183 89.14 -75.14 -41.83
C ASP L 183 88.27 -75.80 -40.77
N LYS L 184 88.06 -77.12 -40.82
CA LYS L 184 87.32 -77.76 -39.73
C LYS L 184 88.08 -77.68 -38.42
N GLY L 185 89.41 -77.85 -38.49
CA GLY L 185 90.24 -77.64 -37.32
C GLY L 185 90.19 -76.22 -36.80
N ALA L 186 89.98 -75.27 -37.71
CA ALA L 186 89.67 -73.91 -37.27
C ALA L 186 88.28 -73.84 -36.64
N LEU L 187 87.36 -74.69 -37.06
CA LEU L 187 85.98 -74.53 -36.61
C LEU L 187 85.77 -75.04 -35.20
N ALA L 188 86.25 -76.25 -34.90
CA ALA L 188 86.00 -76.85 -33.58
C ALA L 188 86.77 -76.11 -32.49
N LYS L 189 87.86 -75.45 -32.86
CA LYS L 189 88.57 -74.56 -31.95
C LYS L 189 87.70 -73.36 -31.56
N LEU L 190 86.71 -73.00 -32.38
CA LEU L 190 85.78 -71.92 -32.05
C LEU L 190 84.49 -72.42 -31.39
N VAL L 191 83.94 -73.54 -31.87
CA VAL L 191 82.63 -74.01 -31.42
C VAL L 191 82.68 -74.48 -29.97
N GLU L 192 83.84 -74.97 -29.53
CA GLU L 192 84.12 -75.10 -28.10
C GLU L 192 83.91 -73.78 -27.38
N ALA L 193 84.54 -72.71 -27.87
CA ALA L 193 84.47 -71.43 -27.20
C ALA L 193 83.07 -70.81 -27.29
N ILE L 194 82.30 -71.18 -28.31
CA ILE L 194 80.98 -70.58 -28.50
C ILE L 194 79.92 -71.32 -27.69
N ARG L 195 80.04 -72.65 -27.55
CA ARG L 195 79.20 -73.35 -26.58
C ARG L 195 79.50 -72.92 -25.17
N THR L 196 80.74 -72.50 -24.91
CA THR L 196 81.16 -72.14 -23.56
C THR L 196 80.37 -70.96 -23.02
N ASN L 197 80.06 -70.00 -23.87
CA ASN L 197 79.24 -68.87 -23.42
C ASN L 197 77.75 -69.13 -23.62
N TYR L 198 77.34 -69.46 -24.84
CA TYR L 198 75.92 -69.34 -25.16
C TYR L 198 75.14 -70.61 -24.82
N ASN L 199 75.48 -71.72 -25.47
CA ASN L 199 74.60 -72.89 -25.46
C ASN L 199 74.53 -73.54 -24.08
N ASP L 200 75.65 -73.54 -23.35
CA ASP L 200 75.67 -74.20 -22.05
C ASP L 200 74.90 -73.39 -21.01
N ARG L 201 74.84 -72.08 -21.17
CA ARG L 201 74.22 -71.18 -20.19
C ARG L 201 72.83 -70.74 -20.64
N TYR L 202 72.09 -71.59 -21.33
CA TYR L 202 70.79 -71.18 -21.86
C TYR L 202 69.77 -71.00 -20.74
N ASP L 203 69.92 -71.73 -19.65
CA ASP L 203 69.05 -71.49 -18.50
C ASP L 203 69.39 -70.19 -17.79
N GLU L 204 70.58 -69.64 -18.02
CA GLU L 204 70.96 -68.35 -17.47
C GLU L 204 70.52 -67.21 -18.36
N ILE L 205 70.64 -67.37 -19.69
CA ILE L 205 70.22 -66.35 -20.63
C ILE L 205 68.69 -66.23 -20.68
N ARG L 206 67.99 -67.29 -20.26
CA ARG L 206 66.54 -67.28 -20.21
C ARG L 206 65.98 -66.27 -19.20
N ARG L 207 66.77 -65.84 -18.22
CA ARG L 207 66.26 -64.97 -17.17
C ARG L 207 67.18 -63.78 -16.93
N HIS L 208 67.61 -63.10 -17.98
CA HIS L 208 68.28 -61.81 -17.85
C HIS L 208 67.29 -60.69 -18.12
N TRP L 209 66.86 -60.02 -17.06
CA TRP L 209 65.88 -58.93 -17.12
C TRP L 209 66.66 -57.62 -17.02
N GLY L 210 67.10 -57.12 -18.17
CA GLY L 210 67.91 -55.93 -18.22
C GLY L 210 67.10 -54.68 -17.96
N GLY L 211 67.78 -53.54 -18.13
CA GLY L 211 67.07 -52.31 -17.88
C GLY L 211 66.90 -52.05 -16.41
N ASN L 212 65.86 -51.28 -16.09
CA ASN L 212 65.53 -50.81 -14.75
C ASN L 212 66.69 -50.03 -14.15
N VAL L 213 67.43 -49.30 -14.98
CA VAL L 213 68.53 -48.47 -14.53
C VAL L 213 68.08 -47.02 -14.63
N LEU L 214 68.17 -46.28 -13.53
CA LEU L 214 67.67 -44.92 -13.53
C LEU L 214 68.72 -43.97 -14.12
N GLY L 215 68.48 -42.67 -14.00
CA GLY L 215 69.42 -41.69 -14.48
C GLY L 215 70.44 -41.37 -13.40
N PRO L 216 71.66 -41.01 -13.81
CA PRO L 216 72.70 -40.71 -12.83
C PRO L 216 72.43 -39.48 -11.99
N LYS L 217 71.53 -38.59 -12.40
CA LYS L 217 71.10 -37.53 -11.50
C LYS L 217 70.34 -38.11 -10.31
N SER L 218 69.33 -38.94 -10.58
CA SER L 218 68.56 -39.53 -9.50
C SER L 218 69.31 -40.64 -8.78
N VAL L 219 70.27 -41.28 -9.46
CA VAL L 219 71.10 -42.28 -8.78
C VAL L 219 72.02 -41.61 -7.78
N ALA L 220 72.63 -40.48 -8.16
CA ALA L 220 73.42 -39.70 -7.22
C ALA L 220 72.57 -39.11 -6.11
N ARG L 221 71.27 -38.93 -6.35
CA ARG L 221 70.39 -38.50 -5.28
C ARG L 221 70.21 -39.59 -4.22
N ILE L 222 70.09 -40.84 -4.65
CA ILE L 222 69.91 -41.92 -3.68
C ILE L 222 71.24 -42.24 -2.99
N ALA L 223 72.36 -42.06 -3.69
CA ALA L 223 73.66 -42.30 -3.06
C ALA L 223 73.94 -41.28 -1.97
N LYS L 224 73.56 -40.02 -2.20
CA LYS L 224 73.63 -39.04 -1.12
C LYS L 224 72.63 -39.35 -0.04
N LEU L 225 71.46 -39.90 -0.42
CA LEU L 225 70.51 -40.40 0.58
C LEU L 225 71.04 -41.59 1.36
N GLU L 226 72.00 -42.33 0.82
CA GLU L 226 72.63 -43.36 1.62
C GLU L 226 73.50 -42.74 2.70
N LYS L 227 74.22 -41.66 2.37
CA LYS L 227 75.20 -41.07 3.29
C LYS L 227 74.54 -40.54 4.55
N ALA L 228 73.43 -39.82 4.40
CA ALA L 228 72.72 -39.34 5.57
C ALA L 228 72.00 -40.48 6.29
N LYS L 229 71.52 -41.47 5.54
CA LYS L 229 70.94 -42.63 6.22
C LYS L 229 72.05 -43.47 6.86
N ALA L 230 73.26 -43.45 6.31
CA ALA L 230 74.38 -44.02 7.05
C ALA L 230 74.79 -43.11 8.21
N LYS L 231 74.48 -41.82 8.14
CA LYS L 231 74.74 -40.93 9.26
C LYS L 231 73.72 -41.15 10.37
N GLU L 232 72.53 -41.66 10.02
CA GLU L 232 71.64 -42.23 11.03
C GLU L 232 72.28 -43.45 11.68
N LEU L 233 72.99 -44.25 10.89
CA LEU L 233 73.67 -45.46 11.36
C LEU L 233 75.08 -45.18 11.88
N ALA L 234 75.48 -43.92 11.88
CA ALA L 234 76.78 -43.51 12.40
C ALA L 234 76.73 -42.07 12.92
N MET M 1 -87.62 3.79 -34.93
CA MET M 1 -87.83 2.48 -35.54
C MET M 1 -88.79 2.55 -36.72
N LYS M 2 -88.83 3.71 -37.37
CA LYS M 2 -89.81 4.07 -38.41
C LYS M 2 -91.24 3.93 -37.89
N THR M 3 -91.53 4.71 -36.87
CA THR M 3 -92.91 4.92 -36.44
C THR M 3 -93.64 5.70 -37.51
N ILE M 4 -94.94 5.46 -37.65
CA ILE M 4 -95.74 6.29 -38.56
C ILE M 4 -95.96 7.66 -37.92
N LEU M 5 -96.82 8.47 -38.56
CA LEU M 5 -96.88 9.92 -38.38
C LEU M 5 -97.17 10.31 -36.95
N SER M 6 -96.52 11.37 -36.51
CA SER M 6 -96.91 12.10 -35.32
C SER M 6 -97.17 13.53 -35.76
N ASN M 7 -98.13 14.19 -35.14
CA ASN M 7 -98.51 15.51 -35.57
C ASN M 7 -98.61 16.47 -34.39
N GLN M 8 -98.77 17.75 -34.70
CA GLN M 8 -98.98 18.76 -33.68
C GLN M 8 -100.07 19.73 -34.11
N THR M 9 -100.77 20.25 -33.12
CA THR M 9 -101.85 21.21 -33.33
C THR M 9 -101.35 22.61 -32.99
N VAL M 10 -101.39 23.52 -33.95
CA VAL M 10 -101.09 24.92 -33.70
C VAL M 10 -102.33 25.73 -34.06
N ASP M 11 -103.06 26.18 -33.05
CA ASP M 11 -104.16 27.10 -33.25
C ASP M 11 -103.67 28.53 -33.26
N ILE M 12 -104.22 29.34 -34.16
CA ILE M 12 -103.70 30.65 -34.50
C ILE M 12 -104.74 31.68 -34.09
N PRO M 13 -104.37 32.73 -33.33
CA PRO M 13 -105.34 33.76 -32.98
C PRO M 13 -105.63 34.71 -34.13
N GLU M 14 -106.70 35.50 -33.97
CA GLU M 14 -107.16 36.37 -35.04
C GLU M 14 -106.30 37.60 -35.25
N ASN M 15 -105.32 37.86 -34.38
CA ASN M 15 -104.52 39.06 -34.49
C ASN M 15 -103.67 39.05 -35.76
N VAL M 16 -103.25 37.87 -36.21
CA VAL M 16 -102.19 37.77 -37.20
C VAL M 16 -102.72 37.17 -38.48
N ASP M 17 -101.91 37.31 -39.52
CA ASP M 17 -102.06 36.56 -40.75
C ASP M 17 -100.81 35.71 -40.94
N ILE M 18 -101.01 34.41 -41.13
CA ILE M 18 -99.90 33.51 -41.31
C ILE M 18 -99.95 33.03 -42.76
N THR M 19 -98.79 32.66 -43.28
CA THR M 19 -98.66 32.33 -44.69
C THR M 19 -97.41 31.48 -44.83
N LEU M 20 -97.53 30.32 -45.45
CA LEU M 20 -96.38 29.51 -45.77
C LEU M 20 -96.29 29.35 -47.28
N LYS M 21 -95.11 29.62 -47.82
CA LYS M 21 -94.84 29.46 -49.25
C LYS M 21 -93.92 28.28 -49.50
N GLY M 22 -94.04 27.25 -48.68
CA GLY M 22 -93.15 26.11 -48.77
C GLY M 22 -92.98 25.55 -47.38
N ARG M 23 -91.74 25.52 -46.92
CA ARG M 23 -91.45 25.45 -45.51
C ARG M 23 -90.91 26.78 -45.01
N THR M 24 -91.32 27.88 -45.63
CA THR M 24 -90.95 29.23 -45.21
C THR M 24 -92.18 29.90 -44.62
N VAL M 25 -92.21 29.95 -43.30
CA VAL M 25 -93.39 30.40 -42.56
C VAL M 25 -93.32 31.91 -42.41
N ILE M 26 -94.31 32.62 -42.95
CA ILE M 26 -94.43 34.06 -42.77
C ILE M 26 -95.55 34.32 -41.78
N VAL M 27 -95.24 35.05 -40.72
CA VAL M 27 -96.21 35.38 -39.67
C VAL M 27 -96.26 36.89 -39.55
N LYS M 28 -97.43 37.47 -39.81
CA LYS M 28 -97.56 38.92 -39.92
C LYS M 28 -98.68 39.37 -39.01
N GLY M 29 -98.35 40.20 -38.02
CA GLY M 29 -99.31 40.57 -37.00
C GLY M 29 -99.25 42.03 -36.58
N PRO M 30 -99.64 42.30 -35.33
CA PRO M 30 -99.71 43.71 -34.89
C PRO M 30 -98.36 44.34 -34.67
N ARG M 31 -97.41 43.63 -34.10
CA ARG M 31 -96.07 44.17 -33.94
C ARG M 31 -95.20 43.70 -35.11
N GLY M 32 -95.54 44.23 -36.28
CA GLY M 32 -94.74 44.01 -37.47
C GLY M 32 -94.90 42.62 -38.05
N THR M 33 -94.09 42.34 -39.05
CA THR M 33 -94.05 41.05 -39.72
C THR M 33 -92.87 40.24 -39.23
N LEU M 34 -92.90 38.95 -39.54
CA LEU M 34 -91.82 38.06 -39.13
C LEU M 34 -91.88 36.81 -39.99
N ARG M 35 -90.72 36.20 -40.21
CA ARG M 35 -90.63 35.01 -41.04
C ARG M 35 -89.35 34.25 -40.76
N ARG M 36 -89.45 32.94 -40.53
CA ARG M 36 -88.30 32.11 -40.20
C ARG M 36 -88.27 30.85 -41.03
N ASP M 37 -87.05 30.41 -41.31
CA ASP M 37 -86.78 29.47 -42.38
C ASP M 37 -86.81 28.08 -41.77
N PHE M 38 -87.91 27.37 -41.98
CA PHE M 38 -88.02 25.98 -41.56
C PHE M 38 -87.74 25.05 -42.72
N ASN M 39 -86.83 25.48 -43.60
CA ASN M 39 -86.65 24.86 -44.91
C ASN M 39 -85.51 23.85 -44.90
N HIS M 40 -85.29 23.17 -43.78
CA HIS M 40 -84.14 22.28 -43.72
C HIS M 40 -84.38 20.99 -42.94
N ILE M 41 -85.61 20.53 -42.81
CA ILE M 41 -85.93 19.46 -41.84
C ILE M 41 -86.70 18.29 -42.45
N ASN M 42 -87.35 18.44 -43.61
CA ASN M 42 -88.26 17.47 -44.26
C ASN M 42 -89.45 17.16 -43.36
N VAL M 43 -90.20 18.22 -43.07
CA VAL M 43 -91.41 18.18 -42.26
C VAL M 43 -92.46 19.01 -42.97
N GLU M 44 -93.63 18.42 -43.21
CA GLU M 44 -94.64 19.08 -44.02
C GLU M 44 -95.54 19.96 -43.16
N LEU M 45 -95.55 21.25 -43.47
CA LEU M 45 -96.35 22.24 -42.77
C LEU M 45 -97.47 22.65 -43.69
N SER M 46 -98.71 22.33 -43.33
CA SER M 46 -99.85 22.76 -44.10
C SER M 46 -100.85 23.39 -43.15
N LEU M 47 -101.78 24.15 -43.71
CA LEU M 47 -102.74 24.88 -42.91
C LEU M 47 -104.12 24.67 -43.46
N LEU M 48 -105.12 24.89 -42.60
CA LEU M 48 -106.50 24.56 -42.93
C LEU M 48 -107.44 25.41 -42.08
N GLY M 49 -108.70 25.47 -42.50
CA GLY M 49 -109.69 26.28 -41.82
C GLY M 49 -109.92 27.67 -42.42
N LYS M 50 -111.14 27.92 -42.89
CA LYS M 50 -111.55 29.27 -43.30
C LYS M 50 -111.68 30.14 -42.05
N LYS M 51 -110.75 31.09 -41.89
CA LYS M 51 -110.69 32.08 -40.80
C LYS M 51 -110.49 31.45 -39.42
N LYS M 52 -110.40 30.12 -39.30
CA LYS M 52 -110.21 29.44 -38.03
C LYS M 52 -108.79 28.95 -37.82
N LYS M 53 -107.99 28.90 -38.90
CA LYS M 53 -106.53 29.05 -38.88
C LYS M 53 -105.83 27.97 -38.04
N ARG M 54 -105.93 26.75 -38.52
CA ARG M 54 -105.27 25.61 -37.89
C ARG M 54 -104.07 25.20 -38.74
N LEU M 55 -102.91 25.10 -38.10
CA LEU M 55 -101.64 24.83 -38.77
C LEU M 55 -101.09 23.51 -38.26
N ARG M 56 -101.03 22.49 -39.11
CA ARG M 56 -100.55 21.19 -38.67
C ARG M 56 -99.12 20.96 -39.10
N VAL M 57 -98.35 20.37 -38.20
CA VAL M 57 -96.96 19.99 -38.41
C VAL M 57 -96.94 18.48 -38.54
N ASP M 58 -96.21 17.96 -39.52
CA ASP M 58 -96.39 16.56 -39.88
C ASP M 58 -95.08 15.93 -40.31
N LYS M 59 -94.73 14.76 -39.75
CA LYS M 59 -93.63 13.98 -40.29
C LYS M 59 -93.99 12.51 -40.32
N TRP M 60 -93.79 11.88 -41.47
CA TRP M 60 -94.36 10.56 -41.71
C TRP M 60 -93.56 9.39 -41.15
N TRP M 61 -92.29 9.22 -41.54
CA TRP M 61 -91.55 8.08 -41.01
C TRP M 61 -90.62 8.48 -39.88
N GLY M 62 -89.42 8.90 -40.21
CA GLY M 62 -88.47 9.33 -39.19
C GLY M 62 -87.98 8.26 -38.23
N ASN M 63 -87.47 8.72 -37.09
CA ASN M 63 -86.74 7.95 -36.10
C ASN M 63 -87.20 8.42 -34.74
N ARG M 64 -86.58 7.90 -33.68
CA ARG M 64 -86.64 8.64 -32.42
C ARG M 64 -85.97 10.00 -32.57
N LYS M 65 -84.86 10.06 -33.31
CA LYS M 65 -84.19 11.34 -33.54
C LYS M 65 -85.00 12.25 -34.42
N GLU M 66 -85.61 11.70 -35.47
CA GLU M 66 -86.27 12.57 -36.44
C GLU M 66 -87.66 12.99 -35.97
N LEU M 67 -88.34 12.17 -35.18
CA LEU M 67 -89.58 12.60 -34.56
C LEU M 67 -89.36 13.55 -33.40
N ALA M 68 -88.12 13.86 -33.04
CA ALA M 68 -87.89 14.85 -31.99
C ALA M 68 -88.08 16.26 -32.49
N THR M 69 -87.81 16.51 -33.78
CA THR M 69 -87.82 17.86 -34.33
C THR M 69 -89.23 18.43 -34.45
N VAL M 70 -90.23 17.55 -34.60
CA VAL M 70 -91.60 17.93 -34.95
C VAL M 70 -92.28 18.74 -33.84
N ARG M 71 -91.69 18.78 -32.66
CA ARG M 71 -92.15 19.63 -31.58
C ARG M 71 -91.34 20.92 -31.47
N THR M 72 -90.04 20.86 -31.81
CA THR M 72 -89.21 22.06 -31.86
C THR M 72 -89.72 23.03 -32.90
N ILE M 73 -90.12 22.50 -34.05
CA ILE M 73 -90.83 23.27 -35.05
C ILE M 73 -92.12 23.81 -34.49
N CYS M 74 -92.85 22.97 -33.75
CA CYS M 74 -94.10 23.43 -33.15
C CYS M 74 -93.85 24.50 -32.10
N SER M 75 -92.76 24.38 -31.36
CA SER M 75 -92.50 25.34 -30.29
C SER M 75 -91.84 26.62 -30.81
N HIS M 76 -91.07 26.56 -31.89
CA HIS M 76 -90.55 27.80 -32.45
C HIS M 76 -91.63 28.61 -33.17
N VAL M 77 -92.68 27.95 -33.68
CA VAL M 77 -93.83 28.69 -34.20
C VAL M 77 -94.51 29.46 -33.08
N GLN M 78 -94.63 28.82 -31.91
CA GLN M 78 -95.29 29.41 -30.73
C GLN M 78 -94.70 30.75 -30.36
N ASN M 79 -93.38 30.82 -30.29
CA ASN M 79 -92.73 32.02 -29.78
C ASN M 79 -92.81 33.17 -30.77
N MET M 80 -92.92 32.88 -32.07
CA MET M 80 -93.22 33.95 -33.01
C MET M 80 -94.60 34.54 -32.74
N ILE M 81 -95.57 33.70 -32.40
CA ILE M 81 -96.93 34.18 -32.13
C ILE M 81 -96.95 35.03 -30.87
N LYS M 82 -96.18 34.66 -29.85
CA LYS M 82 -95.95 35.58 -28.75
C LYS M 82 -95.14 36.77 -29.21
N GLY M 83 -94.19 36.54 -30.11
CA GLY M 83 -93.34 37.62 -30.56
C GLY M 83 -93.92 38.51 -31.63
N VAL M 84 -95.09 38.21 -32.17
CA VAL M 84 -95.68 39.10 -33.16
C VAL M 84 -96.97 39.74 -32.66
N THR M 85 -97.70 39.10 -31.76
CA THR M 85 -98.84 39.75 -31.13
C THR M 85 -98.43 40.60 -29.96
N LEU M 86 -97.34 40.25 -29.33
CA LEU M 86 -96.94 40.96 -28.13
C LEU M 86 -95.53 41.52 -28.21
N GLY M 87 -94.58 40.75 -28.74
CA GLY M 87 -93.19 41.07 -28.58
C GLY M 87 -92.63 40.50 -27.30
N PHE M 88 -91.30 40.49 -27.20
CA PHE M 88 -90.59 40.01 -26.01
C PHE M 88 -89.99 41.20 -25.30
N ARG M 89 -89.90 41.15 -23.97
CA ARG M 89 -89.13 42.15 -23.26
C ARG M 89 -88.23 41.47 -22.26
N TYR M 90 -86.95 41.83 -22.27
CA TYR M 90 -86.00 41.29 -21.30
C TYR M 90 -85.57 42.37 -20.32
N LYS M 91 -85.76 42.09 -19.04
CA LYS M 91 -85.40 43.00 -17.97
C LYS M 91 -84.06 42.54 -17.41
N MET M 92 -83.04 43.37 -17.54
CA MET M 92 -81.68 43.01 -17.18
C MET M 92 -81.18 43.91 -16.07
N ARG M 93 -81.25 43.43 -14.83
CA ARG M 93 -80.80 44.27 -13.74
C ARG M 93 -79.29 44.15 -13.58
N SER M 94 -78.64 45.29 -13.45
CA SER M 94 -77.19 45.38 -13.40
C SER M 94 -76.73 45.20 -11.96
N VAL M 95 -76.18 44.02 -11.68
CA VAL M 95 -75.69 43.70 -10.35
C VAL M 95 -74.29 44.30 -10.23
N TYR M 96 -74.03 45.08 -9.18
CA TYR M 96 -72.64 45.42 -8.92
C TYR M 96 -72.35 45.63 -7.44
N ALA M 97 -71.07 45.47 -7.14
CA ALA M 97 -70.36 45.69 -5.87
C ALA M 97 -70.06 47.17 -5.68
N HIS M 98 -68.97 47.47 -4.96
CA HIS M 98 -68.43 48.83 -4.86
C HIS M 98 -68.44 49.62 -6.16
N PHE M 99 -67.77 49.12 -7.20
CA PHE M 99 -67.47 49.98 -8.35
C PHE M 99 -68.71 50.23 -9.20
N PRO M 100 -69.05 51.49 -9.46
CA PRO M 100 -70.33 51.81 -10.09
C PRO M 100 -70.32 51.58 -11.59
N ILE M 101 -71.37 50.94 -12.09
CA ILE M 101 -71.56 50.74 -13.52
C ILE M 101 -72.43 51.87 -14.03
N ASN M 102 -71.92 52.65 -14.98
CA ASN M 102 -72.72 53.66 -15.65
C ASN M 102 -72.96 53.17 -17.08
N VAL M 103 -74.23 53.23 -17.49
CA VAL M 103 -74.66 52.75 -18.79
C VAL M 103 -75.40 53.87 -19.49
N VAL M 104 -75.03 54.15 -20.74
CA VAL M 104 -75.89 54.86 -21.68
C VAL M 104 -76.06 53.95 -22.89
N ILE M 105 -77.03 54.29 -23.73
CA ILE M 105 -77.18 53.65 -25.02
C ILE M 105 -76.80 54.68 -26.07
N GLN M 106 -76.02 54.28 -27.07
CA GLN M 106 -75.29 55.29 -27.82
C GLN M 106 -76.18 56.00 -28.82
N GLU M 107 -76.64 55.28 -29.85
CA GLU M 107 -77.36 55.93 -30.95
C GLU M 107 -78.61 55.11 -31.26
N ASN M 108 -79.75 55.62 -30.81
CA ASN M 108 -81.09 55.16 -31.18
C ASN M 108 -81.34 53.70 -30.83
N GLY M 109 -80.64 53.16 -29.85
CA GLY M 109 -80.90 51.83 -29.37
C GLY M 109 -80.09 50.74 -30.02
N SER M 110 -79.12 51.08 -30.87
CA SER M 110 -78.28 50.05 -31.45
C SER M 110 -77.12 49.70 -30.53
N LEU M 111 -76.21 50.63 -30.31
CA LEU M 111 -74.99 50.33 -29.56
C LEU M 111 -75.25 50.53 -28.07
N VAL M 112 -74.66 49.66 -27.26
CA VAL M 112 -74.68 49.79 -25.82
C VAL M 112 -73.25 50.00 -25.35
N GLU M 113 -73.03 51.03 -24.56
CA GLU M 113 -71.70 51.50 -24.22
C GLU M 113 -71.53 51.46 -22.71
N ILE M 114 -70.57 50.69 -22.24
CA ILE M 114 -70.38 50.43 -20.81
C ILE M 114 -69.10 51.08 -20.33
N ARG M 115 -69.22 51.91 -19.29
CA ARG M 115 -68.12 52.70 -18.76
C ARG M 115 -67.89 52.37 -17.30
N ASN M 116 -66.61 52.44 -16.92
CA ASN M 116 -66.12 52.23 -15.56
C ASN M 116 -66.60 50.89 -15.00
N PHE M 117 -66.54 49.85 -15.83
CA PHE M 117 -66.93 48.53 -15.39
C PHE M 117 -65.77 47.95 -14.58
N LEU M 118 -65.94 47.92 -13.25
CA LEU M 118 -65.01 47.29 -12.31
C LEU M 118 -63.60 47.86 -12.41
N GLY M 119 -63.52 49.15 -12.64
CA GLY M 119 -62.24 49.78 -12.83
C GLY M 119 -61.54 49.43 -14.13
N GLU M 120 -62.16 48.64 -15.01
CA GLU M 120 -61.68 48.60 -16.39
C GLU M 120 -61.89 49.95 -17.05
N LYS M 121 -60.78 50.61 -17.32
CA LYS M 121 -60.77 51.78 -18.18
C LYS M 121 -61.12 51.44 -19.63
N TYR M 122 -61.05 50.16 -20.01
CA TYR M 122 -61.44 49.68 -21.35
C TYR M 122 -62.91 49.96 -21.62
N ILE M 123 -63.17 50.76 -22.64
CA ILE M 123 -64.52 51.05 -23.08
C ILE M 123 -65.14 49.79 -23.66
N ARG M 124 -66.30 49.42 -23.16
CA ARG M 124 -66.89 48.11 -23.45
C ARG M 124 -68.15 48.37 -24.27
N ARG M 125 -68.04 48.24 -25.59
CA ARG M 125 -69.08 48.63 -26.53
C ARG M 125 -69.62 47.39 -27.24
N VAL M 126 -70.88 47.06 -26.99
CA VAL M 126 -71.50 45.87 -27.57
C VAL M 126 -72.72 46.30 -28.37
N ARG M 127 -72.75 45.91 -29.63
CA ARG M 127 -73.76 46.29 -30.59
C ARG M 127 -74.81 45.19 -30.67
N MET M 128 -76.02 45.56 -31.05
CA MET M 128 -77.17 44.69 -30.90
C MET M 128 -77.64 44.19 -32.25
N ARG M 129 -78.50 43.17 -32.21
CA ARG M 129 -78.98 42.48 -33.40
C ARG M 129 -79.84 43.39 -34.27
N PRO M 130 -79.97 43.06 -35.56
CA PRO M 130 -80.90 43.84 -36.39
C PRO M 130 -82.34 43.52 -36.05
N GLY M 131 -83.04 44.49 -35.49
CA GLY M 131 -84.42 44.33 -35.11
C GLY M 131 -84.68 44.31 -33.62
N VAL M 132 -83.79 44.88 -32.82
CA VAL M 132 -83.93 44.89 -31.38
C VAL M 132 -83.50 46.28 -30.91
N ALA M 133 -84.02 46.70 -29.77
CA ALA M 133 -83.75 48.02 -29.23
C ALA M 133 -83.42 47.91 -27.76
N CYS M 134 -82.73 48.92 -27.23
CA CYS M 134 -82.40 48.94 -25.82
C CYS M 134 -83.03 50.15 -25.14
N SER M 135 -83.11 50.07 -23.82
CA SER M 135 -83.63 51.16 -23.01
C SER M 135 -83.15 51.00 -21.60
N VAL M 136 -83.14 52.09 -20.86
CA VAL M 136 -82.89 52.06 -19.43
C VAL M 136 -84.24 52.18 -18.73
N SER M 137 -84.44 51.41 -17.67
CA SER M 137 -85.73 51.42 -16.98
C SER M 137 -85.80 52.61 -16.03
N GLN M 138 -86.71 53.54 -16.32
CA GLN M 138 -86.88 54.74 -15.50
C GLN M 138 -87.74 54.42 -14.29
N ALA M 139 -87.57 55.25 -13.25
CA ALA M 139 -88.04 54.99 -11.88
C ALA M 139 -87.59 53.62 -11.37
N GLN M 140 -86.39 53.20 -11.77
CA GLN M 140 -85.92 51.87 -11.43
C GLN M 140 -84.40 51.87 -11.40
N LYS M 141 -83.86 51.29 -10.34
CA LYS M 141 -82.43 51.23 -10.11
C LYS M 141 -81.80 50.24 -11.08
N ASP M 142 -80.93 50.76 -11.96
CA ASP M 142 -80.00 50.12 -12.90
C ASP M 142 -80.49 48.81 -13.53
N GLU M 143 -81.71 48.78 -14.01
CA GLU M 143 -82.24 47.65 -14.74
C GLU M 143 -82.48 48.06 -16.19
N LEU M 144 -82.24 47.13 -17.11
CA LEU M 144 -82.13 47.41 -18.53
C LEU M 144 -83.26 46.72 -19.28
N ILE M 145 -83.73 47.33 -20.36
CA ILE M 145 -84.88 46.84 -21.10
C ILE M 145 -84.49 46.64 -22.56
N LEU M 146 -84.71 45.43 -23.05
CA LEU M 146 -84.52 45.08 -24.45
C LEU M 146 -85.80 44.47 -24.97
N GLU M 147 -86.23 44.92 -26.14
CA GLU M 147 -87.49 44.47 -26.72
C GLU M 147 -87.28 44.07 -28.16
N GLY M 148 -88.03 43.09 -28.60
CA GLY M 148 -88.01 42.75 -30.00
C GLY M 148 -89.15 41.86 -30.37
N ASN M 149 -89.03 41.25 -31.53
CA ASN M 149 -90.04 40.34 -32.02
C ASN M 149 -89.61 38.88 -32.02
N ASP M 150 -88.32 38.60 -31.98
CA ASP M 150 -87.85 37.22 -32.13
C ASP M 150 -86.98 36.83 -30.95
N ILE M 151 -87.23 35.65 -30.40
CA ILE M 151 -86.64 35.29 -29.12
C ILE M 151 -85.18 34.92 -29.27
N GLU M 152 -84.73 34.59 -30.48
CA GLU M 152 -83.30 34.45 -30.71
C GLU M 152 -82.62 35.80 -30.59
N LEU M 153 -83.05 36.76 -31.42
CA LEU M 153 -82.34 38.02 -31.59
C LEU M 153 -82.41 38.88 -30.35
N VAL M 154 -83.49 38.75 -29.59
CA VAL M 154 -83.55 39.41 -28.29
C VAL M 154 -82.56 38.78 -27.33
N SER M 155 -82.64 37.47 -27.16
CA SER M 155 -81.79 36.81 -26.18
C SER M 155 -80.36 36.67 -26.66
N ASN M 156 -80.10 36.76 -27.96
CA ASN M 156 -78.72 36.93 -28.39
C ASN M 156 -78.17 38.27 -27.97
N SER M 157 -79.00 39.31 -28.04
CA SER M 157 -78.55 40.63 -27.64
C SER M 157 -78.33 40.70 -26.14
N ALA M 158 -79.15 40.00 -25.37
CA ALA M 158 -78.93 39.95 -23.92
C ALA M 158 -77.70 39.16 -23.59
N ALA M 159 -77.43 38.09 -24.34
CA ALA M 159 -76.28 37.25 -24.04
C ALA M 159 -74.97 37.94 -24.37
N LEU M 160 -74.96 38.79 -25.40
CA LEU M 160 -73.74 39.51 -25.76
C LEU M 160 -73.37 40.53 -24.69
N ILE M 161 -74.35 40.99 -23.92
CA ILE M 161 -74.04 41.88 -22.81
C ILE M 161 -73.49 41.10 -21.62
N GLN M 162 -74.13 40.00 -21.25
CA GLN M 162 -73.71 39.33 -20.01
C GLN M 162 -72.45 38.49 -20.15
N GLN M 163 -71.93 38.28 -21.36
CA GLN M 163 -70.61 37.66 -21.50
C GLN M 163 -69.51 38.67 -21.75
N ALA M 164 -69.84 39.85 -22.26
CA ALA M 164 -68.84 40.91 -22.33
C ALA M 164 -68.48 41.41 -20.94
N THR M 165 -69.37 41.23 -19.99
CA THR M 165 -69.10 41.53 -18.58
C THR M 165 -68.76 40.23 -17.88
N THR M 166 -67.48 39.89 -17.87
CA THR M 166 -67.05 38.65 -17.23
C THR M 166 -65.81 38.95 -16.40
N VAL M 167 -65.85 38.56 -15.13
CA VAL M 167 -64.76 38.84 -14.21
C VAL M 167 -63.66 37.82 -14.45
N LYS M 168 -62.56 38.28 -15.04
CA LYS M 168 -61.52 37.40 -15.53
C LYS M 168 -60.34 37.38 -14.59
N ASN M 169 -59.72 36.19 -14.49
CA ASN M 169 -58.49 35.91 -13.73
C ASN M 169 -58.63 36.19 -12.25
N LYS M 170 -59.85 36.32 -11.78
CA LYS M 170 -60.18 36.45 -10.38
C LYS M 170 -61.21 35.39 -10.05
N ASP M 171 -61.54 35.25 -8.79
CA ASP M 171 -62.53 34.26 -8.40
C ASP M 171 -63.92 34.74 -8.79
N ILE M 172 -64.71 33.85 -9.38
CA ILE M 172 -66.09 34.18 -9.72
C ILE M 172 -67.01 34.00 -8.53
N ARG M 173 -66.52 33.41 -7.44
CA ARG M 173 -67.38 33.28 -6.27
C ARG M 173 -67.45 34.59 -5.47
N LYS M 174 -66.35 35.33 -5.40
CA LYS M 174 -66.40 36.78 -5.21
C LYS M 174 -66.70 37.45 -6.54
N PHE M 175 -66.87 38.77 -6.52
CA PHE M 175 -66.99 39.59 -7.74
C PHE M 175 -68.20 39.23 -8.59
N LEU M 176 -69.33 38.89 -7.98
CA LEU M 176 -70.50 38.46 -8.73
C LEU M 176 -71.13 39.65 -9.43
N ASP M 177 -70.61 40.01 -10.59
CA ASP M 177 -70.72 41.38 -11.03
C ASP M 177 -70.80 41.44 -12.55
N GLY M 178 -71.71 42.26 -13.03
CA GLY M 178 -71.99 42.37 -14.45
C GLY M 178 -73.46 42.69 -14.64
N ILE M 179 -73.87 42.72 -15.90
CA ILE M 179 -75.27 42.88 -16.25
C ILE M 179 -75.87 41.51 -16.46
N TYR M 180 -77.03 41.24 -15.86
CA TYR M 180 -77.59 39.90 -15.87
C TYR M 180 -79.07 39.95 -16.16
N VAL M 181 -79.54 38.99 -16.97
CA VAL M 181 -80.95 38.90 -17.33
C VAL M 181 -81.75 38.47 -16.11
N SER M 182 -82.84 39.18 -15.83
CA SER M 182 -83.75 38.79 -14.76
C SER M 182 -85.00 38.09 -15.29
N GLU M 183 -85.84 38.79 -16.04
CA GLU M 183 -87.16 38.28 -16.36
C GLU M 183 -87.37 38.29 -17.87
N LYS M 184 -87.96 37.22 -18.38
CA LYS M 184 -88.20 37.00 -19.80
C LYS M 184 -89.67 37.26 -20.08
N GLY M 185 -90.02 38.52 -20.32
CA GLY M 185 -91.41 38.85 -20.50
C GLY M 185 -91.77 39.40 -21.86
N THR M 186 -92.96 39.97 -21.97
CA THR M 186 -93.49 40.49 -23.23
C THR M 186 -93.39 42.01 -23.25
N VAL M 187 -93.58 42.59 -24.44
CA VAL M 187 -93.62 44.05 -24.51
C VAL M 187 -94.93 44.55 -23.96
N GLN M 188 -96.04 44.06 -24.49
CA GLN M 188 -97.34 44.38 -23.91
C GLN M 188 -97.51 43.45 -22.72
N GLN M 189 -97.10 43.97 -21.56
CA GLN M 189 -96.80 43.17 -20.37
C GLN M 189 -98.02 42.42 -19.85
N ALA M 190 -97.79 41.16 -19.47
CA ALA M 190 -98.70 40.33 -18.68
C ALA M 190 -100.05 40.15 -19.36
N ASP M 191 -100.03 39.95 -20.67
CA ASP M 191 -101.26 39.86 -21.44
C ASP M 191 -101.30 38.61 -22.29
N ARG N 1 -42.05 -8.86 -6.55
CA ARG N 1 -43.48 -9.03 -6.70
C ARG N 1 -43.92 -8.49 -8.05
N ARG N 2 -44.03 -9.40 -9.02
CA ARG N 2 -44.21 -9.04 -10.41
C ARG N 2 -45.64 -8.67 -10.71
N PRO N 3 -45.90 -7.98 -11.82
CA PRO N 3 -47.29 -7.72 -12.20
C PRO N 3 -48.04 -9.00 -12.53
N ALA N 4 -49.32 -9.01 -12.17
CA ALA N 4 -50.16 -10.19 -12.35
C ALA N 4 -50.74 -10.30 -13.74
N ARG N 5 -50.56 -9.26 -14.56
CA ARG N 5 -50.95 -9.32 -15.96
C ARG N 5 -50.26 -10.46 -16.70
N CYS N 6 -49.01 -10.74 -16.36
CA CYS N 6 -48.28 -11.76 -17.10
C CYS N 6 -48.67 -13.16 -16.67
N TYR N 7 -48.79 -13.41 -15.37
CA TYR N 7 -49.16 -14.74 -14.89
C TYR N 7 -50.68 -14.93 -14.91
N ARG N 8 -51.30 -14.68 -16.06
CA ARG N 8 -52.74 -14.62 -16.09
C ARG N 8 -53.36 -15.77 -16.87
N TYR N 9 -52.95 -15.99 -18.11
CA TYR N 9 -53.51 -17.11 -18.86
C TYR N 9 -52.95 -18.42 -18.34
N CYS N 10 -53.80 -19.44 -18.24
CA CYS N 10 -53.33 -20.75 -17.84
C CYS N 10 -52.48 -21.34 -18.95
N LYS N 11 -51.22 -21.61 -18.64
CA LYS N 11 -50.36 -22.16 -19.67
C LYS N 11 -49.70 -23.44 -19.21
N ASN N 12 -49.23 -23.46 -17.99
CA ASN N 12 -48.46 -24.61 -17.56
C ASN N 12 -49.30 -25.56 -16.73
N LYS N 13 -48.85 -26.80 -16.65
CA LYS N 13 -49.49 -27.81 -15.85
C LYS N 13 -49.43 -27.44 -14.38
N PRO N 14 -50.37 -27.90 -13.56
CA PRO N 14 -50.34 -27.55 -12.14
C PRO N 14 -49.13 -28.10 -11.40
N TYR N 15 -48.55 -27.25 -10.56
CA TYR N 15 -47.24 -27.47 -9.95
C TYR N 15 -47.34 -27.14 -8.46
N PRO N 16 -48.04 -27.96 -7.68
CA PRO N 16 -48.53 -27.51 -6.37
C PRO N 16 -47.47 -27.63 -5.30
N LYS N 17 -47.77 -27.02 -4.16
CA LYS N 17 -46.92 -27.11 -2.96
C LYS N 17 -47.00 -28.50 -2.37
N SER N 18 -45.92 -29.25 -2.47
CA SER N 18 -45.94 -30.65 -2.08
C SER N 18 -44.51 -31.07 -1.76
N ARG N 19 -44.29 -32.39 -1.77
CA ARG N 19 -43.06 -33.00 -1.28
C ARG N 19 -41.82 -32.60 -2.06
N PHE N 20 -41.98 -32.17 -3.32
CA PHE N 20 -40.83 -31.99 -4.17
C PHE N 20 -40.56 -30.53 -4.55
N CYS N 21 -41.55 -29.65 -4.42
CA CYS N 21 -41.36 -28.24 -4.76
C CYS N 21 -40.74 -27.46 -3.61
N ARG N 22 -41.50 -27.32 -2.51
CA ARG N 22 -41.10 -26.99 -1.14
C ARG N 22 -40.65 -25.55 -0.86
N GLY N 23 -40.42 -24.75 -1.88
CA GLY N 23 -39.72 -23.50 -1.64
C GLY N 23 -40.61 -22.29 -1.58
N VAL N 24 -41.85 -22.47 -2.02
CA VAL N 24 -42.81 -21.38 -2.14
C VAL N 24 -43.26 -20.91 -0.77
N PRO N 25 -43.31 -19.61 -0.52
CA PRO N 25 -43.78 -19.13 0.78
C PRO N 25 -45.28 -19.26 0.97
N ASP N 26 -45.78 -18.71 2.09
CA ASP N 26 -47.18 -18.78 2.47
C ASP N 26 -48.06 -18.08 1.44
N ALA N 27 -49.31 -18.51 1.39
CA ALA N 27 -50.33 -17.83 0.60
C ALA N 27 -50.61 -16.45 1.17
N LYS N 28 -51.28 -15.62 0.37
CA LYS N 28 -51.66 -14.31 0.88
C LYS N 28 -52.84 -14.42 1.84
N ILE N 29 -53.79 -15.25 1.50
CA ILE N 29 -54.96 -15.52 2.34
C ILE N 29 -54.63 -16.61 3.36
N ARG N 30 -55.31 -16.57 4.50
CA ARG N 30 -55.22 -17.71 5.42
C ARG N 30 -56.61 -18.20 5.80
N ILE N 31 -57.58 -17.29 5.85
CA ILE N 31 -58.93 -17.62 6.29
C ILE N 31 -59.91 -17.33 5.16
N PHE N 32 -61.09 -17.91 5.29
CA PHE N 32 -62.05 -18.04 4.20
C PHE N 32 -63.47 -17.67 4.56
N ASP N 33 -63.84 -17.63 5.82
CA ASP N 33 -65.18 -17.32 6.24
C ASP N 33 -65.13 -16.11 7.15
N LEU N 34 -66.06 -15.21 6.99
CA LEU N 34 -65.87 -13.94 7.67
C LEU N 34 -67.03 -13.52 8.55
N GLY N 35 -68.26 -13.76 8.14
CA GLY N 35 -69.38 -13.32 8.95
C GLY N 35 -69.68 -14.26 10.08
N ARG N 36 -70.93 -14.64 10.21
CA ARG N 36 -71.33 -15.55 11.27
C ARG N 36 -70.92 -16.96 10.84
N LYS N 37 -69.75 -17.39 11.31
CA LYS N 37 -69.28 -18.75 11.00
C LYS N 37 -70.16 -19.80 11.67
N LYS N 38 -70.71 -19.47 12.83
CA LYS N 38 -71.42 -20.37 13.71
C LYS N 38 -72.86 -20.57 13.30
N ALA N 39 -73.23 -20.15 12.09
CA ALA N 39 -74.61 -19.94 11.72
C ALA N 39 -75.37 -21.25 11.63
N LYS N 40 -76.67 -21.17 11.84
CA LYS N 40 -77.54 -22.32 11.64
C LYS N 40 -77.78 -22.47 10.14
N VAL N 41 -78.59 -23.45 9.77
CA VAL N 41 -78.96 -23.55 8.37
C VAL N 41 -80.12 -22.64 8.05
N ASP N 42 -81.10 -22.58 8.95
CA ASP N 42 -82.34 -21.88 8.66
C ASP N 42 -82.20 -20.37 8.72
N GLU N 43 -81.08 -19.84 9.21
CA GLU N 43 -80.97 -18.40 9.35
C GLU N 43 -80.71 -17.72 8.01
N PHE N 44 -79.93 -18.34 7.13
CA PHE N 44 -79.50 -17.70 5.90
C PHE N 44 -79.97 -18.52 4.70
N PRO N 45 -81.19 -18.28 4.23
CA PRO N 45 -81.74 -19.12 3.16
C PRO N 45 -81.13 -18.93 1.78
N LEU N 46 -81.10 -17.71 1.26
CA LEU N 46 -80.64 -17.57 -0.11
C LEU N 46 -79.12 -17.55 -0.13
N CYS N 47 -78.58 -17.71 -1.33
CA CYS N 47 -77.15 -17.64 -1.56
C CYS N 47 -76.89 -16.93 -2.87
N GLY N 48 -75.82 -16.16 -2.92
CA GLY N 48 -75.45 -15.49 -4.13
C GLY N 48 -73.97 -15.65 -4.38
N HIS N 49 -73.60 -16.18 -5.53
CA HIS N 49 -72.19 -16.41 -5.80
C HIS N 49 -71.78 -15.99 -7.20
N MET N 50 -70.47 -15.95 -7.36
CA MET N 50 -69.80 -15.30 -8.48
C MET N 50 -69.39 -16.39 -9.47
N VAL N 51 -70.12 -16.48 -10.56
CA VAL N 51 -69.83 -17.45 -11.60
C VAL N 51 -68.63 -16.96 -12.38
N SER N 52 -67.57 -17.75 -12.40
CA SER N 52 -66.43 -17.46 -13.26
C SER N 52 -66.82 -17.62 -14.71
N ASP N 53 -66.17 -16.85 -15.56
CA ASP N 53 -66.48 -16.86 -16.98
C ASP N 53 -65.33 -17.27 -17.86
N GLU N 54 -64.10 -16.94 -17.49
CA GLU N 54 -62.96 -17.23 -18.34
C GLU N 54 -62.30 -18.52 -17.89
N TYR N 55 -61.31 -18.93 -18.66
CA TYR N 55 -60.37 -19.97 -18.24
C TYR N 55 -59.05 -19.26 -18.05
N GLU N 56 -58.84 -18.76 -16.84
CA GLU N 56 -57.67 -17.97 -16.49
C GLU N 56 -57.17 -18.43 -15.13
N GLN N 57 -56.13 -17.76 -14.67
CA GLN N 57 -55.70 -17.90 -13.29
C GLN N 57 -56.21 -16.71 -12.51
N LEU N 58 -56.35 -16.88 -11.21
CA LEU N 58 -56.46 -15.75 -10.32
C LEU N 58 -55.23 -15.73 -9.44
N SER N 59 -54.69 -14.54 -9.23
CA SER N 59 -53.55 -14.42 -8.36
C SER N 59 -54.03 -14.55 -6.93
N SER N 60 -53.16 -15.08 -6.07
CA SER N 60 -53.56 -15.33 -4.69
C SER N 60 -53.87 -14.05 -3.96
N GLU N 61 -53.20 -12.98 -4.32
CA GLU N 61 -53.47 -11.70 -3.68
C GLU N 61 -54.78 -11.10 -4.16
N ALA N 62 -55.30 -11.57 -5.29
CA ALA N 62 -56.59 -11.08 -5.74
C ALA N 62 -57.70 -11.61 -4.86
N LEU N 63 -57.51 -12.79 -4.28
CA LEU N 63 -58.47 -13.32 -3.32
C LEU N 63 -58.53 -12.44 -2.07
N GLU N 64 -57.37 -12.04 -1.56
CA GLU N 64 -57.29 -11.33 -0.28
C GLU N 64 -57.94 -9.96 -0.35
N ALA N 65 -57.59 -9.16 -1.34
CA ALA N 65 -58.18 -7.83 -1.44
C ALA N 65 -59.66 -7.91 -1.79
N ALA N 66 -60.12 -9.03 -2.35
CA ALA N 66 -61.53 -9.13 -2.69
C ALA N 66 -62.37 -9.45 -1.45
N ARG N 67 -61.92 -10.37 -0.59
CA ARG N 67 -62.74 -10.69 0.57
C ARG N 67 -62.69 -9.57 1.61
N ILE N 68 -61.69 -8.70 1.55
CA ILE N 68 -61.68 -7.52 2.40
C ILE N 68 -62.78 -6.57 1.98
N CYS N 69 -62.83 -6.24 0.70
CA CYS N 69 -63.81 -5.29 0.21
C CYS N 69 -65.20 -5.88 0.24
N ALA N 70 -65.31 -7.19 0.07
CA ALA N 70 -66.62 -7.82 0.21
C ALA N 70 -67.07 -7.85 1.68
N ASN N 71 -66.13 -8.06 2.61
CA ASN N 71 -66.48 -7.97 4.03
C ASN N 71 -66.87 -6.55 4.39
N LYS N 72 -66.14 -5.57 3.84
CA LYS N 72 -66.31 -4.20 4.29
C LYS N 72 -67.65 -3.63 3.87
N TYR N 73 -68.21 -4.12 2.77
CA TYR N 73 -69.51 -3.57 2.40
C TYR N 73 -70.63 -4.24 3.15
N MET N 74 -70.49 -5.51 3.49
CA MET N 74 -71.53 -6.21 4.24
C MET N 74 -71.65 -5.63 5.65
N VAL N 75 -70.53 -5.35 6.30
CA VAL N 75 -70.58 -4.82 7.66
C VAL N 75 -71.07 -3.38 7.69
N LYS N 76 -71.00 -2.66 6.57
CA LYS N 76 -71.59 -1.33 6.54
C LYS N 76 -73.10 -1.41 6.32
N SER N 77 -73.53 -2.23 5.36
CA SER N 77 -74.86 -2.10 4.78
C SER N 77 -75.85 -3.18 5.18
N CYS N 78 -75.39 -4.38 5.55
CA CYS N 78 -76.25 -5.27 6.33
C CYS N 78 -75.76 -5.38 7.76
N GLY N 79 -74.78 -4.58 8.14
CA GLY N 79 -74.23 -4.61 9.47
C GLY N 79 -73.36 -5.82 9.70
N LYS N 80 -72.84 -5.89 10.92
CA LYS N 80 -72.17 -7.09 11.39
C LYS N 80 -73.19 -8.20 11.51
N ASP N 81 -72.69 -9.45 11.50
CA ASP N 81 -73.44 -10.63 11.92
C ASP N 81 -74.64 -10.92 11.03
N GLY N 82 -74.57 -10.59 9.75
CA GLY N 82 -75.76 -10.70 8.93
C GLY N 82 -75.53 -11.29 7.56
N PHE N 83 -74.57 -12.20 7.46
CA PHE N 83 -74.09 -12.73 6.19
C PHE N 83 -73.14 -13.87 6.52
N HIS N 84 -72.70 -14.57 5.49
CA HIS N 84 -71.67 -15.59 5.64
C HIS N 84 -71.03 -15.78 4.29
N ILE N 85 -69.76 -15.42 4.20
CA ILE N 85 -69.06 -15.34 2.93
C ILE N 85 -67.95 -16.38 2.90
N ARG N 86 -68.01 -17.29 1.94
CA ARG N 86 -67.03 -18.35 1.81
C ARG N 86 -66.27 -18.20 0.53
N VAL N 87 -64.95 -18.17 0.60
CA VAL N 87 -64.11 -18.21 -0.58
C VAL N 87 -63.94 -19.66 -0.97
N ARG N 88 -64.47 -20.04 -2.12
CA ARG N 88 -64.47 -21.44 -2.52
C ARG N 88 -63.40 -21.74 -3.55
N LEU N 89 -62.23 -21.10 -3.46
CA LEU N 89 -61.19 -21.34 -4.45
C LEU N 89 -59.86 -21.31 -3.71
N HIS N 90 -59.30 -22.45 -3.48
CA HIS N 90 -58.03 -22.50 -2.76
C HIS N 90 -56.87 -22.37 -3.72
N PRO N 91 -55.91 -21.50 -3.47
CA PRO N 91 -54.76 -21.36 -4.37
C PRO N 91 -53.67 -22.39 -4.07
N PHE N 92 -53.50 -23.34 -4.98
CA PHE N 92 -52.43 -24.31 -4.88
C PHE N 92 -51.37 -24.16 -5.95
N HIS N 93 -51.69 -23.51 -7.04
CA HIS N 93 -50.88 -23.53 -8.26
C HIS N 93 -49.72 -22.57 -8.08
N VAL N 94 -48.53 -23.11 -8.01
CA VAL N 94 -47.33 -22.35 -7.68
C VAL N 94 -46.61 -21.97 -8.96
N ILE N 95 -46.23 -20.70 -9.07
CA ILE N 95 -45.54 -20.19 -10.24
C ILE N 95 -44.09 -19.85 -9.89
N ARG N 96 -43.32 -19.46 -10.90
CA ARG N 96 -41.88 -19.37 -10.79
C ARG N 96 -41.41 -18.01 -11.28
N ILE N 97 -40.34 -17.49 -10.66
CA ILE N 97 -39.67 -16.28 -11.10
C ILE N 97 -38.22 -16.61 -11.42
N ASN N 98 -37.75 -16.16 -12.56
CA ASN N 98 -36.38 -16.41 -12.98
C ASN N 98 -35.63 -15.09 -12.83
N LYS N 99 -35.20 -14.81 -11.60
CA LYS N 99 -34.71 -13.49 -11.23
C LYS N 99 -33.40 -13.18 -11.92
N MET N 100 -33.30 -11.95 -12.40
CA MET N 100 -32.15 -11.56 -13.20
C MET N 100 -31.59 -10.25 -12.67
N LEU N 101 -30.68 -9.64 -13.44
CA LEU N 101 -29.86 -8.50 -13.03
C LEU N 101 -29.08 -8.82 -11.76
N SER N 102 -28.52 -10.02 -11.70
CA SER N 102 -27.79 -10.47 -10.52
C SER N 102 -26.74 -11.51 -10.87
N ALA N 106 -27.25 -4.75 -11.69
CA ALA N 106 -27.59 -4.86 -13.11
C ALA N 106 -26.33 -5.03 -13.97
N ASP N 107 -26.14 -6.23 -14.53
CA ASP N 107 -24.97 -6.51 -15.36
C ASP N 107 -25.28 -7.69 -16.27
N ARG N 108 -24.51 -7.80 -17.36
CA ARG N 108 -24.55 -8.93 -18.28
C ARG N 108 -23.48 -9.96 -18.02
N LEU N 109 -22.76 -9.83 -16.92
CA LEU N 109 -21.60 -10.67 -16.61
C LEU N 109 -21.96 -11.67 -15.52
N GLN N 110 -23.10 -12.33 -15.64
CA GLN N 110 -23.40 -13.44 -14.75
C GLN N 110 -23.73 -14.74 -15.48
N THR N 111 -24.72 -14.76 -16.39
CA THR N 111 -25.46 -15.94 -16.83
C THR N 111 -26.50 -15.43 -17.83
N GLY N 112 -26.83 -16.20 -18.86
CA GLY N 112 -27.92 -15.78 -19.74
C GLY N 112 -29.25 -16.39 -19.37
N MET N 113 -29.93 -16.96 -20.37
CA MET N 113 -31.11 -17.80 -20.19
C MET N 113 -30.74 -19.25 -19.94
N ARG N 114 -29.57 -19.50 -19.36
CA ARG N 114 -29.00 -20.83 -19.33
C ARG N 114 -29.75 -21.72 -18.35
N GLY N 115 -29.64 -21.43 -17.06
CA GLY N 115 -30.44 -22.16 -16.10
C GLY N 115 -31.76 -21.44 -16.05
N ALA N 116 -32.73 -21.95 -16.82
CA ALA N 116 -33.96 -21.21 -17.08
C ALA N 116 -35.14 -21.82 -16.34
N PHE N 117 -34.90 -22.71 -15.39
CA PHE N 117 -36.00 -23.11 -14.54
C PHE N 117 -36.13 -22.09 -13.44
N GLY N 118 -37.33 -21.95 -12.91
CA GLY N 118 -37.64 -20.88 -11.98
C GLY N 118 -37.62 -21.33 -10.53
N LYS N 119 -37.11 -20.48 -9.70
CA LYS N 119 -37.37 -20.69 -8.29
C LYS N 119 -38.74 -20.12 -7.94
N PRO N 120 -39.44 -20.70 -6.95
CA PRO N 120 -40.83 -20.32 -6.74
C PRO N 120 -40.96 -18.94 -6.14
N GLN N 121 -42.09 -18.30 -6.40
CA GLN N 121 -42.35 -17.00 -5.82
C GLN N 121 -43.61 -16.95 -4.98
N GLY N 122 -44.74 -17.38 -5.52
CA GLY N 122 -45.97 -17.39 -4.76
C GLY N 122 -46.96 -18.31 -5.43
N THR N 123 -48.11 -18.45 -4.81
CA THR N 123 -49.16 -19.31 -5.29
C THR N 123 -50.15 -18.49 -6.11
N VAL N 124 -50.85 -19.16 -7.02
CA VAL N 124 -52.05 -18.61 -7.64
C VAL N 124 -53.13 -19.68 -7.62
N ALA N 125 -54.26 -19.37 -8.25
CA ALA N 125 -55.43 -20.25 -8.23
C ALA N 125 -56.05 -20.32 -9.61
N ARG N 126 -56.43 -21.53 -10.02
CA ARG N 126 -56.95 -21.77 -11.36
C ARG N 126 -58.45 -21.55 -11.38
N VAL N 127 -58.99 -21.37 -12.59
CA VAL N 127 -60.39 -21.01 -12.81
C VAL N 127 -60.88 -21.67 -14.09
N HIS N 128 -62.01 -22.38 -14.02
CA HIS N 128 -62.67 -22.85 -15.22
C HIS N 128 -63.83 -21.94 -15.58
N ILE N 129 -64.49 -22.23 -16.69
CA ILE N 129 -65.71 -21.49 -17.04
C ILE N 129 -66.85 -22.09 -16.24
N GLY N 130 -67.62 -21.25 -15.59
CA GLY N 130 -68.69 -21.76 -14.76
C GLY N 130 -68.17 -22.42 -13.50
N GLN N 131 -67.49 -21.66 -12.66
CA GLN N 131 -66.95 -22.16 -11.40
C GLN N 131 -67.13 -21.10 -10.34
N VAL N 132 -67.43 -21.51 -9.11
CA VAL N 132 -67.74 -20.58 -8.05
C VAL N 132 -66.46 -20.00 -7.48
N ILE N 133 -66.46 -18.71 -7.15
CA ILE N 133 -65.37 -18.06 -6.45
C ILE N 133 -65.74 -17.76 -5.01
N MET N 134 -66.65 -16.80 -4.80
CA MET N 134 -67.13 -16.47 -3.48
C MET N 134 -68.62 -16.68 -3.41
N SER N 135 -69.06 -17.51 -2.48
CA SER N 135 -70.46 -17.63 -2.16
C SER N 135 -70.76 -16.83 -0.92
N ILE N 136 -71.89 -16.12 -0.95
CA ILE N 136 -72.41 -15.41 0.20
C ILE N 136 -73.83 -15.86 0.42
N ARG N 137 -74.08 -16.45 1.57
CA ARG N 137 -75.44 -16.78 1.97
C ARG N 137 -75.92 -15.72 2.96
N THR N 138 -77.15 -15.28 2.79
CA THR N 138 -77.65 -14.17 3.59
C THR N 138 -79.09 -14.39 3.99
N LYS N 139 -79.55 -13.48 4.85
CA LYS N 139 -80.98 -13.25 5.02
C LYS N 139 -81.61 -12.90 3.69
N LEU N 140 -82.90 -13.20 3.59
CA LEU N 140 -83.63 -13.04 2.34
C LEU N 140 -83.76 -11.58 1.94
N GLN N 141 -83.63 -10.66 2.90
CA GLN N 141 -83.78 -9.24 2.63
C GLN N 141 -82.53 -8.61 2.05
N ASN N 142 -81.40 -9.31 2.08
CA ASN N 142 -80.13 -8.69 1.69
C ASN N 142 -79.87 -8.78 0.20
N LYS N 143 -80.93 -8.95 -0.61
CA LYS N 143 -80.77 -9.37 -1.99
C LYS N 143 -80.13 -8.29 -2.85
N GLU N 144 -80.52 -7.03 -2.64
CA GLU N 144 -79.80 -5.95 -3.29
C GLU N 144 -78.40 -5.79 -2.73
N HIS N 145 -78.20 -6.16 -1.47
CA HIS N 145 -76.90 -5.92 -0.85
C HIS N 145 -75.87 -6.93 -1.34
N VAL N 146 -76.28 -8.18 -1.53
CA VAL N 146 -75.38 -9.22 -2.05
C VAL N 146 -74.90 -8.85 -3.45
N ILE N 147 -75.77 -8.22 -4.24
CA ILE N 147 -75.33 -7.68 -5.52
C ILE N 147 -74.33 -6.55 -5.31
N GLU N 148 -74.62 -5.63 -4.40
CA GLU N 148 -73.74 -4.48 -4.24
C GLU N 148 -72.48 -4.85 -3.47
N ALA N 149 -72.51 -5.95 -2.75
CA ALA N 149 -71.29 -6.45 -2.13
C ALA N 149 -70.32 -7.00 -3.17
N LEU N 150 -70.79 -7.90 -4.05
CA LEU N 150 -69.89 -8.55 -4.98
C LEU N 150 -69.49 -7.66 -6.14
N ARG N 151 -70.29 -6.66 -6.48
CA ARG N 151 -69.90 -5.71 -7.52
C ARG N 151 -68.68 -4.91 -7.11
N ARG N 152 -68.50 -4.67 -5.82
CA ARG N 152 -67.26 -4.12 -5.31
C ARG N 152 -66.12 -5.14 -5.29
N ALA N 153 -66.39 -6.42 -5.51
CA ALA N 153 -65.32 -7.38 -5.70
C ALA N 153 -65.00 -7.63 -7.16
N LYS N 154 -66.00 -7.48 -8.04
CA LYS N 154 -65.81 -7.76 -9.47
C LYS N 154 -64.87 -6.75 -10.12
N PHE N 155 -64.76 -5.54 -9.56
CA PHE N 155 -63.77 -4.58 -10.02
C PHE N 155 -62.35 -4.88 -9.54
N LYS N 156 -62.11 -6.03 -8.93
CA LYS N 156 -60.85 -6.28 -8.29
C LYS N 156 -60.23 -7.62 -8.67
N PHE N 157 -61.02 -8.55 -9.21
CA PHE N 157 -60.48 -9.75 -9.84
C PHE N 157 -59.98 -9.44 -11.24
N PRO N 158 -59.09 -10.26 -11.79
CA PRO N 158 -58.70 -10.05 -13.18
C PRO N 158 -59.75 -10.58 -14.13
N GLY N 159 -59.78 -9.97 -15.30
CA GLY N 159 -60.72 -10.42 -16.31
C GLY N 159 -62.13 -9.98 -15.98
N ARG N 160 -63.06 -10.91 -16.15
CA ARG N 160 -64.48 -10.57 -16.18
C ARG N 160 -65.31 -11.82 -15.92
N GLN N 161 -66.20 -11.74 -14.94
CA GLN N 161 -67.05 -12.85 -14.57
C GLN N 161 -68.23 -12.30 -13.77
N LYS N 162 -69.38 -12.94 -13.88
CA LYS N 162 -70.60 -12.27 -13.46
C LYS N 162 -71.12 -12.86 -12.16
N ILE N 163 -72.24 -12.32 -11.70
CA ILE N 163 -72.82 -12.64 -10.41
C ILE N 163 -74.19 -13.29 -10.61
N HIS N 164 -74.31 -14.53 -10.16
CA HIS N 164 -75.56 -15.28 -10.29
C HIS N 164 -76.06 -15.61 -8.89
N ILE N 165 -77.07 -14.88 -8.45
CA ILE N 165 -77.82 -15.21 -7.25
C ILE N 165 -78.55 -16.52 -7.51
N SER N 166 -78.20 -17.54 -6.75
CA SER N 166 -78.50 -18.91 -7.13
C SER N 166 -79.95 -19.25 -6.80
N LYS N 167 -80.24 -20.55 -6.85
CA LYS N 167 -81.57 -21.07 -6.62
C LYS N 167 -81.61 -22.01 -5.42
N LYS N 168 -80.46 -22.29 -4.80
CA LYS N 168 -80.37 -23.30 -3.78
C LYS N 168 -80.49 -22.66 -2.39
N TRP N 169 -80.67 -23.51 -1.38
CA TRP N 169 -80.85 -23.06 0.00
C TRP N 169 -79.50 -22.90 0.64
N GLY N 170 -78.99 -21.68 0.73
CA GLY N 170 -77.78 -21.42 1.50
C GLY N 170 -76.57 -22.10 0.94
N PHE N 171 -75.90 -22.91 1.75
CA PHE N 171 -74.78 -23.70 1.26
C PHE N 171 -75.06 -25.18 1.18
N THR N 172 -76.20 -25.65 1.66
CA THR N 172 -76.53 -27.03 1.35
C THR N 172 -76.97 -27.11 -0.11
N LYS N 173 -76.65 -28.24 -0.75
CA LYS N 173 -76.78 -28.37 -2.19
C LYS N 173 -78.22 -28.47 -2.65
N PHE N 174 -79.16 -28.60 -1.74
CA PHE N 174 -80.51 -28.94 -2.12
C PHE N 174 -81.28 -27.71 -2.54
N ASN N 175 -82.39 -27.95 -3.23
CA ASN N 175 -83.19 -26.88 -3.78
C ASN N 175 -83.87 -26.11 -2.66
N ALA N 176 -83.80 -24.77 -2.76
CA ALA N 176 -84.39 -23.91 -1.74
C ALA N 176 -85.91 -23.99 -1.75
N ASP N 177 -86.50 -24.36 -2.87
CA ASP N 177 -87.94 -24.51 -2.91
C ASP N 177 -88.40 -25.73 -2.13
N GLU N 178 -87.55 -26.74 -2.01
CA GLU N 178 -87.96 -27.95 -1.33
C GLU N 178 -87.39 -28.08 0.07
N PHE N 179 -86.59 -27.14 0.53
CA PHE N 179 -85.83 -27.39 1.75
C PHE N 179 -86.71 -27.34 3.00
N GLU N 180 -87.46 -26.25 3.18
CA GLU N 180 -88.37 -26.13 4.32
C GLU N 180 -89.50 -27.14 4.23
N ASP N 181 -89.92 -27.48 3.01
CA ASP N 181 -90.98 -28.45 2.79
C ASP N 181 -90.62 -29.81 3.38
N MET N 182 -89.34 -30.07 3.56
CA MET N 182 -88.84 -31.40 3.72
C MET N 182 -87.94 -31.61 4.94
N VAL N 183 -87.30 -30.56 5.44
CA VAL N 183 -86.45 -30.74 6.61
C VAL N 183 -87.26 -31.12 7.85
N ALA N 184 -88.36 -30.41 8.02
CA ALA N 184 -89.27 -30.61 9.15
C ALA N 184 -90.01 -31.95 9.16
N GLU N 185 -90.47 -32.39 8.00
CA GLU N 185 -91.25 -33.62 7.91
C GLU N 185 -90.55 -34.89 8.36
N LYS N 186 -89.30 -35.07 7.91
CA LYS N 186 -88.48 -36.27 8.18
C LYS N 186 -87.07 -36.06 7.65
N ARG N 187 -86.54 -37.13 7.05
CA ARG N 187 -85.20 -37.24 6.48
C ARG N 187 -84.12 -36.24 6.86
N LEU N 188 -84.14 -35.04 6.29
CA LEU N 188 -83.05 -34.13 6.59
C LEU N 188 -82.95 -33.71 8.06
N ILE N 189 -81.72 -33.72 8.57
CA ILE N 189 -81.43 -33.29 9.93
C ILE N 189 -80.39 -32.19 9.86
N PRO N 190 -80.66 -31.01 10.41
CA PRO N 190 -79.70 -29.91 10.29
C PRO N 190 -78.45 -30.16 11.13
N ASP N 191 -77.30 -29.71 10.62
CA ASP N 191 -75.99 -29.91 11.24
C ASP N 191 -75.12 -28.67 11.03
N GLY N 192 -75.24 -27.70 11.92
CA GLY N 192 -74.36 -26.54 11.89
C GLY N 192 -74.56 -25.72 10.63
N CYS N 193 -73.51 -25.58 9.83
CA CYS N 193 -73.67 -24.85 8.58
C CYS N 193 -74.29 -25.73 7.51
N GLY N 194 -73.89 -27.01 7.47
CA GLY N 194 -74.38 -27.93 6.48
C GLY N 194 -75.60 -28.70 6.95
N VAL N 195 -76.03 -29.62 6.11
CA VAL N 195 -77.14 -30.50 6.45
C VAL N 195 -76.73 -31.92 6.09
N LYS N 196 -76.77 -32.81 7.08
CA LYS N 196 -76.62 -34.22 6.81
C LYS N 196 -77.88 -34.71 6.11
N TYR N 197 -77.75 -35.17 4.87
CA TYR N 197 -78.82 -35.86 4.20
C TYR N 197 -78.87 -37.29 4.71
N ILE N 198 -80.06 -37.80 4.99
CA ILE N 198 -80.13 -39.19 5.37
C ILE N 198 -80.79 -39.96 4.24
N PRO N 199 -80.37 -41.17 4.00
CA PRO N 199 -81.15 -42.06 3.14
C PRO N 199 -82.14 -42.87 3.93
N ASN N 200 -82.86 -43.74 3.24
CA ASN N 200 -83.61 -44.81 3.87
C ASN N 200 -83.04 -46.18 3.52
N ARG N 201 -81.72 -46.27 3.33
CA ARG N 201 -81.05 -47.54 3.07
C ARG N 201 -80.17 -47.97 4.24
N GLY N 202 -80.33 -47.34 5.40
CA GLY N 202 -79.47 -47.64 6.51
C GLY N 202 -80.04 -48.74 7.39
N PRO N 203 -79.39 -49.02 8.52
CA PRO N 203 -80.00 -49.93 9.49
C PRO N 203 -81.19 -49.29 10.15
N LEU N 204 -82.04 -50.14 10.72
CA LEU N 204 -83.34 -49.67 11.17
C LEU N 204 -83.25 -48.86 12.45
N ASP N 205 -82.17 -49.01 13.21
CA ASP N 205 -81.95 -48.14 14.35
C ASP N 205 -81.51 -46.73 13.98
N LYS N 206 -81.20 -46.46 12.71
CA LYS N 206 -81.13 -45.07 12.26
C LYS N 206 -82.52 -44.44 12.27
N TRP N 207 -83.51 -45.20 11.79
CA TRP N 207 -84.87 -44.68 11.75
C TRP N 207 -85.51 -44.63 13.12
N ARG N 208 -85.17 -45.57 14.01
CA ARG N 208 -85.74 -45.54 15.34
C ARG N 208 -85.15 -44.41 16.17
N ALA N 209 -83.92 -44.00 15.86
CA ALA N 209 -83.30 -42.89 16.57
C ALA N 209 -83.95 -41.57 16.24
N LEU N 210 -84.52 -41.45 15.05
CA LEU N 210 -85.43 -40.35 14.78
C LEU N 210 -86.82 -40.72 15.29
N HIS N 211 -87.69 -39.70 15.38
CA HIS N 211 -88.93 -39.62 16.22
C HIS N 211 -88.62 -39.69 17.70
N GLU O 1 -74.93 -73.82 34.65
CA GLU O 1 -76.11 -74.60 34.31
C GLU O 1 -76.03 -75.11 32.87
N ASN O 2 -74.93 -74.78 32.22
CA ASN O 2 -74.61 -74.88 30.80
C ASN O 2 -73.85 -76.16 30.50
N PRO O 3 -74.02 -76.73 29.29
CA PRO O 3 -73.28 -77.95 28.90
C PRO O 3 -71.83 -77.65 28.58
N MET O 4 -70.92 -78.18 29.41
CA MET O 4 -69.45 -78.18 29.29
C MET O 4 -68.83 -76.82 28.95
N ARG O 5 -69.50 -75.71 29.17
CA ARG O 5 -68.94 -74.42 28.79
C ARG O 5 -68.34 -73.79 30.06
N GLU O 6 -67.22 -74.38 30.48
CA GLU O 6 -66.54 -74.03 31.71
C GLU O 6 -65.72 -72.76 31.56
N LEU O 7 -65.08 -72.37 32.65
CA LEU O 7 -64.05 -71.33 32.64
C LEU O 7 -62.77 -71.95 33.20
N ARG O 8 -62.02 -72.64 32.37
CA ARG O 8 -60.89 -73.40 32.88
C ARG O 8 -59.61 -72.59 32.77
N ILE O 9 -58.63 -72.95 33.58
CA ILE O 9 -57.35 -72.25 33.61
C ILE O 9 -56.50 -72.75 32.47
N ARG O 10 -56.08 -71.84 31.61
CA ARG O 10 -55.55 -72.22 30.31
C ARG O 10 -54.03 -72.23 30.26
N LYS O 11 -53.38 -71.13 30.61
CA LYS O 11 -51.95 -71.15 30.88
C LYS O 11 -51.67 -70.06 31.90
N LEU O 12 -50.53 -70.17 32.57
CA LEU O 12 -50.16 -69.19 33.57
C LEU O 12 -48.75 -68.70 33.27
N CYS O 13 -48.63 -67.42 32.91
CA CYS O 13 -47.38 -66.87 32.43
C CYS O 13 -46.69 -66.14 33.56
N LEU O 14 -45.49 -66.60 33.91
CA LEU O 14 -44.70 -66.01 34.98
C LEU O 14 -43.60 -65.20 34.30
N ASN O 15 -43.05 -64.21 34.99
CA ASN O 15 -42.02 -63.38 34.40
C ASN O 15 -41.24 -62.68 35.51
N ILE O 16 -39.95 -62.42 35.25
CA ILE O 16 -39.11 -61.64 36.14
C ILE O 16 -38.33 -60.65 35.29
N CYS O 17 -38.51 -59.35 35.54
CA CYS O 17 -37.88 -58.34 34.69
C CYS O 17 -36.65 -57.73 35.38
N VAL O 18 -35.54 -58.47 35.37
CA VAL O 18 -34.28 -57.95 35.88
C VAL O 18 -33.61 -57.16 34.77
N GLY O 19 -33.35 -55.87 35.02
CA GLY O 19 -33.00 -54.89 34.00
C GLY O 19 -31.70 -55.08 33.26
N GLU O 20 -30.91 -56.10 33.55
CA GLU O 20 -29.71 -56.43 32.75
C GLU O 20 -29.43 -57.91 32.87
N SER O 21 -28.20 -58.31 32.58
CA SER O 21 -27.77 -59.70 32.67
C SER O 21 -26.65 -59.85 33.70
N GLY O 22 -26.29 -61.11 33.99
CA GLY O 22 -25.22 -61.40 34.92
C GLY O 22 -25.55 -62.45 35.96
N ASP O 23 -25.01 -62.28 37.17
CA ASP O 23 -25.33 -63.16 38.29
C ASP O 23 -26.78 -63.01 38.70
N ARG O 24 -27.27 -61.76 38.74
CA ARG O 24 -28.60 -61.47 39.28
C ARG O 24 -29.70 -62.14 38.46
N LEU O 25 -29.49 -62.22 37.14
CA LEU O 25 -30.46 -62.89 36.29
C LEU O 25 -30.33 -64.41 36.42
N THR O 26 -29.13 -64.91 36.67
CA THR O 26 -28.92 -66.35 36.79
C THR O 26 -29.66 -66.92 37.98
N ARG O 27 -29.61 -66.21 39.10
CA ARG O 27 -30.36 -66.65 40.27
C ARG O 27 -31.86 -66.44 40.11
N ALA O 28 -32.28 -65.59 39.17
CA ALA O 28 -33.71 -65.44 38.90
C ALA O 28 -34.25 -66.69 38.22
N ALA O 29 -33.49 -67.26 37.28
CA ALA O 29 -33.87 -68.54 36.69
C ALA O 29 -33.75 -69.67 37.70
N LYS O 30 -32.90 -69.50 38.71
CA LYS O 30 -32.84 -70.46 39.80
C LYS O 30 -34.14 -70.51 40.59
N VAL O 31 -34.78 -69.37 40.76
CA VAL O 31 -36.08 -69.29 41.43
C VAL O 31 -37.12 -70.07 40.66
N LEU O 32 -37.26 -69.77 39.36
CA LEU O 32 -38.30 -70.38 38.54
C LEU O 32 -38.02 -71.84 38.27
N GLU O 33 -36.75 -72.25 38.36
CA GLU O 33 -36.43 -73.67 38.36
C GLU O 33 -36.95 -74.33 39.63
N GLN O 34 -36.88 -73.63 40.76
CA GLN O 34 -37.39 -74.19 41.99
C GLN O 34 -38.91 -74.13 42.07
N LEU O 35 -39.52 -73.09 41.49
CA LEU O 35 -40.98 -73.03 41.51
C LEU O 35 -41.58 -74.03 40.53
N THR O 36 -41.34 -73.83 39.24
CA THR O 36 -42.13 -74.52 38.22
C THR O 36 -41.71 -75.96 38.01
N GLY O 37 -40.44 -76.29 38.26
CA GLY O 37 -39.89 -77.54 37.82
C GLY O 37 -39.36 -77.52 36.40
N GLN O 38 -39.30 -76.35 35.77
CA GLN O 38 -38.84 -76.19 34.41
C GLN O 38 -38.14 -74.85 34.27
N THR O 39 -37.10 -74.81 33.44
CA THR O 39 -36.30 -73.61 33.28
C THR O 39 -37.08 -72.54 32.51
N PRO O 40 -36.72 -71.29 32.65
CA PRO O 40 -37.31 -70.27 31.79
C PRO O 40 -36.67 -70.21 30.41
N VAL O 41 -37.04 -69.18 29.66
CA VAL O 41 -36.33 -68.76 28.46
C VAL O 41 -36.31 -67.25 28.48
N PHE O 42 -35.42 -66.66 27.69
CA PHE O 42 -34.91 -65.32 27.93
C PHE O 42 -35.49 -64.32 26.93
N SER O 43 -35.26 -63.04 27.20
CA SER O 43 -35.83 -61.95 26.41
C SER O 43 -34.77 -60.97 25.95
N LYS O 44 -34.90 -60.51 24.70
CA LYS O 44 -34.04 -59.47 24.14
C LYS O 44 -34.61 -58.08 24.37
N ALA O 45 -33.79 -57.05 24.07
CA ALA O 45 -34.15 -55.68 24.40
C ALA O 45 -34.94 -54.99 23.29
N ARG O 46 -34.53 -55.17 22.03
CA ARG O 46 -35.13 -54.57 20.83
C ARG O 46 -35.10 -53.04 20.83
N TYR O 47 -34.20 -52.45 21.61
CA TYR O 47 -34.18 -51.02 21.87
C TYR O 47 -32.87 -50.72 22.59
N THR O 48 -32.48 -49.44 22.61
CA THR O 48 -31.37 -49.03 23.45
C THR O 48 -31.72 -47.72 24.12
N VAL O 49 -31.55 -47.66 25.43
CA VAL O 49 -32.13 -46.61 26.23
C VAL O 49 -31.11 -45.48 26.43
N ARG O 50 -29.99 -45.82 27.07
CA ARG O 50 -28.85 -44.98 27.45
C ARG O 50 -29.22 -43.94 28.52
N SER O 51 -30.50 -43.80 28.89
CA SER O 51 -30.88 -42.93 29.99
C SER O 51 -30.93 -43.70 31.30
N PHE O 52 -31.63 -44.84 31.31
CA PHE O 52 -31.38 -45.87 32.31
C PHE O 52 -30.61 -47.04 31.72
N GLY O 53 -30.27 -46.98 30.44
CA GLY O 53 -29.16 -47.74 29.93
C GLY O 53 -29.28 -49.25 29.79
N ILE O 54 -30.10 -49.71 28.85
CA ILE O 54 -29.92 -51.04 28.30
C ILE O 54 -29.44 -50.86 26.86
N ARG O 55 -28.77 -51.89 26.37
CA ARG O 55 -28.34 -51.97 24.97
C ARG O 55 -29.18 -53.01 24.26
N ARG O 56 -29.18 -52.94 22.94
CA ARG O 56 -30.04 -53.80 22.14
C ARG O 56 -29.54 -55.25 22.13
N ASN O 57 -30.49 -56.19 22.09
CA ASN O 57 -30.27 -57.65 22.05
C ASN O 57 -29.57 -58.16 23.32
N GLU O 58 -29.96 -57.58 24.45
CA GLU O 58 -29.47 -58.03 25.76
C GLU O 58 -30.46 -59.01 26.38
N LYS O 59 -29.94 -60.10 26.94
CA LYS O 59 -30.74 -61.01 27.74
C LYS O 59 -31.18 -60.34 29.03
N ILE O 60 -32.47 -60.08 29.17
CA ILE O 60 -33.01 -59.26 30.26
C ILE O 60 -33.92 -60.07 31.18
N ALA O 61 -35.04 -60.59 30.67
CA ALA O 61 -36.10 -61.12 31.52
C ALA O 61 -36.26 -62.63 31.35
N VAL O 62 -36.62 -63.31 32.42
CA VAL O 62 -36.82 -64.75 32.43
C VAL O 62 -38.30 -65.03 32.67
N HIS O 63 -38.89 -65.88 31.83
CA HIS O 63 -40.33 -66.09 31.88
C HIS O 63 -40.66 -67.55 31.65
N CYS O 64 -41.88 -67.91 32.02
CA CYS O 64 -42.28 -69.31 31.96
C CYS O 64 -43.77 -69.40 31.74
N THR O 65 -44.19 -70.51 31.13
CA THR O 65 -45.59 -70.83 30.93
C THR O 65 -45.87 -72.17 31.60
N VAL O 66 -46.99 -72.26 32.31
CA VAL O 66 -47.33 -73.42 33.11
C VAL O 66 -48.80 -73.75 32.87
N ARG O 67 -49.08 -75.00 32.51
CA ARG O 67 -50.43 -75.46 32.24
C ARG O 67 -50.80 -76.62 33.15
N GLY O 68 -52.10 -76.72 33.44
CA GLY O 68 -52.65 -77.91 34.07
C GLY O 68 -52.77 -77.89 35.58
N ALA O 69 -52.39 -78.99 36.21
CA ALA O 69 -52.44 -79.08 37.67
C ALA O 69 -51.44 -78.11 38.30
N LYS O 70 -50.26 -77.98 37.70
CA LYS O 70 -49.29 -77.03 38.20
C LYS O 70 -49.71 -75.59 37.92
N ALA O 71 -50.60 -75.38 36.95
CA ALA O 71 -51.10 -74.04 36.74
C ALA O 71 -52.06 -73.62 37.84
N GLU O 72 -52.92 -74.54 38.28
CA GLU O 72 -53.82 -74.25 39.40
C GLU O 72 -53.02 -74.06 40.68
N GLU O 73 -51.94 -74.82 40.84
CA GLU O 73 -51.26 -74.88 42.12
C GLU O 73 -50.45 -73.62 42.38
N ILE O 74 -49.80 -73.08 41.35
CA ILE O 74 -49.02 -71.87 41.54
C ILE O 74 -49.93 -70.67 41.69
N LEU O 75 -51.08 -70.70 41.03
CA LEU O 75 -52.07 -69.64 41.19
C LEU O 75 -52.65 -69.64 42.60
N GLU O 76 -52.83 -70.82 43.19
CA GLU O 76 -53.39 -70.91 44.53
C GLU O 76 -52.43 -70.34 45.57
N LYS O 77 -51.14 -70.64 45.42
CA LYS O 77 -50.12 -70.05 46.28
C LYS O 77 -50.09 -68.54 46.11
N GLY O 78 -50.30 -68.05 44.89
CA GLY O 78 -50.24 -66.62 44.66
C GLY O 78 -51.44 -65.90 45.23
N LEU O 79 -52.62 -66.50 45.15
CA LEU O 79 -53.77 -65.86 45.77
C LEU O 79 -53.80 -66.07 47.27
N LYS O 80 -53.00 -67.00 47.79
CA LYS O 80 -52.76 -67.03 49.23
C LYS O 80 -51.97 -65.81 49.67
N VAL O 81 -50.96 -65.41 48.89
CA VAL O 81 -50.01 -64.39 49.33
C VAL O 81 -50.64 -63.00 49.22
N ARG O 82 -51.21 -62.68 48.07
CA ARG O 82 -51.82 -61.38 47.90
C ARG O 82 -53.17 -61.26 48.63
N GLU O 83 -53.70 -62.38 49.15
CA GLU O 83 -54.89 -62.42 50.01
C GLU O 83 -56.12 -61.87 49.30
N TYR O 84 -56.29 -62.29 48.06
CA TYR O 84 -57.56 -62.32 47.32
C TYR O 84 -58.11 -60.95 46.96
N GLU O 85 -57.46 -59.85 47.34
CA GLU O 85 -57.91 -58.53 46.89
C GLU O 85 -57.28 -58.23 45.54
N LEU O 86 -57.96 -58.63 44.47
CA LEU O 86 -57.61 -58.20 43.13
C LEU O 86 -58.65 -57.18 42.69
N ARG O 87 -58.20 -55.98 42.37
CA ARG O 87 -59.08 -54.85 42.18
C ARG O 87 -59.93 -55.00 40.92
N LYS O 88 -60.93 -54.12 40.79
CA LYS O 88 -61.89 -54.19 39.70
C LYS O 88 -61.25 -53.91 38.35
N ASN O 89 -60.11 -53.22 38.32
CA ASN O 89 -59.33 -53.01 37.10
C ASN O 89 -58.03 -53.82 37.11
N ASN O 90 -58.07 -55.04 37.64
CA ASN O 90 -57.00 -55.99 37.44
C ASN O 90 -57.21 -56.90 36.25
N PHE O 91 -58.42 -56.97 35.73
CA PHE O 91 -58.73 -57.88 34.65
C PHE O 91 -58.50 -57.22 33.30
N SER O 92 -58.55 -58.01 32.24
CA SER O 92 -58.34 -57.49 30.90
C SER O 92 -59.68 -57.10 30.29
N ASP O 93 -59.67 -56.93 28.98
CA ASP O 93 -60.89 -56.77 28.19
C ASP O 93 -61.23 -58.02 27.38
N THR O 94 -60.33 -58.97 27.27
CA THR O 94 -60.62 -60.25 26.62
C THR O 94 -60.66 -61.39 27.61
N GLY O 95 -60.66 -61.09 28.91
CA GLY O 95 -60.90 -62.14 29.88
C GLY O 95 -59.62 -62.70 30.42
N ASN O 96 -58.64 -61.85 30.66
CA ASN O 96 -57.40 -62.27 31.27
C ASN O 96 -57.17 -61.39 32.48
N PHE O 97 -56.21 -61.79 33.31
CA PHE O 97 -55.75 -60.93 34.39
C PHE O 97 -54.38 -61.43 34.85
N GLY O 98 -53.97 -60.97 36.01
CA GLY O 98 -52.65 -61.25 36.53
C GLY O 98 -52.21 -60.10 37.38
N PHE O 99 -51.30 -60.39 38.28
CA PHE O 99 -51.00 -59.36 39.26
C PHE O 99 -49.53 -59.12 39.55
N GLY O 100 -48.72 -60.18 39.62
CA GLY O 100 -47.33 -60.00 39.99
C GLY O 100 -47.10 -59.69 41.45
N ILE O 101 -46.09 -60.27 42.08
CA ILE O 101 -45.95 -60.15 43.52
C ILE O 101 -44.62 -59.51 43.88
N GLN O 102 -44.67 -58.57 44.82
CA GLN O 102 -43.48 -58.19 45.54
C GLN O 102 -43.03 -59.35 46.41
N GLU O 103 -41.73 -59.38 46.73
CA GLU O 103 -41.13 -60.38 47.63
C GLU O 103 -41.37 -61.79 47.11
N HIS O 104 -40.61 -62.14 46.08
CA HIS O 104 -40.76 -63.40 45.35
C HIS O 104 -40.64 -64.64 46.22
N ILE O 105 -40.06 -64.53 47.42
CA ILE O 105 -39.86 -65.66 48.30
C ILE O 105 -41.09 -66.07 49.10
N ASP O 106 -42.18 -65.31 49.06
CA ASP O 106 -43.30 -65.65 49.96
C ASP O 106 -44.10 -66.84 49.53
N LEU O 107 -43.70 -67.62 48.53
CA LEU O 107 -44.43 -68.79 48.10
C LEU O 107 -43.94 -70.07 48.73
N GLY O 108 -42.88 -70.02 49.53
CA GLY O 108 -42.19 -71.21 49.96
C GLY O 108 -40.83 -71.44 49.30
N ILE O 109 -40.01 -70.39 49.23
CA ILE O 109 -38.62 -70.51 48.80
C ILE O 109 -37.75 -70.58 50.04
N LYS O 110 -37.09 -71.71 50.23
CA LYS O 110 -36.24 -71.89 51.40
C LYS O 110 -34.97 -71.07 51.22
N TYR O 111 -35.03 -69.83 51.71
CA TYR O 111 -34.24 -68.73 51.19
C TYR O 111 -32.85 -68.69 51.80
N ASP O 112 -31.86 -68.79 50.95
CA ASP O 112 -30.54 -68.38 51.38
C ASP O 112 -30.52 -66.86 51.38
N PRO O 113 -29.79 -66.21 52.30
CA PRO O 113 -29.61 -64.75 52.21
C PRO O 113 -28.78 -64.29 51.02
N SER O 114 -28.22 -65.22 50.24
CA SER O 114 -27.41 -64.95 49.07
C SER O 114 -28.20 -64.90 47.77
N ILE O 115 -29.43 -65.41 47.73
CA ILE O 115 -30.13 -65.53 46.46
C ILE O 115 -30.66 -64.19 46.00
N GLY O 116 -31.53 -63.57 46.80
CA GLY O 116 -31.96 -62.21 46.56
C GLY O 116 -33.45 -62.04 46.71
N ILE O 117 -33.88 -60.79 46.57
CA ILE O 117 -35.28 -60.40 46.67
C ILE O 117 -35.68 -59.78 45.34
N TYR O 118 -36.79 -60.27 44.81
CA TYR O 118 -37.20 -60.02 43.44
C TYR O 118 -38.70 -59.75 43.42
N GLY O 119 -39.16 -59.25 42.29
CA GLY O 119 -40.57 -59.16 42.00
C GLY O 119 -40.87 -59.99 40.77
N LEU O 120 -42.04 -60.59 40.78
CA LEU O 120 -42.44 -61.62 39.85
C LEU O 120 -43.67 -61.11 39.13
N ASP O 121 -44.10 -61.82 38.11
CA ASP O 121 -45.22 -61.37 37.29
C ASP O 121 -46.11 -62.55 36.95
N PHE O 122 -47.09 -62.84 37.80
CA PHE O 122 -48.10 -63.84 37.46
C PHE O 122 -49.08 -63.23 36.49
N TYR O 123 -49.52 -64.01 35.50
CA TYR O 123 -50.51 -63.48 34.57
C TYR O 123 -51.44 -64.60 34.15
N VAL O 124 -52.73 -64.47 34.48
CA VAL O 124 -53.71 -65.53 34.25
C VAL O 124 -54.44 -65.28 32.94
N VAL O 125 -54.46 -66.28 32.08
CA VAL O 125 -55.40 -66.26 30.97
C VAL O 125 -56.50 -67.28 31.24
N LEU O 126 -57.62 -67.10 30.56
CA LEU O 126 -58.77 -67.95 30.73
C LEU O 126 -59.11 -68.63 29.42
N GLY O 127 -59.46 -69.89 29.50
CA GLY O 127 -59.81 -70.66 28.34
C GLY O 127 -61.09 -71.43 28.57
N ARG O 128 -61.79 -71.64 27.49
CA ARG O 128 -62.92 -72.53 27.43
C ARG O 128 -62.54 -73.73 26.57
N PRO O 129 -63.14 -74.90 26.78
CA PRO O 129 -62.74 -76.06 25.98
C PRO O 129 -63.17 -75.93 24.53
N GLY O 130 -62.22 -75.63 23.66
CA GLY O 130 -62.55 -75.32 22.29
C GLY O 130 -61.89 -74.05 21.81
N PHE O 131 -60.94 -73.53 22.58
CA PHE O 131 -60.18 -72.37 22.15
C PHE O 131 -58.96 -72.73 21.35
N SER O 132 -58.90 -73.94 20.80
CA SER O 132 -57.77 -74.32 19.97
C SER O 132 -58.09 -74.18 18.48
N ILE O 133 -59.08 -73.37 18.11
CA ILE O 133 -59.34 -73.15 16.70
C ILE O 133 -58.47 -72.06 16.13
N ALA O 134 -58.48 -70.90 16.77
CA ALA O 134 -57.60 -69.81 16.35
C ALA O 134 -56.19 -69.96 16.88
N ASP O 135 -55.86 -71.16 17.37
CA ASP O 135 -54.53 -71.49 17.86
C ASP O 135 -53.90 -72.59 17.01
N LYS O 136 -54.63 -73.10 16.03
CA LYS O 136 -54.13 -74.19 15.19
C LYS O 136 -53.93 -73.83 13.73
N LYS O 137 -52.75 -74.18 13.21
CA LYS O 137 -52.37 -73.89 11.83
C LYS O 137 -53.19 -74.56 10.72
N ARG O 138 -53.55 -75.83 10.88
CA ARG O 138 -54.28 -76.52 9.82
C ARG O 138 -55.65 -75.93 9.48
N ARG O 139 -56.44 -75.59 10.49
CA ARG O 139 -57.75 -75.01 10.24
C ARG O 139 -58.04 -73.84 11.17
N THR O 140 -57.40 -72.71 10.94
CA THR O 140 -57.63 -71.56 11.80
C THR O 140 -59.09 -71.14 11.68
N GLY O 141 -59.70 -70.83 12.81
CA GLY O 141 -61.09 -70.41 12.88
C GLY O 141 -61.26 -69.37 13.96
N CYS O 142 -62.33 -68.59 13.91
CA CYS O 142 -62.55 -67.57 14.93
C CYS O 142 -63.23 -68.17 16.15
N ILE O 143 -63.29 -67.37 17.20
CA ILE O 143 -63.97 -67.80 18.42
C ILE O 143 -65.47 -67.74 18.23
N GLY O 144 -66.00 -66.55 17.99
CA GLY O 144 -67.42 -66.29 18.08
C GLY O 144 -67.64 -65.24 19.15
N ALA O 145 -68.67 -64.42 19.01
CA ALA O 145 -68.90 -63.38 20.00
C ALA O 145 -69.68 -63.89 21.19
N LYS O 146 -70.48 -64.94 21.00
CA LYS O 146 -71.23 -65.54 22.10
C LYS O 146 -70.44 -66.61 22.81
N HIS O 147 -69.12 -66.66 22.64
CA HIS O 147 -68.38 -67.73 23.28
C HIS O 147 -67.15 -67.24 24.02
N ARG O 148 -66.59 -66.10 23.62
CA ARG O 148 -65.37 -65.65 24.28
C ARG O 148 -65.71 -65.10 25.65
N ILE O 149 -64.67 -64.98 26.49
CA ILE O 149 -64.84 -64.68 27.90
C ILE O 149 -64.62 -63.20 28.11
N SER O 150 -65.60 -62.55 28.73
CA SER O 150 -65.58 -61.11 28.84
C SER O 150 -64.72 -60.66 30.00
N LYS O 151 -64.57 -59.35 30.11
CA LYS O 151 -64.27 -58.71 31.38
C LYS O 151 -65.27 -59.17 32.45
N GLU O 152 -66.54 -59.14 32.10
CA GLU O 152 -67.62 -59.15 33.09
C GLU O 152 -67.82 -60.55 33.67
N GLU O 153 -67.77 -61.56 32.83
CA GLU O 153 -67.98 -62.92 33.31
C GLU O 153 -66.73 -63.49 33.98
N ALA O 154 -65.55 -63.01 33.60
CA ALA O 154 -64.32 -63.44 34.26
C ALA O 154 -64.23 -62.88 35.66
N MET O 155 -64.53 -61.59 35.84
CA MET O 155 -64.44 -60.99 37.15
C MET O 155 -65.54 -61.52 38.07
N ARG O 156 -66.68 -61.91 37.51
CA ARG O 156 -67.69 -62.58 38.31
C ARG O 156 -67.32 -64.03 38.60
N TRP O 157 -66.53 -64.63 37.72
CA TRP O 157 -65.96 -65.94 38.03
C TRP O 157 -64.99 -65.82 39.20
N PHE O 158 -64.37 -64.67 39.36
CA PHE O 158 -63.56 -64.43 40.53
C PHE O 158 -64.40 -64.00 41.73
N GLN O 159 -65.59 -63.43 41.52
CA GLN O 159 -66.54 -63.34 42.62
C GLN O 159 -67.06 -64.72 43.00
N GLN O 160 -67.21 -65.59 42.00
CA GLN O 160 -67.69 -66.94 42.19
C GLN O 160 -66.79 -67.75 43.11
N LYS O 161 -65.49 -67.63 42.94
CA LYS O 161 -64.55 -68.50 43.64
C LYS O 161 -63.59 -67.70 44.50
N TYR O 162 -62.83 -68.45 45.30
CA TYR O 162 -61.69 -68.00 46.10
C TYR O 162 -62.05 -67.01 47.21
N ASP O 163 -63.34 -66.72 47.40
CA ASP O 163 -63.82 -65.51 48.06
C ASP O 163 -63.06 -64.29 47.56
N GLY O 164 -63.30 -63.98 46.29
CA GLY O 164 -62.63 -62.84 45.69
C GLY O 164 -63.14 -61.53 46.28
N ILE O 165 -62.19 -60.68 46.65
CA ILE O 165 -62.49 -59.40 47.29
C ILE O 165 -62.25 -58.32 46.25
N ILE O 166 -63.31 -57.56 45.96
CA ILE O 166 -63.39 -56.87 44.68
C ILE O 166 -62.58 -55.58 44.64
N LEU O 167 -62.56 -54.81 45.74
CA LEU O 167 -61.97 -53.46 45.80
C LEU O 167 -62.51 -52.55 44.71
N PRO O 168 -63.72 -52.02 44.85
CA PRO O 168 -64.22 -51.09 43.83
C PRO O 168 -63.47 -49.76 43.80
N GLY O 169 -63.12 -49.20 44.96
CA GLY O 169 -62.59 -47.85 45.04
C GLY O 169 -61.09 -47.76 45.01
N ALA P 1 -12.08 -42.00 -45.50
CA ALA P 1 -11.94 -42.41 -46.90
C ALA P 1 -12.65 -43.71 -47.35
N PRO P 2 -12.55 -44.85 -46.65
CA PRO P 2 -13.16 -46.07 -47.18
C PRO P 2 -14.66 -46.03 -47.05
N SER P 3 -15.30 -46.96 -47.73
CA SER P 3 -16.69 -46.82 -48.14
C SER P 3 -17.36 -48.18 -48.11
N ARG P 4 -18.43 -48.34 -48.91
CA ARG P 4 -19.13 -49.61 -49.08
C ARG P 4 -18.17 -50.72 -49.54
N ASN P 5 -18.62 -51.97 -49.46
CA ASN P 5 -17.77 -53.16 -49.35
C ASN P 5 -16.72 -53.31 -50.44
N GLY P 6 -15.46 -53.24 -50.04
CA GLY P 6 -14.36 -53.34 -50.98
C GLY P 6 -13.13 -53.73 -50.20
N MET P 7 -12.11 -54.16 -50.92
CA MET P 7 -10.98 -54.77 -50.28
C MET P 7 -10.02 -53.70 -49.78
N VAL P 8 -9.34 -54.00 -48.67
CA VAL P 8 -8.32 -53.09 -48.17
C VAL P 8 -7.14 -53.11 -49.14
N LEU P 9 -6.87 -51.96 -49.74
CA LEU P 9 -5.83 -51.80 -50.73
C LEU P 9 -4.69 -51.03 -50.10
N LYS P 10 -3.53 -51.66 -49.98
CA LYS P 10 -2.31 -50.98 -49.54
C LYS P 10 -1.33 -51.01 -50.69
N PRO P 11 -1.31 -49.99 -51.54
CA PRO P 11 -0.25 -49.87 -52.54
C PRO P 11 0.95 -49.15 -51.95
N HIS P 12 2.09 -49.33 -52.60
CA HIS P 12 3.33 -48.71 -52.12
C HIS P 12 3.67 -47.48 -52.95
N PHE P 13 2.82 -46.45 -52.83
CA PHE P 13 3.02 -45.22 -53.57
C PHE P 13 3.22 -43.99 -52.70
N HIS P 14 3.53 -44.14 -51.42
CA HIS P 14 3.89 -42.98 -50.62
C HIS P 14 5.27 -42.49 -50.99
N LYS P 15 6.16 -43.41 -51.30
CA LYS P 15 7.51 -43.13 -51.73
C LYS P 15 7.46 -42.54 -53.14
N ASP P 16 8.14 -41.41 -53.36
CA ASP P 16 7.93 -40.65 -54.59
C ASP P 16 8.51 -41.34 -55.82
N TRP P 17 7.69 -42.20 -56.42
CA TRP P 17 8.18 -43.19 -57.36
C TRP P 17 8.50 -42.61 -58.74
N GLN P 18 8.00 -41.43 -59.08
CA GLN P 18 8.13 -40.93 -60.43
C GLN P 18 9.54 -40.56 -60.82
N ARG P 19 10.41 -40.35 -59.84
CA ARG P 19 11.80 -40.11 -60.17
C ARG P 19 12.48 -41.39 -60.60
N ARG P 20 12.07 -42.53 -60.06
CA ARG P 20 12.75 -43.81 -60.23
C ARG P 20 11.80 -44.78 -60.92
N VAL P 21 11.68 -44.66 -62.23
CA VAL P 21 10.86 -45.53 -63.03
C VAL P 21 11.62 -45.86 -64.30
N ALA P 22 11.91 -47.13 -64.50
CA ALA P 22 12.53 -47.56 -65.74
C ALA P 22 11.42 -47.89 -66.73
N THR P 23 11.49 -47.28 -67.89
CA THR P 23 10.47 -47.44 -68.91
C THR P 23 11.04 -48.33 -70.01
N TRP P 24 10.25 -49.29 -70.44
CA TRP P 24 10.67 -50.28 -71.43
C TRP P 24 10.41 -49.85 -72.86
N PHE P 25 10.59 -48.58 -73.25
CA PHE P 25 10.43 -48.32 -74.68
C PHE P 25 11.68 -48.68 -75.47
N ASN P 26 12.79 -48.93 -74.79
CA ASN P 26 13.96 -49.49 -75.41
C ASN P 26 13.90 -51.01 -75.55
N GLN P 27 12.70 -51.59 -75.55
CA GLN P 27 12.62 -53.05 -75.60
C GLN P 27 12.72 -53.63 -77.01
N PRO P 28 12.13 -53.05 -78.08
CA PRO P 28 12.45 -53.59 -79.41
C PRO P 28 13.89 -53.37 -79.83
N ALA P 29 14.52 -52.29 -79.38
CA ALA P 29 15.87 -51.97 -79.82
C ALA P 29 16.88 -52.96 -79.26
N ARG P 30 16.77 -53.31 -77.98
CA ARG P 30 17.70 -54.27 -77.40
C ARG P 30 17.51 -55.66 -77.98
N LYS P 31 16.29 -55.98 -78.35
CA LYS P 31 16.00 -57.26 -78.97
C LYS P 31 16.68 -57.38 -80.33
N ILE P 32 16.82 -56.25 -81.04
CA ILE P 32 17.51 -56.24 -82.32
C ILE P 32 19.01 -56.01 -82.11
N ARG P 33 19.42 -55.41 -80.99
CA ARG P 33 20.82 -55.48 -80.59
C ARG P 33 21.26 -56.92 -80.43
N ARG P 34 20.40 -57.74 -79.85
CA ARG P 34 20.86 -59.01 -79.31
C ARG P 34 20.76 -60.16 -80.30
N ARG P 35 19.80 -60.14 -81.24
CA ARG P 35 19.92 -61.01 -82.40
C ARG P 35 21.18 -60.67 -83.18
N LYS P 36 21.40 -59.38 -83.42
CA LYS P 36 22.60 -58.95 -84.11
C LYS P 36 23.84 -59.01 -83.21
N ALA P 37 23.67 -59.30 -81.93
CA ALA P 37 24.82 -59.69 -81.12
C ALA P 37 25.11 -61.18 -81.24
N ARG P 38 24.08 -62.02 -81.24
CA ARG P 38 24.29 -63.45 -81.41
C ARG P 38 24.74 -63.78 -82.82
N GLN P 39 24.20 -63.08 -83.81
CA GLN P 39 24.62 -63.36 -85.16
C GLN P 39 26.02 -62.82 -85.41
N ALA P 40 26.41 -61.73 -84.74
CA ALA P 40 27.81 -61.32 -84.76
C ALA P 40 28.68 -62.34 -84.06
N LYS P 41 28.13 -63.02 -83.06
CA LYS P 41 28.82 -64.15 -82.47
C LYS P 41 28.77 -65.36 -83.39
N ALA P 42 27.78 -65.43 -84.27
CA ALA P 42 27.70 -66.60 -85.14
C ALA P 42 28.80 -66.60 -86.19
N ARG P 43 29.07 -65.46 -86.81
CA ARG P 43 30.01 -65.49 -87.92
C ARG P 43 31.44 -65.13 -87.51
N ARG P 44 31.71 -64.90 -86.22
CA ARG P 44 33.10 -64.81 -85.76
C ARG P 44 33.73 -66.18 -85.64
N ILE P 45 33.24 -66.94 -84.67
CA ILE P 45 33.73 -68.28 -84.39
C ILE P 45 34.32 -68.93 -85.64
N ALA P 46 33.70 -70.04 -86.03
CA ALA P 46 34.07 -70.90 -87.16
C ALA P 46 33.03 -72.00 -87.12
N PRO P 47 33.49 -73.24 -87.34
CA PRO P 47 32.72 -74.48 -87.31
C PRO P 47 32.11 -74.71 -85.92
N ARG P 48 32.83 -74.32 -84.87
CA ARG P 48 32.33 -74.52 -83.51
C ARG P 48 30.98 -73.85 -83.33
N PRO P 49 30.06 -74.55 -82.66
CA PRO P 49 28.67 -74.16 -82.41
C PRO P 49 28.57 -72.96 -81.54
N ALA P 50 27.61 -72.14 -81.84
CA ALA P 50 27.21 -71.09 -80.87
C ALA P 50 26.37 -71.75 -79.76
N SER P 51 26.35 -71.17 -78.55
CA SER P 51 26.07 -71.89 -77.29
C SER P 51 26.87 -73.21 -77.17
N GLY P 52 28.14 -73.14 -77.59
CA GLY P 52 28.95 -74.32 -77.83
C GLY P 52 29.47 -75.15 -76.68
N PRO P 53 29.75 -74.55 -75.53
CA PRO P 53 30.09 -75.43 -74.37
C PRO P 53 28.93 -76.34 -74.00
N ILE P 54 29.18 -77.66 -73.96
CA ILE P 54 28.11 -78.67 -73.58
C ILE P 54 27.89 -78.64 -72.07
N ARG P 55 26.65 -78.73 -71.67
CA ARG P 55 26.30 -78.67 -70.26
C ARG P 55 26.01 -80.06 -69.68
N PRO P 56 26.16 -80.25 -68.39
CA PRO P 56 25.81 -81.53 -67.81
C PRO P 56 24.33 -81.73 -67.63
N ILE P 57 23.93 -82.77 -66.91
CA ILE P 57 22.54 -83.08 -66.68
C ILE P 57 22.33 -83.19 -65.17
N VAL P 58 21.41 -82.38 -64.65
CA VAL P 58 21.31 -82.06 -63.22
C VAL P 58 19.84 -82.08 -62.83
N ARG P 59 19.53 -82.74 -61.72
CA ARG P 59 18.19 -82.73 -61.15
C ARG P 59 18.05 -81.54 -60.22
N CYS P 60 16.83 -81.03 -60.11
CA CYS P 60 16.63 -79.69 -59.55
C CYS P 60 16.44 -79.74 -58.04
N PRO P 61 17.21 -79.01 -57.29
CA PRO P 61 17.32 -79.24 -55.85
C PRO P 61 16.21 -78.67 -54.98
N THR P 62 15.26 -79.48 -54.57
CA THR P 62 14.14 -79.14 -53.68
C THR P 62 13.47 -80.44 -53.29
N VAL P 63 12.23 -80.32 -52.80
CA VAL P 63 11.27 -81.41 -52.94
C VAL P 63 10.27 -81.11 -54.05
N ARG P 64 10.24 -79.89 -54.56
CA ARG P 64 9.25 -79.46 -55.53
C ARG P 64 9.65 -79.84 -56.94
N TYR P 65 10.91 -79.61 -57.31
CA TYR P 65 11.33 -79.77 -58.69
C TYR P 65 12.26 -80.94 -58.93
N HIS P 66 12.50 -81.78 -57.92
CA HIS P 66 13.48 -82.84 -58.12
C HIS P 66 12.94 -84.02 -58.90
N THR P 67 11.77 -83.90 -59.50
CA THR P 67 11.27 -84.91 -60.41
C THR P 67 11.45 -84.49 -61.87
N LYS P 68 12.22 -83.43 -62.11
CA LYS P 68 12.59 -83.03 -63.45
C LYS P 68 14.09 -82.85 -63.51
N VAL P 69 14.60 -82.52 -64.69
CA VAL P 69 16.04 -82.50 -64.88
C VAL P 69 16.41 -81.29 -65.75
N ARG P 70 17.67 -80.87 -65.62
CA ARG P 70 18.11 -79.54 -66.03
C ARG P 70 19.56 -79.58 -66.48
N ALA P 71 19.85 -78.89 -67.58
CA ALA P 71 21.25 -78.69 -67.95
C ALA P 71 21.93 -77.84 -66.89
N GLY P 72 22.95 -78.37 -66.24
CA GLY P 72 23.54 -77.71 -65.10
C GLY P 72 24.51 -76.62 -65.49
N ARG P 73 25.69 -76.59 -64.90
CA ARG P 73 26.70 -75.69 -65.41
C ARG P 73 27.92 -76.42 -65.96
N GLY P 74 28.59 -77.21 -65.14
CA GLY P 74 29.77 -77.89 -65.61
C GLY P 74 29.86 -79.35 -65.23
N PHE P 75 30.54 -80.12 -66.07
CA PHE P 75 30.74 -81.52 -65.79
C PHE P 75 31.64 -81.63 -64.57
N SER P 76 31.35 -82.59 -63.69
CA SER P 76 32.13 -82.76 -62.48
C SER P 76 33.57 -83.13 -62.82
N LEU P 77 34.50 -82.65 -62.01
CA LEU P 77 35.91 -82.93 -62.22
C LEU P 77 36.08 -84.43 -62.14
N GLU P 78 35.35 -85.05 -61.21
CA GLU P 78 35.44 -86.49 -61.04
C GLU P 78 34.60 -87.24 -62.06
N GLU P 79 33.51 -86.62 -62.53
CA GLU P 79 32.81 -87.16 -63.70
C GLU P 79 33.71 -87.16 -64.91
N LEU P 80 34.30 -86.01 -65.19
CA LEU P 80 35.12 -85.75 -66.34
C LEU P 80 36.44 -86.50 -66.27
N ARG P 81 36.84 -86.93 -65.08
CA ARG P 81 38.04 -87.71 -64.86
C ARG P 81 37.82 -89.17 -65.14
N VAL P 82 36.57 -89.63 -65.06
CA VAL P 82 36.27 -91.01 -65.43
C VAL P 82 36.36 -91.17 -66.94
N ALA P 83 35.96 -90.13 -67.69
CA ALA P 83 36.22 -90.09 -69.13
C ALA P 83 37.70 -89.98 -69.44
N GLY P 84 38.50 -89.55 -68.46
CA GLY P 84 39.94 -89.69 -68.50
C GLY P 84 40.70 -88.47 -68.98
N ILE P 85 40.02 -87.37 -69.25
CA ILE P 85 40.64 -86.26 -69.96
C ILE P 85 40.93 -85.15 -68.95
N HIS P 86 42.01 -84.42 -69.17
CA HIS P 86 42.54 -83.48 -68.20
C HIS P 86 41.67 -82.23 -68.22
N LYS P 87 41.89 -81.32 -67.26
CA LYS P 87 40.97 -80.20 -67.07
C LYS P 87 41.02 -79.19 -68.22
N LYS P 88 42.15 -78.49 -68.36
CA LYS P 88 42.17 -77.41 -69.33
C LYS P 88 42.37 -77.94 -70.75
N VAL P 89 42.67 -79.23 -70.88
CA VAL P 89 42.42 -79.92 -72.15
C VAL P 89 40.95 -79.80 -72.51
N ALA P 90 40.06 -80.04 -71.54
CA ALA P 90 38.65 -80.26 -71.83
C ALA P 90 37.93 -78.98 -72.23
N ARG P 91 38.36 -77.83 -71.74
CA ARG P 91 37.68 -76.60 -72.16
C ARG P 91 38.02 -76.25 -73.59
N THR P 92 39.20 -76.64 -74.05
CA THR P 92 39.53 -76.44 -75.45
C THR P 92 38.74 -77.38 -76.35
N ILE P 93 38.36 -78.55 -75.83
CA ILE P 93 37.43 -79.43 -76.52
C ILE P 93 36.07 -78.77 -76.62
N GLY P 94 35.69 -78.01 -75.60
CA GLY P 94 34.41 -77.31 -75.65
C GLY P 94 33.45 -77.88 -74.64
N ILE P 95 33.98 -78.36 -73.52
CA ILE P 95 33.20 -78.92 -72.44
C ILE P 95 33.29 -77.95 -71.27
N SER P 96 32.17 -77.74 -70.58
CA SER P 96 32.16 -76.88 -69.41
C SER P 96 32.68 -77.59 -68.18
N VAL P 97 33.42 -76.86 -67.35
CA VAL P 97 34.14 -77.40 -66.21
C VAL P 97 33.67 -76.69 -64.95
N ASP P 98 33.39 -77.45 -63.88
CA ASP P 98 32.90 -76.84 -62.66
C ASP P 98 33.54 -77.53 -61.45
N PRO P 99 34.37 -76.83 -60.66
CA PRO P 99 35.04 -77.51 -59.56
C PRO P 99 34.16 -77.73 -58.36
N ARG P 100 33.04 -77.02 -58.25
CA ARG P 100 32.30 -77.01 -57.01
C ARG P 100 31.39 -78.21 -56.85
N ARG P 101 31.20 -78.99 -57.90
CA ARG P 101 30.11 -79.94 -57.98
C ARG P 101 30.60 -81.33 -57.57
N ARG P 102 29.98 -81.90 -56.56
CA ARG P 102 30.25 -83.25 -56.06
C ARG P 102 29.52 -84.28 -56.92
N ASN P 103 29.56 -85.54 -56.50
CA ASN P 103 28.78 -86.62 -57.11
C ASN P 103 28.40 -87.61 -56.01
N LYS P 104 27.19 -87.47 -55.47
CA LYS P 104 26.77 -88.44 -54.47
C LYS P 104 26.19 -89.70 -55.08
N SER P 105 25.73 -89.64 -56.33
CA SER P 105 24.89 -90.68 -56.89
C SER P 105 25.53 -91.22 -58.16
N THR P 106 25.87 -92.52 -58.14
CA THR P 106 26.53 -93.13 -59.29
C THR P 106 25.57 -93.32 -60.46
N GLU P 107 24.27 -93.33 -60.20
CA GLU P 107 23.30 -93.29 -61.28
C GLU P 107 23.29 -91.92 -61.96
N SER P 108 23.56 -90.87 -61.20
CA SER P 108 23.79 -89.57 -61.81
C SER P 108 25.17 -89.52 -62.45
N LEU P 109 26.18 -90.03 -61.73
CA LEU P 109 27.57 -89.93 -62.15
C LEU P 109 27.83 -90.65 -63.46
N GLN P 110 27.33 -91.88 -63.58
CA GLN P 110 27.56 -92.64 -64.80
C GLN P 110 26.73 -92.13 -65.95
N ALA P 111 25.60 -91.47 -65.66
CA ALA P 111 24.78 -90.92 -66.72
C ALA P 111 25.49 -89.79 -67.44
N ASN P 112 26.31 -89.02 -66.72
CA ASN P 112 27.09 -87.99 -67.37
C ASN P 112 28.31 -88.57 -68.09
N VAL P 113 28.85 -89.69 -67.61
CA VAL P 113 29.95 -90.32 -68.32
C VAL P 113 29.45 -90.85 -69.65
N GLN P 114 28.21 -91.35 -69.66
CA GLN P 114 27.59 -91.71 -70.93
C GLN P 114 27.41 -90.50 -71.82
N ARG P 115 27.14 -89.34 -71.23
CA ARG P 115 27.00 -88.13 -72.03
C ARG P 115 28.34 -87.67 -72.58
N LEU P 116 29.43 -87.83 -71.83
CA LEU P 116 30.74 -87.47 -72.36
C LEU P 116 31.21 -88.45 -73.41
N LYS P 117 30.95 -89.74 -73.22
CA LYS P 117 31.18 -90.74 -74.26
C LYS P 117 30.35 -90.42 -75.49
N GLU P 118 29.15 -89.88 -75.29
CA GLU P 118 28.38 -89.39 -76.43
C GLU P 118 29.09 -88.24 -77.11
N TYR P 119 29.48 -87.20 -76.36
CA TYR P 119 30.02 -85.99 -76.97
C TYR P 119 31.37 -86.25 -77.62
N ARG P 120 32.19 -87.11 -77.03
CA ARG P 120 33.47 -87.39 -77.63
C ARG P 120 33.32 -88.31 -78.82
N SER P 121 32.25 -89.10 -78.86
CA SER P 121 31.85 -89.73 -80.11
C SER P 121 31.36 -88.70 -81.10
N LYS P 122 30.67 -87.66 -80.61
CA LYS P 122 30.04 -86.66 -81.48
C LYS P 122 31.07 -85.75 -82.12
N LEU P 123 32.21 -85.58 -81.49
CA LEU P 123 33.13 -84.49 -81.78
C LEU P 123 33.89 -84.71 -83.08
N ILE P 124 33.80 -83.74 -83.98
CA ILE P 124 34.67 -83.64 -85.15
C ILE P 124 35.53 -82.41 -84.93
N LEU P 125 36.80 -82.59 -84.61
CA LEU P 125 37.65 -81.43 -84.40
C LEU P 125 38.58 -81.27 -85.59
N PHE P 126 39.34 -80.18 -85.57
CA PHE P 126 40.31 -79.90 -86.61
C PHE P 126 41.65 -79.61 -85.94
N PRO P 127 42.75 -80.05 -86.55
CA PRO P 127 44.06 -79.78 -85.93
C PRO P 127 44.65 -78.47 -86.39
N ARG P 128 45.84 -78.17 -85.89
CA ARG P 128 46.71 -77.16 -86.46
C ARG P 128 47.60 -77.73 -87.56
N LYS P 129 48.21 -78.89 -87.28
CA LYS P 129 49.14 -79.61 -88.13
C LYS P 129 48.72 -81.07 -88.23
N PRO P 130 48.51 -81.61 -89.44
CA PRO P 130 47.81 -82.92 -89.54
C PRO P 130 48.70 -84.13 -89.28
N SER P 131 49.18 -84.17 -88.05
CA SER P 131 50.00 -85.27 -87.55
C SER P 131 49.10 -86.47 -87.17
N ALA P 132 47.79 -86.29 -87.37
CA ALA P 132 46.71 -87.26 -87.11
C ALA P 132 46.47 -87.75 -85.69
N PRO P 133 46.57 -86.86 -84.69
CA PRO P 133 46.25 -87.32 -83.35
C PRO P 133 44.89 -86.75 -82.98
N LYS P 134 43.90 -87.61 -82.73
CA LYS P 134 42.54 -87.15 -82.36
C LYS P 134 41.99 -86.14 -83.37
N LYS P 135 42.16 -86.43 -84.67
CA LYS P 135 41.70 -85.51 -85.68
C LYS P 135 40.77 -86.19 -86.68
N GLY P 136 40.24 -85.39 -87.59
CA GLY P 136 39.21 -85.84 -88.52
C GLY P 136 39.68 -85.80 -89.97
N ASP P 137 39.25 -86.81 -90.72
CA ASP P 137 39.37 -86.90 -92.17
C ASP P 137 38.47 -85.89 -92.87
N SER P 138 38.42 -85.92 -94.21
CA SER P 138 37.50 -85.05 -94.94
C SER P 138 36.09 -85.52 -94.63
N SER P 139 35.42 -84.80 -93.73
CA SER P 139 34.30 -85.32 -92.94
C SER P 139 33.03 -84.51 -93.19
N ALA P 140 32.27 -84.93 -94.21
CA ALA P 140 30.88 -84.52 -94.45
C ALA P 140 30.70 -83.01 -94.59
N GLU P 141 31.72 -82.35 -95.13
CA GLU P 141 31.82 -80.90 -95.31
C GLU P 141 31.51 -80.18 -94.01
N GLU P 142 32.37 -80.42 -93.01
CA GLU P 142 32.22 -79.90 -91.64
C GLU P 142 30.91 -80.37 -91.01
N LEU P 143 30.52 -81.61 -91.37
CA LEU P 143 29.37 -82.36 -90.87
C LEU P 143 28.06 -81.57 -91.00
N LYS P 144 27.82 -81.13 -92.24
CA LYS P 144 26.51 -80.78 -92.81
C LYS P 144 25.91 -79.48 -92.27
N LEU P 145 26.46 -78.95 -91.17
CA LEU P 145 26.06 -77.69 -90.54
C LEU P 145 27.18 -77.31 -89.59
N ALA P 146 27.49 -76.02 -89.57
CA ALA P 146 28.54 -75.57 -88.65
C ALA P 146 28.01 -75.41 -87.23
N THR P 147 26.75 -75.04 -87.07
CA THR P 147 26.30 -74.56 -85.78
C THR P 147 25.05 -75.33 -85.36
N GLN P 148 24.97 -75.61 -84.06
CA GLN P 148 23.90 -76.33 -83.44
C GLN P 148 22.91 -75.34 -82.85
N LEU P 149 21.82 -75.85 -82.28
CA LEU P 149 20.78 -74.98 -81.75
C LEU P 149 20.39 -75.45 -80.36
N THR P 150 20.58 -74.56 -79.38
CA THR P 150 20.13 -74.70 -78.00
C THR P 150 20.74 -75.94 -77.35
N GLY P 151 22.06 -75.91 -77.23
CA GLY P 151 22.80 -77.04 -76.75
C GLY P 151 23.06 -78.02 -77.88
N PRO P 152 24.12 -78.76 -77.79
CA PRO P 152 24.45 -79.69 -78.87
C PRO P 152 23.56 -80.93 -78.92
N VAL P 153 22.95 -81.32 -77.80
CA VAL P 153 22.37 -82.66 -77.69
C VAL P 153 20.89 -82.61 -77.32
N MET P 154 20.26 -81.40 -77.27
CA MET P 154 18.94 -81.18 -76.66
C MET P 154 18.93 -81.67 -75.22
N PRO P 155 19.42 -80.86 -74.28
CA PRO P 155 19.74 -81.36 -72.94
C PRO P 155 18.57 -81.75 -72.08
N VAL P 156 17.33 -81.40 -72.43
CA VAL P 156 16.26 -81.66 -71.48
C VAL P 156 15.85 -83.11 -71.59
N ARG P 157 15.14 -83.44 -72.68
CA ARG P 157 14.68 -84.78 -73.10
C ARG P 157 14.27 -85.63 -71.91
N ASN P 158 13.35 -85.09 -71.11
CA ASN P 158 13.12 -85.61 -69.76
C ASN P 158 12.49 -86.99 -69.83
N VAL P 159 13.17 -87.95 -69.22
CA VAL P 159 12.97 -89.35 -69.56
C VAL P 159 11.71 -89.87 -68.88
N TYR P 160 10.92 -90.62 -69.63
CA TYR P 160 9.66 -91.11 -69.11
C TYR P 160 9.68 -92.62 -68.99
N LYS P 161 8.88 -93.10 -68.05
CA LYS P 161 8.78 -94.48 -67.65
C LYS P 161 7.46 -95.04 -68.16
N LYS P 162 7.48 -96.28 -68.64
CA LYS P 162 6.21 -96.85 -69.08
C LYS P 162 5.58 -97.69 -67.96
N GLU P 163 6.26 -98.78 -67.58
CA GLU P 163 5.72 -99.82 -66.69
C GLU P 163 4.30 -100.20 -67.09
N LYS P 164 4.18 -100.82 -68.26
CA LYS P 164 2.98 -100.71 -69.07
C LYS P 164 1.76 -101.38 -68.43
N ALA P 165 1.90 -102.64 -68.08
CA ALA P 165 0.76 -103.34 -67.53
C ALA P 165 1.27 -104.46 -66.64
N ARG P 166 0.45 -104.82 -65.67
CA ARG P 166 0.70 -105.98 -64.84
C ARG P 166 -0.61 -106.39 -64.21
N VAL P 167 -0.71 -107.67 -63.92
CA VAL P 167 -1.80 -108.14 -63.09
C VAL P 167 -1.56 -107.65 -61.68
N ILE P 168 -2.61 -107.23 -60.99
CA ILE P 168 -2.50 -107.00 -59.57
C ILE P 168 -2.51 -108.36 -58.87
N THR P 169 -1.71 -108.47 -57.80
CA THR P 169 -1.40 -109.73 -57.16
C THR P 169 -2.07 -109.78 -55.81
N GLU P 170 -2.02 -110.97 -55.20
CA GLU P 170 -2.34 -111.09 -53.78
C GLU P 170 -1.26 -110.40 -52.95
N GLU P 171 -1.66 -110.00 -51.75
CA GLU P 171 -0.82 -109.45 -50.69
C GLU P 171 -0.25 -108.05 -50.97
N GLU P 172 -0.55 -107.44 -52.12
CA GLU P 172 -0.32 -106.01 -52.25
C GLU P 172 -1.59 -105.22 -52.01
N LYS P 173 -2.69 -105.64 -52.60
CA LYS P 173 -3.99 -105.08 -52.25
C LYS P 173 -4.50 -105.60 -50.93
N ASN P 174 -3.79 -106.51 -50.28
CA ASN P 174 -4.12 -106.98 -48.95
C ASN P 174 -3.35 -106.24 -47.86
N PHE P 175 -2.18 -105.68 -48.15
CA PHE P 175 -1.33 -105.19 -47.08
C PHE P 175 -1.08 -103.69 -47.13
N LYS P 176 -0.90 -103.11 -48.32
CA LYS P 176 -0.54 -101.70 -48.45
C LYS P 176 -1.64 -100.80 -47.90
N ALA P 177 -1.22 -99.62 -47.43
CA ALA P 177 -2.16 -98.81 -46.69
C ALA P 177 -1.77 -97.34 -46.72
N PHE P 178 -2.80 -96.51 -46.60
CA PHE P 178 -2.68 -95.17 -46.03
C PHE P 178 -1.90 -95.20 -44.73
N ALA P 179 -2.27 -96.12 -43.83
CA ALA P 179 -1.78 -96.10 -42.46
C ALA P 179 -0.29 -96.37 -42.35
N SER P 180 0.30 -97.02 -43.34
CA SER P 180 1.74 -97.23 -43.30
C SER P 180 2.51 -95.95 -43.65
N LEU P 181 1.83 -94.90 -44.12
CA LEU P 181 2.38 -93.56 -43.98
C LEU P 181 2.25 -93.08 -42.54
N ARG P 182 1.04 -93.15 -41.99
CA ARG P 182 0.77 -92.60 -40.67
C ARG P 182 1.50 -93.36 -39.59
N MET P 183 1.65 -94.67 -39.75
CA MET P 183 2.43 -95.43 -38.79
C MET P 183 3.90 -95.05 -38.89
N ALA P 184 4.39 -94.84 -40.10
CA ALA P 184 5.79 -94.47 -40.26
C ALA P 184 6.05 -93.00 -39.94
N ARG P 185 5.08 -92.12 -40.22
CA ARG P 185 5.27 -90.70 -39.87
C ARG P 185 5.30 -90.54 -38.37
N ALA P 186 4.43 -91.26 -37.68
CA ALA P 186 4.46 -91.24 -36.22
C ALA P 186 5.63 -92.04 -35.67
N ASN P 187 6.17 -92.98 -36.45
CA ASN P 187 7.37 -93.69 -36.03
C ASN P 187 8.55 -92.74 -35.96
N ALA P 188 8.64 -91.80 -36.90
CA ALA P 188 9.79 -90.91 -36.97
C ALA P 188 9.77 -89.88 -35.86
N ARG P 189 8.60 -89.42 -35.46
CA ARG P 189 8.53 -88.36 -34.46
C ARG P 189 8.87 -88.88 -33.08
N LEU P 190 8.76 -90.18 -32.85
CA LEU P 190 8.89 -90.76 -31.53
C LEU P 190 10.15 -91.60 -31.36
N PHE P 191 11.06 -91.55 -32.34
CA PHE P 191 12.29 -92.33 -32.24
C PHE P 191 13.21 -91.83 -31.15
N GLY P 192 13.17 -90.53 -30.86
CA GLY P 192 14.00 -89.96 -29.82
C GLY P 192 13.56 -90.35 -28.43
N ILE P 193 12.26 -90.28 -28.17
CA ILE P 193 11.79 -90.48 -26.80
C ILE P 193 11.63 -91.97 -26.50
N ARG P 194 11.23 -92.78 -27.49
CA ARG P 194 11.15 -94.22 -27.27
C ARG P 194 12.52 -94.82 -27.03
N ALA P 195 13.55 -94.24 -27.64
CA ALA P 195 14.90 -94.61 -27.26
C ALA P 195 15.16 -94.26 -25.81
N LYS P 196 14.75 -93.08 -25.38
CA LYS P 196 15.12 -92.59 -24.06
C LYS P 196 14.26 -93.22 -22.96
N ARG P 197 12.97 -93.43 -23.22
CA ARG P 197 12.08 -93.96 -22.16
C ARG P 197 12.43 -95.40 -21.81
N ALA P 198 12.80 -96.19 -22.81
CA ALA P 198 13.29 -97.54 -22.53
C ALA P 198 14.70 -97.52 -21.97
N LYS P 199 15.52 -96.52 -22.34
CA LYS P 199 16.87 -96.44 -21.80
C LYS P 199 16.86 -96.11 -20.32
N GLU P 200 15.99 -95.20 -19.89
CA GLU P 200 15.85 -94.95 -18.47
C GLU P 200 14.99 -96.00 -17.77
N ALA P 201 14.31 -96.85 -18.53
CA ALA P 201 13.68 -98.02 -17.91
C ALA P 201 14.72 -99.01 -17.43
N ALA P 202 15.76 -99.26 -18.23
CA ALA P 202 16.81 -100.18 -17.84
C ALA P 202 17.94 -99.51 -17.08
N GLU P 203 17.94 -98.18 -16.99
CA GLU P 203 18.88 -97.46 -16.15
C GLU P 203 18.37 -97.34 -14.71
N GLN P 204 17.06 -97.49 -14.52
CA GLN P 204 16.45 -97.43 -13.19
C GLN P 204 17.00 -98.52 -12.27
N ASP P 205 16.74 -99.78 -12.60
CA ASP P 205 17.32 -100.97 -11.95
C ASP P 205 17.06 -101.02 -10.44
N VAL Q 1 -99.89 18.86 -50.53
CA VAL Q 1 -98.73 17.97 -50.49
C VAL Q 1 -99.19 16.59 -50.10
N PHE Q 2 -98.67 15.57 -50.81
CA PHE Q 2 -99.09 14.17 -50.69
C PHE Q 2 -100.59 14.04 -50.95
N ARG Q 3 -100.95 14.34 -52.20
CA ARG Q 3 -102.35 14.29 -52.60
C ARG Q 3 -102.87 12.86 -52.56
N ARG Q 4 -102.01 11.89 -52.85
CA ARG Q 4 -102.38 10.49 -52.82
C ARG Q 4 -101.57 9.73 -51.78
N PHE Q 5 -102.28 8.91 -51.02
CA PHE Q 5 -101.70 8.11 -49.97
C PHE Q 5 -101.85 6.67 -50.38
N VAL Q 6 -100.98 5.78 -49.89
CA VAL Q 6 -101.31 4.38 -50.03
C VAL Q 6 -102.45 4.07 -49.09
N GLU Q 7 -103.33 3.19 -49.53
CA GLU Q 7 -104.65 3.23 -48.95
C GLU Q 7 -105.32 1.91 -49.21
N VAL Q 8 -106.09 1.46 -48.21
CA VAL Q 8 -107.00 0.36 -48.44
C VAL Q 8 -108.00 0.81 -49.49
N GLY Q 9 -107.90 0.20 -50.67
CA GLY Q 9 -108.72 0.68 -51.76
C GLY Q 9 -108.11 1.78 -52.60
N ARG Q 10 -106.82 1.68 -52.90
CA ARG Q 10 -106.23 2.52 -53.94
C ARG Q 10 -105.67 1.64 -55.04
N VAL Q 11 -106.13 1.87 -56.27
CA VAL Q 11 -105.56 1.14 -57.39
C VAL Q 11 -104.14 1.65 -57.61
N ALA Q 12 -103.23 0.76 -57.96
CA ALA Q 12 -101.82 1.14 -57.99
C ALA Q 12 -101.15 0.55 -59.22
N TYR Q 13 -100.48 1.40 -59.99
CA TYR Q 13 -99.77 0.98 -61.19
C TYR Q 13 -98.53 0.22 -60.77
N VAL Q 14 -98.02 -0.62 -61.66
CA VAL Q 14 -96.86 -1.45 -61.37
C VAL Q 14 -95.79 -1.15 -62.41
N SER Q 15 -94.58 -0.83 -61.96
CA SER Q 15 -93.54 -0.36 -62.86
C SER Q 15 -92.61 -1.48 -63.34
N PHE Q 16 -91.93 -2.13 -62.41
CA PHE Q 16 -90.85 -3.06 -62.74
C PHE Q 16 -91.21 -4.47 -62.33
N GLY Q 17 -90.94 -5.42 -63.21
CA GLY Q 17 -90.87 -6.80 -62.79
C GLY Q 17 -91.77 -7.75 -63.56
N PRO Q 18 -92.27 -8.77 -62.85
CA PRO Q 18 -93.14 -9.75 -63.51
C PRO Q 18 -94.50 -9.20 -63.90
N HIS Q 19 -95.08 -8.34 -63.08
CA HIS Q 19 -96.45 -7.90 -63.25
C HIS Q 19 -96.50 -6.46 -63.73
N ALA Q 20 -95.59 -6.12 -64.64
CA ALA Q 20 -95.43 -4.74 -65.07
C ALA Q 20 -96.59 -4.28 -65.93
N GLY Q 21 -96.80 -2.97 -65.93
CA GLY Q 21 -97.78 -2.35 -66.78
C GLY Q 21 -99.23 -2.63 -66.44
N LYS Q 22 -99.52 -3.35 -65.37
CA LYS Q 22 -100.89 -3.64 -65.02
C LYS Q 22 -101.19 -3.03 -63.66
N LEU Q 23 -102.47 -3.02 -63.32
CA LEU Q 23 -102.97 -2.37 -62.12
C LEU Q 23 -103.25 -3.38 -61.03
N VAL Q 24 -102.89 -3.04 -59.80
CA VAL Q 24 -103.29 -3.80 -58.64
C VAL Q 24 -104.13 -2.87 -57.78
N ALA Q 25 -104.85 -3.46 -56.83
CA ALA Q 25 -105.60 -2.70 -55.85
C ALA Q 25 -105.06 -3.08 -54.48
N ILE Q 26 -104.52 -2.10 -53.76
CA ILE Q 26 -103.83 -2.39 -52.51
C ILE Q 26 -104.86 -2.76 -51.46
N VAL Q 27 -104.78 -3.99 -50.96
CA VAL Q 27 -105.72 -4.40 -49.92
C VAL Q 27 -105.35 -3.77 -48.60
N ASP Q 28 -104.22 -4.18 -48.01
CA ASP Q 28 -103.75 -3.56 -46.79
C ASP Q 28 -102.24 -3.64 -46.74
N VAL Q 29 -101.64 -2.84 -45.90
CA VAL Q 29 -100.19 -2.85 -45.76
C VAL Q 29 -99.79 -4.06 -44.93
N ILE Q 30 -98.83 -4.84 -45.44
CA ILE Q 30 -98.34 -5.94 -44.62
C ILE Q 30 -97.42 -5.36 -43.57
N ASP Q 31 -96.26 -4.86 -43.98
CA ASP Q 31 -95.36 -4.22 -43.03
C ASP Q 31 -94.45 -3.25 -43.80
N GLN Q 32 -94.83 -1.98 -43.86
CA GLN Q 32 -93.92 -0.84 -44.08
C GLN Q 32 -93.25 -0.79 -45.45
N ASN Q 33 -93.11 -1.95 -46.08
CA ASN Q 33 -92.17 -2.19 -47.15
C ASN Q 33 -92.74 -3.09 -48.23
N ARG Q 34 -93.75 -3.91 -47.92
CA ARG Q 34 -94.59 -4.49 -48.95
C ARG Q 34 -96.01 -4.61 -48.41
N ALA Q 35 -96.96 -4.75 -49.33
CA ALA Q 35 -98.37 -4.67 -49.00
C ALA Q 35 -99.15 -5.60 -49.89
N LEU Q 36 -100.15 -6.27 -49.32
CA LEU Q 36 -100.88 -7.30 -50.04
C LEU Q 36 -101.77 -6.66 -51.09
N VAL Q 37 -101.58 -7.06 -52.34
CA VAL Q 37 -102.31 -6.48 -53.46
C VAL Q 37 -103.04 -7.58 -54.22
N ASP Q 38 -104.00 -7.16 -55.04
CA ASP Q 38 -104.87 -8.10 -55.71
C ASP Q 38 -105.58 -7.39 -56.85
N GLY Q 39 -105.44 -7.89 -58.06
CA GLY Q 39 -106.21 -7.36 -59.15
C GLY Q 39 -107.04 -8.43 -59.83
N PRO Q 40 -108.33 -8.50 -59.45
CA PRO Q 40 -109.22 -9.45 -60.12
C PRO Q 40 -109.43 -9.06 -61.58
N CYS Q 41 -109.63 -7.76 -61.80
CA CYS Q 41 -109.84 -7.21 -63.13
C CYS Q 41 -108.63 -7.36 -64.04
N THR Q 42 -107.45 -7.16 -63.47
CA THR Q 42 -106.19 -7.20 -64.20
C THR Q 42 -105.55 -8.58 -64.25
N GLN Q 43 -106.28 -9.58 -63.76
CA GLN Q 43 -105.82 -10.96 -63.75
C GLN Q 43 -104.48 -11.15 -63.05
N VAL Q 44 -104.31 -10.47 -61.92
CA VAL Q 44 -103.10 -10.58 -61.14
C VAL Q 44 -103.44 -11.41 -59.91
N ARG Q 45 -102.68 -12.49 -59.70
CA ARG Q 45 -102.94 -13.38 -58.57
C ARG Q 45 -102.74 -12.66 -57.24
N ARG Q 46 -103.65 -12.92 -56.31
CA ARG Q 46 -103.58 -12.31 -54.98
C ARG Q 46 -102.26 -12.64 -54.29
N GLN Q 47 -101.43 -11.62 -54.07
CA GLN Q 47 -100.04 -11.82 -53.64
C GLN Q 47 -99.48 -10.52 -53.12
N ALA Q 48 -98.27 -10.59 -52.59
CA ALA Q 48 -97.61 -9.42 -52.02
C ALA Q 48 -96.74 -8.75 -53.06
N MET Q 49 -96.50 -7.44 -52.86
CA MET Q 49 -95.62 -6.64 -53.71
C MET Q 49 -94.92 -5.51 -52.95
N PRO Q 50 -93.63 -5.28 -53.22
CA PRO Q 50 -92.92 -4.18 -52.53
C PRO Q 50 -93.40 -2.83 -52.99
N PHE Q 51 -93.23 -1.83 -52.12
CA PHE Q 51 -93.75 -0.49 -52.41
C PHE Q 51 -92.97 0.20 -53.51
N LYS Q 52 -91.66 -0.03 -53.59
CA LYS Q 52 -90.89 0.56 -54.68
C LYS Q 52 -91.15 -0.14 -56.00
N CYS Q 53 -91.66 -1.37 -55.96
CA CYS Q 53 -92.04 -2.07 -57.18
C CYS Q 53 -93.23 -1.42 -57.84
N MET Q 54 -94.16 -0.94 -57.05
CA MET Q 54 -95.35 -0.36 -57.62
C MET Q 54 -95.15 1.15 -57.83
N GLN Q 55 -96.29 1.82 -58.01
CA GLN Q 55 -96.36 3.13 -58.62
C GLN Q 55 -97.75 3.66 -58.32
N LEU Q 56 -97.85 4.76 -57.60
CA LEU Q 56 -99.18 5.15 -57.16
C LEU Q 56 -99.95 5.82 -58.31
N THR Q 57 -101.27 5.85 -58.16
CA THR Q 57 -102.22 6.34 -59.14
C THR Q 57 -103.02 7.47 -58.52
N ASP Q 58 -104.12 7.83 -59.16
CA ASP Q 58 -104.97 8.88 -58.64
C ASP Q 58 -106.42 8.46 -58.47
N PHE Q 59 -106.72 7.16 -58.51
CA PHE Q 59 -108.05 6.65 -58.22
C PHE Q 59 -108.07 5.98 -56.85
N ILE Q 60 -109.25 5.90 -56.26
CA ILE Q 60 -109.44 5.14 -55.03
C ILE Q 60 -110.62 4.20 -55.20
N LEU Q 61 -110.79 3.30 -54.23
CA LEU Q 61 -111.92 2.38 -54.21
C LEU Q 61 -112.45 2.26 -52.78
N LYS Q 62 -113.65 1.70 -52.66
CA LYS Q 62 -114.29 1.44 -51.37
C LYS Q 62 -114.55 -0.05 -51.22
N PHE Q 63 -113.58 -0.77 -50.71
CA PHE Q 63 -113.82 -2.12 -50.25
C PHE Q 63 -113.25 -2.28 -48.85
N PRO Q 64 -113.76 -3.24 -48.06
CA PRO Q 64 -113.31 -3.36 -46.67
C PRO Q 64 -111.85 -3.78 -46.58
N HIS Q 65 -111.24 -3.36 -45.49
CA HIS Q 65 -109.92 -3.83 -45.09
C HIS Q 65 -109.91 -5.34 -44.96
N SER Q 66 -108.96 -5.95 -45.68
CA SER Q 66 -108.78 -7.40 -45.76
C SER Q 66 -110.05 -8.10 -46.26
N ALA Q 67 -110.38 -7.81 -47.52
CA ALA Q 67 -111.54 -8.37 -48.22
C ALA Q 67 -111.11 -9.46 -49.18
N HIS Q 68 -112.07 -10.28 -49.61
CA HIS Q 68 -111.78 -11.35 -50.56
C HIS Q 68 -111.94 -10.86 -52.00
N GLN Q 69 -111.72 -11.78 -52.93
CA GLN Q 69 -111.55 -11.42 -54.33
C GLN Q 69 -112.85 -10.91 -54.93
N LYS Q 70 -113.96 -11.54 -54.58
CA LYS Q 70 -115.26 -11.14 -55.10
C LYS Q 70 -115.66 -9.75 -54.61
N TYR Q 71 -115.27 -9.40 -53.39
CA TYR Q 71 -115.68 -8.13 -52.84
C TYR Q 71 -114.84 -6.97 -53.35
N VAL Q 72 -113.64 -7.24 -53.87
CA VAL Q 72 -112.91 -6.23 -54.62
C VAL Q 72 -113.49 -6.07 -56.01
N ARG Q 73 -113.90 -7.19 -56.62
CA ARG Q 73 -114.48 -7.19 -57.96
C ARG Q 73 -115.77 -6.38 -58.02
N GLN Q 74 -116.56 -6.42 -56.95
CA GLN Q 74 -117.78 -5.63 -56.92
C GLN Q 74 -117.48 -4.15 -56.80
N ALA Q 75 -116.42 -3.81 -56.08
CA ALA Q 75 -115.90 -2.45 -56.13
C ALA Q 75 -115.34 -2.14 -57.51
N TRP Q 76 -114.83 -3.15 -58.19
CA TRP Q 76 -114.16 -2.94 -59.47
C TRP Q 76 -115.18 -2.66 -60.57
N GLN Q 77 -116.20 -3.52 -60.68
CA GLN Q 77 -117.14 -3.45 -61.80
C GLN Q 77 -118.06 -2.25 -61.72
N LYS Q 78 -118.31 -1.72 -60.52
CA LYS Q 78 -119.11 -0.52 -60.40
C LYS Q 78 -118.31 0.70 -60.80
N ALA Q 79 -117.03 0.73 -60.46
CA ALA Q 79 -116.22 1.91 -60.72
C ALA Q 79 -115.74 1.98 -62.16
N ASP Q 80 -115.73 0.84 -62.88
CA ASP Q 80 -115.20 0.71 -64.24
C ASP Q 80 -113.76 1.19 -64.31
N ILE Q 81 -112.88 0.49 -63.60
CA ILE Q 81 -111.48 0.91 -63.51
C ILE Q 81 -110.82 0.79 -64.88
N ASN Q 82 -111.18 -0.21 -65.66
CA ASN Q 82 -110.50 -0.49 -66.92
C ASN Q 82 -110.83 0.54 -67.98
N THR Q 83 -112.06 1.04 -67.98
CA THR Q 83 -112.43 2.04 -68.97
C THR Q 83 -111.97 3.43 -68.54
N LYS Q 84 -112.11 3.74 -67.26
CA LYS Q 84 -111.82 5.08 -66.76
C LYS Q 84 -110.33 5.39 -66.70
N TRP Q 85 -109.51 4.35 -66.62
CA TRP Q 85 -108.05 4.51 -66.67
C TRP Q 85 -107.66 5.01 -68.03
N ALA Q 86 -107.96 4.22 -69.05
CA ALA Q 86 -107.38 4.37 -70.38
C ALA Q 86 -107.68 5.71 -71.04
N ALA Q 87 -108.70 6.43 -70.60
CA ALA Q 87 -108.89 7.82 -71.02
C ALA Q 87 -108.30 8.80 -70.01
N THR Q 88 -107.12 8.51 -69.47
CA THR Q 88 -106.35 9.53 -68.78
C THR Q 88 -105.02 9.68 -69.52
N ARG Q 89 -104.34 10.80 -69.29
CA ARG Q 89 -103.24 11.13 -70.17
C ARG Q 89 -101.97 10.36 -69.86
N TRP Q 90 -101.81 9.92 -68.62
CA TRP Q 90 -100.73 9.02 -68.29
C TRP Q 90 -101.02 7.61 -68.74
N ALA Q 91 -102.29 7.32 -69.05
CA ALA Q 91 -102.58 6.12 -69.82
C ALA Q 91 -102.37 6.35 -71.31
N LYS Q 92 -102.61 7.57 -71.77
CA LYS Q 92 -102.22 7.92 -73.14
C LYS Q 92 -100.72 7.83 -73.33
N LYS Q 93 -99.94 8.32 -72.36
CA LYS Q 93 -98.48 8.37 -72.48
C LYS Q 93 -97.87 6.99 -72.56
N ILE Q 94 -98.51 5.99 -72.00
CA ILE Q 94 -98.04 4.63 -72.20
C ILE Q 94 -98.34 4.19 -73.63
N GLU Q 95 -99.55 4.45 -74.11
CA GLU Q 95 -99.99 3.87 -75.37
C GLU Q 95 -99.26 4.48 -76.56
N ALA Q 96 -99.09 5.81 -76.56
CA ALA Q 96 -98.33 6.45 -77.61
C ALA Q 96 -96.86 6.07 -77.56
N ARG Q 97 -96.39 5.63 -76.39
CA ARG Q 97 -95.01 5.15 -76.33
C ARG Q 97 -94.88 3.78 -76.97
N GLU Q 98 -95.86 2.90 -76.79
CA GLU Q 98 -95.76 1.57 -77.40
C GLU Q 98 -95.94 1.59 -78.89
N ARG Q 99 -96.54 2.66 -79.41
CA ARG Q 99 -96.46 2.88 -80.84
C ARG Q 99 -95.03 3.11 -81.28
N LYS Q 100 -94.30 3.96 -80.54
CA LYS Q 100 -92.91 4.29 -80.89
C LYS Q 100 -92.02 3.08 -80.79
N ALA Q 101 -92.26 2.23 -79.80
CA ALA Q 101 -91.45 1.04 -79.66
C ALA Q 101 -91.75 0.02 -80.75
N LYS Q 102 -92.96 0.05 -81.31
CA LYS Q 102 -93.37 -0.91 -82.33
C LYS Q 102 -93.52 -0.26 -83.69
N MET Q 103 -92.71 0.76 -83.98
CA MET Q 103 -92.66 1.29 -85.32
C MET Q 103 -92.07 0.27 -86.27
N THR Q 104 -92.43 0.39 -87.53
CA THR Q 104 -91.74 -0.38 -88.56
C THR Q 104 -90.96 0.55 -89.47
N ASP Q 105 -90.31 -0.02 -90.48
CA ASP Q 105 -89.50 0.79 -91.38
C ASP Q 105 -90.38 1.67 -92.26
N PHE Q 106 -91.49 1.13 -92.72
CA PHE Q 106 -92.37 1.91 -93.57
C PHE Q 106 -93.03 3.03 -92.77
N ASP Q 107 -93.26 2.82 -91.49
CA ASP Q 107 -93.92 3.82 -90.66
C ASP Q 107 -92.98 4.93 -90.24
N ARG Q 108 -91.68 4.67 -90.15
CA ARG Q 108 -90.77 5.80 -89.97
C ARG Q 108 -90.70 6.65 -91.21
N PHE Q 109 -90.91 6.05 -92.38
CA PHE Q 109 -90.94 6.83 -93.61
C PHE Q 109 -92.17 7.73 -93.67
N LYS Q 110 -93.34 7.20 -93.28
CA LYS Q 110 -94.54 8.02 -93.33
C LYS Q 110 -94.53 9.08 -92.23
N VAL Q 111 -93.87 8.80 -91.11
CA VAL Q 111 -93.67 9.87 -90.13
C VAL Q 111 -92.74 10.92 -90.70
N MET Q 112 -91.65 10.49 -91.34
CA MET Q 112 -90.60 11.40 -91.80
C MET Q 112 -91.10 12.35 -92.87
N LYS Q 113 -92.03 11.90 -93.70
CA LYS Q 113 -92.64 12.85 -94.62
C LYS Q 113 -93.61 13.78 -93.88
N ALA Q 114 -94.24 13.28 -92.80
CA ALA Q 114 -95.22 14.07 -92.07
C ALA Q 114 -94.55 14.85 -90.95
N LYS Q 115 -93.33 14.48 -90.60
CA LYS Q 115 -92.56 15.29 -89.66
C LYS Q 115 -91.92 16.46 -90.38
N LYS Q 116 -91.63 16.32 -91.69
CA LYS Q 116 -91.11 17.44 -92.47
C LYS Q 116 -92.20 18.47 -92.77
N MET Q 117 -93.29 18.02 -93.42
CA MET Q 117 -94.29 18.94 -93.94
C MET Q 117 -95.03 19.68 -92.82
N ARG Q 118 -95.29 18.99 -91.70
CA ARG Q 118 -95.96 19.65 -90.57
C ARG Q 118 -95.07 20.70 -89.95
N ASN Q 119 -93.75 20.43 -89.86
CA ASN Q 119 -92.86 21.43 -89.32
C ASN Q 119 -92.67 22.61 -90.24
N ARG Q 120 -92.75 22.40 -91.56
CA ARG Q 120 -92.44 23.53 -92.44
C ARG Q 120 -93.62 24.48 -92.55
N ILE Q 121 -94.85 23.97 -92.47
CA ILE Q 121 -96.05 24.82 -92.42
C ILE Q 121 -95.98 25.77 -91.24
N ILE Q 122 -95.62 25.25 -90.07
CA ILE Q 122 -95.45 26.07 -88.89
C ILE Q 122 -94.28 27.03 -89.04
N LYS Q 123 -93.22 26.59 -89.73
CA LYS Q 123 -91.97 27.34 -89.77
C LYS Q 123 -92.11 28.64 -90.55
N ASN Q 124 -92.83 28.62 -91.67
CA ASN Q 124 -93.13 29.87 -92.36
C ASN Q 124 -94.28 30.61 -91.71
N GLU Q 125 -95.22 29.92 -91.06
CA GLU Q 125 -96.32 30.65 -90.43
C GLU Q 125 -95.88 31.32 -89.14
N VAL Q 126 -94.85 30.79 -88.48
CA VAL Q 126 -94.24 31.51 -87.36
C VAL Q 126 -93.52 32.76 -87.87
N LYS Q 127 -92.84 32.65 -89.02
CA LYS Q 127 -92.24 33.82 -89.65
C LYS Q 127 -93.31 34.84 -90.02
N LYS Q 128 -94.45 34.37 -90.53
CA LYS Q 128 -95.55 35.26 -90.87
C LYS Q 128 -96.19 35.85 -89.62
N LEU Q 129 -96.27 35.07 -88.55
CA LEU Q 129 -96.77 35.61 -87.29
C LEU Q 129 -95.83 36.64 -86.69
N GLN Q 130 -94.53 36.39 -86.72
CA GLN Q 130 -93.62 37.39 -86.16
C GLN Q 130 -93.42 38.57 -87.09
N LYS Q 131 -93.71 38.40 -88.39
CA LYS Q 131 -93.79 39.55 -89.28
C LYS Q 131 -94.86 40.52 -88.82
N ALA Q 132 -96.06 40.02 -88.55
CA ALA Q 132 -97.13 40.87 -88.04
C ALA Q 132 -96.88 41.30 -86.60
N ALA Q 133 -96.05 40.55 -85.87
CA ALA Q 133 -95.69 40.97 -84.52
C ALA Q 133 -94.73 42.16 -84.55
N LEU Q 134 -93.67 42.06 -85.36
CA LEU Q 134 -92.66 43.12 -85.36
C LEU Q 134 -93.06 44.32 -86.19
N LEU Q 135 -93.91 44.14 -87.21
CA LEU Q 135 -94.33 45.29 -88.01
C LEU Q 135 -95.33 46.15 -87.25
N LYS Q 136 -96.26 45.55 -86.52
CA LYS Q 136 -97.27 46.34 -85.84
C LYS Q 136 -96.73 46.91 -84.53
N ALA Q 137 -95.98 46.13 -83.77
CA ALA Q 137 -95.50 46.57 -82.48
C ALA Q 137 -94.19 47.34 -82.53
N SER Q 138 -93.62 47.60 -83.71
CA SER Q 138 -92.48 48.52 -83.75
C SER Q 138 -92.99 49.97 -83.65
N PRO Q 139 -94.16 50.31 -84.23
CA PRO Q 139 -94.82 51.46 -83.59
C PRO Q 139 -95.39 51.10 -82.21
N GLY R 1 60.85 -69.77 -44.40
CA GLY R 1 61.34 -70.44 -43.22
C GLY R 1 60.97 -69.68 -41.98
N ALA R 2 61.30 -68.39 -41.98
CA ALA R 2 61.08 -67.53 -40.82
C ALA R 2 59.81 -66.73 -40.90
N TYR R 3 59.21 -66.61 -42.08
CA TYR R 3 57.95 -65.89 -42.16
C TYR R 3 56.80 -66.63 -41.50
N LYS R 4 56.97 -67.91 -41.19
CA LYS R 4 56.03 -68.51 -40.26
C LYS R 4 56.34 -68.10 -38.82
N TYR R 5 57.61 -67.89 -38.48
CA TYR R 5 57.91 -67.53 -37.10
C TYR R 5 57.58 -66.09 -36.79
N ILE R 6 57.74 -65.18 -37.75
CA ILE R 6 57.33 -63.79 -37.55
C ILE R 6 55.85 -63.72 -37.36
N GLN R 7 55.12 -64.48 -38.18
CA GLN R 7 53.67 -64.56 -38.09
C GLN R 7 53.22 -65.05 -36.73
N GLU R 8 53.89 -66.06 -36.19
CA GLU R 8 53.46 -66.64 -34.94
C GLU R 8 53.89 -65.83 -33.73
N LEU R 9 55.00 -65.10 -33.83
CA LEU R 9 55.43 -64.23 -32.74
C LEU R 9 54.63 -62.97 -32.70
N TRP R 10 54.28 -62.43 -33.85
CA TRP R 10 53.37 -61.30 -33.92
C TRP R 10 51.93 -61.74 -33.69
N ARG R 11 51.67 -63.03 -33.73
CA ARG R 11 50.33 -63.54 -33.44
C ARG R 11 49.97 -63.29 -31.99
N LYS R 12 50.71 -63.91 -31.09
CA LYS R 12 50.50 -63.70 -29.68
C LYS R 12 51.09 -62.34 -29.31
N LYS R 13 50.24 -61.32 -29.33
CA LYS R 13 50.64 -59.95 -29.08
C LYS R 13 50.22 -59.48 -27.71
N GLN R 14 50.32 -60.35 -26.71
CA GLN R 14 50.05 -59.95 -25.35
C GLN R 14 51.12 -60.43 -24.39
N SER R 15 52.06 -61.27 -24.84
CA SER R 15 53.11 -61.79 -23.99
C SER R 15 54.18 -60.73 -23.75
N ASP R 16 55.09 -61.08 -22.83
CA ASP R 16 56.08 -60.12 -22.32
C ASP R 16 57.05 -59.67 -23.40
N VAL R 17 57.58 -60.63 -24.17
CA VAL R 17 58.53 -60.34 -25.23
C VAL R 17 57.95 -59.38 -26.26
N MET R 18 56.66 -59.49 -26.53
CA MET R 18 56.09 -58.62 -27.54
C MET R 18 55.46 -57.38 -26.93
N ARG R 19 54.93 -57.45 -25.70
CA ARG R 19 54.28 -56.27 -25.14
C ARG R 19 55.27 -55.16 -24.83
N PHE R 20 56.56 -55.50 -24.64
CA PHE R 20 57.58 -54.46 -24.68
C PHE R 20 57.66 -53.87 -26.07
N LEU R 21 57.80 -54.74 -27.07
CA LEU R 21 58.04 -54.30 -28.44
C LEU R 21 56.86 -53.54 -29.00
N LEU R 22 55.66 -53.81 -28.49
CA LEU R 22 54.52 -53.03 -28.93
C LEU R 22 54.46 -51.70 -28.21
N ARG R 23 54.86 -51.66 -26.94
CA ARG R 23 54.69 -50.47 -26.13
C ARG R 23 55.75 -49.42 -26.44
N VAL R 24 56.96 -49.86 -26.81
CA VAL R 24 57.99 -48.91 -27.23
C VAL R 24 57.66 -48.33 -28.59
N ARG R 25 57.22 -49.17 -29.51
CA ARG R 25 56.82 -48.69 -30.83
C ARG R 25 55.56 -47.85 -30.78
N CYS R 26 54.73 -48.02 -29.76
CA CYS R 26 53.66 -47.06 -29.57
C CYS R 26 54.19 -45.73 -29.06
N TRP R 27 55.28 -45.74 -28.28
CA TRP R 27 55.91 -44.47 -27.94
C TRP R 27 56.66 -43.90 -29.13
N GLN R 28 57.30 -44.78 -29.90
CA GLN R 28 58.18 -44.39 -30.99
C GLN R 28 57.48 -43.55 -32.05
N TYR R 29 56.22 -43.88 -32.34
CA TYR R 29 55.54 -43.24 -33.46
C TYR R 29 54.84 -41.96 -33.04
N ARG R 30 54.48 -41.83 -31.77
CA ARG R 30 53.63 -40.74 -31.34
C ARG R 30 54.37 -39.41 -31.32
N GLN R 31 55.70 -39.44 -31.25
CA GLN R 31 56.44 -38.18 -31.27
C GLN R 31 56.74 -37.72 -32.68
N LEU R 32 56.43 -38.52 -33.69
CA LEU R 32 56.62 -38.11 -35.06
C LEU R 32 55.38 -37.38 -35.54
N SER R 33 55.39 -36.96 -36.80
CA SER R 33 54.36 -36.08 -37.31
C SER R 33 53.13 -36.89 -37.70
N ALA R 34 52.25 -36.26 -38.47
CA ALA R 34 51.01 -36.94 -38.85
C ALA R 34 51.22 -37.90 -40.01
N LEU R 35 51.98 -37.54 -41.02
CA LEU R 35 52.22 -38.43 -42.15
C LEU R 35 53.69 -38.36 -42.50
N HIS R 36 54.35 -39.50 -42.55
CA HIS R 36 55.73 -39.54 -43.03
C HIS R 36 56.01 -40.93 -43.57
N ARG R 37 57.25 -41.13 -44.02
CA ARG R 37 57.65 -42.31 -44.75
C ARG R 37 58.44 -43.23 -43.84
N ALA R 38 57.87 -44.36 -43.50
CA ALA R 38 58.73 -45.42 -43.04
C ALA R 38 59.47 -45.96 -44.24
N PRO R 39 60.78 -46.15 -44.15
CA PRO R 39 61.53 -46.55 -45.35
C PRO R 39 61.26 -47.98 -45.77
N ARG R 40 60.94 -48.86 -44.83
CA ARG R 40 60.63 -50.24 -45.18
C ARG R 40 59.63 -50.75 -44.17
N PRO R 41 58.79 -51.72 -44.54
CA PRO R 41 57.64 -52.04 -43.69
C PRO R 41 58.07 -52.73 -42.41
N THR R 42 57.51 -52.28 -41.30
CA THR R 42 57.93 -52.78 -40.00
C THR R 42 57.26 -54.09 -39.62
N ARG R 43 56.43 -54.63 -40.50
CA ARG R 43 55.96 -56.01 -40.37
C ARG R 43 56.20 -56.65 -41.73
N PRO R 44 57.44 -57.07 -42.01
CA PRO R 44 57.78 -57.45 -43.40
C PRO R 44 57.05 -58.68 -43.88
N ASP R 45 56.56 -59.53 -42.98
CA ASP R 45 55.62 -60.57 -43.39
C ASP R 45 54.30 -59.95 -43.87
N LYS R 46 53.74 -59.04 -43.08
CA LYS R 46 52.35 -58.66 -43.25
C LYS R 46 52.19 -57.78 -44.47
N ALA R 47 53.20 -56.98 -44.77
CA ALA R 47 53.20 -56.24 -46.03
C ALA R 47 53.27 -57.18 -47.22
N ARG R 48 53.98 -58.28 -47.05
CA ARG R 48 54.30 -59.12 -48.19
C ARG R 48 53.12 -59.97 -48.61
N ARG R 49 52.26 -60.36 -47.69
CA ARG R 49 51.07 -61.08 -48.08
C ARG R 49 49.95 -60.15 -48.50
N LEU R 50 50.15 -58.84 -48.45
CA LEU R 50 49.18 -57.92 -49.01
C LEU R 50 49.56 -57.42 -50.40
N GLY R 51 50.82 -57.58 -50.80
CA GLY R 51 51.22 -57.23 -52.15
C GLY R 51 52.55 -56.53 -52.28
N TYR R 52 53.26 -56.39 -51.17
CA TYR R 52 54.55 -55.71 -51.17
C TYR R 52 55.63 -56.68 -51.62
N LYS R 53 56.25 -56.38 -52.74
CA LYS R 53 57.47 -57.05 -53.18
C LYS R 53 58.59 -56.04 -53.06
N ALA R 54 59.62 -56.38 -52.27
CA ALA R 54 60.59 -55.41 -51.78
C ALA R 54 61.50 -54.96 -52.92
N LYS R 55 60.97 -54.05 -53.71
CA LYS R 55 61.72 -53.45 -54.80
C LYS R 55 61.22 -52.03 -54.95
N GLN R 56 61.72 -51.36 -55.98
CA GLN R 56 61.36 -49.96 -56.18
C GLN R 56 59.90 -49.83 -56.63
N GLY R 57 59.33 -48.70 -56.31
CA GLY R 57 57.96 -48.39 -56.64
C GLY R 57 57.01 -48.45 -55.47
N TYR R 58 57.40 -49.10 -54.38
CA TYR R 58 56.48 -49.29 -53.27
C TYR R 58 56.95 -48.49 -52.08
N VAL R 59 56.07 -47.65 -51.55
CA VAL R 59 56.38 -46.77 -50.45
C VAL R 59 55.52 -47.21 -49.27
N ILE R 60 55.99 -46.97 -48.05
CA ILE R 60 55.17 -47.11 -46.86
C ILE R 60 55.00 -45.76 -46.20
N TYR R 61 53.76 -45.33 -46.05
CA TYR R 61 53.46 -44.17 -45.24
C TYR R 61 52.84 -44.63 -43.94
N ARG R 62 53.63 -44.57 -42.88
CA ARG R 62 53.11 -44.78 -41.54
C ARG R 62 52.16 -43.65 -41.18
N ILE R 63 50.94 -43.98 -40.81
CA ILE R 63 49.90 -42.98 -40.71
C ILE R 63 49.15 -43.19 -39.41
N ARG R 64 48.66 -42.09 -38.86
CA ARG R 64 48.19 -42.00 -37.49
C ARG R 64 46.77 -41.45 -37.52
N VAL R 65 45.87 -42.07 -36.76
CA VAL R 65 44.52 -41.54 -36.61
C VAL R 65 44.16 -41.52 -35.14
N ARG R 66 43.17 -40.69 -34.81
CA ARG R 66 42.69 -40.55 -33.44
C ARG R 66 41.52 -41.48 -33.23
N ARG R 67 41.49 -42.13 -32.06
CA ARG R 67 40.41 -43.04 -31.72
C ARG R 67 39.10 -42.30 -31.49
N GLY R 68 38.04 -43.06 -31.29
CA GLY R 68 36.77 -42.50 -30.90
C GLY R 68 35.80 -42.38 -32.07
N GLY R 69 34.52 -42.26 -31.73
CA GLY R 69 33.50 -42.01 -32.71
C GLY R 69 33.49 -40.57 -33.15
N ARG R 70 32.44 -40.21 -33.87
CA ARG R 70 32.33 -38.85 -34.37
C ARG R 70 31.21 -38.13 -33.64
N LYS R 71 31.45 -36.85 -33.39
CA LYS R 71 30.45 -35.96 -32.82
C LYS R 71 29.83 -35.18 -33.98
N ARG R 72 28.52 -35.04 -33.98
CA ARG R 72 27.87 -34.39 -35.11
C ARG R 72 28.13 -32.89 -35.06
N PRO R 73 28.45 -32.28 -36.19
CA PRO R 73 28.90 -30.88 -36.17
C PRO R 73 27.82 -29.81 -36.02
N VAL R 74 26.65 -30.16 -35.49
CA VAL R 74 25.65 -29.12 -35.21
C VAL R 74 26.11 -28.24 -34.05
N PRO R 75 25.87 -26.94 -34.08
CA PRO R 75 26.37 -26.05 -33.01
C PRO R 75 25.52 -26.18 -31.76
N LYS R 76 26.19 -26.37 -30.62
CA LYS R 76 25.62 -26.53 -29.29
C LYS R 76 24.68 -27.72 -29.18
N GLY R 77 24.78 -28.69 -30.08
CA GLY R 77 23.86 -29.80 -30.04
C GLY R 77 22.44 -29.49 -30.43
N ALA R 78 22.20 -28.32 -31.01
CA ALA R 78 20.87 -27.96 -31.48
C ALA R 78 20.72 -28.55 -32.87
N THR R 79 19.96 -29.64 -32.98
CA THR R 79 19.97 -30.38 -34.22
C THR R 79 18.75 -30.12 -35.07
N TYR R 80 17.70 -29.53 -34.47
CA TYR R 80 16.50 -29.04 -35.16
C TYR R 80 15.81 -30.17 -35.93
N GLY R 81 15.33 -31.13 -35.17
CA GLY R 81 14.57 -32.21 -35.76
C GLY R 81 13.70 -32.88 -34.73
N LYS R 82 13.21 -34.05 -35.11
CA LYS R 82 12.36 -34.86 -34.26
C LYS R 82 13.18 -35.42 -33.10
N PRO R 83 12.55 -35.99 -32.09
CA PRO R 83 13.35 -36.57 -31.01
C PRO R 83 14.02 -37.89 -31.28
N VAL R 84 14.13 -38.34 -32.53
CA VAL R 84 15.13 -39.34 -32.86
C VAL R 84 16.49 -38.70 -33.05
N HIS R 85 16.53 -37.58 -33.74
CA HIS R 85 17.76 -37.09 -34.31
C HIS R 85 18.48 -36.13 -33.38
N HIS R 86 18.37 -36.36 -32.08
CA HIS R 86 19.21 -35.70 -31.09
C HIS R 86 20.53 -36.43 -30.88
N GLY R 87 20.97 -37.19 -31.86
CA GLY R 87 22.16 -38.00 -31.70
C GLY R 87 23.41 -37.18 -31.81
N VAL R 88 23.77 -36.49 -30.74
CA VAL R 88 24.94 -35.63 -30.78
C VAL R 88 26.19 -36.37 -30.38
N ASN R 89 26.20 -36.94 -29.18
CA ASN R 89 27.43 -37.46 -28.60
C ASN R 89 27.67 -38.93 -28.95
N GLN R 90 26.67 -39.66 -29.41
CA GLN R 90 26.88 -41.07 -29.72
C GLN R 90 26.48 -41.39 -31.15
N LEU R 91 27.35 -41.03 -32.09
CA LEU R 91 27.30 -41.61 -33.42
C LEU R 91 28.68 -42.10 -33.80
N LYS R 92 28.70 -43.19 -34.57
CA LYS R 92 29.88 -44.02 -34.64
C LYS R 92 30.34 -44.35 -36.05
N PHE R 93 29.84 -43.65 -37.08
CA PHE R 93 30.56 -43.49 -38.35
C PHE R 93 30.85 -44.75 -39.16
N ALA R 94 29.94 -45.15 -40.03
CA ALA R 94 29.93 -46.45 -40.72
C ALA R 94 31.20 -46.95 -41.43
N ARG R 95 32.32 -46.23 -41.35
CA ARG R 95 33.61 -46.75 -41.78
C ARG R 95 34.49 -47.12 -40.58
N SER R 96 35.55 -47.86 -40.84
CA SER R 96 36.50 -48.19 -39.79
C SER R 96 37.56 -47.11 -39.72
N LEU R 97 38.33 -47.13 -38.63
CA LEU R 97 39.45 -46.19 -38.53
C LEU R 97 40.52 -46.48 -39.56
N GLN R 98 40.65 -47.74 -39.98
CA GLN R 98 41.63 -48.09 -40.99
C GLN R 98 41.30 -47.46 -42.34
N SER R 99 40.02 -47.40 -42.69
CA SER R 99 39.61 -46.77 -43.93
C SER R 99 39.89 -45.27 -43.90
N VAL R 100 39.77 -44.65 -42.73
CA VAL R 100 40.12 -43.25 -42.59
C VAL R 100 41.61 -43.06 -42.79
N ALA R 101 42.40 -44.02 -42.31
CA ALA R 101 43.84 -43.95 -42.49
C ALA R 101 44.22 -44.14 -43.96
N GLU R 102 43.45 -44.92 -44.70
CA GLU R 102 43.74 -45.05 -46.13
C GLU R 102 43.37 -43.79 -46.88
N GLU R 103 42.33 -43.08 -46.45
CA GLU R 103 41.89 -41.89 -47.16
C GLU R 103 42.92 -40.78 -47.05
N ARG R 104 43.43 -40.54 -45.84
CA ARG R 104 44.29 -39.40 -45.60
C ARG R 104 45.60 -39.55 -46.34
N ALA R 105 46.09 -40.78 -46.49
CA ALA R 105 47.35 -40.99 -47.18
C ALA R 105 47.21 -40.76 -48.67
N GLY R 106 46.28 -41.47 -49.30
CA GLY R 106 46.20 -41.47 -50.76
C GLY R 106 45.78 -40.14 -51.34
N ARG R 107 45.03 -39.34 -50.59
CA ARG R 107 44.76 -38.01 -51.09
C ARG R 107 45.85 -37.02 -50.70
N HIS R 108 46.70 -37.38 -49.75
CA HIS R 108 47.89 -36.57 -49.54
C HIS R 108 48.89 -36.75 -50.67
N CYS R 109 49.06 -37.96 -51.16
CA CYS R 109 49.98 -38.22 -52.27
C CYS R 109 49.19 -38.77 -53.45
N GLY R 110 48.65 -37.87 -54.25
CA GLY R 110 47.80 -38.25 -55.35
C GLY R 110 48.52 -38.88 -56.51
N ALA R 111 49.85 -38.90 -56.50
CA ALA R 111 50.58 -39.62 -57.54
C ALA R 111 50.45 -41.11 -57.35
N LEU R 112 50.22 -41.55 -56.12
CA LEU R 112 50.37 -42.93 -55.70
C LEU R 112 48.99 -43.59 -55.62
N ARG R 113 49.00 -44.91 -55.54
CA ARG R 113 47.77 -45.70 -55.50
C ARG R 113 47.82 -46.62 -54.28
N VAL R 114 46.79 -46.54 -53.46
CA VAL R 114 46.70 -47.37 -52.27
C VAL R 114 46.49 -48.82 -52.69
N LEU R 115 47.17 -49.74 -52.02
CA LEU R 115 46.92 -51.16 -52.18
C LEU R 115 46.22 -51.78 -50.98
N ASN R 116 46.80 -51.64 -49.79
CA ASN R 116 46.26 -52.21 -48.56
C ASN R 116 46.87 -51.44 -47.40
N SER R 117 46.70 -51.98 -46.20
CA SER R 117 47.10 -51.30 -44.98
C SER R 117 47.05 -52.30 -43.83
N TYR R 118 47.76 -51.99 -42.75
CA TYR R 118 47.75 -52.88 -41.60
C TYR R 118 48.10 -52.15 -40.32
N TRP R 119 48.00 -52.89 -39.22
CA TRP R 119 47.99 -52.35 -37.87
C TRP R 119 49.38 -52.37 -37.27
N VAL R 120 49.83 -51.24 -36.73
CA VAL R 120 51.10 -51.21 -36.02
C VAL R 120 51.09 -50.46 -34.68
N GLY R 121 49.92 -50.24 -34.09
CA GLY R 121 49.88 -49.75 -32.72
C GLY R 121 48.81 -48.76 -32.29
N GLU R 122 48.46 -48.83 -31.00
CA GLU R 122 47.47 -47.97 -30.37
C GLU R 122 47.70 -48.01 -28.86
N ASP R 123 47.68 -46.85 -28.21
CA ASP R 123 47.95 -46.82 -26.77
C ASP R 123 46.84 -46.20 -25.93
N SER R 124 46.46 -44.95 -26.16
CA SER R 124 45.32 -44.44 -25.42
C SER R 124 44.31 -43.75 -26.30
N THR R 125 44.78 -42.98 -27.24
CA THR R 125 44.02 -42.02 -28.03
C THR R 125 44.32 -42.13 -29.52
N TYR R 126 45.55 -42.45 -29.87
CA TYR R 126 45.96 -42.59 -31.25
C TYR R 126 45.90 -44.05 -31.67
N LYS R 127 45.96 -44.27 -32.97
CA LYS R 127 45.90 -45.60 -33.54
C LYS R 127 46.71 -45.58 -34.82
N PHE R 128 47.79 -46.33 -34.87
CA PHE R 128 48.86 -46.12 -35.84
C PHE R 128 48.80 -47.20 -36.91
N PHE R 129 48.79 -46.79 -38.17
CA PHE R 129 48.69 -47.74 -39.27
C PHE R 129 49.88 -47.57 -40.19
N GLU R 130 50.06 -48.53 -41.07
CA GLU R 130 50.90 -48.34 -42.23
C GLU R 130 50.05 -48.55 -43.46
N VAL R 131 50.45 -47.91 -44.55
CA VAL R 131 49.72 -47.92 -45.81
C VAL R 131 50.72 -48.23 -46.91
N ILE R 132 50.49 -49.30 -47.66
CA ILE R 132 51.36 -49.64 -48.78
C ILE R 132 50.84 -48.93 -50.04
N LEU R 133 51.76 -48.34 -50.79
CA LEU R 133 51.43 -47.45 -51.88
C LEU R 133 52.13 -47.91 -53.15
N ILE R 134 51.44 -47.79 -54.27
CA ILE R 134 51.98 -48.26 -55.54
C ILE R 134 52.12 -47.04 -56.44
N ASP R 135 53.31 -46.87 -57.01
CA ASP R 135 53.56 -45.82 -57.99
C ASP R 135 53.17 -46.31 -59.37
N PRO R 136 52.07 -45.87 -59.93
CA PRO R 136 51.56 -46.48 -61.17
C PRO R 136 52.26 -45.97 -62.42
N PHE R 137 53.42 -45.36 -62.29
CA PHE R 137 54.18 -44.92 -63.45
C PHE R 137 55.62 -45.37 -63.48
N HIS R 138 56.16 -45.94 -62.41
CA HIS R 138 57.55 -46.34 -62.48
C HIS R 138 57.65 -47.62 -63.28
N LYS R 139 58.78 -47.78 -63.95
CA LYS R 139 58.94 -48.87 -64.92
C LYS R 139 59.01 -50.23 -64.25
N ALA R 140 59.32 -50.28 -62.95
CA ALA R 140 59.27 -51.54 -62.23
C ALA R 140 57.86 -52.09 -62.13
N ILE R 141 56.85 -51.23 -62.23
CA ILE R 141 55.46 -51.66 -62.15
C ILE R 141 54.74 -51.55 -63.50
N ARG R 142 55.22 -50.72 -64.43
CA ARG R 142 54.61 -50.72 -65.75
C ARG R 142 55.12 -51.83 -66.64
N ARG R 143 56.25 -52.42 -66.31
CA ARG R 143 56.59 -53.75 -66.80
C ARG R 143 56.09 -54.71 -65.72
N ASN R 144 56.58 -55.97 -65.72
CA ASN R 144 56.21 -57.01 -64.74
C ASN R 144 54.71 -57.25 -64.78
N PRO R 145 54.21 -57.98 -65.76
CA PRO R 145 52.76 -58.03 -65.98
C PRO R 145 51.92 -58.79 -64.96
N ASP R 146 52.50 -59.17 -63.81
CA ASP R 146 51.65 -59.46 -62.67
C ASP R 146 50.90 -58.21 -62.23
N THR R 147 51.61 -57.11 -62.09
CA THR R 147 51.07 -55.93 -61.42
C THR R 147 51.00 -54.77 -62.41
N GLN R 148 50.63 -55.07 -63.66
CA GLN R 148 50.32 -54.00 -64.58
C GLN R 148 48.97 -53.37 -64.29
N TRP R 149 48.07 -54.14 -63.66
CA TRP R 149 46.65 -53.79 -63.62
C TRP R 149 46.37 -52.50 -62.86
N ILE R 150 47.24 -52.14 -61.91
CA ILE R 150 46.95 -51.00 -61.04
C ILE R 150 47.19 -49.68 -61.72
N THR R 151 47.76 -49.69 -62.93
CA THR R 151 47.96 -48.46 -63.67
C THR R 151 46.68 -48.03 -64.40
N LYS R 152 45.89 -48.98 -64.89
CA LYS R 152 44.74 -48.69 -65.74
C LYS R 152 43.70 -47.89 -64.98
N PRO R 153 43.36 -46.70 -65.42
CA PRO R 153 42.92 -45.64 -64.49
C PRO R 153 41.55 -45.81 -63.87
N VAL R 154 40.94 -46.98 -64.00
CA VAL R 154 39.77 -47.26 -63.17
C VAL R 154 40.16 -47.54 -61.73
N HIS R 155 41.44 -47.75 -61.46
CA HIS R 155 41.95 -47.90 -60.12
C HIS R 155 42.57 -46.62 -59.60
N LYS R 156 42.10 -45.48 -60.08
CA LYS R 156 42.47 -44.21 -59.49
C LYS R 156 41.74 -44.01 -58.17
N HIS R 157 42.51 -43.79 -57.10
CA HIS R 157 42.00 -43.50 -55.75
C HIS R 157 41.08 -44.61 -55.25
N ARG R 158 41.70 -45.78 -55.08
CA ARG R 158 40.96 -47.00 -54.75
C ARG R 158 40.35 -46.94 -53.36
N GLU R 159 40.99 -46.21 -52.46
CA GLU R 159 40.54 -46.16 -51.08
C GLU R 159 39.27 -45.32 -50.93
N MET R 160 39.09 -44.28 -51.75
CA MET R 160 38.03 -43.31 -51.55
C MET R 160 36.78 -43.65 -52.32
N ARG R 161 36.79 -44.73 -53.06
CA ARG R 161 35.56 -45.35 -53.49
C ARG R 161 35.32 -46.64 -52.72
N GLY R 162 36.16 -46.93 -51.73
CA GLY R 162 35.99 -48.07 -50.84
C GLY R 162 36.25 -49.41 -51.50
N LEU R 163 37.46 -49.63 -52.02
CA LEU R 163 37.73 -50.80 -52.83
C LEU R 163 38.87 -51.68 -52.36
N THR R 164 39.65 -51.26 -51.36
CA THR R 164 40.69 -52.12 -50.81
C THR R 164 40.05 -53.06 -49.79
N SER R 165 40.88 -53.85 -49.10
CA SER R 165 40.36 -54.82 -48.13
C SER R 165 39.74 -54.10 -46.93
N ALA R 166 40.26 -52.92 -46.60
CA ALA R 166 39.58 -52.08 -45.65
C ALA R 166 38.26 -51.55 -46.20
N GLY R 167 38.17 -51.41 -47.52
CA GLY R 167 36.94 -50.88 -48.11
C GLY R 167 35.86 -51.92 -48.32
N ARG R 168 36.24 -53.15 -48.66
CA ARG R 168 35.26 -54.22 -48.82
C ARG R 168 34.61 -54.56 -47.49
N LYS R 169 35.38 -54.52 -46.42
CA LYS R 169 34.85 -54.78 -45.10
C LYS R 169 34.07 -53.59 -44.56
N SER R 170 34.05 -52.46 -45.29
CA SER R 170 33.20 -51.32 -44.93
C SER R 170 31.78 -51.50 -45.46
N ARG R 171 31.67 -51.72 -46.77
CA ARG R 171 30.38 -51.80 -47.47
C ARG R 171 29.57 -52.98 -47.00
N GLY R 172 30.23 -54.04 -46.54
CA GLY R 172 29.54 -55.23 -46.12
C GLY R 172 29.04 -56.04 -47.29
N LEU R 173 29.95 -56.53 -48.13
CA LEU R 173 29.57 -57.44 -49.20
C LEU R 173 30.01 -58.86 -48.90
N GLY R 174 29.18 -59.80 -49.31
CA GLY R 174 29.47 -61.21 -49.16
C GLY R 174 28.45 -61.99 -49.94
N LYS R 175 28.05 -63.15 -49.42
CA LYS R 175 27.10 -64.02 -50.07
C LYS R 175 26.09 -64.52 -49.07
N GLY R 176 24.86 -64.69 -49.53
CA GLY R 176 23.95 -65.51 -48.77
C GLY R 176 22.99 -64.77 -47.87
N HIS R 177 22.57 -65.44 -46.80
CA HIS R 177 21.52 -64.89 -45.96
C HIS R 177 22.00 -63.77 -45.08
N LYS R 178 23.29 -63.58 -44.93
CA LYS R 178 23.79 -62.50 -44.10
C LYS R 178 24.06 -61.24 -44.87
N PHE R 179 23.83 -61.21 -46.18
CA PHE R 179 24.22 -60.06 -46.98
C PHE R 179 23.17 -59.74 -48.03
N HIS R 180 21.88 -59.83 -47.66
CA HIS R 180 20.81 -59.51 -48.61
C HIS R 180 20.63 -58.03 -48.84
N HIS R 181 21.22 -57.20 -47.99
CA HIS R 181 21.04 -55.75 -48.05
C HIS R 181 21.74 -55.14 -49.26
N THR R 182 22.62 -55.89 -49.92
CA THR R 182 23.41 -55.40 -51.05
C THR R 182 23.45 -56.48 -52.14
N ILE R 183 22.41 -56.51 -52.96
CA ILE R 183 22.14 -57.67 -53.81
C ILE R 183 22.63 -57.47 -55.23
N GLY R 184 23.07 -56.26 -55.59
CA GLY R 184 23.88 -56.15 -56.78
C GLY R 184 24.82 -54.97 -56.71
N GLY R 185 26.12 -55.21 -56.80
CA GLY R 185 27.06 -54.12 -56.68
C GLY R 185 27.21 -53.55 -55.28
N SER R 186 26.17 -52.86 -54.81
CA SER R 186 26.23 -52.10 -53.57
C SER R 186 24.82 -51.96 -53.01
N ARG R 187 24.74 -51.41 -51.80
CA ARG R 187 23.42 -51.21 -51.20
C ARG R 187 22.64 -50.10 -51.89
N ARG R 188 23.32 -49.16 -52.54
CA ARG R 188 22.57 -48.15 -53.27
C ARG R 188 22.08 -48.68 -54.60
N ALA R 189 22.87 -49.54 -55.26
CA ALA R 189 22.33 -50.23 -56.43
C ALA R 189 21.37 -51.34 -56.04
N ALA R 190 21.37 -51.73 -54.77
CA ALA R 190 20.29 -52.58 -54.29
C ALA R 190 18.99 -51.80 -54.20
N TRP R 191 19.04 -50.61 -53.62
CA TRP R 191 17.82 -49.84 -53.42
C TRP R 191 17.24 -49.38 -54.75
N ARG R 192 18.11 -49.01 -55.69
CA ARG R 192 17.70 -48.52 -56.99
C ARG R 192 16.86 -49.55 -57.74
N ARG R 193 17.28 -50.80 -57.77
CA ARG R 193 16.48 -51.78 -58.50
C ARG R 193 15.41 -52.44 -57.66
N ARG R 194 15.52 -52.43 -56.33
CA ARG R 194 14.45 -53.00 -55.54
C ARG R 194 13.39 -51.97 -55.21
N ASN R 195 13.51 -50.76 -55.73
CA ASN R 195 12.44 -49.77 -55.67
C ASN R 195 12.28 -48.98 -56.96
N THR R 196 12.89 -49.43 -58.05
CA THR R 196 12.40 -49.03 -59.37
C THR R 196 11.06 -49.70 -59.59
N LEU R 197 10.10 -48.96 -60.09
CA LEU R 197 8.90 -49.58 -60.61
C LEU R 197 9.20 -49.95 -62.06
N GLN R 198 8.83 -51.16 -62.46
CA GLN R 198 8.95 -51.57 -63.84
C GLN R 198 7.63 -51.23 -64.54
N LEU R 199 7.60 -50.13 -65.29
CA LEU R 199 6.41 -49.76 -66.04
C LEU R 199 6.63 -50.19 -67.48
N HIS R 200 5.84 -51.15 -67.91
CA HIS R 200 6.18 -51.96 -69.07
C HIS R 200 5.41 -51.48 -70.30
N ARG R 201 5.82 -51.98 -71.47
CA ARG R 201 5.03 -51.77 -72.69
C ARG R 201 3.69 -52.45 -72.57
N TYR R 202 3.70 -53.77 -72.47
CA TYR R 202 2.49 -54.54 -72.22
C TYR R 202 2.46 -54.84 -70.74
N ARG R 203 1.62 -54.12 -70.02
CA ARG R 203 1.46 -54.37 -68.62
C ARG R 203 -0.01 -54.71 -68.48
N GLN S 1 -69.63 12.87 -78.01
CA GLN S 1 -68.66 13.96 -78.13
C GLN S 1 -68.38 14.66 -76.80
N VAL S 2 -68.97 15.84 -76.64
CA VAL S 2 -68.50 16.78 -75.63
C VAL S 2 -69.41 16.78 -74.42
N LEU S 3 -69.05 15.97 -73.42
CA LEU S 3 -69.85 15.82 -72.21
C LEU S 3 -69.68 17.05 -71.35
N VAL S 4 -70.39 18.11 -71.70
CA VAL S 4 -70.36 19.32 -70.89
C VAL S 4 -71.22 19.03 -69.67
N LEU S 5 -70.58 18.65 -68.57
CA LEU S 5 -71.33 18.31 -67.37
C LEU S 5 -71.55 19.54 -66.51
N ASP S 6 -72.64 19.53 -65.77
CA ASP S 6 -72.84 20.63 -64.85
C ASP S 6 -72.11 20.33 -63.57
N GLY S 7 -72.17 21.25 -62.62
CA GLY S 7 -71.53 21.02 -61.35
C GLY S 7 -72.48 21.28 -60.21
N ARG S 8 -73.75 21.50 -60.52
CA ARG S 8 -74.73 21.81 -59.49
C ARG S 8 -75.05 20.56 -58.69
N GLY S 9 -74.38 20.39 -57.57
CA GLY S 9 -74.81 19.40 -56.60
C GLY S 9 -74.44 17.98 -56.91
N HIS S 10 -73.47 17.73 -57.77
CA HIS S 10 -72.93 16.39 -57.82
C HIS S 10 -72.10 16.13 -56.57
N LEU S 11 -71.95 14.85 -56.24
CA LEU S 11 -70.98 14.50 -55.22
C LEU S 11 -69.64 14.34 -55.89
N LEU S 12 -68.58 14.49 -55.11
CA LEU S 12 -67.24 14.50 -55.69
C LEU S 12 -66.88 13.13 -56.24
N GLY S 13 -66.94 12.10 -55.40
CA GLY S 13 -66.49 10.78 -55.81
C GLY S 13 -67.43 10.13 -56.81
N ARG S 14 -68.74 10.29 -56.61
CA ARG S 14 -69.73 9.66 -57.46
C ARG S 14 -69.69 10.21 -58.88
N LEU S 15 -69.39 11.50 -59.03
CA LEU S 15 -69.10 12.04 -60.35
C LEU S 15 -67.75 11.57 -60.85
N ALA S 16 -66.80 11.43 -59.94
CA ALA S 16 -65.43 11.12 -60.33
C ALA S 16 -65.30 9.73 -60.90
N ALA S 17 -66.05 8.77 -60.36
CA ALA S 17 -65.99 7.40 -60.86
C ALA S 17 -66.63 7.27 -62.23
N ILE S 18 -67.48 8.22 -62.61
CA ILE S 18 -68.14 8.14 -63.89
C ILE S 18 -67.33 8.88 -64.95
N VAL S 19 -66.68 9.98 -64.57
CA VAL S 19 -65.88 10.76 -65.53
C VAL S 19 -64.61 10.01 -65.90
N ALA S 20 -63.98 9.36 -64.92
CA ALA S 20 -62.74 8.64 -65.18
C ALA S 20 -62.94 7.51 -66.16
N LYS S 21 -64.07 6.82 -66.07
CA LYS S 21 -64.35 5.76 -67.02
C LYS S 21 -64.63 6.33 -68.40
N GLN S 22 -65.44 7.39 -68.46
CA GLN S 22 -65.86 7.98 -69.73
C GLN S 22 -64.81 8.85 -70.36
N VAL S 23 -63.65 9.02 -69.74
CA VAL S 23 -62.54 9.71 -70.38
C VAL S 23 -61.43 8.75 -70.76
N LEU S 24 -61.42 7.53 -70.23
CA LEU S 24 -60.52 6.53 -70.76
C LEU S 24 -60.96 6.00 -72.11
N LEU S 25 -62.20 6.25 -72.51
CA LEU S 25 -62.74 5.72 -73.74
C LEU S 25 -62.63 6.69 -74.90
N GLY S 26 -62.25 7.94 -74.65
CA GLY S 26 -62.10 8.95 -75.67
C GLY S 26 -63.12 10.07 -75.61
N ARG S 27 -64.22 9.88 -74.90
CA ARG S 27 -65.26 10.89 -74.86
C ARG S 27 -64.81 12.08 -74.05
N LYS S 28 -64.64 13.23 -74.71
CA LYS S 28 -64.15 14.42 -74.04
C LYS S 28 -65.23 14.98 -73.15
N VAL S 29 -64.95 15.03 -71.86
CA VAL S 29 -65.86 15.50 -70.84
C VAL S 29 -65.30 16.79 -70.25
N VAL S 30 -66.12 17.83 -70.20
CA VAL S 30 -65.73 19.15 -69.74
C VAL S 30 -66.64 19.49 -68.58
N VAL S 31 -66.10 19.49 -67.37
CA VAL S 31 -66.89 19.69 -66.17
C VAL S 31 -66.86 21.17 -65.80
N VAL S 32 -68.03 21.78 -65.80
CA VAL S 32 -68.23 23.21 -65.68
C VAL S 32 -69.01 23.42 -64.39
N ARG S 33 -68.95 24.64 -63.84
CA ARG S 33 -69.44 24.97 -62.49
C ARG S 33 -68.84 24.07 -61.43
N CYS S 34 -67.52 23.95 -61.43
CA CYS S 34 -66.88 22.96 -60.58
C CYS S 34 -66.89 23.37 -59.11
N GLU S 35 -67.23 24.62 -58.81
CA GLU S 35 -67.32 25.10 -57.44
C GLU S 35 -68.47 24.48 -56.66
N GLY S 36 -69.57 24.13 -57.31
CA GLY S 36 -70.75 23.78 -56.55
C GLY S 36 -70.88 22.29 -56.35
N ILE S 37 -69.76 21.59 -56.42
CA ILE S 37 -69.73 20.14 -56.30
C ILE S 37 -69.73 19.77 -54.82
N ASN S 38 -70.69 18.96 -54.41
CA ASN S 38 -70.79 18.67 -53.00
C ASN S 38 -69.86 17.55 -52.57
N ILE S 39 -69.59 17.53 -51.27
CA ILE S 39 -68.97 16.40 -50.59
C ILE S 39 -69.90 15.96 -49.48
N SER S 40 -70.21 14.68 -49.46
CA SER S 40 -71.01 14.12 -48.38
C SER S 40 -70.17 14.03 -47.11
N GLY S 41 -70.81 14.26 -45.99
CA GLY S 41 -70.10 14.34 -44.73
C GLY S 41 -70.22 15.72 -44.12
N ASN S 42 -69.51 15.88 -43.01
CA ASN S 42 -69.63 17.08 -42.20
C ASN S 42 -68.95 18.26 -42.88
N PHE S 43 -69.38 19.47 -42.50
CA PHE S 43 -68.67 20.67 -42.97
C PHE S 43 -67.33 20.83 -42.27
N TYR S 44 -67.19 20.27 -41.07
CA TYR S 44 -65.93 20.42 -40.37
C TYR S 44 -64.96 19.30 -40.68
N ARG S 45 -65.43 18.07 -40.89
CA ARG S 45 -64.49 16.98 -41.17
C ARG S 45 -63.75 17.20 -42.47
N ASN S 46 -64.37 17.82 -43.46
CA ASN S 46 -63.75 17.90 -44.76
C ASN S 46 -62.64 18.94 -44.78
N LYS S 47 -62.88 20.10 -44.16
CA LYS S 47 -61.80 21.04 -43.93
C LYS S 47 -60.88 20.59 -42.83
N LEU S 48 -61.26 19.57 -42.05
CA LEU S 48 -60.28 18.91 -41.20
C LEU S 48 -59.42 17.96 -42.03
N LYS S 49 -60.02 17.26 -42.99
CA LYS S 49 -59.26 16.31 -43.78
C LYS S 49 -58.39 17.02 -44.80
N TYR S 50 -58.93 17.99 -45.52
CA TYR S 50 -58.12 18.62 -46.56
C TYR S 50 -57.02 19.48 -45.97
N LEU S 51 -57.23 20.02 -44.76
CA LEU S 51 -56.14 20.63 -44.03
C LEU S 51 -55.08 19.61 -43.68
N ALA S 52 -55.50 18.40 -43.29
CA ALA S 52 -54.56 17.33 -42.98
C ALA S 52 -53.81 16.88 -44.22
N PHE S 53 -54.38 17.11 -45.39
CA PHE S 53 -53.59 16.92 -46.61
C PHE S 53 -52.55 18.00 -46.77
N LEU S 54 -52.81 19.22 -46.26
CA LEU S 54 -51.85 20.31 -46.47
C LEU S 54 -50.59 20.14 -45.64
N ARG S 55 -50.64 19.37 -44.56
CA ARG S 55 -49.42 19.06 -43.84
C ARG S 55 -48.53 18.12 -44.64
N LYS S 56 -49.11 17.33 -45.55
CA LYS S 56 -48.37 16.30 -46.26
C LYS S 56 -47.38 16.87 -47.28
N ARG S 57 -46.21 17.30 -46.83
CA ARG S 57 -45.20 17.91 -47.69
C ARG S 57 -43.85 17.28 -47.40
N MET S 58 -42.86 17.60 -48.22
CA MET S 58 -41.55 16.99 -48.13
C MET S 58 -40.64 17.86 -47.29
N ASN S 59 -39.94 17.23 -46.32
CA ASN S 59 -39.11 17.94 -45.35
C ASN S 59 -38.00 18.71 -46.03
N THR S 60 -37.24 18.00 -46.85
CA THR S 60 -35.96 18.49 -47.29
C THR S 60 -36.08 19.52 -48.39
N ASN S 61 -37.13 19.42 -49.18
CA ASN S 61 -37.52 20.49 -50.08
C ASN S 61 -39.00 20.31 -50.33
N PRO S 62 -39.85 21.27 -49.95
CA PRO S 62 -41.28 21.15 -50.24
C PRO S 62 -41.63 21.58 -51.64
N SER S 63 -40.65 22.04 -52.42
CA SER S 63 -40.92 22.36 -53.81
C SER S 63 -41.14 21.11 -54.62
N ARG S 64 -40.43 20.04 -54.29
CA ARG S 64 -40.54 18.78 -55.02
C ARG S 64 -41.49 17.82 -54.33
N GLY S 65 -42.64 18.29 -53.89
CA GLY S 65 -43.45 17.47 -53.00
C GLY S 65 -44.84 17.33 -53.53
N PRO S 66 -45.79 17.04 -52.69
CA PRO S 66 -47.18 16.99 -53.14
C PRO S 66 -47.70 18.39 -53.37
N TYR S 67 -47.89 18.73 -54.62
CA TYR S 67 -48.41 20.03 -55.02
C TYR S 67 -49.86 20.13 -54.60
N HIS S 68 -50.12 20.85 -53.52
CA HIS S 68 -51.47 21.02 -52.98
C HIS S 68 -52.16 22.10 -53.79
N PHE S 69 -53.00 21.72 -54.73
CA PHE S 69 -53.81 22.75 -55.37
C PHE S 69 -54.89 23.24 -54.41
N ARG S 70 -55.43 24.41 -54.70
CA ARG S 70 -56.45 25.02 -53.87
C ARG S 70 -57.75 25.33 -54.59
N ALA S 71 -57.71 25.64 -55.87
CA ALA S 71 -58.93 25.98 -56.58
C ALA S 71 -59.79 24.73 -56.76
N PRO S 72 -61.12 24.86 -56.68
CA PRO S 72 -61.96 23.66 -56.73
C PRO S 72 -61.98 22.98 -58.07
N SER S 73 -61.67 23.69 -59.15
CA SER S 73 -61.49 23.00 -60.42
C SER S 73 -60.24 22.14 -60.38
N ARG S 74 -59.22 22.60 -59.68
CA ARG S 74 -58.01 21.81 -59.57
C ARG S 74 -58.11 20.74 -58.50
N ILE S 75 -58.96 20.93 -57.49
CA ILE S 75 -59.24 19.87 -56.52
C ILE S 75 -59.86 18.67 -57.22
N PHE S 76 -60.77 18.92 -58.15
CA PHE S 76 -61.38 17.82 -58.87
C PHE S 76 -60.43 17.21 -59.90
N TRP S 77 -59.56 18.02 -60.50
CA TRP S 77 -58.61 17.47 -61.48
C TRP S 77 -57.63 16.52 -60.82
N ARG S 78 -57.22 16.83 -59.60
CA ARG S 78 -56.32 15.95 -58.87
C ARG S 78 -57.07 14.74 -58.33
N THR S 79 -58.37 14.86 -58.12
CA THR S 79 -59.18 13.69 -57.76
C THR S 79 -59.22 12.68 -58.91
N VAL S 80 -59.37 13.17 -60.14
CA VAL S 80 -59.40 12.29 -61.29
C VAL S 80 -58.01 11.70 -61.56
N ARG S 81 -56.94 12.38 -61.11
CA ARG S 81 -55.59 11.81 -61.21
C ARG S 81 -55.49 10.50 -60.46
N GLY S 82 -56.12 10.39 -59.29
CA GLY S 82 -56.07 9.17 -58.51
C GLY S 82 -56.74 7.97 -59.15
N MET S 83 -57.57 8.20 -60.17
CA MET S 83 -58.43 7.19 -60.71
C MET S 83 -58.03 6.74 -62.11
N LEU S 84 -56.98 7.29 -62.62
CA LEU S 84 -56.41 6.93 -63.89
C LEU S 84 -55.03 6.33 -63.69
N PRO S 85 -54.51 5.61 -64.66
CA PRO S 85 -53.09 5.26 -64.60
C PRO S 85 -52.27 6.44 -65.15
N HIS S 86 -52.02 7.40 -64.27
CA HIS S 86 -51.43 8.67 -64.68
C HIS S 86 -49.96 8.59 -65.06
N LYS S 87 -49.23 7.57 -64.61
CA LYS S 87 -47.82 7.51 -64.93
C LYS S 87 -47.54 6.70 -66.18
N THR S 88 -48.53 6.56 -67.06
CA THR S 88 -48.43 5.74 -68.25
C THR S 88 -49.01 6.58 -69.38
N LYS S 89 -48.59 6.30 -70.62
CA LYS S 89 -49.13 7.04 -71.76
C LYS S 89 -50.44 6.39 -72.21
N ARG S 90 -51.30 6.07 -71.25
CA ARG S 90 -52.63 5.55 -71.45
C ARG S 90 -53.55 6.51 -70.73
N GLY S 91 -53.13 6.88 -69.53
CA GLY S 91 -53.80 7.91 -68.76
C GLY S 91 -53.28 9.30 -69.01
N GLN S 92 -52.02 9.43 -69.42
CA GLN S 92 -51.46 10.76 -69.62
C GLN S 92 -52.12 11.46 -70.81
N ALA S 93 -52.54 10.68 -71.81
CA ALA S 93 -53.40 11.22 -72.86
C ALA S 93 -54.84 11.34 -72.39
N ALA S 94 -55.23 10.61 -71.35
CA ALA S 94 -56.62 10.64 -70.90
C ALA S 94 -56.97 11.95 -70.19
N LEU S 95 -56.08 12.41 -69.31
CA LEU S 95 -56.29 13.70 -68.64
C LEU S 95 -56.26 14.86 -69.60
N ASP S 96 -55.64 14.70 -70.76
CA ASP S 96 -55.63 15.78 -71.72
C ASP S 96 -56.95 15.92 -72.47
N ARG S 97 -57.88 14.98 -72.27
CA ARG S 97 -59.23 15.14 -72.78
C ARG S 97 -60.12 15.83 -71.75
N LEU S 98 -59.98 15.46 -70.48
CA LEU S 98 -60.71 16.10 -69.41
C LEU S 98 -60.24 17.52 -69.21
N LYS S 99 -61.12 18.47 -69.42
CA LYS S 99 -60.88 19.87 -69.12
C LYS S 99 -61.86 20.29 -68.04
N VAL S 100 -61.42 21.15 -67.14
CA VAL S 100 -62.31 21.52 -66.04
C VAL S 100 -62.25 23.03 -65.88
N PHE S 101 -63.40 23.61 -65.57
CA PHE S 101 -63.50 25.04 -65.41
C PHE S 101 -64.34 25.33 -64.19
N ASP S 102 -63.76 25.90 -63.15
CA ASP S 102 -64.58 26.50 -62.11
C ASP S 102 -65.21 27.76 -62.68
N GLY S 103 -66.54 27.83 -62.66
CA GLY S 103 -67.24 28.85 -63.41
C GLY S 103 -67.27 28.52 -64.90
N ILE S 104 -67.99 29.34 -65.65
CA ILE S 104 -68.40 28.91 -66.99
C ILE S 104 -67.78 29.76 -68.09
N PRO S 105 -66.93 29.17 -68.95
CA PRO S 105 -66.26 29.96 -70.00
C PRO S 105 -67.22 30.35 -71.11
N PRO S 106 -66.83 31.30 -71.97
CA PRO S 106 -67.74 31.76 -73.03
C PRO S 106 -68.08 30.74 -74.11
N PRO S 107 -67.22 29.78 -74.48
CA PRO S 107 -67.74 28.74 -75.38
C PRO S 107 -68.82 27.87 -74.76
N TYR S 108 -68.78 27.66 -73.45
CA TYR S 108 -69.65 26.71 -72.78
C TYR S 108 -70.73 27.39 -71.96
N ASP S 109 -70.90 28.70 -72.11
CA ASP S 109 -72.12 29.36 -71.68
C ASP S 109 -73.34 28.74 -72.34
N LYS S 110 -73.23 28.50 -73.65
CA LYS S 110 -74.37 28.36 -74.53
C LYS S 110 -74.61 26.95 -75.03
N LYS S 111 -73.62 26.09 -74.99
CA LYS S 111 -73.90 24.69 -75.25
C LYS S 111 -74.61 24.10 -74.03
N LYS S 112 -75.56 23.21 -74.29
CA LYS S 112 -76.38 22.65 -73.22
C LYS S 112 -75.53 21.75 -72.34
N ARG S 113 -75.87 21.74 -71.06
CA ARG S 113 -74.99 21.23 -70.02
C ARG S 113 -75.64 19.98 -69.41
N MET S 114 -75.04 18.82 -69.65
CA MET S 114 -75.64 17.59 -69.16
C MET S 114 -75.49 17.47 -67.66
N VAL S 115 -76.29 16.59 -67.06
CA VAL S 115 -76.30 16.33 -65.63
C VAL S 115 -76.38 14.83 -65.42
N VAL S 116 -75.42 14.27 -64.69
CA VAL S 116 -75.46 12.86 -64.31
C VAL S 116 -76.48 12.67 -63.21
N PRO S 117 -77.59 11.95 -63.44
CA PRO S 117 -78.53 11.71 -62.35
C PRO S 117 -78.02 10.73 -61.33
N ALA S 118 -77.06 9.89 -61.70
CA ALA S 118 -76.56 8.91 -60.77
C ALA S 118 -75.62 9.50 -59.73
N ALA S 119 -75.10 10.69 -59.94
CA ALA S 119 -74.10 11.24 -59.05
C ALA S 119 -74.58 12.46 -58.29
N LEU S 120 -75.89 12.67 -58.17
CA LEU S 120 -76.42 13.87 -57.54
C LEU S 120 -76.60 13.70 -56.04
N LYS S 121 -76.57 14.82 -55.33
CA LYS S 121 -76.86 14.84 -53.89
C LYS S 121 -78.30 14.47 -53.61
N VAL S 122 -79.19 14.80 -54.55
CA VAL S 122 -80.61 14.49 -54.42
C VAL S 122 -80.84 13.00 -54.31
N VAL S 123 -80.15 12.23 -55.14
CA VAL S 123 -80.30 10.78 -55.12
C VAL S 123 -79.48 10.18 -53.98
N ARG S 124 -78.17 10.44 -53.98
CA ARG S 124 -77.20 9.58 -53.32
C ARG S 124 -77.13 9.73 -51.81
N LEU S 125 -77.76 10.73 -51.22
CA LEU S 125 -77.75 10.87 -49.77
C LEU S 125 -79.14 10.76 -49.17
N LYS S 126 -79.22 10.05 -48.06
CA LYS S 126 -80.32 10.25 -47.15
C LYS S 126 -80.28 11.71 -46.71
N PRO S 127 -81.37 12.46 -46.86
CA PRO S 127 -81.26 13.93 -46.84
C PRO S 127 -80.94 14.52 -45.49
N THR S 128 -81.12 13.78 -44.40
CA THR S 128 -80.76 14.31 -43.10
C THR S 128 -79.26 14.34 -42.88
N ARG S 129 -78.49 13.61 -43.69
CA ARG S 129 -77.04 13.67 -43.59
C ARG S 129 -76.54 15.03 -44.04
N LYS S 130 -75.42 15.44 -43.45
CA LYS S 130 -74.91 16.76 -43.77
C LYS S 130 -74.00 16.70 -44.98
N PHE S 131 -73.52 17.87 -45.39
CA PHE S 131 -73.01 18.07 -46.73
C PHE S 131 -72.12 19.31 -46.71
N ALA S 132 -71.20 19.38 -47.66
CA ALA S 132 -70.31 20.53 -47.70
C ALA S 132 -69.98 20.86 -49.14
N TYR S 133 -69.82 22.15 -49.41
CA TYR S 133 -69.61 22.66 -50.75
C TYR S 133 -68.11 22.82 -51.01
N LEU S 134 -67.66 22.36 -52.17
CA LEU S 134 -66.24 22.41 -52.47
C LEU S 134 -65.80 23.82 -52.81
N GLY S 135 -66.71 24.67 -53.26
CA GLY S 135 -66.38 26.08 -53.37
C GLY S 135 -66.25 26.74 -52.02
N ARG S 136 -67.17 26.41 -51.09
CA ARG S 136 -67.10 26.88 -49.71
C ARG S 136 -65.80 26.45 -49.06
N LEU S 137 -65.42 25.19 -49.29
CA LEU S 137 -64.17 24.66 -48.75
C LEU S 137 -62.95 25.35 -49.34
N ALA S 138 -62.97 25.62 -50.64
CA ALA S 138 -61.77 26.13 -51.27
C ALA S 138 -61.51 27.59 -50.94
N HIS S 139 -62.57 28.40 -50.81
CA HIS S 139 -62.35 29.77 -50.37
C HIS S 139 -61.83 29.82 -48.94
N GLU S 140 -62.35 28.95 -48.10
CA GLU S 140 -61.92 28.91 -46.72
C GLU S 140 -60.48 28.43 -46.60
N VAL S 141 -59.99 27.65 -47.55
CA VAL S 141 -58.62 27.13 -47.53
C VAL S 141 -57.92 27.64 -48.79
N GLY S 142 -57.36 28.83 -48.72
CA GLY S 142 -56.44 29.25 -49.76
C GLY S 142 -56.96 30.01 -50.97
N TRP S 143 -57.92 29.44 -51.70
CA TRP S 143 -58.38 30.03 -52.95
C TRP S 143 -59.09 31.34 -52.69
N LYS S 144 -58.80 32.34 -53.52
CA LYS S 144 -59.17 33.71 -53.23
C LYS S 144 -60.14 34.30 -54.26
N TYR S 145 -60.73 33.45 -55.09
CA TYR S 145 -61.53 33.94 -56.21
C TYR S 145 -62.99 33.59 -56.06
N GLN S 146 -63.46 33.43 -54.82
CA GLN S 146 -64.87 33.13 -54.63
C GLN S 146 -65.72 34.36 -54.93
N ALA S 147 -65.24 35.53 -54.49
CA ALA S 147 -65.94 36.76 -54.77
C ALA S 147 -65.92 37.08 -56.26
N VAL S 148 -64.79 36.82 -56.91
CA VAL S 148 -64.66 37.15 -58.33
C VAL S 148 -65.52 36.21 -59.16
N THR S 149 -65.70 34.98 -58.70
CA THR S 149 -66.66 34.09 -59.34
C THR S 149 -68.09 34.57 -59.13
N ALA S 150 -68.40 35.02 -57.90
CA ALA S 150 -69.76 35.39 -57.54
C ALA S 150 -70.25 36.61 -58.33
N THR S 151 -69.35 37.54 -58.63
CA THR S 151 -69.68 38.61 -59.56
C THR S 151 -69.99 38.06 -60.94
N LEU S 152 -69.11 37.21 -61.47
CA LEU S 152 -69.26 36.76 -62.83
C LEU S 152 -70.41 35.78 -62.99
N GLU S 153 -70.75 35.05 -61.93
CA GLU S 153 -71.80 34.06 -62.09
C GLU S 153 -73.17 34.72 -62.04
N GLU S 154 -73.30 35.76 -61.23
CA GLU S 154 -74.51 36.59 -61.29
C GLU S 154 -74.61 37.30 -62.61
N LYS S 155 -73.47 37.65 -63.21
CA LYS S 155 -73.46 38.35 -64.48
C LYS S 155 -74.03 37.49 -65.59
N ARG S 156 -73.81 36.17 -65.55
CA ARG S 156 -74.46 35.33 -66.55
C ARG S 156 -75.87 34.89 -66.15
N LYS S 157 -76.16 34.73 -64.86
CA LYS S 157 -77.50 34.30 -64.45
C LYS S 157 -78.54 35.37 -64.77
N GLU S 158 -78.19 36.63 -64.53
CA GLU S 158 -79.00 37.75 -64.98
C GLU S 158 -79.09 37.76 -66.50
N LYS S 159 -78.00 37.40 -67.17
CA LYS S 159 -77.98 37.33 -68.62
C LYS S 159 -78.72 36.10 -69.14
N ALA S 160 -78.86 35.07 -68.32
CA ALA S 160 -79.58 33.90 -68.79
C ALA S 160 -81.09 34.08 -68.73
N LYS S 161 -81.58 34.77 -67.69
CA LYS S 161 -83.02 34.93 -67.48
C LYS S 161 -83.67 35.77 -68.57
N ILE S 162 -82.95 36.77 -69.08
CA ILE S 162 -83.49 37.61 -70.14
C ILE S 162 -83.60 36.83 -71.44
N HIS S 163 -82.87 35.71 -71.56
CA HIS S 163 -82.94 34.92 -72.78
C HIS S 163 -84.01 33.86 -72.71
N TYR S 164 -84.09 33.13 -71.59
CA TYR S 164 -85.13 32.12 -71.44
C TYR S 164 -86.51 32.74 -71.43
N ARG S 165 -86.64 33.93 -70.83
CA ARG S 165 -87.91 34.64 -70.93
C ARG S 165 -88.18 35.05 -72.37
N LYS S 166 -87.12 35.31 -73.14
CA LYS S 166 -87.32 35.62 -74.55
C LYS S 166 -87.51 34.36 -75.37
N LYS S 167 -86.89 33.24 -74.99
CA LYS S 167 -87.13 32.04 -75.76
C LYS S 167 -88.49 31.43 -75.45
N LYS S 168 -88.95 31.53 -74.20
CA LYS S 168 -90.28 31.06 -73.85
C LYS S 168 -91.35 31.85 -74.59
N GLN S 169 -91.06 33.10 -74.94
CA GLN S 169 -91.90 33.85 -75.86
C GLN S 169 -91.99 33.20 -77.22
N LEU S 170 -90.84 32.72 -77.74
CA LEU S 170 -90.84 32.04 -79.05
C LEU S 170 -91.67 30.77 -79.02
N MET S 171 -91.65 30.04 -77.92
CA MET S 171 -92.40 28.79 -77.89
C MET S 171 -93.88 29.06 -77.80
N ARG S 172 -94.28 30.20 -77.24
CA ARG S 172 -95.67 30.60 -77.29
C ARG S 172 -96.11 30.95 -78.70
N LEU S 173 -95.19 31.38 -79.56
CA LEU S 173 -95.56 31.67 -80.94
C LEU S 173 -95.97 30.43 -81.70
N ARG S 174 -95.23 29.33 -81.53
CA ARG S 174 -95.54 28.17 -82.34
C ARG S 174 -96.76 27.42 -81.84
N LYS S 175 -97.14 27.56 -80.58
CA LYS S 175 -98.36 26.91 -80.17
C LYS S 175 -99.59 27.72 -80.52
N GLN S 176 -99.42 29.01 -80.76
CA GLN S 176 -100.44 29.73 -81.48
C GLN S 176 -100.46 29.30 -82.94
N ALA S 177 -99.30 28.94 -83.49
CA ALA S 177 -99.30 28.35 -84.83
C ALA S 177 -99.81 26.92 -84.81
N GLU S 178 -99.72 26.23 -83.67
CA GLU S 178 -100.41 24.94 -83.53
C GLU S 178 -101.91 25.11 -83.63
N LYS S 179 -102.46 26.11 -82.92
CA LYS S 179 -103.89 26.27 -82.82
C LYS S 179 -104.51 26.70 -84.15
N ASN S 180 -103.73 27.31 -85.03
CA ASN S 180 -104.13 27.44 -86.41
C ASN S 180 -103.81 26.13 -87.14
N VAL S 181 -104.68 25.74 -88.08
CA VAL S 181 -104.90 24.34 -88.47
C VAL S 181 -104.61 24.33 -89.97
N GLU S 182 -105.11 23.30 -90.70
CA GLU S 182 -104.77 22.74 -92.03
C GLU S 182 -103.54 21.85 -91.91
N LYS S 183 -103.40 21.21 -90.75
CA LYS S 183 -102.31 20.30 -90.45
C LYS S 183 -102.74 18.96 -89.89
N LYS S 184 -104.02 18.79 -89.55
CA LYS S 184 -104.49 17.53 -88.97
C LYS S 184 -104.43 16.38 -89.95
N ILE S 185 -104.44 16.68 -91.26
CA ILE S 185 -104.25 15.67 -92.30
C ILE S 185 -102.88 15.04 -92.16
N ASP S 186 -101.85 15.87 -92.00
CA ASP S 186 -100.54 15.35 -91.64
C ASP S 186 -100.55 14.77 -90.24
N LYS S 187 -101.32 15.35 -89.32
CA LYS S 187 -101.34 14.83 -87.96
C LYS S 187 -102.13 13.56 -87.78
N TYR S 188 -102.89 13.09 -88.77
CA TYR S 188 -103.44 11.75 -88.65
C TYR S 188 -102.31 10.73 -88.54
N THR S 189 -101.31 10.85 -89.41
CA THR S 189 -100.14 9.97 -89.36
C THR S 189 -99.37 10.15 -88.06
N GLU S 190 -99.17 11.40 -87.65
CA GLU S 190 -98.34 11.71 -86.49
C GLU S 190 -98.96 11.17 -85.21
N VAL S 191 -100.29 11.24 -85.09
CA VAL S 191 -100.92 10.79 -83.86
C VAL S 191 -100.94 9.26 -83.80
N LEU S 192 -101.19 8.59 -84.92
CA LEU S 192 -101.25 7.13 -84.90
C LEU S 192 -99.88 6.49 -84.72
N LYS S 193 -98.80 7.20 -85.02
CA LYS S 193 -97.44 6.74 -84.71
C LYS S 193 -96.78 7.81 -83.86
N THR S 194 -97.06 7.82 -82.55
CA THR S 194 -96.33 8.59 -81.54
C THR S 194 -96.29 10.09 -81.83
N HIS S 195 -97.40 10.76 -81.53
CA HIS S 195 -97.49 12.22 -81.47
C HIS S 195 -96.34 12.83 -80.64
N VAL T 1 -5.18 6.66 -100.80
CA VAL T 1 -5.81 6.18 -99.58
C VAL T 1 -7.30 6.03 -99.76
N ARG T 2 -7.96 5.74 -98.65
CA ARG T 2 -9.40 5.64 -98.62
C ARG T 2 -9.96 6.62 -97.60
N TYR T 3 -11.12 7.18 -97.93
CA TYR T 3 -11.79 8.14 -97.09
C TYR T 3 -13.15 7.60 -96.71
N SER T 4 -13.63 7.98 -95.54
CA SER T 4 -15.05 7.81 -95.27
C SER T 4 -15.81 8.77 -96.16
N LEU T 5 -16.86 8.26 -96.81
CA LEU T 5 -17.69 9.02 -97.75
C LEU T 5 -16.84 9.56 -98.91
N ASP T 6 -16.37 8.63 -99.71
CA ASP T 6 -15.78 8.99 -101.00
C ASP T 6 -16.84 9.75 -101.81
N PRO T 7 -16.46 10.85 -102.49
CA PRO T 7 -17.46 11.85 -102.89
C PRO T 7 -18.35 11.41 -104.03
N GLU T 8 -19.35 12.23 -104.36
CA GLU T 8 -20.37 11.84 -105.32
C GLU T 8 -20.24 12.59 -106.64
N ASN T 9 -19.41 13.61 -106.69
CA ASN T 9 -19.02 14.27 -107.94
C ASN T 9 -17.50 14.40 -107.94
N PRO T 10 -16.78 13.27 -108.07
CA PRO T 10 -15.39 13.22 -107.59
C PRO T 10 -14.40 14.02 -108.40
N THR T 11 -14.68 14.29 -109.67
CA THR T 11 -13.78 15.16 -110.42
C THR T 11 -13.98 16.61 -110.00
N LYS T 12 -15.17 16.95 -109.53
CA LYS T 12 -15.53 18.30 -109.12
C LYS T 12 -15.44 18.47 -107.61
N SER T 13 -14.50 17.79 -106.96
CA SER T 13 -14.27 17.95 -105.53
C SER T 13 -12.84 17.59 -105.20
N CYS T 14 -12.14 18.50 -104.53
CA CYS T 14 -10.77 18.24 -104.11
C CYS T 14 -10.72 17.87 -102.63
N LYS T 15 -9.65 17.20 -102.24
CA LYS T 15 -9.57 16.53 -100.96
C LYS T 15 -8.21 16.71 -100.32
N SER T 16 -8.18 16.64 -99.00
CA SER T 16 -6.93 16.76 -98.26
C SER T 16 -7.02 15.91 -97.01
N ARG T 17 -5.87 15.65 -96.40
CA ARG T 17 -5.79 14.59 -95.41
C ARG T 17 -4.57 14.84 -94.53
N GLY T 18 -4.69 14.46 -93.26
CA GLY T 18 -3.57 14.54 -92.36
C GLY T 18 -3.55 13.37 -91.40
N SER T 19 -2.39 12.81 -91.14
CA SER T 19 -2.25 11.66 -90.27
C SER T 19 -1.07 11.85 -89.36
N ASN T 20 -1.23 11.45 -88.09
CA ASN T 20 -0.18 11.49 -87.08
C ASN T 20 0.38 12.89 -86.87
N LEU T 21 -0.47 13.76 -86.34
CA LEU T 21 -0.06 15.11 -86.01
C LEU T 21 -0.39 15.37 -84.55
N ARG T 22 0.62 15.84 -83.81
CA ARG T 22 0.60 15.93 -82.35
C ARG T 22 -0.27 17.11 -81.92
N VAL T 23 -1.57 16.84 -81.76
CA VAL T 23 -2.51 17.73 -81.07
C VAL T 23 -3.41 16.92 -80.17
N HIS T 24 -4.44 17.55 -79.64
CA HIS T 24 -5.42 16.91 -78.79
C HIS T 24 -6.62 16.54 -79.64
N PHE T 25 -7.13 15.34 -79.41
CA PHE T 25 -8.24 14.86 -80.22
C PHE T 25 -9.52 15.58 -79.90
N LYS T 26 -9.85 15.64 -78.61
CA LYS T 26 -11.13 16.16 -78.16
C LYS T 26 -11.28 17.64 -78.47
N ASN T 27 -10.18 18.37 -78.54
CA ASN T 27 -10.25 19.74 -79.00
C ASN T 27 -10.43 19.81 -80.51
N THR T 28 -9.80 18.91 -81.25
CA THR T 28 -9.92 19.00 -82.70
C THR T 28 -11.26 18.51 -83.21
N ARG T 29 -12.01 17.74 -82.41
CA ARG T 29 -13.30 17.30 -82.90
C ARG T 29 -14.28 18.46 -82.96
N GLU T 30 -14.34 19.26 -81.91
CA GLU T 30 -15.40 20.26 -81.78
C GLU T 30 -15.20 21.38 -82.79
N THR T 31 -13.95 21.73 -83.07
CA THR T 31 -13.68 22.70 -84.12
C THR T 31 -13.93 22.16 -85.51
N ALA T 32 -14.02 20.85 -85.69
CA ALA T 32 -14.37 20.34 -86.99
C ALA T 32 -15.84 20.54 -87.29
N GLN T 33 -16.69 20.38 -86.27
CA GLN T 33 -18.11 20.62 -86.49
C GLN T 33 -18.42 22.09 -86.69
N ALA T 34 -17.61 22.98 -86.14
CA ALA T 34 -17.80 24.39 -86.43
C ALA T 34 -17.48 24.68 -87.87
N ILE T 35 -16.47 23.99 -88.40
CA ILE T 35 -16.05 24.17 -89.78
C ILE T 35 -17.11 23.66 -90.75
N LYS T 36 -17.73 22.52 -90.43
CA LYS T 36 -18.41 21.68 -91.42
C LYS T 36 -19.59 22.35 -92.08
N GLY T 37 -19.43 22.59 -93.38
CA GLY T 37 -20.43 23.27 -94.18
C GLY T 37 -20.14 24.72 -94.47
N MET T 38 -19.16 25.31 -93.80
CA MET T 38 -18.86 26.72 -93.99
C MET T 38 -18.05 26.92 -95.27
N HIS T 39 -18.31 28.04 -95.93
CA HIS T 39 -17.61 28.39 -97.15
C HIS T 39 -16.14 28.64 -96.83
N ILE T 40 -15.27 28.41 -97.82
CA ILE T 40 -13.83 28.41 -97.55
C ILE T 40 -13.29 29.84 -97.39
N ARG T 41 -13.97 30.85 -97.94
CA ARG T 41 -13.66 32.23 -97.55
C ARG T 41 -13.87 32.41 -96.06
N LYS T 42 -15.03 31.99 -95.57
CA LYS T 42 -15.34 32.16 -94.17
C LYS T 42 -14.59 31.16 -93.32
N ALA T 43 -14.18 30.03 -93.89
CA ALA T 43 -13.39 29.06 -93.13
C ALA T 43 -12.00 29.60 -92.84
N THR T 44 -11.43 30.34 -93.78
CA THR T 44 -10.22 31.11 -93.48
C THR T 44 -10.49 32.14 -92.39
N LYS T 45 -11.57 32.90 -92.54
CA LYS T 45 -11.78 34.08 -91.72
C LYS T 45 -12.21 33.72 -90.30
N TYR T 46 -12.89 32.58 -90.14
CA TYR T 46 -13.31 32.15 -88.81
C TYR T 46 -12.13 31.68 -87.99
N LEU T 47 -11.20 30.95 -88.58
CA LEU T 47 -10.15 30.35 -87.78
C LEU T 47 -9.00 31.31 -87.50
N LYS T 48 -8.95 32.47 -88.15
CA LYS T 48 -8.07 33.51 -87.64
C LYS T 48 -8.58 34.04 -86.31
N ASP T 49 -9.91 34.10 -86.17
CA ASP T 49 -10.47 34.77 -85.01
C ASP T 49 -10.44 33.90 -83.76
N VAL T 50 -10.38 32.58 -83.93
CA VAL T 50 -10.24 31.71 -82.77
C VAL T 50 -8.86 31.87 -82.16
N THR T 51 -7.83 32.02 -83.01
CA THR T 51 -6.51 32.29 -82.48
C THR T 51 -6.39 33.71 -81.95
N LEU T 52 -7.24 34.63 -82.43
CA LEU T 52 -7.25 35.97 -81.88
C LEU T 52 -8.18 36.11 -80.69
N GLN T 53 -8.84 35.02 -80.29
CA GLN T 53 -9.86 34.98 -79.24
C GLN T 53 -10.93 36.03 -79.43
N LYS T 54 -11.59 35.98 -80.56
CA LYS T 54 -12.65 36.90 -80.83
C LYS T 54 -13.95 36.21 -81.15
N GLN T 55 -13.93 34.88 -81.28
CA GLN T 55 -15.07 34.13 -81.78
C GLN T 55 -14.81 32.67 -81.42
N CYS T 56 -15.78 32.02 -80.81
CA CYS T 56 -15.48 30.81 -80.06
C CYS T 56 -15.63 29.56 -80.90
N VAL T 57 -15.31 28.44 -80.27
CA VAL T 57 -15.60 27.11 -80.77
C VAL T 57 -16.44 26.43 -79.70
N PRO T 58 -17.69 26.09 -79.97
CA PRO T 58 -18.52 25.50 -78.93
C PRO T 58 -18.10 24.06 -78.71
N PHE T 59 -18.16 23.63 -77.45
CA PHE T 59 -17.82 22.26 -77.12
C PHE T 59 -19.11 21.50 -76.85
N ARG T 60 -19.48 20.66 -77.80
CA ARG T 60 -20.82 20.08 -77.83
C ARG T 60 -20.86 18.69 -77.23
N ARG T 61 -19.91 17.83 -77.59
CA ARG T 61 -19.88 16.48 -77.06
C ARG T 61 -18.88 16.31 -75.94
N TYR T 62 -17.71 16.92 -76.04
CA TYR T 62 -16.68 16.76 -75.02
C TYR T 62 -16.71 17.98 -74.11
N ASN T 63 -17.70 18.03 -73.24
CA ASN T 63 -18.08 19.26 -72.54
C ASN T 63 -17.67 19.30 -71.08
N GLY T 64 -17.02 18.26 -70.57
CA GLY T 64 -16.83 18.14 -69.15
C GLY T 64 -15.92 19.15 -68.51
N GLY T 65 -16.48 20.12 -67.82
CA GLY T 65 -15.68 21.06 -67.09
C GLY T 65 -15.23 22.26 -67.90
N VAL T 66 -15.69 22.42 -69.12
CA VAL T 66 -15.40 23.63 -69.86
C VAL T 66 -16.24 24.76 -69.29
N GLY T 67 -15.58 25.88 -69.00
CA GLY T 67 -16.28 27.03 -68.49
C GLY T 67 -17.16 27.69 -69.53
N ARG T 68 -18.14 28.43 -69.05
CA ARG T 68 -18.99 29.18 -69.94
C ARG T 68 -18.22 30.35 -70.53
N CYS T 69 -18.73 30.90 -71.63
CA CYS T 69 -18.11 32.08 -72.21
C CYS T 69 -19.18 32.89 -72.89
N ALA T 70 -18.77 34.06 -73.36
CA ALA T 70 -19.73 35.02 -73.89
C ALA T 70 -20.19 34.64 -75.28
N GLN T 71 -19.35 33.97 -76.06
CA GLN T 71 -19.51 33.94 -77.50
C GLN T 71 -20.18 32.68 -78.01
N ALA T 72 -20.72 31.85 -77.12
CA ALA T 72 -21.47 30.68 -77.55
C ALA T 72 -22.92 31.00 -77.88
N LYS T 73 -23.31 32.27 -77.81
CA LYS T 73 -24.62 32.68 -78.27
C LYS T 73 -24.72 32.78 -79.79
N GLN T 74 -23.60 32.71 -80.50
CA GLN T 74 -23.66 32.52 -81.94
C GLN T 74 -23.97 31.08 -82.32
N TRP T 75 -23.95 30.17 -81.37
CA TRP T 75 -24.03 28.75 -81.65
C TRP T 75 -25.17 28.08 -80.94
N GLY T 76 -25.92 28.81 -80.11
CA GLY T 76 -27.07 28.24 -79.43
C GLY T 76 -26.66 27.31 -78.33
N TRP T 77 -25.75 27.79 -77.50
CA TRP T 77 -25.00 26.90 -76.64
C TRP T 77 -24.39 27.78 -75.55
N THR T 78 -23.82 27.15 -74.54
CA THR T 78 -23.27 27.89 -73.42
C THR T 78 -21.75 27.83 -73.37
N GLN T 79 -21.18 26.64 -73.50
CA GLN T 79 -19.78 26.39 -73.24
C GLN T 79 -18.97 26.52 -74.51
N GLY T 80 -18.06 27.50 -74.54
CA GLY T 80 -17.13 27.63 -75.63
C GLY T 80 -15.73 27.79 -75.09
N ARG T 81 -14.77 27.55 -75.97
CA ARG T 81 -13.36 27.73 -75.62
C ARG T 81 -12.68 28.17 -76.91
N TRP T 82 -11.44 28.61 -76.82
CA TRP T 82 -10.74 29.21 -77.96
C TRP T 82 -9.44 28.46 -78.23
N PRO T 83 -9.50 27.30 -78.90
CA PRO T 83 -8.28 26.50 -79.10
C PRO T 83 -7.36 27.12 -80.13
N LYS T 84 -6.15 27.48 -79.72
CA LYS T 84 -5.13 27.89 -80.67
C LYS T 84 -4.75 26.74 -81.60
N LYS T 85 -4.18 25.68 -81.03
CA LYS T 85 -3.43 24.71 -81.82
C LYS T 85 -4.34 23.81 -82.65
N SER T 86 -5.59 23.63 -82.22
CA SER T 86 -6.56 23.05 -83.13
C SER T 86 -6.76 23.93 -84.35
N ALA T 87 -6.87 25.24 -84.14
CA ALA T 87 -7.09 26.14 -85.27
C ALA T 87 -5.84 26.30 -86.12
N GLU T 88 -4.65 26.21 -85.51
CA GLU T 88 -3.39 26.34 -86.24
C GLU T 88 -3.26 25.24 -87.29
N PHE T 89 -3.51 24.00 -86.88
CA PHE T 89 -3.36 22.88 -87.81
C PHE T 89 -4.58 22.73 -88.71
N LEU T 90 -5.75 23.15 -88.26
CA LEU T 90 -6.89 23.02 -89.16
C LEU T 90 -6.99 24.15 -90.16
N LEU T 91 -6.34 25.29 -89.89
CA LEU T 91 -6.14 26.27 -90.94
C LEU T 91 -5.07 25.81 -91.93
N HIS T 92 -4.14 24.98 -91.46
CA HIS T 92 -3.09 24.44 -92.33
C HIS T 92 -3.68 23.58 -93.44
N MET T 93 -4.58 22.66 -93.11
CA MET T 93 -5.13 21.73 -94.09
C MET T 93 -5.96 22.43 -95.15
N LEU T 94 -6.55 23.57 -94.81
CA LEU T 94 -7.36 24.29 -95.78
C LEU T 94 -6.49 24.95 -96.84
N LYS T 95 -5.25 25.29 -96.50
CA LYS T 95 -4.37 25.82 -97.54
C LYS T 95 -3.78 24.69 -98.37
N ASN T 96 -3.59 23.52 -97.76
CA ASN T 96 -3.24 22.33 -98.52
C ASN T 96 -4.41 21.93 -99.41
N ALA T 97 -5.65 22.08 -98.93
CA ALA T 97 -6.80 21.78 -99.76
C ALA T 97 -7.06 22.85 -100.80
N GLU T 98 -6.69 24.10 -100.50
CA GLU T 98 -6.64 25.13 -101.53
C GLU T 98 -5.63 24.76 -102.60
N SER T 99 -4.51 24.19 -102.17
CA SER T 99 -3.42 23.89 -103.07
C SER T 99 -3.80 22.81 -104.07
N ASN T 100 -4.61 21.86 -103.65
CA ASN T 100 -5.07 20.84 -104.56
C ASN T 100 -6.16 21.36 -105.47
N ALA T 101 -6.92 22.34 -104.98
CA ALA T 101 -7.96 22.96 -105.79
C ALA T 101 -7.34 23.82 -106.90
N GLU T 102 -6.14 24.35 -106.65
CA GLU T 102 -5.40 25.06 -107.68
C GLU T 102 -4.98 24.13 -108.81
N LEU T 103 -4.41 22.97 -108.46
CA LEU T 103 -3.81 22.09 -109.45
C LEU T 103 -4.86 21.45 -110.35
N LYS T 104 -6.01 21.09 -109.80
CA LYS T 104 -7.04 20.49 -110.63
C LYS T 104 -7.76 21.50 -111.50
N GLY T 105 -7.65 22.79 -111.19
CA GLY T 105 -8.29 23.80 -111.98
C GLY T 105 -9.76 23.99 -111.65
N LEU T 106 -10.05 24.38 -110.40
CA LEU T 106 -11.41 24.69 -109.98
C LEU T 106 -11.57 26.19 -109.79
N ASP T 107 -12.82 26.60 -109.53
CA ASP T 107 -13.14 27.95 -109.10
C ASP T 107 -13.15 27.95 -107.57
N VAL T 108 -12.01 28.29 -106.99
CA VAL T 108 -11.65 27.96 -105.61
C VAL T 108 -12.45 28.75 -104.58
N ASP T 109 -13.25 29.72 -105.02
CA ASP T 109 -14.11 30.46 -104.12
C ASP T 109 -15.57 30.06 -104.22
N SER T 110 -15.85 28.90 -104.81
CA SER T 110 -17.15 28.27 -104.70
C SER T 110 -17.11 27.00 -103.86
N LEU T 111 -16.09 26.85 -103.01
CA LEU T 111 -15.79 25.58 -102.37
C LEU T 111 -16.30 25.58 -100.94
N VAL T 112 -17.22 24.68 -100.66
CA VAL T 112 -17.67 24.46 -99.31
C VAL T 112 -17.02 23.16 -98.83
N ILE T 113 -16.97 22.99 -97.52
CA ILE T 113 -16.33 21.85 -96.91
C ILE T 113 -17.41 20.80 -96.64
N GLU T 114 -17.38 19.73 -97.43
CA GLU T 114 -18.46 18.75 -97.47
C GLU T 114 -18.37 17.77 -96.31
N HIS T 115 -17.17 17.38 -95.94
CA HIS T 115 -16.96 16.23 -95.08
C HIS T 115 -15.62 16.38 -94.41
N ILE T 116 -15.59 16.21 -93.09
CA ILE T 116 -14.35 16.39 -92.35
C ILE T 116 -14.37 15.49 -91.14
N GLN T 117 -13.41 14.59 -91.08
CA GLN T 117 -13.39 13.51 -90.12
C GLN T 117 -12.14 13.67 -89.27
N VAL T 118 -12.28 13.47 -87.98
CA VAL T 118 -11.13 13.53 -87.11
C VAL T 118 -11.20 12.40 -86.10
N ASN T 119 -10.19 11.52 -86.13
CA ASN T 119 -10.27 10.25 -85.44
C ASN T 119 -8.91 9.90 -84.89
N LYS T 120 -8.92 9.12 -83.82
CA LYS T 120 -7.74 9.01 -82.98
C LYS T 120 -6.66 8.13 -83.62
N ALA T 121 -5.43 8.45 -83.28
CA ALA T 121 -4.21 7.92 -83.84
C ALA T 121 -3.50 7.07 -82.79
N PRO T 122 -2.51 6.23 -83.19
CA PRO T 122 -1.80 5.44 -82.17
C PRO T 122 -0.99 6.27 -81.19
N LYS T 123 -1.45 6.30 -79.93
CA LYS T 123 -1.06 7.34 -78.99
C LYS T 123 0.31 7.06 -78.39
N MET T 124 1.10 8.11 -78.24
CA MET T 124 2.50 8.01 -77.86
C MET T 124 2.61 8.15 -76.35
N ARG T 125 3.53 7.40 -75.74
CA ARG T 125 3.50 7.20 -74.30
C ARG T 125 4.70 7.85 -73.62
N ARG T 126 4.44 8.54 -72.52
CA ARG T 126 5.44 9.08 -71.61
C ARG T 126 5.03 8.67 -70.21
N ARG T 127 5.84 9.03 -69.22
CA ARG T 127 5.54 8.67 -67.84
C ARG T 127 5.87 9.83 -66.91
N THR T 128 5.04 9.99 -65.87
CA THR T 128 5.29 10.96 -64.81
C THR T 128 5.13 10.29 -63.47
N TYR T 129 5.49 11.04 -62.44
CA TYR T 129 5.85 10.51 -61.14
C TYR T 129 4.82 10.96 -60.11
N ARG T 130 3.98 10.05 -59.68
CA ARG T 130 3.00 10.35 -58.65
C ARG T 130 3.63 10.01 -57.30
N ALA T 131 2.82 10.02 -56.24
CA ALA T 131 3.34 9.79 -54.91
C ALA T 131 3.63 8.31 -54.69
N HIS T 132 4.31 8.03 -53.57
CA HIS T 132 4.65 6.69 -53.08
C HIS T 132 5.47 5.86 -54.05
N GLY T 133 6.11 6.49 -55.02
CA GLY T 133 6.88 5.75 -56.00
C GLY T 133 5.99 4.90 -56.87
N ARG T 134 4.90 5.46 -57.38
CA ARG T 134 4.03 4.78 -58.33
C ARG T 134 4.03 5.55 -59.63
N ILE T 135 4.43 4.89 -60.71
CA ILE T 135 4.34 5.48 -62.04
C ILE T 135 2.90 5.45 -62.51
N ASN T 136 2.44 6.55 -63.08
CA ASN T 136 1.19 6.48 -63.81
C ASN T 136 1.46 7.07 -65.18
N PRO T 137 0.86 6.51 -66.22
CA PRO T 137 1.21 6.93 -67.59
C PRO T 137 0.71 8.34 -67.87
N TYR T 138 1.24 8.87 -68.96
CA TYR T 138 1.04 10.26 -69.30
C TYR T 138 1.22 10.31 -70.81
N MET T 139 0.13 10.29 -71.55
CA MET T 139 0.19 9.94 -72.95
C MET T 139 -0.48 10.99 -73.82
N SER T 140 -0.04 11.08 -75.07
CA SER T 140 -0.65 11.99 -76.02
C SER T 140 -1.98 11.44 -76.50
N SER T 141 -2.64 12.22 -77.37
CA SER T 141 -3.78 11.72 -78.14
C SER T 141 -3.81 12.42 -79.47
N PRO T 142 -2.93 12.03 -80.39
CA PRO T 142 -2.96 12.65 -81.72
C PRO T 142 -4.15 12.16 -82.50
N CYS T 143 -4.47 12.88 -83.55
CA CYS T 143 -5.64 12.54 -84.35
C CYS T 143 -5.31 12.63 -85.82
N HIS T 144 -5.94 11.75 -86.60
CA HIS T 144 -5.88 11.82 -88.06
C HIS T 144 -6.95 12.77 -88.56
N ILE T 145 -6.65 13.50 -89.63
CA ILE T 145 -7.61 14.44 -90.20
C ILE T 145 -7.82 14.11 -91.67
N GLU T 146 -9.07 14.05 -92.10
CA GLU T 146 -9.41 14.01 -93.50
C GLU T 146 -10.36 15.16 -93.81
N MET T 147 -10.36 15.61 -95.07
CA MET T 147 -11.41 16.52 -95.50
C MET T 147 -11.68 16.39 -96.99
N ILE T 148 -12.93 16.63 -97.37
CA ILE T 148 -13.37 16.66 -98.75
C ILE T 148 -13.97 18.04 -98.98
N LEU T 149 -13.62 18.68 -100.09
CA LEU T 149 -14.14 20.01 -100.42
C LEU T 149 -14.84 19.98 -101.77
N THR T 150 -16.12 20.36 -101.78
CA THR T 150 -17.02 20.17 -102.91
C THR T 150 -17.61 21.49 -103.35
N GLU T 151 -17.63 21.76 -104.66
CA GLU T 151 -18.16 23.01 -105.17
C GLU T 151 -19.66 23.14 -104.96
N LYS T 152 -20.09 24.36 -104.63
CA LYS T 152 -21.52 24.66 -104.55
C LYS T 152 -21.97 25.02 -105.95
N GLU T 153 -22.65 24.09 -106.60
CA GLU T 153 -23.01 24.16 -108.00
C GLU T 153 -24.24 25.03 -108.29
N GLY U 1 -52.56 -32.09 -61.78
CA GLY U 1 -51.76 -33.22 -61.36
C GLY U 1 -52.61 -34.46 -61.38
N VAL U 2 -51.99 -35.64 -61.32
CA VAL U 2 -52.79 -36.86 -61.27
C VAL U 2 -52.39 -37.69 -60.06
N ASP U 3 -51.16 -38.18 -60.04
CA ASP U 3 -50.76 -39.23 -59.11
C ASP U 3 -50.40 -38.66 -57.76
N ILE U 4 -51.00 -39.23 -56.72
CA ILE U 4 -50.39 -39.24 -55.40
C ILE U 4 -49.60 -40.57 -55.33
N ARG U 5 -49.64 -41.31 -56.43
CA ARG U 5 -48.74 -42.42 -56.74
C ARG U 5 -47.37 -41.91 -57.17
N HIS U 6 -46.42 -42.84 -57.23
CA HIS U 6 -45.06 -42.57 -57.66
C HIS U 6 -44.94 -42.64 -59.17
N ASN U 7 -43.70 -42.82 -59.65
CA ASN U 7 -43.42 -43.27 -61.00
C ASN U 7 -42.32 -44.35 -60.96
N LYS U 8 -42.74 -45.59 -61.12
CA LYS U 8 -41.92 -46.73 -61.51
C LYS U 8 -42.38 -47.25 -62.87
N ASP U 9 -42.54 -46.32 -63.81
CA ASP U 9 -43.28 -46.60 -65.03
C ASP U 9 -42.47 -47.44 -66.00
N ARG U 10 -41.17 -47.15 -66.15
CA ARG U 10 -40.40 -47.81 -67.19
C ARG U 10 -39.78 -49.08 -66.63
N LYS U 11 -40.07 -50.19 -67.29
CA LYS U 11 -39.47 -51.42 -66.85
C LYS U 11 -38.01 -51.44 -67.22
N VAL U 12 -37.24 -52.27 -66.51
CA VAL U 12 -35.82 -52.40 -66.77
C VAL U 12 -35.47 -53.55 -67.69
N ARG U 13 -36.46 -54.32 -68.15
CA ARG U 13 -36.25 -55.52 -68.96
C ARG U 13 -35.52 -55.20 -70.25
N ARG U 14 -34.53 -56.02 -70.55
CA ARG U 14 -33.70 -55.77 -71.73
C ARG U 14 -34.51 -56.06 -72.98
N LYS U 15 -34.40 -55.20 -73.98
CA LYS U 15 -35.22 -55.35 -75.17
C LYS U 15 -34.39 -55.67 -76.41
N GLU U 16 -33.38 -54.91 -76.69
CA GLU U 16 -32.43 -55.40 -77.67
C GLU U 16 -31.13 -55.75 -76.99
N PRO U 17 -30.46 -56.83 -77.40
CA PRO U 17 -29.20 -57.19 -76.75
C PRO U 17 -28.12 -56.17 -77.02
N LYS U 18 -27.35 -55.86 -75.98
CA LYS U 18 -26.29 -54.88 -76.08
C LYS U 18 -25.19 -55.33 -77.04
N SER U 19 -25.04 -56.64 -77.22
CA SER U 19 -24.06 -57.19 -78.13
C SER U 19 -24.33 -56.79 -79.57
N GLN U 20 -23.25 -56.66 -80.35
CA GLN U 20 -23.32 -56.33 -81.75
C GLN U 20 -22.97 -57.50 -82.65
N ASP U 21 -23.05 -58.72 -82.14
CA ASP U 21 -22.71 -59.90 -82.91
C ASP U 21 -23.75 -60.10 -84.01
N ILE U 22 -23.28 -60.06 -85.26
CA ILE U 22 -24.14 -60.21 -86.43
C ILE U 22 -24.89 -61.53 -86.41
N TYR U 23 -24.22 -62.60 -86.01
CA TYR U 23 -24.87 -63.90 -86.00
C TYR U 23 -25.89 -64.01 -84.90
N LEU U 24 -25.66 -63.36 -83.79
CA LEU U 24 -26.75 -63.24 -82.83
C LEU U 24 -27.81 -62.31 -83.35
N ARG U 25 -27.44 -61.32 -84.15
CA ARG U 25 -28.45 -60.43 -84.68
C ARG U 25 -29.28 -61.09 -85.77
N LEU U 26 -28.83 -62.20 -86.35
CA LEU U 26 -29.74 -62.92 -87.21
C LEU U 26 -30.60 -63.93 -86.47
N LEU U 27 -30.08 -64.53 -85.41
CA LEU U 27 -30.95 -65.39 -84.62
C LEU U 27 -32.05 -64.61 -83.93
N VAL U 28 -31.80 -63.35 -83.61
CA VAL U 28 -32.85 -62.53 -83.02
C VAL U 28 -33.89 -62.18 -84.07
N LYS U 29 -33.45 -61.84 -85.30
CA LYS U 29 -34.36 -61.56 -86.40
C LYS U 29 -35.21 -62.77 -86.75
N LEU U 30 -34.66 -63.97 -86.60
CA LEU U 30 -35.47 -65.16 -86.81
C LEU U 30 -36.43 -65.39 -85.66
N TYR U 31 -35.95 -65.26 -84.42
CA TYR U 31 -36.76 -65.62 -83.28
C TYR U 31 -37.75 -64.56 -82.85
N ARG U 32 -37.54 -63.29 -83.21
CA ARG U 32 -38.58 -62.32 -82.91
C ARG U 32 -39.75 -62.47 -83.87
N PHE U 33 -39.50 -63.05 -85.05
CA PHE U 33 -40.58 -63.46 -85.94
C PHE U 33 -41.46 -64.52 -85.29
N LEU U 34 -40.84 -65.55 -84.71
CA LEU U 34 -41.58 -66.72 -84.24
C LEU U 34 -42.45 -66.44 -83.02
N ALA U 35 -41.92 -65.68 -82.06
CA ALA U 35 -42.56 -65.60 -80.75
C ALA U 35 -43.87 -64.83 -80.76
N ARG U 36 -44.10 -63.99 -81.78
CA ARG U 36 -45.38 -63.32 -81.95
C ARG U 36 -46.34 -64.07 -82.85
N ARG U 37 -45.86 -65.06 -83.61
CA ARG U 37 -46.67 -65.64 -84.66
C ARG U 37 -46.94 -67.12 -84.46
N THR U 38 -46.79 -67.66 -83.26
CA THR U 38 -47.00 -69.09 -83.10
C THR U 38 -47.97 -69.51 -82.02
N ASN U 39 -48.39 -68.59 -81.15
CA ASN U 39 -49.19 -68.90 -79.95
C ASN U 39 -48.51 -69.97 -79.11
N SER U 40 -47.19 -69.84 -78.99
CA SER U 40 -46.35 -70.76 -78.26
C SER U 40 -45.62 -69.95 -77.20
N THR U 41 -45.25 -70.64 -76.12
CA THR U 41 -44.62 -69.96 -75.00
C THR U 41 -43.18 -70.42 -74.79
N PHE U 42 -42.78 -71.55 -75.40
CA PHE U 42 -41.36 -71.85 -75.55
C PHE U 42 -40.62 -70.73 -76.26
N ASN U 43 -41.17 -70.26 -77.38
CA ASN U 43 -40.48 -69.33 -78.25
C ASN U 43 -40.38 -67.94 -77.64
N GLN U 44 -41.22 -67.64 -76.64
CA GLN U 44 -40.99 -66.48 -75.81
C GLN U 44 -39.68 -66.62 -75.06
N VAL U 45 -39.46 -67.78 -74.45
CA VAL U 45 -38.45 -67.92 -73.42
C VAL U 45 -37.06 -67.98 -74.03
N VAL U 46 -36.93 -68.60 -75.20
CA VAL U 46 -35.65 -68.58 -75.91
C VAL U 46 -35.31 -67.19 -76.38
N LEU U 47 -36.31 -66.46 -76.88
CA LEU U 47 -36.13 -65.10 -77.35
C LEU U 47 -35.72 -64.16 -76.23
N LYS U 48 -36.16 -64.44 -75.00
CA LYS U 48 -35.61 -63.74 -73.84
C LYS U 48 -34.13 -64.05 -73.69
N ARG U 49 -33.75 -65.31 -73.84
CA ARG U 49 -32.40 -65.70 -73.50
C ARG U 49 -31.40 -65.34 -74.58
N LEU U 50 -31.84 -65.12 -75.81
CA LEU U 50 -30.92 -64.56 -76.79
C LEU U 50 -30.60 -63.11 -76.46
N PHE U 51 -31.56 -62.38 -75.88
CA PHE U 51 -31.33 -61.01 -75.46
C PHE U 51 -30.30 -60.96 -74.35
N MET U 52 -30.36 -61.95 -73.47
CA MET U 52 -29.78 -61.93 -72.14
C MET U 52 -28.26 -61.83 -72.21
N SER U 53 -27.64 -61.42 -71.11
CA SER U 53 -26.21 -61.12 -71.15
C SER U 53 -25.40 -62.39 -70.93
N ARG U 54 -24.08 -62.24 -70.80
CA ARG U 54 -23.20 -63.39 -70.69
C ARG U 54 -23.05 -63.85 -69.24
N THR U 55 -23.31 -62.99 -68.28
CA THR U 55 -23.39 -63.45 -66.90
C THR U 55 -24.59 -64.35 -66.71
N ASN U 56 -25.74 -63.95 -67.24
CA ASN U 56 -26.97 -64.66 -66.99
C ASN U 56 -27.21 -65.82 -67.94
N ARG U 57 -26.19 -66.26 -68.67
CA ARG U 57 -26.26 -67.46 -69.48
C ARG U 57 -25.08 -68.35 -69.15
N PRO U 58 -25.08 -68.97 -67.98
CA PRO U 58 -23.91 -69.71 -67.55
C PRO U 58 -23.80 -71.02 -68.32
N PRO U 59 -22.59 -71.55 -68.49
CA PRO U 59 -22.41 -72.71 -69.35
C PRO U 59 -22.85 -74.00 -68.66
N LEU U 60 -23.67 -74.77 -69.37
CA LEU U 60 -23.90 -76.16 -68.97
C LEU U 60 -22.60 -76.92 -69.00
N SER U 61 -22.27 -77.54 -67.88
CA SER U 61 -21.24 -78.55 -67.96
C SER U 61 -21.93 -79.79 -68.47
N LEU U 62 -21.16 -80.66 -69.12
CA LEU U 62 -21.73 -81.71 -69.94
C LEU U 62 -22.52 -82.73 -69.13
N SER U 63 -22.17 -82.91 -67.86
CA SER U 63 -22.84 -83.94 -67.09
C SER U 63 -24.11 -83.45 -66.42
N ARG U 64 -24.36 -82.15 -66.36
CA ARG U 64 -25.69 -81.71 -65.94
C ARG U 64 -26.70 -82.03 -67.02
N MET U 65 -26.31 -81.84 -68.27
CA MET U 65 -27.24 -82.05 -69.38
C MET U 65 -27.61 -83.52 -69.52
N ILE U 66 -26.67 -84.43 -69.22
CA ILE U 66 -26.97 -85.87 -69.20
C ILE U 66 -27.90 -86.20 -68.07
N ARG U 67 -27.59 -85.71 -66.87
CA ARG U 67 -28.36 -86.07 -65.69
C ARG U 67 -29.73 -85.43 -65.70
N LYS U 68 -29.92 -84.37 -66.49
CA LYS U 68 -31.27 -83.87 -66.69
C LYS U 68 -31.93 -84.40 -67.96
N MET U 69 -31.24 -85.23 -68.76
CA MET U 69 -31.97 -85.92 -69.81
C MET U 69 -32.31 -87.35 -69.45
N LYS U 70 -31.61 -87.99 -68.53
CA LYS U 70 -31.96 -89.37 -68.26
C LYS U 70 -33.14 -89.50 -67.32
N LEU U 71 -33.67 -88.38 -66.82
CA LEU U 71 -34.84 -88.37 -65.97
C LEU U 71 -36.04 -88.91 -66.75
N PRO U 72 -36.94 -89.66 -66.11
CA PRO U 72 -37.78 -90.60 -66.86
C PRO U 72 -38.81 -89.92 -67.75
N GLY U 73 -38.97 -90.46 -68.94
CA GLY U 73 -39.85 -89.90 -69.93
C GLY U 73 -39.18 -88.95 -70.88
N ARG U 74 -37.92 -88.60 -70.61
CA ARG U 74 -37.21 -87.59 -71.38
C ARG U 74 -36.10 -88.16 -72.25
N GLU U 75 -36.09 -89.47 -72.50
CA GLU U 75 -35.09 -90.05 -73.39
C GLU U 75 -35.33 -89.67 -74.85
N ASN U 76 -36.51 -89.16 -75.16
CA ASN U 76 -36.97 -89.08 -76.52
C ASN U 76 -37.14 -87.64 -76.98
N LYS U 77 -36.87 -86.68 -76.10
CA LYS U 77 -36.94 -85.26 -76.40
C LYS U 77 -35.55 -84.76 -76.73
N THR U 78 -35.47 -83.55 -77.27
CA THR U 78 -34.20 -82.97 -77.68
C THR U 78 -33.86 -81.82 -76.76
N ALA U 79 -32.66 -81.82 -76.21
CA ALA U 79 -32.27 -80.79 -75.27
C ALA U 79 -31.96 -79.48 -75.99
N VAL U 80 -32.36 -78.36 -75.40
CA VAL U 80 -32.05 -77.04 -75.93
C VAL U 80 -31.52 -76.21 -74.77
N VAL U 81 -30.29 -75.74 -74.91
CA VAL U 81 -29.65 -74.85 -73.95
C VAL U 81 -29.15 -73.62 -74.69
N VAL U 82 -29.63 -72.44 -74.31
CA VAL U 82 -29.18 -71.20 -74.94
C VAL U 82 -27.96 -70.70 -74.18
N GLY U 83 -26.81 -70.72 -74.83
CA GLY U 83 -25.55 -70.56 -74.18
C GLY U 83 -24.63 -71.72 -74.49
N THR U 84 -23.46 -71.68 -73.90
CA THR U 84 -22.43 -72.62 -74.30
C THR U 84 -22.54 -73.92 -73.53
N ILE U 85 -22.17 -75.00 -74.21
CA ILE U 85 -22.08 -76.32 -73.60
C ILE U 85 -20.63 -76.75 -73.65
N THR U 86 -20.06 -76.97 -72.48
CA THR U 86 -18.67 -77.33 -72.31
C THR U 86 -18.58 -78.81 -72.02
N ASP U 87 -17.38 -79.28 -71.71
CA ASP U 87 -17.13 -80.70 -71.55
C ASP U 87 -16.91 -81.03 -70.08
N ASP U 88 -17.33 -82.23 -69.68
CA ASP U 88 -17.03 -82.77 -68.36
C ASP U 88 -16.20 -84.02 -68.53
N VAL U 89 -15.05 -84.05 -67.89
CA VAL U 89 -14.24 -85.24 -67.92
C VAL U 89 -14.40 -86.06 -66.64
N ARG U 90 -15.35 -85.67 -65.79
CA ARG U 90 -15.70 -86.46 -64.61
C ARG U 90 -16.35 -87.77 -65.01
N VAL U 91 -17.07 -87.80 -66.12
CA VAL U 91 -17.96 -88.90 -66.44
C VAL U 91 -17.34 -89.76 -67.54
N GLN U 92 -17.92 -90.93 -67.72
CA GLN U 92 -17.41 -91.90 -68.67
C GLN U 92 -18.44 -92.35 -69.69
N GLU U 93 -19.69 -92.55 -69.28
CA GLU U 93 -20.74 -92.81 -70.23
C GLU U 93 -21.11 -91.52 -70.96
N VAL U 94 -21.24 -91.59 -72.29
CA VAL U 94 -21.92 -90.54 -73.03
C VAL U 94 -22.96 -91.18 -73.97
N PRO U 95 -24.26 -91.03 -73.69
CA PRO U 95 -25.29 -91.58 -74.59
C PRO U 95 -25.51 -90.77 -75.86
N LYS U 96 -26.50 -91.19 -76.67
CA LYS U 96 -26.69 -90.69 -78.04
C LYS U 96 -27.70 -89.56 -78.07
N LEU U 97 -27.59 -88.65 -77.11
CA LEU U 97 -28.66 -87.70 -76.87
C LEU U 97 -28.53 -86.51 -77.81
N LYS U 98 -29.63 -85.76 -77.95
CA LYS U 98 -29.69 -84.63 -78.87
C LYS U 98 -29.48 -83.31 -78.15
N VAL U 99 -28.75 -82.41 -78.80
CA VAL U 99 -28.20 -81.20 -78.21
C VAL U 99 -28.44 -80.05 -79.17
N CYS U 100 -28.87 -78.90 -78.66
CA CYS U 100 -29.11 -77.73 -79.50
C CYS U 100 -28.63 -76.49 -78.75
N ALA U 101 -27.42 -76.01 -79.05
CA ALA U 101 -26.85 -74.92 -78.28
C ALA U 101 -26.20 -73.88 -79.18
N LEU U 102 -25.85 -72.76 -78.57
CA LEU U 102 -24.91 -71.82 -79.14
C LEU U 102 -23.52 -72.22 -78.70
N ARG U 103 -22.65 -72.51 -79.67
CA ARG U 103 -21.21 -72.63 -79.49
C ARG U 103 -20.87 -73.75 -78.49
N VAL U 104 -21.14 -74.97 -78.92
CA VAL U 104 -20.64 -76.13 -78.22
C VAL U 104 -19.13 -76.10 -78.29
N THR U 105 -18.48 -76.35 -77.16
CA THR U 105 -17.02 -76.30 -77.14
C THR U 105 -16.46 -77.50 -77.88
N SER U 106 -15.20 -77.37 -78.30
CA SER U 106 -14.66 -78.22 -79.36
C SER U 106 -14.46 -79.64 -78.89
N ARG U 107 -13.95 -79.83 -77.67
CA ARG U 107 -13.80 -81.18 -77.16
C ARG U 107 -15.14 -81.78 -76.77
N ALA U 108 -16.17 -80.95 -76.63
CA ALA U 108 -17.52 -81.47 -76.43
C ALA U 108 -18.18 -81.86 -77.74
N ARG U 109 -17.75 -81.27 -78.87
CA ARG U 109 -18.29 -81.72 -80.16
C ARG U 109 -17.83 -83.12 -80.51
N SER U 110 -16.60 -83.46 -80.18
CA SER U 110 -16.11 -84.79 -80.51
C SER U 110 -16.80 -85.86 -79.69
N ARG U 111 -17.03 -85.60 -78.40
CA ARG U 111 -17.56 -86.63 -77.52
C ARG U 111 -19.07 -86.81 -77.72
N ILE U 112 -19.75 -85.84 -78.34
CA ILE U 112 -21.09 -86.11 -78.84
C ILE U 112 -21.01 -87.01 -80.07
N LEU U 113 -20.20 -86.61 -81.05
CA LEU U 113 -20.18 -87.32 -82.31
C LEU U 113 -19.49 -88.68 -82.23
N ARG U 114 -18.66 -88.92 -81.21
CA ARG U 114 -18.27 -90.28 -80.89
C ARG U 114 -19.47 -91.09 -80.44
N ALA U 115 -20.34 -90.48 -79.66
CA ALA U 115 -21.51 -91.17 -79.14
C ALA U 115 -22.63 -91.25 -80.16
N GLY U 116 -22.43 -90.77 -81.38
CA GLY U 116 -23.41 -90.96 -82.43
C GLY U 116 -24.57 -90.02 -82.38
N GLY U 117 -24.52 -88.99 -81.55
CA GLY U 117 -25.63 -88.09 -81.36
C GLY U 117 -25.67 -87.01 -82.41
N LYS U 118 -26.66 -86.14 -82.27
CA LYS U 118 -26.96 -85.12 -83.27
C LYS U 118 -26.90 -83.74 -82.63
N ILE U 119 -26.21 -82.81 -83.26
CA ILE U 119 -26.12 -81.45 -82.78
C ILE U 119 -26.85 -80.51 -83.72
N LEU U 120 -27.43 -79.45 -83.17
CA LEU U 120 -28.18 -78.45 -83.93
C LEU U 120 -27.92 -77.07 -83.36
N THR U 121 -28.25 -76.06 -84.13
CA THR U 121 -28.45 -74.71 -83.61
C THR U 121 -29.82 -74.23 -84.02
N PHE U 122 -30.04 -72.93 -83.81
CA PHE U 122 -31.37 -72.35 -83.81
C PHE U 122 -31.87 -71.98 -85.19
N ASP U 123 -30.97 -71.94 -86.17
CA ASP U 123 -31.38 -71.95 -87.55
C ASP U 123 -31.94 -73.33 -87.92
N GLN U 124 -31.33 -74.38 -87.38
CA GLN U 124 -31.79 -75.73 -87.60
C GLN U 124 -32.90 -76.12 -86.62
N LEU U 125 -32.89 -75.54 -85.42
CA LEU U 125 -33.89 -75.89 -84.43
C LEU U 125 -35.26 -75.37 -84.83
N ALA U 126 -35.29 -74.27 -85.54
CA ALA U 126 -36.57 -73.67 -85.91
C ALA U 126 -37.32 -74.52 -86.92
N LEU U 127 -36.62 -75.28 -87.74
CA LEU U 127 -37.30 -76.05 -88.77
C LEU U 127 -37.99 -77.28 -88.19
N ASP U 128 -37.34 -77.97 -87.27
CA ASP U 128 -37.93 -79.19 -86.71
C ASP U 128 -39.09 -78.87 -85.79
N SER U 129 -38.81 -78.09 -84.74
CA SER U 129 -39.78 -77.78 -83.70
C SER U 129 -39.93 -76.27 -83.63
N PRO U 130 -40.72 -75.67 -84.53
CA PRO U 130 -40.89 -74.21 -84.46
C PRO U 130 -41.59 -73.79 -83.19
N LYS U 131 -42.57 -74.57 -82.76
CA LYS U 131 -43.22 -74.35 -81.48
C LYS U 131 -42.41 -74.87 -80.32
N GLY U 132 -41.26 -75.48 -80.57
CA GLY U 132 -40.52 -76.11 -79.51
C GLY U 132 -41.11 -77.42 -79.09
N CYS U 133 -41.75 -78.12 -80.00
CA CYS U 133 -42.44 -79.35 -79.65
C CYS U 133 -41.43 -80.48 -79.47
N GLY U 134 -41.48 -81.11 -78.30
CA GLY U 134 -40.57 -82.20 -78.01
C GLY U 134 -39.20 -81.77 -77.55
N THR U 135 -39.08 -80.58 -76.96
CA THR U 135 -37.78 -79.99 -76.67
C THR U 135 -37.69 -79.60 -75.21
N VAL U 136 -36.79 -80.22 -74.47
CA VAL U 136 -36.53 -79.83 -73.09
C VAL U 136 -35.64 -78.61 -73.11
N LEU U 137 -36.04 -77.57 -72.39
CA LEU U 137 -35.17 -76.43 -72.15
C LEU U 137 -34.41 -76.64 -70.85
N LEU U 138 -33.17 -76.14 -70.83
CA LEU U 138 -32.35 -76.19 -69.63
C LEU U 138 -31.67 -74.84 -69.45
N SER U 139 -31.01 -74.66 -68.31
CA SER U 139 -30.06 -73.57 -68.14
C SER U 139 -29.08 -73.91 -67.04
N GLY U 140 -27.93 -73.26 -67.08
CA GLY U 140 -26.85 -73.57 -66.17
C GLY U 140 -27.05 -72.95 -64.82
N PRO U 141 -26.06 -73.11 -63.98
CA PRO U 141 -26.15 -72.57 -62.63
C PRO U 141 -25.96 -71.05 -62.58
N ARG U 142 -27.06 -70.30 -62.70
CA ARG U 142 -26.97 -68.85 -62.73
C ARG U 142 -26.43 -68.28 -61.43
N LYS U 143 -26.80 -68.87 -60.29
CA LYS U 143 -26.12 -68.47 -59.07
C LYS U 143 -24.74 -69.10 -58.96
N GLY U 144 -24.40 -70.04 -59.83
CA GLY U 144 -23.16 -70.77 -59.70
C GLY U 144 -21.91 -69.99 -60.02
N ARG U 145 -22.02 -68.68 -60.22
CA ARG U 145 -20.86 -67.83 -60.35
C ARG U 145 -20.06 -67.85 -59.05
N GLU U 146 -18.75 -67.62 -59.16
CA GLU U 146 -17.91 -67.49 -57.99
C GLU U 146 -18.31 -66.32 -57.13
N VAL U 147 -18.82 -65.27 -57.75
CA VAL U 147 -19.06 -64.01 -57.06
C VAL U 147 -20.19 -64.16 -56.06
N TYR U 148 -21.27 -64.86 -56.43
CA TYR U 148 -22.53 -64.87 -55.69
C TYR U 148 -22.44 -65.46 -54.31
N ARG U 149 -21.28 -65.91 -53.87
CA ARG U 149 -21.07 -66.24 -52.49
C ARG U 149 -20.61 -65.04 -51.71
N HIS U 150 -20.28 -63.93 -52.37
CA HIS U 150 -19.97 -62.70 -51.67
C HIS U 150 -21.20 -61.97 -51.18
N PHE U 151 -22.38 -62.33 -51.66
CA PHE U 151 -23.54 -61.45 -51.55
C PHE U 151 -24.45 -61.99 -50.46
N GLY U 152 -24.50 -61.29 -49.34
CA GLY U 152 -25.32 -61.70 -48.22
C GLY U 152 -25.73 -60.49 -47.45
N LYS U 153 -26.04 -60.69 -46.18
CA LYS U 153 -26.59 -59.57 -45.43
C LYS U 153 -25.51 -58.60 -45.02
N ALA U 154 -24.35 -59.09 -44.68
CA ALA U 154 -23.12 -58.34 -44.43
C ALA U 154 -22.05 -59.40 -44.38
N PRO U 155 -20.76 -59.05 -44.36
CA PRO U 155 -19.72 -60.07 -44.16
C PRO U 155 -19.30 -60.36 -42.72
N GLY U 156 -19.98 -59.84 -41.72
CA GLY U 156 -19.60 -60.18 -40.37
C GLY U 156 -20.76 -60.38 -39.40
N THR U 157 -22.02 -60.21 -39.82
CA THR U 157 -22.98 -59.99 -38.73
C THR U 157 -23.52 -61.22 -37.93
N PRO U 158 -24.43 -62.18 -38.38
CA PRO U 158 -24.35 -63.51 -37.76
C PRO U 158 -23.63 -64.51 -38.65
N HIS U 159 -22.40 -64.13 -39.03
CA HIS U 159 -21.39 -64.84 -39.81
C HIS U 159 -21.76 -65.07 -41.26
N SER U 160 -23.05 -65.26 -41.57
CA SER U 160 -23.63 -64.92 -42.87
C SER U 160 -23.05 -65.61 -44.12
N HIS U 161 -21.96 -66.37 -43.96
CA HIS U 161 -21.42 -67.28 -44.97
C HIS U 161 -20.98 -66.54 -46.25
N THR U 162 -19.99 -65.64 -46.08
CA THR U 162 -19.88 -64.48 -46.96
C THR U 162 -18.69 -64.51 -47.90
N LYS U 163 -17.57 -65.09 -47.48
CA LYS U 163 -16.30 -65.03 -48.22
C LYS U 163 -15.81 -63.59 -48.38
N PRO U 164 -15.23 -63.01 -47.34
CA PRO U 164 -14.83 -61.59 -47.39
C PRO U 164 -13.71 -61.33 -48.38
N TYR U 165 -13.67 -60.10 -48.86
CA TYR U 165 -12.59 -59.69 -49.74
C TYR U 165 -11.30 -59.56 -48.95
N VAL U 166 -10.22 -60.12 -49.50
CA VAL U 166 -8.93 -60.10 -48.83
C VAL U 166 -7.87 -60.30 -49.91
N ARG U 167 -6.67 -59.78 -49.65
CA ARG U 167 -5.65 -59.74 -50.69
C ARG U 167 -5.05 -61.12 -50.94
N SER U 168 -5.03 -61.99 -49.92
CA SER U 168 -4.82 -63.43 -50.04
C SER U 168 -5.15 -64.09 -48.72
N LYS U 169 -5.47 -65.37 -48.78
CA LYS U 169 -5.82 -66.12 -47.59
C LYS U 169 -4.57 -66.44 -46.79
N GLY U 170 -4.76 -66.76 -45.52
CA GLY U 170 -3.71 -67.35 -44.73
C GLY U 170 -3.93 -67.03 -43.27
N ARG U 171 -2.88 -67.26 -42.50
CA ARG U 171 -2.79 -66.61 -41.22
C ARG U 171 -2.45 -65.14 -41.48
N LYS U 172 -2.72 -64.29 -40.47
CA LYS U 172 -2.39 -62.87 -40.49
C LYS U 172 -3.18 -62.13 -41.58
N PHE U 173 -4.39 -62.62 -41.89
CA PHE U 173 -5.32 -61.89 -42.74
C PHE U 173 -6.73 -62.17 -42.23
N GLU U 174 -7.30 -61.19 -41.55
CA GLU U 174 -8.70 -61.17 -41.10
C GLU U 174 -9.04 -62.38 -40.23
N ARG U 175 -8.37 -62.46 -39.08
CA ARG U 175 -8.57 -63.62 -38.21
C ARG U 175 -8.77 -63.31 -36.74
N ALA U 176 -8.32 -62.16 -36.24
CA ALA U 176 -8.23 -62.04 -34.80
C ALA U 176 -9.51 -61.51 -34.18
N ARG U 177 -9.91 -60.30 -34.54
CA ARG U 177 -10.95 -59.58 -33.82
C ARG U 177 -12.29 -59.73 -34.53
N GLY U 178 -13.03 -60.76 -34.16
CA GLY U 178 -14.28 -60.97 -34.83
C GLY U 178 -14.37 -62.36 -35.40
N ARG U 179 -13.25 -62.95 -35.76
CA ARG U 179 -13.29 -64.29 -36.28
C ARG U 179 -13.04 -65.33 -35.19
N ARG U 180 -12.79 -64.90 -33.96
CA ARG U 180 -12.64 -65.81 -32.83
C ARG U 180 -13.00 -65.11 -31.54
N ALA U 181 -13.20 -65.91 -30.50
CA ALA U 181 -13.83 -65.40 -29.29
C ALA U 181 -12.84 -64.85 -28.28
N SER U 182 -11.64 -65.38 -28.23
CA SER U 182 -10.70 -64.90 -27.22
C SER U 182 -10.20 -63.51 -27.55
N ARG U 183 -10.13 -63.16 -28.83
CA ARG U 183 -9.59 -61.86 -29.25
C ARG U 183 -10.71 -60.85 -29.45
N GLY U 184 -11.50 -60.62 -28.41
CA GLY U 184 -12.55 -59.65 -28.53
C GLY U 184 -13.93 -60.29 -28.56
N TYR U 185 -14.61 -60.22 -29.69
CA TYR U 185 -15.92 -60.83 -29.85
C TYR U 185 -15.90 -61.84 -30.97
N LYS U 186 -16.90 -62.70 -30.98
CA LYS U 186 -16.97 -63.79 -31.94
C LYS U 186 -18.21 -63.53 -32.76
N ASN U 187 -18.09 -62.57 -33.69
CA ASN U 187 -19.18 -61.90 -34.40
C ASN U 187 -20.52 -61.69 -33.70
N SER V 1 25.16 34.47 -84.54
CA SER V 1 23.95 34.68 -83.75
C SER V 1 23.91 33.81 -82.49
N MET V 2 25.09 33.43 -82.00
CA MET V 2 25.22 32.67 -80.76
C MET V 2 26.60 32.98 -80.20
N LEU V 3 26.64 33.85 -79.20
CA LEU V 3 27.90 34.40 -78.73
C LEU V 3 28.32 33.82 -77.41
N ARG V 4 27.80 32.65 -77.05
CA ARG V 4 28.14 32.08 -75.75
C ARG V 4 29.57 31.58 -75.71
N LEU V 5 30.11 31.18 -76.87
CA LEU V 5 31.53 30.89 -76.97
C LEU V 5 32.38 32.14 -76.72
N GLN V 6 32.08 33.22 -77.42
CA GLN V 6 32.82 34.45 -77.24
C GLN V 6 32.54 35.08 -75.88
N LYS V 7 31.42 34.74 -75.26
CA LYS V 7 31.12 35.18 -73.91
C LYS V 7 32.14 34.64 -72.93
N ARG V 8 32.33 33.32 -72.93
CA ARG V 8 33.25 32.67 -72.00
C ARG V 8 34.70 32.98 -72.33
N LEU V 9 35.01 33.10 -73.62
CA LEU V 9 36.40 33.08 -74.05
C LEU V 9 37.10 34.40 -73.75
N ALA V 10 36.37 35.51 -73.74
CA ALA V 10 37.00 36.76 -73.33
C ALA V 10 37.31 36.76 -71.84
N SER V 11 36.47 36.09 -71.05
CA SER V 11 36.64 36.09 -69.60
C SER V 11 37.91 35.36 -69.20
N SER V 12 38.27 34.31 -69.92
CA SER V 12 39.55 33.70 -69.67
C SER V 12 40.70 34.56 -70.18
N VAL V 13 40.46 35.45 -71.15
CA VAL V 13 41.53 36.28 -71.70
C VAL V 13 41.72 37.55 -70.90
N LEU V 14 40.63 38.23 -70.55
CA LEU V 14 40.75 39.42 -69.72
C LEU V 14 41.09 39.09 -68.27
N ARG V 15 41.01 37.82 -67.88
CA ARG V 15 41.21 37.34 -66.52
C ARG V 15 40.27 38.04 -65.54
N CYS V 16 39.02 38.17 -65.96
CA CYS V 16 37.99 38.72 -65.11
C CYS V 16 36.66 38.03 -65.45
N GLY V 17 35.64 38.39 -64.69
CA GLY V 17 34.41 37.62 -64.68
C GLY V 17 33.60 37.80 -65.94
N LYS V 18 32.58 36.95 -66.04
CA LYS V 18 31.78 36.90 -67.24
C LYS V 18 30.72 37.98 -67.27
N LYS V 19 30.31 38.48 -66.10
CA LYS V 19 29.17 39.40 -66.05
C LYS V 19 29.48 40.76 -66.64
N LYS V 20 30.74 41.06 -66.90
CA LYS V 20 31.10 42.42 -67.26
C LYS V 20 31.51 42.60 -68.70
N VAL V 21 31.98 41.56 -69.37
CA VAL V 21 32.95 41.84 -70.44
C VAL V 21 32.29 42.21 -71.76
N TRP V 22 31.73 43.42 -71.86
CA TRP V 22 30.88 43.65 -73.01
C TRP V 22 30.67 45.09 -73.42
N LEU V 23 30.70 45.26 -74.73
CA LEU V 23 30.14 46.39 -75.46
C LEU V 23 29.90 45.86 -76.87
N ASP V 24 29.29 46.68 -77.71
CA ASP V 24 28.99 46.44 -79.11
C ASP V 24 28.10 45.23 -79.38
N PRO V 25 26.79 45.34 -79.13
CA PRO V 25 25.86 44.44 -79.83
C PRO V 25 25.72 44.78 -81.29
N ASN V 26 26.12 45.99 -81.70
CA ASN V 26 25.87 46.45 -83.05
C ASN V 26 26.75 45.73 -84.06
N GLU V 27 27.96 45.36 -83.67
CA GLU V 27 28.87 44.59 -84.51
C GLU V 27 28.78 43.10 -84.18
N THR V 28 27.55 42.57 -84.32
CA THR V 28 27.24 41.21 -83.92
C THR V 28 27.99 40.20 -84.79
N ASN V 29 27.83 40.31 -86.10
CA ASN V 29 28.52 39.39 -87.01
C ASN V 29 30.03 39.60 -87.00
N GLU V 30 30.48 40.80 -86.61
CA GLU V 30 31.90 41.05 -86.52
C GLU V 30 32.53 40.25 -85.38
N ILE V 31 31.76 40.01 -84.31
CA ILE V 31 32.23 39.15 -83.24
C ILE V 31 32.04 37.68 -83.60
N ALA V 32 30.88 37.33 -84.15
CA ALA V 32 30.57 35.95 -84.49
C ALA V 32 31.39 35.40 -85.63
N ASN V 33 32.18 36.24 -86.30
CA ASN V 33 33.17 35.76 -87.26
C ASN V 33 34.28 34.97 -86.58
N ALA V 34 34.55 35.27 -85.32
CA ALA V 34 35.73 34.77 -84.61
C ALA V 34 35.40 33.57 -83.74
N ASN V 35 36.38 32.68 -83.59
CA ASN V 35 36.16 31.43 -82.88
C ASN V 35 37.34 30.96 -82.02
N SER V 36 38.34 31.80 -81.78
CA SER V 36 39.56 31.37 -81.10
C SER V 36 40.11 32.51 -80.27
N ARG V 37 41.06 32.17 -79.39
CA ARG V 37 41.62 33.15 -78.48
C ARG V 37 42.52 34.13 -79.22
N GLN V 38 43.26 33.64 -80.21
CA GLN V 38 44.00 34.48 -81.15
C GLN V 38 43.09 35.49 -81.83
N GLN V 39 41.95 35.01 -82.34
CA GLN V 39 40.98 35.86 -82.99
C GLN V 39 40.41 36.88 -82.02
N ILE V 40 40.09 36.43 -80.81
CA ILE V 40 39.38 37.31 -79.89
C ILE V 40 40.33 38.28 -79.21
N ARG V 41 41.64 38.04 -79.29
CA ARG V 41 42.60 38.95 -78.71
C ARG V 41 42.87 40.14 -79.61
N LYS V 42 42.74 39.95 -80.93
CA LYS V 42 42.66 41.10 -81.83
C LYS V 42 41.46 41.95 -81.49
N LEU V 43 40.32 41.29 -81.26
CA LEU V 43 39.07 42.01 -81.09
C LEU V 43 39.03 42.76 -79.77
N ILE V 44 39.80 42.36 -78.79
CA ILE V 44 39.93 43.17 -77.59
C ILE V 44 40.74 44.43 -77.89
N LYS V 45 41.89 44.27 -78.53
CA LYS V 45 42.82 45.40 -78.64
C LYS V 45 42.42 46.41 -79.71
N ASP V 46 41.26 46.29 -80.34
CA ASP V 46 40.81 47.35 -81.23
C ASP V 46 39.43 47.90 -80.91
N GLY V 47 38.69 47.30 -79.98
CA GLY V 47 37.52 47.98 -79.48
C GLY V 47 36.16 47.43 -79.86
N LEU V 48 35.99 46.12 -79.76
CA LEU V 48 34.66 45.55 -79.79
C LEU V 48 34.20 44.99 -78.45
N ILE V 49 35.13 44.62 -77.59
CA ILE V 49 34.84 44.06 -76.28
C ILE V 49 35.62 44.84 -75.24
N ILE V 50 34.94 45.53 -74.34
CA ILE V 50 35.62 46.36 -73.36
C ILE V 50 35.43 45.73 -71.97
N ARG V 51 36.19 46.27 -71.01
CA ARG V 51 36.27 45.72 -69.66
C ARG V 51 35.00 45.93 -68.85
N LYS V 52 34.29 47.04 -69.09
CA LYS V 52 33.15 47.54 -68.31
C LYS V 52 33.52 47.64 -66.84
N PRO V 53 34.13 48.74 -66.43
CA PRO V 53 34.72 48.83 -65.08
C PRO V 53 33.74 48.61 -63.94
N VAL V 54 34.34 48.43 -62.75
CA VAL V 54 33.70 47.85 -61.59
C VAL V 54 32.61 48.76 -61.03
N THR V 55 31.49 48.15 -60.62
CA THR V 55 30.41 48.87 -59.95
C THR V 55 30.92 49.49 -58.65
N VAL V 56 30.41 50.67 -58.32
CA VAL V 56 30.96 51.51 -57.27
C VAL V 56 30.33 51.16 -55.92
N HIS V 57 31.18 51.09 -54.89
CA HIS V 57 30.79 50.80 -53.51
C HIS V 57 31.54 51.74 -52.56
N SER V 58 31.33 53.04 -52.73
CA SER V 58 32.09 54.05 -52.00
C SER V 58 31.93 53.93 -50.49
N ARG V 59 33.03 54.18 -49.80
CA ARG V 59 33.08 54.23 -48.34
C ARG V 59 32.98 55.65 -47.81
N ALA V 60 32.58 56.60 -48.66
CA ALA V 60 32.51 57.99 -48.23
C ALA V 60 31.42 58.18 -47.19
N ARG V 61 30.34 57.42 -47.31
CA ARG V 61 29.35 57.35 -46.25
C ARG V 61 29.95 56.74 -44.98
N CYS V 62 30.89 55.80 -45.14
CA CYS V 62 31.47 55.15 -43.98
C CYS V 62 32.49 56.02 -43.26
N ARG V 63 33.45 56.61 -43.99
CA ARG V 63 34.50 57.37 -43.35
C ARG V 63 33.96 58.64 -42.70
N LYS V 64 32.95 59.26 -43.32
CA LYS V 64 32.29 60.43 -42.73
C LYS V 64 31.63 60.07 -41.42
N ASN V 65 30.92 58.96 -41.40
CA ASN V 65 30.21 58.57 -40.19
C ASN V 65 31.17 58.05 -39.14
N THR V 66 32.28 57.44 -39.54
CA THR V 66 33.25 56.94 -38.57
C THR V 66 34.08 58.07 -37.98
N LEU V 67 34.33 59.11 -38.77
CA LEU V 67 34.96 60.32 -38.26
C LEU V 67 34.11 60.96 -37.18
N ALA V 68 32.79 60.79 -37.25
CA ALA V 68 31.91 61.26 -36.19
C ALA V 68 32.02 60.39 -34.95
N ARG V 69 32.30 59.10 -35.10
CA ARG V 69 32.32 58.22 -33.93
C ARG V 69 33.54 58.46 -33.06
N ARG V 70 34.69 58.72 -33.68
CA ARG V 70 35.90 58.96 -32.91
C ARG V 70 35.83 60.31 -32.21
N LYS V 71 35.03 61.24 -32.74
CA LYS V 71 34.64 62.43 -31.99
C LYS V 71 33.92 62.07 -30.71
N GLY V 72 33.13 61.00 -30.74
CA GLY V 72 32.38 60.62 -29.56
C GLY V 72 30.89 60.70 -29.76
N ARG V 73 30.45 60.78 -31.01
CA ARG V 73 29.04 60.65 -31.35
C ARG V 73 28.70 59.18 -31.43
N HIS V 74 27.43 58.87 -31.62
CA HIS V 74 26.93 57.55 -32.01
C HIS V 74 27.29 56.43 -31.02
N MET V 75 27.75 56.76 -29.82
CA MET V 75 28.38 55.80 -28.93
C MET V 75 27.86 56.03 -27.52
N GLY V 76 26.54 56.21 -27.40
CA GLY V 76 25.94 56.47 -26.12
C GLY V 76 25.53 55.19 -25.42
N ILE V 77 24.32 55.14 -24.90
CA ILE V 77 23.77 53.92 -24.34
C ILE V 77 22.81 53.25 -25.31
N GLY V 78 22.30 53.97 -26.29
CA GLY V 78 21.31 53.43 -27.18
C GLY V 78 21.83 52.88 -28.47
N LYS V 79 23.15 52.74 -28.63
CA LYS V 79 23.69 52.05 -29.78
C LYS V 79 24.69 50.97 -29.39
N ARG V 80 25.01 50.83 -28.11
CA ARG V 80 25.75 49.68 -27.63
C ARG V 80 24.79 48.52 -27.43
N LYS V 81 25.16 47.34 -27.88
CA LYS V 81 24.32 46.17 -27.68
C LYS V 81 25.07 44.96 -27.19
N GLY V 82 26.33 45.11 -26.80
CA GLY V 82 27.05 44.05 -26.12
C GLY V 82 27.59 44.58 -24.81
N THR V 83 28.15 43.68 -24.01
CA THR V 83 28.72 44.12 -22.75
C THR V 83 29.97 44.95 -22.99
N ALA V 84 30.18 45.93 -22.10
CA ALA V 84 31.41 46.71 -22.14
C ALA V 84 32.63 45.85 -21.87
N ASN V 85 32.45 44.76 -21.15
CA ASN V 85 33.50 43.76 -21.04
C ASN V 85 33.72 43.03 -22.36
N ALA V 86 32.78 43.09 -23.28
CA ALA V 86 33.05 42.51 -24.57
C ALA V 86 33.57 43.51 -25.58
N ARG V 87 33.27 44.79 -25.38
CA ARG V 87 33.67 45.80 -26.36
C ARG V 87 35.17 46.06 -26.29
N MET V 88 35.71 46.17 -25.08
CA MET V 88 37.14 46.28 -24.87
C MET V 88 37.42 45.64 -23.52
N PRO V 89 37.94 44.42 -23.50
CA PRO V 89 37.80 43.56 -22.33
C PRO V 89 38.67 44.00 -21.16
N GLU V 90 38.36 43.43 -19.99
CA GLU V 90 39.02 43.84 -18.76
C GLU V 90 40.49 43.43 -18.75
N LYS V 91 40.76 42.19 -19.16
CA LYS V 91 42.11 41.67 -19.12
C LYS V 91 43.03 42.41 -20.10
N VAL V 92 42.52 42.75 -21.28
CA VAL V 92 43.29 43.53 -22.25
C VAL V 92 43.60 44.91 -21.70
N THR V 93 42.66 45.48 -20.95
CA THR V 93 42.94 46.76 -20.29
C THR V 93 43.90 46.56 -19.12
N TRP V 94 43.88 45.38 -18.50
CA TRP V 94 44.87 45.13 -17.46
C TRP V 94 46.24 44.82 -18.04
N MET V 95 46.30 44.25 -19.25
CA MET V 95 47.60 44.04 -19.86
C MET V 95 48.27 45.35 -20.22
N ARG V 96 47.51 46.24 -20.87
CA ARG V 96 48.06 47.47 -21.42
C ARG V 96 48.59 48.35 -20.32
N ARG V 97 47.72 48.67 -19.36
CA ARG V 97 48.06 49.51 -18.22
C ARG V 97 49.23 48.94 -17.42
N MET V 98 49.32 47.64 -17.33
CA MET V 98 50.43 47.13 -16.56
C MET V 98 51.63 46.82 -17.46
N ARG V 99 51.53 47.03 -18.77
CA ARG V 99 52.77 47.21 -19.54
C ARG V 99 53.14 48.67 -19.65
N ILE V 100 52.16 49.57 -19.49
CA ILE V 100 52.51 51.00 -19.37
C ILE V 100 53.36 51.22 -18.13
N LEU V 101 52.90 50.72 -16.99
CA LEU V 101 53.56 50.99 -15.72
C LEU V 101 54.88 50.26 -15.59
N ARG V 102 54.89 48.95 -15.83
CA ARG V 102 56.06 48.13 -15.56
C ARG V 102 57.21 48.37 -16.51
N ARG V 103 57.09 49.29 -17.47
CA ARG V 103 58.27 49.75 -18.15
C ARG V 103 58.65 51.17 -17.77
N LEU V 104 57.77 51.93 -17.16
CA LEU V 104 58.21 53.19 -16.57
C LEU V 104 59.07 52.95 -15.35
N LEU V 105 58.69 51.97 -14.52
CA LEU V 105 59.48 51.62 -13.34
C LEU V 105 60.86 51.12 -13.70
N ARG V 106 61.02 50.51 -14.87
CA ARG V 106 62.37 50.21 -15.32
C ARG V 106 63.13 51.47 -15.65
N ARG V 107 62.57 52.33 -16.51
CA ARG V 107 63.31 53.49 -17.03
C ARG V 107 63.66 54.48 -15.94
N TYR V 108 62.99 54.42 -14.79
CA TYR V 108 63.52 55.10 -13.62
C TYR V 108 64.83 54.47 -13.16
N ARG V 109 64.81 53.17 -12.82
CA ARG V 109 66.05 52.57 -12.32
C ARG V 109 67.09 52.34 -13.40
N GLU V 110 66.76 52.54 -14.68
CA GLU V 110 67.81 52.44 -15.70
C GLU V 110 68.76 53.62 -15.63
N SER V 111 68.24 54.78 -15.25
CA SER V 111 69.11 55.86 -14.79
C SER V 111 69.24 55.75 -13.27
N LYS V 112 69.68 56.81 -12.63
CA LYS V 112 69.86 56.83 -11.19
C LYS V 112 68.58 57.19 -10.44
N LYS V 113 67.42 57.25 -11.12
CA LYS V 113 66.23 57.91 -10.57
C LYS V 113 65.73 57.27 -9.29
N ILE V 114 65.48 55.96 -9.32
CA ILE V 114 64.99 55.31 -8.12
C ILE V 114 65.79 54.03 -7.93
N ASP V 115 66.07 53.72 -6.69
CA ASP V 115 67.05 52.68 -6.40
C ASP V 115 66.45 51.30 -6.63
N ARG V 116 67.36 50.32 -6.69
CA ARG V 116 67.07 48.91 -6.82
C ARG V 116 66.02 48.43 -5.81
N HIS V 117 66.11 48.93 -4.58
CA HIS V 117 65.26 48.44 -3.49
C HIS V 117 63.86 49.02 -3.50
N MET V 118 63.68 50.29 -3.86
CA MET V 118 62.33 50.82 -3.98
C MET V 118 61.62 50.29 -5.20
N TYR V 119 62.37 49.84 -6.19
CA TYR V 119 61.78 49.30 -7.40
C TYR V 119 60.96 48.05 -7.09
N HIS V 120 61.58 47.05 -6.47
CA HIS V 120 60.87 45.80 -6.20
C HIS V 120 59.81 45.99 -5.13
N SER V 121 59.96 46.98 -4.27
CA SER V 121 58.85 47.35 -3.41
C SER V 121 57.73 48.01 -4.22
N LEU V 122 58.08 48.83 -5.21
CA LEU V 122 57.03 49.43 -6.04
C LEU V 122 56.61 48.54 -7.20
N TYR V 123 57.39 47.50 -7.52
CA TYR V 123 57.01 46.58 -8.58
C TYR V 123 55.78 45.78 -8.21
N LEU V 124 55.83 45.13 -7.04
CA LEU V 124 54.74 44.31 -6.57
C LEU V 124 53.51 45.15 -6.26
N LYS V 125 53.73 46.39 -5.93
CA LYS V 125 52.66 47.32 -5.64
C LYS V 125 51.98 47.80 -6.92
N VAL V 126 52.62 47.60 -8.07
CA VAL V 126 51.93 47.68 -9.36
C VAL V 126 51.23 46.37 -9.66
N LYS V 127 51.86 45.25 -9.28
CA LYS V 127 51.27 43.94 -9.43
C LYS V 127 50.04 43.78 -8.55
N GLY V 128 49.94 44.55 -7.47
CA GLY V 128 48.68 44.72 -6.80
C GLY V 128 47.96 45.95 -7.27
N ASN V 129 46.65 45.98 -7.06
CA ASN V 129 45.85 47.15 -7.39
C ASN V 129 46.13 48.28 -6.42
N VAL V 130 47.12 49.11 -6.69
CA VAL V 130 47.40 50.30 -5.90
C VAL V 130 47.36 51.56 -6.76
N PHE V 131 48.03 51.52 -7.90
CA PHE V 131 48.20 52.67 -8.77
C PHE V 131 47.26 52.53 -9.95
N LYS V 132 46.43 53.54 -10.17
CA LYS V 132 45.38 53.44 -11.19
C LYS V 132 45.92 53.62 -12.60
N ASN V 133 46.90 54.49 -12.77
CA ASN V 133 47.41 54.81 -14.10
C ASN V 133 48.84 55.27 -13.95
N LYS V 134 49.41 55.80 -15.03
CA LYS V 134 50.80 56.22 -14.96
C LYS V 134 50.94 57.52 -14.18
N ARG V 135 49.89 58.33 -14.15
CA ARG V 135 49.99 59.68 -13.60
C ARG V 135 50.21 59.66 -12.10
N ILE V 136 49.37 58.94 -11.36
CA ILE V 136 49.51 58.98 -9.90
C ILE V 136 50.70 58.17 -9.44
N LEU V 137 51.15 57.21 -10.25
CA LEU V 137 52.45 56.60 -10.01
C LEU V 137 53.57 57.61 -10.21
N MET V 138 53.42 58.52 -11.18
CA MET V 138 54.47 59.50 -11.42
C MET V 138 54.47 60.56 -10.33
N GLU V 139 53.29 60.87 -9.79
CA GLU V 139 53.21 61.74 -8.62
C GLU V 139 53.72 61.03 -7.37
N HIS V 140 53.48 59.72 -7.24
CA HIS V 140 53.84 59.04 -6.01
C HIS V 140 55.35 58.86 -5.88
N ILE V 141 56.07 58.78 -6.99
CA ILE V 141 57.51 58.61 -6.85
C ILE V 141 58.18 59.93 -6.51
N HIS V 142 57.63 61.04 -7.02
CA HIS V 142 58.09 62.36 -6.58
C HIS V 142 57.80 62.60 -5.11
N LYS V 143 56.76 61.98 -4.57
CA LYS V 143 56.57 61.98 -3.12
C LYS V 143 57.69 61.22 -2.43
N LEU V 144 58.07 60.06 -2.97
CA LEU V 144 59.02 59.18 -2.27
C LEU V 144 60.42 59.74 -2.26
N LYS V 145 60.90 60.25 -3.38
CA LYS V 145 62.30 60.64 -3.46
C LYS V 145 62.55 61.93 -2.67
N ALA V 146 61.50 62.64 -2.29
CA ALA V 146 61.63 63.69 -1.28
C ALA V 146 61.83 63.10 0.11
N ASP V 147 61.12 62.02 0.43
CA ASP V 147 61.21 61.49 1.79
C ASP V 147 62.52 60.76 2.02
N LYS V 148 63.06 60.13 0.97
CA LYS V 148 64.43 59.65 1.06
C LYS V 148 65.38 60.82 1.27
N ALA V 149 65.10 61.96 0.65
CA ALA V 149 65.94 63.14 0.84
C ALA V 149 65.76 63.71 2.25
N ARG V 150 64.57 63.59 2.83
CA ARG V 150 64.39 64.13 4.17
C ARG V 150 65.04 63.25 5.21
N LYS V 151 64.90 61.92 5.06
CA LYS V 151 65.63 61.00 5.93
C LYS V 151 67.13 61.20 5.83
N LYS V 152 67.66 61.33 4.61
CA LYS V 152 69.10 61.48 4.47
C LYS V 152 69.60 62.86 4.86
N LEU V 153 68.75 63.89 4.82
CA LEU V 153 69.22 65.22 5.22
C LEU V 153 69.31 65.33 6.73
N LEU V 154 68.32 64.81 7.43
CA LEU V 154 68.33 64.86 8.89
C LEU V 154 69.27 63.83 9.49
N ALA V 155 69.51 62.72 8.80
CA ALA V 155 70.42 61.69 9.31
C ALA V 155 71.86 62.15 9.28
N ASP V 156 72.27 62.77 8.17
CA ASP V 156 73.69 63.06 7.98
C ASP V 156 74.16 64.17 8.91
N GLN V 157 73.27 65.04 9.34
CA GLN V 157 73.68 66.07 10.30
C GLN V 157 73.90 65.49 11.68
N ALA V 158 73.07 64.52 12.07
CA ALA V 158 73.34 63.76 13.29
C ALA V 158 74.60 62.91 13.14
N GLU V 159 74.79 62.32 11.96
CA GLU V 159 75.93 61.45 11.73
C GLU V 159 77.22 62.26 11.67
N ALA V 160 77.18 63.47 11.10
CA ALA V 160 78.31 64.38 11.24
C ALA V 160 78.46 64.85 12.67
N ARG V 161 77.35 64.99 13.41
CA ARG V 161 77.46 65.35 14.82
C ARG V 161 77.87 64.14 15.66
N ARG V 162 77.57 62.92 15.19
CA ARG V 162 78.25 61.76 15.72
C ARG V 162 79.74 61.84 15.46
N SER V 163 80.14 62.31 14.27
CA SER V 163 81.54 62.32 13.87
C SER V 163 82.37 63.32 14.67
N LYS V 164 81.78 64.47 15.02
CA LYS V 164 82.53 65.49 15.75
C LYS V 164 82.81 65.04 17.19
N THR V 165 81.94 64.22 17.76
CA THR V 165 82.13 63.79 19.14
C THR V 165 82.87 62.46 19.23
N LYS V 166 82.83 61.64 18.19
CA LYS V 166 83.77 60.53 18.08
C LYS V 166 85.20 61.02 18.04
N GLU V 167 85.45 62.05 17.26
CA GLU V 167 86.80 62.53 17.04
C GLU V 167 87.27 63.49 18.13
N ALA V 168 86.34 64.15 18.83
CA ALA V 168 86.74 64.97 19.97
C ALA V 168 87.14 64.09 21.15
N ARG V 169 86.41 63.01 21.38
CA ARG V 169 86.83 62.03 22.37
C ARG V 169 88.10 61.31 21.92
N LYS V 170 88.33 61.24 20.61
CA LYS V 170 89.64 60.83 20.11
C LYS V 170 90.70 61.91 20.33
N ARG V 171 90.31 63.20 20.23
CA ARG V 171 91.30 64.25 20.46
C ARG V 171 91.53 64.54 21.93
N ARG V 172 90.55 64.26 22.80
CA ARG V 172 90.86 64.23 24.22
C ARG V 172 91.74 63.04 24.56
N GLU V 173 91.57 61.93 23.84
CA GLU V 173 92.48 60.79 23.96
C GLU V 173 93.90 61.18 23.55
N GLU V 174 94.03 61.80 22.38
CA GLU V 174 95.33 62.02 21.77
C GLU V 174 96.14 63.08 22.51
N ARG V 175 95.49 64.16 22.95
CA ARG V 175 96.20 65.25 23.61
C ARG V 175 96.52 64.92 25.08
N LEU V 176 95.55 64.36 25.82
CA LEU V 176 95.80 64.06 27.23
C LEU V 176 96.85 62.98 27.41
N GLN V 177 96.76 61.90 26.62
CA GLN V 177 97.74 60.82 26.74
C GLN V 177 99.12 61.28 26.31
N ALA V 178 99.19 62.27 25.40
CA ALA V 178 100.45 62.90 25.07
C ALA V 178 101.06 63.60 26.28
N LYS V 179 100.25 64.15 27.15
CA LYS V 179 100.77 64.71 28.39
C LYS V 179 100.96 63.64 29.47
N LYS V 180 100.45 62.42 29.25
CA LYS V 180 100.64 61.36 30.21
C LYS V 180 102.05 60.77 30.12
N GLU V 181 102.56 60.58 28.90
CA GLU V 181 104.01 60.45 28.72
C GLU V 181 104.68 61.80 28.94
N MET W 1 -76.08 -23.79 -40.53
CA MET W 1 -76.98 -23.49 -41.64
C MET W 1 -76.44 -22.38 -42.54
N LYS W 2 -77.28 -21.94 -43.46
CA LYS W 2 -76.98 -20.78 -44.28
C LYS W 2 -78.14 -19.81 -44.19
N ALA W 3 -79.35 -20.35 -44.05
CA ALA W 3 -80.61 -19.66 -44.36
C ALA W 3 -80.53 -19.06 -45.76
N SER W 4 -80.27 -19.92 -46.73
CA SER W 4 -80.07 -19.49 -48.11
C SER W 4 -81.43 -19.21 -48.75
N GLY W 5 -81.69 -17.94 -49.00
CA GLY W 5 -82.95 -17.54 -49.59
C GLY W 5 -84.11 -17.74 -48.62
N THR W 6 -85.29 -17.84 -49.18
CA THR W 6 -86.46 -18.15 -48.39
C THR W 6 -86.41 -19.56 -47.86
N LEU W 7 -86.74 -19.72 -46.58
CA LEU W 7 -86.65 -21.00 -45.93
C LEU W 7 -87.90 -21.81 -46.26
N ARG W 8 -88.00 -23.02 -45.69
CA ARG W 8 -89.16 -23.86 -45.84
C ARG W 8 -89.53 -24.39 -44.47
N GLU W 9 -90.77 -24.82 -44.30
CA GLU W 9 -91.18 -25.40 -43.03
C GLU W 9 -91.33 -26.91 -43.16
N TYR W 10 -90.54 -27.65 -42.41
CA TYR W 10 -90.58 -29.10 -42.45
C TYR W 10 -91.17 -29.67 -41.18
N LYS W 11 -92.02 -30.67 -41.32
CA LYS W 11 -92.29 -31.59 -40.23
C LYS W 11 -91.38 -32.78 -40.43
N VAL W 12 -90.66 -33.18 -39.37
CA VAL W 12 -89.76 -34.32 -39.42
C VAL W 12 -90.09 -35.22 -38.23
N VAL W 13 -90.23 -36.53 -38.48
CA VAL W 13 -90.35 -37.50 -37.39
C VAL W 13 -89.15 -38.43 -37.41
N GLY W 14 -89.00 -39.19 -36.34
CA GLY W 14 -87.92 -40.14 -36.24
C GLY W 14 -88.06 -40.97 -34.99
N ARG W 15 -87.38 -42.11 -35.00
CA ARG W 15 -87.49 -43.02 -33.87
C ARG W 15 -86.20 -43.81 -33.74
N CYS W 16 -86.09 -44.55 -32.64
CA CYS W 16 -84.85 -45.23 -32.30
C CYS W 16 -84.69 -46.51 -33.13
N LEU W 17 -83.89 -47.31 -32.70
CA LEU W 17 -83.94 -48.63 -33.29
C LEU W 17 -84.64 -49.63 -32.37
N PRO W 18 -85.25 -50.67 -32.93
CA PRO W 18 -85.77 -51.77 -32.09
C PRO W 18 -84.65 -52.57 -31.43
N THR W 19 -84.59 -52.53 -30.11
CA THR W 19 -83.55 -53.18 -29.33
C THR W 19 -84.11 -54.37 -28.54
N PRO W 20 -83.27 -55.33 -28.13
CA PRO W 20 -83.80 -56.47 -27.36
C PRO W 20 -84.31 -56.10 -25.98
N LYS W 21 -83.71 -55.11 -25.32
CA LYS W 21 -84.31 -54.59 -24.09
C LYS W 21 -85.61 -53.87 -24.37
N CYS W 22 -85.72 -53.22 -25.52
CA CYS W 22 -86.82 -52.29 -25.76
C CYS W 22 -87.08 -52.20 -27.25
N HIS W 23 -88.17 -52.79 -27.69
CA HIS W 23 -88.71 -52.53 -29.01
C HIS W 23 -89.68 -51.36 -28.87
N THR W 24 -90.52 -51.14 -29.89
CA THR W 24 -91.56 -50.10 -29.97
C THR W 24 -91.03 -48.71 -29.64
N PRO W 25 -90.27 -48.07 -30.52
CA PRO W 25 -89.69 -46.77 -30.20
C PRO W 25 -90.75 -45.68 -30.26
N PRO W 26 -90.56 -44.57 -29.53
CA PRO W 26 -91.69 -43.66 -29.29
C PRO W 26 -92.11 -42.78 -30.45
N LEU W 27 -91.29 -42.64 -31.50
CA LEU W 27 -91.61 -41.92 -32.73
C LEU W 27 -91.90 -40.43 -32.44
N TYR W 28 -90.84 -39.72 -32.08
CA TYR W 28 -90.89 -38.29 -31.80
C TYR W 28 -90.94 -37.47 -33.08
N ARG W 29 -91.39 -36.22 -32.96
CA ARG W 29 -91.50 -35.35 -34.13
C ARG W 29 -91.13 -33.92 -33.79
N MET W 30 -90.67 -33.19 -34.81
CA MET W 30 -90.23 -31.81 -34.64
C MET W 30 -90.76 -30.96 -35.79
N ARG W 31 -90.36 -29.71 -35.78
CA ARG W 31 -90.72 -28.72 -36.79
C ARG W 31 -89.47 -27.95 -37.14
N ILE W 32 -88.78 -28.36 -38.20
CA ILE W 32 -87.42 -27.93 -38.49
C ILE W 32 -87.44 -26.97 -39.67
N PHE W 33 -86.81 -25.81 -39.51
CA PHE W 33 -86.72 -24.82 -40.57
C PHE W 33 -85.38 -24.98 -41.29
N ALA W 34 -85.43 -25.01 -42.62
CA ALA W 34 -84.26 -25.36 -43.42
C ALA W 34 -84.46 -24.82 -44.82
N PRO W 35 -83.38 -24.50 -45.53
CA PRO W 35 -83.54 -24.10 -46.93
C PRO W 35 -83.88 -25.27 -47.84
N ASN W 36 -83.52 -26.48 -47.49
CA ASN W 36 -83.89 -27.66 -48.25
C ASN W 36 -83.86 -28.87 -47.33
N HIS W 37 -84.33 -29.99 -47.86
CA HIS W 37 -84.66 -31.11 -46.99
C HIS W 37 -83.44 -31.83 -46.43
N VAL W 38 -82.27 -31.63 -47.02
CA VAL W 38 -81.08 -32.27 -46.45
C VAL W 38 -80.66 -31.54 -45.19
N VAL W 39 -80.73 -30.21 -45.21
CA VAL W 39 -80.46 -29.43 -44.01
C VAL W 39 -81.52 -29.72 -42.97
N ALA W 40 -82.74 -30.01 -43.42
CA ALA W 40 -83.81 -30.44 -42.52
C ALA W 40 -83.48 -31.76 -41.84
N LYS W 41 -82.79 -32.67 -42.54
CA LYS W 41 -82.42 -33.94 -41.91
C LYS W 41 -81.36 -33.74 -40.86
N SER W 42 -80.32 -32.97 -41.16
CA SER W 42 -79.18 -32.88 -40.26
C SER W 42 -79.50 -32.05 -39.03
N ARG W 43 -80.34 -31.04 -39.19
CA ARG W 43 -80.77 -30.26 -38.03
C ARG W 43 -81.66 -31.10 -37.11
N PHE W 44 -82.34 -32.11 -37.64
CA PHE W 44 -83.24 -32.91 -36.81
C PHE W 44 -82.47 -33.78 -35.84
N TRP W 45 -81.32 -34.29 -36.26
CA TRP W 45 -80.54 -35.05 -35.30
C TRP W 45 -79.83 -34.14 -34.31
N TYR W 46 -79.86 -32.82 -34.52
CA TYR W 46 -79.21 -31.91 -33.57
C TYR W 46 -80.05 -31.70 -32.33
N PHE W 47 -81.33 -31.39 -32.49
CA PHE W 47 -82.16 -31.12 -31.32
C PHE W 47 -82.58 -32.40 -30.61
N VAL W 48 -82.75 -33.49 -31.35
CA VAL W 48 -83.07 -34.77 -30.73
C VAL W 48 -81.87 -35.28 -29.94
N SER W 49 -80.65 -34.96 -30.39
CA SER W 49 -79.46 -35.34 -29.62
C SER W 49 -79.43 -34.65 -28.27
N GLN W 50 -79.83 -33.37 -28.20
CA GLN W 50 -79.86 -32.70 -26.90
C GLN W 50 -80.94 -33.26 -26.01
N LEU W 51 -82.11 -33.55 -26.56
CA LEU W 51 -83.23 -33.78 -25.65
C LEU W 51 -83.26 -35.22 -25.16
N LYS W 52 -83.13 -36.21 -26.03
CA LYS W 52 -83.22 -37.59 -25.59
C LYS W 52 -82.08 -38.43 -26.14
N LYS W 53 -81.93 -39.63 -25.59
CA LYS W 53 -80.82 -40.50 -25.92
C LYS W 53 -81.00 -41.08 -27.31
N MET W 54 -80.50 -40.36 -28.30
CA MET W 54 -80.48 -40.79 -29.68
C MET W 54 -79.14 -40.39 -30.26
N LYS W 55 -78.97 -40.69 -31.54
CA LYS W 55 -78.14 -40.00 -32.51
C LYS W 55 -78.49 -40.62 -33.86
N LYS W 56 -77.75 -40.25 -34.91
CA LYS W 56 -78.08 -40.77 -36.22
C LYS W 56 -77.71 -42.24 -36.36
N SER W 57 -76.56 -42.62 -35.81
CA SER W 57 -76.00 -43.93 -36.06
C SER W 57 -76.80 -45.05 -35.43
N SER W 58 -77.60 -44.75 -34.42
CA SER W 58 -78.50 -45.74 -33.84
C SER W 58 -79.96 -45.32 -34.00
N GLY W 59 -80.26 -44.48 -34.98
CA GLY W 59 -81.63 -44.04 -35.18
C GLY W 59 -82.03 -43.97 -36.64
N GLU W 60 -83.21 -43.45 -36.91
CA GLU W 60 -83.65 -43.31 -38.30
C GLU W 60 -84.60 -42.14 -38.44
N ILE W 61 -84.60 -41.54 -39.62
CA ILE W 61 -85.62 -40.59 -40.02
C ILE W 61 -86.70 -41.34 -40.75
N VAL W 62 -87.94 -41.21 -40.29
CA VAL W 62 -89.05 -41.96 -40.85
C VAL W 62 -89.85 -41.12 -41.83
N TYR W 63 -90.10 -39.87 -41.51
CA TYR W 63 -90.83 -38.98 -42.42
C TYR W 63 -90.19 -37.61 -42.40
N CYS W 64 -90.07 -37.01 -43.57
CA CYS W 64 -89.51 -35.66 -43.69
C CYS W 64 -90.16 -34.99 -44.88
N GLY W 65 -91.19 -34.19 -44.61
CA GLY W 65 -91.96 -33.56 -45.65
C GLY W 65 -92.22 -32.11 -45.34
N GLN W 66 -92.66 -31.40 -46.36
CA GLN W 66 -92.95 -29.98 -46.30
C GLN W 66 -94.21 -29.73 -45.47
N VAL W 67 -94.23 -28.61 -44.76
CA VAL W 67 -95.45 -28.09 -44.18
C VAL W 67 -95.82 -26.83 -44.95
N PHE W 68 -96.90 -26.90 -45.71
CA PHE W 68 -97.31 -25.71 -46.43
C PHE W 68 -98.00 -24.75 -45.48
N GLU W 69 -98.17 -23.52 -45.95
CA GLU W 69 -98.91 -22.54 -45.18
C GLU W 69 -100.40 -22.87 -45.21
N LYS W 70 -101.03 -22.86 -44.03
CA LYS W 70 -102.43 -23.25 -43.90
C LYS W 70 -103.36 -22.23 -44.53
N SER W 71 -103.00 -20.95 -44.48
CA SER W 71 -103.70 -19.92 -45.25
C SER W 71 -102.71 -18.80 -45.50
N PRO W 72 -102.17 -18.70 -46.71
CA PRO W 72 -101.16 -17.67 -46.99
C PRO W 72 -101.68 -16.26 -46.96
N LEU W 73 -102.76 -16.03 -47.72
CA LEU W 73 -103.09 -14.67 -48.14
C LEU W 73 -103.67 -13.84 -47.02
N ARG W 74 -104.26 -14.45 -46.02
CA ARG W 74 -104.59 -13.74 -44.80
C ARG W 74 -103.29 -13.33 -44.11
N VAL W 75 -103.13 -12.04 -43.82
CA VAL W 75 -101.93 -11.56 -43.16
C VAL W 75 -101.95 -11.99 -41.71
N LYS W 76 -100.84 -12.56 -41.25
CA LYS W 76 -100.77 -13.14 -39.92
C LYS W 76 -99.68 -12.47 -39.10
N ASN W 77 -99.78 -12.62 -37.78
CA ASN W 77 -98.88 -12.00 -36.82
C ASN W 77 -98.13 -13.11 -36.11
N PHE W 78 -96.81 -13.15 -36.29
CA PHE W 78 -96.01 -14.24 -35.76
C PHE W 78 -95.14 -13.75 -34.63
N GLY W 79 -94.94 -14.61 -33.65
CA GLY W 79 -94.11 -14.30 -32.50
C GLY W 79 -93.18 -15.46 -32.18
N ILE W 80 -91.88 -15.21 -32.18
CA ILE W 80 -90.89 -16.28 -32.22
C ILE W 80 -90.14 -16.28 -30.90
N TRP W 81 -89.79 -17.45 -30.41
CA TRP W 81 -88.89 -17.55 -29.27
C TRP W 81 -87.51 -17.95 -29.76
N LEU W 82 -86.46 -17.50 -29.07
CA LEU W 82 -85.10 -17.71 -29.54
C LEU W 82 -84.14 -18.06 -28.40
N ARG W 83 -83.06 -18.72 -28.76
CA ARG W 83 -81.99 -19.07 -27.84
C ARG W 83 -80.64 -18.77 -28.49
N TYR W 84 -80.45 -17.54 -28.95
CA TYR W 84 -79.22 -17.25 -29.68
C TYR W 84 -78.04 -17.20 -28.70
N ASP W 85 -76.86 -17.47 -29.24
CA ASP W 85 -75.63 -17.62 -28.47
C ASP W 85 -74.75 -16.41 -28.77
N SER W 86 -74.76 -15.43 -27.88
CA SER W 86 -73.94 -14.24 -28.08
C SER W 86 -72.50 -14.55 -27.67
N ARG W 87 -71.69 -13.49 -27.51
CA ARG W 87 -70.27 -13.69 -27.24
C ARG W 87 -70.03 -14.19 -25.83
N SER W 88 -70.40 -13.40 -24.83
CA SER W 88 -70.11 -13.74 -23.46
C SER W 88 -71.25 -14.43 -22.75
N GLY W 89 -72.42 -14.54 -23.37
CA GLY W 89 -73.51 -15.30 -22.77
C GLY W 89 -74.49 -15.74 -23.82
N THR W 90 -75.33 -16.69 -23.45
CA THR W 90 -76.48 -17.06 -24.25
C THR W 90 -77.75 -16.52 -23.61
N HIS W 91 -78.86 -16.58 -24.34
CA HIS W 91 -80.04 -15.81 -23.95
C HIS W 91 -81.32 -16.54 -24.31
N ASN W 92 -82.43 -15.99 -23.84
CA ASN W 92 -83.78 -16.20 -24.34
C ASN W 92 -84.27 -14.91 -24.99
N MET W 93 -85.31 -15.02 -25.80
CA MET W 93 -85.73 -13.88 -26.61
C MET W 93 -87.13 -14.17 -27.12
N TYR W 94 -87.95 -13.12 -27.22
CA TYR W 94 -89.25 -13.19 -27.86
C TYR W 94 -89.36 -12.03 -28.84
N ARG W 95 -89.39 -12.34 -30.13
CA ARG W 95 -89.52 -11.33 -31.17
C ARG W 95 -90.88 -11.43 -31.83
N GLU W 96 -91.27 -10.36 -32.53
CA GLU W 96 -92.53 -10.35 -33.25
C GLU W 96 -92.30 -9.80 -34.65
N TYR W 97 -92.95 -10.41 -35.63
CA TYR W 97 -92.87 -9.98 -37.00
C TYR W 97 -94.23 -10.16 -37.64
N ARG W 98 -94.27 -9.92 -38.94
CA ARG W 98 -95.52 -9.89 -39.69
C ARG W 98 -95.20 -10.20 -41.14
N ASP W 99 -95.75 -11.30 -41.65
CA ASP W 99 -95.55 -11.69 -43.04
C ASP W 99 -96.70 -12.64 -43.41
N LEU W 100 -96.68 -13.15 -44.64
CA LEU W 100 -97.77 -13.98 -45.12
C LEU W 100 -97.64 -15.43 -44.74
N THR W 101 -96.45 -15.91 -44.40
CA THR W 101 -96.32 -17.32 -44.06
C THR W 101 -95.23 -17.52 -43.02
N THR W 102 -95.10 -18.76 -42.56
CA THR W 102 -94.21 -19.03 -41.43
C THR W 102 -92.76 -18.93 -41.82
N ALA W 103 -92.35 -19.62 -42.89
CA ALA W 103 -90.97 -19.48 -43.33
C ALA W 103 -90.73 -18.14 -43.99
N GLY W 104 -91.80 -17.44 -44.37
CA GLY W 104 -91.69 -16.03 -44.64
C GLY W 104 -91.32 -15.24 -43.41
N ALA W 105 -91.79 -15.68 -42.24
CA ALA W 105 -91.53 -14.91 -41.02
C ALA W 105 -90.19 -15.28 -40.40
N VAL W 106 -89.73 -16.51 -40.58
CA VAL W 106 -88.46 -16.90 -40.00
C VAL W 106 -87.31 -16.32 -40.82
N THR W 107 -87.53 -16.15 -42.13
CA THR W 107 -86.61 -15.41 -42.99
C THR W 107 -86.43 -13.98 -42.49
N GLN W 108 -87.51 -13.36 -42.02
CA GLN W 108 -87.43 -12.07 -41.36
C GLN W 108 -86.57 -12.16 -40.12
N CYS W 109 -86.70 -13.25 -39.38
CA CYS W 109 -86.02 -13.34 -38.09
C CYS W 109 -84.52 -13.56 -38.25
N TYR W 110 -84.11 -14.36 -39.23
CA TYR W 110 -82.68 -14.62 -39.38
C TYR W 110 -81.95 -13.41 -39.93
N ARG W 111 -82.59 -12.65 -40.81
CA ARG W 111 -81.92 -11.48 -41.37
C ARG W 111 -81.74 -10.40 -40.32
N ASP W 112 -82.68 -10.28 -39.40
CA ASP W 112 -82.58 -9.18 -38.45
C ASP W 112 -81.72 -9.56 -37.26
N MET W 113 -81.69 -10.84 -36.88
CA MET W 113 -80.76 -11.26 -35.85
C MET W 113 -79.31 -11.11 -36.31
N GLY W 114 -79.07 -11.22 -37.62
CA GLY W 114 -77.73 -10.93 -38.12
C GLY W 114 -77.44 -9.45 -38.11
N ALA W 115 -78.48 -8.62 -38.14
CA ALA W 115 -78.29 -7.17 -38.19
C ALA W 115 -78.30 -6.52 -36.82
N ARG W 116 -79.14 -6.97 -35.89
CA ARG W 116 -79.23 -6.29 -34.61
C ARG W 116 -78.12 -6.74 -33.67
N HIS W 117 -78.06 -8.03 -33.39
CA HIS W 117 -77.11 -8.54 -32.41
C HIS W 117 -75.88 -9.14 -33.06
N ARG W 118 -75.78 -9.09 -34.39
CA ARG W 118 -74.75 -9.75 -35.19
C ARG W 118 -74.64 -11.22 -34.81
N ALA W 119 -75.75 -11.93 -34.92
CA ALA W 119 -75.81 -13.34 -34.55
C ALA W 119 -75.73 -14.20 -35.80
N ARG W 120 -74.78 -15.12 -35.82
CA ARG W 120 -74.61 -16.00 -36.96
C ARG W 120 -75.61 -17.14 -36.86
N ALA W 121 -75.72 -17.91 -37.94
CA ALA W 121 -76.80 -18.87 -38.04
C ALA W 121 -76.60 -20.12 -37.21
N HIS W 122 -75.42 -20.34 -36.62
CA HIS W 122 -75.25 -21.48 -35.73
C HIS W 122 -76.04 -21.25 -34.46
N SER W 123 -75.98 -20.02 -33.96
CA SER W 123 -76.45 -19.71 -32.63
C SER W 123 -77.95 -19.71 -32.54
N ILE W 124 -78.63 -19.33 -33.61
CA ILE W 124 -80.05 -19.01 -33.56
C ILE W 124 -80.82 -20.32 -33.52
N GLN W 125 -81.26 -20.72 -32.34
CA GLN W 125 -82.11 -21.90 -32.20
C GLN W 125 -83.54 -21.43 -32.01
N ILE W 126 -84.39 -21.72 -33.00
CA ILE W 126 -85.82 -21.47 -32.89
C ILE W 126 -86.38 -22.34 -31.78
N MET W 127 -87.13 -21.73 -30.86
CA MET W 127 -87.77 -22.56 -29.84
C MET W 127 -89.23 -22.82 -30.12
N LYS W 128 -90.00 -21.81 -30.52
CA LYS W 128 -91.36 -22.06 -30.96
C LYS W 128 -91.81 -20.95 -31.88
N VAL W 129 -92.50 -21.31 -32.95
CA VAL W 129 -93.17 -20.34 -33.80
C VAL W 129 -94.65 -20.48 -33.53
N GLU W 130 -95.26 -19.40 -33.10
CA GLU W 130 -96.63 -19.38 -32.60
C GLU W 130 -97.37 -18.31 -33.37
N GLU W 131 -98.42 -18.70 -34.08
CA GLU W 131 -99.25 -17.67 -34.71
C GLU W 131 -100.11 -17.02 -33.64
N ILE W 132 -99.79 -15.79 -33.28
CA ILE W 132 -100.61 -15.05 -32.34
C ILE W 132 -101.60 -14.20 -33.11
N ALA W 133 -102.67 -13.84 -32.42
CA ALA W 133 -103.72 -13.00 -32.99
C ALA W 133 -103.40 -11.53 -32.69
N ALA W 134 -104.39 -10.66 -32.88
CA ALA W 134 -104.26 -9.26 -32.53
C ALA W 134 -104.22 -9.08 -31.01
N SER W 135 -103.96 -7.84 -30.60
CA SER W 135 -104.09 -7.32 -29.23
C SER W 135 -103.10 -7.89 -28.24
N LYS W 136 -102.30 -8.87 -28.65
CA LYS W 136 -101.25 -9.44 -27.83
C LYS W 136 -99.88 -9.22 -28.43
N CYS W 137 -99.82 -8.57 -29.58
CA CYS W 137 -98.56 -8.12 -30.16
C CYS W 137 -98.07 -6.96 -29.33
N ARG W 138 -97.17 -7.27 -28.38
CA ARG W 138 -96.66 -6.30 -27.42
C ARG W 138 -95.92 -5.19 -28.13
N ARG W 139 -94.93 -5.58 -28.94
CA ARG W 139 -93.98 -4.79 -29.72
C ARG W 139 -94.65 -3.68 -30.51
N PRO W 140 -94.46 -2.41 -30.16
CA PRO W 140 -95.13 -1.32 -30.87
C PRO W 140 -94.63 -1.05 -32.28
N ALA W 141 -93.74 -1.86 -32.83
CA ALA W 141 -93.50 -1.86 -34.27
C ALA W 141 -94.59 -2.61 -35.00
N VAL W 142 -94.95 -3.79 -34.51
CA VAL W 142 -96.00 -4.59 -35.10
C VAL W 142 -97.37 -4.10 -34.68
N LYS W 143 -97.48 -3.62 -33.43
CA LYS W 143 -98.73 -3.08 -32.90
C LYS W 143 -99.22 -1.87 -33.71
N GLN W 144 -98.30 -1.07 -34.25
CA GLN W 144 -98.75 0.11 -34.96
C GLN W 144 -99.36 -0.22 -36.32
N PHE W 145 -99.11 -1.40 -36.86
CA PHE W 145 -99.77 -1.74 -38.12
C PHE W 145 -101.20 -2.18 -37.91
N HIS W 146 -101.57 -2.53 -36.69
CA HIS W 146 -102.94 -2.89 -36.37
C HIS W 146 -103.77 -1.62 -36.32
N ASP W 147 -104.09 -1.09 -37.50
CA ASP W 147 -104.85 0.15 -37.64
C ASP W 147 -105.71 0.06 -38.89
N SER W 148 -107.02 0.09 -38.69
CA SER W 148 -107.91 0.32 -39.79
C SER W 148 -107.83 1.79 -40.18
N LYS W 149 -108.14 2.05 -41.46
CA LYS W 149 -108.03 3.37 -42.09
C LYS W 149 -106.62 3.94 -41.96
N ILE W 150 -105.69 3.28 -42.62
CA ILE W 150 -104.28 3.64 -42.52
C ILE W 150 -103.87 4.40 -43.78
N LYS W 151 -103.09 5.45 -43.60
CA LYS W 151 -102.55 6.21 -44.70
C LYS W 151 -101.13 6.62 -44.37
N PHE W 152 -100.25 6.44 -45.35
CA PHE W 152 -98.97 7.10 -45.40
C PHE W 152 -98.67 7.28 -46.88
N PRO W 153 -98.10 8.38 -47.25
CA PRO W 153 -97.68 8.53 -48.64
C PRO W 153 -96.27 8.00 -48.78
N LEU W 154 -95.66 8.12 -49.95
CA LEU W 154 -94.28 7.69 -50.12
C LEU W 154 -93.43 8.90 -50.45
N PRO W 155 -92.72 9.44 -49.48
CA PRO W 155 -91.98 10.67 -49.70
C PRO W 155 -90.56 10.40 -50.17
N HIS W 156 -90.13 11.07 -51.24
CA HIS W 156 -88.74 11.21 -51.62
C HIS W 156 -88.07 9.89 -51.97
N ARG W 157 -88.86 8.89 -52.34
CA ARG W 157 -88.37 7.63 -52.85
C ARG W 157 -87.72 7.86 -54.20
N VAL W 158 -86.43 7.51 -54.32
CA VAL W 158 -85.72 7.71 -55.57
C VAL W 158 -84.85 6.50 -55.90
N LEU W 159 -84.96 6.00 -57.12
CA LEU W 159 -84.15 4.94 -57.71
C LEU W 159 -84.29 5.04 -59.22
N ARG W 160 -84.01 3.92 -59.92
CA ARG W 160 -83.85 3.84 -61.38
C ARG W 160 -82.67 4.67 -61.83
N ARG W 161 -81.67 4.73 -60.95
CA ARG W 161 -80.31 5.17 -61.22
C ARG W 161 -79.79 4.46 -62.46
N GLN W 162 -79.40 5.25 -63.46
CA GLN W 162 -78.77 4.76 -64.69
C GLN W 162 -79.66 3.82 -65.49
N HIS W 163 -80.97 3.89 -65.27
CA HIS W 163 -81.97 3.23 -66.09
C HIS W 163 -82.28 4.06 -67.32
N LYS W 164 -82.03 5.35 -67.23
CA LYS W 164 -81.78 6.23 -68.34
C LYS W 164 -80.30 6.07 -68.68
N PRO W 165 -79.77 6.82 -69.64
CA PRO W 165 -78.31 6.92 -69.69
C PRO W 165 -77.79 7.71 -68.51
N ARG W 166 -76.49 7.57 -68.30
CA ARG W 166 -75.79 8.21 -67.21
C ARG W 166 -75.70 9.73 -67.38
N PHE W 167 -76.15 10.28 -68.52
CA PHE W 167 -75.89 11.67 -68.89
C PHE W 167 -77.16 12.23 -69.52
N THR W 168 -77.92 12.99 -68.74
CA THR W 168 -79.17 13.59 -69.17
C THR W 168 -79.19 15.06 -68.85
N THR W 169 -80.30 15.72 -69.17
CA THR W 169 -80.55 17.07 -68.74
C THR W 169 -81.76 17.19 -67.83
N LYS W 170 -82.36 16.06 -67.46
CA LYS W 170 -83.52 16.12 -66.58
C LYS W 170 -83.15 15.66 -65.19
N ARG W 171 -83.28 16.57 -64.22
CA ARG W 171 -82.96 16.26 -62.84
C ARG W 171 -84.02 15.35 -62.26
N PRO W 172 -83.60 14.32 -61.50
CA PRO W 172 -84.59 13.42 -60.91
C PRO W 172 -85.43 14.19 -59.92
N ASN W 173 -86.75 13.97 -59.92
CA ASN W 173 -87.60 14.69 -58.99
C ASN W 173 -88.61 13.82 -58.25
N THR W 174 -88.81 14.13 -56.98
CA THR W 174 -89.80 13.46 -56.17
C THR W 174 -90.86 14.49 -55.81
N PHE W 175 -91.93 14.04 -55.17
CA PHE W 175 -93.05 14.94 -54.94
C PHE W 175 -93.66 14.84 -53.55
N THR X 1 -30.77 -40.09 -24.16
CA THR X 1 -30.94 -39.26 -22.98
C THR X 1 -32.18 -39.68 -22.20
N ASN X 2 -32.95 -40.62 -22.76
CA ASN X 2 -34.07 -41.21 -22.04
C ASN X 2 -33.67 -42.34 -21.14
N THR X 3 -32.37 -42.51 -20.84
CA THR X 3 -31.82 -43.61 -20.06
C THR X 3 -32.23 -44.94 -20.69
N LYS X 4 -31.58 -45.20 -21.82
CA LYS X 4 -31.95 -46.26 -22.75
C LYS X 4 -31.63 -47.59 -22.09
N GLY X 5 -32.58 -48.02 -21.26
CA GLY X 5 -32.44 -49.22 -20.49
C GLY X 5 -33.59 -50.16 -20.68
N LYS X 6 -33.71 -51.13 -19.78
CA LYS X 6 -34.67 -52.21 -19.86
C LYS X 6 -35.73 -51.97 -18.81
N ARG X 7 -37.00 -52.01 -19.24
CA ARG X 7 -38.18 -51.92 -18.39
C ARG X 7 -38.20 -50.59 -17.63
N ARG X 8 -38.30 -49.50 -18.40
CA ARG X 8 -38.21 -48.15 -17.84
C ARG X 8 -39.50 -47.35 -17.90
N GLY X 9 -40.48 -47.79 -18.69
CA GLY X 9 -41.71 -47.04 -18.82
C GLY X 9 -42.86 -47.77 -18.16
N THR X 10 -42.52 -48.64 -17.22
CA THR X 10 -43.41 -49.70 -16.77
C THR X 10 -43.92 -49.49 -15.36
N ARG X 11 -44.26 -48.25 -15.00
CA ARG X 11 -44.93 -48.03 -13.74
C ARG X 11 -46.34 -48.56 -13.76
N TYR X 12 -46.95 -48.61 -14.94
CA TYR X 12 -48.36 -48.94 -15.08
C TYR X 12 -48.62 -50.17 -15.93
N MET X 13 -47.59 -50.74 -16.54
CA MET X 13 -47.85 -51.77 -17.53
C MET X 13 -47.63 -53.17 -16.97
N PHE X 14 -46.67 -53.33 -16.10
CA PHE X 14 -46.51 -54.58 -15.36
C PHE X 14 -47.18 -54.52 -14.00
N SER X 15 -47.89 -53.44 -13.71
CA SER X 15 -48.67 -53.31 -12.48
C SER X 15 -49.91 -54.20 -12.56
N ARG X 16 -50.05 -55.10 -11.59
CA ARG X 16 -51.28 -55.88 -11.49
C ARG X 16 -52.43 -54.94 -11.16
N PRO X 17 -53.65 -55.17 -11.74
CA PRO X 17 -54.65 -54.08 -11.79
C PRO X 17 -55.17 -53.54 -10.47
N PHE X 18 -55.97 -54.31 -9.73
CA PHE X 18 -56.57 -53.85 -8.48
C PHE X 18 -57.33 -55.01 -7.88
N ARG X 19 -57.25 -55.16 -6.57
CA ARG X 19 -57.82 -56.26 -5.79
C ARG X 19 -57.41 -57.65 -6.28
N LYS X 20 -56.39 -57.76 -7.13
CA LYS X 20 -55.94 -59.05 -7.62
C LYS X 20 -54.44 -59.18 -7.46
N HIS X 21 -53.86 -58.44 -6.53
CA HIS X 21 -52.61 -58.89 -5.96
C HIS X 21 -52.86 -60.23 -5.29
N GLY X 22 -51.99 -61.18 -5.58
CA GLY X 22 -52.11 -62.49 -5.00
C GLY X 22 -51.39 -63.49 -5.86
N VAL X 23 -51.65 -64.77 -5.57
CA VAL X 23 -51.01 -65.84 -6.31
C VAL X 23 -51.53 -65.86 -7.74
N VAL X 24 -50.76 -66.46 -8.62
CA VAL X 24 -51.25 -66.70 -9.97
C VAL X 24 -52.29 -67.81 -9.92
N PRO X 25 -53.47 -67.61 -10.49
CA PRO X 25 -54.49 -68.65 -10.41
C PRO X 25 -54.08 -69.83 -11.25
N LEU X 26 -53.97 -70.99 -10.62
CA LEU X 26 -53.20 -72.10 -11.17
C LEU X 26 -53.83 -72.77 -12.38
N ALA X 27 -54.91 -72.24 -12.92
CA ALA X 27 -55.22 -72.54 -14.30
C ALA X 27 -54.37 -71.74 -15.27
N THR X 28 -53.52 -70.83 -14.77
CA THR X 28 -52.64 -70.11 -15.68
C THR X 28 -51.57 -71.04 -16.24
N TYR X 29 -51.19 -72.05 -15.47
CA TYR X 29 -50.18 -72.99 -15.92
C TYR X 29 -50.78 -74.17 -16.66
N MET X 30 -51.93 -74.66 -16.25
CA MET X 30 -52.52 -75.81 -16.91
C MET X 30 -53.30 -75.47 -18.16
N ARG X 31 -52.69 -74.76 -19.09
CA ARG X 31 -53.25 -74.61 -20.42
C ARG X 31 -52.29 -75.23 -21.41
N ILE X 32 -52.83 -75.86 -22.42
CA ILE X 32 -52.10 -76.80 -23.25
C ILE X 32 -51.58 -76.04 -24.46
N TYR X 33 -50.26 -75.91 -24.56
CA TYR X 33 -49.63 -75.09 -25.59
C TYR X 33 -48.93 -75.97 -26.61
N LYS X 34 -49.64 -76.27 -27.68
CA LYS X 34 -49.09 -77.00 -28.81
C LYS X 34 -48.37 -76.03 -29.73
N LYS X 35 -47.62 -76.57 -30.68
CA LYS X 35 -46.93 -75.75 -31.65
C LYS X 35 -47.93 -75.08 -32.60
N GLY X 36 -47.47 -74.02 -33.26
CA GLY X 36 -48.28 -73.33 -34.24
C GLY X 36 -49.43 -72.51 -33.71
N ASP X 37 -49.63 -72.45 -32.39
CA ASP X 37 -50.73 -71.69 -31.83
C ASP X 37 -50.47 -70.20 -31.95
N ILE X 38 -51.54 -69.42 -31.88
CA ILE X 38 -51.42 -67.96 -31.87
C ILE X 38 -51.81 -67.48 -30.48
N VAL X 39 -50.83 -66.92 -29.77
CA VAL X 39 -51.01 -66.54 -28.39
C VAL X 39 -50.60 -65.08 -28.22
N ASP X 40 -51.19 -64.44 -27.24
CA ASP X 40 -50.96 -63.04 -26.92
C ASP X 40 -50.14 -62.92 -25.65
N ILE X 41 -49.53 -61.75 -25.50
CA ILE X 41 -48.50 -61.54 -24.50
C ILE X 41 -48.95 -60.43 -23.56
N LYS X 42 -49.17 -60.75 -22.30
CA LYS X 42 -49.47 -59.77 -21.28
C LYS X 42 -48.48 -59.99 -20.16
N GLY X 43 -47.75 -58.95 -19.80
CA GLY X 43 -46.74 -59.10 -18.77
C GLY X 43 -47.36 -59.25 -17.41
N MET X 44 -46.60 -59.86 -16.51
CA MET X 44 -47.06 -60.08 -15.15
C MET X 44 -45.99 -59.59 -14.22
N GLY X 45 -46.37 -58.75 -13.26
CA GLY X 45 -45.37 -58.29 -12.32
C GLY X 45 -44.94 -59.31 -11.32
N THR X 46 -45.70 -60.39 -11.22
CA THR X 46 -45.56 -61.35 -10.14
C THR X 46 -44.47 -62.37 -10.39
N VAL X 47 -44.26 -62.76 -11.64
CA VAL X 47 -43.30 -63.78 -11.99
C VAL X 47 -42.11 -63.06 -12.62
N GLN X 48 -41.07 -62.84 -11.83
CA GLN X 48 -39.99 -61.96 -12.25
C GLN X 48 -38.92 -62.66 -13.05
N LYS X 49 -39.04 -63.97 -13.31
CA LYS X 49 -38.06 -64.60 -14.17
C LYS X 49 -38.26 -64.22 -15.63
N GLY X 50 -39.37 -64.63 -16.22
CA GLY X 50 -39.43 -64.58 -17.66
C GLY X 50 -40.37 -63.58 -18.28
N MET X 51 -40.41 -62.35 -17.75
CA MET X 51 -41.19 -61.31 -18.39
C MET X 51 -40.52 -60.92 -19.70
N PRO X 52 -41.30 -60.60 -20.73
CA PRO X 52 -40.72 -60.52 -22.08
C PRO X 52 -39.78 -59.34 -22.31
N HIS X 53 -40.36 -58.14 -22.34
CA HIS X 53 -39.77 -56.82 -22.53
C HIS X 53 -40.97 -55.89 -22.61
N LYS X 54 -40.74 -54.59 -22.50
CA LYS X 54 -41.85 -53.67 -22.59
C LYS X 54 -42.36 -53.45 -24.01
N CYS X 55 -41.53 -53.66 -25.02
CA CYS X 55 -41.95 -53.42 -26.40
C CYS X 55 -42.69 -54.60 -27.01
N TYR X 56 -42.91 -55.68 -26.26
CA TYR X 56 -43.71 -56.79 -26.74
C TYR X 56 -44.99 -56.95 -25.94
N HIS X 57 -45.33 -55.98 -25.11
CA HIS X 57 -46.56 -56.09 -24.36
C HIS X 57 -47.73 -55.90 -25.32
N GLY X 58 -48.63 -56.87 -25.34
CA GLY X 58 -49.83 -56.79 -26.12
C GLY X 58 -49.72 -57.25 -27.56
N LYS X 59 -48.50 -57.45 -28.06
CA LYS X 59 -48.36 -57.90 -29.43
C LYS X 59 -48.77 -59.35 -29.54
N THR X 60 -49.09 -59.76 -30.77
CA THR X 60 -49.59 -61.09 -31.06
C THR X 60 -48.57 -61.82 -31.93
N GLY X 61 -48.11 -62.98 -31.45
CA GLY X 61 -47.09 -63.74 -32.12
C GLY X 61 -47.50 -65.20 -32.28
N ARG X 62 -46.55 -66.07 -32.60
CA ARG X 62 -46.83 -67.45 -32.96
C ARG X 62 -45.88 -68.37 -32.22
N VAL X 63 -46.39 -69.43 -31.63
CA VAL X 63 -45.55 -70.36 -30.88
C VAL X 63 -44.69 -71.19 -31.82
N TYR X 64 -43.39 -71.25 -31.56
CA TYR X 64 -42.51 -72.11 -32.31
C TYR X 64 -41.78 -73.13 -31.45
N ASN X 65 -41.52 -72.80 -30.20
CA ASN X 65 -40.69 -73.63 -29.33
C ASN X 65 -41.42 -73.81 -28.01
N VAL X 66 -41.34 -75.01 -27.46
CA VAL X 66 -41.95 -75.31 -26.17
C VAL X 66 -40.91 -76.05 -25.34
N THR X 67 -40.73 -75.62 -24.10
CA THR X 67 -39.78 -76.23 -23.19
C THR X 67 -40.53 -76.72 -21.96
N GLN X 68 -39.81 -77.00 -20.86
CA GLN X 68 -40.48 -77.45 -19.63
C GLN X 68 -41.52 -76.46 -19.14
N HIS X 69 -41.10 -75.25 -18.79
CA HIS X 69 -42.03 -74.29 -18.24
C HIS X 69 -41.79 -72.90 -18.77
N ALA X 70 -41.62 -72.81 -20.07
CA ALA X 70 -41.68 -71.57 -20.81
C ALA X 70 -42.09 -71.91 -22.23
N VAL X 71 -42.01 -70.94 -23.12
CA VAL X 71 -42.46 -71.14 -24.49
C VAL X 71 -41.82 -70.08 -25.36
N GLY X 72 -41.30 -70.52 -26.50
CA GLY X 72 -40.72 -69.62 -27.46
C GLY X 72 -41.79 -69.20 -28.45
N ILE X 73 -41.74 -67.93 -28.85
CA ILE X 73 -42.72 -67.35 -29.75
C ILE X 73 -41.95 -66.76 -30.92
N VAL X 74 -42.55 -66.72 -32.11
CA VAL X 74 -42.07 -65.82 -33.17
C VAL X 74 -43.04 -64.65 -33.31
N VAL X 75 -42.50 -63.43 -33.23
CA VAL X 75 -43.27 -62.21 -33.01
C VAL X 75 -42.86 -61.17 -34.04
N ASN X 76 -43.84 -60.46 -34.59
CA ASN X 76 -43.59 -59.49 -35.65
C ASN X 76 -43.45 -58.10 -35.05
N LYS X 77 -42.24 -57.75 -34.62
CA LYS X 77 -41.94 -56.50 -33.94
C LYS X 77 -41.52 -55.46 -34.99
N GLN X 78 -41.80 -54.20 -34.72
CA GLN X 78 -41.46 -53.11 -35.62
C GLN X 78 -40.26 -52.31 -35.14
N VAL X 79 -39.34 -52.02 -36.05
CA VAL X 79 -38.21 -51.13 -35.82
C VAL X 79 -38.36 -49.97 -36.78
N LYS X 80 -37.35 -49.09 -36.81
CA LYS X 80 -37.27 -47.87 -37.60
C LYS X 80 -37.77 -48.02 -39.03
N GLY X 81 -37.11 -48.81 -39.86
CA GLY X 81 -37.50 -48.81 -41.25
C GLY X 81 -38.52 -49.86 -41.62
N LYS X 82 -38.47 -51.01 -40.96
CA LYS X 82 -39.20 -52.18 -41.41
C LYS X 82 -39.70 -52.94 -40.19
N ILE X 83 -40.32 -54.10 -40.43
CA ILE X 83 -40.86 -54.91 -39.34
C ILE X 83 -40.23 -56.29 -39.39
N LEU X 84 -39.80 -56.77 -38.23
CA LEU X 84 -38.91 -57.91 -38.14
C LEU X 84 -39.67 -59.11 -37.59
N ALA X 85 -39.11 -60.29 -37.82
CA ALA X 85 -39.56 -61.52 -37.16
C ALA X 85 -38.58 -61.83 -36.05
N LYS X 86 -39.03 -61.79 -34.81
CA LYS X 86 -38.15 -61.98 -33.67
C LYS X 86 -38.55 -63.23 -32.91
N ARG X 87 -37.61 -63.78 -32.15
CA ARG X 87 -37.86 -64.94 -31.30
C ARG X 87 -37.71 -64.53 -29.84
N ILE X 88 -38.78 -64.67 -29.07
CA ILE X 88 -38.78 -64.34 -27.65
C ILE X 88 -38.92 -65.64 -26.88
N ASN X 89 -38.38 -65.68 -25.66
CA ASN X 89 -38.54 -66.83 -24.78
C ASN X 89 -39.28 -66.37 -23.54
N VAL X 90 -40.55 -66.72 -23.47
CA VAL X 90 -41.46 -66.22 -22.46
C VAL X 90 -41.92 -67.38 -21.61
N ARG X 91 -41.95 -67.19 -20.29
CA ARG X 91 -42.54 -68.19 -19.43
C ARG X 91 -44.06 -68.20 -19.62
N ILE X 92 -44.69 -69.21 -19.04
CA ILE X 92 -46.05 -69.53 -19.43
C ILE X 92 -47.04 -68.53 -18.88
N GLU X 93 -46.72 -67.89 -17.75
CA GLU X 93 -47.68 -67.02 -17.08
C GLU X 93 -47.94 -65.76 -17.87
N HIS X 94 -46.95 -65.32 -18.64
CA HIS X 94 -47.06 -64.15 -19.49
C HIS X 94 -47.60 -64.49 -20.87
N ILE X 95 -48.39 -65.54 -20.98
CA ILE X 95 -49.00 -66.01 -22.22
C ILE X 95 -50.49 -66.20 -21.95
N LYS X 96 -51.33 -65.87 -22.92
CA LYS X 96 -52.67 -66.42 -22.95
C LYS X 96 -53.06 -66.71 -24.39
N HIS X 97 -54.10 -67.51 -24.56
CA HIS X 97 -54.60 -67.81 -25.90
C HIS X 97 -55.25 -66.57 -26.48
N SER X 98 -55.40 -66.58 -27.80
CA SER X 98 -56.08 -65.50 -28.50
C SER X 98 -57.38 -66.05 -29.05
N LYS X 99 -58.50 -65.46 -28.65
CA LYS X 99 -59.80 -65.94 -29.07
C LYS X 99 -60.16 -65.55 -30.50
N SER X 100 -59.28 -64.82 -31.19
CA SER X 100 -59.50 -64.49 -32.59
C SER X 100 -59.57 -65.76 -33.44
N ARG X 101 -58.70 -66.73 -33.16
CA ARG X 101 -58.75 -67.97 -33.92
C ARG X 101 -59.87 -68.88 -33.43
N ASP X 102 -60.25 -68.79 -32.15
CA ASP X 102 -61.31 -69.64 -31.62
C ASP X 102 -62.65 -69.33 -32.25
N SER X 103 -62.98 -68.04 -32.34
CA SER X 103 -64.14 -67.66 -33.14
C SER X 103 -63.90 -67.91 -34.62
N PHE X 104 -62.65 -67.93 -35.07
CA PHE X 104 -62.38 -68.30 -36.46
C PHE X 104 -62.57 -69.79 -36.68
N LEU X 105 -62.08 -70.63 -35.76
CA LEU X 105 -62.24 -72.06 -35.97
C LEU X 105 -63.68 -72.51 -35.76
N LYS X 106 -64.47 -71.76 -35.00
CA LYS X 106 -65.90 -72.01 -35.02
C LYS X 106 -66.52 -71.48 -36.30
N ARG X 107 -65.96 -70.44 -36.90
CA ARG X 107 -66.41 -70.01 -38.21
C ARG X 107 -66.08 -71.05 -39.28
N VAL X 108 -65.03 -71.85 -39.08
CA VAL X 108 -64.74 -72.92 -40.04
C VAL X 108 -65.75 -74.04 -39.91
N LYS X 109 -66.07 -74.43 -38.66
CA LYS X 109 -66.91 -75.59 -38.39
C LYS X 109 -68.32 -75.40 -38.91
N GLU X 110 -68.82 -74.17 -38.85
CA GLU X 110 -70.10 -73.86 -39.45
C GLU X 110 -70.05 -73.98 -40.97
N ASN X 111 -68.98 -73.46 -41.57
CA ASN X 111 -68.88 -73.44 -43.03
C ASN X 111 -68.63 -74.82 -43.61
N ASP X 112 -68.07 -75.73 -42.82
CA ASP X 112 -67.96 -77.11 -43.26
C ASP X 112 -69.34 -77.77 -43.26
N GLN X 113 -70.13 -77.52 -42.22
CA GLN X 113 -71.42 -78.19 -42.05
C GLN X 113 -72.46 -77.66 -43.05
N LYS X 114 -72.42 -76.36 -43.36
CA LYS X 114 -73.26 -75.84 -44.43
C LYS X 114 -72.87 -76.43 -45.77
N LYS X 115 -71.57 -76.70 -45.97
CA LYS X 115 -71.12 -77.36 -47.18
C LYS X 115 -71.60 -78.80 -47.25
N LYS X 116 -71.70 -79.45 -46.10
CA LYS X 116 -72.29 -80.79 -46.03
C LYS X 116 -73.75 -80.77 -46.45
N GLU X 117 -74.51 -79.78 -45.97
CA GLU X 117 -75.94 -79.73 -46.24
C GLU X 117 -76.24 -79.22 -47.65
N ALA X 118 -75.34 -78.43 -48.23
CA ALA X 118 -75.57 -77.92 -49.57
C ALA X 118 -75.52 -79.04 -50.60
N LYS X 119 -74.73 -80.06 -50.31
CA LYS X 119 -74.72 -81.25 -51.14
C LYS X 119 -75.92 -82.15 -50.83
N GLU X 120 -76.48 -81.99 -49.63
CA GLU X 120 -77.52 -82.89 -49.14
C GLU X 120 -78.84 -82.63 -49.83
N LYS X 121 -79.38 -81.41 -49.69
CA LYS X 121 -80.69 -81.10 -50.23
C LYS X 121 -80.64 -80.29 -51.52
N GLY X 122 -79.53 -79.66 -51.83
CA GLY X 122 -79.48 -78.84 -53.02
C GLY X 122 -80.10 -77.48 -52.81
N THR X 123 -79.58 -76.74 -51.83
CA THR X 123 -79.94 -75.34 -51.65
C THR X 123 -78.64 -74.56 -51.51
N TRP X 124 -78.56 -73.42 -52.20
CA TRP X 124 -77.35 -72.61 -52.16
C TRP X 124 -77.32 -71.77 -50.89
N VAL X 125 -76.15 -71.71 -50.26
CA VAL X 125 -76.06 -71.45 -48.83
C VAL X 125 -75.61 -70.02 -48.52
N GLN X 126 -74.57 -69.52 -49.21
CA GLN X 126 -73.94 -68.23 -48.97
C GLN X 126 -73.47 -68.07 -47.51
N LEU X 127 -72.52 -68.93 -47.16
CA LEU X 127 -71.80 -68.85 -45.90
C LEU X 127 -70.72 -67.78 -45.88
N LYS X 128 -70.36 -67.24 -47.04
CA LYS X 128 -69.40 -66.15 -47.10
C LYS X 128 -70.00 -64.87 -46.55
N ARG X 129 -69.29 -64.23 -45.62
CA ARG X 129 -69.80 -63.04 -44.96
C ARG X 129 -69.84 -61.86 -45.93
N GLN X 130 -71.01 -61.33 -46.16
CA GLN X 130 -71.07 -60.02 -46.78
C GLN X 130 -71.12 -58.96 -45.70
N PRO X 131 -70.66 -57.74 -45.99
CA PRO X 131 -70.74 -56.68 -44.98
C PRO X 131 -72.18 -56.24 -44.79
N ALA X 132 -72.41 -55.54 -43.69
CA ALA X 132 -73.74 -55.12 -43.25
C ALA X 132 -74.38 -54.21 -44.27
N PRO X 133 -75.38 -54.69 -45.00
CA PRO X 133 -75.92 -53.93 -46.13
C PRO X 133 -76.73 -52.75 -45.64
N PRO X 134 -77.06 -51.81 -46.52
CA PRO X 134 -78.00 -50.76 -46.12
C PRO X 134 -79.37 -51.35 -45.87
N ARG X 135 -80.13 -50.67 -45.01
CA ARG X 135 -81.33 -51.22 -44.40
C ARG X 135 -82.41 -51.51 -45.43
N GLU X 136 -83.39 -52.30 -45.00
CA GLU X 136 -84.44 -52.70 -45.92
C GLU X 136 -85.63 -51.76 -45.80
N ALA X 137 -86.52 -51.84 -46.78
CA ALA X 137 -87.64 -50.92 -46.91
C ALA X 137 -88.70 -51.34 -45.92
N HIS X 138 -88.50 -50.98 -44.67
CA HIS X 138 -89.38 -51.48 -43.65
C HIS X 138 -90.58 -50.56 -43.55
N PHE X 139 -91.51 -50.92 -42.67
CA PHE X 139 -92.86 -50.40 -42.72
C PHE X 139 -93.27 -50.14 -41.28
N VAL X 140 -93.10 -48.90 -40.81
CA VAL X 140 -93.26 -48.63 -39.39
C VAL X 140 -94.74 -48.58 -39.05
N ARG X 141 -95.06 -48.52 -37.77
CA ARG X 141 -96.43 -48.48 -37.30
C ARG X 141 -96.62 -47.21 -36.48
N THR X 142 -97.76 -46.55 -36.64
CA THR X 142 -98.12 -45.43 -35.76
C THR X 142 -99.60 -45.51 -35.40
N ASN X 143 -99.98 -46.63 -34.82
CA ASN X 143 -101.38 -46.98 -34.58
C ASN X 143 -102.10 -46.06 -33.59
N GLY X 144 -102.93 -45.17 -34.13
CA GLY X 144 -103.83 -44.35 -33.32
C GLY X 144 -103.21 -43.17 -32.61
N LYS X 145 -102.02 -43.36 -32.05
CA LYS X 145 -101.36 -42.36 -31.24
C LYS X 145 -100.56 -41.41 -32.11
N GLU X 146 -100.49 -40.20 -31.71
CA GLU X 146 -99.76 -39.22 -32.48
C GLU X 146 -98.30 -39.17 -32.07
N PRO X 147 -97.43 -38.77 -33.00
CA PRO X 147 -96.02 -38.57 -32.64
C PRO X 147 -95.84 -37.45 -31.63
N GLU X 148 -95.02 -37.74 -30.62
CA GLU X 148 -94.67 -36.75 -29.60
C GLU X 148 -93.90 -35.59 -30.21
N LEU X 149 -94.37 -34.39 -29.95
CA LEU X 149 -93.72 -33.19 -30.45
C LEU X 149 -92.58 -32.78 -29.52
N LEU X 150 -91.43 -32.48 -30.13
CA LEU X 150 -90.25 -32.03 -29.40
C LEU X 150 -89.78 -30.69 -29.92
N GLU X 151 -89.66 -29.72 -29.03
CA GLU X 151 -89.09 -28.41 -29.27
C GLU X 151 -87.96 -28.23 -28.25
N PRO X 152 -86.96 -27.38 -28.53
CA PRO X 152 -85.84 -27.29 -27.60
C PRO X 152 -86.21 -26.61 -26.30
N ILE X 153 -85.29 -26.73 -25.35
CA ILE X 153 -85.41 -26.21 -24.00
C ILE X 153 -85.09 -24.73 -23.99
N PRO X 154 -85.59 -23.97 -23.01
CA PRO X 154 -85.07 -22.64 -22.78
C PRO X 154 -83.74 -22.72 -22.06
N TYR X 155 -83.01 -21.61 -22.07
CA TYR X 155 -81.78 -21.52 -21.29
C TYR X 155 -82.10 -20.92 -19.93
N GLU X 156 -81.87 -21.70 -18.89
CA GLU X 156 -81.74 -21.17 -17.54
C GLU X 156 -80.40 -21.66 -17.04
N PHE X 157 -79.61 -20.76 -16.47
CA PHE X 157 -78.29 -21.13 -15.99
C PHE X 157 -78.38 -22.08 -14.80
N VAL Y 1 61.50 72.80 -56.31
CA VAL Y 1 60.76 73.61 -57.26
C VAL Y 1 59.96 72.70 -58.18
N LEU Y 2 58.65 72.94 -58.29
CA LEU Y 2 57.73 72.01 -58.94
C LEU Y 2 56.86 72.74 -59.96
N LYS Y 3 57.01 72.37 -61.23
CA LYS Y 3 56.26 72.89 -62.35
C LYS Y 3 55.14 71.94 -62.74
N PHE Y 4 54.14 72.47 -63.47
CA PHE Y 4 53.16 71.66 -64.19
C PHE Y 4 52.70 72.40 -65.43
N THR Y 5 52.13 71.65 -66.37
CA THR Y 5 51.79 72.17 -67.69
C THR Y 5 50.49 71.54 -68.18
N LEU Y 6 49.59 72.38 -68.69
CA LEU Y 6 48.32 71.95 -69.26
C LEU Y 6 48.38 72.26 -70.75
N ASP Y 7 48.49 71.24 -71.58
CA ASP Y 7 48.71 71.48 -73.00
C ASP Y 7 47.34 71.60 -73.68
N CYS Y 8 46.83 72.81 -73.77
CA CYS Y 8 45.54 73.11 -74.38
C CYS Y 8 45.76 73.68 -75.78
N THR Y 9 46.73 73.10 -76.47
CA THR Y 9 47.02 73.48 -77.85
C THR Y 9 45.86 73.11 -78.77
N HIS Y 10 45.31 71.92 -78.58
CA HIS Y 10 44.47 71.32 -79.61
C HIS Y 10 43.11 71.97 -79.81
N PRO Y 11 42.25 72.18 -78.80
CA PRO Y 11 40.89 72.65 -79.12
C PRO Y 11 40.81 74.12 -79.48
N VAL Y 12 41.85 74.90 -79.18
CA VAL Y 12 41.91 76.29 -79.64
C VAL Y 12 41.94 76.34 -81.15
N GLU Y 13 42.66 75.40 -81.75
CA GLU Y 13 42.82 75.37 -83.20
C GLU Y 13 41.52 75.04 -83.91
N ASP Y 14 40.73 74.12 -83.36
CA ASP Y 14 39.53 73.66 -84.06
C ASP Y 14 38.36 74.63 -83.93
N GLY Y 15 38.49 75.70 -83.16
CA GLY Y 15 37.41 76.65 -83.00
C GLY Y 15 36.45 76.33 -81.89
N ILE Y 16 36.92 75.70 -80.82
CA ILE Y 16 36.09 75.33 -79.68
C ILE Y 16 36.39 76.18 -78.46
N MET Y 17 37.66 76.33 -78.13
CA MET Y 17 38.11 76.61 -76.78
C MET Y 17 38.47 78.08 -76.62
N ASP Y 18 38.43 78.54 -75.37
CA ASP Y 18 38.86 79.88 -74.98
C ASP Y 18 40.02 79.68 -74.01
N ALA Y 19 41.25 79.73 -74.54
CA ALA Y 19 42.45 79.53 -73.74
C ALA Y 19 42.60 80.58 -72.66
N ALA Y 20 42.13 81.80 -72.92
CA ALA Y 20 42.17 82.83 -71.90
C ALA Y 20 41.19 82.56 -70.76
N ASN Y 21 40.10 81.85 -71.05
CA ASN Y 21 39.01 81.75 -70.06
C ASN Y 21 39.27 80.64 -69.05
N PHE Y 22 39.73 79.46 -69.51
CA PHE Y 22 40.07 78.39 -68.58
C PHE Y 22 41.25 78.78 -67.70
N GLU Y 23 42.09 79.66 -68.21
CA GLU Y 23 43.05 80.37 -67.38
C GLU Y 23 42.36 81.13 -66.25
N GLN Y 24 41.28 81.85 -66.56
CA GLN Y 24 40.64 82.71 -65.56
C GLN Y 24 39.98 81.91 -64.45
N PHE Y 25 39.47 80.73 -64.79
CA PHE Y 25 38.84 79.86 -63.80
C PHE Y 25 39.86 79.30 -62.81
N LEU Y 26 41.01 78.85 -63.33
CA LEU Y 26 42.10 78.38 -62.48
C LEU Y 26 42.69 79.51 -61.65
N GLN Y 27 42.78 80.69 -62.23
CA GLN Y 27 43.23 81.87 -61.50
C GLN Y 27 42.29 82.22 -60.35
N GLU Y 28 41.01 81.85 -60.46
CA GLU Y 28 40.01 82.23 -59.48
C GLU Y 28 39.58 81.07 -58.60
N ARG Y 29 39.83 79.82 -58.99
CA ARG Y 29 39.29 78.67 -58.25
C ARG Y 29 40.29 77.55 -57.99
N ILE Y 30 41.57 77.82 -57.97
CA ILE Y 30 42.50 76.82 -57.44
C ILE Y 30 42.66 77.06 -55.95
N LYS Y 31 42.31 76.05 -55.15
CA LYS Y 31 42.46 76.13 -53.70
C LYS Y 31 43.89 75.83 -53.32
N VAL Y 32 44.33 76.39 -52.20
CA VAL Y 32 45.65 76.10 -51.65
C VAL Y 32 45.52 75.90 -50.16
N ASN Y 33 45.87 74.70 -49.67
CA ASN Y 33 46.19 74.44 -48.26
C ASN Y 33 45.00 74.73 -47.32
N GLY Y 34 43.79 74.63 -47.85
CA GLY Y 34 42.61 75.02 -47.15
C GLY Y 34 42.08 76.38 -47.57
N LYS Y 35 42.95 77.28 -48.01
CA LYS Y 35 42.51 78.56 -48.53
C LYS Y 35 41.92 78.38 -49.92
N ALA Y 36 40.78 79.00 -50.14
CA ALA Y 36 40.01 78.85 -51.37
C ALA Y 36 39.97 80.17 -52.14
N GLY Y 37 39.29 80.13 -53.28
CA GLY Y 37 39.04 81.32 -54.07
C GLY Y 37 40.30 81.91 -54.67
N ASN Y 38 40.59 83.16 -54.28
CA ASN Y 38 41.71 83.88 -54.85
C ASN Y 38 43.02 83.32 -54.35
N LEU Y 39 43.96 83.17 -55.27
CA LEU Y 39 45.12 82.31 -55.06
C LEU Y 39 46.11 82.91 -54.08
N GLY Y 40 46.48 84.18 -54.28
CA GLY Y 40 47.05 85.00 -53.21
C GLY Y 40 48.38 84.54 -52.67
N GLY Y 41 48.42 84.37 -51.34
CA GLY Y 41 49.58 84.00 -50.55
C GLY Y 41 49.96 82.55 -50.62
N GLY Y 42 49.27 81.79 -51.45
CA GLY Y 42 49.70 80.47 -51.85
C GLY Y 42 50.69 80.67 -52.98
N VAL Y 43 51.97 80.37 -52.70
CA VAL Y 43 53.17 80.81 -53.43
C VAL Y 43 53.12 80.55 -54.94
N VAL Y 44 52.27 79.61 -55.37
CA VAL Y 44 52.11 79.15 -56.75
C VAL Y 44 51.87 80.29 -57.74
N THR Y 45 52.33 80.11 -58.98
CA THR Y 45 52.30 81.17 -59.97
C THR Y 45 51.76 80.59 -61.26
N ILE Y 46 50.79 81.26 -61.86
CA ILE Y 46 50.15 80.77 -63.06
C ILE Y 46 50.78 81.49 -64.24
N GLU Y 47 51.68 80.79 -64.91
CA GLU Y 47 52.28 81.25 -66.16
C GLU Y 47 51.31 80.97 -67.29
N ARG Y 48 51.61 81.48 -68.48
CA ARG Y 48 50.73 81.30 -69.63
C ARG Y 48 51.57 81.38 -70.90
N SER Y 49 51.04 80.80 -71.98
CA SER Y 49 51.76 80.70 -73.23
C SER Y 49 50.81 81.00 -74.39
N LYS Y 50 51.30 80.75 -75.61
CA LYS Y 50 50.50 80.93 -76.80
C LYS Y 50 49.31 79.99 -76.81
N SER Y 51 49.53 78.72 -76.47
CA SER Y 51 48.47 77.73 -76.44
C SER Y 51 48.45 76.98 -75.11
N LYS Y 52 49.63 76.84 -74.50
CA LYS Y 52 49.81 76.04 -73.30
C LYS Y 52 49.33 76.81 -72.08
N ILE Y 53 49.42 76.15 -70.92
CA ILE Y 53 49.25 76.77 -69.62
C ILE Y 53 50.38 76.20 -68.78
N THR Y 54 50.93 77.00 -67.88
CA THR Y 54 51.97 76.52 -67.00
C THR Y 54 51.71 77.02 -65.59
N VAL Y 55 51.90 76.15 -64.59
CA VAL Y 55 51.92 76.61 -63.21
C VAL Y 55 53.27 76.26 -62.61
N THR Y 56 53.66 77.04 -61.61
CA THR Y 56 54.90 76.87 -60.86
C THR Y 56 54.51 76.72 -59.40
N SER Y 57 55.22 75.88 -58.64
CA SER Y 57 54.78 75.61 -57.27
C SER Y 57 55.96 75.22 -56.41
N GLU Y 58 56.20 75.96 -55.34
CA GLU Y 58 56.95 75.44 -54.20
C GLU Y 58 56.04 75.06 -53.06
N VAL Y 59 54.76 75.36 -53.18
CA VAL Y 59 53.71 74.74 -52.36
C VAL Y 59 53.67 73.24 -52.66
N PRO Y 60 53.49 72.36 -51.67
CA PRO Y 60 53.22 70.96 -51.98
C PRO Y 60 51.88 70.81 -52.70
N PHE Y 61 51.92 70.19 -53.87
CA PHE Y 61 50.80 70.26 -54.79
C PHE Y 61 50.73 68.97 -55.60
N SER Y 62 49.57 68.73 -56.19
CA SER Y 62 49.31 67.47 -56.89
C SER Y 62 48.60 67.75 -58.21
N LYS Y 63 49.12 67.19 -59.29
CA LYS Y 63 48.53 67.42 -60.60
C LYS Y 63 47.24 66.65 -60.80
N ARG Y 64 46.91 65.76 -59.87
CA ARG Y 64 45.55 65.24 -59.76
C ARG Y 64 44.56 66.36 -59.64
N TYR Y 65 44.89 67.38 -58.85
CA TYR Y 65 43.97 68.48 -58.64
C TYR Y 65 43.90 69.41 -59.85
N LEU Y 66 44.86 69.33 -60.77
CA LEU Y 66 44.67 69.98 -62.05
C LEU Y 66 43.67 69.22 -62.90
N LYS Y 67 43.74 67.89 -62.90
CA LYS Y 67 42.80 67.10 -63.68
C LYS Y 67 41.39 67.17 -63.08
N TYR Y 68 41.31 67.44 -61.79
CA TYR Y 68 40.02 67.66 -61.16
C TYR Y 68 39.39 68.96 -61.65
N LEU Y 69 40.17 70.04 -61.66
CA LEU Y 69 39.61 71.33 -62.06
C LEU Y 69 39.57 71.48 -63.57
N THR Y 70 40.31 70.67 -64.30
CA THR Y 70 40.18 70.67 -65.75
C THR Y 70 38.85 70.09 -66.17
N LYS Y 71 38.48 68.95 -65.60
CA LYS Y 71 37.25 68.27 -65.98
C LYS Y 71 36.02 68.99 -65.47
N LYS Y 72 36.16 69.86 -64.48
CA LYS Y 72 34.98 70.58 -64.01
C LYS Y 72 34.63 71.70 -64.97
N TYR Y 73 35.63 72.31 -65.60
CA TYR Y 73 35.36 73.37 -66.58
C TYR Y 73 34.67 72.81 -67.81
N LEU Y 74 35.11 71.64 -68.26
CA LEU Y 74 34.57 71.06 -69.48
C LEU Y 74 33.19 70.47 -69.26
N LYS Y 75 32.73 70.39 -68.01
CA LYS Y 75 31.36 69.98 -67.74
C LYS Y 75 30.40 71.16 -67.80
N LYS Y 76 30.86 72.33 -67.37
CA LYS Y 76 30.10 73.56 -67.54
C LYS Y 76 29.79 73.82 -69.00
N ASN Y 77 30.83 73.81 -69.83
CA ASN Y 77 30.69 74.11 -71.23
C ASN Y 77 30.46 72.87 -72.07
N ASN Y 78 30.21 71.73 -71.42
CA ASN Y 78 29.84 70.45 -72.04
C ASN Y 78 30.90 69.95 -73.02
N LEU Y 79 32.15 70.32 -72.81
CA LEU Y 79 33.21 69.97 -73.74
C LEU Y 79 33.79 68.61 -73.44
N ARG Y 80 33.30 67.94 -72.40
CA ARG Y 80 33.67 66.56 -72.13
C ARG Y 80 33.00 65.60 -73.11
N ASP Y 81 31.98 66.08 -73.83
CA ASP Y 81 31.28 65.28 -74.83
C ASP Y 81 32.17 64.92 -76.01
N TRP Y 82 33.16 65.75 -76.29
CA TRP Y 82 34.05 65.56 -77.43
C TRP Y 82 35.50 65.47 -77.04
N LEU Y 83 35.90 66.15 -75.97
CA LEU Y 83 37.29 66.12 -75.53
C LEU Y 83 37.48 65.21 -74.33
N ARG Y 84 38.75 64.97 -74.01
CA ARG Y 84 39.14 64.36 -72.76
C ARG Y 84 40.55 64.81 -72.43
N VAL Y 85 40.98 64.53 -71.21
CA VAL Y 85 42.27 64.95 -70.69
C VAL Y 85 43.09 63.69 -70.49
N VAL Y 86 44.37 63.71 -70.86
CA VAL Y 86 45.24 62.59 -70.59
C VAL Y 86 46.56 63.08 -70.01
N ALA Y 87 47.25 62.18 -69.32
CA ALA Y 87 48.63 62.45 -68.93
C ALA Y 87 49.48 62.29 -70.18
N ASN Y 88 50.12 63.37 -70.62
CA ASN Y 88 50.95 63.28 -71.80
C ASN Y 88 52.36 62.84 -71.44
N SER Y 89 52.97 63.50 -70.46
CA SER Y 89 54.22 63.06 -69.87
C SER Y 89 54.10 63.28 -68.37
N LYS Y 90 55.21 63.18 -67.66
CA LYS Y 90 55.12 63.19 -66.21
C LYS Y 90 54.91 64.58 -65.62
N GLU Y 91 54.95 65.64 -66.41
CA GLU Y 91 54.65 66.98 -65.89
C GLU Y 91 53.64 67.70 -66.78
N SER Y 92 52.64 66.98 -67.26
CA SER Y 92 51.85 67.44 -68.39
C SER Y 92 50.41 67.02 -68.24
N TYR Y 93 49.57 67.67 -69.04
CA TYR Y 93 48.26 67.17 -69.43
C TYR Y 93 47.97 67.71 -70.81
N GLU Y 94 47.93 66.87 -71.81
CA GLU Y 94 47.49 67.32 -73.12
C GLU Y 94 46.03 66.95 -73.31
N LEU Y 95 45.27 67.89 -73.84
CA LEU Y 95 43.93 67.56 -74.30
C LEU Y 95 44.00 66.82 -75.62
N ARG Y 96 43.00 65.97 -75.87
CA ARG Y 96 42.73 65.46 -77.19
C ARG Y 96 41.28 65.01 -77.25
N TYR Y 97 40.77 64.92 -78.47
CA TYR Y 97 39.48 64.29 -78.67
C TYR Y 97 39.71 62.79 -78.88
N PHE Y 98 38.67 62.06 -79.24
CA PHE Y 98 38.78 60.64 -79.52
C PHE Y 98 37.92 60.31 -80.73
N GLN Y 99 38.48 59.50 -81.64
CA GLN Y 99 37.93 59.24 -82.98
C GLN Y 99 37.56 60.51 -83.76
N ALA Z 1 -36.82 56.82 -18.30
CA ALA Z 1 -36.55 55.54 -18.93
C ALA Z 1 -35.10 55.47 -19.41
N LYS Z 2 -34.65 54.27 -19.77
CA LYS Z 2 -33.29 54.04 -20.22
C LYS Z 2 -33.32 53.40 -21.59
N PHE Z 3 -32.63 54.01 -22.54
CA PHE Z 3 -32.71 53.58 -23.93
C PHE Z 3 -31.66 52.52 -24.19
N ARG Z 4 -31.44 52.21 -25.45
CA ARG Z 4 -30.28 51.40 -25.78
C ARG Z 4 -29.03 52.22 -25.55
N ILE Z 5 -28.22 51.78 -24.60
CA ILE Z 5 -26.85 52.25 -24.49
C ILE Z 5 -25.94 51.05 -24.70
N SER Z 6 -24.74 51.30 -25.22
CA SER Z 6 -23.85 50.23 -25.61
C SER Z 6 -23.30 49.52 -24.39
N LEU Z 7 -23.07 48.23 -24.53
CA LEU Z 7 -22.65 47.38 -23.43
C LEU Z 7 -21.16 47.09 -23.58
N GLY Z 8 -20.40 47.39 -22.54
CA GLY Z 8 -18.97 47.21 -22.62
C GLY Z 8 -18.39 46.53 -21.40
N LEU Z 9 -19.21 45.75 -20.71
CA LEU Z 9 -18.75 44.95 -19.57
C LEU Z 9 -19.37 43.57 -19.66
N PRO Z 10 -18.69 42.63 -20.30
CA PRO Z 10 -19.10 41.24 -20.19
C PRO Z 10 -18.73 40.71 -18.82
N VAL Z 11 -19.31 39.56 -18.49
CA VAL Z 11 -19.07 38.94 -17.20
C VAL Z 11 -17.62 38.52 -17.10
N GLY Z 12 -16.96 38.97 -16.03
CA GLY Z 12 -15.55 38.81 -15.85
C GLY Z 12 -14.80 40.11 -15.82
N ALA Z 13 -15.48 41.22 -16.09
CA ALA Z 13 -14.81 42.50 -16.05
C ALA Z 13 -14.53 42.90 -14.61
N VAL Z 14 -13.51 43.73 -14.43
CA VAL Z 14 -13.15 44.28 -13.15
C VAL Z 14 -13.25 45.78 -13.26
N ILE Z 15 -14.12 46.37 -12.46
CA ILE Z 15 -14.42 47.79 -12.54
C ILE Z 15 -13.96 48.46 -11.26
N ASN Z 16 -13.58 49.73 -11.37
CA ASN Z 16 -13.09 50.46 -10.21
C ASN Z 16 -14.20 50.75 -9.22
N CYS Z 17 -13.97 50.46 -7.96
CA CYS Z 17 -15.00 50.68 -6.96
C CYS Z 17 -14.87 52.12 -6.51
N ALA Z 18 -15.53 53.03 -7.22
CA ALA Z 18 -15.38 54.47 -7.01
C ALA Z 18 -16.37 54.94 -5.94
N ASP Z 19 -16.13 54.47 -4.72
CA ASP Z 19 -16.80 54.99 -3.52
C ASP Z 19 -15.95 54.60 -2.33
N ASN Z 20 -16.34 55.09 -1.16
CA ASN Z 20 -15.57 54.86 0.06
C ASN Z 20 -16.17 53.78 0.94
N THR Z 21 -16.73 52.76 0.31
CA THR Z 21 -17.13 51.56 1.04
C THR Z 21 -15.90 50.81 1.57
N GLY Z 22 -14.88 50.67 0.73
CA GLY Z 22 -13.64 50.09 1.19
C GLY Z 22 -13.16 49.02 0.24
N ALA Z 23 -14.04 48.63 -0.66
CA ALA Z 23 -13.68 47.71 -1.72
C ALA Z 23 -12.93 48.44 -2.80
N LYS Z 24 -12.03 47.74 -3.48
CA LYS Z 24 -11.22 48.39 -4.48
C LYS Z 24 -11.45 47.88 -5.88
N ASN Z 25 -12.05 46.70 -6.03
CA ASN Z 25 -12.43 46.22 -7.34
C ASN Z 25 -13.65 45.32 -7.24
N LEU Z 26 -14.52 45.46 -8.23
CA LEU Z 26 -15.81 44.79 -8.26
C LEU Z 26 -15.84 43.83 -9.43
N TYR Z 27 -15.87 42.53 -9.14
CA TYR Z 27 -15.81 41.51 -10.17
C TYR Z 27 -17.22 41.08 -10.50
N ILE Z 28 -17.62 41.25 -11.75
CA ILE Z 28 -18.99 40.99 -12.15
C ILE Z 28 -19.23 39.49 -12.20
N ILE Z 29 -20.49 39.09 -12.00
CA ILE Z 29 -20.86 37.70 -12.27
C ILE Z 29 -22.03 37.59 -13.25
N SER Z 30 -22.86 38.63 -13.36
CA SER Z 30 -24.08 38.56 -14.16
C SER Z 30 -24.63 39.97 -14.34
N VAL Z 31 -25.81 40.05 -14.95
CA VAL Z 31 -26.52 41.31 -15.16
C VAL Z 31 -27.99 41.09 -14.84
N LYS Z 32 -28.55 41.89 -13.93
CA LYS Z 32 -29.96 41.79 -13.62
C LYS Z 32 -30.80 42.22 -14.80
N GLY Z 33 -31.75 41.37 -15.16
CA GLY Z 33 -32.76 41.75 -16.14
C GLY Z 33 -32.35 41.68 -17.61
N ILE Z 34 -31.53 40.71 -17.99
CA ILE Z 34 -31.14 40.52 -19.37
C ILE Z 34 -31.20 39.04 -19.71
N LYS Z 35 -31.86 38.73 -20.83
CA LYS Z 35 -32.01 37.39 -21.37
C LYS Z 35 -30.79 37.08 -22.24
N GLY Z 36 -30.55 35.80 -22.47
CA GLY Z 36 -29.36 35.43 -23.23
C GLY Z 36 -29.60 34.60 -24.48
N ARG Z 37 -28.51 34.02 -24.97
CA ARG Z 37 -28.53 33.12 -26.11
C ARG Z 37 -27.38 32.14 -25.88
N LEU Z 38 -27.21 31.16 -26.76
CA LEU Z 38 -26.07 30.25 -26.69
C LEU Z 38 -24.76 31.00 -26.81
N ASN Z 39 -23.98 30.91 -25.74
CA ASN Z 39 -22.61 31.38 -25.67
C ASN Z 39 -22.53 32.88 -25.96
N ARG Z 40 -23.40 33.63 -25.30
CA ARG Z 40 -23.34 35.08 -25.27
C ARG Z 40 -23.11 35.53 -23.84
N LEU Z 41 -22.08 36.33 -23.64
CA LEU Z 41 -21.78 36.79 -22.29
C LEU Z 41 -22.78 37.85 -21.87
N PRO Z 42 -23.29 37.79 -20.63
CA PRO Z 42 -24.23 38.82 -20.18
C PRO Z 42 -23.52 40.13 -19.97
N ALA Z 43 -23.85 41.11 -20.81
CA ALA Z 43 -23.04 42.31 -20.97
C ALA Z 43 -23.72 43.49 -20.31
N ALA Z 44 -22.97 44.21 -19.47
CA ALA Z 44 -23.50 45.31 -18.67
C ALA Z 44 -23.22 46.66 -19.33
N GLY Z 45 -23.98 47.66 -18.91
CA GLY Z 45 -23.79 49.02 -19.37
C GLY Z 45 -23.93 50.03 -18.26
N VAL Z 46 -24.02 51.32 -18.58
CA VAL Z 46 -24.14 52.35 -17.55
C VAL Z 46 -25.52 52.25 -16.89
N GLY Z 47 -25.53 52.00 -15.60
CA GLY Z 47 -26.78 51.97 -14.88
C GLY Z 47 -27.51 50.66 -14.93
N ASP Z 48 -26.97 49.66 -15.61
CA ASP Z 48 -27.49 48.31 -15.47
C ASP Z 48 -27.07 47.78 -14.13
N MET Z 49 -27.96 47.09 -13.43
CA MET Z 49 -27.62 46.59 -12.12
C MET Z 49 -27.00 45.22 -12.25
N VAL Z 50 -25.79 45.06 -11.72
CA VAL Z 50 -25.08 43.80 -11.81
C VAL Z 50 -25.00 43.21 -10.42
N MET Z 51 -24.57 41.96 -10.36
CA MET Z 51 -24.18 41.35 -9.10
C MET Z 51 -22.66 41.26 -9.10
N ALA Z 52 -22.04 41.61 -7.97
CA ALA Z 52 -20.60 41.77 -7.97
C ALA Z 52 -19.97 41.09 -6.78
N THR Z 53 -18.71 40.68 -6.97
CA THR Z 53 -17.83 40.20 -5.92
C THR Z 53 -16.62 41.11 -5.85
N VAL Z 54 -15.84 40.96 -4.79
CA VAL Z 54 -14.80 41.91 -4.44
C VAL Z 54 -13.48 41.18 -4.35
N LYS Z 55 -12.50 41.57 -5.16
CA LYS Z 55 -11.21 40.90 -5.16
C LYS Z 55 -10.29 41.43 -4.07
N LYS Z 56 -10.24 42.75 -3.87
CA LYS Z 56 -9.37 43.37 -2.88
C LYS Z 56 -10.18 44.25 -1.96
N GLY Z 57 -9.97 44.13 -0.66
CA GLY Z 57 -10.65 45.01 0.28
C GLY Z 57 -10.50 44.50 1.69
N LYS Z 58 -11.34 45.03 2.58
CA LYS Z 58 -11.43 44.47 3.91
C LYS Z 58 -12.07 43.09 3.81
N PRO Z 59 -11.73 42.18 4.71
CA PRO Z 59 -12.32 40.82 4.65
C PRO Z 59 -13.80 40.79 4.97
N GLU Z 60 -14.34 41.86 5.57
CA GLU Z 60 -15.78 42.02 5.75
C GLU Z 60 -16.52 42.10 4.44
N LEU Z 61 -15.84 42.53 3.38
CA LEU Z 61 -16.46 42.99 2.14
C LEU Z 61 -16.31 41.99 1.02
N ARG Z 62 -15.85 40.78 1.29
CA ARG Z 62 -15.50 39.86 0.23
C ARG Z 62 -16.23 38.53 0.39
N LYS Z 63 -16.18 37.76 -0.70
CA LYS Z 63 -16.65 36.37 -0.76
C LYS Z 63 -18.16 36.27 -0.52
N LYS Z 64 -18.89 37.22 -1.07
CA LYS Z 64 -20.35 37.25 -1.00
C LYS Z 64 -20.83 38.21 -2.07
N VAL Z 65 -21.87 37.80 -2.79
CA VAL Z 65 -22.36 38.65 -3.88
C VAL Z 65 -23.27 39.71 -3.28
N HIS Z 66 -23.25 40.88 -3.88
CA HIS Z 66 -24.06 42.01 -3.48
C HIS Z 66 -24.26 42.87 -4.69
N PRO Z 67 -25.42 43.50 -4.83
CA PRO Z 67 -25.74 44.17 -6.10
C PRO Z 67 -24.95 45.44 -6.29
N ALA Z 68 -24.61 45.68 -7.55
CA ALA Z 68 -23.86 46.87 -7.91
C ALA Z 68 -24.50 47.47 -9.15
N VAL Z 69 -24.28 48.77 -9.36
CA VAL Z 69 -24.81 49.47 -10.51
C VAL Z 69 -23.69 50.27 -11.15
N VAL Z 70 -23.48 50.03 -12.44
CA VAL Z 70 -22.32 50.55 -13.16
C VAL Z 70 -22.56 52.01 -13.54
N ILE Z 71 -21.64 52.88 -13.17
CA ILE Z 71 -21.81 54.31 -13.38
C ILE Z 71 -20.86 54.90 -14.41
N ARG Z 72 -19.71 54.29 -14.69
CA ARG Z 72 -18.81 54.84 -15.69
C ARG Z 72 -18.31 53.73 -16.59
N GLN Z 73 -18.37 53.98 -17.89
CA GLN Z 73 -18.07 53.00 -18.93
C GLN Z 73 -16.95 53.52 -19.81
N ARG Z 74 -16.05 52.64 -20.22
CA ARG Z 74 -14.93 53.09 -21.03
C ARG Z 74 -15.17 52.90 -22.52
N LYS Z 75 -16.01 51.95 -22.90
CA LYS Z 75 -16.48 51.87 -24.28
C LYS Z 75 -17.53 52.96 -24.50
N SER Z 76 -17.35 53.75 -25.55
CA SER Z 76 -18.20 54.89 -25.85
C SER Z 76 -19.62 54.46 -26.19
N TYR Z 77 -20.55 55.38 -26.04
CA TYR Z 77 -21.94 55.09 -26.38
C TYR Z 77 -22.62 56.35 -26.87
N ARG Z 78 -23.75 56.17 -27.50
CA ARG Z 78 -24.49 57.24 -28.13
C ARG Z 78 -25.62 57.69 -27.22
N ARG Z 79 -25.61 58.95 -26.83
CA ARG Z 79 -26.83 59.58 -26.37
C ARG Z 79 -27.63 60.03 -27.59
N LYS Z 80 -28.95 60.10 -27.43
CA LYS Z 80 -29.79 60.59 -28.51
C LYS Z 80 -29.58 62.07 -28.80
N ASP Z 81 -28.91 62.80 -27.90
CA ASP Z 81 -28.38 64.11 -28.22
C ASP Z 81 -27.36 64.04 -29.37
N GLY Z 82 -26.60 62.97 -29.44
CA GLY Z 82 -25.59 62.80 -30.47
C GLY Z 82 -24.18 62.76 -29.93
N VAL Z 83 -23.97 63.08 -28.67
CA VAL Z 83 -22.63 63.09 -28.10
C VAL Z 83 -22.20 61.66 -27.82
N PHE Z 84 -21.04 61.27 -28.33
CA PHE Z 84 -20.51 59.96 -28.01
C PHE Z 84 -19.49 60.19 -26.92
N LEU Z 85 -19.84 59.87 -25.69
CA LEU Z 85 -18.91 60.06 -24.59
C LEU Z 85 -18.48 58.73 -24.01
N TYR Z 86 -17.24 58.73 -23.53
CA TYR Z 86 -16.71 57.61 -22.79
C TYR Z 86 -15.81 58.16 -21.70
N PHE Z 87 -15.66 57.39 -20.65
CA PHE Z 87 -14.91 57.83 -19.50
C PHE Z 87 -13.50 57.25 -19.57
N GLU Z 88 -12.68 57.65 -18.60
CA GLU Z 88 -11.29 57.21 -18.61
C GLU Z 88 -11.19 55.74 -18.23
N ASP Z 89 -12.03 55.29 -17.32
CA ASP Z 89 -11.98 53.91 -16.87
C ASP Z 89 -13.32 53.50 -16.30
N ASN Z 90 -13.51 52.20 -16.23
CA ASN Z 90 -14.77 51.63 -15.78
C ASN Z 90 -14.96 51.88 -14.28
N ALA Z 91 -16.20 52.04 -13.85
CA ALA Z 91 -16.45 52.21 -12.44
C ALA Z 91 -17.78 51.62 -12.04
N GLY Z 92 -17.83 51.07 -10.83
CA GLY Z 92 -19.08 50.61 -10.26
C GLY Z 92 -19.19 51.04 -8.81
N VAL Z 93 -20.43 51.11 -8.35
CA VAL Z 93 -20.75 51.42 -6.95
C VAL Z 93 -21.69 50.35 -6.44
N ILE Z 94 -21.67 50.14 -5.12
CA ILE Z 94 -22.36 49.02 -4.48
C ILE Z 94 -23.66 49.50 -3.83
N VAL Z 95 -24.73 48.77 -4.08
CA VAL Z 95 -26.08 49.20 -3.79
C VAL Z 95 -26.80 48.02 -3.15
N ASN Z 96 -27.98 48.25 -2.60
CA ASN Z 96 -28.72 47.14 -2.00
C ASN Z 96 -29.51 46.41 -3.08
N ASN Z 97 -30.49 45.61 -2.66
CA ASN Z 97 -31.43 45.01 -3.60
C ASN Z 97 -32.24 46.10 -4.33
N LYS Z 98 -32.59 47.16 -3.62
CA LYS Z 98 -33.66 48.04 -4.05
C LYS Z 98 -33.17 49.36 -4.65
N GLY Z 99 -31.94 49.77 -4.37
CA GLY Z 99 -31.52 51.10 -4.76
C GLY Z 99 -30.99 51.98 -3.64
N GLU Z 100 -30.43 51.42 -2.56
CA GLU Z 100 -29.81 52.21 -1.51
C GLU Z 100 -28.29 52.13 -1.60
N MET Z 101 -27.65 53.29 -1.61
CA MET Z 101 -26.20 53.38 -1.66
C MET Z 101 -25.59 52.82 -0.38
N LYS Z 102 -24.35 52.35 -0.48
CA LYS Z 102 -23.58 51.90 0.67
C LYS Z 102 -22.82 53.05 1.33
N GLY Z 103 -21.92 53.70 0.57
CA GLY Z 103 -20.94 54.60 1.13
C GLY Z 103 -21.41 56.00 1.43
N SER Z 104 -20.61 56.99 1.07
CA SER Z 104 -20.95 58.38 1.29
C SER Z 104 -20.92 59.23 0.03
N ALA Z 105 -19.89 59.08 -0.80
CA ALA Z 105 -19.76 59.93 -1.97
C ALA Z 105 -19.12 59.13 -3.08
N ILE Z 106 -18.98 59.77 -4.23
CA ILE Z 106 -18.61 59.10 -5.47
C ILE Z 106 -17.39 59.84 -6.00
N THR Z 107 -16.21 59.27 -5.79
CA THR Z 107 -15.00 59.90 -6.31
C THR Z 107 -14.96 59.73 -7.82
N GLY Z 108 -14.96 60.85 -8.53
CA GLY Z 108 -15.12 60.84 -9.96
C GLY Z 108 -16.53 61.26 -10.35
N PRO Z 109 -16.75 61.57 -11.62
CA PRO Z 109 -18.09 61.96 -12.07
C PRO Z 109 -19.00 60.75 -12.21
N VAL Z 110 -20.28 61.03 -12.38
CA VAL Z 110 -21.30 60.00 -12.57
C VAL Z 110 -21.93 60.23 -13.93
N ALA Z 111 -22.20 59.17 -14.66
CA ALA Z 111 -22.83 59.36 -15.96
C ALA Z 111 -24.30 59.71 -15.79
N LYS Z 112 -24.79 60.49 -16.76
CA LYS Z 112 -26.14 61.05 -16.70
C LYS Z 112 -27.20 59.95 -16.74
N GLU Z 113 -26.91 58.84 -17.40
CA GLU Z 113 -27.88 57.74 -17.52
C GLU Z 113 -28.12 57.04 -16.19
N CYS Z 114 -27.10 56.90 -15.36
CA CYS Z 114 -27.37 56.35 -14.04
C CYS Z 114 -28.05 57.38 -13.15
N ALA Z 115 -27.83 58.67 -13.40
CA ALA Z 115 -28.44 59.71 -12.60
C ALA Z 115 -29.94 59.81 -12.82
N ASP Z 116 -30.39 59.48 -14.03
CA ASP Z 116 -31.80 59.62 -14.37
C ASP Z 116 -32.65 58.56 -13.69
N LEU Z 117 -32.08 57.38 -13.43
CA LEU Z 117 -32.82 56.23 -12.95
C LEU Z 117 -32.76 56.09 -11.44
N TRP Z 118 -31.61 56.28 -10.85
CA TRP Z 118 -31.40 55.90 -9.46
C TRP Z 118 -31.38 57.16 -8.60
N PRO Z 119 -32.38 57.36 -7.73
CA PRO Z 119 -32.39 58.59 -6.93
C PRO Z 119 -31.37 58.59 -5.82
N ARG Z 120 -31.25 57.47 -5.10
CA ARG Z 120 -30.36 57.39 -3.95
C ARG Z 120 -28.92 57.10 -4.33
N ILE Z 121 -28.57 57.13 -5.61
CA ILE Z 121 -27.19 57.20 -6.04
C ILE Z 121 -26.85 58.59 -6.55
N ALA Z 122 -27.80 59.21 -7.25
CA ALA Z 122 -27.63 60.57 -7.74
C ALA Z 122 -27.53 61.58 -6.61
N SER Z 123 -28.08 61.27 -5.44
CA SER Z 123 -27.96 62.16 -4.30
C SER Z 123 -26.57 62.14 -3.69
N ASN Z 124 -25.72 61.20 -4.09
CA ASN Z 124 -24.30 61.25 -3.77
C ASN Z 124 -23.45 61.70 -4.94
N ALA Z 125 -24.05 61.96 -6.11
CA ALA Z 125 -23.30 62.21 -7.33
C ALA Z 125 -22.46 63.47 -7.24
N GLY Z 126 -21.14 63.28 -7.21
CA GLY Z 126 -20.25 64.39 -6.99
C GLY Z 126 -20.17 65.36 -8.15
N SER Z 127 -20.36 64.86 -9.37
CA SER Z 127 -20.31 65.73 -10.53
C SER Z 127 -21.25 65.20 -11.60
N ILE Z 128 -22.11 66.08 -12.09
CA ILE Z 128 -23.12 65.72 -13.06
C ILE Z 128 -22.45 65.39 -14.39
N ALA Z 129 -22.83 64.27 -14.98
CA ALA Z 129 -22.60 63.94 -16.39
C ALA Z 129 -21.14 63.89 -16.81
N LYS AA 1 -25.46 72.78 -29.61
CA LYS AA 1 -24.55 73.92 -29.58
C LYS AA 1 -23.41 73.76 -30.58
N VAL AA 2 -23.14 74.82 -31.33
CA VAL AA 2 -21.98 74.87 -32.21
C VAL AA 2 -20.75 74.95 -31.31
N GLU AA 3 -20.19 73.81 -30.98
CA GLU AA 3 -19.23 73.74 -29.90
C GLU AA 3 -17.82 73.68 -30.47
N LEU AA 4 -16.85 74.09 -29.67
CA LEU AA 4 -15.45 74.07 -30.06
C LEU AA 4 -14.74 72.92 -29.33
N CYS AA 5 -13.78 72.29 -29.99
CA CYS AA 5 -13.12 71.14 -29.37
C CYS AA 5 -12.10 71.61 -28.35
N SER AA 6 -11.28 70.69 -27.85
CA SER AA 6 -10.29 71.00 -26.84
C SER AA 6 -8.91 71.21 -27.43
N PHE AA 7 -8.46 70.27 -28.24
CA PHE AA 7 -7.12 70.33 -28.79
C PHE AA 7 -7.03 71.37 -29.90
N SER AA 8 -7.77 71.17 -30.99
CA SER AA 8 -7.69 72.12 -32.09
C SER AA 8 -8.47 73.38 -31.81
N GLY AA 9 -9.77 73.25 -31.64
CA GLY AA 9 -10.63 74.41 -31.46
C GLY AA 9 -11.64 74.62 -32.56
N TYR AA 10 -11.67 73.75 -33.57
CA TYR AA 10 -12.65 73.87 -34.65
C TYR AA 10 -14.07 73.67 -34.14
N LYS AA 11 -15.03 74.04 -34.99
CA LYS AA 11 -16.40 74.20 -34.56
C LYS AA 11 -17.12 72.88 -34.79
N ILE AA 12 -17.27 72.11 -33.72
CA ILE AA 12 -17.97 70.83 -33.76
C ILE AA 12 -19.45 71.07 -33.98
N TYR AA 13 -19.94 70.64 -35.11
CA TYR AA 13 -21.38 70.61 -35.29
C TYR AA 13 -21.93 69.36 -34.60
N PRO AA 14 -23.16 69.41 -34.10
CA PRO AA 14 -23.63 68.34 -33.20
C PRO AA 14 -23.84 67.02 -33.93
N GLY AA 15 -23.02 66.04 -33.60
CA GLY AA 15 -22.98 64.77 -34.30
C GLY AA 15 -21.62 64.39 -34.81
N HIS AA 16 -20.63 65.25 -34.71
CA HIS AA 16 -19.30 64.96 -35.19
C HIS AA 16 -18.36 64.84 -34.00
N GLY AA 17 -17.53 63.81 -34.02
CA GLY AA 17 -16.51 63.63 -33.02
C GLY AA 17 -17.04 63.22 -31.65
N ARG AA 18 -16.10 62.83 -30.81
CA ARG AA 18 -16.41 62.22 -29.54
C ARG AA 18 -16.27 63.24 -28.43
N ARG AA 19 -16.84 62.92 -27.28
CA ARG AA 19 -16.69 63.69 -26.06
C ARG AA 19 -15.98 62.79 -25.07
N TYR AA 20 -15.18 63.35 -24.19
CA TYR AA 20 -14.43 62.58 -23.21
C TYR AA 20 -14.58 63.20 -21.85
N ALA AA 21 -14.69 62.34 -20.83
CA ALA AA 21 -14.79 62.79 -19.45
C ALA AA 21 -13.69 62.08 -18.66
N ARG AA 22 -12.79 62.85 -18.08
CA ARG AA 22 -11.65 62.30 -17.37
C ARG AA 22 -12.01 62.14 -15.90
N THR AA 23 -11.14 61.47 -15.14
CA THR AA 23 -11.47 61.04 -13.78
C THR AA 23 -11.54 62.22 -12.80
N ASP AA 24 -10.97 63.38 -13.15
CA ASP AA 24 -11.11 64.55 -12.30
C ASP AA 24 -12.55 65.04 -12.22
N GLY AA 25 -13.35 64.75 -13.24
CA GLY AA 25 -14.55 65.50 -13.49
C GLY AA 25 -14.36 66.57 -14.53
N LYS AA 26 -13.21 66.59 -15.20
CA LYS AA 26 -12.88 67.60 -16.19
C LYS AA 26 -13.14 67.05 -17.60
N VAL AA 27 -14.05 67.71 -18.31
CA VAL AA 27 -14.71 67.13 -19.48
C VAL AA 27 -14.20 67.84 -20.72
N PHE AA 28 -13.81 67.06 -21.74
CA PHE AA 28 -13.28 67.58 -22.98
C PHE AA 28 -14.16 67.18 -24.15
N GLN AA 29 -13.99 67.90 -25.26
CA GLN AA 29 -14.66 67.59 -26.52
C GLN AA 29 -13.62 67.41 -27.61
N PHE AA 30 -13.99 66.67 -28.66
CA PHE AA 30 -13.04 66.35 -29.72
C PHE AA 30 -13.72 66.35 -31.07
N LEU AA 31 -13.10 66.98 -32.06
CA LEU AA 31 -13.64 66.97 -33.42
C LEU AA 31 -13.40 65.63 -34.10
N ASN AA 32 -12.21 65.07 -33.99
CA ASN AA 32 -11.89 63.81 -34.64
C ASN AA 32 -10.82 63.10 -33.84
N ALA AA 33 -10.56 61.84 -34.19
CA ALA AA 33 -9.53 61.10 -33.48
C ALA AA 33 -8.13 61.58 -33.79
N LYS AA 34 -7.95 62.34 -34.87
CA LYS AA 34 -6.71 63.10 -35.06
C LYS AA 34 -6.49 64.05 -33.89
N CYS AA 35 -7.55 64.74 -33.46
CA CYS AA 35 -7.47 65.56 -32.25
C CYS AA 35 -7.42 64.70 -31.00
N GLU AA 36 -8.14 63.59 -31.00
CA GLU AA 36 -8.31 62.83 -29.77
C GLU AA 36 -7.08 61.99 -29.44
N SER AA 37 -6.34 61.57 -30.46
CA SER AA 37 -5.07 60.90 -30.24
C SER AA 37 -4.06 61.84 -29.60
N ALA AA 38 -3.97 63.07 -30.11
CA ALA AA 38 -2.97 64.01 -29.65
C ALA AA 38 -3.21 64.46 -28.22
N PHE AA 39 -4.44 64.37 -27.74
CA PHE AA 39 -4.69 64.67 -26.34
C PHE AA 39 -4.22 63.52 -25.44
N LEU AA 40 -4.53 62.28 -25.82
CA LEU AA 40 -4.07 61.16 -25.01
C LEU AA 40 -2.62 60.82 -25.22
N SER AA 41 -1.91 61.51 -26.13
CA SER AA 41 -0.46 61.40 -26.23
C SER AA 41 0.26 62.55 -25.54
N LYS AA 42 -0.48 63.39 -24.80
CA LYS AA 42 0.00 64.59 -24.09
C LYS AA 42 0.62 65.64 -25.02
N ARG AA 43 0.23 65.68 -26.30
CA ARG AA 43 0.83 66.65 -27.19
C ARG AA 43 0.35 68.06 -26.87
N ASN AA 44 1.30 68.96 -26.72
CA ASN AA 44 1.02 70.37 -26.47
C ASN AA 44 0.37 70.96 -27.72
N PRO AA 45 -0.84 71.53 -27.62
CA PRO AA 45 -1.48 72.10 -28.81
C PRO AA 45 -0.76 73.30 -29.38
N ARG AA 46 0.06 73.98 -28.58
CA ARG AA 46 0.75 75.19 -28.98
C ARG AA 46 2.09 74.91 -29.63
N GLN AA 47 2.28 73.69 -30.14
CA GLN AA 47 3.40 73.41 -31.01
C GLN AA 47 2.95 72.48 -32.13
N ILE AA 48 1.71 72.64 -32.57
CA ILE AA 48 1.13 71.84 -33.65
C ILE AA 48 0.69 72.79 -34.75
N ASN AA 49 1.27 72.62 -35.96
CA ASN AA 49 1.23 73.66 -36.99
C ASN AA 49 -0.14 73.90 -37.60
N TRP AA 50 -1.17 73.13 -37.27
CA TRP AA 50 -2.47 73.35 -37.89
C TRP AA 50 -3.56 73.73 -36.91
N THR AA 51 -3.27 73.84 -35.63
CA THR AA 51 -4.35 74.11 -34.70
C THR AA 51 -4.59 75.60 -34.58
N VAL AA 52 -5.82 75.95 -34.21
CA VAL AA 52 -6.20 77.34 -33.98
C VAL AA 52 -5.36 77.94 -32.87
N LEU AA 53 -5.14 77.18 -31.80
CA LEU AA 53 -4.50 77.69 -30.62
C LEU AA 53 -2.99 77.83 -30.80
N TYR AA 54 -2.46 77.42 -31.94
CA TYR AA 54 -1.10 77.71 -32.36
C TYR AA 54 -1.02 78.83 -33.36
N ARG AA 55 -2.04 78.99 -34.20
CA ARG AA 55 -2.11 80.16 -35.05
C ARG AA 55 -2.53 81.41 -34.29
N ARG AA 56 -2.89 81.28 -33.01
CA ARG AA 56 -3.01 82.43 -32.13
C ARG AA 56 -1.75 82.64 -31.31
N LYS AA 57 -0.63 82.05 -31.70
CA LYS AA 57 0.63 82.33 -31.02
C LYS AA 57 1.44 83.43 -31.69
N HIS AA 58 1.78 83.28 -32.96
CA HIS AA 58 2.88 84.12 -33.41
C HIS AA 58 2.42 85.51 -33.80
N LYS AA 59 1.96 85.65 -35.04
CA LYS AA 59 1.14 86.70 -35.65
C LYS AA 59 0.78 86.10 -37.00
N LYS AA 60 -0.46 85.76 -37.28
CA LYS AA 60 -0.67 85.03 -38.53
C LYS AA 60 -1.46 85.89 -39.52
N GLY AA 61 -1.99 85.24 -40.55
CA GLY AA 61 -2.35 85.94 -41.78
C GLY AA 61 -3.47 86.94 -41.62
N GLN AA 62 -4.61 86.51 -41.09
CA GLN AA 62 -5.69 87.44 -40.79
C GLN AA 62 -5.54 88.01 -39.40
N SER AA 63 -4.51 87.60 -38.66
CA SER AA 63 -4.17 88.27 -37.41
C SER AA 63 -3.49 89.60 -37.66
N GLU AA 64 -2.88 89.79 -38.83
CA GLU AA 64 -2.53 91.15 -39.24
C GLU AA 64 -3.77 91.98 -39.51
N GLU AA 65 -4.88 91.34 -39.86
CA GLU AA 65 -6.10 92.04 -40.21
C GLU AA 65 -6.92 92.47 -38.99
N ILE AA 66 -6.36 92.39 -37.78
CA ILE AA 66 -6.93 93.09 -36.64
C ILE AA 66 -5.93 93.97 -35.90
N GLN AA 67 -4.63 93.71 -36.01
CA GLN AA 67 -3.63 94.28 -35.10
C GLN AA 67 -3.20 95.68 -35.53
N LYS AA 68 -2.79 96.46 -34.52
CA LYS AA 68 -2.45 97.88 -34.61
C LYS AA 68 -3.57 98.66 -35.29
N LYS AA 69 -4.70 98.69 -34.59
CA LYS AA 69 -5.91 99.31 -35.11
C LYS AA 69 -5.76 100.82 -35.19
N ARG AA 70 -5.60 101.48 -34.03
CA ARG AA 70 -5.65 102.94 -33.96
C ARG AA 70 -4.61 103.46 -32.97
N THR AA 71 -4.74 104.74 -32.66
CA THR AA 71 -4.07 105.43 -31.56
C THR AA 71 -5.08 106.38 -30.92
N ARG AA 72 -4.76 106.86 -29.71
CA ARG AA 72 -5.77 107.26 -28.72
C ARG AA 72 -5.32 108.44 -27.83
N ARG AA 73 -5.84 108.49 -26.59
CA ARG AA 73 -5.61 109.54 -25.59
C ARG AA 73 -6.17 110.91 -25.97
N ALA AA 74 -7.48 111.05 -25.81
CA ALA AA 74 -8.23 112.31 -25.90
C ALA AA 74 -8.07 113.18 -24.64
N VAL AA 75 -8.99 114.11 -24.43
CA VAL AA 75 -8.82 115.21 -23.49
C VAL AA 75 -9.82 115.05 -22.32
N LYS AA 76 -9.65 115.90 -21.30
CA LYS AA 76 -10.51 116.00 -20.12
C LYS AA 76 -11.00 117.45 -19.99
N PHE AA 77 -12.09 117.67 -19.25
CA PHE AA 77 -12.72 118.99 -19.16
C PHE AA 77 -13.16 119.27 -17.72
N GLN AA 78 -13.51 120.54 -17.44
CA GLN AA 78 -13.79 121.10 -16.11
C GLN AA 78 -15.28 121.35 -15.89
N ARG AA 79 -15.64 121.64 -14.64
CA ARG AA 79 -17.03 121.94 -14.23
C ARG AA 79 -17.02 122.96 -13.08
N ALA AA 80 -18.16 123.06 -12.38
CA ALA AA 80 -18.43 123.99 -11.28
C ALA AA 80 -18.32 123.28 -9.94
N ILE AA 81 -18.10 124.05 -8.87
CA ILE AA 81 -17.55 123.47 -7.64
C ILE AA 81 -18.41 123.72 -6.40
N THR AA 82 -19.75 123.74 -6.56
CA THR AA 82 -20.74 123.85 -5.47
C THR AA 82 -20.55 125.12 -4.64
N GLY AA 83 -20.92 126.26 -5.22
CA GLY AA 83 -20.81 127.51 -4.49
C GLY AA 83 -20.16 128.51 -5.41
N ALA AA 84 -19.72 127.99 -6.54
CA ALA AA 84 -19.10 128.76 -7.60
C ALA AA 84 -19.82 128.42 -8.89
N SER AA 85 -20.13 129.43 -9.69
CA SER AA 85 -20.75 129.20 -10.97
C SER AA 85 -19.69 129.00 -12.04
N LEU AA 86 -20.13 128.50 -13.19
CA LEU AA 86 -19.23 128.42 -14.34
C LEU AA 86 -18.86 129.81 -14.84
N ALA AA 87 -19.71 130.81 -14.59
CA ALA AA 87 -19.31 132.18 -14.89
C ALA AA 87 -18.21 132.65 -13.95
N ASP AA 88 -18.33 132.34 -12.65
CA ASP AA 88 -17.48 132.95 -11.64
C ASP AA 88 -16.06 132.38 -11.67
N ILE AA 89 -15.92 131.12 -12.07
CA ILE AA 89 -14.59 130.50 -12.16
C ILE AA 89 -13.78 131.13 -13.28
N MET AA 90 -14.37 131.20 -14.48
CA MET AA 90 -13.61 131.57 -15.66
C MET AA 90 -13.34 133.07 -15.74
N ALA AA 91 -14.12 133.88 -15.02
CA ALA AA 91 -14.02 135.34 -15.14
C ALA AA 91 -12.72 135.86 -14.55
N LYS AA 92 -12.15 135.13 -13.59
CA LYS AA 92 -10.82 135.45 -13.07
C LYS AA 92 -9.75 135.25 -14.14
N ARG AA 93 -9.86 134.15 -14.90
CA ARG AA 93 -8.91 133.92 -15.98
C ARG AA 93 -9.11 134.88 -17.12
N ASN AA 94 -10.38 135.19 -17.43
CA ASN AA 94 -10.74 135.93 -18.64
C ASN AA 94 -10.46 137.43 -18.57
N GLN AA 95 -9.75 137.90 -17.55
CA GLN AA 95 -9.15 139.23 -17.61
C GLN AA 95 -8.14 139.31 -18.75
N LYS AA 96 -8.28 140.33 -19.59
CA LYS AA 96 -7.39 140.58 -20.72
C LYS AA 96 -6.05 141.13 -20.19
N PRO AA 97 -4.96 141.12 -21.01
CA PRO AA 97 -3.63 141.43 -20.43
C PRO AA 97 -3.44 142.82 -19.84
N GLU AA 98 -4.18 143.83 -20.28
CA GLU AA 98 -4.13 145.10 -19.54
C GLU AA 98 -5.06 145.08 -18.34
N VAL AA 99 -6.03 144.17 -18.32
CA VAL AA 99 -6.89 144.03 -17.15
C VAL AA 99 -6.20 143.18 -16.07
N ARG AA 100 -5.31 142.26 -16.48
CA ARG AA 100 -4.64 141.38 -15.51
C ARG AA 100 -3.71 142.16 -14.58
N LYS AA 101 -2.76 142.92 -15.16
CA LYS AA 101 -1.78 143.64 -14.35
C LYS AA 101 -2.44 144.73 -13.52
N ALA AA 102 -3.38 145.48 -14.11
CA ALA AA 102 -3.97 146.63 -13.44
C ALA AA 102 -4.90 146.22 -12.31
N GLN AA 103 -5.58 145.09 -12.45
CA GLN AA 103 -6.38 144.58 -11.35
C GLN AA 103 -5.56 143.73 -10.37
N ARG AA 104 -4.36 143.30 -10.76
CA ARG AA 104 -3.47 142.68 -9.77
C ARG AA 104 -2.42 143.64 -9.22
N GLU AA 105 -2.15 144.78 -9.87
CA GLU AA 105 -1.54 145.90 -9.16
C GLU AA 105 -2.38 146.31 -7.96
N GLN AA 106 -3.68 146.47 -8.19
CA GLN AA 106 -4.59 146.86 -7.11
C GLN AA 106 -4.77 145.74 -6.10
N ALA AA 107 -4.65 144.49 -6.54
CA ALA AA 107 -4.77 143.36 -5.62
C ALA AA 107 -3.59 143.33 -4.64
N ILE AA 108 -2.40 143.69 -5.11
CA ILE AA 108 -1.29 143.88 -4.18
C ILE AA 108 -1.51 145.15 -3.36
N ARG AA 109 -1.71 146.29 -4.03
CA ARG AA 109 -1.64 147.58 -3.36
C ARG AA 109 -2.84 147.90 -2.48
N ALA AA 110 -3.88 147.07 -2.49
CA ALA AA 110 -4.91 147.15 -1.46
C ALA AA 110 -4.54 146.35 -0.23
N ALA AA 111 -3.67 145.36 -0.39
CA ALA AA 111 -3.08 144.67 0.76
C ALA AA 111 -1.90 145.43 1.33
N LYS AA 112 -1.27 146.31 0.54
CA LYS AA 112 -0.05 147.00 0.97
C LYS AA 112 -0.29 148.00 2.10
N GLU AA 113 -1.47 148.61 2.16
CA GLU AA 113 -1.74 149.54 3.26
C GLU AA 113 -1.94 148.80 4.57
N ALA AA 114 -2.57 147.63 4.50
CA ALA AA 114 -2.59 146.74 5.66
C ALA AA 114 -1.19 146.26 5.99
N LYS AA 115 -0.33 146.10 4.98
CA LYS AA 115 1.05 145.70 5.22
C LYS AA 115 1.81 146.81 5.95
N LYS AA 116 1.69 148.06 5.49
CA LYS AA 116 2.46 149.15 6.08
C LYS AA 116 1.92 149.55 7.46
N ALA AA 117 0.62 149.37 7.70
CA ALA AA 117 0.06 149.71 9.00
C ALA AA 117 0.45 148.71 10.08
N LYS AA 118 0.37 147.40 9.76
CA LYS AA 118 0.64 146.37 10.74
C LYS AA 118 2.11 146.27 11.10
N GLN AA 119 3.02 146.68 10.20
CA GLN AA 119 4.43 146.72 10.53
C GLN AA 119 4.79 147.94 11.36
N ALA AA 120 4.02 149.02 11.27
CA ALA AA 120 4.17 150.16 12.16
C ALA AA 120 3.17 150.15 13.31
N SER AA 121 2.27 149.17 13.36
CA SER AA 121 1.35 148.97 14.49
C SER AA 121 0.96 147.51 14.64
N LYS BA 1 85.33 -30.02 -32.46
CA LYS BA 1 84.09 -29.50 -33.04
C LYS BA 1 83.16 -29.02 -31.93
N ILE BA 2 83.37 -27.79 -31.47
CA ILE BA 2 82.85 -27.33 -30.19
C ILE BA 2 81.78 -26.29 -30.49
N ARG BA 3 80.52 -26.70 -30.45
CA ARG BA 3 79.43 -25.87 -30.96
C ARG BA 3 79.01 -24.85 -29.92
N THR BA 4 79.45 -23.60 -30.08
CA THR BA 4 79.22 -22.57 -29.08
C THR BA 4 77.94 -21.78 -29.31
N SER BA 5 77.03 -22.27 -30.13
CA SER BA 5 75.75 -21.59 -30.34
C SER BA 5 74.63 -22.49 -29.87
N PRO BA 6 73.73 -22.03 -29.00
CA PRO BA 6 72.75 -22.93 -28.40
C PRO BA 6 71.54 -23.22 -29.28
N THR BA 7 71.65 -23.00 -30.58
CA THR BA 7 70.67 -23.41 -31.55
C THR BA 7 71.37 -24.34 -32.54
N PHE BA 8 70.67 -25.35 -33.03
CA PHE BA 8 71.22 -26.18 -34.10
C PHE BA 8 70.68 -25.66 -35.42
N ARG BA 9 71.41 -24.78 -36.07
CA ARG BA 9 70.90 -24.24 -37.31
C ARG BA 9 71.23 -25.16 -38.47
N ARG BA 10 70.51 -24.95 -39.58
CA ARG BA 10 70.54 -25.88 -40.70
C ARG BA 10 71.88 -25.76 -41.41
N PRO BA 11 72.53 -26.88 -41.73
CA PRO BA 11 73.86 -26.80 -42.33
C PRO BA 11 73.79 -26.35 -43.78
N LYS BA 12 74.62 -25.36 -44.12
CA LYS BA 12 74.74 -24.94 -45.51
C LYS BA 12 75.30 -26.08 -46.31
N THR BA 13 74.44 -26.74 -47.07
CA THR BA 13 74.84 -27.83 -47.93
C THR BA 13 74.85 -27.37 -49.39
N LEU BA 14 75.40 -28.22 -50.24
CA LEU BA 14 75.64 -27.87 -51.64
C LEU BA 14 74.31 -27.74 -52.38
N ARG BA 15 74.29 -26.85 -53.35
CA ARG BA 15 73.15 -26.68 -54.23
C ARG BA 15 73.62 -26.69 -55.67
N LEU BA 16 72.87 -27.36 -56.53
CA LEU BA 16 73.29 -27.52 -57.91
C LEU BA 16 72.65 -26.47 -58.80
N ARG BA 17 73.43 -25.99 -59.76
CA ARG BA 17 72.89 -25.23 -60.87
C ARG BA 17 72.07 -26.13 -61.76
N ARG BA 18 70.92 -25.64 -62.20
CA ARG BA 18 70.06 -26.42 -63.07
C ARG BA 18 70.72 -26.63 -64.42
N GLN BA 19 70.77 -27.88 -64.86
CA GLN BA 19 71.20 -28.23 -66.21
C GLN BA 19 70.15 -29.13 -66.83
N PRO BA 20 69.32 -28.64 -67.73
CA PRO BA 20 68.37 -29.50 -68.41
C PRO BA 20 69.05 -30.34 -69.47
N LYS BA 21 68.32 -31.34 -69.93
CA LYS BA 21 68.83 -32.34 -70.85
C LYS BA 21 68.38 -32.09 -72.27
N TYR BA 22 67.45 -31.18 -72.46
CA TYR BA 22 66.66 -31.02 -73.67
C TYR BA 22 65.93 -29.70 -73.55
N PRO BA 23 65.67 -29.00 -74.64
CA PRO BA 23 64.88 -27.77 -74.58
C PRO BA 23 63.46 -28.09 -74.14
N ARG BA 24 62.74 -27.07 -73.68
CA ARG BA 24 61.39 -27.32 -73.19
C ARG BA 24 60.31 -26.60 -73.99
N LYS BA 25 60.66 -25.86 -75.05
CA LYS BA 25 59.68 -25.46 -76.05
C LYS BA 25 60.25 -25.40 -77.47
N SER BA 26 61.41 -26.03 -77.71
CA SER BA 26 62.09 -26.27 -79.00
C SER BA 26 62.67 -25.05 -79.70
N ALA BA 27 62.33 -23.86 -79.25
CA ALA BA 27 62.67 -22.64 -79.96
C ALA BA 27 62.40 -21.48 -79.05
N PRO BA 28 63.11 -20.36 -79.18
CA PRO BA 28 62.72 -19.15 -78.45
C PRO BA 28 61.42 -18.61 -79.02
N ARG BA 29 60.44 -18.42 -78.15
CA ARG BA 29 59.17 -17.79 -78.50
C ARG BA 29 59.48 -16.35 -78.89
N ARG BA 30 59.45 -16.09 -80.20
CA ARG BA 30 59.94 -14.84 -80.76
C ARG BA 30 59.09 -13.66 -80.28
N ASN BA 31 59.69 -12.48 -80.31
CA ASN BA 31 58.96 -11.29 -79.91
C ASN BA 31 58.02 -10.91 -81.03
N LYS BA 32 56.73 -10.97 -80.75
CA LYS BA 32 55.75 -10.48 -81.70
C LYS BA 32 55.58 -8.97 -81.60
N LEU BA 33 56.17 -8.34 -80.60
CA LEU BA 33 56.09 -6.90 -80.42
C LEU BA 33 57.38 -6.27 -80.96
N ASP BA 34 57.49 -6.24 -82.29
CA ASP BA 34 58.66 -5.70 -82.96
C ASP BA 34 58.55 -4.20 -83.10
N HIS BA 35 59.45 -3.59 -83.86
CA HIS BA 35 59.30 -2.17 -84.16
C HIS BA 35 58.33 -1.90 -85.29
N TYR BA 36 57.51 -2.87 -85.68
CA TYR BA 36 56.40 -2.65 -86.57
C TYR BA 36 55.06 -2.71 -85.87
N ALA BA 37 54.87 -3.67 -84.97
CA ALA BA 37 53.59 -3.80 -84.29
C ALA BA 37 53.46 -2.86 -83.10
N ILE BA 38 54.48 -2.06 -82.82
CA ILE BA 38 54.37 -1.06 -81.76
C ILE BA 38 53.67 0.19 -82.27
N ILE BA 39 54.14 0.73 -83.38
CA ILE BA 39 53.74 2.08 -83.76
C ILE BA 39 52.75 2.07 -84.92
N LYS BA 40 51.46 2.13 -84.60
CA LYS BA 40 50.44 1.81 -85.58
C LYS BA 40 50.15 2.97 -86.52
N PHE BA 41 49.63 4.07 -85.99
CA PHE BA 41 49.11 5.16 -86.80
C PHE BA 41 49.90 6.41 -86.46
N PRO BA 42 50.21 7.24 -87.43
CA PRO BA 42 50.55 8.63 -87.09
C PRO BA 42 49.31 9.49 -87.14
N LEU BA 43 49.17 10.36 -86.15
CA LEU BA 43 47.91 11.05 -85.92
C LEU BA 43 47.88 12.34 -86.72
N THR BA 44 46.72 12.66 -87.27
CA THR BA 44 46.61 13.69 -88.30
C THR BA 44 45.65 14.82 -87.94
N THR BA 45 45.14 14.85 -86.70
CA THR BA 45 44.04 15.72 -86.30
C THR BA 45 44.42 17.19 -86.25
N GLU BA 46 43.48 18.05 -85.84
CA GLU BA 46 43.76 19.48 -85.73
C GLU BA 46 44.81 19.75 -84.67
N SER BA 47 44.63 19.21 -83.47
CA SER BA 47 45.61 19.48 -82.42
C SER BA 47 46.92 18.76 -82.67
N ALA BA 48 46.90 17.57 -83.25
CA ALA BA 48 48.13 16.83 -83.44
C ALA BA 48 48.86 17.20 -84.74
N MET BA 49 48.41 18.22 -85.45
CA MET BA 49 49.27 18.87 -86.43
C MET BA 49 49.82 20.20 -85.94
N LYS BA 50 49.03 20.91 -85.12
CA LYS BA 50 49.47 22.12 -84.44
C LYS BA 50 50.73 21.86 -83.61
N LYS BA 51 50.80 20.67 -83.02
CA LYS BA 51 52.05 20.20 -82.43
C LYS BA 51 53.18 20.12 -83.44
N ILE BA 52 52.89 19.70 -84.68
CA ILE BA 52 54.00 19.41 -85.57
C ILE BA 52 54.57 20.69 -86.19
N GLU BA 53 53.76 21.74 -86.36
CA GLU BA 53 54.32 23.01 -86.83
C GLU BA 53 55.21 23.66 -85.78
N ASP BA 54 54.69 23.90 -84.59
CA ASP BA 54 55.26 24.90 -83.70
C ASP BA 54 56.02 24.29 -82.53
N ASN BA 55 56.17 22.97 -82.48
CA ASN BA 55 56.65 22.30 -81.29
C ASN BA 55 57.65 21.20 -81.57
N ASN BA 56 57.88 20.82 -82.84
CA ASN BA 56 58.85 19.80 -83.26
C ASN BA 56 58.51 18.47 -82.60
N THR BA 57 57.24 18.11 -82.67
CA THR BA 57 56.72 17.06 -81.80
C THR BA 57 55.83 16.15 -82.64
N LEU BA 58 56.37 15.00 -83.05
CA LEU BA 58 55.53 14.06 -83.77
C LEU BA 58 54.59 13.34 -82.81
N VAL BA 59 53.44 12.96 -83.33
CA VAL BA 59 52.37 12.37 -82.54
C VAL BA 59 52.07 11.01 -83.14
N PHE BA 60 52.07 9.98 -82.31
CA PHE BA 60 51.78 8.64 -82.81
C PHE BA 60 50.72 7.96 -81.96
N ILE BA 61 50.27 6.82 -82.46
CA ILE BA 61 49.44 5.90 -81.70
C ILE BA 61 50.22 4.60 -81.57
N VAL BA 62 50.39 4.15 -80.35
CA VAL BA 62 51.29 3.07 -79.99
C VAL BA 62 50.47 2.01 -79.27
N ASP BA 63 50.81 0.73 -79.49
CA ASP BA 63 50.21 -0.36 -78.72
C ASP BA 63 50.46 -0.18 -77.23
N VAL BA 64 49.47 -0.53 -76.42
CA VAL BA 64 49.50 -0.19 -75.00
C VAL BA 64 50.51 -1.03 -74.22
N LYS BA 65 50.90 -2.18 -74.74
CA LYS BA 65 51.90 -3.00 -74.06
C LYS BA 65 53.31 -2.43 -74.17
N ALA BA 66 53.51 -1.45 -75.03
CA ALA BA 66 54.80 -0.79 -75.15
C ALA BA 66 54.99 0.20 -74.01
N ASN BA 67 56.17 0.80 -73.97
CA ASN BA 67 56.56 1.68 -72.89
C ASN BA 67 57.26 2.87 -73.51
N LYS BA 68 57.82 3.75 -72.68
CA LYS BA 68 58.43 4.94 -73.24
C LYS BA 68 59.79 4.66 -73.86
N HIS BA 69 60.43 3.55 -73.51
CA HIS BA 69 61.72 3.21 -74.12
C HIS BA 69 61.55 2.61 -75.51
N GLN BA 70 60.57 1.73 -75.69
CA GLN BA 70 60.43 1.05 -76.98
C GLN BA 70 59.89 1.96 -78.05
N ILE BA 71 59.19 3.03 -77.70
CA ILE BA 71 58.76 3.97 -78.72
C ILE BA 71 59.96 4.72 -79.26
N LYS BA 72 60.89 5.09 -78.39
CA LYS BA 72 62.12 5.76 -78.82
C LYS BA 72 62.97 4.83 -79.67
N GLN BA 73 62.92 3.53 -79.39
CA GLN BA 73 63.65 2.58 -80.23
C GLN BA 73 63.00 2.40 -81.58
N ALA BA 74 61.67 2.40 -81.64
CA ALA BA 74 61.01 2.13 -82.91
C ALA BA 74 61.05 3.33 -83.84
N VAL BA 75 60.98 4.54 -83.29
CA VAL BA 75 60.98 5.74 -84.12
C VAL BA 75 62.36 5.96 -84.72
N LYS BA 76 63.43 5.69 -83.97
CA LYS BA 76 64.76 5.73 -84.57
C LYS BA 76 64.92 4.66 -85.64
N LYS BA 77 64.48 3.43 -85.34
CA LYS BA 77 64.86 2.31 -86.18
C LYS BA 77 64.08 2.26 -87.48
N LEU BA 78 62.97 2.99 -87.58
CA LEU BA 78 62.21 3.07 -88.82
C LEU BA 78 62.46 4.35 -89.59
N TYR BA 79 62.68 5.47 -88.88
CA TYR BA 79 62.63 6.77 -89.50
C TYR BA 79 63.97 7.48 -89.48
N ASP BA 80 65.00 6.88 -88.83
CA ASP BA 80 66.36 7.42 -88.71
C ASP BA 80 66.39 8.81 -88.08
N ILE BA 81 65.46 9.09 -87.17
CA ILE BA 81 65.37 10.39 -86.53
C ILE BA 81 65.55 10.23 -85.03
N ASP BA 82 66.16 11.22 -84.40
CA ASP BA 82 66.40 11.15 -82.97
C ASP BA 82 65.17 11.59 -82.20
N VAL BA 83 65.12 11.17 -80.94
CA VAL BA 83 64.02 11.46 -80.04
C VAL BA 83 64.57 12.18 -78.83
N ALA BA 84 63.93 13.30 -78.45
CA ALA BA 84 64.30 13.97 -77.21
C ALA BA 84 63.62 13.32 -76.01
N LYS BA 85 62.30 13.22 -76.06
CA LYS BA 85 61.56 12.66 -74.95
C LYS BA 85 60.29 12.06 -75.52
N VAL BA 86 59.68 11.18 -74.74
CA VAL BA 86 58.40 10.62 -75.12
C VAL BA 86 57.42 11.05 -74.03
N ASN BA 87 56.16 11.24 -74.39
CA ASN BA 87 55.16 11.66 -73.43
C ASN BA 87 53.88 10.90 -73.74
N THR BA 88 53.62 9.85 -72.99
CA THR BA 88 52.61 8.88 -73.34
C THR BA 88 51.35 9.04 -72.50
N LEU BA 89 50.23 8.63 -73.08
CA LEU BA 89 48.96 8.63 -72.39
C LEU BA 89 48.11 7.49 -72.91
N ILE BA 90 47.46 6.78 -72.02
CA ILE BA 90 46.42 5.83 -72.42
C ILE BA 90 45.18 6.63 -72.79
N ARG BA 91 44.96 6.79 -74.08
CA ARG BA 91 43.80 7.53 -74.59
C ARG BA 91 42.51 6.82 -74.19
N PRO BA 92 41.46 7.55 -73.89
CA PRO BA 92 40.26 6.91 -73.35
C PRO BA 92 39.32 6.32 -74.37
N ASP BA 93 39.76 6.11 -75.59
CA ASP BA 93 39.07 5.16 -76.44
C ASP BA 93 39.75 3.79 -76.45
N GLY BA 94 40.97 3.72 -75.90
CA GLY BA 94 41.62 2.45 -75.69
C GLY BA 94 43.08 2.40 -76.08
N GLU BA 95 43.47 3.17 -77.10
CA GLU BA 95 44.85 3.13 -77.59
C GLU BA 95 45.75 3.98 -76.72
N LYS BA 96 47.05 3.93 -77.00
CA LYS BA 96 48.04 4.73 -76.30
C LYS BA 96 48.57 5.76 -77.29
N LYS BA 97 48.10 6.99 -77.16
CA LYS BA 97 48.62 8.07 -77.99
C LYS BA 97 49.94 8.54 -77.42
N ALA BA 98 50.95 8.67 -78.26
CA ALA BA 98 52.31 8.94 -77.79
C ALA BA 98 52.88 10.15 -78.50
N TYR BA 99 53.08 11.23 -77.74
CA TYR BA 99 53.64 12.47 -78.28
C TYR BA 99 55.15 12.40 -78.22
N VAL BA 100 55.80 12.42 -79.37
CA VAL BA 100 57.24 12.28 -79.46
C VAL BA 100 57.82 13.60 -79.93
N ARG BA 101 58.60 14.26 -79.09
CA ARG BA 101 59.33 15.45 -79.50
C ARG BA 101 60.74 15.06 -79.94
N LEU BA 102 61.11 15.46 -81.14
CA LEU BA 102 62.35 14.99 -81.73
C LEU BA 102 63.54 15.83 -81.26
N ALA BA 103 64.68 15.61 -81.90
CA ALA BA 103 65.87 16.38 -81.62
C ALA BA 103 65.72 17.81 -82.16
N PRO BA 104 66.55 18.73 -81.68
CA PRO BA 104 66.56 20.07 -82.30
C PRO BA 104 67.09 20.09 -83.72
N ASP BA 105 67.77 19.05 -84.19
CA ASP BA 105 68.19 19.00 -85.58
C ASP BA 105 67.04 18.66 -86.51
N TYR BA 106 66.48 17.47 -86.33
CA TYR BA 106 65.56 16.94 -87.33
C TYR BA 106 64.27 17.71 -87.35
N ASP BA 107 63.70 17.85 -88.54
CA ASP BA 107 62.67 18.83 -88.81
C ASP BA 107 61.33 18.11 -88.81
N ALA BA 108 60.39 18.67 -88.06
CA ALA BA 108 59.07 18.07 -87.97
C ALA BA 108 58.32 18.15 -89.29
N LEU BA 109 58.61 19.16 -90.11
CA LEU BA 109 57.88 19.34 -91.36
C LEU BA 109 58.36 18.38 -92.44
N ASP BA 110 59.68 18.24 -92.60
CA ASP BA 110 60.19 17.38 -93.66
C ASP BA 110 59.90 15.92 -93.39
N VAL BA 111 59.93 15.50 -92.12
CA VAL BA 111 59.57 14.12 -91.81
C VAL BA 111 58.08 13.92 -92.00
N ALA BA 112 57.27 14.96 -91.76
CA ALA BA 112 55.82 14.85 -91.94
C ALA BA 112 55.47 14.65 -93.40
N ASN BA 113 56.25 15.20 -94.32
CA ASN BA 113 56.06 14.93 -95.73
C ASN BA 113 56.35 13.47 -96.04
N LYS BA 114 57.47 12.96 -95.52
CA LYS BA 114 57.97 11.67 -95.98
C LYS BA 114 57.15 10.51 -95.45
N ILE BA 115 56.42 10.69 -94.36
CA ILE BA 115 55.43 9.69 -93.95
C ILE BA 115 54.06 10.00 -94.53
N GLY BA 116 53.84 11.22 -94.98
CA GLY BA 116 52.67 11.57 -95.76
C GLY BA 116 51.67 12.46 -95.07
N ILE BA 117 51.74 12.59 -93.76
CA ILE BA 117 50.74 13.35 -93.04
C ILE BA 117 50.89 14.84 -93.26
N MET CA 1 10.61 -44.59 -102.78
CA MET CA 1 10.42 -44.71 -101.35
C MET CA 1 11.75 -44.86 -100.64
N LYS CA 2 11.91 -44.15 -99.52
CA LYS CA 2 13.17 -44.09 -98.79
C LYS CA 2 13.52 -45.42 -98.17
N PHE CA 3 14.60 -46.05 -98.62
CA PHE CA 3 15.08 -47.24 -97.95
C PHE CA 3 16.42 -47.06 -97.24
N ASN CA 4 17.08 -45.93 -97.39
CA ASN CA 4 18.13 -45.60 -96.44
C ASN CA 4 17.52 -45.36 -95.07
N PRO CA 5 18.18 -45.79 -93.99
CA PRO CA 5 17.80 -45.33 -92.67
C PRO CA 5 18.49 -44.04 -92.27
N PHE CA 6 19.49 -43.61 -93.04
CA PHE CA 6 20.30 -42.44 -92.72
C PHE CA 6 20.12 -41.35 -93.76
N VAL CA 7 18.88 -41.04 -94.12
CA VAL CA 7 18.60 -39.90 -94.97
C VAL CA 7 17.26 -39.30 -94.54
N THR CA 8 17.09 -38.00 -94.81
CA THR CA 8 15.98 -37.22 -94.27
C THR CA 8 14.79 -37.27 -95.20
N SER CA 9 13.67 -37.75 -94.70
CA SER CA 9 12.41 -37.49 -95.38
C SER CA 9 11.56 -36.53 -94.57
N ASP CA 10 12.23 -35.60 -93.91
CA ASP CA 10 11.59 -34.58 -93.09
C ASP CA 10 11.45 -33.29 -93.89
N ARG CA 11 10.30 -32.62 -93.76
CA ARG CA 11 10.13 -31.32 -94.40
C ARG CA 11 11.04 -30.28 -93.78
N SER CA 12 11.13 -30.26 -92.45
CA SER CA 12 11.86 -29.20 -91.78
C SER CA 12 13.36 -29.36 -91.92
N LYS CA 13 13.84 -30.59 -92.01
CA LYS CA 13 15.27 -30.79 -92.15
C LYS CA 13 15.76 -30.48 -93.55
N ASN CA 14 14.95 -30.75 -94.57
CA ASN CA 14 15.37 -30.45 -95.94
C ASN CA 14 15.37 -28.95 -96.22
N ARG CA 15 14.38 -28.23 -95.70
CA ARG CA 15 14.41 -26.78 -95.83
C ARG CA 15 15.56 -26.17 -95.06
N LYS CA 16 15.94 -26.78 -93.93
CA LYS CA 16 17.07 -26.28 -93.18
C LYS CA 16 18.37 -26.49 -93.94
N ARG CA 17 18.52 -27.64 -94.59
CA ARG CA 17 19.71 -27.88 -95.39
C ARG CA 17 19.71 -27.05 -96.65
N HIS CA 18 18.53 -26.67 -97.14
CA HIS CA 18 18.46 -25.82 -98.32
C HIS CA 18 18.97 -24.42 -98.04
N PHE CA 19 18.39 -23.74 -97.06
CA PHE CA 19 18.69 -22.34 -96.83
C PHE CA 19 19.94 -22.12 -96.01
N ASN CA 20 20.54 -23.17 -95.48
CA ASN CA 20 21.81 -23.06 -94.78
C ASN CA 20 22.86 -23.95 -95.42
N ALA CA 21 22.87 -24.01 -96.74
CA ALA CA 21 23.85 -24.79 -97.45
C ALA CA 21 25.20 -24.09 -97.47
N PRO CA 22 26.28 -24.83 -97.60
CA PRO CA 22 27.58 -24.24 -97.90
C PRO CA 22 27.60 -23.80 -99.35
N SER CA 23 28.62 -23.03 -99.72
CA SER CA 23 28.64 -22.50 -101.09
C SER CA 23 28.98 -23.58 -102.10
N HIS CA 24 29.86 -24.51 -101.77
CA HIS CA 24 30.24 -25.53 -102.75
C HIS CA 24 29.19 -26.63 -102.87
N ILE CA 25 28.26 -26.70 -101.93
CA ILE CA 25 27.04 -27.49 -102.11
C ILE CA 25 26.04 -26.67 -102.90
N ARG CA 26 26.15 -25.34 -102.82
CA ARG CA 26 25.14 -24.48 -103.42
C ARG CA 26 25.26 -24.45 -104.93
N ARG CA 27 26.39 -24.89 -105.47
CA ARG CA 27 26.58 -24.99 -106.91
C ARG CA 27 25.64 -26.00 -107.55
N LYS CA 28 25.32 -27.08 -106.83
CA LYS CA 28 24.63 -28.19 -107.46
C LYS CA 28 23.11 -28.07 -107.39
N ILE CA 29 22.58 -27.26 -106.47
CA ILE CA 29 21.13 -27.11 -106.41
C ILE CA 29 20.65 -26.22 -107.55
N MET CA 30 21.47 -25.26 -107.96
CA MET CA 30 21.11 -24.33 -109.03
C MET CA 30 21.54 -24.90 -110.38
N SER CA 31 21.13 -26.13 -110.65
CA SER CA 31 21.57 -26.80 -111.86
C SER CA 31 20.51 -26.67 -112.94
N SER CA 32 20.96 -26.61 -114.18
CA SER CA 32 20.07 -26.26 -115.25
C SER CA 32 20.13 -27.30 -116.35
N PRO CA 33 18.99 -27.64 -116.94
CA PRO CA 33 19.00 -28.64 -118.00
C PRO CA 33 19.50 -28.07 -119.31
N LEU CA 34 20.10 -28.94 -120.09
CA LEU CA 34 20.62 -28.56 -121.40
C LEU CA 34 19.53 -28.70 -122.44
N SER CA 35 19.76 -28.06 -123.59
CA SER CA 35 18.84 -28.21 -124.70
C SER CA 35 18.93 -29.61 -125.26
N LYS CA 36 17.80 -30.12 -125.74
CA LYS CA 36 17.73 -31.54 -126.06
C LYS CA 36 18.48 -31.89 -127.34
N GLU CA 37 18.80 -30.90 -128.17
CA GLU CA 37 19.72 -31.20 -129.26
C GLU CA 37 21.15 -31.25 -128.75
N LEU CA 38 21.48 -30.43 -127.75
CA LEU CA 38 22.84 -30.47 -127.26
C LEU CA 38 23.06 -31.63 -126.32
N ARG CA 39 22.01 -32.14 -125.67
CA ARG CA 39 22.22 -33.30 -124.80
C ARG CA 39 22.47 -34.56 -125.61
N GLN CA 40 22.12 -34.55 -126.90
CA GLN CA 40 22.38 -35.69 -127.75
C GLN CA 40 23.88 -35.84 -128.02
N LYS CA 41 24.60 -34.72 -128.11
CA LYS CA 41 26.02 -34.78 -128.37
C LYS CA 41 26.82 -35.19 -127.14
N TYR CA 42 26.41 -34.70 -125.98
CA TYR CA 42 27.20 -34.87 -124.77
C TYR CA 42 26.81 -36.06 -123.91
N ASN CA 43 25.58 -36.55 -124.03
CA ASN CA 43 24.99 -37.55 -123.13
C ASN CA 43 25.06 -37.10 -121.67
N VAL CA 44 24.46 -35.95 -121.39
CA VAL CA 44 24.30 -35.49 -120.01
C VAL CA 44 22.97 -34.76 -119.89
N ARG CA 45 22.28 -34.96 -118.77
CA ARG CA 45 20.92 -34.46 -118.65
C ARG CA 45 20.89 -32.99 -118.21
N SER CA 46 21.77 -32.60 -117.29
CA SER CA 46 21.75 -31.22 -116.80
C SER CA 46 23.13 -30.82 -116.30
N MET CA 47 23.37 -29.52 -116.25
CA MET CA 47 24.68 -29.03 -115.92
C MET CA 47 24.64 -28.01 -114.80
N PRO CA 48 25.62 -28.01 -113.91
CA PRO CA 48 25.87 -26.85 -113.06
C PRO CA 48 26.24 -25.65 -113.89
N ILE CA 49 25.93 -24.47 -113.37
CA ILE CA 49 25.81 -23.28 -114.21
C ILE CA 49 26.90 -22.26 -113.81
N ARG CA 50 27.24 -21.37 -114.74
CA ARG CA 50 28.34 -20.44 -114.48
C ARG CA 50 28.11 -19.11 -115.18
N LYS CA 51 29.18 -18.32 -115.28
CA LYS CA 51 29.10 -16.89 -115.57
C LYS CA 51 28.83 -16.56 -117.03
N ASP CA 52 29.16 -17.46 -117.97
CA ASP CA 52 29.10 -17.14 -119.39
C ASP CA 52 28.40 -18.22 -120.21
N ASP CA 53 27.26 -18.71 -119.72
CA ASP CA 53 26.47 -19.72 -120.41
C ASP CA 53 25.33 -19.02 -121.15
N GLU CA 54 25.22 -19.24 -122.45
CA GLU CA 54 24.12 -18.62 -123.18
C GLU CA 54 22.85 -19.42 -122.96
N VAL CA 55 21.77 -18.69 -122.66
CA VAL CA 55 20.65 -19.21 -121.90
C VAL CA 55 19.34 -18.87 -122.59
N GLN CA 56 18.50 -19.88 -122.77
CA GLN CA 56 17.13 -19.70 -123.21
C GLN CA 56 16.22 -19.85 -121.99
N VAL CA 57 15.51 -18.78 -121.65
CA VAL CA 57 14.53 -18.88 -120.58
C VAL CA 57 13.34 -19.67 -121.10
N VAL CA 58 12.70 -20.41 -120.20
CA VAL CA 58 11.55 -21.21 -120.58
C VAL CA 58 10.28 -20.79 -119.84
N ARG CA 59 10.39 -20.46 -118.55
CA ARG CA 59 9.24 -20.11 -117.73
C ARG CA 59 9.40 -18.72 -117.16
N GLY CA 60 8.28 -18.05 -116.91
CA GLY CA 60 8.27 -16.75 -116.30
C GLY CA 60 7.30 -15.84 -117.01
N HIS CA 61 7.51 -14.54 -116.88
CA HIS CA 61 6.89 -13.57 -117.75
C HIS CA 61 7.81 -13.22 -118.93
N TYR CA 62 8.93 -13.92 -119.05
CA TYR CA 62 9.89 -13.66 -120.13
C TYR CA 62 10.16 -14.99 -120.82
N LYS CA 63 9.28 -15.40 -121.72
CA LYS CA 63 9.30 -16.76 -122.24
C LYS CA 63 9.66 -16.79 -123.73
N GLY CA 64 10.59 -17.66 -124.07
CA GLY CA 64 10.74 -18.17 -125.42
C GLY CA 64 11.72 -17.45 -126.31
N GLN CA 65 12.83 -18.13 -126.62
CA GLN CA 65 13.82 -17.74 -127.63
C GLN CA 65 14.36 -16.34 -127.39
N GLN CA 66 15.07 -16.19 -126.29
CA GLN CA 66 15.68 -14.91 -125.94
C GLN CA 66 17.11 -15.15 -125.54
N ILE CA 67 17.85 -15.88 -126.38
CA ILE CA 67 19.16 -16.40 -125.99
C ILE CA 67 20.18 -15.27 -125.84
N GLY CA 68 20.38 -14.87 -124.59
CA GLY CA 68 21.40 -13.93 -124.23
C GLY CA 68 22.45 -14.60 -123.38
N LYS CA 69 23.23 -13.78 -122.70
CA LYS CA 69 24.37 -14.24 -121.94
C LYS CA 69 24.09 -13.98 -120.47
N VAL CA 70 24.62 -14.81 -119.59
CA VAL CA 70 24.47 -14.51 -118.17
C VAL CA 70 25.64 -13.66 -117.72
N VAL CA 71 25.48 -13.00 -116.58
CA VAL CA 71 26.55 -12.14 -116.08
C VAL CA 71 26.91 -12.43 -114.63
N GLN CA 72 25.95 -12.39 -113.72
CA GLN CA 72 26.16 -12.82 -112.36
C GLN CA 72 25.41 -14.11 -112.11
N VAL CA 73 25.91 -14.86 -111.14
CA VAL CA 73 25.18 -15.96 -110.52
C VAL CA 73 25.25 -15.69 -109.03
N TYR CA 74 24.24 -15.01 -108.49
CA TYR CA 74 24.03 -15.00 -107.05
C TYR CA 74 23.76 -16.40 -106.59
N ARG CA 75 24.71 -16.99 -105.88
CA ARG CA 75 24.39 -18.21 -105.15
C ARG CA 75 23.53 -17.89 -103.95
N LYS CA 76 23.72 -16.71 -103.36
CA LYS CA 76 23.08 -16.37 -102.11
C LYS CA 76 21.56 -16.31 -102.23
N LYS CA 77 21.05 -15.87 -103.37
CA LYS CA 77 19.62 -15.76 -103.57
C LYS CA 77 19.08 -16.83 -104.50
N TYR CA 78 19.92 -17.79 -104.90
CA TYR CA 78 19.58 -18.88 -105.82
C TYR CA 78 19.04 -18.36 -107.14
N VAL CA 79 19.75 -17.38 -107.70
CA VAL CA 79 19.23 -16.50 -108.73
C VAL CA 79 20.37 -16.10 -109.65
N ILE CA 80 20.15 -16.25 -110.95
CA ILE CA 80 21.10 -15.77 -111.94
C ILE CA 80 20.61 -14.44 -112.50
N TYR CA 81 21.49 -13.74 -113.20
CA TYR CA 81 21.11 -12.55 -113.95
C TYR CA 81 21.54 -12.74 -115.39
N ILE CA 82 20.62 -12.57 -116.32
CA ILE CA 82 20.90 -12.76 -117.73
C ILE CA 82 21.05 -11.37 -118.34
N GLU CA 83 21.65 -11.30 -119.53
CA GLU CA 83 21.82 -10.02 -120.22
C GLU CA 83 20.47 -9.43 -120.63
N ARG CA 84 19.62 -10.21 -121.26
CA ARG CA 84 18.46 -9.63 -121.91
C ARG CA 84 17.35 -9.31 -120.91
N VAL CA 85 17.29 -10.01 -119.79
CA VAL CA 85 16.17 -9.89 -118.86
C VAL CA 85 16.28 -8.55 -118.13
N GLN CA 86 15.43 -7.61 -118.53
CA GLN CA 86 15.43 -6.26 -118.00
C GLN CA 86 14.11 -5.98 -117.33
N ARG CA 87 14.10 -4.95 -116.49
CA ARG CA 87 12.90 -4.19 -116.14
C ARG CA 87 13.36 -2.88 -115.55
N GLU CA 88 12.68 -1.80 -115.92
CA GLU CA 88 12.99 -0.50 -115.35
C GLU CA 88 12.50 -0.37 -113.92
N LYS CA 89 13.22 0.43 -113.14
CA LYS CA 89 12.71 0.94 -111.87
C LYS CA 89 11.78 2.11 -112.13
N ALA CA 90 11.44 2.80 -111.05
CA ALA CA 90 10.70 4.05 -111.18
C ALA CA 90 11.61 5.15 -111.70
N ASN CA 91 12.84 5.21 -111.21
CA ASN CA 91 13.71 6.36 -111.44
C ASN CA 91 14.53 6.25 -112.71
N GLY CA 92 14.00 5.59 -113.74
CA GLY CA 92 14.59 5.60 -115.06
C GLY CA 92 15.77 4.68 -115.25
N THR CA 93 16.28 4.06 -114.20
CA THR CA 93 17.42 3.17 -114.28
C THR CA 93 16.95 1.74 -114.48
N THR CA 94 17.51 1.07 -115.48
CA THR CA 94 17.22 -0.34 -115.67
C THR CA 94 17.82 -1.17 -114.54
N VAL CA 95 17.31 -2.39 -114.40
CA VAL CA 95 17.86 -3.34 -113.45
C VAL CA 95 17.57 -4.73 -114.01
N HIS CA 96 18.24 -5.73 -113.45
CA HIS CA 96 18.13 -7.10 -113.94
C HIS CA 96 17.24 -7.91 -113.01
N VAL CA 97 16.34 -8.67 -113.59
CA VAL CA 97 15.44 -9.55 -112.86
C VAL CA 97 16.02 -10.94 -112.90
N GLY CA 98 15.95 -11.66 -111.78
CA GLY CA 98 16.55 -12.97 -111.70
C GLY CA 98 15.59 -14.14 -111.85
N ILE CA 99 16.12 -15.25 -112.38
CA ILE CA 99 15.35 -16.46 -112.65
C ILE CA 99 16.09 -17.65 -112.04
N HIS CA 100 15.36 -18.50 -111.33
CA HIS CA 100 15.99 -19.69 -110.78
C HIS CA 100 16.26 -20.68 -111.89
N PRO CA 101 17.47 -21.23 -111.97
CA PRO CA 101 17.87 -22.03 -113.13
C PRO CA 101 17.32 -23.44 -113.16
N SER CA 102 16.27 -23.73 -112.43
CA SER CA 102 15.38 -24.82 -112.83
C SER CA 102 14.50 -24.41 -114.00
N LYS CA 103 14.47 -23.13 -114.33
CA LYS CA 103 13.64 -22.55 -115.36
C LYS CA 103 14.46 -21.95 -116.49
N VAL CA 104 15.53 -22.63 -116.87
CA VAL CA 104 16.56 -22.10 -117.76
C VAL CA 104 17.13 -23.24 -118.58
N VAL CA 105 17.24 -23.05 -119.89
CA VAL CA 105 17.81 -24.06 -120.76
C VAL CA 105 19.10 -23.53 -121.33
N ILE CA 106 20.20 -24.22 -121.06
CA ILE CA 106 21.53 -23.79 -121.49
C ILE CA 106 21.75 -24.24 -122.93
N THR CA 107 22.00 -23.29 -123.82
CA THR CA 107 22.25 -23.63 -125.21
C THR CA 107 23.71 -23.55 -125.59
N ARG CA 108 24.51 -22.73 -124.92
CA ARG CA 108 25.94 -22.63 -125.17
C ARG CA 108 26.66 -22.66 -123.83
N LEU CA 109 27.77 -23.34 -123.78
CA LEU CA 109 28.54 -23.48 -122.55
C LEU CA 109 29.79 -22.62 -122.61
N LYS CA 110 30.59 -22.74 -121.55
CA LYS CA 110 31.94 -22.21 -121.50
C LYS CA 110 32.89 -23.38 -121.41
N LEU CA 111 33.87 -23.45 -122.31
CA LEU CA 111 34.71 -24.63 -122.43
C LEU CA 111 36.12 -24.37 -121.92
N ASP CA 112 36.55 -25.23 -120.98
CA ASP CA 112 37.78 -25.08 -120.21
C ASP CA 112 38.15 -26.49 -119.74
N LYS CA 113 39.28 -26.60 -119.06
CA LYS CA 113 39.82 -27.91 -118.68
C LYS CA 113 38.90 -28.64 -117.71
N ASP CA 114 38.44 -27.95 -116.67
CA ASP CA 114 37.67 -28.63 -115.65
C ASP CA 114 36.21 -28.81 -116.04
N ARG CA 115 35.72 -28.03 -117.00
CA ARG CA 115 34.37 -28.25 -117.48
C ARG CA 115 34.29 -29.52 -118.33
N LYS CA 116 35.35 -29.86 -119.06
CA LYS CA 116 35.36 -31.11 -119.79
C LYS CA 116 35.38 -32.30 -118.84
N LYS CA 117 36.15 -32.19 -117.76
CA LYS CA 117 36.42 -33.34 -116.91
C LYS CA 117 35.21 -33.78 -116.12
N ILE CA 118 34.36 -32.83 -115.73
CA ILE CA 118 33.05 -33.19 -115.18
C ILE CA 118 32.25 -33.95 -116.23
N LEU CA 119 32.23 -33.40 -117.44
CA LEU CA 119 31.36 -33.86 -118.51
C LEU CA 119 31.70 -35.28 -118.96
N GLU CA 120 32.98 -35.63 -118.90
CA GLU CA 120 33.36 -37.02 -119.08
C GLU CA 120 32.83 -37.88 -117.94
N ARG CA 121 32.99 -37.43 -116.70
CA ARG CA 121 32.52 -38.18 -115.56
C ARG CA 121 31.01 -38.27 -115.52
N LYS CA 122 30.31 -37.24 -116.00
CA LYS CA 122 28.86 -37.34 -116.11
C LYS CA 122 28.46 -38.33 -117.19
N ALA CA 123 29.09 -38.25 -118.36
CA ALA CA 123 28.64 -39.04 -119.50
C ALA CA 123 29.00 -40.51 -119.36
N LYS CA 124 30.11 -40.82 -118.69
CA LYS CA 124 30.46 -42.20 -118.49
C LYS CA 124 29.52 -42.89 -117.52
N SER CA 125 29.09 -42.18 -116.48
CA SER CA 125 28.33 -42.82 -115.43
C SER CA 125 26.87 -43.01 -115.79
N ARG CA 126 26.35 -42.22 -116.72
CA ARG CA 126 25.02 -42.45 -117.26
C ARG CA 126 25.02 -43.71 -118.11
N GLN CA 127 26.14 -43.96 -118.79
CA GLN CA 127 26.56 -45.27 -119.28
C GLN CA 127 25.68 -45.86 -120.37
N LYS DA 1 98.26 24.84 -2.06
CA LYS DA 1 98.28 24.58 -3.50
C LYS DA 1 98.52 23.12 -3.82
N PHE DA 2 98.06 22.73 -4.99
CA PHE DA 2 98.47 21.49 -5.63
C PHE DA 2 98.75 21.65 -7.11
N MET DA 3 98.16 22.63 -7.78
CA MET DA 3 98.35 22.77 -9.22
C MET DA 3 99.73 23.32 -9.49
N LYS DA 4 100.62 22.44 -9.93
CA LYS DA 4 102.02 22.68 -10.18
C LYS DA 4 102.34 22.02 -11.51
N PRO DA 5 103.42 22.41 -12.18
CA PRO DA 5 103.70 21.84 -13.50
C PRO DA 5 104.25 20.42 -13.54
N GLY DA 6 104.15 19.67 -12.46
CA GLY DA 6 104.53 18.26 -12.53
C GLY DA 6 103.37 17.30 -12.58
N LYS DA 7 102.19 17.79 -12.89
CA LYS DA 7 100.94 17.05 -12.69
C LYS DA 7 100.34 16.66 -14.03
N VAL DA 8 99.51 15.60 -14.02
CA VAL DA 8 98.65 15.23 -15.15
C VAL DA 8 97.27 15.77 -14.88
N VAL DA 9 96.60 16.28 -15.91
CA VAL DA 9 95.22 16.71 -15.79
C VAL DA 9 94.42 16.04 -16.90
N LEU DA 10 93.10 16.12 -16.78
CA LEU DA 10 92.19 15.59 -17.80
C LEU DA 10 91.28 16.70 -18.25
N VAL DA 11 91.39 17.09 -19.52
CA VAL DA 11 90.58 18.15 -20.10
C VAL DA 11 89.11 17.75 -20.09
N LEU DA 12 88.22 18.72 -19.87
CA LEU DA 12 86.79 18.45 -19.83
C LEU DA 12 86.01 18.99 -21.01
N ALA DA 13 86.52 19.94 -21.77
CA ALA DA 13 85.62 20.61 -22.70
C ALA DA 13 86.31 21.01 -23.99
N GLY DA 14 85.79 20.50 -25.10
CA GLY DA 14 85.95 21.12 -26.40
C GLY DA 14 87.08 20.50 -27.17
N ARG DA 15 86.76 19.56 -28.06
CA ARG DA 15 87.63 18.99 -29.09
C ARG DA 15 88.73 18.11 -28.51
N TYR DA 16 88.93 18.16 -27.19
CA TYR DA 16 89.92 17.37 -26.50
C TYR DA 16 89.37 16.92 -25.17
N SER DA 17 88.07 16.72 -25.11
CA SER DA 17 87.50 16.18 -23.89
C SER DA 17 87.91 14.73 -23.77
N GLY DA 18 88.40 14.36 -22.59
CA GLY DA 18 88.81 13.00 -22.38
C GLY DA 18 90.26 12.70 -22.68
N ARG DA 19 91.03 13.68 -23.12
CA ARG DA 19 92.46 13.47 -23.24
C ARG DA 19 93.12 13.68 -21.89
N LYS DA 20 94.43 13.43 -21.83
CA LYS DA 20 95.17 13.40 -20.57
C LYS DA 20 96.36 14.35 -20.69
N ALA DA 21 96.15 15.61 -20.36
CA ALA DA 21 97.20 16.59 -20.55
C ALA DA 21 98.01 16.77 -19.29
N VAL DA 22 99.18 17.38 -19.43
CA VAL DA 22 99.99 17.78 -18.28
C VAL DA 22 100.00 19.29 -18.18
N ILE DA 23 99.90 19.80 -16.95
CA ILE DA 23 100.24 21.19 -16.71
C ILE DA 23 101.73 21.34 -16.89
N VAL DA 24 102.15 22.32 -17.68
CA VAL DA 24 103.55 22.70 -17.72
C VAL DA 24 103.78 24.15 -17.37
N LYS DA 25 102.73 24.96 -17.28
CA LYS DA 25 102.88 26.37 -16.89
C LYS DA 25 101.57 26.80 -16.28
N ASN DA 26 101.52 26.94 -14.97
CA ASN DA 26 100.29 27.34 -14.29
C ASN DA 26 100.33 28.82 -13.96
N ILE DA 27 99.44 29.57 -14.59
CA ILE DA 27 99.33 31.00 -14.38
C ILE DA 27 98.15 31.17 -13.45
N ASP DA 28 98.43 31.29 -12.16
CA ASP DA 28 97.36 31.26 -11.18
C ASP DA 28 96.55 32.55 -11.16
N ASP DA 29 97.15 33.68 -11.53
CA ASP DA 29 96.59 35.00 -11.23
C ASP DA 29 96.63 35.93 -12.43
N GLY DA 30 95.62 35.83 -13.29
CA GLY DA 30 95.35 36.81 -14.33
C GLY DA 30 96.38 37.00 -15.42
N THR DA 31 96.01 37.76 -16.46
CA THR DA 31 96.95 38.18 -17.47
C THR DA 31 96.86 39.66 -17.81
N SER DA 32 95.67 40.27 -17.70
CA SER DA 32 95.15 41.44 -18.42
C SER DA 32 94.96 41.14 -19.91
N ASP DA 33 95.11 39.89 -20.31
CA ASP DA 33 94.55 39.36 -21.54
C ASP DA 33 93.46 38.35 -21.26
N ARG DA 34 93.62 37.57 -20.19
CA ARG DA 34 92.59 36.73 -19.65
C ARG DA 34 92.67 36.78 -18.12
N PRO DA 35 91.60 37.13 -17.44
CA PRO DA 35 91.67 37.39 -16.01
C PRO DA 35 91.59 36.14 -15.16
N TYR DA 36 90.92 35.12 -15.68
CA TYR DA 36 90.72 33.89 -14.94
C TYR DA 36 92.01 33.12 -14.77
N SER DA 37 91.98 32.14 -13.87
CA SER DA 37 93.13 31.27 -13.66
C SER DA 37 93.22 30.26 -14.79
N HIS DA 38 94.40 30.13 -15.38
CA HIS DA 38 94.53 29.35 -16.60
C HIS DA 38 95.91 28.72 -16.66
N ALA DA 39 96.06 27.73 -17.54
CA ALA DA 39 97.17 26.79 -17.43
C ALA DA 39 97.59 26.31 -18.81
N LEU DA 40 98.81 26.65 -19.20
CA LEU DA 40 99.39 26.16 -20.45
C LEU DA 40 99.67 24.66 -20.33
N VAL DA 41 99.08 23.87 -21.22
CA VAL DA 41 99.18 22.42 -21.17
C VAL DA 41 99.91 21.93 -22.39
N ALA DA 42 100.51 20.77 -22.25
CA ALA DA 42 100.81 19.89 -23.35
C ALA DA 42 100.05 18.60 -23.09
N GLY DA 43 99.62 17.94 -24.14
CA GLY DA 43 98.73 16.83 -23.87
C GLY DA 43 98.66 15.87 -25.01
N ILE DA 44 98.02 14.78 -24.75
CA ILE DA 44 97.98 13.67 -25.69
C ILE DA 44 96.76 13.88 -26.56
N ASP DA 45 96.86 13.42 -27.81
CA ASP DA 45 95.86 13.73 -28.82
C ASP DA 45 95.26 12.48 -29.42
N ARG DA 46 96.10 11.55 -29.84
CA ARG DA 46 95.65 10.31 -30.46
C ARG DA 46 96.52 9.21 -29.89
N TYR DA 47 95.93 8.41 -29.02
CA TYR DA 47 96.66 7.40 -28.28
C TYR DA 47 97.18 6.33 -29.22
N PRO DA 48 98.33 5.75 -28.93
CA PRO DA 48 98.77 4.57 -29.68
C PRO DA 48 97.86 3.39 -29.39
N ARG DA 49 97.69 2.52 -30.37
CA ARG DA 49 96.86 1.34 -30.18
C ARG DA 49 97.60 0.29 -29.35
N LYS DA 50 96.99 -0.88 -29.25
CA LYS DA 50 97.63 -1.98 -28.58
C LYS DA 50 98.78 -2.50 -29.42
N VAL DA 51 99.82 -2.90 -28.72
CA VAL DA 51 101.04 -3.45 -29.29
C VAL DA 51 101.31 -4.74 -28.54
N THR DA 52 101.43 -5.83 -29.29
CA THR DA 52 101.41 -7.16 -28.72
C THR DA 52 102.55 -7.98 -29.31
N ALA DA 53 102.61 -9.23 -28.87
CA ALA DA 53 103.66 -10.16 -29.27
C ALA DA 53 103.36 -10.85 -30.59
N ALA DA 54 102.57 -10.25 -31.47
CA ALA DA 54 102.26 -10.87 -32.75
C ALA DA 54 102.53 -9.93 -33.93
N MET DA 55 103.26 -8.84 -33.71
CA MET DA 55 103.40 -7.82 -34.74
C MET DA 55 104.81 -7.27 -34.90
N GLY DA 56 105.74 -7.54 -33.97
CA GLY DA 56 106.90 -6.69 -33.76
C GLY DA 56 107.98 -6.59 -34.82
N LYS DA 57 107.95 -5.48 -35.56
CA LYS DA 57 108.88 -5.13 -36.62
C LYS DA 57 108.59 -3.64 -36.83
N LYS DA 58 108.90 -3.05 -37.99
CA LYS DA 58 108.39 -1.74 -38.37
C LYS DA 58 106.86 -1.63 -38.22
N LYS DA 59 106.15 -2.76 -38.37
CA LYS DA 59 104.74 -2.86 -37.98
C LYS DA 59 104.49 -2.44 -36.53
N ILE DA 60 105.45 -2.66 -35.63
CA ILE DA 60 105.24 -2.23 -34.25
C ILE DA 60 105.46 -0.73 -34.12
N ALA DA 61 106.26 -0.13 -35.01
CA ALA DA 61 106.61 1.27 -34.85
C ALA DA 61 105.49 2.16 -35.35
N LYS DA 62 104.88 1.78 -36.47
CA LYS DA 62 103.72 2.48 -36.97
C LYS DA 62 102.54 2.37 -36.02
N ARG DA 63 102.48 1.27 -35.27
CA ARG DA 63 101.43 1.08 -34.30
C ARG DA 63 101.61 1.98 -33.09
N SER DA 64 102.86 2.31 -32.74
CA SER DA 64 103.11 3.18 -31.60
C SER DA 64 103.58 4.57 -32.03
N LYS DA 65 103.05 5.08 -33.14
CA LYS DA 65 103.13 6.50 -33.40
C LYS DA 65 102.25 7.26 -32.42
N ILE DA 66 102.45 8.57 -32.34
CA ILE DA 66 101.81 9.38 -31.32
C ILE DA 66 101.62 10.80 -31.88
N LYS DA 67 100.74 11.57 -31.26
CA LYS DA 67 100.54 12.96 -31.65
C LYS DA 67 100.17 13.72 -30.40
N SER DA 68 100.43 15.03 -30.41
CA SER DA 68 100.37 15.84 -29.21
C SER DA 68 99.64 17.14 -29.51
N PHE DA 69 99.42 17.93 -28.47
CA PHE DA 69 98.89 19.27 -28.67
C PHE DA 69 99.38 20.14 -27.54
N VAL DA 70 99.26 21.44 -27.72
CA VAL DA 70 99.36 22.38 -26.62
C VAL DA 70 98.18 23.33 -26.70
N LYS DA 71 97.73 23.77 -25.53
CA LYS DA 71 96.63 24.70 -25.37
C LYS DA 71 96.85 25.47 -24.08
N VAL DA 72 96.01 26.48 -23.88
CA VAL DA 72 95.95 27.23 -22.64
C VAL DA 72 94.52 27.08 -22.12
N TYR DA 73 94.35 26.31 -21.05
CA TYR DA 73 93.01 26.00 -20.59
C TYR DA 73 92.68 26.75 -19.31
N ASN DA 74 91.41 27.06 -19.14
CA ASN DA 74 90.87 27.54 -17.87
C ASN DA 74 91.01 26.44 -16.81
N TYR DA 75 91.04 26.86 -15.55
CA TYR DA 75 91.13 25.87 -14.48
C TYR DA 75 89.83 25.12 -14.25
N ASN DA 76 88.75 25.51 -14.91
CA ASN DA 76 87.51 24.76 -14.85
C ASN DA 76 87.36 23.82 -16.03
N HIS DA 77 88.44 23.55 -16.73
CA HIS DA 77 88.33 22.61 -17.84
C HIS DA 77 89.49 21.64 -17.85
N LEU DA 78 90.09 21.38 -16.69
CA LEU DA 78 90.99 20.26 -16.55
C LEU DA 78 90.93 19.74 -15.13
N MET DA 79 90.69 18.45 -15.01
CA MET DA 79 90.55 17.82 -13.71
C MET DA 79 91.90 17.27 -13.27
N PRO DA 80 92.42 17.68 -12.11
CA PRO DA 80 93.67 17.11 -11.63
C PRO DA 80 93.51 15.70 -11.13
N THR DA 81 94.53 14.92 -11.34
CA THR DA 81 94.70 13.62 -10.74
C THR DA 81 95.89 13.69 -9.79
N ARG DA 82 96.30 12.55 -9.28
CA ARG DA 82 97.45 12.50 -8.40
C ARG DA 82 98.74 12.20 -9.14
N TYR DA 83 98.66 11.80 -10.40
CA TYR DA 83 99.80 11.22 -11.07
C TYR DA 83 100.75 12.29 -11.58
N SER DA 84 102.02 11.92 -11.71
CA SER DA 84 103.11 12.87 -11.83
C SER DA 84 104.04 12.45 -12.95
N VAL DA 85 104.41 13.40 -13.81
CA VAL DA 85 105.20 13.14 -15.02
C VAL DA 85 106.50 13.92 -14.97
N ASP DA 86 107.62 13.22 -15.13
CA ASP DA 86 108.92 13.83 -15.29
C ASP DA 86 109.19 14.04 -16.78
N ILE DA 87 109.55 15.26 -17.14
CA ILE DA 87 109.70 15.67 -18.53
C ILE DA 87 111.00 16.43 -18.74
N PRO DA 88 111.55 16.40 -19.95
CA PRO DA 88 112.60 17.37 -20.33
C PRO DA 88 112.07 18.72 -20.77
N LEU DA 89 110.78 18.96 -20.63
CA LEU DA 89 110.02 19.86 -21.50
C LEU DA 89 110.32 21.32 -21.17
N ASP DA 90 111.18 21.94 -21.97
CA ASP DA 90 111.70 23.26 -21.67
C ASP DA 90 110.75 24.36 -22.13
N LYS DA 91 110.91 25.53 -21.52
CA LYS DA 91 109.99 26.64 -21.73
C LYS DA 91 110.23 27.36 -23.05
N THR DA 92 111.48 27.44 -23.50
CA THR DA 92 111.86 28.32 -24.59
C THR DA 92 111.30 27.89 -25.93
N VAL DA 93 110.84 26.64 -26.05
CA VAL DA 93 110.12 26.21 -27.24
C VAL DA 93 108.62 26.26 -27.00
N VAL DA 94 108.14 25.59 -25.96
CA VAL DA 94 106.71 25.57 -25.64
C VAL DA 94 106.47 26.74 -24.71
N ASN DA 95 106.17 27.89 -25.30
CA ASN DA 95 105.90 29.11 -24.56
C ASN DA 95 104.40 29.35 -24.57
N LYS DA 96 103.95 30.29 -23.75
CA LYS DA 96 102.58 30.78 -23.91
C LYS DA 96 102.47 31.72 -25.10
N ASP DA 97 103.61 32.24 -25.59
CA ASP DA 97 103.71 32.97 -26.85
C ASP DA 97 103.95 32.03 -28.03
N VAL DA 98 103.63 30.74 -27.90
CA VAL DA 98 103.64 29.87 -29.07
C VAL DA 98 102.53 30.29 -30.02
N PHE DA 99 101.48 30.90 -29.49
CA PHE DA 99 100.42 31.44 -30.30
C PHE DA 99 100.89 32.76 -30.89
N ARG DA 100 100.06 33.32 -31.77
CA ARG DA 100 100.37 34.36 -32.76
C ARG DA 100 101.40 33.92 -33.79
N ASP DA 101 101.72 32.64 -33.85
CA ASP DA 101 102.75 32.14 -34.75
C ASP DA 101 102.42 30.69 -35.07
N PRO DA 102 101.91 30.43 -36.27
CA PRO DA 102 101.68 29.04 -36.68
C PRO DA 102 102.96 28.22 -36.82
N ALA DA 103 104.12 28.87 -36.96
CA ALA DA 103 105.36 28.12 -37.12
C ALA DA 103 105.80 27.48 -35.80
N LEU DA 104 105.75 28.24 -34.70
CA LEU DA 104 106.12 27.66 -33.43
C LEU DA 104 105.08 26.66 -32.95
N LYS DA 105 103.82 26.83 -33.34
CA LYS DA 105 102.79 25.84 -33.00
C LYS DA 105 103.12 24.50 -33.60
N ARG DA 106 103.51 24.48 -34.88
CA ARG DA 106 104.00 23.26 -35.48
C ARG DA 106 105.37 22.87 -34.92
N LYS DA 107 106.12 23.84 -34.41
CA LYS DA 107 107.40 23.51 -33.78
C LYS DA 107 107.22 23.00 -32.35
N ALA DA 108 106.34 23.63 -31.56
CA ALA DA 108 106.20 23.23 -30.15
C ALA DA 108 105.31 22.01 -29.96
N ARG DA 109 104.37 21.77 -30.87
CA ARG DA 109 103.70 20.47 -30.88
C ARG DA 109 104.68 19.35 -31.17
N ARG DA 110 105.63 19.60 -32.07
CA ARG DA 110 106.60 18.60 -32.44
C ARG DA 110 107.56 18.31 -31.31
N GLU DA 111 108.01 19.34 -30.60
CA GLU DA 111 108.94 19.10 -29.51
C GLU DA 111 108.27 18.41 -28.34
N ALA DA 112 107.00 18.71 -28.10
CA ALA DA 112 106.24 17.96 -27.10
C ALA DA 112 106.05 16.51 -27.54
N LYS DA 113 105.88 16.29 -28.85
CA LYS DA 113 105.60 14.95 -29.34
C LYS DA 113 106.79 14.02 -29.20
N VAL DA 114 108.01 14.55 -29.40
CA VAL DA 114 109.22 13.77 -29.22
C VAL DA 114 109.29 13.24 -27.80
N LYS DA 115 109.06 14.12 -26.83
CA LYS DA 115 109.28 13.77 -25.43
C LYS DA 115 108.20 12.83 -24.92
N PHE DA 116 106.98 12.97 -25.45
CA PHE DA 116 105.94 11.99 -25.21
C PHE DA 116 106.31 10.64 -25.78
N GLU DA 117 106.81 10.62 -27.03
CA GLU DA 117 107.09 9.36 -27.72
C GLU DA 117 108.30 8.67 -27.11
N GLU DA 118 109.32 9.44 -26.75
CA GLU DA 118 110.58 8.90 -26.22
C GLU DA 118 110.40 8.28 -24.85
N ARG DA 119 109.37 8.71 -24.10
CA ARG DA 119 109.17 8.18 -22.76
C ARG DA 119 108.42 6.86 -22.79
N TYR DA 120 107.50 6.69 -23.73
CA TYR DA 120 106.67 5.48 -23.77
C TYR DA 120 107.43 4.26 -24.27
N LYS DA 121 108.44 4.45 -25.11
CA LYS DA 121 109.44 3.41 -25.25
C LYS DA 121 110.20 3.37 -23.93
N THR DA 122 110.48 2.16 -23.44
CA THR DA 122 110.65 1.84 -22.02
C THR DA 122 109.41 2.26 -21.26
N GLY DA 123 108.33 1.51 -21.52
CA GLY DA 123 107.03 1.78 -20.94
C GLY DA 123 106.98 1.74 -19.43
N LYS DA 124 106.96 2.93 -18.84
CA LYS DA 124 106.80 3.13 -17.41
C LYS DA 124 105.91 4.34 -17.26
N ASN DA 125 105.17 4.37 -16.14
CA ASN DA 125 104.03 5.26 -15.93
C ASN DA 125 103.03 5.08 -17.08
N LYS DA 126 102.49 3.86 -17.11
CA LYS DA 126 101.60 3.41 -18.19
C LYS DA 126 100.33 4.23 -18.27
N TRP DA 127 99.88 4.77 -17.14
CA TRP DA 127 98.54 5.29 -17.06
C TRP DA 127 98.38 6.57 -17.88
N PHE DA 128 99.44 7.36 -18.00
CA PHE DA 128 99.36 8.59 -18.78
C PHE DA 128 99.09 8.31 -20.25
N PHE DA 129 99.62 7.23 -20.77
CA PHE DA 129 99.61 6.98 -22.21
C PHE DA 129 98.49 6.08 -22.68
N GLN DA 130 97.79 5.42 -21.78
CA GLN DA 130 96.81 4.43 -22.21
C GLN DA 130 95.46 5.10 -22.39
N LYS DA 131 94.74 4.72 -23.44
CA LYS DA 131 93.50 5.41 -23.78
C LYS DA 131 92.41 5.04 -22.79
N LEU DA 132 92.06 5.99 -21.92
CA LEU DA 132 90.89 5.83 -21.07
C LEU DA 132 89.65 5.76 -21.93
N ARG DA 133 88.75 4.87 -21.56
CA ARG DA 133 87.46 4.82 -22.21
C ARG DA 133 86.41 5.31 -21.22
N PHE DA 134 85.41 5.97 -21.76
CA PHE DA 134 84.31 6.42 -20.97
C PHE DA 134 83.09 6.37 -21.85
N PRO EA 1 -10.48 -43.73 -73.91
CA PRO EA 1 -11.53 -42.89 -74.49
C PRO EA 1 -12.00 -41.77 -73.57
N SER EA 2 -11.54 -40.54 -73.82
CA SER EA 2 -12.11 -39.38 -73.15
C SER EA 2 -13.39 -38.92 -73.80
N ARG EA 3 -13.86 -39.59 -74.83
CA ARG EA 3 -15.10 -39.27 -75.51
C ARG EA 3 -16.28 -40.10 -75.02
N LEU EA 4 -16.09 -40.98 -74.05
CA LEU EA 4 -17.18 -41.79 -73.52
C LEU EA 4 -17.42 -41.53 -72.03
N ARG EA 5 -16.89 -40.45 -71.52
CA ARG EA 5 -16.69 -40.30 -70.09
C ARG EA 5 -17.97 -39.88 -69.38
N LYS EA 6 -17.78 -39.49 -68.12
CA LYS EA 6 -18.74 -38.74 -67.36
C LYS EA 6 -18.37 -37.27 -67.30
N THR EA 7 -17.07 -36.98 -67.38
CA THR EA 7 -16.60 -35.60 -67.39
C THR EA 7 -17.14 -34.85 -68.59
N ARG EA 8 -17.05 -35.45 -69.77
CA ARG EA 8 -17.50 -34.79 -70.98
C ARG EA 8 -19.02 -34.61 -71.00
N LYS EA 9 -19.76 -35.35 -70.18
CA LYS EA 9 -21.17 -35.05 -70.05
C LYS EA 9 -21.42 -33.91 -69.08
N LEU EA 10 -20.61 -33.79 -68.03
CA LEU EA 10 -20.94 -32.89 -66.93
C LEU EA 10 -20.41 -31.48 -67.09
N ARG EA 11 -19.81 -31.15 -68.23
CA ARG EA 11 -19.48 -29.76 -68.48
C ARG EA 11 -20.77 -28.98 -68.68
N GLY EA 12 -20.72 -27.71 -68.33
CA GLY EA 12 -21.92 -26.91 -68.28
C GLY EA 12 -22.59 -26.91 -66.93
N HIS EA 13 -22.35 -27.93 -66.11
CA HIS EA 13 -22.89 -27.99 -64.76
C HIS EA 13 -21.82 -27.53 -63.79
N VAL EA 14 -22.25 -26.90 -62.70
CA VAL EA 14 -21.32 -26.11 -61.90
C VAL EA 14 -20.42 -27.01 -61.07
N SER EA 15 -21.00 -27.79 -60.17
CA SER EA 15 -20.20 -28.49 -59.19
C SER EA 15 -19.55 -29.75 -59.73
N HIS EA 16 -19.78 -30.07 -61.00
CA HIS EA 16 -19.17 -31.17 -61.74
C HIS EA 16 -19.51 -32.52 -61.10
N GLY EA 17 -20.70 -32.62 -60.51
CA GLY EA 17 -21.13 -33.88 -59.98
C GLY EA 17 -20.56 -34.24 -58.63
N HIS EA 18 -20.33 -33.27 -57.77
CA HIS EA 18 -19.83 -33.53 -56.43
C HIS EA 18 -20.48 -32.63 -55.38
N GLY EA 19 -21.62 -32.04 -55.69
CA GLY EA 19 -22.40 -31.43 -54.63
C GLY EA 19 -22.07 -30.00 -54.34
N ARG EA 20 -23.09 -29.15 -54.30
CA ARG EA 20 -22.88 -27.79 -53.82
C ARG EA 20 -22.64 -27.77 -52.32
N ILE EA 21 -23.40 -28.55 -51.57
CA ILE EA 21 -23.46 -28.34 -50.12
C ILE EA 21 -22.27 -28.95 -49.43
N GLY EA 22 -21.96 -30.20 -49.74
CA GLY EA 22 -20.90 -30.89 -49.04
C GLY EA 22 -19.51 -30.48 -49.46
N LYS EA 23 -19.35 -30.00 -50.71
CA LYS EA 23 -18.12 -29.42 -51.23
C LYS EA 23 -16.95 -30.41 -51.23
N HIS EA 24 -16.87 -31.29 -52.22
CA HIS EA 24 -15.74 -32.20 -52.43
C HIS EA 24 -14.41 -31.49 -52.29
N ARG EA 25 -13.71 -31.70 -51.18
CA ARG EA 25 -12.52 -30.87 -51.00
C ARG EA 25 -11.21 -31.52 -51.33
N LYS EA 26 -10.64 -32.25 -50.38
CA LYS EA 26 -9.34 -32.84 -50.65
C LYS EA 26 -9.29 -34.29 -50.26
N HIS EA 27 -9.48 -34.55 -48.97
CA HIS EA 27 -9.34 -35.81 -48.26
C HIS EA 27 -10.09 -35.64 -46.95
N PRO EA 28 -11.41 -35.80 -46.95
CA PRO EA 28 -12.18 -35.43 -45.75
C PRO EA 28 -12.00 -36.38 -44.59
N GLY EA 29 -12.06 -37.67 -44.83
CA GLY EA 29 -11.93 -38.62 -43.75
C GLY EA 29 -10.51 -39.14 -43.58
N GLY EA 30 -9.52 -38.34 -43.94
CA GLY EA 30 -8.15 -38.77 -43.86
C GLY EA 30 -7.70 -39.44 -45.15
N ARG EA 31 -6.48 -39.96 -45.11
CA ARG EA 31 -5.91 -40.63 -46.27
C ARG EA 31 -5.79 -42.12 -46.02
N GLY EA 32 -6.37 -42.90 -46.92
CA GLY EA 32 -6.12 -44.33 -46.91
C GLY EA 32 -6.89 -44.99 -45.83
N ASN EA 33 -6.19 -45.69 -44.95
CA ASN EA 33 -6.81 -46.46 -43.88
C ASN EA 33 -6.82 -45.71 -42.58
N ALA EA 34 -7.04 -44.40 -42.65
CA ALA EA 34 -6.96 -43.56 -41.46
C ALA EA 34 -8.10 -43.85 -40.51
N GLY EA 35 -7.77 -44.03 -39.22
CA GLY EA 35 -8.73 -44.21 -38.16
C GLY EA 35 -9.56 -45.46 -38.32
N GLY EA 36 -8.91 -46.60 -38.49
CA GLY EA 36 -9.65 -47.84 -38.56
C GLY EA 36 -10.29 -48.17 -37.24
N LEU EA 37 -9.52 -48.08 -36.16
CA LEU EA 37 -10.04 -48.36 -34.84
C LEU EA 37 -10.89 -47.24 -34.28
N HIS EA 38 -10.72 -46.01 -34.74
CA HIS EA 38 -11.39 -44.90 -34.07
C HIS EA 38 -12.74 -44.55 -34.69
N HIS EA 39 -12.74 -44.05 -35.91
CA HIS EA 39 -13.97 -43.54 -36.47
C HIS EA 39 -14.44 -44.30 -37.70
N HIS EA 40 -13.73 -45.34 -38.13
CA HIS EA 40 -14.23 -46.21 -39.19
C HIS EA 40 -14.34 -47.66 -38.72
N ARG EA 41 -14.73 -47.88 -37.46
CA ARG EA 41 -14.94 -49.25 -37.02
C ARG EA 41 -16.23 -49.83 -37.57
N ILE EA 42 -17.25 -49.01 -37.85
CA ILE EA 42 -18.45 -49.54 -38.46
C ILE EA 42 -18.20 -49.92 -39.92
N ASN EA 43 -17.13 -49.40 -40.52
CA ASN EA 43 -16.72 -49.90 -41.82
C ASN EA 43 -15.81 -51.09 -41.68
N PHE EA 44 -14.76 -51.00 -40.85
CA PHE EA 44 -13.80 -52.09 -40.74
C PHE EA 44 -14.42 -53.32 -40.12
N ASP EA 45 -15.01 -53.20 -38.95
CA ASP EA 45 -15.93 -54.25 -38.57
C ASP EA 45 -17.18 -54.05 -39.40
N LYS EA 46 -17.92 -55.14 -39.63
CA LYS EA 46 -19.07 -55.32 -40.51
C LYS EA 46 -18.66 -55.34 -41.98
N TYR EA 47 -17.42 -55.02 -42.34
CA TYR EA 47 -17.06 -55.37 -43.71
C TYR EA 47 -15.75 -56.12 -43.81
N HIS EA 48 -14.82 -55.88 -42.91
CA HIS EA 48 -13.56 -56.62 -42.88
C HIS EA 48 -13.33 -57.15 -41.48
N PRO EA 49 -14.06 -58.19 -41.08
CA PRO EA 49 -13.97 -58.63 -39.68
C PRO EA 49 -12.65 -59.32 -39.41
N GLY EA 50 -12.00 -58.90 -38.32
CA GLY EA 50 -10.78 -59.52 -37.90
C GLY EA 50 -9.52 -58.86 -38.38
N TYR EA 51 -9.60 -57.62 -38.83
CA TYR EA 51 -8.44 -56.99 -39.44
C TYR EA 51 -7.35 -56.67 -38.43
N PHE EA 52 -7.69 -56.56 -37.16
CA PHE EA 52 -6.76 -56.08 -36.13
C PHE EA 52 -6.47 -57.18 -35.12
N GLY EA 53 -5.20 -57.54 -34.97
CA GLY EA 53 -4.76 -58.39 -33.88
C GLY EA 53 -3.87 -59.52 -34.36
N LYS EA 54 -3.59 -60.45 -33.45
CA LYS EA 54 -2.72 -61.58 -33.73
C LYS EA 54 -3.42 -62.90 -33.42
N VAL EA 55 -3.00 -63.96 -34.12
CA VAL EA 55 -3.54 -65.29 -33.85
C VAL EA 55 -2.48 -66.35 -33.58
N GLY EA 56 -1.37 -66.39 -34.34
CA GLY EA 56 -0.60 -67.63 -34.36
C GLY EA 56 0.89 -67.64 -34.07
N MET EA 57 1.52 -68.80 -34.27
CA MET EA 57 2.96 -68.91 -34.16
C MET EA 57 3.65 -68.27 -35.34
N LYS EA 58 4.80 -67.64 -35.06
CA LYS EA 58 5.63 -67.09 -36.11
C LYS EA 58 6.45 -68.20 -36.73
N HIS EA 59 6.68 -68.11 -38.03
CA HIS EA 59 7.58 -69.04 -38.69
C HIS EA 59 8.55 -68.25 -39.54
N TYR EA 60 9.83 -68.34 -39.18
CA TYR EA 60 10.86 -67.57 -39.83
C TYR EA 60 11.32 -68.30 -41.07
N HIS EA 61 11.60 -67.55 -42.12
CA HIS EA 61 12.10 -68.06 -43.41
C HIS EA 61 11.13 -69.10 -43.98
N LEU EA 62 9.85 -68.73 -44.02
CA LEU EA 62 8.84 -69.59 -44.59
C LEU EA 62 9.10 -69.71 -46.08
N LYS EA 63 9.47 -70.89 -46.52
CA LYS EA 63 9.64 -71.19 -47.92
C LYS EA 63 8.36 -71.86 -48.42
N ARG EA 64 7.96 -71.54 -49.65
CA ARG EA 64 6.84 -72.27 -50.21
C ARG EA 64 7.32 -73.57 -50.84
N ASN EA 65 8.17 -74.30 -50.14
CA ASN EA 65 9.10 -75.17 -50.82
C ASN EA 65 9.24 -76.53 -50.17
N GLN EA 66 8.88 -76.67 -48.91
CA GLN EA 66 8.77 -77.94 -48.24
C GLN EA 66 7.32 -78.32 -47.99
N SER EA 67 6.38 -77.54 -48.51
CA SER EA 67 4.96 -77.83 -48.37
C SER EA 67 4.30 -77.99 -49.72
N PHE EA 68 5.06 -78.41 -50.72
CA PHE EA 68 4.58 -78.49 -52.08
C PHE EA 68 3.94 -79.86 -52.33
N CYS EA 69 2.62 -79.89 -52.47
CA CYS EA 69 1.93 -81.11 -52.91
C CYS EA 69 0.64 -80.68 -53.61
N PRO EA 70 0.66 -80.62 -54.93
CA PRO EA 70 -0.59 -80.44 -55.66
C PRO EA 70 -1.46 -81.68 -55.57
N THR EA 71 -2.73 -81.47 -55.27
CA THR EA 71 -3.64 -82.58 -55.01
C THR EA 71 -4.20 -83.16 -56.31
N VAL EA 72 -4.97 -84.22 -56.16
CA VAL EA 72 -5.92 -84.64 -57.20
C VAL EA 72 -7.04 -85.40 -56.49
N ASN EA 73 -8.19 -85.43 -57.13
CA ASN EA 73 -9.34 -86.20 -56.70
C ASN EA 73 -9.57 -87.31 -57.72
N LEU EA 74 -10.47 -88.22 -57.37
CA LEU EA 74 -10.68 -89.38 -58.19
C LEU EA 74 -11.61 -89.11 -59.36
N ASP EA 75 -12.13 -87.89 -59.49
CA ASP EA 75 -12.76 -87.54 -60.76
C ASP EA 75 -11.71 -87.46 -61.86
N LYS EA 76 -10.72 -86.60 -61.66
CA LYS EA 76 -9.70 -86.31 -62.65
C LYS EA 76 -8.67 -87.41 -62.80
N LEU EA 77 -8.80 -88.50 -62.04
CA LEU EA 77 -7.74 -89.49 -61.94
C LEU EA 77 -7.49 -90.19 -63.27
N TRP EA 78 -8.54 -90.42 -64.05
CA TRP EA 78 -8.39 -91.04 -65.35
C TRP EA 78 -7.91 -90.09 -66.42
N THR EA 79 -7.84 -88.81 -66.11
CA THR EA 79 -7.62 -87.82 -67.14
C THR EA 79 -6.16 -87.52 -67.36
N LEU EA 80 -5.27 -88.25 -66.67
CA LEU EA 80 -3.86 -88.05 -66.92
C LEU EA 80 -3.40 -88.84 -68.12
N VAL EA 81 -4.06 -89.95 -68.38
CA VAL EA 81 -3.68 -90.90 -69.40
C VAL EA 81 -4.61 -90.67 -70.58
N SER EA 82 -4.17 -91.04 -71.77
CA SER EA 82 -5.10 -91.23 -72.87
C SER EA 82 -6.11 -92.28 -72.46
N GLU EA 83 -7.38 -92.04 -72.76
CA GLU EA 83 -8.39 -93.02 -72.38
C GLU EA 83 -8.43 -94.23 -73.31
N GLN EA 84 -7.44 -94.35 -74.19
CA GLN EA 84 -7.12 -95.62 -74.80
C GLN EA 84 -6.93 -96.72 -73.78
N THR EA 85 -6.27 -96.42 -72.66
CA THR EA 85 -5.92 -97.47 -71.70
C THR EA 85 -7.12 -97.95 -70.89
N ARG EA 86 -8.08 -97.07 -70.61
CA ARG EA 86 -9.22 -97.52 -69.83
C ARG EA 86 -10.18 -98.37 -70.66
N VAL EA 87 -10.16 -98.21 -71.98
CA VAL EA 87 -10.82 -99.19 -72.84
C VAL EA 87 -10.12 -100.53 -72.75
N ASN EA 88 -8.80 -100.53 -72.94
CA ASN EA 88 -8.00 -101.74 -72.86
C ASN EA 88 -7.75 -102.22 -71.44
N ALA EA 89 -8.25 -101.51 -70.43
CA ALA EA 89 -8.42 -102.10 -69.11
C ALA EA 89 -9.82 -102.66 -68.92
N ALA EA 90 -10.78 -102.24 -69.73
CA ALA EA 90 -12.11 -102.81 -69.72
C ALA EA 90 -12.26 -103.93 -70.72
N LYS EA 91 -11.19 -104.34 -71.40
CA LYS EA 91 -11.33 -105.31 -72.48
C LYS EA 91 -11.26 -106.74 -71.92
N ASN EA 92 -12.04 -106.98 -70.86
CA ASN EA 92 -12.40 -108.32 -70.33
C ASN EA 92 -11.20 -109.22 -70.04
N LYS EA 93 -10.03 -108.63 -69.82
CA LYS EA 93 -8.80 -109.41 -69.95
C LYS EA 93 -8.57 -110.28 -68.72
N THR EA 94 -8.24 -109.65 -67.60
CA THR EA 94 -7.92 -110.26 -66.32
C THR EA 94 -7.80 -109.11 -65.32
N GLY EA 95 -7.19 -109.36 -64.17
CA GLY EA 95 -6.83 -108.27 -63.29
C GLY EA 95 -5.64 -107.42 -63.71
N ALA EA 96 -5.27 -107.47 -65.00
CA ALA EA 96 -4.26 -106.56 -65.52
C ALA EA 96 -4.77 -105.15 -65.45
N ALA EA 97 -3.89 -104.21 -65.15
CA ALA EA 97 -4.36 -102.89 -64.79
C ALA EA 97 -3.36 -101.86 -65.29
N PRO EA 98 -3.82 -100.68 -65.68
CA PRO EA 98 -2.87 -99.59 -65.95
C PRO EA 98 -2.25 -99.10 -64.66
N ILE EA 99 -0.98 -98.79 -64.72
CA ILE EA 99 -0.28 -98.22 -63.59
C ILE EA 99 -0.29 -96.72 -63.84
N ILE EA 100 -1.30 -96.05 -63.29
CA ILE EA 100 -1.42 -94.61 -63.42
C ILE EA 100 -0.46 -93.96 -62.44
N ASP EA 101 0.41 -93.10 -62.93
CA ASP EA 101 1.32 -92.37 -62.07
C ASP EA 101 0.91 -90.91 -62.00
N VAL EA 102 0.57 -90.45 -60.80
CA VAL EA 102 0.18 -89.06 -60.63
C VAL EA 102 1.38 -88.16 -60.43
N VAL EA 103 2.56 -88.73 -60.16
CA VAL EA 103 3.76 -87.95 -59.92
C VAL EA 103 4.27 -87.38 -61.24
N ARG EA 104 3.97 -88.05 -62.35
CA ARG EA 104 4.37 -87.58 -63.66
C ARG EA 104 3.65 -86.30 -64.03
N SER EA 105 2.35 -86.24 -63.78
CA SER EA 105 1.55 -85.06 -64.10
C SER EA 105 1.74 -83.94 -63.09
N GLY EA 106 2.44 -84.19 -61.99
CA GLY EA 106 2.72 -83.17 -61.02
C GLY EA 106 1.96 -83.31 -59.73
N TYR EA 107 1.06 -84.28 -59.64
CA TYR EA 107 0.17 -84.37 -58.51
C TYR EA 107 0.73 -85.34 -57.48
N TYR EA 108 0.97 -84.85 -56.27
CA TYR EA 108 1.59 -85.66 -55.23
C TYR EA 108 0.54 -86.39 -54.40
N LYS EA 109 -0.35 -85.67 -53.77
CA LYS EA 109 -1.33 -86.28 -52.88
C LYS EA 109 -2.57 -86.59 -53.69
N VAL EA 110 -3.11 -87.79 -53.52
CA VAL EA 110 -4.38 -88.14 -54.11
C VAL EA 110 -5.45 -88.04 -53.02
N LEU EA 111 -6.30 -87.03 -53.11
CA LEU EA 111 -7.47 -86.93 -52.27
C LEU EA 111 -8.57 -87.80 -52.85
N GLY EA 112 -9.78 -87.75 -52.30
CA GLY EA 112 -10.85 -88.61 -52.76
C GLY EA 112 -12.12 -87.85 -53.03
N LYS EA 113 -12.91 -88.38 -53.97
CA LYS EA 113 -14.33 -88.12 -54.07
C LYS EA 113 -14.99 -89.49 -54.09
N GLY EA 114 -16.28 -89.59 -54.42
CA GLY EA 114 -16.88 -90.87 -54.68
C GLY EA 114 -16.73 -91.24 -56.14
N LYS EA 115 -17.25 -92.42 -56.47
CA LYS EA 115 -17.59 -92.82 -57.85
C LYS EA 115 -16.35 -92.84 -58.75
N LEU EA 116 -15.54 -93.87 -58.54
CA LEU EA 116 -14.34 -94.11 -59.31
C LEU EA 116 -14.66 -95.17 -60.35
N PRO EA 117 -13.91 -95.21 -61.46
CA PRO EA 117 -14.19 -96.21 -62.49
C PRO EA 117 -14.05 -97.62 -61.93
N LYS EA 118 -14.93 -98.50 -62.36
CA LYS EA 118 -14.97 -99.90 -61.89
C LYS EA 118 -13.71 -100.70 -62.20
N GLN EA 119 -13.12 -100.47 -63.36
CA GLN EA 119 -11.93 -101.20 -63.77
C GLN EA 119 -10.79 -101.00 -62.77
N PRO EA 120 -10.05 -102.08 -62.49
CA PRO EA 120 -8.92 -102.10 -61.56
C PRO EA 120 -7.74 -101.27 -62.03
N VAL EA 121 -7.04 -100.66 -61.07
CA VAL EA 121 -5.93 -99.75 -61.34
C VAL EA 121 -4.80 -99.97 -60.36
N ILE EA 122 -3.67 -99.34 -60.65
CA ILE EA 122 -2.56 -99.17 -59.73
C ILE EA 122 -2.18 -97.71 -59.77
N VAL EA 123 -2.22 -97.05 -58.63
CA VAL EA 123 -1.83 -95.66 -58.53
C VAL EA 123 -0.47 -95.60 -57.85
N LYS EA 124 0.45 -94.84 -58.43
CA LYS EA 124 1.75 -94.61 -57.83
C LYS EA 124 1.86 -93.14 -57.44
N ALA EA 125 1.95 -92.88 -56.13
CA ALA EA 125 1.88 -91.53 -55.58
C ALA EA 125 2.87 -91.37 -54.43
N LYS EA 126 2.99 -90.14 -53.94
CA LYS EA 126 3.74 -89.88 -52.72
C LYS EA 126 2.86 -89.87 -51.49
N PHE EA 127 1.63 -89.38 -51.60
CA PHE EA 127 0.71 -89.32 -50.49
C PHE EA 127 -0.67 -89.81 -50.92
N PHE EA 128 -1.35 -90.50 -50.01
CA PHE EA 128 -2.72 -90.92 -50.22
C PHE EA 128 -3.58 -90.41 -49.08
N SER EA 129 -4.89 -90.45 -49.29
CA SER EA 129 -5.87 -90.16 -48.26
C SER EA 129 -6.77 -91.38 -48.10
N ARG EA 130 -7.16 -91.68 -46.86
CA ARG EA 130 -7.74 -93.00 -46.60
C ARG EA 130 -9.13 -93.17 -47.15
N ARG EA 131 -9.86 -92.09 -47.42
CA ARG EA 131 -11.11 -92.29 -48.13
C ARG EA 131 -10.84 -92.71 -49.56
N ALA EA 132 -9.91 -92.02 -50.23
CA ALA EA 132 -9.52 -92.40 -51.58
C ALA EA 132 -8.90 -93.78 -51.62
N GLU EA 133 -8.15 -94.13 -50.58
CA GLU EA 133 -7.59 -95.47 -50.48
C GLU EA 133 -8.68 -96.49 -50.16
N GLU EA 134 -9.76 -96.09 -49.51
CA GLU EA 134 -10.91 -96.98 -49.45
C GLU EA 134 -11.59 -97.13 -50.80
N LYS EA 135 -11.47 -96.13 -51.69
CA LYS EA 135 -12.12 -96.24 -52.98
C LYS EA 135 -11.36 -97.14 -53.93
N ILE EA 136 -10.03 -97.11 -53.86
CA ILE EA 136 -9.26 -97.96 -54.77
C ILE EA 136 -9.32 -99.41 -54.31
N LYS EA 137 -9.45 -99.64 -53.01
CA LYS EA 137 -9.74 -100.99 -52.56
C LYS EA 137 -11.16 -101.45 -52.89
N SER EA 138 -12.07 -100.53 -53.21
CA SER EA 138 -13.41 -100.94 -53.57
C SER EA 138 -13.42 -101.65 -54.91
N VAL EA 139 -12.69 -101.11 -55.89
CA VAL EA 139 -12.66 -101.64 -57.25
C VAL EA 139 -11.68 -102.77 -57.43
N GLY EA 140 -11.07 -103.25 -56.35
CA GLY EA 140 -10.08 -104.28 -56.44
C GLY EA 140 -8.74 -103.80 -56.92
N GLY EA 141 -8.51 -102.49 -56.96
CA GLY EA 141 -7.27 -101.95 -57.44
C GLY EA 141 -6.17 -102.05 -56.39
N ALA EA 142 -5.05 -101.44 -56.71
CA ALA EA 142 -3.89 -101.48 -55.83
C ALA EA 142 -3.42 -100.07 -55.52
N CYS EA 143 -2.56 -99.96 -54.51
CA CYS EA 143 -2.16 -98.68 -53.95
C CYS EA 143 -0.66 -98.75 -53.67
N VAL EA 144 0.14 -98.19 -54.57
CA VAL EA 144 1.59 -98.24 -54.50
C VAL EA 144 2.11 -96.85 -54.17
N LEU EA 145 2.96 -96.77 -53.16
CA LEU EA 145 3.66 -95.53 -52.88
C LEU EA 145 4.93 -95.45 -53.71
N VAL EA 146 5.21 -94.28 -54.24
CA VAL EA 146 6.57 -93.95 -54.60
C VAL EA 146 7.12 -93.13 -53.45
N ALA EA 147 8.43 -93.12 -53.30
CA ALA EA 147 9.01 -92.36 -52.22
C ALA EA 147 9.24 -90.93 -52.67
N ALA FA 1 -21.89 -23.18 -31.76
CA ALA FA 1 -21.95 -24.55 -32.25
C ALA FA 1 -23.23 -25.24 -31.82
N LYS FA 2 -24.25 -24.46 -31.43
CA LYS FA 2 -25.51 -25.01 -30.97
C LYS FA 2 -26.33 -25.54 -32.15
N SER FA 3 -26.95 -26.70 -31.97
CA SER FA 3 -27.60 -27.43 -33.05
C SER FA 3 -28.95 -27.95 -32.58
N LYS FA 4 -29.58 -28.72 -33.46
CA LYS FA 4 -30.80 -29.47 -33.17
C LYS FA 4 -30.42 -30.92 -32.94
N ASN FA 5 -31.13 -31.59 -32.05
CA ASN FA 5 -30.66 -32.85 -31.49
C ASN FA 5 -31.35 -34.09 -32.06
N HIS FA 6 -32.67 -34.15 -31.99
CA HIS FA 6 -33.36 -35.36 -32.45
C HIS FA 6 -34.75 -34.98 -32.90
N THR FA 7 -35.10 -35.36 -34.13
CA THR FA 7 -36.45 -35.16 -34.60
C THR FA 7 -36.81 -36.27 -35.58
N THR FA 8 -38.00 -36.82 -35.40
CA THR FA 8 -38.57 -37.71 -36.38
C THR FA 8 -39.55 -37.01 -37.28
N HIS FA 9 -39.43 -35.68 -37.39
CA HIS FA 9 -40.02 -34.99 -38.52
C HIS FA 9 -39.43 -35.55 -39.80
N ASN FA 10 -40.32 -35.86 -40.74
CA ASN FA 10 -39.99 -36.54 -42.00
C ASN FA 10 -39.20 -37.82 -41.73
N GLN FA 11 -39.88 -38.75 -41.08
CA GLN FA 11 -39.39 -40.12 -41.00
C GLN FA 11 -40.53 -41.04 -41.32
N SER FA 12 -41.74 -40.59 -41.03
CA SER FA 12 -42.93 -41.25 -41.56
C SER FA 12 -42.95 -41.20 -43.09
N ARG FA 13 -42.49 -40.10 -43.67
CA ARG FA 13 -42.53 -40.01 -45.11
C ARG FA 13 -41.38 -40.78 -45.75
N LYS FA 14 -40.30 -41.04 -45.01
CA LYS FA 14 -39.24 -41.85 -45.63
C LYS FA 14 -39.52 -43.32 -45.55
N TRP FA 15 -40.07 -43.80 -44.44
CA TRP FA 15 -40.24 -45.23 -44.24
C TRP FA 15 -41.22 -45.81 -45.23
N HIS FA 16 -42.30 -45.08 -45.51
CA HIS FA 16 -43.37 -45.54 -46.39
C HIS FA 16 -43.13 -45.19 -47.84
N ARG FA 17 -41.91 -44.86 -48.23
CA ARG FA 17 -41.58 -44.66 -49.63
C ARG FA 17 -41.64 -45.99 -50.35
N ASN FA 18 -40.80 -46.91 -49.91
CA ASN FA 18 -40.86 -48.27 -50.42
C ASN FA 18 -41.96 -49.05 -49.74
N GLY FA 19 -42.25 -48.72 -48.50
CA GLY FA 19 -43.35 -49.34 -47.80
C GLY FA 19 -42.88 -50.26 -46.70
N ILE FA 20 -43.73 -50.43 -45.69
CA ILE FA 20 -43.50 -51.39 -44.62
C ILE FA 20 -43.75 -52.77 -45.21
N LYS FA 21 -42.67 -53.46 -45.58
CA LYS FA 21 -42.78 -54.78 -46.20
C LYS FA 21 -43.00 -55.82 -45.11
N LYS FA 22 -44.19 -56.43 -45.10
CA LYS FA 22 -44.44 -57.46 -44.09
C LYS FA 22 -44.00 -58.83 -44.61
N PRO FA 23 -43.12 -59.51 -43.85
CA PRO FA 23 -42.56 -60.82 -44.21
C PRO FA 23 -43.62 -61.92 -44.28
N ARG FA 24 -44.55 -61.86 -43.33
CA ARG FA 24 -45.70 -62.79 -43.16
C ARG FA 24 -45.76 -64.21 -43.76
N SER FA 25 -45.55 -64.40 -45.07
CA SER FA 25 -45.68 -65.75 -45.63
C SER FA 25 -44.48 -66.43 -46.30
N GLN FA 26 -44.18 -67.62 -45.79
CA GLN FA 26 -43.12 -68.51 -46.28
C GLN FA 26 -43.44 -69.91 -45.73
N ARG FA 27 -42.95 -70.99 -46.34
CA ARG FA 27 -43.28 -72.25 -45.70
C ARG FA 27 -42.02 -72.92 -45.20
N TYR FA 28 -42.21 -73.91 -44.33
CA TYR FA 28 -41.14 -74.66 -43.68
C TYR FA 28 -40.19 -73.73 -42.93
N GLU FA 29 -40.76 -73.18 -41.85
CA GLU FA 29 -40.10 -72.29 -40.91
C GLU FA 29 -38.73 -72.82 -40.50
N SER FA 30 -37.77 -71.90 -40.35
CA SER FA 30 -36.39 -72.28 -40.08
C SER FA 30 -36.25 -72.93 -38.72
N LEU FA 31 -35.24 -73.79 -38.61
CA LEU FA 31 -35.25 -74.76 -37.53
C LEU FA 31 -33.99 -74.56 -36.71
N LYS FA 32 -33.73 -73.29 -36.37
CA LYS FA 32 -32.69 -72.91 -35.44
C LYS FA 32 -33.36 -72.34 -34.19
N GLY FA 33 -32.63 -72.35 -33.09
CA GLY FA 33 -33.25 -71.91 -31.86
C GLY FA 33 -34.22 -72.89 -31.26
N VAL FA 34 -34.23 -74.12 -31.73
CA VAL FA 34 -35.14 -75.14 -31.25
C VAL FA 34 -34.55 -75.81 -30.02
N ASP FA 35 -35.42 -76.21 -29.08
CA ASP FA 35 -35.09 -77.02 -27.92
C ASP FA 35 -34.31 -78.27 -28.34
N PRO FA 36 -33.06 -78.43 -27.90
CA PRO FA 36 -32.18 -79.41 -28.55
C PRO FA 36 -32.53 -80.85 -28.26
N LYS FA 37 -33.07 -81.15 -27.08
CA LYS FA 37 -33.49 -82.51 -26.76
C LYS FA 37 -34.60 -82.98 -27.69
N PHE FA 38 -35.49 -82.04 -28.06
CA PHE FA 38 -36.50 -82.33 -29.07
C PHE FA 38 -35.87 -82.65 -30.41
N LEU FA 39 -34.80 -81.94 -30.76
CA LEU FA 39 -34.14 -82.21 -32.03
C LEU FA 39 -33.31 -83.49 -31.95
N ARG FA 40 -32.78 -83.79 -30.77
CA ARG FA 40 -32.14 -85.08 -30.49
C ARG FA 40 -33.12 -86.22 -30.40
N ASN FA 41 -34.41 -85.97 -30.59
CA ASN FA 41 -35.34 -87.03 -30.90
C ASN FA 41 -35.65 -87.09 -32.38
N MET FA 42 -35.77 -85.93 -33.03
CA MET FA 42 -36.43 -85.93 -34.32
C MET FA 42 -35.50 -86.35 -35.45
N ARG FA 43 -34.19 -86.06 -35.34
CA ARG FA 43 -33.26 -86.52 -36.39
C ARG FA 43 -33.17 -88.03 -36.42
N PHE FA 44 -33.29 -88.68 -35.26
CA PHE FA 44 -33.38 -90.13 -35.23
C PHE FA 44 -34.68 -90.59 -35.86
N ALA FA 45 -35.76 -89.86 -35.64
CA ALA FA 45 -37.06 -90.22 -36.20
C ALA FA 45 -37.06 -90.13 -37.71
N LYS FA 46 -36.23 -89.25 -38.26
CA LYS FA 46 -36.13 -89.17 -39.70
C LYS FA 46 -35.28 -90.29 -40.28
N LYS FA 47 -34.24 -90.73 -39.57
CA LYS FA 47 -33.35 -91.67 -40.23
C LYS FA 47 -33.90 -93.08 -40.22
N HIS FA 48 -34.92 -93.36 -39.43
CA HIS FA 48 -35.58 -94.64 -39.52
C HIS FA 48 -36.89 -94.60 -40.30
N ASN FA 49 -37.31 -93.43 -40.78
CA ASN FA 49 -38.32 -93.39 -41.82
C ASN FA 49 -37.84 -94.10 -43.07
N LYS FA 50 -36.62 -93.80 -43.49
CA LYS FA 50 -36.03 -94.45 -44.65
C LYS FA 50 -35.77 -95.93 -44.39
N LYS FA 51 -35.00 -96.23 -43.35
CA LYS FA 51 -34.52 -97.59 -43.13
C LYS FA 51 -35.62 -98.50 -42.58
N GLY FA 52 -36.38 -98.01 -41.60
CA GLY FA 52 -37.24 -98.88 -40.83
C GLY FA 52 -38.45 -99.38 -41.58
N LEU FA 53 -38.95 -98.59 -42.53
CA LEU FA 53 -40.20 -98.93 -43.22
C LEU FA 53 -40.06 -98.88 -44.74
N LYS FA 54 -40.20 -100.05 -45.37
CA LYS FA 54 -40.64 -100.13 -46.76
C LYS FA 54 -41.92 -100.94 -46.78
N LYS FA 55 -41.79 -102.18 -46.32
CA LYS FA 55 -42.77 -103.22 -46.60
C LYS FA 55 -44.03 -103.05 -45.76
N MET FA 56 -43.89 -102.53 -44.54
CA MET FA 56 -45.05 -102.36 -43.68
C MET FA 56 -45.97 -101.29 -44.24
N GLN FA 57 -45.43 -100.11 -44.52
CA GLN FA 57 -46.24 -98.93 -44.82
C GLN FA 57 -46.70 -98.87 -46.27
N ALA FA 58 -45.81 -99.19 -47.21
CA ALA FA 58 -46.15 -99.09 -48.62
C ALA FA 58 -47.25 -100.08 -48.97
N ASN FA 59 -47.12 -101.33 -48.49
CA ASN FA 59 -48.20 -102.29 -48.61
C ASN FA 59 -49.43 -101.89 -47.81
N ASN FA 60 -49.26 -101.16 -46.71
CA ASN FA 60 -50.42 -100.69 -45.94
C ASN FA 60 -51.17 -99.64 -46.73
N ALA FA 61 -50.48 -98.84 -47.51
CA ALA FA 61 -51.15 -97.97 -48.47
C ALA FA 61 -51.84 -98.79 -49.53
N LYS FA 62 -51.22 -99.91 -49.94
CA LYS FA 62 -51.79 -100.76 -50.97
C LYS FA 62 -53.06 -101.44 -50.49
N ALA FA 63 -53.13 -101.76 -49.20
CA ALA FA 63 -54.34 -102.36 -48.66
C ALA FA 63 -55.47 -101.35 -48.59
N MET FA 64 -55.20 -100.13 -48.13
CA MET FA 64 -56.25 -99.13 -47.97
C MET FA 64 -56.68 -98.55 -49.32
N SER FA 65 -55.82 -98.61 -50.34
CA SER FA 65 -56.22 -98.22 -51.68
C SER FA 65 -57.07 -99.30 -52.34
N ALA FA 66 -56.79 -100.57 -52.06
CA ALA FA 66 -57.68 -101.64 -52.48
C ALA FA 66 -58.97 -101.65 -51.68
N ARG FA 67 -58.95 -101.05 -50.48
CA ARG FA 67 -60.19 -100.79 -49.76
C ARG FA 67 -61.04 -99.73 -50.46
N ALA FA 68 -60.40 -98.73 -51.05
CA ALA FA 68 -61.10 -97.61 -51.67
C ALA FA 68 -61.84 -98.03 -52.92
N ARG FA 90 -90.55 -67.81 -71.23
CA ARG FA 90 -90.04 -68.72 -72.25
C ARG FA 90 -90.00 -67.93 -73.56
N LYS FA 91 -89.80 -66.62 -73.44
CA LYS FA 91 -89.55 -65.78 -74.60
C LYS FA 91 -88.20 -65.09 -74.51
N LEU FA 92 -87.90 -64.47 -73.39
CA LEU FA 92 -86.58 -63.88 -73.22
C LEU FA 92 -85.58 -64.94 -72.78
N ASP FA 93 -86.06 -66.03 -72.19
CA ASP FA 93 -85.22 -67.20 -72.01
C ASP FA 93 -84.92 -67.85 -73.36
N ARG FA 94 -85.78 -67.61 -74.35
CA ARG FA 94 -85.82 -68.41 -75.56
C ARG FA 94 -84.80 -67.94 -76.58
N LEU FA 95 -84.55 -66.62 -76.65
CA LEU FA 95 -83.64 -66.12 -77.68
C LEU FA 95 -82.17 -66.35 -77.36
N ALA FA 96 -81.83 -66.60 -76.10
CA ALA FA 96 -80.44 -66.92 -75.79
C ALA FA 96 -80.07 -68.28 -76.35
N TYR FA 97 -81.01 -69.22 -76.35
CA TYR FA 97 -80.79 -70.49 -77.01
C TYR FA 97 -80.85 -70.35 -78.53
N ILE FA 98 -81.53 -69.31 -79.01
CA ILE FA 98 -81.42 -68.96 -80.43
C ILE FA 98 -80.05 -68.39 -80.74
N ALA FA 99 -79.62 -67.40 -79.96
CA ALA FA 99 -78.42 -66.62 -80.28
C ALA FA 99 -77.18 -67.11 -79.54
N HIS FA 100 -77.18 -68.32 -79.00
CA HIS FA 100 -75.96 -68.89 -78.46
C HIS FA 100 -75.02 -69.22 -79.61
N PRO FA 101 -73.70 -69.17 -79.39
CA PRO FA 101 -72.79 -69.43 -80.51
C PRO FA 101 -72.83 -70.86 -81.01
N LYS FA 102 -73.05 -71.85 -80.15
CA LYS FA 102 -73.03 -73.25 -80.56
C LYS FA 102 -74.40 -73.90 -80.62
N LEU FA 103 -75.27 -73.62 -79.65
CA LEU FA 103 -76.52 -74.34 -79.50
C LEU FA 103 -77.67 -73.75 -80.28
N GLY FA 104 -77.40 -73.11 -81.41
CA GLY FA 104 -78.53 -72.48 -82.07
C GLY FA 104 -78.65 -72.70 -83.57
N LYS FA 105 -77.90 -73.65 -84.14
CA LYS FA 105 -77.88 -73.82 -85.59
C LYS FA 105 -79.17 -74.41 -86.14
N ARG FA 106 -80.02 -74.96 -85.28
CA ARG FA 106 -81.35 -75.28 -85.75
C ARG FA 106 -82.37 -74.20 -85.41
N ALA FA 107 -81.87 -73.17 -84.72
CA ALA FA 107 -82.59 -71.94 -84.41
C ALA FA 107 -82.83 -71.21 -85.74
N ARG FA 108 -81.87 -71.40 -86.66
CA ARG FA 108 -81.84 -70.84 -88.01
C ARG FA 108 -82.58 -71.73 -89.03
N ALA FA 109 -83.19 -72.81 -88.53
CA ALA FA 109 -83.99 -73.77 -89.29
C ALA FA 109 -85.21 -73.08 -89.89
N ARG FA 110 -85.77 -72.12 -89.14
CA ARG FA 110 -86.89 -71.31 -89.55
C ARG FA 110 -86.19 -70.15 -90.26
N ILE FA 111 -86.05 -68.97 -89.66
CA ILE FA 111 -84.61 -67.00 -91.19
C ILE FA 111 -83.59 -67.21 -92.47
N ALA FA 112 -82.60 -68.09 -92.31
CA ALA FA 112 -81.88 -68.76 -93.33
C ALA FA 112 -82.56 -69.82 -94.25
N LYS FA 113 -82.64 -71.06 -93.80
CA LYS FA 113 -83.25 -72.17 -94.52
C LYS FA 113 -84.42 -72.69 -93.70
N GLY FA 114 -84.99 -71.79 -92.90
CA GLY FA 114 -86.07 -72.10 -92.00
C GLY FA 114 -87.40 -72.50 -92.61
N LEU FA 115 -88.18 -73.20 -91.80
CA LEU FA 115 -89.50 -73.72 -92.16
C LEU FA 115 -90.56 -72.64 -92.48
N ARG FA 116 -90.39 -71.43 -91.96
CA ARG FA 116 -91.33 -70.36 -92.20
C ARG FA 116 -91.46 -70.15 -93.71
N LEU FA 117 -92.71 -70.02 -94.14
CA LEU FA 117 -93.08 -69.88 -95.54
C LEU FA 117 -94.59 -69.92 -95.59
N CYS FA 118 -95.18 -69.19 -96.53
CA CYS FA 118 -96.60 -69.32 -96.79
C CYS FA 118 -96.86 -69.34 -98.30
N THR GA 1 74.43 11.23 19.76
CA THR GA 1 75.30 12.17 19.04
C THR GA 1 74.72 13.58 19.04
N LYS GA 2 73.74 13.83 19.90
CA LYS GA 2 73.05 15.12 19.86
C LYS GA 2 73.91 16.27 20.39
N LYS GA 3 74.85 15.98 21.29
CA LYS GA 3 75.76 17.02 21.76
C LYS GA 3 76.85 17.31 20.74
N SER GA 4 77.05 16.41 19.77
CA SER GA 4 77.93 16.69 18.65
C SER GA 4 77.31 17.69 17.67
N LEU GA 5 76.08 17.41 17.24
CA LEU GA 5 75.44 18.17 16.16
C LEU GA 5 75.11 19.59 16.57
N GLU GA 6 74.52 19.75 17.75
CA GLU GA 6 74.12 21.07 18.25
C GLU GA 6 75.32 21.98 18.47
N SER GA 7 76.48 21.38 18.77
CA SER GA 7 77.72 22.13 18.80
C SER GA 7 78.04 22.69 17.43
N ILE GA 8 77.88 21.88 16.38
CA ILE GA 8 78.27 22.27 15.01
C ILE GA 8 77.42 23.44 14.52
N ASN GA 9 76.16 23.49 14.94
CA ASN GA 9 75.33 24.65 14.61
C ASN GA 9 75.79 25.89 15.36
N SER GA 10 76.19 25.73 16.63
CA SER GA 10 76.88 26.82 17.32
C SER GA 10 78.23 27.09 16.68
N ARG GA 11 78.90 26.06 16.15
CA ARG GA 11 80.13 26.28 15.41
C ARG GA 11 79.87 27.06 14.14
N LEU GA 12 78.80 26.71 13.41
CA LEU GA 12 78.45 27.48 12.23
C LEU GA 12 77.80 28.81 12.59
N GLN GA 13 77.41 29.00 13.84
CA GLN GA 13 77.07 30.35 14.27
C GLN GA 13 78.31 31.22 14.45
N LEU GA 14 79.46 30.64 14.78
CA LEU GA 14 80.65 31.46 14.93
C LEU GA 14 81.17 31.98 13.60
N VAL GA 15 81.45 31.08 12.65
CA VAL GA 15 82.13 31.47 11.42
C VAL GA 15 81.25 32.36 10.57
N MET GA 16 79.93 32.24 10.75
CA MET GA 16 78.97 33.06 10.02
C MET GA 16 79.14 34.55 10.34
N LYS GA 17 79.57 34.88 11.56
CA LYS GA 17 79.64 36.27 11.98
C LYS GA 17 81.05 36.83 12.04
N SER GA 18 82.07 36.01 12.30
CA SER GA 18 83.41 36.53 12.53
C SER GA 18 84.37 36.05 11.45
N GLY GA 19 84.47 34.75 11.27
CA GLY GA 19 85.41 34.19 10.33
C GLY GA 19 85.00 34.45 8.89
N LYS GA 20 85.89 34.07 8.00
CA LYS GA 20 85.69 34.31 6.58
C LYS GA 20 85.45 32.99 5.89
N TYR GA 21 84.46 32.96 5.00
CA TYR GA 21 83.94 31.69 4.50
C TYR GA 21 83.16 31.94 3.23
N VAL GA 22 83.08 30.90 2.40
CA VAL GA 22 82.46 31.01 1.09
C VAL GA 22 81.29 30.04 0.96
N LEU GA 23 80.39 30.38 0.05
CA LEU GA 23 79.02 29.87 0.04
C LEU GA 23 78.70 29.36 -1.36
N GLY GA 24 78.71 28.06 -1.56
CA GLY GA 24 78.34 27.49 -2.84
C GLY GA 24 79.38 26.51 -3.37
N TYR GA 25 79.10 26.00 -4.56
CA TYR GA 25 79.96 24.98 -5.16
C TYR GA 25 81.12 25.56 -5.95
N LYS GA 26 80.85 26.44 -6.93
CA LYS GA 26 81.91 27.00 -7.76
C LYS GA 26 82.89 27.83 -6.96
N GLN GA 27 82.41 28.54 -5.95
CA GLN GA 27 83.30 29.36 -5.15
C GLN GA 27 84.18 28.50 -4.26
N THR GA 28 83.66 27.35 -3.81
CA THR GA 28 84.49 26.40 -3.07
C THR GA 28 85.34 25.52 -3.97
N LEU GA 29 85.22 25.63 -5.28
CA LEU GA 29 86.26 24.98 -6.10
C LEU GA 29 87.42 25.92 -6.35
N LYS GA 30 87.15 27.21 -6.46
CA LYS GA 30 88.24 28.16 -6.60
C LYS GA 30 89.07 28.21 -5.34
N MET GA 31 88.40 28.21 -4.19
CA MET GA 31 89.11 28.29 -2.93
C MET GA 31 89.85 27.00 -2.61
N ILE GA 32 89.41 25.88 -3.17
CA ILE GA 32 90.11 24.64 -2.88
C ILE GA 32 91.27 24.41 -3.83
N ARG GA 33 91.28 25.08 -4.99
CA ARG GA 33 92.45 25.01 -5.86
C ARG GA 33 93.53 26.01 -5.45
N GLN GA 34 93.19 26.96 -4.62
CA GLN GA 34 94.21 27.86 -4.09
C GLN GA 34 94.89 27.30 -2.85
N GLY GA 35 94.42 26.17 -2.32
CA GLY GA 35 94.88 25.72 -1.03
C GLY GA 35 94.37 26.55 0.13
N LYS GA 36 93.40 27.42 -0.13
CA LYS GA 36 93.04 28.48 0.80
C LYS GA 36 92.07 27.99 1.87
N ALA GA 37 91.21 27.05 1.53
CA ALA GA 37 90.17 26.63 2.45
C ALA GA 37 90.71 25.70 3.51
N LYS GA 38 90.01 25.65 4.64
CA LYS GA 38 90.41 24.84 5.77
C LYS GA 38 89.56 23.59 5.95
N LEU GA 39 88.24 23.72 5.91
CA LEU GA 39 87.34 22.62 6.25
C LEU GA 39 86.18 22.70 5.28
N VAL GA 40 85.92 21.63 4.55
CA VAL GA 40 84.79 21.61 3.63
C VAL GA 40 83.63 20.92 4.32
N ILE GA 41 82.44 21.42 4.06
CA ILE GA 41 81.21 20.89 4.63
C ILE GA 41 80.37 20.37 3.49
N LEU GA 42 79.89 19.14 3.59
CA LEU GA 42 79.10 18.53 2.54
C LEU GA 42 77.68 18.27 3.03
N ALA GA 43 76.71 18.82 2.33
CA ALA GA 43 75.34 18.48 2.62
C ALA GA 43 75.04 17.08 2.10
N ASN GA 44 73.88 16.57 2.50
CA ASN GA 44 73.70 15.13 2.43
C ASN GA 44 73.10 14.66 1.13
N ASN GA 45 72.38 15.51 0.41
CA ASN GA 45 71.68 15.12 -0.80
C ASN GA 45 72.35 15.61 -2.07
N CYS GA 46 73.59 16.09 -1.99
CA CYS GA 46 74.29 16.54 -3.17
C CYS GA 46 74.54 15.36 -4.11
N PRO GA 47 74.50 15.59 -5.43
CA PRO GA 47 74.63 14.47 -6.36
C PRO GA 47 76.01 13.83 -6.29
N ALA GA 48 76.02 12.50 -6.39
CA ALA GA 48 77.16 11.69 -6.00
C ALA GA 48 78.38 11.93 -6.87
N LEU GA 49 78.19 12.46 -8.07
CA LEU GA 49 79.34 12.92 -8.83
C LEU GA 49 79.97 14.14 -8.16
N ARG GA 50 79.15 15.11 -7.76
CA ARG GA 50 79.68 16.32 -7.14
C ARG GA 50 80.30 16.02 -5.78
N LYS GA 51 79.72 15.07 -5.05
CA LYS GA 51 80.20 14.72 -3.72
C LYS GA 51 81.61 14.14 -3.78
N SER GA 52 81.81 13.11 -4.59
CA SER GA 52 83.10 12.47 -4.65
C SER GA 52 84.10 13.27 -5.46
N GLU GA 53 83.65 14.28 -6.20
CA GLU GA 53 84.58 15.22 -6.84
C GLU GA 53 85.26 16.11 -5.81
N ILE GA 54 84.47 16.67 -4.89
CA ILE GA 54 84.99 17.58 -3.87
C ILE GA 54 85.92 16.83 -2.93
N GLU GA 55 85.61 15.54 -2.68
CA GLU GA 55 86.53 14.67 -1.96
C GLU GA 55 87.87 14.59 -2.66
N TYR GA 56 87.84 14.53 -3.99
CA TYR GA 56 89.07 14.27 -4.71
C TYR GA 56 89.96 15.51 -4.74
N TYR GA 57 89.35 16.70 -4.72
CA TYR GA 57 90.16 17.90 -4.53
C TYR GA 57 90.63 18.02 -3.09
N ALA GA 58 89.91 17.40 -2.15
CA ALA GA 58 90.36 17.45 -0.78
C ALA GA 58 91.59 16.58 -0.57
N MET GA 59 91.61 15.37 -1.13
CA MET GA 59 92.75 14.49 -0.90
C MET GA 59 93.99 14.92 -1.67
N LEU GA 60 93.85 15.78 -2.67
CA LEU GA 60 95.02 16.40 -3.28
C LEU GA 60 95.60 17.46 -2.35
N ALA GA 61 94.80 18.49 -2.07
CA ALA GA 61 95.26 19.65 -1.32
C ALA GA 61 95.30 19.43 0.18
N LYS GA 62 94.94 18.23 0.64
CA LYS GA 62 94.94 17.81 2.04
C LYS GA 62 94.17 18.81 2.91
N THR GA 63 92.89 18.84 2.65
CA THR GA 63 91.95 19.72 3.31
C THR GA 63 90.89 18.85 3.97
N GLY GA 64 90.50 19.21 5.18
CA GLY GA 64 89.65 18.35 5.98
C GLY GA 64 88.25 18.25 5.40
N VAL GA 65 87.73 17.03 5.38
CA VAL GA 65 86.41 16.74 4.83
C VAL GA 65 85.47 16.55 5.99
N HIS GA 66 84.34 17.24 5.98
CA HIS GA 66 83.27 16.90 6.90
C HIS GA 66 81.99 16.63 6.13
N HIS GA 67 81.31 15.56 6.49
CA HIS GA 67 79.97 15.29 5.99
C HIS GA 67 79.00 15.82 7.02
N TYR GA 68 78.32 16.91 6.68
CA TYR GA 68 77.24 17.41 7.50
C TYR GA 68 76.11 16.38 7.52
N SER GA 69 75.57 16.09 8.69
CA SER GA 69 74.55 15.06 8.83
C SER GA 69 73.17 15.68 8.62
N GLY GA 70 72.96 16.17 7.40
CA GLY GA 70 71.72 16.85 7.12
C GLY GA 70 71.53 17.32 5.69
N ASN GA 71 70.26 17.37 5.29
CA ASN GA 71 69.80 17.83 3.99
C ASN GA 71 70.30 19.24 3.70
N ASN GA 72 70.40 19.59 2.42
CA ASN GA 72 70.97 20.87 2.04
C ASN GA 72 70.09 22.05 2.39
N ILE GA 73 68.80 21.84 2.61
CA ILE GA 73 67.92 22.94 2.99
C ILE GA 73 68.32 23.46 4.35
N GLU GA 74 68.38 22.58 5.35
CA GLU GA 74 68.73 23.05 6.67
C GLU GA 74 70.22 23.26 6.86
N LEU GA 75 71.05 22.92 5.87
CA LEU GA 75 72.40 23.46 5.89
C LEU GA 75 72.37 24.96 5.65
N GLY GA 76 71.49 25.41 4.77
CA GLY GA 76 71.30 26.84 4.56
C GLY GA 76 70.79 27.54 5.80
N THR GA 77 69.90 26.88 6.54
CA THR GA 77 69.43 27.44 7.79
C THR GA 77 70.50 27.37 8.86
N ALA GA 78 71.34 26.33 8.81
CA ALA GA 78 72.48 26.28 9.73
C ALA GA 78 73.48 27.38 9.44
N CYS GA 79 73.70 27.69 8.16
CA CYS GA 79 74.59 28.80 7.83
C CYS GA 79 73.83 30.11 7.75
N GLY GA 80 72.55 30.12 8.08
CA GLY GA 80 71.91 31.38 8.44
C GLY GA 80 71.52 32.27 7.29
N LYS GA 81 71.20 31.70 6.14
CA LYS GA 81 70.61 32.45 5.04
C LYS GA 81 69.49 31.61 4.44
N TYR GA 82 68.48 32.29 3.91
CA TYR GA 82 67.21 31.61 3.62
C TYR GA 82 67.29 30.70 2.41
N TYR GA 83 68.23 30.93 1.50
CA TYR GA 83 68.37 30.01 0.38
C TYR GA 83 69.01 28.72 0.86
N ARG GA 84 69.12 27.76 -0.04
CA ARG GA 84 69.68 26.47 0.31
C ARG GA 84 71.05 26.36 -0.33
N VAL GA 85 71.89 25.48 0.23
CA VAL GA 85 73.29 25.41 -0.18
C VAL GA 85 73.87 24.02 0.10
N CYS GA 86 74.59 23.46 -0.87
CA CYS GA 86 75.19 22.16 -0.61
C CYS GA 86 76.59 22.26 -0.02
N THR GA 87 77.46 23.09 -0.59
CA THR GA 87 78.89 23.02 -0.32
C THR GA 87 79.39 24.33 0.25
N LEU GA 88 80.05 24.26 1.40
CA LEU GA 88 80.70 25.43 1.99
C LEU GA 88 82.18 25.15 2.16
N ALA GA 89 82.95 26.22 2.36
CA ALA GA 89 84.31 26.12 2.88
C ALA GA 89 84.52 27.21 3.91
N ILE GA 90 85.56 27.03 4.71
CA ILE GA 90 85.83 27.91 5.83
C ILE GA 90 87.21 28.50 5.58
N ILE GA 91 87.27 29.69 4.98
CA ILE GA 91 88.56 30.11 4.43
C ILE GA 91 89.43 30.90 5.39
N ASP GA 92 88.86 31.46 6.46
CA ASP GA 92 89.65 32.03 7.57
C ASP GA 92 88.82 32.03 8.84
N PRO GA 93 88.74 30.91 9.51
CA PRO GA 93 88.07 30.92 10.83
C PRO GA 93 88.92 31.58 11.89
N GLY GA 94 88.54 32.80 12.25
CA GLY GA 94 89.31 33.57 13.20
C GLY GA 94 89.23 33.02 14.61
N ASP GA 95 88.08 33.15 15.23
CA ASP GA 95 87.89 32.72 16.61
C ASP GA 95 87.34 31.31 16.72
N SER GA 96 87.03 30.68 15.58
CA SER GA 96 86.36 29.40 15.60
C SER GA 96 87.32 28.30 16.00
N ASP GA 97 86.77 27.10 16.17
CA ASP GA 97 87.58 25.93 16.46
C ASP GA 97 87.04 24.68 15.76
N ILE GA 98 86.39 24.86 14.61
CA ILE GA 98 85.91 23.73 13.84
C ILE GA 98 87.08 22.90 13.34
N ILE GA 99 88.10 23.59 12.85
CA ILE GA 99 89.31 22.98 12.32
C ILE GA 99 90.22 22.52 13.45
N ARG GA 100 89.78 22.75 14.69
CA ARG GA 100 90.49 22.33 15.89
C ARG GA 100 89.89 21.07 16.52
N SER GA 101 88.56 20.98 16.63
CA SER GA 101 87.95 19.99 17.51
C SER GA 101 88.03 18.59 16.93
N MET GA 102 87.41 18.35 15.78
CA MET GA 102 87.49 17.01 15.22
C MET GA 102 88.82 16.82 14.49
N PRO GA 103 89.34 17.84 13.76
CA PRO GA 103 90.76 17.65 13.49
C PRO GA 103 91.63 18.34 14.54
N ASN HA 1 -0.06 57.24 -94.28
CA ASN HA 1 -0.77 58.41 -94.79
C ASN HA 1 -0.73 59.56 -93.79
N GLU HA 2 -1.01 59.23 -92.52
CA GLU HA 2 -0.84 60.12 -91.39
C GLU HA 2 0.48 59.79 -90.71
N VAL HA 3 1.24 60.83 -90.38
CA VAL HA 3 2.57 60.66 -89.82
C VAL HA 3 2.69 61.60 -88.60
N VAL HA 4 1.57 61.77 -87.89
CA VAL HA 4 1.43 62.76 -86.82
C VAL HA 4 2.31 62.44 -85.62
N THR HA 5 2.49 63.44 -84.75
CA THR HA 5 3.30 63.31 -83.56
C THR HA 5 2.67 64.13 -82.46
N ARG HA 6 2.13 63.47 -81.45
CA ARG HA 6 1.57 64.18 -80.31
C ARG HA 6 2.39 63.89 -79.08
N GLU HA 7 2.03 64.56 -77.99
CA GLU HA 7 2.78 64.49 -76.75
C GLU HA 7 1.78 64.39 -75.61
N TYR HA 8 1.89 63.37 -74.79
CA TYR HA 8 0.87 63.09 -73.81
C TYR HA 8 1.45 63.00 -72.41
N THR HA 9 0.61 63.29 -71.42
CA THR HA 9 0.85 62.90 -70.05
C THR HA 9 -0.18 61.86 -69.72
N ILE HA 10 0.25 60.84 -68.99
CA ILE HA 10 -0.62 59.72 -68.69
C ILE HA 10 -0.60 59.48 -67.19
N ASN HA 11 -1.78 59.55 -66.58
CA ASN HA 11 -1.87 59.47 -65.13
C ASN HA 11 -1.73 58.00 -64.77
N ILE HA 12 -0.48 57.60 -64.56
CA ILE HA 12 -0.20 56.22 -64.21
C ILE HA 12 -0.71 55.88 -62.82
N HIS HA 13 -0.80 56.87 -61.92
CA HIS HA 13 -1.24 56.63 -60.56
C HIS HA 13 -2.68 56.11 -60.47
N LYS HA 14 -3.49 56.33 -61.50
CA LYS HA 14 -4.82 55.74 -61.52
C LYS HA 14 -4.94 54.52 -62.41
N ARG HA 15 -4.14 54.43 -63.47
CA ARG HA 15 -4.13 53.25 -64.33
C ARG HA 15 -3.43 52.08 -63.69
N ILE HA 16 -2.64 52.32 -62.65
CA ILE HA 16 -2.23 51.30 -61.69
C ILE HA 16 -2.95 51.61 -60.40
N HIS HA 17 -3.83 50.71 -59.98
CA HIS HA 17 -4.49 50.90 -58.70
C HIS HA 17 -4.89 49.53 -58.20
N GLY HA 18 -4.11 49.00 -57.27
CA GLY HA 18 -4.40 47.70 -56.71
C GLY HA 18 -3.66 46.55 -57.36
N VAL HA 19 -2.91 46.81 -58.43
CA VAL HA 19 -1.99 45.80 -58.92
C VAL HA 19 -0.90 45.63 -57.87
N GLY HA 20 -0.62 44.38 -57.53
CA GLY HA 20 0.29 44.08 -56.43
C GLY HA 20 1.72 44.49 -56.73
N PHE HA 21 2.52 44.47 -55.66
CA PHE HA 21 3.82 45.13 -55.65
C PHE HA 21 4.78 44.49 -56.64
N LYS HA 22 4.88 43.17 -56.64
CA LYS HA 22 5.78 42.51 -57.56
C LYS HA 22 5.23 42.43 -58.99
N LYS HA 23 4.02 42.90 -59.22
CA LYS HA 23 3.40 42.91 -60.53
C LYS HA 23 3.12 44.32 -61.02
N ARG HA 24 3.53 45.33 -60.26
CA ARG HA 24 3.01 46.69 -60.41
C ARG HA 24 3.53 47.34 -61.69
N ALA HA 25 4.81 47.57 -61.75
CA ALA HA 25 5.48 48.18 -62.88
C ALA HA 25 5.44 47.48 -64.24
N PRO HA 26 5.24 46.16 -64.38
CA PRO HA 26 4.98 45.67 -65.74
C PRO HA 26 3.64 46.11 -66.29
N ARG HA 27 2.60 46.16 -65.45
CA ARG HA 27 1.31 46.68 -65.87
C ARG HA 27 1.33 48.16 -66.20
N ALA HA 28 2.33 48.90 -65.73
CA ALA HA 28 2.55 50.26 -66.22
C ALA HA 28 2.83 50.26 -67.71
N LEU HA 29 3.59 49.26 -68.17
CA LEU HA 29 3.93 49.20 -69.58
C LEU HA 29 2.89 48.46 -70.40
N LYS HA 30 2.15 47.53 -69.80
CA LYS HA 30 0.98 46.97 -70.48
C LYS HA 30 -0.05 48.05 -70.74
N GLU HA 31 -0.16 49.00 -69.84
CA GLU HA 31 -1.16 50.04 -69.97
C GLU HA 31 -0.77 51.09 -71.00
N ILE HA 32 0.53 51.40 -71.12
CA ILE HA 32 0.97 52.35 -72.13
C ILE HA 32 0.84 51.77 -73.52
N ARG HA 33 1.09 50.47 -73.66
CA ARG HA 33 0.74 49.81 -74.92
C ARG HA 33 -0.76 49.83 -75.15
N LYS HA 34 -1.57 49.69 -74.10
CA LYS HA 34 -3.00 49.88 -74.29
C LYS HA 34 -3.32 51.36 -74.50
N PHE HA 35 -2.53 52.26 -73.92
CA PHE HA 35 -2.74 53.68 -74.18
C PHE HA 35 -2.34 54.06 -75.59
N ALA HA 36 -1.17 53.60 -76.03
CA ALA HA 36 -0.69 54.03 -77.33
C ALA HA 36 -1.47 53.39 -78.46
N MET HA 37 -2.01 52.19 -78.24
CA MET HA 37 -2.84 51.53 -79.24
C MET HA 37 -4.11 52.32 -79.49
N LYS HA 38 -4.78 52.73 -78.41
CA LYS HA 38 -6.09 53.35 -78.53
C LYS HA 38 -5.99 54.76 -79.10
N GLU HA 39 -4.95 55.51 -78.70
CA GLU HA 39 -4.87 56.92 -79.07
C GLU HA 39 -4.61 57.12 -80.55
N MET HA 40 -3.98 56.16 -81.21
CA MET HA 40 -3.66 56.32 -82.61
C MET HA 40 -4.46 55.39 -83.51
N GLY HA 41 -5.18 54.42 -82.94
CA GLY HA 41 -5.80 53.38 -83.77
C GLY HA 41 -4.93 52.18 -84.12
N THR HA 42 -3.64 52.42 -84.40
CA THR HA 42 -2.71 51.36 -84.77
C THR HA 42 -2.50 50.37 -83.62
N PRO HA 43 -2.24 49.09 -83.95
CA PRO HA 43 -1.95 48.13 -82.90
C PRO HA 43 -0.47 48.05 -82.52
N ASP HA 44 0.42 48.29 -83.47
CA ASP HA 44 1.83 47.99 -83.27
C ASP HA 44 2.48 49.17 -82.57
N VAL HA 45 2.96 48.94 -81.35
CA VAL HA 45 3.57 49.97 -80.52
C VAL HA 45 4.94 49.49 -80.10
N ARG HA 46 5.98 50.23 -80.48
CA ARG HA 46 7.33 49.99 -80.00
C ARG HA 46 7.69 51.16 -79.11
N ILE HA 47 8.00 50.90 -77.85
CA ILE HA 47 8.38 51.99 -76.96
C ILE HA 47 9.90 52.01 -76.83
N ASP HA 48 10.44 53.19 -76.58
CA ASP HA 48 11.89 53.30 -76.49
C ASP HA 48 12.42 52.73 -75.21
N THR HA 49 13.69 52.30 -75.27
CA THR HA 49 14.41 51.91 -74.08
C THR HA 49 14.62 53.09 -73.14
N ARG HA 50 14.65 54.32 -73.69
CA ARG HA 50 14.61 55.50 -72.84
C ARG HA 50 13.30 55.59 -72.07
N LEU HA 51 12.20 55.13 -72.67
CA LEU HA 51 10.94 55.12 -71.93
C LEU HA 51 10.97 54.06 -70.86
N ASN HA 52 11.64 52.93 -71.12
CA ASN HA 52 11.72 51.86 -70.14
C ASN HA 52 12.51 52.29 -68.92
N LYS HA 53 13.66 52.95 -69.14
CA LYS HA 53 14.49 53.41 -68.04
C LYS HA 53 13.78 54.44 -67.19
N ALA HA 54 12.89 55.24 -67.79
CA ALA HA 54 12.22 56.27 -67.03
C ALA HA 54 11.15 55.71 -66.11
N VAL HA 55 10.46 54.67 -66.54
CA VAL HA 55 9.46 54.03 -65.70
C VAL HA 55 10.14 53.32 -64.53
N TRP HA 56 11.17 52.55 -64.83
CA TRP HA 56 11.78 51.62 -63.91
C TRP HA 56 12.80 52.25 -63.00
N ALA HA 57 13.00 53.56 -63.08
CA ALA HA 57 14.08 54.20 -62.33
C ALA HA 57 13.74 54.41 -60.87
N LYS HA 58 12.62 53.91 -60.41
CA LYS HA 58 12.33 53.98 -58.99
C LYS HA 58 11.82 52.65 -58.46
N GLY HA 59 12.22 51.56 -59.09
CA GLY HA 59 11.84 50.24 -58.63
C GLY HA 59 10.61 49.72 -59.35
N ILE HA 60 10.25 48.48 -59.00
CA ILE HA 60 9.07 47.87 -59.59
C ILE HA 60 7.81 48.12 -58.80
N ARG HA 61 7.91 48.69 -57.61
CA ARG HA 61 6.70 48.96 -56.85
C ARG HA 61 6.55 50.44 -56.53
N ASN HA 62 7.34 51.31 -57.13
CA ASN HA 62 7.18 52.75 -56.93
C ASN HA 62 7.32 53.45 -58.28
N VAL HA 63 6.25 53.48 -59.06
CA VAL HA 63 6.35 54.01 -60.42
C VAL HA 63 6.06 55.51 -60.33
N PRO HA 64 6.76 56.36 -61.09
CA PRO HA 64 6.41 57.78 -61.12
C PRO HA 64 4.99 58.03 -61.62
N TYR HA 65 4.34 59.02 -61.02
CA TYR HA 65 2.87 59.10 -61.06
C TYR HA 65 2.33 59.54 -62.39
N ARG HA 66 3.16 60.12 -63.24
CA ARG HA 66 2.66 60.68 -64.49
C ARG HA 66 3.87 60.83 -65.38
N ILE HA 67 3.77 60.45 -66.65
CA ILE HA 67 4.93 60.48 -67.51
C ILE HA 67 4.60 61.25 -68.78
N ARG HA 68 5.28 62.37 -68.98
CA ARG HA 68 5.20 63.13 -70.22
C ARG HA 68 5.89 62.32 -71.30
N VAL HA 69 5.11 61.62 -72.10
CA VAL HA 69 5.66 60.81 -73.18
C VAL HA 69 5.52 61.57 -74.48
N ARG HA 70 6.04 61.00 -75.55
CA ARG HA 70 5.83 61.52 -76.89
C ARG HA 70 5.36 60.40 -77.80
N LEU HA 71 4.15 60.55 -78.33
CA LEU HA 71 3.59 59.58 -79.26
C LEU HA 71 3.87 60.02 -80.69
N SER HA 72 4.60 59.19 -81.41
CA SER HA 72 4.88 59.40 -82.82
C SER HA 72 4.33 58.22 -83.58
N ARG HA 73 3.75 58.48 -84.73
CA ARG HA 73 3.26 57.42 -85.60
C ARG HA 73 4.07 57.42 -86.88
N LYS HA 74 4.63 56.27 -87.21
CA LYS HA 74 5.54 56.09 -88.34
C LYS HA 74 4.98 54.98 -89.23
N ARG HA 75 5.83 54.49 -90.14
CA ARG HA 75 5.41 53.38 -90.97
C ARG HA 75 6.58 52.47 -91.30
N ASN HA 76 6.25 51.19 -91.56
CA ASN HA 76 7.20 50.09 -91.71
C ASN HA 76 7.15 49.55 -93.14
N GLU HA 77 8.26 48.98 -93.60
CA GLU HA 77 8.42 48.53 -94.98
C GLU HA 77 9.28 47.26 -95.00
N ASP HA 78 9.81 46.93 -96.19
CA ASP HA 78 10.83 45.90 -96.45
C ASP HA 78 10.34 44.50 -96.07
N GLU HA 79 9.42 44.00 -96.91
CA GLU HA 79 8.64 42.77 -96.68
C GLU HA 79 7.90 42.90 -95.34
N ASP HA 80 7.03 43.88 -95.34
CA ASP HA 80 6.60 44.61 -94.16
C ASP HA 80 5.66 43.80 -93.30
N SER HA 81 5.23 44.44 -92.21
CA SER HA 81 4.11 43.97 -91.44
C SER HA 81 2.85 44.08 -92.29
N PRO HA 82 1.82 43.29 -91.97
CA PRO HA 82 0.52 43.52 -92.62
C PRO HA 82 -0.06 44.88 -92.30
N ASN HA 83 0.30 45.46 -91.16
CA ASN HA 83 0.04 46.86 -90.88
C ASN HA 83 0.89 47.75 -91.77
N LYS HA 84 0.37 48.94 -92.05
CA LYS HA 84 1.20 49.97 -92.65
C LYS HA 84 1.90 50.81 -91.61
N LEU HA 85 1.25 51.10 -90.49
CA LEU HA 85 1.71 52.08 -89.52
C LEU HA 85 2.14 51.41 -88.21
N TYR HA 86 2.91 52.13 -87.41
CA TYR HA 86 3.16 51.73 -86.04
C TYR HA 86 3.48 52.96 -85.20
N THR HA 87 3.84 52.73 -83.95
CA THR HA 87 4.06 53.78 -82.96
C THR HA 87 5.48 53.66 -82.43
N LEU HA 88 6.12 54.80 -82.19
CA LEU HA 88 7.39 54.86 -81.48
C LEU HA 88 7.24 55.84 -80.33
N VAL HA 89 7.02 55.30 -79.13
CA VAL HA 89 6.84 56.11 -77.94
C VAL HA 89 8.21 56.51 -77.41
N THR HA 90 8.42 57.78 -77.16
CA THR HA 90 9.68 58.22 -76.60
C THR HA 90 9.43 59.18 -75.44
N TYR HA 91 10.45 59.30 -74.59
CA TYR HA 91 10.34 59.92 -73.28
C TYR HA 91 10.92 61.32 -73.34
N VAL HA 92 10.07 62.32 -73.19
CA VAL HA 92 10.47 63.71 -73.16
C VAL HA 92 10.41 64.20 -71.72
N PRO HA 93 11.45 64.84 -71.21
CA PRO HA 93 11.45 65.20 -69.78
C PRO HA 93 10.82 66.54 -69.53
N VAL HA 94 10.11 66.60 -68.40
CA VAL HA 94 9.63 67.86 -67.86
C VAL HA 94 9.60 67.69 -66.34
N THR HA 95 9.83 68.80 -65.63
CA THR HA 95 9.94 68.74 -64.19
C THR HA 95 8.58 68.58 -63.54
N THR HA 96 7.70 69.54 -63.74
CA THR HA 96 6.41 69.56 -63.07
C THR HA 96 5.29 69.50 -64.11
N PHE HA 97 4.17 68.90 -63.70
CA PHE HA 97 3.10 68.58 -64.63
C PHE HA 97 1.92 69.53 -64.51
N LYS HA 98 2.13 70.76 -64.06
CA LYS HA 98 1.03 71.69 -64.06
C LYS HA 98 1.04 72.50 -65.35
N ASN HA 99 -0.16 72.87 -65.79
CA ASN HA 99 -0.50 73.65 -66.98
C ASN HA 99 -0.16 72.96 -68.30
N LEU HA 100 0.40 71.76 -68.28
CA LEU HA 100 0.73 71.07 -69.52
C LEU HA 100 -0.46 70.26 -69.99
N GLN HA 101 -0.58 70.10 -71.31
CA GLN HA 101 -1.71 69.40 -71.90
C GLN HA 101 -1.26 68.83 -73.24
N THR HA 102 -2.14 68.06 -73.87
CA THR HA 102 -1.72 67.19 -74.96
C THR HA 102 -1.58 68.00 -76.24
N VAL HA 103 -0.36 68.44 -76.53
CA VAL HA 103 -0.11 69.40 -77.59
C VAL HA 103 0.55 68.69 -78.75
N ASN HA 104 -0.09 68.77 -79.92
CA ASN HA 104 0.37 68.13 -81.14
C ASN HA 104 1.58 68.91 -81.64
N VAL HA 105 2.76 68.30 -81.57
CA VAL HA 105 4.03 68.97 -81.80
C VAL HA 105 4.79 68.25 -82.91
N ASP HA 106 5.19 69.00 -83.93
CA ASP HA 106 5.85 68.43 -85.09
C ASP HA 106 7.26 67.90 -84.78
N ALA IA 1 -44.08 -21.82 -108.90
CA ALA IA 1 -43.81 -21.40 -110.28
C ALA IA 1 -42.67 -22.23 -110.85
N ALA IA 2 -41.80 -22.71 -109.96
CA ALA IA 2 -40.58 -23.39 -110.40
C ALA IA 2 -40.86 -24.86 -110.73
N LEU IA 3 -41.17 -25.68 -109.72
CA LEU IA 3 -41.40 -27.09 -110.00
C LEU IA 3 -42.58 -27.74 -109.27
N ARG IA 4 -43.22 -27.07 -108.31
CA ARG IA 4 -44.47 -27.51 -107.67
C ARG IA 4 -44.41 -28.88 -107.02
N PRO IA 5 -43.89 -29.00 -105.80
CA PRO IA 5 -43.78 -30.31 -105.14
C PRO IA 5 -45.11 -30.97 -104.79
N LEU IA 6 -45.05 -32.12 -104.14
CA LEU IA 6 -46.25 -32.90 -103.80
C LEU IA 6 -47.01 -32.31 -102.62
N VAL IA 7 -47.83 -33.14 -101.98
CA VAL IA 7 -48.71 -32.70 -100.90
C VAL IA 7 -47.88 -32.21 -99.71
N LYS IA 8 -47.87 -30.89 -99.51
CA LYS IA 8 -47.25 -30.25 -98.36
C LYS IA 8 -48.16 -29.14 -97.85
N PRO IA 9 -48.78 -29.35 -96.70
CA PRO IA 9 -49.85 -28.46 -96.25
C PRO IA 9 -49.39 -27.19 -95.55
N LYS IA 10 -50.35 -26.53 -94.91
CA LYS IA 10 -50.10 -25.35 -94.10
C LYS IA 10 -49.07 -25.62 -93.02
N ILE IA 11 -48.16 -24.68 -92.81
CA ILE IA 11 -46.94 -24.90 -92.05
C ILE IA 11 -47.02 -24.07 -90.77
N VAL IA 12 -47.36 -24.68 -89.65
CA VAL IA 12 -47.28 -24.01 -88.36
C VAL IA 12 -46.06 -24.53 -87.61
N LYS IA 13 -45.43 -23.65 -86.83
CA LYS IA 13 -44.15 -23.95 -86.23
C LYS IA 13 -44.08 -23.70 -84.74
N LYS IA 14 -45.16 -23.24 -84.12
CA LYS IA 14 -45.38 -23.10 -82.67
C LYS IA 14 -44.57 -22.00 -82.00
N ARG IA 15 -43.53 -21.50 -82.67
CA ARG IA 15 -42.71 -20.36 -82.23
C ARG IA 15 -41.75 -19.98 -83.34
N THR IA 16 -41.69 -18.70 -83.70
CA THR IA 16 -40.73 -18.26 -84.71
C THR IA 16 -39.81 -17.21 -84.13
N LYS IA 17 -39.20 -17.47 -82.98
CA LYS IA 17 -38.38 -16.44 -82.33
C LYS IA 17 -36.96 -16.84 -81.95
N LYS IA 18 -36.60 -18.13 -81.93
CA LYS IA 18 -35.25 -18.65 -81.73
C LYS IA 18 -34.59 -18.20 -80.42
N PHE IA 19 -34.94 -18.90 -79.35
CA PHE IA 19 -34.56 -18.72 -77.93
C PHE IA 19 -33.18 -18.14 -77.66
N ILE IA 20 -33.12 -17.14 -76.80
CA ILE IA 20 -31.88 -16.40 -76.62
C ILE IA 20 -31.34 -16.73 -75.24
N ARG IA 21 -30.03 -16.53 -75.06
CA ARG IA 21 -29.43 -16.79 -73.76
C ARG IA 21 -29.88 -15.72 -72.79
N HIS IA 22 -30.06 -16.11 -71.53
CA HIS IA 22 -30.42 -15.13 -70.51
C HIS IA 22 -29.30 -14.12 -70.34
N GLN IA 23 -29.65 -12.85 -70.56
CA GLN IA 23 -28.75 -11.70 -70.63
C GLN IA 23 -27.80 -11.81 -71.82
N SER IA 24 -28.35 -12.06 -73.00
CA SER IA 24 -27.57 -11.92 -74.21
C SER IA 24 -27.49 -10.47 -74.66
N ASP IA 25 -28.50 -9.69 -74.30
CA ASP IA 25 -28.61 -8.31 -74.73
C ASP IA 25 -27.71 -7.39 -73.94
N ARG IA 26 -27.41 -7.75 -72.70
CA ARG IA 26 -26.70 -6.85 -71.81
C ARG IA 26 -25.24 -6.73 -72.22
N TYR IA 27 -24.65 -7.81 -72.70
CA TYR IA 27 -23.23 -7.92 -72.97
C TYR IA 27 -23.01 -8.28 -74.43
N VAL IA 28 -21.75 -8.30 -74.85
CA VAL IA 28 -21.34 -8.99 -76.05
C VAL IA 28 -20.40 -10.15 -75.76
N LYS IA 29 -20.09 -10.41 -74.50
CA LYS IA 29 -19.38 -11.64 -74.16
C LYS IA 29 -20.34 -12.78 -73.91
N ILE IA 30 -21.63 -12.50 -73.91
CA ILE IA 30 -22.64 -13.53 -73.83
C ILE IA 30 -23.24 -13.65 -75.22
N LYS IA 31 -22.85 -14.72 -75.90
CA LYS IA 31 -23.25 -14.93 -77.26
C LYS IA 31 -24.66 -15.48 -77.29
N ARG IA 32 -25.37 -15.19 -78.37
CA ARG IA 32 -26.80 -15.44 -78.46
C ARG IA 32 -27.16 -16.91 -78.62
N ASN IA 33 -26.22 -17.83 -78.45
CA ASN IA 33 -26.54 -19.24 -78.41
C ASN IA 33 -27.22 -19.57 -77.09
N TRP IA 34 -28.13 -20.53 -77.11
CA TRP IA 34 -28.78 -20.95 -75.87
C TRP IA 34 -27.89 -21.87 -75.07
N ARG IA 35 -27.75 -21.57 -73.78
CA ARG IA 35 -27.08 -22.44 -72.84
C ARG IA 35 -27.92 -22.41 -71.57
N LYS IA 36 -28.11 -23.57 -70.96
CA LYS IA 36 -29.03 -23.73 -69.85
C LYS IA 36 -28.56 -22.98 -68.62
N PRO IA 37 -29.33 -22.01 -68.12
CA PRO IA 37 -28.93 -21.27 -66.93
C PRO IA 37 -29.13 -22.09 -65.67
N ARG IA 38 -28.06 -22.27 -64.89
CA ARG IA 38 -28.08 -23.18 -63.76
C ARG IA 38 -27.81 -22.48 -62.44
N GLY IA 39 -28.42 -21.35 -62.22
CA GLY IA 39 -28.27 -20.67 -60.95
C GLY IA 39 -29.16 -21.25 -59.88
N ILE IA 40 -28.82 -20.91 -58.64
CA ILE IA 40 -29.66 -21.23 -57.50
C ILE IA 40 -30.53 -20.06 -57.13
N ASP IA 41 -30.45 -18.98 -57.87
CA ASP IA 41 -31.36 -17.87 -57.73
C ASP IA 41 -32.13 -17.57 -59.00
N ASN IA 42 -31.78 -18.19 -60.13
CA ASN IA 42 -32.11 -17.62 -61.42
C ASN IA 42 -33.58 -17.72 -61.72
N ARG IA 43 -34.12 -16.62 -62.24
CA ARG IA 43 -35.55 -16.49 -62.42
C ARG IA 43 -36.04 -17.30 -63.62
N VAL IA 44 -35.21 -17.39 -64.66
CA VAL IA 44 -35.62 -18.04 -65.90
C VAL IA 44 -35.67 -19.55 -65.73
N ARG IA 45 -34.67 -20.13 -65.05
CA ARG IA 45 -34.76 -21.52 -64.64
C ARG IA 45 -35.99 -21.74 -63.75
N ARG IA 46 -36.29 -20.75 -62.91
CA ARG IA 46 -37.45 -20.83 -62.04
C ARG IA 46 -38.74 -20.57 -62.79
N ARG IA 47 -38.66 -20.09 -64.03
CA ARG IA 47 -39.80 -19.86 -64.94
C ARG IA 47 -40.79 -18.85 -64.39
N PHE IA 48 -40.30 -17.67 -64.01
CA PHE IA 48 -41.19 -16.59 -63.64
C PHE IA 48 -41.97 -16.09 -64.84
N LYS IA 49 -43.03 -15.36 -64.58
CA LYS IA 49 -43.74 -14.74 -65.67
C LYS IA 49 -43.13 -13.37 -65.93
N GLY IA 50 -43.12 -12.99 -67.20
CA GLY IA 50 -42.43 -11.80 -67.60
C GLY IA 50 -40.95 -11.95 -67.87
N GLN IA 51 -40.38 -13.15 -67.73
CA GLN IA 51 -39.01 -13.41 -68.11
C GLN IA 51 -38.98 -14.08 -69.48
N ILE IA 52 -37.82 -14.56 -69.90
CA ILE IA 52 -37.68 -15.25 -71.18
C ILE IA 52 -38.06 -16.72 -71.06
N LEU IA 53 -38.05 -17.44 -72.18
CA LEU IA 53 -38.54 -18.80 -72.24
C LEU IA 53 -37.40 -19.81 -72.32
N MET IA 54 -37.50 -20.91 -71.51
CA MET IA 54 -36.59 -22.00 -71.79
C MET IA 54 -37.19 -22.92 -72.85
N PRO IA 55 -36.39 -23.58 -73.66
CA PRO IA 55 -36.92 -24.54 -74.60
C PRO IA 55 -37.25 -25.84 -73.88
N ASN IA 56 -38.25 -26.52 -74.41
CA ASN IA 56 -38.53 -27.89 -74.06
C ASN IA 56 -39.18 -28.53 -75.27
N ILE IA 57 -39.44 -29.84 -75.17
CA ILE IA 57 -39.85 -30.60 -76.33
C ILE IA 57 -41.30 -30.35 -76.72
N GLY IA 58 -42.01 -29.54 -75.94
CA GLY IA 58 -43.31 -29.08 -76.34
C GLY IA 58 -43.30 -28.23 -77.60
N TYR IA 59 -42.16 -27.66 -77.95
CA TYR IA 59 -42.06 -26.89 -79.19
C TYR IA 59 -41.71 -27.75 -80.38
N GLY IA 60 -41.66 -29.07 -80.23
CA GLY IA 60 -41.22 -29.92 -81.32
C GLY IA 60 -42.22 -29.92 -82.45
N SER IA 61 -41.73 -29.69 -83.66
CA SER IA 61 -42.61 -29.41 -84.78
C SER IA 61 -43.27 -30.68 -85.27
N ASN IA 62 -44.27 -30.50 -86.13
CA ASN IA 62 -45.06 -31.60 -86.65
C ASN IA 62 -44.20 -32.55 -87.47
N LYS IA 63 -44.23 -33.83 -87.09
CA LYS IA 63 -43.44 -34.85 -87.77
C LYS IA 63 -43.84 -35.06 -89.22
N LYS IA 64 -45.05 -34.66 -89.60
CA LYS IA 64 -45.41 -34.78 -91.00
C LYS IA 64 -44.64 -33.77 -91.83
N THR IA 65 -44.49 -32.55 -91.32
CA THR IA 65 -43.82 -31.46 -92.04
C THR IA 65 -42.73 -30.85 -91.19
N LYS IA 66 -41.90 -31.68 -90.56
CA LYS IA 66 -40.64 -31.18 -90.02
C LYS IA 66 -39.69 -30.95 -91.18
N HIS IA 67 -38.72 -30.05 -90.99
CA HIS IA 67 -37.64 -29.75 -91.94
C HIS IA 67 -38.18 -29.35 -93.31
N MET IA 68 -38.97 -28.30 -93.31
CA MET IA 68 -39.68 -27.86 -94.50
C MET IA 68 -39.16 -26.51 -94.97
N LEU IA 69 -38.42 -26.53 -96.08
CA LEU IA 69 -38.32 -25.34 -96.91
C LEU IA 69 -39.72 -24.90 -97.33
N PRO IA 70 -39.96 -23.59 -97.42
CA PRO IA 70 -41.34 -23.10 -97.55
C PRO IA 70 -42.02 -23.48 -98.85
N SER IA 71 -41.26 -23.82 -99.90
CA SER IA 71 -41.87 -24.28 -101.14
C SER IA 71 -42.54 -25.63 -100.97
N GLY IA 72 -41.97 -26.50 -100.15
CA GLY IA 72 -42.55 -27.80 -99.93
C GLY IA 72 -41.51 -28.90 -99.88
N PHE IA 73 -40.43 -28.74 -100.63
CA PHE IA 73 -39.37 -29.73 -100.69
C PHE IA 73 -38.60 -29.77 -99.38
N ARG IA 74 -37.63 -30.67 -99.34
CA ARG IA 74 -36.67 -30.73 -98.25
C ARG IA 74 -35.28 -30.67 -98.88
N LYS IA 75 -34.37 -29.95 -98.24
CA LYS IA 75 -33.09 -29.69 -98.88
C LYS IA 75 -32.15 -30.89 -98.81
N PHE IA 76 -31.20 -30.94 -99.74
CA PHE IA 76 -30.16 -31.95 -99.74
C PHE IA 76 -28.95 -31.36 -100.44
N LEU IA 77 -27.79 -31.41 -99.79
CA LEU IA 77 -26.59 -30.78 -100.29
C LEU IA 77 -25.96 -31.66 -101.37
N VAL IA 78 -25.12 -31.05 -102.21
CA VAL IA 78 -24.49 -31.76 -103.32
C VAL IA 78 -23.19 -31.04 -103.68
N HIS IA 79 -22.22 -31.78 -104.24
CA HIS IA 79 -21.00 -31.16 -104.77
C HIS IA 79 -20.72 -31.43 -106.24
N ASN IA 80 -21.29 -32.47 -106.84
CA ASN IA 80 -20.96 -32.80 -108.22
C ASN IA 80 -22.13 -33.53 -108.86
N VAL IA 81 -21.90 -34.08 -110.05
CA VAL IA 81 -22.98 -34.60 -110.86
C VAL IA 81 -23.41 -35.96 -110.36
N LYS IA 82 -22.46 -36.77 -109.89
CA LYS IA 82 -22.79 -38.11 -109.43
C LYS IA 82 -23.61 -38.08 -108.16
N GLU IA 83 -23.39 -37.09 -107.31
CA GLU IA 83 -24.23 -36.93 -106.14
C GLU IA 83 -25.54 -36.23 -106.46
N LEU IA 84 -25.69 -35.69 -107.67
CA LEU IA 84 -26.91 -34.98 -108.04
C LEU IA 84 -27.93 -35.93 -108.63
N GLU IA 85 -27.48 -36.96 -109.34
CA GLU IA 85 -28.34 -37.93 -109.98
C GLU IA 85 -29.04 -38.84 -108.99
N VAL IA 86 -28.66 -38.77 -107.71
CA VAL IA 86 -29.26 -39.64 -106.71
C VAL IA 86 -30.67 -39.21 -106.34
N LEU IA 87 -31.13 -38.08 -106.85
CA LEU IA 87 -32.53 -37.68 -106.76
C LEU IA 87 -33.18 -37.74 -108.13
N LEU IA 88 -32.91 -38.78 -108.89
CA LEU IA 88 -33.61 -38.96 -110.16
C LEU IA 88 -34.97 -39.59 -109.93
N MET IA 89 -35.13 -40.30 -108.81
CA MET IA 89 -36.35 -41.00 -108.44
C MET IA 89 -37.21 -40.21 -107.47
N CYS IA 90 -36.58 -39.52 -106.54
CA CYS IA 90 -37.24 -38.84 -105.44
C CYS IA 90 -37.16 -37.34 -105.60
N ASN IA 91 -37.35 -36.82 -106.81
CA ASN IA 91 -37.03 -35.43 -107.08
C ASN IA 91 -38.15 -34.48 -106.67
N LYS IA 92 -39.39 -34.92 -106.79
CA LYS IA 92 -40.52 -34.03 -106.56
C LYS IA 92 -40.94 -33.96 -105.11
N SER IA 93 -40.07 -34.38 -104.20
CA SER IA 93 -40.26 -34.07 -102.78
C SER IA 93 -39.00 -33.56 -102.09
N TYR IA 94 -37.81 -33.69 -102.68
CA TYR IA 94 -36.56 -33.23 -102.09
C TYR IA 94 -35.85 -32.34 -103.09
N CYS IA 95 -35.22 -31.27 -102.62
CA CYS IA 95 -34.56 -30.32 -103.49
C CYS IA 95 -33.07 -30.30 -103.26
N ALA IA 96 -32.31 -30.11 -104.33
CA ALA IA 96 -30.87 -30.00 -104.20
C ALA IA 96 -30.49 -28.56 -103.85
N GLU IA 97 -29.22 -28.38 -103.52
CA GLU IA 97 -28.71 -27.11 -103.04
C GLU IA 97 -27.20 -27.15 -103.19
N ILE IA 98 -26.67 -26.36 -104.11
CA ILE IA 98 -25.26 -26.48 -104.47
C ILE IA 98 -24.40 -25.90 -103.37
N ALA IA 99 -23.31 -26.59 -103.04
CA ALA IA 99 -22.53 -26.18 -101.89
C ALA IA 99 -21.70 -24.96 -102.22
N HIS IA 100 -21.22 -24.31 -101.17
CA HIS IA 100 -20.63 -22.99 -101.31
C HIS IA 100 -19.23 -23.00 -101.90
N ASN IA 101 -18.62 -24.17 -102.04
CA ASN IA 101 -17.27 -24.24 -102.52
C ASN IA 101 -17.16 -24.66 -103.98
N VAL IA 102 -18.26 -25.07 -104.59
CA VAL IA 102 -18.24 -25.46 -106.00
C VAL IA 102 -18.01 -24.22 -106.86
N SER IA 103 -17.08 -24.31 -107.81
CA SER IA 103 -16.72 -23.17 -108.63
C SER IA 103 -17.69 -22.98 -109.78
N SER IA 104 -17.63 -21.79 -110.39
CA SER IA 104 -18.52 -21.48 -111.51
C SER IA 104 -18.14 -22.26 -112.76
N LYS IA 105 -16.93 -22.79 -112.83
CA LYS IA 105 -16.59 -23.82 -113.82
C LYS IA 105 -17.51 -25.02 -113.71
N ASN IA 106 -17.85 -25.40 -112.48
CA ASN IA 106 -18.67 -26.57 -112.19
C ASN IA 106 -20.10 -26.26 -111.82
N ARG IA 107 -20.40 -25.07 -111.30
CA ARG IA 107 -21.78 -24.74 -110.95
C ARG IA 107 -22.64 -24.61 -112.18
N LYS IA 108 -22.06 -24.18 -113.29
CA LYS IA 108 -22.83 -24.13 -114.53
C LYS IA 108 -23.21 -25.53 -114.99
N ALA IA 109 -22.37 -26.52 -114.69
CA ALA IA 109 -22.67 -27.87 -115.15
C ALA IA 109 -23.68 -28.57 -114.25
N ILE IA 110 -23.64 -28.32 -112.95
CA ILE IA 110 -24.59 -28.98 -112.04
C ILE IA 110 -25.99 -28.46 -112.26
N VAL IA 111 -26.13 -27.15 -112.40
CA VAL IA 111 -27.45 -26.59 -112.66
C VAL IA 111 -27.88 -26.90 -114.10
N GLU IA 112 -26.95 -27.29 -114.96
CA GLU IA 112 -27.33 -27.77 -116.28
C GLU IA 112 -28.03 -29.11 -116.18
N ARG IA 113 -27.48 -30.03 -115.39
CA ARG IA 113 -28.08 -31.34 -115.24
C ARG IA 113 -29.38 -31.27 -114.44
N ALA IA 114 -29.51 -30.29 -113.54
CA ALA IA 114 -30.73 -30.15 -112.74
C ALA IA 114 -31.93 -29.77 -113.60
N ALA IA 115 -31.67 -29.09 -114.71
CA ALA IA 115 -32.75 -28.72 -115.62
C ALA IA 115 -33.38 -29.96 -116.24
N GLN IA 116 -32.55 -30.89 -116.73
CA GLN IA 116 -33.06 -32.02 -117.48
C GLN IA 116 -33.77 -33.01 -116.57
N LEU IA 117 -33.25 -33.23 -115.38
CA LEU IA 117 -33.84 -34.21 -114.48
C LEU IA 117 -35.06 -33.70 -113.74
N ALA IA 118 -35.36 -32.39 -113.82
CA ALA IA 118 -36.40 -31.70 -113.04
C ALA IA 118 -36.20 -31.92 -111.55
N ILE IA 119 -35.14 -31.30 -111.03
CA ILE IA 119 -34.83 -31.26 -109.61
C ILE IA 119 -34.72 -29.81 -109.22
N ARG IA 120 -35.48 -29.40 -108.21
CA ARG IA 120 -35.37 -28.03 -107.70
C ARG IA 120 -34.01 -27.79 -107.08
N VAL IA 121 -33.34 -26.73 -107.53
CA VAL IA 121 -32.03 -26.37 -107.02
C VAL IA 121 -32.11 -24.95 -106.46
N THR IA 122 -31.80 -24.80 -105.18
CA THR IA 122 -32.22 -23.63 -104.42
C THR IA 122 -31.24 -22.48 -104.43
N ASN IA 123 -30.08 -22.61 -105.07
CA ASN IA 123 -29.23 -21.46 -105.35
C ASN IA 123 -28.90 -21.42 -106.84
N PRO IA 124 -29.91 -21.25 -107.71
CA PRO IA 124 -29.69 -21.52 -109.12
C PRO IA 124 -28.86 -20.47 -109.82
N ASN IA 125 -29.10 -19.20 -109.52
CA ASN IA 125 -28.45 -18.10 -110.21
C ASN IA 125 -27.27 -17.54 -109.42
N ALA IA 126 -26.59 -18.38 -108.67
CA ALA IA 126 -25.55 -17.93 -107.76
C ALA IA 126 -24.19 -18.11 -108.39
N ARG IA 127 -23.29 -17.18 -108.08
CA ARG IA 127 -21.90 -17.15 -108.55
C ARG IA 127 -21.82 -17.17 -110.07
N LEU IA 128 -22.68 -16.36 -110.68
CA LEU IA 128 -22.62 -16.01 -112.09
C LEU IA 128 -21.40 -15.12 -112.33
N ARG IA 129 -21.02 -15.00 -113.60
CA ARG IA 129 -19.97 -14.06 -113.94
C ARG IA 129 -20.55 -12.68 -114.27
N SER JA 1 -77.30 7.33 -99.74
CA SER JA 1 -76.15 8.00 -99.14
C SER JA 1 -76.33 8.13 -97.64
N GLY JA 2 -75.45 7.48 -96.88
CA GLY JA 2 -75.48 7.54 -95.43
C GLY JA 2 -74.76 6.35 -94.83
N ARG JA 3 -74.86 6.26 -93.50
CA ARG JA 3 -74.06 5.33 -92.72
C ARG JA 3 -74.80 4.00 -92.55
N LEU JA 4 -74.11 2.91 -92.89
CA LEU JA 4 -74.69 1.57 -92.82
C LEU JA 4 -74.12 0.70 -91.71
N TRP JA 5 -73.12 1.16 -90.99
CA TRP JA 5 -72.54 0.41 -89.90
C TRP JA 5 -72.81 1.08 -88.56
N SER JA 6 -72.91 0.30 -87.50
CA SER JA 6 -73.16 0.90 -86.21
C SER JA 6 -71.84 1.21 -85.53
N LYS JA 7 -71.87 2.21 -84.66
CA LYS JA 7 -70.66 2.68 -84.00
C LYS JA 7 -70.47 1.94 -82.69
N ALA JA 8 -69.20 1.67 -82.36
CA ALA JA 8 -68.84 1.01 -81.12
C ALA JA 8 -67.41 1.41 -80.79
N ILE JA 9 -67.08 1.35 -79.51
CA ILE JA 9 -65.76 1.76 -79.05
C ILE JA 9 -64.99 0.53 -78.61
N PHE JA 10 -63.69 0.49 -78.92
CA PHE JA 10 -62.83 -0.55 -78.39
C PHE JA 10 -62.38 -0.18 -76.98
N ALA JA 11 -62.36 -1.17 -76.09
CA ALA JA 11 -62.15 -0.91 -74.67
C ALA JA 11 -60.93 -1.60 -74.06
N GLY JA 12 -60.34 -2.58 -74.73
CA GLY JA 12 -59.20 -3.25 -74.15
C GLY JA 12 -59.25 -4.74 -74.39
N TYR JA 13 -58.31 -5.51 -73.86
CA TYR JA 13 -58.28 -6.94 -74.17
C TYR JA 13 -58.94 -7.74 -73.06
N LYS JA 14 -59.27 -8.98 -73.37
CA LYS JA 14 -59.86 -9.87 -72.39
C LYS JA 14 -58.77 -10.25 -71.41
N ARG JA 15 -58.69 -9.52 -70.31
CA ARG JA 15 -57.52 -9.60 -69.44
C ARG JA 15 -57.92 -10.05 -68.04
N GLY JA 16 -56.92 -10.50 -67.31
CA GLY JA 16 -57.04 -10.70 -65.88
C GLY JA 16 -56.57 -9.46 -65.13
N LEU JA 17 -56.39 -9.61 -63.82
CA LEU JA 17 -55.84 -8.51 -63.04
C LEU JA 17 -54.36 -8.31 -63.34
N ARG JA 18 -53.62 -9.41 -63.48
CA ARG JA 18 -52.18 -9.33 -63.76
C ARG JA 18 -51.87 -9.61 -65.22
N ASN JA 19 -52.25 -10.78 -65.72
CA ASN JA 19 -51.92 -11.11 -67.10
C ASN JA 19 -53.01 -10.65 -68.05
N GLN JA 20 -52.61 -10.31 -69.27
CA GLN JA 20 -53.58 -10.13 -70.32
C GLN JA 20 -53.70 -11.39 -71.15
N ARG JA 21 -54.75 -11.45 -71.96
CA ARG JA 21 -54.84 -12.34 -73.11
C ARG JA 21 -55.13 -11.45 -74.31
N GLU JA 22 -54.11 -11.17 -75.12
CA GLU JA 22 -54.21 -10.13 -76.15
C GLU JA 22 -54.95 -10.56 -77.39
N HIS JA 23 -55.27 -11.83 -77.53
CA HIS JA 23 -55.79 -12.33 -78.79
C HIS JA 23 -57.31 -12.25 -78.89
N THR JA 24 -57.98 -11.60 -77.94
CA THR JA 24 -59.43 -11.44 -77.99
C THR JA 24 -59.78 -10.07 -77.42
N ALA JA 25 -60.38 -9.23 -78.24
CA ALA JA 25 -60.71 -7.87 -77.84
C ALA JA 25 -61.92 -7.82 -76.92
N LEU JA 26 -62.19 -6.62 -76.44
CA LEU JA 26 -63.44 -6.26 -75.76
C LEU JA 26 -64.01 -5.01 -76.40
N LEU JA 27 -65.32 -4.98 -76.58
CA LEU JA 27 -65.98 -3.85 -77.23
C LEU JA 27 -67.06 -3.27 -76.34
N LYS JA 28 -66.92 -2.00 -76.01
CA LYS JA 28 -68.03 -1.24 -75.47
C LYS JA 28 -68.84 -0.78 -76.67
N ILE JA 29 -70.04 -1.32 -76.82
CA ILE JA 29 -70.83 -1.11 -78.02
C ILE JA 29 -71.95 -0.14 -77.72
N GLU JA 30 -72.08 0.88 -78.56
CA GLU JA 30 -72.99 1.98 -78.29
C GLU JA 30 -74.43 1.52 -78.43
N GLY JA 31 -75.29 2.05 -77.57
CA GLY JA 31 -76.70 1.70 -77.57
C GLY JA 31 -77.00 0.49 -76.73
N VAL JA 32 -76.14 -0.52 -76.79
CA VAL JA 32 -76.32 -1.71 -75.99
C VAL JA 32 -75.77 -1.44 -74.61
N TYR JA 33 -76.65 -1.51 -73.61
CA TYR JA 33 -76.23 -1.30 -72.24
C TYR JA 33 -76.81 -2.36 -71.34
N ALA JA 34 -76.90 -3.59 -71.84
CA ALA JA 34 -77.36 -4.71 -71.02
C ALA JA 34 -76.85 -6.01 -71.59
N ARG JA 35 -76.54 -6.95 -70.68
CA ARG JA 35 -76.34 -8.35 -71.02
C ARG JA 35 -77.48 -8.89 -71.86
N ASP JA 36 -78.72 -8.57 -71.49
CA ASP JA 36 -79.88 -9.12 -72.17
C ASP JA 36 -80.10 -8.48 -73.52
N GLU JA 37 -79.60 -7.27 -73.73
CA GLU JA 37 -79.82 -6.54 -74.97
C GLU JA 37 -78.93 -7.00 -76.10
N THR JA 38 -77.82 -7.66 -75.79
CA THR JA 38 -76.94 -8.18 -76.83
C THR JA 38 -77.20 -9.66 -77.11
N GLU JA 39 -78.41 -9.91 -77.61
CA GLU JA 39 -78.70 -11.16 -78.28
C GLU JA 39 -78.72 -10.95 -79.80
N PHE JA 40 -78.56 -9.71 -80.23
CA PHE JA 40 -78.60 -9.28 -81.61
C PHE JA 40 -77.24 -9.27 -82.27
N TYR JA 41 -76.22 -8.76 -81.59
CA TYR JA 41 -74.94 -8.55 -82.23
C TYR JA 41 -74.05 -9.78 -82.27
N LEU JA 42 -74.51 -10.93 -81.80
CA LEU JA 42 -73.64 -12.09 -81.78
C LEU JA 42 -73.42 -12.61 -83.19
N GLY JA 43 -72.22 -12.41 -83.72
CA GLY JA 43 -71.88 -12.90 -85.04
C GLY JA 43 -71.72 -11.85 -86.12
N LYS JA 44 -71.65 -10.58 -85.77
CA LYS JA 44 -71.46 -9.54 -86.76
C LYS JA 44 -69.97 -9.31 -86.99
N ARG JA 45 -69.62 -8.91 -88.21
CA ARG JA 45 -68.22 -8.63 -88.55
C ARG JA 45 -67.85 -7.24 -88.07
N CYS JA 46 -66.77 -7.15 -87.33
CA CYS JA 46 -66.17 -5.87 -87.01
C CYS JA 46 -65.18 -5.53 -88.08
N ALA JA 47 -64.74 -4.27 -88.10
CA ALA JA 47 -63.67 -3.85 -88.98
C ALA JA 47 -62.95 -2.68 -88.33
N TYR JA 48 -61.68 -2.86 -88.04
CA TYR JA 48 -60.86 -1.79 -87.50
C TYR JA 48 -60.17 -1.08 -88.66
N VAL JA 49 -60.61 0.14 -88.95
CA VAL JA 49 -60.13 0.90 -90.11
C VAL JA 49 -59.07 1.87 -89.63
N TYR JA 50 -57.93 1.93 -90.33
CA TYR JA 50 -56.87 2.83 -89.91
C TYR JA 50 -56.08 3.34 -91.11
N LYS JA 51 -55.25 4.34 -90.84
CA LYS JA 51 -54.52 5.10 -91.85
C LYS JA 51 -53.04 4.72 -91.81
N ALA JA 52 -52.40 4.69 -92.97
CA ALA JA 52 -50.97 4.45 -93.08
C ALA JA 52 -50.48 4.96 -94.42
N LYS JA 53 -49.17 5.24 -94.51
CA LYS JA 53 -48.68 6.01 -95.65
C LYS JA 53 -48.58 5.22 -96.94
N ASN JA 54 -48.42 3.90 -96.91
CA ASN JA 54 -48.45 3.19 -98.18
C ASN JA 54 -49.90 2.83 -98.56
N ASN JA 55 -50.06 2.20 -99.73
CA ASN JA 55 -51.36 2.08 -100.36
C ASN JA 55 -51.78 0.62 -100.51
N THR JA 56 -52.90 0.25 -99.88
CA THR JA 56 -53.49 -1.08 -100.05
C THR JA 56 -54.98 -0.91 -100.26
N VAL JA 57 -55.55 -1.69 -101.18
CA VAL JA 57 -56.97 -1.56 -101.51
C VAL JA 57 -57.75 -2.83 -101.78
N THR JA 58 -58.97 -2.60 -102.22
CA THR JA 58 -60.17 -3.41 -102.21
C THR JA 58 -60.79 -3.07 -103.56
N PRO JA 59 -61.95 -3.67 -103.99
CA PRO JA 59 -62.49 -3.33 -105.32
C PRO JA 59 -62.89 -1.89 -105.62
N GLY JA 60 -62.61 -0.94 -104.73
CA GLY JA 60 -62.81 0.46 -105.08
C GLY JA 60 -61.73 1.06 -105.97
N GLY JA 61 -60.95 0.21 -106.64
CA GLY JA 61 -60.15 0.63 -107.77
C GLY JA 61 -58.89 1.36 -107.44
N LYS JA 62 -59.01 2.54 -106.85
CA LYS JA 62 -57.78 3.32 -106.76
C LYS JA 62 -57.11 3.09 -105.43
N PRO JA 63 -55.77 3.02 -105.40
CA PRO JA 63 -55.07 2.70 -104.16
C PRO JA 63 -55.12 3.84 -103.15
N ASN JA 64 -55.38 3.46 -101.89
CA ASN JA 64 -55.75 4.39 -100.84
C ASN JA 64 -54.87 4.17 -99.63
N LYS JA 65 -54.87 5.18 -98.77
CA LYS JA 65 -54.20 5.14 -97.48
C LYS JA 65 -55.01 4.41 -96.41
N THR JA 66 -56.02 3.65 -96.80
CA THR JA 66 -56.95 3.05 -95.86
C THR JA 66 -56.66 1.57 -95.68
N ARG JA 67 -56.31 1.16 -94.46
CA ARG JA 67 -56.04 -0.23 -94.17
C ARG JA 67 -57.02 -0.71 -93.10
N VAL JA 68 -57.29 -2.01 -93.09
CA VAL JA 68 -58.37 -2.61 -92.31
C VAL JA 68 -57.92 -3.93 -91.74
N ILE JA 69 -58.15 -4.15 -90.45
CA ILE JA 69 -58.12 -5.49 -89.86
C ILE JA 69 -59.55 -5.94 -89.65
N TRP JA 70 -59.88 -7.16 -90.09
CA TRP JA 70 -61.23 -7.67 -89.97
C TRP JA 70 -61.49 -8.28 -88.61
N GLY JA 71 -62.65 -8.91 -88.47
CA GLY JA 71 -62.89 -9.82 -87.36
C GLY JA 71 -64.33 -9.77 -86.96
N LYS JA 72 -64.71 -10.71 -86.08
CA LYS JA 72 -66.12 -10.84 -85.79
C LYS JA 72 -66.36 -11.18 -84.33
N VAL JA 73 -67.58 -10.85 -83.90
CA VAL JA 73 -67.99 -10.90 -82.51
C VAL JA 73 -68.29 -12.34 -82.09
N THR JA 74 -67.79 -12.75 -80.93
CA THR JA 74 -68.01 -14.09 -80.41
C THR JA 74 -69.19 -14.15 -79.45
N ARG JA 75 -69.10 -13.47 -78.31
CA ARG JA 75 -70.05 -13.67 -77.23
C ARG JA 75 -70.06 -12.44 -76.35
N ALA JA 76 -71.05 -12.35 -75.48
CA ALA JA 76 -71.18 -11.17 -74.66
C ALA JA 76 -70.33 -11.31 -73.40
N HIS JA 77 -70.12 -10.18 -72.72
CA HIS JA 77 -69.12 -10.12 -71.65
C HIS JA 77 -69.62 -9.19 -70.57
N GLY JA 78 -69.71 -9.68 -69.35
CA GLY JA 78 -70.21 -8.86 -68.28
C GLY JA 78 -71.70 -8.70 -68.39
N ASN JA 79 -72.22 -7.74 -67.64
CA ASN JA 79 -73.65 -7.48 -67.67
C ASN JA 79 -74.02 -6.18 -68.35
N SER JA 80 -73.06 -5.32 -68.65
CA SER JA 80 -73.38 -4.03 -69.24
C SER JA 80 -73.47 -4.08 -70.76
N GLY JA 81 -73.48 -5.26 -71.35
CA GLY JA 81 -73.50 -5.36 -72.79
C GLY JA 81 -72.17 -5.12 -73.44
N MET JA 82 -71.09 -5.35 -72.73
CA MET JA 82 -69.77 -5.31 -73.34
C MET JA 82 -69.56 -6.65 -74.03
N VAL JA 83 -68.88 -6.65 -75.17
CA VAL JA 83 -68.99 -7.74 -76.12
C VAL JA 83 -67.60 -8.08 -76.67
N ARG JA 84 -67.23 -9.37 -76.59
CA ARG JA 84 -65.93 -9.81 -77.10
C ARG JA 84 -65.91 -9.80 -78.62
N ALA JA 85 -64.70 -9.80 -79.17
CA ALA JA 85 -64.55 -9.72 -80.62
C ALA JA 85 -63.21 -10.28 -81.03
N LYS JA 86 -63.20 -11.46 -81.61
CA LYS JA 86 -61.97 -12.12 -82.04
C LYS JA 86 -61.65 -11.66 -83.45
N PHE JA 87 -60.59 -10.89 -83.59
CA PHE JA 87 -60.18 -10.51 -84.93
C PHE JA 87 -59.33 -11.60 -85.55
N ARG JA 88 -59.05 -11.47 -86.85
CA ARG JA 88 -58.18 -12.44 -87.51
C ARG JA 88 -56.76 -12.28 -87.02
N SER JA 89 -56.20 -11.10 -87.18
CA SER JA 89 -54.96 -10.71 -86.55
C SER JA 89 -55.29 -9.68 -85.49
N ASN JA 90 -54.48 -9.64 -84.44
CA ASN JA 90 -54.89 -8.98 -83.20
C ASN JA 90 -54.79 -7.45 -83.32
N LEU JA 91 -55.03 -6.76 -82.23
CA LEU JA 91 -55.13 -5.30 -82.25
C LEU JA 91 -53.73 -4.70 -82.18
N PRO JA 92 -53.59 -3.41 -82.41
CA PRO JA 92 -52.28 -2.80 -82.23
C PRO JA 92 -51.99 -2.35 -80.81
N ALA JA 93 -53.05 -2.20 -80.00
CA ALA JA 93 -53.13 -1.52 -78.71
C ALA JA 93 -52.85 -0.02 -78.80
N LYS JA 94 -52.59 0.50 -79.99
CA LYS JA 94 -52.77 1.92 -80.28
C LYS JA 94 -54.23 2.31 -80.16
N ALA JA 95 -55.12 1.38 -80.49
CA ALA JA 95 -56.51 1.64 -80.79
C ALA JA 95 -57.42 1.63 -79.58
N ILE JA 96 -56.85 1.55 -78.38
CA ILE JA 96 -57.65 1.60 -77.15
C ILE JA 96 -58.32 2.97 -77.06
N GLY JA 97 -59.64 2.96 -77.10
CA GLY JA 97 -60.38 4.19 -77.12
C GLY JA 97 -60.75 4.69 -78.50
N HIS JA 98 -60.14 4.14 -79.54
CA HIS JA 98 -60.52 4.49 -80.90
C HIS JA 98 -61.71 3.66 -81.31
N ARG JA 99 -62.05 3.65 -82.59
CA ARG JA 99 -63.33 3.11 -83.01
C ARG JA 99 -63.18 1.90 -83.91
N ILE JA 100 -64.01 0.89 -83.66
CA ILE JA 100 -64.18 -0.24 -84.55
C ILE JA 100 -65.62 -0.23 -85.02
N ARG JA 101 -65.81 -0.24 -86.32
CA ARG JA 101 -67.13 -0.26 -86.90
C ARG JA 101 -67.76 -1.62 -86.65
N VAL JA 102 -68.99 -1.64 -86.12
CA VAL JA 102 -69.79 -2.85 -86.03
C VAL JA 102 -70.81 -2.80 -87.14
N MET JA 103 -70.72 -3.78 -88.05
CA MET JA 103 -71.47 -3.83 -89.28
C MET JA 103 -72.86 -4.40 -89.06
N LEU JA 104 -73.57 -4.43 -90.17
CA LEU JA 104 -74.86 -5.07 -90.34
C LEU JA 104 -74.73 -6.07 -91.52
N TYR JA 105 -73.49 -6.38 -91.92
CA TYR JA 105 -73.20 -7.25 -93.06
C TYR JA 105 -73.75 -8.64 -92.90
N PRO JA 106 -73.59 -9.23 -91.71
CA PRO JA 106 -74.16 -10.57 -91.51
C PRO JA 106 -75.49 -10.31 -90.84
N SER JA 107 -76.57 -10.80 -91.45
CA SER JA 107 -77.89 -10.53 -90.89
C SER JA 107 -78.68 -11.74 -90.46
N ARG JA 108 -79.21 -11.66 -89.24
CA ARG JA 108 -80.05 -12.72 -88.69
C ARG JA 108 -81.44 -12.19 -88.34
N ILE JA 109 -81.93 -11.20 -89.08
CA ILE JA 109 -83.31 -10.76 -88.84
C ILE JA 109 -84.27 -11.73 -89.53
N VAL KA 1 41.59 39.61 -51.44
CA VAL KA 1 40.22 39.18 -51.52
C VAL KA 1 40.16 37.95 -52.41
N GLN KA 2 41.21 37.77 -53.21
CA GLN KA 2 41.20 36.75 -54.26
C GLN KA 2 41.31 35.38 -53.60
N ARG KA 3 40.15 34.75 -53.40
CA ARG KA 3 40.07 33.53 -52.61
C ARG KA 3 40.72 32.39 -53.34
N LEU KA 4 41.56 31.65 -52.62
CA LEU KA 4 42.65 30.91 -53.22
C LEU KA 4 42.50 29.42 -52.98
N THR KA 5 43.15 28.64 -53.84
CA THR KA 5 42.72 27.27 -54.13
C THR KA 5 43.95 26.36 -54.15
N TYR KA 6 43.77 25.09 -53.78
CA TYR KA 6 44.87 24.15 -53.69
C TYR KA 6 45.46 23.82 -55.05
N ARG KA 7 46.77 23.63 -55.06
CA ARG KA 7 47.49 23.24 -56.26
C ARG KA 7 47.57 21.73 -56.43
N ARG KA 8 47.43 20.96 -55.35
CA ARG KA 8 47.39 19.51 -55.40
C ARG KA 8 45.99 19.04 -55.08
N ARG KA 9 45.72 17.76 -55.34
CA ARG KA 9 44.41 17.21 -55.07
C ARG KA 9 44.33 16.46 -53.73
N LEU KA 10 44.69 17.15 -52.65
CA LEU KA 10 44.41 16.78 -51.26
C LEU KA 10 43.50 17.84 -50.69
N SER KA 11 42.20 17.69 -50.85
CA SER KA 11 41.36 18.81 -50.44
C SER KA 11 41.08 18.83 -48.94
N TYR KA 12 41.54 17.85 -48.17
CA TYR KA 12 41.31 17.78 -46.74
C TYR KA 12 42.46 18.43 -45.97
N ASN KA 13 42.13 19.01 -44.83
CA ASN KA 13 43.11 19.75 -44.01
C ASN KA 13 44.00 18.79 -43.23
N THR KA 14 44.77 18.00 -43.95
CA THR KA 14 45.45 16.87 -43.35
C THR KA 14 46.72 17.30 -42.63
N ALA KA 15 47.57 16.35 -42.28
CA ALA KA 15 48.80 16.73 -41.61
C ALA KA 15 49.87 17.15 -42.60
N SER KA 16 49.96 16.48 -43.74
CA SER KA 16 51.00 16.83 -44.70
C SER KA 16 50.68 18.07 -45.49
N ASN KA 17 49.41 18.48 -45.54
CA ASN KA 17 48.99 19.56 -46.41
C ASN KA 17 48.99 20.89 -45.67
N LYS KA 18 50.08 21.21 -45.00
CA LYS KA 18 50.07 22.24 -43.97
C LYS KA 18 50.95 23.39 -44.43
N THR KA 19 50.30 24.44 -44.92
CA THR KA 19 50.90 25.33 -45.91
C THR KA 19 51.07 26.75 -45.41
N ARG KA 20 51.82 27.52 -46.20
CA ARG KA 20 51.85 28.97 -46.14
C ARG KA 20 51.40 29.46 -47.51
N LEU KA 21 51.52 30.75 -47.80
CA LEU KA 21 51.15 31.27 -49.10
C LEU KA 21 52.00 32.50 -49.41
N SER KA 22 52.30 32.69 -50.68
CA SER KA 22 53.24 33.72 -51.11
C SER KA 22 52.64 34.51 -52.29
N ARG KA 23 53.45 35.43 -52.81
CA ARG KA 23 53.02 36.37 -53.83
C ARG KA 23 53.89 36.23 -55.07
N THR KA 24 53.27 35.82 -56.17
CA THR KA 24 53.96 35.54 -57.42
C THR KA 24 54.50 36.82 -58.05
N PRO KA 25 55.31 36.70 -59.11
CA PRO KA 25 55.65 37.88 -59.91
C PRO KA 25 54.63 38.25 -60.97
N GLY KA 26 53.48 37.59 -61.01
CA GLY KA 26 52.36 38.01 -61.83
C GLY KA 26 51.29 38.72 -61.05
N ASN KA 27 51.56 39.07 -59.79
CA ASN KA 27 50.62 39.67 -58.84
C ASN KA 27 49.40 38.77 -58.63
N ARG KA 28 49.69 37.50 -58.40
CA ARG KA 28 48.68 36.49 -58.15
C ARG KA 28 49.04 35.84 -56.83
N ILE KA 29 48.07 35.72 -55.93
CA ILE KA 29 48.35 35.16 -54.61
C ILE KA 29 48.19 33.65 -54.67
N VAL KA 30 49.31 32.95 -54.69
CA VAL KA 30 49.33 31.53 -54.90
C VAL KA 30 49.43 30.87 -53.53
N TYR KA 31 49.24 29.57 -53.49
CA TYR KA 31 49.12 28.83 -52.24
C TYR KA 31 50.27 27.83 -52.23
N LEU KA 32 51.33 28.08 -51.47
CA LEU KA 32 52.57 27.34 -51.66
C LEU KA 32 52.82 26.36 -50.52
N TYR KA 33 53.25 25.16 -50.88
CA TYR KA 33 53.25 24.01 -49.99
C TYR KA 33 54.49 24.00 -49.11
N THR KA 34 54.27 23.94 -47.80
CA THR KA 34 55.33 24.10 -46.82
C THR KA 34 55.85 22.74 -46.42
N LYS KA 35 57.17 22.57 -46.49
CA LYS KA 35 57.80 21.43 -45.87
C LYS KA 35 57.71 21.56 -44.36
N LYS KA 36 57.52 20.43 -43.67
CA LYS KA 36 57.31 20.50 -42.24
C LYS KA 36 58.63 20.81 -41.51
N VAL KA 37 58.53 21.03 -40.21
CA VAL KA 37 59.66 21.44 -39.39
C VAL KA 37 60.63 20.29 -39.17
N GLY KA 38 61.92 20.57 -39.31
CA GLY KA 38 62.88 19.56 -38.95
C GLY KA 38 63.30 19.76 -37.52
N LYS KA 39 62.76 18.98 -36.61
CA LYS KA 39 63.06 19.17 -35.20
C LYS KA 39 64.41 18.54 -34.87
N ALA KA 40 65.19 19.24 -34.07
CA ALA KA 40 66.60 18.96 -33.91
C ALA KA 40 66.79 17.68 -33.11
N PRO KA 41 67.96 17.04 -33.22
CA PRO KA 41 68.22 15.89 -32.36
C PRO KA 41 68.45 16.30 -30.93
N LYS KA 42 67.81 15.61 -30.01
CA LYS KA 42 68.09 15.82 -28.61
C LYS KA 42 69.03 14.72 -28.11
N SER KA 43 69.45 14.86 -26.87
CA SER KA 43 70.66 14.19 -26.42
C SER KA 43 70.37 12.92 -25.65
N ALA KA 44 71.41 12.11 -25.52
CA ALA KA 44 71.30 10.86 -24.79
C ALA KA 44 71.18 11.11 -23.29
N CYS KA 45 70.77 10.06 -22.57
CA CYS KA 45 70.44 9.89 -21.15
C CYS KA 45 69.04 10.43 -20.86
N GLY KA 46 68.56 11.40 -21.62
CA GLY KA 46 67.29 12.05 -21.34
C GLY KA 46 67.22 12.73 -20.00
N VAL KA 47 68.35 13.18 -19.48
CA VAL KA 47 68.32 14.07 -18.32
C VAL KA 47 67.63 15.38 -18.66
N CYS KA 48 67.83 15.90 -19.86
CA CYS KA 48 67.15 17.14 -20.14
C CYS KA 48 66.42 17.02 -21.47
N PRO KA 49 65.19 17.44 -21.51
CA PRO KA 49 64.54 17.61 -22.81
C PRO KA 49 64.90 18.98 -23.33
N GLY KA 50 65.41 18.98 -24.53
CA GLY KA 50 66.03 20.17 -25.07
C GLY KA 50 67.06 19.74 -26.07
N ARG KA 51 67.06 20.39 -27.20
CA ARG KA 51 67.73 19.83 -28.35
C ARG KA 51 69.21 20.15 -28.31
N LEU KA 52 69.97 19.40 -29.09
CA LEU KA 52 71.41 19.52 -29.04
C LEU KA 52 71.84 20.70 -29.90
N ARG KA 53 72.91 21.36 -29.47
CA ARG KA 53 73.36 22.60 -30.05
C ARG KA 53 74.33 22.35 -31.19
N GLY KA 54 74.23 23.19 -32.21
CA GLY KA 54 75.18 23.07 -33.31
C GLY KA 54 74.85 22.03 -34.35
N VAL KA 55 73.61 21.55 -34.40
CA VAL KA 55 73.20 20.60 -35.43
C VAL KA 55 72.10 21.25 -36.26
N ARG KA 56 72.39 21.46 -37.55
CA ARG KA 56 71.40 21.82 -38.55
C ARG KA 56 70.26 20.82 -38.53
N ALA KA 57 69.04 21.34 -38.45
CA ALA KA 57 67.90 20.57 -37.95
C ALA KA 57 66.89 20.33 -39.06
N VAL KA 58 66.98 19.17 -39.70
CA VAL KA 58 66.08 18.82 -40.80
C VAL KA 58 65.48 17.43 -40.65
N ARG KA 59 64.80 16.99 -41.70
CA ARG KA 59 64.19 15.68 -41.75
C ARG KA 59 65.29 14.61 -41.89
N PRO KA 60 65.06 13.40 -41.39
CA PRO KA 60 66.07 12.32 -41.54
C PRO KA 60 66.45 11.98 -42.95
N LYS KA 61 65.51 12.01 -43.90
CA LYS KA 61 65.91 11.71 -45.26
C LYS KA 61 66.64 12.86 -45.94
N VAL KA 62 66.59 14.05 -45.36
CA VAL KA 62 67.39 15.16 -45.87
C VAL KA 62 68.86 14.94 -45.56
N LEU KA 63 69.16 14.30 -44.42
CA LEU KA 63 70.49 14.25 -43.84
C LEU KA 63 71.55 13.56 -44.70
N MET KA 64 71.18 12.93 -45.80
CA MET KA 64 72.19 12.46 -46.72
C MET KA 64 72.86 13.59 -47.47
N ARG KA 65 72.23 14.76 -47.53
CA ARG KA 65 72.75 15.84 -48.34
C ARG KA 65 73.76 16.71 -47.60
N LEU KA 66 73.59 16.87 -46.30
CA LEU KA 66 74.37 17.83 -45.55
C LEU KA 66 75.80 17.36 -45.39
N SER KA 67 76.69 18.28 -45.07
CA SER KA 67 78.09 17.94 -44.88
C SER KA 67 78.32 17.43 -43.46
N LYS KA 68 79.46 16.78 -43.27
CA LYS KA 68 79.83 16.18 -41.99
C LYS KA 68 80.57 17.20 -41.13
N THR KA 69 79.99 18.39 -41.09
CA THR KA 69 80.17 19.40 -40.05
C THR KA 69 78.84 20.00 -39.64
N LYS KA 70 77.83 19.93 -40.50
CA LYS KA 70 76.50 20.43 -40.20
C LYS KA 70 75.63 19.34 -39.62
N LYS KA 71 76.23 18.34 -38.99
CA LYS KA 71 75.50 17.27 -38.34
C LYS KA 71 76.06 16.89 -36.97
N HIS KA 72 77.17 17.48 -36.55
CA HIS KA 72 77.74 17.13 -35.26
C HIS KA 72 78.56 18.30 -34.75
N VAL KA 73 79.21 18.10 -33.61
CA VAL KA 73 80.07 19.08 -32.96
C VAL KA 73 81.44 18.45 -32.85
N SER KA 74 82.50 19.28 -32.90
CA SER KA 74 83.87 18.79 -32.96
C SER KA 74 84.29 17.93 -31.76
N ARG KA 75 83.57 18.00 -30.64
CA ARG KA 75 83.92 17.29 -29.42
C ARG KA 75 83.87 15.78 -29.60
N ALA KA 76 84.51 15.08 -28.67
CA ALA KA 76 84.20 13.68 -28.47
C ALA KA 76 82.79 13.56 -27.91
N TYR KA 77 82.11 12.46 -28.23
CA TYR KA 77 80.66 12.34 -28.16
C TYR KA 77 80.00 13.54 -28.84
N GLY KA 78 80.23 13.58 -30.15
CA GLY KA 78 79.98 14.78 -30.94
C GLY KA 78 78.54 15.21 -31.06
N GLY KA 79 77.74 14.44 -31.78
CA GLY KA 79 76.37 14.85 -31.96
C GLY KA 79 75.39 14.09 -31.10
N SER KA 80 75.85 13.50 -30.02
CA SER KA 80 74.99 12.59 -29.28
C SER KA 80 74.81 12.96 -27.82
N MET KA 81 75.85 13.40 -27.13
CA MET KA 81 75.72 13.82 -25.75
C MET KA 81 75.74 15.34 -25.64
N CYS KA 82 75.08 15.87 -24.61
CA CYS KA 82 74.71 17.28 -24.57
C CYS KA 82 75.78 18.21 -24.08
N ALA KA 83 77.05 17.77 -24.05
CA ALA KA 83 78.26 18.54 -23.73
C ALA KA 83 78.37 18.91 -22.27
N LYS KA 84 77.32 18.69 -21.49
CA LYS KA 84 77.43 18.71 -20.04
C LYS KA 84 77.55 17.29 -19.52
N CYS KA 85 76.91 16.34 -20.20
CA CYS KA 85 77.07 14.93 -19.86
C CYS KA 85 78.43 14.39 -20.31
N VAL KA 86 79.05 14.99 -21.33
CA VAL KA 86 80.40 14.58 -21.69
C VAL KA 86 81.37 14.90 -20.57
N ARG KA 87 81.36 16.14 -20.11
CA ARG KA 87 82.18 16.55 -18.99
C ARG KA 87 81.61 16.13 -17.65
N ASP KA 88 80.59 15.27 -17.63
CA ASP KA 88 80.27 14.47 -16.46
C ASP KA 88 80.60 13.01 -16.65
N ARG KA 89 80.60 12.51 -17.87
CA ARG KA 89 81.11 11.17 -18.05
C ARG KA 89 82.63 11.11 -17.94
N ILE KA 90 83.31 12.25 -18.08
CA ILE KA 90 84.73 12.28 -17.76
C ILE KA 90 84.93 12.18 -16.26
N LYS KA 91 84.22 13.03 -15.50
CA LYS KA 91 84.40 13.07 -14.06
C LYS KA 91 83.90 11.80 -13.40
N ARG KA 92 82.86 11.18 -13.96
CA ARG KA 92 82.35 9.96 -13.35
C ARG KA 92 83.22 8.77 -13.69
N ALA KA 93 83.76 8.71 -14.90
CA ALA KA 93 84.62 7.59 -15.24
C ALA KA 93 86.01 7.73 -14.63
N PHE KA 94 86.37 8.92 -14.18
CA PHE KA 94 87.63 9.03 -13.47
C PHE KA 94 87.48 8.66 -12.00
N LEU KA 95 86.48 9.21 -11.34
CA LEU KA 95 86.39 9.08 -9.89
C LEU KA 95 85.98 7.69 -9.45
N ILE KA 96 85.29 6.93 -10.31
CA ILE KA 96 85.01 5.54 -9.99
C ILE KA 96 86.25 4.67 -10.20
N GLU KA 97 87.03 4.94 -11.25
CA GLU KA 97 88.20 4.12 -11.55
C GLU KA 97 89.30 4.31 -10.52
N GLU KA 98 89.36 5.48 -9.89
CA GLU KA 98 90.25 5.64 -8.74
C GLU KA 98 89.79 4.74 -7.60
N GLN KA 99 88.48 4.60 -7.42
CA GLN KA 99 87.97 3.78 -6.34
C GLN KA 99 88.14 2.30 -6.59
N LYS KA 100 88.29 1.91 -7.86
CA LYS KA 100 88.69 0.53 -8.13
C LYS KA 100 90.09 0.26 -7.59
N ILE KA 101 91.01 1.19 -7.82
CA ILE KA 101 92.41 1.01 -7.43
C ILE KA 101 92.57 1.08 -5.93
N VAL KA 102 91.86 2.01 -5.29
CA VAL KA 102 91.97 2.18 -3.83
C VAL KA 102 91.48 0.93 -3.11
N VAL KA 103 90.32 0.41 -3.52
CA VAL KA 103 89.75 -0.78 -2.89
C VAL KA 103 90.58 -2.01 -3.22
N LYS KA 104 91.20 -2.06 -4.41
CA LYS KA 104 92.05 -3.20 -4.75
C LYS KA 104 93.31 -3.24 -3.89
N VAL KA 105 93.90 -2.08 -3.62
CA VAL KA 105 95.07 -2.04 -2.75
C VAL KA 105 94.68 -1.90 -1.27
N LEU KA 106 93.46 -1.45 -0.95
CA LEU KA 106 92.99 -1.59 0.43
C LEU KA 106 92.75 -3.06 0.75
N LYS KA 107 92.01 -3.76 -0.12
CA LYS KA 107 91.77 -5.18 0.13
C LYS KA 107 92.99 -6.03 -0.13
N ALA KA 108 93.99 -5.52 -0.88
CA ALA KA 108 95.31 -6.16 -0.84
C ALA KA 108 95.89 -6.08 0.57
N GLN KA 109 95.69 -4.96 1.25
CA GLN KA 109 96.13 -4.85 2.63
C GLN KA 109 95.22 -5.61 3.58
N ALA KA 110 93.97 -5.87 3.18
CA ALA KA 110 93.15 -6.81 3.94
C ALA KA 110 93.68 -8.22 3.78
N GLN KA 111 94.19 -8.56 2.61
CA GLN KA 111 94.88 -9.84 2.42
C GLN KA 111 96.31 -9.81 2.96
N SER KA 112 96.83 -8.64 3.33
CA SER KA 112 98.18 -8.58 3.90
C SER KA 112 98.19 -8.94 5.38
N GLN KA 113 97.68 -8.04 6.22
CA GLN KA 113 97.80 -8.16 7.66
C GLN KA 113 96.66 -8.97 8.28
N LYS KA 114 95.76 -9.50 7.46
CA LYS KA 114 94.65 -10.31 7.96
C LYS KA 114 94.46 -11.54 7.10
N ALA LA 1 51.26 -9.10 -107.22
CA ALA LA 1 52.36 -9.44 -106.33
C ALA LA 1 51.90 -10.45 -105.31
N LYS LA 2 51.02 -11.34 -105.75
CA LYS LA 2 50.43 -12.33 -104.86
C LYS LA 2 51.47 -13.32 -104.39
N ILE LA 3 51.53 -13.51 -103.08
CA ILE LA 3 52.51 -14.37 -102.46
C ILE LA 3 51.86 -15.72 -102.23
N LYS LA 4 52.39 -16.75 -102.89
CA LYS LA 4 51.89 -18.11 -102.73
C LYS LA 4 52.91 -18.93 -101.99
N ALA LA 5 52.43 -19.81 -101.10
CA ALA LA 5 53.34 -20.58 -100.28
C ALA LA 5 54.05 -21.66 -101.07
N ARG LA 6 53.42 -22.13 -102.16
CA ARG LA 6 54.10 -23.01 -103.11
C ARG LA 6 55.32 -22.34 -103.70
N ASP LA 7 55.27 -21.02 -103.87
CA ASP LA 7 56.38 -20.29 -104.45
C ASP LA 7 57.54 -20.17 -103.47
N LEU LA 8 57.27 -20.27 -102.16
CA LEU LA 8 58.23 -19.81 -101.17
C LEU LA 8 59.01 -20.88 -100.43
N ARG LA 9 58.66 -22.16 -100.55
CA ARG LA 9 59.24 -23.14 -99.63
C ARG LA 9 60.72 -23.40 -99.90
N GLY LA 10 61.21 -23.08 -101.08
CA GLY LA 10 62.62 -23.20 -101.37
C GLY LA 10 63.44 -21.96 -101.15
N LYS LA 11 62.80 -20.84 -100.82
CA LYS LA 11 63.52 -19.59 -100.64
C LYS LA 11 64.39 -19.66 -99.40
N LYS LA 12 65.49 -18.91 -99.42
CA LYS LA 12 66.40 -18.90 -98.29
C LYS LA 12 65.92 -17.89 -97.27
N LYS LA 13 66.05 -18.22 -95.98
CA LYS LA 13 65.45 -17.33 -94.99
C LYS LA 13 66.29 -16.10 -94.73
N GLU LA 14 67.48 -16.03 -95.30
CA GLU LA 14 68.14 -14.73 -95.43
C GLU LA 14 67.41 -13.82 -96.41
N GLU LA 15 66.68 -14.38 -97.39
CA GLU LA 15 65.89 -13.58 -98.30
C GLU LA 15 64.50 -13.28 -97.76
N LEU LA 16 63.86 -14.30 -97.16
CA LEU LA 16 62.44 -14.23 -96.83
C LEU LA 16 62.14 -13.18 -95.77
N LEU LA 17 62.94 -13.15 -94.70
CA LEU LA 17 62.74 -12.16 -93.65
C LEU LA 17 62.94 -10.76 -94.19
N LYS LA 18 63.95 -10.58 -95.04
CA LYS LA 18 64.10 -9.30 -95.70
C LYS LA 18 63.05 -9.11 -96.77
N GLN LA 19 62.50 -10.18 -97.32
CA GLN LA 19 61.33 -10.04 -98.18
C GLN LA 19 60.07 -9.86 -97.35
N LEU LA 20 60.09 -10.28 -96.10
CA LEU LA 20 58.95 -10.01 -95.24
C LEU LA 20 58.95 -8.56 -94.78
N ASP LA 21 60.12 -7.96 -94.60
CA ASP LA 21 60.18 -6.54 -94.28
C ASP LA 21 59.94 -5.66 -95.49
N ASP LA 22 59.96 -6.23 -96.69
CA ASP LA 22 59.37 -5.55 -97.84
C ASP LA 22 57.91 -5.25 -97.58
N LEU LA 23 57.21 -6.19 -96.96
CA LEU LA 23 55.76 -6.10 -96.87
C LEU LA 23 55.30 -5.35 -95.63
N LYS LA 24 56.08 -5.35 -94.55
CA LYS LA 24 55.68 -4.58 -93.39
C LYS LA 24 55.90 -3.08 -93.58
N VAL LA 25 56.93 -2.69 -94.33
CA VAL LA 25 57.09 -1.27 -94.62
C VAL LA 25 56.00 -0.81 -95.59
N GLU LA 26 55.56 -1.69 -96.48
CA GLU LA 26 54.31 -1.45 -97.21
C GLU LA 26 53.15 -1.33 -96.25
N LEU LA 27 53.14 -2.14 -95.20
CA LEU LA 27 52.02 -2.10 -94.25
C LEU LA 27 52.06 -0.82 -93.42
N SER LA 28 53.26 -0.31 -93.12
CA SER LA 28 53.32 0.96 -92.41
C SER LA 28 52.91 2.10 -93.32
N GLN LA 29 53.22 2.02 -94.62
CA GLN LA 29 52.73 3.03 -95.54
C GLN LA 29 51.21 2.98 -95.65
N LEU LA 30 50.64 1.77 -95.78
CA LEU LA 30 49.21 1.64 -96.00
C LEU LA 30 48.39 2.03 -94.79
N ARG LA 31 48.97 1.90 -93.60
CA ARG LA 31 48.20 2.20 -92.40
C ARG LA 31 48.16 3.70 -92.14
N VAL LA 32 49.12 4.45 -92.70
CA VAL LA 32 48.99 5.89 -92.83
C VAL LA 32 47.78 6.23 -93.67
N ALA LA 33 47.59 5.51 -94.78
CA ALA LA 33 46.53 5.79 -95.74
C ALA LA 33 45.15 5.56 -95.16
N LYS LA 34 45.04 4.72 -94.13
CA LYS LA 34 43.77 4.50 -93.46
C LYS LA 34 43.28 5.76 -92.78
N VAL LA 35 44.17 6.48 -92.11
CA VAL LA 35 43.76 7.68 -91.38
C VAL LA 35 43.65 8.86 -92.33
N THR LA 36 44.73 9.18 -93.03
CA THR LA 36 44.79 10.39 -93.82
C THR LA 36 43.95 10.24 -95.09
N GLY LA 37 43.78 11.36 -95.79
CA GLY LA 37 42.81 11.46 -96.87
C GLY LA 37 43.08 10.60 -98.07
N GLY LA 38 44.27 10.03 -98.17
CA GLY LA 38 44.58 9.16 -99.28
C GLY LA 38 43.96 7.79 -99.09
N ALA LA 39 42.65 7.69 -99.29
CA ALA LA 39 41.93 6.45 -99.02
C ALA LA 39 41.17 6.00 -100.27
N ALA LA 40 41.84 6.03 -101.42
CA ALA LA 40 41.11 5.74 -102.65
C ALA LA 40 40.98 4.24 -102.90
N SER LA 41 42.09 3.59 -103.21
CA SER LA 41 42.04 2.20 -103.64
C SER LA 41 43.21 1.40 -103.12
N LYS LA 42 43.81 1.86 -102.02
CA LYS LA 42 44.89 1.14 -101.38
C LYS LA 42 44.32 0.15 -100.36
N LEU LA 43 43.03 0.30 -100.05
CA LEU LA 43 42.35 -0.55 -99.07
C LEU LA 43 42.31 -2.01 -99.48
N SER LA 44 42.08 -2.28 -100.76
CA SER LA 44 42.06 -3.66 -101.23
C SER LA 44 43.48 -4.13 -100.96
N LYS LA 45 44.41 -3.24 -101.22
CA LYS LA 45 45.84 -3.46 -100.97
C LYS LA 45 46.12 -3.63 -99.48
N ILE LA 46 45.27 -3.07 -98.61
CA ILE LA 46 45.44 -3.38 -97.20
C ILE LA 46 45.00 -4.81 -96.91
N ARG LA 47 44.09 -5.35 -97.73
CA ARG LA 47 43.55 -6.67 -97.42
C ARG LA 47 44.54 -7.77 -97.76
N VAL LA 48 45.12 -7.72 -98.96
CA VAL LA 48 45.99 -8.80 -99.38
C VAL LA 48 47.35 -8.76 -98.72
N VAL LA 49 47.75 -7.64 -98.13
CA VAL LA 49 49.07 -7.56 -97.51
C VAL LA 49 49.01 -8.09 -96.07
N ARG LA 50 47.92 -7.83 -95.36
CA ARG LA 50 47.84 -8.30 -93.98
C ARG LA 50 47.65 -9.81 -93.91
N LYS LA 51 47.20 -10.42 -94.99
CA LYS LA 51 47.30 -11.88 -95.09
C LYS LA 51 48.62 -12.32 -95.68
N SER LA 52 49.31 -11.47 -96.44
CA SER LA 52 50.58 -11.89 -97.03
C SER LA 52 51.67 -12.00 -95.98
N ILE LA 53 51.60 -11.18 -94.93
CA ILE LA 53 52.52 -11.34 -93.81
C ILE LA 53 52.25 -12.66 -93.11
N ALA LA 54 50.98 -13.06 -93.06
CA ALA LA 54 50.63 -14.35 -92.47
C ALA LA 54 51.23 -15.50 -93.26
N ARG LA 55 51.33 -15.35 -94.59
CA ARG LA 55 51.88 -16.44 -95.40
C ARG LA 55 53.39 -16.57 -95.22
N VAL LA 56 54.10 -15.46 -95.28
CA VAL LA 56 55.56 -15.53 -95.26
C VAL LA 56 56.05 -15.84 -93.85
N LEU LA 57 55.32 -15.41 -92.83
CA LEU LA 57 55.58 -15.92 -91.49
C LEU LA 57 55.29 -17.40 -91.40
N THR LA 58 54.25 -17.88 -92.09
CA THR LA 58 53.86 -19.28 -91.96
C THR LA 58 54.93 -20.20 -92.51
N VAL LA 59 55.44 -19.89 -93.70
CA VAL LA 59 56.40 -20.75 -94.36
C VAL LA 59 57.70 -20.83 -93.57
N ILE LA 60 58.10 -19.73 -92.92
CA ILE LA 60 59.23 -19.79 -92.00
C ILE LA 60 58.90 -20.64 -90.79
N ASN LA 61 57.69 -20.50 -90.25
CA ASN LA 61 57.34 -21.29 -89.07
C ASN LA 61 57.16 -22.76 -89.43
N GLN LA 62 56.68 -23.03 -90.64
CA GLN LA 62 56.75 -24.38 -91.19
C GLN LA 62 58.19 -24.85 -91.29
N THR LA 63 59.10 -23.95 -91.68
CA THR LA 63 60.48 -24.33 -91.98
C THR LA 63 61.24 -24.69 -90.71
N GLN LA 64 61.20 -23.82 -89.69
CA GLN LA 64 61.90 -23.99 -88.42
C GLN LA 64 61.60 -25.33 -87.76
N LYS LA 65 60.32 -25.66 -87.64
CA LYS LA 65 59.90 -26.77 -86.78
C LYS LA 65 60.29 -28.10 -87.38
N GLU LA 66 59.97 -28.34 -88.63
CA GLU LA 66 60.26 -29.64 -89.22
C GLU LA 66 61.74 -29.80 -89.48
N ASN LA 67 62.49 -28.70 -89.52
CA ASN LA 67 63.95 -28.78 -89.51
C ASN LA 67 64.45 -29.34 -88.19
N LEU LA 68 63.77 -29.04 -87.08
CA LEU LA 68 64.14 -29.62 -85.79
C LEU LA 68 63.85 -31.10 -85.75
N ARG LA 69 62.74 -31.50 -86.34
CA ARG LA 69 62.35 -32.90 -86.30
C ARG LA 69 63.27 -33.78 -87.13
N LYS LA 70 64.11 -33.18 -87.99
CA LYS LA 70 65.08 -34.00 -88.71
C LYS LA 70 66.22 -34.44 -87.82
N PHE LA 71 66.59 -33.65 -86.80
CA PHE LA 71 67.70 -34.09 -85.95
C PHE LA 71 67.32 -34.30 -84.51
N TYR LA 72 66.03 -34.48 -84.21
CA TYR LA 72 65.63 -35.15 -82.99
C TYR LA 72 65.04 -36.53 -83.24
N LYS LA 73 64.71 -36.85 -84.48
CA LYS LA 73 64.11 -38.14 -84.82
C LYS LA 73 65.25 -39.16 -84.87
N GLY LA 74 65.36 -39.95 -83.81
CA GLY LA 74 66.50 -40.80 -83.60
C GLY LA 74 67.07 -40.52 -82.22
N LYS LA 75 67.01 -39.25 -81.84
CA LYS LA 75 67.39 -38.83 -80.50
C LYS LA 75 66.25 -39.13 -79.54
N LYS LA 76 66.59 -39.25 -78.26
CA LYS LA 76 65.61 -39.46 -77.22
C LYS LA 76 65.54 -38.19 -76.38
N TYR LA 77 64.50 -38.10 -75.55
CA TYR LA 77 64.17 -36.91 -74.76
C TYR LA 77 63.99 -35.70 -75.65
N LYS LA 78 62.99 -35.81 -76.50
CA LYS LA 78 62.67 -34.71 -77.36
C LYS LA 78 61.95 -33.62 -76.57
N PRO LA 79 61.98 -32.38 -77.06
CA PRO LA 79 61.39 -31.27 -76.31
C PRO LA 79 59.87 -31.37 -76.25
N LEU LA 80 59.27 -30.58 -75.36
CA LEU LA 80 57.88 -30.77 -74.98
C LEU LA 80 56.88 -30.48 -76.07
N ASP LA 81 57.23 -29.79 -77.14
CA ASP LA 81 56.20 -29.52 -78.13
C ASP LA 81 56.25 -30.48 -79.31
N LEU LA 82 57.42 -31.04 -79.57
CA LEU LA 82 57.58 -31.91 -80.72
C LEU LA 82 56.85 -33.21 -80.56
N ARG LA 83 56.56 -33.61 -79.33
CA ARG LA 83 56.05 -34.93 -79.08
C ARG LA 83 54.62 -35.01 -79.59
N PRO LA 84 54.20 -36.17 -80.04
CA PRO LA 84 52.80 -36.28 -80.42
C PRO LA 84 51.88 -36.48 -79.24
N LYS LA 85 50.95 -35.59 -79.10
CA LYS LA 85 50.22 -35.52 -77.85
C LYS LA 85 48.80 -35.35 -78.33
N LYS LA 86 47.94 -36.31 -78.05
CA LYS LA 86 46.56 -36.22 -78.51
C LYS LA 86 45.59 -35.76 -77.42
N THR LA 87 45.71 -36.38 -76.26
CA THR LA 87 44.87 -36.05 -75.12
C THR LA 87 45.58 -36.48 -73.83
N ARG LA 88 45.15 -35.89 -72.72
CA ARG LA 88 45.76 -36.19 -71.44
C ARG LA 88 45.58 -37.66 -71.09
N ALA LA 89 44.37 -38.18 -71.29
CA ALA LA 89 44.09 -39.58 -70.98
C ALA LA 89 44.83 -40.60 -71.86
N MET LA 90 44.84 -40.37 -73.16
CA MET LA 90 45.49 -41.30 -74.09
C MET LA 90 47.00 -41.38 -73.91
N ARG LA 91 47.62 -40.22 -73.71
CA ARG LA 91 49.07 -40.18 -73.58
C ARG LA 91 49.57 -41.07 -72.47
N ARG LA 92 48.66 -41.62 -71.65
CA ARG LA 92 49.02 -42.43 -70.48
C ARG LA 92 48.57 -43.88 -70.63
N ARG LA 93 48.38 -44.32 -71.87
CA ARG LA 93 48.19 -45.74 -72.15
C ARG LA 93 49.43 -46.52 -71.78
N LEU LA 94 49.28 -47.84 -71.62
CA LEU LA 94 50.42 -48.65 -71.24
C LEU LA 94 51.46 -48.63 -72.36
N ASN LA 95 51.14 -49.19 -73.52
CA ASN LA 95 51.94 -49.13 -74.74
C ASN LA 95 51.18 -49.94 -75.77
N LYS LA 96 51.70 -49.97 -77.01
CA LYS LA 96 51.33 -51.07 -77.89
C LYS LA 96 52.07 -52.35 -77.51
N HIS LA 97 53.27 -52.21 -76.93
CA HIS LA 97 54.15 -53.35 -76.70
C HIS LA 97 54.08 -53.87 -75.27
N GLU LA 98 54.22 -52.98 -74.29
CA GLU LA 98 54.15 -53.39 -72.89
C GLU LA 98 52.76 -53.86 -72.49
N GLU LA 99 51.74 -53.57 -73.28
CA GLU LA 99 50.46 -54.24 -73.10
C GLU LA 99 50.54 -55.70 -73.52
N ASN LA 100 51.27 -55.99 -74.61
CA ASN LA 100 51.44 -57.36 -75.08
C ASN LA 100 52.26 -58.21 -74.12
N LEU LA 101 52.96 -57.59 -73.19
CA LEU LA 101 54.00 -58.29 -72.45
C LEU LA 101 53.33 -59.21 -71.44
N LYS LA 102 53.66 -60.49 -71.50
CA LYS LA 102 53.00 -61.55 -70.76
C LYS LA 102 54.00 -62.27 -69.90
N THR LA 103 53.53 -62.82 -68.79
CA THR LA 103 54.47 -63.52 -67.92
C THR LA 103 54.72 -64.92 -68.46
N LYS LA 104 55.70 -65.59 -67.85
CA LYS LA 104 56.12 -66.87 -68.40
C LYS LA 104 55.14 -67.98 -68.00
N LYS LA 105 54.46 -67.80 -66.88
CA LYS LA 105 53.37 -68.70 -66.54
C LYS LA 105 52.21 -68.55 -67.53
N GLN LA 106 52.04 -67.34 -68.08
CA GLN LA 106 50.99 -67.12 -69.07
C GLN LA 106 51.37 -67.65 -70.44
N GLN LA 107 52.67 -67.64 -70.77
CA GLN LA 107 53.10 -68.07 -72.10
C GLN LA 107 52.92 -69.56 -72.30
N ARG LA 108 53.38 -70.37 -71.35
CA ARG LA 108 53.26 -71.81 -71.50
C ARG LA 108 51.82 -72.27 -71.39
N LYS LA 109 50.98 -71.49 -70.71
CA LYS LA 109 49.57 -71.80 -70.55
C LYS LA 109 48.83 -71.69 -71.88
N GLU LA 110 49.23 -70.75 -72.73
CA GLU LA 110 48.72 -70.76 -74.10
C GLU LA 110 49.35 -71.85 -74.96
N ARG LA 111 50.61 -72.22 -74.69
CA ARG LA 111 51.29 -73.25 -75.47
C ARG LA 111 50.60 -74.60 -75.30
N LEU LA 112 50.54 -75.06 -74.07
CA LEU LA 112 50.21 -76.46 -73.84
C LEU LA 112 48.72 -76.73 -74.01
N TYR LA 113 47.88 -75.74 -73.75
CA TYR LA 113 46.43 -75.92 -73.73
C TYR LA 113 45.71 -74.93 -74.65
N PRO LA 114 46.05 -74.85 -75.94
CA PRO LA 114 45.49 -73.77 -76.76
C PRO LA 114 44.07 -74.12 -77.22
N LEU LA 115 43.30 -73.09 -77.52
CA LEU LA 115 41.88 -73.28 -77.82
C LEU LA 115 41.72 -73.78 -79.26
N ARG LA 116 40.78 -74.71 -79.45
CA ARG LA 116 40.72 -75.55 -80.65
C ARG LA 116 39.57 -75.15 -81.56
N LYS LA 117 39.68 -75.54 -82.83
CA LYS LA 117 38.49 -75.66 -83.65
C LYS LA 117 37.83 -76.99 -83.35
N TYR LA 118 36.52 -77.04 -83.58
CA TYR LA 118 35.75 -78.29 -83.69
C TYR LA 118 34.42 -77.96 -84.33
N ALA LA 119 33.64 -79.01 -84.57
CA ALA LA 119 32.32 -78.86 -85.17
C ALA LA 119 31.50 -80.12 -84.93
N VAL LA 120 30.42 -80.05 -84.18
CA VAL LA 120 29.72 -81.27 -83.76
C VAL LA 120 28.36 -81.33 -84.43
N LYS LA 121 28.01 -82.49 -84.92
CA LYS LA 121 26.62 -82.88 -84.99
C LYS LA 121 26.38 -84.27 -84.43
N ALA LA 122 27.25 -85.21 -84.76
CA ALA LA 122 27.05 -86.61 -84.40
C ALA LA 122 28.35 -87.40 -84.46
N TYR MA 1 9.02 -101.45 -50.60
CA TYR MA 1 7.95 -100.69 -49.97
C TYR MA 1 8.49 -99.33 -49.57
N PRO MA 2 8.67 -98.43 -50.54
CA PRO MA 2 9.36 -97.16 -50.26
C PRO MA 2 8.49 -96.21 -49.45
N MET MA 3 9.05 -95.07 -49.10
CA MET MA 3 8.35 -94.13 -48.23
C MET MA 3 8.84 -92.71 -48.48
N ALA MA 4 7.91 -91.81 -48.70
CA ALA MA 4 8.27 -90.42 -48.91
C ALA MA 4 8.57 -89.71 -47.60
N VAL MA 5 7.96 -90.16 -46.51
CA VAL MA 5 8.22 -89.66 -45.17
C VAL MA 5 8.54 -90.85 -44.29
N GLY MA 6 9.05 -90.54 -43.11
CA GLY MA 6 9.38 -91.61 -42.19
C GLY MA 6 10.82 -91.55 -41.77
N LEU MA 7 11.36 -92.68 -41.32
CA LEU MA 7 12.74 -92.70 -40.86
C LEU MA 7 13.71 -93.05 -41.97
N ASN MA 8 13.25 -93.77 -43.00
CA ASN MA 8 14.06 -94.04 -44.18
C ASN MA 8 13.59 -93.10 -45.29
N LYS MA 9 13.93 -91.83 -45.13
CA LYS MA 9 13.22 -90.77 -45.82
C LYS MA 9 13.67 -90.63 -47.26
N GLY MA 10 12.72 -90.59 -48.16
CA GLY MA 10 13.02 -90.24 -49.53
C GLY MA 10 13.45 -91.42 -50.37
N HIS MA 11 13.90 -91.08 -51.57
CA HIS MA 11 14.17 -92.08 -52.59
C HIS MA 11 15.46 -92.85 -52.27
N LYS MA 12 15.36 -94.17 -52.23
CA LYS MA 12 16.50 -95.00 -51.92
C LYS MA 12 17.45 -95.06 -53.11
N VAL MA 13 18.71 -94.69 -52.89
CA VAL MA 13 19.66 -94.42 -53.96
C VAL MA 13 20.96 -95.18 -53.70
N THR MA 14 21.93 -94.96 -54.57
CA THR MA 14 23.26 -95.53 -54.46
C THR MA 14 24.22 -94.44 -53.99
N LYS MA 15 24.97 -94.73 -52.94
CA LYS MA 15 25.98 -93.80 -52.48
C LYS MA 15 27.19 -93.81 -53.41
N ASN MA 16 28.12 -92.90 -53.16
CA ASN MA 16 29.33 -92.78 -53.98
C ASN MA 16 30.53 -92.57 -53.06
N VAL MA 17 30.78 -93.51 -52.14
CA VAL MA 17 31.87 -93.42 -51.17
C VAL MA 17 33.18 -93.33 -51.90
N SER MA 18 33.78 -92.14 -51.89
CA SER MA 18 34.89 -91.78 -52.75
C SER MA 18 35.80 -90.85 -51.96
N LYS MA 19 36.74 -90.22 -52.64
CA LYS MA 19 37.72 -89.51 -51.82
C LYS MA 19 37.23 -88.09 -51.51
N PRO MA 20 37.53 -87.61 -50.29
CA PRO MA 20 36.99 -86.32 -49.86
C PRO MA 20 37.59 -85.15 -50.61
N ARG MA 21 37.13 -83.96 -50.25
CA ARG MA 21 37.70 -82.79 -50.87
C ARG MA 21 39.03 -82.47 -50.19
N HIS MA 22 39.91 -81.76 -50.89
CA HIS MA 22 41.16 -81.41 -50.25
C HIS MA 22 40.99 -80.34 -49.18
N SER MA 23 40.06 -79.41 -49.34
CA SER MA 23 39.94 -78.27 -48.44
C SER MA 23 39.52 -78.67 -47.03
N ARG MA 24 39.00 -79.87 -46.85
CA ARG MA 24 38.73 -80.39 -45.51
C ARG MA 24 40.02 -80.59 -44.73
N ARG MA 25 41.13 -80.83 -45.42
CA ARG MA 25 42.48 -80.89 -44.84
C ARG MA 25 42.99 -79.46 -44.64
N ARG MA 26 42.40 -78.77 -43.66
CA ARG MA 26 42.65 -77.35 -43.50
C ARG MA 26 43.34 -77.00 -42.18
N GLY MA 27 42.71 -77.28 -41.05
CA GLY MA 27 43.34 -76.94 -39.80
C GLY MA 27 44.02 -78.13 -39.19
N ARG MA 28 44.70 -78.93 -39.98
CA ARG MA 28 45.33 -80.12 -39.44
C ARG MA 28 46.68 -79.75 -38.83
N LEU MA 29 47.08 -80.49 -37.79
CA LEU MA 29 48.08 -79.98 -36.85
C LEU MA 29 49.50 -80.01 -37.42
N THR MA 30 49.78 -80.89 -38.39
CA THR MA 30 50.83 -80.69 -39.39
C THR MA 30 52.24 -80.52 -38.82
N LYS MA 31 52.91 -81.64 -38.46
CA LYS MA 31 54.15 -81.74 -37.68
C LYS MA 31 55.21 -80.67 -37.83
N HIS MA 32 55.30 -80.05 -39.01
CA HIS MA 32 56.04 -78.81 -39.13
C HIS MA 32 55.55 -77.75 -38.15
N THR MA 33 54.26 -77.45 -38.18
CA THR MA 33 53.75 -76.35 -37.36
C THR MA 33 53.44 -76.75 -35.92
N LYS MA 34 53.49 -78.04 -35.58
CA LYS MA 34 53.56 -78.41 -34.16
C LYS MA 34 54.83 -77.85 -33.54
N PHE MA 35 55.92 -77.91 -34.29
CA PHE MA 35 57.22 -77.47 -33.81
C PHE MA 35 57.24 -75.98 -33.55
N VAL MA 36 56.54 -75.21 -34.40
CA VAL MA 36 56.65 -73.75 -34.35
C VAL MA 36 55.98 -73.21 -33.10
N ARG MA 37 54.77 -73.67 -32.81
CA ARG MA 37 54.03 -73.17 -31.66
C ARG MA 37 54.68 -73.62 -30.36
N ASP MA 38 55.05 -74.89 -30.26
CA ASP MA 38 55.72 -75.33 -29.05
C ASP MA 38 57.19 -74.98 -29.01
N MET MA 39 57.71 -74.29 -30.01
CA MET MA 39 58.94 -73.57 -29.75
C MET MA 39 58.64 -72.16 -29.27
N ILE MA 40 57.58 -71.56 -29.79
CA ILE MA 40 57.31 -70.17 -29.45
C ILE MA 40 56.54 -70.01 -28.15
N ARG MA 41 55.97 -71.10 -27.63
CA ARG MA 41 55.42 -71.06 -26.28
C ARG MA 41 56.53 -70.92 -25.25
N GLU MA 42 57.65 -71.62 -25.42
CA GLU MA 42 58.73 -71.46 -24.48
C GLU MA 42 59.49 -70.16 -24.70
N VAL MA 43 59.29 -69.51 -25.85
CA VAL MA 43 59.82 -68.17 -26.05
C VAL MA 43 59.01 -67.15 -25.26
N CYS MA 44 57.70 -67.10 -25.53
CA CYS MA 44 56.89 -65.99 -25.03
C CYS MA 44 56.48 -66.17 -23.57
N GLY MA 45 55.67 -67.20 -23.29
CA GLY MA 45 55.03 -67.34 -21.99
C GLY MA 45 53.52 -67.48 -22.15
N PHE MA 46 52.78 -66.73 -21.34
CA PHE MA 46 51.33 -66.78 -21.37
C PHE MA 46 50.76 -65.37 -21.26
N ALA MA 47 49.47 -65.30 -21.31
CA ALA MA 47 48.75 -64.05 -21.16
C ALA MA 47 48.33 -63.87 -19.72
N PRO MA 48 48.10 -62.63 -19.28
CA PRO MA 48 47.72 -62.41 -17.88
C PRO MA 48 46.37 -63.00 -17.48
N TYR MA 49 45.47 -63.26 -18.41
CA TYR MA 49 44.29 -64.00 -17.99
C TYR MA 49 44.63 -65.47 -17.80
N GLU MA 50 45.50 -66.00 -18.64
CA GLU MA 50 45.87 -67.41 -18.59
C GLU MA 50 46.65 -67.76 -17.33
N ARG MA 51 47.60 -66.90 -16.93
CA ARG MA 51 48.44 -67.19 -15.78
C ARG MA 51 47.64 -67.14 -14.50
N ARG MA 52 46.74 -66.17 -14.36
CA ARG MA 52 45.92 -66.15 -13.18
C ARG MA 52 44.92 -67.30 -13.19
N ALA MA 53 44.48 -67.71 -14.39
CA ALA MA 53 43.63 -68.88 -14.49
C ALA MA 53 44.37 -70.13 -14.07
N MET MA 54 45.67 -70.22 -14.32
CA MET MA 54 46.43 -71.35 -13.85
C MET MA 54 46.71 -71.27 -12.37
N GLU MA 55 46.70 -70.06 -11.80
CA GLU MA 55 46.66 -69.99 -10.34
C GLU MA 55 45.27 -70.31 -9.84
N LEU MA 56 44.24 -69.98 -10.62
CA LEU MA 56 42.88 -70.36 -10.25
C LEU MA 56 42.63 -71.84 -10.44
N LEU MA 57 43.29 -72.45 -11.43
CA LEU MA 57 43.09 -73.87 -11.72
C LEU MA 57 43.54 -74.75 -10.57
N LYS MA 58 44.61 -74.35 -9.88
CA LYS MA 58 45.16 -75.18 -8.82
C LYS MA 58 44.23 -75.22 -7.61
N VAL MA 59 43.97 -74.06 -7.01
CA VAL MA 59 43.50 -74.05 -5.63
C VAL MA 59 42.05 -73.58 -5.54
N SER MA 60 41.57 -72.82 -6.53
CA SER MA 60 40.31 -72.12 -6.34
C SER MA 60 39.10 -73.01 -6.57
N LYS MA 61 38.84 -73.36 -7.83
CA LYS MA 61 37.71 -74.16 -8.29
C LYS MA 61 37.87 -74.38 -9.77
N ASP MA 62 37.56 -75.59 -10.22
CA ASP MA 62 37.50 -75.85 -11.66
C ASP MA 62 36.40 -75.02 -12.31
N LYS MA 63 35.25 -74.90 -11.65
CA LYS MA 63 34.11 -74.23 -12.27
C LYS MA 63 34.27 -72.72 -12.30
N ARG MA 64 34.95 -72.16 -11.29
CA ARG MA 64 35.26 -70.73 -11.34
C ARG MA 64 36.26 -70.43 -12.44
N ALA MA 65 37.19 -71.35 -12.68
CA ALA MA 65 38.21 -71.15 -13.71
C ALA MA 65 37.59 -71.12 -15.10
N LEU MA 66 36.56 -71.94 -15.34
CA LEU MA 66 35.93 -71.93 -16.65
C LEU MA 66 35.06 -70.71 -16.84
N LYS MA 67 34.37 -70.28 -15.78
CA LYS MA 67 33.58 -69.07 -15.84
C LYS MA 67 34.46 -67.84 -15.99
N PHE MA 68 35.72 -67.95 -15.56
CA PHE MA 68 36.69 -66.91 -15.84
C PHE MA 68 37.08 -66.88 -17.31
N ILE MA 69 37.39 -68.04 -17.91
CA ILE MA 69 37.82 -68.09 -19.29
C ILE MA 69 36.70 -67.68 -20.21
N LYS MA 70 35.50 -68.16 -19.93
CA LYS MA 70 34.32 -67.79 -20.70
C LYS MA 70 33.98 -66.32 -20.56
N LYS MA 71 34.45 -65.68 -19.50
CA LYS MA 71 34.31 -64.24 -19.37
C LYS MA 71 35.39 -63.51 -20.15
N ARG MA 72 36.55 -64.15 -20.36
CA ARG MA 72 37.64 -63.52 -21.10
C ARG MA 72 37.64 -63.83 -22.59
N VAL MA 73 37.26 -65.04 -23.00
CA VAL MA 73 37.16 -65.34 -24.42
C VAL MA 73 35.70 -65.54 -24.73
N GLY MA 74 35.37 -65.90 -25.97
CA GLY MA 74 33.98 -65.80 -26.40
C GLY MA 74 32.93 -66.70 -25.79
N THR MA 75 32.99 -68.00 -26.08
CA THR MA 75 31.86 -68.88 -25.88
C THR MA 75 32.15 -69.93 -24.83
N HIS MA 76 31.13 -70.72 -24.52
CA HIS MA 76 31.35 -71.90 -23.71
C HIS MA 76 32.08 -72.98 -24.50
N ILE MA 77 31.98 -72.97 -25.82
CA ILE MA 77 32.73 -73.92 -26.63
C ILE MA 77 34.22 -73.60 -26.60
N ARG MA 78 34.58 -72.32 -26.54
CA ARG MA 78 35.99 -71.98 -26.45
C ARG MA 78 36.53 -72.06 -25.02
N ALA MA 79 35.69 -71.86 -24.02
CA ALA MA 79 36.14 -71.94 -22.64
C ALA MA 79 36.51 -73.36 -22.25
N LYS MA 80 35.81 -74.35 -22.79
CA LYS MA 80 36.23 -75.73 -22.62
C LYS MA 80 37.60 -75.95 -23.23
N ARG MA 81 37.77 -75.51 -24.47
CA ARG MA 81 38.99 -75.82 -25.21
C ARG MA 81 40.19 -75.11 -24.60
N LYS MA 82 39.99 -73.91 -24.10
CA LYS MA 82 41.10 -73.20 -23.49
C LYS MA 82 41.43 -73.79 -22.13
N ARG MA 83 40.44 -74.34 -21.43
CA ARG MA 83 40.76 -74.98 -20.16
C ARG MA 83 41.44 -76.32 -20.37
N GLU MA 84 41.09 -77.04 -21.44
CA GLU MA 84 41.79 -78.27 -21.76
C GLU MA 84 43.21 -77.98 -22.19
N GLU MA 85 43.38 -76.93 -22.99
CA GLU MA 85 44.68 -76.58 -23.56
C GLU MA 85 45.66 -76.17 -22.47
N LEU MA 86 45.17 -75.45 -21.45
CA LEU MA 86 46.03 -75.08 -20.35
C LEU MA 86 46.17 -76.16 -19.31
N SER MA 87 45.30 -77.17 -19.30
CA SER MA 87 45.50 -78.26 -18.37
C SER MA 87 46.72 -79.08 -18.74
N ASN MA 88 46.93 -79.29 -20.04
CA ASN MA 88 48.10 -80.02 -20.50
C ASN MA 88 49.38 -79.19 -20.33
N VAL MA 89 49.25 -77.88 -20.18
CA VAL MA 89 50.36 -77.07 -19.68
C VAL MA 89 50.69 -77.47 -18.24
N LEU MA 90 49.66 -77.48 -17.39
CA LEU MA 90 49.88 -77.70 -15.96
C LEU MA 90 50.31 -79.13 -15.68
N ALA MA 91 49.85 -80.09 -16.48
CA ALA MA 91 50.29 -81.47 -16.31
C ALA MA 91 51.78 -81.61 -16.61
N ALA MA 92 52.25 -80.93 -17.67
CA ALA MA 92 53.67 -80.94 -17.97
C ALA MA 92 54.47 -80.11 -16.98
N MET MA 93 53.81 -79.22 -16.22
CA MET MA 93 54.52 -78.58 -15.12
C MET MA 93 54.91 -79.59 -14.07
N ARG MA 94 53.93 -80.19 -13.41
CA ARG MA 94 54.15 -80.90 -12.16
C ARG MA 94 54.36 -82.38 -12.33
N LYS MA 95 54.23 -82.90 -13.55
CA LYS MA 95 54.50 -84.30 -13.81
C LYS MA 95 55.64 -84.51 -14.78
N ALA MA 96 56.17 -83.45 -15.36
CA ALA MA 96 57.57 -83.41 -15.80
C ALA MA 96 58.41 -82.67 -14.77
N ALA MA 97 58.34 -83.14 -13.54
CA ALA MA 97 58.97 -82.47 -12.41
C ALA MA 97 59.52 -83.47 -11.41
N THR NA 1 13.00 8.67 -42.88
CA THR NA 1 14.41 8.77 -43.16
C THR NA 1 15.02 7.39 -43.14
N LYS NA 2 14.17 6.42 -42.82
CA LYS NA 2 14.52 5.00 -42.90
C LYS NA 2 14.83 4.60 -44.32
N GLY NA 3 14.22 5.26 -45.29
CA GLY NA 3 14.32 4.90 -46.69
C GLY NA 3 15.15 5.87 -47.49
N THR NA 4 14.49 6.85 -48.11
CA THR NA 4 15.08 7.66 -49.17
C THR NA 4 16.26 8.48 -48.67
N SER NA 5 16.06 9.24 -47.61
CA SER NA 5 17.12 10.12 -47.16
C SER NA 5 18.22 9.40 -46.37
N SER NA 6 18.27 8.07 -46.42
CA SER NA 6 19.45 7.31 -46.02
C SER NA 6 19.91 6.37 -47.13
N PHE NA 7 19.31 6.45 -48.32
CA PHE NA 7 19.93 5.89 -49.50
C PHE NA 7 20.94 6.83 -50.13
N GLY NA 8 20.93 8.10 -49.78
CA GLY NA 8 21.94 9.01 -50.29
C GLY NA 8 23.30 8.80 -49.70
N LYS NA 9 23.42 7.91 -48.74
CA LYS NA 9 24.64 7.64 -48.05
C LYS NA 9 25.39 6.47 -48.66
N ARG NA 10 24.83 5.83 -49.69
CA ARG NA 10 25.45 4.70 -50.39
C ARG NA 10 26.63 5.17 -51.23
N ARG NA 11 27.86 4.90 -50.77
CA ARG NA 11 28.97 5.53 -51.47
C ARG NA 11 30.13 4.59 -51.80
N ASN NA 12 30.40 3.58 -50.99
CA ASN NA 12 31.55 2.72 -51.20
C ASN NA 12 31.15 1.35 -51.70
N LYS NA 13 31.90 0.82 -52.65
CA LYS NA 13 31.49 -0.44 -53.27
C LYS NA 13 32.14 -1.59 -52.53
N THR NA 14 31.33 -2.61 -52.21
CA THR NA 14 31.87 -3.84 -51.62
C THR NA 14 32.29 -4.82 -52.70
N HIS NA 15 31.38 -5.15 -53.59
CA HIS NA 15 31.69 -6.13 -54.61
C HIS NA 15 32.39 -5.44 -55.75
N THR NA 16 33.37 -6.13 -56.33
CA THR NA 16 34.28 -5.57 -57.31
C THR NA 16 34.50 -6.67 -58.34
N LEU NA 17 34.96 -6.29 -59.53
CA LEU NA 17 35.25 -7.25 -60.59
C LEU NA 17 36.33 -8.23 -60.18
N CYS NA 18 36.02 -9.51 -60.22
CA CYS NA 18 37.05 -10.49 -59.96
C CYS NA 18 37.65 -10.94 -61.28
N ARG NA 19 38.56 -11.90 -61.19
CA ARG NA 19 39.42 -12.21 -62.31
C ARG NA 19 39.21 -13.59 -62.89
N ARG NA 20 38.48 -14.47 -62.20
CA ARG NA 20 38.18 -15.78 -62.76
C ARG NA 20 36.82 -15.86 -63.43
N CYS NA 21 35.74 -15.48 -62.74
CA CYS NA 21 34.45 -15.42 -63.41
C CYS NA 21 34.08 -14.01 -63.82
N GLY NA 22 34.52 -13.00 -63.07
CA GLY NA 22 34.35 -11.61 -63.45
C GLY NA 22 32.93 -11.11 -63.43
N SER NA 23 32.32 -11.01 -62.25
CA SER NA 23 30.89 -10.70 -62.24
C SER NA 23 30.51 -9.66 -61.20
N LYS NA 24 31.46 -8.84 -60.75
CA LYS NA 24 31.27 -7.84 -59.69
C LYS NA 24 30.74 -8.50 -58.42
N ALA NA 25 31.53 -9.41 -57.88
CA ALA NA 25 31.08 -10.16 -56.72
C ALA NA 25 32.18 -10.37 -55.69
N TYR NA 26 33.32 -9.70 -55.85
CA TYR NA 26 34.53 -10.00 -55.09
C TYR NA 26 34.52 -9.12 -53.84
N HIS NA 27 34.24 -9.72 -52.70
CA HIS NA 27 34.05 -8.97 -51.46
C HIS NA 27 35.40 -8.49 -50.95
N LEU NA 28 35.70 -7.20 -51.19
CA LEU NA 28 37.03 -6.65 -50.90
C LEU NA 28 37.38 -6.73 -49.42
N GLN NA 29 36.38 -6.60 -48.57
CA GLN NA 29 36.51 -6.60 -47.14
C GLN NA 29 36.65 -8.01 -46.60
N LYS NA 30 36.62 -9.03 -47.45
CA LYS NA 30 37.04 -10.39 -47.11
C LYS NA 30 38.00 -11.04 -48.11
N SER NA 31 38.09 -10.53 -49.35
CA SER NA 31 38.83 -11.11 -50.47
C SER NA 31 38.37 -12.54 -50.76
N THR NA 32 37.12 -12.62 -51.19
CA THR NA 32 36.57 -13.85 -51.72
C THR NA 32 35.54 -13.47 -52.76
N CYS NA 33 35.06 -14.44 -53.53
CA CYS NA 33 34.10 -14.19 -54.58
C CYS NA 33 32.83 -14.98 -54.32
N GLY NA 34 31.69 -14.30 -54.41
CA GLY NA 34 30.45 -14.98 -54.10
C GLY NA 34 29.93 -15.84 -55.23
N LYS NA 35 30.48 -15.72 -56.42
CA LYS NA 35 29.96 -16.50 -57.54
C LYS NA 35 30.76 -17.75 -57.84
N CYS NA 36 32.09 -17.66 -57.83
CA CYS NA 36 32.91 -18.80 -58.16
C CYS NA 36 34.01 -19.04 -57.14
N GLY NA 37 34.07 -18.25 -56.09
CA GLY NA 37 34.93 -18.56 -54.96
C GLY NA 37 36.40 -18.42 -55.27
N TYR NA 38 36.89 -17.19 -55.46
CA TYR NA 38 38.20 -16.99 -56.06
C TYR NA 38 39.39 -17.55 -55.28
N PRO NA 39 39.60 -17.26 -53.99
CA PRO NA 39 40.80 -17.81 -53.35
C PRO NA 39 40.72 -19.30 -53.13
N ALA NA 40 39.53 -19.90 -53.18
CA ALA NA 40 39.43 -21.35 -53.16
C ALA NA 40 39.93 -21.95 -54.46
N LYS NA 41 40.22 -23.25 -54.42
CA LYS NA 41 40.67 -23.96 -55.60
C LYS NA 41 39.56 -24.32 -56.55
N ARG NA 42 38.32 -24.44 -56.08
CA ARG NA 42 37.28 -25.11 -56.84
C ARG NA 42 36.15 -24.17 -57.20
N LYS NA 43 35.54 -24.44 -58.34
CA LYS NA 43 34.52 -23.58 -58.92
C LYS NA 43 33.20 -23.82 -58.22
N ARG NA 44 32.63 -22.77 -57.63
CA ARG NA 44 31.43 -22.92 -56.81
C ARG NA 44 30.21 -23.20 -57.68
N LYS NA 45 29.68 -24.40 -57.58
CA LYS NA 45 28.36 -24.69 -58.12
C LYS NA 45 27.65 -25.61 -57.15
N TYR NA 46 26.34 -25.45 -57.04
CA TYR NA 46 25.57 -26.31 -56.16
C TYR NA 46 24.33 -26.82 -56.89
N ASN NA 47 23.70 -27.80 -56.27
CA ASN NA 47 22.54 -28.46 -56.85
C ASN NA 47 21.22 -27.85 -56.41
N TRP NA 48 21.22 -26.75 -55.69
CA TRP NA 48 19.94 -26.11 -55.38
C TRP NA 48 19.58 -24.99 -56.31
N SER NA 49 20.48 -24.57 -57.18
CA SER NA 49 20.16 -23.57 -58.20
C SER NA 49 20.59 -24.19 -59.53
N ALA NA 50 19.64 -24.82 -60.21
CA ALA NA 50 19.96 -25.48 -61.46
C ALA NA 50 20.28 -24.49 -62.55
N LYS NA 51 19.66 -23.31 -62.51
CA LYS NA 51 19.94 -22.30 -63.51
C LYS NA 51 21.35 -21.75 -63.40
N ALA NA 52 21.95 -21.79 -62.22
CA ALA NA 52 23.30 -21.26 -62.11
C ALA NA 52 24.30 -22.19 -62.78
N LYS NA 53 24.09 -23.51 -62.69
CA LYS NA 53 24.87 -24.42 -63.51
C LYS NA 53 24.64 -24.15 -64.98
N ARG NA 54 23.40 -23.86 -65.35
CA ARG NA 54 23.04 -23.58 -66.72
C ARG NA 54 23.66 -22.28 -67.22
N ARG NA 55 23.98 -21.36 -66.31
CA ARG NA 55 24.56 -20.10 -66.73
C ARG NA 55 26.06 -20.21 -66.99
N ASN NA 56 26.75 -21.17 -66.37
CA ASN NA 56 28.21 -21.15 -66.47
C ASN NA 56 28.86 -22.50 -66.67
N THR NA 57 28.16 -23.51 -67.14
CA THR NA 57 28.86 -24.69 -67.55
C THR NA 57 29.15 -24.64 -69.05
N THR NA 58 29.75 -25.71 -69.54
CA THR NA 58 30.38 -25.70 -70.85
C THR NA 58 29.35 -25.77 -71.95
N GLY NA 59 29.64 -25.07 -73.04
CA GLY NA 59 28.69 -24.82 -74.09
C GLY NA 59 28.29 -23.38 -74.23
N THR NA 60 28.40 -22.60 -73.16
CA THR NA 60 28.03 -21.20 -73.21
C THR NA 60 29.19 -20.27 -73.47
N GLY NA 61 30.43 -20.74 -73.34
CA GLY NA 61 31.58 -19.94 -73.73
C GLY NA 61 31.85 -20.07 -75.22
N ARG NA 62 33.11 -20.27 -75.59
CA ARG NA 62 33.35 -20.73 -76.95
C ARG NA 62 33.59 -22.20 -77.03
N MET NA 63 34.16 -22.77 -75.97
CA MET NA 63 34.94 -24.01 -76.05
C MET NA 63 35.96 -23.91 -77.18
N ARG NA 64 36.75 -22.84 -77.16
CA ARG NA 64 37.64 -22.57 -78.28
C ARG NA 64 38.79 -23.55 -78.41
N HIS NA 65 39.03 -24.40 -77.44
CA HIS NA 65 39.95 -25.51 -77.63
C HIS NA 65 39.27 -26.86 -77.54
N LEU NA 66 38.27 -26.98 -76.69
CA LEU NA 66 37.61 -28.24 -76.46
C LEU NA 66 36.73 -28.66 -77.63
N LYS NA 67 36.42 -27.73 -78.54
CA LYS NA 67 35.72 -28.08 -79.77
C LYS NA 67 36.61 -28.89 -80.71
N ILE NA 68 37.86 -28.49 -80.88
CA ILE NA 68 38.64 -29.19 -81.89
C ILE NA 68 39.21 -30.51 -81.37
N VAL NA 69 39.05 -30.80 -80.08
CA VAL NA 69 39.26 -32.17 -79.63
C VAL NA 69 38.14 -33.06 -80.14
N TYR NA 70 36.91 -32.53 -80.20
CA TYR NA 70 35.83 -33.31 -80.78
C TYR NA 70 36.00 -33.48 -82.28
N ARG NA 71 36.62 -32.50 -82.92
CA ARG NA 71 36.87 -32.64 -84.35
C ARG NA 71 37.93 -33.68 -84.63
N ARG NA 72 38.97 -33.75 -83.82
CA ARG NA 72 40.04 -34.69 -84.10
C ARG NA 72 39.64 -36.12 -83.81
N PHE NA 73 38.67 -36.33 -82.94
CA PHE NA 73 38.20 -37.67 -82.59
C PHE NA 73 37.45 -38.33 -83.73
N ARG NA 74 36.96 -37.55 -84.70
CA ARG NA 74 36.31 -38.13 -85.87
C ARG NA 74 37.28 -38.87 -86.77
N HIS NA 75 38.58 -38.69 -86.59
CA HIS NA 75 39.56 -39.44 -87.34
C HIS NA 75 40.53 -40.21 -86.47
N GLY NA 76 40.40 -40.14 -85.15
CA GLY NA 76 41.28 -40.89 -84.30
C GLY NA 76 42.65 -40.29 -84.16
N PHE NA 77 42.74 -38.95 -84.12
CA PHE NA 77 43.94 -38.20 -83.74
C PHE NA 77 45.11 -38.47 -84.69
N ARG NA 78 44.90 -38.09 -85.95
CA ARG NA 78 45.92 -38.26 -86.98
C ARG NA 78 47.13 -37.37 -86.70
N GLU NA 79 48.31 -37.84 -87.17
CA GLU NA 79 49.57 -37.14 -86.96
C GLU NA 79 50.41 -36.99 -88.21
N GLY NA 80 50.02 -37.58 -89.34
CA GLY NA 80 50.64 -37.31 -90.61
C GLY NA 80 50.12 -36.01 -91.18
N THR NA 81 50.40 -35.79 -92.46
CA THR NA 81 49.98 -34.52 -93.05
C THR NA 81 48.86 -34.67 -94.07
N THR NA 82 49.08 -35.36 -95.21
CA THR NA 82 48.20 -35.43 -96.37
C THR NA 82 48.86 -36.28 -97.44
N PRO NA 83 48.16 -36.67 -98.50
CA PRO NA 83 48.83 -36.99 -99.77
C PRO NA 83 48.93 -35.74 -100.64
N LYS NA 84 49.81 -35.80 -101.63
CA LYS NA 84 49.97 -34.64 -102.50
C LYS NA 84 48.85 -34.53 -103.51
N PRO OA 1 70.36 31.12 -58.91
CA PRO OA 1 71.70 31.27 -59.51
C PRO OA 1 72.76 31.62 -58.50
N ARG OA 2 73.95 31.96 -58.98
CA ARG OA 2 75.06 32.34 -58.13
C ARG OA 2 75.64 33.66 -58.62
N LYS OA 3 76.36 34.33 -57.74
CA LYS OA 3 76.95 35.63 -58.02
C LYS OA 3 78.47 35.53 -57.92
N ILE OA 4 79.18 36.32 -58.73
CA ILE OA 4 80.63 36.33 -58.78
C ILE OA 4 81.11 37.71 -58.33
N GLU OA 5 82.27 37.75 -57.66
CA GLU OA 5 82.81 38.98 -57.09
C GLU OA 5 84.20 39.35 -57.60
N GLU OA 6 84.77 38.57 -58.49
CA GLU OA 6 86.01 38.96 -59.16
C GLU OA 6 85.84 38.78 -60.65
N ILE OA 7 86.38 39.74 -61.40
CA ILE OA 7 86.35 39.65 -62.85
C ILE OA 7 87.24 38.51 -63.33
N LYS OA 8 88.34 38.24 -62.62
CA LYS OA 8 89.13 37.04 -62.87
C LYS OA 8 88.32 35.78 -62.65
N ASP OA 9 87.49 35.78 -61.61
CA ASP OA 9 86.70 34.59 -61.28
C ASP OA 9 85.63 34.35 -62.34
N PHE OA 10 85.04 35.42 -62.85
CA PHE OA 10 84.09 35.27 -63.94
C PHE OA 10 84.79 34.98 -65.27
N LEU OA 11 86.00 35.51 -65.49
CA LEU OA 11 86.66 35.27 -66.77
C LEU OA 11 87.13 33.83 -66.84
N LEU OA 12 87.55 33.27 -65.71
CA LEU OA 12 87.84 31.85 -65.65
C LEU OA 12 86.57 31.02 -65.82
N THR OA 13 85.46 31.53 -65.30
CA THR OA 13 84.18 30.87 -65.49
C THR OA 13 83.76 30.89 -66.95
N ALA OA 14 84.15 31.94 -67.67
CA ALA OA 14 83.87 31.99 -69.08
C ALA OA 14 84.76 31.02 -69.85
N ARG OA 15 85.98 30.82 -69.38
CA ARG OA 15 86.84 29.78 -69.94
C ARG OA 15 86.32 28.38 -69.64
N ARG OA 16 85.45 28.23 -68.64
CA ARG OA 16 84.94 26.91 -68.28
C ARG OA 16 84.09 26.39 -69.41
N LYS OA 17 84.36 25.17 -69.83
CA LYS OA 17 83.51 24.53 -70.82
C LYS OA 17 82.23 24.06 -70.14
N ASP OA 18 81.41 23.36 -70.93
CA ASP OA 18 80.01 23.08 -70.62
C ASP OA 18 79.25 24.39 -70.41
N ALA OA 19 79.56 25.38 -71.24
CA ALA OA 19 78.96 26.70 -71.21
C ALA OA 19 78.74 27.15 -72.64
N LYS OA 20 77.62 27.82 -72.90
CA LYS OA 20 77.31 28.23 -74.26
C LYS OA 20 76.90 29.67 -74.44
N SER OA 21 76.39 30.35 -73.43
CA SER OA 21 75.73 31.63 -73.67
C SER OA 21 76.16 32.65 -72.63
N VAL OA 22 76.38 33.89 -73.08
CA VAL OA 22 76.65 35.01 -72.19
C VAL OA 22 75.67 36.11 -72.53
N LYS OA 23 74.86 36.52 -71.55
CA LYS OA 23 73.87 37.55 -71.73
C LYS OA 23 74.34 38.86 -71.10
N ILE OA 24 74.61 39.84 -71.95
CA ILE OA 24 74.97 41.19 -71.53
C ILE OA 24 73.67 41.97 -71.45
N LYS OA 25 73.25 42.34 -70.26
CA LYS OA 25 71.99 43.05 -70.08
C LYS OA 25 72.30 44.46 -69.58
N LYS OA 26 72.22 45.43 -70.47
CA LYS OA 26 72.43 46.84 -70.14
C LYS OA 26 71.30 47.32 -69.25
N ASN OA 27 71.54 47.34 -67.95
CA ASN OA 27 70.62 48.03 -67.05
C ASN OA 27 71.10 49.48 -66.95
N LYS OA 28 70.39 50.31 -66.18
CA LYS OA 28 70.64 51.75 -66.24
C LYS OA 28 71.97 52.11 -65.61
N ASP OA 29 72.11 51.86 -64.32
CA ASP OA 29 73.31 52.29 -63.64
C ASP OA 29 74.45 51.28 -63.74
N ASN OA 30 74.12 50.01 -63.94
CA ASN OA 30 75.09 48.94 -63.99
C ASN OA 30 74.79 48.05 -65.21
N VAL OA 31 75.67 47.09 -65.47
CA VAL OA 31 75.42 46.11 -66.50
C VAL OA 31 75.92 44.76 -65.98
N LYS OA 32 75.12 43.71 -66.22
CA LYS OA 32 75.39 42.38 -65.71
C LYS OA 32 75.77 41.45 -66.85
N PHE OA 33 76.73 40.58 -66.59
CA PHE OA 33 77.10 39.52 -67.53
C PHE OA 33 76.61 38.21 -66.94
N LYS OA 34 75.94 37.40 -67.75
CA LYS OA 34 75.30 36.19 -67.27
C LYS OA 34 75.72 35.00 -68.13
N VAL OA 35 76.57 34.15 -67.58
CA VAL OA 35 76.91 32.89 -68.23
C VAL OA 35 75.83 31.88 -67.90
N ARG OA 36 75.26 31.26 -68.93
CA ARG OA 36 74.37 30.13 -68.73
C ARG OA 36 75.17 28.88 -69.03
N CYS OA 37 75.92 28.41 -68.03
CA CYS OA 37 76.80 27.28 -68.27
C CYS OA 37 76.08 25.94 -68.13
N SER OA 38 75.83 25.53 -66.90
CA SER OA 38 75.18 24.25 -66.59
C SER OA 38 74.89 24.24 -65.09
N ARG OA 39 73.65 23.92 -64.71
CA ARG OA 39 73.13 23.91 -63.34
C ARG OA 39 73.11 25.27 -62.66
N TYR OA 40 73.64 26.32 -63.29
CA TYR OA 40 73.72 27.63 -62.66
C TYR OA 40 73.65 28.71 -63.72
N LEU OA 41 73.52 29.95 -63.24
CA LEU OA 41 73.53 31.14 -64.07
C LEU OA 41 74.46 32.14 -63.39
N TYR OA 42 75.70 32.23 -63.87
CA TYR OA 42 76.73 33.00 -63.17
C TYR OA 42 76.65 34.47 -63.55
N THR OA 43 76.45 35.32 -62.55
CA THR OA 43 76.20 36.74 -62.76
C THR OA 43 77.31 37.57 -62.14
N LEU OA 44 77.86 38.49 -62.91
CA LEU OA 44 78.79 39.49 -62.43
C LEU OA 44 78.25 40.86 -62.80
N VAL OA 45 78.00 41.69 -61.79
CA VAL OA 45 77.40 42.99 -61.98
C VAL OA 45 78.49 44.05 -61.89
N ILE OA 46 78.63 44.84 -62.95
CA ILE OA 46 79.74 45.77 -63.07
C ILE OA 46 79.15 47.13 -63.41
N THR OA 47 79.91 48.18 -63.07
CA THR OA 47 79.35 49.53 -62.99
C THR OA 47 79.71 50.41 -64.19
N ASP OA 48 80.73 50.07 -64.97
CA ASP OA 48 81.24 50.92 -66.02
C ASP OA 48 81.00 50.31 -67.38
N LYS OA 49 80.66 51.16 -68.36
CA LYS OA 49 80.63 50.74 -69.75
C LYS OA 49 82.03 50.48 -70.31
N GLU OA 50 83.02 51.22 -69.83
CA GLU OA 50 84.38 51.01 -70.30
C GLU OA 50 84.96 49.72 -69.75
N LYS OA 51 84.72 49.44 -68.47
CA LYS OA 51 85.01 48.10 -67.94
C LYS OA 51 84.17 47.03 -68.64
N ALA OA 52 82.96 47.38 -69.08
CA ALA OA 52 82.13 46.41 -69.79
C ALA OA 52 82.74 46.06 -71.15
N GLU OA 53 83.17 47.06 -71.91
CA GLU OA 53 83.66 46.78 -73.25
C GLU OA 53 85.00 46.08 -73.19
N LYS OA 54 85.86 46.46 -72.26
CA LYS OA 54 87.12 45.74 -72.15
C LYS OA 54 86.94 44.37 -71.53
N LEU OA 55 85.84 44.14 -70.81
CA LEU OA 55 85.54 42.76 -70.44
C LEU OA 55 85.04 42.00 -71.65
N LYS OA 56 84.26 42.67 -72.51
CA LYS OA 56 83.74 42.06 -73.73
C LYS OA 56 84.88 41.62 -74.64
N GLN OA 57 85.96 42.38 -74.67
CA GLN OA 57 87.08 42.02 -75.52
C GLN OA 57 87.93 40.94 -74.88
N SER OA 58 87.74 40.67 -73.59
CA SER OA 58 88.39 39.55 -72.93
C SER OA 58 87.61 38.26 -73.04
N LEU OA 59 86.43 38.31 -73.68
CA LEU OA 59 85.52 37.17 -73.69
C LEU OA 59 86.09 36.06 -74.57
N PRO OA 60 85.91 34.80 -74.18
CA PRO OA 60 86.40 33.69 -75.00
C PRO OA 60 85.62 33.54 -76.29
N PRO OA 61 86.32 33.36 -77.42
CA PRO OA 61 85.65 33.52 -78.73
C PRO OA 61 84.71 32.38 -79.06
N GLY OA 62 84.96 31.18 -78.54
CA GLY OA 62 84.05 30.07 -78.76
C GLY OA 62 82.73 30.21 -78.02
N LEU OA 63 82.70 31.06 -76.99
CA LEU OA 63 81.50 31.24 -76.18
C LEU OA 63 80.63 32.32 -76.83
N ALA OA 64 79.36 32.02 -77.02
CA ALA OA 64 78.49 32.89 -77.79
C ALA OA 64 78.12 34.12 -76.98
N VAL OA 65 78.00 35.25 -77.67
CA VAL OA 65 77.64 36.52 -77.05
C VAL OA 65 76.26 36.90 -77.55
N LYS OA 66 75.38 37.27 -76.62
CA LYS OA 66 74.07 37.82 -76.98
C LYS OA 66 73.77 38.96 -76.03
N GLU OA 67 73.65 40.16 -76.56
CA GLU OA 67 73.31 41.32 -75.78
C GLU OA 67 71.80 41.45 -75.77
N LEU OA 68 71.22 41.59 -74.59
CA LEU OA 68 69.79 41.33 -74.40
C LEU OA 68 68.94 42.53 -74.78
N LYS OA 69 68.06 42.33 -75.75
CA LYS OA 69 66.96 43.24 -76.14
C LYS OA 69 67.27 44.74 -76.24
N SER PA 1 35.23 8.68 -61.24
CA SER PA 1 35.82 8.83 -59.92
C SER PA 1 37.12 9.58 -60.03
N SER PA 2 37.47 9.93 -61.27
CA SER PA 2 38.39 11.01 -61.63
C SER PA 2 39.86 10.74 -61.37
N HIS PA 3 40.20 9.68 -60.65
CA HIS PA 3 41.54 9.10 -60.67
C HIS PA 3 41.44 7.68 -60.14
N LYS PA 4 42.01 6.74 -60.88
CA LYS PA 4 41.49 5.38 -60.86
C LYS PA 4 42.60 4.40 -61.21
N THR PA 5 42.22 3.17 -61.53
CA THR PA 5 43.14 2.10 -61.86
C THR PA 5 42.95 1.69 -63.30
N PHE PA 6 43.78 0.75 -63.77
CA PHE PA 6 43.80 0.47 -65.19
C PHE PA 6 42.76 -0.54 -65.61
N ARG PA 7 42.35 -1.45 -64.71
CA ARG PA 7 41.31 -2.42 -65.04
C ARG PA 7 40.00 -1.75 -65.35
N ILE PA 8 39.68 -0.65 -64.66
CA ILE PA 8 38.45 0.07 -64.93
C ILE PA 8 38.52 0.78 -66.28
N LYS PA 9 39.69 1.31 -66.63
CA LYS PA 9 39.80 2.00 -67.92
C LYS PA 9 39.77 1.02 -69.09
N ARG PA 10 40.11 -0.25 -68.87
CA ARG PA 10 39.84 -1.23 -69.91
C ARG PA 10 38.38 -1.61 -69.96
N PHE PA 11 37.72 -1.67 -68.81
CA PHE PA 11 36.29 -1.97 -68.80
C PHE PA 11 35.50 -0.82 -69.40
N LEU PA 12 35.85 0.41 -69.04
CA LEU PA 12 35.15 1.57 -69.58
C LEU PA 12 35.50 1.83 -71.02
N ALA PA 13 36.66 1.36 -71.49
CA ALA PA 13 36.98 1.51 -72.90
C ALA PA 13 36.02 0.72 -73.76
N LYS PA 14 35.67 -0.48 -73.33
CA LYS PA 14 34.83 -1.32 -74.17
C LYS PA 14 33.39 -0.83 -74.17
N LYS PA 15 32.96 -0.15 -73.10
CA LYS PA 15 31.57 0.26 -73.05
C LYS PA 15 31.31 1.48 -73.92
N GLN PA 16 32.35 2.24 -74.25
CA GLN PA 16 32.19 3.30 -75.24
C GLN PA 16 32.30 2.75 -76.66
N LYS PA 17 33.00 1.63 -76.83
CA LYS PA 17 32.98 0.93 -78.12
C LYS PA 17 31.56 0.49 -78.48
N GLN PA 18 30.83 -0.06 -77.51
CA GLN PA 18 29.50 -0.62 -77.73
C GLN PA 18 28.51 0.45 -78.17
N ASN PA 19 28.79 1.70 -77.81
CA ASN PA 19 27.76 2.70 -77.56
C ASN PA 19 27.68 3.68 -78.73
N ARG PA 20 27.53 3.12 -79.93
CA ARG PA 20 27.47 3.93 -81.13
C ARG PA 20 26.42 3.35 -82.05
N PRO PA 21 25.74 4.17 -82.87
CA PRO PA 21 24.57 3.67 -83.61
C PRO PA 21 24.88 2.75 -84.77
N ILE PA 22 23.84 2.42 -85.53
CA ILE PA 22 23.91 1.44 -86.61
C ILE PA 22 24.24 2.13 -87.92
N PRO PA 23 25.23 1.67 -88.68
CA PRO PA 23 25.51 2.26 -89.99
C PRO PA 23 24.41 1.90 -90.96
N GLN PA 24 24.24 2.76 -91.97
CA GLN PA 24 23.11 2.62 -92.87
C GLN PA 24 23.37 1.68 -94.03
N TRP PA 25 24.45 0.91 -94.02
CA TRP PA 25 24.64 -0.10 -95.05
C TRP PA 25 24.41 -1.52 -94.56
N ILE PA 26 24.57 -1.80 -93.27
CA ILE PA 26 24.14 -3.10 -92.73
C ILE PA 26 22.64 -3.21 -92.75
N ARG PA 27 21.95 -2.07 -92.59
CA ARG PA 27 20.50 -2.04 -92.58
C ARG PA 27 19.90 -2.43 -93.93
N MET PA 28 20.65 -2.31 -95.03
CA MET PA 28 20.14 -2.52 -96.37
C MET PA 28 20.72 -3.78 -97.01
N LYS PA 29 21.14 -4.75 -96.21
CA LYS PA 29 21.75 -5.97 -96.73
C LYS PA 29 20.68 -6.91 -97.26
N THR PA 30 21.05 -8.17 -97.44
CA THR PA 30 20.10 -9.25 -97.54
C THR PA 30 20.28 -10.13 -96.31
N GLY PA 31 19.19 -10.75 -95.87
CA GLY PA 31 19.25 -11.54 -94.67
C GLY PA 31 19.28 -10.68 -93.43
N ASN PA 32 18.41 -9.69 -93.36
CA ASN PA 32 18.49 -8.69 -92.31
C ASN PA 32 17.11 -8.40 -91.77
N LYS PA 33 17.03 -8.24 -90.46
CA LYS PA 33 15.86 -7.65 -89.83
C LYS PA 33 16.25 -6.84 -88.59
N ILE PA 34 17.45 -6.30 -88.58
CA ILE PA 34 17.88 -5.41 -87.52
C ILE PA 34 17.52 -4.00 -87.91
N ARG PA 35 17.01 -3.22 -86.97
CA ARG PA 35 16.55 -1.88 -87.26
C ARG PA 35 17.30 -0.80 -86.51
N TYR PA 36 18.03 -1.16 -85.46
CA TYR PA 36 18.62 -0.23 -84.51
C TYR PA 36 19.52 -1.05 -83.61
N ASN PA 37 20.19 -0.37 -82.70
CA ASN PA 37 20.96 -1.06 -81.69
C ASN PA 37 20.14 -1.07 -80.41
N SER PA 38 19.69 -2.27 -80.01
CA SER PA 38 18.91 -2.39 -78.79
C SER PA 38 19.78 -2.40 -77.55
N LYS PA 39 21.06 -2.69 -77.71
CA LYS PA 39 21.98 -2.67 -76.59
C LYS PA 39 22.54 -1.29 -76.32
N ARG PA 40 21.94 -0.28 -76.96
CA ARG PA 40 22.36 1.11 -76.80
C ARG PA 40 22.08 1.55 -75.38
N ARG PA 41 23.01 2.29 -74.81
CA ARG PA 41 22.98 2.61 -73.40
C ARG PA 41 23.15 4.11 -73.23
N HIS PA 42 22.26 4.74 -72.49
CA HIS PA 42 22.39 6.15 -72.21
C HIS PA 42 22.67 6.32 -70.73
N TRP PA 43 23.58 7.23 -70.42
CA TRP PA 43 24.17 7.30 -69.10
C TRP PA 43 23.34 8.05 -68.07
N ARG PA 44 22.29 8.79 -68.45
CA ARG PA 44 21.42 9.31 -67.40
C ARG PA 44 20.53 8.23 -66.84
N ARG PA 45 19.97 7.39 -67.71
CA ARG PA 45 18.93 6.46 -67.32
C ARG PA 45 19.51 5.15 -66.82
N THR PA 46 20.32 4.50 -67.63
CA THR PA 46 20.79 3.16 -67.34
C THR PA 46 22.29 3.17 -67.08
N LYS PA 47 22.66 3.01 -65.83
CA LYS PA 47 24.08 2.86 -65.52
C LYS PA 47 24.55 1.48 -65.94
N LEU PA 48 25.84 1.37 -66.22
CA LEU PA 48 26.44 0.05 -66.35
C LEU PA 48 26.81 -0.52 -64.99
N GLY PA 49 27.27 0.32 -64.06
CA GLY PA 49 27.57 -0.06 -62.70
C GLY PA 49 28.56 -1.21 -62.57
N LEU PA 50 29.70 -1.09 -63.24
CA LEU PA 50 30.66 -2.17 -63.48
C LEU PA 50 30.06 -3.44 -64.09
N ILE QA 1 -75.33 46.55 -2.48
CA ILE QA 1 -75.02 45.13 -2.67
C ILE QA 1 -76.29 44.32 -3.01
N GLU QA 2 -77.44 44.64 -2.37
CA GLU QA 2 -78.75 44.01 -2.58
C GLU QA 2 -78.75 42.50 -2.46
N PRO QA 3 -78.85 41.94 -1.25
CA PRO QA 3 -78.86 40.48 -1.06
C PRO QA 3 -79.86 39.66 -1.89
N SER QA 4 -80.86 40.28 -2.53
CA SER QA 4 -81.53 39.57 -3.60
C SER QA 4 -80.63 39.43 -4.83
N LEU QA 5 -79.85 40.47 -5.16
CA LEU QA 5 -79.03 40.42 -6.37
C LEU QA 5 -77.83 39.50 -6.23
N ARG QA 6 -77.46 39.15 -5.01
CA ARG QA 6 -76.54 38.03 -4.87
C ARG QA 6 -77.18 36.77 -5.41
N GLN QA 7 -78.47 36.58 -5.13
CA GLN QA 7 -79.15 35.37 -5.55
C GLN QA 7 -79.41 35.37 -7.05
N LEU QA 8 -79.61 36.55 -7.64
CA LEU QA 8 -79.76 36.60 -9.09
C LEU QA 8 -78.44 36.30 -9.78
N ALA QA 9 -77.32 36.78 -9.22
CA ALA QA 9 -76.03 36.55 -9.85
C ALA QA 9 -75.55 35.14 -9.64
N GLN QA 10 -75.75 34.59 -8.44
CA GLN QA 10 -75.37 33.19 -8.17
C GLN QA 10 -76.19 32.21 -8.98
N LYS QA 11 -77.37 32.64 -9.44
CA LYS QA 11 -78.16 31.85 -10.36
C LYS QA 11 -77.45 31.70 -11.70
N TYR QA 12 -76.58 32.64 -12.06
CA TYR QA 12 -75.83 32.47 -13.29
C TYR QA 12 -74.40 32.03 -13.11
N ASN QA 13 -73.83 32.12 -11.91
CA ASN QA 13 -72.41 31.81 -11.84
C ASN QA 13 -72.09 30.67 -10.89
N CYS QA 14 -72.80 30.57 -9.77
CA CYS QA 14 -72.33 29.71 -8.70
C CYS QA 14 -73.19 28.49 -8.40
N ASP QA 15 -74.37 28.33 -9.01
CA ASP QA 15 -75.18 27.15 -8.74
C ASP QA 15 -75.09 26.15 -9.89
N LYS QA 16 -73.95 25.46 -9.97
CA LYS QA 16 -73.73 24.50 -11.02
C LYS QA 16 -73.34 23.16 -10.42
N MET QA 17 -73.16 22.17 -11.29
CA MET QA 17 -72.61 20.88 -10.91
C MET QA 17 -71.39 20.67 -11.79
N ILE QA 18 -70.23 20.58 -11.21
CA ILE QA 18 -69.02 20.42 -12.00
C ILE QA 18 -68.73 18.94 -12.12
N CYS QA 19 -68.29 18.51 -13.29
CA CYS QA 19 -67.95 17.12 -13.50
C CYS QA 19 -66.59 16.78 -12.94
N ARG QA 20 -66.44 15.52 -12.54
CA ARG QA 20 -65.16 15.01 -12.08
C ARG QA 20 -64.22 14.69 -13.22
N LYS QA 21 -64.68 14.70 -14.47
CA LYS QA 21 -63.81 14.38 -15.59
C LYS QA 21 -63.66 15.55 -16.54
N CYS QA 22 -64.75 16.09 -17.07
CA CYS QA 22 -64.61 17.14 -18.07
C CYS QA 22 -64.43 18.52 -17.46
N TYR QA 23 -64.66 18.69 -16.15
CA TYR QA 23 -64.54 19.96 -15.42
C TYR QA 23 -65.43 21.05 -15.99
N ALA QA 24 -66.57 20.72 -16.57
CA ALA QA 24 -67.35 21.74 -17.25
C ALA QA 24 -68.40 22.35 -16.33
N ARG QA 25 -68.70 23.61 -16.58
CA ARG QA 25 -69.72 24.36 -15.87
C ARG QA 25 -71.05 23.98 -16.48
N LEU QA 26 -71.68 22.94 -15.96
CA LEU QA 26 -72.77 22.36 -16.72
C LEU QA 26 -74.15 22.91 -16.38
N HIS QA 27 -74.69 22.49 -15.24
CA HIS QA 27 -76.13 22.57 -15.02
C HIS QA 27 -76.44 22.09 -13.61
N PRO QA 28 -77.41 22.65 -12.89
CA PRO QA 28 -77.60 22.22 -11.50
C PRO QA 28 -78.40 20.94 -11.36
N ARG QA 29 -79.32 20.64 -12.28
CA ARG QA 29 -80.02 19.36 -12.23
C ARG QA 29 -79.42 18.33 -13.18
N ALA QA 30 -78.11 18.38 -13.39
CA ALA QA 30 -77.51 17.66 -14.49
C ALA QA 30 -77.39 16.18 -14.18
N VAL QA 31 -77.25 15.40 -15.25
CA VAL QA 31 -76.97 13.97 -15.15
C VAL QA 31 -75.68 13.60 -15.85
N ASN QA 32 -75.46 14.11 -17.05
CA ASN QA 32 -74.30 13.67 -17.82
C ASN QA 32 -73.62 14.86 -18.49
N CYS QA 33 -72.30 14.94 -18.31
CA CYS QA 33 -71.46 15.91 -19.00
C CYS QA 33 -71.59 15.74 -20.50
N ARG QA 34 -72.12 16.77 -21.16
CA ARG QA 34 -72.45 16.70 -22.58
C ARG QA 34 -71.24 16.55 -23.47
N LYS QA 35 -70.02 16.79 -22.96
CA LYS QA 35 -68.86 16.87 -23.82
C LYS QA 35 -68.47 15.48 -24.32
N LYS QA 36 -68.11 15.39 -25.60
CA LYS QA 36 -67.68 14.11 -26.13
C LYS QA 36 -66.30 13.72 -25.65
N LYS QA 37 -65.51 14.70 -25.21
CA LYS QA 37 -64.15 14.49 -24.75
C LYS QA 37 -64.07 13.93 -23.33
N CYS QA 38 -65.20 13.64 -22.70
CA CYS QA 38 -65.20 12.87 -21.46
C CYS QA 38 -66.01 11.59 -21.57
N GLY QA 39 -66.87 11.47 -22.57
CA GLY QA 39 -67.67 10.27 -22.73
C GLY QA 39 -68.87 10.20 -21.82
N HIS QA 40 -69.48 11.35 -21.51
CA HIS QA 40 -70.83 11.45 -20.94
C HIS QA 40 -70.95 10.79 -19.56
N THR QA 41 -69.96 10.98 -18.71
CA THR QA 41 -69.98 10.35 -17.39
C THR QA 41 -71.07 10.95 -16.50
N ASN QA 42 -71.46 10.18 -15.48
CA ASN QA 42 -72.47 10.63 -14.52
C ASN QA 42 -71.88 10.87 -13.15
N ASN QA 43 -70.58 11.09 -13.05
CA ASN QA 43 -69.92 11.17 -11.76
C ASN QA 43 -69.77 12.63 -11.38
N LEU QA 44 -70.93 13.27 -11.21
CA LEU QA 44 -71.01 14.72 -11.06
C LEU QA 44 -71.09 15.15 -9.61
N ARG QA 45 -70.45 16.26 -9.30
CA ARG QA 45 -70.33 16.79 -7.95
C ARG QA 45 -70.74 18.25 -7.98
N PRO QA 46 -71.21 18.80 -6.86
CA PRO QA 46 -71.71 20.18 -6.86
C PRO QA 46 -70.56 21.17 -6.97
N LYS QA 47 -70.87 22.36 -7.47
CA LYS QA 47 -69.86 23.40 -7.53
C LYS QA 47 -69.61 23.93 -6.13
N LYS QA 48 -68.35 23.97 -5.74
CA LYS QA 48 -67.98 24.19 -4.34
C LYS QA 48 -68.34 25.61 -3.90
N LYS QA 49 -68.80 25.74 -2.64
CA LYS QA 49 -69.15 27.02 -2.05
C LYS QA 49 -68.11 27.42 -1.01
N VAL QA 50 -68.35 28.56 -0.37
CA VAL QA 50 -67.38 29.12 0.57
C VAL QA 50 -67.46 28.42 1.92
N MET RA 1 9.93 10.57 38.25
CA MET RA 1 10.67 10.47 37.00
C MET RA 1 11.97 11.22 37.15
N ARG RA 2 13.10 10.53 36.94
CA ARG RA 2 14.43 11.11 37.13
C ARG RA 2 14.63 12.32 36.23
N ALA RA 3 15.48 13.24 36.70
CA ALA RA 3 15.87 14.36 35.86
C ALA RA 3 16.67 13.90 34.66
N LYS RA 4 17.37 12.77 34.81
CA LYS RA 4 18.03 12.09 33.70
C LYS RA 4 17.04 11.71 32.61
N TRP RA 5 16.03 10.91 32.96
CA TRP RA 5 15.04 10.54 31.97
C TRP RA 5 14.02 11.64 31.73
N ARG RA 6 14.02 12.71 32.53
CA ARG RA 6 13.22 13.87 32.16
C ARG RA 6 13.89 14.63 31.03
N LYS RA 7 15.23 14.69 31.05
CA LYS RA 7 15.97 15.29 29.94
C LYS RA 7 15.86 14.44 28.69
N LYS RA 8 15.75 13.13 28.85
CA LYS RA 8 15.63 12.28 27.68
C LYS RA 8 14.27 12.44 27.00
N ARG RA 9 13.21 12.68 27.78
CA ARG RA 9 11.89 12.84 27.17
C ARG RA 9 11.71 14.21 26.57
N MET RA 10 12.34 15.24 27.15
CA MET RA 10 12.32 16.55 26.52
C MET RA 10 13.12 16.54 25.23
N ARG RA 11 14.16 15.72 25.16
CA ARG RA 11 14.93 15.56 23.95
C ARG RA 11 14.13 14.84 22.87
N ARG RA 12 13.52 13.73 23.25
CA ARG RA 12 12.76 12.90 22.31
C ARG RA 12 11.58 13.66 21.74
N LEU RA 13 10.96 14.50 22.56
CA LEU RA 13 9.87 15.33 22.12
C LEU RA 13 10.34 16.43 21.18
N LYS RA 14 11.49 17.04 21.51
CA LYS RA 14 12.01 18.16 20.74
C LYS RA 14 12.48 17.73 19.37
N ARG RA 15 12.96 16.49 19.26
CA ARG RA 15 13.44 16.01 17.98
C ARG RA 15 12.28 15.77 17.02
N LYS RA 16 11.13 15.33 17.53
CA LYS RA 16 9.96 15.18 16.68
C LYS RA 16 9.38 16.54 16.30
N ARG RA 17 9.43 17.48 17.24
CA ARG RA 17 9.00 18.84 16.98
C ARG RA 17 9.91 19.50 15.94
N ARG RA 18 11.18 19.11 15.93
CA ARG RA 18 12.12 19.60 14.94
C ARG RA 18 11.82 19.03 13.57
N LYS RA 19 11.58 17.72 13.48
CA LYS RA 19 11.24 17.09 12.20
C LYS RA 19 9.84 17.45 11.73
N MET RA 20 9.02 18.03 12.61
CA MET RA 20 7.75 18.58 12.16
C MET RA 20 7.95 19.96 11.56
N ARG RA 21 8.85 20.77 12.13
CA ARG RA 21 9.17 22.08 11.58
C ARG RA 21 9.77 21.97 10.19
N GLN RA 22 10.79 21.13 10.04
CA GLN RA 22 11.49 21.01 8.76
C GLN RA 22 10.64 20.35 7.69
N ARG RA 23 9.59 19.63 8.09
CA ARG RA 23 8.68 19.02 7.13
C ARG RA 23 7.92 20.09 6.36
N SER RA 24 6.97 20.73 7.04
CA SER RA 24 6.25 21.86 6.50
C SER RA 24 6.91 23.14 7.00
N LYS RA 25 8.04 23.46 6.35
CA LYS RA 25 8.88 24.63 6.64
C LYS RA 25 8.24 25.97 6.93
N VAL SA 1 -15.15 -58.67 1.35
CA VAL SA 1 -16.06 -59.79 1.58
C VAL SA 1 -15.34 -60.86 2.33
N ASN SA 2 -16.04 -61.92 2.71
CA ASN SA 2 -15.45 -63.04 3.45
C ASN SA 2 -15.74 -64.31 2.67
N VAL SA 3 -14.72 -64.94 2.12
CA VAL SA 3 -14.95 -66.23 1.46
C VAL SA 3 -14.07 -67.27 2.12
N PRO SA 4 -14.59 -68.45 2.46
CA PRO SA 4 -13.86 -69.33 3.37
C PRO SA 4 -12.65 -69.95 2.71
N LYS SA 5 -11.67 -70.33 3.55
CA LYS SA 5 -10.45 -71.00 3.11
C LYS SA 5 -10.75 -72.21 2.25
N THR SA 6 -11.62 -73.08 2.74
CA THR SA 6 -11.94 -74.32 2.09
C THR SA 6 -13.27 -74.19 1.37
N ARG SA 7 -13.39 -74.85 0.24
CA ARG SA 7 -14.58 -74.72 -0.61
C ARG SA 7 -14.60 -75.90 -1.56
N ARG SA 8 -15.73 -76.60 -1.62
CA ARG SA 8 -15.83 -77.83 -2.40
C ARG SA 8 -16.39 -77.53 -3.79
N THR SA 9 -15.56 -77.61 -4.82
CA THR SA 9 -15.92 -77.12 -6.13
C THR SA 9 -15.40 -78.09 -7.20
N PHE SA 10 -15.98 -78.00 -8.40
CA PHE SA 10 -15.81 -78.97 -9.46
C PHE SA 10 -14.39 -78.93 -10.01
N CYS SA 11 -13.69 -80.07 -10.01
CA CYS SA 11 -12.36 -80.14 -10.58
C CYS SA 11 -12.45 -80.77 -11.97
N LYS SA 12 -11.52 -80.38 -12.83
CA LYS SA 12 -11.64 -80.64 -14.25
C LYS SA 12 -10.73 -81.75 -14.73
N LYS SA 13 -10.04 -82.44 -13.83
CA LYS SA 13 -9.31 -83.63 -14.23
C LYS SA 13 -10.16 -84.86 -14.01
N CYS SA 14 -10.49 -85.15 -12.75
CA CYS SA 14 -11.26 -86.33 -12.40
C CYS SA 14 -12.74 -86.03 -12.20
N GLY SA 15 -13.27 -85.06 -12.95
CA GLY SA 15 -14.69 -84.94 -13.28
C GLY SA 15 -15.67 -84.90 -12.13
N LYS SA 16 -15.27 -84.36 -10.98
CA LYS SA 16 -16.11 -84.44 -9.79
C LYS SA 16 -16.04 -83.16 -9.00
N HIS SA 17 -16.98 -83.01 -8.07
CA HIS SA 17 -16.78 -82.12 -6.94
C HIS SA 17 -15.68 -82.67 -6.04
N GLN SA 18 -14.71 -81.83 -5.72
CA GLN SA 18 -13.68 -82.12 -4.74
C GLN SA 18 -13.53 -80.88 -3.87
N PRO SA 19 -12.99 -81.02 -2.66
CA PRO SA 19 -12.67 -79.81 -1.87
C PRO SA 19 -11.49 -79.06 -2.45
N HIS SA 20 -11.47 -77.75 -2.19
CA HIS SA 20 -10.38 -76.91 -2.67
C HIS SA 20 -9.97 -75.94 -1.58
N LYS SA 21 -8.72 -75.50 -1.65
CA LYS SA 21 -8.23 -74.37 -0.87
C LYS SA 21 -8.32 -73.10 -1.69
N VAL SA 22 -9.04 -72.11 -1.19
CA VAL SA 22 -9.05 -70.80 -1.84
C VAL SA 22 -7.79 -70.09 -1.40
N THR SA 23 -6.82 -70.00 -2.28
CA THR SA 23 -5.65 -69.19 -2.02
C THR SA 23 -5.65 -68.00 -2.95
N GLN SA 24 -5.08 -66.91 -2.46
CA GLN SA 24 -5.18 -65.63 -3.13
C GLN SA 24 -4.34 -65.61 -4.39
N TYR SA 25 -4.90 -65.08 -5.46
CA TYR SA 25 -4.12 -64.85 -6.67
C TYR SA 25 -3.15 -63.70 -6.43
N LYS SA 26 -1.93 -63.88 -6.88
CA LYS SA 26 -0.94 -62.82 -6.86
C LYS SA 26 -0.55 -62.55 -8.30
N LYS SA 27 0.06 -61.39 -8.55
CA LYS SA 27 0.48 -61.08 -9.92
C LYS SA 27 1.67 -61.93 -10.32
N GLY SA 28 2.63 -62.11 -9.42
CA GLY SA 28 3.84 -62.80 -9.78
C GLY SA 28 4.84 -61.87 -10.43
N LYS SA 29 6.12 -62.17 -10.28
CA LYS SA 29 7.17 -61.36 -10.89
C LYS SA 29 7.18 -61.58 -12.39
N ASP SA 30 7.23 -60.49 -13.15
CA ASP SA 30 7.25 -60.63 -14.59
C ASP SA 30 8.62 -61.08 -15.06
N SER SA 31 8.74 -61.30 -16.36
CA SER SA 31 9.94 -61.88 -16.92
C SER SA 31 10.61 -60.87 -17.83
N LEU SA 32 11.90 -60.66 -17.63
CA LEU SA 32 12.74 -60.24 -18.72
C LEU SA 32 12.87 -61.41 -19.70
N TYR SA 33 13.24 -61.10 -20.94
CA TYR SA 33 13.31 -62.05 -22.06
C TYR SA 33 11.94 -62.65 -22.42
N ALA SA 34 10.85 -62.04 -21.98
CA ALA SA 34 9.55 -62.33 -22.55
C ALA SA 34 9.38 -61.55 -23.83
N GLN SA 35 8.34 -61.89 -24.60
CA GLN SA 35 8.21 -61.43 -25.99
C GLN SA 35 8.08 -59.93 -26.08
N GLY SA 36 7.11 -59.36 -25.37
CA GLY SA 36 6.92 -57.93 -25.42
C GLY SA 36 7.97 -57.17 -24.64
N LYS SA 37 8.64 -57.84 -23.70
CA LYS SA 37 9.71 -57.17 -22.98
C LYS SA 37 10.93 -57.02 -23.87
N ARG SA 38 11.21 -58.01 -24.73
CA ARG SA 38 12.33 -57.90 -25.65
C ARG SA 38 12.03 -56.91 -26.76
N ARG SA 39 10.81 -56.93 -27.28
CA ARG SA 39 10.44 -56.02 -28.34
C ARG SA 39 10.42 -54.59 -27.83
N TYR SA 40 9.96 -54.39 -26.60
CA TYR SA 40 10.00 -53.05 -26.06
C TYR SA 40 11.42 -52.62 -25.73
N ASP SA 41 12.29 -53.54 -25.37
CA ASP SA 41 13.65 -53.12 -25.08
C ASP SA 41 14.50 -52.95 -26.32
N ARG SA 42 14.22 -53.69 -27.41
CA ARG SA 42 14.88 -53.40 -28.67
C ARG SA 42 14.43 -52.07 -29.23
N LYS SA 43 13.15 -51.76 -29.07
CA LYS SA 43 12.63 -50.46 -29.46
C LYS SA 43 13.19 -49.34 -28.60
N GLN SA 44 13.53 -49.64 -27.34
CA GLN SA 44 13.89 -48.60 -26.39
C GLN SA 44 15.31 -48.12 -26.58
N SER SA 45 16.24 -49.04 -26.84
CA SER SA 45 17.65 -48.72 -26.89
C SER SA 45 17.92 -47.84 -28.10
N GLY SA 46 18.01 -46.55 -27.85
CA GLY SA 46 18.26 -45.60 -28.91
C GLY SA 46 18.10 -44.19 -28.40
N TYR SA 47 18.36 -43.25 -29.30
CA TYR SA 47 18.15 -41.83 -29.06
C TYR SA 47 16.76 -41.39 -29.46
N GLY SA 48 15.73 -42.14 -29.10
CA GLY SA 48 14.39 -41.81 -29.51
C GLY SA 48 13.52 -41.40 -28.36
N GLY SA 49 13.86 -41.84 -27.16
CA GLY SA 49 13.05 -41.55 -26.00
C GLY SA 49 11.94 -42.56 -25.81
N GLN SA 50 10.88 -42.15 -25.12
CA GLN SA 50 9.79 -43.05 -24.82
C GLN SA 50 8.90 -43.22 -26.02
N THR SA 51 8.68 -44.46 -26.43
CA THR SA 51 7.95 -44.77 -27.65
C THR SA 51 6.54 -45.29 -27.39
N LYS SA 52 6.38 -46.33 -26.56
CA LYS SA 52 5.03 -46.80 -26.27
C LYS SA 52 4.41 -45.97 -25.15
N PRO SA 53 3.13 -45.62 -25.28
CA PRO SA 53 2.48 -44.72 -24.32
C PRO SA 53 2.30 -45.39 -22.97
N ILE SA 54 2.87 -44.81 -21.94
CA ILE SA 54 2.53 -45.20 -20.58
C ILE SA 54 1.20 -44.58 -20.23
N PHE SA 55 0.49 -45.19 -19.28
CA PHE SA 55 -0.84 -44.69 -18.89
C PHE SA 55 -0.84 -43.94 -17.57
N ARG SA 56 -1.27 -42.68 -17.61
CA ARG SA 56 -1.30 -41.84 -16.42
C ARG SA 56 -2.67 -41.61 -15.78
N LYS SA 57 -3.74 -41.71 -16.57
CA LYS SA 57 -5.10 -41.42 -16.07
C LYS SA 57 -5.88 -42.55 -15.39
N LYS SA 58 -5.48 -42.95 -14.19
CA LYS SA 58 -6.18 -43.99 -13.47
C LYS SA 58 -7.54 -43.50 -12.94
N ALA SA 59 -8.54 -44.38 -12.94
CA ALA SA 59 -9.85 -44.04 -12.44
C ALA SA 59 -10.45 -45.09 -11.54
N LYS SA 60 -10.15 -46.36 -11.76
CA LYS SA 60 -10.71 -47.42 -10.94
C LYS SA 60 -9.92 -47.59 -9.66
N THR SA 61 -10.61 -47.86 -8.56
CA THR SA 61 -9.96 -48.10 -7.29
C THR SA 61 -9.98 -49.56 -6.84
N THR SA 62 -10.74 -50.42 -7.52
CA THR SA 62 -10.95 -51.77 -7.05
C THR SA 62 -10.46 -52.79 -8.07
N LYS SA 63 -9.85 -53.85 -7.56
CA LYS SA 63 -9.46 -54.99 -8.36
C LYS SA 63 -10.41 -56.13 -8.09
N LYS SA 64 -10.65 -56.96 -9.09
CA LYS SA 64 -11.42 -58.17 -8.87
C LYS SA 64 -10.57 -59.16 -8.10
N ILE SA 65 -10.98 -59.46 -6.87
CA ILE SA 65 -10.31 -60.46 -6.06
C ILE SA 65 -10.51 -61.81 -6.70
N VAL SA 66 -9.46 -62.33 -7.31
CA VAL SA 66 -9.50 -63.60 -8.03
C VAL SA 66 -8.75 -64.65 -7.23
N LEU SA 67 -9.12 -65.91 -7.46
CA LEU SA 67 -8.95 -66.96 -6.47
C LEU SA 67 -8.21 -68.14 -7.09
N ARG SA 68 -7.07 -68.51 -6.53
CA ARG SA 68 -6.52 -69.81 -6.86
C ARG SA 68 -7.30 -70.85 -6.09
N LEU SA 69 -7.53 -72.01 -6.70
CA LEU SA 69 -8.13 -73.15 -6.02
C LEU SA 69 -7.24 -74.37 -6.22
N GLU SA 70 -6.60 -74.83 -5.16
CA GLU SA 70 -5.81 -76.05 -5.20
C GLU SA 70 -6.68 -77.18 -4.68
N CYS SA 71 -6.70 -78.30 -5.38
CA CYS SA 71 -7.49 -79.43 -4.91
C CYS SA 71 -6.79 -80.07 -3.73
N VAL SA 72 -7.51 -80.17 -2.60
CA VAL SA 72 -6.92 -80.75 -1.40
C VAL SA 72 -6.77 -82.24 -1.56
N GLU SA 73 -7.72 -82.88 -2.23
CA GLU SA 73 -7.68 -84.32 -2.41
C GLU SA 73 -6.53 -84.70 -3.32
N PRO SA 74 -5.70 -85.66 -2.92
CA PRO SA 74 -4.37 -85.80 -3.52
C PRO SA 74 -4.43 -86.38 -4.92
N ASN SA 75 -3.27 -86.31 -5.58
CA ASN SA 75 -2.89 -86.86 -6.88
C ASN SA 75 -3.64 -86.25 -8.05
N CYS SA 76 -4.62 -85.39 -7.79
CA CYS SA 76 -5.28 -84.67 -8.86
C CYS SA 76 -4.61 -83.31 -9.04
N ARG SA 77 -4.80 -82.43 -8.06
CA ARG SA 77 -4.06 -81.20 -7.85
C ARG SA 77 -4.05 -80.31 -9.08
N SER SA 78 -5.23 -79.91 -9.50
CA SER SA 78 -5.41 -79.10 -10.69
C SER SA 78 -5.82 -77.69 -10.27
N LYS SA 79 -4.86 -76.78 -10.28
CA LYS SA 79 -5.09 -75.42 -9.84
C LYS SA 79 -5.92 -74.67 -10.87
N ARG SA 80 -6.95 -73.95 -10.42
CA ARG SA 80 -7.68 -73.12 -11.36
C ARG SA 80 -8.18 -71.87 -10.68
N MET SA 81 -8.74 -70.96 -11.49
CA MET SA 81 -9.05 -69.60 -11.09
C MET SA 81 -10.54 -69.33 -11.14
N LEU SA 82 -10.93 -68.22 -10.53
CA LEU SA 82 -12.33 -67.80 -10.45
C LEU SA 82 -12.30 -66.31 -10.14
N ALA SA 83 -13.45 -65.65 -10.22
CA ALA SA 83 -13.49 -64.22 -9.88
C ALA SA 83 -14.68 -63.89 -9.00
N ILE SA 84 -14.49 -62.88 -8.16
CA ILE SA 84 -15.58 -62.23 -7.45
C ILE SA 84 -15.70 -60.83 -8.06
N LYS SA 85 -16.79 -60.14 -7.74
CA LYS SA 85 -17.01 -58.81 -8.27
C LYS SA 85 -16.06 -57.80 -7.62
N ARG SA 86 -16.08 -56.58 -8.15
CA ARG SA 86 -15.21 -55.53 -7.65
C ARG SA 86 -15.53 -55.21 -6.20
N CYS SA 87 -14.49 -54.95 -5.42
CA CYS SA 87 -14.66 -54.75 -3.99
C CYS SA 87 -13.46 -53.99 -3.44
N LYS SA 88 -13.70 -53.23 -2.38
CA LYS SA 88 -12.65 -52.42 -1.78
C LYS SA 88 -11.88 -53.17 -0.70
N HIS SA 89 -12.57 -53.99 0.09
CA HIS SA 89 -11.97 -54.69 1.21
C HIS SA 89 -12.27 -56.19 1.11
N PHE SA 90 -11.32 -56.99 1.59
CA PHE SA 90 -11.38 -58.44 1.41
C PHE SA 90 -10.55 -59.13 2.49
N GLU SA 91 -11.20 -59.86 3.39
CA GLU SA 91 -10.50 -60.77 4.29
C GLU SA 91 -10.93 -62.20 4.00
N LEU SA 92 -9.97 -63.12 4.04
CA LEU SA 92 -10.26 -64.48 3.58
C LEU SA 92 -10.94 -65.31 4.67
N GLY SA 93 -10.24 -65.62 5.75
CA GLY SA 93 -10.72 -66.68 6.61
C GLY SA 93 -10.93 -66.38 8.09
N GLY SA 94 -11.58 -65.27 8.44
CA GLY SA 94 -11.77 -64.93 9.83
C GLY SA 94 -13.03 -64.14 10.10
N ASP SA 95 -13.57 -64.34 11.32
CA ASP SA 95 -14.66 -63.58 11.93
C ASP SA 95 -15.94 -63.60 11.09
N LYS SA 96 -16.51 -64.80 10.98
CA LYS SA 96 -17.89 -64.90 10.54
C LYS SA 96 -18.80 -64.45 11.69
N LYS SA 97 -20.00 -63.98 11.35
CA LYS SA 97 -20.73 -63.12 12.28
C LYS SA 97 -21.75 -63.90 13.12
N ARG SA 98 -22.28 -63.19 14.12
CA ARG SA 98 -23.36 -63.64 14.99
C ARG SA 98 -24.57 -62.75 14.77
N LYS SA 99 -25.76 -63.35 14.74
CA LYS SA 99 -27.00 -62.56 14.75
C LYS SA 99 -27.43 -62.20 16.16
N GLY SA 100 -27.68 -63.20 16.98
CA GLY SA 100 -28.13 -62.96 18.34
C GLY SA 100 -26.97 -62.57 19.22
N GLN SA 101 -26.51 -61.33 19.09
CA GLN SA 101 -25.37 -60.87 19.87
C GLN SA 101 -25.40 -59.36 19.96
N VAL SA 102 -25.18 -58.84 21.18
CA VAL SA 102 -25.01 -57.42 21.37
C VAL SA 102 -23.62 -57.00 20.90
N ILE SA 103 -23.51 -55.77 20.38
CA ILE SA 103 -22.24 -55.28 19.86
C ILE SA 103 -21.24 -55.02 20.99
N GLN SA 104 -21.65 -54.20 21.97
CA GLN SA 104 -20.85 -53.78 23.13
C GLN SA 104 -19.54 -53.10 22.72
N PHE SA 105 -19.56 -52.40 21.57
CA PHE SA 105 -18.43 -51.76 20.89
C PHE SA 105 -17.07 -52.49 20.93
N ALA TA 1 41.14 36.79 -1.57
CA ALA TA 1 40.08 36.94 -0.59
C ALA TA 1 39.40 35.61 -0.36
N LYS TA 2 38.72 35.47 0.78
CA LYS TA 2 38.00 34.24 1.06
C LYS TA 2 36.74 34.26 0.20
N ARG TA 3 36.89 33.79 -1.03
CA ARG TA 3 35.80 33.86 -2.00
C ARG TA 3 34.73 32.84 -1.67
N THR TA 4 35.06 31.57 -1.78
CA THR TA 4 34.19 30.46 -1.39
C THR TA 4 34.59 30.01 0.00
N LYS TA 5 33.67 30.12 0.95
CA LYS TA 5 34.06 30.05 2.35
C LYS TA 5 34.07 28.63 2.89
N LYS TA 6 33.65 27.64 2.14
CA LYS TA 6 33.80 26.27 2.64
C LYS TA 6 34.45 25.31 1.68
N VAL TA 7 34.16 25.41 0.39
CA VAL TA 7 34.47 24.31 -0.51
C VAL TA 7 35.92 24.33 -0.96
N GLY TA 8 36.52 25.50 -1.13
CA GLY TA 8 37.88 25.55 -1.59
C GLY TA 8 38.04 25.16 -3.03
N ILE TA 9 38.76 24.07 -3.30
CA ILE TA 9 39.06 23.70 -4.68
C ILE TA 9 37.86 23.11 -5.41
N VAL TA 10 36.83 22.68 -4.68
CA VAL TA 10 35.72 21.92 -5.25
C VAL TA 10 34.59 22.92 -5.49
N GLY TA 11 34.97 24.17 -5.72
CA GLY TA 11 34.12 25.12 -6.38
C GLY TA 11 34.10 24.99 -7.89
N LYS TA 12 34.76 23.97 -8.44
CA LYS TA 12 34.69 23.75 -9.87
C LYS TA 12 33.59 22.79 -10.27
N TYR TA 13 33.27 21.81 -9.43
CA TYR TA 13 32.16 20.94 -9.77
C TYR TA 13 30.84 21.66 -9.57
N GLY TA 14 30.75 22.51 -8.56
CA GLY TA 14 29.64 23.42 -8.44
C GLY TA 14 28.49 22.84 -7.63
N THR TA 15 27.29 22.85 -8.21
CA THR TA 15 26.08 22.56 -7.47
C THR TA 15 25.96 21.09 -7.08
N ARG TA 16 26.62 20.20 -7.80
CA ARG TA 16 26.19 18.82 -7.93
C ARG TA 16 27.24 17.88 -7.36
N TYR TA 17 26.98 16.58 -7.52
CA TYR TA 17 27.74 15.39 -7.10
C TYR TA 17 27.65 15.09 -5.61
N GLY TA 18 26.74 15.70 -4.88
CA GLY TA 18 26.55 15.27 -3.50
C GLY TA 18 27.50 15.92 -2.52
N ALA TA 19 27.07 16.08 -1.27
CA ALA TA 19 27.87 16.83 -0.33
C ALA TA 19 29.07 16.03 0.15
N SER TA 20 28.84 14.84 0.68
CA SER TA 20 29.92 14.07 1.29
C SER TA 20 30.87 13.51 0.27
N LEU TA 21 30.50 13.50 -1.01
CA LEU TA 21 31.49 13.17 -2.03
C LEU TA 21 32.49 14.29 -2.21
N ARG TA 22 32.02 15.53 -2.30
CA ARG TA 22 32.93 16.64 -2.54
C ARG TA 22 33.80 16.92 -1.33
N LYS TA 23 33.30 16.65 -0.14
CA LYS TA 23 34.12 16.67 1.07
C LYS TA 23 35.28 15.68 0.99
N MET TA 24 35.04 14.55 0.35
CA MET TA 24 35.98 13.45 0.31
C MET TA 24 36.84 13.49 -0.95
N VAL TA 25 36.61 14.44 -1.84
CA VAL TA 25 37.52 14.66 -2.96
C VAL TA 25 38.43 15.86 -2.70
N LYS TA 26 37.94 16.83 -1.91
CA LYS TA 26 38.70 18.04 -1.55
C LYS TA 26 40.01 17.69 -0.88
N LYS TA 27 40.00 16.70 0.02
CA LYS TA 27 41.21 16.26 0.67
C LYS TA 27 42.21 15.66 -0.32
N ILE TA 28 41.72 15.13 -1.44
CA ILE TA 28 42.59 14.39 -2.35
C ILE TA 28 42.68 15.00 -3.75
N GLU TA 29 42.03 16.13 -4.02
CA GLU TA 29 42.47 16.96 -5.14
C GLU TA 29 43.61 17.89 -4.74
N ILE TA 30 43.64 18.29 -3.48
CA ILE TA 30 44.74 19.11 -2.99
C ILE TA 30 46.04 18.32 -3.04
N SER TA 31 45.98 17.05 -2.65
CA SER TA 31 47.19 16.26 -2.43
C SER TA 31 47.90 15.93 -3.73
N GLN TA 32 47.17 15.77 -4.82
CA GLN TA 32 47.87 15.40 -6.06
C GLN TA 32 48.36 16.60 -6.85
N HIS TA 33 47.96 17.81 -6.47
CA HIS TA 33 48.29 19.00 -7.24
C HIS TA 33 49.33 19.86 -6.58
N ALA TA 34 49.73 19.53 -5.36
CA ALA TA 34 50.65 20.38 -4.65
C ALA TA 34 52.06 20.20 -5.19
N LYS TA 35 52.90 21.17 -4.90
CA LYS TA 35 54.28 21.18 -5.35
C LYS TA 35 55.14 20.70 -4.19
N TYR TA 36 55.27 19.38 -4.07
CA TYR TA 36 55.94 18.79 -2.92
C TYR TA 36 57.42 19.12 -2.90
N THR TA 37 57.99 19.07 -1.71
CA THR TA 37 59.38 19.43 -1.51
C THR TA 37 60.25 18.23 -1.86
N CYS TA 38 60.99 18.34 -2.97
CA CYS TA 38 61.76 17.21 -3.47
C CYS TA 38 62.93 16.90 -2.56
N SER TA 39 63.14 15.60 -2.31
CA SER TA 39 64.23 15.16 -1.45
C SER TA 39 65.57 15.15 -2.15
N PHE TA 40 65.61 15.33 -3.46
CA PHE TA 40 66.85 15.20 -4.21
C PHE TA 40 67.35 16.55 -4.72
N CYS TA 41 66.55 17.24 -5.50
CA CYS TA 41 67.00 18.48 -6.09
C CYS TA 41 66.81 19.65 -5.16
N GLY TA 42 66.27 19.43 -3.98
CA GLY TA 42 66.12 20.45 -2.96
C GLY TA 42 64.99 21.43 -3.19
N LYS TA 43 64.43 21.44 -4.39
CA LYS TA 43 63.44 22.42 -4.76
C LYS TA 43 62.05 21.85 -4.57
N THR TA 44 61.04 22.65 -4.89
CA THR TA 44 59.68 22.17 -4.70
C THR TA 44 59.01 22.04 -6.06
N LYS TA 45 59.68 21.37 -6.99
CA LYS TA 45 59.07 21.09 -8.28
C LYS TA 45 58.59 19.64 -8.39
N MET TA 46 58.33 18.98 -7.27
CA MET TA 46 57.68 17.68 -7.33
C MET TA 46 56.24 17.81 -7.78
N LYS TA 47 55.98 17.30 -8.96
CA LYS TA 47 54.72 17.40 -9.65
C LYS TA 47 54.44 16.00 -10.14
N ARG TA 48 53.22 15.54 -10.00
CA ARG TA 48 52.97 14.20 -10.49
C ARG TA 48 52.67 14.23 -11.98
N ARG TA 49 53.13 13.18 -12.65
CA ARG TA 49 52.68 12.77 -13.96
C ARG TA 49 51.41 11.97 -13.74
N ALA TA 50 51.04 11.14 -14.71
CA ALA TA 50 49.99 10.14 -14.55
C ALA TA 50 50.14 9.28 -13.30
N VAL TA 51 49.02 8.72 -12.83
CA VAL TA 51 48.83 8.15 -11.49
C VAL TA 51 49.91 7.18 -11.02
N GLY TA 52 50.54 7.53 -9.91
CA GLY TA 52 51.60 6.70 -9.38
C GLY TA 52 52.99 7.12 -9.79
N ILE TA 53 53.12 8.18 -10.57
CA ILE TA 53 54.42 8.68 -11.04
C ILE TA 53 54.60 10.08 -10.51
N TRP TA 54 55.76 10.37 -9.95
CA TRP TA 54 56.05 11.71 -9.47
C TRP TA 54 57.33 12.19 -10.10
N HIS TA 55 57.45 13.51 -10.23
CA HIS TA 55 58.40 14.06 -11.19
C HIS TA 55 58.86 15.43 -10.73
N CYS TA 56 60.17 15.65 -10.73
CA CYS TA 56 60.73 16.92 -10.31
C CYS TA 56 61.30 17.66 -11.51
N GLY TA 57 61.12 18.98 -11.52
CA GLY TA 57 61.51 19.76 -12.68
C GLY TA 57 63.01 19.88 -12.82
N SER TA 58 63.67 20.34 -11.76
CA SER TA 58 65.12 20.42 -11.75
C SER TA 58 65.66 19.06 -11.36
N CYS TA 59 66.70 18.64 -12.09
CA CYS TA 59 67.44 17.36 -12.09
C CYS TA 59 66.65 16.23 -12.73
N MET TA 60 65.35 16.46 -12.98
CA MET TA 60 64.51 15.64 -13.85
C MET TA 60 64.49 14.18 -13.45
N LYS TA 61 64.41 13.94 -12.15
CA LYS TA 61 64.52 12.60 -11.60
C LYS TA 61 63.13 12.14 -11.19
N THR TA 62 62.70 11.03 -11.75
CA THR TA 62 61.30 10.61 -11.71
C THR TA 62 61.14 9.47 -10.71
N VAL TA 63 60.19 9.60 -9.80
CA VAL TA 63 60.08 8.68 -8.68
C VAL TA 63 58.66 8.15 -8.63
N ALA TA 64 58.52 6.83 -8.46
CA ALA TA 64 57.21 6.23 -8.27
C ALA TA 64 56.85 6.30 -6.81
N GLY TA 65 55.80 7.02 -6.50
CA GLY TA 65 55.37 7.22 -5.13
C GLY TA 65 53.94 6.75 -4.99
N GLY TA 66 53.18 7.47 -4.20
CA GLY TA 66 51.81 7.11 -4.00
C GLY TA 66 50.96 7.42 -5.21
N ALA TA 67 49.71 6.99 -5.14
CA ALA TA 67 48.81 7.24 -6.26
C ALA TA 67 48.26 8.66 -6.22
N TRP TA 68 47.98 9.17 -5.05
CA TRP TA 68 47.55 10.56 -5.02
C TRP TA 68 48.48 11.41 -4.18
N THR TA 69 48.94 10.89 -3.05
CA THR TA 69 49.93 11.57 -2.25
C THR TA 69 51.31 11.15 -2.72
N TYR TA 70 52.33 11.79 -2.15
CA TYR TA 70 53.69 11.43 -2.55
C TYR TA 70 54.15 10.16 -1.87
N ASN TA 71 53.82 9.99 -0.61
CA ASN TA 71 54.09 8.79 0.14
C ASN TA 71 52.80 8.05 0.44
N THR TA 72 52.92 6.99 1.21
CA THR TA 72 51.77 6.25 1.70
C THR TA 72 52.09 5.84 3.13
N THR TA 73 51.04 5.59 3.93
CA THR TA 73 51.25 4.96 5.23
C THR TA 73 51.89 3.60 5.10
N SER TA 74 51.56 2.88 4.02
CA SER TA 74 52.25 1.65 3.72
C SER TA 74 53.72 1.91 3.37
N ALA TA 75 54.00 3.01 2.69
CA ALA TA 75 55.32 3.25 2.12
C ALA TA 75 56.37 3.50 3.19
N VAL TA 76 56.00 4.27 4.22
CA VAL TA 76 56.93 4.53 5.31
C VAL TA 76 57.15 3.27 6.13
N THR TA 77 56.06 2.54 6.41
CA THR TA 77 56.12 1.37 7.27
C THR TA 77 56.93 0.25 6.64
N VAL TA 78 56.79 0.04 5.33
CA VAL TA 78 57.58 -1.02 4.72
C VAL TA 78 59.04 -0.60 4.61
N LYS TA 79 59.30 0.69 4.43
CA LYS TA 79 60.67 1.17 4.55
C LYS TA 79 61.20 1.02 5.97
N SER TA 80 60.33 1.11 6.97
CA SER TA 80 60.76 0.88 8.34
C SER TA 80 61.11 -0.58 8.56
N ALA TA 81 60.31 -1.48 8.03
CA ALA TA 81 60.55 -2.90 8.27
C ALA TA 81 61.76 -3.40 7.49
N ILE TA 82 61.94 -2.94 6.25
CA ILE TA 82 62.93 -3.53 5.36
C ILE TA 82 64.35 -3.14 5.77
N ARG TA 83 64.56 -1.95 6.33
CA ARG TA 83 65.87 -1.72 6.95
C ARG TA 83 66.00 -2.54 8.22
N ARG TA 84 64.91 -2.69 8.98
CA ARG TA 84 64.96 -3.40 10.25
C ARG TA 84 65.20 -4.88 10.05
N LEU TA 85 64.59 -5.46 9.02
CA LEU TA 85 64.95 -6.83 8.69
C LEU TA 85 66.29 -6.93 7.96
N LYS TA 86 66.89 -5.81 7.57
CA LYS TA 86 68.23 -5.87 6.99
C LYS TA 86 69.29 -5.88 8.06
N GLU TA 87 69.22 -4.95 9.01
CA GLU TA 87 70.19 -4.94 10.09
C GLU TA 87 69.94 -6.02 11.12
N LEU TA 88 68.99 -6.93 10.91
CA LEU TA 88 68.83 -8.10 11.75
C LEU TA 88 69.96 -9.08 11.42
N LYS TA 89 71.17 -8.73 11.89
CA LYS TA 89 72.36 -9.58 12.08
C LYS TA 89 72.62 -10.52 10.90
N ASP TA 90 73.01 -9.88 9.80
CA ASP TA 90 73.21 -10.52 8.50
C ASP TA 90 71.92 -11.19 8.00
N GLN TA 91 70.98 -10.32 7.61
CA GLN TA 91 69.84 -10.65 6.74
C GLN TA 91 68.77 -11.48 7.42
N SER UA 1 -26.81 -65.96 -97.10
CA SER UA 1 -25.84 -65.08 -96.49
C SER UA 1 -25.98 -63.72 -97.11
N ALA UA 2 -27.09 -63.51 -97.83
CA ALA UA 2 -27.41 -62.17 -98.30
C ALA UA 2 -27.69 -61.25 -97.12
N HIS UA 3 -28.38 -61.76 -96.10
CA HIS UA 3 -28.57 -60.97 -94.89
C HIS UA 3 -27.28 -60.82 -94.11
N LEU UA 4 -26.33 -61.75 -94.27
CA LEU UA 4 -25.00 -61.50 -93.72
C LEU UA 4 -24.33 -60.34 -94.41
N GLN UA 5 -24.49 -60.25 -95.72
CA GLN UA 5 -23.92 -59.11 -96.40
C GLN UA 5 -24.65 -57.84 -96.04
N TRP UA 6 -25.94 -57.94 -95.73
CA TRP UA 6 -26.67 -56.74 -95.32
C TRP UA 6 -26.25 -56.27 -93.95
N MET UA 7 -26.10 -57.18 -93.00
CA MET UA 7 -25.75 -56.77 -91.65
C MET UA 7 -24.30 -56.28 -91.52
N VAL UA 8 -23.49 -56.42 -92.56
CA VAL UA 8 -22.21 -55.71 -92.60
C VAL UA 8 -22.38 -54.34 -93.24
N VAL UA 9 -23.04 -54.29 -94.38
CA VAL UA 9 -22.97 -53.13 -95.27
C VAL UA 9 -24.02 -52.07 -94.96
N ARG UA 10 -25.05 -52.39 -94.16
CA ARG UA 10 -26.18 -51.49 -93.94
C ARG UA 10 -25.77 -50.18 -93.28
N ASN UA 11 -24.63 -50.15 -92.62
CA ASN UA 11 -23.88 -48.94 -92.37
C ASN UA 11 -22.44 -49.27 -92.73
N CYS UA 12 -21.56 -48.27 -92.67
CA CYS UA 12 -20.11 -48.39 -92.89
C CYS UA 12 -19.74 -48.95 -94.26
N SER UA 13 -20.53 -48.71 -95.29
CA SER UA 13 -20.14 -49.08 -96.63
C SER UA 13 -19.37 -47.91 -97.24
N SER UA 14 -19.04 -48.03 -98.51
CA SER UA 14 -18.60 -46.88 -99.27
C SER UA 14 -19.78 -46.42 -100.08
N PHE UA 15 -19.62 -45.25 -100.71
CA PHE UA 15 -20.66 -44.50 -101.44
C PHE UA 15 -21.99 -44.45 -100.70
N LEU UA 16 -21.94 -44.27 -99.39
CA LEU UA 16 -23.10 -44.02 -98.56
C LEU UA 16 -23.07 -42.57 -98.12
N ILE UA 17 -24.13 -41.84 -98.40
CA ILE UA 17 -24.16 -40.39 -98.22
C ILE UA 17 -25.18 -40.07 -97.14
N LYS UA 18 -24.71 -39.46 -96.06
CA LYS UA 18 -25.58 -39.04 -94.95
C LYS UA 18 -25.38 -37.54 -94.75
N ARG UA 19 -26.09 -36.73 -95.51
CA ARG UA 19 -25.99 -35.28 -95.41
C ARG UA 19 -27.38 -34.70 -95.40
N ASN UA 20 -27.69 -33.93 -94.36
CA ASN UA 20 -28.86 -33.06 -94.17
C ASN UA 20 -30.17 -33.80 -94.00
N LYS UA 21 -30.20 -35.10 -94.31
CA LYS UA 21 -31.39 -35.89 -94.50
C LYS UA 21 -31.03 -37.36 -94.43
N GLN UA 22 -31.95 -38.18 -94.94
CA GLN UA 22 -31.82 -39.61 -95.14
C GLN UA 22 -30.50 -40.04 -95.75
N THR UA 23 -30.17 -41.29 -95.49
CA THR UA 23 -29.11 -41.97 -96.22
C THR UA 23 -29.50 -42.10 -97.68
N TYR UA 24 -28.49 -42.25 -98.54
CA TYR UA 24 -28.70 -42.58 -99.94
C TYR UA 24 -27.73 -43.68 -100.33
N SER UA 25 -28.22 -44.55 -101.21
CA SER UA 25 -27.48 -45.78 -101.47
C SER UA 25 -26.35 -45.54 -102.45
N THR UA 26 -26.65 -44.86 -103.56
CA THR UA 26 -25.65 -44.36 -104.54
C THR UA 26 -24.79 -45.52 -105.04
N GLU UA 27 -25.45 -46.62 -105.29
CA GLU UA 27 -24.78 -47.86 -105.58
C GLU UA 27 -24.97 -48.17 -107.06
N PRO UA 28 -24.02 -48.87 -107.70
CA PRO UA 28 -24.02 -48.90 -109.17
C PRO UA 28 -25.20 -49.66 -109.76
N ASN UA 29 -25.74 -50.59 -108.98
CA ASN UA 29 -26.96 -51.29 -109.33
C ASN UA 29 -27.99 -50.98 -108.26
N ASN UA 30 -28.95 -50.11 -108.58
CA ASN UA 30 -30.12 -49.83 -107.75
C ASN UA 30 -31.15 -48.99 -108.49
N LEU UA 31 -32.42 -49.19 -108.17
CA LEU UA 31 -33.49 -48.45 -108.85
C LEU UA 31 -33.79 -47.15 -108.14
N LYS UA 32 -34.33 -47.24 -106.93
CA LYS UA 32 -34.43 -46.08 -106.10
C LYS UA 32 -33.06 -45.81 -105.48
N ALA UA 33 -33.00 -44.80 -104.64
CA ALA UA 33 -31.72 -44.39 -104.11
C ALA UA 33 -31.52 -44.75 -102.66
N ARG UA 34 -32.49 -45.40 -102.03
CA ARG UA 34 -32.40 -45.58 -100.59
C ARG UA 34 -31.47 -46.71 -100.21
N ASN UA 35 -30.67 -46.45 -99.18
CA ASN UA 35 -29.93 -47.50 -98.51
C ASN UA 35 -30.95 -48.31 -97.72
N SER UA 36 -31.49 -49.32 -98.38
CA SER UA 36 -32.48 -50.19 -97.79
C SER UA 36 -32.10 -51.63 -98.04
N PHE UA 37 -32.90 -52.56 -97.53
CA PHE UA 37 -32.60 -53.94 -97.86
C PHE UA 37 -33.10 -54.28 -99.26
N ARG UA 38 -34.29 -53.82 -99.61
CA ARG UA 38 -34.88 -54.31 -100.85
C ARG UA 38 -34.34 -53.59 -102.06
N TYR UA 39 -34.01 -52.32 -101.92
CA TYR UA 39 -33.41 -51.56 -103.00
C TYR UA 39 -31.89 -51.52 -102.82
N ASN UA 40 -31.29 -52.70 -102.80
CA ASN UA 40 -29.85 -52.85 -102.63
C ASN UA 40 -29.39 -53.92 -103.60
N GLY UA 41 -28.31 -53.63 -104.32
CA GLY UA 41 -28.08 -54.38 -105.54
C GLY UA 41 -26.75 -55.06 -105.66
N LEU UA 42 -25.91 -54.88 -104.65
CA LEU UA 42 -24.74 -55.74 -104.56
C LEU UA 42 -25.08 -57.03 -103.85
N ILE UA 43 -26.04 -56.97 -102.92
CA ILE UA 43 -26.34 -58.07 -102.00
C ILE UA 43 -27.02 -59.23 -102.73
N HIS UA 44 -28.11 -58.94 -103.42
CA HIS UA 44 -29.03 -59.97 -103.88
C HIS UA 44 -28.43 -60.80 -105.02
N ARG UA 45 -28.90 -62.03 -105.12
CA ARG UA 45 -28.55 -62.87 -106.25
C ARG UA 45 -29.28 -62.46 -107.50
N LYS UA 46 -30.46 -61.85 -107.36
CA LYS UA 46 -31.30 -61.47 -108.48
C LYS UA 46 -31.58 -59.98 -108.33
N THR UA 47 -30.89 -59.16 -109.12
CA THR UA 47 -31.02 -57.71 -109.03
C THR UA 47 -31.43 -57.13 -110.37
N VAL UA 48 -32.18 -56.04 -110.31
CA VAL UA 48 -32.68 -55.34 -111.47
C VAL UA 48 -32.24 -53.89 -111.36
N GLY UA 49 -31.54 -53.40 -112.38
CA GLY UA 49 -31.23 -51.99 -112.46
C GLY UA 49 -31.37 -51.52 -113.89
N VAL UA 50 -31.81 -50.26 -114.02
CA VAL UA 50 -31.81 -49.61 -115.32
C VAL UA 50 -30.88 -48.41 -115.21
N GLU UA 51 -30.34 -47.99 -116.35
CA GLU UA 51 -29.31 -46.98 -116.41
C GLU UA 51 -29.61 -46.08 -117.60
N PRO UA 52 -28.87 -45.00 -117.79
CA PRO UA 52 -28.95 -44.29 -119.07
C PRO UA 52 -28.23 -45.03 -120.17
N ALA UA 53 -28.40 -44.52 -121.38
CA ALA UA 53 -27.71 -45.05 -122.56
C ALA UA 53 -26.65 -44.07 -123.01
N ALA UA 54 -25.38 -44.50 -122.94
CA ALA UA 54 -24.26 -43.68 -123.38
C ALA UA 54 -24.25 -43.51 -124.90
N ASP UA 55 -25.02 -44.34 -125.62
CA ASP UA 55 -25.31 -44.11 -127.03
C ASP UA 55 -26.02 -42.78 -127.25
N GLY UA 56 -26.77 -42.30 -126.24
CA GLY UA 56 -27.43 -41.00 -126.27
C GLY UA 56 -28.94 -41.09 -126.18
N LYS UA 57 -29.52 -42.09 -126.82
CA LYS UA 57 -30.95 -42.32 -126.75
C LYS UA 57 -31.18 -43.75 -126.32
N GLY UA 58 -32.09 -43.94 -125.37
CA GLY UA 58 -32.53 -45.27 -124.98
C GLY UA 58 -32.31 -45.52 -123.50
N VAL UA 59 -32.76 -46.71 -123.08
CA VAL UA 59 -32.67 -47.16 -121.70
C VAL UA 59 -31.97 -48.50 -121.69
N VAL UA 60 -30.93 -48.63 -120.90
CA VAL UA 60 -30.26 -49.92 -120.79
C VAL UA 60 -30.65 -50.53 -119.46
N VAL UA 61 -30.78 -51.84 -119.44
CA VAL UA 61 -31.31 -52.55 -118.28
C VAL UA 61 -30.27 -53.57 -117.85
N VAL UA 62 -29.99 -53.63 -116.56
CA VAL UA 62 -28.93 -54.46 -116.01
C VAL UA 62 -29.58 -55.54 -115.16
N ILE UA 63 -29.23 -56.79 -115.43
CA ILE UA 63 -29.71 -57.95 -114.66
C ILE UA 63 -28.53 -58.83 -114.32
N LYS UA 64 -28.58 -59.48 -113.15
CA LYS UA 64 -27.50 -60.39 -112.75
C LYS UA 64 -27.79 -61.78 -113.29
N ARG UA 65 -26.73 -62.51 -113.62
CA ARG UA 65 -26.84 -63.69 -114.48
C ARG UA 65 -27.49 -64.87 -113.75
N ARG UA 66 -27.21 -65.02 -112.44
CA ARG UA 66 -27.65 -66.07 -111.51
C ARG UA 66 -26.95 -67.40 -111.77
N SER UA 67 -26.25 -67.54 -112.90
CA SER UA 67 -25.54 -68.79 -113.14
C SER UA 67 -24.23 -68.83 -112.38
N GLY UA 68 -23.36 -67.84 -112.60
CA GLY UA 68 -22.08 -67.86 -111.93
C GLY UA 68 -21.88 -66.71 -110.98
N GLN UA 69 -21.89 -67.01 -109.69
CA GLN UA 69 -21.58 -66.04 -108.64
C GLN UA 69 -20.10 -65.96 -108.43
N ARG UA 70 -19.70 -64.88 -107.74
CA ARG UA 70 -18.31 -64.55 -107.44
C ARG UA 70 -17.45 -64.39 -108.68
N LYS UA 71 -18.05 -64.08 -109.82
CA LYS UA 71 -17.34 -63.96 -111.10
C LYS UA 71 -17.82 -62.69 -111.75
N PRO UA 72 -17.32 -61.54 -111.29
CA PRO UA 72 -18.05 -60.30 -111.49
C PRO UA 72 -17.93 -59.72 -112.88
N ALA UA 73 -17.00 -60.20 -113.71
CA ALA UA 73 -17.02 -59.81 -115.10
C ALA UA 73 -18.22 -60.39 -115.80
N THR UA 74 -18.40 -61.70 -115.70
CA THR UA 74 -19.47 -62.40 -116.39
C THR UA 74 -20.76 -62.40 -115.61
N SER UA 75 -20.78 -61.83 -114.41
CA SER UA 75 -21.97 -61.92 -113.58
C SER UA 75 -23.07 -60.99 -114.02
N TYR UA 76 -22.78 -60.02 -114.88
CA TYR UA 76 -23.81 -59.15 -115.39
C TYR UA 76 -24.05 -59.41 -116.87
N VAL UA 77 -25.31 -59.31 -117.25
CA VAL UA 77 -25.74 -59.34 -118.64
C VAL UA 77 -26.66 -58.15 -118.86
N ARG UA 78 -26.39 -57.37 -119.90
CA ARG UA 78 -27.07 -56.12 -120.12
C ARG UA 78 -27.66 -56.08 -121.52
N THR UA 79 -28.69 -55.25 -121.68
CA THR UA 79 -29.37 -55.11 -122.95
C THR UA 79 -30.07 -53.77 -123.00
N THR UA 80 -29.99 -53.10 -124.14
CA THR UA 80 -30.53 -51.75 -124.28
C THR UA 80 -31.90 -51.83 -124.90
N ILE UA 81 -32.74 -50.84 -124.61
CA ILE UA 81 -34.06 -50.72 -125.21
C ILE UA 81 -34.24 -49.28 -125.68
N ASN UA 82 -34.51 -49.11 -126.97
CA ASN UA 82 -34.81 -47.80 -127.55
C ASN UA 82 -36.10 -47.97 -128.33
N LYS UA 83 -37.22 -47.61 -127.71
CA LYS UA 83 -38.54 -47.73 -128.33
C LYS UA 83 -39.33 -46.47 -128.01
N ASN UA 84 -40.63 -46.53 -128.29
CA ASN UA 84 -41.47 -45.36 -128.46
C ASN UA 84 -42.18 -44.93 -127.19
N ALA UA 85 -41.55 -45.13 -126.02
CA ALA UA 85 -41.93 -44.70 -124.68
C ALA UA 85 -43.12 -45.46 -124.12
N ARG UA 86 -43.79 -46.26 -124.93
CA ARG UA 86 -44.85 -47.11 -124.41
C ARG UA 86 -44.49 -48.59 -124.53
N ALA UA 87 -43.87 -48.99 -125.64
CA ALA UA 87 -43.42 -50.37 -125.75
C ALA UA 87 -42.22 -50.63 -124.86
N THR UA 88 -41.38 -49.63 -124.63
CA THR UA 88 -40.33 -49.79 -123.62
C THR UA 88 -40.87 -49.69 -122.22
N LEU UA 89 -42.13 -49.29 -122.05
CA LEU UA 89 -42.72 -49.39 -120.73
C LEU UA 89 -43.22 -50.80 -120.49
N SER UA 90 -43.78 -51.45 -121.51
CA SER UA 90 -44.32 -52.79 -121.31
C SER UA 90 -43.25 -53.86 -121.31
N SER UA 91 -42.18 -53.65 -122.08
CA SER UA 91 -41.16 -54.68 -122.20
C SER UA 91 -40.44 -54.90 -120.89
N ILE UA 92 -40.19 -53.82 -120.16
CA ILE UA 92 -39.66 -53.97 -118.83
C ILE UA 92 -40.70 -54.55 -117.88
N ARG UA 93 -42.00 -54.38 -118.18
CA ARG UA 93 -42.99 -55.07 -117.34
C ARG UA 93 -43.03 -56.55 -117.65
N HIS UA 94 -42.87 -56.91 -118.93
CA HIS UA 94 -42.86 -58.31 -119.32
C HIS UA 94 -41.66 -59.03 -118.75
N MET UA 95 -40.52 -58.37 -118.71
CA MET UA 95 -39.31 -59.06 -118.30
C MET UA 95 -39.25 -59.24 -116.79
N ILE UA 96 -39.97 -58.42 -116.04
CA ILE UA 96 -40.00 -58.57 -114.59
C ILE UA 96 -41.10 -59.52 -114.18
N ARG UA 97 -42.35 -59.18 -114.53
CA ARG UA 97 -43.51 -59.92 -114.03
C ARG UA 97 -43.59 -61.32 -114.62
N LYS UA 98 -43.34 -61.48 -115.93
CA LYS UA 98 -43.53 -62.79 -116.54
C LYS UA 98 -42.34 -63.69 -116.41
N ASN UA 99 -41.48 -63.41 -115.43
CA ASN UA 99 -40.58 -64.36 -114.83
C ASN UA 99 -40.76 -64.27 -113.32
N LYS UA 100 -40.09 -65.17 -112.60
CA LYS UA 100 -39.91 -65.09 -111.16
C LYS UA 100 -38.88 -64.05 -110.77
N TYR UA 101 -38.23 -63.42 -111.74
CA TYR UA 101 -37.06 -62.59 -111.49
C TYR UA 101 -37.49 -61.29 -110.84
N ARG UA 102 -37.53 -61.31 -109.51
CA ARG UA 102 -37.89 -60.20 -108.63
C ARG UA 102 -39.26 -59.62 -108.96
N PRO UA 103 -40.35 -60.30 -108.58
CA PRO UA 103 -41.66 -59.64 -108.71
C PRO UA 103 -41.85 -58.51 -107.75
N ASP UA 104 -41.09 -58.48 -106.66
CA ASP UA 104 -40.87 -57.28 -105.88
C ASP UA 104 -40.19 -56.23 -106.76
N LEU UA 105 -40.33 -54.97 -106.38
CA LEU UA 105 -39.72 -53.82 -107.06
C LEU UA 105 -40.04 -53.75 -108.56
N ARG UA 106 -41.22 -54.21 -108.95
CA ARG UA 106 -41.73 -53.94 -110.30
C ARG UA 106 -41.74 -52.47 -110.63
N MET UA 107 -42.49 -51.70 -109.82
CA MET UA 107 -42.82 -50.34 -110.18
C MET UA 107 -41.59 -49.46 -110.15
N ALA UA 108 -40.68 -49.70 -109.21
CA ALA UA 108 -39.48 -48.88 -109.08
C ALA UA 108 -38.56 -49.02 -110.29
N ALA UA 109 -38.56 -50.18 -110.93
CA ALA UA 109 -37.89 -50.29 -112.21
C ALA UA 109 -38.55 -49.41 -113.23
N ILE UA 110 -39.87 -49.38 -113.24
CA ILE UA 110 -40.61 -48.66 -114.26
C ILE UA 110 -40.53 -47.16 -114.06
N ARG UA 111 -40.65 -46.70 -112.80
CA ARG UA 111 -40.65 -45.26 -112.53
C ARG UA 111 -39.33 -44.64 -112.89
N ARG UA 112 -38.25 -45.38 -112.70
CA ARG UA 112 -36.96 -44.92 -113.19
C ARG UA 112 -36.91 -44.97 -114.70
N ALA UA 113 -37.50 -46.00 -115.31
CA ALA UA 113 -37.58 -46.06 -116.76
C ALA UA 113 -38.56 -45.04 -117.29
N SER UA 114 -39.57 -44.70 -116.48
CA SER UA 114 -40.38 -43.54 -116.75
C SER UA 114 -39.54 -42.28 -116.74
N ALA UA 115 -38.83 -42.05 -115.65
CA ALA UA 115 -38.16 -40.77 -115.44
C ALA UA 115 -36.96 -40.58 -116.35
N ILE UA 116 -36.26 -41.65 -116.70
CA ILE UA 116 -35.00 -41.40 -117.37
C ILE UA 116 -35.23 -41.10 -118.84
N LEU UA 117 -36.37 -41.49 -119.41
CA LEU UA 117 -36.65 -41.10 -120.77
C LEU UA 117 -37.03 -39.64 -120.86
N ARG UA 118 -37.77 -39.12 -119.87
CA ARG UA 118 -38.18 -37.73 -119.92
C ARG UA 118 -37.01 -36.78 -119.70
N SER UA 119 -35.98 -37.24 -119.01
CA SER UA 119 -34.75 -36.47 -118.98
C SER UA 119 -34.06 -36.49 -120.33
N GLN UA 120 -34.32 -37.53 -121.11
CA GLN UA 120 -33.59 -37.83 -122.32
C GLN UA 120 -34.31 -37.38 -123.59
N LYS UA 121 -35.62 -37.23 -123.54
CA LYS UA 121 -36.35 -36.97 -124.79
C LYS UA 121 -36.37 -35.51 -125.23
N PRO UA 122 -36.42 -34.51 -124.32
CA PRO UA 122 -36.22 -33.18 -124.93
C PRO UA 122 -34.85 -32.59 -124.63
N ALA XA 1 -35.95 -14.85 118.13
CA ALA XA 1 -36.30 -15.30 116.80
C ALA XA 1 -35.68 -14.41 115.74
N VAL XA 2 -34.44 -13.98 115.97
CA VAL XA 2 -33.66 -13.23 114.99
C VAL XA 2 -32.26 -13.87 114.92
N GLN XA 3 -32.08 -14.79 113.98
CA GLN XA 3 -30.77 -15.40 113.78
C GLN XA 3 -30.43 -15.43 112.29
N ILE XA 4 -29.24 -14.94 111.96
CA ILE XA 4 -28.62 -15.14 110.66
C ILE XA 4 -27.17 -15.53 110.93
N SER XA 5 -26.61 -16.31 110.02
CA SER XA 5 -25.27 -16.85 110.22
C SER XA 5 -24.22 -15.76 110.01
N LYS XA 6 -22.97 -16.11 110.23
CA LYS XA 6 -21.91 -15.13 110.02
C LYS XA 6 -21.66 -14.87 108.55
N LYS XA 7 -22.09 -15.78 107.69
CA LYS XA 7 -22.13 -15.50 106.26
C LYS XA 7 -23.21 -14.49 105.89
N ARG XA 8 -24.00 -14.00 106.84
CA ARG XA 8 -24.99 -12.98 106.56
C ARG XA 8 -24.79 -11.70 107.35
N LYS XA 9 -24.50 -11.77 108.66
CA LYS XA 9 -24.44 -10.50 109.42
C LYS XA 9 -23.11 -9.79 109.22
N PHE XA 10 -22.07 -10.52 108.82
CA PHE XA 10 -20.82 -9.87 108.43
C PHE XA 10 -21.01 -9.01 107.19
N VAL XA 11 -21.71 -9.53 106.18
CA VAL XA 11 -21.99 -8.72 104.99
C VAL XA 11 -23.12 -7.73 105.26
N ALA XA 12 -24.02 -8.04 106.21
CA ALA XA 12 -25.05 -7.07 106.60
C ALA XA 12 -24.44 -5.84 107.26
N ASP XA 13 -23.50 -6.06 108.20
CA ASP XA 13 -22.69 -4.95 108.69
C ASP XA 13 -21.46 -4.70 107.82
N GLY XA 14 -21.28 -5.47 106.75
CA GLY XA 14 -20.41 -5.02 105.68
C GLY XA 14 -21.01 -3.84 104.95
N ILE XA 15 -22.24 -3.98 104.46
CA ILE XA 15 -22.83 -2.91 103.67
C ILE XA 15 -23.33 -1.78 104.56
N PHE XA 16 -23.56 -2.07 105.84
CA PHE XA 16 -23.89 -1.03 106.82
C PHE XA 16 -22.77 -0.02 106.95
N LYS XA 17 -21.52 -0.42 106.72
CA LYS XA 17 -20.44 0.55 106.58
C LYS XA 17 -20.67 1.46 105.38
N ALA XA 18 -20.96 0.86 104.22
CA ALA XA 18 -21.11 1.61 102.98
C ALA XA 18 -22.32 2.52 103.03
N GLU XA 19 -23.44 1.99 103.53
CA GLU XA 19 -24.68 2.73 103.61
C GLU XA 19 -24.56 3.94 104.53
N LEU XA 20 -23.77 3.81 105.60
CA LEU XA 20 -23.65 4.88 106.58
C LEU XA 20 -22.70 5.98 106.11
N ASN XA 21 -21.50 5.61 105.68
CA ASN XA 21 -20.44 6.60 105.49
C ASN XA 21 -20.68 7.46 104.25
N GLU XA 22 -21.03 6.83 103.11
CA GLU XA 22 -21.29 7.59 101.89
C GLU XA 22 -22.58 8.39 101.96
N PHE XA 23 -23.53 8.02 102.81
CA PHE XA 23 -24.65 8.92 103.03
C PHE XA 23 -24.23 10.18 103.78
N LEU XA 24 -23.39 10.01 104.83
CA LEU XA 24 -23.08 11.13 105.72
C LEU XA 24 -22.31 12.23 105.00
N THR XA 25 -21.53 11.88 104.00
CA THR XA 25 -20.84 12.91 103.23
C THR XA 25 -21.78 13.60 102.25
N ARG XA 26 -22.93 13.01 101.92
CA ARG XA 26 -23.84 13.73 101.03
C ARG XA 26 -24.56 14.86 101.73
N GLU XA 27 -24.75 14.74 103.04
CA GLU XA 27 -25.27 15.85 103.83
C GLU XA 27 -24.17 16.64 104.53
N LEU XA 28 -23.03 16.02 104.80
CA LEU XA 28 -21.90 16.72 105.38
C LEU XA 28 -20.73 16.71 104.40
N ALA XA 29 -20.96 17.27 103.21
CA ALA XA 29 -19.90 17.63 102.29
C ALA XA 29 -19.38 19.04 102.49
N GLU XA 30 -19.93 19.82 103.44
CA GLU XA 30 -19.65 21.26 103.43
C GLU XA 30 -18.24 21.58 103.91
N ASP XA 31 -17.75 20.88 104.91
CA ASP XA 31 -16.35 20.99 105.30
C ASP XA 31 -15.55 19.88 104.60
N GLY XA 32 -14.31 19.67 105.03
CA GLY XA 32 -13.58 18.51 104.57
C GLY XA 32 -13.93 17.28 105.40
N TYR XA 33 -14.90 16.53 104.90
CA TYR XA 33 -15.34 15.27 105.50
C TYR XA 33 -14.23 14.22 105.35
N SER XA 34 -14.11 13.35 106.34
CA SER XA 34 -13.17 12.24 106.19
C SER XA 34 -13.85 10.88 106.26
N GLY XA 35 -14.53 10.53 107.35
CA GLY XA 35 -15.03 9.19 107.47
C GLY XA 35 -15.44 8.86 108.89
N VAL XA 36 -15.87 7.61 109.07
CA VAL XA 36 -16.63 7.19 110.24
C VAL XA 36 -15.89 6.11 111.01
N GLU XA 37 -16.27 5.95 112.28
CA GLU XA 37 -15.80 4.88 113.15
C GLU XA 37 -16.99 4.10 113.68
N VAL XA 38 -17.11 2.84 113.27
CA VAL XA 38 -18.16 1.95 113.77
C VAL XA 38 -17.48 0.93 114.66
N ARG XA 39 -17.53 1.15 115.97
CA ARG XA 39 -17.06 0.18 116.95
C ARG XA 39 -18.22 -0.78 117.25
N VAL XA 40 -18.10 -1.57 118.30
CA VAL XA 40 -19.19 -2.43 118.76
C VAL XA 40 -19.41 -2.19 120.25
N THR XA 41 -20.57 -1.65 120.59
CA THR XA 41 -21.10 -1.67 121.95
C THR XA 41 -22.47 -2.33 121.85
N PRO XA 42 -22.69 -3.49 122.47
CA PRO XA 42 -23.77 -4.38 122.03
C PRO XA 42 -25.17 -3.89 122.32
N THR XA 43 -25.35 -2.89 123.19
CA THR XA 43 -26.65 -2.29 123.42
C THR XA 43 -26.73 -0.86 122.88
N ARG XA 44 -25.79 -0.46 122.05
CA ARG XA 44 -25.80 0.85 121.38
C ARG XA 44 -25.25 0.66 119.98
N THR XA 45 -24.89 1.78 119.34
CA THR XA 45 -24.15 1.73 118.08
C THR XA 45 -23.32 3.01 118.05
N GLU XA 46 -22.04 2.91 118.41
CA GLU XA 46 -21.20 4.09 118.49
C GLU XA 46 -20.71 4.47 117.10
N ILE XA 47 -20.99 5.71 116.70
CA ILE XA 47 -20.75 6.21 115.35
C ILE XA 47 -20.06 7.56 115.47
N ILE XA 48 -18.76 7.62 115.21
CA ILE XA 48 -18.01 8.85 115.33
C ILE XA 48 -17.41 9.19 113.97
N ILE XA 49 -17.64 10.43 113.52
CA ILE XA 49 -17.29 10.89 112.19
C ILE XA 49 -16.05 11.79 112.31
N LEU XA 50 -15.21 11.82 111.28
CA LEU XA 50 -14.12 12.78 111.17
C LEU XA 50 -14.44 13.84 110.14
N ALA XA 51 -14.22 15.10 110.50
CA ALA XA 51 -14.49 16.21 109.58
C ALA XA 51 -13.59 17.38 109.95
N THR XA 52 -13.68 18.45 109.14
CA THR XA 52 -12.84 19.63 109.30
C THR XA 52 -13.50 20.67 110.21
N ARG XA 53 -14.64 21.22 109.80
CA ARG XA 53 -15.37 22.19 110.61
C ARG XA 53 -16.28 21.45 111.59
N THR XA 54 -15.79 21.27 112.82
CA THR XA 54 -16.60 20.67 113.87
C THR XA 54 -17.75 21.56 114.31
N GLN XA 55 -17.64 22.88 114.10
CA GLN XA 55 -18.77 23.77 114.38
C GLN XA 55 -19.86 23.60 113.34
N ASN XA 56 -19.49 23.10 112.16
CA ASN XA 56 -20.41 22.62 111.14
C ASN XA 56 -20.77 21.16 111.34
N VAL XA 57 -20.36 20.57 112.46
CA VAL XA 57 -20.95 19.32 112.94
C VAL XA 57 -21.80 19.57 114.18
N LEU XA 58 -21.38 20.52 115.02
CA LEU XA 58 -22.09 20.82 116.27
C LEU XA 58 -23.47 21.41 116.01
N GLY XA 59 -23.53 22.54 115.33
CA GLY XA 59 -24.79 23.23 115.14
C GLY XA 59 -24.92 24.45 116.02
N GLU XA 60 -26.14 24.77 116.44
CA GLU XA 60 -26.38 26.00 117.19
C GLU XA 60 -26.23 25.74 118.69
N LYS XA 61 -27.05 24.83 119.22
CA LYS XA 61 -26.96 24.41 120.62
C LYS XA 61 -27.04 22.90 120.75
N GLY XA 62 -26.73 22.16 119.69
CA GLY XA 62 -26.85 20.71 119.75
C GLY XA 62 -27.97 20.22 118.85
N ARG XA 63 -28.12 20.90 117.71
CA ARG XA 63 -29.24 20.67 116.82
C ARG XA 63 -28.92 19.72 115.67
N ARG XA 64 -27.91 20.10 114.86
CA ARG XA 64 -27.66 19.44 113.58
C ARG XA 64 -27.23 17.98 113.78
N ILE XA 65 -26.47 17.72 114.83
CA ILE XA 65 -25.83 16.43 115.00
C ILE XA 65 -26.82 15.38 115.51
N ARG XA 66 -27.72 15.75 116.42
CA ARG XA 66 -28.70 14.80 116.96
C ARG XA 66 -29.82 14.56 115.96
N GLU XA 67 -30.01 15.50 115.04
CA GLU XA 67 -31.00 15.36 113.99
C GLU XA 67 -30.58 14.32 112.96
N LEU XA 68 -29.28 14.27 112.67
CA LEU XA 68 -28.76 13.26 111.74
C LEU XA 68 -28.70 11.89 112.39
N THR XA 69 -28.74 11.84 113.72
CA THR XA 69 -28.87 10.59 114.45
C THR XA 69 -30.21 9.91 114.16
N ALA XA 70 -31.30 10.67 114.23
CA ALA XA 70 -32.63 10.11 114.04
C ALA XA 70 -32.94 9.84 112.58
N VAL XA 71 -32.14 10.42 111.67
CA VAL XA 71 -32.13 9.97 110.28
C VAL XA 71 -31.89 8.47 110.22
N VAL XA 72 -30.90 8.01 110.99
CA VAL XA 72 -30.48 6.62 111.04
C VAL XA 72 -31.52 5.76 111.76
N GLN XA 73 -32.29 6.34 112.70
CA GLN XA 73 -33.28 5.55 113.43
C GLN XA 73 -34.43 5.07 112.53
N LYS XA 74 -34.77 5.84 111.49
CA LYS XA 74 -35.95 5.54 110.69
C LYS XA 74 -35.74 4.34 109.79
N ARG XA 75 -34.64 4.31 109.04
CA ARG XA 75 -34.40 3.24 108.08
C ARG XA 75 -33.62 2.08 108.68
N PHE XA 76 -32.59 2.36 109.46
CA PHE XA 76 -31.71 1.30 109.91
C PHE XA 76 -32.32 0.45 111.01
N GLY XA 77 -33.35 0.94 111.69
CA GLY XA 77 -33.97 0.16 112.74
C GLY XA 77 -33.10 -0.01 113.96
N PHE XA 78 -32.23 0.97 114.25
CA PHE XA 78 -31.41 1.03 115.44
C PHE XA 78 -31.89 2.18 116.32
N PRO XA 79 -32.99 2.02 117.03
CA PRO XA 79 -33.64 3.18 117.62
C PRO XA 79 -33.08 3.58 118.97
N GLU XA 80 -33.66 4.65 119.52
CA GLU XA 80 -33.66 4.97 120.95
C GLU XA 80 -32.27 5.28 121.50
N GLY XA 81 -31.55 6.14 120.80
CA GLY XA 81 -30.26 6.61 121.27
C GLY XA 81 -29.15 5.60 121.20
N SER XA 82 -29.39 4.43 120.61
CA SER XA 82 -28.32 3.46 120.38
C SER XA 82 -27.34 4.01 119.35
N VAL XA 83 -27.86 4.51 118.25
CA VAL XA 83 -27.11 5.38 117.35
C VAL XA 83 -26.69 6.63 118.10
N GLU XA 84 -25.41 6.93 118.09
CA GLU XA 84 -24.89 8.14 118.72
C GLU XA 84 -23.83 8.74 117.82
N LEU XA 85 -23.86 10.06 117.66
CA LEU XA 85 -22.93 10.77 116.80
C LEU XA 85 -22.05 11.72 117.62
N TYR XA 86 -20.73 11.48 117.58
CA TYR XA 86 -19.70 12.42 118.03
C TYR XA 86 -18.85 12.82 116.82
N ALA XA 87 -17.75 13.54 117.09
CA ALA XA 87 -16.95 14.09 116.02
C ALA XA 87 -15.47 14.02 116.38
N GLU XA 88 -14.62 14.21 115.36
CA GLU XA 88 -13.19 14.36 115.53
C GLU XA 88 -12.72 15.50 114.64
N LYS XA 89 -12.08 16.51 115.24
CA LYS XA 89 -11.28 17.44 114.46
C LYS XA 89 -10.10 16.70 113.85
N VAL XA 90 -9.88 16.91 112.55
CA VAL XA 90 -8.69 16.37 111.91
C VAL XA 90 -7.53 17.26 112.32
N ALA XA 91 -6.74 16.82 113.30
CA ALA XA 91 -5.68 17.66 113.85
C ALA XA 91 -4.52 17.80 112.87
N THR XA 92 -4.06 16.67 112.32
CA THR XA 92 -3.19 16.67 111.13
C THR XA 92 -4.08 16.92 109.92
N ARG XA 93 -4.41 18.19 109.70
CA ARG XA 93 -5.50 18.58 108.81
C ARG XA 93 -5.15 18.32 107.35
N GLY XA 94 -3.85 18.33 107.02
CA GLY XA 94 -3.42 17.91 105.72
C GLY XA 94 -2.93 16.48 105.62
N LEU XA 95 -3.74 15.48 105.96
CA LEU XA 95 -3.21 14.12 105.89
C LEU XA 95 -4.10 13.15 105.14
N CYS XA 96 -5.40 13.27 105.29
CA CYS XA 96 -6.37 12.34 104.70
C CYS XA 96 -6.66 12.82 103.29
N ALA XA 97 -6.34 11.98 102.29
CA ALA XA 97 -6.48 12.32 100.88
C ALA XA 97 -7.92 12.68 100.49
N ILE XA 98 -8.89 12.18 101.25
CA ILE XA 98 -10.30 12.38 100.96
C ILE XA 98 -10.67 13.86 101.06
N ALA XA 99 -10.38 14.48 102.19
CA ALA XA 99 -10.74 15.88 102.36
C ALA XA 99 -9.86 16.79 101.50
N GLN XA 100 -8.65 16.33 101.17
CA GLN XA 100 -7.77 17.07 100.27
C GLN XA 100 -8.39 17.16 98.87
N ALA XA 101 -9.00 16.05 98.42
CA ALA XA 101 -9.82 16.10 97.22
C ALA XA 101 -11.05 16.95 97.42
N GLU XA 102 -11.60 16.99 98.64
CA GLU XA 102 -12.94 17.51 98.82
C GLU XA 102 -12.97 19.03 98.80
N SER XA 103 -12.07 19.68 99.54
CA SER XA 103 -12.00 21.13 99.49
C SER XA 103 -11.42 21.62 98.16
N LEU XA 104 -10.71 20.75 97.45
CA LEU XA 104 -10.27 21.04 96.08
C LEU XA 104 -11.46 21.26 95.16
N ARG XA 105 -12.58 20.56 95.42
CA ARG XA 105 -13.77 20.71 94.60
C ARG XA 105 -14.34 22.12 94.69
N TYR XA 106 -14.48 22.63 95.91
CA TYR XA 106 -15.19 23.89 96.13
C TYR XA 106 -14.39 25.07 95.64
N LYS XA 107 -13.08 24.96 95.70
CA LYS XA 107 -12.24 26.02 95.19
C LYS XA 107 -12.31 26.08 93.68
N LEU XA 108 -12.61 24.97 93.01
CA LEU XA 108 -12.85 24.99 91.57
C LEU XA 108 -14.14 25.74 91.24
N LEU XA 109 -15.16 25.59 92.09
CA LEU XA 109 -16.53 25.90 91.68
C LEU XA 109 -16.76 27.42 91.58
N GLY XA 110 -16.12 28.20 92.43
CA GLY XA 110 -16.19 29.65 92.30
C GLY XA 110 -15.01 30.34 91.64
N GLY XA 111 -14.58 29.89 90.47
CA GLY XA 111 -13.36 30.40 89.89
C GLY XA 111 -12.15 29.67 90.43
N LEU XA 112 -11.05 30.39 90.69
CA LEU XA 112 -9.83 29.88 91.33
C LEU XA 112 -9.25 28.70 90.55
N ALA XA 113 -8.76 29.02 89.35
CA ALA XA 113 -8.41 28.08 88.28
C ALA XA 113 -7.54 26.90 88.72
N VAL XA 114 -7.68 25.77 88.01
CA VAL XA 114 -7.29 24.44 88.49
C VAL XA 114 -5.78 24.37 88.72
N ARG XA 115 -5.02 25.14 87.96
CA ARG XA 115 -3.59 25.35 88.23
C ARG XA 115 -3.39 25.83 89.66
N ARG XA 116 -4.02 26.93 90.04
CA ARG XA 116 -3.83 27.51 91.37
C ARG XA 116 -4.40 26.60 92.44
N ALA XA 117 -5.43 25.81 92.10
CA ALA XA 117 -6.04 24.92 93.08
C ALA XA 117 -5.16 23.72 93.37
N CYS XA 118 -4.69 23.02 92.34
CA CYS XA 118 -4.02 21.73 92.54
C CYS XA 118 -2.65 21.89 93.17
N TYR XA 119 -1.92 22.94 92.79
CA TYR XA 119 -0.68 23.25 93.51
C TYR XA 119 -0.97 23.73 94.92
N GLY XA 120 -2.14 24.32 95.15
CA GLY XA 120 -2.49 24.81 96.48
C GLY XA 120 -2.65 23.70 97.51
N VAL XA 121 -3.24 22.57 97.10
CA VAL XA 121 -3.33 21.44 98.02
C VAL XA 121 -2.07 20.58 97.98
N LEU XA 122 -1.37 20.53 96.84
CA LEU XA 122 -0.07 19.85 96.83
C LEU XA 122 0.91 20.54 97.74
N ARG XA 123 0.83 21.87 97.83
CA ARG XA 123 1.59 22.58 98.84
C ARG XA 123 1.10 22.22 100.23
N PHE XA 124 -0.22 22.09 100.41
CA PHE XA 124 -0.78 21.86 101.72
C PHE XA 124 -0.54 20.43 102.20
N ILE XA 125 -0.58 19.47 101.28
CA ILE XA 125 -0.34 18.08 101.67
C ILE XA 125 1.12 17.87 102.04
N MET XA 126 2.05 18.40 101.24
CA MET XA 126 3.46 18.07 101.41
C MET XA 126 4.11 18.83 102.58
N GLU XA 127 3.52 19.96 102.98
CA GLU XA 127 3.94 20.58 104.24
C GLU XA 127 3.42 19.76 105.42
N SER XA 128 2.35 19.01 105.22
CA SER XA 128 1.72 18.25 106.29
C SER XA 128 2.01 16.76 106.11
N GLY XA 129 3.21 16.36 106.49
CA GLY XA 129 3.53 14.95 106.76
C GLY XA 129 3.80 13.93 105.68
N ALA XA 130 3.05 13.98 104.58
CA ALA XA 130 3.03 12.91 103.59
C ALA XA 130 4.34 12.84 102.80
N LYS XA 131 4.61 11.66 102.23
CA LYS XA 131 5.70 11.54 101.27
C LYS XA 131 5.27 10.98 99.92
N GLY XA 132 3.99 10.73 99.71
CA GLY XA 132 3.57 10.34 98.40
C GLY XA 132 2.30 11.09 98.07
N CYS XA 133 2.20 11.69 96.89
CA CYS XA 133 1.03 12.47 96.54
C CYS XA 133 0.98 12.63 95.02
N GLU XA 134 -0.10 12.18 94.39
CA GLU XA 134 -0.25 12.44 92.96
C GLU XA 134 -1.71 12.62 92.62
N VAL XA 135 -2.07 13.85 92.28
CA VAL XA 135 -3.44 14.27 92.03
C VAL XA 135 -3.71 14.16 90.53
N VAL XA 136 -4.69 13.34 90.18
CA VAL XA 136 -5.05 13.08 88.79
C VAL XA 136 -6.36 13.80 88.51
N VAL XA 137 -6.32 14.81 87.65
CA VAL XA 137 -7.50 15.58 87.25
C VAL XA 137 -7.55 15.58 85.72
N SER XA 138 -8.38 14.72 85.13
CA SER XA 138 -8.50 14.62 83.68
C SER XA 138 -9.95 14.87 83.30
N GLY XA 139 -10.20 15.95 82.57
CA GLY XA 139 -11.56 16.30 82.24
C GLY XA 139 -11.62 17.25 81.06
N LYS XA 140 -12.72 17.99 80.99
CA LYS XA 140 -12.93 18.98 79.92
C LYS XA 140 -12.38 20.31 80.38
N LEU XA 141 -11.09 20.50 80.17
CA LEU XA 141 -10.40 21.73 80.55
C LEU XA 141 -9.74 22.31 79.30
N ARG XA 142 -9.99 23.60 79.06
CA ARG XA 142 -9.45 24.36 77.92
C ARG XA 142 -9.87 23.78 76.58
N GLY XA 143 -11.15 23.43 76.45
CA GLY XA 143 -11.67 23.00 75.16
C GLY XA 143 -12.55 21.77 75.20
N GLN XA 144 -13.06 21.37 74.03
CA GLN XA 144 -13.93 20.20 73.96
C GLN XA 144 -13.11 18.92 74.06
N ARG XA 145 -12.02 18.83 73.30
CA ARG XA 145 -11.17 17.65 73.29
C ARG XA 145 -10.46 17.54 74.63
N ALA XA 146 -10.86 16.54 75.43
CA ALA XA 146 -10.48 16.43 76.84
C ALA XA 146 -8.99 16.19 76.98
N LYS XA 147 -8.30 17.13 77.61
CA LYS XA 147 -6.84 17.09 77.77
C LYS XA 147 -6.50 16.66 79.18
N SER XA 148 -5.86 15.50 79.30
CA SER XA 148 -5.60 14.88 80.60
C SER XA 148 -4.46 15.58 81.33
N MET XA 149 -4.69 15.96 82.58
CA MET XA 149 -3.77 16.79 83.36
C MET XA 149 -3.39 16.07 84.64
N LYS XA 150 -2.12 16.20 85.06
CA LYS XA 150 -1.60 15.46 86.22
C LYS XA 150 -0.68 16.36 87.04
N PHE XA 151 -0.52 15.99 88.32
CA PHE XA 151 0.27 16.75 89.28
C PHE XA 151 0.83 15.76 90.29
N VAL XA 152 2.10 15.89 90.69
CA VAL XA 152 2.72 14.85 91.53
C VAL XA 152 3.78 15.44 92.46
N ASP XA 153 3.70 15.10 93.75
CA ASP XA 153 4.72 15.44 94.74
C ASP XA 153 5.07 14.23 95.60
N GLY XA 154 6.35 14.14 95.98
CA GLY XA 154 6.77 13.15 96.96
C GLY XA 154 7.35 11.90 96.32
N LEU XA 155 6.74 10.75 96.60
CA LEU XA 155 7.37 9.47 96.28
C LEU XA 155 6.28 8.40 96.24
N MET XA 156 6.02 7.84 95.07
CA MET XA 156 4.80 7.06 94.84
C MET XA 156 5.13 5.63 94.43
N ILE XA 157 4.77 4.69 95.30
CA ILE XA 157 4.92 3.25 95.06
C ILE XA 157 3.70 2.75 94.29
N HIS XA 158 3.94 2.04 93.18
CA HIS XA 158 2.86 1.59 92.31
C HIS XA 158 2.72 0.08 92.22
N SER XA 159 3.46 -0.71 92.98
CA SER XA 159 3.26 -2.14 92.91
C SER XA 159 3.45 -2.76 94.28
N GLY XA 160 3.28 -4.08 94.32
CA GLY XA 160 3.32 -4.80 95.58
C GLY XA 160 1.98 -4.72 96.29
N ASP XA 161 1.82 -5.61 97.27
CA ASP XA 161 0.65 -5.57 98.13
C ASP XA 161 0.46 -4.29 98.97
N PRO XA 162 1.52 -3.68 99.65
CA PRO XA 162 1.20 -2.64 100.65
C PRO XA 162 0.67 -1.30 100.15
N VAL XA 163 0.14 -1.27 98.92
CA VAL XA 163 -0.65 -0.14 98.46
C VAL XA 163 -1.90 0.03 99.35
N ASN XA 164 -2.50 -1.07 99.80
CA ASN XA 164 -3.83 -1.01 100.41
C ASN XA 164 -3.86 -0.31 101.77
N TYR XA 165 -2.72 -0.14 102.44
CA TYR XA 165 -2.71 0.67 103.65
C TYR XA 165 -1.78 1.88 103.60
N TYR XA 166 -0.65 1.82 102.88
CA TYR XA 166 0.14 3.04 102.72
C TYR XA 166 -0.56 4.03 101.83
N VAL XA 167 -1.11 3.55 100.71
CA VAL XA 167 -1.65 4.45 99.71
C VAL XA 167 -3.16 4.50 99.89
N ASP XA 168 -3.61 5.47 100.68
CA ASP XA 168 -5.04 5.74 100.78
C ASP XA 168 -5.50 6.46 99.53
N THR XA 169 -6.70 6.12 99.05
CA THR XA 169 -7.12 6.53 97.72
C THR XA 169 -8.60 6.89 97.71
N ALA XA 170 -8.96 7.98 97.03
CA ALA XA 170 -10.34 8.37 96.86
C ALA XA 170 -10.56 8.88 95.46
N VAL XA 171 -11.79 8.74 94.97
CA VAL XA 171 -12.25 9.34 93.72
C VAL XA 171 -13.57 10.04 94.00
N ARG XA 172 -13.72 11.28 93.49
CA ARG XA 172 -14.97 12.02 93.67
C ARG XA 172 -15.45 12.60 92.36
N HIS XA 173 -16.66 13.14 92.40
CA HIS XA 173 -17.28 13.78 91.26
C HIS XA 173 -17.15 15.29 91.35
N VAL XA 174 -17.07 15.94 90.19
CA VAL XA 174 -17.11 17.40 90.06
C VAL XA 174 -17.93 17.75 88.83
N LEU XA 175 -18.97 18.54 89.02
CA LEU XA 175 -19.83 19.03 87.94
C LEU XA 175 -19.48 20.47 87.66
N LEU XA 176 -18.89 20.73 86.48
CA LEU XA 176 -18.50 22.09 86.13
C LEU XA 176 -19.30 22.66 84.98
N ARG XA 177 -18.91 23.89 84.62
CA ARG XA 177 -19.49 24.70 83.57
C ARG XA 177 -19.03 24.29 82.18
N GLN XA 178 -18.17 23.28 82.08
CA GLN XA 178 -17.87 22.62 80.80
C GLN XA 178 -18.70 21.34 80.66
N GLY XA 179 -18.86 20.62 81.76
CA GLY XA 179 -19.37 19.27 81.77
C GLY XA 179 -19.06 18.67 83.13
N VAL XA 180 -18.50 17.47 83.17
CA VAL XA 180 -18.12 16.88 84.45
C VAL XA 180 -16.63 16.60 84.47
N LEU XA 181 -16.11 16.47 85.69
CA LEU XA 181 -14.72 16.12 85.97
C LEU XA 181 -14.70 15.14 87.14
N GLY XA 182 -13.85 14.14 87.06
CA GLY XA 182 -13.49 13.34 88.21
C GLY XA 182 -12.11 13.74 88.68
N ILE XA 183 -11.88 13.66 89.99
CA ILE XA 183 -10.53 13.85 90.52
C ILE XA 183 -10.14 12.59 91.30
N LYS XA 184 -8.87 12.20 91.16
CA LYS XA 184 -8.30 11.11 91.92
C LYS XA 184 -7.15 11.66 92.75
N VAL XA 185 -7.15 11.36 94.04
CA VAL XA 185 -6.04 11.70 94.90
C VAL XA 185 -5.69 10.47 95.71
N LYS XA 186 -4.50 9.94 95.49
CA LYS XA 186 -3.92 8.93 96.36
C LYS XA 186 -2.75 9.55 97.09
N ILE XA 187 -2.57 9.19 98.36
CA ILE XA 187 -1.49 9.74 99.16
C ILE XA 187 -0.83 8.61 99.94
N MET XA 188 0.47 8.46 99.75
CA MET XA 188 1.21 7.39 100.42
C MET XA 188 1.49 7.82 101.85
N LEU XA 189 0.86 7.16 102.80
CA LEU XA 189 1.08 7.48 104.20
C LEU XA 189 2.45 6.96 104.61
N PRO XA 190 3.36 7.80 105.06
CA PRO XA 190 4.66 7.31 105.51
C PRO XA 190 4.54 6.61 106.86
N TRP XA 191 5.61 5.93 107.21
CA TRP XA 191 5.66 5.10 108.40
C TRP XA 191 6.36 5.83 109.54
N ASP XA 192 5.60 6.18 110.54
CA ASP XA 192 6.30 6.23 111.80
C ASP XA 192 5.91 4.99 112.60
N PRO XA 193 6.81 4.45 113.44
CA PRO XA 193 6.49 3.22 114.19
C PRO XA 193 5.38 3.37 115.21
N THR XA 194 4.90 4.57 115.44
CA THR XA 194 3.65 4.81 116.15
C THR XA 194 3.12 6.14 115.66
N GLY XA 195 1.83 6.18 115.37
CA GLY XA 195 1.19 7.46 115.12
C GLY XA 195 0.00 7.33 114.22
N LYS XA 196 -0.88 8.32 114.34
CA LYS XA 196 -1.99 8.55 113.43
C LYS XA 196 -1.55 9.20 112.12
N ILE XA 197 -0.25 9.37 111.92
CA ILE XA 197 0.32 9.71 110.61
C ILE XA 197 -0.04 8.63 109.60
N GLY XA 198 0.38 7.39 109.86
CA GLY XA 198 0.14 6.32 108.93
C GLY XA 198 0.18 4.95 109.57
N PRO XA 199 0.36 3.92 108.75
CA PRO XA 199 0.47 2.56 109.28
C PRO XA 199 1.77 2.35 110.04
N LYS XA 200 1.70 1.53 111.08
CA LYS XA 200 2.85 1.25 111.93
C LYS XA 200 3.79 0.20 111.34
N LYS XA 201 3.52 -0.28 110.14
CA LYS XA 201 4.43 -1.25 109.56
C LYS XA 201 5.48 -0.54 108.71
N PRO XA 202 6.74 -0.93 108.77
CA PRO XA 202 7.79 -0.18 108.07
C PRO XA 202 7.77 -0.45 106.57
N LEU XA 203 8.54 0.37 105.84
CA LEU XA 203 8.60 0.26 104.38
C LEU XA 203 9.44 -0.95 104.00
N PRO XA 204 8.98 -1.82 103.12
CA PRO XA 204 9.60 -3.13 102.95
C PRO XA 204 10.90 -3.08 102.17
N ASP XA 205 11.05 -2.06 101.32
CA ASP XA 205 12.32 -1.80 100.66
C ASP XA 205 13.33 -1.19 101.61
N HIS XA 206 12.83 -0.36 102.52
CA HIS XA 206 13.65 0.58 103.28
C HIS XA 206 14.15 -0.14 104.51
N VAL XA 207 15.41 -0.56 104.48
CA VAL XA 207 16.03 -1.29 105.57
C VAL XA 207 17.10 -0.41 106.18
N SER XA 208 16.88 0.01 107.43
CA SER XA 208 17.80 0.86 108.16
C SER XA 208 18.59 0.03 109.18
N ILE XA 209 19.64 0.65 109.75
CA ILE XA 209 20.67 -0.07 110.48
C ILE XA 209 20.89 0.54 111.85
N VAL XA 210 21.91 0.05 112.54
CA VAL XA 210 22.25 0.45 113.90
C VAL XA 210 23.50 1.32 113.90
N GLU XA 211 23.88 1.79 115.08
CA GLU XA 211 25.06 2.62 115.27
C GLU XA 211 26.19 1.83 115.96
N PRO XA 212 27.46 2.30 115.80
CA PRO XA 212 28.57 1.62 116.50
C PRO XA 212 28.87 2.21 117.86
N LYS XA 213 29.30 1.34 118.76
CA LYS XA 213 29.65 1.71 120.14
C LYS XA 213 30.99 1.08 120.55
N ASP XA 214 32.08 1.57 119.97
CA ASP XA 214 33.42 1.04 120.24
C ASP XA 214 34.37 2.07 120.85
N GLU XA 215 33.82 3.03 121.59
CA GLU XA 215 34.60 4.12 122.17
C GLU XA 215 35.74 3.83 123.16
N ILE XA 216 35.54 2.91 124.11
CA ILE XA 216 36.60 2.68 125.11
C ILE XA 216 36.97 1.26 125.56
N LEU XA 217 38.20 1.20 126.09
CA LEU XA 217 38.92 0.07 126.73
C LEU XA 217 39.77 -0.89 125.88
N PRO XA 218 40.88 -1.37 126.47
CA PRO XA 218 41.96 -2.28 126.11
C PRO XA 218 42.33 -3.14 127.31
N THR XA 219 42.99 -4.28 127.13
CA THR XA 219 43.34 -5.08 128.30
C THR XA 219 43.92 -4.17 129.37
N THR XA 220 43.54 -4.40 130.62
CA THR XA 220 43.99 -3.54 131.72
C THR XA 220 45.38 -3.96 132.19
N ALA YA 1 12.57 81.70 20.59
CA ALA YA 1 11.25 82.04 20.12
C ALA YA 1 11.36 83.01 18.95
N ARG YA 2 10.45 83.98 18.90
CA ARG YA 2 10.34 84.91 17.78
C ARG YA 2 10.41 86.33 18.34
N GLY YA 3 11.44 87.07 17.96
CA GLY YA 3 11.56 88.44 18.39
C GLY YA 3 11.90 88.60 19.85
N PRO YA 4 11.81 89.81 20.36
CA PRO YA 4 12.26 90.07 21.72
C PRO YA 4 11.20 89.74 22.76
N LYS YA 5 11.66 89.27 23.91
CA LYS YA 5 10.76 89.11 25.04
C LYS YA 5 10.40 90.47 25.59
N LYS YA 6 9.19 90.58 26.14
CA LYS YA 6 8.72 91.89 26.53
C LYS YA 6 7.91 91.81 27.83
N HIS YA 7 8.02 90.71 28.57
CA HIS YA 7 7.48 90.56 29.90
C HIS YA 7 8.59 90.16 30.86
N LEU YA 8 8.25 90.15 32.15
CA LEU YA 8 9.15 89.71 33.20
C LEU YA 8 8.31 89.29 34.39
N LYS YA 9 8.44 88.04 34.80
CA LYS YA 9 7.60 87.54 35.87
C LYS YA 9 8.07 88.07 37.22
N ARG YA 10 7.20 87.96 38.22
CA ARG YA 10 7.56 88.41 39.56
C ARG YA 10 8.55 87.48 40.22
N VAL YA 11 8.45 86.17 39.94
CA VAL YA 11 9.41 85.22 40.51
C VAL YA 11 10.76 85.37 39.83
N ALA YA 12 10.76 85.62 38.52
CA ALA YA 12 11.99 85.64 37.73
C ALA YA 12 12.70 87.00 37.77
N ALA YA 13 12.17 87.96 38.50
CA ALA YA 13 12.77 89.26 38.60
C ALA YA 13 14.04 89.19 39.45
N PRO YA 14 14.98 90.15 39.31
CA PRO YA 14 16.17 90.12 40.15
C PRO YA 14 15.83 90.36 41.61
N LYS YA 15 16.56 89.68 42.50
CA LYS YA 15 16.24 89.74 43.93
C LYS YA 15 16.56 91.10 44.51
N HIS YA 16 17.53 91.81 43.95
CA HIS YA 16 17.93 93.10 44.48
C HIS YA 16 16.99 94.24 44.09
N TRP YA 17 15.77 93.93 43.66
CA TRP YA 17 14.69 94.90 43.63
C TRP YA 17 13.72 94.72 44.79
N MET YA 18 13.94 93.71 45.63
CA MET YA 18 13.12 93.36 46.80
C MET YA 18 11.67 93.05 46.44
N LEU YA 19 11.38 92.63 45.21
CA LEU YA 19 10.01 92.45 44.77
C LEU YA 19 9.39 91.22 45.43
N ASP YA 20 8.07 91.26 45.58
CA ASP YA 20 7.39 90.24 46.37
C ASP YA 20 6.32 89.53 45.57
N LYS YA 21 6.17 88.23 45.84
CA LYS YA 21 5.43 87.32 44.96
C LYS YA 21 3.94 87.64 44.94
N LEU YA 22 3.27 87.42 46.06
CA LEU YA 22 1.82 87.43 46.20
C LEU YA 22 1.19 88.82 45.99
N THR YA 23 1.98 89.86 45.72
CA THR YA 23 1.40 91.11 45.24
C THR YA 23 0.80 90.94 43.85
N GLY YA 24 1.54 90.30 42.95
CA GLY YA 24 0.98 90.01 41.63
C GLY YA 24 1.88 89.10 40.83
N VAL YA 25 1.36 88.70 39.67
CA VAL YA 25 2.04 87.71 38.83
C VAL YA 25 3.28 88.31 38.20
N PHE YA 26 3.24 89.58 37.84
CA PHE YA 26 4.25 90.17 36.98
C PHE YA 26 5.08 91.21 37.71
N ALA YA 27 6.26 91.45 37.17
CA ALA YA 27 7.22 92.42 37.65
C ALA YA 27 7.44 93.46 36.57
N PRO YA 28 7.83 94.68 36.91
CA PRO YA 28 7.98 95.71 35.88
C PRO YA 28 9.25 95.51 35.08
N ARG YA 29 9.08 95.06 33.85
CA ARG YA 29 10.24 94.94 32.99
C ARG YA 29 10.67 96.31 32.50
N PRO YA 30 11.91 96.71 32.72
CA PRO YA 30 12.37 98.01 32.24
C PRO YA 30 12.45 98.06 30.72
N SER YA 31 12.56 99.26 30.22
CA SER YA 31 12.82 99.48 28.81
C SER YA 31 14.25 99.04 28.48
N THR YA 32 14.57 99.10 27.21
CA THR YA 32 15.96 99.11 26.84
C THR YA 32 16.58 100.45 27.23
N GLY YA 33 17.87 100.43 27.55
CA GLY YA 33 18.53 101.64 27.99
C GLY YA 33 19.99 101.46 28.35
N PRO YA 34 20.52 102.38 29.18
CA PRO YA 34 21.96 102.32 29.52
C PRO YA 34 22.33 101.20 30.47
N HIS YA 35 21.35 100.50 31.02
CA HIS YA 35 21.61 99.50 32.03
C HIS YA 35 20.88 98.22 31.69
N LYS YA 36 21.61 97.10 31.75
CA LYS YA 36 21.06 95.79 31.51
C LYS YA 36 20.14 95.38 32.66
N LEU YA 37 19.44 94.26 32.45
CA LEU YA 37 18.38 93.80 33.36
C LEU YA 37 18.90 93.34 34.72
N ARG YA 38 20.20 93.22 34.90
CA ARG YA 38 20.78 92.85 36.18
C ARG YA 38 21.64 93.96 36.77
N GLU YA 39 21.82 95.06 36.05
CA GLU YA 39 22.49 96.26 36.54
C GLU YA 39 21.56 97.46 36.52
N CYS YA 40 20.27 97.26 36.83
CA CYS YA 40 19.29 98.33 36.70
C CYS YA 40 18.29 98.30 37.83
N LEU YA 41 17.41 99.30 37.81
CA LEU YA 41 16.35 99.54 38.77
C LEU YA 41 15.37 100.52 38.10
N PRO YA 42 14.09 100.19 38.02
CA PRO YA 42 13.15 101.11 37.36
C PRO YA 42 12.82 102.29 38.25
N LEU YA 43 12.11 103.26 37.68
CA LEU YA 43 11.56 104.30 38.55
C LEU YA 43 10.41 103.77 39.39
N ILE YA 44 9.66 102.80 38.87
CA ILE YA 44 8.44 102.35 39.51
C ILE YA 44 8.76 101.55 40.76
N VAL YA 45 9.95 100.99 40.87
CA VAL YA 45 10.34 100.37 42.13
C VAL YA 45 10.86 101.43 43.09
N PHE YA 46 11.57 102.44 42.57
CA PHE YA 46 12.23 103.44 43.39
C PHE YA 46 11.25 104.35 44.10
N LEU YA 47 10.10 104.62 43.48
CA LEU YA 47 9.11 105.57 44.00
C LEU YA 47 8.00 104.89 44.79
N ARG YA 48 7.64 103.68 44.40
CA ARG YA 48 6.49 102.98 44.98
C ARG YA 48 6.91 102.07 46.13
N ASN YA 49 8.11 101.50 46.10
CA ASN YA 49 8.58 100.69 47.21
C ASN YA 49 9.38 101.52 48.21
N ARG YA 50 10.48 102.12 47.77
CA ARG YA 50 11.46 102.60 48.73
C ARG YA 50 11.10 103.98 49.27
N LEU YA 51 10.97 104.98 48.41
CA LEU YA 51 10.46 106.27 48.88
C LEU YA 51 8.99 106.20 49.23
N LYS YA 52 8.25 105.27 48.62
CA LYS YA 52 6.84 104.98 48.88
C LYS YA 52 5.99 106.24 48.71
N TYR YA 53 5.97 106.75 47.49
CA TYR YA 53 5.06 107.84 47.16
C TYR YA 53 3.71 107.31 46.70
N ALA YA 54 3.68 106.53 45.63
CA ALA YA 54 2.44 106.08 45.04
C ALA YA 54 2.23 104.60 45.29
N LEU YA 55 0.97 104.17 45.26
CA LEU YA 55 0.66 102.76 45.50
C LEU YA 55 0.17 102.03 44.26
N THR YA 56 -0.32 102.72 43.26
CA THR YA 56 -0.69 102.06 42.01
C THR YA 56 0.35 102.37 40.94
N GLY YA 57 0.43 101.49 39.96
CA GLY YA 57 1.38 101.62 38.89
C GLY YA 57 0.88 102.43 37.72
N ASP YA 58 -0.29 103.04 37.84
CA ASP YA 58 -0.82 103.97 36.84
C ASP YA 58 -0.69 105.42 37.27
N GLU YA 59 -0.59 105.69 38.58
CA GLU YA 59 -0.26 107.04 39.02
C GLU YA 59 1.18 107.38 38.73
N VAL YA 60 2.08 106.40 38.85
CA VAL YA 60 3.48 106.60 38.48
C VAL YA 60 3.58 106.92 36.99
N LYS YA 61 2.68 106.38 36.17
CA LYS YA 61 2.57 106.80 34.78
C LYS YA 61 2.15 108.26 34.66
N LYS YA 62 1.43 108.77 35.66
CA LYS YA 62 1.12 110.20 35.62
C LYS YA 62 2.28 111.06 36.09
N ILE YA 63 2.98 110.66 37.17
CA ILE YA 63 3.96 111.61 37.71
C ILE YA 63 5.32 111.44 37.06
N CYS YA 64 5.56 110.34 36.35
CA CYS YA 64 6.72 110.37 35.46
C CYS YA 64 6.45 111.22 34.24
N MET YA 65 5.19 111.38 33.85
CA MET YA 65 4.83 112.20 32.70
C MET YA 65 4.18 113.52 33.07
N GLN YA 66 4.14 113.88 34.36
CA GLN YA 66 3.89 115.28 34.72
C GLN YA 66 5.15 116.13 34.71
N ARG YA 67 6.26 115.60 34.17
CA ARG YA 67 7.48 116.33 33.84
C ARG YA 67 8.21 116.85 35.07
N PHE YA 68 8.13 116.13 36.19
CA PHE YA 68 8.77 116.56 37.42
C PHE YA 68 10.00 115.76 37.81
N ILE YA 69 10.00 114.45 37.62
CA ILE YA 69 11.14 113.62 37.97
C ILE YA 69 12.00 113.47 36.71
N LYS YA 70 13.17 114.07 36.74
CA LYS YA 70 14.07 114.01 35.60
C LYS YA 70 15.36 113.33 36.01
N ILE YA 71 16.10 112.88 34.99
CA ILE YA 71 17.39 112.25 35.18
C ILE YA 71 18.43 113.20 34.61
N ASP YA 72 19.44 113.52 35.41
CA ASP YA 72 20.65 114.28 35.04
C ASP YA 72 20.38 115.73 34.62
N GLY YA 73 19.15 116.22 34.76
CA GLY YA 73 18.86 117.56 34.30
C GLY YA 73 18.05 117.65 33.03
N LYS YA 74 17.76 116.53 32.37
CA LYS YA 74 16.80 116.52 31.26
C LYS YA 74 15.67 115.56 31.61
N VAL YA 75 14.49 115.87 31.11
CA VAL YA 75 13.30 115.20 31.60
C VAL YA 75 13.16 113.84 30.93
N ARG YA 76 13.03 112.81 31.76
CA ARG YA 76 12.76 111.45 31.30
C ARG YA 76 11.39 111.02 31.80
N VAL YA 77 10.54 110.57 30.88
CA VAL YA 77 9.12 110.40 31.15
C VAL YA 77 8.67 108.95 31.00
N ASP YA 78 9.59 108.00 31.00
CA ASP YA 78 9.16 106.60 31.03
C ASP YA 78 8.69 106.26 32.43
N VAL YA 79 7.82 105.25 32.50
CA VAL YA 79 7.43 104.72 33.80
C VAL YA 79 8.35 103.59 34.25
N THR YA 80 9.10 102.99 33.32
CA THR YA 80 9.99 101.87 33.59
C THR YA 80 11.40 102.18 33.11
N TYR YA 81 11.91 103.36 33.44
CA TYR YA 81 13.19 103.78 32.91
C TYR YA 81 14.32 103.06 33.64
N PRO YA 82 15.34 102.61 32.93
CA PRO YA 82 16.47 101.92 33.59
C PRO YA 82 17.47 102.84 34.28
N ALA YA 83 17.13 103.27 35.49
CA ALA YA 83 18.08 103.96 36.33
C ALA YA 83 19.01 102.95 36.98
N GLY YA 84 20.32 103.16 36.83
CA GLY YA 84 21.26 102.18 37.34
C GLY YA 84 22.22 102.68 38.38
N PHE YA 85 23.39 102.06 38.46
CA PHE YA 85 24.42 102.53 39.37
C PHE YA 85 24.92 103.89 38.92
N MET YA 86 25.10 104.77 39.90
CA MET YA 86 25.75 106.07 39.74
C MET YA 86 24.98 106.99 38.80
N ASP YA 87 23.70 107.18 39.09
CA ASP YA 87 22.83 108.06 38.32
C ASP YA 87 22.28 109.15 39.22
N VAL YA 88 21.88 110.25 38.58
CA VAL YA 88 21.48 111.49 39.26
C VAL YA 88 20.04 111.79 38.90
N ILE YA 89 19.19 111.88 39.91
CA ILE YA 89 17.80 112.28 39.72
C ILE YA 89 17.64 113.70 40.23
N SER YA 90 17.13 114.57 39.37
CA SER YA 90 16.74 115.90 39.76
C SER YA 90 15.22 116.00 39.76
N ILE YA 91 14.70 116.85 40.64
CA ILE YA 91 13.31 117.30 40.58
C ILE YA 91 13.34 118.83 40.60
N GLU YA 92 12.78 119.45 39.56
CA GLU YA 92 13.17 120.80 39.16
C GLU YA 92 12.70 121.85 40.16
N LYS YA 93 11.37 122.02 40.30
CA LYS YA 93 10.87 123.04 41.21
C LYS YA 93 10.98 122.59 42.66
N THR YA 94 10.29 121.51 43.02
CA THR YA 94 10.36 120.98 44.38
C THR YA 94 11.72 120.32 44.56
N GLY YA 95 12.55 120.89 45.41
CA GLY YA 95 13.96 120.54 45.43
C GLY YA 95 14.32 119.30 46.21
N GLU YA 96 14.51 118.21 45.47
CA GLU YA 96 15.08 116.97 45.99
C GLU YA 96 16.05 116.45 44.94
N HIS YA 97 17.12 115.81 45.39
CA HIS YA 97 18.21 115.49 44.45
C HIS YA 97 18.94 114.26 44.96
N PHE YA 98 19.11 113.26 44.09
CA PHE YA 98 19.46 111.89 44.48
C PHE YA 98 20.72 111.39 43.78
N ARG YA 99 21.50 110.60 44.52
CA ARG YA 99 22.66 109.87 44.02
C ARG YA 99 22.44 108.39 44.29
N LEU YA 100 22.75 107.54 43.32
CA LEU YA 100 22.53 106.10 43.43
C LEU YA 100 23.86 105.37 43.65
N VAL YA 101 23.95 104.62 44.74
CA VAL YA 101 25.07 103.74 45.03
C VAL YA 101 24.50 102.36 45.30
N TYR YA 102 25.37 101.40 45.63
CA TYR YA 102 24.93 100.11 46.12
C TYR YA 102 24.95 100.08 47.64
N ASP YA 103 23.94 99.47 48.23
CA ASP YA 103 24.08 99.04 49.61
C ASP YA 103 24.99 97.82 49.65
N THR YA 104 25.78 97.72 50.71
CA THR YA 104 26.87 96.76 50.76
C THR YA 104 26.39 95.34 50.97
N LYS YA 105 25.17 95.19 51.45
CA LYS YA 105 24.55 93.88 51.59
C LYS YA 105 24.10 93.34 50.25
N GLY YA 106 23.96 94.22 49.27
CA GLY YA 106 23.62 93.80 47.93
C GLY YA 106 22.52 94.66 47.37
N ARG YA 107 21.96 95.54 48.20
CA ARG YA 107 20.82 96.33 47.75
C ARG YA 107 21.28 97.63 47.06
N PHE YA 108 20.32 98.36 46.52
CA PHE YA 108 20.49 99.73 46.07
C PHE YA 108 20.06 100.67 47.17
N ALA YA 109 21.01 101.42 47.73
CA ALA YA 109 20.75 102.26 48.88
C ALA YA 109 20.30 103.66 48.47
N VAL YA 110 19.41 104.24 49.28
CA VAL YA 110 19.01 105.62 49.11
C VAL YA 110 20.12 106.49 49.69
N HIS YA 111 20.35 107.63 49.06
CA HIS YA 111 21.51 108.45 49.38
C HIS YA 111 21.19 109.83 48.87
N ARG YA 112 21.00 110.78 49.78
CA ARG YA 112 20.42 112.06 49.44
C ARG YA 112 21.49 113.14 49.44
N ILE YA 113 21.62 113.84 48.31
CA ILE YA 113 22.77 114.65 48.01
C ILE YA 113 22.27 116.05 47.61
N THR YA 114 23.20 116.99 47.50
CA THR YA 114 22.93 118.42 47.33
C THR YA 114 23.23 118.77 45.86
N VAL YA 115 23.21 120.07 45.55
CA VAL YA 115 23.42 120.55 44.20
C VAL YA 115 24.89 120.49 43.78
N GLU YA 116 25.83 120.36 44.73
CA GLU YA 116 27.23 120.19 44.38
C GLU YA 116 27.57 118.79 43.89
N GLU YA 117 26.58 117.90 43.76
CA GLU YA 117 26.69 116.68 42.97
C GLU YA 117 25.69 116.64 41.82
N ALA YA 118 24.94 117.73 41.61
CA ALA YA 118 24.42 117.97 40.28
C ALA YA 118 25.51 118.44 39.34
N LYS YA 119 26.51 119.15 39.89
CA LYS YA 119 27.56 119.73 39.06
C LYS YA 119 28.48 118.65 38.48
N TYR YA 120 28.69 117.54 39.20
CA TYR YA 120 29.52 116.46 38.67
C TYR YA 120 28.95 115.11 39.06
N LYS YA 121 29.54 114.07 38.50
CA LYS YA 121 29.12 112.68 38.63
C LYS YA 121 30.23 111.81 38.06
N LEU YA 122 30.44 110.63 38.65
CA LEU YA 122 31.43 109.69 38.15
C LEU YA 122 30.81 108.67 37.18
N CYS YA 123 31.69 108.02 36.41
CA CYS YA 123 31.31 107.03 35.41
C CYS YA 123 32.56 106.30 34.95
N LYS YA 124 32.39 105.05 34.56
CA LYS YA 124 33.51 104.17 34.21
C LYS YA 124 33.57 103.94 32.72
N VAL YA 125 34.75 104.12 32.15
CA VAL YA 125 34.96 103.96 30.72
C VAL YA 125 34.88 102.47 30.36
N ARG YA 126 34.23 102.17 29.24
CA ARG YA 126 34.09 100.80 28.75
C ARG YA 126 35.01 100.50 27.58
N LYS YA 127 35.12 101.40 26.61
CA LYS YA 127 36.14 101.25 25.58
C LYS YA 127 36.55 102.62 25.08
N ILE YA 128 37.73 102.68 24.49
CA ILE YA 128 38.22 103.86 23.80
C ILE YA 128 38.30 103.49 22.32
N THR YA 129 38.17 104.49 21.47
CA THR YA 129 38.31 104.26 20.04
C THR YA 129 38.82 105.54 19.38
N VAL YA 130 39.06 105.44 18.09
CA VAL YA 130 39.21 106.60 17.23
C VAL YA 130 38.08 106.55 16.21
N GLY YA 131 37.60 107.71 15.82
CA GLY YA 131 36.49 107.75 14.90
C GLY YA 131 36.83 108.36 13.57
N VAL YA 132 35.81 108.89 12.91
CA VAL YA 132 35.96 109.39 11.56
C VAL YA 132 36.73 110.71 11.60
N LYS YA 133 37.53 110.94 10.56
CA LYS YA 133 38.45 112.08 10.44
C LYS YA 133 39.42 112.16 11.60
N GLY YA 134 39.88 111.01 12.08
CA GLY YA 134 41.02 110.93 12.96
C GLY YA 134 40.79 111.33 14.38
N ILE YA 135 39.54 111.60 14.78
CA ILE YA 135 39.32 112.19 16.10
C ILE YA 135 39.02 111.07 17.09
N PRO YA 136 39.26 111.27 18.38
CA PRO YA 136 38.89 110.23 19.36
C PRO YA 136 37.45 110.34 19.83
N HIS YA 137 36.84 109.17 19.97
CA HIS YA 137 35.58 108.95 20.63
C HIS YA 137 35.82 108.00 21.78
N LEU YA 138 34.94 108.05 22.78
CA LEU YA 138 35.17 107.27 23.98
C LEU YA 138 33.81 106.89 24.56
N VAL YA 139 33.56 105.60 24.66
CA VAL YA 139 32.25 105.05 24.95
C VAL YA 139 32.21 104.64 26.40
N THR YA 140 31.38 105.32 27.18
CA THR YA 140 31.24 105.05 28.60
C THR YA 140 30.01 104.16 28.80
N HIS YA 141 30.02 103.34 29.85
CA HIS YA 141 29.00 102.34 30.07
C HIS YA 141 27.64 102.93 30.46
N ASP YA 142 27.55 104.24 30.67
CA ASP YA 142 26.28 104.94 30.84
C ASP YA 142 25.67 105.33 29.50
N ALA YA 143 26.12 104.71 28.40
CA ALA YA 143 25.77 105.03 27.03
C ALA YA 143 26.08 106.50 26.73
N ARG YA 144 27.35 106.84 26.86
CA ARG YA 144 27.82 108.20 26.60
C ARG YA 144 28.90 108.17 25.53
N THR YA 145 28.53 108.46 24.30
CA THR YA 145 29.50 108.55 23.20
C THR YA 145 30.02 109.96 23.20
N ILE YA 146 31.12 110.18 23.92
CA ILE YA 146 31.62 111.52 24.21
C ILE YA 146 33.02 111.68 23.63
N ARG YA 147 33.25 112.79 22.94
CA ARG YA 147 34.35 112.92 22.02
C ARG YA 147 35.32 114.02 22.44
N TYR YA 148 36.44 114.08 21.72
CA TYR YA 148 37.59 114.91 22.07
C TYR YA 148 38.01 114.86 23.55
N PRO YA 149 38.08 113.65 24.16
CA PRO YA 149 38.07 113.59 25.64
C PRO YA 149 39.31 114.15 26.32
N ASP YA 150 40.45 113.47 26.17
CA ASP YA 150 41.70 113.67 26.89
C ASP YA 150 42.73 112.72 26.33
N PRO YA 151 44.01 112.90 26.62
CA PRO YA 151 44.98 111.89 26.17
C PRO YA 151 45.21 110.71 27.13
N VAL YA 152 44.95 110.83 28.43
CA VAL YA 152 45.53 109.85 29.33
C VAL YA 152 44.42 109.05 30.02
N ILE YA 153 43.26 108.94 29.39
CA ILE YA 153 42.21 108.07 29.92
C ILE YA 153 42.36 106.69 29.30
N LYS YA 154 42.85 105.75 30.10
CA LYS YA 154 42.93 104.37 29.67
C LYS YA 154 41.51 103.78 29.65
N VAL YA 155 41.38 102.57 29.07
CA VAL YA 155 40.08 101.92 28.87
C VAL YA 155 39.37 101.67 30.20
N ASN YA 156 40.11 101.26 31.22
CA ASN YA 156 39.50 100.91 32.50
C ASN YA 156 39.66 102.03 33.53
N ASP YA 157 39.14 103.21 33.23
CA ASP YA 157 39.27 104.36 34.13
C ASP YA 157 37.92 104.97 34.49
N THR YA 158 37.98 106.07 35.24
CA THR YA 158 36.79 106.70 35.79
C THR YA 158 36.85 108.21 35.58
N VAL YA 159 35.72 108.79 35.16
CA VAL YA 159 35.66 110.15 34.66
C VAL YA 159 34.62 110.93 35.45
N GLN YA 160 34.99 112.10 35.95
CA GLN YA 160 34.07 112.93 36.72
C GLN YA 160 33.33 113.86 35.76
N ILE YA 161 32.12 113.46 35.36
CA ILE YA 161 31.41 114.08 34.25
C ILE YA 161 30.37 115.08 34.77
N ASP YA 162 30.36 116.27 34.17
CA ASP YA 162 29.31 117.25 34.39
C ASP YA 162 28.11 116.92 33.51
N LEU YA 163 26.93 117.29 33.99
CA LEU YA 163 25.70 117.02 33.29
C LEU YA 163 25.29 118.18 32.39
N GLY YA 164 25.59 119.41 32.79
CA GLY YA 164 25.14 120.59 32.08
C GLY YA 164 25.86 120.79 30.76
N THR YA 165 27.18 120.88 30.80
CA THR YA 165 27.94 120.96 29.55
C THR YA 165 27.92 119.62 28.83
N GLY YA 166 27.99 118.53 29.58
CA GLY YA 166 28.29 117.24 28.99
C GLY YA 166 29.74 117.10 28.64
N LYS YA 167 30.61 117.68 29.45
CA LYS YA 167 32.03 117.75 29.13
C LYS YA 167 32.83 117.34 30.36
N ILE YA 168 33.75 116.40 30.16
CA ILE YA 168 34.47 115.72 31.22
C ILE YA 168 35.39 116.67 31.98
N ILE YA 169 35.78 116.28 33.20
CA ILE YA 169 36.89 116.91 33.91
C ILE YA 169 37.39 115.92 34.96
N ASN YA 170 38.65 116.10 35.36
CA ASN YA 170 39.27 115.43 36.50
C ASN YA 170 39.28 113.91 36.32
N PHE YA 171 40.04 113.50 35.32
CA PHE YA 171 40.05 112.12 34.86
C PHE YA 171 41.02 111.29 35.69
N ILE YA 172 40.47 110.46 36.57
CA ILE YA 172 41.29 109.62 37.43
C ILE YA 172 41.59 108.34 36.67
N LYS YA 173 42.80 107.81 36.86
CA LYS YA 173 43.25 106.67 36.09
C LYS YA 173 43.51 105.47 36.98
N PHE YA 174 43.33 104.28 36.41
CA PHE YA 174 43.47 103.04 37.17
C PHE YA 174 44.92 102.80 37.55
N ASP YA 175 45.18 102.65 38.84
CA ASP YA 175 46.51 102.37 39.35
C ASP YA 175 46.34 101.88 40.77
N THR YA 176 47.35 101.17 41.27
CA THR YA 176 47.29 100.61 42.61
C THR YA 176 47.37 101.71 43.66
N GLY YA 177 46.45 101.69 44.61
CA GLY YA 177 46.43 102.64 45.69
C GLY YA 177 45.06 103.24 45.87
N ASN YA 178 44.21 103.07 44.86
CA ASN YA 178 42.96 103.80 44.76
C ASN YA 178 41.93 103.24 45.73
N LEU YA 179 40.74 103.82 45.70
CA LEU YA 179 39.58 103.33 46.43
C LEU YA 179 38.53 102.90 45.42
N CYS YA 180 37.98 101.71 45.60
CA CYS YA 180 37.17 101.09 44.56
C CYS YA 180 35.97 100.40 45.17
N MET YA 181 34.98 100.12 44.33
CA MET YA 181 33.72 99.55 44.78
C MET YA 181 33.17 98.60 43.73
N VAL YA 182 32.69 97.45 44.19
CA VAL YA 182 32.38 96.31 43.32
C VAL YA 182 30.91 96.35 42.93
N ILE YA 183 30.65 96.35 41.62
CA ILE YA 183 29.30 96.60 41.11
C ILE YA 183 28.65 95.35 40.54
N GLY YA 184 29.30 94.21 40.59
CA GLY YA 184 28.68 92.98 40.13
C GLY YA 184 29.39 91.79 40.70
N GLY YA 185 28.64 90.74 40.97
CA GLY YA 185 29.26 89.50 41.37
C GLY YA 185 29.20 89.22 42.85
N ALA YA 186 30.10 88.38 43.33
CA ALA YA 186 29.91 87.76 44.63
C ALA YA 186 30.36 88.63 45.79
N ASN YA 187 30.90 89.81 45.53
CA ASN YA 187 31.24 90.73 46.60
C ASN YA 187 30.76 92.13 46.27
N LEU YA 188 29.53 92.23 45.80
CA LEU YA 188 28.98 93.50 45.35
C LEU YA 188 28.65 94.39 46.54
N GLY YA 189 28.82 95.69 46.35
CA GLY YA 189 28.59 96.65 47.39
C GLY YA 189 29.79 96.95 48.27
N ARG YA 190 30.76 96.04 48.32
CA ARG YA 190 31.96 96.26 49.11
C ARG YA 190 32.75 97.43 48.55
N VAL YA 191 33.34 98.24 49.43
CA VAL YA 191 34.22 99.34 49.04
C VAL YA 191 35.61 99.03 49.55
N GLY YA 192 36.60 99.08 48.66
CA GLY YA 192 37.92 98.65 49.06
C GLY YA 192 39.02 99.38 48.35
N VAL YA 193 40.25 98.95 48.65
CA VAL YA 193 41.48 99.58 48.17
C VAL YA 193 42.14 98.65 47.17
N ILE YA 194 42.50 99.18 46.01
CA ILE YA 194 43.04 98.36 44.90
C ILE YA 194 44.44 97.88 45.25
N THR YA 195 44.64 96.57 45.16
CA THR YA 195 45.89 95.95 45.59
C THR YA 195 46.65 95.24 44.49
N ASN YA 196 46.01 94.32 43.77
CA ASN YA 196 46.68 93.57 42.73
C ASN YA 196 45.72 93.28 41.59
N ARG YA 197 46.14 93.61 40.38
CA ARG YA 197 45.61 93.03 39.16
C ARG YA 197 46.49 91.86 38.75
N GLU YA 198 45.92 90.96 37.96
CA GLU YA 198 46.69 90.01 37.17
C GLU YA 198 46.19 90.10 35.75
N ARG YA 199 47.05 90.52 34.84
CA ARG YA 199 46.67 90.53 33.44
C ARG YA 199 46.85 89.12 32.90
N HIS YA 200 45.78 88.33 32.96
CA HIS YA 200 45.87 87.07 32.21
C HIS YA 200 45.63 87.35 30.74
N PRO YA 201 46.35 86.67 29.84
CA PRO YA 201 45.95 86.68 28.43
C PRO YA 201 44.81 85.73 28.10
N GLY YA 202 44.07 85.24 29.09
CA GLY YA 202 42.86 84.49 28.87
C GLY YA 202 41.61 85.34 28.83
N SER YA 203 41.65 86.38 27.97
CA SER YA 203 40.56 87.27 27.59
C SER YA 203 40.02 88.12 28.74
N PHE YA 204 40.60 88.06 29.93
CA PHE YA 204 40.09 88.80 31.08
C PHE YA 204 41.23 89.51 31.77
N ASP YA 205 40.87 90.25 32.81
CA ASP YA 205 41.74 90.59 33.92
C ASP YA 205 41.07 90.06 35.18
N VAL YA 206 41.85 89.89 36.24
CA VAL YA 206 41.32 89.54 37.54
C VAL YA 206 41.99 90.45 38.56
N VAL YA 207 41.29 90.70 39.68
CA VAL YA 207 41.73 91.72 40.64
C VAL YA 207 41.56 91.20 42.06
N HIS YA 208 42.67 91.17 42.82
CA HIS YA 208 42.64 91.14 44.28
C HIS YA 208 42.54 92.56 44.80
N VAL YA 209 41.74 92.77 45.83
CA VAL YA 209 41.76 94.05 46.56
C VAL YA 209 41.99 93.76 48.03
N LYS YA 210 42.54 94.74 48.72
CA LYS YA 210 42.37 94.86 50.16
C LYS YA 210 41.17 95.78 50.37
N ASP YA 211 40.94 96.22 51.60
CA ASP YA 211 39.91 97.21 51.83
C ASP YA 211 40.32 98.11 52.98
N ALA YA 212 39.39 98.98 53.39
CA ALA YA 212 39.62 99.81 54.57
C ALA YA 212 39.36 98.97 55.81
N ASN YA 213 40.44 98.72 56.57
CA ASN YA 213 40.83 97.66 57.53
C ASN YA 213 41.57 96.48 56.89
N GLY YA 214 41.95 96.54 55.61
CA GLY YA 214 42.99 95.68 55.04
C GLY YA 214 42.56 94.35 54.46
N ASN YA 215 41.32 93.91 54.71
CA ASN YA 215 40.92 92.53 54.45
C ASN YA 215 40.76 92.28 52.95
N SER YA 216 41.06 91.07 52.52
CA SER YA 216 41.20 90.78 51.11
C SER YA 216 39.91 90.25 50.50
N PHE YA 217 39.72 90.56 49.21
CA PHE YA 217 38.60 90.10 48.41
C PHE YA 217 39.12 89.86 47.00
N ALA YA 218 38.25 89.35 46.13
CA ALA YA 218 38.64 89.15 44.74
C ALA YA 218 37.44 89.19 43.81
N THR YA 219 37.55 90.00 42.75
CA THR YA 219 36.59 90.01 41.64
C THR YA 219 37.29 90.61 40.42
N ARG YA 220 36.48 90.98 39.44
CA ARG YA 220 36.99 91.45 38.15
C ARG YA 220 36.85 92.94 37.90
N LEU YA 221 37.66 93.44 36.97
CA LEU YA 221 37.68 94.85 36.63
C LEU YA 221 36.35 95.35 36.08
N SER YA 222 35.66 94.54 35.27
CA SER YA 222 34.40 94.97 34.70
C SER YA 222 33.39 95.27 35.80
N ASN YA 223 33.33 94.38 36.79
CA ASN YA 223 32.43 94.57 37.92
C ASN YA 223 32.83 95.79 38.73
N ILE YA 224 34.14 95.97 38.90
CA ILE YA 224 34.69 97.06 39.69
C ILE YA 224 34.55 98.48 39.14
N PHE YA 225 34.38 99.42 40.06
CA PHE YA 225 34.25 100.83 39.77
C PHE YA 225 35.17 101.60 40.70
N VAL YA 226 35.91 102.55 40.16
CA VAL YA 226 36.87 103.32 40.94
C VAL YA 226 36.17 104.56 41.48
N ILE YA 227 36.45 104.89 42.74
CA ILE YA 227 35.71 105.94 43.44
C ILE YA 227 36.61 107.05 43.97
N GLY YA 228 37.93 106.86 43.96
CA GLY YA 228 38.82 107.88 44.49
C GLY YA 228 40.27 107.44 44.35
N ASN YA 229 41.17 108.30 44.85
CA ASN YA 229 42.61 108.07 44.72
C ASN YA 229 43.21 108.14 46.13
N GLY YA 230 43.42 106.98 46.75
CA GLY YA 230 44.10 106.91 48.02
C GLY YA 230 43.25 107.21 49.22
N ASN YA 231 42.25 106.36 49.48
CA ASN YA 231 41.44 106.33 50.71
C ASN YA 231 40.60 107.60 50.90
N LYS YA 232 40.34 108.35 49.82
CA LYS YA 232 39.43 109.48 49.86
C LYS YA 232 38.54 109.33 48.64
N PRO YA 233 37.26 109.04 48.81
CA PRO YA 233 36.37 108.97 47.65
C PRO YA 233 36.08 110.36 47.12
N TRP YA 234 35.91 110.47 45.79
CA TRP YA 234 35.40 111.73 45.24
C TRP YA 234 33.92 111.93 45.53
N ILE YA 235 33.25 110.94 46.09
CA ILE YA 235 31.82 110.95 46.35
C ILE YA 235 31.64 110.87 47.86
N SER YA 236 30.52 111.38 48.36
CA SER YA 236 30.07 111.07 49.70
C SER YA 236 29.63 109.62 49.77
N LEU YA 237 29.66 109.04 50.98
CA LEU YA 237 29.51 107.59 51.07
C LEU YA 237 28.64 107.14 52.25
N PRO YA 238 27.67 106.25 52.03
CA PRO YA 238 26.72 105.88 53.07
C PRO YA 238 27.12 104.70 53.95
N ARG YA 239 26.82 104.84 55.25
CA ARG YA 239 26.91 103.79 56.27
C ARG YA 239 28.33 103.23 56.40
N GLY YA 240 29.21 104.10 56.89
CA GLY YA 240 30.59 103.74 57.10
C GLY YA 240 31.38 103.94 55.83
N LYS YA 241 32.40 103.11 55.62
CA LYS YA 241 33.13 103.12 54.35
C LYS YA 241 32.68 101.99 53.45
N GLY YA 242 31.37 101.71 53.43
CA GLY YA 242 30.82 100.69 52.59
C GLY YA 242 31.20 99.29 53.03
N ILE YA 243 30.74 98.87 54.21
CA ILE YA 243 31.33 97.74 54.92
C ILE YA 243 30.28 96.67 55.17
N ARG YA 244 30.57 95.44 54.74
CA ARG YA 244 29.90 94.23 55.22
C ARG YA 244 30.53 93.86 56.55
N LEU YA 245 29.69 93.66 57.56
CA LEU YA 245 30.22 93.54 58.92
C LEU YA 245 30.70 92.12 59.20
N THR YA 246 29.75 91.20 59.35
CA THR YA 246 29.78 89.75 59.58
C THR YA 246 28.28 89.49 59.70
N VAL YA 247 27.86 88.22 59.62
CA VAL YA 247 26.45 87.90 59.84
C VAL YA 247 26.06 88.16 61.30
N ALA YA 248 26.88 87.68 62.25
CA ALA YA 248 26.56 87.85 63.66
C ALA YA 248 26.77 89.28 64.14
N GLU YA 249 27.81 89.95 63.64
CA GLU YA 249 28.02 91.36 63.96
C GLU YA 249 26.90 92.24 63.42
N GLU YA 250 26.29 91.86 62.29
CA GLU YA 250 25.13 92.59 61.78
C GLU YA 250 23.93 92.42 62.70
N ARG YA 251 23.82 91.27 63.38
CA ARG YA 251 22.81 91.15 64.43
C ARG YA 251 23.14 92.06 65.60
N ASP YA 252 24.38 92.01 66.09
CA ASP YA 252 24.76 92.86 67.21
C ASP YA 252 24.91 94.32 66.83
N LYS YA 253 24.94 94.65 65.54
CA LYS YA 253 24.70 96.02 65.13
C LYS YA 253 23.29 96.47 65.51
N ARG YA 254 22.33 95.55 65.38
CA ARG YA 254 20.93 95.87 65.65
C ARG YA 254 20.62 95.85 67.14
N LEU YA 255 21.41 95.13 67.95
CA LEU YA 255 21.15 95.05 69.39
C LEU YA 255 21.74 96.22 70.14
N ALA YA 256 23.02 96.52 69.92
CA ALA YA 256 23.60 97.74 70.48
C ALA YA 256 23.03 98.99 69.83
N THR YA 257 22.45 98.85 68.63
CA THR YA 257 21.63 99.83 67.87
C THR YA 257 22.06 101.30 67.93
N PRO ZA 1 19.80 -59.42 101.26
CA PRO ZA 1 19.74 -60.83 100.83
C PRO ZA 1 18.58 -61.12 99.88
N ASP ZA 2 18.01 -60.06 99.29
CA ASP ZA 2 16.95 -60.19 98.30
C ASP ZA 2 17.47 -59.81 96.92
N ILE ZA 3 17.06 -60.56 95.92
CA ILE ZA 3 17.25 -60.19 94.53
C ILE ZA 3 15.91 -59.67 94.02
N LYS ZA 4 15.96 -58.88 92.95
CA LYS ZA 4 14.77 -58.26 92.37
C LYS ZA 4 14.31 -59.05 91.15
N LEU ZA 5 13.05 -59.50 91.20
CA LEU ZA 5 12.36 -60.00 90.02
C LEU ZA 5 11.18 -59.07 89.73
N PHE ZA 6 10.64 -59.19 88.52
CA PHE ZA 6 9.59 -58.26 88.16
C PHE ZA 6 8.20 -58.83 88.42
N GLY ZA 7 7.80 -59.82 87.62
CA GLY ZA 7 6.44 -60.30 87.57
C GLY ZA 7 6.31 -61.79 87.82
N LYS ZA 8 6.05 -62.54 86.75
CA LYS ZA 8 6.34 -63.96 86.66
C LYS ZA 8 7.70 -64.23 86.03
N TRP ZA 9 8.66 -63.32 86.22
CA TRP ZA 9 9.83 -63.23 85.35
C TRP ZA 9 11.12 -63.23 86.14
N SER ZA 10 12.26 -62.99 85.45
CA SER ZA 10 13.57 -63.09 86.08
C SER ZA 10 14.44 -61.88 85.84
N THR ZA 11 14.18 -61.16 84.73
CA THR ZA 11 14.91 -59.94 84.33
C THR ZA 11 16.42 -60.23 84.21
N ASP ZA 12 16.74 -61.33 83.54
CA ASP ZA 12 18.10 -61.85 83.57
C ASP ZA 12 18.44 -62.50 82.24
N ASP ZA 13 19.72 -62.42 81.87
CA ASP ZA 13 20.25 -62.89 80.59
C ASP ZA 13 19.50 -62.32 79.39
N VAL ZA 14 19.17 -61.04 79.47
CA VAL ZA 14 18.71 -60.29 78.31
C VAL ZA 14 19.94 -59.52 77.85
N GLN ZA 15 20.76 -60.17 77.03
CA GLN ZA 15 22.04 -59.59 76.62
C GLN ZA 15 21.83 -58.70 75.40
N ILE ZA 16 21.81 -57.38 75.65
CA ILE ZA 16 21.76 -56.40 74.58
C ILE ZA 16 23.00 -56.54 73.72
N ASN ZA 17 22.81 -56.64 72.40
CA ASN ZA 17 23.93 -57.06 71.58
C ASN ZA 17 24.89 -55.92 71.27
N ASP ZA 18 24.40 -54.77 70.86
CA ASP ZA 18 25.34 -53.73 70.46
C ASP ZA 18 25.43 -52.64 71.51
N ILE ZA 19 26.49 -51.86 71.40
CA ILE ZA 19 26.58 -50.55 72.01
C ILE ZA 19 26.13 -49.58 70.93
N SER ZA 20 25.88 -48.33 71.34
CA SER ZA 20 24.99 -47.26 70.82
C SER ZA 20 23.55 -47.50 71.26
N LEU ZA 21 23.29 -48.52 72.08
CA LEU ZA 21 22.03 -48.60 72.81
C LEU ZA 21 22.20 -48.94 74.28
N GLN ZA 22 23.35 -49.47 74.69
CA GLN ZA 22 23.71 -49.52 76.09
C GLN ZA 22 23.88 -48.10 76.63
N ASP ZA 23 23.71 -47.96 77.96
CA ASP ZA 23 23.41 -46.75 78.76
C ASP ZA 23 21.99 -46.23 78.53
N TYR ZA 24 21.24 -46.84 77.62
CA TYR ZA 24 19.99 -46.25 77.15
C TYR ZA 24 18.81 -47.21 77.12
N ILE ZA 25 19.02 -48.51 77.27
CA ILE ZA 25 17.95 -49.46 77.56
C ILE ZA 25 18.21 -49.99 78.95
N ALA ZA 26 17.32 -49.66 79.88
CA ALA ZA 26 17.62 -49.65 81.31
C ALA ZA 26 17.19 -50.92 82.03
N VAL ZA 27 17.40 -52.08 81.42
CA VAL ZA 27 16.95 -53.34 82.00
C VAL ZA 27 18.07 -53.96 82.84
N LYS ZA 28 19.05 -53.15 83.26
CA LYS ZA 28 19.95 -53.56 84.33
C LYS ZA 28 19.20 -53.80 85.64
N GLU ZA 29 19.85 -54.55 86.52
CA GLU ZA 29 19.38 -54.72 87.89
C GLU ZA 29 19.81 -53.59 88.82
N LYS ZA 30 20.33 -52.49 88.29
CA LYS ZA 30 20.32 -51.24 89.02
C LYS ZA 30 19.16 -50.35 88.61
N TYR ZA 31 18.41 -50.76 87.58
CA TYR ZA 31 17.19 -50.08 87.16
C TYR ZA 31 16.09 -51.10 86.89
N ALA ZA 32 15.94 -52.06 87.80
CA ALA ZA 32 14.87 -53.06 87.70
C ALA ZA 32 14.09 -53.07 89.00
N LYS ZA 33 12.79 -52.80 88.92
CA LYS ZA 33 11.87 -52.84 90.05
C LYS ZA 33 10.83 -53.94 89.78
N TYR ZA 34 9.76 -53.97 90.60
CA TYR ZA 34 8.72 -54.99 90.43
C TYR ZA 34 7.68 -54.64 89.38
N LEU ZA 35 7.34 -53.36 89.23
CA LEU ZA 35 6.16 -52.96 88.47
C LEU ZA 35 6.47 -51.83 87.48
N PRO ZA 36 5.68 -51.68 86.39
CA PRO ZA 36 5.98 -50.63 85.42
C PRO ZA 36 5.74 -49.22 85.96
N HIS ZA 37 4.61 -49.00 86.64
CA HIS ZA 37 4.20 -47.65 87.01
C HIS ZA 37 5.16 -47.05 88.05
N SER ZA 38 5.63 -45.85 87.77
CA SER ZA 38 6.44 -45.10 88.72
C SER ZA 38 5.87 -43.70 88.91
N ALA ZA 39 6.28 -43.08 90.01
CA ALA ZA 39 6.04 -41.66 90.21
C ALA ZA 39 7.03 -40.91 89.35
N GLY ZA 40 6.60 -40.56 88.13
CA GLY ZA 40 7.50 -39.92 87.20
C GLY ZA 40 7.74 -38.45 87.48
N ARG ZA 41 8.90 -38.14 88.02
CA ARG ZA 41 9.37 -36.77 88.16
C ARG ZA 41 10.40 -36.51 87.06
N TYR ZA 42 10.11 -37.08 85.89
CA TYR ZA 42 10.98 -37.18 84.73
C TYR ZA 42 10.73 -36.06 83.74
N ALA ZA 43 10.44 -34.88 84.27
CA ALA ZA 43 10.47 -33.64 83.51
C ALA ZA 43 11.34 -32.62 84.23
N ALA ZA 44 12.24 -33.07 85.10
CA ALA ZA 44 13.07 -32.18 85.88
C ALA ZA 44 14.46 -32.02 85.28
N LYS ZA 45 15.22 -33.10 85.25
CA LYS ZA 45 16.51 -33.08 84.61
C LYS ZA 45 16.31 -33.53 83.17
N ARG ZA 46 17.18 -33.02 82.28
CA ARG ZA 46 17.01 -33.27 80.85
C ARG ZA 46 17.17 -34.75 80.52
N PHE ZA 47 18.23 -35.37 81.01
CA PHE ZA 47 18.51 -36.74 80.65
C PHE ZA 47 18.06 -37.72 81.72
N ARG ZA 48 17.15 -37.32 82.61
CA ARG ZA 48 16.82 -38.23 83.70
C ARG ZA 48 15.85 -39.32 83.28
N LYS ZA 49 15.52 -39.41 82.01
CA LYS ZA 49 14.70 -40.49 81.49
C LYS ZA 49 15.56 -41.60 80.92
N ALA ZA 50 16.89 -41.47 81.00
CA ALA ZA 50 17.77 -42.62 80.90
C ALA ZA 50 17.54 -43.59 82.05
N GLN ZA 51 17.15 -43.08 83.22
CA GLN ZA 51 17.02 -43.89 84.42
C GLN ZA 51 15.65 -44.54 84.54
N CYS ZA 52 15.01 -44.87 83.41
CA CYS ZA 52 13.67 -45.43 83.36
C CYS ZA 52 13.66 -46.69 82.49
N PRO ZA 53 12.99 -47.75 82.92
CA PRO ZA 53 12.93 -48.97 82.11
C PRO ZA 53 12.06 -48.79 80.88
N ILE ZA 54 12.45 -49.50 79.81
CA ILE ZA 54 11.74 -49.38 78.54
C ILE ZA 54 10.38 -50.05 78.58
N VAL ZA 55 10.15 -50.92 79.56
CA VAL ZA 55 8.84 -51.55 79.73
C VAL ZA 55 7.81 -50.52 80.17
N GLU ZA 56 8.19 -49.58 81.05
CA GLU ZA 56 7.30 -48.46 81.34
C GLU ZA 56 7.17 -47.54 80.14
N ARG ZA 57 8.29 -47.34 79.41
CA ARG ZA 57 8.29 -46.43 78.28
C ARG ZA 57 7.41 -46.92 77.13
N LEU ZA 58 7.25 -48.24 77.02
CA LEU ZA 58 6.35 -48.77 76.00
C LEU ZA 58 4.90 -48.67 76.46
N THR ZA 59 4.65 -48.78 77.77
CA THR ZA 59 3.30 -48.52 78.28
C THR ZA 59 2.94 -47.05 78.16
N ASN ZA 60 3.89 -46.16 78.47
CA ASN ZA 60 3.59 -44.74 78.48
C ASN ZA 60 3.33 -44.20 77.09
N SER ZA 61 3.93 -44.80 76.07
CA SER ZA 61 3.64 -44.35 74.71
C SER ZA 61 2.44 -45.07 74.12
N MET ZA 62 2.08 -46.23 74.65
CA MET ZA 62 0.96 -46.99 74.11
C MET ZA 62 -0.36 -46.25 74.32
N MET ZA 63 -0.45 -45.47 75.38
CA MET ZA 63 -1.65 -44.66 75.54
C MET ZA 63 -1.49 -43.42 74.65
N MET ZA 64 -1.98 -43.53 73.41
CA MET ZA 64 -2.07 -42.43 72.45
C MET ZA 64 -3.34 -42.56 71.62
N HIS ZA 65 -3.54 -41.59 70.74
CA HIS ZA 65 -4.79 -41.38 69.97
C HIS ZA 65 -6.02 -41.23 70.87
N GLY ZA 66 -5.99 -40.19 71.68
CA GLY ZA 66 -7.19 -39.49 72.10
C GLY ZA 66 -8.11 -40.20 73.07
N ARG ZA 67 -8.77 -41.26 72.59
CA ARG ZA 67 -9.66 -42.05 73.44
C ARG ZA 67 -8.90 -42.86 74.47
N ASN ZA 68 -7.60 -43.05 74.26
CA ASN ZA 68 -6.78 -43.85 75.14
C ASN ZA 68 -5.78 -43.03 75.91
N ASN ZA 69 -5.76 -41.72 75.76
CA ASN ZA 69 -4.84 -40.90 76.55
C ASN ZA 69 -5.36 -40.88 77.98
N GLY ZA 70 -4.80 -41.74 78.82
CA GLY ZA 70 -5.38 -42.13 80.09
C GLY ZA 70 -5.36 -43.63 80.25
N LYS ZA 71 -5.82 -44.08 81.43
CA LYS ZA 71 -5.97 -45.50 81.79
C LYS ZA 71 -4.65 -46.26 81.74
N LYS ZA 72 -3.76 -45.94 82.68
CA LYS ZA 72 -2.51 -46.68 82.72
C LYS ZA 72 -2.71 -48.10 83.26
N LEU ZA 73 -3.83 -48.36 83.92
CA LEU ZA 73 -4.18 -49.73 84.25
C LEU ZA 73 -4.36 -50.56 82.98
N MET ZA 74 -5.08 -50.01 82.01
CA MET ZA 74 -5.42 -50.75 80.79
C MET ZA 74 -4.22 -50.99 79.92
N THR ZA 75 -3.36 -49.98 79.77
CA THR ZA 75 -2.26 -50.13 78.82
C THR ZA 75 -1.14 -51.01 79.37
N VAL ZA 76 -1.05 -51.18 80.70
CA VAL ZA 76 -0.12 -52.15 81.25
C VAL ZA 76 -0.65 -53.56 81.05
N ARG ZA 77 -1.98 -53.73 81.17
CA ARG ZA 77 -2.64 -55.01 80.95
C ARG ZA 77 -2.41 -55.52 79.55
N ILE ZA 78 -2.41 -54.60 78.56
CA ILE ZA 78 -2.10 -54.96 77.18
C ILE ZA 78 -0.67 -55.45 77.06
N VAL ZA 79 0.27 -54.77 77.72
CA VAL ZA 79 1.65 -55.22 77.79
C VAL ZA 79 1.77 -56.49 78.63
N LYS ZA 80 0.95 -56.60 79.67
CA LYS ZA 80 0.87 -57.83 80.45
C LYS ZA 80 0.40 -58.99 79.61
N HIS ZA 81 -0.61 -58.76 78.77
CA HIS ZA 81 -1.05 -59.78 77.84
C HIS ZA 81 -0.20 -59.81 76.56
N ALA ZA 82 0.57 -58.75 76.27
CA ALA ZA 82 1.59 -58.89 75.23
C ALA ZA 82 2.74 -59.77 75.71
N PHE ZA 83 3.10 -59.65 76.99
CA PHE ZA 83 4.02 -60.61 77.58
C PHE ZA 83 3.45 -62.01 77.54
N GLU ZA 84 2.15 -62.15 77.77
CA GLU ZA 84 1.56 -63.46 77.96
C GLU ZA 84 1.39 -64.21 76.64
N ILE ZA 85 1.57 -63.53 75.50
CA ILE ZA 85 1.47 -64.16 74.19
C ILE ZA 85 2.83 -64.59 73.66
N ILE ZA 86 3.82 -63.70 73.70
CA ILE ZA 86 5.13 -63.99 73.10
C ILE ZA 86 5.90 -65.04 73.91
N HIS ZA 87 5.64 -65.13 75.21
CA HIS ZA 87 6.27 -66.16 76.02
C HIS ZA 87 5.82 -67.54 75.60
N LEU ZA 88 4.55 -67.68 75.22
CA LEU ZA 88 4.05 -68.93 74.67
C LEU ZA 88 4.70 -69.27 73.34
N LEU ZA 89 5.13 -68.26 72.59
CA LEU ZA 89 5.55 -68.43 71.20
C LEU ZA 89 7.06 -68.67 71.18
N THR ZA 90 7.45 -69.90 70.85
CA THR ZA 90 8.84 -70.38 70.68
C THR ZA 90 9.69 -70.30 71.95
N GLY ZA 91 9.06 -70.20 73.12
CA GLY ZA 91 9.81 -69.85 74.31
C GLY ZA 91 10.21 -68.39 74.16
N GLU ZA 92 11.50 -68.13 74.36
CA GLU ZA 92 12.23 -66.94 73.86
C GLU ZA 92 11.53 -65.63 74.26
N ASN ZA 93 11.66 -65.34 75.55
CA ASN ZA 93 10.98 -64.35 76.37
C ASN ZA 93 10.70 -63.04 75.66
N PRO ZA 94 9.50 -62.47 75.85
CA PRO ZA 94 9.14 -61.22 75.14
C PRO ZA 94 10.06 -60.06 75.45
N LEU ZA 95 10.66 -60.08 76.63
CA LEU ZA 95 11.70 -59.12 77.01
C LEU ZA 95 12.87 -59.13 76.04
N GLN ZA 96 13.18 -60.29 75.45
CA GLN ZA 96 14.32 -60.39 74.54
C GLN ZA 96 14.03 -59.78 73.18
N VAL ZA 97 12.86 -60.10 72.60
CA VAL ZA 97 12.50 -59.52 71.31
C VAL ZA 97 12.00 -58.09 71.44
N LEU ZA 98 11.58 -57.67 72.64
CA LEU ZA 98 11.43 -56.25 72.91
C LEU ZA 98 12.73 -55.51 72.72
N VAL ZA 99 13.79 -56.00 73.35
CA VAL ZA 99 15.11 -55.37 73.30
C VAL ZA 99 15.63 -55.35 71.87
N ASN ZA 100 15.53 -56.48 71.19
CA ASN ZA 100 16.05 -56.60 69.84
C ASN ZA 100 15.11 -56.00 68.79
N ALA ZA 101 13.95 -55.48 69.19
CA ALA ZA 101 13.17 -54.66 68.27
C ALA ZA 101 13.67 -53.22 68.26
N ILE ZA 102 14.06 -52.70 69.43
CA ILE ZA 102 14.60 -51.35 69.52
C ILE ZA 102 15.90 -51.25 68.76
N ILE ZA 103 16.69 -52.33 68.77
CA ILE ZA 103 17.94 -52.36 68.05
C ILE ZA 103 17.70 -52.42 66.54
N ASN ZA 104 16.55 -52.96 66.11
CA ASN ZA 104 16.28 -53.18 64.69
C ASN ZA 104 15.34 -52.16 64.05
N SER ZA 105 14.48 -51.51 64.84
CA SER ZA 105 13.54 -50.51 64.32
C SER ZA 105 13.98 -49.09 64.65
N GLY ZA 106 15.24 -48.88 65.00
CA GLY ZA 106 15.70 -47.58 65.39
C GLY ZA 106 16.48 -46.91 64.28
N PRO ZA 107 15.91 -45.86 63.70
CA PRO ZA 107 16.41 -45.32 62.42
C PRO ZA 107 17.74 -44.60 62.60
N ARG ZA 108 18.83 -45.37 62.49
CA ARG ZA 108 20.18 -45.00 62.90
C ARG ZA 108 20.72 -43.72 62.25
N GLU ZA 109 20.06 -43.18 61.23
CA GLU ZA 109 20.29 -41.81 60.81
C GLU ZA 109 19.03 -41.28 60.15
N ASP ZA 110 18.83 -39.96 60.24
CA ASP ZA 110 17.55 -39.32 59.92
C ASP ZA 110 17.83 -37.99 59.22
N SER ZA 111 16.83 -37.11 59.20
CA SER ZA 111 16.92 -35.90 58.41
C SER ZA 111 16.29 -34.70 59.13
N THR ZA 112 16.77 -33.51 58.78
CA THR ZA 112 16.23 -32.22 59.23
C THR ZA 112 16.66 -31.14 58.24
N ARG ZA 113 16.50 -29.86 58.61
CA ARG ZA 113 16.91 -28.74 57.77
C ARG ZA 113 18.08 -27.99 58.40
N ILE ZA 114 19.06 -27.63 57.55
CA ILE ZA 114 20.22 -26.82 57.93
C ILE ZA 114 20.15 -25.59 57.00
N GLY ZA 115 21.22 -24.79 56.92
CA GLY ZA 115 21.20 -23.47 56.29
C GLY ZA 115 21.61 -23.26 54.85
N ARG ZA 116 22.69 -22.48 54.66
CA ARG ZA 116 23.23 -21.77 53.47
C ARG ZA 116 22.40 -20.48 53.27
N ALA ZA 117 21.41 -20.24 54.15
CA ALA ZA 117 20.51 -19.08 54.13
C ALA ZA 117 19.81 -18.93 52.77
N GLY ZA 118 19.34 -20.06 52.24
CA GLY ZA 118 18.67 -20.08 50.96
C GLY ZA 118 17.45 -20.96 50.95
N THR ZA 119 17.41 -21.91 50.02
CA THR ZA 119 16.30 -22.85 49.92
C THR ZA 119 16.69 -24.15 50.65
N VAL ZA 120 15.70 -25.01 50.85
CA VAL ZA 120 15.83 -26.21 51.65
C VAL ZA 120 16.74 -27.22 50.97
N ARG ZA 121 17.74 -27.72 51.71
CA ARG ZA 121 18.63 -28.76 51.21
C ARG ZA 121 18.47 -30.10 51.92
N ARG ZA 122 18.01 -30.11 53.18
CA ARG ZA 122 17.72 -31.32 53.96
C ARG ZA 122 18.94 -32.25 54.08
N GLN ZA 123 19.95 -31.77 54.80
CA GLN ZA 123 21.13 -32.59 55.03
C GLN ZA 123 20.77 -33.84 55.83
N ALA ZA 124 21.42 -34.96 55.49
CA ALA ZA 124 21.26 -36.19 56.25
C ALA ZA 124 22.08 -36.11 57.54
N VAL ZA 125 21.39 -36.05 58.66
CA VAL ZA 125 22.01 -35.87 59.96
C VAL ZA 125 21.94 -37.19 60.71
N ASP ZA 126 22.66 -37.26 61.83
CA ASP ZA 126 22.70 -38.44 62.67
C ASP ZA 126 21.74 -38.29 63.84
N VAL ZA 127 21.73 -39.30 64.71
CA VAL ZA 127 20.70 -39.34 65.75
C VAL ZA 127 21.28 -40.00 67.01
N SER ZA 128 21.03 -39.34 68.14
CA SER ZA 128 21.45 -39.79 69.46
C SER ZA 128 20.82 -41.15 69.80
N PRO ZA 129 21.47 -41.95 70.65
CA PRO ZA 129 20.84 -43.20 71.10
C PRO ZA 129 19.54 -43.02 71.85
N LEU ZA 130 19.35 -41.89 72.51
CA LEU ZA 130 18.08 -41.69 73.20
C LEU ZA 130 16.94 -41.51 72.21
N ARG ZA 131 17.19 -40.78 71.12
CA ARG ZA 131 16.14 -40.64 70.11
C ARG ZA 131 15.92 -41.93 69.34
N ARG ZA 132 16.95 -42.81 69.27
CA ARG ZA 132 16.73 -44.18 68.80
C ARG ZA 132 15.68 -44.92 69.63
N VAL ZA 133 15.83 -44.89 70.96
CA VAL ZA 133 14.85 -45.56 71.80
C VAL ZA 133 13.52 -44.82 71.73
N ASN ZA 134 13.59 -43.49 71.64
CA ASN ZA 134 12.37 -42.69 71.56
C ASN ZA 134 11.57 -42.98 70.30
N GLN ZA 135 12.25 -43.06 69.16
CA GLN ZA 135 11.53 -43.23 67.90
C GLN ZA 135 11.13 -44.69 67.66
N ALA ZA 136 11.88 -45.65 68.18
CA ALA ZA 136 11.54 -47.05 67.99
C ALA ZA 136 10.29 -47.43 68.77
N ILE ZA 137 10.15 -46.91 69.99
CA ILE ZA 137 8.97 -47.18 70.80
C ILE ZA 137 7.72 -46.58 70.17
N TRP ZA 138 7.85 -45.38 69.59
CA TRP ZA 138 6.72 -44.68 69.00
C TRP ZA 138 6.15 -45.40 67.80
N LEU ZA 139 7.02 -45.98 66.97
CA LEU ZA 139 6.54 -46.72 65.80
C LEU ZA 139 5.84 -48.01 66.21
N LEU ZA 140 6.33 -48.67 67.27
CA LEU ZA 140 5.71 -49.90 67.71
C LEU ZA 140 4.33 -49.63 68.32
N CYS ZA 141 4.19 -48.57 69.10
CA CYS ZA 141 2.90 -48.30 69.73
C CYS ZA 141 1.89 -47.76 68.73
N THR ZA 142 2.38 -47.06 67.70
CA THR ZA 142 1.53 -46.84 66.53
C THR ZA 142 1.32 -48.16 65.80
N GLY ZA 143 2.34 -49.01 65.77
CA GLY ZA 143 2.27 -50.26 65.02
C GLY ZA 143 1.22 -51.22 65.55
N ALA ZA 144 0.92 -51.13 66.84
CA ALA ZA 144 -0.24 -51.84 67.35
C ALA ZA 144 -1.52 -51.24 66.78
N ARG ZA 145 -1.62 -49.90 66.79
CA ARG ZA 145 -2.92 -49.27 66.65
C ARG ZA 145 -3.42 -49.30 65.20
N GLU ZA 146 -2.56 -48.98 64.24
CA GLU ZA 146 -2.99 -49.03 62.85
C GLU ZA 146 -3.13 -50.45 62.34
N ALA ZA 147 -2.46 -51.42 62.98
CA ALA ZA 147 -2.74 -52.82 62.68
C ALA ZA 147 -4.05 -53.29 63.29
N ALA ZA 148 -4.34 -52.90 64.54
CA ALA ZA 148 -5.51 -53.42 65.24
C ALA ZA 148 -6.79 -52.66 64.94
N PHE ZA 149 -6.73 -51.58 64.19
CA PHE ZA 149 -7.93 -50.79 63.95
C PHE ZA 149 -8.75 -51.44 62.84
N ARG ZA 150 -10.05 -51.64 63.13
CA ARG ZA 150 -11.04 -52.22 62.21
C ARG ZA 150 -10.73 -53.67 61.82
N ASN ZA 151 -10.32 -54.47 62.80
CA ASN ZA 151 -10.25 -55.92 62.63
C ASN ZA 151 -10.49 -56.60 63.96
N ILE ZA 152 -10.60 -57.93 63.93
CA ILE ZA 152 -11.15 -58.65 65.07
C ILE ZA 152 -10.14 -58.78 66.21
N LYS ZA 153 -8.85 -58.60 65.95
CA LYS ZA 153 -7.83 -58.74 66.97
C LYS ZA 153 -7.88 -57.61 67.99
N THR ZA 154 -7.22 -57.84 69.12
CA THR ZA 154 -7.17 -56.89 70.23
C THR ZA 154 -5.88 -56.07 70.17
N ILE ZA 155 -5.76 -55.15 71.12
CA ILE ZA 155 -4.55 -54.35 71.19
C ILE ZA 155 -3.37 -55.21 71.63
N ALA ZA 156 -3.62 -56.13 72.58
CA ALA ZA 156 -2.54 -56.99 73.05
C ALA ZA 156 -2.12 -57.99 71.99
N GLU ZA 157 -3.07 -58.43 71.17
CA GLU ZA 157 -2.79 -59.46 70.19
C GLU ZA 157 -1.99 -58.93 69.01
N CYS ZA 158 -2.38 -57.77 68.47
CA CYS ZA 158 -1.64 -57.18 67.37
C CYS ZA 158 -0.26 -56.72 67.81
N LEU ZA 159 -0.15 -56.21 69.04
CA LEU ZA 159 1.13 -55.69 69.50
C LEU ZA 159 2.12 -56.81 69.74
N ALA ZA 160 1.64 -57.97 70.18
CA ALA ZA 160 2.53 -59.12 70.37
C ALA ZA 160 3.04 -59.64 69.03
N ASP ZA 161 2.15 -59.76 68.04
CA ASP ZA 161 2.58 -60.13 66.70
C ASP ZA 161 3.39 -59.01 66.05
N GLU ZA 162 3.18 -57.77 66.48
CA GLU ZA 162 4.05 -56.67 66.06
C GLU ZA 162 5.46 -56.83 66.61
N LEU ZA 163 5.58 -57.22 67.90
CA LEU ZA 163 6.90 -57.26 68.54
C LEU ZA 163 7.79 -58.33 67.91
N ILE ZA 164 7.22 -59.49 67.59
CA ILE ZA 164 8.02 -60.60 67.06
C ILE ZA 164 8.46 -60.30 65.63
N ASN ZA 165 7.54 -59.79 64.81
CA ASN ZA 165 7.80 -59.54 63.40
C ASN ZA 165 8.71 -58.34 63.18
N ALA ZA 166 8.92 -57.51 64.21
CA ALA ZA 166 9.86 -56.40 64.15
C ALA ZA 166 11.27 -56.81 64.57
N ALA ZA 167 11.40 -57.70 65.55
CA ALA ZA 167 12.68 -58.29 65.90
C ALA ZA 167 13.05 -59.43 64.97
N LYS ZA 168 12.12 -59.90 64.15
CA LYS ZA 168 12.43 -60.77 63.03
C LYS ZA 168 12.67 -59.85 61.84
N GLY ZA 169 13.93 -59.58 61.55
CA GLY ZA 169 14.28 -58.53 60.60
C GLY ZA 169 14.07 -58.88 59.15
N SER ZA 170 12.82 -59.11 58.74
CA SER ZA 170 12.54 -59.48 57.36
C SER ZA 170 11.26 -58.81 56.85
N SER ZA 171 11.12 -57.49 57.12
CA SER ZA 171 10.26 -56.57 56.35
C SER ZA 171 8.77 -56.88 56.49
N ASN ZA 172 8.29 -57.06 57.72
CA ASN ZA 172 6.92 -57.49 57.95
C ASN ZA 172 6.10 -56.61 58.88
N SER ZA 173 6.70 -55.63 59.55
CA SER ZA 173 5.99 -54.85 60.54
C SER ZA 173 6.02 -53.37 60.18
N TYR ZA 174 5.09 -52.63 60.80
CA TYR ZA 174 4.91 -51.21 60.55
C TYR ZA 174 6.17 -50.39 60.87
N ALA ZA 175 6.92 -50.81 61.89
CA ALA ZA 175 8.11 -50.05 62.26
C ALA ZA 175 9.24 -50.24 61.26
N ILE ZA 176 9.50 -51.48 60.84
CA ILE ZA 176 10.62 -51.77 59.94
C ILE ZA 176 10.38 -51.12 58.57
N LYS ZA 177 9.12 -51.06 58.14
CA LYS ZA 177 8.77 -50.28 56.96
C LYS ZA 177 9.09 -48.81 57.14
N LYS ZA 178 8.70 -48.23 58.27
CA LYS ZA 178 8.95 -46.81 58.50
C LYS ZA 178 10.42 -46.51 58.68
N LYS ZA 179 11.19 -47.46 59.23
CA LYS ZA 179 12.63 -47.25 59.35
C LYS ZA 179 13.34 -47.41 58.01
N ASP ZA 180 13.06 -48.48 57.26
CA ASP ZA 180 13.83 -48.73 56.05
C ASP ZA 180 13.46 -47.78 54.93
N GLU ZA 181 12.33 -47.09 55.06
CA GLU ZA 181 12.12 -45.91 54.23
C GLU ZA 181 13.08 -44.79 54.61
N LEU ZA 182 13.36 -44.62 55.92
CA LEU ZA 182 14.19 -43.51 56.35
C LEU ZA 182 15.65 -43.68 55.93
N GLU ZA 183 16.17 -44.91 55.86
CA GLU ZA 183 17.48 -45.09 55.23
C GLU ZA 183 17.44 -44.72 53.76
N ARG ZA 184 16.35 -45.05 53.06
CA ARG ZA 184 16.21 -44.57 51.69
C ARG ZA 184 16.06 -43.06 51.65
N VAL ZA 185 15.42 -42.49 52.67
CA VAL ZA 185 15.32 -41.03 52.79
C VAL ZA 185 16.70 -40.43 53.07
N ALA ZA 186 17.50 -41.11 53.91
CA ALA ZA 186 18.79 -40.56 54.29
C ALA ZA 186 19.78 -40.56 53.13
N LYS ZA 187 19.77 -41.61 52.29
CA LYS ZA 187 20.63 -41.63 51.10
C LYS ZA 187 20.26 -40.56 50.09
N SER ZA 188 18.96 -40.30 49.94
CA SER ZA 188 18.51 -39.26 49.02
C SER ZA 188 18.87 -37.87 49.52
N ASN ZA 189 18.92 -37.72 50.84
CA ASN ZA 189 19.13 -36.42 51.46
C ASN ZA 189 20.55 -36.24 51.97
N ARG ZA 190 21.52 -36.90 51.34
CA ARG ZA 190 22.89 -36.83 51.82
C ARG ZA 190 23.72 -35.87 50.99
N MET AB 1 -29.94 92.51 -19.90
CA MET AB 1 -28.69 92.79 -19.21
C MET AB 1 -28.64 94.21 -18.70
N LYS AB 2 -28.55 94.35 -17.38
CA LYS AB 2 -28.64 95.65 -16.72
C LYS AB 2 -27.44 96.51 -17.04
N LEU AB 3 -27.69 97.76 -17.39
CA LEU AB 3 -26.67 98.72 -17.72
C LEU AB 3 -26.68 99.85 -16.70
N ASN AB 4 -25.50 100.35 -16.39
CA ASN AB 4 -25.31 101.52 -15.56
C ASN AB 4 -24.60 102.54 -16.43
N ILE AB 5 -25.31 103.59 -16.81
CA ILE AB 5 -24.78 104.60 -17.72
C ILE AB 5 -24.36 105.81 -16.91
N SER AB 6 -23.27 106.46 -17.33
CA SER AB 6 -22.74 107.61 -16.61
C SER AB 6 -21.95 108.52 -17.53
N PHE AB 7 -21.98 109.84 -17.25
CA PHE AB 7 -21.16 110.79 -17.99
C PHE AB 7 -19.82 111.01 -17.28
N PRO AB 8 -18.71 111.04 -18.01
CA PRO AB 8 -17.46 111.50 -17.41
C PRO AB 8 -17.35 113.02 -17.38
N ALA AB 9 -17.86 113.70 -18.40
CA ALA AB 9 -17.72 115.15 -18.44
C ALA AB 9 -18.76 115.83 -17.55
N THR AB 10 -19.87 115.15 -17.27
CA THR AB 10 -20.83 115.69 -16.33
C THR AB 10 -20.74 115.02 -14.96
N GLY AB 11 -20.75 113.69 -14.92
CA GLY AB 11 -20.72 113.01 -13.65
C GLY AB 11 -22.07 112.86 -12.98
N CYS AB 12 -22.96 112.08 -13.60
CA CYS AB 12 -24.18 111.67 -12.94
C CYS AB 12 -24.49 110.24 -13.39
N GLN AB 13 -25.50 109.64 -12.77
CA GLN AB 13 -25.77 108.23 -12.96
C GLN AB 13 -27.19 108.02 -13.44
N LYS AB 14 -27.39 106.88 -14.12
CA LYS AB 14 -28.70 106.48 -14.64
C LYS AB 14 -28.62 105.00 -15.01
N LEU AB 15 -29.68 104.27 -14.68
CA LEU AB 15 -29.72 102.83 -14.88
C LEU AB 15 -30.96 102.48 -15.68
N ILE AB 16 -30.76 101.80 -16.80
CA ILE AB 16 -31.83 101.35 -17.68
C ILE AB 16 -31.59 99.87 -18.00
N GLU AB 17 -32.47 99.32 -18.83
CA GLU AB 17 -32.43 97.94 -19.25
C GLU AB 17 -32.74 97.84 -20.73
N VAL AB 18 -31.89 97.10 -21.45
CA VAL AB 18 -32.17 96.76 -22.84
C VAL AB 18 -32.53 95.28 -22.86
N ASP AB 19 -33.81 95.01 -23.06
CA ASP AB 19 -34.35 93.67 -22.83
C ASP AB 19 -33.96 92.72 -23.94
N ASP AB 20 -34.01 93.19 -25.18
CA ASP AB 20 -33.91 92.32 -26.35
C ASP AB 20 -32.44 92.01 -26.66
N GLU AB 21 -32.23 91.47 -27.84
CA GLU AB 21 -30.92 91.11 -28.35
C GLU AB 21 -30.46 92.02 -29.46
N ARG AB 22 -31.41 92.48 -30.31
CA ARG AB 22 -31.10 93.25 -31.52
C ARG AB 22 -30.37 94.55 -31.20
N LYS AB 23 -30.68 95.13 -30.06
CA LYS AB 23 -30.06 96.36 -29.61
C LYS AB 23 -28.91 96.10 -28.65
N LEU AB 24 -28.71 94.84 -28.26
CA LEU AB 24 -27.81 94.51 -27.16
C LEU AB 24 -26.52 93.83 -27.59
N ARG AB 25 -26.61 92.79 -28.43
CA ARG AB 25 -25.56 91.78 -28.62
C ARG AB 25 -24.23 92.31 -29.13
N THR AB 26 -24.17 93.55 -29.63
CA THR AB 26 -23.01 94.02 -30.39
C THR AB 26 -21.88 94.52 -29.51
N PHE AB 27 -21.78 94.00 -28.30
CA PHE AB 27 -20.60 94.14 -27.46
C PHE AB 27 -19.79 92.84 -27.41
N TYR AB 28 -20.20 91.84 -28.19
CA TYR AB 28 -19.74 90.47 -28.02
C TYR AB 28 -18.29 90.29 -28.47
N GLU AB 29 -17.54 89.54 -27.65
CA GLU AB 29 -16.13 89.20 -27.86
C GLU AB 29 -15.31 90.49 -28.00
N LYS AB 30 -15.40 91.28 -26.93
CA LYS AB 30 -14.66 92.52 -26.87
C LYS AB 30 -13.80 92.56 -25.62
N ARG AB 31 -13.19 93.70 -25.36
CA ARG AB 31 -12.37 93.90 -24.18
C ARG AB 31 -12.96 95.04 -23.37
N MET AB 32 -12.20 95.45 -22.35
CA MET AB 32 -12.49 96.68 -21.64
C MET AB 32 -11.82 97.82 -22.37
N ALA AB 33 -12.35 99.03 -22.15
CA ALA AB 33 -11.84 100.29 -22.71
C ALA AB 33 -11.81 100.28 -24.24
N THR AB 34 -12.77 99.62 -24.85
CA THR AB 34 -12.88 99.54 -26.30
C THR AB 34 -13.85 100.61 -26.77
N GLU AB 35 -13.36 101.54 -27.59
CA GLU AB 35 -14.17 102.64 -28.09
C GLU AB 35 -15.13 102.11 -29.14
N VAL AB 36 -16.20 101.48 -28.69
CA VAL AB 36 -17.27 101.03 -29.58
C VAL AB 36 -18.48 101.88 -29.26
N ALA AB 37 -18.91 102.66 -30.23
CA ALA AB 37 -19.95 103.65 -30.02
C ALA AB 37 -21.33 102.99 -29.92
N ALA AB 38 -22.36 103.83 -29.86
CA ALA AB 38 -23.76 103.40 -29.85
C ALA AB 38 -24.36 103.38 -31.25
N ASP AB 39 -23.56 103.10 -32.28
CA ASP AB 39 -24.08 103.05 -33.64
C ASP AB 39 -24.99 101.84 -33.82
N ALA AB 40 -24.57 100.68 -33.34
CA ALA AB 40 -25.41 99.49 -33.36
C ALA AB 40 -26.53 99.54 -32.31
N LEU AB 41 -26.56 100.58 -31.48
CA LEU AB 41 -27.73 100.92 -30.69
C LEU AB 41 -28.71 101.65 -31.61
N GLY AB 42 -29.86 101.03 -31.92
CA GLY AB 42 -30.79 101.63 -32.85
C GLY AB 42 -31.91 102.49 -32.26
N GLU AB 43 -31.63 103.79 -32.15
CA GLU AB 43 -32.58 104.79 -31.66
C GLU AB 43 -32.04 106.17 -32.01
N GLU AB 44 -32.57 107.22 -31.38
CA GLU AB 44 -32.06 108.57 -31.52
C GLU AB 44 -30.63 108.74 -31.00
N TRP AB 45 -30.12 107.80 -30.19
CA TRP AB 45 -28.72 107.81 -29.74
C TRP AB 45 -27.80 107.16 -30.76
N LYS AB 46 -27.76 107.70 -31.98
CA LYS AB 46 -26.88 107.10 -32.98
C LYS AB 46 -25.49 107.74 -33.01
N GLY AB 47 -25.09 108.41 -31.93
CA GLY AB 47 -23.80 109.06 -32.00
C GLY AB 47 -22.94 109.02 -30.76
N TYR AB 48 -23.40 108.39 -29.69
CA TYR AB 48 -22.64 108.36 -28.45
C TYR AB 48 -21.51 107.35 -28.55
N VAL AB 49 -20.29 107.79 -28.25
CA VAL AB 49 -19.10 106.97 -28.26
C VAL AB 49 -18.80 106.59 -26.82
N VAL AB 50 -18.94 105.30 -26.48
CA VAL AB 50 -18.98 104.85 -25.09
C VAL AB 50 -17.92 103.77 -24.89
N ARG AB 51 -17.21 103.84 -23.74
CA ARG AB 51 -16.37 102.73 -23.27
C ARG AB 51 -17.13 101.84 -22.29
N ILE AB 52 -16.75 100.56 -22.28
CA ILE AB 52 -17.14 99.66 -21.21
C ILE AB 52 -16.08 99.78 -20.13
N SER AB 53 -16.49 100.13 -18.91
CA SER AB 53 -15.54 100.38 -17.85
C SER AB 53 -15.66 99.44 -16.68
N GLY AB 54 -16.78 98.74 -16.54
CA GLY AB 54 -16.96 97.86 -15.41
C GLY AB 54 -17.69 96.61 -15.83
N GLY AB 55 -17.74 95.65 -14.93
CA GLY AB 55 -18.47 94.43 -15.19
C GLY AB 55 -18.88 93.75 -13.92
N ASN AB 56 -19.90 92.89 -14.05
CA ASN AB 56 -20.32 91.99 -13.00
C ASN AB 56 -20.92 90.76 -13.64
N ASP AB 57 -20.58 89.60 -13.12
CA ASP AB 57 -21.18 88.37 -13.59
C ASP AB 57 -22.65 88.33 -13.18
N LYS AB 58 -23.39 87.42 -13.83
CA LYS AB 58 -24.81 87.20 -13.54
C LYS AB 58 -25.03 86.68 -12.13
N GLN AB 59 -24.00 86.17 -11.47
CA GLN AB 59 -24.09 85.67 -10.11
C GLN AB 59 -23.11 86.35 -9.16
N GLY AB 60 -22.59 87.52 -9.51
CA GLY AB 60 -21.98 88.40 -8.55
C GLY AB 60 -20.46 88.48 -8.54
N PHE AB 61 -19.80 88.41 -9.68
CA PHE AB 61 -18.35 88.40 -9.71
C PHE AB 61 -17.81 89.56 -10.54
N PRO AB 62 -16.78 90.24 -10.06
CA PRO AB 62 -16.26 91.41 -10.78
C PRO AB 62 -15.46 91.00 -12.01
N MET AB 63 -15.08 92.01 -12.80
CA MET AB 63 -14.21 91.83 -13.95
C MET AB 63 -12.87 92.49 -13.72
N LYS AB 64 -11.85 91.92 -14.34
CA LYS AB 64 -10.48 92.37 -14.19
C LYS AB 64 -9.88 92.69 -15.55
N GLN AB 65 -9.16 93.81 -15.62
CA GLN AB 65 -8.34 94.06 -16.79
C GLN AB 65 -7.20 93.05 -16.82
N GLY AB 66 -7.04 92.36 -17.94
CA GLY AB 66 -5.89 91.49 -18.18
C GLY AB 66 -6.24 90.05 -18.44
N VAL AB 67 -7.21 89.51 -17.70
CA VAL AB 67 -7.67 88.16 -17.96
C VAL AB 67 -8.58 88.24 -19.18
N LEU AB 68 -8.08 87.77 -20.31
CA LEU AB 68 -8.81 87.87 -21.57
C LEU AB 68 -9.53 86.57 -21.89
N THR AB 69 -10.22 86.04 -20.89
CA THR AB 69 -10.81 84.72 -20.99
C THR AB 69 -12.30 84.80 -20.69
N HIS AB 70 -13.07 83.99 -21.42
CA HIS AB 70 -14.53 83.93 -21.43
C HIS AB 70 -15.10 83.78 -20.04
N GLY AB 71 -14.86 82.62 -19.44
CA GLY AB 71 -15.40 82.29 -18.14
C GLY AB 71 -14.57 82.86 -17.02
N ARG AB 72 -14.89 82.39 -15.81
CA ARG AB 72 -14.21 82.83 -14.60
C ARG AB 72 -12.78 82.33 -14.58
N VAL AB 73 -11.93 83.03 -13.84
CA VAL AB 73 -10.66 82.51 -13.41
C VAL AB 73 -10.60 82.58 -11.89
N ARG AB 74 -9.63 81.91 -11.32
CA ARG AB 74 -9.35 82.05 -9.91
C ARG AB 74 -7.89 82.47 -9.82
N LEU AB 75 -7.66 83.64 -9.22
CA LEU AB 75 -6.34 84.25 -9.28
C LEU AB 75 -5.89 84.63 -7.89
N LEU AB 76 -4.59 84.85 -7.75
CA LEU AB 76 -3.97 85.25 -6.51
C LEU AB 76 -3.82 86.77 -6.52
N LEU AB 77 -4.52 87.43 -5.62
CA LEU AB 77 -4.57 88.88 -5.63
C LEU AB 77 -3.89 89.44 -4.39
N SER AB 78 -3.53 90.72 -4.46
CA SER AB 78 -2.78 91.37 -3.40
C SER AB 78 -3.03 92.86 -3.50
N LYS AB 79 -2.16 93.65 -2.88
CA LYS AB 79 -2.40 95.07 -2.72
C LYS AB 79 -2.30 95.79 -4.06
N GLY AB 80 -3.27 96.68 -4.32
CA GLY AB 80 -3.29 97.46 -5.53
C GLY AB 80 -3.80 96.72 -6.74
N HIS AB 81 -4.22 95.47 -6.58
CA HIS AB 81 -4.67 94.65 -7.68
C HIS AB 81 -6.18 94.74 -7.67
N SER AB 82 -6.76 95.25 -8.76
CA SER AB 82 -8.18 95.52 -8.78
C SER AB 82 -8.97 94.21 -8.78
N CYS AB 83 -10.18 94.30 -8.20
CA CYS AB 83 -11.10 93.27 -7.66
C CYS AB 83 -10.68 92.83 -6.26
N TYR AB 84 -9.77 93.54 -5.60
CA TYR AB 84 -9.30 93.07 -4.29
C TYR AB 84 -8.71 94.22 -3.50
N ARG AB 85 -8.79 94.11 -2.18
CA ARG AB 85 -8.08 94.94 -1.24
C ARG AB 85 -7.42 94.08 -0.17
N PRO AB 86 -6.25 94.46 0.31
CA PRO AB 86 -5.59 93.72 1.40
C PRO AB 86 -6.18 94.14 2.74
N ARG AB 87 -5.69 93.48 3.79
CA ARG AB 87 -6.04 93.71 5.19
C ARG AB 87 -5.01 92.93 5.98
N ARG AB 88 -4.42 93.49 7.05
CA ARG AB 88 -3.24 92.93 7.71
C ARG AB 88 -2.11 92.78 6.69
N THR AB 89 -1.46 93.92 6.38
CA THR AB 89 -0.58 94.20 5.24
C THR AB 89 0.33 93.05 4.85
N GLY AB 90 0.21 92.63 3.60
CA GLY AB 90 0.89 91.46 3.08
C GLY AB 90 -0.03 90.33 2.72
N GLU AB 91 -1.29 90.36 3.18
CA GLU AB 91 -2.22 89.26 2.98
C GLU AB 91 -2.67 89.14 1.53
N ARG AB 92 -2.60 87.91 1.01
CA ARG AB 92 -3.00 87.57 -0.33
C ARG AB 92 -4.04 86.47 -0.28
N LYS AB 93 -5.17 86.66 -0.95
CA LYS AB 93 -6.24 85.66 -0.94
C LYS AB 93 -6.67 85.32 -2.34
N ARG AB 94 -6.74 84.03 -2.65
CA ARG AB 94 -7.22 83.61 -3.94
C ARG AB 94 -8.73 83.71 -3.98
N LYS AB 95 -9.23 84.63 -4.79
CA LYS AB 95 -10.65 84.84 -5.00
C LYS AB 95 -10.99 84.53 -6.44
N SER AB 96 -12.25 84.24 -6.69
CA SER AB 96 -12.72 83.96 -8.04
C SER AB 96 -12.99 85.27 -8.75
N VAL AB 97 -12.52 85.39 -9.98
CA VAL AB 97 -12.69 86.61 -10.77
C VAL AB 97 -13.26 86.23 -12.12
N ARG AB 98 -14.35 86.89 -12.51
CA ARG AB 98 -14.91 86.71 -13.84
C ARG AB 98 -14.12 87.51 -14.87
N GLY AB 99 -13.92 86.91 -16.04
CA GLY AB 99 -13.04 87.49 -17.05
C GLY AB 99 -13.59 88.72 -17.73
N CYS AB 100 -12.74 89.32 -18.57
CA CYS AB 100 -12.98 90.58 -19.25
C CYS AB 100 -13.68 90.40 -20.59
N ILE AB 101 -13.88 89.16 -21.04
CA ILE AB 101 -14.69 88.93 -22.23
C ILE AB 101 -16.15 89.19 -21.89
N VAL AB 102 -16.91 89.70 -22.86
CA VAL AB 102 -18.19 90.37 -22.65
C VAL AB 102 -19.29 89.50 -23.26
N ASP AB 103 -19.20 88.18 -23.03
CA ASP AB 103 -19.98 87.09 -23.66
C ASP AB 103 -21.46 87.10 -23.36
N ALA AB 104 -22.07 88.12 -22.75
CA ALA AB 104 -23.51 88.19 -22.46
C ALA AB 104 -23.95 87.08 -21.51
N ASN AB 105 -23.02 86.63 -20.67
CA ASN AB 105 -23.31 85.75 -19.54
C ASN AB 105 -23.40 86.56 -18.26
N LEU AB 106 -23.59 87.86 -18.37
CA LEU AB 106 -23.29 88.80 -17.31
C LEU AB 106 -24.57 89.23 -16.58
N SER AB 107 -24.39 90.16 -15.66
CA SER AB 107 -25.48 90.97 -15.13
C SER AB 107 -25.29 92.44 -15.46
N VAL AB 108 -24.19 93.05 -15.03
CA VAL AB 108 -24.05 94.50 -15.02
C VAL AB 108 -22.87 94.89 -15.90
N LEU AB 109 -23.12 95.77 -16.86
CA LEU AB 109 -22.07 96.48 -17.56
C LEU AB 109 -22.17 97.96 -17.24
N ASN AB 110 -21.04 98.56 -16.90
CA ASN AB 110 -20.97 99.97 -16.54
C ASN AB 110 -20.41 100.73 -17.74
N LEU AB 111 -21.20 101.68 -18.24
CA LEU AB 111 -20.91 102.32 -19.52
C LEU AB 111 -20.65 103.81 -19.34
N VAL AB 112 -19.62 104.30 -20.02
CA VAL AB 112 -19.13 105.67 -19.88
C VAL AB 112 -18.90 106.25 -21.26
N ILE AB 113 -19.59 107.36 -21.58
CA ILE AB 113 -19.55 107.94 -22.92
C ILE AB 113 -18.24 108.68 -23.12
N VAL AB 114 -17.98 109.13 -24.35
CA VAL AB 114 -16.81 109.98 -24.61
C VAL AB 114 -17.19 111.31 -25.26
N LYS AB 115 -17.86 111.29 -26.41
CA LYS AB 115 -17.76 112.40 -27.34
C LYS AB 115 -19.04 113.21 -27.52
N LYS AB 116 -20.11 112.62 -27.98
CA LYS AB 116 -21.16 113.39 -28.63
C LYS AB 116 -22.30 113.67 -27.65
N GLY AB 117 -23.16 114.62 -28.01
CA GLY AB 117 -24.36 114.89 -27.25
C GLY AB 117 -25.52 115.33 -28.12
N GLU AB 118 -26.63 114.59 -28.08
CA GLU AB 118 -27.84 114.96 -28.82
C GLU AB 118 -28.98 115.39 -27.91
N LYS AB 119 -28.70 115.73 -26.64
CA LYS AB 119 -29.65 116.17 -25.61
C LYS AB 119 -30.76 115.18 -25.27
N ASP AB 120 -30.72 113.98 -25.85
CA ASP AB 120 -31.87 113.12 -25.99
C ASP AB 120 -31.98 112.09 -24.88
N ILE AB 121 -31.50 112.44 -23.70
CA ILE AB 121 -31.47 111.52 -22.57
C ILE AB 121 -32.43 112.08 -21.53
N PRO AB 122 -33.29 111.26 -20.93
CA PRO AB 122 -34.15 111.74 -19.86
C PRO AB 122 -33.45 111.85 -18.51
N GLY AB 123 -32.15 111.59 -18.44
CA GLY AB 123 -31.44 111.78 -17.18
C GLY AB 123 -29.98 112.20 -17.16
N LEU AB 124 -29.33 112.51 -18.27
CA LEU AB 124 -27.88 112.72 -18.22
C LEU AB 124 -27.45 114.14 -18.56
N THR AB 125 -27.76 114.63 -19.76
CA THR AB 125 -27.14 115.88 -20.22
C THR AB 125 -27.75 117.09 -19.54
N ASP AB 126 -28.96 116.94 -19.01
CA ASP AB 126 -29.60 118.05 -18.32
C ASP AB 126 -28.93 118.35 -16.99
N THR AB 127 -28.71 117.32 -16.18
CA THR AB 127 -28.53 117.52 -14.74
C THR AB 127 -27.10 117.93 -14.42
N THR AB 128 -26.92 119.18 -14.02
CA THR AB 128 -25.63 119.64 -13.53
C THR AB 128 -25.36 119.05 -12.16
N VAL AB 129 -24.45 118.08 -12.11
CA VAL AB 129 -24.02 117.50 -10.85
C VAL AB 129 -22.57 117.93 -10.62
N PRO AB 130 -22.36 118.99 -9.84
CA PRO AB 130 -21.01 119.55 -9.71
C PRO AB 130 -20.13 118.72 -8.81
N ARG AB 131 -18.82 118.88 -8.99
CA ARG AB 131 -17.86 118.32 -8.06
C ARG AB 131 -18.00 118.96 -6.69
N ARG AB 132 -17.77 118.16 -5.65
CA ARG AB 132 -18.08 118.61 -4.30
C ARG AB 132 -17.09 119.64 -3.79
N LEU AB 133 -15.86 119.22 -3.56
CA LEU AB 133 -14.95 120.03 -2.76
C LEU AB 133 -14.12 120.93 -3.66
N GLY AB 134 -13.78 122.09 -3.12
CA GLY AB 134 -12.84 122.97 -3.76
C GLY AB 134 -11.44 122.41 -3.69
N PRO AB 135 -10.52 123.06 -4.37
CA PRO AB 135 -9.12 122.70 -4.19
C PRO AB 135 -8.63 123.04 -2.79
N LYS AB 136 -7.84 122.13 -2.22
CA LYS AB 136 -7.21 122.33 -0.92
C LYS AB 136 -5.70 122.51 -1.03
N ARG AB 137 -5.06 121.76 -1.92
CA ARG AB 137 -3.66 121.97 -2.24
C ARG AB 137 -3.48 123.38 -2.80
N ALA AB 138 -2.48 124.10 -2.26
CA ALA AB 138 -2.24 125.47 -2.70
C ALA AB 138 -1.83 125.53 -4.16
N SER AB 139 -1.12 124.50 -4.63
CA SER AB 139 -0.91 124.38 -6.07
C SER AB 139 -2.21 124.15 -6.81
N ARG AB 140 -3.20 123.52 -6.17
CA ARG AB 140 -4.48 123.30 -6.86
C ARG AB 140 -5.36 124.54 -6.85
N ILE AB 141 -5.17 125.44 -5.88
CA ILE AB 141 -5.85 126.73 -5.95
C ILE AB 141 -5.22 127.64 -7.02
N ARG AB 142 -3.89 127.68 -7.08
CA ARG AB 142 -3.18 128.72 -7.82
C ARG AB 142 -3.40 128.62 -9.33
N LYS AB 143 -3.46 127.41 -9.87
CA LYS AB 143 -3.64 127.23 -11.30
C LYS AB 143 -5.08 126.91 -11.69
N LEU AB 144 -6.05 127.14 -10.80
CA LEU AB 144 -7.43 127.23 -11.24
C LEU AB 144 -7.84 128.68 -11.43
N PHE AB 145 -7.54 129.52 -10.46
CA PHE AB 145 -7.83 130.94 -10.58
C PHE AB 145 -6.74 131.67 -11.35
N ASN AB 146 -5.64 130.98 -11.65
CA ASN AB 146 -4.68 131.36 -12.68
C ASN AB 146 -4.00 132.68 -12.33
N LEU AB 147 -3.40 132.73 -11.16
CA LEU AB 147 -2.64 133.89 -10.74
C LEU AB 147 -1.15 133.59 -10.84
N SER AB 148 -0.40 134.58 -11.32
CA SER AB 148 0.89 134.37 -11.97
C SER AB 148 2.04 134.44 -10.98
N LYS AB 149 3.25 134.58 -11.51
CA LYS AB 149 4.53 134.66 -10.79
C LYS AB 149 4.68 135.96 -10.01
N GLU AB 150 3.80 136.94 -10.24
CA GLU AB 150 3.75 138.11 -9.36
C GLU AB 150 3.23 137.74 -7.98
N ASP AB 151 2.14 136.98 -7.92
CA ASP AB 151 1.32 137.01 -6.72
C ASP AB 151 0.93 135.62 -6.24
N ASP AB 152 0.36 135.64 -5.03
CA ASP AB 152 0.03 134.48 -4.22
C ASP AB 152 -1.41 134.63 -3.76
N VAL AB 153 -2.00 133.52 -3.31
CA VAL AB 153 -3.41 133.51 -2.94
C VAL AB 153 -3.57 133.92 -1.48
N ARG AB 154 -4.27 135.00 -1.25
CA ARG AB 154 -4.57 135.34 0.13
C ARG AB 154 -6.06 135.53 0.35
N GLN AB 155 -6.79 136.09 -0.61
CA GLN AB 155 -8.23 136.22 -0.46
C GLN AB 155 -9.00 135.33 -1.42
N TYR AB 156 -8.31 134.60 -2.30
CA TYR AB 156 -8.93 133.83 -3.36
C TYR AB 156 -9.27 132.42 -2.95
N VAL AB 157 -9.60 132.21 -1.69
CA VAL AB 157 -9.80 130.88 -1.14
C VAL AB 157 -11.29 130.54 -1.19
N VAL AB 158 -11.61 129.37 -1.72
CA VAL AB 158 -13.01 129.00 -1.87
C VAL AB 158 -13.58 128.52 -0.55
N ARG AB 159 -14.24 129.45 0.14
CA ARG AB 159 -15.12 129.12 1.24
C ARG AB 159 -16.33 128.35 0.71
N LYS AB 160 -16.94 127.55 1.58
CA LYS AB 160 -18.17 126.84 1.24
C LYS AB 160 -19.31 127.35 2.11
N PRO AB 161 -20.05 128.36 1.67
CA PRO AB 161 -21.19 128.83 2.48
C PRO AB 161 -22.47 128.08 2.16
N LEU AB 162 -23.07 127.47 3.18
CA LEU AB 162 -24.36 126.82 3.02
C LEU AB 162 -25.07 126.82 4.36
N ASN AB 163 -26.29 127.32 4.36
CA ASN AB 163 -27.18 127.28 5.52
C ASN AB 163 -27.73 125.87 5.57
N LYS AB 164 -27.19 125.08 6.48
CA LYS AB 164 -27.45 123.65 6.53
C LYS AB 164 -28.92 123.34 6.80
N GLU AB 165 -29.39 123.70 7.99
CA GLU AB 165 -30.68 123.26 8.50
C GLU AB 165 -30.95 124.01 9.80
N GLY AB 166 -32.20 124.46 9.95
CA GLY AB 166 -32.66 124.99 11.22
C GLY AB 166 -32.04 126.29 11.63
N LYS AB 167 -31.80 127.18 10.65
CA LYS AB 167 -31.22 128.51 10.85
C LYS AB 167 -29.84 128.43 11.51
N LYS AB 168 -28.95 127.70 10.85
CA LYS AB 168 -27.52 127.74 11.15
C LYS AB 168 -26.77 128.12 9.88
N PRO AB 169 -26.82 129.40 9.47
CA PRO AB 169 -26.15 129.77 8.22
C PRO AB 169 -24.63 129.83 8.39
N ARG AB 170 -23.95 128.78 7.96
CA ARG AB 170 -22.54 128.66 8.27
C ARG AB 170 -21.72 128.55 6.99
N THR AB 171 -20.43 128.86 7.13
CA THR AB 171 -19.52 129.02 6.01
C THR AB 171 -18.18 128.44 6.46
N LYS AB 172 -17.69 127.41 5.78
CA LYS AB 172 -16.50 126.70 6.19
C LYS AB 172 -15.45 126.65 5.10
N ALA AB 173 -14.19 126.81 5.52
CA ALA AB 173 -12.99 126.96 4.71
C ALA AB 173 -12.01 125.81 4.95
N PRO AB 174 -11.29 125.39 3.91
CA PRO AB 174 -10.27 124.35 4.10
C PRO AB 174 -8.91 124.90 4.47
N LYS AB 175 -8.18 124.12 5.27
CA LYS AB 175 -6.81 124.47 5.59
C LYS AB 175 -5.93 124.28 4.38
N ILE AB 176 -4.95 125.18 4.21
CA ILE AB 176 -4.10 125.21 3.04
C ILE AB 176 -2.66 125.08 3.51
N GLN AB 177 -1.85 124.28 2.78
CA GLN AB 177 -0.54 123.88 3.28
C GLN AB 177 0.64 124.25 2.38
N ARG AB 178 0.50 124.17 1.05
CA ARG AB 178 1.66 124.38 0.18
C ARG AB 178 2.02 125.85 -0.01
N LEU AB 179 1.62 126.74 0.90
CA LEU AB 179 1.88 128.16 0.82
C LEU AB 179 2.71 128.60 2.00
N VAL AB 180 3.55 129.61 1.78
CA VAL AB 180 4.56 130.01 2.75
C VAL AB 180 3.93 130.89 3.81
N THR AB 181 3.97 130.42 5.06
CA THR AB 181 3.38 131.10 6.21
C THR AB 181 4.48 131.71 7.07
N PRO AB 182 4.16 132.67 7.96
CA PRO AB 182 5.19 133.17 8.89
C PRO AB 182 5.69 132.11 9.85
N ARG AB 183 4.88 131.11 10.16
CA ARG AB 183 5.34 130.10 11.09
C ARG AB 183 6.24 129.09 10.40
N VAL AB 184 6.02 128.86 9.09
CA VAL AB 184 6.91 127.99 8.32
C VAL AB 184 8.32 128.55 8.28
N LEU AB 185 8.44 129.84 8.00
CA LEU AB 185 9.76 130.38 7.71
C LEU AB 185 10.61 130.47 8.97
N GLN AB 186 10.00 130.57 10.16
CA GLN AB 186 10.83 130.48 11.35
C GLN AB 186 11.24 129.04 11.64
N HIS AB 187 10.49 128.06 11.13
CA HIS AB 187 10.97 126.69 11.24
C HIS AB 187 12.14 126.44 10.30
N LYS AB 188 12.09 127.00 9.10
CA LYS AB 188 13.25 126.98 8.22
C LYS AB 188 14.38 127.83 8.79
N ARG AB 189 14.06 128.94 9.45
CA ARG AB 189 15.12 129.76 10.06
C ARG AB 189 15.72 129.11 11.29
N ARG AB 190 15.04 128.12 11.88
CA ARG AB 190 15.64 127.47 13.03
C ARG AB 190 16.50 126.27 12.63
N ARG AB 191 16.15 125.59 11.52
CA ARG AB 191 16.96 124.46 11.02
C ARG AB 191 18.34 124.91 10.59
N ILE AB 192 18.42 126.07 9.93
CA ILE AB 192 19.72 126.60 9.53
C ILE AB 192 20.51 127.02 10.75
N ALA AB 193 19.81 127.51 11.77
CA ALA AB 193 20.49 127.97 12.97
C ALA AB 193 21.13 126.82 13.72
N LEU AB 194 20.47 125.65 13.77
CA LEU AB 194 21.09 124.49 14.36
C LEU AB 194 22.26 123.99 13.54
N LYS AB 195 22.19 124.14 12.20
CA LYS AB 195 23.38 123.89 11.39
C LYS AB 195 24.47 124.86 11.76
N LYS AB 196 24.09 126.12 11.99
CA LYS AB 196 25.04 127.12 12.41
C LYS AB 196 25.43 126.93 13.87
N GLN AB 197 24.56 126.31 14.67
CA GLN AB 197 24.86 126.04 16.07
C GLN AB 197 25.86 124.91 16.24
N ARG AB 198 25.67 123.82 15.49
CA ARG AB 198 26.64 122.72 15.52
C ARG AB 198 28.00 123.18 15.00
N THR AB 199 27.99 123.96 13.90
CA THR AB 199 29.23 124.32 13.22
C THR AB 199 30.07 125.28 14.05
N LYS AB 200 29.42 126.14 14.84
CA LYS AB 200 30.14 126.99 15.79
C LYS AB 200 30.87 126.15 16.83
N LYS AB 201 30.15 125.20 17.43
CA LYS AB 201 30.76 124.28 18.40
C LYS AB 201 31.85 123.45 17.76
N ASN AB 202 31.71 123.15 16.48
CA ASN AB 202 32.65 122.28 15.81
C ASN AB 202 33.97 122.99 15.55
N LYS AB 203 33.92 124.30 15.25
CA LYS AB 203 35.15 125.07 15.16
C LYS AB 203 35.75 125.35 16.54
N GLU AB 204 34.93 125.36 17.59
CA GLU AB 204 35.46 125.65 18.91
C GLU AB 204 36.12 124.43 19.56
N GLU AB 205 35.46 123.28 19.54
CA GLU AB 205 35.99 122.16 20.31
C GLU AB 205 37.10 121.42 19.60
N ALA AB 206 37.16 121.49 18.28
CA ALA AB 206 38.36 121.05 17.57
C ALA AB 206 39.57 121.88 17.98
N ALA AB 207 39.36 123.18 18.15
CA ALA AB 207 40.42 124.08 18.59
C ALA AB 207 40.85 123.78 20.01
N GLU AB 208 39.92 123.30 20.83
CA GLU AB 208 40.27 123.05 22.23
C GLU AB 208 41.06 121.76 22.38
N TYR AB 209 40.66 120.69 21.69
CA TYR AB 209 41.29 119.38 21.90
C TYR AB 209 42.71 119.33 21.35
N ALA AB 210 42.96 119.99 20.22
CA ALA AB 210 44.31 120.09 19.70
C ALA AB 210 45.20 120.87 20.65
N LYS AB 211 44.62 121.79 21.42
CA LYS AB 211 45.36 122.47 22.48
C LYS AB 211 45.51 121.56 23.70
N LEU AB 212 44.49 120.76 24.00
CA LEU AB 212 44.62 119.77 25.07
C LEU AB 212 45.60 118.66 24.68
N LEU AB 213 45.71 118.37 23.38
CA LEU AB 213 46.80 117.53 22.92
C LEU AB 213 48.11 118.29 22.90
N ALA AB 214 48.07 119.63 22.83
CA ALA AB 214 49.30 120.39 22.71
C ALA AB 214 50.06 120.43 24.02
N LYS AB 215 49.35 120.55 25.16
CA LYS AB 215 50.01 120.50 26.46
C LYS AB 215 50.61 119.13 26.68
N ARG AB 216 49.90 118.09 26.27
CA ARG AB 216 50.39 116.72 26.41
C ARG AB 216 51.60 116.48 25.53
N MET AB 217 51.62 117.04 24.32
CA MET AB 217 52.82 116.93 23.50
C MET AB 217 53.97 117.73 24.09
N LYS AB 218 53.70 118.94 24.59
CA LYS AB 218 54.77 119.76 25.15
C LYS AB 218 55.29 119.14 26.44
N GLU AB 219 54.43 118.41 27.16
CA GLU AB 219 54.91 117.51 28.20
C GLU AB 219 55.78 116.41 27.60
N ALA AB 220 55.25 115.70 26.59
CA ALA AB 220 55.98 114.60 25.98
C ALA AB 220 57.22 115.07 25.21
N LYS AB 221 57.16 116.25 24.59
CA LYS AB 221 58.36 116.81 23.95
C LYS AB 221 59.43 117.18 24.99
N GLU AB 222 59.03 117.49 26.22
CA GLU AB 222 60.02 117.64 27.29
C GLU AB 222 60.67 116.32 27.66
N LYS AB 223 59.91 115.22 27.62
CA LYS AB 223 60.49 113.91 27.87
C LYS AB 223 61.48 113.49 26.81
N ARG AB 224 61.41 114.07 25.61
CA ARG AB 224 62.45 113.84 24.60
C ARG AB 224 63.81 114.31 25.12
N GLN AB 225 63.96 115.63 25.37
CA GLN AB 225 65.27 116.17 25.76
C GLN AB 225 65.68 115.73 27.15
N GLU AB 226 64.70 115.47 28.03
CA GLU AB 226 65.02 114.89 29.33
C GLU AB 226 65.58 113.49 29.19
N GLN AB 227 65.18 112.77 28.14
CA GLN AB 227 65.91 111.55 27.81
C GLN AB 227 67.18 111.84 27.00
N ILE AB 228 67.22 112.97 26.29
CA ILE AB 228 68.44 113.32 25.53
C ILE AB 228 69.55 113.77 26.48
N ALA AB 229 69.21 114.50 27.56
CA ALA AB 229 70.21 114.79 28.59
C ALA AB 229 70.67 113.52 29.30
N LYS AB 230 69.81 112.51 29.38
CA LYS AB 230 70.18 111.22 29.92
C LYS AB 230 70.81 110.29 28.90
N ARG AB 231 70.97 110.75 27.64
CA ARG AB 231 71.88 110.08 26.71
C ARG AB 231 73.33 110.35 27.08
N ARG AB 232 73.59 111.45 27.77
CA ARG AB 232 74.94 111.79 28.23
C ARG AB 232 75.06 111.74 29.75
N ASN BB 1 87.84 77.17 43.55
CA ASN BB 1 89.17 77.58 43.09
C ASN BB 1 89.57 78.94 43.66
N GLY BB 2 88.63 79.63 44.30
CA GLY BB 2 88.86 80.92 44.93
C GLY BB 2 89.31 80.81 46.36
N GLU BB 3 90.17 79.82 46.64
CA GLU BB 3 90.55 79.47 48.00
C GLU BB 3 91.87 80.12 48.41
N LYS BB 4 91.93 80.50 49.69
CA LYS BB 4 93.21 80.58 50.39
C LYS BB 4 93.13 79.73 51.66
N PRO BB 5 93.92 78.65 51.76
CA PRO BB 5 93.74 77.69 52.85
C PRO BB 5 94.32 78.19 54.17
N ASP BB 6 93.58 77.96 55.24
CA ASP BB 6 93.83 78.60 56.51
C ASP BB 6 94.84 77.81 57.33
N GLU BB 7 95.01 78.20 58.60
CA GLU BB 7 96.22 77.91 59.35
C GLU BB 7 96.35 76.43 59.70
N PHE BB 8 95.29 75.85 60.27
CA PHE BB 8 95.34 74.45 60.64
C PHE BB 8 95.41 73.55 59.41
N GLU BB 9 94.76 73.96 58.32
CA GLU BB 9 94.97 73.25 57.07
C GLU BB 9 96.37 73.51 56.50
N SER BB 10 96.94 74.69 56.77
CA SER BB 10 98.30 74.94 56.33
C SER BB 10 99.29 74.12 57.14
N GLY BB 11 98.99 73.87 58.41
CA GLY BB 11 99.72 72.86 59.15
C GLY BB 11 99.48 71.47 58.61
N ILE BB 12 98.28 71.22 58.06
CA ILE BB 12 98.00 69.97 57.40
C ILE BB 12 98.67 69.90 56.03
N SER BB 13 98.51 70.95 55.22
CA SER BB 13 98.99 70.89 53.84
C SER BB 13 100.51 70.91 53.77
N GLN BB 14 101.19 71.46 54.79
CA GLN BB 14 102.63 71.31 54.80
C GLN BB 14 103.03 69.90 55.24
N ALA BB 15 102.17 69.19 55.97
CA ALA BB 15 102.57 67.90 56.53
C ALA BB 15 102.61 66.84 55.44
N LEU BB 16 101.73 66.94 54.46
CA LEU BB 16 101.78 66.03 53.31
C LEU BB 16 103.02 66.29 52.46
N LEU BB 17 103.35 67.58 52.24
CA LEU BB 17 104.57 67.93 51.53
C LEU BB 17 105.80 67.49 52.30
N GLU BB 18 105.73 67.56 53.64
CA GLU BB 18 106.76 66.97 54.48
C GLU BB 18 106.76 65.45 54.45
N LEU BB 19 105.70 64.82 53.94
CA LEU BB 19 105.71 63.36 53.84
C LEU BB 19 106.19 62.84 52.51
N GLU BB 20 106.16 63.63 51.45
CA GLU BB 20 106.78 63.15 50.23
C GLU BB 20 108.27 63.43 50.16
N MET BB 21 108.84 64.01 51.22
CA MET BB 21 110.28 64.28 51.31
C MET BB 21 111.00 63.00 51.75
N ASN BB 22 111.51 62.25 50.76
CA ASN BB 22 112.38 61.06 50.91
C ASN BB 22 111.89 60.09 51.98
N SER BB 23 110.61 59.75 51.89
CA SER BB 23 109.97 58.79 52.77
C SER BB 23 109.23 57.82 51.87
N ASP BB 24 108.29 57.04 52.40
CA ASP BB 24 107.60 56.09 51.53
C ASP BB 24 106.44 56.70 50.77
N LEU BB 25 106.36 58.02 50.62
CA LEU BB 25 105.20 58.66 50.03
C LEU BB 25 105.62 59.67 48.96
N LYS BB 26 106.82 59.52 48.40
CA LYS BB 26 107.36 60.56 47.54
C LYS BB 26 106.67 60.64 46.18
N ALA BB 27 106.80 59.60 45.36
CA ALA BB 27 106.05 59.57 44.11
C ALA BB 27 104.58 59.34 44.35
N GLN BB 28 104.22 58.85 45.54
CA GLN BB 28 102.81 58.71 45.91
C GLN BB 28 102.14 60.09 46.03
N LEU BB 29 102.56 60.88 47.03
CA LEU BB 29 101.94 62.19 47.26
C LEU BB 29 102.31 63.21 46.20
N ARG BB 30 103.29 62.92 45.33
CA ARG BB 30 103.44 63.72 44.13
C ARG BB 30 102.24 63.55 43.20
N GLU BB 31 101.56 62.41 43.27
CA GLU BB 31 100.30 62.20 42.58
C GLU BB 31 99.08 62.16 43.52
N LEU BB 32 99.17 62.74 44.71
CA LEU BB 32 98.01 62.86 45.59
C LEU BB 32 97.84 64.30 46.06
N ASN BB 33 96.58 64.77 46.08
CA ASN BB 33 96.24 66.17 46.16
C ASN BB 33 95.27 66.45 47.33
N ILE BB 34 94.81 67.71 47.40
CA ILE BB 34 94.23 68.32 48.61
C ILE BB 34 92.84 68.83 48.28
N THR BB 35 91.90 68.73 49.24
CA THR BB 35 90.67 69.52 49.15
C THR BB 35 90.48 70.47 50.32
N ALA BB 36 90.38 69.96 51.55
CA ALA BB 36 89.89 70.73 52.69
C ALA BB 36 90.10 69.89 53.94
N ALA BB 37 89.76 70.47 55.10
CA ALA BB 37 89.83 69.80 56.39
C ALA BB 37 89.06 70.63 57.42
N LYS BB 38 88.93 70.06 58.63
CA LYS BB 38 88.25 70.70 59.75
C LYS BB 38 88.89 70.24 61.04
N GLU BB 39 88.49 70.87 62.14
CA GLU BB 39 89.14 70.69 63.44
C GLU BB 39 88.02 70.67 64.48
N ILE BB 40 87.66 69.46 64.95
CA ILE BB 40 86.36 69.22 65.59
C ILE BB 40 86.57 68.56 66.94
N GLU BB 41 86.01 69.15 68.00
CA GLU BB 41 86.07 68.54 69.32
C GLU BB 41 85.03 67.43 69.45
N VAL BB 42 85.44 66.30 70.04
CA VAL BB 42 84.55 65.21 70.43
C VAL BB 42 84.94 64.77 71.83
N GLY BB 43 84.03 64.94 72.79
CA GLY BB 43 84.26 64.48 74.14
C GLY BB 43 84.72 65.56 75.09
N GLY BB 44 85.06 66.74 74.59
CA GLY BB 44 85.43 67.86 75.45
C GLY BB 44 86.93 67.99 75.58
N GLY BB 45 87.52 68.95 74.88
CA GLY BB 45 88.94 69.21 74.93
C GLY BB 45 89.79 68.31 74.08
N ARG BB 46 89.36 67.08 73.82
CA ARG BB 46 90.01 66.18 72.89
C ARG BB 46 89.37 66.41 71.54
N LYS BB 47 90.13 66.95 70.60
CA LYS BB 47 89.57 67.31 69.33
C LYS BB 47 90.04 66.35 68.26
N ALA BB 48 89.08 65.86 67.49
CA ALA BB 48 89.35 64.97 66.38
C ALA BB 48 89.52 65.77 65.10
N ILE BB 49 90.60 65.53 64.41
CA ILE BB 49 90.84 66.19 63.15
C ILE BB 49 90.23 65.27 62.09
N ILE BB 50 89.65 65.87 61.06
CA ILE BB 50 89.24 65.14 59.87
C ILE BB 50 89.73 65.93 58.68
N ILE BB 51 89.91 65.25 57.56
CA ILE BB 51 90.22 65.95 56.33
C ILE BB 51 89.18 65.56 55.28
N PHE BB 52 89.21 66.25 54.15
CA PHE BB 52 88.32 65.98 53.04
C PHE BB 52 89.13 65.60 51.80
N VAL BB 53 88.50 64.83 50.92
CA VAL BB 53 89.18 64.07 49.87
C VAL BB 53 88.49 64.29 48.52
N PRO BB 54 89.22 64.54 47.43
CA PRO BB 54 88.61 64.50 46.10
C PRO BB 54 88.17 63.08 45.76
N VAL BB 55 86.95 62.93 45.26
CA VAL BB 55 86.29 61.62 45.21
C VAL BB 55 86.90 60.65 44.20
N PRO BB 56 87.31 61.02 42.97
CA PRO BB 56 88.09 60.06 42.18
C PRO BB 56 89.44 59.73 42.80
N GLN BB 57 90.00 60.63 43.61
CA GLN BB 57 91.24 60.41 44.31
C GLN BB 57 91.05 59.74 45.67
N LEU BB 58 89.90 59.11 45.92
CA LEU BB 58 89.71 58.48 47.23
C LEU BB 58 90.53 57.21 47.36
N LYS BB 59 90.70 56.47 46.25
CA LYS BB 59 91.40 55.19 46.31
C LYS BB 59 92.88 55.37 46.64
N SER BB 60 93.42 56.55 46.36
CA SER BB 60 94.75 56.85 46.85
C SER BB 60 94.78 57.10 48.36
N PHE BB 61 93.70 57.66 48.92
CA PHE BB 61 93.55 57.70 50.37
C PHE BB 61 93.02 56.42 50.95
N GLN BB 62 92.57 55.48 50.12
CA GLN BB 62 91.94 54.26 50.59
C GLN BB 62 92.93 53.11 50.66
N LYS BB 63 93.61 52.82 49.54
CA LYS BB 63 94.58 51.74 49.52
C LYS BB 63 95.80 52.06 50.36
N ILE BB 64 96.14 53.34 50.48
CA ILE BB 64 97.26 53.77 51.28
C ILE BB 64 96.68 54.72 52.32
N GLN BB 65 96.35 54.20 53.50
CA GLN BB 65 96.12 55.09 54.63
C GLN BB 65 96.67 54.57 55.95
N VAL BB 66 97.03 53.29 56.07
CA VAL BB 66 97.33 52.71 57.38
C VAL BB 66 98.69 53.19 57.90
N ARG BB 67 99.71 53.14 57.05
CA ARG BB 67 100.95 53.86 57.37
C ARG BB 67 100.70 55.36 57.38
N LEU BB 68 99.80 55.83 56.52
CA LEU BB 68 99.61 57.27 56.34
C LEU BB 68 98.87 57.88 57.53
N VAL BB 69 98.00 57.10 58.19
CA VAL BB 69 97.38 57.61 59.40
C VAL BB 69 98.38 57.59 60.55
N ARG BB 70 99.40 56.72 60.50
CA ARG BB 70 100.47 56.76 61.49
C ARG BB 70 101.32 58.01 61.33
N GLU BB 71 101.66 58.34 60.07
CA GLU BB 71 102.58 59.44 59.77
C GLU BB 71 101.99 60.78 60.17
N LEU BB 72 100.76 61.07 59.74
CA LEU BB 72 100.15 62.36 60.03
C LEU BB 72 99.79 62.52 61.50
N GLU BB 73 99.61 61.42 62.23
CA GLU BB 73 99.50 61.52 63.68
C GLU BB 73 100.82 61.88 64.33
N LYS BB 74 101.95 61.46 63.75
CA LYS BB 74 103.25 61.84 64.28
C LYS BB 74 103.45 63.34 64.19
N LYS BB 75 103.00 63.93 63.09
CA LYS BB 75 103.10 65.37 62.88
C LYS BB 75 101.98 66.14 63.54
N PHE BB 76 100.87 65.49 63.87
CA PHE BB 76 99.74 66.17 64.48
C PHE BB 76 99.26 65.37 65.69
N SER BB 77 99.92 65.61 66.83
CA SER BB 77 99.34 65.48 68.16
C SER BB 77 99.06 64.06 68.64
N GLY BB 78 99.17 63.07 67.77
CA GLY BB 78 98.67 61.73 68.06
C GLY BB 78 97.19 61.67 68.39
N LYS BB 79 96.39 62.54 67.76
CA LYS BB 79 94.94 62.59 67.95
C LYS BB 79 94.27 61.91 66.76
N HIS BB 80 92.94 61.87 66.77
CA HIS BB 80 92.22 61.03 65.82
C HIS BB 80 92.15 61.70 64.45
N VAL BB 81 92.58 60.96 63.42
CA VAL BB 81 92.60 61.43 62.03
C VAL BB 81 91.72 60.49 61.21
N VAL BB 82 90.55 60.96 60.79
CA VAL BB 82 89.62 60.13 60.03
C VAL BB 82 89.39 60.79 58.66
N PHE BB 83 89.13 59.96 57.65
CA PHE BB 83 89.12 60.35 56.24
C PHE BB 83 87.72 60.19 55.62
N ILE BB 84 87.17 61.28 55.06
CA ILE BB 84 85.95 61.24 54.24
C ILE BB 84 86.17 62.10 53.00
N ALA BB 85 85.18 62.12 52.09
CA ALA BB 85 85.33 62.76 50.79
C ALA BB 85 84.37 63.93 50.58
N GLN BB 86 84.47 64.52 49.40
CA GLN BB 86 83.78 65.76 49.01
C GLN BB 86 82.48 65.42 48.28
N ARG BB 87 81.37 65.44 49.00
CA ARG BB 87 80.10 64.97 48.45
C ARG BB 87 79.19 66.17 48.15
N ARG BB 88 78.85 66.35 46.88
CA ARG BB 88 77.93 67.41 46.46
C ARG BB 88 76.50 66.94 46.71
N ILE BB 89 75.84 67.49 47.73
CA ILE BB 89 74.51 67.03 48.12
C ILE BB 89 73.49 67.81 47.30
N LEU BB 90 72.99 67.21 46.27
CA LEU BB 90 72.08 67.95 45.41
C LEU BB 90 70.64 67.72 45.85
N PRO BB 91 69.85 68.77 45.97
CA PRO BB 91 68.44 68.59 46.35
C PRO BB 91 67.63 68.05 45.19
N LYS BB 92 66.46 67.50 45.53
CA LYS BB 92 65.51 67.07 44.52
C LYS BB 92 64.92 68.29 43.82
N PRO BB 93 64.49 68.15 42.59
CA PRO BB 93 63.77 69.26 41.97
C PRO BB 93 62.36 69.36 42.54
N THR BB 94 62.14 70.34 43.41
CA THR BB 94 60.79 70.66 43.81
C THR BB 94 60.11 71.43 42.69
N ARG BB 95 58.77 71.47 42.72
CA ARG BB 95 58.04 72.02 41.59
C ARG BB 95 58.22 73.52 41.46
N LYS BB 96 58.61 74.19 42.54
CA LYS BB 96 58.78 75.64 42.53
C LYS BB 96 60.21 76.06 42.74
N SER BB 97 61.17 75.14 42.57
CA SER BB 97 62.57 75.58 42.57
C SER BB 97 62.87 76.28 41.24
N ARG BB 98 62.75 75.52 40.14
CA ARG BB 98 62.48 75.86 38.74
C ARG BB 98 62.64 74.52 38.02
N THR BB 99 62.30 74.50 36.73
CA THR BB 99 62.94 73.57 35.80
C THR BB 99 64.13 74.31 35.17
N LYS BB 100 65.28 74.28 35.86
CA LYS BB 100 66.42 75.16 35.61
C LYS BB 100 67.24 74.81 34.36
N ASN BB 101 66.68 74.04 33.43
CA ASN BB 101 67.41 73.39 32.34
C ASN BB 101 68.59 72.60 32.89
N LYS BB 102 68.32 71.83 33.94
CA LYS BB 102 69.34 70.97 34.51
C LYS BB 102 69.13 69.54 34.09
N GLN BB 103 70.06 68.70 34.52
CA GLN BB 103 70.07 67.28 34.18
C GLN BB 103 69.15 66.54 35.13
N LYS BB 104 69.27 65.21 35.18
CA LYS BB 104 68.34 64.40 35.95
C LYS BB 104 68.46 64.66 37.45
N ARG BB 105 69.43 64.02 38.05
CA ARG BB 105 70.25 64.19 39.23
C ARG BB 105 70.89 62.81 39.25
N PRO BB 106 72.12 62.64 39.68
CA PRO BB 106 72.61 61.28 39.88
C PRO BB 106 72.25 60.81 41.28
N ARG BB 107 72.45 59.52 41.53
CA ARG BB 107 72.31 58.98 42.88
C ARG BB 107 73.67 58.64 43.46
N SER BB 108 74.66 59.44 43.13
CA SER BB 108 75.85 59.58 43.94
C SER BB 108 75.98 60.99 44.48
N ARG BB 109 75.02 61.86 44.16
CA ARG BB 109 75.00 63.25 44.59
C ARG BB 109 73.75 63.57 45.40
N THR BB 110 72.94 62.57 45.71
CA THR BB 110 71.70 62.80 46.42
C THR BB 110 71.84 62.40 47.88
N LEU BB 111 70.91 62.91 48.71
CA LEU BB 111 71.09 62.95 50.16
C LEU BB 111 71.17 61.57 50.77
N THR BB 112 70.21 60.70 50.46
CA THR BB 112 70.18 59.34 50.99
C THR BB 112 71.43 58.57 50.58
N ALA BB 113 71.90 58.79 49.35
CA ALA BB 113 73.13 58.15 48.89
C ALA BB 113 74.38 58.85 49.41
N VAL BB 114 74.30 60.14 49.75
CA VAL BB 114 75.48 60.81 50.28
C VAL BB 114 75.80 60.34 51.69
N HIS BB 115 74.89 60.57 52.64
CA HIS BB 115 75.34 60.47 54.01
C HIS BB 115 75.36 59.04 54.52
N ASP BB 116 74.82 58.08 53.77
CA ASP BB 116 75.12 56.69 54.09
C ASP BB 116 76.50 56.28 53.60
N ALA BB 117 77.07 57.01 52.65
CA ALA BB 117 78.40 56.67 52.18
C ALA BB 117 79.50 57.30 53.02
N ILE BB 118 79.17 58.15 53.98
CA ILE BB 118 80.18 58.69 54.89
C ILE BB 118 80.37 57.75 56.09
N LEU BB 119 79.31 57.01 56.47
CA LEU BB 119 79.48 55.91 57.40
C LEU BB 119 80.42 54.84 56.83
N GLU BB 120 80.40 54.67 55.52
CA GLU BB 120 81.45 53.92 54.84
C GLU BB 120 82.81 54.55 55.06
N ASP BB 121 82.90 55.89 54.91
CA ASP BB 121 84.19 56.55 54.88
C ASP BB 121 84.86 56.59 56.26
N LEU BB 122 84.06 56.80 57.31
CA LEU BB 122 84.63 56.94 58.66
C LEU BB 122 85.28 55.65 59.13
N VAL BB 123 84.52 54.56 59.07
CA VAL BB 123 85.04 53.26 59.46
C VAL BB 123 85.67 52.67 58.20
N PHE BB 124 86.89 53.12 57.90
CA PHE BB 124 87.56 52.46 56.79
C PHE BB 124 88.13 51.08 57.12
N PRO BB 125 88.95 50.87 58.18
CA PRO BB 125 89.66 49.58 58.27
C PRO BB 125 88.78 48.40 58.61
N SER BB 126 87.49 48.63 58.82
CA SER BB 126 86.50 47.63 59.17
C SER BB 126 85.30 47.83 58.26
N GLU BB 127 84.84 46.76 57.62
CA GLU BB 127 83.64 46.84 56.82
C GLU BB 127 82.42 46.84 57.73
N ILE BB 128 81.48 47.73 57.46
CA ILE BB 128 80.22 47.71 58.20
C ILE BB 128 79.43 46.48 57.77
N VAL BB 129 78.64 45.95 58.70
CA VAL BB 129 77.90 44.72 58.49
C VAL BB 129 76.40 44.96 58.48
N GLY BB 130 75.89 45.75 59.41
CA GLY BB 130 74.45 45.95 59.42
C GLY BB 130 73.96 47.05 60.31
N LYS BB 131 73.17 47.94 59.73
CA LYS BB 131 72.60 49.07 60.43
C LYS BB 131 71.23 48.65 60.96
N ARG BB 132 70.81 49.26 62.06
CA ARG BB 132 69.47 49.00 62.59
C ARG BB 132 68.89 50.32 63.04
N ILE BB 133 67.86 50.78 62.35
CA ILE BB 133 67.27 52.07 62.69
C ILE BB 133 66.31 51.82 63.84
N ARG BB 134 66.81 51.76 65.07
CA ARG BB 134 65.96 51.46 66.22
C ARG BB 134 65.14 52.71 66.53
N VAL BB 135 63.82 52.58 66.48
CA VAL BB 135 62.95 53.75 66.50
C VAL BB 135 62.50 53.94 67.94
N LYS BB 136 63.24 54.80 68.63
CA LYS BB 136 62.97 55.27 69.97
C LYS BB 136 61.60 55.93 70.04
N LEU BB 137 61.00 55.94 71.23
CA LEU BB 137 59.56 56.23 71.36
C LEU BB 137 59.21 57.70 71.24
N ASP BB 138 59.68 58.33 70.17
CA ASP BB 138 59.58 59.76 69.93
C ASP BB 138 59.93 60.02 68.47
N GLY BB 139 60.25 61.27 68.13
CA GLY BB 139 60.75 61.56 66.81
C GLY BB 139 62.27 61.48 66.71
N SER BB 140 62.88 60.47 67.33
CA SER BB 140 64.31 60.28 67.30
C SER BB 140 64.66 58.91 66.73
N ARG BB 141 65.84 58.83 66.14
CA ARG BB 141 66.30 57.68 65.36
C ARG BB 141 67.73 57.33 65.81
N LEU BB 142 67.91 56.15 66.40
CA LEU BB 142 69.25 55.65 66.66
C LEU BB 142 69.79 54.93 65.43
N ILE BB 143 71.09 55.04 65.19
CA ILE BB 143 71.73 54.18 64.20
C ILE BB 143 72.64 53.19 64.93
N LYS BB 144 72.09 52.02 65.22
CA LYS BB 144 72.86 50.92 65.75
C LYS BB 144 73.40 50.14 64.56
N VAL BB 145 74.71 50.14 64.40
CA VAL BB 145 75.35 49.68 63.17
C VAL BB 145 76.38 48.62 63.53
N HIS BB 146 76.29 47.47 62.87
CA HIS BB 146 77.22 46.38 63.14
C HIS BB 146 78.57 46.66 62.50
N LEU BB 147 79.61 46.05 63.08
CA LEU BB 147 80.96 46.16 62.55
C LEU BB 147 81.66 44.82 62.55
N ASP BB 148 82.72 44.75 61.74
CA ASP BB 148 83.51 43.55 61.53
C ASP BB 148 84.21 43.15 62.83
N LYS BB 149 84.58 41.87 62.92
CA LYS BB 149 85.30 41.35 64.06
C LYS BB 149 86.79 41.15 63.77
N ALA BB 150 87.19 41.19 62.50
CA ALA BB 150 88.59 40.96 62.13
C ALA BB 150 89.48 42.09 62.62
N GLN BB 151 89.34 43.28 62.03
CA GLN BB 151 89.94 44.47 62.64
C GLN BB 151 88.87 45.10 63.50
N GLN BB 152 88.81 44.62 64.74
CA GLN BB 152 87.92 45.10 65.78
C GLN BB 152 88.64 46.03 66.75
N ASN BB 153 89.78 45.58 67.30
CA ASN BB 153 90.58 46.39 68.21
C ASN BB 153 91.24 47.57 67.49
N ASN BB 154 91.39 47.48 66.17
CA ASN BB 154 91.85 48.62 65.38
C ASN BB 154 90.82 49.74 65.39
N VAL BB 155 89.53 49.40 65.41
CA VAL BB 155 88.48 50.40 65.40
C VAL BB 155 87.76 50.27 66.75
N GLU BB 156 88.52 49.98 67.82
CA GLU BB 156 87.95 49.97 69.16
C GLU BB 156 87.82 51.38 69.71
N HIS BB 157 88.93 52.13 69.75
CA HIS BB 157 88.90 53.48 70.31
C HIS BB 157 88.26 54.48 69.37
N LYS BB 158 88.15 54.16 68.09
CA LYS BB 158 87.64 55.10 67.12
C LYS BB 158 86.15 55.37 67.31
N VAL BB 159 85.44 54.48 68.00
CA VAL BB 159 83.99 54.61 68.17
C VAL BB 159 83.67 55.72 69.16
N GLU BB 160 84.57 55.98 70.10
CA GLU BB 160 84.46 57.17 70.94
C GLU BB 160 84.54 58.44 70.09
N THR BB 161 85.34 58.40 69.03
CA THR BB 161 85.47 59.54 68.14
C THR BB 161 84.29 59.66 67.18
N PHE BB 162 83.76 58.52 66.71
CA PHE BB 162 82.91 58.49 65.51
C PHE BB 162 81.56 59.14 65.71
N SER BB 163 80.92 58.92 66.87
CA SER BB 163 79.56 59.41 67.07
C SER BB 163 79.53 60.93 67.16
N GLY BB 164 80.60 61.54 67.64
CA GLY BB 164 80.67 62.98 67.69
C GLY BB 164 80.93 63.57 66.31
N VAL BB 165 81.71 62.86 65.49
CA VAL BB 165 82.03 63.38 64.18
C VAL BB 165 80.83 63.30 63.25
N TYR BB 166 80.09 62.20 63.34
CA TYR BB 166 79.01 61.99 62.39
C TYR BB 166 77.76 62.80 62.73
N LYS BB 167 77.68 63.40 63.93
CA LYS BB 167 76.58 64.31 64.21
C LYS BB 167 76.85 65.70 63.64
N LYS BB 168 78.11 66.12 63.59
CA LYS BB 168 78.39 67.44 63.04
C LYS BB 168 78.31 67.42 61.52
N LEU BB 169 78.73 66.33 60.88
CA LEU BB 169 78.56 66.20 59.44
C LEU BB 169 77.10 66.09 59.06
N THR BB 170 76.40 65.14 59.67
CA THR BB 170 75.10 64.70 59.17
C THR BB 170 73.96 65.17 60.06
N GLY BB 171 74.04 64.90 61.37
CA GLY BB 171 73.02 65.30 62.31
C GLY BB 171 72.28 64.10 62.88
N LYS BB 172 72.90 62.93 62.79
CA LYS BB 172 72.23 61.68 63.13
C LYS BB 172 72.91 61.02 64.33
N ASP BB 173 72.10 60.34 65.12
CA ASP BB 173 72.54 59.83 66.42
C ASP BB 173 72.90 58.36 66.25
N VAL BB 174 74.18 58.05 66.18
CA VAL BB 174 74.64 56.72 65.83
C VAL BB 174 75.10 55.98 67.07
N ASN BB 175 75.34 54.68 66.91
CA ASN BB 175 75.96 53.87 67.96
C ASN BB 175 76.61 52.69 67.26
N PHE BB 176 77.92 52.76 67.04
CA PHE BB 176 78.62 51.64 66.44
C PHE BB 176 78.71 50.50 67.44
N GLU BB 177 78.59 49.28 66.94
CA GLU BB 177 78.42 48.11 67.79
C GLU BB 177 79.42 47.05 67.38
N PHE BB 178 79.95 46.32 68.36
CA PHE BB 178 80.80 45.17 68.07
C PHE BB 178 80.16 43.84 68.39
N PRO BB 179 79.32 43.29 67.54
CA PRO BB 179 79.10 41.84 67.59
C PRO BB 179 80.05 41.12 66.67
N GLU BB 180 79.87 39.82 66.63
CA GLU BB 180 80.54 38.96 65.67
C GLU BB 180 80.08 39.24 64.24
N PHE BB 181 80.97 38.92 63.30
CA PHE BB 181 80.59 38.78 61.90
C PHE BB 181 80.14 37.35 61.64
N GLN BB 182 79.04 37.22 60.92
CA GLN BB 182 78.31 35.95 60.87
C GLN BB 182 78.22 35.54 59.40
N LEU BB 183 78.95 34.48 59.03
CA LEU BB 183 79.11 34.13 57.62
C LEU BB 183 77.79 33.58 57.06
N GLY CB 1 13.94 76.83 -1.90
CA GLY CB 1 13.65 76.52 -0.51
C GLY CB 1 14.83 75.83 0.14
N ILE CB 2 15.97 75.98 -0.53
CA ILE CB 2 17.22 75.38 -0.09
C ILE CB 2 17.62 75.96 1.24
N SER CB 3 18.01 75.10 2.17
CA SER CB 3 18.46 75.50 3.48
C SER CB 3 19.91 75.08 3.65
N ARG CB 4 20.77 76.04 3.98
CA ARG CB 4 22.18 75.77 4.21
C ARG CB 4 22.46 75.38 5.66
N ASP CB 5 21.52 74.69 6.29
CA ASP CB 5 21.58 74.34 7.71
C ASP CB 5 22.32 73.02 7.91
N ASN CB 6 22.67 72.75 9.15
CA ASN CB 6 23.41 71.55 9.49
C ASN CB 6 22.67 70.68 10.50
N TRP CB 7 21.36 70.51 10.30
CA TRP CB 7 20.60 69.52 11.05
C TRP CB 7 20.00 68.44 10.17
N HIS CB 8 20.19 68.51 8.86
CA HIS CB 8 19.86 67.40 7.98
C HIS CB 8 21.10 66.69 7.48
N LYS CB 9 22.23 66.95 8.12
CA LYS CB 9 23.46 66.21 7.88
C LYS CB 9 23.45 64.91 8.67
N ARG CB 10 24.60 64.27 8.77
CA ARG CB 10 24.83 63.17 9.68
C ARG CB 10 25.78 63.63 10.78
N ARG CB 11 26.00 62.77 11.76
CA ARG CB 11 26.85 63.11 12.90
C ARG CB 11 28.31 62.85 12.53
N LYS CB 12 29.19 62.79 13.54
CA LYS CB 12 30.53 62.25 13.33
C LYS CB 12 30.47 60.77 12.99
N THR CB 13 29.41 60.10 13.41
CA THR CB 13 29.23 58.67 13.19
C THR CB 13 28.62 58.38 11.83
N GLY CB 14 27.43 58.90 11.57
CA GLY CB 14 26.66 58.55 10.40
C GLY CB 14 25.23 58.20 10.78
N GLY CB 15 24.90 58.32 12.06
CA GLY CB 15 23.55 58.11 12.47
C GLY CB 15 22.66 59.25 12.03
N LYS CB 16 21.42 58.93 11.70
CA LYS CB 16 20.54 59.90 11.06
C LYS CB 16 20.09 60.95 12.05
N ARG CB 17 20.44 62.19 11.78
CA ARG CB 17 20.11 63.34 12.61
C ARG CB 17 18.62 63.57 12.51
N LYS CB 18 17.87 63.15 13.52
CA LYS CB 18 16.42 63.23 13.44
C LYS CB 18 15.96 64.68 13.54
N PRO CB 19 14.96 65.07 12.76
CA PRO CB 19 14.59 66.49 12.70
C PRO CB 19 13.73 66.94 13.86
N TYR CB 20 13.96 68.20 14.27
CA TYR CB 20 13.09 68.87 15.24
C TYR CB 20 12.86 70.33 14.88
N HIS CB 21 13.29 70.77 13.71
CA HIS CB 21 12.90 72.03 13.08
C HIS CB 21 11.85 71.74 12.01
N LYS CB 22 11.47 72.77 11.26
CA LYS CB 22 10.74 72.61 10.01
C LYS CB 22 11.28 73.58 8.97
N LYS CB 23 12.61 73.68 8.86
CA LYS CB 23 13.33 74.52 7.89
C LYS CB 23 12.97 76.00 8.04
N ARG CB 24 13.47 76.58 9.13
CA ARG CB 24 12.97 77.88 9.59
C ARG CB 24 13.40 79.03 8.67
N LYS CB 25 13.03 80.24 9.09
CA LYS CB 25 13.21 81.44 8.28
C LYS CB 25 14.68 81.78 8.10
N TYR CB 26 15.43 81.86 9.19
CA TYR CB 26 16.78 82.44 9.16
C TYR CB 26 17.83 81.51 8.59
N GLU CB 27 17.43 80.44 7.95
CA GLU CB 27 18.32 79.47 7.35
C GLU CB 27 17.88 79.21 5.92
N LEU CB 28 17.59 80.27 5.19
CA LEU CB 28 17.31 80.13 3.78
C LEU CB 28 18.59 79.98 2.98
N GLY CB 29 18.40 79.58 1.73
CA GLY CB 29 19.39 79.71 0.70
C GLY CB 29 18.70 80.05 -0.60
N ARG CB 30 19.05 81.14 -1.19
CA ARG CB 30 18.34 81.59 -2.38
C ARG CB 30 18.98 81.00 -3.61
N PRO CB 31 18.25 80.95 -4.74
CA PRO CB 31 18.89 80.53 -5.98
C PRO CB 31 19.91 81.54 -6.47
N ALA CB 32 20.84 81.04 -7.26
CA ALA CB 32 22.12 81.68 -7.50
C ALA CB 32 22.02 82.84 -8.49
N ALA CB 33 23.12 83.59 -8.58
CA ALA CB 33 23.27 84.68 -9.52
C ALA CB 33 24.03 84.16 -10.74
N ASN CB 34 23.28 83.56 -11.66
CA ASN CB 34 23.86 83.03 -12.90
C ASN CB 34 24.21 84.21 -13.80
N THR CB 35 25.36 84.80 -13.52
CA THR CB 35 25.69 86.11 -14.03
C THR CB 35 26.11 86.03 -15.49
N LYS CB 36 25.61 86.96 -16.30
CA LYS CB 36 25.92 87.00 -17.72
C LYS CB 36 26.65 88.30 -18.07
N ILE CB 37 26.98 88.44 -19.35
CA ILE CB 37 27.76 89.57 -19.82
C ILE CB 37 26.93 90.49 -20.71
N GLY CB 38 25.62 90.57 -20.46
CA GLY CB 38 24.77 91.46 -21.20
C GLY CB 38 24.76 92.86 -20.63
N PRO CB 39 23.81 93.69 -21.05
CA PRO CB 39 23.70 95.04 -20.48
C PRO CB 39 23.23 95.00 -19.04
N ARG CB 40 23.38 96.14 -18.36
CA ARG CB 40 23.21 96.20 -16.91
C ARG CB 40 21.76 95.96 -16.51
N ARG CB 41 21.56 94.95 -15.68
CA ARG CB 41 20.22 94.53 -15.26
C ARG CB 41 20.40 93.87 -13.90
N ILE CB 42 20.22 94.65 -12.83
CA ILE CB 42 20.52 94.17 -11.48
C ILE CB 42 19.24 94.14 -10.67
N HIS CB 43 18.85 92.93 -10.23
CA HIS CB 43 17.76 92.75 -9.30
C HIS CB 43 18.25 93.04 -7.88
N THR CB 44 17.33 93.45 -7.02
CA THR CB 44 17.67 93.61 -5.63
C THR CB 44 16.83 92.67 -4.77
N VAL CB 45 17.40 92.29 -3.64
CA VAL CB 45 16.85 91.24 -2.80
C VAL CB 45 16.86 91.72 -1.35
N ARG CB 46 15.70 91.68 -0.71
CA ARG CB 46 15.57 92.03 0.69
C ARG CB 46 16.28 91.02 1.59
N VAL CB 47 16.98 91.54 2.61
CA VAL CB 47 17.75 90.74 3.55
C VAL CB 47 17.03 90.74 4.89
N ARG CB 48 17.32 89.73 5.71
CA ARG CB 48 17.07 89.82 7.16
C ARG CB 48 17.70 91.09 7.72
N GLY CB 49 16.93 91.81 8.53
CA GLY CB 49 17.39 93.09 9.03
C GLY CB 49 17.18 94.25 8.07
N GLY CB 50 16.54 94.02 6.94
CA GLY CB 50 16.15 95.09 6.06
C GLY CB 50 17.21 95.59 5.12
N ASN CB 51 18.41 95.01 5.14
CA ASN CB 51 19.48 95.49 4.28
C ASN CB 51 19.22 95.14 2.82
N LYS CB 52 20.11 95.60 1.95
CA LYS CB 52 19.90 95.53 0.52
C LYS CB 52 21.00 94.69 -0.12
N LYS CB 53 20.63 93.95 -1.14
CA LYS CB 53 21.55 92.99 -1.72
C LYS CB 53 21.34 93.00 -3.22
N TYR CB 54 22.43 93.01 -3.99
CA TYR CB 54 22.40 93.42 -5.40
C TYR CB 54 22.72 92.22 -6.30
N ARG CB 55 21.69 91.55 -6.79
CA ARG CB 55 21.89 90.43 -7.72
C ARG CB 55 22.48 90.90 -9.04
N ALA CB 56 23.68 90.45 -9.36
CA ALA CB 56 24.26 90.70 -10.67
C ALA CB 56 23.74 89.66 -11.66
N LEU CB 57 22.88 90.09 -12.57
CA LEU CB 57 22.41 89.17 -13.61
C LEU CB 57 23.17 89.34 -14.91
N ARG CB 58 23.19 90.54 -15.48
CA ARG CB 58 23.94 90.77 -16.70
C ARG CB 58 24.73 92.07 -16.56
N LEU CB 59 26.05 92.02 -16.78
CA LEU CB 59 26.92 93.19 -16.60
C LEU CB 59 27.98 93.26 -17.69
N ASP CB 60 28.30 94.50 -18.09
CA ASP CB 60 29.23 94.78 -19.18
C ASP CB 60 30.40 95.65 -18.76
N VAL CB 61 30.40 96.14 -17.52
CA VAL CB 61 31.45 97.03 -17.04
C VAL CB 61 32.16 96.37 -15.88
N GLY CB 62 33.09 97.09 -15.26
CA GLY CB 62 33.73 96.66 -14.03
C GLY CB 62 34.90 97.54 -13.67
N ASN CB 63 35.10 97.82 -12.38
CA ASN CB 63 36.17 98.72 -11.94
C ASN CB 63 37.33 97.87 -11.45
N PHE CB 64 38.45 97.92 -12.16
CA PHE CB 64 39.60 97.07 -11.91
C PHE CB 64 40.82 97.94 -11.63
N SER CB 65 41.81 97.33 -11.00
CA SER CB 65 42.98 98.06 -10.54
C SER CB 65 44.23 97.51 -11.20
N TRP CB 66 44.89 98.34 -11.97
CA TRP CB 66 46.22 98.06 -12.48
C TRP CB 66 47.17 98.21 -11.31
N GLY CB 67 47.65 97.08 -10.79
CA GLY CB 67 48.27 97.08 -9.48
C GLY CB 67 49.67 97.65 -9.46
N SER CB 68 50.42 97.46 -10.54
CA SER CB 68 51.82 97.83 -10.52
C SER CB 68 52.01 99.34 -10.59
N GLU CB 69 51.49 99.98 -11.63
CA GLU CB 69 51.61 101.42 -11.76
C GLU CB 69 50.60 102.18 -10.90
N CYS CB 70 49.83 101.46 -10.09
CA CYS CB 70 48.84 102.01 -9.16
C CYS CB 70 47.80 102.85 -9.90
N CYS CB 71 47.21 102.24 -10.92
CA CYS CB 71 46.09 102.81 -11.65
C CYS CB 71 44.84 101.97 -11.40
N THR CB 72 43.68 102.61 -11.55
CA THR CB 72 42.41 101.92 -11.34
C THR CB 72 41.37 102.57 -12.23
N ARG CB 73 40.71 101.77 -13.08
CA ARG CB 73 39.91 102.33 -14.16
C ARG CB 73 38.60 101.56 -14.39
N LYS CB 74 37.56 102.29 -14.81
CA LYS CB 74 36.32 101.74 -15.29
C LYS CB 74 36.56 101.07 -16.65
N THR CB 75 36.12 99.82 -16.82
CA THR CB 75 36.55 99.06 -18.00
C THR CB 75 35.46 98.12 -18.48
N ARG CB 76 35.52 97.79 -19.78
CA ARG CB 76 34.63 96.82 -20.43
C ARG CB 76 35.16 95.40 -20.26
N ILE CB 77 34.24 94.43 -20.13
CA ILE CB 77 34.56 93.02 -20.08
C ILE CB 77 34.33 92.39 -21.45
N ILE CB 78 35.35 91.74 -22.00
CA ILE CB 78 35.22 91.13 -23.32
C ILE CB 78 34.89 89.66 -23.20
N ASP CB 79 35.74 88.89 -22.51
CA ASP CB 79 35.74 87.44 -22.63
C ASP CB 79 36.12 86.81 -21.29
N VAL CB 80 35.58 85.60 -21.05
CA VAL CB 80 35.69 84.94 -19.76
C VAL CB 80 36.30 83.56 -19.94
N VAL CB 81 37.47 83.34 -19.34
CA VAL CB 81 38.25 82.12 -19.51
C VAL CB 81 38.71 81.66 -18.12
N TYR CB 82 38.67 80.34 -17.88
CA TYR CB 82 39.35 79.69 -16.75
C TYR CB 82 38.81 80.13 -15.40
N ASN CB 83 37.64 79.60 -15.03
CA ASN CB 83 37.01 79.90 -13.76
C ASN CB 83 37.73 79.27 -12.56
N ALA CB 84 38.46 78.19 -12.78
CA ALA CB 84 39.32 77.50 -11.82
C ALA CB 84 38.59 76.87 -10.65
N SER CB 85 37.26 76.79 -10.71
CA SER CB 85 36.53 76.02 -9.70
C SER CB 85 35.60 75.05 -10.42
N ASN CB 86 35.13 75.46 -11.58
CA ASN CB 86 34.42 74.59 -12.50
C ASN CB 86 34.99 74.82 -13.88
N ASN CB 87 35.10 73.76 -14.66
CA ASN CB 87 35.52 73.88 -16.04
C ASN CB 87 34.35 73.98 -16.98
N GLU CB 88 33.24 74.53 -16.51
CA GLU CB 88 31.99 74.52 -17.24
C GLU CB 88 31.37 75.91 -17.27
N LEU CB 89 31.67 76.72 -16.26
CA LEU CB 89 31.27 78.12 -16.30
C LEU CB 89 32.16 78.95 -17.21
N VAL CB 90 33.28 78.40 -17.66
CA VAL CB 90 34.07 79.03 -18.71
C VAL CB 90 33.26 79.10 -20.00
N ARG CB 91 32.47 78.05 -20.26
CA ARG CB 91 31.55 78.03 -21.39
C ARG CB 91 30.47 79.08 -21.22
N THR CB 92 29.88 79.16 -20.02
CA THR CB 92 28.67 79.93 -19.79
C THR CB 92 28.96 81.43 -19.69
N LYS CB 93 30.24 81.80 -19.58
CA LYS CB 93 30.71 83.19 -19.41
C LYS CB 93 30.06 83.81 -18.17
N THR CB 94 30.30 83.15 -17.05
CA THR CB 94 29.64 83.41 -15.78
C THR CB 94 30.67 83.91 -14.79
N LEU CB 95 30.35 85.01 -14.10
CA LEU CB 95 31.29 85.65 -13.21
C LEU CB 95 30.99 85.28 -11.76
N VAL CB 96 32.01 84.82 -11.07
CA VAL CB 96 31.98 84.59 -9.64
C VAL CB 96 33.22 85.28 -9.07
N LYS CB 97 33.53 85.02 -7.80
CA LYS CB 97 34.56 85.79 -7.09
C LYS CB 97 35.95 85.61 -7.71
N ASN CB 98 36.40 84.38 -7.89
CA ASN CB 98 37.69 84.15 -8.52
C ASN CB 98 37.47 83.59 -9.93
N CYS CB 99 37.22 84.50 -10.87
CA CYS CB 99 37.03 84.15 -12.26
C CYS CB 99 37.84 85.09 -13.13
N ILE CB 100 38.69 84.52 -13.99
CA ILE CB 100 39.70 85.28 -14.71
C ILE CB 100 39.07 85.82 -15.98
N VAL CB 101 39.28 87.10 -16.23
CA VAL CB 101 38.46 87.83 -17.19
C VAL CB 101 39.38 88.51 -18.20
N LEU CB 102 39.07 88.36 -19.48
CA LEU CB 102 39.71 89.20 -20.48
C LEU CB 102 39.05 90.56 -20.49
N ILE CB 103 39.87 91.60 -20.58
CA ILE CB 103 39.44 92.97 -20.41
C ILE CB 103 40.02 93.82 -21.54
N ASP CB 104 39.24 94.76 -22.05
CA ASP CB 104 39.72 95.63 -23.12
C ASP CB 104 40.70 96.65 -22.57
N SER CB 105 41.71 96.94 -23.37
CA SER CB 105 42.91 97.59 -22.92
C SER CB 105 42.89 99.09 -23.08
N THR CB 106 41.72 99.68 -23.35
CA THR CB 106 41.72 101.11 -23.64
C THR CB 106 42.03 101.96 -22.42
N PRO CB 107 41.34 101.87 -21.26
CA PRO CB 107 41.62 102.84 -20.20
C PRO CB 107 42.96 102.63 -19.47
N TYR CB 108 43.80 101.71 -19.92
CA TYR CB 108 45.13 101.55 -19.35
C TYR CB 108 46.24 101.91 -20.31
N ARG CB 109 45.99 101.91 -21.62
CA ARG CB 109 46.89 102.58 -22.54
C ARG CB 109 47.07 104.04 -22.14
N GLN CB 110 45.97 104.80 -22.08
CA GLN CB 110 46.08 106.25 -22.08
C GLN CB 110 46.56 106.78 -20.74
N TRP CB 111 46.44 106.00 -19.67
CA TRP CB 111 47.09 106.44 -18.45
C TRP CB 111 48.59 106.36 -18.60
N TYR CB 112 49.08 105.19 -18.97
CA TYR CB 112 50.51 104.94 -19.12
C TYR CB 112 51.11 105.73 -20.29
N GLU CB 113 50.31 106.02 -21.31
CA GLU CB 113 50.79 106.83 -22.42
C GLU CB 113 51.03 108.26 -21.98
N SER CB 114 50.06 108.86 -21.29
CA SER CB 114 50.21 110.24 -20.89
C SER CB 114 51.07 110.43 -19.64
N HIS CB 115 51.62 109.36 -19.06
CA HIS CB 115 52.52 109.49 -17.93
C HIS CB 115 53.94 109.01 -18.26
N TYR CB 116 54.06 107.88 -18.94
CA TYR CB 116 55.34 107.22 -19.24
C TYR CB 116 55.45 107.03 -20.75
N ALA CB 117 55.49 108.14 -21.48
CA ALA CB 117 55.24 108.25 -22.91
C ALA CB 117 56.23 107.49 -23.81
N LEU CB 118 56.12 107.74 -25.13
CA LEU CB 118 56.60 106.95 -26.26
C LEU CB 118 55.88 105.62 -26.16
N PRO CB 119 54.58 105.60 -26.45
CA PRO CB 119 53.70 104.55 -25.92
C PRO CB 119 53.76 103.23 -26.68
N LEU CB 120 52.84 102.34 -26.29
CA LEU CB 120 52.85 100.94 -26.64
C LEU CB 120 51.61 100.53 -27.44
N GLY CB 121 51.81 99.52 -28.29
CA GLY CB 121 50.74 98.95 -29.07
C GLY CB 121 50.59 99.44 -30.49
N ARG CB 122 51.67 99.80 -31.17
CA ARG CB 122 51.56 100.36 -32.52
C ARG CB 122 52.37 99.60 -33.55
N LYS CB 123 52.94 98.44 -33.17
CA LYS CB 123 53.60 97.44 -34.05
C LYS CB 123 54.67 98.01 -34.98
N LYS CB 124 55.20 99.19 -34.68
CA LYS CB 124 55.95 100.03 -35.62
C LYS CB 124 55.17 100.20 -36.92
N GLY CB 125 54.06 100.96 -36.82
CA GLY CB 125 53.22 101.19 -37.99
C GLY CB 125 53.92 101.99 -39.07
N ALA CB 126 54.77 102.94 -38.67
CA ALA CB 126 55.69 103.77 -39.46
C ALA CB 126 55.02 104.84 -40.32
N LYS CB 127 53.68 104.81 -40.40
CA LYS CB 127 52.86 105.88 -40.96
C LYS CB 127 51.58 106.04 -40.17
N LEU CB 128 51.54 105.58 -38.91
CA LEU CB 128 50.32 105.31 -38.18
C LEU CB 128 50.14 106.29 -37.02
N THR CB 129 49.05 107.08 -37.09
CA THR CB 129 48.42 107.95 -36.08
C THR CB 129 49.37 108.80 -35.24
N PRO CB 130 49.93 109.88 -35.79
CA PRO CB 130 50.81 110.76 -35.00
C PRO CB 130 50.09 111.67 -34.01
N GLU CB 131 49.75 111.19 -32.82
CA GLU CB 131 48.76 111.84 -31.97
C GLU CB 131 49.41 112.57 -30.79
N GLU CB 132 49.74 113.84 -31.03
CA GLU CB 132 50.08 114.92 -30.05
C GLU CB 132 51.20 114.56 -29.07
N GLU CB 133 51.98 113.52 -29.34
CA GLU CB 133 53.20 113.35 -28.58
C GLU CB 133 54.39 113.96 -29.30
N GLU CB 134 54.27 114.13 -30.61
CA GLU CB 134 55.32 114.70 -31.43
C GLU CB 134 55.12 116.18 -31.69
N ILE CB 135 54.17 116.82 -31.02
CA ILE CB 135 53.91 118.24 -31.24
C ILE CB 135 54.24 119.08 -30.00
N LEU CB 136 54.12 118.51 -28.79
CA LEU CB 136 54.26 119.28 -27.54
C LEU CB 136 55.67 119.79 -27.34
N ASN CB 137 56.66 118.94 -27.60
CA ASN CB 137 58.08 119.24 -27.78
C ASN CB 137 58.79 119.61 -26.47
N LYS CB 138 58.03 119.87 -25.40
CA LYS CB 138 58.42 119.88 -23.99
C LYS CB 138 59.71 120.66 -23.74
N LYS CB 139 59.62 121.98 -23.95
CA LYS CB 139 60.77 122.87 -23.79
C LYS CB 139 61.29 122.86 -22.36
N ARG CB 140 60.38 122.78 -21.40
CA ARG CB 140 60.68 123.14 -20.02
C ARG CB 140 61.38 122.00 -19.29
N SER CB 141 61.43 122.11 -17.97
CA SER CB 141 61.93 121.03 -17.10
C SER CB 141 60.92 119.89 -16.95
N LYS CB 142 59.71 120.04 -17.51
CA LYS CB 142 58.73 118.95 -17.55
C LYS CB 142 59.23 117.79 -18.39
N LYS CB 143 59.97 118.08 -19.47
CA LYS CB 143 60.71 117.04 -20.16
C LYS CB 143 61.74 116.42 -19.25
N ILE CB 144 62.40 117.24 -18.43
CA ILE CB 144 63.43 116.76 -17.52
C ILE CB 144 62.78 116.16 -16.26
N GLN CB 145 61.56 116.60 -15.95
CA GLN CB 145 60.73 115.83 -15.02
C GLN CB 145 60.48 114.43 -15.55
N LYS CB 146 60.00 114.32 -16.79
CA LYS CB 146 59.62 113.04 -17.35
C LYS CB 146 60.82 112.20 -17.74
N LYS CB 147 62.02 112.77 -17.75
CA LYS CB 147 63.22 112.01 -18.08
C LYS CB 147 63.58 111.03 -16.97
N TYR CB 148 63.31 111.39 -15.71
CA TYR CB 148 63.47 110.43 -14.62
C TYR CB 148 62.45 109.31 -14.76
N ASP CB 149 61.21 109.67 -15.10
CA ASP CB 149 60.15 108.70 -15.33
C ASP CB 149 60.49 107.74 -16.46
N GLU CB 150 61.21 108.23 -17.47
CA GLU CB 150 61.32 107.56 -18.76
C GLU CB 150 62.31 106.41 -18.71
N ARG CB 151 63.54 106.69 -18.31
CA ARG CB 151 64.60 105.72 -18.40
C ARG CB 151 65.40 105.50 -17.12
N LYS CB 152 65.17 106.26 -16.03
CA LYS CB 152 65.92 105.94 -14.82
C LYS CB 152 65.26 104.81 -14.04
N LYS CB 153 63.95 104.92 -13.76
CA LYS CB 153 63.18 103.72 -13.45
C LYS CB 153 63.20 102.75 -14.61
N ASN CB 154 63.00 103.28 -15.82
CA ASN CB 154 62.96 102.70 -17.16
C ASN CB 154 61.68 101.90 -17.38
N ALA CB 155 60.84 101.71 -16.35
CA ALA CB 155 59.40 101.44 -16.45
C ALA CB 155 59.07 100.23 -17.31
N LYS CB 156 59.98 99.26 -17.35
CA LYS CB 156 59.74 98.11 -18.20
C LYS CB 156 58.69 97.27 -17.52
N ILE CB 157 57.52 97.21 -18.14
CA ILE CB 157 56.50 96.35 -17.57
C ILE CB 157 56.85 94.89 -17.86
N SER CB 158 56.06 94.01 -17.25
CA SER CB 158 56.19 92.58 -17.47
C SER CB 158 56.09 92.27 -18.96
N SER CB 159 57.06 91.48 -19.40
CA SER CB 159 57.43 91.21 -20.79
C SER CB 159 56.27 91.00 -21.73
N LEU CB 160 55.37 90.12 -21.33
CA LEU CB 160 54.32 89.67 -22.24
C LEU CB 160 53.15 90.64 -22.26
N LEU CB 161 52.91 91.38 -21.16
CA LEU CB 161 51.93 92.48 -21.12
C LEU CB 161 52.06 93.51 -22.23
N GLU CB 162 53.26 93.68 -22.82
CA GLU CB 162 53.34 94.41 -24.08
C GLU CB 162 52.49 93.77 -25.16
N GLU CB 163 52.45 92.43 -25.21
CA GLU CB 163 51.77 91.78 -26.32
C GLU CB 163 50.26 91.81 -26.13
N GLN CB 164 49.79 91.89 -24.90
CA GLN CB 164 48.37 92.11 -24.67
C GLN CB 164 47.97 93.50 -25.14
N PHE CB 165 48.85 94.48 -24.94
CA PHE CB 165 48.63 95.82 -25.46
C PHE CB 165 48.91 95.92 -26.95
N GLN CB 166 49.64 94.97 -27.53
CA GLN CB 166 49.67 94.87 -28.98
C GLN CB 166 48.33 94.39 -29.52
N GLN CB 167 47.58 93.64 -28.71
CA GLN CB 167 46.36 92.97 -29.14
C GLN CB 167 45.08 93.67 -28.73
N GLY CB 168 45.12 94.65 -27.84
CA GLY CB 168 43.89 95.24 -27.36
C GLY CB 168 43.16 94.38 -26.36
N LYS CB 169 43.89 93.72 -25.47
CA LYS CB 169 43.32 92.83 -24.48
C LYS CB 169 44.09 92.99 -23.18
N LEU CB 170 43.53 92.45 -22.10
CA LEU CB 170 44.18 92.50 -20.80
C LEU CB 170 43.58 91.42 -19.92
N LEU CB 171 44.42 90.55 -19.37
CA LEU CB 171 43.96 89.40 -18.62
C LEU CB 171 43.98 89.71 -17.13
N ALA CB 172 42.81 89.73 -16.51
CA ALA CB 172 42.72 90.14 -15.12
C ALA CB 172 41.91 89.14 -14.33
N CYS CB 173 41.80 89.39 -13.04
CA CYS CB 173 41.14 88.51 -12.10
C CYS CB 173 40.18 89.29 -11.24
N ILE CB 174 38.96 88.80 -11.07
CA ILE CB 174 38.01 89.46 -10.19
C ILE CB 174 38.41 89.19 -8.75
N ALA CB 175 38.06 90.11 -7.86
CA ALA CB 175 38.14 89.81 -6.44
C ALA CB 175 36.86 90.06 -5.68
N SER CB 176 35.89 90.76 -6.24
CA SER CB 176 34.61 90.93 -5.58
C SER CB 176 33.66 89.81 -5.95
N ARG CB 177 32.54 89.78 -5.28
CA ARG CB 177 31.52 88.83 -5.68
C ARG CB 177 30.54 89.56 -6.56
N PRO CB 178 30.08 89.03 -7.67
CA PRO CB 178 29.12 89.76 -8.48
C PRO CB 178 27.74 89.87 -7.85
N GLY CB 179 27.15 88.73 -7.50
CA GLY CB 179 25.76 88.74 -7.11
C GLY CB 179 25.46 89.24 -5.73
N GLN CB 180 26.50 89.54 -4.95
CA GLN CB 180 26.32 89.94 -3.57
C GLN CB 180 26.53 91.42 -3.33
N CYS CB 181 27.42 92.06 -4.10
CA CYS CB 181 27.64 93.49 -3.97
C CYS CB 181 27.27 94.26 -5.22
N GLY CB 182 26.96 93.58 -6.33
CA GLY CB 182 26.52 94.27 -7.51
C GLY CB 182 27.61 94.83 -8.37
N ARG CB 183 28.86 94.66 -8.00
CA ARG CB 183 29.98 95.10 -8.80
C ARG CB 183 30.71 93.84 -9.27
N ALA CB 184 31.58 94.01 -10.26
CA ALA CB 184 32.57 93.00 -10.61
C ALA CB 184 33.92 93.68 -10.55
N ASP CB 185 34.54 93.71 -9.38
CA ASP CB 185 35.77 94.46 -9.18
C ASP CB 185 36.90 93.50 -8.88
N GLY CB 186 38.07 93.79 -9.45
CA GLY CB 186 39.19 92.91 -9.29
C GLY CB 186 40.48 93.62 -9.66
N TYR CB 187 41.51 92.82 -9.94
CA TYR CB 187 42.82 93.35 -10.22
C TYR CB 187 43.43 92.65 -11.42
N VAL CB 188 44.45 93.26 -12.00
CA VAL CB 188 45.04 92.77 -13.24
C VAL CB 188 46.16 91.79 -12.93
N LEU CB 189 46.20 90.69 -13.68
CA LEU CB 189 47.18 89.65 -13.45
C LEU CB 189 48.56 90.09 -13.92
N GLU CB 190 49.51 90.07 -12.99
CA GLU CB 190 50.87 90.53 -13.21
C GLU CB 190 51.88 89.41 -12.95
N GLY CB 191 52.93 89.41 -13.76
CA GLY CB 191 54.17 88.74 -13.45
C GLY CB 191 54.15 87.24 -13.29
N LYS CB 192 54.26 86.78 -12.04
CA LYS CB 192 54.36 85.35 -11.78
C LYS CB 192 53.05 84.64 -12.11
N GLU CB 193 51.94 85.12 -11.56
CA GLU CB 193 50.68 84.47 -11.87
C GLU CB 193 50.15 84.87 -13.23
N LEU CB 194 50.73 85.90 -13.85
CA LEU CB 194 50.51 86.10 -15.28
C LEU CB 194 51.02 84.91 -16.07
N GLU CB 195 52.29 84.53 -15.88
CA GLU CB 195 52.83 83.42 -16.64
C GLU CB 195 52.32 82.07 -16.13
N PHE CB 196 51.75 82.05 -14.92
CA PHE CB 196 51.11 80.82 -14.46
C PHE CB 196 49.84 80.53 -15.24
N TYR CB 197 48.86 81.43 -15.17
CA TYR CB 197 47.59 81.21 -15.84
C TYR CB 197 47.73 81.25 -17.36
N LEU CB 198 48.82 81.82 -17.87
CA LEU CB 198 49.10 81.76 -19.30
C LEU CB 198 49.32 80.32 -19.76
N ARG CB 199 50.14 79.56 -19.03
CA ARG CB 199 50.40 78.19 -19.47
C ARG CB 199 49.20 77.29 -19.21
N LYS CB 200 48.35 77.66 -18.26
CA LYS CB 200 47.11 76.93 -18.04
C LYS CB 200 46.15 77.12 -19.22
N ILE CB 201 46.00 78.36 -19.66
CA ILE CB 201 45.10 78.65 -20.77
C ILE CB 201 45.64 78.07 -22.07
N LYS CB 202 46.96 78.19 -22.28
CA LYS CB 202 47.58 77.74 -23.52
C LYS CB 202 47.45 76.24 -23.72
N ALA CB 203 47.71 75.45 -22.67
CA ALA CB 203 47.61 74.01 -22.78
C ALA CB 203 46.16 73.53 -22.85
N ARG CB 204 45.24 74.23 -22.18
CA ARG CB 204 43.83 73.88 -22.28
C ARG CB 204 43.23 74.35 -23.60
N LYS CB 205 43.71 75.46 -24.15
CA LYS CB 205 43.39 75.80 -25.53
C LYS CB 205 44.20 74.98 -26.53
N GLY CB 206 45.35 74.46 -26.12
CA GLY CB 206 46.13 73.58 -26.97
C GLY CB 206 45.51 72.21 -27.09
N LYS CB 207 45.33 71.49 -25.98
CA LYS CB 207 44.65 70.20 -26.01
C LYS CB 207 43.34 70.25 -25.26
N PRO DB 1 0.40 82.28 34.08
CA PRO DB 1 -0.41 81.52 35.04
C PRO DB 1 -0.33 82.14 36.41
N VAL DB 2 -1.16 81.65 37.32
CA VAL DB 2 -1.54 82.41 38.51
C VAL DB 2 -0.37 82.55 39.45
N ALA DB 3 -0.41 83.59 40.29
CA ALA DB 3 0.56 83.78 41.37
C ALA DB 3 -0.21 84.19 42.62
N ARG DB 4 -0.44 83.22 43.50
CA ARG DB 4 -0.74 83.52 44.87
C ARG DB 4 0.30 82.94 45.82
N SER DB 5 0.48 81.61 45.84
CA SER DB 5 1.60 80.88 46.45
C SER DB 5 1.35 79.39 46.19
N TRP DB 6 2.38 78.59 46.48
CA TRP DB 6 2.26 77.13 46.60
C TRP DB 6 3.34 76.72 47.60
N VAL DB 7 2.97 76.58 48.86
CA VAL DB 7 3.91 76.08 49.87
C VAL DB 7 3.10 75.43 50.97
N CYS DB 8 3.69 74.43 51.61
CA CYS DB 8 2.97 73.64 52.60
C CYS DB 8 3.97 72.90 53.46
N ARG DB 9 3.69 72.82 54.76
CA ARG DB 9 4.46 72.00 55.67
C ARG DB 9 3.49 71.12 56.46
N LYS DB 10 3.89 69.88 56.75
CA LYS DB 10 3.01 68.95 57.46
C LYS DB 10 3.46 68.82 58.91
N THR DB 11 3.00 69.76 59.74
CA THR DB 11 3.43 69.85 61.13
C THR DB 11 2.70 68.78 61.92
N TYR DB 12 3.27 67.58 61.87
CA TYR DB 12 2.58 66.33 62.17
C TYR DB 12 3.57 65.20 62.01
N VAL DB 13 3.34 64.11 62.74
CA VAL DB 13 4.14 62.91 62.64
C VAL DB 13 3.20 61.72 62.64
N THR DB 14 3.32 60.86 61.68
CA THR DB 14 2.69 59.58 61.90
C THR DB 14 3.70 58.64 62.53
N PRO DB 15 3.37 57.95 63.60
CA PRO DB 15 4.31 56.97 64.16
C PRO DB 15 4.41 55.74 63.29
N ARG DB 16 5.30 54.82 63.63
CA ARG DB 16 5.59 53.70 62.75
C ARG DB 16 4.86 52.44 63.20
N ARG DB 17 5.06 52.04 64.45
CA ARG DB 17 4.34 50.90 65.00
C ARG DB 17 2.95 51.34 65.44
N PRO DB 18 1.88 50.88 64.79
CA PRO DB 18 0.56 51.37 65.18
C PRO DB 18 0.05 50.77 66.47
N PHE DB 19 0.39 49.51 66.75
CA PHE DB 19 -0.25 48.74 67.81
C PHE DB 19 0.81 48.31 68.81
N GLU DB 20 1.12 49.21 69.73
CA GLU DB 20 1.94 48.90 70.90
C GLU DB 20 1.12 49.17 72.14
N LYS DB 21 1.14 48.24 73.09
CA LYS DB 21 0.62 48.56 74.40
C LYS DB 21 1.50 49.61 75.08
N SER DB 22 2.81 49.52 74.85
CA SER DB 22 3.77 50.35 75.57
C SER DB 22 3.71 51.80 75.13
N ARG DB 23 3.32 52.04 73.88
CA ARG DB 23 3.20 53.41 73.39
C ARG DB 23 1.93 54.07 73.93
N LEU DB 24 0.82 53.32 73.98
CA LEU DB 24 -0.45 53.89 74.41
C LEU DB 24 -0.43 54.27 75.88
N ASP DB 25 0.43 53.61 76.67
CA ASP DB 25 0.62 54.00 78.06
C ASP DB 25 1.16 55.41 78.16
N GLN DB 26 2.23 55.70 77.41
CA GLN DB 26 2.89 57.00 77.51
C GLN DB 26 2.02 58.12 76.94
N GLU DB 27 1.23 57.81 75.92
CA GLU DB 27 0.38 58.84 75.34
C GLU DB 27 -0.92 59.03 76.11
N LEU DB 28 -1.49 57.99 76.73
CA LEU DB 28 -2.72 58.21 77.50
C LEU DB 28 -2.46 58.88 78.83
N LYS DB 29 -1.29 58.69 79.44
CA LYS DB 29 -0.95 59.53 80.57
C LYS DB 29 -0.66 60.96 80.13
N LEU DB 30 -0.27 61.15 78.86
CA LEU DB 30 0.08 62.47 78.40
C LEU DB 30 -1.16 63.30 78.03
N ILE DB 31 -2.22 62.64 77.58
CA ILE DB 31 -3.46 63.35 77.28
C ILE DB 31 -4.12 63.84 78.55
N GLY DB 32 -4.32 62.93 79.51
CA GLY DB 32 -5.12 63.28 80.68
C GLY DB 32 -4.42 64.22 81.63
N GLU DB 33 -3.09 64.21 81.62
CA GLU DB 33 -2.35 65.17 82.44
C GLU DB 33 -2.58 66.59 81.96
N TYR DB 34 -2.25 66.88 80.70
CA TYR DB 34 -2.28 68.24 80.20
C TYR DB 34 -3.53 68.55 79.38
N GLY DB 35 -4.59 67.75 79.54
CA GLY DB 35 -5.91 68.03 78.96
C GLY DB 35 -5.98 68.33 77.48
N LEU DB 36 -5.67 67.36 76.64
CA LEU DB 36 -5.46 67.58 75.23
C LEU DB 36 -6.72 67.22 74.45
N ARG DB 37 -6.72 67.62 73.17
CA ARG DB 37 -7.79 67.22 72.27
C ARG DB 37 -7.59 65.78 71.78
N ASN DB 38 -6.50 65.53 71.07
CA ASN DB 38 -6.32 64.24 70.42
C ASN DB 38 -4.83 63.99 70.24
N LYS DB 39 -4.50 62.85 69.65
CA LYS DB 39 -3.13 62.40 69.62
C LYS DB 39 -2.31 63.02 68.50
N ARG DB 40 -2.91 63.77 67.58
CA ARG DB 40 -2.09 64.42 66.58
C ARG DB 40 -1.28 65.56 67.16
N GLU DB 41 -1.80 66.22 68.20
CA GLU DB 41 -1.02 67.28 68.82
C GLU DB 41 -0.02 66.77 69.83
N VAL DB 42 -0.18 65.51 70.28
CA VAL DB 42 0.93 64.85 70.96
C VAL DB 42 2.11 64.72 70.01
N TRP DB 43 1.81 64.44 68.75
CA TRP DB 43 2.86 64.18 67.78
C TRP DB 43 3.45 65.47 67.23
N ARG DB 44 2.70 66.57 67.26
CA ARG DB 44 3.18 67.86 66.79
C ARG DB 44 4.39 68.32 67.59
N VAL DB 45 4.25 68.27 68.91
CA VAL DB 45 5.28 68.72 69.83
C VAL DB 45 6.52 67.86 69.71
N LYS DB 46 6.34 66.57 69.45
CA LYS DB 46 7.47 65.71 69.15
C LYS DB 46 8.11 66.08 67.81
N PHE DB 47 7.29 66.51 66.84
CA PHE DB 47 7.83 66.93 65.56
C PHE DB 47 8.66 68.20 65.70
N THR DB 48 8.27 69.07 66.63
CA THR DB 48 9.15 70.18 66.99
C THR DB 48 10.39 69.68 67.71
N LEU DB 49 10.22 68.74 68.64
CA LEU DB 49 11.37 68.16 69.31
C LEU DB 49 12.16 67.26 68.37
N ALA DB 50 11.52 66.77 67.32
CA ALA DB 50 12.28 66.26 66.18
C ALA DB 50 13.02 67.38 65.48
N LYS DB 51 12.36 68.51 65.25
CA LYS DB 51 12.96 69.55 64.43
C LYS DB 51 14.05 70.30 65.19
N ILE DB 52 13.96 70.32 66.51
CA ILE DB 52 15.04 70.86 67.32
C ILE DB 52 16.28 69.98 67.25
N ARG DB 53 16.11 68.67 67.49
CA ARG DB 53 17.25 67.78 67.65
C ARG DB 53 17.95 67.50 66.34
N LYS DB 54 17.29 67.79 65.21
CA LYS DB 54 18.02 67.81 63.95
C LYS DB 54 19.08 68.91 63.95
N ALA DB 55 18.70 70.13 64.29
CA ALA DB 55 19.66 71.22 64.33
C ALA DB 55 20.61 71.07 65.50
N ALA DB 56 20.17 70.44 66.59
CA ALA DB 56 21.04 70.27 67.74
C ALA DB 56 22.16 69.29 67.46
N ARG DB 57 21.87 68.23 66.71
CA ARG DB 57 22.89 67.25 66.36
C ARG DB 57 23.76 67.72 65.20
N GLU DB 58 23.17 68.43 64.24
CA GLU DB 58 23.92 68.97 63.11
C GLU DB 58 25.00 69.95 63.54
N LEU DB 59 24.72 70.80 64.52
CA LEU DB 59 25.72 71.75 64.96
C LEU DB 59 26.69 71.16 65.97
N LEU DB 60 26.54 69.89 66.33
CA LEU DB 60 27.62 69.12 66.93
C LEU DB 60 28.48 68.38 65.92
N THR DB 61 28.00 68.24 64.69
CA THR DB 61 28.79 67.63 63.64
C THR DB 61 29.90 68.57 63.16
N LEU DB 62 29.80 69.86 63.48
CA LEU DB 62 30.69 70.85 62.91
C LEU DB 62 31.86 71.18 63.86
N ASP DB 63 32.82 71.94 63.34
CA ASP DB 63 34.04 72.30 64.06
C ASP DB 63 33.72 73.33 65.14
N GLU DB 64 34.71 73.60 65.99
CA GLU DB 64 34.50 74.50 67.12
C GLU DB 64 34.45 75.96 66.68
N LYS DB 65 35.44 76.42 65.90
CA LYS DB 65 35.52 77.83 65.53
C LYS DB 65 34.63 78.18 64.35
N ASP DB 66 33.80 77.25 63.90
CA ASP DB 66 32.86 77.36 62.78
C ASP DB 66 31.93 78.54 63.02
N PRO DB 67 32.02 79.61 62.22
CA PRO DB 67 31.18 80.79 62.50
C PRO DB 67 29.74 80.53 62.16
N ARG DB 68 29.52 79.62 61.20
CA ARG DB 68 28.19 79.08 60.95
C ARG DB 68 27.63 78.38 62.18
N ARG DB 69 28.48 77.73 62.97
CA ARG DB 69 28.02 77.22 64.26
C ARG DB 69 27.76 78.35 65.23
N LEU DB 70 28.60 79.39 65.21
CA LEU DB 70 28.54 80.43 66.24
C LEU DB 70 27.32 81.33 66.05
N PHE DB 71 26.88 81.53 64.82
CA PHE DB 71 25.64 82.28 64.61
C PHE DB 71 24.41 81.40 64.76
N GLU DB 72 24.47 80.15 64.28
CA GLU DB 72 23.28 79.30 64.34
C GLU DB 72 23.09 78.68 65.71
N GLY DB 73 24.19 78.30 66.37
CA GLY DB 73 24.10 77.69 67.68
C GLY DB 73 23.64 78.67 68.75
N ASN DB 74 24.12 79.91 68.68
CA ASN DB 74 23.70 80.93 69.65
C ASN DB 74 22.23 81.28 69.47
N ALA DB 75 21.83 81.57 68.23
CA ALA DB 75 20.50 82.11 67.96
C ALA DB 75 19.42 81.09 68.25
N LEU DB 76 19.72 79.80 68.06
CA LEU DB 76 18.81 78.76 68.51
C LEU DB 76 18.68 78.77 70.03
N LEU DB 77 19.79 78.99 70.74
CA LEU DB 77 19.76 79.03 72.20
C LEU DB 77 19.04 80.24 72.74
N ARG DB 78 19.20 81.39 72.07
CA ARG DB 78 18.43 82.58 72.42
C ARG DB 78 16.95 82.35 72.20
N ARG DB 79 16.59 81.60 71.16
CA ARG DB 79 15.20 81.22 70.94
C ARG DB 79 14.68 80.35 72.07
N LEU DB 80 15.53 79.51 72.64
CA LEU DB 80 15.09 78.69 73.75
C LEU DB 80 14.95 79.52 75.02
N VAL DB 81 15.70 80.61 75.15
CA VAL DB 81 15.55 81.48 76.31
C VAL DB 81 14.29 82.33 76.18
N ARG DB 82 14.03 82.87 74.98
CA ARG DB 82 12.84 83.67 74.70
C ARG DB 82 11.55 82.88 74.83
N ILE DB 83 11.62 81.55 74.74
CA ILE DB 83 10.48 80.74 75.15
C ILE DB 83 10.58 80.41 76.63
N GLY DB 84 11.79 80.22 77.14
CA GLY DB 84 11.95 79.85 78.53
C GLY DB 84 11.93 78.36 78.78
N VAL DB 85 12.32 77.57 77.80
CA VAL DB 85 12.47 76.13 78.01
C VAL DB 85 13.65 75.87 78.93
N LEU DB 86 14.74 76.62 78.74
CA LEU DB 86 16.00 76.39 79.41
C LEU DB 86 16.11 77.24 80.67
N ASP DB 87 17.30 77.30 81.24
CA ASP DB 87 17.69 78.37 82.13
C ASP DB 87 18.39 79.48 81.35
N GLU DB 88 18.56 80.63 82.00
CA GLU DB 88 19.32 81.74 81.44
C GLU DB 88 20.81 81.61 81.70
N GLY DB 89 21.25 80.42 82.11
CA GLY DB 89 22.61 80.06 82.41
C GLY DB 89 23.21 79.29 81.26
N LYS DB 90 23.00 77.98 81.27
CA LYS DB 90 23.58 76.99 80.37
C LYS DB 90 23.29 77.28 78.91
N MET DB 91 24.33 77.71 78.19
CA MET DB 91 24.25 78.09 76.78
C MET DB 91 25.03 77.14 75.90
N LYS DB 92 24.95 75.83 76.17
CA LYS DB 92 25.68 74.86 75.39
C LYS DB 92 24.72 73.96 74.62
N LEU DB 93 25.20 73.46 73.48
CA LEU DB 93 24.35 72.71 72.56
C LEU DB 93 23.96 71.35 73.13
N ASP DB 94 24.74 70.81 74.06
CA ASP DB 94 24.36 69.59 74.75
C ASP DB 94 23.21 69.82 75.73
N TYR DB 95 23.06 71.04 76.25
CA TYR DB 95 21.93 71.30 77.14
C TYR DB 95 20.63 71.40 76.34
N ILE DB 96 20.72 71.70 75.04
CA ILE DB 96 19.57 71.51 74.17
C ILE DB 96 19.17 70.05 74.11
N LEU DB 97 20.16 69.16 74.07
CA LEU DB 97 19.89 67.73 73.92
C LEU DB 97 19.22 67.16 75.18
N GLY DB 98 19.45 67.78 76.34
CA GLY DB 98 18.85 67.34 77.58
C GLY DB 98 17.37 67.64 77.71
N LEU DB 99 16.77 68.29 76.72
CA LEU DB 99 15.36 68.67 76.80
C LEU DB 99 14.45 67.46 76.65
N LYS DB 100 13.15 67.74 76.67
CA LYS DB 100 12.14 66.73 76.89
C LYS DB 100 10.84 67.24 76.26
N ILE DB 101 9.75 66.48 76.42
CA ILE DB 101 8.49 66.90 75.84
C ILE DB 101 7.66 67.72 76.83
N GLU DB 102 7.95 67.59 78.12
CA GLU DB 102 7.12 68.18 79.17
C GLU DB 102 7.39 69.66 79.37
N ASP DB 103 8.57 70.15 78.98
CA ASP DB 103 8.76 71.59 78.95
C ASP DB 103 7.78 72.26 78.00
N PHE DB 104 7.59 71.65 76.83
CA PHE DB 104 6.72 72.27 75.84
C PHE DB 104 5.27 72.14 76.23
N LEU DB 105 4.91 71.10 76.97
CA LEU DB 105 3.54 71.01 77.45
C LEU DB 105 3.29 71.99 78.59
N GLU DB 106 4.33 72.40 79.30
CA GLU DB 106 4.16 73.46 80.29
C GLU DB 106 3.97 74.81 79.61
N ARG DB 107 4.74 75.08 78.56
CA ARG DB 107 4.71 76.43 77.99
C ARG DB 107 3.55 76.64 77.04
N ARG DB 108 2.65 75.67 76.90
CA ARG DB 108 1.42 75.92 76.17
C ARG DB 108 0.53 76.87 76.96
N LEU DB 109 -0.53 77.35 76.30
CA LEU DB 109 -1.31 78.47 76.86
C LEU DB 109 -1.99 78.07 78.14
N GLN DB 110 -2.68 76.93 78.15
CA GLN DB 110 -3.50 76.56 79.30
C GLN DB 110 -2.66 76.23 80.52
N THR DB 111 -1.44 75.74 80.33
CA THR DB 111 -0.66 75.38 81.49
C THR DB 111 0.00 76.60 82.12
N GLN DB 112 0.45 77.56 81.30
CA GLN DB 112 0.79 78.85 81.86
C GLN DB 112 -0.45 79.62 82.31
N VAL DB 113 -1.63 79.36 81.70
CA VAL DB 113 -2.88 79.78 82.32
C VAL DB 113 -3.09 79.04 83.63
N PHE DB 114 -2.73 77.76 83.67
CA PHE DB 114 -2.82 77.04 84.94
C PHE DB 114 -1.77 77.50 85.93
N LYS DB 115 -0.69 78.13 85.47
CA LYS DB 115 0.27 78.70 86.40
C LYS DB 115 -0.01 80.17 86.74
N LEU DB 116 -0.77 80.89 85.91
CA LEU DB 116 -1.15 82.25 86.22
C LEU DB 116 -2.56 82.36 86.81
N GLY DB 117 -3.08 81.27 87.40
CA GLY DB 117 -4.36 81.32 88.10
C GLY DB 117 -5.53 81.37 87.15
N LEU DB 118 -6.75 81.32 87.73
CA LEU DB 118 -8.01 81.50 87.01
C LEU DB 118 -8.19 80.43 85.94
N ALA DB 119 -7.77 79.21 86.25
CA ALA DB 119 -7.76 78.13 85.27
C ALA DB 119 -8.63 76.96 85.67
N LYS DB 120 -8.50 76.49 86.92
CA LYS DB 120 -9.54 75.71 87.59
C LYS DB 120 -9.83 74.37 86.91
N SER DB 121 -8.95 73.36 87.09
CA SER DB 121 -9.17 71.99 86.63
C SER DB 121 -9.19 71.83 85.11
N ILE DB 122 -8.00 71.60 84.54
CA ILE DB 122 -7.50 71.83 83.18
C ILE DB 122 -8.52 71.77 82.05
N HIS DB 123 -9.46 70.81 82.11
CA HIS DB 123 -10.44 70.68 81.03
C HIS DB 123 -11.34 71.92 80.95
N HIS DB 124 -11.56 72.59 82.09
CA HIS DB 124 -12.19 73.90 82.10
C HIS DB 124 -11.26 74.99 81.59
N ALA DB 125 -9.94 74.85 81.82
CA ALA DB 125 -9.00 75.88 81.39
C ALA DB 125 -8.85 75.89 79.88
N ARG DB 126 -9.03 74.75 79.22
CA ARG DB 126 -9.20 74.72 77.76
C ARG DB 126 -10.39 75.58 77.33
N VAL DB 127 -11.44 75.60 78.15
CA VAL DB 127 -12.68 76.24 77.72
C VAL DB 127 -12.58 77.75 77.85
N LEU DB 128 -12.03 78.25 78.95
CA LEU DB 128 -11.93 79.69 79.15
C LEU DB 128 -10.94 80.36 78.20
N ILE DB 129 -10.06 79.60 77.55
CA ILE DB 129 -9.28 80.17 76.46
C ILE DB 129 -9.98 79.96 75.13
N ARG DB 130 -10.85 78.96 75.01
CA ARG DB 130 -11.64 78.80 73.80
C ARG DB 130 -12.74 79.85 73.71
N GLN DB 131 -13.61 79.91 74.71
CA GLN DB 131 -14.55 81.01 74.80
C GLN DB 131 -13.73 82.26 75.06
N ARG DB 132 -14.10 83.37 74.41
CA ARG DB 132 -13.17 84.48 74.24
C ARG DB 132 -12.93 85.23 75.54
N HIS DB 133 -12.24 84.59 76.48
CA HIS DB 133 -12.21 85.09 77.85
C HIS DB 133 -10.82 85.15 78.47
N ILE DB 134 -9.75 84.77 77.77
CA ILE DB 134 -8.40 85.01 78.27
C ILE DB 134 -7.58 85.55 77.12
N ARG DB 135 -7.06 86.77 77.28
CA ARG DB 135 -6.24 87.39 76.26
C ARG DB 135 -4.91 87.84 76.84
N VAL DB 136 -3.87 87.76 76.02
CA VAL DB 136 -2.53 88.14 76.47
C VAL DB 136 -2.17 89.51 75.92
N ARG DB 137 -1.74 90.40 76.81
CA ARG DB 137 -1.32 91.75 76.47
C ARG DB 137 -2.41 92.52 75.72
N LYS DB 138 -2.02 93.12 74.60
CA LYS DB 138 -2.95 93.92 73.78
C LYS DB 138 -3.73 93.11 72.74
N GLN DB 139 -3.09 92.12 72.11
CA GLN DB 139 -3.72 91.30 71.09
C GLN DB 139 -4.62 90.22 71.70
N VAL DB 140 -5.84 90.11 71.19
CA VAL DB 140 -6.79 89.13 71.70
C VAL DB 140 -6.42 87.75 71.17
N VAL DB 141 -6.32 86.78 72.08
CA VAL DB 141 -5.91 85.42 71.73
C VAL DB 141 -7.11 84.51 71.91
N ASN DB 142 -7.25 83.54 71.00
CA ASN DB 142 -8.34 82.57 71.03
C ASN DB 142 -7.84 81.14 71.01
N ILE DB 143 -6.82 80.84 70.21
CA ILE DB 143 -6.49 79.45 69.95
C ILE DB 143 -5.72 78.90 71.15
N PRO DB 144 -6.16 77.76 71.68
CA PRO DB 144 -5.56 77.21 72.89
C PRO DB 144 -4.13 76.76 72.75
N SER DB 145 -3.60 76.61 71.55
CA SER DB 145 -2.24 76.10 71.40
C SER DB 145 -1.22 77.23 71.31
N PHE DB 146 -1.27 78.17 72.25
CA PHE DB 146 -0.44 79.37 72.19
C PHE DB 146 0.74 79.14 73.10
N ILE DB 147 1.94 79.10 72.53
CA ILE DB 147 3.13 79.07 73.37
C ILE DB 147 3.28 80.42 74.05
N VAL DB 148 3.30 80.42 75.36
CA VAL DB 148 3.54 81.62 76.14
C VAL DB 148 5.04 81.84 76.20
N ARG DB 149 5.49 83.00 75.75
CA ARG DB 149 6.90 83.33 75.82
C ARG DB 149 7.26 83.80 77.22
N LEU DB 150 8.41 84.44 77.35
CA LEU DB 150 8.79 85.10 78.60
C LEU DB 150 8.68 86.61 78.52
N ASP DB 151 8.63 87.20 77.31
CA ASP DB 151 8.44 88.65 77.24
C ASP DB 151 7.01 89.07 77.53
N SER DB 152 6.04 88.18 77.37
CA SER DB 152 4.72 88.52 77.83
C SER DB 152 4.49 87.98 79.22
N GLN DB 153 4.35 86.65 79.31
CA GLN DB 153 4.53 85.79 80.49
C GLN DB 153 3.57 86.05 81.66
N LYS DB 154 2.96 87.23 81.71
CA LYS DB 154 2.23 87.70 82.89
C LYS DB 154 0.92 88.41 82.59
N HIS DB 155 0.76 89.06 81.45
CA HIS DB 155 -0.22 90.13 81.30
C HIS DB 155 -1.54 89.58 80.75
N ILE DB 156 -2.29 88.87 81.62
CA ILE DB 156 -3.54 88.24 81.22
C ILE DB 156 -4.75 89.09 81.60
N ASP DB 157 -5.14 90.02 80.71
CA ASP DB 157 -6.08 91.10 81.07
C ASP DB 157 -7.11 91.23 79.95
N PHE DB 158 -8.30 90.68 80.20
CA PHE DB 158 -9.33 90.49 79.16
C PHE DB 158 -10.50 91.44 79.38
N SER DB 159 -10.43 92.61 78.74
CA SER DB 159 -11.41 93.66 78.98
C SER DB 159 -12.74 93.28 78.38
N LEU DB 160 -13.81 93.75 79.03
CA LEU DB 160 -15.20 93.71 78.52
C LEU DB 160 -15.68 92.26 78.30
N ARG DB 161 -15.17 91.32 79.08
CA ARG DB 161 -15.59 89.93 79.00
C ARG DB 161 -16.09 89.47 80.36
N SER DB 162 -17.09 88.59 80.35
CA SER DB 162 -18.06 88.45 81.43
C SER DB 162 -17.54 88.18 82.84
N PRO DB 163 -16.44 87.46 83.09
CA PRO DB 163 -15.88 87.46 84.44
C PRO DB 163 -14.93 88.62 84.77
N TYR DB 164 -14.61 89.48 83.82
CA TYR DB 164 -13.81 90.66 84.17
C TYR DB 164 -14.50 91.96 83.85
N GLY DB 165 -15.14 92.06 82.69
CA GLY DB 165 -15.66 93.35 82.28
C GLY DB 165 -17.12 93.53 82.64
N GLY DB 166 -17.89 92.51 82.37
CA GLY DB 166 -19.31 92.71 82.23
C GLY DB 166 -19.67 92.69 80.77
N GLY DB 167 -20.63 93.53 80.43
CA GLY DB 167 -21.17 93.52 79.08
C GLY DB 167 -22.35 92.59 79.13
N ARG DB 168 -23.42 92.92 78.42
CA ARG DB 168 -24.65 92.16 78.54
C ARG DB 168 -25.08 91.60 77.18
N PRO DB 169 -24.39 90.54 76.67
CA PRO DB 169 -24.98 89.83 75.53
C PRO DB 169 -26.14 88.95 75.97
N GLY DB 170 -25.96 88.23 77.07
CA GLY DB 170 -26.83 87.12 77.39
C GLY DB 170 -27.55 87.12 78.72
N ARG DB 171 -26.99 87.74 79.76
CA ARG DB 171 -27.74 87.80 81.02
C ARG DB 171 -28.96 88.71 80.93
N VAL DB 172 -29.05 89.53 79.87
CA VAL DB 172 -30.31 90.21 79.55
C VAL DB 172 -31.37 89.17 79.17
N LYS DB 173 -30.97 88.01 78.65
CA LYS DB 173 -31.95 86.96 78.42
C LYS DB 173 -32.32 86.26 79.72
N ARG DB 174 -31.55 86.50 80.79
CA ARG DB 174 -31.98 86.12 82.13
C ARG DB 174 -32.78 87.23 82.82
N LYS DB 175 -32.38 88.49 82.65
CA LYS DB 175 -33.07 89.59 83.31
C LYS DB 175 -34.41 89.90 82.67
N ASN DB 176 -34.62 89.51 81.41
CA ASN DB 176 -35.94 89.68 80.79
C ASN DB 176 -36.95 88.72 81.39
N ALA DB 177 -36.50 87.55 81.84
CA ALA DB 177 -37.37 86.68 82.62
C ALA DB 177 -37.63 87.27 84.00
N LYS DB 178 -36.73 88.12 84.49
CA LYS DB 178 -36.83 88.72 85.81
C LYS DB 178 -37.43 90.13 85.78
N LYS DB 179 -37.96 90.57 84.65
CA LYS DB 179 -38.69 91.83 84.64
C LYS DB 179 -40.12 91.61 85.12
N MET EB 1 -55.18 10.13 94.09
CA MET EB 1 -54.15 11.16 93.92
C MET EB 1 -53.96 11.93 95.22
N LEU EB 2 -55.06 12.44 95.75
CA LEU EB 2 -55.03 13.21 96.98
C LEU EB 2 -55.26 12.30 98.17
N MET EB 3 -54.55 12.61 99.24
CA MET EB 3 -54.73 11.94 100.49
C MET EB 3 -56.05 12.37 101.12
N PRO EB 4 -56.57 11.60 102.08
CA PRO EB 4 -57.66 12.13 102.91
C PRO EB 4 -57.16 13.21 103.87
N LYS EB 5 -58.12 13.77 104.60
CA LYS EB 5 -57.78 14.90 105.45
C LYS EB 5 -56.99 14.47 106.68
N LYS EB 6 -57.19 13.22 107.14
CA LYS EB 6 -56.38 12.68 108.24
C LYS EB 6 -54.95 12.40 107.81
N ASN EB 7 -54.76 11.88 106.59
CA ASN EB 7 -53.47 11.43 106.10
C ASN EB 7 -52.49 12.58 105.95
N ARG EB 8 -52.94 13.71 105.40
CA ARG EB 8 -52.11 14.90 105.34
C ARG EB 8 -51.67 15.34 106.73
N ILE EB 9 -52.65 15.71 107.58
CA ILE EB 9 -52.37 16.32 108.89
C ILE EB 9 -51.64 15.40 109.84
N ALA EB 10 -51.58 14.09 109.53
CA ALA EB 10 -50.78 13.21 110.35
C ALA EB 10 -49.38 13.02 109.80
N ILE EB 11 -49.18 13.16 108.48
CA ILE EB 11 -47.80 13.08 108.02
C ILE EB 11 -47.11 14.43 108.21
N TYR EB 12 -47.87 15.53 108.28
CA TYR EB 12 -47.29 16.76 108.79
C TYR EB 12 -47.00 16.62 110.29
N GLU EB 13 -47.76 15.77 110.99
CA GLU EB 13 -47.57 15.56 112.43
C GLU EB 13 -46.24 14.87 112.71
N LEU EB 14 -46.02 13.71 112.09
CA LEU EB 14 -44.86 12.88 112.36
C LEU EB 14 -43.56 13.53 111.89
N LEU EB 15 -43.62 14.23 110.75
CA LEU EB 15 -42.46 14.95 110.26
C LEU EB 15 -42.13 16.15 111.17
N PHE EB 16 -43.15 16.71 111.82
CA PHE EB 16 -42.92 17.72 112.85
C PHE EB 16 -42.58 17.08 114.19
N LYS EB 17 -43.05 15.85 114.43
CA LYS EB 17 -42.59 15.08 115.58
C LYS EB 17 -41.08 14.82 115.51
N GLU EB 18 -40.66 14.12 114.45
CA GLU EB 18 -39.35 13.50 114.40
C GLU EB 18 -38.32 14.37 113.70
N GLY EB 19 -38.76 15.24 112.79
CA GLY EB 19 -37.88 16.04 111.97
C GLY EB 19 -37.45 15.40 110.67
N VAL EB 20 -37.34 14.08 110.61
CA VAL EB 20 -36.82 13.37 109.43
C VAL EB 20 -37.71 12.18 109.13
N MET EB 21 -38.09 12.03 107.87
CA MET EB 21 -38.76 10.84 107.37
C MET EB 21 -37.82 10.04 106.49
N VAL EB 22 -38.27 8.83 106.16
CA VAL EB 22 -37.56 7.93 105.25
C VAL EB 22 -38.54 7.56 104.13
N ALA EB 23 -38.03 7.34 102.93
CA ALA EB 23 -38.86 6.94 101.81
C ALA EB 23 -38.07 5.92 101.00
N LYS EB 24 -38.59 5.50 99.84
CA LYS EB 24 -37.73 4.83 98.88
C LYS EB 24 -38.16 5.24 97.46
N LYS EB 25 -37.41 4.75 96.47
CA LYS EB 25 -37.47 5.22 95.09
C LYS EB 25 -38.76 4.82 94.39
N ASP EB 26 -39.25 3.63 94.68
CA ASP EB 26 -40.07 2.86 93.75
C ASP EB 26 -41.47 3.47 93.65
N VAL EB 27 -41.83 3.92 92.46
CA VAL EB 27 -43.05 4.69 92.25
C VAL EB 27 -44.26 3.86 91.84
N HIS EB 28 -44.78 3.09 92.79
CA HIS EB 28 -46.15 2.59 92.90
C HIS EB 28 -46.59 1.57 91.83
N MET EB 29 -45.94 1.49 90.69
CA MET EB 29 -46.62 0.70 89.66
C MET EB 29 -46.27 -0.79 89.62
N PRO EB 30 -45.02 -1.26 89.78
CA PRO EB 30 -44.87 -2.72 89.89
C PRO EB 30 -45.05 -3.20 91.32
N LYS EB 31 -44.84 -2.30 92.28
CA LYS EB 31 -44.74 -2.67 93.68
C LYS EB 31 -45.26 -1.49 94.48
N HIS EB 32 -45.69 -1.76 95.73
CA HIS EB 32 -46.47 -0.86 96.55
C HIS EB 32 -45.68 -0.55 97.81
N PRO EB 33 -44.71 0.36 97.75
CA PRO EB 33 -43.81 0.58 98.88
C PRO EB 33 -44.38 1.51 99.93
N GLU EB 34 -44.93 1.01 101.05
CA GLU EB 34 -45.40 1.90 102.09
C GLU EB 34 -44.25 2.34 102.99
N LEU EB 35 -44.59 2.81 104.16
CA LEU EB 35 -43.62 2.92 105.23
C LEU EB 35 -44.14 2.15 106.44
N ALA EB 36 -43.23 1.80 107.35
CA ALA EB 36 -43.64 1.30 108.66
C ALA EB 36 -44.20 2.39 109.55
N ASP EB 37 -44.09 3.66 109.15
CA ASP EB 37 -44.74 4.75 109.85
C ASP EB 37 -46.17 4.96 109.34
N LYS EB 38 -46.30 5.37 108.08
CA LYS EB 38 -47.57 5.77 107.48
C LYS EB 38 -48.10 4.66 106.59
N ASN EB 39 -49.43 4.54 106.54
CA ASN EB 39 -50.10 3.40 105.91
C ASN EB 39 -50.62 3.73 104.52
N VAL EB 40 -49.87 4.51 103.75
CA VAL EB 40 -50.14 4.82 102.34
C VAL EB 40 -48.82 4.72 101.56
N PRO EB 41 -48.82 4.19 100.30
CA PRO EB 41 -47.54 3.75 99.72
C PRO EB 41 -46.46 4.77 99.37
N ASN EB 42 -46.49 5.38 98.20
CA ASN EB 42 -45.37 6.23 97.82
C ASN EB 42 -45.77 7.48 97.05
N LEU EB 43 -46.82 7.43 96.23
CA LEU EB 43 -47.19 8.61 95.46
C LEU EB 43 -47.74 9.68 96.38
N HIS EB 44 -48.41 9.25 97.47
CA HIS EB 44 -48.79 10.17 98.54
C HIS EB 44 -47.57 10.78 99.18
N VAL EB 45 -46.56 9.95 99.48
CA VAL EB 45 -45.34 10.40 100.15
C VAL EB 45 -44.56 11.34 99.25
N MET EB 46 -44.46 11.02 97.95
CA MET EB 46 -43.79 11.92 97.04
C MET EB 46 -44.59 13.17 96.73
N LYS EB 47 -45.93 13.07 96.75
CA LYS EB 47 -46.74 14.28 96.56
C LYS EB 47 -46.63 15.20 97.76
N ALA EB 48 -46.39 14.63 98.94
CA ALA EB 48 -46.14 15.45 100.12
C ALA EB 48 -44.87 16.25 99.96
N MET EB 49 -43.79 15.58 99.59
CA MET EB 49 -42.50 16.24 99.61
C MET EB 49 -42.22 17.07 98.37
N GLN EB 50 -43.03 16.94 97.31
CA GLN EB 50 -42.78 17.76 96.12
C GLN EB 50 -43.14 19.22 96.37
N SER EB 51 -44.13 19.47 97.23
CA SER EB 51 -44.39 20.83 97.65
C SER EB 51 -43.38 21.26 98.71
N LEU EB 52 -43.01 20.31 99.59
CA LEU EB 52 -42.11 20.63 100.69
C LEU EB 52 -40.68 20.83 100.21
N LYS EB 53 -40.34 20.29 99.02
CA LYS EB 53 -39.06 20.61 98.40
C LYS EB 53 -39.10 21.87 97.57
N SER EB 54 -40.29 22.27 97.11
CA SER EB 54 -40.40 23.37 96.17
C SER EB 54 -40.19 24.71 96.84
N ARG EB 55 -40.86 24.92 97.97
CA ARG EB 55 -40.75 26.18 98.69
C ARG EB 55 -39.42 26.32 99.41
N GLY EB 56 -38.69 25.20 99.60
CA GLY EB 56 -37.43 25.21 100.30
C GLY EB 56 -37.50 24.76 101.74
N TYR EB 57 -38.49 23.95 102.12
CA TYR EB 57 -38.79 23.70 103.53
C TYR EB 57 -37.89 22.63 104.15
N VAL EB 58 -38.00 21.41 103.67
CA VAL EB 58 -37.36 20.25 104.30
C VAL EB 58 -36.35 19.70 103.32
N LYS EB 59 -35.08 19.77 103.68
CA LYS EB 59 -34.02 19.46 102.74
C LYS EB 59 -33.91 17.95 102.52
N GLU EB 60 -33.63 17.60 101.27
CA GLU EB 60 -33.58 16.21 100.82
C GLU EB 60 -32.13 15.72 100.79
N GLN EB 61 -31.91 14.54 101.36
CA GLN EB 61 -30.62 13.85 101.29
C GLN EB 61 -30.88 12.40 100.87
N PHE EB 62 -30.21 11.95 99.81
CA PHE EB 62 -30.46 10.62 99.26
C PHE EB 62 -29.31 9.66 99.56
N ALA EB 63 -29.65 8.35 99.77
CA ALA EB 63 -28.64 7.27 99.94
C ALA EB 63 -29.01 5.97 99.23
N TRP EB 64 -28.67 5.87 97.94
CA TRP EB 64 -28.52 4.65 97.14
C TRP EB 64 -29.80 3.84 96.90
N ARG EB 65 -30.81 4.00 97.75
CA ARG EB 65 -32.20 3.70 97.46
C ARG EB 65 -33.17 4.50 98.30
N HIS EB 66 -32.90 4.67 99.60
CA HIS EB 66 -33.88 5.18 100.53
C HIS EB 66 -33.63 6.64 100.82
N PHE EB 67 -34.69 7.42 100.71
CA PHE EB 67 -34.65 8.85 100.94
C PHE EB 67 -34.44 9.15 102.41
N TYR EB 68 -33.84 10.29 102.68
CA TYR EB 68 -33.78 10.81 104.03
C TYR EB 68 -34.08 12.29 103.95
N TRP EB 69 -34.42 12.88 105.08
CA TRP EB 69 -34.65 14.31 105.07
C TRP EB 69 -33.89 15.00 106.18
N TYR EB 70 -34.12 16.30 106.28
CA TYR EB 70 -33.20 17.20 106.96
C TYR EB 70 -33.95 18.49 107.18
N LEU EB 71 -33.66 19.18 108.28
CA LEU EB 71 -34.33 20.45 108.53
C LEU EB 71 -33.30 21.47 108.97
N THR EB 72 -33.53 22.71 108.56
CA THR EB 72 -32.65 23.85 108.80
C THR EB 72 -33.48 24.92 109.52
N ASN EB 73 -32.81 25.92 110.09
CA ASN EB 73 -33.52 27.06 110.67
C ASN EB 73 -34.24 27.87 109.59
N GLU EB 74 -33.75 27.82 108.35
CA GLU EB 74 -34.55 28.32 107.23
C GLU EB 74 -35.85 27.53 107.06
N GLY EB 75 -35.81 26.22 107.36
CA GLY EB 75 -37.04 25.45 107.39
C GLY EB 75 -37.99 25.93 108.47
N ILE EB 76 -37.46 26.14 109.68
CA ILE EB 76 -38.30 26.38 110.86
C ILE EB 76 -38.91 27.78 110.83
N GLN EB 77 -38.18 28.78 110.32
CA GLN EB 77 -38.81 30.07 110.00
C GLN EB 77 -39.97 29.90 109.03
N TYR EB 78 -39.77 29.06 108.02
CA TYR EB 78 -40.73 28.85 106.96
C TYR EB 78 -41.65 27.66 107.22
N LEU EB 79 -41.49 27.00 108.38
CA LEU EB 79 -42.48 26.07 108.91
C LEU EB 79 -43.61 26.76 109.68
N ARG EB 80 -43.88 28.04 109.38
CA ARG EB 80 -45.02 28.75 110.00
C ARG EB 80 -46.37 28.13 109.60
N ASP EB 81 -46.38 27.31 108.55
CA ASP EB 81 -47.49 26.41 108.24
C ASP EB 81 -47.94 25.58 109.43
N TYR EB 82 -47.05 24.74 109.99
CA TYR EB 82 -47.46 23.79 111.01
C TYR EB 82 -47.00 24.18 112.41
N LEU EB 83 -46.22 25.25 112.56
CA LEU EB 83 -46.15 25.92 113.85
C LEU EB 83 -47.47 26.61 114.18
N HIS EB 84 -48.33 26.80 113.19
CA HIS EB 84 -49.66 27.39 113.37
C HIS EB 84 -50.62 26.42 114.04
N LEU EB 85 -50.50 25.11 113.74
CA LEU EB 85 -51.58 24.16 114.07
C LEU EB 85 -51.63 23.84 115.57
N PRO EB 86 -50.51 23.67 116.29
CA PRO EB 86 -50.55 23.91 117.73
C PRO EB 86 -50.08 25.32 118.02
N PRO EB 87 -50.10 25.76 119.30
CA PRO EB 87 -49.31 26.95 119.69
C PRO EB 87 -47.82 26.68 119.76
N GLU EB 88 -47.06 27.63 120.32
CA GLU EB 88 -45.60 27.60 120.28
C GLU EB 88 -45.06 26.47 121.14
N ILE EB 89 -44.96 25.28 120.54
CA ILE EB 89 -44.42 24.08 121.18
C ILE EB 89 -43.42 23.47 120.20
N VAL EB 90 -42.13 23.63 120.49
CA VAL EB 90 -41.04 23.11 119.65
C VAL EB 90 -40.64 21.75 120.24
N PRO EB 91 -40.44 20.70 119.42
CA PRO EB 91 -40.12 19.38 120.00
C PRO EB 91 -38.73 19.29 120.60
N ALA EB 92 -38.38 18.12 121.12
CA ALA EB 92 -37.06 17.91 121.72
C ALA EB 92 -36.02 17.57 120.66
N THR EB 93 -35.95 18.40 119.63
CA THR EB 93 -34.88 18.35 118.64
C THR EB 93 -34.10 19.65 118.60
N LEU EB 94 -34.77 20.78 118.38
CA LEU EB 94 -34.13 22.07 118.30
C LEU EB 94 -33.90 22.69 119.68
N ARG EB 95 -34.66 22.22 120.68
CA ARG EB 95 -34.98 23.02 121.86
C ARG EB 95 -33.77 23.34 122.72
N ARG EB 96 -33.03 22.32 123.13
CA ARG EB 96 -32.02 22.59 124.15
C ARG EB 96 -30.92 21.54 124.11
N SER EB 97 -29.81 21.90 124.75
CA SER EB 97 -28.85 20.98 125.32
C SER EB 97 -29.03 21.02 126.83
N ARG EB 98 -28.72 19.90 127.48
CA ARG EB 98 -28.92 19.80 128.92
C ARG EB 98 -27.89 20.62 129.71
N THR FB 1 55.73 75.88 -2.78
CA THR FB 1 55.04 76.21 -4.02
C THR FB 1 53.58 75.82 -3.91
N GLU FB 2 52.99 75.47 -5.05
CA GLU FB 2 51.57 75.15 -5.11
C GLU FB 2 51.33 74.04 -6.12
N ARG FB 3 50.49 73.09 -5.74
CA ARG FB 3 50.10 71.96 -6.56
C ARG FB 3 48.59 71.84 -6.59
N ALA FB 4 47.96 72.98 -6.86
CA ALA FB 4 46.52 73.15 -6.83
C ALA FB 4 46.17 74.02 -8.04
N TYR FB 5 45.01 74.67 -8.02
CA TYR FB 5 44.70 75.61 -9.10
C TYR FB 5 45.38 76.97 -8.90
N GLN FB 6 45.38 77.53 -7.68
CA GLN FB 6 46.25 78.66 -7.30
C GLN FB 6 46.24 78.84 -5.78
N LYS FB 7 47.40 79.22 -5.22
CA LYS FB 7 47.50 79.73 -3.84
C LYS FB 7 48.45 80.92 -3.79
N GLN FB 8 48.05 82.02 -3.08
CA GLN FB 8 48.88 83.20 -2.79
C GLN FB 8 48.22 84.09 -1.72
N PRO FB 9 48.91 84.41 -0.60
CA PRO FB 9 48.20 84.92 0.59
C PRO FB 9 47.55 86.31 0.55
N THR FB 10 48.34 87.36 0.73
CA THR FB 10 47.83 88.73 0.84
C THR FB 10 48.81 89.71 0.22
N ILE FB 11 50.08 89.30 0.17
CA ILE FB 11 51.19 90.19 -0.14
C ILE FB 11 51.16 90.56 -1.63
N PHE FB 12 51.36 91.84 -1.92
CA PHE FB 12 51.52 92.30 -3.29
C PHE FB 12 52.82 91.78 -3.87
N GLN FB 13 52.72 90.90 -4.85
CA GLN FB 13 53.90 90.28 -5.46
C GLN FB 13 54.66 91.28 -6.31
N ASN FB 14 54.03 91.76 -7.38
CA ASN FB 14 54.73 92.22 -8.57
C ASN FB 14 55.11 93.69 -8.40
N LYS FB 15 56.15 93.88 -7.58
CA LYS FB 15 56.57 95.14 -6.98
C LYS FB 15 57.30 96.05 -7.95
N LYS FB 16 57.47 95.63 -9.21
CA LYS FB 16 58.38 96.16 -10.23
C LYS FB 16 59.76 96.45 -9.65
N ARG FB 17 60.46 95.36 -9.30
CA ARG FB 17 61.79 95.43 -8.71
C ARG FB 17 62.78 96.08 -9.64
N VAL FB 18 62.69 95.79 -10.94
CA VAL FB 18 63.79 96.01 -11.86
C VAL FB 18 63.81 97.46 -12.35
N LEU FB 19 64.91 98.14 -12.04
CA LEU FB 19 65.19 99.47 -12.56
C LEU FB 19 66.62 99.63 -13.09
N LEU FB 20 67.58 98.80 -12.67
CA LEU FB 20 68.89 98.76 -13.29
C LEU FB 20 69.23 97.44 -13.96
N GLY FB 21 68.62 96.33 -13.54
CA GLY FB 21 68.82 95.04 -14.17
C GLY FB 21 69.56 94.02 -13.33
N GLU FB 22 68.80 93.18 -12.65
CA GLU FB 22 69.30 92.17 -11.72
C GLU FB 22 68.19 91.18 -11.44
N THR FB 23 68.58 89.94 -11.11
CA THR FB 23 67.63 88.96 -10.62
C THR FB 23 67.70 88.82 -9.11
N GLY FB 24 68.87 88.45 -8.57
CA GLY FB 24 69.06 88.21 -7.16
C GLY FB 24 68.17 87.06 -6.70
N LYS FB 25 67.83 87.09 -5.43
CA LYS FB 25 66.78 86.21 -4.94
C LYS FB 25 65.46 86.98 -4.84
N GLU FB 26 64.37 86.22 -4.86
CA GLU FB 26 63.09 86.75 -5.28
C GLU FB 26 61.97 86.46 -4.29
N LYS FB 27 62.08 85.36 -3.54
CA LYS FB 27 61.01 84.83 -2.73
C LYS FB 27 60.89 85.51 -1.37
N LEU FB 28 61.68 86.54 -1.15
CA LEU FB 28 61.71 87.28 0.12
C LEU FB 28 60.39 87.86 0.65
N PRO FB 29 59.50 88.56 -0.14
CA PRO FB 29 58.46 89.36 0.53
C PRO FB 29 57.31 88.58 1.16
N ARG FB 30 57.48 88.11 2.40
CA ARG FB 30 56.56 87.15 3.00
C ARG FB 30 55.79 87.76 4.16
N TYR FB 31 54.55 87.30 4.32
CA TYR FB 31 53.66 87.54 5.45
C TYR FB 31 54.13 86.74 6.67
N TYR FB 32 53.76 87.23 7.85
CA TYR FB 32 54.29 86.73 9.12
C TYR FB 32 53.44 87.27 10.26
N LYS FB 33 53.29 86.47 11.31
CA LYS FB 33 52.30 86.77 12.34
C LYS FB 33 52.64 86.02 13.62
N ASN FB 34 52.40 86.67 14.76
CA ASN FB 34 52.48 86.12 16.11
C ASN FB 34 51.10 85.61 16.53
N ILE FB 35 51.07 84.77 17.58
CA ILE FB 35 49.79 84.26 18.05
C ILE FB 35 49.55 84.56 19.52
N GLY FB 36 50.55 85.06 20.23
CA GLY FB 36 50.37 85.49 21.61
C GLY FB 36 50.11 84.36 22.58
N LEU FB 37 49.85 84.75 23.85
CA LEU FB 37 49.59 83.85 24.98
C LEU FB 37 50.77 82.90 25.23
N GLY FB 38 51.97 83.34 24.89
CA GLY FB 38 53.16 82.57 25.22
C GLY FB 38 53.34 81.32 24.39
N PHE FB 39 53.23 81.45 23.07
CA PHE FB 39 53.59 80.39 22.14
C PHE FB 39 54.42 81.01 21.04
N LYS FB 40 55.63 80.51 20.83
CA LYS FB 40 56.51 81.14 19.86
C LYS FB 40 56.22 80.61 18.46
N THR FB 41 56.13 81.53 17.51
CA THR FB 41 56.05 81.19 16.10
C THR FB 41 57.31 80.48 15.66
N PRO FB 42 57.22 79.34 14.99
CA PRO FB 42 58.42 78.65 14.54
C PRO FB 42 59.00 79.28 13.29
N LYS FB 43 60.29 79.04 13.08
CA LYS FB 43 60.96 79.50 11.88
C LYS FB 43 60.56 78.70 10.64
N GLU FB 44 59.86 77.57 10.83
CA GLU FB 44 59.23 76.87 9.74
C GLU FB 44 58.22 77.75 9.01
N ALA FB 45 57.58 78.68 9.73
CA ALA FB 45 56.66 79.62 9.09
C ALA FB 45 57.39 80.63 8.22
N ILE FB 46 58.63 80.97 8.57
CA ILE FB 46 59.33 82.05 7.89
C ILE FB 46 60.01 81.54 6.63
N GLU FB 47 60.77 80.45 6.72
CA GLU FB 47 61.24 79.79 5.51
C GLU FB 47 60.31 78.66 5.08
N GLY FB 48 59.00 78.89 5.21
CA GLY FB 48 58.01 78.03 4.61
C GLY FB 48 57.45 78.64 3.36
N THR FB 49 57.69 77.97 2.23
CA THR FB 49 57.17 78.42 0.96
C THR FB 49 55.71 78.03 0.79
N TYR FB 50 55.17 77.20 1.67
CA TYR FB 50 53.79 76.81 1.58
C TYR FB 50 52.88 77.97 2.00
N ILE FB 51 51.62 77.88 1.57
CA ILE FB 51 50.62 78.92 1.79
C ILE FB 51 49.43 78.24 2.43
N ASP FB 52 48.88 78.84 3.49
CA ASP FB 52 47.79 78.19 4.19
C ASP FB 52 46.69 79.19 4.49
N LYS FB 53 45.46 78.72 4.33
CA LYS FB 53 44.28 79.50 4.60
C LYS FB 53 43.90 79.47 6.06
N LYS FB 54 44.29 78.43 6.77
CA LYS FB 54 43.74 78.11 8.09
C LYS FB 54 44.81 78.00 9.18
N CYS FB 55 46.07 78.26 8.87
CA CYS FB 55 47.15 78.17 9.83
C CYS FB 55 47.02 79.27 10.88
N PRO FB 56 47.39 78.99 12.13
CA PRO FB 56 47.41 80.06 13.12
C PRO FB 56 48.57 81.01 12.95
N PHE FB 57 49.68 80.56 12.36
CA PHE FB 57 50.83 81.42 12.17
C PHE FB 57 50.79 82.15 10.84
N THR FB 58 50.32 81.49 9.78
CA THR FB 58 50.38 82.00 8.43
C THR FB 58 49.10 82.70 8.01
N GLY FB 59 47.95 82.21 8.44
CA GLY FB 59 46.68 82.63 7.91
C GLY FB 59 45.94 83.62 8.79
N ASN FB 60 44.65 83.77 8.50
CA ASN FB 60 43.80 84.73 9.17
C ASN FB 60 43.07 84.17 10.38
N VAL FB 61 43.35 82.93 10.78
CA VAL FB 61 42.50 82.25 11.73
C VAL FB 61 43.09 82.47 13.12
N SER FB 62 42.59 83.48 13.82
CA SER FB 62 43.09 83.78 15.15
C SER FB 62 42.49 82.82 16.16
N ILE FB 63 43.11 82.77 17.34
CA ILE FB 63 42.80 81.76 18.35
C ILE FB 63 42.16 82.44 19.54
N ARG FB 64 40.85 82.25 19.68
CA ARG FB 64 40.08 82.71 20.81
C ARG FB 64 39.74 81.51 21.69
N GLY FB 65 39.19 81.78 22.86
CA GLY FB 65 38.61 80.72 23.65
C GLY FB 65 39.53 79.85 24.48
N ARG FB 66 39.70 78.59 24.09
CA ARG FB 66 40.18 77.54 24.99
C ARG FB 66 41.56 77.01 24.66
N ILE FB 67 42.03 76.16 25.57
CA ILE FB 67 43.28 75.42 25.47
C ILE FB 67 43.00 74.00 25.96
N LEU FB 68 43.36 73.00 25.15
CA LEU FB 68 43.17 71.59 25.50
C LEU FB 68 44.35 70.79 24.97
N SER FB 69 44.34 69.50 25.27
CA SER FB 69 45.45 68.60 24.94
C SER FB 69 44.97 67.45 24.07
N GLY FB 70 45.91 66.55 23.75
CA GLY FB 70 45.58 65.39 22.95
C GLY FB 70 46.81 64.58 22.65
N VAL FB 71 46.61 63.46 21.97
CA VAL FB 71 47.70 62.64 21.44
C VAL FB 71 47.36 62.24 20.01
N VAL FB 72 48.33 62.42 19.11
CA VAL FB 72 48.08 62.38 17.68
C VAL FB 72 48.03 60.93 17.22
N THR FB 73 46.84 60.43 16.92
CA THR FB 73 46.67 59.00 16.66
C THR FB 73 46.62 58.64 15.19
N LYS FB 74 46.03 59.45 14.33
CA LYS FB 74 45.94 59.12 12.92
C LYS FB 74 46.20 60.34 12.07
N MET FB 75 47.02 60.17 11.05
CA MET FB 75 47.42 61.27 10.18
C MET FB 75 47.08 60.95 8.73
N LYS FB 76 46.05 60.16 8.49
CA LYS FB 76 45.72 59.75 7.14
C LYS FB 76 44.77 60.71 6.45
N MET FB 77 44.82 62.00 6.80
CA MET FB 77 43.85 62.96 6.31
C MET FB 77 44.61 64.21 5.91
N GLN FB 78 44.15 64.89 4.85
CA GLN FB 78 44.93 65.98 4.24
C GLN FB 78 44.94 67.21 5.12
N ARG FB 79 46.14 67.61 5.54
CA ARG FB 79 46.44 68.82 6.30
C ARG FB 79 45.74 68.85 7.68
N THR FB 80 45.22 67.70 8.13
CA THR FB 80 44.63 67.61 9.45
C THR FB 80 44.75 66.19 9.96
N ILE FB 81 44.78 66.08 11.28
CA ILE FB 81 45.07 64.84 11.99
C ILE FB 81 43.91 64.57 12.92
N VAL FB 82 43.94 63.46 13.65
CA VAL FB 82 42.89 63.13 14.59
C VAL FB 82 43.52 62.88 15.95
N ILE FB 83 43.33 63.81 16.87
CA ILE FB 83 43.84 63.59 18.22
C ILE FB 83 42.93 62.64 18.97
N ARG FB 84 43.42 62.19 20.12
CA ARG FB 84 42.65 61.41 21.07
C ARG FB 84 42.93 62.00 22.43
N ARG FB 85 41.94 61.98 23.30
CA ARG FB 85 42.12 62.63 24.59
C ARG FB 85 41.42 61.81 25.68
N ASP FB 86 42.20 61.02 26.40
CA ASP FB 86 41.72 60.31 27.57
C ASP FB 86 41.48 61.27 28.72
N TYR FB 87 40.61 60.88 29.66
CA TYR FB 87 40.38 61.62 30.89
C TYR FB 87 39.70 60.69 31.89
N LEU FB 88 39.48 61.19 33.11
CA LEU FB 88 38.92 60.39 34.19
C LEU FB 88 37.61 61.01 34.65
N HIS FB 89 36.53 60.64 33.97
CA HIS FB 89 35.18 61.00 34.37
C HIS FB 89 34.84 60.38 35.72
N TYR FB 90 33.95 61.02 36.46
CA TYR FB 90 33.61 60.61 37.82
C TYR FB 90 32.15 60.21 37.88
N ILE FB 91 31.87 59.16 38.66
CA ILE FB 91 30.50 58.75 38.95
C ILE FB 91 30.21 59.03 40.41
N ARG FB 92 29.05 59.64 40.67
CA ARG FB 92 28.67 60.11 42.01
C ARG FB 92 28.41 58.95 42.96
N LYS FB 93 27.55 58.02 42.54
CA LYS FB 93 27.01 56.99 43.45
C LYS FB 93 28.07 56.00 43.87
N TYR FB 94 28.78 55.42 42.91
CA TYR FB 94 29.83 54.45 43.19
C TYR FB 94 31.04 55.06 43.87
N ASN FB 95 31.18 56.39 43.80
CA ASN FB 95 32.30 57.15 44.37
C ASN FB 95 33.62 56.71 43.76
N ARG FB 96 33.59 56.38 42.47
CA ARG FB 96 34.77 55.94 41.73
C ARG FB 96 34.74 56.56 40.34
N PHE FB 97 35.72 56.21 39.52
CA PHE FB 97 35.98 56.89 38.26
C PHE FB 97 35.80 55.91 37.11
N GLU FB 98 35.89 56.44 35.89
CA GLU FB 98 35.96 55.59 34.70
C GLU FB 98 36.72 56.35 33.62
N LYS FB 99 37.54 55.65 32.86
CA LYS FB 99 38.22 56.29 31.73
C LYS FB 99 37.27 56.48 30.56
N ARG FB 100 37.40 57.61 29.89
CA ARG FB 100 36.72 57.84 28.63
C ARG FB 100 37.70 58.49 27.67
N HIS FB 101 37.34 58.47 26.39
CA HIS FB 101 38.09 59.23 25.41
C HIS FB 101 37.13 59.73 24.35
N LYS FB 102 37.45 60.90 23.79
CA LYS FB 102 36.61 61.54 22.78
C LYS FB 102 37.53 62.04 21.68
N ASN FB 103 37.41 61.47 20.49
CA ASN FB 103 38.33 61.77 19.41
C ASN FB 103 37.98 63.09 18.75
N MET FB 104 38.93 64.01 18.71
CA MET FB 104 38.72 65.29 18.07
C MET FB 104 39.55 65.37 16.80
N SER FB 105 39.16 66.30 15.94
CA SER FB 105 39.90 66.66 14.75
C SER FB 105 40.53 68.03 14.96
N VAL FB 106 41.67 68.24 14.30
CA VAL FB 106 42.42 69.47 14.47
C VAL FB 106 43.27 69.71 13.23
N HIS FB 107 43.29 70.96 12.75
CA HIS FB 107 43.97 71.26 11.50
C HIS FB 107 45.47 71.33 11.71
N LEU FB 108 46.20 70.46 11.02
CA LEU FB 108 47.64 70.34 11.22
C LEU FB 108 48.34 71.33 10.31
N SER FB 109 48.85 72.39 10.89
CA SER FB 109 49.73 73.30 10.20
C SER FB 109 50.97 72.53 9.77
N PRO FB 110 51.28 72.47 8.49
CA PRO FB 110 52.41 71.65 8.06
C PRO FB 110 53.77 72.29 8.31
N CYS FB 111 53.80 73.43 9.01
CA CYS FB 111 55.04 73.92 9.57
C CYS FB 111 55.59 72.93 10.59
N PHE FB 112 54.71 72.26 11.33
CA PHE FB 112 55.16 71.23 12.27
C PHE FB 112 55.45 69.96 11.51
N ARG FB 113 56.71 69.80 11.13
CA ARG FB 113 57.16 68.57 10.51
C ARG FB 113 57.61 67.59 11.59
N ASP FB 114 57.57 66.30 11.24
CA ASP FB 114 58.01 65.18 12.08
C ASP FB 114 57.21 65.12 13.37
N VAL FB 115 55.90 65.01 13.22
CA VAL FB 115 54.95 65.19 14.31
C VAL FB 115 54.42 63.81 14.70
N GLN FB 116 55.29 62.81 14.52
CA GLN FB 116 54.94 61.40 14.26
C GLN FB 116 53.99 60.80 15.29
N ILE FB 117 53.27 59.77 14.85
CA ILE FB 117 52.05 59.27 15.50
C ILE FB 117 52.33 58.79 16.91
N GLY FB 118 51.62 59.37 17.87
CA GLY FB 118 51.72 58.96 19.26
C GLY FB 118 52.25 60.02 20.19
N ASP FB 119 52.61 61.20 19.71
CA ASP FB 119 53.23 62.21 20.56
C ASP FB 119 52.21 63.22 21.05
N ILE FB 120 52.55 63.88 22.12
CA ILE FB 120 51.60 64.74 22.81
C ILE FB 120 51.55 66.09 22.12
N VAL FB 121 50.35 66.61 21.93
CA VAL FB 121 50.14 67.87 21.24
C VAL FB 121 49.23 68.73 22.11
N THR FB 122 49.26 70.03 21.85
CA THR FB 122 48.43 71.00 22.54
C THR FB 122 47.68 71.81 21.50
N VAL FB 123 46.40 72.07 21.73
CA VAL FB 123 45.55 72.66 20.70
C VAL FB 123 44.90 73.95 21.20
N GLY FB 124 44.37 74.71 20.25
CA GLY FB 124 43.67 75.94 20.57
C GLY FB 124 42.43 76.05 19.70
N GLU FB 125 41.47 76.83 20.20
CA GLU FB 125 40.15 76.95 19.59
C GLU FB 125 40.14 78.00 18.50
N CYS FB 126 39.34 77.76 17.46
CA CYS FB 126 39.19 78.72 16.37
C CYS FB 126 37.72 78.78 15.94
N ARG FB 127 37.50 79.35 14.75
CA ARG FB 127 36.20 79.40 14.11
C ARG FB 127 35.82 78.01 13.61
N PRO FB 128 34.61 77.81 13.07
CA PRO FB 128 34.36 76.49 12.46
C PRO FB 128 35.14 76.32 11.17
N LEU FB 129 36.22 75.55 11.21
CA LEU FB 129 37.05 75.41 10.02
C LEU FB 129 36.41 74.45 9.02
N SER FB 130 35.81 73.38 9.52
CA SER FB 130 35.09 72.43 8.68
C SER FB 130 33.93 71.92 9.52
N LYS FB 131 33.38 70.76 9.14
CA LYS FB 131 32.26 70.20 9.89
C LYS FB 131 32.68 69.80 11.29
N THR FB 132 33.83 69.14 11.43
CA THR FB 132 34.30 68.72 12.73
C THR FB 132 35.49 69.53 13.23
N VAL FB 133 36.28 70.09 12.32
CA VAL FB 133 37.50 70.79 12.69
C VAL FB 133 37.11 72.16 13.25
N ARG FB 134 37.08 72.27 14.57
CA ARG FB 134 37.03 73.56 15.24
C ARG FB 134 38.30 73.85 16.01
N PHE FB 135 39.31 72.98 15.93
CA PHE FB 135 40.54 73.19 16.69
C PHE FB 135 41.74 73.39 15.79
N ASN FB 136 42.88 73.71 16.42
CA ASN FB 136 44.04 74.21 15.69
C ASN FB 136 45.31 73.84 16.46
N VAL FB 137 46.34 73.43 15.73
CA VAL FB 137 47.60 72.98 16.34
C VAL FB 137 48.36 74.17 16.89
N LEU FB 138 48.82 74.06 18.13
CA LEU FB 138 49.42 75.16 18.85
C LEU FB 138 50.84 74.89 19.34
N LYS FB 139 51.16 73.66 19.73
CA LYS FB 139 52.50 73.31 20.18
C LYS FB 139 52.63 71.79 20.14
N VAL FB 140 53.77 71.30 19.70
CA VAL FB 140 54.07 69.87 19.67
C VAL FB 140 55.04 69.56 20.80
N THR FB 141 54.56 68.85 21.82
CA THR FB 141 55.37 68.62 23.01
C THR FB 141 56.45 67.59 22.75
N LYS FB 142 56.07 66.39 22.32
CA LYS FB 142 57.01 65.29 22.23
C LYS FB 142 57.46 65.10 20.78
N ALA FB 143 58.75 64.82 20.59
CA ALA FB 143 59.32 64.46 19.30
C ALA FB 143 59.32 62.96 19.06
N ALA FB 144 58.37 62.25 19.68
CA ALA FB 144 58.25 60.78 19.63
C ALA FB 144 59.52 60.09 20.13
N GLY FB 145 60.07 60.62 21.22
CA GLY FB 145 61.12 59.91 21.94
C GLY FB 145 62.50 60.05 21.35
N THR FB 146 62.89 59.04 20.57
CA THR FB 146 64.28 58.82 20.19
C THR FB 146 64.73 59.90 19.21
N LYS FB 147 65.45 60.89 19.73
CA LYS FB 147 66.16 61.86 18.91
C LYS FB 147 67.61 61.48 18.69
N LYS FB 148 67.87 60.18 18.55
CA LYS FB 148 69.23 59.68 18.42
C LYS FB 148 69.37 58.50 17.47
N GLN FB 149 68.30 57.79 17.14
CA GLN FB 149 68.37 56.43 16.65
C GLN FB 149 68.78 56.35 15.18
N PHE FB 150 69.56 55.31 14.87
CA PHE FB 150 69.83 54.87 13.50
C PHE FB 150 69.64 53.37 13.43
N GLN FB 151 69.16 52.90 12.28
CA GLN FB 151 68.80 51.49 12.10
C GLN FB 151 69.25 50.93 10.74
N LYS FB 152 68.75 49.75 10.40
CA LYS FB 152 69.02 49.12 9.10
C LYS FB 152 68.16 49.72 8.01
N PHE FB 153 68.81 50.32 7.01
CA PHE FB 153 68.21 51.03 5.86
C PHE FB 153 67.21 52.11 6.26
N VAL GB 1 -73.11 48.98 119.09
CA VAL GB 1 -73.30 47.57 118.81
C VAL GB 1 -71.94 46.95 118.50
N MET GB 2 -71.47 46.11 119.41
CA MET GB 2 -70.12 45.57 119.36
C MET GB 2 -70.06 44.06 119.18
N ASP GB 3 -71.07 43.32 119.66
CA ASP GB 3 -70.97 41.87 119.69
C ASP GB 3 -71.31 41.20 118.35
N VAL GB 4 -71.81 41.96 117.36
CA VAL GB 4 -71.82 41.47 115.99
C VAL GB 4 -70.39 41.50 115.42
N ASN GB 5 -69.49 42.26 116.04
CA ASN GB 5 -68.09 42.25 115.62
C ASN GB 5 -67.29 41.25 116.45
N THR GB 6 -67.40 41.34 117.79
CA THR GB 6 -66.55 40.55 118.68
C THR GB 6 -66.97 39.10 118.75
N ALA GB 7 -68.26 38.85 119.05
CA ALA GB 7 -68.73 37.48 119.26
C ALA GB 7 -68.93 36.72 117.96
N LEU GB 8 -68.85 37.39 116.81
CA LEU GB 8 -69.18 36.74 115.55
C LEU GB 8 -67.95 36.18 114.83
N GLN GB 9 -66.87 36.95 114.72
CA GLN GB 9 -65.67 36.34 114.17
C GLN GB 9 -64.96 35.46 115.19
N GLU GB 10 -65.39 35.46 116.45
CA GLU GB 10 -64.87 34.52 117.44
C GLU GB 10 -65.23 33.08 117.08
N VAL GB 11 -66.46 32.85 116.61
CA VAL GB 11 -66.82 31.52 116.14
C VAL GB 11 -66.36 31.31 114.70
N LEU GB 12 -66.34 32.39 113.90
CA LEU GB 12 -66.01 32.25 112.48
C LEU GB 12 -64.51 32.09 112.24
N LYS GB 13 -63.65 32.39 113.24
CA LYS GB 13 -62.22 32.09 113.12
C LYS GB 13 -61.81 30.84 113.89
N THR GB 14 -62.46 30.53 115.02
CA THR GB 14 -62.12 29.32 115.77
C THR GB 14 -62.56 28.07 115.01
N ALA GB 15 -63.74 28.11 114.39
CA ALA GB 15 -64.18 27.02 113.53
C ALA GB 15 -63.51 27.05 112.15
N LEU GB 16 -62.84 28.14 111.80
CA LEU GB 16 -61.90 28.12 110.66
C LEU GB 16 -60.73 27.19 110.96
N ILE GB 17 -60.08 27.39 112.12
CA ILE GB 17 -58.93 26.58 112.52
C ILE GB 17 -59.37 25.14 112.77
N HIS GB 18 -60.39 24.97 113.58
CA HIS GB 18 -60.92 23.65 113.91
C HIS GB 18 -61.64 23.07 112.70
N ASP GB 19 -61.90 21.78 112.77
CA ASP GB 19 -62.42 21.06 111.60
C ASP GB 19 -63.86 21.45 111.31
N GLY GB 20 -64.64 21.82 112.33
CA GLY GB 20 -66.08 21.87 112.21
C GLY GB 20 -66.68 23.04 111.47
N LEU GB 21 -66.29 23.24 110.22
CA LEU GB 21 -66.90 24.27 109.36
C LEU GB 21 -67.24 23.57 108.05
N ALA GB 22 -68.44 22.99 107.99
CA ALA GB 22 -68.93 22.38 106.76
C ALA GB 22 -69.29 23.45 105.75
N ARG GB 23 -68.95 23.21 104.49
CA ARG GB 23 -69.08 24.22 103.45
C ARG GB 23 -69.82 23.63 102.25
N GLY GB 24 -70.99 24.18 101.96
CA GLY GB 24 -71.73 23.88 100.76
C GLY GB 24 -73.19 23.60 101.02
N ILE GB 25 -73.93 23.49 99.91
CA ILE GB 25 -75.39 23.41 99.97
C ILE GB 25 -75.83 22.00 100.34
N ARG GB 26 -75.37 21.00 99.57
CA ARG GB 26 -75.50 19.60 99.96
C ARG GB 26 -74.80 19.32 101.28
N GLU GB 27 -73.63 19.95 101.49
CA GLU GB 27 -72.76 19.60 102.59
C GLU GB 27 -73.36 20.02 103.92
N ALA GB 28 -73.96 21.21 103.96
CA ALA GB 28 -74.75 21.60 105.12
C ALA GB 28 -75.91 20.65 105.33
N ALA GB 29 -76.58 20.27 104.24
CA ALA GB 29 -77.83 19.52 104.34
C ALA GB 29 -77.60 18.08 104.77
N LYS GB 30 -76.48 17.46 104.34
CA LYS GB 30 -76.14 16.14 104.86
C LYS GB 30 -75.82 16.20 106.34
N ALA GB 31 -75.17 17.28 106.78
CA ALA GB 31 -74.92 17.48 108.21
C ALA GB 31 -76.21 17.69 108.98
N LEU GB 32 -77.25 18.19 108.29
CA LEU GB 32 -78.56 18.28 108.92
C LEU GB 32 -79.28 16.93 108.92
N ASP GB 33 -79.00 16.06 107.94
CA ASP GB 33 -79.60 14.72 107.91
C ASP GB 33 -78.96 13.79 108.94
N LYS GB 34 -77.62 13.68 108.91
CA LYS GB 34 -76.91 12.90 109.91
C LYS GB 34 -76.95 13.52 111.31
N ARG GB 35 -77.42 14.77 111.43
CA ARG GB 35 -77.68 15.44 112.71
C ARG GB 35 -76.40 15.62 113.53
N GLN GB 36 -75.28 15.79 112.83
CA GLN GB 36 -73.97 15.84 113.45
C GLN GB 36 -73.55 17.25 113.85
N ALA GB 37 -74.50 18.16 114.07
CA ALA GB 37 -74.21 19.56 114.29
C ALA GB 37 -75.05 20.14 115.42
N HIS GB 38 -74.69 21.35 115.82
CA HIS GB 38 -75.40 22.10 116.85
C HIS GB 38 -75.73 23.51 116.37
N LEU GB 39 -74.96 24.06 115.43
CA LEU GB 39 -75.19 25.41 114.90
C LEU GB 39 -75.22 25.40 113.38
N CYS GB 40 -75.97 26.35 112.80
CA CYS GB 40 -75.97 26.55 111.36
C CYS GB 40 -76.12 28.03 111.04
N VAL GB 41 -75.67 28.41 109.85
CA VAL GB 41 -75.73 29.79 109.34
C VAL GB 41 -76.32 29.75 107.94
N LEU GB 42 -77.16 30.72 107.60
CA LEU GB 42 -77.63 30.90 106.23
C LEU GB 42 -77.56 32.37 105.80
N ALA GB 43 -77.28 32.58 104.52
CA ALA GB 43 -77.25 33.91 103.92
C ALA GB 43 -78.41 34.07 102.96
N SER GB 44 -79.16 35.16 103.11
CA SER GB 44 -80.53 35.25 102.62
C SER GB 44 -80.64 35.72 101.17
N ASN GB 45 -79.99 36.82 100.83
CA ASN GB 45 -80.26 37.55 99.57
C ASN GB 45 -79.57 36.85 98.40
N CYS GB 46 -80.30 35.97 97.73
CA CYS GB 46 -79.71 35.06 96.77
C CYS GB 46 -80.27 35.29 95.36
N ASP GB 47 -79.40 35.08 94.36
CA ASP GB 47 -79.81 34.98 92.97
C ASP GB 47 -80.37 33.61 92.61
N GLU GB 48 -80.23 32.64 93.48
CA GLU GB 48 -80.98 31.40 93.33
C GLU GB 48 -82.44 31.65 93.69
N PRO GB 49 -83.39 31.13 92.90
CA PRO GB 49 -84.79 31.13 93.35
C PRO GB 49 -85.03 30.06 94.42
N MET GB 50 -85.47 30.52 95.60
CA MET GB 50 -85.64 29.69 96.80
C MET GB 50 -84.36 28.92 97.15
N TYR GB 51 -83.34 29.70 97.51
CA TYR GB 51 -82.10 29.12 98.02
C TYR GB 51 -82.26 28.71 99.47
N VAL GB 52 -82.79 29.61 100.30
CA VAL GB 52 -82.52 29.55 101.72
C VAL GB 52 -83.52 28.71 102.50
N LYS GB 53 -84.78 28.68 102.09
CA LYS GB 53 -85.80 28.18 102.99
C LYS GB 53 -85.90 26.67 102.97
N LEU GB 54 -85.29 26.02 101.98
CA LEU GB 54 -85.10 24.57 102.04
C LEU GB 54 -84.06 24.20 103.09
N VAL GB 55 -82.99 25.00 103.19
CA VAL GB 55 -81.96 24.77 104.19
C VAL GB 55 -82.55 24.92 105.58
N GLU GB 56 -83.34 25.98 105.80
CA GLU GB 56 -83.91 26.19 107.12
C GLU GB 56 -85.09 25.28 107.40
N ALA GB 57 -85.61 24.61 106.38
CA ALA GB 57 -86.64 23.59 106.60
C ALA GB 57 -86.09 22.45 107.46
N LEU GB 58 -84.86 22.00 107.19
CA LEU GB 58 -84.27 20.96 108.01
C LEU GB 58 -83.75 21.50 109.33
N CYS GB 59 -83.44 22.81 109.39
CA CYS GB 59 -82.88 23.42 110.59
C CYS GB 59 -83.83 23.30 111.78
N ALA GB 60 -85.07 23.77 111.61
CA ALA GB 60 -86.02 23.84 112.72
C ALA GB 60 -86.61 22.49 113.08
N GLU GB 61 -86.64 21.53 112.15
CA GLU GB 61 -87.26 20.24 112.39
C GLU GB 61 -86.26 19.17 112.85
N HIS GB 62 -84.97 19.49 112.91
CA HIS GB 62 -83.95 18.57 113.39
C HIS GB 62 -83.16 19.11 114.58
N GLN GB 63 -83.68 20.16 115.23
CA GLN GB 63 -83.14 20.77 116.45
C GLN GB 63 -81.73 21.30 116.24
N ILE GB 64 -81.50 21.92 115.08
CA ILE GB 64 -80.23 22.58 114.76
C ILE GB 64 -80.50 24.07 114.70
N ASN GB 65 -79.79 24.80 115.56
CA ASN GB 65 -80.02 26.23 115.78
C ASN GB 65 -79.50 27.07 114.60
N LEU GB 66 -80.15 28.22 114.36
CA LEU GB 66 -79.94 28.98 113.13
C LEU GB 66 -79.68 30.46 113.38
N ILE GB 67 -78.78 31.03 112.58
CA ILE GB 67 -78.49 32.46 112.54
C ILE GB 67 -78.51 32.88 111.07
N LYS GB 68 -78.68 34.18 110.81
CA LYS GB 68 -78.77 34.63 109.44
C LYS GB 68 -78.07 35.97 109.20
N VAL GB 69 -77.59 36.13 107.95
CA VAL GB 69 -76.83 37.28 107.43
C VAL GB 69 -77.46 37.68 106.10
N ASP GB 70 -77.39 38.96 105.76
CA ASP GB 70 -77.91 39.44 104.47
C ASP GB 70 -77.12 38.87 103.28
N ASP GB 71 -75.81 39.17 103.19
CA ASP GB 71 -75.01 38.88 102.00
C ASP GB 71 -73.82 38.00 102.32
N ASN GB 72 -73.16 37.51 101.26
CA ASN GB 72 -71.96 36.70 101.39
C ASN GB 72 -70.76 37.19 100.58
N LYS GB 73 -70.82 38.38 99.97
CA LYS GB 73 -69.61 39.01 99.47
C LYS GB 73 -68.67 39.37 100.61
N LYS GB 74 -69.22 39.64 101.80
CA LYS GB 74 -68.45 39.93 103.01
C LYS GB 74 -68.20 38.68 103.86
N LEU GB 75 -69.13 37.72 103.86
CA LEU GB 75 -68.97 36.52 104.69
C LEU GB 75 -67.81 35.65 104.25
N GLY GB 76 -67.40 35.76 102.98
CA GLY GB 76 -66.22 35.06 102.52
C GLY GB 76 -64.96 35.52 103.23
N GLU GB 77 -64.88 36.82 103.52
CA GLU GB 77 -63.81 37.40 104.30
C GLU GB 77 -64.21 37.65 105.75
N TRP GB 78 -65.43 37.28 106.15
CA TRP GB 78 -65.68 36.99 107.55
C TRP GB 78 -65.18 35.60 107.94
N VAL GB 79 -65.43 34.60 107.10
CA VAL GB 79 -65.02 33.23 107.41
C VAL GB 79 -63.56 33.00 107.03
N GLY GB 80 -63.22 33.24 105.76
CA GLY GB 80 -62.00 32.69 105.21
C GLY GB 80 -62.28 31.88 103.96
N LEU GB 81 -63.35 32.24 103.26
CA LEU GB 81 -63.83 31.55 102.06
C LEU GB 81 -63.23 32.13 100.79
N CYS GB 82 -61.91 32.25 100.76
CA CYS GB 82 -61.25 32.99 99.68
C CYS GB 82 -59.78 32.60 99.61
N LYS GB 83 -59.30 32.45 98.39
CA LYS GB 83 -57.89 32.22 98.13
C LYS GB 83 -57.13 33.51 98.41
N ILE GB 84 -56.14 33.46 99.32
CA ILE GB 84 -55.44 34.64 99.77
C ILE GB 84 -53.94 34.45 99.56
N ASP GB 85 -53.23 35.57 99.51
CA ASP GB 85 -51.81 35.58 99.82
C ASP GB 85 -51.64 35.63 101.34
N ARG GB 86 -50.40 35.49 101.80
CA ARG GB 86 -50.21 35.50 103.25
C ARG GB 86 -50.23 36.91 103.86
N GLU GB 87 -50.49 37.95 103.05
CA GLU GB 87 -50.77 39.28 103.59
C GLU GB 87 -52.03 39.28 104.43
N GLY GB 88 -53.04 38.51 104.00
CA GLY GB 88 -54.34 38.51 104.61
C GLY GB 88 -55.43 39.13 103.75
N LYS GB 89 -55.07 39.82 102.65
CA LYS GB 89 -56.04 40.49 101.79
C LYS GB 89 -56.49 39.55 100.67
N PRO GB 90 -57.79 39.44 100.40
CA PRO GB 90 -58.30 38.33 99.59
C PRO GB 90 -58.21 38.54 98.08
N ARG GB 91 -58.35 37.42 97.35
CA ARG GB 91 -58.47 37.40 95.89
C ARG GB 91 -59.88 36.94 95.51
N LYS GB 92 -60.71 37.89 95.07
CA LYS GB 92 -62.04 37.66 94.47
C LYS GB 92 -62.95 36.87 95.43
N VAL GB 93 -63.25 37.53 96.55
CA VAL GB 93 -63.83 36.88 97.71
C VAL GB 93 -65.36 36.88 97.64
N VAL GB 94 -65.95 35.67 97.63
CA VAL GB 94 -67.39 35.48 97.82
C VAL GB 94 -67.62 34.28 98.74
N GLY GB 95 -68.75 34.30 99.44
CA GLY GB 95 -69.04 33.34 100.50
C GLY GB 95 -70.07 32.31 100.10
N CYS GB 96 -69.96 31.12 100.69
CA CYS GB 96 -70.69 29.94 100.24
C CYS GB 96 -72.17 29.96 100.56
N SER GB 97 -72.60 30.82 101.49
CA SER GB 97 -73.97 31.00 101.99
C SER GB 97 -74.50 29.81 102.78
N CYS GB 98 -73.69 28.79 103.06
CA CYS GB 98 -74.10 27.66 103.89
C CYS GB 98 -72.95 27.30 104.83
N VAL GB 99 -73.13 27.52 106.13
CA VAL GB 99 -72.09 27.33 107.13
C VAL GB 99 -72.66 26.50 108.28
N VAL GB 100 -71.94 25.45 108.68
CA VAL GB 100 -72.39 24.49 109.69
C VAL GB 100 -71.26 24.21 110.68
N VAL GB 101 -71.57 24.35 111.99
CA VAL GB 101 -70.66 23.93 113.05
C VAL GB 101 -71.05 22.51 113.47
N LYS GB 102 -70.26 21.53 113.04
CA LYS GB 102 -70.51 20.13 113.41
C LYS GB 102 -70.03 19.86 114.83
N ASP GB 103 -68.76 20.18 115.09
CA ASP GB 103 -68.15 20.08 116.41
C ASP GB 103 -67.27 21.30 116.64
N TYR GB 104 -67.51 21.99 117.76
CA TYR GB 104 -66.89 23.30 117.98
C TYR GB 104 -65.42 23.15 118.35
N GLY GB 105 -64.64 24.20 118.08
CA GLY GB 105 -63.27 24.27 118.55
C GLY GB 105 -63.18 24.70 120.01
N LYS GB 106 -62.78 23.77 120.90
CA LYS GB 106 -63.00 23.95 122.34
C LYS GB 106 -62.08 25.00 122.96
N GLU GB 107 -61.03 25.42 122.26
CA GLU GB 107 -60.01 26.30 122.83
C GLU GB 107 -60.39 27.78 122.85
N SER GB 108 -61.61 28.14 122.48
CA SER GB 108 -62.07 29.52 122.56
C SER GB 108 -63.08 29.68 123.69
N GLN GB 109 -63.08 30.86 124.30
CA GLN GB 109 -63.98 31.18 125.40
C GLN GB 109 -65.27 31.77 124.83
N ALA GB 110 -66.07 32.40 125.69
CA ALA GB 110 -67.25 33.18 125.31
C ALA GB 110 -68.32 32.32 124.66
N LYS GB 111 -68.57 31.12 125.19
CA LYS GB 111 -69.79 30.40 124.82
C LYS GB 111 -71.04 31.05 125.38
N ASP GB 112 -70.92 31.87 126.43
CA ASP GB 112 -72.09 32.57 126.94
C ASP GB 112 -72.53 33.69 126.00
N VAL GB 113 -71.58 34.46 125.47
CA VAL GB 113 -71.91 35.55 124.55
C VAL GB 113 -72.42 34.99 123.23
N ILE GB 114 -71.98 33.76 122.88
CA ILE GB 114 -72.63 32.96 121.85
C ILE GB 114 -74.10 32.76 122.20
N GLU GB 115 -74.37 32.14 123.35
CA GLU GB 115 -75.73 31.65 123.58
C GLU GB 115 -76.68 32.69 124.18
N GLU GB 116 -76.18 33.79 124.79
CA GLU GB 116 -77.12 34.77 125.35
C GLU GB 116 -77.73 35.68 124.30
N TYR GB 117 -76.95 36.09 123.29
CA TYR GB 117 -77.56 36.81 122.17
C TYR GB 117 -78.46 35.91 121.36
N PHE GB 118 -78.14 34.62 121.29
CA PHE GB 118 -78.65 33.77 120.22
C PHE GB 118 -80.10 33.38 120.43
N LYS GB 119 -80.35 32.61 121.49
CA LYS GB 119 -81.69 32.18 121.90
C LYS GB 119 -81.82 32.17 123.42
N CYS GB 120 -81.12 33.09 124.09
CA CYS GB 120 -80.88 33.15 125.54
C CYS GB 120 -80.57 31.80 126.19
N GLY HB 1 52.88 31.26 41.67
CA GLY HB 1 54.20 30.65 41.54
C GLY HB 1 55.00 31.17 40.35
N ARG HB 2 54.98 30.41 39.27
CA ARG HB 2 55.59 30.81 38.01
C ARG HB 2 54.49 31.15 37.01
N MET HB 3 54.86 31.33 35.76
CA MET HB 3 53.86 31.77 34.77
C MET HB 3 53.03 30.60 34.26
N HIS HB 4 53.66 29.69 33.52
CA HIS HB 4 52.95 28.71 32.71
C HIS HB 4 53.04 27.31 33.27
N ALA HB 5 53.48 27.16 34.52
CA ALA HB 5 53.47 25.90 35.21
C ALA HB 5 53.28 26.33 36.65
N PRO HB 6 52.41 25.66 37.41
CA PRO HB 6 51.99 26.18 38.72
C PRO HB 6 53.00 26.00 39.85
N GLY HB 7 54.26 25.73 39.54
CA GLY HB 7 55.23 25.49 40.60
C GLY HB 7 55.56 26.76 41.36
N LYS HB 8 55.49 26.67 42.68
CA LYS HB 8 55.80 27.77 43.58
C LYS HB 8 57.01 27.47 44.44
N GLY HB 9 58.04 26.89 43.85
CA GLY HB 9 59.28 26.73 44.57
C GLY HB 9 59.98 28.06 44.76
N LEU HB 10 61.01 28.07 45.61
CA LEU HB 10 61.77 29.29 45.82
C LEU HB 10 63.24 28.91 45.79
N SER HB 11 63.81 28.91 44.60
CA SER HB 11 65.22 28.64 44.36
C SER HB 11 65.79 29.92 43.77
N GLN HB 12 66.25 30.80 44.63
CA GLN HB 12 66.90 32.02 44.20
C GLN HB 12 68.29 32.10 44.80
N SER HB 13 69.04 33.07 44.33
CA SER HB 13 70.34 33.42 44.89
C SER HB 13 70.25 34.83 45.47
N ALA HB 14 71.08 35.09 46.47
CA ALA HB 14 71.11 36.39 47.12
C ALA HB 14 72.53 36.87 47.23
N LEU HB 15 72.79 38.09 46.78
CA LEU HB 15 74.05 38.73 47.10
C LEU HB 15 74.11 38.97 48.60
N PRO HB 16 75.27 38.77 49.24
CA PRO HB 16 75.41 39.11 50.65
C PRO HB 16 75.39 40.61 50.86
N TYR HB 17 75.43 41.01 52.13
CA TYR HB 17 75.47 42.44 52.40
C TYR HB 17 76.85 43.02 52.08
N ARG HB 18 77.88 42.18 52.13
CA ARG HB 18 79.26 42.64 52.06
C ARG HB 18 79.59 43.16 50.67
N ARG HB 19 80.44 44.16 50.62
CA ARG HB 19 80.77 44.94 49.43
C ARG HB 19 81.93 44.27 48.69
N SER HB 20 82.65 45.03 47.86
CA SER HB 20 83.78 44.57 47.05
C SER HB 20 84.82 43.77 47.82
N VAL HB 21 85.58 42.94 47.10
CA VAL HB 21 86.32 41.80 47.68
C VAL HB 21 87.45 42.28 48.59
N PRO HB 22 87.57 41.73 49.80
CA PRO HB 22 88.48 42.29 50.80
C PRO HB 22 89.98 42.10 50.60
N THR HB 23 90.42 40.88 50.39
CA THR HB 23 91.86 40.66 50.49
C THR HB 23 92.45 40.00 49.26
N TRP HB 24 91.80 38.97 48.72
CA TRP HB 24 92.29 38.29 47.54
C TRP HB 24 91.66 38.96 46.32
N LEU HB 25 91.74 38.30 45.17
CA LEU HB 25 91.24 38.78 43.88
C LEU HB 25 91.93 40.11 43.54
N LYS HB 26 93.25 40.05 43.51
CA LYS HB 26 94.01 41.19 43.03
C LYS HB 26 93.83 41.24 41.52
N LEU HB 27 92.80 41.96 41.09
CA LEU HB 27 92.34 41.93 39.72
C LEU HB 27 91.60 43.23 39.48
N THR HB 28 92.14 44.07 38.59
CA THR HB 28 91.58 45.39 38.40
C THR HB 28 90.38 45.32 37.46
N SER HB 29 89.68 46.44 37.34
CA SER HB 29 88.54 46.51 36.43
C SER HB 29 89.00 46.44 34.97
N ASP HB 30 90.15 47.05 34.67
CA ASP HB 30 90.73 46.92 33.33
C ASP HB 30 91.19 45.50 33.07
N ASP HB 31 91.57 44.78 34.12
CA ASP HB 31 91.98 43.39 33.95
C ASP HB 31 90.77 42.47 33.86
N VAL HB 32 89.67 42.81 34.54
CA VAL HB 32 88.44 42.05 34.39
C VAL HB 32 87.89 42.22 32.98
N LYS HB 33 87.89 43.46 32.48
CA LYS HB 33 87.33 43.72 31.15
C LYS HB 33 88.12 43.03 30.06
N GLU HB 34 89.44 42.99 30.18
CA GLU HB 34 90.24 42.36 29.13
C GLU HB 34 90.04 40.85 29.10
N GLN HB 35 89.82 40.21 30.26
CA GLN HB 35 89.37 38.83 30.21
C GLN HB 35 87.99 38.71 29.61
N ILE HB 36 87.12 39.68 29.90
CA ILE HB 36 85.72 39.50 29.57
C ILE HB 36 85.47 39.83 28.09
N TYR HB 37 86.35 40.62 27.46
CA TYR HB 37 86.34 40.69 26.00
C TYR HB 37 86.78 39.37 25.40
N LYS HB 38 87.77 38.71 26.02
CA LYS HB 38 88.27 37.45 25.49
C LYS HB 38 87.22 36.35 25.52
N LEU HB 39 86.34 36.37 26.52
CA LEU HB 39 85.33 35.33 26.60
C LEU HB 39 84.27 35.51 25.53
N ALA HB 40 83.72 36.72 25.40
CA ALA HB 40 82.68 36.95 24.40
C ALA HB 40 83.23 37.02 22.99
N LYS HB 41 84.55 37.08 22.80
CA LYS HB 41 85.08 36.77 21.48
C LYS HB 41 84.95 35.29 21.21
N LYS HB 42 85.17 34.44 22.22
CA LYS HB 42 85.02 33.00 22.07
C LYS HB 42 83.56 32.56 21.99
N GLY HB 43 82.61 33.47 22.19
CA GLY HB 43 81.25 33.21 21.79
C GLY HB 43 80.36 32.61 22.86
N LEU HB 44 80.32 33.22 24.03
CA LEU HB 44 79.57 32.67 25.14
C LEU HB 44 78.48 33.64 25.59
N THR HB 45 77.55 33.09 26.36
CA THR HB 45 76.41 33.85 26.86
C THR HB 45 76.86 34.78 27.98
N PRO HB 46 76.27 35.98 28.10
CA PRO HB 46 76.42 36.75 29.34
C PRO HB 46 75.92 36.03 30.58
N SER HB 47 74.96 35.14 30.43
CA SER HB 47 74.68 34.23 31.53
C SER HB 47 75.75 33.16 31.68
N GLN HB 48 76.48 32.80 30.61
CA GLN HB 48 77.61 31.89 30.75
C GLN HB 48 78.88 32.60 31.17
N ILE HB 49 79.10 33.82 30.69
CA ILE HB 49 80.28 34.61 31.02
C ILE HB 49 80.36 34.88 32.52
N GLY HB 50 79.22 35.19 33.14
CA GLY HB 50 79.19 35.34 34.58
C GLY HB 50 79.54 34.06 35.32
N VAL HB 51 79.19 32.91 34.74
CA VAL HB 51 79.53 31.63 35.35
C VAL HB 51 81.02 31.35 35.23
N ILE HB 52 81.62 31.75 34.11
CA ILE HB 52 83.02 31.41 33.81
C ILE HB 52 83.96 32.06 34.82
N LEU HB 53 83.77 33.35 35.08
CA LEU HB 53 84.56 34.02 36.11
C LEU HB 53 84.24 33.51 37.51
N ARG HB 54 83.01 33.04 37.74
CA ARG HB 54 82.55 32.79 39.10
C ARG HB 54 83.20 31.54 39.67
N ASP HB 55 83.29 30.48 38.88
CA ASP HB 55 83.98 29.28 39.33
C ASP HB 55 85.48 29.43 39.16
N SER HB 56 85.92 29.57 37.92
CA SER HB 56 87.31 29.28 37.56
C SER HB 56 88.28 30.32 38.08
N HIS HB 57 87.95 31.60 37.93
CA HIS HB 57 88.94 32.64 38.11
C HIS HB 57 88.70 33.44 39.39
N GLY HB 58 87.96 32.88 40.33
CA GLY HB 58 87.81 33.42 41.67
C GLY HB 58 86.98 34.67 41.79
N VAL HB 59 86.34 35.10 40.72
CA VAL HB 59 85.72 36.42 40.68
C VAL HB 59 84.32 36.32 41.26
N ALA HB 60 83.94 37.34 42.03
CA ALA HB 60 82.58 37.50 42.51
C ALA HB 60 81.70 38.14 41.46
N GLN HB 61 80.54 38.63 41.91
CA GLN HB 61 79.71 39.54 41.12
C GLN HB 61 80.54 40.69 40.54
N VAL HB 62 80.38 40.92 39.24
CA VAL HB 62 81.23 41.86 38.52
C VAL HB 62 80.84 43.30 38.83
N ARG HB 63 79.65 43.52 39.41
CA ARG HB 63 79.18 44.85 39.75
C ARG HB 63 80.07 45.54 40.77
N PHE HB 64 80.66 44.78 41.67
CA PHE HB 64 81.47 45.34 42.72
C PHE HB 64 82.88 45.63 42.23
N VAL HB 65 83.44 44.68 41.48
CA VAL HB 65 84.85 44.73 41.13
C VAL HB 65 85.12 45.73 40.00
N THR HB 66 84.10 46.11 39.24
CA THR HB 66 84.27 47.05 38.14
C THR HB 66 83.58 48.37 38.42
N GLY HB 67 82.44 48.32 39.07
CA GLY HB 67 81.55 49.44 39.18
C GLY HB 67 80.45 49.43 38.15
N ASN HB 68 80.28 48.33 37.43
CA ASN HB 68 79.44 48.33 36.25
C ASN HB 68 79.00 46.90 36.00
N LYS HB 69 78.21 46.70 34.95
CA LYS HB 69 77.56 45.42 34.69
C LYS HB 69 78.05 44.86 33.36
N ILE HB 70 78.04 43.52 33.24
CA ILE HB 70 78.81 42.87 32.17
C ILE HB 70 78.20 43.09 30.80
N LEU HB 71 76.95 43.53 30.71
CA LEU HB 71 76.43 43.84 29.40
C LEU HB 71 76.78 45.26 29.00
N ARG HB 72 76.80 46.18 29.97
CA ARG HB 72 77.26 47.54 29.69
C ARG HB 72 78.75 47.57 29.38
N ILE HB 73 79.51 46.68 30.02
CA ILE HB 73 80.90 46.47 29.65
C ILE HB 73 80.98 45.93 28.23
N LEU HB 74 80.08 45.01 27.88
CA LEU HB 74 80.11 44.35 26.59
C LEU HB 74 79.81 45.32 25.46
N LYS HB 75 78.83 46.20 25.66
CA LYS HB 75 78.39 47.12 24.62
C LYS HB 75 79.34 48.29 24.41
N SER HB 76 80.33 48.46 25.30
CA SER HB 76 81.21 49.62 25.24
C SER HB 76 82.01 49.63 23.94
N LYS HB 77 82.51 48.47 23.53
CA LYS HB 77 83.28 48.37 22.30
C LYS HB 77 82.68 47.37 21.31
N GLY HB 78 81.36 47.20 21.31
CA GLY HB 78 80.68 46.58 20.19
C GLY HB 78 80.88 45.09 20.03
N LEU HB 79 80.35 44.31 20.96
CA LEU HB 79 80.36 42.86 20.83
C LEU HB 79 78.95 42.28 20.95
N ALA HB 80 77.93 43.09 20.62
CA ALA HB 80 76.55 42.73 20.89
C ALA HB 80 76.11 41.55 20.04
N PRO HB 81 75.31 40.63 20.59
CA PRO HB 81 74.60 39.68 19.73
C PRO HB 81 73.42 40.31 19.03
N ASP HB 82 72.97 41.49 19.47
CA ASP HB 82 72.02 42.38 18.81
C ASP HB 82 70.60 41.79 18.78
N LEU HB 83 70.44 40.58 19.30
CA LEU HB 83 69.15 40.00 19.60
C LEU HB 83 69.33 39.46 21.01
N PRO HB 84 68.59 39.97 21.99
CA PRO HB 84 68.90 39.68 23.39
C PRO HB 84 68.66 38.23 23.77
N GLU HB 85 69.22 37.86 24.91
CA GLU HB 85 69.41 36.46 25.22
C GLU HB 85 68.18 35.82 25.85
N ASP HB 86 67.35 36.62 26.51
CA ASP HB 86 66.02 36.18 26.89
C ASP HB 86 65.22 35.78 25.66
N LEU HB 87 65.32 36.57 24.60
CA LEU HB 87 64.64 36.22 23.36
C LEU HB 87 65.43 35.17 22.59
N TYR HB 88 66.72 35.02 22.87
CA TYR HB 88 67.51 34.08 22.11
C TYR HB 88 67.21 32.65 22.51
N HIS HB 89 67.19 32.38 23.81
CA HIS HB 89 67.03 31.00 24.27
C HIS HB 89 65.64 30.49 24.04
N LEU HB 90 64.63 31.35 24.20
CA LEU HB 90 63.26 30.89 24.03
C LEU HB 90 62.96 30.63 22.56
N ILE HB 91 63.58 31.38 21.66
CA ILE HB 91 63.51 31.01 20.26
C ILE HB 91 64.28 29.73 19.99
N LYS HB 92 65.40 29.53 20.71
CA LYS HB 92 66.31 28.42 20.42
C LYS HB 92 65.68 27.07 20.70
N LYS HB 93 64.65 27.04 21.54
CA LYS HB 93 63.85 25.83 21.68
C LYS HB 93 62.50 25.92 20.98
N ALA HB 94 62.02 27.13 20.62
CA ALA HB 94 60.76 27.24 19.90
C ALA HB 94 60.88 26.68 18.49
N VAL HB 95 62.08 26.75 17.90
CA VAL HB 95 62.32 26.12 16.62
C VAL HB 95 62.24 24.61 16.75
N ALA HB 96 62.78 24.07 17.85
CA ALA HB 96 62.92 22.63 17.99
C ALA HB 96 61.58 21.96 18.25
N VAL HB 97 60.70 22.60 19.00
CA VAL HB 97 59.43 21.98 19.32
C VAL HB 97 58.53 21.99 18.09
N ARG HB 98 58.65 23.01 17.24
CA ARG HB 98 57.97 22.97 15.95
C ARG HB 98 58.55 21.87 15.07
N LYS HB 99 59.86 21.65 15.13
CA LYS HB 99 60.48 20.59 14.35
C LYS HB 99 60.10 19.23 14.89
N HIS HB 100 60.04 19.08 16.20
CA HIS HB 100 59.60 17.83 16.80
C HIS HB 100 58.16 17.50 16.45
N LEU HB 101 57.30 18.51 16.28
CA LEU HB 101 55.94 18.28 15.81
C LEU HB 101 55.89 17.87 14.36
N GLU HB 102 56.90 18.22 13.57
CA GLU HB 102 56.88 17.87 12.16
C GLU HB 102 57.14 16.39 11.89
N ARG HB 103 57.70 15.67 12.85
CA ARG HB 103 57.74 14.22 12.72
C ARG HB 103 56.79 13.52 13.66
N ASN HB 104 56.17 14.24 14.60
CA ASN HB 104 55.14 13.69 15.47
C ASN HB 104 53.98 14.67 15.43
N ARG HB 105 53.08 14.55 14.47
CA ARG HB 105 51.88 15.37 14.43
C ARG HB 105 50.73 14.73 15.20
N LYS HB 106 51.04 14.15 16.36
CA LYS HB 106 50.06 13.53 17.27
C LYS HB 106 50.53 13.71 18.71
N ASP HB 107 51.73 14.27 18.88
CA ASP HB 107 52.28 14.59 20.20
C ASP HB 107 51.71 15.93 20.63
N LYS HB 108 50.46 15.88 21.09
CA LYS HB 108 49.75 17.11 21.40
C LYS HB 108 50.11 17.65 22.77
N ASP HB 109 50.74 16.84 23.61
CA ASP HB 109 51.40 17.38 24.79
C ASP HB 109 52.50 18.35 24.39
N ALA HB 110 53.24 18.03 23.33
CA ALA HB 110 54.19 18.98 22.80
C ALA HB 110 53.51 20.13 22.07
N LYS HB 111 52.29 19.92 21.58
CA LYS HB 111 51.58 21.02 20.93
C LYS HB 111 51.15 22.05 21.94
N PHE HB 112 50.72 21.61 23.11
CA PHE HB 112 50.32 22.55 24.15
C PHE HB 112 51.51 23.33 24.68
N ARG HB 113 52.69 22.70 24.75
CA ARG HB 113 53.86 23.40 25.25
C ARG HB 113 54.37 24.44 24.26
N LEU HB 114 54.07 24.25 22.97
CA LEU HB 114 54.40 25.28 21.99
C LEU HB 114 53.62 26.55 22.25
N ILE HB 115 52.36 26.41 22.68
CA ILE HB 115 51.53 27.56 22.98
C ILE HB 115 52.12 28.36 24.13
N LEU HB 116 52.68 27.65 25.12
CA LEU HB 116 53.30 28.34 26.24
C LEU HB 116 54.58 29.05 25.82
N ILE HB 117 55.35 28.44 24.93
CA ILE HB 117 56.60 29.06 24.48
C ILE HB 117 56.31 30.17 23.47
N GLU HB 118 55.28 30.01 22.65
CA GLU HB 118 54.84 31.14 21.82
C GLU HB 118 54.23 32.24 22.66
N SER HB 119 53.63 31.90 23.81
CA SER HB 119 53.17 32.93 24.71
C SER HB 119 54.34 33.76 25.22
N ARG HB 120 55.43 33.09 25.60
CA ARG HB 120 56.53 33.80 26.24
C ARG HB 120 57.28 34.69 25.27
N ILE HB 121 57.30 34.33 23.98
CA ILE HB 121 57.96 35.19 23.00
C ILE HB 121 57.22 36.50 22.85
N HIS HB 122 55.91 36.43 22.62
CA HIS HB 122 55.19 37.63 22.24
C HIS HB 122 54.90 38.52 23.43
N ARG HB 123 54.99 38.00 24.65
CA ARG HB 123 55.11 38.87 25.82
C ARG HB 123 56.45 39.57 25.84
N LEU HB 124 57.53 38.82 25.61
CA LEU HB 124 58.87 39.41 25.70
C LEU HB 124 59.19 40.29 24.51
N ALA HB 125 58.49 40.10 23.40
CA ALA HB 125 58.54 41.09 22.34
C ALA HB 125 57.92 42.40 22.79
N ARG HB 126 56.86 42.34 23.60
CA ARG HB 126 56.19 43.55 24.03
C ARG HB 126 57.04 44.37 25.00
N TYR HB 127 57.85 43.69 25.82
CA TYR HB 127 58.71 44.43 26.73
C TYR HB 127 59.88 45.09 26.02
N TYR HB 128 60.56 44.33 25.16
CA TYR HB 128 61.72 44.87 24.48
C TYR HB 128 61.36 45.95 23.46
N LYS HB 129 60.12 45.95 22.96
CA LYS HB 129 59.67 47.08 22.16
C LYS HB 129 59.43 48.32 23.01
N THR HB 130 59.16 48.13 24.31
CA THR HB 130 58.82 49.26 25.18
C THR HB 130 60.07 50.00 25.64
N LYS HB 131 61.17 49.28 25.87
CA LYS HB 131 62.44 49.95 26.16
C LYS HB 131 63.14 50.43 24.92
N ARG HB 132 62.58 50.18 23.74
CA ARG HB 132 63.02 50.64 22.43
C ARG HB 132 64.35 50.07 22.01
N VAL HB 133 64.81 49.01 22.68
CA VAL HB 133 65.99 48.32 22.21
C VAL HB 133 65.63 47.35 21.10
N LEU HB 134 64.35 47.03 20.95
CA LEU HB 134 63.86 46.20 19.89
C LEU HB 134 62.84 47.03 19.10
N PRO HB 135 63.07 47.29 17.82
CA PRO HB 135 62.36 48.38 17.13
C PRO HB 135 60.91 48.01 16.86
N PRO HB 136 60.03 49.00 16.64
CA PRO HB 136 58.59 48.71 16.53
C PRO HB 136 58.19 48.00 15.25
N ASN HB 137 59.05 47.94 14.24
CA ASN HB 137 58.70 47.21 13.04
C ASN HB 137 58.86 45.69 13.19
N TRP HB 138 59.51 45.24 14.27
CA TRP HB 138 59.95 43.86 14.41
C TRP HB 138 58.76 42.92 14.51
N LYS HB 139 58.88 41.73 13.96
CA LYS HB 139 57.82 40.72 13.98
C LYS HB 139 58.42 39.33 14.19
N TYR HB 140 57.55 38.34 14.26
CA TYR HB 140 57.95 36.95 14.49
C TYR HB 140 56.85 36.07 13.95
N GLU HB 141 57.06 35.39 12.81
CA GLU HB 141 56.04 34.48 12.30
C GLU HB 141 56.49 33.03 12.22
N SER HB 142 57.40 32.68 11.32
CA SER HB 142 57.86 31.30 11.30
C SER HB 142 59.33 31.16 10.97
N SER HB 143 59.78 31.88 9.94
CA SER HB 143 61.08 31.67 9.33
C SER HB 143 62.12 32.61 9.88
N THR HB 144 61.66 33.73 10.45
CA THR HB 144 62.47 34.56 11.33
C THR HB 144 63.05 33.72 12.47
N ALA HB 145 62.27 32.75 12.96
CA ALA HB 145 62.78 31.82 13.95
C ALA HB 145 63.88 30.92 13.38
N SER HB 146 63.77 30.55 12.11
CA SER HB 146 64.61 29.46 11.60
C SER HB 146 66.07 29.88 11.44
N ALA HB 147 66.31 30.95 10.67
CA ALA HB 147 67.68 31.39 10.43
C ALA HB 147 68.32 32.02 11.66
N LEU HB 148 67.53 32.38 12.66
CA LEU HB 148 68.05 33.00 13.87
C LEU HB 148 68.10 31.96 14.99
N VAL HB 149 69.06 31.04 14.85
CA VAL HB 149 69.14 29.81 15.66
C VAL HB 149 69.41 30.11 17.13
N SER IB 1 46.59 -59.24 35.64
CA SER IB 1 47.68 -58.43 35.10
C SER IB 1 48.90 -58.46 36.02
N LEU IB 2 50.07 -58.71 35.43
CA LEU IB 2 51.34 -58.54 36.11
C LEU IB 2 51.75 -57.08 36.21
N GLY IB 3 51.03 -56.18 35.54
CA GLY IB 3 51.11 -54.77 35.77
C GLY IB 3 52.41 -54.13 35.33
N PRO IB 4 52.56 -52.87 35.62
CA PRO IB 4 53.79 -52.16 35.26
C PRO IB 4 55.02 -52.61 36.03
N GLN IB 5 54.96 -52.51 37.35
CA GLN IB 5 56.15 -52.60 38.20
C GLN IB 5 55.78 -53.34 39.47
N VAL IB 6 56.67 -54.22 39.89
CA VAL IB 6 56.51 -55.05 41.09
C VAL IB 6 57.69 -54.60 41.96
N ALA IB 7 57.88 -55.25 43.12
CA ALA IB 7 58.89 -54.92 44.14
C ALA IB 7 58.67 -53.50 44.68
N GLU IB 8 57.52 -53.33 45.31
CA GLU IB 8 57.03 -52.04 45.77
C GLU IB 8 57.51 -51.72 47.19
N GLY IB 9 57.17 -50.49 47.61
CA GLY IB 9 57.93 -49.72 48.55
C GLY IB 9 58.57 -48.51 47.90
N GLU IB 10 58.95 -48.63 46.64
CA GLU IB 10 59.19 -47.49 45.76
C GLU IB 10 57.99 -47.35 44.83
N ASN IB 11 57.21 -46.29 45.02
CA ASN IB 11 55.89 -46.19 44.44
C ASN IB 11 55.92 -45.92 42.95
N VAL IB 12 54.89 -46.41 42.27
CA VAL IB 12 54.64 -46.06 40.88
C VAL IB 12 53.82 -44.77 40.87
N PHE IB 13 54.35 -43.72 40.27
CA PHE IB 13 53.73 -42.41 40.33
C PHE IB 13 52.78 -42.15 39.17
N GLY IB 14 51.63 -41.58 39.50
CA GLY IB 14 50.74 -40.98 38.52
C GLY IB 14 50.50 -39.52 38.84
N VAL IB 15 49.62 -38.86 38.09
CA VAL IB 15 49.29 -37.45 38.29
C VAL IB 15 47.78 -37.33 38.33
N CYS IB 16 47.26 -36.79 39.42
CA CYS IB 16 45.82 -36.60 39.60
C CYS IB 16 45.47 -35.14 39.38
N HIS IB 17 45.01 -34.82 38.17
CA HIS IB 17 44.40 -33.52 37.94
C HIS IB 17 43.04 -33.49 38.62
N ILE IB 18 42.74 -32.40 39.30
CA ILE IB 18 41.41 -32.17 39.84
C ILE IB 18 40.94 -30.80 39.38
N PHE IB 19 39.74 -30.75 38.81
CA PHE IB 19 39.20 -29.55 38.17
C PHE IB 19 37.90 -29.21 38.89
N ALA IB 20 37.96 -28.36 39.89
CA ALA IB 20 36.76 -28.00 40.63
C ALA IB 20 36.19 -26.72 40.03
N SER IB 21 35.05 -26.85 39.38
CA SER IB 21 34.18 -25.71 39.20
C SER IB 21 33.43 -25.44 40.49
N PHE IB 22 32.57 -24.45 40.45
CA PHE IB 22 31.59 -24.35 41.50
C PHE IB 22 30.36 -25.21 41.25
N ASN IB 23 30.30 -25.90 40.09
CA ASN IB 23 29.17 -26.78 39.82
C ASN IB 23 29.53 -28.03 39.01
N ASP IB 24 30.79 -28.49 39.09
CA ASP IB 24 31.20 -29.83 38.64
C ASP IB 24 32.59 -30.15 39.18
N THR IB 25 32.90 -31.44 39.26
CA THR IB 25 34.15 -31.89 39.87
C THR IB 25 34.73 -33.04 39.06
N PHE IB 26 35.98 -32.87 38.61
CA PHE IB 26 36.73 -33.85 37.84
C PHE IB 26 37.83 -34.45 38.70
N VAL IB 27 38.05 -35.75 38.57
CA VAL IB 27 39.28 -36.37 39.03
C VAL IB 27 39.83 -37.22 37.89
N HIS IB 28 41.10 -37.01 37.55
CA HIS IB 28 41.64 -37.38 36.24
C HIS IB 28 43.07 -37.89 36.43
N VAL IB 29 43.22 -39.22 36.49
CA VAL IB 29 44.52 -39.84 36.68
C VAL IB 29 45.22 -39.97 35.35
N THR IB 30 46.42 -39.41 35.27
CA THR IB 30 47.32 -39.54 34.13
C THR IB 30 48.62 -40.06 34.71
N ASP IB 31 49.48 -40.60 33.87
CA ASP IB 31 50.85 -40.82 34.27
C ASP IB 31 51.64 -39.51 34.12
N LEU IB 32 52.96 -39.59 34.24
CA LEU IB 32 53.79 -38.41 34.14
C LEU IB 32 53.96 -37.93 32.69
N SER IB 33 53.61 -38.78 31.72
CA SER IB 33 53.80 -38.42 30.32
C SER IB 33 52.84 -37.32 29.90
N GLY IB 34 51.63 -37.31 30.46
CA GLY IB 34 50.66 -36.27 30.22
C GLY IB 34 49.56 -36.68 29.29
N LYS IB 35 49.85 -37.54 28.31
CA LYS IB 35 48.86 -37.87 27.31
C LYS IB 35 47.98 -39.03 27.72
N GLU IB 36 48.50 -39.98 28.48
CA GLU IB 36 47.83 -41.26 28.64
C GLU IB 36 46.94 -41.23 29.87
N THR IB 37 45.67 -40.98 29.64
CA THR IB 37 44.69 -41.00 30.71
C THR IB 37 44.43 -42.42 31.14
N ILE IB 38 44.56 -42.69 32.42
CA ILE IB 38 44.05 -43.95 32.96
C ILE IB 38 42.56 -43.85 33.20
N CYS IB 39 42.15 -42.92 34.06
CA CYS IB 39 40.78 -42.90 34.50
C CYS IB 39 40.26 -41.48 34.57
N ARG IB 40 38.97 -41.35 34.31
CA ARG IB 40 38.32 -40.04 34.28
C ARG IB 40 36.90 -40.26 34.82
N VAL IB 41 36.75 -40.09 36.11
CA VAL IB 41 35.44 -40.10 36.74
C VAL IB 41 35.13 -38.66 37.13
N THR IB 42 33.92 -38.22 36.84
CA THR IB 42 33.51 -36.87 37.12
C THR IB 42 32.69 -36.87 38.39
N GLY IB 43 32.21 -35.69 38.77
CA GLY IB 43 31.17 -35.63 39.76
C GLY IB 43 29.84 -35.83 39.07
N GLY IB 44 29.81 -35.59 37.76
CA GLY IB 44 28.59 -35.65 36.98
C GLY IB 44 28.08 -37.04 36.69
N MET IB 45 28.86 -38.07 37.00
CA MET IB 45 28.35 -39.43 36.90
C MET IB 45 27.78 -39.92 38.23
N LYS IB 46 28.48 -39.68 39.33
CA LYS IB 46 28.11 -40.27 40.60
C LYS IB 46 26.91 -39.58 41.23
N VAL IB 47 26.57 -38.37 40.79
CA VAL IB 47 25.45 -37.62 41.34
C VAL IB 47 24.30 -37.67 40.35
N LYS IB 48 23.17 -38.19 40.81
CA LYS IB 48 21.98 -38.30 39.99
C LYS IB 48 21.24 -36.96 39.90
N ALA IB 49 21.49 -36.06 40.83
CA ALA IB 49 20.86 -34.73 40.85
C ALA IB 49 21.54 -33.82 39.85
N ASP IB 50 21.33 -32.52 39.97
CA ASP IB 50 21.98 -31.63 39.02
C ASP IB 50 22.50 -30.37 39.70
N ARG IB 51 22.54 -30.33 41.03
CA ARG IB 51 23.16 -29.24 41.78
C ARG IB 51 24.06 -29.70 42.91
N ASP IB 52 23.90 -30.93 43.40
CA ASP IB 52 24.87 -31.55 44.29
C ASP IB 52 26.01 -32.22 43.52
N GLU IB 53 26.20 -31.85 42.25
CA GLU IB 53 27.30 -32.29 41.41
C GLU IB 53 28.58 -31.52 41.66
N SER IB 54 28.65 -30.74 42.74
CA SER IB 54 29.88 -30.10 43.16
C SER IB 54 30.18 -30.38 44.63
N SER IB 55 29.40 -31.26 45.25
CA SER IB 55 29.48 -31.53 46.66
C SER IB 55 30.78 -32.24 47.03
N PRO IB 56 31.17 -32.22 48.30
CA PRO IB 56 32.10 -33.25 48.78
C PRO IB 56 31.61 -34.67 48.54
N TYR IB 57 30.30 -34.90 48.72
CA TYR IB 57 29.70 -36.18 48.37
C TYR IB 57 29.83 -36.48 46.89
N ALA IB 58 29.72 -35.44 46.05
CA ALA IB 58 30.05 -35.58 44.64
C ALA IB 58 31.50 -35.94 44.43
N ALA IB 59 32.39 -35.30 45.19
CA ALA IB 59 33.81 -35.50 44.97
C ALA IB 59 34.28 -36.84 45.51
N MET IB 60 33.87 -37.19 46.72
CA MET IB 60 34.38 -38.39 47.36
C MET IB 60 33.87 -39.64 46.68
N LEU IB 61 32.67 -39.57 46.10
CA LEU IB 61 32.18 -40.69 45.31
C LEU IB 61 32.91 -40.79 43.98
N ALA IB 62 33.33 -39.65 43.43
CA ALA IB 62 34.25 -39.67 42.31
C ALA IB 62 35.63 -40.18 42.73
N ALA IB 63 35.99 -39.99 43.99
CA ALA IB 63 37.33 -40.36 44.46
C ALA IB 63 37.45 -41.84 44.72
N GLN IB 64 36.38 -42.48 45.18
CA GLN IB 64 36.38 -43.93 45.39
C GLN IB 64 36.61 -44.66 44.07
N ASP IB 65 35.98 -44.18 43.01
CA ASP IB 65 35.90 -44.88 41.74
C ASP IB 65 37.25 -44.92 41.04
N VAL IB 66 37.95 -43.78 41.01
CA VAL IB 66 39.25 -43.69 40.37
C VAL IB 66 40.27 -44.52 41.11
N ALA IB 67 40.26 -44.43 42.45
CA ALA IB 67 41.18 -45.21 43.27
C ALA IB 67 40.93 -46.70 43.13
N GLN IB 68 39.68 -47.09 42.87
CA GLN IB 68 39.37 -48.48 42.55
C GLN IB 68 39.93 -48.89 41.19
N ARG IB 69 39.73 -48.06 40.17
CA ARG IB 69 40.28 -48.36 38.86
C ARG IB 69 41.80 -48.28 38.85
N CYS IB 70 42.39 -47.52 39.76
CA CYS IB 70 43.85 -47.48 39.86
C CYS IB 70 44.40 -48.61 40.72
N LYS IB 71 43.60 -49.16 41.64
CA LYS IB 71 44.04 -50.36 42.36
C LYS IB 71 44.14 -51.56 41.43
N GLU IB 72 43.31 -51.61 40.38
CA GLU IB 72 43.42 -52.68 39.40
C GLU IB 72 44.71 -52.58 38.60
N LEU IB 73 44.96 -51.43 37.99
CA LEU IB 73 46.03 -51.34 37.00
C LEU IB 73 47.42 -51.25 37.59
N GLY IB 74 47.56 -51.32 38.91
CA GLY IB 74 48.84 -51.56 39.52
C GLY IB 74 49.65 -50.33 39.88
N ILE IB 75 49.26 -49.15 39.43
CA ILE IB 75 49.94 -47.94 39.87
C ILE IB 75 49.56 -47.66 41.31
N THR IB 76 50.48 -47.09 42.06
CA THR IB 76 50.28 -46.87 43.49
C THR IB 76 50.08 -45.41 43.84
N ALA IB 77 51.04 -44.54 43.52
CA ALA IB 77 51.03 -43.18 44.01
C ALA IB 77 50.54 -42.19 42.96
N LEU IB 78 50.09 -41.04 43.45
CA LEU IB 78 49.54 -40.00 42.59
C LEU IB 78 50.04 -38.66 43.08
N HIS IB 79 50.72 -37.93 42.20
CA HIS IB 79 50.89 -36.51 42.42
C HIS IB 79 49.56 -35.81 42.21
N ILE IB 80 49.48 -34.56 42.62
CA ILE IB 80 48.22 -33.84 42.57
C ILE IB 80 48.44 -32.50 41.89
N LYS IB 81 47.86 -32.33 40.71
CA LYS IB 81 47.71 -31.04 40.08
C LYS IB 81 46.29 -30.54 40.36
N LEU IB 82 46.15 -29.23 40.61
CA LEU IB 82 44.91 -28.69 41.16
C LEU IB 82 44.57 -27.36 40.52
N ARG IB 83 43.28 -27.11 40.26
CA ARG IB 83 42.86 -25.90 39.55
C ARG IB 83 41.37 -25.62 39.68
N ALA IB 84 41.00 -24.42 39.24
CA ALA IB 84 39.64 -24.01 38.90
C ALA IB 84 39.68 -23.22 37.59
N THR IB 85 38.51 -22.72 37.17
CA THR IB 85 38.40 -22.03 35.88
C THR IB 85 39.04 -20.65 35.98
N GLY IB 86 40.29 -20.55 35.56
CA GLY IB 86 41.07 -19.37 35.89
C GLY IB 86 41.26 -18.34 34.79
N GLY IB 87 40.40 -18.37 33.78
CA GLY IB 87 40.52 -17.43 32.69
C GLY IB 87 40.19 -16.00 33.09
N ASN IB 88 38.91 -15.73 33.28
CA ASN IB 88 38.49 -14.49 33.90
C ASN IB 88 37.59 -14.78 35.07
N ARG IB 89 37.29 -16.05 35.31
CA ARG IB 89 36.38 -16.46 36.35
C ARG IB 89 37.11 -16.55 37.67
N THR IB 90 36.49 -17.22 38.65
CA THR IB 90 37.05 -17.29 39.99
C THR IB 90 38.33 -18.10 40.01
N LYS IB 91 39.07 -17.99 41.11
CA LYS IB 91 40.36 -18.65 41.21
C LYS IB 91 40.47 -19.59 42.39
N THR IB 92 39.56 -19.48 43.35
CA THR IB 92 39.48 -20.47 44.41
C THR IB 92 39.02 -21.80 43.82
N PRO IB 93 39.61 -22.91 44.24
CA PRO IB 93 39.02 -24.22 43.94
C PRO IB 93 37.74 -24.37 44.72
N GLY IB 94 36.82 -25.18 44.16
CA GLY IB 94 35.50 -25.26 44.70
C GLY IB 94 35.44 -26.04 46.00
N PRO IB 95 34.24 -26.22 46.53
CA PRO IB 95 34.07 -27.00 47.75
C PRO IB 95 34.11 -28.51 47.55
N GLY IB 96 34.62 -28.99 46.44
CA GLY IB 96 34.76 -30.42 46.23
C GLY IB 96 36.20 -30.88 46.16
N ALA IB 97 37.07 -30.10 45.53
CA ALA IB 97 38.45 -30.51 45.31
C ALA IB 97 39.20 -30.65 46.61
N GLN IB 98 38.87 -29.81 47.58
CA GLN IB 98 39.46 -29.86 48.89
C GLN IB 98 38.97 -31.06 49.69
N SER IB 99 37.94 -31.76 49.19
CA SER IB 99 37.42 -32.99 49.78
C SER IB 99 37.84 -34.25 49.04
N ALA IB 100 38.06 -34.19 47.72
CA ALA IB 100 38.57 -35.36 47.00
C ALA IB 100 39.98 -35.71 47.44
N LEU IB 101 40.75 -34.70 47.87
CA LEU IB 101 42.09 -34.94 48.41
C LEU IB 101 42.03 -35.79 49.67
N ARG IB 102 40.95 -35.68 50.44
CA ARG IB 102 40.77 -36.52 51.60
C ARG IB 102 40.56 -37.97 51.19
N ALA IB 103 39.67 -38.21 50.23
CA ALA IB 103 39.22 -39.57 49.99
C ALA IB 103 40.18 -40.36 49.10
N LEU IB 104 41.03 -39.67 48.33
CA LEU IB 104 42.11 -40.39 47.68
C LEU IB 104 43.08 -40.98 48.72
N ALA IB 105 43.32 -40.25 49.80
CA ALA IB 105 44.24 -40.75 50.82
C ALA IB 105 43.67 -41.93 51.57
N ARG IB 106 42.34 -42.02 51.64
CA ARG IB 106 41.73 -43.11 52.40
C ARG IB 106 41.85 -44.43 51.66
N SER IB 107 41.34 -44.48 50.43
CA SER IB 107 41.23 -45.74 49.69
C SER IB 107 42.47 -45.97 48.84
N GLY IB 108 43.55 -46.39 49.50
CA GLY IB 108 44.80 -46.65 48.80
C GLY IB 108 45.44 -45.33 48.39
N MET IB 109 46.19 -45.38 47.30
CA MET IB 109 46.63 -44.21 46.52
C MET IB 109 47.41 -43.20 47.36
N LYS IB 110 48.59 -43.65 47.79
CA LYS IB 110 49.48 -42.80 48.56
C LYS IB 110 49.95 -41.60 47.73
N ILE IB 111 50.47 -40.59 48.43
CA ILE IB 111 50.46 -39.23 47.91
C ILE IB 111 51.88 -38.77 47.58
N GLY IB 112 52.01 -38.07 46.45
CA GLY IB 112 53.24 -37.39 46.10
C GLY IB 112 53.19 -35.97 46.59
N ARG IB 113 53.76 -35.02 45.83
CA ARG IB 113 53.75 -33.63 46.22
C ARG IB 113 52.66 -32.90 45.45
N ILE IB 114 52.13 -31.84 46.02
CA ILE IB 114 50.91 -31.21 45.51
C ILE IB 114 51.24 -29.83 45.00
N GLU IB 115 50.77 -29.51 43.80
CA GLU IB 115 51.00 -28.18 43.23
C GLU IB 115 49.68 -27.56 42.79
N ASP IB 116 49.71 -26.24 42.64
CA ASP IB 116 48.50 -25.42 42.44
C ASP IB 116 48.60 -24.75 41.09
N VAL IB 117 48.20 -25.45 40.04
CA VAL IB 117 48.34 -24.94 38.69
C VAL IB 117 46.97 -24.43 38.28
N THR IB 118 46.68 -23.18 38.64
CA THR IB 118 45.51 -22.48 38.14
C THR IB 118 46.03 -21.39 37.23
N PRO IB 119 45.65 -21.38 35.96
CA PRO IB 119 46.29 -20.47 35.00
C PRO IB 119 45.93 -19.02 35.21
N ILE IB 120 46.86 -18.25 35.76
CA ILE IB 120 46.62 -16.86 36.13
C ILE IB 120 46.97 -15.98 34.93
N PRO IB 121 46.01 -15.31 34.31
CA PRO IB 121 46.31 -14.49 33.15
C PRO IB 121 47.06 -13.23 33.55
N SER IB 122 47.60 -12.55 32.54
CA SER IB 122 48.17 -11.22 32.76
C SER IB 122 47.31 -10.12 32.18
N ASP IB 123 46.72 -10.37 31.02
CA ASP IB 123 45.99 -9.30 30.34
C ASP IB 123 44.62 -9.06 30.94
N SER IB 124 43.93 -10.16 31.27
CA SER IB 124 42.58 -10.17 31.83
C SER IB 124 41.58 -9.48 30.90
N THR IB 125 41.28 -10.11 29.77
CA THR IB 125 40.18 -9.65 28.92
C THR IB 125 38.85 -9.69 29.66
N ARG IB 126 37.86 -9.05 29.04
CA ARG IB 126 36.61 -8.68 29.70
C ARG IB 126 35.85 -9.87 30.25
N ARG IB 127 35.53 -9.79 31.53
CA ARG IB 127 34.71 -10.75 32.26
C ARG IB 127 33.24 -10.34 32.16
N LYS IB 128 32.36 -11.35 32.19
CA LYS IB 128 31.00 -11.35 31.65
C LYS IB 128 29.99 -10.58 32.55
N GLY IB 129 30.43 -9.67 33.42
CA GLY IB 129 29.47 -8.97 34.27
C GLY IB 129 28.74 -7.84 33.58
N GLY IB 130 29.37 -7.18 32.63
CA GLY IB 130 28.91 -5.91 32.14
C GLY IB 130 29.63 -4.78 32.84
N ARG IB 131 29.05 -3.58 32.76
CA ARG IB 131 29.57 -2.50 33.58
C ARG IB 131 29.20 -2.70 35.03
N ARG IB 132 27.91 -2.68 35.33
CA ARG IB 132 27.43 -2.76 36.70
C ARG IB 132 27.37 -4.19 37.20
N GLY IB 133 27.83 -5.14 36.41
CA GLY IB 133 28.12 -6.45 36.94
C GLY IB 133 26.88 -7.32 37.08
N ARG IB 134 26.97 -8.25 38.03
CA ARG IB 134 25.88 -9.14 38.39
C ARG IB 134 24.94 -8.43 39.36
N ARG IB 135 23.65 -8.72 39.24
CA ARG IB 135 22.65 -8.09 40.10
C ARG IB 135 21.86 -9.20 40.76
N LEU IB 136 21.78 -9.15 42.09
CA LEU IB 136 21.07 -10.11 42.94
C LEU IB 136 21.67 -11.51 42.73
N PHE JB 1 -68.84 -38.72 55.18
CA PHE JB 1 -67.79 -38.45 56.15
C PHE JB 1 -67.65 -39.58 57.17
N ARG JB 2 -67.43 -39.20 58.43
CA ARG JB 2 -67.14 -40.16 59.49
C ARG JB 2 -67.36 -39.44 60.81
N LYS JB 3 -67.87 -40.18 61.80
CA LYS JB 3 -68.04 -39.59 63.12
C LYS JB 3 -66.69 -39.49 63.81
N PHE JB 4 -66.21 -38.25 63.97
CA PHE JB 4 -65.02 -37.97 64.74
C PHE JB 4 -65.32 -38.17 66.22
N THR JB 5 -64.78 -39.23 66.80
CA THR JB 5 -64.67 -39.33 68.25
C THR JB 5 -63.26 -38.87 68.60
N TYR JB 6 -63.16 -37.91 69.53
CA TYR JB 6 -61.83 -37.38 69.84
C TYR JB 6 -60.99 -38.42 70.56
N ARG JB 7 -61.47 -38.93 71.68
CA ARG JB 7 -60.83 -40.06 72.32
C ARG JB 7 -61.84 -41.16 72.59
N GLY JB 8 -62.76 -41.36 71.66
CA GLY JB 8 -63.68 -42.49 71.71
C GLY JB 8 -65.09 -42.16 72.16
N VAL JB 9 -65.48 -40.90 72.22
CA VAL JB 9 -66.71 -40.52 72.92
C VAL JB 9 -67.71 -39.76 72.07
N ASP JB 10 -68.81 -39.33 72.69
CA ASP JB 10 -69.95 -38.71 72.03
C ASP JB 10 -69.87 -37.20 72.18
N LEU JB 11 -70.12 -36.48 71.08
CA LEU JB 11 -69.86 -35.04 71.07
C LEU JB 11 -70.93 -34.25 71.80
N ASP JB 12 -72.20 -34.58 71.62
CA ASP JB 12 -73.26 -33.83 72.29
C ASP JB 12 -73.35 -34.17 73.77
N GLN JB 13 -72.98 -35.38 74.15
CA GLN JB 13 -72.74 -35.70 75.56
C GLN JB 13 -71.64 -34.84 76.15
N LEU JB 14 -70.62 -34.50 75.35
CA LEU JB 14 -69.53 -33.65 75.82
C LEU JB 14 -70.00 -32.24 76.12
N LEU JB 15 -71.07 -31.79 75.47
CA LEU JB 15 -71.57 -30.44 75.72
C LEU JB 15 -72.22 -30.35 77.10
N ASP JB 16 -72.72 -31.48 77.62
CA ASP JB 16 -73.26 -31.58 78.97
C ASP JB 16 -72.37 -32.38 79.92
N MET JB 17 -71.26 -32.94 79.44
CA MET JB 17 -70.27 -33.56 80.31
C MET JB 17 -69.56 -32.50 81.13
N SER JB 18 -69.53 -32.68 82.45
CA SER JB 18 -68.97 -31.65 83.30
C SER JB 18 -67.45 -31.65 83.20
N TYR JB 19 -66.87 -30.46 83.41
CA TYR JB 19 -65.46 -30.20 83.12
C TYR JB 19 -64.54 -31.04 83.98
N GLU JB 20 -64.96 -31.34 85.20
CA GLU JB 20 -64.19 -32.16 86.12
C GLU JB 20 -64.16 -33.62 85.73
N GLN JB 21 -65.04 -34.06 84.82
CA GLN JB 21 -64.93 -35.40 84.26
C GLN JB 21 -63.86 -35.46 83.18
N LEU JB 22 -64.03 -34.65 82.13
CA LEU JB 22 -63.26 -34.74 80.89
C LEU JB 22 -61.84 -34.21 81.01
N MET JB 23 -61.47 -33.60 82.15
CA MET JB 23 -60.08 -33.27 82.42
C MET JB 23 -59.36 -34.37 83.18
N GLN JB 24 -59.81 -35.61 83.00
CA GLN JB 24 -59.06 -36.78 83.41
C GLN JB 24 -58.70 -37.67 82.22
N LEU JB 25 -59.38 -37.47 81.09
CA LEU JB 25 -59.16 -38.25 79.89
C LEU JB 25 -58.56 -37.42 78.76
N TYR JB 26 -58.21 -36.16 79.01
CA TYR JB 26 -57.39 -35.36 78.12
C TYR JB 26 -55.91 -35.60 78.42
N SER JB 27 -55.04 -34.89 77.71
CA SER JB 27 -53.61 -35.12 77.85
C SER JB 27 -53.08 -34.52 79.14
N ALA JB 28 -51.82 -34.84 79.48
CA ALA JB 28 -51.26 -34.44 80.76
C ALA JB 28 -51.03 -32.93 80.85
N ARG JB 29 -50.74 -32.28 79.72
CA ARG JB 29 -50.56 -30.84 79.74
C ARG JB 29 -51.89 -30.12 80.00
N GLN JB 30 -53.00 -30.73 79.59
CA GLN JB 30 -54.29 -30.14 79.91
C GLN JB 30 -54.74 -30.49 81.32
N ARG JB 31 -54.50 -31.73 81.77
CA ARG JB 31 -54.95 -32.16 83.09
C ARG JB 31 -54.28 -31.39 84.22
N ARG JB 32 -53.11 -30.81 83.95
CA ARG JB 32 -52.56 -29.82 84.88
C ARG JB 32 -53.43 -28.57 84.93
N ARG JB 33 -53.98 -28.16 83.78
CA ARG JB 33 -54.46 -26.78 83.65
C ARG JB 33 -55.76 -26.54 84.39
N LEU JB 34 -56.73 -27.45 84.33
CA LEU JB 34 -57.94 -27.19 85.09
C LEU JB 34 -57.81 -27.57 86.57
N ASN JB 35 -56.80 -28.38 86.92
CA ASN JB 35 -56.50 -28.54 88.35
C ASN JB 35 -55.91 -27.25 88.90
N ARG JB 36 -55.11 -26.56 88.08
CA ARG JB 36 -54.73 -25.16 88.25
C ARG JB 36 -55.87 -24.27 87.78
N GLY JB 37 -55.61 -22.98 87.55
CA GLY JB 37 -56.52 -22.25 86.69
C GLY JB 37 -57.64 -21.52 87.40
N LEU JB 38 -57.64 -20.20 87.24
CA LEU JB 38 -58.58 -19.28 87.87
C LEU JB 38 -58.77 -18.08 86.95
N ARG JB 39 -59.06 -16.93 87.56
CA ARG JB 39 -58.75 -15.60 87.01
C ARG JB 39 -59.51 -15.29 85.72
N ARG JB 40 -60.67 -14.65 85.92
CA ARG JB 40 -61.84 -14.40 85.08
C ARG JB 40 -61.61 -14.25 83.57
N LYS JB 41 -60.39 -13.89 83.13
CA LYS JB 41 -60.05 -13.92 81.71
C LYS JB 41 -60.25 -15.31 81.08
N GLN JB 42 -60.13 -16.37 81.88
CA GLN JB 42 -60.45 -17.72 81.41
C GLN JB 42 -61.92 -17.86 81.08
N HIS JB 43 -62.76 -17.15 81.80
CA HIS JB 43 -64.20 -17.37 81.87
C HIS JB 43 -65.00 -16.26 81.22
N SER JB 44 -64.42 -15.06 81.08
CA SER JB 44 -65.11 -13.94 80.48
C SER JB 44 -65.39 -14.20 79.01
N LEU JB 45 -64.36 -14.58 78.25
CA LEU JB 45 -64.46 -14.61 76.79
C LEU JB 45 -65.30 -15.79 76.31
N LEU JB 46 -65.36 -16.88 77.09
CA LEU JB 46 -66.25 -17.98 76.72
C LEU JB 46 -67.69 -17.60 76.98
N LYS JB 47 -67.95 -16.69 77.92
CA LYS JB 47 -69.29 -16.15 78.10
C LYS JB 47 -69.69 -15.23 76.96
N ARG JB 48 -68.72 -14.51 76.37
CA ARG JB 48 -68.98 -13.79 75.14
C ARG JB 48 -69.21 -14.78 73.99
N LEU JB 49 -68.68 -16.00 74.11
CA LEU JB 49 -69.05 -17.04 73.17
C LEU JB 49 -70.44 -17.60 73.46
N ARG JB 50 -70.88 -17.57 74.73
CA ARG JB 50 -72.21 -18.06 75.07
C ARG JB 50 -73.31 -17.20 74.47
N LYS JB 51 -73.15 -15.87 74.55
CA LYS JB 51 -73.99 -14.97 73.80
C LYS JB 51 -73.77 -15.13 72.31
N ALA JB 52 -72.55 -15.47 71.90
CA ALA JB 52 -72.32 -15.79 70.49
C ALA JB 52 -72.93 -17.14 70.12
N LYS JB 53 -73.08 -18.04 71.09
CA LYS JB 53 -73.71 -19.32 70.77
C LYS JB 53 -75.23 -19.22 70.76
N LYS JB 54 -75.83 -18.41 71.63
CA LYS JB 54 -77.27 -18.20 71.53
C LYS JB 54 -77.61 -17.30 70.35
N GLU JB 55 -77.13 -16.06 70.38
CA GLU JB 55 -77.63 -15.01 69.48
C GLU JB 55 -77.07 -15.12 68.07
N ALA JB 56 -77.47 -16.21 67.42
CA ALA JB 56 -77.65 -16.43 65.99
C ALA JB 56 -78.65 -17.58 65.85
N PRO JB 57 -79.93 -17.37 66.21
CA PRO JB 57 -80.78 -18.50 66.68
C PRO JB 57 -81.14 -19.53 65.61
N PRO JB 58 -81.67 -19.17 64.37
CA PRO JB 58 -81.98 -20.27 63.45
C PRO JB 58 -80.81 -20.70 62.58
N MET JB 59 -79.61 -20.72 63.15
CA MET JB 59 -78.38 -21.25 62.57
C MET JB 59 -78.04 -20.63 61.19
N GLU JB 60 -77.64 -19.36 61.24
CA GLU JB 60 -76.96 -18.68 60.14
C GLU JB 60 -75.45 -18.88 60.30
N LYS JB 61 -74.67 -18.06 59.59
CA LYS JB 61 -73.27 -17.80 59.89
C LYS JB 61 -73.18 -17.01 61.19
N PRO JB 62 -72.68 -17.59 62.29
CA PRO JB 62 -72.76 -16.92 63.60
C PRO JB 62 -71.73 -15.80 63.74
N GLU JB 63 -71.74 -15.16 64.90
CA GLU JB 63 -70.88 -14.01 65.12
C GLU JB 63 -69.42 -14.42 65.32
N VAL JB 64 -68.53 -13.46 65.10
CA VAL JB 64 -67.09 -13.59 65.26
C VAL JB 64 -66.73 -13.17 66.68
N VAL JB 65 -65.83 -13.93 67.31
CA VAL JB 65 -65.44 -13.71 68.70
C VAL JB 65 -63.97 -13.32 68.69
N LYS JB 66 -63.73 -12.02 68.72
CA LYS JB 66 -62.38 -11.50 68.64
C LYS JB 66 -61.71 -11.61 70.00
N THR JB 67 -60.43 -12.01 70.02
CA THR JB 67 -59.73 -12.15 71.28
C THR JB 67 -58.21 -12.08 71.09
N HIS JB 68 -57.53 -11.70 72.16
CA HIS JB 68 -56.09 -11.79 72.30
C HIS JB 68 -55.61 -13.08 72.91
N LEU JB 69 -56.52 -13.87 73.49
CA LEU JB 69 -56.11 -14.92 74.41
C LEU JB 69 -55.91 -16.21 73.65
N ARG JB 70 -54.65 -16.48 73.35
CA ARG JB 70 -54.18 -17.70 72.72
C ARG JB 70 -53.92 -18.80 73.75
N ASP JB 71 -54.19 -18.53 75.04
CA ASP JB 71 -53.86 -19.44 76.14
C ASP JB 71 -55.03 -20.32 76.55
N MET JB 72 -56.14 -20.30 75.81
CA MET JB 72 -57.28 -21.11 76.17
C MET JB 72 -57.18 -22.49 75.54
N ILE JB 73 -57.71 -23.48 76.23
CA ILE JB 73 -57.80 -24.83 75.70
C ILE JB 73 -59.06 -24.93 74.85
N ILE JB 74 -59.09 -25.89 73.94
CA ILE JB 74 -60.25 -26.13 73.10
C ILE JB 74 -61.01 -27.29 73.71
N LEU JB 75 -62.08 -26.96 74.39
CA LEU JB 75 -62.95 -27.89 75.08
C LEU JB 75 -64.33 -27.77 74.44
N PRO JB 76 -65.27 -28.65 74.74
CA PRO JB 76 -66.65 -28.42 74.31
C PRO JB 76 -67.29 -27.23 75.02
N GLU JB 77 -68.50 -26.90 74.52
CA GLU JB 77 -69.20 -25.60 74.56
C GLU JB 77 -68.59 -24.57 73.61
N MET JB 78 -67.78 -24.99 72.63
CA MET JB 78 -67.26 -24.06 71.63
C MET JB 78 -67.20 -24.62 70.22
N VAL JB 79 -67.91 -25.70 69.93
CA VAL JB 79 -67.83 -26.36 68.63
C VAL JB 79 -68.59 -25.52 67.60
N GLY JB 80 -68.08 -25.46 66.37
CA GLY JB 80 -68.77 -24.77 65.29
C GLY JB 80 -68.60 -23.27 65.27
N SER JB 81 -67.99 -22.69 66.30
CA SER JB 81 -68.00 -21.26 66.55
C SER JB 81 -67.05 -20.53 65.60
N MET JB 82 -67.02 -19.21 65.75
CA MET JB 82 -66.23 -18.32 64.91
C MET JB 82 -65.42 -17.44 65.84
N VAL JB 83 -64.15 -17.76 66.03
CA VAL JB 83 -63.30 -17.09 67.00
C VAL JB 83 -62.22 -16.32 66.24
N GLY JB 84 -62.10 -15.03 66.51
CA GLY JB 84 -61.02 -14.24 66.00
C GLY JB 84 -59.91 -14.17 67.02
N VAL JB 85 -58.69 -14.43 66.58
CA VAL JB 85 -57.53 -14.53 67.47
C VAL JB 85 -56.52 -13.48 67.04
N TYR JB 86 -56.01 -12.73 68.03
CA TYR JB 86 -55.02 -11.70 67.75
C TYR JB 86 -53.69 -12.30 67.31
N ASN JB 87 -53.05 -11.65 66.32
CA ASN JB 87 -51.62 -11.91 66.09
C ASN JB 87 -50.85 -10.66 65.65
N GLY JB 88 -51.29 -9.48 66.05
CA GLY JB 88 -50.58 -8.27 65.69
C GLY JB 88 -51.52 -7.29 65.04
N LYS JB 89 -52.41 -7.82 64.21
CA LYS JB 89 -53.31 -7.12 63.32
C LYS JB 89 -54.10 -8.20 62.59
N THR JB 90 -55.29 -7.84 62.09
CA THR JB 90 -56.06 -8.63 61.13
C THR JB 90 -56.40 -10.02 61.69
N PHE JB 91 -57.33 -10.00 62.66
CA PHE JB 91 -57.55 -11.11 63.60
C PHE JB 91 -57.95 -12.37 62.86
N ASN JB 92 -57.17 -13.44 63.02
CA ASN JB 92 -57.41 -14.67 62.27
C ASN JB 92 -58.68 -15.37 62.79
N GLN JB 93 -59.60 -15.63 61.87
CA GLN JB 93 -60.97 -16.04 62.19
C GLN JB 93 -61.08 -17.56 62.17
N VAL JB 94 -60.59 -18.16 63.25
CA VAL JB 94 -60.51 -19.62 63.32
C VAL JB 94 -61.92 -20.19 63.48
N GLU JB 95 -62.32 -21.02 62.53
CA GLU JB 95 -63.64 -21.62 62.51
C GLU JB 95 -63.50 -22.98 63.18
N ILE JB 96 -63.83 -23.02 64.46
CA ILE JB 96 -63.56 -24.19 65.29
C ILE JB 96 -64.45 -25.35 64.86
N LYS JB 97 -63.85 -26.52 64.71
CA LYS JB 97 -64.45 -27.74 64.22
C LYS JB 97 -64.64 -28.72 65.37
N PRO JB 98 -65.32 -29.86 65.13
CA PRO JB 98 -65.25 -30.93 66.14
C PRO JB 98 -63.86 -31.53 66.30
N GLU JB 99 -63.02 -31.51 65.26
CA GLU JB 99 -61.71 -32.16 65.32
C GLU JB 99 -60.56 -31.23 65.70
N MET JB 100 -60.84 -29.99 66.06
CA MET JB 100 -59.80 -29.09 66.55
C MET JB 100 -59.65 -29.13 68.07
N ILE JB 101 -60.06 -30.21 68.73
CA ILE JB 101 -59.91 -30.34 70.16
C ILE JB 101 -58.47 -30.68 70.49
N GLY JB 102 -57.92 -30.03 71.52
CA GLY JB 102 -56.62 -30.36 72.03
C GLY JB 102 -55.57 -29.30 71.81
N HIS JB 103 -55.94 -28.15 71.26
CA HIS JB 103 -54.95 -27.16 70.90
C HIS JB 103 -55.29 -25.83 71.56
N TYR JB 104 -54.64 -24.74 71.18
CA TYR JB 104 -54.72 -23.57 72.02
C TYR JB 104 -55.32 -22.33 71.39
N LEU JB 105 -55.69 -22.35 70.11
CA LEU JB 105 -55.93 -21.14 69.30
C LEU JB 105 -54.71 -20.23 69.26
N GLY JB 106 -53.52 -20.80 69.36
CA GLY JB 106 -52.31 -20.09 68.99
C GLY JB 106 -51.61 -20.98 67.98
N GLU JB 107 -51.93 -22.26 68.06
CA GLU JB 107 -51.54 -23.26 67.09
C GLU JB 107 -52.38 -23.21 65.84
N PHE JB 108 -53.39 -22.36 65.81
CA PHE JB 108 -54.23 -22.15 64.64
C PHE JB 108 -53.97 -20.80 63.99
N SER JB 109 -53.73 -19.79 64.82
CA SER JB 109 -53.39 -18.44 64.38
C SER JB 109 -51.89 -18.32 64.16
N ILE JB 110 -51.51 -17.92 62.95
CA ILE JB 110 -50.11 -17.80 62.55
C ILE JB 110 -49.56 -16.51 63.16
N THR JB 111 -48.23 -16.38 63.23
CA THR JB 111 -47.63 -15.09 63.57
C THR JB 111 -46.58 -14.60 62.58
N TYR JB 112 -46.18 -15.40 61.60
CA TYR JB 112 -45.10 -15.01 60.73
C TYR JB 112 -45.42 -15.40 59.30
N LYS JB 113 -44.68 -14.78 58.39
CA LYS JB 113 -44.69 -15.13 56.98
C LYS JB 113 -43.44 -15.95 56.67
N PRO JB 114 -43.56 -17.21 56.25
CA PRO JB 114 -42.46 -18.17 56.44
C PRO JB 114 -41.23 -18.00 55.53
N VAL JB 115 -41.36 -18.12 54.21
CA VAL JB 115 -40.18 -18.44 53.42
C VAL JB 115 -39.61 -17.20 52.71
N LYS JB 116 -40.32 -16.64 51.73
CA LYS JB 116 -40.15 -15.25 51.27
C LYS JB 116 -38.74 -14.89 50.85
N HIS JB 117 -38.03 -15.80 50.17
CA HIS JB 117 -36.59 -15.67 50.05
C HIS JB 117 -36.12 -15.08 48.74
N GLY JB 118 -35.02 -14.36 48.85
CA GLY JB 118 -34.16 -13.98 47.77
C GLY JB 118 -33.00 -13.29 48.44
N ARG JB 119 -31.78 -13.64 48.10
CA ARG JB 119 -30.67 -12.85 48.63
C ARG JB 119 -30.49 -11.61 47.74
N PRO JB 120 -30.64 -11.71 46.40
CA PRO JB 120 -30.82 -10.40 45.78
C PRO JB 120 -32.28 -10.11 45.52
N GLN KB 1 3.07 -48.84 123.52
CA GLN KB 1 4.09 -49.12 122.53
C GLN KB 1 3.46 -49.07 121.15
N SER KB 2 3.25 -47.86 120.63
CA SER KB 2 2.63 -47.68 119.32
C SER KB 2 2.91 -46.27 118.80
N VAL KB 3 3.09 -46.17 117.49
CA VAL KB 3 3.07 -44.89 116.78
C VAL KB 3 2.06 -45.03 115.65
N GLN KB 4 1.33 -43.96 115.40
CA GLN KB 4 0.31 -43.94 114.36
C GLN KB 4 0.86 -43.07 113.22
N VAL KB 5 1.38 -43.72 112.16
CA VAL KB 5 2.31 -43.08 111.24
C VAL KB 5 1.61 -42.86 109.91
N PHE KB 6 1.95 -41.76 109.21
CA PHE KB 6 1.20 -41.33 108.04
C PHE KB 6 2.08 -41.36 106.80
N GLY KB 7 1.50 -41.86 105.70
CA GLY KB 7 2.25 -42.00 104.46
C GLY KB 7 2.16 -40.79 103.53
N ARG KB 8 0.94 -40.27 103.35
CA ARG KB 8 0.67 -39.03 102.59
C ARG KB 8 1.05 -39.15 101.11
N LYS KB 9 0.21 -39.83 100.32
CA LYS KB 9 0.23 -39.68 98.86
C LYS KB 9 -0.56 -38.41 98.49
N LYS KB 10 -0.80 -38.19 97.21
CA LYS KB 10 -1.36 -37.02 96.55
C LYS KB 10 -2.59 -36.42 97.23
N THR KB 11 -3.68 -37.18 97.37
CA THR KB 11 -4.79 -36.78 98.25
C THR KB 11 -5.23 -38.00 99.06
N ALA KB 12 -4.24 -38.71 99.58
CA ALA KB 12 -4.47 -40.01 100.19
C ALA KB 12 -3.90 -40.01 101.59
N THR KB 13 -4.29 -41.02 102.35
CA THR KB 13 -3.94 -41.15 103.76
C THR KB 13 -3.78 -42.63 104.05
N ALA KB 14 -2.75 -43.02 104.78
CA ALA KB 14 -2.66 -44.37 105.33
C ALA KB 14 -2.00 -44.29 106.70
N VAL KB 15 -2.82 -44.41 107.74
CA VAL KB 15 -2.36 -44.35 109.12
C VAL KB 15 -1.78 -45.71 109.48
N ALA KB 16 -0.48 -45.75 109.74
CA ALA KB 16 0.22 -46.98 110.07
C ALA KB 16 0.22 -47.11 111.58
N HIS KB 17 -0.70 -47.93 112.08
CA HIS KB 17 -0.81 -48.22 113.52
C HIS KB 17 0.20 -49.32 113.83
N CYS KB 18 1.42 -48.92 114.20
CA CYS KB 18 2.56 -49.82 114.23
C CYS KB 18 2.76 -50.30 115.66
N LYS KB 19 3.03 -51.60 115.80
CA LYS KB 19 3.04 -52.24 117.10
C LYS KB 19 3.69 -53.61 116.95
N ARG KB 20 4.44 -54.01 117.96
CA ARG KB 20 5.03 -55.33 117.96
C ARG KB 20 3.96 -56.35 118.31
N GLY KB 21 3.92 -57.45 117.56
CA GLY KB 21 2.83 -58.41 117.66
C GLY KB 21 3.08 -59.72 116.95
N ASN KB 22 2.08 -60.23 116.23
CA ASN KB 22 2.23 -61.52 115.55
C ASN KB 22 2.37 -61.42 114.04
N GLY KB 23 2.22 -60.24 113.46
CA GLY KB 23 2.31 -60.09 112.02
C GLY KB 23 0.92 -60.00 111.43
N LEU KB 24 0.46 -58.79 111.14
CA LEU KB 24 -0.87 -58.59 110.59
C LEU KB 24 -0.84 -57.49 109.56
N ILE KB 25 -1.73 -57.59 108.57
CA ILE KB 25 -1.89 -56.54 107.56
C ILE KB 25 -3.39 -56.31 107.34
N LYS KB 26 -3.81 -55.05 107.44
CA LYS KB 26 -5.19 -54.60 107.26
C LYS KB 26 -5.19 -53.42 106.29
N VAL KB 27 -6.23 -53.28 105.47
CA VAL KB 27 -6.40 -52.08 104.64
C VAL KB 27 -7.78 -51.50 104.96
N ASN KB 28 -7.80 -50.57 105.94
CA ASN KB 28 -8.99 -49.86 106.46
C ASN KB 28 -10.15 -50.81 106.76
N GLY KB 29 -9.86 -51.85 107.53
CA GLY KB 29 -10.85 -52.81 107.94
C GLY KB 29 -10.93 -54.04 107.10
N ARG KB 30 -10.00 -54.22 106.15
CA ARG KB 30 -10.04 -55.24 105.13
C ARG KB 30 -8.68 -55.91 105.07
N PRO KB 31 -8.62 -57.22 104.83
CA PRO KB 31 -7.34 -57.93 104.91
C PRO KB 31 -6.34 -57.70 103.78
N LEU KB 32 -5.26 -58.50 103.78
CA LEU KB 32 -4.03 -58.24 103.02
C LEU KB 32 -4.19 -58.20 101.50
N GLU KB 33 -4.45 -59.34 100.85
CA GLU KB 33 -4.54 -59.36 99.40
C GLU KB 33 -5.96 -59.20 98.91
N MET KB 34 -6.84 -58.68 99.75
CA MET KB 34 -8.01 -58.00 99.24
C MET KB 34 -7.54 -56.64 98.74
N ILE KB 35 -7.41 -56.49 97.43
CA ILE KB 35 -6.94 -55.26 96.78
C ILE KB 35 -7.86 -55.02 95.59
N GLU KB 36 -8.30 -53.77 95.42
CA GLU KB 36 -9.46 -53.51 94.57
C GLU KB 36 -9.10 -53.50 93.08
N PRO KB 37 -8.02 -52.79 92.61
CA PRO KB 37 -7.58 -53.04 91.23
C PRO KB 37 -6.49 -54.09 91.17
N ARG KB 38 -6.58 -55.03 90.23
CA ARG KB 38 -5.63 -56.13 90.20
C ARG KB 38 -4.32 -55.77 89.50
N THR KB 39 -4.29 -54.67 88.75
CA THR KB 39 -3.04 -54.25 88.09
C THR KB 39 -1.99 -53.84 89.11
N LEU KB 40 -2.42 -53.24 90.22
CA LEU KB 40 -1.55 -52.84 91.31
C LEU KB 40 -1.18 -53.98 92.25
N GLN KB 41 -1.52 -55.22 91.91
CA GLN KB 41 -0.90 -56.38 92.55
C GLN KB 41 0.58 -56.31 92.23
N TYR KB 42 1.40 -56.72 93.22
CA TYR KB 42 2.83 -56.57 93.47
C TYR KB 42 3.16 -55.21 94.06
N LYS KB 43 2.27 -54.23 93.99
CA LYS KB 43 2.63 -52.93 94.56
C LYS KB 43 2.42 -52.91 96.06
N LEU KB 44 1.30 -53.42 96.52
CA LEU KB 44 1.11 -53.62 97.95
C LEU KB 44 1.95 -54.78 98.45
N LEU KB 45 2.43 -55.63 97.53
CA LEU KB 45 3.31 -56.74 97.85
C LEU KB 45 4.78 -56.34 97.83
N GLU KB 46 5.14 -55.22 97.18
CA GLU KB 46 6.52 -54.74 97.14
C GLU KB 46 7.25 -54.65 98.47
N PRO KB 47 6.66 -54.15 99.61
CA PRO KB 47 7.46 -54.08 100.84
C PRO KB 47 7.91 -55.41 101.45
N VAL KB 48 6.96 -56.30 101.74
CA VAL KB 48 7.27 -57.53 102.47
C VAL KB 48 8.16 -58.45 101.63
N LEU KB 49 7.95 -58.48 100.31
CA LEU KB 49 8.78 -59.27 99.42
C LEU KB 49 10.19 -58.70 99.25
N LEU KB 50 10.42 -57.45 99.64
CA LEU KB 50 11.73 -56.87 99.54
C LEU KB 50 12.37 -56.59 100.89
N LEU KB 51 11.58 -56.52 101.96
CA LEU KB 51 12.16 -56.35 103.30
C LEU KB 51 12.79 -57.65 103.79
N GLY KB 52 11.96 -58.67 104.03
CA GLY KB 52 12.42 -59.88 104.68
C GLY KB 52 11.34 -60.58 105.49
N LYS KB 53 11.77 -61.37 106.47
CA LYS KB 53 10.89 -62.30 107.18
C LYS KB 53 10.83 -62.02 108.67
N GLU KB 54 11.98 -62.02 109.36
CA GLU KB 54 12.03 -61.80 110.80
C GLU KB 54 11.55 -60.39 111.16
N ARG KB 55 11.77 -59.45 110.26
CA ARG KB 55 11.18 -58.12 110.35
C ARG KB 55 9.67 -58.19 110.32
N PHE KB 56 9.13 -58.91 109.33
CA PHE KB 56 7.69 -59.00 109.12
C PHE KB 56 6.98 -59.74 110.25
N ALA KB 57 7.64 -60.71 110.88
CA ALA KB 57 6.94 -61.59 111.82
C ALA KB 57 6.56 -60.86 113.11
N GLY KB 58 7.48 -60.07 113.66
CA GLY KB 58 7.27 -59.53 114.99
C GLY KB 58 6.28 -58.39 115.07
N VAL KB 59 6.04 -57.71 113.96
CA VAL KB 59 5.36 -56.42 114.00
C VAL KB 59 3.95 -56.54 113.42
N ASP KB 60 2.97 -56.00 114.15
CA ASP KB 60 1.62 -55.80 113.64
C ASP KB 60 1.48 -54.36 113.17
N ILE KB 61 1.14 -54.18 111.90
CA ILE KB 61 0.76 -52.86 111.41
C ILE KB 61 -0.58 -52.99 110.69
N ARG KB 62 -1.60 -52.32 111.23
CA ARG KB 62 -2.95 -52.31 110.68
C ARG KB 62 -3.26 -50.88 110.21
N VAL KB 63 -3.83 -50.76 109.00
CA VAL KB 63 -3.72 -49.54 108.21
C VAL KB 63 -5.10 -49.05 107.81
N ARG KB 64 -5.44 -47.82 108.19
CA ARG KB 64 -6.69 -47.15 107.88
C ARG KB 64 -6.45 -46.10 106.81
N VAL KB 65 -7.29 -46.08 105.78
CA VAL KB 65 -7.06 -45.27 104.59
C VAL KB 65 -8.25 -44.33 104.36
N LYS KB 66 -7.96 -43.04 104.17
CA LYS KB 66 -8.99 -42.07 103.86
C LYS KB 66 -8.72 -41.45 102.50
N GLY KB 67 -8.42 -42.28 101.51
CA GLY KB 67 -7.76 -41.86 100.29
C GLY KB 67 -8.61 -41.00 99.37
N GLY KB 68 -8.07 -40.78 98.18
CA GLY KB 68 -8.72 -39.96 97.18
C GLY KB 68 -8.95 -40.70 95.88
N GLY KB 69 -8.18 -41.76 95.63
CA GLY KB 69 -8.35 -42.53 94.43
C GLY KB 69 -7.65 -43.87 94.58
N HIS KB 70 -7.91 -44.75 93.59
CA HIS KB 70 -7.49 -46.14 93.68
C HIS KB 70 -5.97 -46.28 93.73
N VAL KB 71 -5.27 -45.78 92.71
CA VAL KB 71 -3.82 -45.86 92.68
C VAL KB 71 -3.23 -44.94 93.73
N ALA KB 72 -3.94 -43.86 94.04
CA ALA KB 72 -3.55 -42.95 95.11
C ALA KB 72 -3.52 -43.67 96.46
N GLN KB 73 -4.45 -44.59 96.69
CA GLN KB 73 -4.41 -45.37 97.93
C GLN KB 73 -3.22 -46.31 97.95
N ILE KB 74 -2.89 -46.92 96.82
CA ILE KB 74 -1.94 -48.04 96.82
C ILE KB 74 -0.51 -47.53 97.02
N TYR KB 75 -0.15 -46.44 96.36
CA TYR KB 75 1.13 -45.80 96.65
C TYR KB 75 1.17 -45.21 98.05
N ALA KB 76 0.02 -44.80 98.59
CA ALA KB 76 -0.02 -44.32 99.97
C ALA KB 76 0.25 -45.45 100.94
N ILE KB 77 -0.25 -46.65 100.62
CA ILE KB 77 -0.06 -47.81 101.49
C ILE KB 77 1.41 -48.17 101.57
N ARG KB 78 2.09 -48.17 100.42
CA ARG KB 78 3.51 -48.50 100.39
C ARG KB 78 4.35 -47.40 101.03
N GLN KB 79 4.05 -46.14 100.71
CA GLN KB 79 4.73 -45.01 101.33
C GLN KB 79 4.47 -44.96 102.83
N SER KB 80 3.32 -45.50 103.28
CA SER KB 80 3.09 -45.60 104.71
C SER KB 80 3.96 -46.65 105.35
N ILE KB 81 3.96 -47.87 104.81
CA ILE KB 81 4.64 -48.98 105.46
C ILE KB 81 6.15 -48.81 105.37
N SER KB 82 6.63 -48.31 104.23
CA SER KB 82 8.05 -48.00 104.07
C SER KB 82 8.43 -46.64 104.65
N LYS KB 83 7.49 -45.95 105.30
CA LYS KB 83 7.84 -45.03 106.38
C LYS KB 83 7.57 -45.63 107.75
N ALA KB 84 6.65 -46.60 107.85
CA ALA KB 84 6.45 -47.29 109.12
C ALA KB 84 7.62 -48.20 109.43
N LEU KB 85 8.28 -48.75 108.41
CA LEU KB 85 9.52 -49.46 108.67
C LEU KB 85 10.63 -48.51 109.08
N VAL KB 86 10.57 -47.27 108.62
CA VAL KB 86 11.47 -46.28 109.17
C VAL KB 86 11.03 -45.89 110.58
N ALA KB 87 9.72 -45.76 110.80
CA ALA KB 87 9.22 -45.21 112.06
C ALA KB 87 9.37 -46.20 113.22
N TYR KB 88 9.11 -47.49 112.98
CA TYR KB 88 9.26 -48.47 114.04
C TYR KB 88 10.72 -48.76 114.36
N TYR KB 89 11.59 -48.63 113.38
CA TYR KB 89 13.00 -48.82 113.64
C TYR KB 89 13.69 -47.58 114.15
N GLN KB 90 13.02 -46.43 114.18
CA GLN KB 90 13.51 -45.29 114.95
C GLN KB 90 13.56 -45.61 116.43
N LYS KB 91 12.52 -46.23 116.97
CA LYS KB 91 12.25 -46.13 118.40
C LYS KB 91 12.75 -47.30 119.23
N TYR KB 92 12.88 -48.50 118.66
CA TYR KB 92 13.22 -49.64 119.51
C TYR KB 92 14.59 -50.21 119.18
N VAL KB 93 14.82 -50.62 117.94
CA VAL KB 93 16.08 -51.25 117.56
C VAL KB 93 17.05 -50.12 117.20
N ASP KB 94 18.34 -50.37 117.41
CA ASP KB 94 19.39 -49.36 117.27
C ASP KB 94 19.52 -48.84 115.82
N GLU KB 95 20.22 -47.72 115.69
CA GLU KB 95 20.21 -46.99 114.43
C GLU KB 95 21.10 -47.61 113.37
N ALA KB 96 21.97 -48.55 113.74
CA ALA KB 96 22.84 -49.23 112.78
C ALA KB 96 22.12 -50.27 111.93
N SER KB 97 20.87 -50.60 112.27
CA SER KB 97 19.99 -51.39 111.42
C SER KB 97 18.80 -50.61 110.90
N LYS KB 98 18.47 -49.47 111.52
CA LYS KB 98 17.45 -48.57 110.98
C LYS KB 98 17.98 -47.84 109.74
N LYS KB 99 19.14 -47.20 109.87
CA LYS KB 99 19.71 -46.47 108.73
C LYS KB 99 20.20 -47.39 107.63
N GLU KB 100 20.42 -48.66 107.92
CA GLU KB 100 20.85 -49.54 106.86
C GLU KB 100 19.66 -50.22 106.17
N ILE KB 101 18.56 -50.46 106.87
CA ILE KB 101 17.35 -50.88 106.16
C ILE KB 101 16.76 -49.70 105.39
N LYS KB 102 16.99 -48.47 105.85
CA LYS KB 102 16.57 -47.30 105.08
C LYS KB 102 17.42 -47.16 103.82
N ASP KB 103 18.70 -47.52 103.91
CA ASP KB 103 19.54 -47.53 102.73
C ASP KB 103 19.12 -48.61 101.74
N ILE KB 104 18.52 -49.71 102.23
CA ILE KB 104 18.02 -50.76 101.34
C ILE KB 104 16.95 -50.20 100.39
N LEU KB 105 15.87 -49.64 100.94
CA LEU KB 105 14.71 -49.31 100.12
C LEU KB 105 14.93 -48.03 99.32
N ILE KB 106 15.83 -47.15 99.77
CA ILE KB 106 16.08 -45.91 99.03
C ILE KB 106 16.98 -46.17 97.83
N GLN KB 107 17.94 -47.11 97.94
CA GLN KB 107 18.64 -47.55 96.74
C GLN KB 107 17.73 -48.37 95.81
N TYR KB 108 16.57 -48.80 96.30
CA TYR KB 108 15.49 -49.26 95.43
C TYR KB 108 14.65 -48.09 94.94
N ASP KB 109 14.05 -47.33 95.88
CA ASP KB 109 13.10 -46.28 95.51
C ASP KB 109 13.19 -45.12 96.50
N ARG KB 110 13.33 -43.90 95.96
CA ARG KB 110 13.65 -42.73 96.78
C ARG KB 110 12.44 -42.19 97.53
N THR KB 111 11.24 -42.29 96.93
CA THR KB 111 10.04 -41.63 97.46
C THR KB 111 9.54 -42.22 98.77
N LEU KB 112 10.12 -43.32 99.25
CA LEU KB 112 9.63 -43.99 100.45
C LEU KB 112 10.03 -43.29 101.74
N LEU KB 113 10.78 -42.20 101.67
CA LEU KB 113 10.88 -41.31 102.82
C LEU KB 113 10.70 -39.90 102.28
N VAL KB 114 11.14 -39.68 101.04
CA VAL KB 114 10.98 -38.38 100.39
C VAL KB 114 9.52 -38.27 99.94
N ALA KB 115 8.72 -37.57 100.72
CA ALA KB 115 7.36 -37.28 100.30
C ALA KB 115 7.43 -36.08 99.37
N ASP KB 116 7.25 -36.33 98.06
CA ASP KB 116 7.36 -35.31 97.03
C ASP KB 116 5.96 -34.77 96.76
N PRO KB 117 5.66 -33.54 97.16
CA PRO KB 117 4.26 -33.10 97.18
C PRO KB 117 3.81 -32.49 95.86
N ARG KB 118 2.75 -33.04 95.26
CA ARG KB 118 2.27 -32.55 93.96
C ARG KB 118 0.74 -32.45 94.02
N ARG KB 119 0.26 -31.30 94.48
CA ARG KB 119 -1.12 -30.97 94.15
C ARG KB 119 -1.16 -30.43 92.74
N CYS KB 120 -2.36 -30.43 92.17
CA CYS KB 120 -2.51 -29.94 90.82
C CYS KB 120 -2.37 -28.43 90.76
N GLU KB 121 -1.95 -27.93 89.61
CA GLU KB 121 -2.08 -26.50 89.35
C GLU KB 121 -3.55 -26.15 89.24
N SER KB 122 -3.88 -24.94 89.68
CA SER KB 122 -5.27 -24.51 89.73
C SER KB 122 -5.77 -24.22 88.31
N LYS KB 123 -7.08 -24.36 88.14
CA LYS KB 123 -7.70 -24.06 86.86
C LYS KB 123 -7.64 -22.57 86.63
N LYS KB 124 -6.81 -22.15 85.67
CA LYS KB 124 -6.67 -20.76 85.30
C LYS KB 124 -7.98 -20.24 84.71
N PHE KB 125 -8.20 -18.94 84.83
CA PHE KB 125 -9.48 -18.38 84.42
C PHE KB 125 -9.60 -18.35 82.90
N GLY KB 126 -8.50 -18.12 82.19
CA GLY KB 126 -8.61 -17.94 80.75
C GLY KB 126 -8.82 -19.21 79.97
N GLY KB 127 -8.47 -20.37 80.54
CA GLY KB 127 -8.49 -21.61 79.81
C GLY KB 127 -9.13 -22.76 80.54
N PRO KB 128 -9.49 -23.83 79.81
CA PRO KB 128 -10.31 -24.89 80.40
C PRO KB 128 -9.58 -25.80 81.37
N GLY KB 129 -8.26 -25.87 81.32
CA GLY KB 129 -7.53 -26.72 82.24
C GLY KB 129 -6.75 -25.91 83.25
N ALA KB 130 -5.60 -26.42 83.67
CA ALA KB 130 -4.72 -25.65 84.54
C ALA KB 130 -3.66 -24.88 83.77
N ARG KB 131 -3.50 -25.17 82.48
CA ARG KB 131 -2.52 -24.47 81.66
C ARG KB 131 -3.04 -24.09 80.28
N ALA KB 132 -4.11 -24.71 79.80
CA ALA KB 132 -4.53 -24.55 78.42
C ALA KB 132 -5.24 -23.21 78.22
N ARG KB 133 -5.68 -22.97 76.98
CA ARG KB 133 -6.47 -21.79 76.60
C ARG KB 133 -7.55 -22.24 75.63
N TYR KB 134 -8.19 -21.29 74.97
CA TYR KB 134 -9.21 -21.57 73.96
C TYR KB 134 -8.72 -21.14 72.59
N GLN KB 135 -9.43 -21.59 71.55
CA GLN KB 135 -9.06 -21.23 70.19
C GLN KB 135 -9.37 -19.77 69.92
N LYS KB 136 -8.38 -19.06 69.40
CA LYS KB 136 -8.61 -17.69 69.00
C LYS KB 136 -9.34 -17.66 67.66
N SER KB 137 -9.92 -16.50 67.35
CA SER KB 137 -10.53 -16.28 66.05
C SER KB 137 -9.74 -15.18 65.37
N TYR KB 138 -9.15 -15.51 64.24
CA TYR KB 138 -8.33 -14.58 63.48
C TYR KB 138 -9.11 -14.12 62.26
N ARG KB 139 -8.40 -13.56 61.30
CA ARG KB 139 -9.04 -13.16 60.04
C ARG KB 139 -8.28 -13.69 58.83
N GLY LB 1 19.95 -18.10 89.09
CA GLY LB 1 19.41 -16.78 89.38
C GLY LB 1 19.65 -16.40 90.81
N ARG LB 2 20.92 -16.38 91.22
CA ARG LB 2 21.26 -15.96 92.58
C ARG LB 2 21.68 -14.50 92.60
N VAL LB 3 21.08 -13.70 91.73
CA VAL LB 3 21.64 -12.46 91.18
C VAL LB 3 21.29 -11.27 92.05
N ARG LB 4 21.34 -11.47 93.37
CA ARG LB 4 20.86 -10.64 94.47
C ARG LB 4 20.96 -9.13 94.30
N THR LB 5 19.91 -8.43 94.74
CA THR LB 5 19.63 -7.05 94.43
C THR LB 5 20.60 -6.12 95.16
N LYS LB 6 20.55 -4.83 94.79
CA LYS LB 6 21.36 -3.79 95.42
C LYS LB 6 21.15 -3.74 96.93
N THR LB 7 19.90 -3.81 97.38
CA THR LB 7 19.63 -3.54 98.79
C THR LB 7 20.04 -4.69 99.68
N VAL LB 8 20.23 -5.88 99.11
CA VAL LB 8 21.02 -6.91 99.79
C VAL LB 8 22.45 -6.44 99.93
N LYS LB 9 23.06 -6.06 98.82
CA LYS LB 9 24.46 -5.64 98.79
C LYS LB 9 24.67 -4.30 99.49
N LYS LB 10 23.63 -3.47 99.53
CA LYS LB 10 23.68 -2.22 100.31
C LYS LB 10 23.85 -2.51 101.79
N ALA LB 11 22.99 -3.37 102.35
CA ALA LB 11 23.09 -3.72 103.76
C ALA LB 11 24.36 -4.53 104.04
N ALA LB 12 24.67 -5.47 103.15
CA ALA LB 12 25.78 -6.42 103.38
C ALA LB 12 27.13 -5.72 103.40
N ARG LB 13 27.24 -4.56 102.75
CA ARG LB 13 28.44 -3.76 102.92
C ARG LB 13 28.39 -2.90 104.17
N VAL LB 14 27.20 -2.50 104.63
CA VAL LB 14 27.13 -1.77 105.90
C VAL LB 14 27.14 -2.74 107.08
N ILE LB 15 26.74 -4.01 106.85
CA ILE LB 15 27.07 -5.10 107.76
C ILE LB 15 28.57 -5.14 108.04
N ILE LB 16 29.36 -5.13 106.97
CA ILE LB 16 30.79 -5.34 107.14
C ILE LB 16 31.49 -4.06 107.57
N GLU LB 17 30.82 -2.92 107.48
CA GLU LB 17 31.47 -1.65 107.77
C GLU LB 17 31.19 -1.18 109.19
N LYS LB 18 30.19 -1.76 109.86
CA LYS LB 18 29.98 -1.42 111.27
C LYS LB 18 30.44 -2.52 112.21
N TYR LB 19 29.82 -3.69 112.19
CA TYR LB 19 30.04 -4.70 113.22
C TYR LB 19 30.69 -5.93 112.61
N TYR LB 20 32.01 -5.85 112.39
CA TYR LB 20 32.81 -6.99 111.96
C TYR LB 20 33.27 -7.83 113.12
N THR LB 21 33.29 -7.24 114.32
CA THR LB 21 33.82 -7.86 115.52
C THR LB 21 32.95 -8.99 116.05
N ARG LB 22 31.79 -9.24 115.43
CA ARG LB 22 30.90 -10.32 115.81
C ARG LB 22 30.81 -11.41 114.74
N LEU LB 23 31.06 -11.06 113.49
CA LEU LB 23 30.85 -11.99 112.38
C LEU LB 23 31.93 -13.06 112.35
N GLY LB 24 31.61 -14.18 111.69
CA GLY LB 24 32.54 -15.26 111.54
C GLY LB 24 32.42 -15.93 110.18
N ASN LB 25 33.10 -17.08 110.06
CA ASN LB 25 33.00 -17.92 108.87
C ASN LB 25 31.63 -18.57 108.75
N ASP LB 26 30.92 -18.68 109.87
CA ASP LB 26 29.71 -19.49 109.96
C ASP LB 26 28.48 -18.76 109.41
N PHE LB 27 27.61 -19.52 108.73
CA PHE LB 27 26.31 -19.02 108.32
C PHE LB 27 25.29 -19.09 109.44
N HIS LB 28 25.14 -20.27 110.07
CA HIS LB 28 24.03 -20.52 110.98
C HIS LB 28 24.19 -19.86 112.35
N THR LB 29 25.28 -19.14 112.60
CA THR LB 29 25.30 -18.21 113.71
C THR LB 29 25.09 -16.76 113.26
N ASN LB 30 25.67 -16.37 112.12
CA ASN LB 30 25.48 -15.02 111.59
C ASN LB 30 24.06 -14.78 111.13
N LYS LB 31 23.33 -15.84 110.78
CA LYS LB 31 21.90 -15.74 110.54
C LYS LB 31 21.17 -15.26 111.79
N ARG LB 32 21.69 -15.57 112.97
CA ARG LB 32 21.13 -15.03 114.20
C ARG LB 32 21.92 -13.85 114.77
N VAL LB 33 23.18 -13.66 114.38
CA VAL LB 33 23.88 -12.41 114.68
C VAL LB 33 23.27 -11.27 113.90
N CYS LB 34 22.85 -11.52 112.64
CA CYS LB 34 22.23 -10.47 111.82
C CYS LB 34 20.96 -9.92 112.46
N GLU LB 35 20.23 -10.73 113.21
CA GLU LB 35 19.00 -10.26 113.82
C GLU LB 35 19.28 -9.30 114.97
N GLU LB 36 20.32 -9.58 115.75
CA GLU LB 36 20.56 -8.78 116.93
C GLU LB 36 21.16 -7.42 116.60
N ILE LB 37 21.79 -7.28 115.44
CA ILE LB 37 22.47 -6.03 115.11
C ILE LB 37 21.83 -5.32 113.92
N ALA LB 38 20.61 -5.69 113.53
CA ALA LB 38 20.04 -5.04 112.36
C ALA LB 38 18.51 -5.03 112.45
N ILE LB 39 17.89 -4.53 111.38
CA ILE LB 39 16.44 -4.29 111.29
C ILE LB 39 16.00 -4.98 110.00
N ILE LB 40 15.54 -6.22 110.09
CA ILE LB 40 15.20 -6.96 108.87
C ILE LB 40 13.70 -7.24 108.85
N PRO LB 41 12.92 -6.52 108.04
CA PRO LB 41 11.46 -6.65 108.11
C PRO LB 41 10.90 -7.79 107.30
N SER LB 42 11.73 -8.75 106.89
CA SER LB 42 11.25 -9.86 106.07
C SER LB 42 12.08 -11.10 106.36
N LYS LB 43 11.41 -12.25 106.31
CA LYS LB 43 12.04 -13.49 106.74
C LYS LB 43 12.81 -14.19 105.62
N LYS LB 44 12.35 -14.11 104.37
CA LYS LB 44 13.22 -14.48 103.25
C LYS LB 44 14.43 -13.58 103.17
N LEU LB 45 14.26 -12.30 103.54
CA LEU LB 45 15.37 -11.37 103.55
C LEU LB 45 16.29 -11.60 104.73
N ARG LB 46 15.86 -12.37 105.73
CA ARG LB 46 16.80 -12.84 106.75
C ARG LB 46 17.83 -13.79 106.15
N ASN LB 47 17.37 -14.78 105.40
CA ASN LB 47 18.26 -15.76 104.79
C ASN LB 47 19.07 -15.16 103.66
N LYS LB 48 18.44 -14.28 102.87
CA LYS LB 48 19.04 -13.77 101.65
C LYS LB 48 20.25 -12.92 101.95
N ILE LB 49 20.16 -12.08 103.00
CA ILE LB 49 21.31 -11.31 103.45
C ILE LB 49 22.40 -12.22 103.99
N ALA LB 50 22.03 -13.14 104.89
CA ALA LB 50 23.00 -13.87 105.68
C ALA LB 50 23.80 -14.85 104.85
N GLY LB 51 23.18 -15.39 103.79
CA GLY LB 51 23.94 -16.22 102.86
C GLY LB 51 24.92 -15.41 102.03
N TYR LB 52 24.64 -14.13 101.81
CA TYR LB 52 25.56 -13.30 101.04
C TYR LB 52 26.73 -12.81 101.88
N VAL LB 53 26.48 -12.48 103.14
CA VAL LB 53 27.53 -11.91 103.98
C VAL LB 53 28.58 -12.96 104.31
N THR LB 54 28.14 -14.18 104.64
CA THR LB 54 29.09 -15.24 104.91
C THR LB 54 29.77 -15.72 103.64
N HIS LB 55 29.10 -15.61 102.50
CA HIS LB 55 29.79 -15.81 101.24
C HIS LB 55 30.78 -14.68 100.97
N LEU LB 56 30.49 -13.48 101.45
CA LEU LB 56 31.49 -12.41 101.38
C LEU LB 56 32.63 -12.62 102.37
N MET LB 57 32.37 -13.33 103.48
CA MET LB 57 33.37 -13.49 104.53
C MET LB 57 34.60 -14.24 104.05
N LYS LB 58 34.41 -15.21 103.15
CA LYS LB 58 35.55 -15.96 102.65
C LYS LB 58 36.40 -15.18 101.66
N ARG LB 59 35.97 -14.01 101.22
CA ARG LB 59 36.86 -13.11 100.49
C ARG LB 59 37.60 -12.15 101.42
N ILE LB 60 36.96 -11.76 102.52
CA ILE LB 60 37.54 -10.77 103.43
C ILE LB 60 38.74 -11.34 104.14
N GLN LB 61 38.67 -12.62 104.49
CA GLN LB 61 39.82 -13.35 104.98
C GLN LB 61 40.88 -13.51 103.88
N ARG LB 62 40.44 -13.51 102.63
CA ARG LB 62 41.28 -13.85 101.47
C ARG LB 62 41.92 -12.62 100.85
N GLY LB 63 41.11 -11.67 100.38
CA GLY LB 63 41.63 -10.52 99.66
C GLY LB 63 40.90 -9.23 99.94
N PRO LB 64 41.41 -8.11 99.42
CA PRO LB 64 40.79 -6.80 99.70
C PRO LB 64 39.46 -6.65 98.96
N VAL LB 65 38.40 -6.40 99.71
CA VAL LB 65 37.09 -6.13 99.15
C VAL LB 65 36.93 -4.63 99.05
N ARG LB 66 36.66 -4.14 97.83
CA ARG LB 66 37.01 -2.77 97.47
C ARG LB 66 36.11 -1.72 98.14
N GLY LB 67 34.86 -2.08 98.44
CA GLY LB 67 33.87 -1.11 98.90
C GLY LB 67 34.26 -0.40 100.20
N ILE LB 68 34.77 -1.17 101.16
CA ILE LB 68 35.42 -0.61 102.36
C ILE LB 68 36.43 -1.61 102.88
N SER LB 69 37.62 -1.12 103.22
CA SER LB 69 38.70 -1.94 103.77
C SER LB 69 38.72 -1.79 105.28
N ILE LB 70 38.79 -2.93 105.98
CA ILE LB 70 38.55 -3.05 107.41
C ILE LB 70 39.61 -2.35 108.25
N LYS LB 71 39.32 -2.21 109.56
CA LYS LB 71 40.11 -1.34 110.45
C LYS LB 71 41.52 -1.86 110.70
N LEU LB 72 41.74 -3.17 110.53
CA LEU LB 72 43.10 -3.67 110.46
C LEU LB 72 43.84 -3.07 109.28
N GLN LB 73 43.23 -3.15 108.10
CA GLN LB 73 43.93 -2.79 106.86
C GLN LB 73 44.10 -1.30 106.69
N GLU LB 74 43.25 -0.49 107.34
CA GLU LB 74 43.38 0.97 107.25
C GLU LB 74 44.65 1.46 107.90
N GLU LB 75 44.78 1.11 109.18
CA GLU LB 75 45.97 1.37 109.99
C GLU LB 75 47.07 0.51 109.37
N GLU LB 76 46.69 -0.68 108.90
CA GLU LB 76 47.58 -1.62 108.23
C GLU LB 76 48.12 -0.98 106.96
N ARG LB 77 47.24 -0.27 106.24
CA ARG LB 77 47.62 0.46 105.03
C ARG LB 77 48.64 1.54 105.42
N GLU LB 78 48.41 2.21 106.56
CA GLU LB 78 49.35 3.20 107.03
C GLU LB 78 50.65 2.45 107.30
N ARG LB 79 50.56 1.25 107.88
CA ARG LB 79 51.79 0.48 108.05
C ARG LB 79 52.62 0.44 106.78
N ARG LB 80 51.95 0.29 105.63
CA ARG LB 80 52.58 0.40 104.33
C ARG LB 80 52.79 1.85 103.90
N ASP LB 81 52.35 2.81 104.72
CA ASP LB 81 52.71 4.20 104.52
C ASP LB 81 53.98 4.61 105.25
N ASN LB 82 54.34 3.92 106.34
CA ASN LB 82 55.49 4.34 107.15
C ASN LB 82 56.58 3.28 107.27
N TYR LB 83 56.72 2.42 106.25
CA TYR LB 83 57.84 1.48 106.19
C TYR LB 83 59.08 2.23 105.73
N VAL LB 84 60.03 2.45 106.64
CA VAL LB 84 61.18 3.32 106.36
C VAL LB 84 62.48 2.50 106.43
N PRO LB 85 62.96 1.92 105.34
CA PRO LB 85 64.36 1.47 105.34
C PRO LB 85 65.22 2.58 104.73
N GLU LB 86 66.39 2.78 105.34
CA GLU LB 86 67.23 3.93 105.02
C GLU LB 86 68.56 3.42 104.46
N VAL LB 87 68.53 2.99 103.19
CA VAL LB 87 69.76 2.56 102.56
C VAL LB 87 69.90 3.12 101.14
N SER LB 88 68.88 2.93 100.30
CA SER LB 88 69.03 2.96 98.85
C SER LB 88 68.37 4.19 98.23
N ALA LB 89 68.48 5.33 98.91
CA ALA LB 89 68.14 6.60 98.28
C ALA LB 89 69.09 6.89 97.14
N LEU LB 90 70.35 6.49 97.27
CA LEU LB 90 71.36 6.80 96.28
C LEU LB 90 72.33 5.64 96.08
N ASP LB 91 72.88 5.57 94.88
CA ASP LB 91 73.96 4.69 94.49
C ASP LB 91 75.30 5.29 94.89
N GLN LB 92 76.37 4.79 94.26
CA GLN LB 92 77.72 5.31 94.50
C GLN LB 92 77.81 6.80 94.18
N GLU LB 93 78.71 7.49 94.88
CA GLU LB 93 78.86 8.92 94.75
C GLU LB 93 79.87 9.32 93.68
N ILE LB 94 80.29 8.38 92.86
CA ILE LB 94 80.97 8.66 91.61
C ILE LB 94 80.08 8.04 90.55
N ILE LB 95 79.12 8.82 90.06
CA ILE LB 95 78.24 8.31 89.01
C ILE LB 95 78.86 8.68 87.67
N GLU LB 96 78.81 7.70 86.76
CA GLU LB 96 79.07 7.87 85.34
C GLU LB 96 77.82 7.44 84.58
N VAL LB 97 77.18 8.39 83.89
CA VAL LB 97 75.95 8.06 83.17
C VAL LB 97 76.02 8.41 81.70
N ASP LB 98 76.36 9.64 81.36
CA ASP LB 98 76.38 10.04 79.95
C ASP LB 98 77.60 10.87 79.57
N PRO LB 99 78.10 10.74 78.34
CA PRO LB 99 79.02 11.76 77.83
C PRO LB 99 78.34 13.09 77.59
N ASP LB 100 77.04 13.08 77.27
CA ASP LB 100 76.31 14.34 77.09
C ASP LB 100 76.09 15.04 78.41
N THR LB 101 75.86 14.29 79.48
CA THR LB 101 75.71 14.93 80.79
C THR LB 101 77.05 15.38 81.37
N LYS LB 102 78.16 15.08 80.70
CA LYS LB 102 79.42 15.71 81.06
C LYS LB 102 79.41 17.16 80.61
N GLU LB 103 78.81 17.43 79.44
CA GLU LB 103 78.65 18.81 78.97
C GLU LB 103 77.64 19.57 79.84
N MET LB 104 76.67 18.85 80.42
CA MET LB 104 75.87 19.38 81.52
C MET LB 104 76.77 19.79 82.68
N LEU LB 105 77.43 18.81 83.28
CA LEU LB 105 77.97 18.99 84.61
C LEU LB 105 79.26 19.79 84.61
N LYS LB 106 80.00 19.83 83.52
CA LYS LB 106 81.08 20.81 83.41
C LYS LB 106 80.50 22.22 83.35
N LEU LB 107 79.67 22.47 82.33
CA LEU LB 107 79.30 23.83 81.95
C LEU LB 107 78.23 24.42 82.85
N LEU LB 108 77.43 23.59 83.51
CA LEU LB 108 76.63 24.07 84.60
C LEU LB 108 77.49 24.04 85.87
N ASP LB 109 77.45 25.13 86.64
CA ASP LB 109 78.44 25.43 87.66
C ASP LB 109 78.42 24.41 88.79
N PHE LB 110 79.45 23.57 88.85
CA PHE LB 110 79.56 22.57 89.90
C PHE LB 110 81.03 22.37 90.25
N GLY LB 111 81.29 21.35 91.07
CA GLY LB 111 82.61 20.82 91.29
C GLY LB 111 82.87 19.68 90.34
N SER LB 112 81.82 19.09 89.77
CA SER LB 112 81.95 17.98 88.84
C SER LB 112 82.72 16.80 89.44
N LEU LB 113 82.31 16.39 90.63
CA LEU LB 113 82.93 15.29 91.36
C LEU LB 113 82.87 13.92 90.67
N SER LB 114 81.75 13.61 90.02
CA SER LB 114 81.60 12.30 89.37
C SER LB 114 81.73 12.32 87.84
N ASN LB 115 82.65 11.51 87.32
CA ASN LB 115 82.88 11.41 85.88
C ASN LB 115 81.78 10.63 85.15
N LEU LB 116 81.58 10.97 83.89
CA LEU LB 116 80.57 10.30 83.07
C LEU LB 116 81.20 9.70 81.81
N GLN LB 117 80.92 8.44 81.54
CA GLN LB 117 81.47 7.78 80.35
C GLN LB 117 80.65 6.53 80.02
N VAL LB 118 79.84 6.65 78.96
CA VAL LB 118 79.40 5.54 78.13
C VAL LB 118 79.54 6.03 76.69
N THR LB 119 79.50 5.10 75.74
CA THR LB 119 79.32 5.45 74.33
C THR LB 119 78.42 4.42 73.65
N GLN LB 120 77.61 4.90 72.70
CA GLN LB 120 76.70 4.04 71.93
C GLN LB 120 76.70 4.40 70.45
N PRO LB 121 76.03 3.62 69.59
CA PRO LB 121 75.59 4.16 68.30
C PRO LB 121 74.30 4.98 68.42
N THR LB 122 73.74 5.43 67.31
CA THR LB 122 72.62 6.37 67.28
C THR LB 122 71.49 5.79 66.44
N VAL LB 123 71.09 4.56 66.75
CA VAL LB 123 70.07 3.85 65.98
C VAL LB 123 68.89 3.65 66.93
N GLY LB 124 68.67 4.64 67.81
CA GLY LB 124 67.66 4.53 68.83
C GLY LB 124 66.24 4.51 68.30
N MET LB 125 65.32 4.23 69.23
CA MET LB 125 63.94 3.80 69.00
C MET LB 125 63.92 2.59 68.06
N VAL MB 1 -26.02 -80.20 71.53
CA VAL MB 1 -24.75 -79.50 71.52
C VAL MB 1 -24.73 -78.50 70.36
N ILE MB 2 -25.93 -78.17 69.90
CA ILE MB 2 -26.23 -77.23 68.81
C ILE MB 2 -25.45 -77.61 67.56
N PRO MB 3 -25.82 -78.68 66.81
CA PRO MB 3 -25.05 -79.06 65.63
C PRO MB 3 -25.05 -78.03 64.52
N GLU MB 4 -26.26 -77.77 63.99
CA GLU MB 4 -26.57 -76.75 62.99
C GLU MB 4 -28.08 -76.73 62.83
N LYS MB 5 -28.69 -75.54 62.84
CA LYS MB 5 -30.14 -75.45 62.74
C LYS MB 5 -30.51 -74.58 61.54
N PHE MB 6 -31.50 -75.04 60.77
CA PHE MB 6 -31.78 -74.49 59.44
C PHE MB 6 -32.63 -73.24 59.54
N GLN MB 7 -31.94 -72.10 59.65
CA GLN MB 7 -32.64 -70.83 59.88
C GLN MB 7 -31.70 -69.70 59.48
N HIS MB 8 -31.99 -69.04 58.36
CA HIS MB 8 -31.12 -68.02 57.80
C HIS MB 8 -31.75 -66.63 57.77
N ILE MB 9 -32.81 -66.45 56.99
CA ILE MB 9 -33.60 -65.22 56.95
C ILE MB 9 -35.03 -65.62 56.65
N LEU MB 10 -35.96 -65.15 57.47
CA LEU MB 10 -37.29 -65.70 57.57
C LEU MB 10 -38.31 -64.65 57.18
N ARG MB 11 -39.56 -65.07 57.07
CA ARG MB 11 -40.67 -64.17 56.78
C ARG MB 11 -41.44 -63.87 58.07
N VAL MB 12 -41.54 -62.58 58.40
CA VAL MB 12 -42.27 -62.09 59.56
C VAL MB 12 -43.01 -60.83 59.15
N LEU MB 13 -44.34 -60.86 59.27
CA LEU MB 13 -45.21 -59.69 59.13
C LEU MB 13 -45.17 -59.06 57.76
N ASN MB 14 -44.79 -59.82 56.72
CA ASN MB 14 -45.11 -59.58 55.31
C ASN MB 14 -44.59 -58.27 54.72
N THR MB 15 -43.83 -57.50 55.49
CA THR MB 15 -43.29 -56.21 55.05
C THR MB 15 -41.85 -56.02 55.48
N ASN MB 16 -41.41 -56.64 56.56
CA ASN MB 16 -40.06 -56.49 57.08
C ASN MB 16 -39.37 -57.84 57.17
N ILE MB 17 -38.05 -57.81 56.99
CA ILE MB 17 -37.25 -58.98 56.65
C ILE MB 17 -36.17 -59.13 57.73
N ASP MB 18 -36.25 -60.21 58.51
CA ASP MB 18 -35.48 -60.38 59.73
C ASP MB 18 -34.30 -61.32 59.52
N GLY MB 19 -33.26 -61.15 60.33
CA GLY MB 19 -32.04 -61.91 60.15
C GLY MB 19 -31.91 -63.20 60.93
N ARG MB 20 -30.71 -63.49 61.42
CA ARG MB 20 -30.41 -64.74 62.11
C ARG MB 20 -29.53 -64.52 63.33
N ARG MB 21 -29.27 -63.28 63.72
CA ARG MB 21 -28.13 -63.01 64.60
C ARG MB 21 -28.41 -63.33 66.07
N LYS MB 22 -29.34 -62.59 66.67
CA LYS MB 22 -29.76 -62.80 68.05
C LYS MB 22 -31.24 -62.48 68.06
N ILE MB 23 -32.01 -63.25 68.83
CA ILE MB 23 -33.46 -63.28 68.62
C ILE MB 23 -34.11 -61.98 69.10
N ALA MB 24 -33.53 -61.31 70.09
CA ALA MB 24 -34.08 -60.02 70.46
C ALA MB 24 -33.65 -58.91 69.52
N PHE MB 25 -32.63 -59.12 68.70
CA PHE MB 25 -32.18 -58.10 67.79
C PHE MB 25 -32.45 -58.45 66.33
N ALA MB 26 -32.95 -59.65 66.05
CA ALA MB 26 -33.45 -59.93 64.71
C ALA MB 26 -34.77 -59.21 64.47
N ILE MB 27 -35.57 -59.02 65.51
CA ILE MB 27 -36.93 -58.51 65.43
C ILE MB 27 -36.87 -56.98 65.51
N THR MB 28 -35.65 -56.44 65.57
CA THR MB 28 -35.43 -55.00 65.41
C THR MB 28 -35.93 -54.51 64.06
N ALA MB 29 -35.82 -55.34 63.01
CA ALA MB 29 -36.04 -54.94 61.63
C ALA MB 29 -37.50 -54.61 61.30
N ILE MB 30 -38.43 -54.83 62.24
CA ILE MB 30 -39.82 -54.44 62.08
C ILE MB 30 -39.98 -52.97 62.42
N LYS MB 31 -40.61 -52.21 61.54
CA LYS MB 31 -40.93 -50.81 61.83
C LYS MB 31 -41.96 -50.74 62.96
N GLY MB 32 -41.68 -49.89 63.95
CA GLY MB 32 -42.55 -49.74 65.09
C GLY MB 32 -42.18 -50.58 66.29
N VAL MB 33 -41.23 -51.51 66.15
CA VAL MB 33 -40.73 -52.31 67.25
C VAL MB 33 -39.21 -52.29 67.18
N GLY MB 34 -38.57 -51.70 68.19
CA GLY MB 34 -37.14 -51.51 68.08
C GLY MB 34 -36.31 -52.38 68.99
N ARG MB 35 -35.58 -51.73 69.90
CA ARG MB 35 -34.67 -52.39 70.82
C ARG MB 35 -35.42 -53.28 71.79
N ARG MB 36 -36.23 -52.66 72.64
CA ARG MB 36 -36.56 -53.18 73.95
C ARG MB 36 -37.93 -53.80 74.05
N TYR MB 37 -38.89 -53.35 73.21
CA TYR MB 37 -40.15 -54.06 73.10
C TYR MB 37 -39.93 -55.46 72.53
N ALA MB 38 -38.87 -55.65 71.75
CA ALA MB 38 -38.46 -57.00 71.40
C ALA MB 38 -37.97 -57.75 72.63
N HIS MB 39 -37.16 -57.10 73.46
CA HIS MB 39 -36.64 -57.71 74.69
C HIS MB 39 -37.77 -58.12 75.63
N VAL MB 40 -38.85 -57.36 75.65
CA VAL MB 40 -39.95 -57.67 76.57
C VAL MB 40 -40.92 -58.67 75.95
N VAL MB 41 -41.13 -58.60 74.63
CA VAL MB 41 -41.95 -59.60 73.97
C VAL MB 41 -41.27 -60.97 74.03
N LEU MB 42 -39.94 -60.99 73.84
CA LEU MB 42 -39.21 -62.25 73.92
C LEU MB 42 -39.24 -62.85 75.32
N ARG MB 43 -38.91 -62.06 76.33
CA ARG MB 43 -38.71 -62.64 77.65
C ARG MB 43 -40.02 -62.99 78.33
N LYS MB 44 -41.12 -62.36 77.96
CA LYS MB 44 -42.42 -62.79 78.44
C LYS MB 44 -43.11 -63.72 77.47
N ALA MB 45 -42.41 -64.09 76.41
CA ALA MB 45 -42.69 -65.31 75.66
C ALA MB 45 -41.81 -66.47 76.11
N ASP MB 46 -40.92 -66.23 77.06
CA ASP MB 46 -40.14 -67.26 77.78
C ASP MB 46 -39.20 -68.01 76.84
N ILE MB 47 -38.48 -67.26 76.00
CA ILE MB 47 -37.61 -67.83 74.98
C ILE MB 47 -36.17 -67.51 75.36
N ASP MB 48 -35.28 -68.49 75.16
CA ASP MB 48 -33.88 -68.35 75.53
C ASP MB 48 -33.15 -67.52 74.48
N LEU MB 49 -32.73 -66.32 74.88
CA LEU MB 49 -32.03 -65.42 73.98
C LEU MB 49 -30.59 -65.84 73.75
N THR MB 50 -30.00 -66.57 74.70
CA THR MB 50 -28.67 -67.12 74.54
C THR MB 50 -28.65 -68.16 73.40
N LYS MB 51 -29.73 -68.92 73.28
CA LYS MB 51 -29.98 -69.65 72.05
C LYS MB 51 -30.24 -68.66 70.92
N ARG MB 52 -29.62 -68.91 69.77
CA ARG MB 52 -29.55 -67.96 68.67
C ARG MB 52 -30.93 -67.69 68.08
N ALA MB 53 -30.99 -66.62 67.28
CA ALA MB 53 -32.15 -66.41 66.42
C ALA MB 53 -32.27 -67.51 65.39
N GLY MB 54 -31.14 -68.04 64.94
CA GLY MB 54 -31.10 -69.07 63.91
C GLY MB 54 -31.38 -70.48 64.40
N GLU MB 55 -32.16 -70.61 65.48
CA GLU MB 55 -32.33 -71.88 66.19
C GLU MB 55 -33.77 -72.09 66.64
N LEU MB 56 -34.74 -71.51 65.95
CA LEU MB 56 -36.06 -71.35 66.54
C LEU MB 56 -37.11 -71.85 65.56
N THR MB 57 -38.25 -72.25 66.10
CA THR MB 57 -39.19 -73.10 65.41
C THR MB 57 -40.43 -72.27 65.08
N GLU MB 58 -41.36 -72.89 64.37
CA GLU MB 58 -42.41 -72.16 63.63
C GLU MB 58 -43.44 -71.55 64.57
N ASP MB 59 -43.91 -72.32 65.55
CA ASP MB 59 -44.98 -71.85 66.44
C ASP MB 59 -44.48 -70.75 67.36
N GLU MB 60 -43.19 -70.78 67.68
CA GLU MB 60 -42.60 -69.83 68.61
C GLU MB 60 -42.54 -68.44 67.99
N VAL MB 61 -42.39 -68.38 66.66
CA VAL MB 61 -42.40 -67.11 65.94
C VAL MB 61 -43.77 -66.45 66.07
N GLU MB 62 -44.82 -67.20 65.82
CA GLU MB 62 -46.16 -66.63 65.84
C GLU MB 62 -46.61 -66.36 67.27
N ARG MB 63 -46.02 -67.10 68.22
CA ARG MB 63 -46.28 -66.84 69.63
C ARG MB 63 -45.67 -65.51 70.05
N VAL MB 64 -44.50 -65.18 69.49
CA VAL MB 64 -43.96 -63.82 69.60
C VAL MB 64 -44.96 -62.82 69.05
N ILE MB 65 -45.36 -63.02 67.78
CA ILE MB 65 -46.13 -62.02 67.03
C ILE MB 65 -47.54 -61.84 67.60
N THR MB 66 -48.07 -62.89 68.24
CA THR MB 66 -49.35 -62.80 68.95
C THR MB 66 -49.30 -61.75 70.05
N ILE MB 67 -48.22 -61.75 70.82
CA ILE MB 67 -48.10 -60.74 71.87
C ILE MB 67 -47.53 -59.45 71.28
N MET MB 68 -46.84 -59.52 70.14
CA MET MB 68 -46.44 -58.31 69.43
C MET MB 68 -47.67 -57.53 68.97
N GLN MB 69 -48.68 -58.24 68.47
CA GLN MB 69 -49.91 -57.58 68.07
C GLN MB 69 -50.92 -57.44 69.19
N ASN MB 70 -50.74 -58.14 70.31
CA ASN MB 70 -51.63 -57.98 71.46
C ASN MB 70 -50.86 -58.27 72.73
N PRO MB 71 -50.26 -57.25 73.32
CA PRO MB 71 -49.66 -57.42 74.64
C PRO MB 71 -50.63 -57.10 75.78
N ARG MB 72 -51.70 -56.37 75.48
CA ARG MB 72 -52.61 -55.94 76.54
C ARG MB 72 -53.49 -57.06 77.07
N GLN MB 73 -53.43 -58.25 76.46
CA GLN MB 73 -54.13 -59.40 77.00
C GLN MB 73 -53.50 -59.89 78.29
N TYR MB 74 -52.18 -59.96 78.33
CA TYR MB 74 -51.47 -60.63 79.41
C TYR MB 74 -50.84 -59.67 80.41
N LYS MB 75 -50.12 -58.67 79.92
CA LYS MB 75 -49.12 -58.00 80.75
C LYS MB 75 -48.85 -56.66 80.09
N ILE MB 76 -47.72 -56.03 80.44
CA ILE MB 76 -47.08 -54.95 79.70
C ILE MB 76 -48.00 -53.74 79.55
N PRO MB 77 -48.17 -52.92 80.58
CA PRO MB 77 -49.18 -51.86 80.54
C PRO MB 77 -48.94 -50.74 79.54
N ASP MB 78 -49.80 -49.71 79.63
CA ASP MB 78 -49.96 -48.74 78.56
C ASP MB 78 -48.73 -47.84 78.37
N TRP MB 79 -47.95 -47.59 79.41
CA TRP MB 79 -46.81 -46.68 79.28
C TRP MB 79 -45.70 -47.26 78.43
N PHE MB 80 -45.72 -48.57 78.17
CA PHE MB 80 -44.67 -49.21 77.41
C PHE MB 80 -45.04 -49.43 75.95
N LEU MB 81 -46.30 -49.21 75.58
CA LEU MB 81 -46.76 -49.48 74.23
C LEU MB 81 -46.68 -48.20 73.41
N ASN MB 82 -47.33 -48.16 72.25
CA ASN MB 82 -47.13 -47.04 71.33
C ASN MB 82 -48.33 -46.12 71.19
N ARG MB 83 -49.50 -46.68 70.96
CA ARG MB 83 -50.68 -45.83 70.84
C ARG MB 83 -50.95 -45.18 72.19
N GLN MB 84 -51.22 -43.88 72.16
CA GLN MB 84 -51.51 -43.10 73.35
C GLN MB 84 -53.01 -43.07 73.58
N LYS MB 85 -53.44 -42.10 74.38
CA LYS MB 85 -54.86 -41.94 74.68
C LYS MB 85 -55.67 -41.66 73.41
N ASP MB 86 -55.12 -40.86 72.50
CA ASP MB 86 -55.83 -40.53 71.27
C ASP MB 86 -55.30 -41.18 69.99
N VAL MB 87 -56.20 -41.89 69.33
CA VAL MB 87 -55.97 -42.55 68.04
C VAL MB 87 -57.27 -42.25 67.29
N LYS MB 88 -58.09 -41.38 67.88
CA LYS MB 88 -59.48 -40.99 67.60
C LYS MB 88 -60.41 -42.08 68.09
N ASP MB 89 -59.90 -43.06 68.82
CA ASP MB 89 -60.70 -44.17 69.28
C ASP MB 89 -60.61 -44.42 70.78
N GLY MB 90 -59.67 -43.78 71.48
CA GLY MB 90 -59.41 -44.14 72.87
C GLY MB 90 -58.80 -45.53 72.97
N LYS MB 91 -57.86 -45.83 72.10
CA LYS MB 91 -57.39 -47.20 71.88
C LYS MB 91 -55.93 -47.33 72.30
N TYR MB 92 -55.64 -48.32 73.16
CA TYR MB 92 -54.28 -48.62 73.59
C TYR MB 92 -53.87 -49.95 73.00
N SER MB 93 -52.87 -49.91 72.13
CA SER MB 93 -52.25 -51.11 71.59
C SER MB 93 -50.86 -50.72 71.12
N GLN MB 94 -50.24 -51.58 70.32
CA GLN MB 94 -49.00 -51.32 69.62
C GLN MB 94 -49.31 -51.25 68.14
N VAL MB 95 -48.58 -50.41 67.41
CA VAL MB 95 -48.71 -50.45 65.95
C VAL MB 95 -48.08 -51.73 65.43
N LEU MB 96 -48.48 -52.12 64.23
CA LEU MB 96 -47.91 -53.29 63.61
C LEU MB 96 -46.72 -52.85 62.75
N ALA MB 97 -46.23 -53.73 61.88
CA ALA MB 97 -45.11 -53.37 61.00
C ALA MB 97 -45.56 -52.37 59.93
N ASN MB 98 -46.45 -52.81 59.04
CA ASN MB 98 -46.90 -51.94 57.96
C ASN MB 98 -47.89 -50.89 58.46
N GLY MB 99 -48.41 -51.06 59.67
CA GLY MB 99 -49.29 -50.05 60.22
C GLY MB 99 -48.61 -48.74 60.52
N LEU MB 100 -47.27 -48.71 60.59
CA LEU MB 100 -46.57 -47.49 61.00
C LEU MB 100 -46.62 -46.41 59.92
N ASP MB 101 -46.62 -46.78 58.65
CA ASP MB 101 -46.78 -45.78 57.59
C ASP MB 101 -48.19 -45.18 57.60
N ASN MB 102 -49.19 -45.97 57.93
CA ASN MB 102 -50.55 -45.44 57.96
C ASN MB 102 -50.76 -44.51 59.15
N LYS MB 103 -50.26 -44.88 60.33
CA LYS MB 103 -50.51 -44.06 61.51
C LYS MB 103 -49.75 -42.74 61.45
N LEU MB 104 -48.64 -42.70 60.72
CA LEU MB 104 -47.99 -41.42 60.44
C LEU MB 104 -48.88 -40.53 59.59
N ARG MB 105 -49.33 -41.04 58.43
CA ARG MB 105 -50.11 -40.23 57.52
C ARG MB 105 -51.48 -39.87 58.09
N GLU MB 106 -51.98 -40.67 59.03
CA GLU MB 106 -53.19 -40.29 59.73
C GLU MB 106 -52.92 -39.16 60.71
N ASP MB 107 -51.76 -39.18 61.38
CA ASP MB 107 -51.35 -38.03 62.18
C ASP MB 107 -51.21 -36.79 61.32
N LEU MB 108 -50.58 -36.94 60.16
CA LEU MB 108 -50.26 -35.77 59.36
C LEU MB 108 -51.49 -35.16 58.72
N GLU MB 109 -52.38 -36.00 58.17
CA GLU MB 109 -53.54 -35.51 57.42
C GLU MB 109 -54.53 -34.76 58.31
N ARG MB 110 -54.70 -35.21 59.57
CA ARG MB 110 -55.55 -34.43 60.46
C ARG MB 110 -54.82 -33.21 61.00
N LEU MB 111 -53.50 -33.29 61.20
CA LEU MB 111 -52.75 -32.09 61.58
C LEU MB 111 -52.68 -31.09 60.44
N LYS MB 112 -52.93 -31.54 59.20
CA LYS MB 112 -53.20 -30.60 58.13
C LYS MB 112 -54.61 -30.01 58.23
N LYS MB 113 -55.63 -30.84 58.54
CA LYS MB 113 -57.00 -30.34 58.64
C LYS MB 113 -57.17 -29.35 59.78
N ILE MB 114 -56.46 -29.58 60.89
CA ILE MB 114 -56.57 -28.79 62.10
C ILE MB 114 -55.98 -27.38 61.93
N ARG MB 115 -55.21 -27.17 60.85
CA ARG MB 115 -54.33 -26.01 60.65
C ARG MB 115 -53.36 -25.84 61.81
N ALA MB 116 -52.90 -26.96 62.38
CA ALA MB 116 -51.84 -26.89 63.37
C ALA MB 116 -50.49 -26.84 62.67
N HIS MB 117 -49.62 -25.96 63.16
CA HIS MB 117 -48.29 -25.86 62.59
C HIS MB 117 -47.35 -26.93 63.10
N ARG MB 118 -47.75 -27.73 64.08
CA ARG MB 118 -47.08 -29.01 64.30
C ARG MB 118 -47.18 -29.86 63.06
N GLY MB 119 -48.32 -29.80 62.36
CA GLY MB 119 -48.47 -30.44 61.07
C GLY MB 119 -48.04 -29.58 59.89
N LEU MB 120 -48.18 -28.25 60.00
CA LEU MB 120 -47.79 -27.42 58.86
C LEU MB 120 -46.28 -27.34 58.72
N ARG MB 121 -45.54 -27.39 59.82
CA ARG MB 121 -44.09 -27.40 59.71
C ARG MB 121 -43.53 -28.76 59.34
N HIS MB 122 -44.35 -29.82 59.38
CA HIS MB 122 -43.93 -31.03 58.68
C HIS MB 122 -44.29 -30.94 57.21
N PHE MB 123 -45.37 -30.23 56.88
CA PHE MB 123 -45.72 -30.00 55.48
C PHE MB 123 -44.72 -29.09 54.81
N TRP MB 124 -44.58 -27.85 55.32
CA TRP MB 124 -43.52 -26.96 54.90
C TRP MB 124 -42.16 -27.55 55.30
N GLY MB 125 -41.10 -27.09 54.64
CA GLY MB 125 -39.77 -27.56 54.98
C GLY MB 125 -39.22 -26.91 56.23
N LEU MB 126 -39.87 -27.16 57.36
CA LEU MB 126 -39.60 -26.46 58.59
C LEU MB 126 -39.41 -27.46 59.71
N ARG MB 127 -39.06 -26.95 60.89
CA ARG MB 127 -38.78 -27.80 62.04
C ARG MB 127 -39.56 -27.30 63.24
N VAL MB 128 -40.29 -28.22 63.89
CA VAL MB 128 -41.06 -27.88 65.08
C VAL MB 128 -40.13 -27.56 66.24
N ARG MB 129 -39.23 -28.48 66.55
CA ARG MB 129 -38.44 -28.43 67.74
C ARG MB 129 -37.01 -27.93 67.48
N GLY MB 130 -36.71 -27.50 66.26
CA GLY MB 130 -35.43 -26.90 65.96
C GLY MB 130 -35.41 -25.43 66.31
N GLN MB 131 -35.25 -25.14 67.59
CA GLN MB 131 -35.54 -23.82 68.12
C GLN MB 131 -34.47 -22.78 67.78
N HIS MB 132 -33.29 -23.21 67.37
CA HIS MB 132 -32.41 -22.39 66.55
C HIS MB 132 -32.28 -23.06 65.20
N THR MB 133 -32.61 -22.32 64.13
CA THR MB 133 -32.69 -22.96 62.82
C THR MB 133 -31.79 -22.23 61.82
N LYS MB 134 -30.76 -21.53 62.31
CA LYS MB 134 -29.69 -21.08 61.42
C LYS MB 134 -28.95 -22.28 60.84
N THR MB 135 -28.43 -23.12 61.73
CA THR MB 135 -27.50 -24.19 61.40
C THR MB 135 -28.19 -25.55 61.38
N THR MB 136 -29.52 -25.55 61.46
CA THR MB 136 -30.28 -26.78 61.62
C THR MB 136 -30.78 -27.29 60.26
N GLY MB 137 -30.28 -28.44 59.83
CA GLY MB 137 -30.79 -29.13 58.66
C GLY MB 137 -30.53 -28.42 57.36
N ARG MB 138 -29.28 -28.37 56.94
CA ARG MB 138 -28.91 -27.58 55.78
C ARG MB 138 -29.05 -28.37 54.49
N ARG MB 139 -29.42 -27.65 53.42
CA ARG MB 139 -29.42 -28.13 52.02
C ARG MB 139 -30.30 -29.34 51.75
N PRO NB 1 -11.84 -71.46 110.13
CA PRO NB 1 -10.97 -70.65 111.01
C PRO NB 1 -11.56 -69.29 111.33
N GLY NB 2 -10.74 -68.37 111.81
CA GLY NB 2 -11.23 -67.03 112.05
C GLY NB 2 -11.42 -66.32 110.73
N VAL NB 3 -12.66 -66.17 110.31
CA VAL NB 3 -12.99 -65.70 108.98
C VAL NB 3 -13.81 -64.42 109.14
N THR NB 4 -13.17 -63.27 108.93
CA THR NB 4 -13.94 -62.06 108.69
C THR NB 4 -14.63 -62.22 107.33
N VAL NB 5 -15.80 -61.59 107.19
CA VAL NB 5 -16.55 -61.67 105.94
C VAL NB 5 -15.81 -60.98 104.79
N LYS NB 6 -14.82 -60.13 105.08
CA LYS NB 6 -13.96 -59.57 104.05
C LYS NB 6 -12.75 -60.46 103.76
N ASP NB 7 -12.49 -61.49 104.57
CA ASP NB 7 -11.34 -62.36 104.32
C ASP NB 7 -11.53 -63.20 103.08
N VAL NB 8 -12.77 -63.44 102.72
CA VAL NB 8 -13.11 -64.19 101.52
C VAL NB 8 -12.85 -63.29 100.34
N ASN NB 9 -12.73 -63.87 99.15
CA ASN NB 9 -12.75 -63.05 97.94
C ASN NB 9 -14.11 -62.38 97.82
N GLN NB 10 -14.10 -61.11 97.40
CA GLN NB 10 -15.30 -60.27 97.52
C GLN NB 10 -16.39 -60.69 96.55
N GLN NB 11 -16.10 -60.76 95.26
CA GLN NB 11 -17.19 -60.83 94.30
C GLN NB 11 -17.81 -62.21 94.21
N GLU NB 12 -17.03 -63.26 94.38
CA GLU NB 12 -17.64 -64.58 94.38
C GLU NB 12 -18.52 -64.78 95.60
N PHE NB 13 -18.09 -64.27 96.76
CA PHE NB 13 -18.86 -64.39 98.00
C PHE NB 13 -20.20 -63.68 97.89
N VAL NB 14 -20.24 -62.58 97.16
CA VAL NB 14 -21.51 -61.91 96.99
C VAL NB 14 -22.29 -62.51 95.81
N ARG NB 15 -21.61 -63.23 94.90
CA ARG NB 15 -22.25 -63.97 93.82
C ARG NB 15 -22.55 -65.43 94.19
N ALA NB 16 -21.88 -65.98 95.20
CA ALA NB 16 -22.30 -67.25 95.82
C ALA NB 16 -23.33 -67.05 96.92
N LEU NB 17 -23.44 -65.82 97.45
CA LEU NB 17 -24.64 -65.46 98.21
C LEU NB 17 -25.90 -65.64 97.39
N ALA NB 18 -25.84 -65.34 96.09
CA ALA NB 18 -27.01 -65.41 95.22
C ALA NB 18 -27.52 -66.84 95.06
N ALA NB 19 -26.64 -67.83 95.10
CA ALA NB 19 -27.06 -69.21 94.91
C ALA NB 19 -27.67 -69.82 96.18
N PHE NB 20 -27.14 -69.50 97.36
CA PHE NB 20 -27.73 -70.01 98.58
C PHE NB 20 -29.04 -69.30 98.94
N LEU NB 21 -29.28 -68.12 98.36
CA LEU NB 21 -30.58 -67.47 98.53
C LEU NB 21 -31.63 -68.14 97.65
N LYS NB 22 -31.21 -68.75 96.54
CA LYS NB 22 -32.11 -69.56 95.72
C LYS NB 22 -32.57 -70.81 96.46
N LYS NB 23 -31.78 -71.28 97.44
CA LYS NB 23 -32.05 -72.52 98.15
C LYS NB 23 -33.34 -72.45 98.96
N SER NB 24 -33.77 -71.24 99.33
CA SER NB 24 -35.01 -71.04 100.08
C SER NB 24 -36.11 -70.36 99.27
N GLY NB 25 -35.79 -69.39 98.44
CA GLY NB 25 -36.83 -68.67 97.74
C GLY NB 25 -37.29 -67.44 98.52
N LYS NB 26 -36.35 -66.57 98.83
CA LYS NB 26 -36.57 -65.44 99.74
C LYS NB 26 -36.81 -64.17 98.92
N LEU NB 27 -38.08 -63.86 98.64
CA LEU NB 27 -38.41 -62.69 97.83
C LEU NB 27 -39.86 -62.27 98.08
N LYS NB 28 -40.17 -61.02 97.69
CA LYS NB 28 -41.53 -60.46 97.74
C LYS NB 28 -41.64 -59.39 96.64
N VAL NB 29 -42.17 -59.78 95.48
CA VAL NB 29 -42.10 -58.93 94.29
C VAL NB 29 -43.50 -58.68 93.70
N PRO NB 30 -44.05 -57.42 93.81
CA PRO NB 30 -45.51 -57.23 93.60
C PRO NB 30 -46.11 -57.51 92.22
N GLU NB 31 -45.91 -56.59 91.27
CA GLU NB 31 -46.24 -56.83 89.87
C GLU NB 31 -45.24 -56.18 88.92
N TRP NB 32 -44.79 -54.98 89.28
CA TRP NB 32 -44.10 -54.17 88.29
C TRP NB 32 -42.64 -54.55 88.19
N VAL NB 33 -42.01 -54.86 89.33
CA VAL NB 33 -40.65 -55.35 89.31
C VAL NB 33 -40.57 -56.84 88.95
N ASP NB 34 -41.72 -57.53 88.90
CA ASP NB 34 -41.79 -58.71 88.04
C ASP NB 34 -41.64 -58.32 86.59
N THR NB 35 -42.33 -57.25 86.17
CA THR NB 35 -42.70 -57.11 84.76
C THR NB 35 -41.56 -56.55 83.93
N VAL NB 36 -41.21 -55.30 84.15
CA VAL NB 36 -40.10 -54.66 83.48
C VAL NB 36 -39.09 -54.30 84.53
N LYS NB 37 -37.88 -54.79 84.40
CA LYS NB 37 -36.79 -54.20 85.16
C LYS NB 37 -36.10 -53.17 84.30
N LEU NB 38 -36.07 -51.94 84.78
CA LEU NB 38 -35.07 -50.96 84.37
C LEU NB 38 -34.37 -50.45 85.62
N ALA NB 39 -33.17 -49.95 85.40
CA ALA NB 39 -32.41 -49.29 86.45
C ALA NB 39 -32.81 -47.83 86.48
N LYS NB 40 -31.87 -46.92 86.71
CA LYS NB 40 -32.22 -45.51 86.81
C LYS NB 40 -32.73 -44.96 85.47
N HIS NB 41 -31.88 -44.92 84.45
CA HIS NB 41 -32.21 -44.60 83.09
C HIS NB 41 -31.09 -45.29 82.33
N LYS NB 42 -31.31 -46.54 81.95
CA LYS NB 42 -30.24 -47.35 81.38
C LYS NB 42 -30.78 -48.00 80.11
N GLU NB 43 -29.99 -48.87 79.52
CA GLU NB 43 -30.13 -49.20 78.12
C GLU NB 43 -31.13 -50.31 77.86
N LEU NB 44 -31.05 -51.43 78.59
CA LEU NB 44 -31.87 -52.60 78.30
C LEU NB 44 -32.38 -53.20 79.60
N ALA NB 45 -32.96 -54.38 79.48
CA ALA NB 45 -33.21 -55.25 80.61
C ALA NB 45 -31.89 -55.86 81.08
N PRO NB 46 -31.83 -56.39 82.30
CA PRO NB 46 -30.62 -57.12 82.70
C PRO NB 46 -30.51 -58.44 81.97
N TYR NB 47 -29.32 -58.71 81.42
CA TYR NB 47 -29.05 -59.98 80.76
C TYR NB 47 -29.17 -61.13 81.76
N ASP NB 48 -28.57 -60.96 82.92
CA ASP NB 48 -28.61 -61.96 83.98
C ASP NB 48 -30.01 -62.10 84.54
N GLU NB 49 -30.49 -63.35 84.63
CA GLU NB 49 -31.87 -63.59 85.04
C GLU NB 49 -32.09 -63.41 86.54
N ASN NB 50 -31.06 -63.56 87.36
CA ASN NB 50 -31.23 -63.64 88.81
C ASN NB 50 -31.09 -62.29 89.48
N TRP NB 51 -31.59 -61.23 88.86
CA TRP NB 51 -31.28 -59.88 89.33
C TRP NB 51 -31.88 -59.58 90.69
N PHE NB 52 -32.91 -60.32 91.12
CA PHE NB 52 -33.40 -60.18 92.48
C PHE NB 52 -32.35 -60.66 93.46
N TYR NB 53 -31.72 -61.79 93.15
CA TYR NB 53 -30.61 -62.30 93.95
C TYR NB 53 -29.39 -61.40 93.83
N THR NB 54 -29.29 -60.69 92.71
CA THR NB 54 -28.16 -59.80 92.50
C THR NB 54 -28.35 -58.45 93.19
N ARG NB 55 -29.56 -57.89 93.17
CA ARG NB 55 -29.81 -56.67 93.93
C ARG NB 55 -29.80 -56.92 95.43
N ALA NB 56 -30.24 -58.10 95.88
CA ALA NB 56 -30.26 -58.39 97.31
C ALA NB 56 -28.84 -58.58 97.85
N ALA NB 57 -27.97 -59.16 97.03
CA ALA NB 57 -26.60 -59.41 97.45
C ALA NB 57 -25.80 -58.13 97.57
N SER NB 58 -25.97 -57.22 96.62
CA SER NB 58 -25.34 -55.90 96.73
C SER NB 58 -25.98 -55.07 97.83
N THR NB 59 -27.24 -55.37 98.18
CA THR NB 59 -27.88 -54.73 99.32
C THR NB 59 -27.25 -55.15 100.64
N ALA NB 60 -26.76 -56.39 100.70
CA ALA NB 60 -26.32 -56.98 101.97
C ALA NB 60 -25.09 -56.26 102.53
N ARG NB 61 -24.00 -56.21 101.76
CA ARG NB 61 -22.76 -55.67 102.31
C ARG NB 61 -22.85 -54.16 102.52
N HIS NB 62 -23.54 -53.46 101.64
CA HIS NB 62 -23.72 -52.04 101.85
C HIS NB 62 -24.66 -51.74 103.01
N LEU NB 63 -25.58 -52.66 103.37
CA LEU NB 63 -26.26 -52.46 104.64
C LEU NB 63 -25.44 -53.01 105.79
N TYR NB 64 -24.53 -53.94 105.49
CA TYR NB 64 -23.57 -54.39 106.49
C TYR NB 64 -22.65 -53.24 106.92
N LEU NB 65 -22.41 -52.28 106.04
CA LEU NB 65 -21.72 -51.05 106.44
C LEU NB 65 -22.60 -50.13 107.27
N ARG NB 66 -23.62 -49.57 106.65
CA ARG NB 66 -24.22 -48.35 107.13
C ARG NB 66 -25.61 -48.65 107.67
N GLY NB 67 -25.68 -48.88 108.96
CA GLY NB 67 -26.95 -48.95 109.66
C GLY NB 67 -27.39 -47.58 110.12
N GLY NB 68 -28.71 -47.37 110.12
CA GLY NB 68 -29.26 -46.03 110.21
C GLY NB 68 -29.33 -45.31 108.90
N ALA NB 69 -28.83 -45.92 107.82
CA ALA NB 69 -28.97 -45.43 106.46
C ALA NB 69 -30.32 -45.94 105.93
N GLY NB 70 -30.57 -45.82 104.63
CA GLY NB 70 -31.88 -46.22 104.18
C GLY NB 70 -32.13 -46.34 102.69
N VAL NB 71 -33.42 -46.20 102.36
CA VAL NB 71 -33.89 -46.36 100.98
C VAL NB 71 -33.31 -45.27 100.09
N GLY NB 72 -33.31 -44.03 100.58
CA GLY NB 72 -32.61 -42.96 99.89
C GLY NB 72 -31.11 -43.15 99.87
N SER NB 73 -30.56 -43.89 100.85
CA SER NB 73 -29.12 -44.13 100.87
C SER NB 73 -28.71 -45.19 99.86
N MET NB 74 -29.48 -46.29 99.75
CA MET NB 74 -29.12 -47.30 98.76
C MET NB 74 -29.45 -46.85 97.35
N THR NB 75 -30.36 -45.87 97.23
CA THR NB 75 -30.48 -45.10 96.01
C THR NB 75 -29.15 -44.44 95.65
N LYS NB 76 -28.45 -43.88 96.63
CA LYS NB 76 -27.15 -43.29 96.38
C LYS NB 76 -26.08 -44.34 96.08
N ILE NB 77 -26.24 -45.56 96.60
CA ILE NB 77 -25.16 -46.53 96.60
C ILE NB 77 -24.85 -47.03 95.20
N TYR NB 78 -25.87 -47.45 94.46
CA TYR NB 78 -25.64 -48.02 93.13
C TYR NB 78 -25.06 -47.00 92.17
N GLY NB 79 -25.83 -45.98 91.83
CA GLY NB 79 -25.33 -44.98 90.92
C GLY NB 79 -25.15 -45.45 89.49
N GLY NB 80 -25.12 -44.49 88.58
CA GLY NB 80 -25.04 -44.80 87.17
C GLY NB 80 -24.82 -43.60 86.30
N ARG NB 81 -23.85 -43.68 85.40
CA ARG NB 81 -23.53 -42.59 84.50
C ARG NB 81 -24.52 -42.65 83.34
N GLN NB 82 -25.62 -41.89 83.47
CA GLN NB 82 -26.63 -41.77 82.41
C GLN NB 82 -26.03 -41.06 81.22
N ARG NB 83 -26.29 -41.58 80.04
CA ARG NB 83 -25.88 -40.90 78.83
C ARG NB 83 -27.02 -40.00 78.35
N ASN NB 84 -26.66 -39.01 77.53
CA ASN NB 84 -27.62 -38.07 76.99
C ASN NB 84 -27.55 -37.95 75.48
N GLY NB 85 -26.45 -38.33 74.85
CA GLY NB 85 -26.26 -38.13 73.44
C GLY NB 85 -25.43 -36.91 73.14
N VAL NB 86 -26.08 -35.84 72.69
CA VAL NB 86 -25.34 -34.63 72.33
C VAL NB 86 -24.94 -33.86 73.57
N MET NB 87 -25.88 -33.67 74.50
CA MET NB 87 -25.57 -33.05 75.78
C MET NB 87 -24.63 -33.96 76.56
N PRO NB 88 -23.69 -33.40 77.32
CA PRO NB 88 -22.76 -34.22 78.12
C PRO NB 88 -23.49 -35.07 79.16
N SER NB 89 -22.75 -36.01 79.72
CA SER NB 89 -23.36 -36.91 80.70
C SER NB 89 -23.40 -36.25 82.07
N HIS NB 90 -24.58 -36.29 82.68
CA HIS NB 90 -24.80 -35.86 84.05
C HIS NB 90 -24.84 -37.11 84.92
N PHE NB 91 -25.34 -36.95 86.13
CA PHE NB 91 -25.63 -38.06 87.02
C PHE NB 91 -27.08 -37.99 87.47
N SER NB 92 -27.70 -39.17 87.54
CA SER NB 92 -28.96 -39.40 88.23
C SER NB 92 -28.72 -40.48 89.28
N ARG NB 93 -29.42 -40.40 90.40
CA ARG NB 93 -29.25 -41.35 91.49
C ARG NB 93 -29.96 -42.67 91.15
N GLY NB 94 -29.91 -43.62 92.07
CA GLY NB 94 -30.51 -44.93 91.83
C GLY NB 94 -32.02 -44.99 91.73
N SER NB 95 -32.58 -46.19 91.67
CA SER NB 95 -34.04 -46.35 91.70
C SER NB 95 -34.58 -46.04 93.09
N LYS NB 96 -35.90 -45.98 93.20
CA LYS NB 96 -36.53 -46.10 94.50
C LYS NB 96 -37.62 -47.15 94.61
N SER NB 97 -38.01 -47.79 93.50
CA SER NB 97 -38.96 -48.89 93.60
C SER NB 97 -38.31 -50.14 94.19
N VAL NB 98 -37.24 -50.63 93.56
CA VAL NB 98 -36.51 -51.75 94.15
C VAL NB 98 -35.78 -51.32 95.41
N ALA NB 99 -35.36 -50.05 95.49
CA ALA NB 99 -34.61 -49.57 96.63
C ALA NB 99 -35.45 -49.52 97.90
N ARG NB 100 -36.76 -49.55 97.78
CA ARG NB 100 -37.54 -50.04 98.92
C ARG NB 100 -37.82 -51.53 98.83
N ARG NB 101 -38.04 -52.07 97.62
CA ARG NB 101 -38.48 -53.47 97.49
C ARG NB 101 -37.41 -54.44 97.94
N VAL NB 102 -36.16 -54.22 97.52
CA VAL NB 102 -35.11 -55.16 97.86
C VAL NB 102 -34.84 -55.11 99.37
N LEU NB 103 -35.14 -53.97 100.00
CA LEU NB 103 -35.18 -53.90 101.45
C LEU NB 103 -36.46 -54.51 102.06
N GLN NB 104 -37.56 -54.61 101.30
CA GLN NB 104 -38.77 -55.25 101.84
C GLN NB 104 -38.56 -56.74 102.01
N ALA NB 105 -37.88 -57.38 101.06
CA ALA NB 105 -37.72 -58.83 101.06
C ALA NB 105 -36.85 -59.31 102.20
N LEU NB 106 -35.74 -58.61 102.45
CA LEU NB 106 -34.90 -58.94 103.59
C LEU NB 106 -35.60 -58.61 104.91
N GLU NB 107 -36.49 -57.64 104.91
CA GLU NB 107 -37.31 -57.41 106.09
C GLU NB 107 -38.38 -58.48 106.21
N GLY NB 108 -38.73 -59.11 105.10
CA GLY NB 108 -39.55 -60.31 105.17
C GLY NB 108 -38.85 -61.47 105.83
N LEU NB 109 -37.52 -61.46 105.83
CA LEU NB 109 -36.71 -62.53 106.41
C LEU NB 109 -36.07 -62.12 107.74
N LYS NB 110 -36.58 -61.03 108.34
CA LYS NB 110 -36.15 -60.50 109.64
C LYS NB 110 -34.67 -60.12 109.63
N MET NB 111 -34.34 -59.12 108.79
CA MET NB 111 -32.98 -58.64 108.66
C MET NB 111 -32.89 -57.11 108.67
N VAL NB 112 -33.92 -56.40 109.11
CA VAL NB 112 -33.90 -54.94 109.21
C VAL NB 112 -34.58 -54.48 110.50
N GLU NB 113 -33.86 -53.70 111.30
CA GLU NB 113 -34.38 -52.89 112.39
C GLU NB 113 -34.18 -51.41 112.07
N LYS NB 114 -35.15 -50.58 112.45
CA LYS NB 114 -35.18 -49.18 112.05
C LYS NB 114 -34.87 -48.24 113.23
N ASP NB 115 -33.81 -47.44 113.06
CA ASP NB 115 -33.52 -46.28 113.91
C ASP NB 115 -34.58 -45.20 113.72
N GLN NB 116 -34.97 -44.54 114.81
CA GLN NB 116 -35.90 -43.41 114.69
C GLN NB 116 -35.21 -42.13 114.23
N ASP NB 117 -33.91 -41.95 114.48
CA ASP NB 117 -33.15 -40.92 113.77
C ASP NB 117 -32.82 -41.35 112.36
N GLY NB 118 -32.66 -42.64 112.13
CA GLY NB 118 -32.18 -43.11 110.85
C GLY NB 118 -33.15 -44.04 110.16
N GLY NB 119 -32.62 -45.15 109.67
CA GLY NB 119 -33.43 -46.15 109.00
C GLY NB 119 -32.94 -47.56 109.30
N ARG NB 120 -32.76 -48.34 108.23
CA ARG NB 120 -32.41 -49.75 108.32
C ARG NB 120 -31.06 -49.97 109.03
N LYS NB 121 -30.94 -51.13 109.65
CA LYS NB 121 -29.66 -51.66 110.08
C LYS NB 121 -29.80 -53.17 110.13
N LEU NB 122 -28.65 -53.84 110.19
CA LEU NB 122 -28.64 -55.29 110.23
C LEU NB 122 -29.17 -55.79 111.57
N THR NB 123 -29.46 -57.08 111.62
CA THR NB 123 -29.84 -57.76 112.84
C THR NB 123 -28.87 -58.90 113.07
N PRO NB 124 -28.71 -59.36 114.32
CA PRO NB 124 -27.91 -60.57 114.57
C PRO NB 124 -28.44 -61.83 113.91
N GLN NB 125 -29.71 -61.84 113.47
CA GLN NB 125 -30.16 -62.84 112.51
C GLN NB 125 -29.35 -62.81 111.22
N GLY NB 126 -29.40 -61.68 110.51
CA GLY NB 126 -28.73 -61.59 109.23
C GLY NB 126 -27.22 -61.53 109.34
N GLN NB 127 -26.71 -60.99 110.44
CA GLN NB 127 -25.27 -60.91 110.67
C GLN NB 127 -24.65 -62.31 110.73
N ARG NB 128 -25.38 -63.26 111.32
CA ARG NB 128 -24.96 -64.65 111.29
C ARG NB 128 -25.04 -65.23 109.88
N ASP NB 129 -26.00 -64.74 109.07
CA ASP NB 129 -26.26 -65.36 107.76
C ASP NB 129 -25.09 -65.17 106.80
N LEU NB 130 -24.53 -63.96 106.75
CA LEU NB 130 -23.40 -63.69 105.86
C LEU NB 130 -22.15 -64.44 106.28
N ASP NB 131 -21.86 -64.50 107.59
CA ASP NB 131 -20.59 -64.99 108.07
C ASP NB 131 -20.47 -66.51 107.94
N ARG NB 132 -21.59 -67.22 108.04
CA ARG NB 132 -21.57 -68.67 107.85
C ARG NB 132 -21.33 -69.01 106.39
N ILE NB 133 -21.85 -68.18 105.48
CA ILE NB 133 -21.53 -68.32 104.06
C ILE NB 133 -20.09 -67.93 103.80
N ALA NB 134 -19.59 -66.92 104.51
CA ALA NB 134 -18.17 -66.58 104.44
C ALA NB 134 -17.31 -67.68 105.05
N GLY NB 135 -17.90 -68.46 105.95
CA GLY NB 135 -17.26 -69.70 106.36
C GLY NB 135 -17.09 -70.67 105.20
N GLN NB 136 -18.11 -70.81 104.35
CA GLN NB 136 -18.08 -71.89 103.37
C GLN NB 136 -17.47 -71.49 102.02
N VAL NB 137 -17.56 -70.22 101.61
CA VAL NB 137 -17.07 -69.84 100.28
C VAL NB 137 -15.56 -69.64 100.26
N ALA NB 138 -14.97 -69.10 101.34
CA ALA NB 138 -13.51 -69.11 101.41
C ALA NB 138 -12.99 -70.53 101.60
N ALA NB 139 -13.70 -71.35 102.40
CA ALA NB 139 -13.42 -72.80 102.44
C ALA NB 139 -13.72 -73.46 101.12
N ALA NB 140 -14.56 -72.85 100.27
CA ALA NB 140 -14.58 -73.27 98.88
C ALA NB 140 -13.38 -72.71 98.09
N ASN NB 141 -12.99 -71.45 98.37
CA ASN NB 141 -12.01 -70.79 97.50
C ASN NB 141 -10.61 -71.38 97.67
N LYS NB 142 -10.18 -71.61 98.91
CA LYS NB 142 -8.90 -72.27 99.14
C LYS NB 142 -8.94 -73.76 98.81
N LYS NB 143 -10.12 -74.32 98.60
CA LYS NB 143 -10.26 -75.76 98.36
C LYS NB 143 -11.03 -76.02 97.08
N ILE OB 1 -21.99 -24.53 129.13
CA ILE OB 1 -21.94 -23.09 129.05
C ILE OB 1 -20.72 -22.71 128.23
N ARG OB 2 -20.88 -21.97 127.15
CA ARG OB 2 -19.80 -21.77 126.20
C ARG OB 2 -19.89 -20.43 125.48
N ILE OB 3 -18.76 -20.04 124.91
CA ILE OB 3 -18.58 -18.73 124.28
C ILE OB 3 -17.96 -18.94 122.92
N THR OB 4 -18.63 -18.45 121.87
CA THR OB 4 -18.18 -18.63 120.50
C THR OB 4 -17.44 -17.37 120.05
N LEU OB 5 -16.33 -17.55 119.35
CA LEU OB 5 -15.52 -16.46 118.82
C LEU OB 5 -15.57 -16.50 117.30
N THR OB 6 -15.97 -15.38 116.70
CA THR OB 6 -15.98 -15.29 115.24
C THR OB 6 -15.53 -13.90 114.81
N SER OB 7 -14.48 -13.83 114.01
CA SER OB 7 -13.95 -12.52 113.61
C SER OB 7 -13.23 -12.64 112.28
N ARG OB 8 -12.57 -11.55 111.90
CA ARG OB 8 -12.16 -11.24 110.54
C ARG OB 8 -10.66 -11.07 110.39
N ASN OB 9 -10.01 -10.33 111.29
CA ASN OB 9 -8.55 -10.22 111.30
C ASN OB 9 -8.00 -11.03 112.46
N VAL OB 10 -7.10 -11.95 112.16
CA VAL OB 10 -6.74 -12.98 113.12
C VAL OB 10 -5.72 -12.48 114.14
N LYS OB 11 -5.07 -11.33 113.90
CA LYS OB 11 -4.29 -10.68 114.94
C LYS OB 11 -5.18 -10.27 116.09
N SER OB 12 -6.35 -9.72 115.78
CA SER OB 12 -7.30 -9.36 116.82
C SER OB 12 -7.86 -10.58 117.52
N LEU OB 13 -8.01 -11.69 116.78
CA LEU OB 13 -8.67 -12.87 117.33
C LEU OB 13 -7.77 -13.60 118.32
N GLU OB 14 -6.49 -13.74 118.00
CA GLU OB 14 -5.55 -14.34 118.94
C GLU OB 14 -5.38 -13.47 120.18
N LYS OB 15 -5.50 -12.15 120.03
CA LYS OB 15 -5.42 -11.25 121.16
C LYS OB 15 -6.74 -11.13 121.90
N VAL OB 16 -7.87 -11.49 121.28
CA VAL OB 16 -9.14 -11.47 122.02
C VAL OB 16 -9.32 -12.78 122.77
N CYS OB 17 -8.62 -13.83 122.39
CA CYS OB 17 -8.47 -14.97 123.28
C CYS OB 17 -7.49 -14.64 124.39
N ALA OB 18 -6.44 -13.89 124.08
CA ALA OB 18 -5.45 -13.53 125.09
C ALA OB 18 -6.01 -12.52 126.09
N ASP OB 19 -6.85 -11.59 125.63
CA ASP OB 19 -7.57 -10.74 126.58
C ASP OB 19 -8.61 -11.51 127.37
N LEU OB 20 -9.11 -12.61 126.82
CA LEU OB 20 -9.97 -13.49 127.61
C LEU OB 20 -9.17 -14.16 128.72
N ILE OB 21 -8.07 -14.83 128.36
CA ILE OB 21 -7.36 -15.70 129.28
C ILE OB 21 -6.57 -14.91 130.33
N ARG OB 22 -5.94 -13.79 129.92
CA ARG OB 22 -5.26 -12.91 130.88
C ARG OB 22 -6.22 -12.34 131.91
N GLY OB 23 -7.49 -12.15 131.54
CA GLY OB 23 -8.53 -11.79 132.48
C GLY OB 23 -9.30 -12.94 133.08
N ALA OB 24 -8.99 -14.19 132.71
CA ALA OB 24 -9.72 -15.33 133.24
C ALA OB 24 -8.92 -16.13 134.27
N LYS OB 25 -7.78 -16.69 133.88
CA LYS OB 25 -7.16 -17.77 134.64
C LYS OB 25 -6.42 -17.32 135.89
N GLU OB 26 -6.61 -16.09 136.34
CA GLU OB 26 -6.28 -15.68 137.70
C GLU OB 26 -7.49 -15.71 138.60
N LYS OB 27 -8.64 -16.12 138.08
CA LYS OB 27 -9.79 -16.45 138.89
C LYS OB 27 -9.89 -17.96 139.08
N ASN OB 28 -10.80 -18.38 139.95
CA ASN OB 28 -11.04 -19.80 140.22
C ASN OB 28 -11.88 -20.34 139.08
N LEU OB 29 -11.22 -20.86 138.05
CA LEU OB 29 -11.90 -21.23 136.82
C LEU OB 29 -11.34 -22.56 136.28
N LYS OB 30 -12.13 -23.20 135.42
CA LYS OB 30 -11.71 -24.40 134.66
C LYS OB 30 -11.99 -24.15 133.18
N VAL OB 31 -10.97 -23.65 132.48
CA VAL OB 31 -11.13 -23.05 131.16
C VAL OB 31 -10.58 -24.01 130.11
N LYS OB 32 -11.23 -24.06 128.95
CA LYS OB 32 -10.78 -24.86 127.82
C LYS OB 32 -9.95 -24.00 126.85
N GLY OB 33 -9.70 -24.54 125.66
CA GLY OB 33 -8.80 -23.92 124.70
C GLY OB 33 -9.45 -23.47 123.41
N PRO OB 34 -8.69 -22.73 122.58
CA PRO OB 34 -9.24 -22.19 121.32
C PRO OB 34 -9.35 -23.22 120.21
N VAL OB 35 -10.49 -23.91 120.19
CA VAL OB 35 -10.73 -24.96 119.20
C VAL OB 35 -10.85 -24.37 117.81
N ARG OB 36 -9.93 -24.75 116.93
CA ARG OB 36 -9.85 -24.15 115.59
C ARG OB 36 -10.94 -24.69 114.69
N MET OB 37 -11.99 -23.88 114.50
CA MET OB 37 -12.97 -24.10 113.44
C MET OB 37 -12.33 -23.76 112.08
N PRO OB 38 -12.79 -24.41 111.00
CA PRO OB 38 -12.23 -24.11 109.67
C PRO OB 38 -12.69 -22.75 109.17
N THR OB 39 -11.73 -21.90 108.82
CA THR OB 39 -12.06 -20.57 108.30
C THR OB 39 -12.70 -20.70 106.92
N LYS OB 40 -13.87 -20.12 106.79
CA LYS OB 40 -14.76 -20.29 105.66
C LYS OB 40 -14.46 -19.22 104.63
N THR OB 41 -14.74 -19.52 103.37
CA THR OB 41 -14.41 -18.56 102.31
C THR OB 41 -15.53 -18.48 101.30
N LEU OB 42 -16.35 -17.44 101.39
CA LEU OB 42 -17.40 -17.19 100.41
C LEU OB 42 -16.77 -16.45 99.24
N ARG OB 43 -16.51 -17.16 98.15
CA ARG OB 43 -15.79 -16.60 97.03
C ARG OB 43 -16.73 -15.93 96.05
N ILE OB 44 -16.29 -14.82 95.45
CA ILE OB 44 -17.09 -14.08 94.48
C ILE OB 44 -16.23 -13.83 93.24
N THR OB 45 -16.75 -14.19 92.08
CA THR OB 45 -16.08 -13.99 90.81
C THR OB 45 -16.87 -12.95 90.02
N THR OB 46 -16.18 -12.04 89.37
CA THR OB 46 -16.81 -10.95 88.67
C THR OB 46 -16.18 -10.82 87.29
N ARG OB 47 -16.98 -10.40 86.31
CA ARG OB 47 -16.55 -10.24 84.92
C ARG OB 47 -15.45 -9.19 84.74
N LYS OB 48 -15.33 -8.24 85.68
CA LYS OB 48 -14.46 -7.06 85.74
C LYS OB 48 -14.85 -5.93 84.82
N THR OB 49 -15.83 -6.13 83.95
CA THR OB 49 -16.12 -5.08 83.01
C THR OB 49 -17.61 -4.98 82.74
N PRO OB 50 -18.17 -3.78 82.72
CA PRO OB 50 -19.60 -3.64 82.44
C PRO OB 50 -20.01 -4.01 81.01
N CYS OB 51 -19.08 -4.09 80.06
CA CYS OB 51 -19.42 -4.37 78.68
C CYS OB 51 -18.59 -5.55 78.17
N GLY OB 52 -18.78 -5.87 76.89
CA GLY OB 52 -18.08 -6.98 76.28
C GLY OB 52 -16.86 -6.71 75.42
N GLU OB 53 -15.84 -6.07 75.96
CA GLU OB 53 -14.66 -5.76 75.16
C GLU OB 53 -13.45 -6.44 75.78
N GLY OB 54 -12.49 -6.81 74.92
CA GLY OB 54 -11.15 -7.06 75.37
C GLY OB 54 -10.91 -8.49 75.76
N SER OB 55 -9.94 -8.73 76.64
CA SER OB 55 -9.76 -10.08 77.13
C SER OB 55 -10.73 -10.33 78.29
N LYS OB 56 -10.77 -11.58 78.72
CA LYS OB 56 -11.85 -12.08 79.58
C LYS OB 56 -11.25 -12.38 80.94
N THR OB 57 -11.07 -11.33 81.74
CA THR OB 57 -10.31 -11.43 82.97
C THR OB 57 -11.23 -11.21 84.16
N TRP OB 58 -11.06 -12.02 85.19
CA TRP OB 58 -12.01 -12.13 86.29
C TRP OB 58 -11.38 -11.65 87.59
N ASP OB 59 -12.05 -10.74 88.27
CA ASP OB 59 -11.76 -10.47 89.67
C ASP OB 59 -12.30 -11.59 90.54
N ARG OB 60 -11.67 -11.78 91.68
CA ARG OB 60 -11.87 -13.00 92.44
C ARG OB 60 -11.76 -12.64 93.93
N PHE OB 61 -12.90 -12.30 94.53
CA PHE OB 61 -12.93 -11.79 95.88
C PHE OB 61 -13.18 -12.92 96.86
N GLN OB 62 -12.64 -12.76 98.07
CA GLN OB 62 -12.81 -13.74 99.13
C GLN OB 62 -12.92 -13.06 100.48
N MET OB 63 -13.95 -13.40 101.26
CA MET OB 63 -13.89 -13.17 102.70
C MET OB 63 -13.38 -14.41 103.41
N ARG OB 64 -12.83 -14.20 104.60
CA ARG OB 64 -12.29 -15.28 105.41
C ARG OB 64 -12.80 -15.12 106.82
N ILE OB 65 -13.71 -16.02 107.21
CA ILE OB 65 -14.42 -15.95 108.47
C ILE OB 65 -13.69 -16.85 109.45
N HIS OB 66 -12.84 -16.26 110.30
CA HIS OB 66 -12.16 -17.07 111.30
C HIS OB 66 -13.14 -17.42 112.39
N LYS OB 67 -12.95 -18.58 113.00
CA LYS OB 67 -13.84 -18.99 114.07
C LYS OB 67 -13.08 -19.90 115.01
N ARG OB 68 -13.18 -19.60 116.31
CA ARG OB 68 -12.64 -20.44 117.36
C ARG OB 68 -13.73 -20.59 118.41
N LEU OB 69 -13.67 -21.66 119.19
CA LEU OB 69 -14.59 -21.79 120.32
C LEU OB 69 -13.84 -22.02 121.62
N ILE OB 70 -14.27 -21.30 122.66
CA ILE OB 70 -13.76 -21.43 124.01
C ILE OB 70 -14.93 -21.80 124.91
N ASP OB 71 -14.60 -22.31 126.09
CA ASP OB 71 -15.58 -22.97 126.95
C ASP OB 71 -15.33 -22.61 128.41
N LEU OB 72 -16.37 -22.12 129.08
CA LEU OB 72 -16.35 -21.76 130.50
C LEU OB 72 -17.60 -22.31 131.19
N HIS OB 73 -17.43 -23.26 132.10
CA HIS OB 73 -18.54 -23.67 132.97
C HIS OB 73 -18.27 -23.11 134.37
N SER OB 74 -19.16 -22.24 134.84
CA SER OB 74 -18.90 -21.38 136.00
C SER OB 74 -20.17 -20.67 136.43
N PRO OB 75 -20.16 -19.99 137.57
CA PRO OB 75 -21.16 -18.94 137.82
C PRO OB 75 -21.00 -17.76 136.86
N SER OB 76 -22.07 -16.99 136.76
CA SER OB 76 -22.19 -15.95 135.73
C SER OB 76 -21.87 -14.54 136.23
N GLU OB 77 -21.62 -14.35 137.53
CA GLU OB 77 -21.14 -13.06 138.00
C GLU OB 77 -19.68 -12.80 137.65
N ILE OB 78 -18.97 -13.82 137.18
CA ILE OB 78 -17.71 -13.65 136.48
C ILE OB 78 -17.97 -13.36 135.00
N VAL OB 79 -19.02 -13.96 134.44
CA VAL OB 79 -19.42 -13.71 133.05
C VAL OB 79 -19.92 -12.28 132.88
N LYS OB 80 -20.63 -11.77 133.89
CA LYS OB 80 -21.02 -10.36 133.86
C LYS OB 80 -19.89 -9.42 134.26
N GLN OB 81 -18.73 -9.95 134.66
CA GLN OB 81 -17.54 -9.13 134.85
C GLN OB 81 -16.68 -9.11 133.59
N ILE OB 82 -16.50 -10.27 132.95
CA ILE OB 82 -15.79 -10.36 131.67
C ILE OB 82 -16.60 -9.75 130.53
N THR OB 83 -17.89 -9.49 130.76
CA THR OB 83 -18.69 -8.68 129.85
C THR OB 83 -18.10 -7.26 129.69
N SER OB 84 -17.41 -6.76 130.71
CA SER OB 84 -16.84 -5.40 130.71
C SER OB 84 -15.42 -5.41 130.14
N ILE OB 85 -15.31 -5.62 128.83
CA ILE OB 85 -14.02 -5.63 128.13
C ILE OB 85 -14.12 -4.76 126.88
N SER OB 86 -13.18 -3.84 126.72
CA SER OB 86 -13.05 -3.06 125.50
C SER OB 86 -12.67 -3.96 124.32
N ILE OB 87 -13.23 -3.67 123.15
CA ILE OB 87 -13.31 -4.64 122.06
C ILE OB 87 -12.83 -4.02 120.75
N GLU OB 88 -12.20 -4.86 119.93
CA GLU OB 88 -11.92 -4.54 118.54
C GLU OB 88 -13.23 -4.49 117.75
N PRO OB 89 -13.39 -3.53 116.82
CA PRO OB 89 -14.70 -3.35 116.17
C PRO OB 89 -15.12 -4.49 115.26
N GLY OB 90 -14.19 -5.23 114.68
CA GLY OB 90 -14.58 -6.31 113.78
C GLY OB 90 -14.68 -7.63 114.50
N VAL OB 91 -15.13 -7.62 115.75
CA VAL OB 91 -15.18 -8.80 116.59
C VAL OB 91 -16.58 -8.90 117.20
N GLU OB 92 -17.22 -10.06 117.02
CA GLU OB 92 -18.57 -10.31 117.52
C GLU OB 92 -18.53 -11.55 118.38
N VAL OB 93 -18.52 -11.35 119.70
CA VAL OB 93 -18.38 -12.43 120.68
C VAL OB 93 -19.76 -12.74 121.21
N GLU OB 94 -20.35 -13.83 120.74
CA GLU OB 94 -21.66 -14.23 121.21
C GLU OB 94 -21.54 -15.18 122.41
N VAL OB 95 -22.61 -15.23 123.19
CA VAL OB 95 -22.67 -15.93 124.47
C VAL OB 95 -23.59 -17.14 124.35
N THR OB 96 -23.36 -18.16 125.18
CA THR OB 96 -24.24 -19.34 125.19
C THR OB 96 -24.20 -20.02 126.56
N ILE OB 97 -25.34 -20.08 127.24
CA ILE OB 97 -25.44 -20.86 128.47
C ILE OB 97 -26.10 -22.20 128.18
N MET PB 1 36.57 55.94 83.72
CA MET PB 1 36.46 57.05 82.78
C MET PB 1 35.93 58.32 83.43
N GLN PB 2 36.67 59.41 83.31
CA GLN PB 2 36.25 60.67 83.87
C GLN PB 2 35.81 61.61 82.76
N ASN PB 3 34.83 62.44 83.08
CA ASN PB 3 34.28 63.43 82.17
C ASN PB 3 35.02 64.76 82.34
N ASP PB 4 34.47 65.85 81.81
CA ASP PB 4 35.06 67.16 82.06
C ASP PB 4 34.74 67.69 83.45
N ALA PB 5 33.80 67.07 84.15
CA ALA PB 5 33.59 67.37 85.56
C ALA PB 5 34.42 66.46 86.46
N GLY PB 6 35.27 65.62 85.88
CA GLY PB 6 36.12 64.76 86.67
C GLY PB 6 35.39 63.70 87.46
N GLU PB 7 34.23 63.28 87.00
CA GLU PB 7 33.33 62.49 87.82
C GLU PB 7 33.65 61.00 87.73
N PHE PB 8 33.79 60.36 88.89
CA PHE PB 8 33.95 58.90 88.98
C PHE PB 8 32.56 58.28 88.87
N VAL PB 9 32.23 57.73 87.71
CA VAL PB 9 30.95 57.05 87.55
C VAL PB 9 31.23 55.57 87.35
N ASP PB 10 32.36 55.31 86.69
CA ASP PB 10 32.76 54.01 86.19
C ASP PB 10 32.91 52.99 87.32
N LEU PB 11 32.37 51.78 87.10
CA LEU PB 11 32.05 50.88 88.22
C LEU PB 11 33.29 50.27 88.86
N TYR PB 12 34.01 49.43 88.14
CA TYR PB 12 35.27 48.90 88.64
C TYR PB 12 36.24 48.84 87.49
N VAL PB 13 37.50 48.67 87.83
CA VAL PB 13 38.55 48.43 86.85
C VAL PB 13 38.74 46.91 86.75
N PRO PB 14 38.37 46.28 85.65
CA PRO PB 14 38.58 44.84 85.53
C PRO PB 14 40.06 44.51 85.45
N ARG PB 15 40.43 43.33 85.94
CA ARG PB 15 41.81 42.90 86.03
C ARG PB 15 42.37 42.70 84.64
N LYS PB 16 43.17 43.63 84.17
CA LYS PB 16 43.86 43.45 82.90
C LYS PB 16 44.97 42.41 83.07
N CYS PB 17 45.06 41.48 82.10
CA CYS PB 17 46.01 40.38 82.14
C CYS PB 17 47.46 40.87 82.20
N SER PB 18 48.36 39.95 82.56
CA SER PB 18 49.76 40.33 82.69
C SER PB 18 50.50 40.27 81.38
N ALA PB 19 50.30 39.20 80.61
CA ALA PB 19 51.01 39.04 79.35
C ALA PB 19 50.27 39.70 78.20
N SER PB 20 48.96 39.46 78.11
CA SER PB 20 48.20 39.89 76.95
C SER PB 20 47.86 41.36 76.98
N ASN PB 21 47.92 41.99 78.16
CA ASN PB 21 47.29 43.26 78.46
C ASN PB 21 45.81 43.30 78.05
N ARG PB 22 45.13 42.18 78.15
CA ARG PB 22 43.75 42.08 77.69
C ARG PB 22 42.86 42.11 78.92
N ILE PB 23 41.63 42.61 78.73
CA ILE PB 23 40.72 42.70 79.85
C ILE PB 23 40.18 41.32 80.16
N ILE PB 24 40.23 40.94 81.44
CA ILE PB 24 39.47 39.80 81.93
C ILE PB 24 38.06 40.28 82.23
N GLY PB 25 37.07 39.63 81.62
CA GLY PB 25 35.69 39.99 81.82
C GLY PB 25 35.16 39.53 83.17
N ALA PB 26 33.87 39.75 83.37
CA ALA PB 26 33.25 39.30 84.61
C ALA PB 26 32.95 37.81 84.56
N LYS PB 27 32.37 37.33 83.46
CA LYS PB 27 31.99 35.92 83.35
C LYS PB 27 33.08 35.06 82.72
N ASP PB 28 34.29 35.59 82.55
CA ASP PB 28 35.42 34.80 82.08
C ASP PB 28 35.97 34.03 83.27
N HIS PB 29 35.38 32.86 83.54
CA HIS PB 29 35.70 32.11 84.75
C HIS PB 29 36.93 31.26 84.61
N ALA PB 30 37.77 31.49 83.60
CA ALA PB 30 39.04 30.81 83.49
C ALA PB 30 40.20 31.77 83.72
N SER PB 31 39.95 32.86 84.44
CA SER PB 31 41.01 33.78 84.81
C SER PB 31 41.80 33.21 85.98
N ILE PB 32 42.91 33.86 86.31
CA ILE PB 32 43.72 33.39 87.43
C ILE PB 32 44.43 34.56 88.09
N GLN PB 33 44.56 34.49 89.42
CA GLN PB 33 45.24 35.47 90.25
C GLN PB 33 46.38 34.76 90.97
N MET PB 34 47.52 34.62 90.29
CA MET PB 34 48.64 33.89 90.86
C MET PB 34 49.45 34.79 91.77
N ASN PB 35 49.97 34.20 92.85
CA ASN PB 35 50.66 34.96 93.89
C ASN PB 35 51.87 34.16 94.34
N VAL PB 36 53.06 34.68 94.05
CA VAL PB 36 54.30 34.01 94.43
C VAL PB 36 54.92 34.80 95.58
N ALA PB 37 55.44 34.09 96.57
CA ALA PB 37 55.82 34.72 97.82
C ALA PB 37 57.19 35.38 97.70
N GLU PB 38 57.38 36.43 98.48
CA GLU PB 38 58.72 37.00 98.70
C GLU PB 38 59.48 36.15 99.70
N VAL PB 39 60.79 36.07 99.51
CA VAL PB 39 61.68 35.52 100.53
C VAL PB 39 62.55 36.69 100.97
N ASP PB 40 63.24 36.51 102.09
CA ASP PB 40 64.16 37.50 102.64
C ASP PB 40 65.50 37.56 101.90
N LYS PB 41 66.44 38.16 102.61
CA LYS PB 41 67.88 38.22 102.40
C LYS PB 41 68.50 36.86 102.73
N VAL PB 42 69.79 36.86 103.11
CA VAL PB 42 70.64 35.74 103.52
C VAL PB 42 69.93 34.68 104.37
N THR PB 43 68.97 35.10 105.21
CA THR PB 43 68.25 34.17 106.08
C THR PB 43 67.41 33.18 105.29
N GLY PB 44 66.81 33.60 104.18
CA GLY PB 44 65.94 32.71 103.45
C GLY PB 44 64.64 32.43 104.18
N ARG PB 45 64.07 33.45 104.83
CA ARG PB 45 62.85 33.35 105.61
C ARG PB 45 61.75 34.13 104.90
N PHE PB 46 60.50 33.76 105.20
CA PHE PB 46 59.33 34.38 104.59
C PHE PB 46 59.12 35.85 104.97
N ASN PB 47 59.37 36.76 104.03
CA ASN PB 47 58.75 38.08 104.10
C ASN PB 47 57.24 37.95 104.08
N GLY PB 48 56.57 38.75 104.90
CA GLY PB 48 55.13 38.77 104.88
C GLY PB 48 54.53 39.66 103.79
N GLN PB 49 55.12 39.62 102.60
CA GLN PB 49 54.59 40.30 101.42
C GLN PB 49 54.85 39.40 100.21
N PHE PB 50 54.31 39.80 99.08
CA PHE PB 50 54.27 38.93 97.90
C PHE PB 50 54.01 39.81 96.68
N LYS PB 51 54.00 39.16 95.51
CA LYS PB 51 53.73 39.83 94.24
C LYS PB 51 52.69 39.06 93.44
N THR PB 52 51.75 39.79 92.87
CA THR PB 52 50.49 39.25 92.36
C THR PB 52 50.53 39.20 90.84
N TYR PB 53 50.15 38.07 90.27
CA TYR PB 53 50.12 37.89 88.83
C TYR PB 53 48.69 37.57 88.41
N ALA PB 54 48.23 38.19 87.33
CA ALA PB 54 46.89 37.92 86.81
C ALA PB 54 46.97 37.63 85.32
N ILE PB 55 46.47 36.47 84.92
CA ILE PB 55 46.55 35.98 83.56
C ILE PB 55 45.13 35.76 83.05
N CYS PB 56 44.93 35.92 81.75
CA CYS PB 56 43.62 35.79 81.14
C CYS PB 56 43.45 34.41 80.52
N GLY PB 57 42.28 34.22 79.89
CA GLY PB 57 41.84 32.87 79.57
C GLY PB 57 42.54 32.27 78.38
N ALA PB 58 42.63 33.03 77.28
CA ALA PB 58 43.17 32.44 76.06
C ALA PB 58 44.67 32.19 76.16
N ILE PB 59 45.35 32.95 76.99
CA ILE PB 59 46.72 32.60 77.36
C ILE PB 59 46.72 31.29 78.14
N ARG PB 60 45.75 31.13 79.04
CA ARG PB 60 45.72 29.96 79.91
C ARG PB 60 45.43 28.69 79.14
N ARG PB 61 44.59 28.76 78.12
CA ARG PB 61 44.26 27.58 77.34
C ARG PB 61 45.45 27.09 76.51
N MET PB 62 46.05 27.98 75.73
CA MET PB 62 47.01 27.60 74.72
C MET PB 62 48.39 27.24 75.28
N GLY PB 63 48.55 27.10 76.59
CA GLY PB 63 49.84 26.77 77.17
C GLY PB 63 50.78 27.93 77.31
N GLU PB 64 50.36 29.14 76.90
CA GLU PB 64 51.19 30.32 76.87
C GLU PB 64 51.53 30.83 78.26
N SER PB 65 50.76 30.44 79.29
CA SER PB 65 50.93 30.97 80.65
C SER PB 65 52.27 30.59 81.25
N ASP PB 66 52.79 29.42 80.90
CA ASP PB 66 54.01 28.93 81.53
C ASP PB 66 55.23 29.70 81.07
N ASP PB 67 55.23 30.15 79.83
CA ASP PB 67 56.23 31.12 79.43
C ASP PB 67 55.98 32.45 80.11
N SER PB 68 54.73 32.77 80.42
CA SER PB 68 54.44 34.10 80.92
C SER PB 68 54.80 34.26 82.38
N ILE PB 69 54.69 33.20 83.18
CA ILE PB 69 54.95 33.35 84.61
C ILE PB 69 56.43 33.52 84.87
N LEU PB 70 57.25 32.62 84.33
CA LEU PB 70 58.68 32.65 84.63
C LEU PB 70 59.36 33.84 83.98
N ARG PB 71 58.89 34.28 82.82
CA ARG PB 71 59.43 35.51 82.24
C ARG PB 71 58.96 36.74 82.99
N LEU PB 72 57.79 36.70 83.62
CA LEU PB 72 57.40 37.84 84.42
C LEU PB 72 58.14 37.82 85.76
N ALA PB 73 58.44 36.61 86.27
CA ALA PB 73 59.37 36.48 87.38
C ALA PB 73 60.77 36.94 86.98
N LYS PB 74 61.12 36.76 85.70
CA LYS PB 74 62.33 37.38 85.18
C LYS PB 74 62.13 38.88 84.97
N ALA PB 75 60.93 39.29 84.55
CA ALA PB 75 60.64 40.72 84.48
C ALA PB 75 60.59 41.33 85.87
N ASP PB 76 60.14 40.56 86.86
CA ASP PB 76 60.47 40.89 88.24
C ASP PB 76 61.98 40.81 88.47
N GLY PB 77 62.59 39.69 88.06
CA GLY PB 77 63.99 39.51 88.33
C GLY PB 77 64.14 38.73 89.60
N ILE PB 78 63.37 37.66 89.73
CA ILE PB 78 63.29 36.94 90.99
C ILE PB 78 63.62 35.47 90.75
N VAL PB 79 63.83 35.10 89.49
CA VAL PB 79 64.16 33.72 89.13
C VAL PB 79 65.52 33.64 88.45
N SER PB 80 65.94 34.70 87.77
CA SER PB 80 67.32 34.76 87.28
C SER PB 80 67.82 36.19 87.34
N LYS PB 81 69.12 36.33 87.13
CA LYS PB 81 69.82 37.58 87.42
C LYS PB 81 69.50 38.69 86.43
N VAL QB 1 49.93 40.19 43.04
CA VAL QB 1 51.04 39.41 43.57
C VAL QB 1 51.42 39.95 44.93
N ARG QB 2 52.24 41.00 44.92
CA ARG QB 2 52.53 41.82 46.09
C ARG QB 2 52.04 43.18 45.65
N MET QB 3 50.85 43.56 46.07
CA MET QB 3 50.41 44.92 45.81
C MET QB 3 49.71 45.46 47.03
N ASN QB 4 49.80 46.79 47.16
CA ASN QB 4 49.25 47.56 48.28
C ASN QB 4 49.85 47.08 49.60
N VAL QB 5 51.17 47.26 49.71
CA VAL QB 5 51.95 46.67 50.79
C VAL QB 5 51.67 47.26 52.17
N LEU QB 6 50.86 48.33 52.26
CA LEU QB 6 50.33 48.71 53.55
C LEU QB 6 49.29 47.70 54.04
N ALA QB 7 48.54 47.11 53.12
CA ALA QB 7 47.62 46.04 53.49
C ALA QB 7 48.36 44.78 53.86
N ASP QB 8 49.57 44.60 53.32
CA ASP QB 8 50.42 43.51 53.74
C ASP QB 8 50.78 43.64 55.21
N ALA QB 9 51.19 44.83 55.63
CA ALA QB 9 51.67 45.03 56.99
C ALA QB 9 50.55 44.92 58.01
N LEU QB 10 49.40 45.51 57.70
CA LEU QB 10 48.35 45.58 58.71
C LEU QB 10 47.55 44.31 58.84
N LYS QB 11 47.89 43.27 58.09
CA LYS QB 11 47.42 41.94 58.46
C LYS QB 11 48.42 41.25 59.37
N SER QB 12 49.70 41.60 59.28
CA SER QB 12 50.71 40.97 60.14
C SER QB 12 50.51 41.34 61.60
N ILE QB 13 50.24 42.62 61.86
CA ILE QB 13 50.03 43.07 63.24
C ILE QB 13 48.69 42.57 63.76
N ASN QB 14 47.70 42.48 62.88
CA ASN QB 14 46.37 42.03 63.28
C ASN QB 14 46.38 40.55 63.64
N ASN QB 15 47.08 39.73 62.86
CA ASN QB 15 47.15 38.31 63.18
C ASN QB 15 48.04 38.06 64.38
N ALA QB 16 48.98 38.96 64.68
CA ALA QB 16 49.82 38.77 65.86
C ALA QB 16 49.17 39.33 67.13
N GLU QB 17 48.32 40.34 67.00
CA GLU QB 17 47.60 40.83 68.17
C GLU QB 17 46.50 39.87 68.62
N LYS QB 18 45.72 39.33 67.69
CA LYS QB 18 44.68 38.39 68.04
C LYS QB 18 45.22 37.03 68.42
N ARG QB 19 46.47 36.73 68.05
CA ARG QB 19 47.18 35.59 68.61
C ARG QB 19 47.75 35.95 69.98
N GLY QB 20 47.97 37.23 70.22
CA GLY QB 20 48.44 37.69 71.51
C GLY QB 20 49.94 37.74 71.65
N LYS QB 21 50.68 37.79 70.55
CA LYS QB 21 52.12 37.63 70.61
C LYS QB 21 52.81 38.87 71.14
N ARG QB 22 54.14 38.86 71.09
CA ARG QB 22 54.96 39.91 71.65
C ARG QB 22 55.58 40.80 70.59
N GLN QB 23 56.22 40.21 69.57
CA GLN QB 23 56.83 41.03 68.54
C GLN QB 23 56.82 40.32 67.19
N VAL QB 24 56.65 41.13 66.14
CA VAL QB 24 56.19 40.70 64.83
C VAL QB 24 57.24 41.11 63.82
N LEU QB 25 57.13 40.62 62.59
CA LEU QB 25 57.95 41.08 61.48
C LEU QB 25 57.05 41.41 60.29
N ILE QB 26 57.50 42.36 59.47
CA ILE QB 26 56.81 42.83 58.26
C ILE QB 26 57.88 42.92 57.17
N ARG QB 27 57.83 42.01 56.19
CA ARG QB 27 59.08 41.86 55.43
C ARG QB 27 59.43 42.96 54.40
N PRO QB 28 58.51 43.77 53.85
CA PRO QB 28 58.96 45.01 53.20
C PRO QB 28 58.80 46.25 54.08
N CYS QB 29 59.48 47.32 53.66
CA CYS QB 29 59.36 48.65 54.25
C CYS QB 29 58.84 49.65 53.24
N SER QB 30 58.45 50.82 53.77
CA SER QB 30 58.21 52.03 52.98
C SER QB 30 58.23 53.23 53.89
N LYS QB 31 58.50 54.39 53.30
CA LYS QB 31 58.27 55.65 53.99
C LYS QB 31 56.78 55.87 54.24
N VAL QB 32 55.93 55.25 53.43
CA VAL QB 32 54.55 55.02 53.80
C VAL QB 32 54.48 54.26 55.13
N ILE QB 33 55.19 53.13 55.20
CA ILE QB 33 55.03 52.23 56.33
C ILE QB 33 55.83 52.71 57.54
N VAL QB 34 56.87 53.51 57.33
CA VAL QB 34 57.57 54.10 58.47
C VAL QB 34 56.72 55.18 59.12
N ARG QB 35 56.18 56.09 58.32
CA ARG QB 35 55.39 57.19 58.85
C ARG QB 35 54.04 56.75 59.39
N PHE QB 36 53.50 55.65 58.87
CA PHE QB 36 52.24 55.14 59.42
C PHE QB 36 52.45 54.58 60.81
N LEU QB 37 53.54 53.85 61.03
CA LEU QB 37 53.85 53.40 62.37
C LEU QB 37 54.26 54.57 63.26
N THR QB 38 54.83 55.62 62.67
CA THR QB 38 55.18 56.82 63.42
C THR QB 38 53.94 57.51 63.95
N VAL QB 39 52.81 57.39 63.22
CA VAL QB 39 51.53 57.82 63.75
C VAL QB 39 51.15 56.97 64.97
N MET QB 40 51.32 55.65 64.85
CA MET QB 40 50.94 54.76 65.94
C MET QB 40 51.89 54.87 67.12
N MET QB 41 53.15 55.21 66.88
CA MET QB 41 54.08 55.36 67.98
C MET QB 41 53.77 56.61 68.80
N LYS QB 42 53.50 57.73 68.13
CA LYS QB 42 53.22 58.99 68.82
C LYS QB 42 51.97 58.91 69.69
N HIS QB 43 51.01 58.06 69.32
CA HIS QB 43 49.84 57.84 70.15
C HIS QB 43 50.02 56.73 71.17
N GLY QB 44 50.96 55.83 70.93
CA GLY QB 44 51.36 54.86 71.92
C GLY QB 44 50.59 53.57 71.94
N TYR QB 45 49.81 53.27 70.89
CA TYR QB 45 49.09 52.00 70.88
C TYR QB 45 50.03 50.82 70.76
N ILE QB 46 51.19 51.02 70.13
CA ILE QB 46 52.20 49.98 70.00
C ILE QB 46 53.52 50.53 70.49
N GLY QB 47 54.41 49.62 70.86
CA GLY QB 47 55.67 50.00 71.50
C GLY QB 47 56.73 50.41 70.51
N GLU QB 48 57.98 50.20 70.93
CA GLU QB 48 59.14 50.50 70.11
C GLU QB 48 59.17 49.59 68.88
N PHE QB 49 59.81 50.04 67.81
CA PHE QB 49 60.12 49.13 66.72
C PHE QB 49 61.49 49.44 66.15
N GLU QB 50 61.96 48.55 65.27
CA GLU QB 50 63.35 48.61 64.83
C GLU QB 50 63.55 47.96 63.47
N ILE QB 51 64.07 48.74 62.54
CA ILE QB 51 64.08 48.42 61.12
C ILE QB 51 65.42 47.79 60.79
N ILE QB 52 65.44 46.52 60.42
CA ILE QB 52 66.68 45.83 60.08
C ILE QB 52 67.08 46.24 58.67
N ASP QB 53 68.28 46.81 58.52
CA ASP QB 53 68.70 47.34 57.24
C ASP QB 53 69.15 46.19 56.36
N ASP QB 54 68.32 45.87 55.40
CA ASP QB 54 68.71 45.07 54.26
C ASP QB 54 69.07 46.03 53.13
N HIS QB 55 70.07 45.66 52.33
CA HIS QB 55 70.57 46.59 51.31
C HIS QB 55 69.57 46.76 50.17
N ARG QB 56 68.58 45.88 50.07
CA ARG QB 56 67.51 45.93 49.07
C ARG QB 56 66.27 46.67 49.55
N ALA QB 57 65.58 46.11 50.55
CA ALA QB 57 64.36 46.69 51.11
C ALA QB 57 64.12 45.99 52.44
N GLY QB 58 64.16 46.75 53.53
CA GLY QB 58 64.30 46.18 54.85
C GLY QB 58 63.04 45.55 55.41
N LYS QB 59 63.11 45.24 56.71
CA LYS QB 59 62.08 44.58 57.47
C LYS QB 59 61.85 45.38 58.75
N ILE QB 60 60.68 45.20 59.37
CA ILE QB 60 60.30 45.96 60.56
C ILE QB 60 59.94 44.99 61.67
N VAL QB 61 60.49 45.20 62.86
CA VAL QB 61 60.21 44.36 64.02
C VAL QB 61 59.56 45.24 65.08
N VAL QB 62 58.28 44.98 65.38
CA VAL QB 62 57.49 45.84 66.27
C VAL QB 62 57.29 45.16 67.60
N ASN QB 63 57.75 45.79 68.68
CA ASN QB 63 57.38 45.35 70.03
C ASN QB 63 55.93 45.73 70.29
N LEU QB 64 55.07 44.73 70.42
CA LEU QB 64 53.65 45.02 70.61
C LEU QB 64 53.37 45.46 72.04
N THR QB 65 52.45 46.41 72.17
CA THR QB 65 51.91 46.77 73.46
C THR QB 65 50.74 45.86 73.84
N GLY QB 66 49.83 45.64 72.90
CA GLY QB 66 48.68 44.80 73.12
C GLY QB 66 47.36 45.53 73.18
N ARG QB 67 47.31 46.77 72.74
CA ARG QB 67 46.09 47.56 72.73
C ARG QB 67 45.17 47.18 71.58
N LEU QB 68 45.75 46.90 70.42
CA LEU QB 68 45.02 46.92 69.16
C LEU QB 68 43.95 45.82 69.09
N ASN QB 69 42.80 46.21 68.58
CA ASN QB 69 41.77 45.26 68.20
C ASN QB 69 41.66 45.10 66.70
N LYS QB 70 41.98 46.14 65.94
CA LYS QB 70 41.86 46.07 64.49
C LYS QB 70 42.71 47.17 63.87
N CYS QB 71 43.59 46.78 62.97
CA CYS QB 71 44.43 47.72 62.23
C CYS QB 71 44.26 47.41 60.74
N GLY QB 72 43.53 48.26 60.03
CA GLY QB 72 43.14 47.97 58.68
C GLY QB 72 43.66 49.00 57.69
N VAL QB 73 43.41 48.70 56.42
CA VAL QB 73 43.72 49.60 55.32
C VAL QB 73 42.45 49.80 54.52
N ILE QB 74 42.13 51.04 54.19
CA ILE QB 74 41.15 51.28 53.14
C ILE QB 74 41.81 50.99 51.80
N SER QB 75 41.23 50.05 51.08
CA SER QB 75 41.93 49.29 50.05
C SER QB 75 42.15 50.04 48.73
N PRO QB 76 41.18 50.72 48.11
CA PRO QB 76 41.53 51.50 46.93
C PRO QB 76 42.10 52.87 47.24
N ARG QB 77 42.08 53.27 48.51
CA ARG QB 77 42.41 54.61 48.98
C ARG QB 77 41.53 55.66 48.31
N PHE QB 78 40.25 55.64 48.71
CA PHE QB 78 39.32 56.70 48.40
C PHE QB 78 39.88 58.07 48.79
N ASP QB 79 39.72 59.03 47.91
CA ASP QB 79 40.15 60.39 48.22
C ASP QB 79 39.20 61.02 49.22
N VAL QB 80 39.74 61.87 50.09
CA VAL QB 80 38.92 62.55 51.08
C VAL QB 80 38.99 64.04 50.85
N GLN QB 81 37.84 64.60 50.54
CA GLN QB 81 37.59 66.02 50.58
C GLN QB 81 37.02 66.31 51.97
N LEU QB 82 37.31 67.51 52.48
CA LEU QB 82 36.90 67.81 53.86
C LEU QB 82 35.38 67.96 53.98
N LYS QB 83 34.93 67.97 55.24
CA LYS QB 83 33.53 67.85 55.66
C LYS QB 83 32.89 66.54 55.20
N ASP QB 84 33.72 65.55 54.84
CA ASP QB 84 33.26 64.20 54.54
C ASP QB 84 33.90 63.21 55.50
N LEU QB 85 34.67 63.69 56.48
CA LEU QB 85 35.31 62.85 57.47
C LEU QB 85 34.37 62.41 58.58
N GLU QB 86 33.38 63.25 58.93
CA GLU QB 86 32.37 62.84 59.89
C GLU QB 86 31.55 61.66 59.39
N LYS QB 87 31.36 61.57 58.08
CA LYS QB 87 30.88 60.34 57.46
C LYS QB 87 31.80 59.17 57.77
N TRP QB 88 33.11 59.33 57.54
CA TRP QB 88 34.04 58.27 57.89
C TRP QB 88 34.22 58.14 59.41
N GLN QB 89 33.87 59.17 60.20
CA GLN QB 89 33.88 59.01 61.65
C GLN QB 89 32.77 58.07 62.10
N ASN QB 90 31.55 58.28 61.57
CA ASN QB 90 30.45 57.38 61.88
C ASN QB 90 30.69 56.00 61.33
N ASN QB 91 31.36 55.90 60.19
CA ASN QB 91 31.48 54.62 59.52
C ASN QB 91 32.52 53.73 60.19
N LEU QB 92 33.73 54.24 60.41
CA LEU QB 92 34.86 53.37 60.69
C LEU QB 92 35.18 53.24 62.17
N LEU QB 93 35.46 54.36 62.84
CA LEU QB 93 35.90 54.30 64.22
C LEU QB 93 34.74 53.90 65.13
N PRO QB 94 34.99 53.13 66.19
CA PRO QB 94 33.86 52.58 66.95
C PRO QB 94 33.10 53.62 67.76
N SER QB 95 33.76 54.45 68.54
CA SER QB 95 33.02 55.42 69.33
C SER QB 95 33.41 56.81 68.85
N ARG QB 96 32.98 57.80 69.61
CA ARG QB 96 33.07 59.18 69.22
C ARG QB 96 34.40 59.81 69.61
N GLN QB 97 35.14 59.22 70.53
CA GLN QB 97 36.45 59.77 70.87
C GLN QB 97 37.53 58.71 70.92
N PHE QB 98 37.31 57.55 70.31
CA PHE QB 98 38.33 56.52 70.25
C PHE QB 98 38.83 56.39 68.83
N GLY QB 99 40.00 55.78 68.68
CA GLY QB 99 40.52 55.47 67.37
C GLY QB 99 41.02 56.66 66.58
N PHE QB 100 41.73 56.37 65.50
CA PHE QB 100 42.27 57.41 64.63
C PHE QB 100 42.18 56.91 63.20
N ILE QB 101 42.43 57.81 62.26
CA ILE QB 101 42.40 57.52 60.84
C ILE QB 101 43.63 58.21 60.25
N VAL QB 102 44.33 57.54 59.35
CA VAL QB 102 45.61 58.04 58.86
C VAL QB 102 45.45 58.56 57.44
N LEU QB 103 45.80 59.83 57.25
CA LEU QB 103 45.51 60.56 56.03
C LEU QB 103 46.80 60.92 55.30
N THR QB 104 46.71 61.05 53.99
CA THR QB 104 47.86 61.39 53.15
C THR QB 104 47.64 62.81 52.67
N THR QB 105 48.11 63.78 53.44
CA THR QB 105 47.78 65.17 53.14
C THR QB 105 48.86 65.80 52.29
N SER QB 106 48.64 67.08 51.95
CA SER QB 106 49.55 67.81 51.08
C SER QB 106 50.90 68.09 51.74
N ALA QB 107 50.94 68.07 53.07
CA ALA QB 107 52.21 68.24 53.78
C ALA QB 107 52.57 67.00 54.60
N GLY QB 108 52.28 65.82 54.07
CA GLY QB 108 52.82 64.59 54.63
C GLY QB 108 51.73 63.64 55.08
N ILE QB 109 52.13 62.68 55.91
CA ILE QB 109 51.21 61.73 56.54
C ILE QB 109 50.82 62.28 57.91
N MET QB 110 49.52 62.38 58.16
CA MET QB 110 49.02 63.05 59.34
C MET QB 110 48.07 62.11 60.07
N ASP QB 111 47.35 62.67 61.03
CA ASP QB 111 46.37 61.96 61.83
C ASP QB 111 44.98 62.43 61.43
N HIS QB 112 43.96 61.68 61.84
CA HIS QB 112 42.56 62.05 61.67
C HIS QB 112 42.26 63.47 62.12
N GLU QB 113 42.37 63.71 63.43
CA GLU QB 113 41.96 65.01 63.93
C GLU QB 113 43.04 66.05 63.73
N GLU QB 114 44.29 65.63 63.57
CA GLU QB 114 45.33 66.56 63.18
C GLU QB 114 45.12 67.06 61.75
N ALA QB 115 44.39 66.32 60.92
CA ALA QB 115 44.14 66.77 59.56
C ALA QB 115 43.25 68.00 59.50
N ARG QB 116 42.20 68.06 60.32
CA ARG QB 116 41.38 69.25 60.23
C ARG QB 116 41.94 70.41 61.05
N ARG QB 117 42.95 70.17 61.87
CA ARG QB 117 43.71 71.31 62.38
C ARG QB 117 44.53 71.92 61.26
N LYS QB 118 45.10 71.09 60.41
CA LYS QB 118 45.78 71.57 59.21
C LYS QB 118 44.80 72.18 58.23
N HIS QB 119 43.56 71.69 58.23
CA HIS QB 119 42.48 72.08 57.31
C HIS QB 119 42.92 71.86 55.86
N THR QB 120 43.60 70.74 55.62
CA THR QB 120 43.99 70.35 54.26
C THR QB 120 43.39 69.03 53.83
N GLY QB 121 43.55 67.98 54.63
CA GLY QB 121 43.00 66.70 54.25
C GLY QB 121 43.78 66.04 53.12
N GLY QB 122 43.24 64.93 52.66
CA GLY QB 122 43.91 64.18 51.61
C GLY QB 122 43.46 62.74 51.64
N LYS QB 123 44.13 61.94 50.81
CA LYS QB 123 43.78 60.55 50.60
C LYS QB 123 44.03 59.74 51.86
N ILE QB 124 43.43 58.56 51.91
CA ILE QB 124 43.44 57.74 53.11
C ILE QB 124 44.60 56.78 53.06
N LEU QB 125 45.16 56.45 54.22
CA LEU QB 125 45.92 55.21 54.34
C LEU QB 125 45.16 54.10 55.05
N GLY QB 126 44.41 54.42 56.08
CA GLY QB 126 43.67 53.36 56.74
C GLY QB 126 42.96 53.80 58.00
N PHE QB 127 42.96 52.93 59.00
CA PHE QB 127 42.24 53.18 60.24
C PHE QB 127 42.79 52.24 61.29
N PHE QB 128 42.69 52.66 62.55
CA PHE QB 128 43.10 51.81 63.64
C PHE QB 128 42.42 52.30 64.89
N PHE QB 129 42.20 51.36 65.81
CA PHE QB 129 41.53 51.64 67.08
C PHE QB 129 41.74 50.52 68.10
N GLY RB 1 35.68 38.39 46.13
CA GLY RB 1 35.57 39.81 46.38
C GLY RB 1 34.95 40.52 45.21
N LYS RB 2 35.09 41.83 45.16
CA LYS RB 2 34.60 42.66 44.08
C LYS RB 2 35.76 43.19 43.27
N CYS RB 3 35.47 44.08 42.33
CA CYS RB 3 36.49 44.73 41.54
C CYS RB 3 36.72 46.11 42.13
N ARG RB 4 37.46 46.13 43.24
CA ARG RB 4 37.45 47.29 44.13
C ARG RB 4 38.41 48.41 43.72
N GLY RB 5 39.01 48.36 42.53
CA GLY RB 5 39.92 49.41 42.13
C GLY RB 5 39.22 50.74 41.92
N LEU RB 6 40.02 51.80 41.84
CA LEU RB 6 39.49 53.16 41.81
C LEU RB 6 38.81 53.53 40.52
N ARG RB 7 39.12 52.85 39.42
CA ARG RB 7 38.60 53.26 38.13
C ARG RB 7 37.59 52.28 37.58
N THR RB 8 37.01 51.47 38.46
CA THR RB 8 36.18 50.35 38.05
C THR RB 8 34.70 50.68 38.11
N ALA RB 9 34.34 51.95 38.05
CA ALA RB 9 32.95 52.30 38.18
C ALA RB 9 32.15 52.08 36.90
N ARG RB 10 32.80 51.86 35.77
CA ARG RB 10 32.02 51.35 34.64
C ARG RB 10 31.71 49.88 34.82
N LYS RB 11 32.71 49.10 35.27
CA LYS RB 11 32.51 47.67 35.50
C LYS RB 11 31.43 47.40 36.55
N LEU RB 12 31.36 48.23 37.57
CA LEU RB 12 30.31 48.04 38.57
C LEU RB 12 28.95 48.45 38.04
N ARG RB 13 28.87 49.51 37.22
CA ARG RB 13 27.63 49.83 36.54
C ARG RB 13 27.19 48.70 35.61
N SER RB 14 28.11 48.21 34.80
CA SER RB 14 27.76 47.19 33.81
C SER RB 14 27.42 45.87 34.47
N HIS RB 15 27.97 45.59 35.65
CA HIS RB 15 27.59 44.39 36.37
C HIS RB 15 26.28 44.57 37.13
N ARG RB 16 26.07 45.73 37.75
CA ARG RB 16 24.84 45.96 38.49
C ARG RB 16 23.64 46.12 37.57
N ARG RB 17 23.88 46.60 36.36
CA ARG RB 17 22.80 46.60 35.39
C ARG RB 17 22.53 45.20 34.86
N ASP RB 18 23.49 44.28 34.99
CA ASP RB 18 23.31 42.93 34.48
C ASP RB 18 22.66 41.99 35.47
N GLN RB 19 22.73 42.28 36.76
CA GLN RB 19 22.19 41.35 37.74
C GLN RB 19 20.80 41.72 38.19
N LYS RB 20 20.30 42.87 37.81
CA LYS RB 20 19.07 43.38 38.40
C LYS RB 20 17.83 42.78 37.77
N TRP RB 21 17.99 42.05 36.66
CA TRP RB 21 16.84 41.46 35.99
C TRP RB 21 16.39 40.17 36.64
N HIS RB 22 17.24 39.56 37.46
CA HIS RB 22 16.92 38.26 38.02
C HIS RB 22 16.04 38.37 39.23
N ASP RB 23 15.95 39.57 39.82
CA ASP RB 23 14.86 39.91 40.71
C ASP RB 23 13.55 39.74 39.97
N LYS RB 24 12.53 39.24 40.67
CA LYS RB 24 11.22 39.16 40.06
C LYS RB 24 10.62 40.54 39.87
N GLN RB 25 10.97 41.47 40.75
CA GLN RB 25 10.22 42.72 40.80
C GLN RB 25 10.66 43.67 39.69
N TYR RB 26 11.96 43.83 39.49
CA TYR RB 26 12.43 44.74 38.46
C TYR RB 26 12.13 44.22 37.08
N LYS RB 27 12.05 42.90 36.91
CA LYS RB 27 11.76 42.39 35.58
C LYS RB 27 10.30 42.60 35.20
N LYS RB 28 9.36 42.48 36.13
CA LYS RB 28 7.98 42.75 35.75
C LYS RB 28 7.72 44.25 35.66
N ALA RB 29 8.44 45.04 36.45
CA ALA RB 29 8.22 46.46 36.42
C ALA RB 29 8.85 47.11 35.22
N HIS RB 30 9.81 46.46 34.58
CA HIS RB 30 10.50 47.13 33.49
C HIS RB 30 10.77 46.19 32.34
N LEU RB 31 9.89 45.23 32.11
CA LEU RB 31 9.80 44.57 30.80
C LEU RB 31 8.42 44.83 30.22
N GLY RB 32 8.36 44.96 28.89
CA GLY RB 32 7.16 45.39 28.22
C GLY RB 32 6.02 44.39 28.24
N THR RB 33 6.32 43.11 28.42
CA THR RB 33 5.25 42.10 28.38
C THR RB 33 4.32 42.18 29.58
N ALA RB 34 4.73 42.80 30.68
CA ALA RB 34 3.82 42.98 31.79
C ALA RB 34 2.81 44.08 31.50
N LEU RB 35 3.18 45.06 30.68
CA LEU RB 35 2.25 46.14 30.39
C LEU RB 35 1.20 45.71 29.37
N LYS RB 36 1.57 44.84 28.43
CA LYS RB 36 0.70 44.56 27.28
C LYS RB 36 0.25 43.09 27.22
N ALA RB 37 0.23 42.38 28.34
CA ALA RB 37 -0.43 41.08 28.39
C ALA RB 37 -1.58 41.03 29.38
N ASN RB 38 -1.51 41.80 30.44
CA ASN RB 38 -2.48 41.74 31.50
C ASN RB 38 -3.78 42.42 31.09
N PRO RB 39 -4.86 42.23 31.86
CA PRO RB 39 -5.99 43.15 31.77
C PRO RB 39 -5.69 44.42 32.55
N PHE RB 40 -6.69 45.30 32.57
CA PHE RB 40 -6.72 46.62 33.22
C PHE RB 40 -5.82 47.65 32.57
N GLY RB 41 -5.01 47.27 31.58
CA GLY RB 41 -4.17 48.19 30.84
C GLY RB 41 -3.19 49.00 31.66
N GLY RB 42 -2.78 48.50 32.82
CA GLY RB 42 -1.92 49.27 33.68
C GLY RB 42 -2.62 50.41 34.40
N ALA RB 43 -3.82 50.18 34.91
CA ALA RB 43 -4.60 51.13 35.67
C ALA RB 43 -4.82 50.58 37.07
N SER RB 44 -5.77 51.16 37.81
CA SER RB 44 -6.15 50.62 39.11
C SER RB 44 -7.53 49.99 39.11
N HIS RB 45 -8.54 50.70 38.61
CA HIS RB 45 -9.91 50.21 38.53
C HIS RB 45 -10.33 50.14 37.07
N ALA RB 46 -11.47 49.48 36.81
CA ALA RB 46 -11.97 49.34 35.44
C ALA RB 46 -13.45 48.99 35.46
N LYS RB 47 -14.26 49.75 34.71
CA LYS RB 47 -15.66 49.41 34.54
C LYS RB 47 -15.84 48.37 33.44
N GLY RB 48 -16.84 47.53 33.61
CA GLY RB 48 -16.98 46.36 32.76
C GLY RB 48 -18.41 45.87 32.75
N ILE RB 49 -18.75 45.13 31.71
CA ILE RB 49 -20.12 44.68 31.45
C ILE RB 49 -20.22 43.17 31.67
N VAL RB 50 -21.25 42.75 32.41
CA VAL RB 50 -21.46 41.35 32.77
C VAL RB 50 -21.77 40.52 31.52
N LEU RB 51 -20.92 39.52 31.25
CA LEU RB 51 -21.32 38.48 30.33
C LEU RB 51 -22.32 37.54 30.98
N GLU RB 52 -21.95 36.97 32.13
CA GLU RB 52 -22.82 36.01 32.81
C GLU RB 52 -22.39 35.90 34.27
N LYS RB 53 -23.07 35.01 34.99
CA LYS RB 53 -22.68 34.60 36.34
C LYS RB 53 -22.00 33.23 36.29
N VAL RB 54 -20.90 33.09 37.04
CA VAL RB 54 -20.09 31.87 37.06
C VAL RB 54 -19.78 31.51 38.51
N GLY RB 55 -20.09 30.29 38.90
CA GLY RB 55 -19.78 29.85 40.25
C GLY RB 55 -18.68 28.82 40.30
N VAL RB 56 -17.52 29.20 40.83
CA VAL RB 56 -16.34 28.33 40.74
C VAL RB 56 -16.19 27.53 42.02
N GLU RB 57 -15.42 26.45 41.92
CA GLU RB 57 -15.20 25.54 43.02
C GLU RB 57 -14.20 26.13 44.01
N ALA RB 58 -13.77 25.32 44.98
CA ALA RB 58 -12.85 25.82 45.98
C ALA RB 58 -11.69 24.85 46.19
N LYS RB 59 -10.73 25.28 46.99
CA LYS RB 59 -9.59 24.45 47.35
C LYS RB 59 -9.96 23.58 48.55
N GLN RB 60 -9.05 22.70 48.94
CA GLN RB 60 -9.45 21.60 49.80
C GLN RB 60 -9.70 21.90 51.29
N PRO RB 61 -8.84 22.63 52.03
CA PRO RB 61 -9.18 22.86 53.43
C PRO RB 61 -10.31 23.85 53.63
N ASN RB 62 -10.73 24.58 52.60
CA ASN RB 62 -11.93 25.42 52.64
C ASN RB 62 -12.84 24.97 51.51
N SER RB 63 -13.63 23.92 51.74
CA SER RB 63 -14.50 23.42 50.69
C SER RB 63 -15.77 24.26 50.65
N ALA RB 64 -16.03 24.85 49.48
CA ALA RB 64 -17.20 25.69 49.27
C ALA RB 64 -17.39 25.81 47.77
N ILE RB 65 -18.33 26.67 47.37
CA ILE RB 65 -18.44 27.13 46.00
C ILE RB 65 -18.53 28.65 46.02
N ARG RB 66 -17.57 29.31 45.39
CA ARG RB 66 -17.52 30.75 45.36
C ARG RB 66 -18.30 31.28 44.16
N LYS RB 67 -18.82 32.48 44.31
CA LYS RB 67 -19.85 33.00 43.40
C LYS RB 67 -19.30 34.25 42.73
N CYS RB 68 -19.09 34.18 41.42
CA CYS RB 68 -18.33 35.19 40.71
C CYS RB 68 -19.05 35.58 39.44
N VAL RB 69 -18.51 36.57 38.73
CA VAL RB 69 -19.14 37.13 37.55
C VAL RB 69 -18.11 37.22 36.43
N ARG RB 70 -18.44 36.69 35.26
CA ARG RB 70 -17.62 36.91 34.09
C ARG RB 70 -17.93 38.29 33.51
N VAL RB 71 -16.89 39.02 33.14
CA VAL RB 71 -16.98 40.45 32.85
C VAL RB 71 -16.32 40.72 31.50
N GLN RB 72 -17.00 41.49 30.65
CA GLN RB 72 -16.40 42.05 29.44
C GLN RB 72 -16.04 43.50 29.73
N LEU RB 73 -14.75 43.80 29.79
CA LEU RB 73 -14.31 45.18 29.98
C LEU RB 73 -14.63 46.00 28.75
N ILE RB 74 -15.06 47.24 28.97
CA ILE RB 74 -15.20 48.18 27.87
C ILE RB 74 -13.84 48.57 27.33
N LYS RB 75 -12.86 48.68 28.23
CA LYS RB 75 -11.52 49.15 27.88
C LYS RB 75 -10.79 48.12 27.02
N ASN RB 76 -10.75 46.87 27.48
CA ASN RB 76 -9.86 45.86 26.96
C ASN RB 76 -10.58 44.80 26.13
N GLY RB 77 -11.82 44.48 26.46
CA GLY RB 77 -12.51 43.40 25.79
C GLY RB 77 -12.23 42.02 26.37
N LYS RB 78 -11.50 41.94 27.48
CA LYS RB 78 -11.05 40.68 28.05
C LYS RB 78 -12.07 40.08 29.01
N LYS RB 79 -11.79 38.84 29.41
CA LYS RB 79 -12.70 38.02 30.20
C LYS RB 79 -12.10 37.73 31.55
N ILE RB 80 -12.88 37.92 32.60
CA ILE RB 80 -12.40 38.01 33.98
C ILE RB 80 -13.46 37.42 34.91
N THR RB 81 -13.07 36.49 35.77
CA THR RB 81 -13.94 36.02 36.84
C THR RB 81 -13.71 36.90 38.05
N ALA RB 82 -14.53 37.93 38.21
CA ALA RB 82 -14.42 38.83 39.34
C ALA RB 82 -15.29 38.32 40.47
N PHE RB 83 -14.71 38.26 41.65
CA PHE RB 83 -15.43 37.75 42.81
C PHE RB 83 -16.50 38.73 43.25
N VAL RB 84 -17.72 38.24 43.41
CA VAL RB 84 -18.80 39.00 44.04
C VAL RB 84 -18.50 39.04 45.52
N PRO RB 85 -18.20 40.21 46.09
CA PRO RB 85 -17.63 40.25 47.44
C PRO RB 85 -18.53 39.77 48.56
N ASN RB 86 -19.69 40.40 48.74
CA ASN RB 86 -20.35 40.37 50.05
C ASN RB 86 -21.15 39.08 50.24
N ASP RB 87 -22.02 39.10 51.24
CA ASP RB 87 -22.56 37.90 51.84
C ASP RB 87 -23.83 37.43 51.14
N GLY RB 88 -24.73 38.36 50.84
CA GLY RB 88 -25.74 38.11 49.84
C GLY RB 88 -25.13 38.53 48.54
N CYS RB 89 -25.76 39.49 47.85
CA CYS RB 89 -25.15 40.36 46.85
C CYS RB 89 -24.78 39.68 45.55
N LEU RB 90 -24.90 38.37 45.48
CA LEU RB 90 -25.10 37.72 44.19
C LEU RB 90 -26.40 38.19 43.57
N ASN RB 91 -27.41 38.41 44.41
CA ASN RB 91 -28.71 38.92 43.95
C ASN RB 91 -28.57 40.32 43.39
N PHE RB 92 -27.84 41.19 44.08
CA PHE RB 92 -27.80 42.60 43.69
C PHE RB 92 -27.00 42.82 42.42
N ILE RB 93 -26.25 41.82 41.96
CA ILE RB 93 -25.58 41.88 40.68
C ILE RB 93 -26.41 41.11 39.66
N GLU RB 94 -26.58 41.71 38.49
CA GLU RB 94 -27.42 41.15 37.45
C GLU RB 94 -26.73 41.11 36.09
N GLU RB 95 -27.54 40.92 35.05
CA GLU RB 95 -27.08 40.86 33.68
C GLU RB 95 -26.95 42.26 33.07
N ASN RB 96 -25.88 42.46 32.28
CA ASN RB 96 -25.58 43.67 31.52
C ASN RB 96 -25.51 44.91 32.42
N ASP RB 97 -24.52 44.92 33.30
CA ASP RB 97 -24.44 46.00 34.28
C ASP RB 97 -23.08 46.67 34.23
N GLU RB 98 -23.03 47.92 34.70
CA GLU RB 98 -21.77 48.59 35.00
C GLU RB 98 -21.17 47.92 36.23
N VAL RB 99 -20.07 47.20 36.06
CA VAL RB 99 -19.45 46.48 37.17
C VAL RB 99 -18.03 46.97 37.28
N LEU RB 100 -17.77 47.84 38.24
CA LEU RB 100 -16.41 48.25 38.54
C LEU RB 100 -15.68 47.10 39.20
N VAL RB 101 -14.46 46.82 38.76
CA VAL RB 101 -13.69 45.71 39.31
C VAL RB 101 -12.29 46.20 39.66
N ALA RB 102 -11.67 45.48 40.59
CA ALA RB 102 -10.28 45.72 40.96
C ALA RB 102 -9.70 44.46 41.56
N GLY RB 103 -8.40 44.48 41.79
CA GLY RB 103 -7.72 43.30 42.26
C GLY RB 103 -7.98 43.05 43.73
N PHE RB 104 -7.59 41.85 44.18
CA PHE RB 104 -7.67 41.65 45.60
C PHE RB 104 -6.48 42.30 46.27
N GLY RB 105 -5.30 41.69 46.17
CA GLY RB 105 -4.22 42.18 47.00
C GLY RB 105 -2.90 42.47 46.32
N ARG RB 106 -2.58 41.70 45.29
CA ARG RB 106 -1.31 41.84 44.59
C ARG RB 106 -1.50 41.25 43.21
N LYS RB 107 -0.97 41.94 42.21
CA LYS RB 107 -1.35 41.66 40.85
C LYS RB 107 -0.77 40.34 40.35
N GLY RB 108 0.32 39.88 40.94
CA GLY RB 108 0.91 38.64 40.50
C GLY RB 108 0.46 37.39 41.21
N HIS RB 109 -0.58 37.45 42.04
CA HIS RB 109 -1.00 36.29 42.81
C HIS RB 109 -2.52 36.32 42.92
N ALA RB 110 -3.06 35.45 43.79
CA ALA RB 110 -4.48 35.38 44.09
C ALA RB 110 -4.67 35.20 45.60
N VAL RB 111 -5.94 35.02 46.02
CA VAL RB 111 -6.30 34.78 47.43
C VAL RB 111 -6.64 33.31 47.61
N GLY RB 112 -6.09 32.70 48.66
CA GLY RB 112 -5.90 31.26 48.76
C GLY RB 112 -7.08 30.36 49.05
N ASP RB 113 -8.20 30.60 48.38
CA ASP RB 113 -9.29 29.66 48.41
C ASP RB 113 -9.85 29.37 47.02
N ILE RB 114 -9.42 30.08 45.99
CA ILE RB 114 -10.09 30.01 44.70
C ILE RB 114 -9.14 29.41 43.68
N PRO RB 115 -9.62 28.66 42.67
CA PRO RB 115 -8.74 28.27 41.55
C PRO RB 115 -8.12 29.40 40.77
N GLY RB 116 -8.86 30.47 40.45
CA GLY RB 116 -8.21 31.48 39.65
C GLY RB 116 -8.58 32.94 39.82
N VAL RB 117 -9.44 33.29 40.76
CA VAL RB 117 -10.00 34.63 40.79
C VAL RB 117 -8.96 35.63 41.30
N ARG RB 118 -8.82 36.74 40.57
CA ARG RB 118 -7.99 37.84 41.02
C ARG RB 118 -8.74 39.15 41.23
N PHE RB 119 -10.04 39.20 40.94
CA PHE RB 119 -10.73 40.47 40.72
C PHE RB 119 -11.97 40.58 41.60
N LYS RB 120 -12.43 41.81 41.82
CA LYS RB 120 -13.40 42.07 42.88
C LYS RB 120 -14.33 43.21 42.52
N VAL RB 121 -15.63 42.98 42.66
CA VAL RB 121 -16.68 43.87 42.18
C VAL RB 121 -16.85 45.04 43.12
N VAL RB 122 -17.02 46.25 42.57
CA VAL RB 122 -17.28 47.40 43.42
C VAL RB 122 -18.64 48.01 43.11
N LYS RB 123 -18.82 48.57 41.92
CA LYS RB 123 -20.01 49.35 41.61
C LYS RB 123 -21.02 48.51 40.84
N VAL RB 124 -22.30 48.76 41.10
CA VAL RB 124 -23.39 48.24 40.29
C VAL RB 124 -24.16 49.47 39.81
N ALA RB 125 -23.86 49.90 38.58
CA ALA RB 125 -24.39 51.13 37.96
C ALA RB 125 -24.14 52.35 38.84
N ASN RB 126 -22.85 52.58 39.12
CA ASN RB 126 -22.33 53.64 40.02
C ASN RB 126 -22.88 53.51 41.44
N VAL RB 127 -23.40 52.36 41.84
CA VAL RB 127 -23.83 52.13 43.21
C VAL RB 127 -23.02 50.98 43.77
N SER RB 128 -22.24 51.28 44.81
CA SER RB 128 -21.29 50.32 45.35
C SER RB 128 -22.01 49.21 46.10
N LEU RB 129 -21.34 48.06 46.19
CA LEU RB 129 -21.87 46.96 46.98
C LEU RB 129 -21.76 47.22 48.47
N LEU RB 130 -20.94 48.19 48.87
CA LEU RB 130 -21.02 48.70 50.24
C LEU RB 130 -22.36 49.38 50.46
N ALA RB 131 -22.82 50.14 49.46
CA ALA RB 131 -24.12 50.79 49.54
C ALA RB 131 -25.24 49.78 49.48
N LEU RB 132 -25.17 48.84 48.54
CA LEU RB 132 -26.28 47.90 48.33
C LEU RB 132 -26.49 46.97 49.49
N TYR RB 133 -25.41 46.63 50.21
CA TYR RB 133 -25.49 45.69 51.31
C TYR RB 133 -26.23 46.29 52.49
N LYS RB 134 -25.99 47.56 52.76
CA LYS RB 134 -26.65 48.30 53.82
C LYS RB 134 -26.51 49.79 53.53
N GLY RB 135 -27.54 50.56 53.87
CA GLY RB 135 -27.68 51.90 53.36
C GLY RB 135 -28.53 52.00 52.10
N LYS RB 136 -28.80 50.85 51.49
CA LYS RB 136 -29.98 50.52 50.65
C LYS RB 136 -30.33 51.57 49.60
N LYS RB 137 -29.30 52.11 48.93
CA LYS RB 137 -29.46 53.37 48.20
C LYS RB 137 -30.41 53.24 47.00
N GLU RB 138 -30.07 52.36 46.03
CA GLU RB 138 -30.92 51.96 44.90
C GLU RB 138 -30.17 50.87 44.13
N ARG RB 139 -30.88 49.98 43.42
CA ARG RB 139 -30.21 49.13 42.46
C ARG RB 139 -29.75 49.90 41.22
N THR SB 1 -14.25 110.63 71.14
CA THR SB 1 -14.97 109.48 71.68
C THR SB 1 -14.40 108.20 71.02
N VAL SB 2 -13.80 108.35 69.84
CA VAL SB 2 -12.97 107.33 69.22
C VAL SB 2 -11.53 107.80 69.29
N THR SB 3 -10.59 106.86 69.38
CA THR SB 3 -9.20 107.19 69.66
C THR SB 3 -8.34 106.95 68.41
N ILE SB 4 -7.97 108.04 67.74
CA ILE SB 4 -7.30 108.00 66.45
C ILE SB 4 -5.93 108.67 66.57
N ARG SB 5 -4.90 107.97 66.12
CA ARG SB 5 -3.58 108.56 65.92
C ARG SB 5 -3.07 108.25 64.53
N THR SB 6 -2.44 109.24 63.90
CA THR SB 6 -1.71 109.04 62.67
C THR SB 6 -0.26 108.67 62.99
N ARG SB 7 0.14 107.46 62.62
CA ARG SB 7 1.50 107.02 62.95
C ARG SB 7 2.50 107.45 61.89
N LYS SB 8 2.41 106.89 60.68
CA LYS SB 8 3.46 107.04 59.68
C LYS SB 8 3.01 108.01 58.60
N PHE SB 9 3.76 109.09 58.43
CA PHE SB 9 3.29 110.28 57.75
C PHE SB 9 4.12 110.56 56.50
N MET SB 10 3.48 111.15 55.50
CA MET SB 10 4.16 111.65 54.31
C MET SB 10 3.57 112.98 53.88
N THR SB 11 4.34 113.71 53.09
CA THR SB 11 3.85 114.84 52.32
C THR SB 11 4.24 114.61 50.87
N ASN SB 12 3.26 114.42 50.01
CA ASN SB 12 3.52 114.18 48.60
C ASN SB 12 3.52 115.53 47.89
N ARG SB 13 4.72 116.12 47.76
CA ARG SB 13 4.86 117.36 46.99
C ARG SB 13 4.56 117.13 45.53
N LEU SB 14 4.81 115.92 45.02
CA LEU SB 14 4.60 115.65 43.60
C LEU SB 14 3.12 115.51 43.29
N LEU SB 15 2.36 114.90 44.18
CA LEU SB 15 0.94 114.74 43.94
C LEU SB 15 0.07 115.77 44.64
N GLN SB 16 0.69 116.67 45.43
CA GLN SB 16 0.01 117.73 46.18
C GLN SB 16 -1.08 117.12 47.08
N ARG SB 17 -0.64 116.15 47.87
CA ARG SB 17 -1.48 115.52 48.88
C ARG SB 17 -0.61 115.04 50.02
N LYS SB 18 -1.26 114.60 51.09
CA LYS SB 18 -0.55 114.06 52.24
C LYS SB 18 -1.06 112.68 52.62
N GLN SB 19 -0.14 111.85 53.09
CA GLN SB 19 -0.30 110.41 53.23
C GLN SB 19 0.03 110.02 54.66
N MET SB 20 -0.97 109.51 55.38
CA MET SB 20 -0.81 109.23 56.80
C MET SB 20 -1.49 107.92 57.18
N VAL SB 21 -0.89 107.20 58.12
CA VAL SB 21 -1.36 105.88 58.52
C VAL SB 21 -2.23 106.01 59.77
N ILE SB 22 -3.48 105.59 59.67
CA ILE SB 22 -4.52 105.96 60.63
C ILE SB 22 -4.93 104.74 61.43
N ASP SB 23 -4.59 104.74 62.71
CA ASP SB 23 -5.02 103.70 63.66
C ASP SB 23 -6.25 104.18 64.41
N VAL SB 24 -7.38 103.53 64.16
CA VAL SB 24 -8.65 103.89 64.78
C VAL SB 24 -8.95 102.84 65.84
N LEU SB 25 -8.87 103.24 67.10
CA LEU SB 25 -9.03 102.34 68.22
C LEU SB 25 -10.53 102.22 68.48
N HIS SB 26 -11.07 101.03 68.28
CA HIS SB 26 -12.46 100.74 68.60
C HIS SB 26 -12.50 99.88 69.86
N PRO SB 27 -12.71 100.44 71.04
CA PRO SB 27 -12.87 99.58 72.22
C PRO SB 27 -14.27 99.01 72.27
N GLY SB 28 -15.22 99.73 71.69
CA GLY SB 28 -16.63 99.47 71.83
C GLY SB 28 -17.35 99.01 70.58
N LYS SB 29 -17.94 99.99 69.89
CA LYS SB 29 -18.94 99.84 68.85
C LYS SB 29 -18.43 99.12 67.61
N ALA SB 30 -19.33 98.95 66.63
CA ALA SB 30 -18.91 98.59 65.29
C ALA SB 30 -18.04 99.68 64.68
N THR SB 31 -17.28 99.30 63.66
CA THR SB 31 -16.27 100.15 63.04
C THR SB 31 -16.88 101.40 62.43
N VAL SB 32 -16.47 102.56 62.97
CA VAL SB 32 -16.92 103.89 62.59
C VAL SB 32 -16.76 104.07 61.09
N PRO SB 33 -17.77 104.59 60.37
CA PRO SB 33 -17.77 104.49 58.91
C PRO SB 33 -16.68 105.29 58.23
N LYS SB 34 -16.57 105.01 56.92
CA LYS SB 34 -15.90 105.87 55.95
C LYS SB 34 -16.15 107.35 56.17
N THR SB 35 -17.41 107.72 56.40
CA THR SB 35 -17.78 109.14 56.45
C THR SB 35 -17.30 109.81 57.73
N GLU SB 36 -17.51 109.15 58.88
CA GLU SB 36 -17.28 109.85 60.15
C GLU SB 36 -15.79 109.95 60.49
N ILE SB 37 -14.99 108.94 60.16
CA ILE SB 37 -13.54 109.06 60.31
C ILE SB 37 -12.99 110.11 59.35
N ARG SB 38 -13.57 110.21 58.14
CA ARG SB 38 -13.22 111.30 57.24
C ARG SB 38 -13.55 112.66 57.83
N GLU SB 39 -14.61 112.72 58.64
CA GLU SB 39 -14.88 113.98 59.33
C GLU SB 39 -13.92 114.21 60.48
N LYS SB 40 -13.41 113.16 61.12
CA LYS SB 40 -12.37 113.34 62.14
C LYS SB 40 -11.12 113.94 61.54
N LEU SB 41 -10.72 113.45 60.36
CA LEU SB 41 -9.57 114.01 59.66
C LEU SB 41 -9.89 115.41 59.12
N ALA SB 42 -11.15 115.65 58.76
CA ALA SB 42 -11.53 116.99 58.30
C ALA SB 42 -11.49 118.00 59.43
N LYS SB 43 -11.60 117.54 60.68
CA LYS SB 43 -11.56 118.41 61.84
C LYS SB 43 -10.19 118.45 62.50
N MET SB 44 -9.40 117.38 62.41
CA MET SB 44 -8.06 117.40 62.98
C MET SB 44 -7.07 118.24 62.18
N TYR SB 45 -7.31 118.43 60.89
CA TYR SB 45 -6.49 119.35 60.10
C TYR SB 45 -7.28 120.59 59.70
N LYS SB 46 -8.59 120.60 60.02
CA LYS SB 46 -9.50 121.75 59.88
C LYS SB 46 -9.70 122.15 58.42
N THR SB 47 -9.75 121.17 57.52
CA THR SB 47 -9.99 121.41 56.10
C THR SB 47 -11.13 120.54 55.61
N THR SB 48 -11.61 120.84 54.36
CA THR SB 48 -12.97 120.49 53.94
C THR SB 48 -13.08 119.00 53.62
N PRO SB 49 -14.16 118.35 54.04
CA PRO SB 49 -14.29 116.91 53.80
C PRO SB 49 -14.56 116.55 52.35
N ASP SB 50 -15.07 117.45 51.51
CA ASP SB 50 -15.27 117.13 50.10
C ASP SB 50 -13.96 117.02 49.32
N VAL SB 51 -12.83 117.32 49.93
CA VAL SB 51 -11.53 117.23 49.29
C VAL SB 51 -10.59 116.30 50.06
N ILE SB 52 -11.08 115.68 51.12
CA ILE SB 52 -10.29 114.80 51.96
C ILE SB 52 -10.84 113.38 51.86
N PHE SB 53 -9.98 112.45 51.47
CA PHE SB 53 -10.40 111.11 51.09
C PHE SB 53 -9.67 110.10 51.94
N VAL SB 54 -10.21 108.88 52.00
CA VAL SB 54 -9.62 107.81 52.79
C VAL SB 54 -10.15 106.50 52.24
N PHE SB 55 -9.39 105.41 52.44
CA PHE SB 55 -9.83 104.08 52.04
C PHE SB 55 -9.07 103.05 52.84
N GLY SB 56 -9.69 101.88 52.98
CA GLY SB 56 -9.00 100.71 53.50
C GLY SB 56 -9.03 100.60 55.02
N PHE SB 57 -9.66 99.55 55.53
CA PHE SB 57 -9.85 99.36 56.97
C PHE SB 57 -10.02 97.87 57.24
N ARG SB 58 -9.04 97.28 57.92
CA ARG SB 58 -9.13 95.91 58.41
C ARG SB 58 -9.85 95.93 59.77
N THR SB 59 -9.75 94.85 60.54
CA THR SB 59 -10.10 94.86 61.97
C THR SB 59 -9.33 93.74 62.65
N HIS SB 60 -8.54 94.06 63.66
CA HIS SB 60 -7.54 93.13 64.18
C HIS SB 60 -8.07 92.39 65.41
N PHE SB 61 -9.11 91.59 65.16
CA PHE SB 61 -9.48 90.41 65.94
C PHE SB 61 -9.79 90.73 67.40
N GLY SB 62 -10.87 91.46 67.60
CA GLY SB 62 -11.40 91.70 68.93
C GLY SB 62 -11.09 93.09 69.45
N GLY SB 63 -12.09 93.97 69.41
CA GLY SB 63 -11.87 95.36 69.81
C GLY SB 63 -10.92 96.03 68.84
N GLY SB 64 -9.79 96.49 69.39
CA GLY SB 64 -8.60 96.67 68.58
C GLY SB 64 -8.63 97.87 67.66
N LYS SB 65 -7.69 97.85 66.73
CA LYS SB 65 -7.43 98.95 65.82
C LYS SB 65 -7.77 98.55 64.39
N THR SB 66 -8.16 99.54 63.59
CA THR SB 66 -8.36 99.38 62.16
C THR SB 66 -7.47 100.39 61.44
N THR SB 67 -6.85 99.98 60.35
CA THR SB 67 -5.73 100.75 59.84
C THR SB 67 -5.91 101.11 58.37
N GLY SB 68 -5.75 102.40 58.05
CA GLY SB 68 -5.81 102.84 56.67
C GLY SB 68 -4.97 104.06 56.35
N PHE SB 69 -5.14 104.58 55.14
CA PHE SB 69 -4.29 105.65 54.62
C PHE SB 69 -5.14 106.87 54.32
N GLY SB 70 -4.77 108.00 54.88
CA GLY SB 70 -5.51 109.24 54.69
C GLY SB 70 -4.96 110.05 53.52
N MET SB 71 -5.85 110.79 52.88
CA MET SB 71 -5.50 111.64 51.75
C MET SB 71 -6.07 113.02 52.03
N ILE SB 72 -5.29 114.07 51.76
CA ILE SB 72 -5.77 115.44 51.93
C ILE SB 72 -5.37 116.24 50.71
N TYR SB 73 -6.34 116.75 49.98
CA TYR SB 73 -6.08 117.46 48.75
C TYR SB 73 -6.37 118.94 48.98
N ASP SB 74 -5.98 119.79 48.04
CA ASP SB 74 -6.22 121.21 48.24
C ASP SB 74 -7.50 121.66 47.57
N SER SB 75 -7.53 121.62 46.25
CA SER SB 75 -8.71 121.96 45.49
C SER SB 75 -9.40 120.69 45.04
N LEU SB 76 -10.69 120.81 44.74
CA LEU SB 76 -11.44 119.64 44.31
C LEU SB 76 -10.91 119.09 42.99
N ASP SB 77 -10.43 119.98 42.10
CA ASP SB 77 -9.81 119.51 40.88
C ASP SB 77 -8.40 118.99 41.14
N TYR SB 78 -7.72 119.51 42.17
CA TYR SB 78 -6.52 118.84 42.64
C TYR SB 78 -6.86 117.46 43.19
N ALA SB 79 -8.01 117.35 43.85
CA ALA SB 79 -8.49 116.05 44.31
C ALA SB 79 -8.93 115.17 43.15
N LYS SB 80 -9.50 115.77 42.10
CA LYS SB 80 -9.93 114.97 40.96
C LYS SB 80 -8.74 114.46 40.16
N LYS SB 81 -7.68 115.27 40.05
CA LYS SB 81 -6.56 114.93 39.18
C LYS SB 81 -5.73 113.78 39.75
N ASN SB 82 -5.46 113.79 41.05
CA ASN SB 82 -4.53 112.86 41.69
C ASN SB 82 -5.25 111.76 42.45
N GLU SB 83 -6.49 111.48 42.11
CA GLU SB 83 -7.25 110.35 42.58
C GLU SB 83 -7.78 109.58 41.38
N PRO SB 84 -8.09 108.30 41.53
CA PRO SB 84 -8.66 107.56 40.40
C PRO SB 84 -10.14 107.84 40.29
N LYS SB 85 -10.68 107.50 39.13
CA LYS SB 85 -12.08 107.75 38.83
C LYS SB 85 -12.99 106.96 39.76
N HIS SB 86 -12.53 105.82 40.27
CA HIS SB 86 -13.38 105.06 41.17
C HIS SB 86 -13.46 105.69 42.56
N ARG SB 87 -12.33 106.06 43.17
CA ARG SB 87 -12.37 106.50 44.57
C ARG SB 87 -13.08 107.83 44.78
N LEU SB 88 -13.24 108.63 43.74
CA LEU SB 88 -14.16 109.77 43.85
C LEU SB 88 -15.58 109.29 44.06
N ALA SB 89 -15.99 108.27 43.29
CA ALA SB 89 -17.41 107.96 43.03
C ALA SB 89 -18.18 107.56 44.27
N ARG SB 90 -17.47 107.18 45.33
CA ARG SB 90 -18.12 106.76 46.56
C ARG SB 90 -18.59 107.96 47.37
N HIS SB 91 -18.21 109.16 46.95
CA HIS SB 91 -18.86 110.38 47.37
C HIS SB 91 -19.88 110.83 46.33
N GLY SB 92 -19.77 110.35 45.11
CA GLY SB 92 -20.65 110.76 44.03
C GLY SB 92 -20.03 111.68 43.00
N LEU SB 93 -18.70 111.69 42.88
CA LEU SB 93 -18.10 112.61 41.92
C LEU SB 93 -17.90 111.99 40.54
N TYR SB 94 -18.13 110.69 40.35
CA TYR SB 94 -17.89 110.08 39.06
C TYR SB 94 -18.92 108.99 38.78
N GLU SB 95 -19.47 108.98 37.57
CA GLU SB 95 -20.37 107.93 37.13
C GLU SB 95 -20.06 107.61 35.68
N LYS SB 96 -20.07 106.32 35.34
CA LYS SB 96 -19.66 105.87 34.01
C LYS SB 96 -20.79 105.29 33.18
N LYS SB 97 -21.60 104.40 33.77
CA LYS SB 97 -22.89 103.88 33.29
C LYS SB 97 -22.73 102.92 32.11
N LYS SB 98 -21.53 102.84 31.52
CA LYS SB 98 -21.17 101.79 30.58
C LYS SB 98 -20.07 100.99 31.26
N THR SB 99 -20.50 100.08 32.13
CA THR SB 99 -19.62 99.28 32.95
C THR SB 99 -19.83 97.78 32.70
N SER SB 100 -20.33 97.45 31.52
CA SER SB 100 -20.75 96.09 31.20
C SER SB 100 -19.88 95.53 30.10
N ARG SB 101 -19.47 94.28 30.28
CA ARG SB 101 -18.94 93.53 29.17
C ARG SB 101 -20.09 92.88 28.43
N LYS SB 102 -19.77 92.44 27.21
CA LYS SB 102 -20.63 91.86 26.19
C LYS SB 102 -21.56 92.90 25.58
N GLN SB 103 -21.53 94.13 26.09
CA GLN SB 103 -22.04 95.24 25.32
C GLN SB 103 -20.90 96.06 24.75
N ARG SB 104 -19.82 96.22 25.51
CA ARG SB 104 -18.56 96.63 24.92
C ARG SB 104 -18.12 95.67 23.82
N LYS SB 105 -18.31 94.38 24.04
CA LYS SB 105 -17.68 93.38 23.20
C LYS SB 105 -18.55 92.90 22.06
N GLU SB 106 -19.87 93.06 22.12
CA GLU SB 106 -20.64 92.82 20.91
C GLU SB 106 -20.44 93.95 19.91
N ARG SB 107 -20.37 95.19 20.39
CA ARG SB 107 -20.18 96.34 19.50
C ARG SB 107 -18.79 96.36 18.89
N LYS SB 108 -17.81 95.78 19.56
CA LYS SB 108 -16.48 95.67 18.96
C LYS SB 108 -16.47 94.70 17.79
N ASN SB 109 -17.46 93.81 17.72
CA ASN SB 109 -17.53 92.96 16.56
C ASN SB 109 -18.47 93.50 15.49
N ARG SB 110 -19.60 94.10 15.87
CA ARG SB 110 -20.50 94.56 14.82
C ARG SB 110 -20.05 95.85 14.18
N MET SB 111 -19.23 96.66 14.87
CA MET SB 111 -18.52 97.73 14.17
C MET SB 111 -17.44 97.17 13.27
N LYS SB 112 -16.90 96.01 13.60
CA LYS SB 112 -15.84 95.43 12.79
C LYS SB 112 -16.40 94.93 11.45
N LYS SB 113 -17.69 94.59 11.41
CA LYS SB 113 -18.28 94.02 10.20
C LYS SB 113 -18.40 95.06 9.08
N VAL SB 114 -19.04 96.18 9.37
CA VAL SB 114 -19.23 97.22 8.38
C VAL SB 114 -18.05 98.18 8.42
N ARG SB 115 -17.92 98.99 7.36
CA ARG SB 115 -16.79 99.89 7.24
C ARG SB 115 -17.27 101.15 6.55
N GLY SB 116 -17.37 102.25 7.31
CA GLY SB 116 -17.65 103.54 6.71
C GLY SB 116 -18.78 104.32 7.36
N THR SB 117 -19.58 104.99 6.53
CA THR SB 117 -20.78 105.65 7.01
C THR SB 117 -21.80 104.63 7.53
N ALA SB 118 -21.78 103.41 7.00
CA ALA SB 118 -22.61 102.36 7.56
C ALA SB 118 -22.14 101.95 8.95
N LYS SB 119 -20.85 102.13 9.24
CA LYS SB 119 -20.39 102.00 10.61
C LYS SB 119 -20.81 103.21 11.46
N ALA SB 120 -21.01 104.36 10.83
CA ALA SB 120 -21.54 105.52 11.55
C ALA SB 120 -23.02 105.34 11.90
N ASN SB 121 -23.70 104.39 11.25
CA ASN SB 121 -24.98 103.90 11.79
C ASN SB 121 -24.75 103.19 13.12
N VAL SB 122 -23.97 102.10 13.10
CA VAL SB 122 -23.85 101.25 14.29
C VAL SB 122 -22.91 101.87 15.30
N GLY SB 123 -22.07 102.83 14.88
CA GLY SB 123 -21.41 103.70 15.81
C GLY SB 123 -22.32 104.69 16.50
N ALA SB 124 -23.52 104.92 15.94
CA ALA SB 124 -24.57 105.64 16.65
C ALA SB 124 -25.50 104.69 17.39
N GLY SB 125 -26.00 103.66 16.70
CA GLY SB 125 -26.89 102.68 17.29
C GLY SB 125 -26.96 101.37 16.53
N GLY TB 1 -28.82 -32.99 51.29
CA GLY TB 1 -27.85 -32.04 50.78
C GLY TB 1 -26.78 -32.66 49.90
N LYS TB 2 -25.80 -31.86 49.51
CA LYS TB 2 -24.66 -32.33 48.73
C LYS TB 2 -23.47 -32.58 49.65
N ALA TB 3 -23.04 -33.84 49.72
CA ALA TB 3 -21.93 -34.21 50.61
C ALA TB 3 -20.62 -33.99 49.86
N LYS TB 4 -20.35 -32.72 49.55
CA LYS TB 4 -19.11 -32.29 48.90
C LYS TB 4 -17.96 -32.32 49.90
N LYS TB 5 -17.55 -33.55 50.24
CA LYS TB 5 -16.57 -33.73 51.29
C LYS TB 5 -15.21 -33.23 50.81
N LYS TB 6 -14.71 -32.23 51.53
CA LYS TB 6 -13.41 -31.65 51.21
C LYS TB 6 -12.29 -32.67 51.41
N LYS TB 7 -12.43 -33.57 52.40
CA LYS TB 7 -11.38 -34.52 52.70
C LYS TB 7 -11.24 -35.59 51.63
N TRP TB 8 -10.10 -36.29 51.66
CA TRP TB 8 -9.87 -37.51 50.85
C TRP TB 8 -8.94 -38.44 51.64
N SER TB 9 -9.50 -39.49 52.22
CA SER TB 9 -8.70 -40.59 52.78
C SER TB 9 -9.51 -41.89 52.63
N LYS TB 10 -9.30 -42.58 51.52
CA LYS TB 10 -9.93 -43.86 51.21
C LYS TB 10 -8.95 -45.01 51.39
N GLY TB 11 -9.35 -46.19 50.92
CA GLY TB 11 -8.59 -47.41 51.09
C GLY TB 11 -9.12 -48.31 52.18
N LYS TB 12 -10.41 -48.63 52.13
CA LYS TB 12 -11.04 -49.37 53.20
C LYS TB 12 -10.70 -50.86 53.12
N VAL TB 13 -11.01 -51.59 54.20
CA VAL TB 13 -10.25 -52.79 54.57
C VAL TB 13 -10.56 -53.99 53.70
N ARG TB 14 -11.76 -54.58 53.85
CA ARG TB 14 -12.18 -55.66 52.96
C ARG TB 14 -13.71 -55.71 52.92
N ASP TB 15 -14.29 -54.86 52.05
CA ASP TB 15 -15.62 -54.93 51.41
C ASP TB 15 -16.77 -55.55 52.19
N LYS TB 16 -16.83 -55.35 53.51
CA LYS TB 16 -17.76 -56.02 54.44
C LYS TB 16 -17.78 -57.54 54.20
N LEU TB 17 -16.63 -58.16 54.50
CA LEU TB 17 -16.45 -59.58 54.23
C LEU TB 17 -17.35 -60.43 55.13
N ASN TB 18 -17.87 -61.52 54.56
CA ASN TB 18 -18.82 -62.35 55.26
C ASN TB 18 -18.11 -63.22 56.31
N ASN TB 19 -18.91 -63.78 57.21
CA ASN TB 19 -18.39 -64.51 58.35
C ASN TB 19 -19.46 -65.52 58.77
N LEU TB 20 -19.04 -66.68 59.28
CA LEU TB 20 -19.98 -67.79 59.47
C LEU TB 20 -20.67 -67.69 60.82
N VAL TB 21 -22.02 -67.69 60.79
CA VAL TB 21 -22.82 -67.53 62.01
C VAL TB 21 -22.68 -68.76 62.90
N LEU TB 22 -22.97 -69.94 62.36
CA LEU TB 22 -22.90 -71.16 63.13
C LEU TB 22 -22.10 -72.18 62.33
N PHE TB 23 -21.46 -73.10 63.04
CA PHE TB 23 -20.47 -73.96 62.42
C PHE TB 23 -21.13 -75.03 61.54
N ASP TB 24 -20.28 -75.62 60.69
CA ASP TB 24 -20.58 -76.83 59.93
C ASP TB 24 -19.79 -78.00 60.49
N LYS TB 25 -20.04 -79.20 59.95
CA LYS TB 25 -19.21 -80.33 60.29
C LYS TB 25 -17.93 -80.35 59.47
N ALA TB 26 -17.91 -79.64 58.33
CA ALA TB 26 -16.64 -79.21 57.75
C ALA TB 26 -15.87 -78.34 58.72
N THR TB 27 -16.57 -77.38 59.33
CA THR TB 27 -15.96 -76.55 60.37
C THR TB 27 -15.65 -77.37 61.62
N TYR TB 28 -16.52 -78.31 61.97
CA TYR TB 28 -16.35 -79.08 63.21
C TYR TB 28 -15.13 -79.99 63.13
N ASP TB 29 -14.86 -80.54 61.94
CA ASP TB 29 -13.62 -81.29 61.76
C ASP TB 29 -12.43 -80.35 61.62
N LYS TB 30 -12.65 -79.17 61.06
CA LYS TB 30 -11.65 -78.12 61.12
C LYS TB 30 -11.40 -77.71 62.56
N LEU TB 31 -12.46 -77.69 63.38
CA LEU TB 31 -12.32 -77.44 64.81
C LEU TB 31 -11.60 -78.57 65.54
N CYS TB 32 -12.22 -79.76 65.63
CA CYS TB 32 -11.73 -80.81 66.53
C CYS TB 32 -10.36 -81.38 66.15
N LYS TB 33 -9.83 -81.07 64.97
CA LYS TB 33 -8.56 -81.64 64.56
C LYS TB 33 -7.39 -80.69 64.65
N GLU TB 34 -7.60 -79.38 64.56
CA GLU TB 34 -6.46 -78.47 64.60
C GLU TB 34 -6.66 -77.21 65.43
N VAL TB 35 -7.87 -76.89 65.90
CA VAL TB 35 -8.03 -75.77 66.83
C VAL TB 35 -7.32 -76.06 68.16
N PRO TB 36 -7.07 -77.32 68.59
CA PRO TB 36 -5.96 -77.46 69.53
C PRO TB 36 -4.62 -77.36 68.84
N ASN TB 37 -4.47 -77.98 67.66
CA ASN TB 37 -3.15 -78.35 67.16
C ASN TB 37 -2.38 -77.21 66.53
N TYR TB 38 -2.72 -75.96 66.84
CA TYR TB 38 -1.76 -74.87 66.73
C TYR TB 38 -0.88 -74.85 67.97
N LYS TB 39 -0.10 -73.79 68.12
CA LYS TB 39 0.66 -73.54 69.33
C LYS TB 39 0.08 -72.42 70.17
N LEU TB 40 -0.55 -71.42 69.54
CA LEU TB 40 -1.15 -70.28 70.23
C LEU TB 40 -2.54 -70.02 69.69
N ILE TB 41 -3.51 -69.86 70.59
CA ILE TB 41 -4.92 -69.76 70.24
C ILE TB 41 -5.54 -68.56 70.95
N THR TB 42 -6.01 -67.59 70.18
CA THR TB 42 -6.99 -66.69 70.77
C THR TB 42 -8.27 -66.88 69.99
N PRO TB 43 -9.44 -66.62 70.58
CA PRO TB 43 -10.67 -66.62 69.78
C PRO TB 43 -10.67 -65.56 68.70
N ALA TB 44 -9.90 -64.49 68.89
CA ALA TB 44 -9.70 -63.52 67.83
C ALA TB 44 -8.78 -64.06 66.73
N VAL TB 45 -7.77 -64.89 67.09
CA VAL TB 45 -6.93 -65.55 66.10
C VAL TB 45 -7.77 -66.41 65.17
N VAL TB 46 -8.55 -67.32 65.75
CA VAL TB 46 -9.23 -68.36 64.97
C VAL TB 46 -10.41 -67.77 64.21
N SER TB 47 -10.88 -66.59 64.62
CA SER TB 47 -12.00 -65.95 63.93
C SER TB 47 -11.61 -65.47 62.53
N GLU TB 48 -10.51 -64.71 62.42
CA GLU TB 48 -10.05 -64.26 61.10
C GLU TB 48 -9.39 -65.39 60.32
N ARG TB 49 -8.82 -66.36 61.03
CA ARG TB 49 -8.01 -67.39 60.39
C ARG TB 49 -8.86 -68.32 59.54
N LEU TB 50 -9.93 -68.84 60.11
CA LEU TB 50 -10.75 -69.83 59.45
C LEU TB 50 -12.08 -69.26 58.96
N LYS TB 51 -12.25 -67.94 59.07
CA LYS TB 51 -13.46 -67.17 58.68
C LYS TB 51 -14.68 -67.63 59.48
N ILE TB 52 -14.60 -67.43 60.80
CA ILE TB 52 -15.59 -67.84 61.79
C ILE TB 52 -15.94 -66.62 62.64
N ARG TB 53 -17.21 -66.49 63.04
CA ARG TB 53 -17.62 -65.33 63.83
C ARG TB 53 -17.18 -65.51 65.29
N GLY TB 54 -16.76 -64.39 65.91
CA GLY TB 54 -16.12 -64.45 67.21
C GLY TB 54 -17.03 -64.86 68.35
N SER TB 55 -18.32 -64.56 68.25
CA SER TB 55 -19.27 -65.07 69.23
C SER TB 55 -19.45 -66.57 69.08
N LEU TB 56 -19.32 -67.08 67.85
CA LEU TB 56 -19.22 -68.53 67.67
C LEU TB 56 -17.83 -69.04 68.00
N ALA TB 57 -16.82 -68.19 67.87
CA ALA TB 57 -15.45 -68.64 68.17
C ALA TB 57 -15.27 -68.89 69.66
N ARG TB 58 -15.73 -67.96 70.50
CA ARG TB 58 -15.76 -68.22 71.93
C ARG TB 58 -16.80 -69.25 72.31
N ALA TB 59 -17.76 -69.54 71.43
CA ALA TB 59 -18.63 -70.68 71.68
C ALA TB 59 -17.87 -72.00 71.53
N ALA TB 60 -17.14 -72.16 70.42
CA ALA TB 60 -16.49 -73.44 70.15
C ALA TB 60 -15.28 -73.65 71.05
N LEU TB 61 -14.49 -72.61 71.27
CA LEU TB 61 -13.21 -72.79 71.95
C LEU TB 61 -13.37 -73.02 73.43
N GLN TB 62 -14.38 -72.42 74.05
CA GLN TB 62 -14.66 -72.70 75.44
C GLN TB 62 -15.17 -74.12 75.63
N GLU TB 63 -15.73 -74.73 74.59
CA GLU TB 63 -16.29 -76.07 74.68
C GLU TB 63 -15.18 -77.12 74.73
N LEU TB 64 -14.17 -76.99 73.88
CA LEU TB 64 -12.98 -77.84 73.99
C LEU TB 64 -12.10 -77.43 75.15
N LEU TB 65 -12.31 -76.22 75.67
CA LEU TB 65 -11.76 -75.85 76.97
C LEU TB 65 -12.54 -76.51 78.10
N SER TB 66 -13.86 -76.66 77.93
CA SER TB 66 -14.71 -77.19 79.01
C SER TB 66 -14.40 -78.65 79.30
N LYS TB 67 -14.01 -79.40 78.27
CA LYS TB 67 -13.52 -80.76 78.48
C LYS TB 67 -12.14 -80.76 79.11
N GLY TB 68 -11.46 -79.61 79.12
CA GLY TB 68 -10.15 -79.49 79.72
C GLY TB 68 -9.00 -79.71 78.76
N LEU TB 69 -9.30 -79.85 77.46
CA LEU TB 69 -8.26 -80.18 76.49
C LEU TB 69 -7.34 -78.98 76.26
N ILE TB 70 -7.92 -77.79 76.11
CA ILE TB 70 -7.14 -76.59 75.88
C ILE TB 70 -6.56 -76.11 77.20
N LYS TB 71 -5.26 -75.82 77.19
CA LYS TB 71 -4.56 -75.34 78.38
C LYS TB 71 -4.39 -73.83 78.23
N LEU TB 72 -5.21 -73.06 78.93
CA LEU TB 72 -5.10 -71.61 78.84
C LEU TB 72 -3.95 -71.12 79.73
N VAL TB 73 -3.77 -69.81 79.82
CA VAL TB 73 -2.82 -69.21 80.75
C VAL TB 73 -3.52 -68.37 81.80
N SER TB 74 -4.47 -67.53 81.39
CA SER TB 74 -5.31 -66.80 82.34
C SER TB 74 -6.60 -66.37 81.68
N LYS TB 75 -7.43 -65.67 82.45
CA LYS TB 75 -8.50 -64.86 81.92
C LYS TB 75 -8.60 -63.54 82.69
N HIS TB 76 -8.97 -62.50 81.97
CA HIS TB 76 -9.25 -61.17 82.49
C HIS TB 76 -10.49 -60.64 81.79
N ARG TB 77 -10.67 -59.32 81.89
CA ARG TB 77 -11.74 -58.64 81.16
C ARG TB 77 -11.62 -58.87 79.66
N ALA TB 78 -10.50 -58.41 79.07
CA ALA TB 78 -10.46 -58.22 77.64
C ALA TB 78 -10.09 -59.48 76.88
N GLN TB 79 -9.25 -60.33 77.45
CA GLN TB 79 -8.57 -61.34 76.65
C GLN TB 79 -8.59 -62.69 77.37
N VAL TB 80 -8.69 -63.77 76.59
CA VAL TB 80 -8.68 -65.15 77.08
C VAL TB 80 -7.62 -65.88 76.27
N ILE TB 81 -6.48 -66.19 76.90
CA ILE TB 81 -5.27 -66.62 76.20
C ILE TB 81 -5.09 -68.13 76.35
N TYR TB 82 -5.05 -68.85 75.23
CA TYR TB 82 -4.97 -70.30 75.23
C TYR TB 82 -3.57 -70.78 74.84
N THR TB 83 -3.41 -72.10 74.86
CA THR TB 83 -2.24 -72.84 74.40
C THR TB 83 -2.71 -74.29 74.22
N ARG TB 84 -1.94 -75.09 73.49
CA ARG TB 84 -2.11 -76.54 73.50
C ARG TB 84 -1.04 -77.17 74.38
N ASN TB 85 -1.45 -77.96 75.37
CA ASN TB 85 -0.53 -78.76 76.17
C ASN TB 85 -0.40 -80.13 75.55
N THR TB 86 0.84 -80.66 75.55
CA THR TB 86 1.22 -81.94 74.94
C THR TB 86 0.81 -82.02 73.47
N THR UB 1 25.42 15.58 53.75
CA THR UB 1 26.77 16.11 53.65
C THR UB 1 27.76 15.00 53.42
N LYS UB 2 29.04 15.30 53.60
CA LYS UB 2 30.08 14.28 53.44
C LYS UB 2 29.94 13.21 54.50
N LYS UB 3 29.70 11.99 54.06
CA LYS UB 3 29.80 10.86 54.97
C LYS UB 3 31.25 10.59 55.33
N ARG UB 4 32.19 11.01 54.49
CA ARG UB 4 33.61 10.74 54.68
C ARG UB 4 34.44 11.93 54.22
N ARG UB 5 35.70 11.97 54.65
CA ARG UB 5 36.66 12.90 54.07
C ARG UB 5 37.35 12.29 52.87
N ASN UB 6 37.53 10.97 52.86
CA ASN UB 6 38.06 10.28 51.69
C ASN UB 6 37.14 10.38 50.49
N ASN UB 7 35.84 10.52 50.72
CA ASN UB 7 34.79 10.16 49.78
C ASN UB 7 35.03 8.76 49.25
N GLY UB 8 35.28 7.84 50.16
CA GLY UB 8 35.33 6.43 49.83
C GLY UB 8 36.69 5.94 49.40
N ARG UB 9 37.19 6.42 48.28
CA ARG UB 9 38.40 5.88 47.70
C ARG UB 9 39.63 6.56 48.28
N ALA UB 10 40.78 6.34 47.67
CA ALA UB 10 42.03 6.94 48.09
C ALA UB 10 42.78 7.54 46.90
N LYS UB 11 42.04 8.07 45.93
CA LYS UB 11 42.60 8.97 44.93
C LYS UB 11 42.74 10.35 45.55
N LYS UB 12 43.96 10.77 45.78
CA LYS UB 12 44.17 12.07 46.40
C LYS UB 12 45.01 13.02 45.57
N GLY UB 13 46.07 12.54 44.92
CA GLY UB 13 46.83 13.42 44.07
C GLY UB 13 46.48 13.21 42.62
N ARG UB 14 45.85 12.08 42.32
CA ARG UB 14 45.60 11.67 40.94
C ARG UB 14 44.34 12.31 40.38
N GLY UB 15 43.96 11.83 39.19
CA GLY UB 15 42.66 12.09 38.63
C GLY UB 15 41.98 10.82 38.17
N HIS UB 16 42.73 9.74 37.97
CA HIS UB 16 42.14 8.52 37.41
C HIS UB 16 42.97 7.31 37.75
N VAL UB 17 42.36 6.32 38.39
CA VAL UB 17 42.98 5.03 38.69
C VAL UB 17 42.26 4.00 37.84
N GLN UB 18 43.00 2.97 37.41
CA GLN UB 18 42.41 1.89 36.65
C GLN UB 18 41.40 1.11 37.48
N PRO UB 19 40.28 0.70 36.90
CA PRO UB 19 39.36 -0.17 37.63
C PRO UB 19 39.87 -1.60 37.66
N ILE UB 20 39.67 -2.26 38.79
CA ILE UB 20 39.84 -3.69 38.89
C ILE UB 20 38.48 -4.36 38.86
N ARG UB 21 38.29 -5.23 37.88
CA ARG UB 21 37.14 -6.10 37.80
C ARG UB 21 36.96 -6.93 39.06
N CYS UB 22 35.79 -6.83 39.67
CA CYS UB 22 35.49 -7.50 40.93
C CYS UB 22 35.42 -9.00 40.76
N THR UB 23 35.41 -9.71 41.88
CA THR UB 23 35.40 -11.17 41.82
C THR UB 23 33.99 -11.72 41.82
N ASN UB 24 33.14 -11.29 42.74
CA ASN UB 24 31.81 -11.89 42.85
C ASN UB 24 30.88 -11.39 41.77
N CYS UB 25 30.55 -10.10 41.80
CA CYS UB 25 29.58 -9.60 40.84
C CYS UB 25 30.22 -9.16 39.55
N ALA UB 26 31.56 -9.08 39.54
CA ALA UB 26 32.36 -8.63 38.40
C ALA UB 26 31.93 -7.25 37.93
N ARG UB 27 31.72 -6.35 38.87
CA ARG UB 27 31.55 -4.93 38.57
C ARG UB 27 32.88 -4.22 38.76
N CYS UB 28 33.28 -3.43 37.77
CA CYS UB 28 34.61 -2.83 37.77
C CYS UB 28 34.64 -1.67 38.74
N VAL UB 29 35.39 -1.85 39.82
CA VAL UB 29 35.55 -0.85 40.86
C VAL UB 29 37.00 -0.39 40.85
N PRO UB 30 37.27 0.90 40.86
CA PRO UB 30 38.64 1.39 41.01
C PRO UB 30 39.24 0.91 42.31
N LYS UB 31 40.50 0.47 42.24
CA LYS UB 31 41.08 -0.38 43.27
C LYS UB 31 41.35 0.36 44.57
N ASP UB 32 41.48 1.68 44.54
CA ASP UB 32 41.63 2.41 45.79
C ASP UB 32 40.30 2.64 46.50
N LYS UB 33 39.18 2.28 45.86
CA LYS UB 33 37.90 2.23 46.54
C LYS UB 33 37.57 0.82 47.01
N ALA UB 34 38.03 -0.19 46.29
CA ALA UB 34 37.58 -1.55 46.50
C ALA UB 34 38.06 -2.12 47.81
N ILE UB 35 37.28 -3.06 48.34
CA ILE UB 35 37.70 -3.81 49.51
C ILE UB 35 38.74 -4.83 49.06
N LYS UB 36 39.80 -4.96 49.83
CA LYS UB 36 41.00 -5.61 49.33
C LYS UB 36 41.57 -6.49 50.43
N LYS UB 37 41.76 -7.77 50.13
CA LYS UB 37 42.35 -8.67 51.12
C LYS UB 37 43.27 -9.65 50.42
N PHE UB 38 44.07 -10.36 51.22
CA PHE UB 38 45.04 -11.32 50.72
C PHE UB 38 45.06 -12.49 51.67
N VAL UB 39 44.68 -13.66 51.16
CA VAL UB 39 44.53 -14.86 51.99
C VAL UB 39 45.62 -15.86 51.65
N ILE UB 40 46.39 -16.26 52.66
CA ILE UB 40 47.31 -17.38 52.52
C ILE UB 40 46.52 -18.60 52.97
N ARG UB 41 45.72 -19.12 52.06
CA ARG UB 41 44.92 -20.29 52.39
C ARG UB 41 45.77 -21.53 52.12
N ASN UB 42 45.70 -22.47 53.04
CA ASN UB 42 46.45 -23.70 52.84
C ASN UB 42 45.73 -24.55 51.79
N ILE UB 43 46.49 -25.39 51.08
CA ILE UB 43 45.91 -26.09 49.94
C ILE UB 43 45.00 -27.21 50.38
N VAL UB 44 45.22 -27.74 51.57
CA VAL UB 44 44.38 -28.76 52.16
C VAL UB 44 43.96 -28.23 53.51
N GLU UB 45 42.67 -28.35 53.83
CA GLU UB 45 42.21 -27.85 55.11
C GLU UB 45 42.77 -28.72 56.22
N ALA UB 46 43.11 -28.05 57.34
CA ALA UB 46 44.06 -28.59 58.32
C ALA UB 46 43.58 -29.87 59.00
N ALA UB 47 42.27 -30.15 58.97
CA ALA UB 47 41.78 -31.42 59.44
C ALA UB 47 42.21 -32.56 58.53
N ALA UB 48 42.40 -32.28 57.25
CA ALA UB 48 42.71 -33.29 56.26
C ALA UB 48 44.18 -33.32 55.88
N VAL UB 49 45.02 -32.47 56.47
CA VAL UB 49 46.46 -32.60 56.25
C VAL UB 49 46.99 -33.79 57.03
N ARG UB 50 46.35 -34.10 58.16
CA ARG UB 50 46.80 -35.21 59.00
C ARG UB 50 46.54 -36.54 58.34
N ASP UB 51 45.52 -36.60 57.47
CA ASP UB 51 45.38 -37.69 56.52
C ASP UB 51 46.58 -37.75 55.58
N ILE UB 52 46.97 -36.60 55.05
CA ILE UB 52 47.96 -36.55 53.99
C ILE UB 52 49.40 -36.54 54.55
N SER UB 53 49.57 -36.11 55.80
CA SER UB 53 50.87 -36.24 56.46
C SER UB 53 51.23 -37.71 56.70
N GLU UB 54 50.21 -38.55 56.96
CA GLU UB 54 50.39 -39.98 57.23
C GLU UB 54 50.25 -40.85 56.00
N ALA UB 55 49.89 -40.32 54.83
CA ALA UB 55 49.81 -41.12 53.63
C ALA UB 55 50.83 -40.69 52.59
N SER UB 56 51.90 -40.05 53.01
CA SER UB 56 52.89 -39.51 52.10
C SER UB 56 54.21 -40.26 52.19
N VAL UB 57 54.95 -40.21 51.08
CA VAL UB 57 56.25 -40.87 51.00
C VAL UB 57 57.27 -40.12 51.82
N PHE UB 58 57.22 -38.79 51.78
CA PHE UB 58 58.21 -37.94 52.42
C PHE UB 58 57.97 -37.90 53.93
N ASP UB 59 58.88 -37.27 54.67
CA ASP UB 59 58.70 -37.07 56.11
C ASP UB 59 58.04 -35.75 56.44
N ALA UB 60 56.84 -35.55 55.87
CA ALA UB 60 56.13 -34.27 55.88
C ALA UB 60 57.03 -33.14 55.39
N TYR UB 61 57.73 -33.41 54.29
CA TYR UB 61 58.46 -32.35 53.59
C TYR UB 61 57.57 -31.58 52.65
N VAL UB 62 56.48 -32.19 52.19
CA VAL UB 62 55.57 -31.50 51.28
C VAL UB 62 54.54 -30.70 52.08
N LEU UB 63 54.70 -29.38 52.08
CA LEU UB 63 53.70 -28.44 52.60
C LEU UB 63 53.60 -27.25 51.66
N PRO UB 64 52.63 -27.22 50.76
CA PRO UB 64 52.44 -26.08 49.86
C PRO UB 64 51.30 -25.17 50.28
N LYS UB 65 51.36 -23.92 49.80
CA LYS UB 65 50.39 -22.89 50.14
C LYS UB 65 49.63 -22.43 48.90
N LEU UB 66 48.46 -21.85 49.10
CA LEU UB 66 47.62 -21.36 48.01
C LEU UB 66 47.38 -19.87 48.23
N TYR UB 67 47.99 -19.04 47.39
CA TYR UB 67 47.92 -17.59 47.48
C TYR UB 67 46.90 -17.07 46.48
N VAL UB 68 45.92 -16.31 46.96
CA VAL UB 68 44.93 -15.69 46.09
C VAL UB 68 44.86 -14.20 46.41
N LYS UB 69 45.14 -13.35 45.42
CA LYS UB 69 44.72 -11.96 45.48
C LYS UB 69 43.20 -11.94 45.37
N LEU UB 70 42.55 -11.91 46.51
CA LEU UB 70 41.10 -12.05 46.58
C LEU UB 70 40.55 -10.63 46.66
N HIS UB 71 39.73 -10.26 45.69
CA HIS UB 71 39.48 -8.84 45.42
C HIS UB 71 37.97 -8.58 45.37
N TYR UB 72 37.46 -7.85 46.35
CA TYR UB 72 36.03 -7.57 46.46
C TYR UB 72 35.68 -6.17 45.98
N CYS UB 73 34.39 -5.98 45.69
CA CYS UB 73 33.80 -4.65 45.58
C CYS UB 73 32.95 -4.37 46.80
N VAL UB 74 32.61 -3.08 46.98
CA VAL UB 74 31.94 -2.66 48.22
C VAL UB 74 30.47 -3.01 48.25
N SER UB 75 29.86 -3.39 47.13
CA SER UB 75 28.50 -3.91 47.19
C SER UB 75 28.50 -5.36 47.66
N CYS UB 76 29.36 -6.19 47.08
CA CYS UB 76 29.40 -7.59 47.46
C CYS UB 76 30.28 -7.85 48.67
N ALA UB 77 30.82 -6.79 49.29
CA ALA UB 77 31.60 -6.97 50.51
C ALA UB 77 30.70 -7.25 51.71
N ILE UB 78 29.80 -6.32 52.01
CA ILE UB 78 28.90 -6.47 53.14
C ILE UB 78 27.90 -7.57 52.84
N HIS UB 79 27.58 -7.75 51.56
CA HIS UB 79 26.69 -8.82 51.10
C HIS UB 79 27.27 -10.19 51.41
N SER UB 80 28.60 -10.27 51.50
CA SER UB 80 29.31 -11.46 51.95
C SER UB 80 29.87 -11.30 53.35
N LYS UB 81 29.53 -10.22 54.06
CA LYS UB 81 29.79 -10.04 55.49
C LYS UB 81 31.30 -10.08 55.79
N VAL UB 82 31.97 -9.02 55.31
CA VAL UB 82 33.37 -8.75 55.65
C VAL UB 82 33.52 -7.42 56.36
N VAL UB 83 32.77 -6.41 55.93
CA VAL UB 83 33.12 -5.00 56.16
C VAL UB 83 32.02 -4.33 56.98
N ARG UB 84 31.69 -4.93 58.14
CA ARG UB 84 30.66 -4.51 59.10
C ARG UB 84 30.47 -3.01 59.29
N ASN UB 85 29.24 -2.57 59.55
CA ASN UB 85 29.00 -1.18 59.93
C ASN UB 85 29.73 -0.82 61.21
N ARG UB 86 29.99 0.48 61.35
CA ARG UB 86 30.65 1.04 62.52
C ARG UB 86 29.88 2.31 62.88
N SER UB 87 30.44 3.12 63.77
CA SER UB 87 29.76 4.31 64.26
C SER UB 87 30.48 5.58 63.81
N ARG UB 88 29.89 6.72 64.18
CA ARG UB 88 30.29 8.01 63.62
C ARG UB 88 31.67 8.44 64.08
N GLU UB 89 32.08 8.01 65.26
CA GLU UB 89 33.49 8.14 65.62
C GLU UB 89 34.30 6.94 65.16
N ALA UB 90 33.65 5.81 64.92
CA ALA UB 90 34.35 4.60 64.54
C ALA UB 90 34.66 4.53 63.06
N ARG UB 91 34.12 5.44 62.26
CA ARG UB 91 34.59 5.53 60.87
C ARG UB 91 35.97 6.14 60.77
N LYS UB 92 36.40 6.89 61.80
CA LYS UB 92 37.72 7.50 61.79
C LYS UB 92 38.84 6.48 61.88
N ASP UB 93 38.53 5.25 62.28
CA ASP UB 93 39.50 4.37 62.86
C ASP UB 93 40.20 3.54 61.79
N ARG UB 94 41.31 2.93 62.18
CA ARG UB 94 42.24 2.31 61.25
C ARG UB 94 42.51 0.89 61.77
N THR UB 95 43.52 0.18 61.21
CA THR UB 95 43.77 -1.24 61.05
C THR UB 95 43.26 -2.17 62.16
N PRO UB 96 42.69 -3.31 61.79
CA PRO UB 96 42.03 -4.19 62.77
C PRO UB 96 43.04 -4.90 63.64
N PRO UB 97 42.62 -5.50 64.77
CA PRO UB 97 43.55 -6.29 65.59
C PRO UB 97 43.86 -7.68 65.04
N ALA VB 1 55.86 34.82 74.07
CA ALA VB 1 56.81 35.82 73.61
C ALA VB 1 57.93 35.16 72.80
N LYS VB 2 58.68 35.96 72.05
CA LYS VB 2 59.65 35.48 71.07
C LYS VB 2 60.60 36.62 70.74
N ASP VB 3 61.81 36.28 70.27
CA ASP VB 3 62.76 37.29 69.83
C ASP VB 3 62.94 37.25 68.33
N LEU VB 4 63.08 38.44 67.73
CA LEU VB 4 63.47 38.58 66.34
C LEU VB 4 64.83 39.22 66.18
N LEU VB 5 65.10 40.32 66.91
CA LEU VB 5 66.31 41.12 66.70
C LEU VB 5 67.57 40.33 67.00
N HIS VB 6 67.55 39.56 68.09
CA HIS VB 6 68.72 38.80 68.54
C HIS VB 6 68.39 37.32 68.59
N PRO VB 7 68.34 36.66 67.45
CA PRO VB 7 68.05 35.22 67.45
C PRO VB 7 69.31 34.45 67.81
N SER VB 8 69.19 33.13 67.79
CA SER VB 8 70.47 32.51 68.09
C SER VB 8 71.18 32.13 66.80
N PRO VB 9 72.52 32.30 66.72
CA PRO VB 9 73.26 31.79 65.57
C PRO VB 9 73.23 30.28 65.40
N GLU VB 10 72.74 29.54 66.40
CA GLU VB 10 72.29 28.18 66.15
C GLU VB 10 71.05 28.18 65.27
N GLU VB 11 70.09 29.06 65.56
CA GLU VB 11 68.79 29.02 64.90
C GLU VB 11 68.89 29.39 63.43
N GLU VB 12 69.82 30.30 63.09
CA GLU VB 12 69.77 30.95 61.80
C GLU VB 12 70.57 30.22 60.74
N LYS VB 13 71.57 29.43 61.14
CA LYS VB 13 72.15 28.47 60.21
C LYS VB 13 71.10 27.49 59.73
N ARG VB 14 70.29 26.98 60.66
CA ARG VB 14 69.25 26.02 60.35
C ARG VB 14 68.22 26.58 59.38
N LYS VB 15 67.85 27.84 59.53
CA LYS VB 15 66.85 28.46 58.65
C LYS VB 15 67.42 28.61 57.25
N HIS VB 16 66.50 28.75 56.30
CA HIS VB 16 66.85 28.79 54.89
C HIS VB 16 67.60 30.07 54.57
N LYS VB 17 68.44 29.96 53.53
CA LYS VB 17 69.33 30.93 52.91
C LYS VB 17 68.86 32.37 52.92
N LYS VB 18 67.64 32.59 52.48
CA LYS VB 18 67.07 33.92 52.30
C LYS VB 18 65.97 34.16 53.28
N LYS VB 19 65.83 33.29 54.27
CA LYS VB 19 64.82 33.39 55.31
C LYS VB 19 65.33 33.98 56.61
N ARG VB 20 66.63 34.23 56.73
CA ARG VB 20 67.15 34.87 57.92
C ARG VB 20 67.20 36.38 57.70
N LEU VB 21 67.86 37.08 58.59
CA LEU VB 21 67.74 38.53 58.61
C LEU VB 21 68.78 39.24 57.76
N VAL VB 22 69.88 38.58 57.45
CA VAL VB 22 70.95 39.19 56.67
C VAL VB 22 71.06 38.57 55.28
N GLN VB 23 70.57 37.35 55.08
CA GLN VB 23 70.40 36.66 53.80
C GLN VB 23 71.70 36.38 53.07
N SER VB 24 72.84 36.42 53.75
CA SER VB 24 74.10 36.16 53.07
C SER VB 24 74.21 34.68 52.72
N PRO VB 25 74.68 34.35 51.51
CA PRO VB 25 74.48 33.01 50.97
C PRO VB 25 75.38 31.98 51.61
N ASN VB 26 75.13 30.73 51.25
CA ASN VB 26 75.67 29.57 51.93
C ASN VB 26 76.84 28.93 51.20
N SER VB 27 77.23 29.46 50.05
CA SER VB 27 78.40 28.94 49.38
C SER VB 27 79.66 29.55 50.00
N TYR VB 28 80.80 29.08 49.54
CA TYR VB 28 82.09 29.62 49.95
C TYR VB 28 83.08 29.44 48.83
N PHE VB 29 84.15 30.22 48.87
CA PHE VB 29 85.27 30.02 47.97
C PHE VB 29 86.28 29.13 48.67
N MET VB 30 86.75 28.14 47.94
CA MET VB 30 87.65 27.13 48.49
C MET VB 30 88.97 27.21 47.75
N ASP VB 31 90.05 26.98 48.49
CA ASP VB 31 91.38 27.25 47.97
C ASP VB 31 91.99 25.91 47.56
N VAL VB 32 91.67 25.47 46.35
CA VAL VB 32 92.17 24.18 45.89
C VAL VB 32 93.66 24.29 45.61
N LYS VB 33 94.46 23.63 46.44
CA LYS VB 33 95.91 23.70 46.39
C LYS VB 33 96.43 22.38 45.82
N CYS VB 34 96.29 22.24 44.50
CA CYS VB 34 96.72 21.03 43.82
C CYS VB 34 98.25 21.00 43.75
N PRO VB 35 98.85 19.80 43.81
CA PRO VB 35 100.32 19.70 43.75
C PRO VB 35 100.93 19.80 42.36
N GLY VB 36 100.20 20.36 41.38
CA GLY VB 36 100.56 20.26 39.97
C GLY VB 36 101.90 20.85 39.57
N CYS VB 37 102.04 22.18 39.53
CA CYS VB 37 103.37 22.77 39.60
C CYS VB 37 103.50 23.77 40.74
N TYR VB 38 102.70 24.84 40.72
CA TYR VB 38 102.89 25.93 41.66
C TYR VB 38 101.60 26.56 42.17
N LYS VB 39 100.46 26.33 41.55
CA LYS VB 39 99.38 27.32 41.56
C LYS VB 39 98.33 27.00 42.60
N ILE VB 40 97.93 28.02 43.36
CA ILE VB 40 96.79 27.95 44.25
C ILE VB 40 95.57 28.45 43.49
N THR VB 41 94.53 27.64 43.44
CA THR VB 41 93.35 27.92 42.63
C THR VB 41 92.19 28.29 43.55
N THR VB 42 91.70 29.52 43.42
CA THR VB 42 90.45 29.88 44.06
C THR VB 42 89.30 29.44 43.16
N VAL VB 43 88.35 28.72 43.74
CA VAL VB 43 87.30 28.07 42.98
C VAL VB 43 86.04 28.04 43.82
N PHE VB 44 84.91 28.34 43.18
CA PHE VB 44 83.62 28.36 43.84
C PHE VB 44 83.20 26.95 44.22
N SER VB 45 82.63 26.79 45.42
CA SER VB 45 82.34 25.45 45.92
C SER VB 45 81.13 24.84 45.24
N HIS VB 46 80.11 25.65 44.99
CA HIS VB 46 78.90 25.19 44.32
C HIS VB 46 79.02 25.41 42.81
N ALA VB 47 80.06 24.80 42.24
CA ALA VB 47 80.51 25.12 40.90
C ALA VB 47 79.62 24.48 39.86
N GLN VB 48 79.84 24.87 38.60
CA GLN VB 48 79.08 24.33 37.49
C GLN VB 48 79.93 23.93 36.29
N THR VB 49 81.15 24.44 36.15
CA THR VB 49 82.05 24.02 35.08
C THR VB 49 83.12 23.08 35.64
N VAL VB 50 83.66 22.25 34.74
CA VAL VB 50 84.82 21.46 35.14
C VAL VB 50 86.01 22.40 35.32
N VAL VB 51 86.37 22.64 36.58
CA VAL VB 51 87.39 23.64 36.89
C VAL VB 51 88.74 23.01 36.60
N LEU VB 52 89.28 23.33 35.43
CA LEU VB 52 90.54 22.78 34.94
C LEU VB 52 91.61 23.82 35.17
N CYS VB 53 92.62 23.48 35.99
CA CYS VB 53 93.67 24.45 36.25
C CYS VB 53 94.54 24.64 35.01
N VAL VB 54 95.29 25.73 35.00
CA VAL VB 54 96.03 26.08 33.78
C VAL VB 54 97.44 25.52 33.76
N GLY VB 55 98.04 25.23 34.91
CA GLY VB 55 99.33 24.59 34.93
C GLY VB 55 99.23 23.10 34.76
N CYS VB 56 98.54 22.43 35.70
CA CYS VB 56 98.52 20.97 35.72
C CYS VB 56 97.61 20.41 34.65
N SER VB 57 96.55 21.15 34.30
CA SER VB 57 95.62 20.85 33.20
C SER VB 57 94.89 19.51 33.39
N THR VB 58 94.40 19.28 34.61
CA THR VB 58 93.43 18.22 34.85
C THR VB 58 92.22 18.74 35.64
N VAL VB 59 91.37 17.83 36.11
CA VAL VB 59 90.10 18.17 36.72
C VAL VB 59 90.29 18.50 38.19
N LEU VB 60 89.67 19.58 38.66
CA LEU VB 60 89.71 19.93 40.08
C LEU VB 60 88.35 19.90 40.74
N CYS VB 61 87.27 20.02 39.98
CA CYS VB 61 85.93 19.95 40.55
C CYS VB 61 85.03 19.18 39.60
N GLN VB 62 84.11 18.47 40.16
CA GLN VB 62 83.06 17.83 39.39
C GLN VB 62 81.82 18.70 39.41
N PRO VB 63 81.17 18.92 38.28
CA PRO VB 63 79.85 19.55 38.28
C PRO VB 63 78.82 18.58 38.84
N THR VB 64 78.22 18.96 39.96
CA THR VB 64 77.21 18.14 40.61
C THR VB 64 76.16 19.09 41.14
N GLY VB 65 74.90 18.68 41.09
CA GLY VB 65 73.85 19.41 41.78
C GLY VB 65 74.17 19.53 43.25
N GLY VB 66 74.09 20.74 43.77
CA GLY VB 66 74.54 21.01 45.12
C GLY VB 66 75.89 21.66 45.12
N LYS VB 67 76.93 20.92 45.47
CA LYS VB 67 78.26 21.48 45.43
C LYS VB 67 79.22 20.48 44.82
N ALA VB 68 80.29 21.01 44.25
CA ALA VB 68 81.33 20.19 43.66
C ALA VB 68 82.05 19.37 44.72
N ARG VB 69 82.66 18.28 44.29
CA ARG VB 69 83.56 17.51 45.14
C ARG VB 69 84.91 17.41 44.43
N LEU VB 70 85.93 17.10 45.21
CA LEU VB 70 87.30 17.21 44.71
C LEU VB 70 87.82 15.84 44.30
N THR VB 71 88.91 15.82 43.54
CA THR VB 71 89.20 14.58 42.83
C THR VB 71 90.13 13.64 43.60
N GLU VB 72 91.37 14.04 43.82
CA GLU VB 72 92.35 13.22 44.50
C GLU VB 72 93.38 14.10 45.17
N GLY VB 73 93.42 14.04 46.50
CA GLY VB 73 94.44 14.72 47.28
C GLY VB 73 94.46 16.23 47.11
N CYS VB 74 93.30 16.85 47.02
CA CYS VB 74 93.22 18.30 46.93
C CYS VB 74 92.70 18.85 48.23
N SER VB 75 93.43 19.81 48.77
CA SER VB 75 93.19 20.38 50.08
C SER VB 75 92.72 21.81 49.90
N PHE VB 76 91.99 22.30 50.89
CA PHE VB 76 91.33 23.59 50.71
C PHE VB 76 91.07 24.23 52.07
N ARG VB 77 90.66 25.48 51.99
CA ARG VB 77 90.27 26.28 53.15
C ARG VB 77 89.20 27.26 52.66
N ARG VB 78 89.02 28.33 53.41
CA ARG VB 78 88.15 29.42 53.00
C ARG VB 78 89.02 30.66 52.93
N LYS VB 79 88.72 31.54 51.99
CA LYS VB 79 89.28 32.89 52.01
C LYS VB 79 88.22 33.83 52.55
N GLN VB 80 88.58 34.55 53.60
CA GLN VB 80 87.65 35.31 54.41
C GLN VB 80 88.04 36.77 54.63
N GLN WB 1 30.02 -51.64 52.84
CA GLN WB 1 30.48 -50.62 53.77
C GLN WB 1 30.63 -51.16 55.18
N PRO WB 2 31.74 -50.86 55.84
CA PRO WB 2 31.81 -51.04 57.29
C PRO WB 2 31.21 -49.86 58.03
N ILE WB 3 30.52 -50.16 59.13
CA ILE WB 3 29.95 -49.15 60.03
C ILE WB 3 30.77 -49.15 61.31
N LYS WB 4 31.17 -47.97 61.76
CA LYS WB 4 32.02 -47.84 62.93
C LYS WB 4 31.38 -46.96 63.99
N LEU WB 5 31.89 -47.07 65.22
CA LEU WB 5 31.30 -46.45 66.40
C LEU WB 5 32.28 -45.47 67.03
N ALA WB 6 31.74 -44.59 67.88
CA ALA WB 6 32.53 -43.47 68.39
C ALA WB 6 31.86 -42.88 69.63
N ARG WB 7 32.69 -42.37 70.54
CA ARG WB 7 32.25 -41.63 71.72
C ARG WB 7 32.62 -40.17 71.58
N VAL WB 8 32.02 -39.31 72.41
CA VAL WB 8 32.05 -37.86 72.21
C VAL WB 8 33.14 -37.23 73.07
N THR WB 9 33.96 -36.36 72.46
CA THR WB 9 34.99 -35.67 73.22
C THR WB 9 34.37 -34.57 74.08
N LYS WB 10 33.82 -33.54 73.43
CA LYS WB 10 33.33 -32.34 74.08
C LYS WB 10 32.30 -31.69 73.16
N VAL WB 11 31.37 -30.96 73.75
CA VAL WB 11 30.22 -30.42 73.04
C VAL WB 11 30.53 -29.00 72.61
N LEU WB 12 30.40 -28.74 71.31
CA LEU WB 12 30.83 -27.47 70.73
C LEU WB 12 29.71 -26.44 70.70
N GLY WB 13 28.55 -26.79 70.17
CA GLY WB 13 27.48 -25.82 70.04
C GLY WB 13 26.27 -26.31 69.28
N ARG WB 14 25.09 -25.84 69.69
CA ARG WB 14 23.82 -26.31 69.15
C ARG WB 14 23.37 -25.39 68.03
N THR WB 15 23.08 -25.98 66.87
CA THR WB 15 22.85 -25.21 65.65
C THR WB 15 21.66 -25.89 64.96
N GLY WB 16 21.46 -25.58 63.69
CA GLY WB 16 20.25 -25.88 62.94
C GLY WB 16 19.61 -24.60 62.49
N SER WB 17 18.55 -24.74 61.70
CA SER WB 17 17.65 -23.62 61.56
C SER WB 17 16.88 -23.43 62.84
N GLN WB 18 16.38 -24.52 63.40
CA GLN WB 18 15.50 -24.52 64.55
C GLN WB 18 16.26 -24.55 65.87
N GLY WB 19 17.59 -24.64 65.83
CA GLY WB 19 18.35 -24.91 67.04
C GLY WB 19 18.05 -26.27 67.63
N GLN WB 20 17.74 -27.23 66.77
CA GLN WB 20 17.35 -28.57 67.17
C GLN WB 20 18.52 -29.53 67.29
N CYS WB 21 19.61 -29.30 66.56
CA CYS WB 21 20.70 -30.25 66.45
C CYS WB 21 21.95 -29.74 67.16
N THR WB 22 22.83 -30.67 67.51
CA THR WB 22 24.03 -30.38 68.29
C THR WB 22 25.26 -30.82 67.50
N GLN WB 23 26.17 -29.87 67.24
CA GLN WB 23 27.36 -30.16 66.45
C GLN WB 23 28.42 -30.84 67.31
N VAL WB 24 28.76 -32.06 66.94
CA VAL WB 24 29.54 -32.97 67.77
C VAL WB 24 30.82 -33.34 67.03
N ARG WB 25 31.94 -32.75 67.44
CA ARG WB 25 33.24 -33.38 67.26
C ARG WB 25 33.23 -34.63 68.13
N VAL WB 26 33.22 -35.81 67.52
CA VAL WB 26 32.85 -36.93 68.36
C VAL WB 26 34.10 -37.43 69.07
N GLU WB 27 34.81 -38.37 68.40
CA GLU WB 27 36.21 -38.76 68.46
C GLU WB 27 36.19 -40.03 67.63
N PHE WB 28 37.30 -40.72 67.45
CA PHE WB 28 37.26 -42.06 66.89
C PHE WB 28 37.53 -43.07 67.99
N MET WB 29 36.55 -43.90 68.33
CA MET WB 29 36.88 -45.15 69.01
C MET WB 29 37.32 -46.23 68.03
N ASP WB 30 37.54 -45.84 66.76
CA ASP WB 30 38.17 -46.64 65.74
C ASP WB 30 39.68 -46.59 65.86
N ASP WB 31 40.21 -45.45 66.28
CA ASP WB 31 41.63 -45.10 66.18
C ASP WB 31 41.96 -44.14 67.32
N THR WB 32 43.01 -43.33 67.12
CA THR WB 32 43.43 -42.31 68.07
C THR WB 32 42.37 -41.20 68.16
N SER WB 33 42.62 -40.18 68.98
CA SER WB 33 41.60 -39.19 69.28
C SER WB 33 41.43 -38.14 68.17
N ARG WB 34 41.40 -38.58 66.92
CA ARG WB 34 40.94 -37.81 65.79
C ARG WB 34 39.43 -37.88 65.79
N SER WB 35 38.78 -37.11 64.92
CA SER WB 35 37.33 -37.11 64.94
C SER WB 35 36.80 -36.65 63.60
N ILE WB 36 35.49 -36.69 63.49
CA ILE WB 36 34.74 -35.88 62.54
C ILE WB 36 33.70 -35.10 63.34
N ILE WB 37 33.47 -33.86 62.94
CA ILE WB 37 32.58 -32.96 63.65
C ILE WB 37 31.20 -33.15 63.01
N ARG WB 38 30.33 -33.90 63.70
CA ARG WB 38 29.08 -34.32 63.09
C ARG WB 38 27.88 -33.66 63.76
N ASN WB 39 26.77 -33.67 63.04
CA ASN WB 39 25.59 -32.88 63.36
C ASN WB 39 24.51 -33.85 63.84
N VAL WB 40 24.50 -34.10 65.15
CA VAL WB 40 23.66 -35.12 65.75
C VAL WB 40 22.43 -34.45 66.33
N LYS WB 41 21.25 -35.00 66.07
CA LYS WB 41 20.06 -34.55 66.76
C LYS WB 41 19.63 -35.58 67.80
N GLY WB 42 18.96 -35.10 68.84
CA GLY WB 42 18.60 -35.91 69.97
C GLY WB 42 19.33 -35.45 71.20
N PRO WB 43 18.81 -35.81 72.38
CA PRO WB 43 19.52 -35.46 73.62
C PRO WB 43 20.81 -36.25 73.73
N VAL WB 44 21.89 -35.53 74.05
CA VAL WB 44 23.24 -36.05 73.85
C VAL WB 44 24.15 -35.45 74.92
N ARG WB 45 25.11 -36.24 75.38
CA ARG WB 45 26.11 -35.85 76.36
C ARG WB 45 27.50 -36.12 75.78
N GLU WB 46 28.54 -35.69 76.49
CA GLU WB 46 29.88 -36.11 76.15
C GLU WB 46 30.04 -37.59 76.46
N GLY WB 47 30.88 -38.27 75.69
CA GLY WB 47 31.08 -39.68 75.89
C GLY WB 47 29.93 -40.56 75.44
N ASP WB 48 28.98 -40.03 74.67
CA ASP WB 48 27.86 -40.82 74.17
C ASP WB 48 28.24 -41.59 72.91
N VAL WB 49 27.70 -42.79 72.79
CA VAL WB 49 28.10 -43.70 71.73
C VAL WB 49 27.30 -43.36 70.48
N LEU WB 50 27.99 -43.22 69.34
CA LEU WB 50 27.38 -42.75 68.11
C LEU WB 50 27.61 -43.77 67.01
N THR WB 51 26.57 -44.03 66.20
CA THR WB 51 26.67 -44.95 65.07
C THR WB 51 26.93 -44.14 63.81
N LEU WB 52 28.16 -44.22 63.32
CA LEU WB 52 28.62 -43.42 62.19
C LEU WB 52 28.41 -44.17 60.90
N LEU WB 53 27.31 -43.87 60.21
CA LEU WB 53 27.06 -44.41 58.88
C LEU WB 53 27.78 -43.62 57.79
N GLU WB 54 28.55 -42.60 58.17
CA GLU WB 54 29.42 -41.87 57.25
C GLU WB 54 30.57 -41.30 58.05
N SER WB 55 31.81 -41.63 57.66
CA SER WB 55 33.00 -41.04 58.27
C SER WB 55 33.63 -39.98 57.39
N GLU WB 56 32.86 -39.40 56.46
CA GLU WB 56 33.41 -38.62 55.35
C GLU WB 56 33.05 -37.14 55.40
N ARG WB 57 31.77 -36.80 55.47
CA ARG WB 57 31.40 -35.39 55.52
C ARG WB 57 31.77 -34.82 56.88
N GLU WB 58 32.98 -34.27 57.00
CA GLU WB 58 33.47 -33.73 58.26
C GLU WB 58 33.19 -32.24 58.25
N ALA WB 59 32.10 -31.84 58.90
CA ALA WB 59 31.48 -30.54 58.71
C ALA WB 59 31.78 -29.64 59.89
N ARG WB 60 32.34 -28.46 59.61
CA ARG WB 60 32.80 -27.55 60.66
C ARG WB 60 32.00 -26.25 60.61
N ARG WB 61 31.48 -25.85 61.76
CA ARG WB 61 30.80 -24.56 61.93
C ARG WB 61 31.18 -24.03 63.30
N LEU WB 62 31.61 -22.77 63.35
CA LEU WB 62 32.26 -22.21 64.54
C LEU WB 62 31.34 -22.11 65.75
N GLN XB 1 -58.80 1.72 88.51
CA GLN XB 1 -57.51 1.96 87.88
C GLN XB 1 -56.96 0.67 87.36
N LEU XB 2 -55.87 0.77 86.59
CA LEU XB 2 -55.06 -0.40 86.25
C LEU XB 2 -53.58 0.04 86.29
N TYR XB 3 -52.99 0.01 87.48
CA TYR XB 3 -51.59 0.35 87.66
C TYR XB 3 -50.70 -0.86 87.84
N TRP XB 4 -51.29 -2.03 88.07
CA TRP XB 4 -50.50 -3.23 88.32
C TRP XB 4 -51.30 -4.47 87.97
N SER XB 5 -50.89 -5.14 86.91
CA SER XB 5 -51.15 -6.55 86.69
C SER XB 5 -49.78 -7.16 86.43
N HIS XB 6 -49.71 -8.41 85.95
CA HIS XB 6 -48.46 -9.17 85.78
C HIS XB 6 -47.66 -9.30 87.07
N PRO XB 7 -47.93 -10.35 87.88
CA PRO XB 7 -47.41 -10.50 89.26
C PRO XB 7 -46.00 -10.04 89.65
N ARG XB 8 -44.98 -10.44 88.88
CA ARG XB 8 -43.55 -10.21 89.18
C ARG XB 8 -43.14 -10.80 90.54
N LYS XB 9 -43.83 -11.83 91.00
CA LYS XB 9 -43.58 -12.33 92.34
C LYS XB 9 -42.41 -13.28 92.39
N PHE XB 10 -41.85 -13.61 91.23
CA PHE XB 10 -40.59 -14.31 91.08
C PHE XB 10 -39.94 -13.74 89.82
N GLY XB 11 -38.92 -14.40 89.32
CA GLY XB 11 -38.38 -14.05 88.02
C GLY XB 11 -37.48 -12.85 88.02
N GLN XB 12 -37.58 -12.04 86.96
CA GLN XB 12 -36.65 -10.93 86.80
C GLN XB 12 -37.11 -9.69 87.55
N GLY XB 13 -38.43 -9.52 87.70
CA GLY XB 13 -38.96 -8.30 88.28
C GLY XB 13 -38.70 -8.15 89.77
N SER XB 14 -38.37 -9.24 90.45
CA SER XB 14 -38.14 -9.18 91.88
C SER XB 14 -36.73 -8.69 92.22
N ARG XB 15 -35.73 -9.19 91.50
CA ARG XB 15 -34.36 -9.01 91.93
C ARG XB 15 -33.92 -7.60 91.59
N SER XB 16 -33.52 -6.85 92.61
CA SER XB 16 -33.19 -5.44 92.40
C SER XB 16 -31.79 -5.14 92.88
N CYS XB 17 -31.26 -4.02 92.41
CA CYS XB 17 -30.03 -3.51 92.96
C CYS XB 17 -30.31 -2.68 94.21
N ARG XB 18 -29.41 -2.77 95.17
CA ARG XB 18 -29.46 -2.05 96.43
C ARG XB 18 -28.74 -0.69 96.34
N VAL XB 19 -28.11 -0.43 95.21
CA VAL XB 19 -27.28 0.76 95.05
C VAL XB 19 -27.80 1.69 93.95
N CYS XB 20 -28.35 1.14 92.87
CA CYS XB 20 -28.71 2.01 91.77
C CYS XB 20 -30.06 1.66 91.14
N SER XB 21 -30.76 0.66 91.67
CA SER XB 21 -32.10 0.24 91.25
C SER XB 21 -32.17 -0.14 89.77
N ASN XB 22 -31.46 -1.21 89.41
CA ASN XB 22 -31.51 -1.73 88.04
C ASN XB 22 -31.33 -3.25 88.07
N ARG XB 23 -31.78 -3.88 86.99
CA ARG XB 23 -31.90 -5.33 86.91
C ARG XB 23 -31.46 -5.92 85.56
N HIS XB 24 -30.66 -5.19 84.78
CA HIS XB 24 -30.12 -5.74 83.53
C HIS XB 24 -29.23 -6.94 83.81
N GLY XB 25 -28.10 -6.70 84.49
CA GLY XB 25 -27.26 -7.78 84.93
C GLY XB 25 -27.88 -8.58 86.05
N LEU XB 26 -27.29 -9.73 86.31
CA LEU XB 26 -27.89 -10.62 87.28
C LEU XB 26 -27.57 -10.13 88.69
N ILE XB 27 -28.43 -10.51 89.62
CA ILE XB 27 -28.43 -9.99 90.98
C ILE XB 27 -28.51 -11.18 91.94
N ARG XB 28 -27.67 -11.19 92.96
CA ARG XB 28 -27.40 -12.37 93.74
C ARG XB 28 -28.03 -12.29 95.13
N LYS XB 29 -27.97 -13.39 95.86
CA LYS XB 29 -28.60 -13.54 97.19
C LYS XB 29 -27.52 -13.88 98.21
N TYR XB 30 -26.79 -12.87 98.67
CA TYR XB 30 -25.58 -13.10 99.46
C TYR XB 30 -25.62 -12.38 100.80
N GLY XB 31 -26.79 -11.99 101.28
CA GLY XB 31 -26.83 -10.84 102.16
C GLY XB 31 -26.53 -9.56 101.42
N LEU XB 32 -26.68 -9.59 100.09
CA LEU XB 32 -26.11 -8.60 99.19
C LEU XB 32 -26.75 -8.77 97.82
N ASN XB 33 -27.34 -7.70 97.30
CA ASN XB 33 -28.05 -7.65 96.00
C ASN XB 33 -27.31 -6.68 95.07
N MET XB 34 -26.33 -7.15 94.32
CA MET XB 34 -25.58 -6.24 93.48
C MET XB 34 -25.64 -6.61 92.01
N CYS XB 35 -25.17 -5.69 91.17
CA CYS XB 35 -25.26 -5.85 89.71
C CYS XB 35 -24.10 -6.69 89.18
N ARG XB 36 -22.91 -6.46 89.73
CA ARG XB 36 -21.50 -6.57 89.33
C ARG XB 36 -21.01 -5.35 88.57
N GLN XB 37 -21.88 -4.44 88.13
CA GLN XB 37 -21.33 -3.24 87.54
C GLN XB 37 -20.91 -2.27 88.62
N CYS XB 38 -21.64 -2.29 89.72
CA CYS XB 38 -21.37 -1.48 90.90
C CYS XB 38 -21.11 -2.31 92.13
N PHE XB 39 -21.00 -3.64 92.01
CA PHE XB 39 -20.40 -4.41 93.08
C PHE XB 39 -18.92 -4.12 93.23
N ARG XB 40 -18.18 -4.14 92.13
CA ARG XB 40 -16.72 -4.02 92.21
C ARG XB 40 -16.28 -2.66 92.71
N GLN XB 41 -17.01 -1.61 92.35
CA GLN XB 41 -16.71 -0.27 92.85
C GLN XB 41 -16.79 -0.23 94.37
N TYR XB 42 -17.76 -0.93 94.95
CA TYR XB 42 -18.15 -0.77 96.34
C TYR XB 42 -17.81 -1.99 97.17
N ALA XB 43 -16.92 -2.85 96.68
CA ALA XB 43 -16.35 -3.90 97.51
C ALA XB 43 -15.17 -3.38 98.34
N LYS XB 44 -14.48 -2.35 97.85
CA LYS XB 44 -13.40 -1.71 98.59
C LYS XB 44 -13.89 -0.94 99.81
N ASP XB 45 -15.19 -0.67 99.87
CA ASP XB 45 -15.80 -0.11 101.07
C ASP XB 45 -16.17 -1.22 102.07
N ILE XB 46 -16.81 -2.29 101.57
CA ILE XB 46 -17.37 -3.31 102.43
C ILE XB 46 -16.40 -4.41 102.78
N GLY XB 47 -15.20 -4.40 102.19
CA GLY XB 47 -14.19 -5.36 102.57
C GLY XB 47 -14.24 -6.70 101.85
N PHE XB 48 -14.05 -6.67 100.53
CA PHE XB 48 -13.70 -7.85 99.76
C PHE XB 48 -12.34 -7.69 99.11
N ILE XB 49 -11.49 -8.71 99.27
CA ILE XB 49 -10.09 -8.68 98.89
C ILE XB 49 -9.83 -9.77 97.87
N LYS XB 50 -8.88 -9.52 96.98
CA LYS XB 50 -8.74 -10.31 95.76
C LYS XB 50 -7.76 -11.47 95.90
N LEU XB 51 -6.72 -11.29 96.72
CA LEU XB 51 -5.70 -12.31 97.02
C LEU XB 51 -4.99 -12.86 95.78
N HIS YB 1 -22.30 24.52 36.27
CA HIS YB 1 -21.94 23.26 36.89
C HIS YB 1 -22.78 23.06 38.14
N GLY YB 2 -22.42 23.78 39.19
CA GLY YB 2 -23.19 23.84 40.41
C GLY YB 2 -24.08 25.06 40.46
N SER YB 3 -24.79 25.19 41.57
CA SER YB 3 -25.82 26.22 41.68
C SER YB 3 -25.23 27.52 42.18
N LEU YB 4 -25.87 28.62 41.76
CA LEU YB 4 -25.75 29.93 42.37
C LEU YB 4 -26.96 30.19 43.28
N ALA YB 5 -27.45 29.14 43.94
CA ALA YB 5 -28.77 29.20 44.54
C ALA YB 5 -28.78 29.95 45.86
N ARG YB 6 -28.03 29.44 46.83
CA ARG YB 6 -28.11 29.91 48.21
C ARG YB 6 -27.36 31.23 48.33
N ALA YB 7 -27.96 32.28 47.79
CA ALA YB 7 -27.34 33.59 47.76
C ALA YB 7 -27.68 34.26 49.08
N GLY YB 8 -26.89 33.96 50.11
CA GLY YB 8 -27.16 34.48 51.44
C GLY YB 8 -28.14 33.63 52.21
N LYS YB 9 -27.77 32.37 52.44
CA LYS YB 9 -28.58 31.47 53.27
C LYS YB 9 -28.68 31.98 54.70
N VAL YB 10 -27.56 32.41 55.28
CA VAL YB 10 -27.57 32.91 56.64
C VAL YB 10 -28.17 34.31 56.72
N ARG YB 11 -27.86 35.18 55.75
CA ARG YB 11 -28.39 36.54 55.76
C ARG YB 11 -29.87 36.55 55.42
N GLY YB 12 -30.37 35.49 54.78
CA GLY YB 12 -31.80 35.30 54.69
C GLY YB 12 -32.41 34.74 55.95
N GLN YB 13 -31.70 33.85 56.64
CA GLN YB 13 -32.15 33.28 57.91
C GLN YB 13 -31.62 34.05 59.11
N THR YB 14 -31.60 35.37 59.04
CA THR YB 14 -31.16 36.17 60.17
C THR YB 14 -32.35 36.57 61.03
N PRO YB 15 -32.41 36.15 62.29
CA PRO YB 15 -33.38 36.73 63.21
C PRO YB 15 -32.92 38.11 63.64
N LYS YB 16 -33.55 39.13 63.09
CA LYS YB 16 -33.09 40.49 63.29
C LYS YB 16 -33.40 40.96 64.71
N VAL YB 17 -32.56 41.85 65.22
CA VAL YB 17 -32.78 42.53 66.48
C VAL YB 17 -32.63 44.01 66.24
N ALA YB 18 -33.61 44.79 66.69
CA ALA YB 18 -33.56 46.24 66.53
C ALA YB 18 -32.51 46.86 67.42
N LYS YB 19 -31.77 47.81 66.88
CA LYS YB 19 -30.66 48.41 67.61
C LYS YB 19 -31.21 49.44 68.58
N GLN YB 20 -31.12 49.13 69.88
CA GLN YB 20 -31.82 49.86 70.92
C GLN YB 20 -31.09 51.16 71.29
N GLU YB 21 -31.85 52.06 71.90
CA GLU YB 21 -31.37 53.41 72.18
C GLU YB 21 -30.35 53.43 73.31
N LYS YB 22 -29.25 54.11 73.06
CA LYS YB 22 -28.18 54.35 74.00
C LYS YB 22 -27.82 55.83 73.90
N LYS YB 23 -27.43 56.45 75.02
CA LYS YB 23 -27.22 57.89 75.01
C LYS YB 23 -25.97 58.26 74.23
N LYS YB 24 -26.03 59.41 73.56
CA LYS YB 24 -25.02 59.79 72.58
C LYS YB 24 -23.71 60.18 73.26
N LYS YB 25 -22.62 59.86 72.59
CA LYS YB 25 -21.31 59.79 73.22
C LYS YB 25 -20.49 61.05 72.95
N LYS YB 26 -19.78 61.49 73.99
CA LYS YB 26 -18.81 62.56 73.87
C LYS YB 26 -17.65 62.16 72.98
N THR YB 27 -17.02 63.16 72.35
CA THR YB 27 -15.94 62.92 71.41
C THR YB 27 -14.76 63.82 71.74
N GLY YB 28 -13.69 63.64 70.98
CA GLY YB 28 -12.57 64.56 70.92
C GLY YB 28 -11.77 64.73 72.20
N ARG YB 29 -11.86 65.91 72.81
CA ARG YB 29 -11.27 66.15 74.12
C ARG YB 29 -11.90 65.23 75.16
N ALA YB 30 -13.21 65.12 75.13
CA ALA YB 30 -13.95 64.59 76.27
C ALA YB 30 -14.04 63.06 76.28
N LYS YB 31 -13.99 62.41 75.11
CA LYS YB 31 -13.94 60.96 75.13
C LYS YB 31 -12.61 60.46 75.66
N ARG YB 32 -11.50 61.01 75.15
CA ARG YB 32 -10.18 60.70 75.68
C ARG YB 32 -9.99 61.22 77.10
N ARG YB 33 -10.85 62.14 77.55
CA ARG YB 33 -10.85 62.51 78.97
C ARG YB 33 -11.34 61.33 79.81
N MET YB 34 -12.44 60.69 79.42
CA MET YB 34 -12.90 59.54 80.19
C MET YB 34 -12.16 58.25 79.85
N GLN YB 35 -11.46 58.20 78.70
CA GLN YB 35 -10.59 57.06 78.43
C GLN YB 35 -9.42 57.05 79.40
N TYR YB 36 -8.83 58.22 79.66
CA TYR YB 36 -7.80 58.34 80.68
C TYR YB 36 -8.35 58.06 82.07
N ASN YB 37 -9.50 58.66 82.39
CA ASN YB 37 -10.08 58.56 83.73
C ASN YB 37 -10.63 57.17 84.03
N ARG YB 38 -10.66 56.27 83.06
CA ARG YB 38 -11.17 54.92 83.26
C ARG YB 38 -10.09 53.99 83.80
N ARG YB 39 -8.85 54.15 83.34
CA ARG YB 39 -7.89 53.09 83.50
C ARG YB 39 -6.48 53.49 83.88
N PHE YB 40 -6.19 54.78 84.05
CA PHE YB 40 -4.84 55.13 84.48
C PHE YB 40 -4.76 55.84 85.81
N VAL YB 41 -5.68 56.75 86.10
CA VAL YB 41 -5.61 57.53 87.33
C VAL YB 41 -6.24 56.78 88.51
N ASN YB 42 -6.84 55.61 88.26
CA ASN YB 42 -7.84 55.07 89.17
C ASN YB 42 -7.85 53.57 89.43
N VAL YB 43 -7.02 52.78 88.75
CA VAL YB 43 -7.08 51.33 88.90
C VAL YB 43 -6.21 50.88 90.07
N VAL YB 44 -5.23 51.70 90.44
CA VAL YB 44 -4.17 51.41 91.40
C VAL YB 44 -4.60 50.87 92.78
N PRO YB 45 -5.87 51.02 93.28
CA PRO YB 45 -6.31 50.12 94.35
C PRO YB 45 -6.43 48.63 94.02
N THR YB 46 -6.13 48.18 92.80
CA THR YB 46 -5.85 46.77 92.57
C THR YB 46 -4.44 46.67 92.02
N PHE YB 47 -4.01 45.42 91.76
CA PHE YB 47 -2.68 45.18 91.23
C PHE YB 47 -2.74 45.31 89.70
N GLY YB 48 -1.70 44.85 89.00
CA GLY YB 48 -1.64 45.10 87.57
C GLY YB 48 -1.36 43.93 86.66
N LYS YB 49 -1.85 42.73 86.98
CA LYS YB 49 -1.59 41.57 86.14
C LYS YB 49 -2.82 41.09 85.37
N LYS YB 50 -4.00 41.30 85.93
CA LYS YB 50 -5.23 40.92 85.25
C LYS YB 50 -5.62 41.94 84.20
N LYS YB 51 -6.23 41.46 83.13
CA LYS YB 51 -6.50 42.24 81.93
C LYS YB 51 -7.95 42.02 81.54
N GLY YB 52 -8.85 42.85 82.09
CA GLY YB 52 -10.26 42.66 81.87
C GLY YB 52 -11.09 43.81 81.28
N PRO YB 53 -10.65 44.49 80.20
CA PRO YB 53 -11.50 45.57 79.66
C PRO YB 53 -12.76 45.08 79.01
N ASN YB 54 -12.79 43.82 78.59
CA ASN YB 54 -14.00 43.14 78.17
C ASN YB 54 -13.78 41.67 78.43
N ALA YB 55 -14.54 41.09 79.36
CA ALA YB 55 -14.34 39.70 79.74
C ALA YB 55 -15.66 39.06 80.18
N LYS ZB 1 -31.22 6.71 64.30
CA LYS ZB 1 -31.32 7.20 62.94
C LYS ZB 1 -32.11 8.51 62.88
N ARG ZB 2 -33.25 8.48 62.18
CA ARG ZB 2 -33.96 9.67 61.71
C ARG ZB 2 -35.46 9.55 61.96
N LYS ZB 3 -35.83 9.25 63.21
CA LYS ZB 3 -37.18 8.77 63.57
C LYS ZB 3 -38.06 9.94 64.03
N LYS ZB 4 -38.75 10.59 63.09
CA LYS ZB 4 -39.63 11.73 63.35
C LYS ZB 4 -41.07 11.26 63.38
N LYS ZB 5 -41.75 11.50 64.50
CA LYS ZB 5 -43.07 10.96 64.75
C LYS ZB 5 -44.16 12.02 64.68
N SER ZB 6 -45.27 11.65 64.08
CA SER ZB 6 -46.51 12.41 64.14
C SER ZB 6 -47.64 11.46 63.85
N TYR ZB 7 -48.87 11.96 63.96
CA TYR ZB 7 -50.03 11.10 64.01
C TYR ZB 7 -50.59 10.85 62.62
N THR ZB 8 -51.18 9.68 62.44
CA THR ZB 8 -51.80 9.28 61.19
C THR ZB 8 -53.30 9.46 61.21
N THR ZB 9 -53.81 10.17 62.20
CA THR ZB 9 -55.22 10.48 62.43
C THR ZB 9 -56.15 9.26 62.49
N PRO ZB 10 -55.91 8.21 63.33
CA PRO ZB 10 -57.07 7.36 63.65
C PRO ZB 10 -57.96 7.94 64.75
N LYS ZB 11 -57.37 8.42 65.84
CA LYS ZB 11 -58.12 8.79 67.04
C LYS ZB 11 -57.77 10.21 67.42
N LYS ZB 12 -58.71 10.91 68.03
CA LYS ZB 12 -58.50 12.28 68.47
C LYS ZB 12 -58.65 12.38 69.98
N ASN ZB 13 -58.68 13.61 70.50
CA ASN ZB 13 -58.73 13.85 71.94
C ASN ZB 13 -60.18 13.73 72.41
N LYS ZB 14 -60.63 12.48 72.50
CA LYS ZB 14 -61.90 12.15 73.14
C LYS ZB 14 -61.78 12.36 74.66
N HIS ZB 15 -62.43 13.41 75.14
CA HIS ZB 15 -62.00 14.11 76.33
C HIS ZB 15 -62.39 13.39 77.62
N LYS ZB 16 -61.58 13.62 78.65
CA LYS ZB 16 -61.97 13.43 80.04
C LYS ZB 16 -63.10 14.40 80.37
N ARG ZB 17 -63.93 14.03 81.34
CA ARG ZB 17 -65.29 14.57 81.44
C ARG ZB 17 -65.33 16.06 81.77
N LYS ZB 18 -66.01 16.81 80.90
CA LYS ZB 18 -66.36 18.21 81.16
C LYS ZB 18 -67.55 18.23 82.12
N LYS ZB 19 -67.30 18.65 83.36
CA LYS ZB 19 -68.26 18.40 84.45
C LYS ZB 19 -69.47 19.33 84.29
N VAL ZB 20 -70.33 18.94 83.37
CA VAL ZB 20 -71.53 19.72 83.03
C VAL ZB 20 -72.58 19.55 84.12
N LYS ZB 21 -72.96 20.67 84.74
CA LYS ZB 21 -73.95 20.65 85.80
C LYS ZB 21 -74.95 21.78 85.60
N LEU ZB 22 -75.85 21.96 86.57
CA LEU ZB 22 -76.84 23.02 86.56
C LEU ZB 22 -76.23 24.23 87.27
N ALA ZB 23 -77.04 25.23 87.62
CA ALA ZB 23 -76.50 26.34 88.42
C ALA ZB 23 -76.17 25.86 89.83
N VAL ZB 24 -77.19 25.48 90.60
CA VAL ZB 24 -77.05 24.57 91.73
C VAL ZB 24 -78.14 23.52 91.57
N LEU ZB 25 -78.10 22.50 92.39
CA LEU ZB 25 -79.00 21.36 92.24
C LEU ZB 25 -79.89 21.27 93.46
N LYS ZB 26 -81.21 21.37 93.22
CA LYS ZB 26 -82.22 21.59 94.24
C LYS ZB 26 -83.02 20.31 94.44
N TYR ZB 27 -83.26 19.96 95.70
CA TYR ZB 27 -83.74 18.60 95.98
C TYR ZB 27 -84.91 18.52 96.94
N TYR ZB 28 -85.10 19.52 97.79
CA TYR ZB 28 -86.08 19.47 98.86
C TYR ZB 28 -87.32 20.26 98.48
N LYS ZB 29 -88.43 20.00 99.17
CA LYS ZB 29 -89.68 20.71 98.91
C LYS ZB 29 -90.38 21.14 100.20
N VAL ZB 30 -90.76 22.42 100.24
CA VAL ZB 30 -91.53 22.99 101.36
C VAL ZB 30 -93.01 22.88 101.06
N ASP ZB 31 -93.74 22.16 101.91
CA ASP ZB 31 -95.21 22.11 101.87
C ASP ZB 31 -95.76 22.36 103.27
N GLU ZB 32 -97.00 22.88 103.32
CA GLU ZB 32 -97.65 23.39 104.54
C GLU ZB 32 -96.80 24.43 105.27
N ASN ZB 33 -95.95 25.14 104.51
CA ASN ZB 33 -94.90 26.01 105.01
C ASN ZB 33 -94.04 25.32 106.08
N GLY ZB 34 -93.43 24.21 105.69
CA GLY ZB 34 -92.50 23.57 106.60
C GLY ZB 34 -92.50 22.06 106.69
N LYS ZB 35 -93.15 21.35 105.78
CA LYS ZB 35 -93.09 19.88 105.79
C LYS ZB 35 -91.99 19.41 104.85
N ILE ZB 36 -91.13 18.55 105.39
CA ILE ZB 36 -89.97 18.03 104.67
C ILE ZB 36 -90.45 16.95 103.70
N SER ZB 37 -90.30 17.22 102.40
CA SER ZB 37 -90.68 16.26 101.37
C SER ZB 37 -89.45 15.85 100.58
N ARG ZB 38 -88.91 14.69 100.91
CA ARG ZB 38 -87.66 14.22 100.32
C ARG ZB 38 -88.02 13.32 99.14
N LEU ZB 39 -87.59 13.73 97.95
CA LEU ZB 39 -88.08 13.16 96.70
C LEU ZB 39 -87.20 12.05 96.16
N ARG ZB 40 -85.89 12.15 96.32
CA ARG ZB 40 -84.95 11.14 95.87
C ARG ZB 40 -84.54 10.29 97.08
N ARG ZB 41 -84.75 8.98 96.95
CA ARG ZB 41 -84.96 8.08 98.07
C ARG ZB 41 -83.72 7.94 98.96
N GLU ZB 42 -83.94 7.70 100.25
CA GLU ZB 42 -82.86 7.30 101.16
C GLU ZB 42 -82.40 5.88 100.86
N CYS ZB 43 -81.25 5.53 101.44
CA CYS ZB 43 -80.44 4.39 101.02
C CYS ZB 43 -80.15 3.49 102.22
N PRO ZB 44 -80.06 2.17 102.00
CA PRO ZB 44 -79.74 1.24 103.09
C PRO ZB 44 -78.35 1.46 103.64
N SER ZB 45 -78.27 1.66 104.96
CA SER ZB 45 -77.04 2.07 105.63
C SER ZB 45 -76.06 0.91 105.68
N ASP ZB 46 -75.14 0.89 104.72
CA ASP ZB 46 -73.93 0.07 104.78
C ASP ZB 46 -72.73 0.88 105.27
N GLU ZB 47 -73.01 1.85 106.16
CA GLU ZB 47 -72.09 2.90 106.62
C GLU ZB 47 -71.53 3.72 105.46
N CYS ZB 48 -72.30 3.81 104.36
CA CYS ZB 48 -72.05 4.77 103.29
C CYS ZB 48 -73.23 5.72 103.11
N GLY ZB 49 -74.42 5.20 102.87
CA GLY ZB 49 -75.54 5.99 102.43
C GLY ZB 49 -76.53 6.41 103.50
N ALA ZB 50 -76.06 6.49 104.75
CA ALA ZB 50 -76.90 6.96 105.85
C ALA ZB 50 -77.17 8.46 105.77
N GLY ZB 51 -76.34 9.20 105.05
CA GLY ZB 51 -76.61 10.60 104.74
C GLY ZB 51 -76.47 10.91 103.27
N VAL ZB 52 -76.05 9.91 102.49
CA VAL ZB 52 -75.80 10.06 101.06
C VAL ZB 52 -77.10 9.78 100.31
N PHE ZB 53 -77.36 10.56 99.26
CA PHE ZB 53 -78.54 10.44 98.43
C PHE ZB 53 -78.27 9.50 97.25
N MET ZB 54 -79.31 9.30 96.44
CA MET ZB 54 -79.25 8.37 95.32
C MET ZB 54 -79.33 9.09 93.98
N ALA ZB 55 -78.57 8.60 93.02
CA ALA ZB 55 -78.67 9.04 91.64
C ALA ZB 55 -79.74 8.22 90.94
N SER ZB 56 -80.65 8.89 90.27
CA SER ZB 56 -81.71 8.20 89.56
C SER ZB 56 -81.18 7.66 88.23
N HIS ZB 57 -81.58 6.44 87.91
CA HIS ZB 57 -81.35 5.81 86.62
C HIS ZB 57 -82.67 5.17 86.23
N PHE ZB 58 -82.69 4.37 85.16
CA PHE ZB 58 -83.94 3.80 84.67
C PHE ZB 58 -84.49 2.77 85.66
N ASP ZB 59 -83.64 1.86 86.13
CA ASP ZB 59 -83.99 1.03 87.28
C ASP ZB 59 -82.81 0.83 88.21
N ARG ZB 60 -81.71 1.54 88.00
CA ARG ZB 60 -80.58 1.55 88.94
C ARG ZB 60 -80.72 2.75 89.87
N HIS ZB 61 -80.15 2.63 91.06
CA HIS ZB 61 -80.18 3.72 92.05
C HIS ZB 61 -78.86 3.73 92.78
N TYR ZB 62 -78.08 4.80 92.63
CA TYR ZB 62 -76.66 4.78 92.95
C TYR ZB 62 -76.40 5.19 94.40
N CYS ZB 63 -75.35 4.60 94.99
CA CYS ZB 63 -74.85 4.99 96.31
C CYS ZB 63 -73.48 5.62 96.17
N GLY ZB 64 -73.31 6.78 96.80
CA GLY ZB 64 -72.21 7.68 96.46
C GLY ZB 64 -70.84 7.12 96.81
N LYS ZB 65 -70.69 6.61 98.02
CA LYS ZB 65 -69.39 6.12 98.46
C LYS ZB 65 -69.08 4.75 97.86
N CYS ZB 66 -69.91 3.75 98.19
CA CYS ZB 66 -69.54 2.35 97.97
C CYS ZB 66 -70.54 1.59 97.12
N CYS ZB 67 -71.37 2.30 96.35
CA CYS ZB 67 -72.02 1.78 95.13
C CYS ZB 67 -73.02 0.67 95.41
N LEU ZB 68 -73.70 0.74 96.55
CA LEU ZB 68 -74.79 -0.19 96.86
C LEU ZB 68 -75.98 0.14 95.98
N THR ZB 69 -76.04 -0.46 94.82
CA THR ZB 69 -76.99 -0.04 93.80
C THR ZB 69 -78.29 -0.83 93.94
N TYR ZB 70 -79.37 -0.09 94.19
CA TYR ZB 70 -80.67 -0.61 94.57
C TYR ZB 70 -81.44 -0.95 93.30
N CYS ZB 71 -81.87 -2.21 93.18
CA CYS ZB 71 -82.38 -2.71 91.91
C CYS ZB 71 -83.38 -3.82 92.13
N PHE ZB 72 -84.25 -4.01 91.12
CA PHE ZB 72 -85.27 -5.06 91.08
C PHE ZB 72 -85.69 -5.21 89.61
N ASN ZB 73 -86.34 -6.33 89.30
CA ASN ZB 73 -86.77 -6.68 87.94
C ASN ZB 73 -87.75 -5.67 87.34
N THR AC 1 56.53 -36.37 127.29
CA THR AC 1 56.91 -37.12 126.09
C THR AC 1 55.80 -38.11 125.68
N GLU AC 2 54.54 -37.71 125.92
CA GLU AC 2 53.38 -38.44 125.44
C GLU AC 2 52.59 -37.58 124.47
N GLN AC 3 51.93 -38.21 123.50
CA GLN AC 3 51.39 -37.51 122.34
C GLN AC 3 50.18 -38.24 121.78
N MET AC 4 49.53 -37.62 120.79
CA MET AC 4 48.28 -38.11 120.21
C MET AC 4 48.51 -38.96 118.98
N THR AC 5 47.58 -39.88 118.73
CA THR AC 5 47.45 -40.58 117.45
C THR AC 5 45.99 -40.51 117.02
N LEU AC 6 45.73 -39.94 115.84
CA LEU AC 6 44.38 -39.79 115.28
C LEU AC 6 43.97 -41.08 114.58
N ARG AC 7 42.84 -41.65 115.00
CA ARG AC 7 42.60 -43.07 114.79
C ARG AC 7 41.38 -43.41 113.95
N GLY AC 8 40.21 -42.86 114.28
CA GLY AC 8 38.97 -43.39 113.71
C GLY AC 8 37.90 -42.33 113.53
N THR AC 9 37.10 -42.52 112.48
CA THR AC 9 36.01 -41.63 112.11
C THR AC 9 34.72 -42.43 111.95
N LEU AC 10 33.63 -41.88 112.47
CA LEU AC 10 32.38 -42.60 112.66
C LEU AC 10 31.26 -41.90 111.90
N LYS AC 11 30.58 -42.64 111.03
CA LYS AC 11 29.44 -42.07 110.34
C LYS AC 11 28.15 -42.40 111.08
N GLY AC 12 27.11 -41.62 110.79
CA GLY AC 12 25.92 -41.59 111.60
C GLY AC 12 25.46 -40.16 111.82
N HIS AC 13 26.01 -39.25 111.03
CA HIS AC 13 25.69 -37.83 111.11
C HIS AC 13 25.65 -37.22 109.72
N ASN AC 14 24.88 -36.14 109.60
CA ASN AC 14 24.90 -35.30 108.42
C ASN AC 14 25.12 -33.83 108.75
N GLY AC 15 25.11 -33.44 110.02
CA GLY AC 15 25.39 -32.08 110.42
C GLY AC 15 26.52 -32.02 111.44
N TRP AC 16 26.83 -30.80 111.86
CA TRP AC 16 27.94 -30.58 112.78
C TRP AC 16 27.59 -31.15 114.15
N VAL AC 17 28.50 -31.94 114.71
CA VAL AC 17 28.32 -32.47 116.05
C VAL AC 17 28.63 -31.33 117.02
N THR AC 18 27.59 -30.65 117.49
CA THR AC 18 27.79 -29.42 118.25
C THR AC 18 28.33 -29.69 119.65
N GLN AC 19 27.87 -30.74 120.34
CA GLN AC 19 28.36 -31.06 121.67
C GLN AC 19 28.41 -32.56 121.89
N ILE AC 20 29.60 -33.07 122.16
CA ILE AC 20 29.78 -34.42 122.67
C ILE AC 20 29.91 -34.33 124.18
N ALA AC 21 28.91 -34.80 124.88
CA ALA AC 21 28.97 -34.89 126.34
C ALA AC 21 29.08 -36.36 126.71
N THR AC 22 30.22 -36.73 127.27
CA THR AC 22 30.44 -38.06 127.80
C THR AC 22 30.38 -37.98 129.32
N THR AC 23 30.10 -39.11 129.94
CA THR AC 23 30.14 -39.11 131.38
C THR AC 23 31.35 -39.89 131.87
N PRO AC 24 32.22 -39.28 132.66
CA PRO AC 24 33.33 -40.04 133.25
C PRO AC 24 32.89 -41.08 134.26
N GLN AC 25 31.67 -40.99 134.78
CA GLN AC 25 31.16 -42.01 135.68
C GLN AC 25 30.96 -43.34 134.96
N PHE AC 26 30.61 -43.30 133.67
CA PHE AC 26 30.46 -44.50 132.84
C PHE AC 26 30.90 -44.18 131.41
N PRO AC 27 32.08 -44.66 131.00
CA PRO AC 27 32.67 -44.23 129.73
C PRO AC 27 32.07 -44.87 128.48
N ASP AC 28 31.13 -45.79 128.60
CA ASP AC 28 30.86 -46.71 127.49
C ASP AC 28 29.72 -46.27 126.57
N MET AC 29 28.79 -45.42 127.03
CA MET AC 29 27.73 -44.90 126.18
C MET AC 29 27.87 -43.39 126.04
N ILE AC 30 27.94 -42.92 124.81
CA ILE AC 30 28.31 -41.54 124.50
C ILE AC 30 27.13 -40.82 123.90
N LEU AC 31 26.80 -39.65 124.46
CA LEU AC 31 25.75 -38.79 123.95
C LEU AC 31 26.36 -37.75 123.01
N SER AC 32 25.65 -37.45 121.92
CA SER AC 32 26.18 -36.60 120.87
C SER AC 32 25.04 -35.96 120.08
N ALA AC 33 25.16 -34.67 119.79
CA ALA AC 33 24.18 -33.97 118.96
C ALA AC 33 24.59 -34.00 117.48
N SER AC 34 23.76 -33.39 116.65
CA SER AC 34 24.10 -33.16 115.24
C SER AC 34 23.42 -31.90 114.75
N ARG AC 35 23.76 -31.49 113.53
CA ARG AC 35 23.09 -30.39 112.84
C ARG AC 35 22.41 -30.83 111.56
N ASP AC 36 21.81 -32.01 111.58
CA ASP AC 36 20.67 -32.32 110.73
C ASP AC 36 19.44 -32.47 111.61
N LYS AC 37 19.41 -31.63 112.65
CA LYS AC 37 18.31 -31.49 113.62
C LYS AC 37 18.14 -32.76 114.48
N THR AC 38 19.21 -33.54 114.67
CA THR AC 38 19.10 -34.83 115.33
C THR AC 38 20.03 -34.92 116.53
N ILE AC 39 19.86 -36.01 117.29
CA ILE AC 39 20.68 -36.35 118.46
C ILE AC 39 20.97 -37.84 118.40
N ILE AC 40 22.25 -38.23 118.55
CA ILE AC 40 22.72 -39.59 118.30
C ILE AC 40 23.48 -40.10 119.52
N MET AC 41 23.13 -41.30 119.99
CA MET AC 41 23.85 -41.92 121.10
C MET AC 41 24.67 -43.10 120.62
N TRP AC 42 25.92 -43.16 121.09
CA TRP AC 42 26.90 -44.13 120.65
C TRP AC 42 27.22 -45.10 121.78
N LYS AC 43 27.45 -46.36 121.44
CA LYS AC 43 28.11 -47.30 122.34
C LYS AC 43 29.50 -47.59 121.81
N LEU AC 44 30.49 -47.42 122.68
CA LEU AC 44 31.88 -47.61 122.29
C LEU AC 44 32.20 -49.10 122.24
N THR AC 45 32.64 -49.57 121.07
CA THR AC 45 33.08 -50.95 120.93
C THR AC 45 34.59 -51.08 120.90
N ARG AC 46 35.31 -49.98 120.68
CA ARG AC 46 36.76 -49.90 120.53
C ARG AC 46 37.24 -50.88 119.45
N ASP AC 47 36.74 -50.64 118.24
CA ASP AC 47 37.12 -51.39 117.05
C ASP AC 47 38.00 -50.52 116.17
N GLU AC 48 38.91 -51.16 115.44
CA GLU AC 48 39.69 -50.45 114.43
C GLU AC 48 38.91 -50.26 113.14
N THR AC 49 37.76 -50.91 112.99
CA THR AC 49 36.88 -50.62 111.88
C THR AC 49 35.96 -49.45 112.23
N ASN AC 50 35.09 -49.65 113.22
CA ASN AC 50 34.27 -48.57 113.77
C ASN AC 50 34.29 -48.64 115.29
N TYR AC 51 35.03 -47.70 115.88
CA TYR AC 51 35.13 -47.47 117.32
C TYR AC 51 33.78 -47.18 117.98
N GLY AC 52 32.77 -46.78 117.21
CA GLY AC 52 31.44 -46.63 117.75
C GLY AC 52 30.38 -47.16 116.79
N ILE AC 53 29.18 -47.36 117.34
CA ILE AC 53 28.00 -47.80 116.59
C ILE AC 53 26.79 -46.97 116.99
N PRO AC 54 25.88 -46.62 116.07
CA PRO AC 54 24.76 -45.76 116.43
C PRO AC 54 23.65 -46.55 117.12
N GLN AC 55 23.08 -45.95 118.16
CA GLN AC 55 22.25 -46.74 119.08
C GLN AC 55 20.87 -46.19 119.35
N ARG AC 56 20.70 -44.87 119.48
CA ARG AC 56 19.36 -44.31 119.63
C ARG AC 56 19.22 -43.03 118.83
N ALA AC 57 18.00 -42.81 118.35
CA ALA AC 57 17.58 -41.50 117.87
C ALA AC 57 16.71 -40.85 118.93
N LEU AC 58 16.94 -39.56 119.16
CA LEU AC 58 16.05 -38.73 119.96
C LEU AC 58 15.65 -37.51 119.13
N ARG AC 59 14.34 -37.24 119.05
CA ARG AC 59 13.83 -36.25 118.13
C ARG AC 59 12.72 -35.47 118.80
N GLY AC 60 12.55 -34.20 118.40
CA GLY AC 60 11.60 -33.30 119.01
C GLY AC 60 12.06 -31.85 118.97
N HIS AC 61 13.36 -31.65 118.73
CA HIS AC 61 13.94 -30.32 118.57
C HIS AC 61 13.78 -29.88 117.13
N SER AC 62 12.99 -28.81 116.92
CA SER AC 62 12.71 -28.35 115.57
C SER AC 62 13.91 -27.74 114.88
N HIS AC 63 14.93 -27.34 115.64
CA HIS AC 63 16.10 -26.76 115.03
C HIS AC 63 17.31 -27.51 115.60
N PHE AC 64 18.50 -26.98 115.38
CA PHE AC 64 19.73 -27.63 115.79
C PHE AC 64 19.85 -27.63 117.30
N VAL AC 65 20.40 -28.72 117.84
CA VAL AC 65 20.71 -28.80 119.25
C VAL AC 65 22.16 -28.33 119.43
N SER AC 66 22.32 -27.08 119.89
CA SER AC 66 23.65 -26.51 120.04
C SER AC 66 24.36 -27.07 121.26
N ASP AC 67 23.66 -27.13 122.38
CA ASP AC 67 24.29 -27.40 123.67
C ASP AC 67 23.56 -28.55 124.33
N VAL AC 68 24.21 -29.71 124.41
CA VAL AC 68 23.68 -30.80 125.18
C VAL AC 68 24.52 -30.88 126.47
N VAL AC 69 23.92 -31.43 127.52
CA VAL AC 69 24.56 -31.49 128.83
C VAL AC 69 23.86 -32.57 129.68
N ILE AC 70 24.67 -33.38 130.37
CA ILE AC 70 24.20 -34.55 131.09
C ILE AC 70 24.33 -34.28 132.59
N SER AC 71 23.33 -34.69 133.37
CA SER AC 71 23.29 -34.48 134.82
C SER AC 71 24.37 -35.31 135.53
N SER AC 72 24.53 -35.03 136.84
CA SER AC 72 25.66 -35.54 137.62
C SER AC 72 25.65 -37.05 137.73
N ASP AC 73 24.47 -37.65 137.90
CA ASP AC 73 24.38 -39.10 137.91
C ASP AC 73 24.62 -39.71 136.53
N GLY AC 74 24.53 -38.91 135.48
CA GLY AC 74 24.77 -39.38 134.14
C GLY AC 74 23.53 -39.81 133.39
N GLN AC 75 22.35 -39.72 134.00
CA GLN AC 75 21.14 -40.24 133.41
C GLN AC 75 20.35 -39.18 132.64
N PHE AC 76 19.98 -38.10 133.32
CA PHE AC 76 19.22 -37.04 132.67
C PHE AC 76 20.11 -36.27 131.71
N ALA AC 77 19.60 -36.01 130.51
CA ALA AC 77 20.36 -35.40 129.42
C ALA AC 77 19.64 -34.14 128.94
N LEU AC 78 19.98 -33.01 129.54
CA LEU AC 78 19.45 -31.73 129.09
C LEU AC 78 20.00 -31.41 127.72
N SER AC 79 19.20 -30.73 126.90
CA SER AC 79 19.60 -30.48 125.52
C SER AC 79 19.04 -29.14 125.08
N GLY AC 80 19.91 -28.25 124.64
CA GLY AC 80 19.54 -26.88 124.34
C GLY AC 80 19.68 -26.57 122.86
N SER AC 81 18.75 -25.77 122.35
CA SER AC 81 18.60 -25.56 120.91
C SER AC 81 18.68 -24.08 120.55
N TRP AC 82 18.48 -23.80 119.26
CA TRP AC 82 18.49 -22.45 118.71
C TRP AC 82 17.10 -21.88 118.58
N ASP AC 83 16.19 -22.22 119.49
CA ASP AC 83 14.80 -21.81 119.38
C ASP AC 83 14.22 -21.25 120.67
N GLY AC 84 15.06 -20.98 121.66
CA GLY AC 84 14.54 -20.58 122.95
C GLY AC 84 13.96 -21.71 123.77
N THR AC 85 14.30 -22.96 123.45
CA THR AC 85 13.76 -24.10 124.16
C THR AC 85 14.88 -24.99 124.69
N LEU AC 86 14.54 -25.80 125.67
CA LEU AC 86 15.37 -26.92 126.11
C LEU AC 86 14.50 -28.15 126.14
N ARG AC 87 15.14 -29.31 126.31
CA ARG AC 87 14.46 -30.57 126.51
C ARG AC 87 15.35 -31.51 127.29
N LEU AC 88 14.77 -32.16 128.29
CA LEU AC 88 15.45 -33.18 129.07
C LEU AC 88 15.02 -34.54 128.56
N TRP AC 89 15.99 -35.39 128.25
CA TRP AC 89 15.73 -36.70 127.66
C TRP AC 89 15.76 -37.81 128.70
N ASP AC 90 15.03 -38.87 128.42
CA ASP AC 90 15.37 -40.16 129.01
C ASP AC 90 16.40 -40.82 128.12
N LEU AC 91 17.57 -41.10 128.69
CA LEU AC 91 18.73 -41.59 127.97
C LEU AC 91 18.60 -43.06 127.57
N THR AC 92 17.72 -43.80 128.25
CA THR AC 92 17.63 -45.24 128.08
C THR AC 92 16.33 -45.71 127.46
N THR AC 93 15.43 -44.75 127.26
CA THR AC 93 14.11 -44.93 126.66
C THR AC 93 13.83 -43.68 125.82
N GLY AC 94 12.91 -43.78 124.88
CA GLY AC 94 12.57 -42.68 123.98
C GLY AC 94 12.00 -41.39 124.55
N THR AC 95 11.14 -41.48 125.55
CA THR AC 95 10.48 -40.29 126.13
C THR AC 95 11.40 -39.24 126.76
N THR AC 96 11.05 -37.97 126.51
CA THR AC 96 11.78 -36.81 127.01
C THR AC 96 10.79 -35.87 127.71
N THR AC 97 10.52 -36.15 128.98
CA THR AC 97 9.56 -35.42 129.80
C THR AC 97 9.73 -33.94 130.17
N ARG AC 98 10.93 -33.48 130.49
CA ARG AC 98 11.10 -32.11 130.95
C ARG AC 98 11.62 -31.23 129.82
N ARG AC 99 11.05 -30.04 129.71
CA ARG AC 99 11.37 -29.06 128.67
C ARG AC 99 11.37 -27.70 129.33
N PHE AC 100 12.46 -26.94 129.17
CA PHE AC 100 12.51 -25.57 129.68
C PHE AC 100 12.11 -24.68 128.52
N VAL AC 101 10.83 -24.33 128.45
CA VAL AC 101 10.31 -23.46 127.41
C VAL AC 101 10.01 -22.11 128.04
N GLY AC 102 10.59 -21.06 127.49
CA GLY AC 102 10.63 -19.82 128.22
C GLY AC 102 11.89 -19.00 127.99
N HIS AC 103 12.78 -19.48 127.13
CA HIS AC 103 13.81 -18.60 126.59
C HIS AC 103 13.29 -17.92 125.34
N THR AC 104 13.71 -16.67 125.17
CA THR AC 104 13.02 -15.77 124.24
C THR AC 104 13.34 -16.12 122.79
N LYS AC 105 14.60 -15.97 122.39
CA LYS AC 105 14.96 -16.24 121.00
C LYS AC 105 15.75 -17.54 120.83
N ASP AC 106 16.88 -17.69 121.53
CA ASP AC 106 17.76 -18.82 121.29
C ASP AC 106 18.26 -19.33 122.63
N VAL AC 107 19.01 -20.43 122.60
CA VAL AC 107 19.76 -20.90 123.77
C VAL AC 107 21.17 -21.25 123.31
N LEU AC 108 22.17 -20.53 123.85
CA LEU AC 108 23.56 -20.96 123.70
C LEU AC 108 24.03 -21.86 124.84
N SER AC 109 24.04 -21.34 126.06
CA SER AC 109 24.75 -21.95 127.17
C SER AC 109 23.77 -22.45 128.24
N VAL AC 110 24.22 -23.45 128.99
CA VAL AC 110 23.45 -24.11 130.05
C VAL AC 110 24.43 -24.93 130.89
N ALA AC 111 24.29 -24.85 132.22
CA ALA AC 111 25.10 -25.66 133.12
C ALA AC 111 24.30 -25.91 134.40
N PHE AC 112 24.92 -26.58 135.37
CA PHE AC 112 24.23 -26.90 136.61
C PHE AC 112 25.25 -27.11 137.72
N SER AC 113 24.84 -26.79 138.95
CA SER AC 113 25.74 -26.82 140.08
C SER AC 113 26.14 -28.26 140.43
N SER AC 114 27.11 -28.38 141.34
CA SER AC 114 27.75 -29.65 141.63
C SER AC 114 26.86 -30.64 142.38
N ASP AC 115 25.79 -30.17 143.03
CA ASP AC 115 24.91 -31.01 143.83
C ASP AC 115 23.77 -31.62 143.02
N ASN AC 116 23.87 -31.58 141.68
CA ASN AC 116 22.88 -32.10 140.73
C ASN AC 116 21.50 -31.46 140.94
N ARG AC 117 21.50 -30.21 141.34
CA ARG AC 117 20.26 -29.58 141.79
C ARG AC 117 19.93 -28.28 141.08
N GLN AC 118 20.90 -27.39 140.92
CA GLN AC 118 20.63 -26.00 140.55
C GLN AC 118 21.17 -25.76 139.14
N ILE AC 119 20.26 -25.76 138.16
CA ILE AC 119 20.62 -25.68 136.74
C ILE AC 119 20.57 -24.22 136.30
N VAL AC 120 21.63 -23.77 135.64
CA VAL AC 120 21.69 -22.42 135.08
C VAL AC 120 21.51 -22.53 133.56
N SER AC 121 20.91 -21.51 132.96
CA SER AC 121 20.60 -21.52 131.53
C SER AC 121 20.90 -20.16 130.91
N GLY AC 122 21.82 -20.12 129.94
CA GLY AC 122 22.20 -18.89 129.29
C GLY AC 122 21.30 -18.51 128.14
N SER AC 123 20.71 -17.32 128.22
CA SER AC 123 19.62 -16.93 127.35
C SER AC 123 20.02 -15.80 126.41
N ARG AC 124 19.10 -15.54 125.48
CA ARG AC 124 19.33 -14.65 124.36
C ARG AC 124 18.66 -13.29 124.56
N ASP AC 125 17.87 -13.14 125.62
CA ASP AC 125 17.15 -11.90 125.90
C ASP AC 125 17.89 -10.99 126.86
N LYS AC 126 19.22 -10.98 126.77
CA LYS AC 126 20.14 -10.32 127.71
C LYS AC 126 19.97 -10.83 129.13
N THR AC 127 19.64 -12.11 129.30
CA THR AC 127 19.46 -12.70 130.61
C THR AC 127 20.22 -14.01 130.72
N ILE AC 128 20.41 -14.44 131.96
CA ILE AC 128 20.73 -15.82 132.31
C ILE AC 128 19.71 -16.23 133.36
N LYS AC 129 19.27 -17.48 133.34
CA LYS AC 129 18.24 -17.93 134.29
C LYS AC 129 18.75 -19.07 135.17
N LEU AC 130 17.96 -19.37 136.21
CA LEU AC 130 18.15 -20.54 137.08
C LEU AC 130 16.89 -21.38 137.01
N TRP AC 131 17.04 -22.68 136.80
CA TRP AC 131 15.90 -23.59 136.73
C TRP AC 131 16.09 -24.68 137.78
N ASN AC 132 15.01 -25.37 138.08
CA ASN AC 132 14.98 -26.39 139.11
C ASN AC 132 14.90 -27.77 138.47
N THR AC 133 15.05 -28.82 139.29
CA THR AC 133 15.04 -30.19 138.81
C THR AC 133 13.65 -30.63 138.38
N LEU AC 134 12.60 -30.20 139.08
CA LEU AC 134 11.24 -30.35 138.59
C LEU AC 134 10.82 -29.17 137.72
N GLY AC 135 11.77 -28.34 137.30
CA GLY AC 135 11.63 -27.46 136.16
C GLY AC 135 11.67 -25.98 136.45
N VAL AC 136 10.86 -25.49 137.39
CA VAL AC 136 10.79 -24.06 137.70
C VAL AC 136 10.06 -23.88 139.02
N CYS AC 137 10.32 -22.78 139.70
CA CYS AC 137 9.74 -22.43 140.99
C CYS AC 137 9.63 -20.91 141.03
N LYS AC 138 9.58 -20.36 142.23
CA LYS AC 138 9.78 -18.91 142.39
C LYS AC 138 11.18 -18.49 141.98
N TYR AC 139 12.15 -19.40 142.06
CA TYR AC 139 13.58 -19.05 142.04
C TYR AC 139 14.12 -19.25 140.63
N THR AC 140 13.93 -18.21 139.82
CA THR AC 140 14.51 -18.10 138.48
C THR AC 140 15.28 -16.79 138.49
N VAL AC 141 16.55 -16.84 138.89
CA VAL AC 141 17.35 -15.63 139.03
C VAL AC 141 17.70 -15.11 137.65
N GLN AC 142 17.20 -13.92 137.32
CA GLN AC 142 17.23 -13.38 135.97
C GLN AC 142 18.17 -12.17 135.99
N ASP AC 143 19.43 -12.41 135.67
CA ASP AC 143 20.51 -11.45 135.87
C ASP AC 143 20.47 -10.41 134.76
N GLU AC 144 19.78 -9.30 135.03
CA GLU AC 144 19.57 -8.27 134.02
C GLU AC 144 20.60 -7.16 134.24
N SER AC 145 21.85 -7.47 133.85
CA SER AC 145 22.86 -6.44 133.67
C SER AC 145 23.76 -6.72 132.46
N HIS AC 146 23.38 -7.67 131.61
CA HIS AC 146 24.12 -7.96 130.37
C HIS AC 146 23.55 -7.12 129.25
N SER AC 147 24.43 -6.63 128.38
CA SER AC 147 24.02 -5.77 127.28
C SER AC 147 24.12 -6.43 125.93
N GLU AC 148 24.74 -7.60 125.84
CA GLU AC 148 24.87 -8.32 124.58
C GLU AC 148 24.62 -9.79 124.89
N TRP AC 149 25.03 -10.66 123.95
CA TRP AC 149 24.86 -12.10 124.14
C TRP AC 149 25.76 -12.58 125.26
N VAL AC 150 25.20 -13.37 126.18
CA VAL AC 150 26.00 -14.00 127.21
C VAL AC 150 26.65 -15.22 126.56
N SER AC 151 27.97 -15.13 126.33
CA SER AC 151 28.69 -16.14 125.56
C SER AC 151 28.66 -17.50 126.26
N CYS AC 152 29.33 -17.62 127.40
CA CYS AC 152 29.39 -18.91 128.05
C CYS AC 152 29.49 -18.75 129.56
N VAL AC 153 28.84 -19.67 130.28
CA VAL AC 153 28.84 -19.73 131.74
C VAL AC 153 29.16 -21.16 132.17
N ARG AC 154 29.77 -21.29 133.36
CA ARG AC 154 30.04 -22.58 133.97
C ARG AC 154 29.89 -22.51 135.49
N PHE AC 155 29.49 -23.64 136.05
CA PHE AC 155 29.34 -23.79 137.50
C PHE AC 155 30.72 -23.91 138.13
N SER AC 156 30.86 -23.31 139.31
CA SER AC 156 32.05 -23.51 140.14
C SER AC 156 31.79 -23.16 141.60
N PRO AC 157 31.23 -24.07 142.38
CA PRO AC 157 31.35 -23.92 143.83
C PRO AC 157 32.76 -24.28 144.27
N ASN AC 158 33.55 -23.25 144.61
CA ASN AC 158 34.90 -23.47 145.10
C ASN AC 158 34.86 -24.17 146.45
N SER AC 159 34.19 -23.55 147.43
CA SER AC 159 34.13 -24.10 148.77
C SER AC 159 32.72 -24.47 149.21
N SER AC 160 31.81 -23.50 149.27
CA SER AC 160 30.51 -23.75 149.87
C SER AC 160 29.35 -23.01 149.23
N ASN AC 161 29.57 -22.28 148.13
CA ASN AC 161 28.63 -21.25 147.69
C ASN AC 161 28.19 -21.46 146.24
N PRO AC 162 26.98 -21.00 145.88
CA PRO AC 162 26.53 -21.15 144.48
C PRO AC 162 27.13 -20.12 143.52
N ILE AC 163 28.38 -20.35 143.11
CA ILE AC 163 29.09 -19.46 142.21
C ILE AC 163 29.05 -20.02 140.79
N ILE AC 164 28.62 -19.19 139.85
CA ILE AC 164 28.90 -19.33 138.43
C ILE AC 164 29.60 -18.05 137.95
N VAL AC 165 30.18 -18.12 136.76
CA VAL AC 165 30.88 -16.99 136.15
C VAL AC 165 30.37 -16.80 134.72
N SER AC 166 30.04 -15.57 134.35
CA SER AC 166 29.59 -15.21 133.02
C SER AC 166 30.61 -14.32 132.36
N CYS AC 167 30.49 -14.16 131.05
CA CYS AC 167 31.37 -13.27 130.31
C CYS AC 167 30.55 -12.18 129.65
N GLY AC 168 31.20 -11.40 128.80
CA GLY AC 168 30.48 -10.38 128.06
C GLY AC 168 31.17 -9.93 126.77
N TRP AC 169 30.36 -9.60 125.77
CA TRP AC 169 30.83 -9.00 124.54
C TRP AC 169 30.74 -7.48 124.55
N ASP AC 170 30.73 -6.88 125.75
CA ASP AC 170 31.01 -5.46 125.93
C ASP AC 170 32.30 -5.23 126.71
N LYS AC 171 33.23 -6.19 126.58
CA LYS AC 171 34.47 -6.31 127.35
C LYS AC 171 34.20 -6.45 128.86
N LEU AC 172 33.46 -7.51 129.22
CA LEU AC 172 33.16 -7.84 130.61
C LEU AC 172 33.24 -9.35 130.82
N VAL AC 173 33.50 -9.74 132.08
CA VAL AC 173 33.35 -11.09 132.59
C VAL AC 173 32.88 -10.97 134.05
N LYS AC 174 31.71 -11.53 134.36
CA LYS AC 174 31.10 -11.39 135.68
C LYS AC 174 31.03 -12.75 136.36
N VAL AC 175 31.17 -12.77 137.69
CA VAL AC 175 31.05 -13.99 138.47
C VAL AC 175 29.76 -13.88 139.28
N TRP AC 176 28.77 -14.69 138.92
CA TRP AC 176 27.46 -14.59 139.53
C TRP AC 176 27.39 -15.55 140.70
N ASN AC 177 27.19 -15.01 141.90
CA ASN AC 177 27.03 -15.83 143.08
C ASN AC 177 25.55 -15.81 143.43
N LEU AC 178 24.93 -16.98 143.41
CA LEU AC 178 23.47 -17.07 143.49
C LEU AC 178 22.96 -16.92 144.92
N ALA AC 179 23.85 -16.81 145.89
CA ALA AC 179 23.49 -16.32 147.22
C ALA AC 179 23.49 -14.80 147.25
N ASN AC 180 24.47 -14.18 146.58
CA ASN AC 180 24.49 -12.73 146.42
C ASN AC 180 23.46 -12.29 145.37
N CYS AC 181 23.21 -13.14 144.36
CA CYS AC 181 22.40 -12.83 143.16
C CYS AC 181 22.86 -11.56 142.45
N LYS AC 182 24.16 -11.30 142.52
CA LYS AC 182 24.77 -10.09 141.99
C LYS AC 182 26.13 -10.51 141.42
N LEU AC 183 26.92 -9.52 141.02
CA LEU AC 183 28.32 -9.79 140.72
C LEU AC 183 29.06 -10.09 142.01
N LYS AC 184 30.04 -10.99 141.94
CA LYS AC 184 30.98 -11.16 143.04
C LYS AC 184 32.40 -10.71 142.69
N THR AC 185 32.89 -11.06 141.50
CA THR AC 185 34.29 -10.88 141.16
C THR AC 185 34.44 -10.42 139.72
N ASN AC 186 35.13 -9.28 139.53
CA ASN AC 186 35.25 -8.62 138.24
C ASN AC 186 36.50 -9.04 137.48
N HIS AC 187 36.30 -9.34 136.20
CA HIS AC 187 37.36 -9.78 135.27
C HIS AC 187 37.21 -8.93 133.99
N ILE AC 188 37.93 -7.82 133.91
CA ILE AC 188 37.88 -6.95 132.73
C ILE AC 188 39.21 -7.03 132.02
N GLY AC 189 39.19 -7.04 130.68
CA GLY AC 189 40.43 -7.22 129.94
C GLY AC 189 40.34 -7.92 128.60
N HIS AC 190 39.16 -8.43 128.20
CA HIS AC 190 39.02 -8.99 126.86
C HIS AC 190 39.28 -7.94 125.79
N THR AC 191 39.99 -8.34 124.74
CA THR AC 191 40.09 -7.56 123.51
C THR AC 191 39.21 -8.12 122.41
N GLY AC 192 39.31 -9.41 122.12
CA GLY AC 192 38.40 -10.06 121.22
C GLY AC 192 37.14 -10.51 121.94
N TYR AC 193 36.28 -11.19 121.21
CA TYR AC 193 34.97 -11.59 121.70
C TYR AC 193 34.89 -13.12 121.72
N LEU AC 194 35.04 -13.66 122.93
CA LEU AC 194 35.33 -15.06 123.18
C LEU AC 194 34.16 -15.97 122.82
N ASN AC 195 34.41 -17.28 122.94
CA ASN AC 195 33.46 -18.33 122.58
C ASN AC 195 33.00 -19.15 123.78
N THR AC 196 33.92 -19.58 124.63
CA THR AC 196 33.61 -20.55 125.69
C THR AC 196 34.25 -20.12 127.00
N VAL AC 197 33.87 -20.82 128.06
CA VAL AC 197 34.52 -20.69 129.35
C VAL AC 197 34.45 -22.05 130.05
N THR AC 198 35.46 -22.30 130.88
CA THR AC 198 35.60 -23.48 131.73
C THR AC 198 36.71 -23.19 132.73
N VAL AC 199 36.74 -23.97 133.82
CA VAL AC 199 37.51 -23.64 135.02
C VAL AC 199 38.45 -24.76 135.41
N SER AC 200 39.56 -24.36 136.09
CA SER AC 200 40.44 -25.30 136.80
C SER AC 200 39.84 -25.64 138.16
N PRO AC 201 39.82 -26.92 138.54
CA PRO AC 201 39.00 -27.35 139.69
C PRO AC 201 39.49 -26.85 141.05
N ASP AC 202 40.64 -26.20 141.15
CA ASP AC 202 41.04 -25.54 142.37
C ASP AC 202 40.61 -24.08 142.43
N GLY AC 203 40.10 -23.55 141.32
CA GLY AC 203 39.56 -22.20 141.33
C GLY AC 203 40.57 -21.08 141.32
N SER AC 204 41.57 -21.18 140.43
CA SER AC 204 42.55 -20.11 140.28
C SER AC 204 42.95 -19.85 138.84
N LEU AC 205 42.53 -20.68 137.88
CA LEU AC 205 42.99 -20.61 136.49
C LEU AC 205 41.73 -20.60 135.62
N CYS AC 206 41.20 -19.41 135.36
CA CYS AC 206 39.92 -19.27 134.69
C CYS AC 206 40.13 -18.96 133.22
N ALA AC 207 39.94 -19.96 132.36
CA ALA AC 207 40.29 -19.88 130.95
C ALA AC 207 39.16 -19.34 130.10
N SER AC 208 39.51 -18.47 129.15
CA SER AC 208 38.53 -17.79 128.30
C SER AC 208 39.07 -17.74 126.88
N GLY AC 209 38.51 -18.59 126.01
CA GLY AC 209 39.00 -18.69 124.64
C GLY AC 209 37.93 -18.41 123.63
N GLY AC 210 38.36 -17.94 122.45
CA GLY AC 210 37.39 -17.50 121.47
C GLY AC 210 37.85 -17.00 120.12
N LYS AC 211 37.31 -15.84 119.73
CA LYS AC 211 37.52 -15.30 118.38
C LYS AC 211 38.97 -14.94 118.15
N ASP AC 212 39.54 -14.10 119.02
CA ASP AC 212 40.90 -13.61 118.83
C ASP AC 212 41.95 -14.68 119.07
N GLY AC 213 41.57 -15.81 119.65
CA GLY AC 213 42.52 -16.84 120.02
C GLY AC 213 43.25 -16.60 121.31
N GLN AC 214 43.28 -15.36 121.79
CA GLN AC 214 44.02 -14.98 122.99
C GLN AC 214 43.29 -15.57 124.19
N ALA AC 215 43.65 -16.80 124.53
CA ALA AC 215 43.03 -17.52 125.63
C ALA AC 215 43.52 -16.95 126.95
N MET AC 216 42.67 -16.22 127.64
CA MET AC 216 43.09 -15.54 128.85
C MET AC 216 42.75 -16.35 130.09
N LEU AC 217 43.70 -16.43 131.00
CA LEU AC 217 43.54 -17.05 132.30
C LEU AC 217 43.33 -15.96 133.34
N TRP AC 218 42.36 -16.15 134.21
CA TRP AC 218 42.01 -15.13 135.20
C TRP AC 218 42.48 -15.53 136.59
N ASP AC 219 42.70 -14.53 137.43
CA ASP AC 219 43.01 -14.74 138.84
C ASP AC 219 41.70 -15.11 139.54
N LEU AC 220 41.31 -16.38 139.36
CA LEU AC 220 39.98 -16.83 139.77
C LEU AC 220 39.85 -16.92 141.29
N ASN AC 221 40.98 -17.04 141.99
CA ASN AC 221 40.94 -17.02 143.45
C ASN AC 221 41.04 -15.59 144.00
N GLU AC 222 41.55 -14.63 143.21
CA GLU AC 222 41.75 -13.27 143.72
C GLU AC 222 41.21 -12.13 142.85
N GLY AC 223 40.85 -12.36 141.58
CA GLY AC 223 40.05 -11.39 140.85
C GLY AC 223 40.76 -10.35 140.02
N LYS AC 224 41.90 -10.67 139.42
CA LYS AC 224 42.67 -9.71 138.61
C LYS AC 224 43.25 -10.43 137.39
N HIS AC 225 44.29 -9.84 136.81
CA HIS AC 225 44.91 -10.26 135.54
C HIS AC 225 46.03 -11.29 135.76
N LEU AC 226 46.05 -12.34 134.93
CA LEU AC 226 47.24 -13.22 134.94
C LEU AC 226 48.17 -13.04 133.73
N TYR AC 227 47.73 -13.48 132.55
CA TYR AC 227 48.50 -13.42 131.30
C TYR AC 227 47.64 -13.88 130.13
N THR AC 228 48.24 -14.03 128.95
CA THR AC 228 47.49 -14.15 127.70
C THR AC 228 48.14 -15.21 126.82
N LEU AC 229 47.42 -16.31 126.55
CA LEU AC 229 47.91 -17.32 125.63
C LEU AC 229 47.85 -16.82 124.19
N ASP AC 230 48.74 -17.33 123.35
CA ASP AC 230 48.83 -16.95 121.94
C ASP AC 230 48.06 -17.98 121.12
N GLY AC 231 46.86 -17.62 120.68
CA GLY AC 231 46.10 -18.50 119.81
C GLY AC 231 46.30 -18.22 118.33
N GLY AC 232 46.28 -16.95 117.95
CA GLY AC 232 46.38 -16.59 116.55
C GLY AC 232 45.09 -16.84 115.80
N ASP AC 233 44.80 -18.12 115.49
CA ASP AC 233 43.52 -18.48 114.89
C ASP AC 233 42.45 -18.66 115.97
N ILE AC 234 41.23 -18.91 115.49
CA ILE AC 234 40.04 -18.82 116.32
C ILE AC 234 39.85 -20.13 117.08
N ILE AC 235 39.67 -20.04 118.39
CA ILE AC 235 39.36 -21.20 119.22
C ILE AC 235 37.85 -21.27 119.36
N ASN AC 236 37.29 -22.47 119.18
CA ASN AC 236 35.87 -22.67 119.45
C ASN AC 236 35.60 -23.05 120.90
N ALA AC 237 36.38 -23.98 121.45
CA ALA AC 237 36.00 -24.51 122.76
C ALA AC 237 37.23 -24.94 123.53
N LEU AC 238 37.02 -25.13 124.84
CA LEU AC 238 38.07 -25.51 125.77
C LEU AC 238 37.58 -26.64 126.67
N CYS AC 239 38.54 -27.32 127.32
CA CYS AC 239 38.29 -28.23 128.41
C CYS AC 239 39.57 -28.48 129.19
N PHE AC 240 39.41 -28.91 130.44
CA PHE AC 240 40.52 -29.16 131.35
C PHE AC 240 40.76 -30.65 131.49
N SER AC 241 42.05 -31.03 131.50
CA SER AC 241 42.43 -32.40 131.81
C SER AC 241 41.99 -32.76 133.23
N PRO AC 242 41.69 -34.04 133.47
CA PRO AC 242 41.21 -34.40 134.81
C PRO AC 242 42.31 -34.43 135.86
N ASN AC 243 43.52 -34.85 135.51
CA ASN AC 243 44.56 -35.07 136.51
C ASN AC 243 45.89 -34.39 136.18
N ARG AC 244 45.88 -33.40 135.28
CA ARG AC 244 47.12 -32.88 134.71
C ARG AC 244 47.07 -31.36 134.77
N TYR AC 245 47.97 -30.71 134.01
CA TYR AC 245 47.97 -29.27 133.78
C TYR AC 245 47.63 -28.95 132.32
N TRP AC 246 46.82 -29.80 131.70
CA TRP AC 246 46.57 -29.71 130.27
C TRP AC 246 45.23 -29.03 130.02
N LEU AC 247 45.29 -27.90 129.33
CA LEU AC 247 44.11 -27.33 128.70
C LEU AC 247 43.94 -28.04 127.37
N CYS AC 248 42.78 -28.61 127.15
CA CYS AC 248 42.52 -29.36 125.93
C CYS AC 248 41.78 -28.42 124.97
N ALA AC 249 42.51 -27.88 124.01
CA ALA AC 249 42.08 -26.77 123.17
C ALA AC 249 42.12 -27.17 121.70
N ALA AC 250 41.25 -26.53 120.92
CA ALA AC 250 41.26 -26.71 119.47
C ALA AC 250 41.14 -25.35 118.80
N THR AC 251 42.07 -25.04 117.89
CA THR AC 251 42.03 -23.80 117.14
C THR AC 251 41.11 -23.98 115.94
N GLY AC 252 41.19 -23.07 114.98
CA GLY AC 252 40.42 -23.21 113.77
C GLY AC 252 40.88 -24.39 112.95
N PRO AC 253 42.07 -24.29 112.36
CA PRO AC 253 42.58 -25.41 111.55
C PRO AC 253 43.30 -26.51 112.31
N SER AC 254 43.56 -26.36 113.62
CA SER AC 254 44.49 -27.25 114.31
C SER AC 254 44.07 -27.49 115.76
N ILE AC 255 44.94 -28.20 116.49
CA ILE AC 255 44.75 -28.59 117.87
C ILE AC 255 45.97 -28.13 118.66
N LYS AC 256 45.79 -27.72 119.91
CA LYS AC 256 46.87 -27.41 120.84
C LYS AC 256 46.53 -27.95 122.23
N ILE AC 257 47.57 -28.26 123.02
CA ILE AC 257 47.42 -28.59 124.44
C ILE AC 257 48.51 -27.86 125.21
N TRP AC 258 48.12 -27.07 126.20
CA TRP AC 258 48.97 -26.04 126.82
C TRP AC 258 49.47 -26.44 128.20
N ASP AC 259 50.66 -25.92 128.53
CA ASP AC 259 51.19 -25.82 129.90
C ASP AC 259 50.72 -24.49 130.51
N LEU AC 260 50.83 -24.38 131.83
CA LEU AC 260 50.30 -23.20 132.50
C LEU AC 260 51.27 -22.02 132.46
N GLU AC 261 52.42 -22.14 133.11
CA GLU AC 261 53.23 -20.94 133.33
C GLU AC 261 54.28 -20.72 132.26
N GLY AC 262 54.77 -21.79 131.63
CA GLY AC 262 55.87 -21.65 130.70
C GLY AC 262 55.49 -21.21 129.31
N LYS AC 263 54.19 -21.10 129.04
CA LYS AC 263 53.62 -20.74 127.73
C LYS AC 263 54.18 -21.62 126.62
N ILE AC 264 53.93 -22.92 126.74
CA ILE AC 264 54.46 -23.88 125.77
C ILE AC 264 53.45 -25.01 125.59
N ILE AC 265 53.34 -25.48 124.35
CA ILE AC 265 52.31 -26.40 123.90
C ILE AC 265 52.83 -27.83 124.04
N VAL AC 266 51.94 -28.76 124.36
CA VAL AC 266 52.29 -30.18 124.24
C VAL AC 266 52.46 -30.57 122.78
N ASP AC 267 51.38 -30.44 121.99
CA ASP AC 267 51.39 -30.94 120.61
C ASP AC 267 50.48 -30.10 119.73
N GLU AC 268 50.86 -29.95 118.46
CA GLU AC 268 50.05 -29.22 117.49
C GLU AC 268 49.81 -30.09 116.25
N LEU AC 269 48.62 -30.64 116.14
CA LEU AC 269 48.24 -31.47 115.00
C LEU AC 269 47.72 -30.58 113.88
N LYS AC 270 48.36 -30.63 112.74
CA LYS AC 270 47.94 -29.91 111.54
C LYS AC 270 47.53 -30.99 110.55
N GLN AC 271 46.23 -31.30 110.51
CA GLN AC 271 45.79 -32.54 109.90
C GLN AC 271 45.89 -32.47 108.38
N GLU AC 272 45.79 -33.63 107.75
CA GLU AC 272 46.42 -33.85 106.46
C GLU AC 272 45.58 -33.25 105.32
N VAL AC 273 46.26 -32.53 104.44
CA VAL AC 273 45.62 -31.55 103.56
C VAL AC 273 44.99 -32.24 102.36
N ILE AC 274 43.85 -31.71 101.88
CA ILE AC 274 43.19 -32.23 100.68
C ILE AC 274 43.17 -31.21 99.54
N SER AC 275 43.61 -29.96 99.79
CA SER AC 275 43.68 -28.86 98.81
C SER AC 275 42.31 -28.41 98.28
N THR AC 276 41.40 -28.08 99.19
CA THR AC 276 40.23 -27.24 98.90
C THR AC 276 40.63 -25.77 98.79
N SER AC 277 39.63 -24.90 98.76
CA SER AC 277 39.81 -23.47 98.95
C SER AC 277 40.75 -23.13 100.11
N SER AC 278 41.74 -22.27 99.85
CA SER AC 278 42.95 -22.16 100.67
C SER AC 278 42.68 -21.55 102.03
N LYS AC 279 41.53 -20.93 102.24
CA LYS AC 279 41.12 -20.39 103.53
C LYS AC 279 39.68 -20.77 103.82
N ALA AC 280 39.26 -21.94 103.35
CA ALA AC 280 37.94 -22.48 103.65
C ALA AC 280 38.01 -23.99 103.89
N GLU AC 281 39.09 -24.45 104.51
CA GLU AC 281 39.38 -25.88 104.58
C GLU AC 281 38.48 -26.60 105.59
N PRO AC 282 38.19 -27.88 105.37
CA PRO AC 282 37.40 -28.69 106.33
C PRO AC 282 38.03 -28.87 107.70
N PRO AC 283 39.36 -28.61 107.93
CA PRO AC 283 39.78 -28.41 109.33
C PRO AC 283 39.17 -27.18 109.98
N GLN AC 284 37.93 -27.28 110.45
CA GLN AC 284 37.33 -26.31 111.35
C GLN AC 284 36.91 -27.08 112.60
N CYS AC 285 37.49 -26.72 113.75
CA CYS AC 285 37.39 -27.54 114.95
C CYS AC 285 36.40 -26.91 115.92
N THR AC 286 35.29 -27.61 116.19
CA THR AC 286 34.14 -26.97 116.83
C THR AC 286 33.73 -27.54 118.18
N SER AC 287 34.09 -28.77 118.53
CA SER AC 287 33.50 -29.37 119.72
C SER AC 287 34.42 -30.47 120.28
N LEU AC 288 35.21 -30.13 121.28
CA LEU AC 288 36.15 -31.10 121.83
C LEU AC 288 35.91 -31.33 123.32
N ALA AC 289 36.16 -32.56 123.77
CA ALA AC 289 35.90 -32.97 125.15
C ALA AC 289 36.66 -34.25 125.46
N TRP AC 290 37.13 -34.34 126.71
CA TRP AC 290 37.89 -35.50 127.18
C TRP AC 290 37.03 -36.75 127.26
N SER AC 291 37.72 -37.88 127.41
CA SER AC 291 37.10 -39.16 127.77
C SER AC 291 36.88 -39.22 129.28
N ALA AC 292 36.71 -40.42 129.82
CA ALA AC 292 36.39 -40.57 131.24
C ALA AC 292 37.57 -40.19 132.13
N ASP AC 293 38.78 -40.59 131.76
CA ASP AC 293 39.91 -40.55 132.68
C ASP AC 293 41.07 -39.66 132.23
N GLY AC 294 41.04 -39.15 131.01
CA GLY AC 294 42.20 -38.44 130.51
C GLY AC 294 43.01 -39.33 129.61
N GLN AC 295 42.33 -40.05 128.72
CA GLN AC 295 42.97 -40.93 127.75
C GLN AC 295 42.70 -40.51 126.32
N THR AC 296 41.43 -40.28 125.97
CA THR AC 296 41.02 -40.01 124.61
C THR AC 296 40.42 -38.62 124.55
N LEU AC 297 40.72 -37.89 123.49
CA LEU AC 297 39.97 -36.68 123.15
C LEU AC 297 38.86 -37.07 122.18
N PHE AC 298 37.64 -36.61 122.48
CA PHE AC 298 36.46 -36.89 121.66
C PHE AC 298 36.03 -35.59 120.98
N ALA AC 299 35.95 -35.62 119.64
CA ALA AC 299 35.55 -34.43 118.91
C ALA AC 299 34.77 -34.76 117.65
N GLY AC 300 33.66 -34.06 117.47
CA GLY AC 300 33.00 -34.02 116.18
C GLY AC 300 33.32 -32.72 115.46
N TYR AC 301 33.54 -32.82 114.16
CA TYR AC 301 33.96 -31.68 113.37
C TYR AC 301 32.88 -31.26 112.39
N THR AC 302 33.23 -30.27 111.57
CA THR AC 302 32.30 -29.60 110.67
C THR AC 302 32.03 -30.39 109.40
N ASP AC 303 32.84 -31.40 109.09
CA ASP AC 303 32.56 -32.31 107.99
C ASP AC 303 31.56 -33.40 108.36
N ASN AC 304 30.89 -33.24 109.51
CA ASN AC 304 29.80 -34.07 110.00
C ASN AC 304 30.28 -35.46 110.38
N LEU AC 305 31.54 -35.57 110.81
CA LEU AC 305 32.17 -36.80 111.26
C LEU AC 305 32.56 -36.63 112.73
N VAL AC 306 32.89 -37.76 113.36
CA VAL AC 306 33.36 -37.80 114.75
C VAL AC 306 34.83 -38.22 114.70
N ARG AC 307 35.67 -37.63 115.55
CA ARG AC 307 37.07 -38.02 115.57
C ARG AC 307 37.55 -38.29 117.00
N VAL AC 308 38.52 -39.23 117.11
CA VAL AC 308 39.09 -39.72 118.35
C VAL AC 308 40.62 -39.74 118.27
N TRP AC 309 41.27 -39.66 119.44
CA TRP AC 309 42.73 -39.58 119.55
C TRP AC 309 43.23 -40.38 120.74
N GLN AC 310 44.30 -41.14 120.56
CA GLN AC 310 44.91 -41.91 121.64
C GLN AC 310 46.15 -41.23 122.17
N VAL AC 311 46.25 -41.10 123.49
CA VAL AC 311 47.35 -40.39 124.14
C VAL AC 311 48.22 -41.42 124.85
N THR AC 312 49.34 -41.78 124.23
CA THR AC 312 50.24 -42.79 124.75
C THR AC 312 51.64 -42.21 124.88
N ILE AC 313 52.48 -42.90 125.66
CA ILE AC 313 53.89 -42.52 125.79
C ILE AC 313 54.60 -42.79 124.48
N GLY AC 314 55.39 -41.83 124.03
CA GLY AC 314 56.17 -42.00 122.82
C GLY AC 314 57.28 -43.01 122.96
N SER DC 1 14.73 7.95 -88.42
CA SER DC 1 15.64 6.83 -88.62
C SER DC 1 16.03 6.18 -87.30
N TRP DC 2 16.22 7.01 -86.28
CA TRP DC 2 16.60 6.53 -84.95
C TRP DC 2 15.48 5.70 -84.31
N TRP DC 3 15.88 4.69 -83.53
CA TRP DC 3 14.92 3.83 -82.85
C TRP DC 3 14.15 4.63 -81.80
N PRO DC 4 12.88 4.28 -81.59
CA PRO DC 4 12.15 5.07 -80.60
C PRO DC 4 12.76 4.95 -79.21
N LEU DC 5 12.87 6.09 -78.53
CA LEU DC 5 13.42 6.18 -77.18
C LEU DC 5 12.42 5.76 -76.10
N PRO DC 6 12.94 5.52 -74.88
CA PRO DC 6 12.39 5.13 -73.57
C PRO DC 6 11.62 3.82 -73.54
N LEU DC 7 10.41 3.85 -72.97
CA LEU DC 7 9.53 2.70 -72.80
C LEU DC 7 10.20 1.57 -71.99
N LEU DC 8 10.93 1.97 -70.96
CA LEU DC 8 11.65 1.05 -70.08
C LEU DC 8 10.72 0.30 -69.13
N LEU DC 9 11.20 -0.84 -68.63
CA LEU DC 9 10.42 -1.67 -67.70
C LEU DC 9 10.12 -0.92 -66.41
N LEU DC 10 8.94 -1.16 -65.85
CA LEU DC 10 8.47 -0.50 -64.62
C LEU DC 10 9.22 -0.89 -63.35
N LEU DC 11 8.69 -1.89 -62.63
CA LEU DC 11 9.32 -2.32 -61.38
C LEU DC 11 8.52 -1.86 -60.16
N LEU DC 12 7.20 -2.02 -60.22
CA LEU DC 12 6.35 -1.58 -59.11
C LEU DC 12 6.95 -1.96 -57.77
N LEU DC 13 6.77 -1.07 -56.79
CA LEU DC 13 7.32 -1.28 -55.46
C LEU DC 13 6.25 -1.22 -54.38
N LEU DC 14 6.56 -1.81 -53.22
CA LEU DC 14 5.64 -1.87 -52.09
C LEU DC 14 5.26 -0.48 -51.58
N LEU DC 15 4.00 -0.35 -51.20
CA LEU DC 15 3.44 0.90 -50.71
C LEU DC 15 2.66 0.65 -49.42
N GLY DC 16 2.40 1.71 -48.66
CA GLY DC 16 1.67 1.58 -47.42
C GLY DC 16 0.28 1.03 -47.64
N PRO DC 17 -0.17 0.17 -46.73
CA PRO DC 17 -1.46 -0.53 -46.77
C PRO DC 17 -2.40 -0.15 -45.63
N ALA DC 18 -3.71 -0.36 -45.86
CA ALA DC 18 -4.76 -0.06 -44.90
C ALA DC 18 -4.75 1.39 -44.45
N GLY DC 19 -4.50 2.29 -45.40
CA GLY DC 19 -4.47 3.72 -45.10
C GLY DC 19 -3.83 4.03 -43.76
N ALA DC 20 -4.49 4.89 -42.98
CA ALA DC 20 -3.97 5.28 -41.67
C ALA DC 20 -4.35 4.38 -40.49
N ARG DC 21 -3.84 3.15 -40.50
CA ARG DC 21 -4.12 2.19 -39.45
C ARG DC 21 -5.12 2.74 -38.43
N ALA DC 22 -4.79 3.89 -37.86
CA ALA DC 22 -5.63 4.57 -36.87
C ALA DC 22 -5.99 3.64 -35.72
N GLN DC 23 -7.26 3.61 -35.35
CA GLN DC 23 -7.71 2.75 -34.26
C GLN DC 23 -8.78 1.75 -34.70
N GLU DC 24 -8.51 0.47 -34.44
CA GLU DC 24 -9.44 -0.61 -34.78
C GLU DC 24 -10.62 -0.60 -33.81
N ASP DC 25 -11.80 -0.95 -34.32
CA ASP DC 25 -12.98 -0.99 -33.48
C ASP DC 25 -12.83 -2.07 -32.41
N GLU DC 26 -13.29 -1.79 -31.21
CA GLU DC 26 -13.19 -2.74 -30.11
C GLU DC 26 -14.19 -2.43 -29.01
MG MG EC . 21.87 -0.30 -15.15
MG MG FC . -48.90 39.43 -56.21
MG MG GC . -18.29 41.13 -55.21
MG MG HC . 12.18 37.25 59.77
MG MG IC . 65.17 -13.59 -69.45
MG MG JC . 63.30 -47.59 -51.97
MG MG KC . -8.29 -25.45 -89.51
MG MG LC . 46.93 -18.51 -55.81
MG MG MC . 2.04 -8.48 -82.50
MG MG NC . -13.51 -1.95 -87.86
MG MG OC . 44.43 -22.01 -97.68
MG MG PC . -31.19 14.84 -87.28
MG MG QC . -76.39 -70.15 23.30
MG MG RC . -62.21 -26.61 -33.66
MG MG SC . -75.86 -53.20 0.94
MG MG TC . -71.85 -76.51 17.67
MG MG UC . -78.65 -66.07 6.84
MG MG VC . -40.52 -83.69 27.19
MG MG WC . -40.01 -87.11 25.31
MG MG XC . -55.96 -81.89 23.73
MG MG YC . -57.77 -25.66 -46.62
MG MG ZC . -3.50 -54.23 -67.16
MG MG AD . 4.12 14.61 -59.82
MG MG BD . -13.06 24.50 -65.18
MG MG CD . -18.46 -34.05 -51.13
MG MG DD . -3.45 -51.66 -42.12
MG MG ED . -28.30 -14.08 -55.92
ZN ZN FD . 34.72 -14.93 -59.39
MG MG GD . 17.34 12.02 -39.75
MG MG HD . 25.40 -1.31 -63.14
MG MG ID . 19.47 7.21 36.82
ZN ZN JD . -9.66 -83.22 -8.42
ZN ZN KD . 64.62 16.78 -7.60
MG MG LD . 37.84 -58.51 -56.19
MG MG MD . -29.08 39.69 -36.44
MG MG ND . 37.04 -40.24 -69.39
MG MG OD . 14.84 -21.53 -40.92
MG MG PD . 11.86 -33.41 -86.00
MG MG QD . -26.81 -29.89 -61.20
MG MG RD . -21.26 -38.34 -58.49
MG MG SD . -33.41 -21.34 -54.22
MG MG TD . -31.89 -20.35 -34.39
MG MG UD . -39.39 -46.74 0.46
MG MG VD . -45.23 -49.53 1.96
MG MG WD . 3.54 -13.13 -5.69
MG MG XD . 20.50 30.26 -15.39
MG MG YD . -5.28 43.11 -18.02
MG MG ZD . 28.63 -54.96 -8.84
MG MG AE . 19.95 55.04 -42.67
MG MG BE . 0.12 45.23 -29.24
MG MG CE . 15.84 -22.33 4.70
MG MG DE . -58.03 -21.95 -70.45
MG MG EE . 38.42 -62.17 -52.00
MG MG FE . -15.43 18.54 -50.71
MG MG GE . -70.91 -6.24 -49.73
MG MG HE . 18.61 22.83 -38.24
MG MG IE . 9.43 18.97 -36.57
MG MG JE . -4.82 -33.07 -41.61
MG MG KE . 14.11 -48.79 -40.00
MG MG LE . -72.04 -18.45 -66.97
MG MG ME . -10.44 53.80 -39.21
MG MG NE . 6.72 -37.04 -50.83
MG MG OE . -30.38 -25.89 -49.43
MG MG PE . 11.10 -25.32 -24.81
MG MG QE . 76.68 11.00 -57.79
MG MG RE . -70.12 23.24 -28.82
MG MG SE . -37.80 -22.54 -32.67
MG MG TE . -48.29 -14.07 -57.13
MG MG UE . -5.00 53.41 -37.78
MG MG VE . -56.25 4.09 -43.65
MG MG WE . -75.77 0.67 -24.72
MG MG XE . -5.72 -5.88 -66.66
MG MG YE . -34.80 -47.61 -57.22
MG MG ZE . 13.96 41.49 -84.51
MG MG AF . 27.14 -1.50 -11.21
MG MG BF . 64.41 31.91 -50.05
MG MG CF . 37.37 28.06 -44.49
MG MG DF . 61.15 -35.16 -14.85
MG MG EF . -31.42 15.58 -63.35
MG MG FF . 15.64 26.27 -20.57
MG MG GF . 10.04 65.74 -48.13
MG MG HF . 38.72 -34.71 -59.66
MG MG IF . 49.50 47.42 -38.75
MG MG JF . -18.16 -28.48 -89.50
MG MG KF . 19.04 38.96 -70.23
MG MG LF . 60.32 18.92 -66.44
MG MG MF . 48.90 -29.73 -43.13
MG MG NF . -28.26 -79.47 -16.95
MG MG OF . 0.15 -14.74 -83.61
MG MG PF . 8.79 18.82 -100.48
MG MG QF . -102.77 -58.23 -44.14
MG MG RF . 21.44 -23.23 -42.33
MG MG SF . -33.94 -47.99 -56.31
MG MG TF . -62.60 3.34 -30.87
MG MG UF . 37.81 -62.75 -52.96
MG MG VF . -44.94 -12.22 -53.01
MG MG WF . 6.51 32.97 0.03
MG MG XF . -9.29 33.27 -12.26
MG MG YF . -16.93 3.87 27.57
MG MG ZF . -38.46 -9.93 -38.49
MG MG AG . -27.49 -9.28 -31.84
MG MG BG . -43.67 -1.72 -15.62
MG MG CG . 0.69 -5.03 1.64
MG MG DG . 4.65 -5.84 1.44
MG MG EG . 1.36 2.78 10.94
MG MG FG . -9.23 44.02 -28.95
MG MG GG . 31.66 48.61 -33.84
MG MG HG . 33.38 39.48 -43.57
MG MG IG . 6.74 50.86 -45.50
MG MG JG . 3.74 55.20 -43.41
MG MG KG . -13.53 54.41 -44.03
MG MG LG . 2.91 28.21 -26.21
MG MG MG . 49.69 10.81 -47.79
MG MG NG . -52.36 -8.04 -46.96
MG MG OG . -39.46 0.19 -44.08
MG MG PG . -39.66 -0.05 -62.61
MG MG QG . 39.01 -71.31 -52.34
MG MG RG . -5.73 17.19 -49.49
MG MG SG . 8.18 20.68 -73.55
MG MG TG . -11.30 22.64 -60.16
MG MG UG . -8.09 23.15 -65.33
MG MG VG . 43.62 -19.82 -40.97
MG MG WG . -5.51 19.22 -36.27
MG MG XG . 0.39 17.00 -38.22
MG MG YG . 3.56 14.38 -26.52
MG MG ZG . 18.62 19.59 -50.64
MG MG AH . 16.98 -20.73 -38.76
MG MG BH . 6.51 -29.29 -36.57
MG MG CH . 0.30 -30.58 -37.75
MG MG DH . 3.05 -21.67 -26.52
MG MG EH . 8.15 -5.09 -24.28
MG MG FH . 0.52 0.82 -23.80
MG MG GH . 15.34 -2.58 -41.55
MG MG HH . -27.93 0.20 -53.36
MG MG IH . -48.01 -41.68 -18.24
MG MG JH . -37.59 5.37 -49.00
MG MG KH . 15.27 -44.73 -42.73
MG MG LH . -24.75 -41.48 -47.57
MG MG MH . 51.58 -2.87 -48.24
MG MG NH . 8.15 -18.07 -72.47
MG MG OH . -20.86 -20.23 -64.01
MG MG PH . -3.74 -8.81 -97.26
MG MG QH . -1.32 -6.86 -94.22
MG MG RH . 21.78 6.67 -2.38
MG MG SH . -43.31 -76.04 2.55
MG MG TH . -40.49 -70.23 3.73
MG MG UH . -45.86 -43.80 -24.54
MG MG VH . -3.04 -27.62 -56.23
MG MG WH . 12.98 -26.02 -60.32
MG MG XH . 2.09 -23.37 -52.21
MG MG YH . -63.67 -3.32 -64.93
MG MG ZH . 15.46 -6.18 3.77
MG MG AI . -55.15 34.99 -7.96
MG MG BI . 12.39 -48.20 -44.72
MG MG CI . 5.41 -22.77 -71.36
MG MG DI . -16.79 -5.35 -56.82
MG MG EI . -12.81 -11.55 -61.86
MG MG FI . 11.42 -3.30 -21.16
MG MG GI . 8.14 -32.88 -106.77
MG MG HI . 7.39 -27.66 -103.52
MG MG II . 17.22 -36.57 -111.63
MG MG JI . -13.95 -13.35 -71.23
MG MG KI . -11.41 -20.48 -74.43
MG MG LI . 22.75 -77.39 -33.81
MG MG MI . 17.96 -72.96 -35.39
MG MG NI . -41.38 -32.59 -53.05
MG MG OI . -10.12 26.29 -11.20
MG MG PI . -12.66 21.21 -16.94
MG MG QI . 8.22 11.53 -31.28
MG MG RI . -15.65 1.75 -46.07
MG MG SI . 20.41 45.37 -54.59
MG MG TI . -9.04 3.99 -66.83
MG MG UI . 7.30 23.61 -58.32
MG MG VI . -38.83 26.64 -35.30
MG MG WI . 13.16 29.39 -9.46
MG MG XI . -20.00 5.94 -44.70
MG MG YI . 20.47 25.30 -86.94
MG MG ZI . 57.88 14.06 -50.52
MG MG AJ . -57.16 -35.05 -93.30
MG MG BJ . 53.04 25.14 -66.75
MG MG CJ . -26.85 -14.11 -36.84
MG MG DJ . -66.70 -18.51 -54.76
MG MG EJ . -7.91 -28.38 -70.22
MG MG FJ . -26.86 -17.74 -40.51
MG MG GJ . 55.26 -37.90 -4.83
MG MG HJ . -4.78 9.20 -21.33
MG MG IJ . 41.41 22.67 -67.44
MG MG JJ . 40.66 18.21 -63.04
MG MG KJ . 8.74 -12.65 -100.10
MG MG LJ . 35.23 -72.92 -32.76
MG MG MJ . 36.42 -76.89 -39.50
MG MG NJ . -19.69 -5.78 -46.33
MG MG OJ . 11.86 35.51 -88.94
MG MG PJ . 25.68 21.49 -18.12
MG MG QJ . 40.40 -19.90 -19.44
MG MG RJ . -15.35 -25.74 -27.35
MG MG SJ . 15.41 -17.96 -20.90
MG MG TJ . -7.94 48.45 -28.10
MG MG UJ . -18.16 -30.67 -91.48
MG MG VJ . 31.17 -53.63 -68.52
MG MG WJ . 2.22 -16.24 -100.28
MG MG XJ . 17.62 12.53 -15.24
MG MG YJ . 17.72 15.89 -54.24
MG MG ZJ . 19.52 24.26 -32.76
MG MG AK . -40.74 -36.20 -61.55
MG MG BK . 28.64 25.94 -52.63
MG MG CK . 25.23 11.37 -77.04
MG MG DK . 16.41 30.04 -27.61
MG MG EK . 31.66 -78.29 -38.14
MG MG FK . -18.61 21.16 -59.47
MG MG GK . -23.52 14.09 -61.15
MG MG HK . -36.66 2.59 -40.87
MG MG IK . 18.89 62.98 -47.81
MG MG JK . -27.02 -32.41 -35.82
MG MG KK . -22.13 -34.27 -35.42
MG MG LK . 20.90 -44.01 -22.65
MG MG MK . -6.53 9.84 -25.68
MG MG NK . 4.95 15.99 0.17
MG MG OK . 51.80 35.95 -35.00
MG MG PK . -15.50 -59.18 -66.47
MG MG QK . 38.18 39.14 -14.45
MG MG RK . 10.01 31.15 -65.19
MG MG SK . 31.68 1.11 -43.80
MG MG TK . -51.53 -33.95 -66.14
MG MG UK . -38.66 -33.17 -66.58
MG MG VK . 17.25 37.71 -48.57
MG MG WK . 28.49 21.85 -72.68
MG MG XK . 15.08 21.56 -61.32
MG MG YK . 11.68 7.43 -54.61
MG MG ZK . -56.54 -63.51 15.24
MG MG AL . -23.55 8.32 -32.97
MG MG BL . -49.70 31.28 -51.35
MG MG CL . 22.96 -35.65 -52.93
MG MG DL . 0.55 -63.61 -55.12
MG MG EL . -3.42 -31.95 -77.99
MG MG FL . -5.74 -8.66 -103.43
MG MG GL . -22.37 -8.61 -55.04
MG MG HL . 3.07 -74.47 -65.47
MG MG IL . 23.36 24.87 -22.47
MG MG JL . 23.99 4.05 -28.26
MG MG KL . 7.54 -13.76 -34.04
MG MG LL . 9.00 -29.94 -59.10
MG MG ML . -19.10 -23.17 -45.16
MG MG NL . -12.19 -31.09 -33.44
MG MG OL . -22.22 -29.39 -43.78
MG MG PL . -16.95 -42.49 -48.79
MG MG QL . -17.07 -42.38 -25.54
MG MG RL . -57.23 -33.71 -15.09
MG MG SL . -49.37 -42.39 -28.53
MG MG TL . -45.14 -24.12 -52.53
MG MG UL . -54.05 -26.16 -50.03
MG MG VL . -11.59 -12.84 -43.57
MG MG WL . 22.92 5.01 13.97
MG MG XL . 15.47 2.53 66.93
MG MG YL . 3.91 0.08 50.97
MG MG ZL . -4.14 3.09 40.55
MG MG AM . -17.14 44.97 58.80
MG MG BM . -16.17 39.76 68.10
MG MG CM . -30.23 -6.40 66.39
MG MG DM . 39.42 32.92 36.93
MG MG EM . 37.48 11.71 37.95
MG MG FM . 66.57 12.87 50.63
MG MG GM . -15.19 -14.82 70.98
MG MG HM . 34.66 2.10 12.96
MG MG IM . 4.52 41.97 50.24
MG MG JM . 42.54 -28.51 22.97
MG MG KM . 15.24 61.07 51.93
MG MG LM . 18.83 78.26 15.88
MG MG MM . -27.54 19.52 82.28
MG MG NM . 25.98 -31.60 17.17
MG MG OM . 5.95 82.72 25.09
MG MG PM . 21.42 10.06 73.69
MG MG QM . 5.06 -28.88 64.98
MG MG RM . 11.62 0.17 44.35
MG MG SM . -17.47 -28.25 61.85
MG MG TM . 16.28 -0.55 42.38
MG MG UM . -30.92 -9.84 69.84
MG MG VM . 45.45 41.28 30.53
MG MG WM . 48.80 33.33 33.95
MG MG XM . 37.29 26.29 36.75
MG MG YM . 37.70 7.97 22.93
MG MG ZM . -14.20 3.90 68.86
MG MG AN . -13.96 7.26 78.05
MG MG BN . -19.65 3.36 70.87
MG MG CN . 22.63 23.19 45.05
MG MG DN . 20.28 18.74 44.81
MG MG EN . 21.93 16.30 54.55
MG MG FN . -16.56 -36.67 77.09
MG MG GN . -10.56 -35.83 71.27
MG MG HN . -11.55 -30.55 68.89
MG MG IN . -13.81 6.06 73.58
MG MG JN . 31.63 66.33 -4.30
MG MG KN . 6.14 78.95 14.50
MG MG LN . 73.09 8.11 39.14
MG MG MN . -4.19 41.12 71.55
MG MG NN . 6.09 62.28 24.67
MG MG ON . -25.11 -23.14 93.19
MG MG PN . -22.94 -23.44 88.22
MG MG QN . -19.06 -22.74 60.51
MG MG RN . -5.99 -22.63 65.07
MG MG SN . -28.39 -43.30 72.46
MG MG TN . 30.18 23.63 31.79
MG MG UN . 20.44 36.91 50.15
MG MG VN . 54.34 51.50 44.78
MG MG WN . 28.73 25.54 74.50
MG MG XN . 8.54 77.68 28.35
MG MG YN . -7.94 78.60 17.96
MG MG ZN . -7.49 68.92 18.51
MG MG AO . 20.68 61.65 49.24
MG MG BO . 28.71 -14.53 23.31
MG MG CO . -3.01 -31.71 114.59
MG MG DO . -30.58 7.36 84.09
MG MG EO . -7.87 43.67 55.26
MG MG FO . -24.38 -18.10 78.03
MG MG GO . 3.52 0.80 84.79
MG MG HO . -25.61 -47.26 64.06
MG MG IO . -1.54 83.39 16.04
MG MG JO . -2.36 5.88 53.82
MG MG KO . 22.34 8.86 53.84
MG MG LO . 19.13 80.01 21.19
MG MG MO . 34.24 3.16 1.72
MG MG NO . 28.87 8.84 5.91
MG MG OO . -5.13 32.19 0.75
MG MG PO . -9.92 10.66 78.23
MG MG QO . 1.24 38.00 48.52
MG MG RO . 12.85 -9.25 41.81
MG MG SO . 43.62 72.85 -25.91
ZN ZN TO . 30.70 -7.57 43.90
ZN ZN UO . -29.01 -0.40 91.18
MG MG VO . -21.45 -22.55 5.97
MG MG WO . -18.08 -18.30 19.57
C7 MVM XO . 3.66 11.86 -41.03
C6 MVM XO . 0.80 9.21 -42.48
C13 MVM XO . 0.29 7.72 -45.92
C20 MVM XO . -4.50 5.56 -50.18
C8 MVM XO . -0.80 9.08 -40.84
C16 MVM XO . -2.36 8.28 -45.35
C19 MVM XO . -4.86 4.79 -49.06
C22 MVM XO . -3.35 6.13 -47.76
C12 MVM XO . -0.06 8.85 -45.24
C3 MVM XO . 2.95 10.76 -41.70
C1 MVM XO . 2.20 12.37 -43.44
C2 MVM XO . 1.13 7.88 -42.30
N4 MVM XO . -2.96 6.17 -46.45
C5 MVM XO . 1.08 9.79 -44.86
C11 MVM XO . 0.48 7.13 -41.33
C15 MVM XO . -2.00 7.12 -46.00
C14 MVM XO . -0.69 6.84 -46.30
C10 MVM XO . -0.51 7.75 -40.60
C4 MVM XO . 3.08 13.24 -41.39
C9 MVM XO . 2.62 10.91 -43.15
N1 MVM XO . 1.51 9.97 -43.50
N2 MVM XO . 3.11 13.36 -42.86
N3 MVM XO . -0.16 9.75 -41.77
N5 MVM XO . -3.55 5.26 -45.75
N6 MVM XO . -4.36 4.57 -46.55
N7 MVM XO . -3.02 6.85 -48.84
O1 MVM XO . 1.61 10.34 -45.76
C17 MVM XO . -1.37 9.16 -44.96
C18 MVM XO . -4.27 5.08 -47.82
C21 MVM XO . -3.55 6.61 -50.03
CL MVM XO . 2.42 7.15 -43.29
#